data_3HQQ
#
_entry.id   3HQQ
#
_cell.length_a   243.840
_cell.length_b   254.690
_cell.length_c   892.490
_cell.angle_alpha   90.00
_cell.angle_beta   90.00
_cell.angle_gamma   90.00
#
_symmetry.space_group_name_H-M   'C 2 2 21'
#
loop_
_entity.id
_entity.type
_entity.pdbx_description
1 polymer 'Pyruvate kinase'
2 non-polymer 2,6-di-O-phosphono-beta-D-fructofuranose
#
_entity_poly.entity_id   1
_entity_poly.type   'polypeptide(L)'
_entity_poly.pdbx_seq_one_letter_code
;MSQLAHNLTLSIFDPVANYRAARIICTIGPSTQSVEALKGLIQSGMSVARMNFSHGSHEYHQTTINNVRQAAAELGVNIA
IALDTKGPEIRTGQFVGGDAVMERGATCYVTTDPAFADKGTKDKFYIDYQNLSKVVRPGNYIYIDDGILILQVQSHEDEQ
TLECTVTNSHTISDRRGVNLPGCDVDLPAVSAKDRVDLQFGVEQGVDMIFASFIRSAEQVGDVRKALGPKGRDIMIICKI
ENHQGVQNIDSIIEESDGIMVARGDLGVEIPAEKVVVAQKILISKCNVAGKPVICATQMLESMTYNPRPTRAEVSDVANA
VFNGADCVMLSGETAKGKYPNEVVQYMARICLEAQSALNEYVFFNSIKKLQHIPMSADEAVCSSAVNSVYETKAKAMVVL
SNTGRSARLVAKYRPNCPIVCVTTRLQTCRQLNITQGVESVFFDADKLGHDEGKEHRVAAGVEFAKSKGYVQTGDYCVVI
HADHKVKGYANQTRILLVE
;
_entity_poly.pdbx_strand_id   A,B,C,D,E,F,G,H,I,J,K,L,M,N,O,P,Q,R,S,T,U,V,W,X
#
# COMPACT_ATOMS: atom_id res chain seq x y z
N SER A 2 -16.67 47.46 18.18
CA SER A 2 -17.41 46.28 17.88
C SER A 2 -16.51 45.09 17.95
N GLN A 3 -17.07 43.92 18.06
CA GLN A 3 -16.27 42.74 18.17
C GLN A 3 -15.58 42.51 16.85
N LEU A 4 -16.21 42.94 15.79
CA LEU A 4 -15.68 42.78 14.46
C LEU A 4 -14.41 43.57 14.23
N ALA A 5 -14.46 44.85 14.56
CA ALA A 5 -13.43 45.79 14.22
C ALA A 5 -12.15 45.37 14.87
N HIS A 6 -12.35 45.08 16.16
CA HIS A 6 -11.42 44.47 17.11
C HIS A 6 -10.78 43.18 16.70
N ASN A 7 -11.50 42.29 16.06
CA ASN A 7 -10.92 41.06 15.58
C ASN A 7 -9.80 41.39 14.64
N LEU A 8 -9.97 42.51 14.00
CA LEU A 8 -9.13 43.07 12.98
C LEU A 8 -7.80 43.60 13.50
N THR A 9 -7.80 43.98 14.76
CA THR A 9 -6.60 44.39 15.43
C THR A 9 -5.82 43.27 16.01
N LEU A 10 -6.35 42.06 16.03
CA LEU A 10 -5.61 40.93 16.57
C LEU A 10 -4.49 40.41 15.69
N SER A 11 -3.48 39.82 16.29
CA SER A 11 -2.44 39.10 15.55
C SER A 11 -2.02 37.79 16.18
N ILE A 12 -1.73 36.79 15.38
CA ILE A 12 -1.23 35.54 15.92
C ILE A 12 0.09 35.68 16.64
N PHE A 13 0.88 36.68 16.22
CA PHE A 13 2.18 36.91 16.82
C PHE A 13 2.16 37.84 18.05
N ASP A 14 0.99 38.17 18.55
CA ASP A 14 0.90 39.01 19.71
C ASP A 14 1.43 38.17 20.85
N PRO A 15 2.23 38.76 21.70
CA PRO A 15 2.75 38.05 22.85
C PRO A 15 1.67 37.83 23.88
N VAL A 16 1.63 36.68 24.51
CA VAL A 16 0.67 36.45 25.57
C VAL A 16 1.06 37.08 26.85
N ALA A 17 0.15 37.08 27.79
CA ALA A 17 0.34 37.73 29.08
C ALA A 17 1.26 37.03 30.05
N ASN A 18 1.67 37.77 31.06
CA ASN A 18 2.51 37.22 32.10
C ASN A 18 1.71 36.53 33.18
N TYR A 19 0.40 36.53 33.02
CA TYR A 19 -0.48 35.84 33.93
C TYR A 19 -1.63 35.19 33.20
N ARG A 20 -2.11 34.07 33.72
CA ARG A 20 -3.31 33.43 33.22
C ARG A 20 -4.45 33.65 34.19
N ALA A 21 -5.46 34.36 33.75
CA ALA A 21 -6.66 34.62 34.52
C ALA A 21 -7.56 33.45 34.84
N ALA A 22 -7.83 32.62 33.86
CA ALA A 22 -8.73 31.51 34.01
C ALA A 22 -8.15 30.39 34.85
N ARG A 23 -9.00 29.67 35.53
CA ARG A 23 -8.62 28.60 36.43
C ARG A 23 -9.01 27.22 35.95
N ILE A 24 -8.16 26.26 36.23
CA ILE A 24 -8.38 24.91 35.80
C ILE A 24 -8.72 23.97 36.91
N ILE A 25 -9.73 23.17 36.69
CA ILE A 25 -10.22 22.19 37.65
C ILE A 25 -9.98 20.78 37.15
N CYS A 26 -9.46 19.91 37.99
CA CYS A 26 -9.14 18.56 37.60
C CYS A 26 -9.84 17.56 38.48
N THR A 27 -10.41 16.56 37.88
CA THR A 27 -11.04 15.47 38.56
C THR A 27 -9.99 14.43 38.84
N ILE A 28 -9.97 13.94 40.06
CA ILE A 28 -8.95 13.02 40.49
C ILE A 28 -9.42 11.59 40.53
N GLY A 29 -8.76 10.78 39.75
CA GLY A 29 -9.03 9.38 39.61
C GLY A 29 -7.73 8.62 39.66
N PRO A 30 -7.80 7.41 39.16
CA PRO A 30 -6.75 6.43 39.25
C PRO A 30 -5.46 6.90 38.62
N SER A 31 -5.57 7.61 37.53
CA SER A 31 -4.45 8.26 36.91
C SER A 31 -3.80 9.34 37.77
N THR A 32 -4.54 9.99 38.63
CA THR A 32 -4.04 11.19 39.27
C THR A 32 -4.00 11.28 40.79
N GLN A 33 -4.28 10.16 41.43
CA GLN A 33 -4.34 10.08 42.86
C GLN A 33 -3.05 10.20 43.63
N SER A 34 -2.00 9.70 43.01
CA SER A 34 -0.72 9.67 43.63
C SER A 34 -0.20 11.05 43.77
N VAL A 35 0.54 11.23 44.83
CA VAL A 35 1.08 12.50 45.18
C VAL A 35 1.99 12.98 44.08
N GLU A 36 2.74 12.09 43.49
CA GLU A 36 3.56 12.50 42.38
C GLU A 36 2.74 12.97 41.20
N ALA A 37 1.64 12.28 40.90
CA ALA A 37 0.78 12.71 39.83
C ALA A 37 0.14 14.07 40.11
N LEU A 38 -0.27 14.27 41.34
CA LEU A 38 -0.88 15.50 41.78
C LEU A 38 0.07 16.67 41.71
N LYS A 39 1.33 16.43 42.04
CA LYS A 39 2.35 17.42 41.93
C LYS A 39 2.55 17.84 40.51
N GLY A 40 2.47 16.87 39.61
CA GLY A 40 2.54 17.13 38.20
C GLY A 40 1.40 17.99 37.72
N LEU A 41 0.22 17.70 38.23
CA LEU A 41 -0.98 18.45 37.90
C LEU A 41 -0.92 19.89 38.34
N ILE A 42 -0.45 20.14 39.54
CA ILE A 42 -0.34 21.47 40.06
C ILE A 42 0.62 22.30 39.25
N GLN A 43 1.75 21.72 38.95
CA GLN A 43 2.77 22.36 38.16
C GLN A 43 2.32 22.61 36.75
N SER A 44 1.47 21.72 36.29
CA SER A 44 0.89 21.82 34.98
C SER A 44 -0.15 22.90 34.95
N GLY A 45 -0.67 23.26 36.11
CA GLY A 45 -1.69 24.26 36.17
C GLY A 45 -3.00 24.05 36.88
N MET A 46 -3.14 23.04 37.71
CA MET A 46 -4.38 22.80 38.42
C MET A 46 -4.61 23.68 39.62
N SER A 47 -5.76 24.32 39.71
CA SER A 47 -6.04 25.12 40.87
C SER A 47 -7.05 24.49 41.79
N VAL A 48 -7.87 23.61 41.26
CA VAL A 48 -8.89 22.97 42.04
C VAL A 48 -8.91 21.49 41.81
N ALA A 49 -8.94 20.69 42.85
CA ALA A 49 -9.10 19.27 42.65
C ALA A 49 -10.48 18.75 42.98
N ARG A 50 -11.08 18.05 42.05
CA ARG A 50 -12.44 17.59 42.16
C ARG A 50 -12.52 16.10 42.44
N MET A 51 -13.28 15.76 43.45
CA MET A 51 -13.58 14.38 43.77
C MET A 51 -15.02 14.08 43.42
N ASN A 52 -15.24 13.06 42.62
CA ASN A 52 -16.58 12.69 42.23
C ASN A 52 -17.10 11.56 43.04
N PHE A 53 -18.13 11.81 43.81
CA PHE A 53 -18.63 10.89 44.79
C PHE A 53 -19.58 9.89 44.19
N SER A 54 -19.76 9.98 42.88
CA SER A 54 -20.42 8.95 42.12
C SER A 54 -19.53 7.74 41.98
N HIS A 55 -18.25 7.92 42.21
CA HIS A 55 -17.28 6.87 42.04
C HIS A 55 -16.48 6.86 43.31
N GLY A 56 -15.89 5.73 43.64
CA GLY A 56 -15.08 5.66 44.81
C GLY A 56 -15.90 5.54 46.06
N SER A 57 -15.32 5.86 47.18
CA SER A 57 -15.93 5.66 48.46
C SER A 57 -15.28 6.66 49.32
N HIS A 58 -15.71 6.77 50.56
CA HIS A 58 -15.16 7.76 51.44
C HIS A 58 -13.72 7.44 51.58
N GLU A 59 -13.43 6.16 51.63
CA GLU A 59 -12.09 5.70 51.79
C GLU A 59 -11.21 6.10 50.64
N TYR A 60 -11.68 5.94 49.42
CA TYR A 60 -10.89 6.32 48.26
C TYR A 60 -10.64 7.79 48.18
N HIS A 61 -11.70 8.54 48.41
CA HIS A 61 -11.68 10.00 48.38
C HIS A 61 -10.87 10.64 49.46
N GLN A 62 -10.78 9.98 50.60
CA GLN A 62 -9.94 10.41 51.69
C GLN A 62 -8.51 10.38 51.25
N THR A 63 -8.14 9.36 50.53
CA THR A 63 -6.79 9.24 50.08
C THR A 63 -6.47 10.43 49.22
N THR A 64 -7.42 10.83 48.39
CA THR A 64 -7.27 11.97 47.50
C THR A 64 -7.07 13.26 48.26
N ILE A 65 -7.84 13.43 49.31
CA ILE A 65 -7.73 14.60 50.12
C ILE A 65 -6.39 14.72 50.77
N ASN A 66 -5.92 13.63 51.32
CA ASN A 66 -4.63 13.61 51.94
C ASN A 66 -3.55 13.84 50.96
N ASN A 67 -3.67 13.21 49.83
CA ASN A 67 -2.70 13.42 48.80
C ASN A 67 -2.63 14.84 48.23
N VAL A 68 -3.77 15.49 48.12
CA VAL A 68 -3.81 16.85 47.63
C VAL A 68 -3.13 17.80 48.59
N ARG A 69 -3.47 17.65 49.85
CA ARG A 69 -2.89 18.47 50.86
C ARG A 69 -1.38 18.26 50.95
N GLN A 70 -0.92 17.01 50.88
CA GLN A 70 0.49 16.69 50.91
C GLN A 70 1.26 17.22 49.72
N ALA A 71 0.69 17.07 48.54
CA ALA A 71 1.27 17.62 47.35
C ALA A 71 1.34 19.15 47.32
N ALA A 72 0.27 19.78 47.74
CA ALA A 72 0.21 21.22 47.82
C ALA A 72 1.21 21.75 48.82
N ALA A 73 1.31 21.08 49.94
CA ALA A 73 2.20 21.48 51.01
C ALA A 73 3.64 21.44 50.59
N GLU A 74 4.00 20.42 49.86
CA GLU A 74 5.31 20.25 49.29
C GLU A 74 5.65 21.30 48.29
N LEU A 75 4.65 21.87 47.66
CA LEU A 75 4.91 22.81 46.60
C LEU A 75 4.64 24.22 47.04
N GLY A 76 4.31 24.36 48.29
CA GLY A 76 3.99 25.64 48.87
C GLY A 76 2.86 26.41 48.25
N VAL A 77 1.75 25.74 48.00
CA VAL A 77 0.65 26.35 47.31
C VAL A 77 -0.65 25.97 47.95
N ASN A 78 -1.69 26.71 47.69
CA ASN A 78 -2.98 26.38 48.24
C ASN A 78 -3.91 25.87 47.13
N ILE A 79 -4.45 24.68 47.28
CA ILE A 79 -5.32 24.07 46.27
C ILE A 79 -6.69 23.82 46.83
N ALA A 80 -7.72 24.31 46.19
CA ALA A 80 -9.08 24.04 46.63
C ALA A 80 -9.44 22.59 46.45
N ILE A 81 -10.24 22.07 47.35
CA ILE A 81 -10.75 20.72 47.24
C ILE A 81 -12.26 20.77 47.08
N ALA A 82 -12.77 20.13 46.06
CA ALA A 82 -14.19 20.18 45.78
C ALA A 82 -14.83 18.82 45.89
N LEU A 83 -15.97 18.75 46.53
CA LEU A 83 -16.71 17.51 46.57
C LEU A 83 -17.92 17.56 45.65
N ASP A 84 -17.77 16.66 44.67
CA ASP A 84 -18.69 16.41 43.62
C ASP A 84 -19.54 15.19 43.91
N THR A 85 -20.75 15.45 44.37
CA THR A 85 -21.69 14.43 44.81
C THR A 85 -22.19 13.47 43.73
N LYS A 86 -22.53 12.27 44.15
CA LYS A 86 -23.10 11.30 43.24
C LYS A 86 -24.45 11.82 42.84
N GLY A 87 -25.23 12.23 43.80
CA GLY A 87 -26.54 12.77 43.54
C GLY A 87 -27.58 11.70 43.30
N PRO A 88 -28.82 12.08 43.21
CA PRO A 88 -29.87 11.12 42.93
C PRO A 88 -29.72 10.50 41.56
N GLU A 89 -29.91 9.19 41.38
CA GLU A 89 -29.84 8.53 40.08
C GLU A 89 -31.13 7.72 39.86
N ILE A 90 -31.56 7.66 38.59
CA ILE A 90 -32.57 6.72 38.14
C ILE A 90 -31.84 5.62 37.40
N ARG A 91 -32.10 4.39 37.85
CA ARG A 91 -31.56 3.19 37.23
C ARG A 91 -32.64 2.12 36.97
N THR A 92 -32.41 1.33 35.93
CA THR A 92 -33.17 0.06 35.75
C THR A 92 -32.75 -0.94 36.81
N GLY A 93 -33.52 -2.00 36.91
CA GLY A 93 -33.17 -3.14 37.72
C GLY A 93 -32.27 -4.08 36.93
N GLN A 94 -32.26 -5.33 37.38
CA GLN A 94 -31.55 -6.45 36.77
C GLN A 94 -32.42 -7.09 35.69
N PHE A 95 -31.77 -7.70 34.70
CA PHE A 95 -32.45 -8.57 33.75
C PHE A 95 -32.05 -10.03 33.95
N VAL A 96 -32.98 -10.95 33.63
CA VAL A 96 -32.72 -12.40 33.67
C VAL A 96 -31.65 -12.75 32.62
N GLY A 97 -30.71 -13.62 33.00
CA GLY A 97 -29.54 -13.92 32.18
C GLY A 97 -28.51 -12.81 32.14
N GLY A 98 -28.63 -11.85 33.04
CA GLY A 98 -27.70 -10.72 33.12
C GLY A 98 -27.93 -9.59 32.11
N ASP A 99 -28.71 -9.88 31.07
CA ASP A 99 -28.80 -9.03 29.87
C ASP A 99 -30.23 -9.02 29.29
N ALA A 100 -30.55 -8.07 28.39
CA ALA A 100 -31.85 -8.06 27.69
C ALA A 100 -31.86 -7.33 26.34
N VAL A 101 -32.29 -8.03 25.31
CA VAL A 101 -32.12 -7.65 23.91
C VAL A 101 -33.33 -6.89 23.35
N MET A 102 -33.25 -5.56 23.34
CA MET A 102 -34.37 -4.67 22.95
C MET A 102 -34.43 -4.39 21.45
N GLU A 103 -35.48 -4.86 20.77
CA GLU A 103 -35.53 -4.72 19.29
C GLU A 103 -36.40 -3.54 18.86
N ARG A 104 -36.11 -2.96 17.71
CA ARG A 104 -36.89 -1.82 17.23
C ARG A 104 -38.33 -2.26 16.86
N GLY A 105 -39.33 -1.47 17.22
CA GLY A 105 -40.71 -1.82 16.92
C GLY A 105 -41.45 -2.63 18.02
N ALA A 106 -40.68 -3.35 18.85
CA ALA A 106 -41.22 -4.19 19.97
C ALA A 106 -41.96 -3.38 21.04
N THR A 107 -42.91 -4.03 21.72
CA THR A 107 -43.53 -3.51 22.93
C THR A 107 -42.87 -4.09 24.19
N CYS A 108 -42.58 -3.22 25.16
CA CYS A 108 -42.11 -3.65 26.48
C CYS A 108 -42.79 -2.86 27.58
N TYR A 109 -42.66 -3.31 28.82
CA TYR A 109 -43.43 -2.77 29.94
C TYR A 109 -42.39 -2.33 30.99
N VAL A 110 -42.48 -1.10 31.44
CA VAL A 110 -41.51 -0.62 32.45
C VAL A 110 -42.32 -0.40 33.73
N THR A 111 -41.85 -0.98 34.82
CA THR A 111 -42.63 -0.93 36.00
C THR A 111 -41.83 -0.43 37.17
N THR A 112 -42.48 0.22 38.12
CA THR A 112 -41.83 0.53 39.38
C THR A 112 -42.21 -0.41 40.51
N ASP A 113 -42.93 -1.48 40.17
CA ASP A 113 -43.24 -2.54 41.15
C ASP A 113 -41.92 -3.21 41.60
N PRO A 114 -41.57 -3.10 42.91
CA PRO A 114 -40.23 -3.55 43.33
C PRO A 114 -40.06 -5.08 43.26
N ALA A 115 -41.17 -5.83 43.28
CA ALA A 115 -41.15 -7.28 42.97
C ALA A 115 -40.26 -7.66 41.73
N PHE A 116 -40.10 -6.73 40.80
CA PHE A 116 -39.40 -6.95 39.51
C PHE A 116 -37.93 -6.55 39.41
N ALA A 117 -37.32 -6.14 40.52
CA ALA A 117 -35.95 -5.55 40.50
C ALA A 117 -34.85 -6.55 40.09
N ASP A 118 -35.09 -7.84 40.34
CA ASP A 118 -34.11 -8.88 40.00
C ASP A 118 -34.65 -9.88 38.97
N LYS A 119 -35.68 -9.51 38.22
CA LYS A 119 -36.33 -10.42 37.23
C LYS A 119 -36.98 -9.65 36.08
N GLY A 120 -36.31 -8.61 35.63
CA GLY A 120 -36.74 -7.96 34.38
C GLY A 120 -36.48 -8.86 33.18
N THR A 121 -37.06 -8.52 32.05
CA THR A 121 -36.79 -9.24 30.79
C THR A 121 -37.05 -8.20 29.73
N LYS A 122 -36.78 -8.52 28.48
CA LYS A 122 -37.09 -7.54 27.43
C LYS A 122 -38.58 -7.14 27.46
N ASP A 123 -39.43 -8.05 27.98
CA ASP A 123 -40.88 -7.89 28.07
C ASP A 123 -41.29 -6.91 29.17
N LYS A 124 -40.69 -7.03 30.34
CA LYS A 124 -41.03 -6.16 31.45
C LYS A 124 -39.92 -6.08 32.48
N PHE A 125 -39.57 -4.86 32.80
CA PHE A 125 -38.50 -4.67 33.80
C PHE A 125 -38.74 -3.45 34.67
N TYR A 126 -37.91 -3.34 35.67
CA TYR A 126 -38.05 -2.35 36.71
C TYR A 126 -37.15 -1.13 36.44
N ILE A 127 -37.69 0.06 36.69
CA ILE A 127 -36.98 1.32 36.79
C ILE A 127 -37.20 1.79 38.23
N ASP A 128 -36.14 2.18 38.92
CA ASP A 128 -36.26 2.33 40.39
C ASP A 128 -36.78 3.68 40.88
N TYR A 129 -37.35 4.50 40.00
CA TYR A 129 -37.85 5.81 40.39
C TYR A 129 -39.33 5.70 40.59
N GLN A 130 -39.75 5.68 41.85
CA GLN A 130 -41.13 5.29 42.21
C GLN A 130 -42.21 6.21 41.65
N ASN A 131 -41.82 7.43 41.37
CA ASN A 131 -42.71 8.39 40.76
C ASN A 131 -42.72 8.34 39.26
N LEU A 132 -42.11 7.34 38.61
CA LEU A 132 -42.03 7.36 37.11
C LEU A 132 -43.36 7.68 36.43
N SER A 133 -44.44 6.95 36.83
CA SER A 133 -45.76 7.06 36.22
C SER A 133 -46.41 8.42 36.35
N LYS A 134 -46.25 9.04 37.50
CA LYS A 134 -46.82 10.35 37.72
C LYS A 134 -46.08 11.40 36.87
N VAL A 135 -44.83 11.17 36.57
CA VAL A 135 -44.04 12.24 35.94
C VAL A 135 -44.12 12.16 34.43
N VAL A 136 -44.35 10.97 33.89
CA VAL A 136 -44.35 10.82 32.44
C VAL A 136 -45.80 10.78 31.91
N ARG A 137 -46.01 11.23 30.67
CA ARG A 137 -47.30 11.08 29.95
C ARG A 137 -47.10 10.39 28.57
N PRO A 138 -48.19 9.85 27.96
CA PRO A 138 -48.15 9.32 26.58
C PRO A 138 -47.46 10.30 25.62
N GLY A 139 -46.48 9.81 24.84
CA GLY A 139 -45.76 10.63 23.88
C GLY A 139 -44.35 10.93 24.37
N ASN A 140 -44.20 11.10 25.69
CA ASN A 140 -42.86 11.30 26.30
C ASN A 140 -41.87 10.17 25.99
N TYR A 141 -40.61 10.51 26.03
CA TYR A 141 -39.53 9.59 25.74
C TYR A 141 -38.81 9.19 27.03
N ILE A 142 -38.35 7.95 27.09
CA ILE A 142 -37.60 7.44 28.22
C ILE A 142 -36.28 6.89 27.76
N TYR A 143 -35.19 7.56 28.13
CA TYR A 143 -33.84 7.18 27.64
C TYR A 143 -33.13 6.23 28.59
N ILE A 144 -32.54 5.18 28.04
CA ILE A 144 -31.85 4.17 28.84
C ILE A 144 -30.48 3.89 28.25
N ASP A 145 -29.48 3.80 29.11
CA ASP A 145 -28.12 3.58 28.68
C ASP A 145 -27.29 4.69 28.02
N ASP A 146 -27.27 5.87 28.66
CA ASP A 146 -26.60 7.00 28.05
C ASP A 146 -27.50 7.73 27.04
N GLY A 147 -28.79 7.40 27.05
CA GLY A 147 -29.74 7.86 25.99
C GLY A 147 -29.68 7.03 24.69
N ILE A 148 -29.01 5.89 24.74
CA ILE A 148 -28.79 5.08 23.54
C ILE A 148 -30.07 4.36 23.12
N LEU A 149 -30.78 3.83 24.10
CA LEU A 149 -32.02 3.11 23.85
C LEU A 149 -33.13 4.11 24.15
N ILE A 150 -33.97 4.35 23.14
CA ILE A 150 -35.02 5.35 23.32
C ILE A 150 -36.35 4.61 23.27
N LEU A 151 -37.00 4.53 24.44
CA LEU A 151 -38.32 3.95 24.49
C LEU A 151 -39.28 5.14 24.40
N GLN A 152 -40.43 4.93 23.77
CA GLN A 152 -41.51 5.91 23.86
C GLN A 152 -42.75 5.40 24.63
N VAL A 153 -43.23 6.26 25.52
CA VAL A 153 -44.37 5.95 26.35
C VAL A 153 -45.69 5.99 25.57
N GLN A 154 -46.42 4.86 25.62
CA GLN A 154 -47.67 4.75 24.89
C GLN A 154 -48.84 4.94 25.84
N SER A 155 -48.80 4.24 27.00
CA SER A 155 -49.93 4.29 27.92
C SER A 155 -49.53 3.78 29.28
N HIS A 156 -50.43 4.01 30.23
CA HIS A 156 -50.35 3.45 31.56
C HIS A 156 -51.04 2.10 31.51
N GLU A 157 -50.28 1.02 31.42
CA GLU A 157 -50.85 -0.33 31.65
C GLU A 157 -51.55 -0.37 33.00
N ASP A 158 -50.88 0.10 34.06
CA ASP A 158 -51.53 0.27 35.37
C ASP A 158 -50.90 1.38 36.16
N GLU A 159 -51.19 1.46 37.45
CA GLU A 159 -50.68 2.57 38.19
C GLU A 159 -49.16 2.59 38.44
N GLN A 160 -48.47 1.47 38.15
CA GLN A 160 -47.03 1.33 38.33
C GLN A 160 -46.30 0.89 37.09
N THR A 161 -46.99 0.73 35.97
CA THR A 161 -46.39 0.11 34.82
C THR A 161 -46.77 0.90 33.59
N LEU A 162 -45.79 1.15 32.72
CA LEU A 162 -45.97 1.88 31.50
C LEU A 162 -45.77 0.94 30.32
N GLU A 163 -46.71 0.96 29.37
CA GLU A 163 -46.52 0.25 28.11
C GLU A 163 -45.65 1.16 27.24
N CYS A 164 -44.55 0.63 26.72
CA CYS A 164 -43.64 1.43 25.87
C CYS A 164 -43.47 0.80 24.50
N THR A 165 -43.22 1.63 23.48
CA THR A 165 -42.63 1.20 22.20
C THR A 165 -41.10 1.29 22.26
N VAL A 166 -40.39 0.32 21.71
CA VAL A 166 -38.97 0.45 21.50
C VAL A 166 -38.66 1.20 20.14
N THR A 167 -38.08 2.40 20.19
CA THR A 167 -37.90 3.18 18.95
C THR A 167 -36.62 2.84 18.19
N ASN A 168 -35.65 2.24 18.86
CA ASN A 168 -34.41 1.82 18.18
C ASN A 168 -33.77 0.64 18.90
N SER A 169 -33.04 -0.18 18.17
CA SER A 169 -32.54 -1.46 18.66
C SER A 169 -31.36 -1.20 19.56
N HIS A 170 -31.23 -1.99 20.62
CA HIS A 170 -30.08 -1.89 21.49
C HIS A 170 -30.17 -2.96 22.59
N THR A 171 -29.08 -3.65 22.81
CA THR A 171 -28.99 -4.59 23.90
C THR A 171 -28.60 -3.76 25.14
N ILE A 172 -29.31 -3.98 26.24
CA ILE A 172 -29.01 -3.30 27.50
C ILE A 172 -28.70 -4.29 28.62
N SER A 173 -27.64 -4.04 29.40
CA SER A 173 -27.30 -4.92 30.52
C SER A 173 -27.89 -4.38 31.84
N ASP A 174 -27.56 -5.02 32.96
CA ASP A 174 -28.10 -4.64 34.28
C ASP A 174 -27.87 -3.19 34.66
N ARG A 175 -28.94 -2.61 35.21
CA ARG A 175 -28.85 -1.35 35.96
C ARG A 175 -28.34 -0.15 35.20
N ARG A 176 -28.86 0.08 34.00
CA ARG A 176 -28.49 1.30 33.29
C ARG A 176 -29.17 2.56 33.82
N GLY A 177 -28.56 3.72 33.61
CA GLY A 177 -29.14 4.98 34.05
C GLY A 177 -30.24 5.37 33.10
N VAL A 178 -31.24 6.07 33.59
CA VAL A 178 -32.26 6.47 32.69
C VAL A 178 -32.35 8.00 32.76
N ASN A 179 -32.82 8.61 31.67
CA ASN A 179 -33.18 10.02 31.72
C ASN A 179 -34.57 10.24 31.25
N LEU A 180 -35.10 11.45 31.49
CA LEU A 180 -36.46 11.78 31.21
C LEU A 180 -36.58 13.21 30.60
N PRO A 181 -36.26 13.35 29.28
CA PRO A 181 -36.01 14.71 28.85
C PRO A 181 -37.17 15.68 28.86
N GLY A 182 -38.39 15.22 28.77
CA GLY A 182 -39.50 16.17 28.77
C GLY A 182 -40.17 16.09 30.13
N CYS A 183 -39.39 15.74 31.14
CA CYS A 183 -40.00 15.37 32.41
C CYS A 183 -39.32 16.07 33.53
N ASP A 184 -40.16 16.57 34.43
CA ASP A 184 -39.69 17.22 35.62
C ASP A 184 -39.44 16.15 36.68
N VAL A 185 -38.19 15.79 36.83
CA VAL A 185 -37.84 14.72 37.77
C VAL A 185 -37.84 15.27 39.18
N ASP A 186 -38.45 14.55 40.11
CA ASP A 186 -38.61 15.11 41.48
C ASP A 186 -37.97 14.30 42.60
N LEU A 187 -36.90 13.64 42.28
CA LEU A 187 -36.03 13.16 43.30
C LEU A 187 -35.66 14.28 44.25
N PRO A 188 -35.42 13.92 45.48
CA PRO A 188 -34.93 14.85 46.48
C PRO A 188 -33.60 15.42 46.05
N ALA A 189 -33.22 16.54 46.60
CA ALA A 189 -32.03 17.23 46.18
C ALA A 189 -30.84 16.41 46.55
N VAL A 190 -30.95 15.78 47.70
CA VAL A 190 -29.89 15.06 48.33
C VAL A 190 -30.30 13.62 48.64
N SER A 191 -29.61 12.67 48.08
CA SER A 191 -29.84 11.28 48.40
C SER A 191 -29.34 10.92 49.79
N ALA A 192 -29.64 9.70 50.22
CA ALA A 192 -29.13 9.25 51.50
C ALA A 192 -27.62 9.11 51.49
N LYS A 193 -27.05 8.63 50.43
CA LYS A 193 -25.62 8.61 50.32
C LYS A 193 -25.00 10.00 50.32
N ASP A 194 -25.62 10.94 49.61
CA ASP A 194 -25.17 12.32 49.59
C ASP A 194 -25.12 12.87 51.01
N ARG A 195 -26.14 12.59 51.78
CA ARG A 195 -26.24 13.07 53.12
C ARG A 195 -25.05 12.63 53.90
N VAL A 196 -24.65 11.40 53.71
CA VAL A 196 -23.50 10.89 54.35
C VAL A 196 -22.40 11.51 53.59
N ASP A 197 -22.65 11.90 52.35
CA ASP A 197 -21.57 12.47 51.57
C ASP A 197 -21.26 13.90 51.96
N LEU A 198 -22.29 14.68 52.21
CA LEU A 198 -22.12 16.04 52.68
C LEU A 198 -21.48 16.16 54.04
N GLN A 199 -21.86 15.31 54.97
CA GLN A 199 -21.29 15.33 56.28
C GLN A 199 -19.80 15.05 56.27
N PHE A 200 -19.39 14.11 55.43
CA PHE A 200 -18.01 13.72 55.30
C PHE A 200 -17.20 14.88 54.78
N GLY A 201 -17.78 15.62 53.85
CA GLY A 201 -17.13 16.77 53.28
C GLY A 201 -16.87 17.85 54.28
N VAL A 202 -17.83 18.06 55.16
CA VAL A 202 -17.67 18.98 56.26
C VAL A 202 -16.58 18.54 57.21
N GLU A 203 -16.58 17.27 57.54
CA GLU A 203 -15.62 16.67 58.46
C GLU A 203 -14.21 16.76 57.97
N GLN A 204 -13.99 16.54 56.69
CA GLN A 204 -12.66 16.57 56.16
C GLN A 204 -12.31 17.95 55.69
N GLY A 205 -13.16 18.89 56.00
CA GLY A 205 -12.92 20.27 55.67
C GLY A 205 -12.75 20.68 54.24
N VAL A 206 -13.57 20.16 53.35
CA VAL A 206 -13.55 20.59 51.96
C VAL A 206 -13.97 22.02 51.75
N ASP A 207 -13.38 22.65 50.77
CA ASP A 207 -13.70 23.99 50.35
C ASP A 207 -15.06 24.28 49.68
N MET A 208 -15.50 23.44 48.76
CA MET A 208 -16.73 23.66 48.03
C MET A 208 -17.45 22.37 47.69
N ILE A 209 -18.73 22.48 47.40
CA ILE A 209 -19.52 21.39 46.93
C ILE A 209 -19.97 21.66 45.52
N PHE A 210 -19.76 20.74 44.63
CA PHE A 210 -20.37 20.85 43.35
C PHE A 210 -21.63 20.05 43.45
N ALA A 211 -22.74 20.71 43.56
CA ALA A 211 -23.97 20.02 43.82
C ALA A 211 -24.64 19.59 42.54
N SER A 212 -24.68 18.29 42.31
CA SER A 212 -25.26 17.71 41.15
C SER A 212 -26.75 17.88 41.00
N PHE A 213 -27.16 17.91 39.75
CA PHE A 213 -28.53 17.91 39.37
C PHE A 213 -29.39 18.97 40.10
N ILE A 214 -29.08 20.32 40.22
CA ILE A 214 -29.88 21.21 40.99
C ILE A 214 -31.07 21.63 40.15
N ARG A 215 -32.25 21.12 40.46
CA ARG A 215 -33.55 21.60 39.97
C ARG A 215 -34.09 22.95 40.47
N SER A 216 -33.76 23.35 41.68
CA SER A 216 -34.41 24.47 42.35
C SER A 216 -33.63 25.24 43.42
N ALA A 217 -34.11 26.43 43.72
CA ALA A 217 -33.61 27.27 44.79
C ALA A 217 -33.84 26.65 46.14
N GLU A 218 -34.95 25.95 46.27
CA GLU A 218 -35.30 25.24 47.49
C GLU A 218 -34.32 24.11 47.77
N GLN A 219 -33.87 23.43 46.74
CA GLN A 219 -32.90 22.37 46.83
C GLN A 219 -31.55 22.84 47.32
N VAL A 220 -31.12 24.00 46.88
CA VAL A 220 -29.87 24.56 47.31
C VAL A 220 -29.95 24.79 48.80
N GLY A 221 -31.07 25.30 49.25
CA GLY A 221 -31.26 25.56 50.65
C GLY A 221 -31.18 24.30 51.45
N ASP A 222 -31.74 23.24 50.92
CA ASP A 222 -31.65 21.96 51.57
C ASP A 222 -30.22 21.48 51.65
N VAL A 223 -29.42 21.75 50.65
CA VAL A 223 -28.01 21.46 50.72
C VAL A 223 -27.27 22.27 51.77
N ARG A 224 -27.62 23.53 51.88
CA ARG A 224 -26.99 24.44 52.79
C ARG A 224 -27.27 23.94 54.20
N LYS A 225 -28.47 23.43 54.37
CA LYS A 225 -28.99 22.99 55.63
C LYS A 225 -28.40 21.67 56.07
N ALA A 226 -28.18 20.78 55.13
CA ALA A 226 -27.47 19.54 55.39
C ALA A 226 -26.04 19.78 55.77
N LEU A 227 -25.41 20.78 55.21
CA LEU A 227 -24.05 21.10 55.56
C LEU A 227 -24.00 21.55 57.00
N GLY A 228 -25.03 22.24 57.42
CA GLY A 228 -25.16 22.69 58.78
C GLY A 228 -24.39 23.94 59.16
N PRO A 229 -24.31 24.20 60.44
CA PRO A 229 -23.52 25.28 61.02
C PRO A 229 -22.04 25.10 60.84
N LYS A 230 -21.57 23.89 61.01
CA LYS A 230 -20.16 23.59 60.86
C LYS A 230 -19.74 23.83 59.44
N GLY A 231 -20.71 23.74 58.55
CA GLY A 231 -20.49 23.83 57.13
C GLY A 231 -20.80 25.14 56.45
N ARG A 232 -21.04 26.18 57.23
CA ARG A 232 -21.55 27.43 56.72
C ARG A 232 -20.67 28.19 55.74
N ASP A 233 -19.38 28.03 55.83
CA ASP A 233 -18.49 28.73 54.95
C ASP A 233 -18.07 27.93 53.74
N ILE A 234 -18.68 26.78 53.53
CA ILE A 234 -18.40 26.00 52.34
C ILE A 234 -19.29 26.52 51.25
N MET A 235 -18.70 26.72 50.09
CA MET A 235 -19.38 27.25 48.92
C MET A 235 -20.23 26.19 48.26
N ILE A 236 -21.45 26.51 47.90
CA ILE A 236 -22.23 25.59 47.11
C ILE A 236 -22.31 26.03 45.67
N ILE A 237 -21.63 25.29 44.82
CA ILE A 237 -21.62 25.55 43.40
C ILE A 237 -22.67 24.66 42.73
N CYS A 238 -23.62 25.26 42.06
CA CYS A 238 -24.71 24.46 41.52
C CYS A 238 -24.56 24.06 40.06
N LYS A 239 -24.51 22.78 39.83
CA LYS A 239 -24.43 22.22 38.52
C LYS A 239 -25.76 22.23 37.82
N ILE A 240 -25.81 22.77 36.62
CA ILE A 240 -27.03 22.81 35.85
C ILE A 240 -26.91 21.74 34.84
N GLU A 241 -27.69 20.69 34.99
CA GLU A 241 -27.56 19.52 34.12
C GLU A 241 -28.87 19.12 33.47
N ASN A 242 -29.98 19.71 33.87
CA ASN A 242 -31.30 19.44 33.27
C ASN A 242 -32.20 20.61 32.94
N HIS A 243 -33.39 20.29 32.44
CA HIS A 243 -34.34 21.33 32.03
C HIS A 243 -34.72 22.28 33.16
N GLN A 244 -35.17 21.71 34.27
CA GLN A 244 -35.65 22.48 35.39
C GLN A 244 -34.60 23.42 35.91
N GLY A 245 -33.38 22.97 35.97
CA GLY A 245 -32.30 23.81 36.41
C GLY A 245 -32.10 24.99 35.51
N VAL A 246 -32.15 24.80 34.21
CA VAL A 246 -32.05 25.90 33.31
C VAL A 246 -33.20 26.87 33.45
N GLN A 247 -34.40 26.35 33.60
CA GLN A 247 -35.56 27.16 33.70
C GLN A 247 -35.52 28.04 34.93
N ASN A 248 -35.00 27.50 36.00
CA ASN A 248 -34.97 28.15 37.30
C ASN A 248 -33.67 28.86 37.62
N ILE A 249 -32.92 29.23 36.61
CA ILE A 249 -31.58 29.70 36.80
C ILE A 249 -31.39 30.97 37.63
N ASP A 250 -32.24 31.96 37.49
CA ASP A 250 -32.08 33.16 38.27
C ASP A 250 -32.23 32.93 39.76
N SER A 251 -33.24 32.21 40.14
CA SER A 251 -33.41 31.84 41.52
C SER A 251 -32.33 30.94 42.07
N ILE A 252 -31.86 30.01 41.27
CA ILE A 252 -30.74 29.18 41.65
C ILE A 252 -29.46 29.97 41.80
N ILE A 253 -29.22 30.88 40.90
CA ILE A 253 -28.06 31.72 40.97
C ILE A 253 -28.11 32.55 42.24
N GLU A 254 -29.27 33.08 42.61
CA GLU A 254 -29.45 33.83 43.83
C GLU A 254 -29.02 33.06 45.07
N GLU A 255 -29.54 31.87 45.22
CA GLU A 255 -29.22 30.97 46.32
C GLU A 255 -27.80 30.44 46.39
N SER A 256 -27.23 30.20 45.25
CA SER A 256 -25.93 29.59 45.12
C SER A 256 -24.75 30.53 45.37
N ASP A 257 -23.57 29.96 45.45
CA ASP A 257 -22.35 30.72 45.43
C ASP A 257 -21.68 30.67 44.06
N GLY A 258 -22.26 29.93 43.13
CA GLY A 258 -21.72 29.81 41.81
C GLY A 258 -22.41 28.72 41.02
N ILE A 259 -22.05 28.62 39.76
CA ILE A 259 -22.68 27.73 38.82
C ILE A 259 -21.67 26.91 38.06
N MET A 260 -22.05 25.69 37.78
CA MET A 260 -21.40 24.88 36.81
C MET A 260 -22.28 24.57 35.60
N VAL A 261 -21.78 24.78 34.41
CA VAL A 261 -22.50 24.42 33.23
C VAL A 261 -22.12 22.99 32.89
N ALA A 262 -22.89 22.05 33.40
CA ALA A 262 -22.56 20.66 33.38
C ALA A 262 -22.97 20.03 32.08
N ARG A 263 -22.12 20.17 31.10
CA ARG A 263 -22.48 19.88 29.76
C ARG A 263 -22.81 18.45 29.45
N GLY A 264 -22.13 17.47 30.06
CA GLY A 264 -22.43 16.11 29.75
C GLY A 264 -23.82 15.60 30.03
N ASP A 265 -24.32 15.78 31.23
CA ASP A 265 -25.73 15.55 31.52
C ASP A 265 -26.71 16.48 30.78
N LEU A 266 -26.38 17.76 30.67
CA LEU A 266 -27.23 18.76 30.04
C LEU A 266 -27.48 18.46 28.60
N GLY A 267 -26.45 17.93 27.99
CA GLY A 267 -26.41 17.49 26.65
C GLY A 267 -27.36 16.41 26.25
N VAL A 268 -27.63 15.43 27.09
CA VAL A 268 -28.71 14.47 26.97
C VAL A 268 -30.08 15.02 27.26
N GLU A 269 -30.14 15.75 28.36
CA GLU A 269 -31.38 16.31 28.85
C GLU A 269 -31.97 17.34 27.91
N ILE A 270 -31.13 18.09 27.29
CA ILE A 270 -31.55 19.16 26.51
C ILE A 270 -30.84 18.76 25.29
N PRO A 271 -31.41 19.09 24.19
CA PRO A 271 -30.75 18.84 22.93
C PRO A 271 -29.58 19.73 22.93
N ALA A 272 -28.57 19.09 22.36
CA ALA A 272 -27.17 19.33 22.41
C ALA A 272 -26.88 20.63 21.80
N GLU A 273 -27.56 20.92 20.70
CA GLU A 273 -27.40 22.18 20.01
C GLU A 273 -27.86 23.35 20.86
N LYS A 274 -28.66 23.05 21.87
CA LYS A 274 -29.11 24.07 22.81
C LYS A 274 -28.09 24.37 23.91
N VAL A 275 -27.23 23.41 24.22
CA VAL A 275 -26.24 23.58 25.27
C VAL A 275 -25.43 24.84 25.02
N VAL A 276 -25.20 25.19 23.77
CA VAL A 276 -24.48 26.39 23.43
C VAL A 276 -25.16 27.68 23.88
N VAL A 277 -26.46 27.80 23.65
CA VAL A 277 -27.25 28.90 24.15
C VAL A 277 -27.30 28.93 25.67
N ALA A 278 -27.46 27.78 26.26
CA ALA A 278 -27.43 27.69 27.69
C ALA A 278 -26.07 28.12 28.26
N GLN A 279 -24.98 27.76 27.63
CA GLN A 279 -23.67 28.17 28.09
C GLN A 279 -23.49 29.67 28.06
N LYS A 280 -23.85 30.29 26.96
CA LYS A 280 -23.78 31.69 26.88
C LYS A 280 -24.65 32.37 27.87
N ILE A 281 -25.90 31.95 28.04
CA ILE A 281 -26.73 32.60 29.01
C ILE A 281 -26.28 32.46 30.44
N LEU A 282 -25.93 31.26 30.86
CA LEU A 282 -25.58 31.01 32.22
C LEU A 282 -24.31 31.69 32.70
N ILE A 283 -23.33 31.72 31.82
CA ILE A 283 -22.09 32.37 32.10
C ILE A 283 -22.28 33.85 32.23
N SER A 284 -23.06 34.43 31.35
CA SER A 284 -23.33 35.84 31.38
C SER A 284 -24.08 36.25 32.61
N LYS A 285 -25.07 35.50 33.02
CA LYS A 285 -25.83 35.79 34.20
C LYS A 285 -24.96 35.71 35.48
N CYS A 286 -24.07 34.75 35.51
CA CYS A 286 -23.08 34.65 36.55
C CYS A 286 -22.11 35.80 36.56
N ASN A 287 -21.65 36.25 35.39
CA ASN A 287 -20.77 37.38 35.32
C ASN A 287 -21.44 38.65 35.82
N VAL A 288 -22.67 38.86 35.42
CA VAL A 288 -23.41 40.01 35.83
C VAL A 288 -23.67 39.99 37.32
N ALA A 289 -23.98 38.84 37.85
CA ALA A 289 -24.20 38.65 39.27
C ALA A 289 -22.95 38.68 40.19
N GLY A 290 -21.77 38.65 39.61
CA GLY A 290 -20.53 38.41 40.30
C GLY A 290 -20.25 37.10 41.00
N LYS A 291 -20.65 35.99 40.41
CA LYS A 291 -20.42 34.69 40.99
C LYS A 291 -19.70 33.82 40.00
N PRO A 292 -18.84 32.95 40.52
CA PRO A 292 -17.98 32.12 39.71
C PRO A 292 -18.77 31.14 38.84
N VAL A 293 -18.33 30.93 37.61
CA VAL A 293 -19.00 30.06 36.68
C VAL A 293 -18.02 29.13 35.99
N ILE A 294 -18.39 27.86 35.90
CA ILE A 294 -17.53 26.82 35.37
C ILE A 294 -18.12 26.16 34.13
N CYS A 295 -17.29 26.02 33.13
CA CYS A 295 -17.60 25.27 31.92
C CYS A 295 -17.01 23.89 31.97
N ALA A 296 -17.88 22.92 31.83
CA ALA A 296 -17.54 21.54 32.04
C ALA A 296 -17.90 20.57 30.93
N THR A 297 -17.04 19.56 30.79
CA THR A 297 -17.26 18.27 30.14
C THR A 297 -16.89 18.20 28.66
N GLN A 298 -16.09 17.20 28.30
CA GLN A 298 -15.68 16.91 26.95
C GLN A 298 -14.86 18.02 26.33
N MET A 299 -14.34 18.90 27.15
CA MET A 299 -13.58 20.02 26.67
C MET A 299 -12.31 19.62 25.93
N LEU A 300 -11.59 18.66 26.45
CA LEU A 300 -10.46 18.14 25.74
C LEU A 300 -10.48 16.62 25.73
N GLU A 301 -11.60 16.05 25.34
CA GLU A 301 -11.87 14.65 25.45
C GLU A 301 -10.92 13.67 24.79
N SER A 302 -10.44 13.97 23.62
CA SER A 302 -9.61 13.08 22.83
C SER A 302 -8.24 12.90 23.47
N MET A 303 -7.93 13.79 24.37
CA MET A 303 -6.66 13.84 25.05
C MET A 303 -6.69 12.88 26.22
N THR A 304 -7.81 12.21 26.40
CA THR A 304 -7.90 11.10 27.30
C THR A 304 -7.00 10.03 26.73
N TYR A 305 -6.91 9.97 25.42
CA TYR A 305 -6.13 8.93 24.79
C TYR A 305 -5.01 9.40 23.89
N ASN A 306 -5.01 10.66 23.49
CA ASN A 306 -4.00 11.17 22.60
C ASN A 306 -3.22 12.30 23.17
N PRO A 307 -2.00 12.42 22.70
CA PRO A 307 -1.10 13.48 23.11
C PRO A 307 -1.56 14.89 22.72
N ARG A 308 -2.35 15.00 21.68
CA ARG A 308 -2.78 16.26 21.12
C ARG A 308 -4.28 16.31 20.91
N PRO A 309 -4.85 17.50 21.08
CA PRO A 309 -6.27 17.71 20.93
C PRO A 309 -6.73 17.91 19.50
N THR A 310 -8.02 17.70 19.29
CA THR A 310 -8.70 18.06 18.07
C THR A 310 -8.91 19.57 17.93
N ARG A 311 -9.16 20.03 16.72
CA ARG A 311 -9.43 21.43 16.46
C ARG A 311 -10.67 21.92 17.18
N ALA A 312 -11.71 21.11 17.18
CA ALA A 312 -12.93 21.46 17.86
C ALA A 312 -12.73 21.64 19.35
N GLU A 313 -11.88 20.83 19.92
CA GLU A 313 -11.58 20.93 21.32
C GLU A 313 -10.87 22.20 21.73
N VAL A 314 -9.85 22.58 20.98
CA VAL A 314 -9.10 23.78 21.22
C VAL A 314 -10.03 24.95 21.08
N SER A 315 -10.84 24.95 20.06
CA SER A 315 -11.78 26.00 19.90
C SER A 315 -12.74 26.09 21.07
N ASP A 316 -13.16 24.95 21.59
CA ASP A 316 -14.02 24.92 22.74
C ASP A 316 -13.40 25.54 24.00
N VAL A 317 -12.17 25.24 24.34
CA VAL A 317 -11.62 25.86 25.55
C VAL A 317 -11.53 27.39 25.43
N ALA A 318 -11.14 27.84 24.24
CA ALA A 318 -11.03 29.24 23.95
C ALA A 318 -12.33 30.04 23.99
N ASN A 319 -13.36 29.52 23.37
CA ASN A 319 -14.68 30.10 23.40
C ASN A 319 -15.30 30.15 24.77
N ALA A 320 -15.00 29.20 25.63
CA ALA A 320 -15.47 29.29 27.00
C ALA A 320 -14.91 30.49 27.76
N VAL A 321 -13.66 30.79 27.56
CA VAL A 321 -13.02 31.99 28.07
C VAL A 321 -13.60 33.26 27.51
N PHE A 322 -13.82 33.27 26.20
CA PHE A 322 -14.46 34.37 25.51
C PHE A 322 -15.87 34.55 26.04
N ASN A 323 -16.51 33.46 26.39
CA ASN A 323 -17.86 33.45 26.90
C ASN A 323 -17.90 34.18 28.24
N GLY A 324 -16.77 34.20 28.93
CA GLY A 324 -16.70 34.79 30.23
C GLY A 324 -16.58 33.92 31.45
N ALA A 325 -16.25 32.66 31.27
CA ALA A 325 -16.10 31.74 32.36
C ALA A 325 -14.92 31.95 33.28
N ASP A 326 -15.15 31.83 34.56
CA ASP A 326 -14.09 31.79 35.52
C ASP A 326 -13.19 30.58 35.35
N CYS A 327 -13.79 29.42 35.14
CA CYS A 327 -13.12 28.13 35.13
C CYS A 327 -13.44 27.18 33.98
N VAL A 328 -12.46 26.41 33.59
CA VAL A 328 -12.68 25.28 32.73
C VAL A 328 -12.33 24.05 33.51
N MET A 329 -12.88 22.93 33.10
CA MET A 329 -12.81 21.71 33.87
C MET A 329 -12.36 20.51 33.08
N LEU A 330 -11.71 19.60 33.77
CA LEU A 330 -11.27 18.35 33.18
C LEU A 330 -11.87 17.21 33.93
N SER A 331 -12.40 16.25 33.21
CA SER A 331 -13.07 15.14 33.84
C SER A 331 -12.34 13.81 33.71
N GLY A 332 -12.68 13.08 32.67
CA GLY A 332 -12.05 11.84 32.34
C GLY A 332 -10.61 11.97 31.92
N GLU A 333 -10.31 13.09 31.30
CA GLU A 333 -8.99 13.37 30.78
C GLU A 333 -7.95 13.36 31.89
N THR A 334 -8.31 13.75 33.09
CA THR A 334 -7.46 13.60 34.24
C THR A 334 -7.80 12.45 35.20
N ALA A 335 -9.03 12.02 35.25
CA ALA A 335 -9.38 10.90 36.07
C ALA A 335 -8.82 9.57 35.62
N LYS A 336 -8.98 9.25 34.35
CA LYS A 336 -8.55 7.99 33.80
C LYS A 336 -7.65 8.03 32.58
N GLY A 337 -7.25 9.21 32.19
CA GLY A 337 -6.48 9.43 30.99
C GLY A 337 -5.03 9.03 30.97
N LYS A 338 -4.52 8.88 29.76
CA LYS A 338 -3.12 8.71 29.43
C LYS A 338 -2.19 9.89 29.67
N TYR A 339 -2.64 11.11 29.44
CA TYR A 339 -1.75 12.25 29.46
C TYR A 339 -2.25 13.36 30.32
N PRO A 340 -2.32 13.11 31.61
CA PRO A 340 -2.88 14.07 32.51
C PRO A 340 -2.15 15.39 32.56
N ASN A 341 -0.83 15.39 32.69
CA ASN A 341 -0.06 16.60 32.68
C ASN A 341 -0.15 17.37 31.38
N GLU A 342 -0.07 16.68 30.28
CA GLU A 342 -0.17 17.30 28.99
C GLU A 342 -1.53 17.95 28.73
N VAL A 343 -2.60 17.31 29.14
CA VAL A 343 -3.90 17.87 28.88
C VAL A 343 -4.08 19.18 29.63
N VAL A 344 -3.67 19.22 30.87
CA VAL A 344 -3.71 20.41 31.64
C VAL A 344 -2.81 21.48 31.08
N GLN A 345 -1.64 21.13 30.62
CA GLN A 345 -0.73 22.09 30.05
C GLN A 345 -1.33 22.67 28.80
N TYR A 346 -1.98 21.86 28.00
CA TYR A 346 -2.66 22.33 26.81
C TYR A 346 -3.80 23.27 27.10
N MET A 347 -4.58 22.96 28.10
CA MET A 347 -5.67 23.81 28.48
C MET A 347 -5.20 25.15 28.96
N ALA A 348 -4.14 25.18 29.75
CA ALA A 348 -3.60 26.42 30.25
C ALA A 348 -3.09 27.31 29.16
N ARG A 349 -2.44 26.72 28.20
CA ARG A 349 -1.89 27.39 27.07
C ARG A 349 -2.97 28.02 26.20
N ILE A 350 -4.04 27.31 25.93
CA ILE A 350 -5.18 27.82 25.20
C ILE A 350 -5.86 28.97 25.92
N CYS A 351 -5.98 28.84 27.21
CA CYS A 351 -6.59 29.86 28.02
C CYS A 351 -5.79 31.14 27.96
N LEU A 352 -4.48 31.03 28.01
CA LEU A 352 -3.62 32.20 27.90
C LEU A 352 -3.71 32.90 26.57
N GLU A 353 -3.78 32.13 25.51
CA GLU A 353 -3.93 32.65 24.19
C GLU A 353 -5.25 33.38 23.96
N ALA A 354 -6.35 32.81 24.42
CA ALA A 354 -7.67 33.44 24.31
C ALA A 354 -7.74 34.74 25.06
N GLN A 355 -7.01 34.78 26.16
CA GLN A 355 -6.91 35.91 27.03
C GLN A 355 -6.31 37.09 26.32
N SER A 356 -5.37 36.88 25.43
CA SER A 356 -4.86 37.96 24.62
C SER A 356 -5.89 38.57 23.74
N ALA A 357 -6.69 37.73 23.11
CA ALA A 357 -7.77 38.15 22.26
C ALA A 357 -8.89 38.80 23.01
N LEU A 358 -8.97 38.55 24.30
CA LEU A 358 -10.08 38.99 25.11
C LEU A 358 -10.05 40.48 25.22
N ASN A 359 -11.18 41.12 25.03
CA ASN A 359 -11.25 42.54 25.26
C ASN A 359 -11.73 42.76 26.66
N GLU A 360 -10.80 42.89 27.57
CA GLU A 360 -11.07 43.05 28.99
C GLU A 360 -11.80 44.34 29.28
N TYR A 361 -11.47 45.36 28.54
CA TYR A 361 -12.09 46.66 28.67
C TYR A 361 -13.57 46.71 28.33
N VAL A 362 -13.97 46.11 27.21
CA VAL A 362 -15.37 46.08 26.81
C VAL A 362 -16.15 45.31 27.82
N PHE A 363 -15.57 44.23 28.27
CA PHE A 363 -16.12 43.41 29.30
C PHE A 363 -16.36 44.17 30.58
N PHE A 364 -15.45 45.04 30.97
CA PHE A 364 -15.63 45.86 32.17
C PHE A 364 -16.82 46.81 32.06
N ASN A 365 -16.90 47.53 30.97
CA ASN A 365 -17.97 48.42 30.68
C ASN A 365 -19.31 47.75 30.52
N SER A 366 -19.34 46.60 29.88
CA SER A 366 -20.55 45.89 29.67
C SER A 366 -21.15 45.45 30.95
N ILE A 367 -20.32 44.94 31.84
CA ILE A 367 -20.73 44.48 33.15
C ILE A 367 -21.25 45.60 34.01
N LYS A 368 -20.56 46.71 33.97
CA LYS A 368 -20.83 47.92 34.71
C LYS A 368 -22.19 48.51 34.36
N LYS A 369 -22.56 48.54 33.08
CA LYS A 369 -23.86 49.00 32.65
C LYS A 369 -24.98 48.17 33.15
N LEU A 370 -24.75 46.90 33.40
CA LEU A 370 -25.80 46.01 33.82
C LEU A 370 -26.14 46.00 35.30
N GLN A 371 -25.37 46.70 36.10
CA GLN A 371 -25.61 46.80 37.51
C GLN A 371 -26.65 47.83 37.83
N HIS A 372 -27.47 47.50 38.79
CA HIS A 372 -28.48 48.37 39.28
C HIS A 372 -27.88 49.56 39.98
N ILE A 373 -28.46 50.73 39.73
CA ILE A 373 -27.99 51.97 40.34
C ILE A 373 -29.11 52.65 41.13
N PRO A 374 -28.81 52.98 42.38
CA PRO A 374 -27.50 52.70 42.97
C PRO A 374 -27.34 51.23 43.32
N MET A 375 -26.23 50.89 43.97
CA MET A 375 -25.96 49.51 44.37
C MET A 375 -25.42 49.44 45.79
N SER A 376 -24.10 49.56 45.92
CA SER A 376 -23.46 49.51 47.22
C SER A 376 -22.10 50.21 47.19
N ALA A 377 -21.76 50.87 48.29
CA ALA A 377 -20.51 51.58 48.39
C ALA A 377 -19.28 50.78 48.07
N ASP A 378 -19.18 49.57 48.57
CA ASP A 378 -18.09 48.70 48.19
C ASP A 378 -18.08 48.31 46.72
N GLU A 379 -19.24 48.10 46.13
CA GLU A 379 -19.31 47.80 44.71
C GLU A 379 -18.85 48.93 43.83
N ALA A 380 -19.22 50.14 44.17
CA ALA A 380 -18.74 51.30 43.46
C ALA A 380 -17.22 51.45 43.60
N VAL A 381 -16.70 51.15 44.76
CA VAL A 381 -15.30 51.26 45.02
C VAL A 381 -14.54 50.31 44.14
N CYS A 382 -15.01 49.08 44.03
CA CYS A 382 -14.37 48.12 43.17
C CYS A 382 -14.45 48.44 41.70
N SER A 383 -15.59 48.83 41.23
CA SER A 383 -15.75 49.21 39.85
C SER A 383 -14.96 50.44 39.44
N SER A 384 -15.08 51.49 40.19
CA SER A 384 -14.31 52.64 39.92
C SER A 384 -12.79 52.39 40.08
N ALA A 385 -12.39 51.53 41.00
CA ALA A 385 -10.98 51.20 41.18
C ALA A 385 -10.36 50.52 39.98
N VAL A 386 -11.12 49.64 39.35
CA VAL A 386 -10.79 49.03 38.08
C VAL A 386 -10.73 50.06 36.97
N ASN A 387 -11.65 51.00 37.00
CA ASN A 387 -11.66 52.06 36.02
C ASN A 387 -10.35 52.86 36.12
N SER A 388 -9.89 53.03 37.35
CA SER A 388 -8.62 53.62 37.66
C SER A 388 -7.51 52.80 37.09
N VAL A 389 -7.63 51.49 37.10
CA VAL A 389 -6.61 50.69 36.55
C VAL A 389 -6.46 50.94 35.08
N TYR A 390 -7.56 50.97 34.35
CA TYR A 390 -7.53 51.26 32.93
C TYR A 390 -7.03 52.66 32.61
N GLU A 391 -7.45 53.65 33.38
CA GLU A 391 -7.04 55.01 33.19
C GLU A 391 -5.55 55.29 33.39
N THR A 392 -4.92 54.66 34.37
CA THR A 392 -3.49 54.81 34.62
C THR A 392 -2.59 53.79 33.98
N LYS A 393 -3.16 52.76 33.41
CA LYS A 393 -2.45 51.57 33.03
C LYS A 393 -1.72 50.89 34.16
N ALA A 394 -2.38 50.74 35.28
CA ALA A 394 -1.82 50.07 36.42
C ALA A 394 -1.56 48.60 36.18
N LYS A 395 -0.43 48.12 36.66
CA LYS A 395 -0.05 46.78 36.31
C LYS A 395 -0.39 45.72 37.32
N ALA A 396 -0.95 46.14 38.44
CA ALA A 396 -1.41 45.24 39.46
C ALA A 396 -2.44 45.85 40.36
N MET A 397 -3.10 45.01 41.10
CA MET A 397 -4.14 45.45 41.94
C MET A 397 -3.97 44.70 43.22
N VAL A 398 -4.24 45.32 44.35
CA VAL A 398 -4.21 44.62 45.62
C VAL A 398 -5.49 44.82 46.38
N VAL A 399 -6.09 43.76 46.86
CA VAL A 399 -7.27 43.89 47.69
C VAL A 399 -7.18 43.15 48.97
N LEU A 400 -7.77 43.70 50.00
CA LEU A 400 -7.86 42.99 51.22
C LEU A 400 -9.21 42.31 51.34
N SER A 401 -9.19 40.99 51.39
CA SER A 401 -10.39 40.24 51.70
C SER A 401 -10.17 39.07 52.63
N ASN A 402 -10.93 39.01 53.70
CA ASN A 402 -10.95 37.87 54.59
C ASN A 402 -12.00 36.80 54.26
N THR A 403 -13.23 37.22 53.99
CA THR A 403 -14.26 36.33 53.49
C THR A 403 -14.03 35.90 52.07
N GLY A 404 -13.28 36.68 51.33
CA GLY A 404 -13.14 36.49 49.91
C GLY A 404 -14.15 37.28 49.09
N ARG A 405 -15.13 37.87 49.77
CA ARG A 405 -16.14 38.68 49.11
C ARG A 405 -15.55 39.84 48.33
N SER A 406 -14.67 40.61 48.97
CA SER A 406 -14.11 41.76 48.32
C SER A 406 -13.39 41.37 47.07
N ALA A 407 -12.68 40.27 47.10
CA ALA A 407 -11.99 39.81 45.93
C ALA A 407 -12.85 39.41 44.73
N ARG A 408 -13.96 38.74 44.96
CA ARG A 408 -14.88 38.42 43.89
C ARG A 408 -15.48 39.66 43.26
N LEU A 409 -15.80 40.63 44.09
CA LEU A 409 -16.38 41.87 43.68
C LEU A 409 -15.51 42.66 42.76
N VAL A 410 -14.22 42.71 43.04
CA VAL A 410 -13.24 43.25 42.13
C VAL A 410 -12.97 42.51 40.84
N ALA A 411 -12.85 41.21 40.93
CA ALA A 411 -12.55 40.34 39.80
C ALA A 411 -13.67 40.41 38.83
N LYS A 412 -14.84 40.67 39.36
CA LYS A 412 -16.05 40.77 38.62
C LYS A 412 -15.98 41.87 37.57
N TYR A 413 -15.18 42.87 37.82
CA TYR A 413 -15.07 43.98 36.93
C TYR A 413 -14.00 43.83 35.89
N ARG A 414 -13.38 42.68 35.84
CA ARG A 414 -12.44 42.40 34.75
C ARG A 414 -11.35 43.45 34.45
N PRO A 415 -10.47 43.70 35.40
CA PRO A 415 -9.32 44.54 35.17
C PRO A 415 -8.35 43.88 34.24
N ASN A 416 -7.47 44.62 33.62
CA ASN A 416 -6.56 44.02 32.67
C ASN A 416 -5.19 43.70 33.25
N CYS A 417 -5.18 43.50 34.54
CA CYS A 417 -3.99 43.25 35.26
C CYS A 417 -4.29 42.26 36.33
N PRO A 418 -3.27 41.65 36.90
CA PRO A 418 -3.46 40.68 37.96
C PRO A 418 -4.08 41.30 39.18
N ILE A 419 -4.86 40.57 39.91
CA ILE A 419 -5.42 41.05 41.14
C ILE A 419 -4.78 40.29 42.27
N VAL A 420 -4.29 40.99 43.25
CA VAL A 420 -3.65 40.28 44.33
C VAL A 420 -4.43 40.47 45.58
N CYS A 421 -4.95 39.38 46.09
CA CYS A 421 -5.74 39.40 47.29
C CYS A 421 -4.95 39.01 48.52
N VAL A 422 -5.06 39.78 49.57
CA VAL A 422 -4.36 39.45 50.77
C VAL A 422 -5.38 39.06 51.79
N THR A 423 -5.28 37.84 52.25
CA THR A 423 -6.30 37.27 53.07
C THR A 423 -5.74 36.70 54.37
N THR A 424 -6.54 36.76 55.42
CA THR A 424 -6.18 36.16 56.66
C THR A 424 -6.74 34.77 56.85
N ARG A 425 -7.37 34.22 55.83
CA ARG A 425 -7.90 32.87 55.91
C ARG A 425 -7.38 31.99 54.80
N LEU A 426 -6.80 30.86 55.15
CA LEU A 426 -6.30 29.90 54.18
C LEU A 426 -7.39 29.32 53.28
N GLN A 427 -8.55 29.07 53.84
CA GLN A 427 -9.66 28.56 53.10
C GLN A 427 -10.09 29.54 52.05
N THR A 428 -9.97 30.82 52.36
CA THR A 428 -10.25 31.85 51.42
C THR A 428 -9.32 31.77 50.27
N CYS A 429 -8.06 31.47 50.52
CA CYS A 429 -7.12 31.29 49.43
C CYS A 429 -7.52 30.14 48.53
N ARG A 430 -7.97 29.06 49.11
CA ARG A 430 -8.46 27.97 48.31
C ARG A 430 -9.75 28.29 47.55
N GLN A 431 -10.70 28.92 48.21
CA GLN A 431 -12.01 29.21 47.66
C GLN A 431 -11.93 30.15 46.47
N LEU A 432 -10.94 31.03 46.50
CA LEU A 432 -10.66 31.97 45.46
C LEU A 432 -10.03 31.37 44.23
N ASN A 433 -9.73 30.09 44.30
CA ASN A 433 -9.17 29.35 43.20
C ASN A 433 -10.20 29.12 42.09
N ILE A 434 -11.46 29.42 42.36
CA ILE A 434 -12.45 29.41 41.29
C ILE A 434 -12.81 30.77 40.76
N THR A 435 -12.13 31.81 41.22
CA THR A 435 -12.42 33.13 40.72
C THR A 435 -11.35 33.51 39.73
N GLN A 436 -11.73 33.90 38.52
CA GLN A 436 -10.74 34.26 37.54
C GLN A 436 -9.93 35.48 37.91
N GLY A 437 -8.68 35.46 37.51
CA GLY A 437 -7.82 36.60 37.58
C GLY A 437 -7.32 37.01 38.93
N VAL A 438 -7.38 36.12 39.91
CA VAL A 438 -7.03 36.43 41.27
C VAL A 438 -5.97 35.52 41.87
N GLU A 439 -5.03 36.11 42.57
CA GLU A 439 -4.00 35.38 43.29
C GLU A 439 -4.02 35.75 44.74
N SER A 440 -3.85 34.78 45.61
CA SER A 440 -3.95 35.00 47.04
C SER A 440 -2.62 34.94 47.78
N VAL A 441 -2.47 35.83 48.73
CA VAL A 441 -1.37 35.82 49.66
C VAL A 441 -1.93 35.67 51.03
N PHE A 442 -1.54 34.65 51.76
CA PHE A 442 -2.02 34.48 53.11
C PHE A 442 -1.22 35.34 54.10
N PHE A 443 -1.90 36.02 55.00
CA PHE A 443 -1.30 36.82 56.04
C PHE A 443 -1.81 36.28 57.35
N ASP A 444 -0.89 35.79 58.16
CA ASP A 444 -1.22 35.11 59.39
C ASP A 444 -1.44 36.14 60.46
N ALA A 445 -2.69 36.36 60.78
CA ALA A 445 -3.04 37.36 61.71
C ALA A 445 -2.44 37.02 63.05
N ASP A 446 -2.43 35.74 63.39
CA ASP A 446 -1.97 35.32 64.69
C ASP A 446 -0.51 35.63 64.93
N LYS A 447 0.32 35.19 64.03
CA LYS A 447 1.71 35.49 64.06
C LYS A 447 1.99 36.98 63.89
N LEU A 448 1.34 37.62 62.95
CA LEU A 448 1.66 39.01 62.62
C LEU A 448 0.71 40.07 63.10
N GLY A 449 -0.32 39.71 63.81
CA GLY A 449 -1.23 40.72 64.31
C GLY A 449 -2.36 41.09 63.36
N HIS A 450 -3.34 41.78 63.90
CA HIS A 450 -4.57 42.13 63.23
C HIS A 450 -4.48 43.18 62.13
N ASP A 451 -3.41 43.93 62.11
CA ASP A 451 -3.12 44.89 61.05
C ASP A 451 -4.22 45.87 60.74
N GLU A 452 -4.75 46.52 61.74
CA GLU A 452 -5.91 47.39 61.58
C GLU A 452 -5.63 48.58 60.70
N GLY A 453 -4.39 49.05 60.64
CA GLY A 453 -4.10 50.18 59.79
C GLY A 453 -3.78 49.80 58.38
N LYS A 454 -3.68 48.49 58.15
CA LYS A 454 -3.72 47.87 56.84
C LYS A 454 -2.40 47.93 56.11
N GLU A 455 -1.43 48.59 56.69
CA GLU A 455 -0.15 48.77 56.08
C GLU A 455 0.63 47.48 55.83
N HIS A 456 0.59 46.54 56.74
CA HIS A 456 1.27 45.28 56.53
C HIS A 456 0.72 44.40 55.44
N ARG A 457 -0.59 44.21 55.43
CA ARG A 457 -1.23 43.39 54.43
C ARG A 457 -0.97 44.02 53.09
N VAL A 458 -1.05 45.33 53.03
CA VAL A 458 -0.75 46.01 51.82
C VAL A 458 0.65 45.83 51.36
N ALA A 459 1.62 45.86 52.26
CA ALA A 459 3.00 45.66 51.87
C ALA A 459 3.24 44.27 51.29
N ALA A 460 2.60 43.27 51.89
CA ALA A 460 2.71 41.90 51.45
C ALA A 460 2.13 41.67 50.07
N GLY A 461 0.97 42.22 49.78
CA GLY A 461 0.42 42.12 48.45
C GLY A 461 1.27 42.79 47.42
N VAL A 462 1.76 43.97 47.72
CA VAL A 462 2.67 44.63 46.80
C VAL A 462 3.95 43.84 46.59
N GLU A 463 4.53 43.29 47.65
CA GLU A 463 5.75 42.52 47.54
C GLU A 463 5.57 41.29 46.69
N PHE A 464 4.43 40.65 46.88
CA PHE A 464 4.11 39.48 46.09
C PHE A 464 4.03 39.87 44.63
N ALA A 465 3.46 41.02 44.34
CA ALA A 465 3.38 41.49 42.98
C ALA A 465 4.72 41.78 42.37
N LYS A 466 5.63 42.30 43.15
CA LYS A 466 7.01 42.52 42.74
C LYS A 466 7.68 41.20 42.47
N SER A 467 7.46 40.28 43.36
CA SER A 467 8.07 38.98 43.27
C SER A 467 7.68 38.18 42.04
N LYS A 468 6.43 38.26 41.60
CA LYS A 468 6.00 37.53 40.43
C LYS A 468 6.28 38.35 39.19
N GLY A 469 6.78 39.54 39.39
CA GLY A 469 7.14 40.38 38.27
C GLY A 469 6.08 41.21 37.59
N TYR A 470 4.90 41.27 38.18
CA TYR A 470 3.81 42.08 37.69
C TYR A 470 4.15 43.54 37.73
N VAL A 471 4.86 43.96 38.76
CA VAL A 471 5.27 45.35 38.91
C VAL A 471 6.76 45.63 39.19
N GLN A 472 7.21 46.79 38.77
CA GLN A 472 8.54 47.28 39.05
C GLN A 472 8.35 48.68 39.57
N THR A 473 9.44 49.29 39.99
CA THR A 473 9.40 50.59 40.61
C THR A 473 8.93 51.53 39.56
N GLY A 474 8.12 52.47 39.97
CA GLY A 474 7.54 53.45 39.10
C GLY A 474 6.20 53.07 38.54
N ASP A 475 5.79 51.84 38.74
CA ASP A 475 4.48 51.34 38.36
C ASP A 475 3.37 51.72 39.33
N TYR A 476 2.16 51.76 38.83
CA TYR A 476 1.03 52.02 39.65
C TYR A 476 0.45 50.75 40.10
N CYS A 477 0.06 50.72 41.35
CA CYS A 477 -0.69 49.64 41.88
C CYS A 477 -1.94 50.19 42.52
N VAL A 478 -3.10 49.66 42.18
CA VAL A 478 -4.34 50.18 42.69
C VAL A 478 -4.79 49.31 43.81
N VAL A 479 -5.06 49.92 44.95
CA VAL A 479 -5.22 49.24 46.21
C VAL A 479 -6.58 49.48 46.82
N ILE A 480 -7.21 48.45 47.35
CA ILE A 480 -8.55 48.51 47.89
C ILE A 480 -8.72 47.95 49.29
N HIS A 481 -9.22 48.74 50.21
CA HIS A 481 -9.55 48.29 51.53
C HIS A 481 -10.36 49.36 52.21
N ALA A 482 -10.66 49.15 53.47
CA ALA A 482 -11.25 50.17 54.29
C ALA A 482 -10.26 51.20 54.77
N ASP A 483 -10.80 52.32 55.20
CA ASP A 483 -10.10 53.34 55.89
C ASP A 483 -10.08 52.95 57.33
N HIS A 484 -9.58 53.83 58.16
CA HIS A 484 -9.44 53.52 59.55
C HIS A 484 -10.70 53.30 60.35
N LYS A 485 -11.73 54.07 60.11
CA LYS A 485 -13.01 53.84 60.74
C LYS A 485 -13.91 52.65 60.29
N VAL A 486 -14.11 52.49 58.99
CA VAL A 486 -15.11 51.56 58.47
C VAL A 486 -14.78 50.08 58.61
N LYS A 487 -15.79 49.31 58.96
CA LYS A 487 -15.66 47.89 59.19
C LYS A 487 -16.67 47.04 58.42
N GLY A 488 -16.21 45.93 57.90
CA GLY A 488 -17.05 45.00 57.17
C GLY A 488 -17.08 45.10 55.68
N TYR A 489 -16.52 46.16 55.12
CA TYR A 489 -16.38 46.31 53.71
C TYR A 489 -15.27 47.27 53.40
N ALA A 490 -14.89 47.37 52.15
CA ALA A 490 -13.89 48.32 51.78
C ALA A 490 -14.53 49.54 51.16
N ASN A 491 -14.26 50.68 51.76
CA ASN A 491 -14.75 51.94 51.25
C ASN A 491 -13.71 52.82 50.58
N GLN A 492 -12.52 52.32 50.35
CA GLN A 492 -11.42 53.12 49.88
C GLN A 492 -10.62 52.57 48.70
N THR A 493 -10.16 53.45 47.83
CA THR A 493 -9.24 53.11 46.81
C THR A 493 -8.06 54.05 46.79
N ARG A 494 -6.88 53.53 46.56
CA ARG A 494 -5.68 54.34 46.42
C ARG A 494 -4.85 53.93 45.24
N ILE A 495 -4.31 54.89 44.54
CA ILE A 495 -3.33 54.59 43.54
C ILE A 495 -1.96 54.88 44.11
N LEU A 496 -1.15 53.85 44.35
CA LEU A 496 0.19 54.04 44.84
C LEU A 496 1.30 53.67 43.90
N LEU A 497 2.36 54.44 43.95
CA LEU A 497 3.54 54.25 43.14
C LEU A 497 4.40 53.21 43.79
N VAL A 498 4.98 52.31 43.03
CA VAL A 498 5.76 51.24 43.65
C VAL A 498 7.26 51.47 43.63
N GLU A 499 7.89 51.21 44.78
CA GLU A 499 9.32 51.39 44.92
C GLU A 499 10.02 50.06 45.18
N SER B 2 1.01 -35.23 -26.73
CA SER B 2 -0.15 -35.45 -25.91
C SER B 2 -1.37 -35.17 -26.73
N GLN B 3 -2.50 -35.66 -26.29
CA GLN B 3 -3.72 -35.46 -27.01
C GLN B 3 -4.08 -34.00 -26.94
N LEU B 4 -3.71 -33.37 -25.85
CA LEU B 4 -3.98 -31.97 -25.63
C LEU B 4 -3.28 -31.07 -26.61
N ALA B 5 -2.00 -31.25 -26.76
CA ALA B 5 -1.14 -30.35 -27.48
C ALA B 5 -1.58 -30.30 -28.91
N HIS B 6 -1.75 -31.53 -29.38
CA HIS B 6 -2.35 -31.93 -30.67
C HIS B 6 -3.70 -31.39 -31.00
N ASN B 7 -4.59 -31.28 -30.04
CA ASN B 7 -5.88 -30.69 -30.28
C ASN B 7 -5.70 -29.28 -30.76
N LEU B 8 -4.60 -28.72 -30.31
CA LEU B 8 -4.18 -27.36 -30.52
C LEU B 8 -3.68 -27.09 -31.94
N THR B 9 -3.23 -28.13 -32.59
CA THR B 9 -2.82 -28.06 -33.96
C THR B 9 -3.95 -28.27 -34.91
N LEU B 10 -5.12 -28.67 -34.45
CA LEU B 10 -6.25 -28.86 -35.35
C LEU B 10 -6.88 -27.59 -35.86
N SER B 11 -7.49 -27.65 -37.03
CA SER B 11 -8.33 -26.56 -37.53
C SER B 11 -9.60 -27.01 -38.21
N ILE B 12 -10.67 -26.26 -38.03
CA ILE B 12 -11.90 -26.60 -38.72
C ILE B 12 -11.79 -26.52 -40.23
N PHE B 13 -10.87 -25.68 -40.71
CA PHE B 13 -10.67 -25.51 -42.14
C PHE B 13 -9.66 -26.48 -42.76
N ASP B 14 -9.21 -27.48 -42.01
CA ASP B 14 -8.29 -28.44 -42.54
C ASP B 14 -9.07 -29.22 -43.56
N PRO B 15 -8.47 -29.49 -44.69
CA PRO B 15 -9.12 -30.30 -45.71
C PRO B 15 -9.19 -31.74 -45.30
N VAL B 16 -10.30 -32.40 -45.58
CA VAL B 16 -10.39 -33.81 -45.28
C VAL B 16 -9.68 -34.67 -46.29
N ALA B 17 -9.55 -35.93 -45.98
CA ALA B 17 -8.84 -36.88 -46.80
C ALA B 17 -9.50 -37.31 -48.08
N ASN B 18 -8.72 -37.89 -48.96
CA ASN B 18 -9.24 -38.41 -50.21
C ASN B 18 -9.80 -39.80 -50.05
N TYR B 19 -9.73 -40.34 -48.85
CA TYR B 19 -10.30 -41.63 -48.55
C TYR B 19 -10.94 -41.64 -47.17
N ARG B 20 -11.99 -42.44 -47.01
CA ARG B 20 -12.59 -42.67 -45.72
C ARG B 20 -12.24 -44.07 -45.24
N ALA B 21 -11.51 -44.13 -44.14
CA ALA B 21 -11.12 -45.37 -43.51
C ALA B 21 -12.21 -46.22 -42.88
N ALA B 22 -13.09 -45.58 -42.15
CA ALA B 22 -14.14 -46.27 -41.44
C ALA B 22 -15.22 -46.79 -42.36
N ARG B 23 -15.84 -47.88 -41.96
CA ARG B 23 -16.85 -48.55 -42.72
C ARG B 23 -18.25 -48.47 -42.12
N ILE B 24 -19.23 -48.38 -42.99
CA ILE B 24 -20.59 -48.25 -42.56
C ILE B 24 -21.43 -49.45 -42.83
N ILE B 25 -22.20 -49.85 -41.83
CA ILE B 25 -23.06 -51.01 -41.89
C ILE B 25 -24.52 -50.59 -41.84
N CYS B 26 -25.34 -51.13 -42.70
CA CYS B 26 -26.74 -50.77 -42.75
C CYS B 26 -27.64 -51.96 -42.60
N THR B 27 -28.64 -51.82 -41.78
CA THR B 27 -29.63 -52.83 -41.58
C THR B 27 -30.71 -52.65 -42.61
N ILE B 28 -31.11 -53.73 -43.24
CA ILE B 28 -32.05 -53.66 -44.33
C ILE B 28 -33.45 -54.06 -43.93
N GLY B 29 -34.34 -53.13 -44.09
CA GLY B 29 -35.73 -53.28 -43.77
C GLY B 29 -36.56 -52.73 -44.90
N PRO B 30 -37.80 -52.45 -44.57
CA PRO B 30 -38.83 -52.10 -45.52
C PRO B 30 -38.48 -50.86 -46.30
N SER B 31 -37.86 -49.91 -45.67
CA SER B 31 -37.32 -48.75 -46.33
C SER B 31 -36.21 -49.06 -47.33
N THR B 32 -35.45 -50.12 -47.14
CA THR B 32 -34.24 -50.29 -47.91
C THR B 32 -34.05 -51.56 -48.72
N GLN B 33 -35.08 -52.36 -48.79
CA GLN B 33 -35.06 -53.64 -49.46
C GLN B 33 -34.96 -53.62 -50.97
N SER B 34 -35.57 -52.61 -51.55
CA SER B 34 -35.62 -52.49 -52.97
C SER B 34 -34.26 -52.24 -53.51
N VAL B 35 -34.05 -52.75 -54.69
CA VAL B 35 -32.79 -52.66 -55.36
C VAL B 35 -32.43 -51.21 -55.57
N GLU B 36 -33.41 -50.40 -55.90
CA GLU B 36 -33.15 -48.99 -56.05
C GLU B 36 -32.71 -48.36 -54.75
N ALA B 37 -33.36 -48.72 -53.65
CA ALA B 37 -32.97 -48.19 -52.36
C ALA B 37 -31.56 -48.63 -51.98
N LEU B 38 -31.24 -49.89 -52.25
CA LEU B 38 -29.95 -50.44 -51.96
C LEU B 38 -28.84 -49.79 -52.76
N LYS B 39 -29.12 -49.47 -54.00
CA LYS B 39 -28.20 -48.77 -54.84
C LYS B 39 -27.92 -47.40 -54.29
N GLY B 40 -28.93 -46.77 -53.76
CA GLY B 40 -28.78 -45.49 -53.10
C GLY B 40 -27.91 -45.58 -51.88
N LEU B 41 -28.07 -46.65 -51.13
CA LEU B 41 -27.30 -46.90 -49.93
C LEU B 41 -25.82 -47.11 -50.22
N ILE B 42 -25.52 -47.88 -51.25
CA ILE B 42 -24.16 -48.14 -51.61
C ILE B 42 -23.45 -46.89 -52.04
N GLN B 43 -24.11 -46.11 -52.85
CA GLN B 43 -23.60 -44.87 -53.34
C GLN B 43 -23.42 -43.86 -52.23
N SER B 44 -24.29 -43.97 -51.25
CA SER B 44 -24.26 -43.15 -50.10
C SER B 44 -23.13 -43.54 -49.20
N GLY B 45 -22.65 -44.75 -49.35
CA GLY B 45 -21.60 -45.24 -48.50
C GLY B 45 -21.68 -46.52 -47.73
N MET B 46 -22.61 -47.41 -48.03
CA MET B 46 -22.73 -48.67 -47.31
C MET B 46 -21.75 -49.72 -47.74
N SER B 47 -21.03 -50.32 -46.81
CA SER B 47 -20.14 -51.39 -47.16
C SER B 47 -20.64 -52.74 -46.76
N VAL B 48 -21.51 -52.78 -45.78
CA VAL B 48 -22.02 -54.04 -45.27
C VAL B 48 -23.52 -53.98 -45.13
N ALA B 49 -24.24 -54.96 -45.62
CA ALA B 49 -25.66 -55.00 -45.38
C ALA B 49 -26.07 -56.04 -44.35
N ARG B 50 -26.81 -55.60 -43.35
CA ARG B 50 -27.18 -56.44 -42.23
C ARG B 50 -28.63 -56.86 -42.28
N MET B 51 -28.86 -58.14 -42.13
CA MET B 51 -30.18 -58.69 -42.03
C MET B 51 -30.43 -59.14 -40.61
N ASN B 52 -31.49 -58.66 -39.99
CA ASN B 52 -31.81 -59.04 -38.64
C ASN B 52 -32.86 -60.10 -38.59
N PHE B 53 -32.48 -61.26 -38.10
CA PHE B 53 -33.30 -62.44 -38.15
C PHE B 53 -34.28 -62.49 -37.02
N SER B 54 -34.28 -61.46 -36.20
CA SER B 54 -35.33 -61.24 -35.24
C SER B 54 -36.60 -60.79 -35.92
N HIS B 55 -36.47 -60.31 -37.14
CA HIS B 55 -37.58 -59.77 -37.87
C HIS B 55 -37.54 -60.46 -39.21
N GLY B 56 -38.68 -60.55 -39.87
CA GLY B 56 -38.70 -61.16 -41.17
C GLY B 56 -38.69 -62.64 -41.09
N SER B 57 -38.31 -63.28 -42.17
CA SER B 57 -38.38 -64.71 -42.28
C SER B 57 -37.35 -65.03 -43.30
N HIS B 58 -37.14 -66.29 -43.57
CA HIS B 58 -36.12 -66.68 -44.49
C HIS B 58 -36.50 -66.10 -45.80
N GLU B 59 -37.79 -66.12 -46.06
CA GLU B 59 -38.32 -65.61 -47.29
C GLU B 59 -38.05 -64.15 -47.46
N TYR B 60 -38.28 -63.34 -46.44
CA TYR B 60 -38.03 -61.93 -46.54
C TYR B 60 -36.58 -61.59 -46.73
N HIS B 61 -35.76 -62.25 -45.95
CA HIS B 61 -34.31 -62.09 -45.96
C HIS B 61 -33.63 -62.55 -47.22
N GLN B 62 -34.21 -63.54 -47.86
CA GLN B 62 -33.75 -64.00 -49.15
C GLN B 62 -33.89 -62.91 -50.16
N THR B 63 -34.99 -62.19 -50.09
CA THR B 63 -35.22 -61.14 -51.03
C THR B 63 -34.12 -60.12 -50.88
N THR B 64 -33.73 -59.86 -49.64
CA THR B 64 -32.67 -58.91 -49.32
C THR B 64 -31.34 -59.34 -49.89
N ILE B 65 -31.05 -60.62 -49.77
CA ILE B 65 -29.83 -61.15 -50.29
C ILE B 65 -29.74 -61.02 -51.77
N ASN B 66 -30.81 -61.35 -52.45
CA ASN B 66 -30.85 -61.24 -53.89
C ASN B 66 -30.76 -59.82 -54.32
N ASN B 67 -31.47 -58.97 -53.63
CA ASN B 67 -31.38 -57.58 -53.95
C ASN B 67 -30.03 -56.94 -53.73
N VAL B 68 -29.31 -57.35 -52.70
CA VAL B 68 -27.99 -56.82 -52.43
C VAL B 68 -27.01 -57.22 -53.51
N ARG B 69 -27.06 -58.48 -53.86
CA ARG B 69 -26.19 -58.98 -54.88
C ARG B 69 -26.48 -58.31 -56.22
N GLN B 70 -27.76 -58.14 -56.57
CA GLN B 70 -28.15 -57.47 -57.80
C GLN B 70 -27.76 -56.01 -57.86
N ALA B 71 -27.96 -55.31 -56.76
CA ALA B 71 -27.54 -53.93 -56.67
C ALA B 71 -26.02 -53.73 -56.73
N ALA B 72 -25.29 -54.58 -56.03
CA ALA B 72 -23.85 -54.54 -56.03
C ALA B 72 -23.31 -54.85 -57.41
N ALA B 73 -23.91 -55.82 -58.07
CA ALA B 73 -23.48 -56.25 -59.38
C ALA B 73 -23.62 -55.16 -60.41
N GLU B 74 -24.72 -54.46 -60.33
CA GLU B 74 -25.01 -53.32 -61.17
C GLU B 74 -24.06 -52.20 -60.96
N LEU B 75 -23.47 -52.10 -59.79
CA LEU B 75 -22.63 -50.97 -59.48
C LEU B 75 -21.18 -51.35 -59.49
N GLY B 76 -20.93 -52.59 -59.85
CA GLY B 76 -19.60 -53.12 -59.89
C GLY B 76 -18.81 -53.10 -58.61
N VAL B 77 -19.42 -53.50 -57.51
CA VAL B 77 -18.82 -53.42 -56.22
C VAL B 77 -19.08 -54.65 -55.43
N ASN B 78 -18.30 -54.89 -54.40
CA ASN B 78 -18.51 -56.04 -53.56
C ASN B 78 -19.05 -55.61 -52.19
N ILE B 79 -20.20 -56.11 -51.79
CA ILE B 79 -20.81 -55.75 -50.53
C ILE B 79 -20.96 -56.95 -49.63
N ALA B 80 -20.46 -56.88 -48.41
CA ALA B 80 -20.61 -57.96 -47.47
C ALA B 80 -22.05 -58.12 -47.05
N ILE B 81 -22.46 -59.34 -46.81
CA ILE B 81 -23.77 -59.64 -46.30
C ILE B 81 -23.65 -60.26 -44.92
N ALA B 82 -24.34 -59.71 -43.96
CA ALA B 82 -24.23 -60.17 -42.60
C ALA B 82 -25.53 -60.73 -42.09
N LEU B 83 -25.50 -61.85 -41.42
CA LEU B 83 -26.68 -62.38 -40.81
C LEU B 83 -26.63 -62.20 -39.28
N ASP B 84 -27.60 -61.37 -38.90
CA ASP B 84 -27.89 -60.95 -37.58
C ASP B 84 -29.03 -61.76 -36.98
N THR B 85 -28.67 -62.74 -36.17
CA THR B 85 -29.60 -63.67 -35.58
C THR B 85 -30.61 -63.09 -34.58
N LYS B 86 -31.75 -63.74 -34.49
CA LYS B 86 -32.75 -63.34 -33.53
C LYS B 86 -32.20 -63.63 -32.17
N GLY B 87 -31.66 -64.81 -31.98
CA GLY B 87 -31.07 -65.19 -30.74
C GLY B 87 -32.10 -65.61 -29.71
N PRO B 88 -31.66 -66.13 -28.59
CA PRO B 88 -32.58 -66.51 -27.54
C PRO B 88 -33.30 -65.32 -26.96
N GLU B 89 -34.60 -65.39 -26.70
CA GLU B 89 -35.36 -64.30 -26.08
C GLU B 89 -36.10 -64.83 -24.85
N ILE B 90 -36.25 -63.96 -23.84
CA ILE B 90 -37.16 -64.17 -22.72
C ILE B 90 -38.35 -63.28 -22.96
N ARG B 91 -39.52 -63.92 -22.96
CA ARG B 91 -40.79 -63.21 -23.09
C ARG B 91 -41.82 -63.63 -22.01
N THR B 92 -42.70 -62.70 -21.67
CA THR B 92 -43.92 -63.05 -20.91
C THR B 92 -44.86 -63.84 -21.80
N GLY B 93 -45.88 -64.42 -21.18
CA GLY B 93 -46.96 -65.04 -21.88
C GLY B 93 -48.01 -64.00 -22.24
N GLN B 94 -49.23 -64.50 -22.47
CA GLN B 94 -50.42 -63.72 -22.76
C GLN B 94 -51.10 -63.29 -21.45
N PHE B 95 -51.81 -62.16 -21.50
CA PHE B 95 -52.71 -61.77 -20.42
C PHE B 95 -54.17 -61.88 -20.84
N VAL B 96 -55.06 -62.16 -19.87
CA VAL B 96 -56.51 -62.19 -20.10
C VAL B 96 -57.00 -60.79 -20.50
N GLY B 97 -57.89 -60.72 -21.47
CA GLY B 97 -58.32 -59.44 -22.06
C GLY B 97 -57.28 -58.79 -22.95
N GLY B 98 -56.24 -59.55 -23.31
CA GLY B 98 -55.17 -59.03 -24.16
C GLY B 98 -54.11 -58.19 -23.47
N ASP B 99 -54.43 -57.70 -22.26
CA ASP B 99 -53.66 -56.64 -21.58
C ASP B 99 -53.61 -56.87 -20.05
N ALA B 100 -52.73 -56.17 -19.33
CA ALA B 100 -52.70 -56.23 -17.86
C ALA B 100 -52.07 -55.01 -17.17
N VAL B 101 -52.83 -54.41 -16.27
CA VAL B 101 -52.56 -53.08 -15.71
C VAL B 101 -51.76 -53.14 -14.39
N MET B 102 -50.45 -52.98 -14.47
CA MET B 102 -49.52 -53.13 -13.31
C MET B 102 -49.36 -51.85 -12.50
N GLU B 103 -49.81 -51.82 -11.24
CA GLU B 103 -49.78 -50.58 -10.45
C GLU B 103 -48.59 -50.54 -9.50
N ARG B 104 -48.12 -49.34 -9.16
CA ARG B 104 -46.99 -49.23 -8.24
C ARG B 104 -47.37 -49.68 -6.83
N GLY B 105 -46.49 -50.43 -6.17
CA GLY B 105 -46.78 -50.90 -4.81
C GLY B 105 -47.45 -52.28 -4.73
N ALA B 106 -48.17 -52.69 -5.80
CA ALA B 106 -48.88 -53.98 -5.90
C ALA B 106 -47.96 -55.20 -5.83
N THR B 107 -48.50 -56.33 -5.36
CA THR B 107 -47.86 -57.62 -5.43
C THR B 107 -48.38 -58.43 -6.63
N CYS B 108 -47.45 -59.03 -7.40
CA CYS B 108 -47.81 -59.97 -8.46
C CYS B 108 -46.91 -61.19 -8.45
N TYR B 109 -47.26 -62.23 -9.18
CA TYR B 109 -46.59 -63.53 -9.10
C TYR B 109 -46.14 -63.85 -10.52
N VAL B 110 -44.88 -64.17 -10.70
CA VAL B 110 -44.38 -64.52 -12.05
C VAL B 110 -44.03 -65.99 -12.01
N THR B 111 -44.53 -66.74 -12.95
CA THR B 111 -44.36 -68.15 -12.89
C THR B 111 -43.82 -68.69 -14.18
N THR B 112 -43.07 -69.78 -14.11
CA THR B 112 -42.70 -70.50 -15.31
C THR B 112 -43.52 -71.75 -15.55
N ASP B 113 -44.58 -71.92 -14.75
CA ASP B 113 -45.54 -73.02 -14.96
C ASP B 113 -46.25 -72.80 -16.33
N PRO B 114 -46.06 -73.74 -17.29
CA PRO B 114 -46.55 -73.46 -18.65
C PRO B 114 -48.09 -73.46 -18.75
N ALA B 115 -48.77 -74.10 -17.80
CA ALA B 115 -50.25 -73.96 -17.64
C ALA B 115 -50.76 -72.49 -17.76
N PHE B 116 -49.90 -71.51 -17.45
CA PHE B 116 -50.28 -70.08 -17.39
C PHE B 116 -49.97 -69.21 -18.61
N ALA B 117 -49.51 -69.82 -19.70
CA ALA B 117 -49.00 -69.05 -20.86
C ALA B 117 -50.08 -68.24 -21.60
N ASP B 118 -51.34 -68.70 -21.51
CA ASP B 118 -52.46 -68.00 -22.16
C ASP B 118 -53.51 -67.49 -21.17
N LYS B 119 -53.13 -67.33 -19.89
CA LYS B 119 -54.07 -66.90 -18.83
C LYS B 119 -53.36 -66.17 -17.68
N GLY B 120 -52.38 -65.35 -18.05
CA GLY B 120 -51.81 -64.44 -17.06
C GLY B 120 -52.82 -63.35 -16.65
N THR B 121 -52.53 -62.64 -15.57
CA THR B 121 -53.35 -61.49 -15.17
C THR B 121 -52.38 -60.63 -14.42
N LYS B 122 -52.81 -59.44 -14.01
CA LYS B 122 -51.90 -58.62 -13.23
C LYS B 122 -51.41 -59.35 -11.96
N ASP B 123 -52.22 -60.31 -11.48
CA ASP B 123 -51.98 -61.11 -10.29
C ASP B 123 -50.90 -62.16 -10.50
N LYS B 124 -50.96 -62.88 -11.62
CA LYS B 124 -50.00 -63.92 -11.89
C LYS B 124 -49.90 -64.24 -13.37
N PHE B 125 -48.68 -64.22 -13.86
CA PHE B 125 -48.48 -64.51 -15.28
C PHE B 125 -47.19 -65.27 -15.53
N TYR B 126 -47.04 -65.70 -16.76
CA TYR B 126 -45.98 -66.57 -17.17
C TYR B 126 -44.84 -65.77 -17.82
N ILE B 127 -43.61 -66.15 -17.50
CA ILE B 127 -42.38 -65.76 -18.18
C ILE B 127 -41.79 -67.06 -18.73
N ASP B 128 -41.40 -67.08 -19.99
CA ASP B 128 -41.15 -68.38 -20.64
C ASP B 128 -39.74 -68.94 -20.45
N TYR B 129 -38.96 -68.40 -19.53
CA TYR B 129 -37.59 -68.87 -19.31
C TYR B 129 -37.60 -69.78 -18.14
N GLN B 130 -37.50 -71.08 -18.42
CA GLN B 130 -37.78 -72.12 -17.41
C GLN B 130 -36.85 -72.11 -16.21
N ASN B 131 -35.68 -71.56 -16.41
CA ASN B 131 -34.72 -71.40 -15.35
C ASN B 131 -34.88 -70.12 -14.59
N LEU B 132 -35.96 -69.35 -14.76
CA LEU B 132 -36.06 -68.03 -14.07
C LEU B 132 -35.71 -68.08 -12.57
N SER B 133 -36.34 -69.05 -11.85
CA SER B 133 -36.21 -69.16 -10.39
C SER B 133 -34.81 -69.48 -9.92
N LYS B 134 -34.12 -70.34 -10.65
CA LYS B 134 -32.76 -70.69 -10.29
C LYS B 134 -31.81 -69.49 -10.51
N VAL B 135 -32.14 -68.62 -11.43
CA VAL B 135 -31.17 -67.58 -11.79
C VAL B 135 -31.36 -66.33 -10.96
N VAL B 136 -32.57 -66.10 -10.47
CA VAL B 136 -32.83 -64.87 -9.73
C VAL B 136 -32.83 -65.15 -8.21
N ARG B 137 -32.46 -64.15 -7.40
CA ARG B 137 -32.59 -64.20 -5.93
C ARG B 137 -33.39 -62.98 -5.39
N PRO B 138 -33.91 -63.06 -4.13
CA PRO B 138 -34.54 -61.91 -3.47
C PRO B 138 -33.68 -60.64 -3.57
N GLY B 139 -34.28 -59.53 -4.02
CA GLY B 139 -33.58 -58.26 -4.16
C GLY B 139 -33.32 -57.94 -5.63
N ASN B 140 -33.06 -58.98 -6.43
CA ASN B 140 -32.91 -58.81 -7.89
C ASN B 140 -34.11 -58.14 -8.57
N TYR B 141 -33.83 -57.51 -9.68
CA TYR B 141 -34.83 -56.80 -10.46
C TYR B 141 -35.17 -57.59 -11.72
N ILE B 142 -36.43 -57.51 -12.13
CA ILE B 142 -36.89 -58.16 -13.35
C ILE B 142 -37.55 -57.14 -14.26
N TYR B 143 -36.92 -56.85 -15.39
CA TYR B 143 -37.41 -55.77 -16.30
C TYR B 143 -38.32 -56.33 -17.38
N ILE B 144 -39.44 -55.65 -17.60
CA ILE B 144 -40.42 -56.08 -18.58
C ILE B 144 -40.83 -54.90 -19.46
N ASP B 145 -40.91 -55.15 -20.76
CA ASP B 145 -41.24 -54.10 -21.71
C ASP B 145 -40.23 -53.02 -22.10
N ASP B 146 -39.01 -53.44 -22.46
CA ASP B 146 -37.97 -52.48 -22.74
C ASP B 146 -37.26 -52.00 -21.44
N GLY B 147 -37.52 -52.70 -20.34
CA GLY B 147 -37.08 -52.23 -18.99
C GLY B 147 -38.02 -51.16 -18.36
N ILE B 148 -39.19 -50.96 -18.97
CA ILE B 148 -40.10 -49.91 -18.54
C ILE B 148 -40.76 -50.25 -17.21
N LEU B 149 -41.19 -51.50 -17.09
CA LEU B 149 -41.84 -51.99 -15.89
C LEU B 149 -40.77 -52.71 -15.10
N ILE B 150 -40.55 -52.24 -13.86
CA ILE B 150 -39.49 -52.84 -13.06
C ILE B 150 -40.14 -53.54 -11.88
N LEU B 151 -40.11 -54.87 -11.91
CA LEU B 151 -40.60 -55.65 -10.80
C LEU B 151 -39.38 -55.94 -9.94
N GLN B 152 -39.57 -56.00 -8.62
CA GLN B 152 -38.53 -56.54 -7.75
C GLN B 152 -38.89 -57.86 -7.07
N VAL B 153 -37.95 -58.79 -7.12
CA VAL B 153 -38.13 -60.10 -6.56
C VAL B 153 -38.08 -60.10 -5.03
N GLN B 154 -39.16 -60.62 -4.40
CA GLN B 154 -39.24 -60.63 -2.96
C GLN B 154 -38.92 -62.03 -2.44
N SER B 155 -39.53 -63.07 -3.05
CA SER B 155 -39.35 -64.42 -2.55
C SER B 155 -39.77 -65.44 -3.59
N HIS B 156 -39.43 -66.69 -3.30
CA HIS B 156 -39.88 -67.84 -4.04
C HIS B 156 -41.19 -68.28 -3.40
N GLU B 157 -42.33 -67.90 -3.99
CA GLU B 157 -43.62 -68.51 -3.60
C GLU B 157 -43.52 -70.03 -3.69
N ASP B 158 -43.00 -70.55 -4.82
CA ASP B 158 -42.71 -71.99 -4.91
C ASP B 158 -41.57 -72.25 -5.88
N GLU B 159 -41.38 -73.49 -6.29
CA GLU B 159 -40.25 -73.77 -7.11
C GLU B 159 -40.29 -73.21 -8.55
N GLN B 160 -41.47 -72.72 -8.98
CA GLN B 160 -41.69 -72.16 -10.31
C GLN B 160 -42.26 -70.76 -10.31
N THR B 161 -42.46 -70.18 -9.14
CA THR B 161 -43.20 -68.94 -9.07
C THR B 161 -42.47 -68.00 -8.12
N LEU B 162 -42.35 -66.74 -8.53
CA LEU B 162 -41.71 -65.72 -7.76
C LEU B 162 -42.74 -64.68 -7.31
N GLU B 163 -42.74 -64.35 -6.02
CA GLU B 163 -43.56 -63.24 -5.54
C GLU B 163 -42.76 -61.97 -5.86
N CYS B 164 -43.39 -61.00 -6.53
CA CYS B 164 -42.71 -59.75 -6.90
C CYS B 164 -43.45 -58.55 -6.33
N THR B 165 -42.71 -57.48 -6.04
CA THR B 165 -43.27 -56.11 -5.90
C THR B 165 -43.26 -55.38 -7.24
N VAL B 166 -44.32 -54.64 -7.56
CA VAL B 166 -44.27 -53.73 -8.67
C VAL B 166 -43.66 -52.33 -8.25
N THR B 167 -42.49 -51.98 -8.80
CA THR B 167 -41.81 -50.75 -8.33
C THR B 167 -42.27 -49.48 -9.03
N ASN B 168 -42.88 -49.63 -10.21
CA ASN B 168 -43.43 -48.44 -10.93
C ASN B 168 -44.58 -48.86 -11.84
N SER B 169 -45.49 -47.93 -12.08
CA SER B 169 -46.76 -48.22 -12.75
C SER B 169 -46.49 -48.37 -14.22
N HIS B 170 -47.21 -49.29 -14.87
CA HIS B 170 -47.11 -49.44 -16.30
C HIS B 170 -48.09 -50.53 -16.77
N THR B 171 -48.82 -50.23 -17.82
CA THR B 171 -49.68 -51.21 -18.43
C THR B 171 -48.80 -52.00 -19.41
N ILE B 172 -48.88 -53.32 -19.34
CA ILE B 172 -48.13 -54.19 -20.26
C ILE B 172 -49.05 -55.09 -21.09
N SER B 173 -48.80 -55.18 -22.39
CA SER B 173 -49.61 -56.07 -23.25
C SER B 173 -48.94 -57.44 -23.42
N ASP B 174 -49.52 -58.30 -24.27
CA ASP B 174 -49.00 -59.66 -24.47
C ASP B 174 -47.55 -59.75 -24.89
N ARG B 175 -46.87 -60.69 -24.25
CA ARG B 175 -45.57 -61.18 -24.73
C ARG B 175 -44.45 -60.16 -24.79
N ARG B 176 -44.28 -59.37 -23.75
CA ARG B 176 -43.14 -58.46 -23.71
C ARG B 176 -41.81 -59.14 -23.40
N GLY B 177 -40.71 -58.54 -23.84
CA GLY B 177 -39.40 -59.09 -23.57
C GLY B 177 -39.00 -58.80 -22.15
N VAL B 178 -38.22 -59.67 -21.56
CA VAL B 178 -37.82 -59.37 -20.22
C VAL B 178 -36.29 -59.34 -20.19
N ASN B 179 -35.75 -58.58 -19.24
CA ASN B 179 -34.31 -58.68 -18.97
C ASN B 179 -34.04 -58.95 -17.54
N LEU B 180 -32.80 -59.32 -17.22
CA LEU B 180 -32.41 -59.74 -15.90
C LEU B 180 -31.02 -59.13 -15.51
N PRO B 181 -31.01 -57.83 -15.11
CA PRO B 181 -29.70 -57.21 -15.12
C PRO B 181 -28.67 -57.71 -14.14
N GLY B 182 -29.06 -58.30 -13.04
CA GLY B 182 -28.06 -58.77 -12.10
C GLY B 182 -27.98 -60.28 -12.22
N CYS B 183 -28.31 -60.80 -13.40
CA CYS B 183 -28.55 -62.22 -13.51
C CYS B 183 -27.81 -62.77 -14.67
N ASP B 184 -27.19 -63.93 -14.42
CA ASP B 184 -26.49 -64.65 -15.43
C ASP B 184 -27.48 -65.53 -16.18
N VAL B 185 -27.90 -65.05 -17.33
CA VAL B 185 -28.91 -65.78 -18.10
C VAL B 185 -28.27 -66.94 -18.82
N ASP B 186 -28.87 -68.12 -18.77
CA ASP B 186 -28.21 -69.32 -19.32
C ASP B 186 -28.97 -70.03 -20.43
N LEU B 187 -29.70 -69.28 -21.19
CA LEU B 187 -30.16 -69.76 -22.44
C LEU B 187 -29.00 -70.27 -23.26
N PRO B 188 -29.27 -71.25 -24.09
CA PRO B 188 -28.30 -71.76 -25.03
C PRO B 188 -27.84 -70.67 -25.96
N ALA B 189 -26.71 -70.85 -26.58
CA ALA B 189 -26.12 -69.82 -27.40
C ALA B 189 -26.98 -69.62 -28.60
N VAL B 190 -27.51 -70.72 -29.09
CA VAL B 190 -28.24 -70.78 -30.31
C VAL B 190 -29.62 -71.39 -30.09
N SER B 191 -30.66 -70.65 -30.39
CA SER B 191 -32.00 -71.17 -30.34
C SER B 191 -32.29 -72.15 -31.48
N ALA B 192 -33.45 -72.77 -31.43
CA ALA B 192 -33.83 -73.66 -32.51
C ALA B 192 -34.06 -72.90 -33.80
N LYS B 193 -34.64 -71.74 -33.75
CA LYS B 193 -34.76 -70.93 -34.94
C LYS B 193 -33.40 -70.48 -35.48
N ASP B 194 -32.49 -70.11 -34.60
CA ASP B 194 -31.14 -69.74 -34.99
C ASP B 194 -30.50 -70.87 -35.76
N ARG B 195 -30.65 -72.08 -35.27
CA ARG B 195 -30.06 -73.22 -35.87
C ARG B 195 -30.51 -73.34 -37.29
N VAL B 196 -31.79 -73.09 -37.52
CA VAL B 196 -32.31 -73.10 -38.83
C VAL B 196 -31.81 -71.84 -39.40
N ASP B 197 -31.49 -70.86 -38.56
CA ASP B 197 -31.04 -69.59 -39.09
C ASP B 197 -29.62 -69.65 -39.57
N LEU B 198 -28.76 -70.31 -38.82
CA LEU B 198 -27.38 -70.49 -39.22
C LEU B 198 -27.19 -71.32 -40.47
N GLN B 199 -27.96 -72.39 -40.60
CA GLN B 199 -27.87 -73.22 -41.78
C GLN B 199 -28.24 -72.48 -43.04
N PHE B 200 -29.26 -71.65 -42.96
CA PHE B 200 -29.72 -70.87 -44.07
C PHE B 200 -28.65 -69.91 -44.53
N GLY B 201 -27.95 -69.34 -43.56
CA GLY B 201 -26.90 -68.42 -43.84
C GLY B 201 -25.76 -69.05 -44.59
N VAL B 202 -25.42 -70.26 -44.21
CA VAL B 202 -24.43 -71.04 -44.91
C VAL B 202 -24.87 -71.34 -46.33
N GLU B 203 -26.11 -71.75 -46.49
CA GLU B 203 -26.69 -72.10 -47.76
C GLU B 203 -26.72 -70.96 -48.74
N GLN B 204 -27.04 -69.77 -48.28
CA GLN B 204 -27.14 -68.64 -49.14
C GLN B 204 -25.82 -67.93 -49.23
N GLY B 205 -24.81 -68.53 -48.66
CA GLY B 205 -23.47 -68.01 -48.72
C GLY B 205 -23.17 -66.65 -48.14
N VAL B 206 -23.72 -66.36 -46.98
CA VAL B 206 -23.40 -65.12 -46.29
C VAL B 206 -21.96 -65.02 -45.84
N ASP B 207 -21.45 -63.82 -45.86
CA ASP B 207 -20.12 -63.50 -45.38
C ASP B 207 -19.80 -63.58 -43.86
N MET B 208 -20.68 -63.10 -43.02
CA MET B 208 -20.45 -63.07 -41.59
C MET B 208 -21.71 -63.27 -40.78
N ILE B 209 -21.55 -63.65 -39.54
CA ILE B 209 -22.63 -63.75 -38.60
C ILE B 209 -22.44 -62.74 -37.50
N PHE B 210 -23.44 -61.95 -37.22
CA PHE B 210 -23.39 -61.16 -36.05
C PHE B 210 -24.10 -61.96 -35.00
N ALA B 211 -23.38 -62.56 -34.10
CA ALA B 211 -23.97 -63.46 -33.16
C ALA B 211 -24.47 -62.74 -31.93
N SER B 212 -25.77 -62.69 -31.78
CA SER B 212 -26.40 -62.03 -30.67
C SER B 212 -26.17 -62.65 -29.32
N PHE B 213 -26.20 -61.79 -28.33
CA PHE B 213 -26.15 -62.14 -26.96
C PHE B 213 -24.99 -63.11 -26.60
N ILE B 214 -23.66 -62.94 -26.95
CA ILE B 214 -22.67 -63.91 -26.66
C ILE B 214 -22.24 -63.75 -25.21
N ARG B 215 -22.66 -64.67 -24.35
CA ARG B 215 -22.15 -64.87 -22.98
C ARG B 215 -20.72 -65.44 -22.79
N SER B 216 -20.26 -66.27 -23.69
CA SER B 216 -19.06 -67.07 -23.49
C SER B 216 -18.26 -67.53 -24.71
N ALA B 217 -17.02 -67.91 -24.46
CA ALA B 217 -16.15 -68.49 -25.44
C ALA B 217 -16.65 -69.82 -25.93
N GLU B 218 -17.26 -70.57 -25.04
CA GLU B 218 -17.86 -71.84 -25.35
C GLU B 218 -19.02 -71.71 -26.32
N GLN B 219 -19.80 -70.66 -26.17
CA GLN B 219 -20.90 -70.34 -27.04
C GLN B 219 -20.48 -70.03 -28.45
N VAL B 220 -19.38 -69.33 -28.62
CA VAL B 220 -18.86 -69.01 -29.93
C VAL B 220 -18.52 -70.32 -30.61
N GLY B 221 -17.91 -71.22 -29.88
CA GLY B 221 -17.54 -72.49 -30.43
C GLY B 221 -18.74 -73.26 -30.90
N ASP B 222 -19.81 -73.18 -30.13
CA ASP B 222 -21.04 -73.81 -30.52
C ASP B 222 -21.58 -73.21 -31.79
N VAL B 223 -21.43 -71.91 -31.97
CA VAL B 223 -21.79 -71.28 -33.22
C VAL B 223 -20.96 -71.73 -34.41
N ARG B 224 -19.68 -71.89 -34.17
CA ARG B 224 -18.74 -72.28 -35.19
C ARG B 224 -19.11 -73.66 -35.66
N LYS B 225 -19.53 -74.46 -34.71
CA LYS B 225 -19.85 -75.86 -34.90
C LYS B 225 -21.17 -76.06 -35.61
N ALA B 226 -22.14 -75.22 -35.32
CA ALA B 226 -23.39 -75.20 -36.04
C ALA B 226 -23.21 -74.77 -37.47
N LEU B 227 -22.29 -73.89 -37.73
CA LEU B 227 -22.02 -73.47 -39.09
C LEU B 227 -21.47 -74.64 -39.87
N GLY B 228 -20.68 -75.44 -39.21
CA GLY B 228 -20.13 -76.63 -39.79
C GLY B 228 -18.91 -76.45 -40.65
N PRO B 229 -18.55 -77.50 -41.38
CA PRO B 229 -17.48 -77.49 -42.38
C PRO B 229 -17.75 -76.60 -43.55
N LYS B 230 -18.98 -76.63 -44.03
CA LYS B 230 -19.36 -75.82 -45.16
C LYS B 230 -19.26 -74.36 -44.80
N GLY B 231 -19.35 -74.10 -43.52
CA GLY B 231 -19.39 -72.75 -43.00
C GLY B 231 -18.11 -72.21 -42.39
N ARG B 232 -17.02 -72.90 -42.60
CA ARG B 232 -15.77 -72.60 -41.90
C ARG B 232 -15.14 -71.25 -42.16
N ASP B 233 -15.37 -70.69 -43.33
CA ASP B 233 -14.80 -69.42 -43.66
C ASP B 233 -15.70 -68.24 -43.38
N ILE B 234 -16.83 -68.48 -42.76
CA ILE B 234 -17.70 -67.40 -42.37
C ILE B 234 -17.22 -66.86 -41.05
N MET B 235 -17.13 -65.55 -40.98
CA MET B 235 -16.66 -64.84 -39.80
C MET B 235 -17.71 -64.80 -38.72
N ILE B 236 -17.36 -65.08 -37.49
CA ILE B 236 -18.29 -64.89 -36.41
C ILE B 236 -17.96 -63.64 -35.61
N ILE B 237 -18.79 -62.64 -35.75
CA ILE B 237 -18.64 -61.40 -35.05
C ILE B 237 -19.51 -61.44 -33.79
N CYS B 238 -18.92 -61.29 -32.63
CA CYS B 238 -19.68 -61.44 -31.42
C CYS B 238 -20.20 -60.17 -30.80
N LYS B 239 -21.50 -60.06 -30.71
CA LYS B 239 -22.16 -58.94 -30.11
C LYS B 239 -22.13 -59.03 -28.60
N ILE B 240 -21.68 -57.97 -27.96
CA ILE B 240 -21.62 -57.91 -26.51
C ILE B 240 -22.77 -57.08 -26.09
N GLU B 241 -23.77 -57.71 -25.48
CA GLU B 241 -24.99 -57.01 -25.14
C GLU B 241 -25.36 -57.15 -23.67
N ASN B 242 -24.68 -58.00 -22.92
CA ASN B 242 -24.94 -58.17 -21.49
C ASN B 242 -23.74 -58.25 -20.56
N HIS B 243 -24.01 -58.45 -19.27
CA HIS B 243 -22.97 -58.47 -18.26
C HIS B 243 -21.92 -59.55 -18.52
N GLN B 244 -22.37 -60.78 -18.69
CA GLN B 244 -21.50 -61.91 -18.85
C GLN B 244 -20.57 -61.74 -20.03
N GLY B 245 -21.08 -61.23 -21.12
CA GLY B 245 -20.28 -60.97 -22.26
C GLY B 245 -19.19 -59.98 -22.01
N VAL B 246 -19.47 -58.92 -21.30
CA VAL B 246 -18.45 -57.99 -20.93
C VAL B 246 -17.40 -58.60 -20.02
N GLN B 247 -17.85 -59.38 -19.07
CA GLN B 247 -16.96 -59.99 -18.12
C GLN B 247 -16.00 -60.94 -18.80
N ASN B 248 -16.49 -61.65 -19.79
CA ASN B 248 -15.74 -62.67 -20.48
C ASN B 248 -15.08 -62.24 -21.76
N ILE B 249 -14.84 -60.96 -21.91
CA ILE B 249 -14.43 -60.39 -23.16
C ILE B 249 -13.12 -60.88 -23.76
N ASP B 250 -12.09 -61.11 -22.97
CA ASP B 250 -10.84 -61.59 -23.51
C ASP B 250 -10.95 -62.95 -24.14
N SER B 251 -11.59 -63.87 -23.47
CA SER B 251 -11.84 -65.17 -24.01
C SER B 251 -12.76 -65.18 -25.21
N ILE B 252 -13.78 -64.34 -25.20
CA ILE B 252 -14.63 -64.17 -26.34
C ILE B 252 -13.91 -63.58 -27.53
N ILE B 253 -13.09 -62.60 -27.30
CA ILE B 253 -12.32 -62.00 -28.33
C ILE B 253 -11.38 -63.03 -28.96
N GLU B 254 -10.77 -63.88 -28.14
CA GLU B 254 -9.93 -64.96 -28.62
C GLU B 254 -10.61 -65.87 -29.60
N GLU B 255 -11.76 -66.37 -29.23
CA GLU B 255 -12.60 -67.25 -30.05
C GLU B 255 -13.19 -66.63 -31.31
N SER B 256 -13.56 -65.38 -31.21
CA SER B 256 -14.24 -64.68 -32.26
C SER B 256 -13.35 -64.21 -33.41
N ASP B 257 -13.97 -63.73 -34.46
CA ASP B 257 -13.31 -63.02 -35.51
C ASP B 257 -13.49 -61.52 -35.38
N GLY B 258 -14.27 -61.08 -34.41
CA GLY B 258 -14.51 -59.69 -34.19
C GLY B 258 -15.61 -59.45 -33.19
N ILE B 259 -15.83 -58.21 -32.85
CA ILE B 259 -16.75 -57.81 -31.83
C ILE B 259 -17.68 -56.72 -32.30
N MET B 260 -18.90 -56.78 -31.82
CA MET B 260 -19.81 -55.69 -31.87
C MET B 260 -20.16 -55.15 -30.49
N VAL B 261 -20.06 -53.84 -30.32
CA VAL B 261 -20.48 -53.22 -29.10
C VAL B 261 -21.94 -52.88 -29.24
N ALA B 262 -22.79 -53.80 -28.82
CA ALA B 262 -24.20 -53.74 -29.09
C ALA B 262 -24.90 -52.89 -28.06
N ARG B 263 -24.89 -51.61 -28.30
CA ARG B 263 -25.26 -50.67 -27.30
C ARG B 263 -26.70 -50.69 -26.84
N GLY B 264 -27.64 -50.97 -27.72
CA GLY B 264 -29.01 -50.98 -27.30
C GLY B 264 -29.42 -51.98 -26.24
N ASP B 265 -29.12 -53.24 -26.41
CA ASP B 265 -29.25 -54.22 -25.35
C ASP B 265 -28.32 -54.00 -24.14
N LEU B 266 -27.07 -53.61 -24.38
CA LEU B 266 -26.08 -53.41 -23.35
C LEU B 266 -26.46 -52.33 -22.39
N GLY B 267 -27.10 -51.34 -22.96
CA GLY B 267 -27.64 -50.20 -22.31
C GLY B 267 -28.70 -50.44 -21.27
N VAL B 268 -29.59 -51.39 -21.45
CA VAL B 268 -30.49 -51.92 -20.45
C VAL B 268 -29.84 -52.80 -19.43
N GLU B 269 -29.03 -53.73 -19.95
CA GLU B 269 -28.37 -54.72 -19.14
C GLU B 269 -27.39 -54.12 -18.16
N ILE B 270 -26.73 -53.09 -18.57
CA ILE B 270 -25.70 -52.53 -17.82
C ILE B 270 -26.23 -51.16 -17.82
N PRO B 271 -25.95 -50.47 -16.77
CA PRO B 271 -26.33 -49.09 -16.68
C PRO B 271 -25.50 -48.40 -17.71
N ALA B 272 -26.25 -47.48 -18.29
CA ALA B 272 -26.08 -46.79 -19.51
C ALA B 272 -24.85 -45.99 -19.47
N GLU B 273 -24.61 -45.37 -18.34
CA GLU B 273 -23.41 -44.58 -18.13
C GLU B 273 -22.16 -45.43 -18.18
N LYS B 274 -22.34 -46.73 -18.00
CA LYS B 274 -21.23 -47.68 -18.09
C LYS B 274 -20.91 -48.07 -19.54
N VAL B 275 -21.88 -47.98 -20.44
CA VAL B 275 -21.69 -48.37 -21.81
C VAL B 275 -20.50 -47.63 -22.39
N VAL B 276 -20.27 -46.40 -21.96
CA VAL B 276 -19.12 -45.65 -22.43
C VAL B 276 -17.78 -46.26 -22.08
N VAL B 277 -17.60 -46.71 -20.85
CA VAL B 277 -16.42 -47.43 -20.44
C VAL B 277 -16.27 -48.75 -21.17
N ALA B 278 -17.36 -49.46 -21.32
CA ALA B 278 -17.34 -50.66 -22.07
C ALA B 278 -16.96 -50.44 -23.54
N GLN B 279 -17.43 -49.37 -24.15
CA GLN B 279 -17.05 -49.07 -25.51
C GLN B 279 -15.57 -48.81 -25.68
N LYS B 280 -15.02 -47.98 -24.82
CA LYS B 280 -13.63 -47.75 -24.85
C LYS B 280 -12.84 -48.98 -24.61
N ILE B 281 -13.16 -49.80 -23.62
CA ILE B 281 -12.40 -50.99 -23.41
C ILE B 281 -12.47 -52.00 -24.52
N LEU B 282 -13.64 -52.29 -25.02
CA LEU B 282 -13.81 -53.31 -26.01
C LEU B 282 -13.17 -53.01 -27.35
N ILE B 283 -13.27 -51.76 -27.76
CA ILE B 283 -12.67 -51.31 -28.97
C ILE B 283 -11.16 -51.39 -28.89
N SER B 284 -10.62 -50.96 -27.77
CA SER B 284 -9.20 -51.00 -27.58
C SER B 284 -8.66 -52.40 -27.56
N LYS B 285 -9.31 -53.32 -26.90
CA LYS B 285 -8.89 -54.68 -26.85
C LYS B 285 -8.92 -55.36 -28.25
N CYS B 286 -9.92 -55.01 -29.03
CA CYS B 286 -10.01 -55.42 -30.40
C CYS B 286 -8.92 -54.82 -31.26
N ASN B 287 -8.59 -53.55 -31.06
CA ASN B 287 -7.51 -52.94 -31.80
C ASN B 287 -6.18 -53.59 -31.50
N VAL B 288 -5.93 -53.85 -30.23
CA VAL B 288 -4.70 -54.47 -29.82
C VAL B 288 -4.60 -55.88 -30.36
N ALA B 289 -5.69 -56.60 -30.34
CA ALA B 289 -5.75 -57.94 -30.87
C ALA B 289 -5.72 -58.09 -32.41
N GLY B 290 -5.86 -57.00 -33.13
CA GLY B 290 -6.13 -56.99 -34.55
C GLY B 290 -7.40 -57.57 -35.13
N LYS B 291 -8.53 -57.38 -34.48
CA LYS B 291 -9.79 -57.87 -34.96
C LYS B 291 -10.77 -56.74 -35.06
N PRO B 292 -11.64 -56.84 -36.05
CA PRO B 292 -12.58 -55.78 -36.38
C PRO B 292 -13.58 -55.52 -35.25
N VAL B 293 -13.89 -54.27 -34.99
CA VAL B 293 -14.79 -53.89 -33.94
C VAL B 293 -15.84 -52.89 -34.42
N ILE B 294 -17.08 -53.11 -34.04
CA ILE B 294 -18.21 -52.34 -34.49
C ILE B 294 -18.92 -51.62 -33.35
N CYS B 295 -19.18 -50.35 -33.55
CA CYS B 295 -19.99 -49.56 -32.66
C CYS B 295 -21.40 -49.41 -33.18
N ALA B 296 -22.34 -49.83 -32.35
CA ALA B 296 -23.72 -49.97 -32.73
C ALA B 296 -24.74 -49.29 -31.85
N THR B 297 -25.80 -48.82 -32.50
CA THR B 297 -27.12 -48.50 -31.96
C THR B 297 -27.33 -47.05 -31.53
N GLN B 298 -28.39 -46.43 -32.02
CA GLN B 298 -28.81 -45.09 -31.68
C GLN B 298 -27.79 -44.05 -32.09
N MET B 299 -26.89 -44.40 -32.97
CA MET B 299 -25.85 -43.50 -33.39
C MET B 299 -26.38 -42.27 -34.10
N LEU B 300 -27.33 -42.43 -34.97
CA LEU B 300 -27.97 -41.29 -35.58
C LEU B 300 -29.49 -41.45 -35.55
N GLU B 301 -30.02 -41.72 -34.38
CA GLU B 301 -31.39 -42.09 -34.18
C GLU B 301 -32.48 -41.15 -34.65
N SER B 302 -32.28 -39.85 -34.47
CA SER B 302 -33.28 -38.84 -34.78
C SER B 302 -33.48 -38.72 -36.28
N MET B 303 -32.55 -39.25 -37.02
CA MET B 303 -32.52 -39.19 -38.45
C MET B 303 -33.39 -40.29 -39.01
N THR B 304 -33.97 -41.08 -38.13
CA THR B 304 -35.01 -42.00 -38.50
C THR B 304 -36.16 -41.15 -38.97
N TYR B 305 -36.32 -39.99 -38.38
CA TYR B 305 -37.46 -39.15 -38.73
C TYR B 305 -37.12 -37.77 -39.24
N ASN B 306 -35.90 -37.31 -39.05
CA ASN B 306 -35.53 -35.99 -39.46
C ASN B 306 -34.39 -35.98 -40.44
N PRO B 307 -34.38 -34.95 -41.24
CA PRO B 307 -33.34 -34.74 -42.24
C PRO B 307 -31.95 -34.51 -41.67
N ARG B 308 -31.87 -34.01 -40.46
CA ARG B 308 -30.63 -33.62 -39.82
C ARG B 308 -30.51 -34.20 -38.42
N PRO B 309 -29.29 -34.53 -38.03
CA PRO B 309 -28.99 -35.09 -36.73
C PRO B 309 -28.89 -34.09 -35.61
N THR B 310 -29.02 -34.57 -34.39
CA THR B 310 -28.72 -33.83 -33.20
C THR B 310 -27.22 -33.69 -32.95
N ARG B 311 -26.84 -32.74 -32.13
CA ARG B 311 -25.45 -32.52 -31.78
C ARG B 311 -24.84 -33.71 -31.09
N ALA B 312 -25.58 -34.32 -30.19
CA ALA B 312 -25.12 -35.48 -29.48
C ALA B 312 -24.83 -36.64 -30.42
N GLU B 313 -25.64 -36.79 -31.44
CA GLU B 313 -25.46 -37.81 -32.40
C GLU B 313 -24.20 -37.69 -33.24
N VAL B 314 -23.94 -36.50 -33.74
CA VAL B 314 -22.77 -36.21 -34.51
C VAL B 314 -21.57 -36.46 -33.66
N SER B 315 -21.60 -35.99 -32.44
CA SER B 315 -20.50 -36.24 -31.56
C SER B 315 -20.27 -37.71 -31.34
N ASP B 316 -21.34 -38.46 -31.23
CA ASP B 316 -21.25 -39.89 -31.07
C ASP B 316 -20.57 -40.62 -32.25
N VAL B 317 -20.90 -40.31 -33.48
CA VAL B 317 -20.22 -41.00 -34.58
C VAL B 317 -18.72 -40.70 -34.60
N ALA B 318 -18.39 -39.45 -34.34
CA ALA B 318 -17.02 -39.01 -34.30
C ALA B 318 -16.15 -39.64 -33.22
N ASN B 319 -16.66 -39.69 -32.01
CA ASN B 319 -16.00 -40.32 -30.89
C ASN B 319 -15.81 -41.80 -31.06
N ALA B 320 -16.71 -42.48 -31.74
CA ALA B 320 -16.50 -43.88 -32.04
C ALA B 320 -15.27 -44.15 -32.91
N VAL B 321 -15.06 -43.29 -33.89
CA VAL B 321 -13.86 -43.31 -34.71
C VAL B 321 -12.60 -43.00 -33.95
N PHE B 322 -12.68 -41.98 -33.09
CA PHE B 322 -11.61 -41.62 -32.21
C PHE B 322 -11.31 -42.76 -31.27
N ASN B 323 -12.32 -43.49 -30.87
CA ASN B 323 -12.23 -44.62 -29.98
C ASN B 323 -11.39 -45.71 -30.63
N GLY B 324 -11.38 -45.74 -31.96
CA GLY B 324 -10.71 -46.76 -32.69
C GLY B 324 -11.48 -47.82 -33.40
N ALA B 325 -12.77 -47.61 -33.58
CA ALA B 325 -13.62 -48.57 -34.24
C ALA B 325 -13.40 -48.74 -35.74
N ASP B 326 -13.41 -49.97 -36.19
CA ASP B 326 -13.43 -50.26 -37.59
C ASP B 326 -14.71 -49.76 -38.26
N CYS B 327 -15.84 -50.00 -37.62
CA CYS B 327 -17.16 -49.76 -38.18
C CYS B 327 -18.17 -49.03 -37.31
N VAL B 328 -19.03 -48.27 -37.94
CA VAL B 328 -20.21 -47.75 -37.31
C VAL B 328 -21.41 -48.36 -37.99
N MET B 329 -22.52 -48.39 -37.30
CA MET B 329 -23.68 -49.13 -37.73
C MET B 329 -24.95 -48.34 -37.72
N LEU B 330 -25.84 -48.68 -38.61
CA LEU B 330 -27.15 -48.07 -38.67
C LEU B 330 -28.21 -49.12 -38.52
N SER B 331 -29.19 -48.86 -37.68
CA SER B 331 -30.20 -49.84 -37.43
C SER B 331 -31.57 -49.49 -37.97
N GLY B 332 -32.36 -48.84 -37.14
CA GLY B 332 -33.66 -48.34 -37.50
C GLY B 332 -33.63 -47.25 -38.53
N GLU B 333 -32.59 -46.45 -38.49
CA GLU B 333 -32.42 -45.32 -39.35
C GLU B 333 -32.42 -45.75 -40.82
N THR B 334 -31.92 -46.92 -41.12
CA THR B 334 -32.02 -47.49 -42.45
C THR B 334 -33.08 -48.59 -42.62
N ALA B 335 -33.43 -49.30 -41.57
CA ALA B 335 -34.47 -50.29 -41.68
C ALA B 335 -35.85 -49.74 -41.92
N LYS B 336 -36.25 -48.75 -41.15
CA LYS B 336 -37.58 -48.19 -41.21
C LYS B 336 -37.69 -46.68 -41.37
N GLY B 337 -36.57 -46.03 -41.53
CA GLY B 337 -36.48 -44.60 -41.57
C GLY B 337 -36.96 -43.88 -42.81
N LYS B 338 -37.22 -42.61 -42.64
CA LYS B 338 -37.50 -41.63 -43.66
C LYS B 338 -36.36 -41.25 -44.61
N TYR B 339 -35.13 -41.17 -44.11
CA TYR B 339 -34.06 -40.63 -44.90
C TYR B 339 -32.85 -41.51 -44.93
N PRO B 340 -33.00 -42.68 -45.52
CA PRO B 340 -31.94 -43.66 -45.50
C PRO B 340 -30.66 -43.20 -46.18
N ASN B 341 -30.74 -42.64 -47.38
CA ASN B 341 -29.58 -42.14 -48.05
C ASN B 341 -28.91 -40.99 -47.31
N GLU B 342 -29.68 -40.06 -46.81
CA GLU B 342 -29.14 -38.96 -46.08
C GLU B 342 -28.44 -39.36 -44.78
N VAL B 343 -28.99 -40.31 -44.07
CA VAL B 343 -28.37 -40.70 -42.83
C VAL B 343 -27.01 -41.30 -43.06
N VAL B 344 -26.90 -42.15 -44.05
CA VAL B 344 -25.65 -42.73 -44.43
C VAL B 344 -24.68 -41.69 -44.92
N GLN B 345 -25.13 -40.75 -45.70
CA GLN B 345 -24.27 -39.70 -46.19
C GLN B 345 -23.75 -38.88 -45.06
N TYR B 346 -24.59 -38.60 -44.07
CA TYR B 346 -24.16 -37.88 -42.89
C TYR B 346 -23.14 -38.63 -42.07
N MET B 347 -23.33 -39.91 -41.90
CA MET B 347 -22.40 -40.70 -41.17
C MET B 347 -21.05 -40.75 -41.83
N ALA B 348 -21.02 -40.88 -43.14
CA ALA B 348 -19.78 -40.93 -43.88
C ALA B 348 -19.01 -39.66 -43.76
N ARG B 349 -19.70 -38.55 -43.83
CA ARG B 349 -19.14 -37.24 -43.74
C ARG B 349 -18.52 -36.99 -42.38
N ILE B 350 -19.19 -37.37 -41.32
CA ILE B 350 -18.67 -37.25 -39.97
C ILE B 350 -17.44 -38.11 -39.76
N CYS B 351 -17.46 -39.30 -40.31
CA CYS B 351 -16.35 -40.21 -40.21
C CYS B 351 -15.14 -39.64 -40.88
N LEU B 352 -15.30 -39.01 -42.03
CA LEU B 352 -14.19 -38.40 -42.73
C LEU B 352 -13.59 -37.22 -41.98
N GLU B 353 -14.43 -36.42 -41.38
CA GLU B 353 -14.01 -35.31 -40.58
C GLU B 353 -13.23 -35.72 -39.34
N ALA B 354 -13.69 -36.72 -38.62
CA ALA B 354 -13.00 -37.23 -37.43
C ALA B 354 -11.65 -37.79 -37.77
N GLN B 355 -11.56 -38.36 -38.95
CA GLN B 355 -10.38 -38.97 -39.50
C GLN B 355 -9.30 -37.94 -39.67
N SER B 356 -9.63 -36.72 -40.02
CA SER B 356 -8.65 -35.67 -40.06
C SER B 356 -8.04 -35.37 -38.73
N ALA B 357 -8.87 -35.32 -37.71
CA ALA B 357 -8.46 -35.09 -36.35
C ALA B 357 -7.70 -36.24 -35.78
N LEU B 358 -7.84 -37.41 -36.38
CA LEU B 358 -7.28 -38.62 -35.82
C LEU B 358 -5.79 -38.57 -35.94
N ASN B 359 -5.10 -38.92 -34.87
CA ASN B 359 -3.68 -39.02 -34.94
C ASN B 359 -3.31 -40.44 -35.24
N GLU B 360 -3.17 -40.74 -36.51
CA GLU B 360 -2.89 -42.09 -36.99
C GLU B 360 -1.55 -42.58 -36.53
N TYR B 361 -0.60 -41.67 -36.44
CA TYR B 361 0.73 -41.98 -35.99
C TYR B 361 0.85 -42.43 -34.54
N VAL B 362 0.18 -41.74 -33.63
CA VAL B 362 0.21 -42.10 -32.22
C VAL B 362 -0.44 -43.43 -32.05
N PHE B 363 -1.50 -43.63 -32.77
CA PHE B 363 -2.23 -44.87 -32.81
C PHE B 363 -1.36 -46.02 -33.26
N PHE B 364 -0.51 -45.81 -34.26
CA PHE B 364 0.40 -46.85 -34.72
C PHE B 364 1.41 -47.27 -33.64
N ASN B 365 2.04 -46.30 -33.04
CA ASN B 365 2.98 -46.52 -31.98
C ASN B 365 2.38 -47.13 -30.73
N SER B 366 1.18 -46.69 -30.37
CA SER B 366 0.53 -47.19 -29.21
C SER B 366 0.21 -48.63 -29.34
N ILE B 367 -0.28 -49.02 -30.50
CA ILE B 367 -0.60 -50.39 -30.81
C ILE B 367 0.60 -51.30 -30.81
N LYS B 368 1.66 -50.81 -31.40
CA LYS B 368 2.94 -51.47 -31.56
C LYS B 368 3.59 -51.80 -30.21
N LYS B 369 3.53 -50.89 -29.26
CA LYS B 369 4.04 -51.13 -27.92
C LYS B 369 3.30 -52.20 -27.20
N LEU B 370 2.05 -52.42 -27.51
CA LEU B 370 1.25 -53.39 -26.81
C LEU B 370 1.37 -54.84 -27.27
N GLN B 371 2.08 -55.07 -28.35
CA GLN B 371 2.30 -56.39 -28.85
C GLN B 371 3.42 -57.09 -28.13
N HIS B 372 3.20 -58.36 -27.91
CA HIS B 372 4.16 -59.21 -27.30
C HIS B 372 5.38 -59.40 -28.19
N ILE B 373 6.55 -59.37 -27.57
CA ILE B 373 7.80 -59.54 -28.30
C ILE B 373 8.60 -60.72 -27.76
N PRO B 374 9.00 -61.62 -28.64
CA PRO B 374 8.70 -61.48 -30.07
C PRO B 374 7.25 -61.84 -30.38
N MET B 375 6.89 -61.86 -31.66
CA MET B 375 5.54 -62.19 -32.07
C MET B 375 5.54 -63.14 -33.27
N SER B 376 5.60 -62.58 -34.46
CA SER B 376 5.61 -63.37 -35.69
C SER B 376 6.22 -62.61 -36.85
N ALA B 377 6.95 -63.31 -37.70
CA ALA B 377 7.59 -62.70 -38.85
C ALA B 377 6.69 -61.87 -39.73
N ASP B 378 5.52 -62.37 -40.05
CA ASP B 378 4.56 -61.56 -40.79
C ASP B 378 4.07 -60.33 -40.05
N GLU B 379 3.88 -60.44 -38.75
CA GLU B 379 3.49 -59.29 -37.96
C GLU B 379 4.52 -58.19 -37.91
N ALA B 380 5.77 -58.55 -37.78
CA ALA B 380 6.84 -57.60 -37.85
C ALA B 380 6.92 -56.93 -39.23
N VAL B 381 6.67 -57.70 -40.26
CA VAL B 381 6.72 -57.20 -41.61
C VAL B 381 5.67 -56.14 -41.80
N CYS B 382 4.47 -56.40 -41.32
CA CYS B 382 3.40 -55.43 -41.42
C CYS B 382 3.62 -54.18 -40.62
N SER B 383 4.04 -54.32 -39.39
CA SER B 383 4.32 -53.18 -38.56
C SER B 383 5.47 -52.32 -39.04
N SER B 384 6.57 -52.92 -39.34
CA SER B 384 7.67 -52.19 -39.89
C SER B 384 7.33 -51.59 -41.27
N ALA B 385 6.52 -52.26 -42.07
CA ALA B 385 6.13 -51.72 -43.37
C ALA B 385 5.34 -50.45 -43.28
N VAL B 386 4.45 -50.37 -42.30
CA VAL B 386 3.73 -49.18 -41.93
C VAL B 386 4.67 -48.10 -41.43
N ASN B 387 5.65 -48.49 -40.66
CA ASN B 387 6.64 -47.56 -40.17
C ASN B 387 7.37 -46.92 -41.36
N SER B 388 7.59 -47.72 -42.38
CA SER B 388 8.13 -47.29 -43.64
C SER B 388 7.22 -46.31 -44.29
N VAL B 389 5.92 -46.51 -44.17
CA VAL B 389 5.02 -45.59 -44.78
C VAL B 389 5.16 -44.24 -44.15
N TYR B 390 5.20 -44.16 -42.84
CA TYR B 390 5.37 -42.90 -42.15
C TYR B 390 6.72 -42.25 -42.42
N GLU B 391 7.78 -43.02 -42.46
CA GLU B 391 9.10 -42.53 -42.74
C GLU B 391 9.32 -41.92 -44.13
N THR B 392 8.72 -42.50 -45.16
CA THR B 392 8.81 -41.97 -46.53
C THR B 392 7.69 -41.06 -46.97
N LYS B 393 6.66 -40.97 -46.16
CA LYS B 393 5.40 -40.38 -46.57
C LYS B 393 4.76 -41.05 -47.77
N ALA B 394 4.74 -42.37 -47.77
CA ALA B 394 4.12 -43.12 -48.83
C ALA B 394 2.63 -42.92 -48.90
N LYS B 395 2.12 -42.80 -50.11
CA LYS B 395 0.74 -42.43 -50.26
C LYS B 395 -0.21 -43.57 -50.46
N ALA B 396 0.31 -44.77 -50.55
CA ALA B 396 -0.48 -45.96 -50.66
C ALA B 396 0.26 -47.19 -50.24
N MET B 397 -0.49 -48.25 -50.05
CA MET B 397 0.07 -49.45 -49.59
C MET B 397 -0.59 -50.53 -50.38
N VAL B 398 0.13 -51.57 -50.72
CA VAL B 398 -0.47 -52.72 -51.38
C VAL B 398 -0.14 -53.99 -50.66
N VAL B 399 -1.13 -54.81 -50.38
CA VAL B 399 -0.87 -56.11 -49.79
C VAL B 399 -1.51 -57.22 -50.51
N LEU B 400 -0.86 -58.35 -50.53
CA LEU B 400 -1.46 -59.52 -51.07
C LEU B 400 -2.06 -60.36 -49.97
N SER B 401 -3.37 -60.53 -49.98
CA SER B 401 -4.03 -61.48 -49.11
C SER B 401 -5.14 -62.26 -49.75
N ASN B 402 -5.07 -63.57 -49.65
CA ASN B 402 -6.14 -64.45 -50.06
C ASN B 402 -7.17 -64.80 -48.99
N THR B 403 -6.71 -65.14 -47.79
CA THR B 403 -7.57 -65.33 -46.65
C THR B 403 -8.12 -64.03 -46.12
N GLY B 404 -7.44 -62.94 -46.39
CA GLY B 404 -7.74 -61.67 -45.77
C GLY B 404 -6.97 -61.41 -44.50
N ARG B 405 -6.27 -62.42 -44.02
CA ARG B 405 -5.45 -62.31 -42.82
C ARG B 405 -4.39 -61.22 -42.95
N SER B 406 -3.62 -61.26 -44.04
CA SER B 406 -2.56 -60.31 -44.20
C SER B 406 -3.09 -58.91 -44.18
N ALA B 407 -4.21 -58.68 -44.79
CA ALA B 407 -4.79 -57.37 -44.79
C ALA B 407 -5.23 -56.82 -43.43
N ARG B 408 -5.82 -57.63 -42.58
CA ARG B 408 -6.18 -57.21 -41.24
C ARG B 408 -4.94 -56.85 -40.42
N LEU B 409 -3.90 -57.64 -40.58
CA LEU B 409 -2.66 -57.47 -39.88
C LEU B 409 -1.99 -56.16 -40.18
N VAL B 410 -2.00 -55.75 -41.42
CA VAL B 410 -1.58 -54.43 -41.81
C VAL B 410 -2.43 -53.25 -41.38
N ALA B 411 -3.73 -53.38 -41.52
CA ALA B 411 -4.69 -52.34 -41.20
C ALA B 411 -4.64 -52.08 -39.73
N LYS B 412 -4.28 -53.10 -39.00
CA LYS B 412 -4.15 -53.07 -37.58
C LYS B 412 -3.15 -52.03 -37.12
N TYR B 413 -2.17 -51.74 -37.96
CA TYR B 413 -1.15 -50.83 -37.60
C TYR B 413 -1.43 -49.40 -37.99
N ARG B 414 -2.61 -49.15 -38.50
CA ARG B 414 -3.04 -47.78 -38.74
C ARG B 414 -2.07 -46.86 -39.53
N PRO B 415 -1.80 -47.21 -40.78
CA PRO B 415 -1.04 -46.35 -41.67
C PRO B 415 -1.83 -45.12 -42.02
N ASN B 416 -1.19 -44.08 -42.47
CA ASN B 416 -1.91 -42.86 -42.76
C ASN B 416 -2.26 -42.69 -44.23
N CYS B 417 -2.36 -43.81 -44.89
CA CYS B 417 -2.62 -43.85 -46.29
C CYS B 417 -3.52 -45.02 -46.55
N PRO B 418 -4.13 -45.05 -47.71
CA PRO B 418 -5.01 -46.14 -48.08
C PRO B 418 -4.26 -47.45 -48.19
N ILE B 419 -4.90 -48.54 -47.88
CA ILE B 419 -4.30 -49.82 -48.02
C ILE B 419 -5.00 -50.54 -49.13
N VAL B 420 -4.26 -51.07 -50.06
CA VAL B 420 -4.92 -51.72 -51.15
C VAL B 420 -4.59 -53.18 -51.13
N CYS B 421 -5.61 -53.99 -50.93
CA CYS B 421 -5.46 -55.41 -50.84
C CYS B 421 -5.80 -56.10 -52.15
N VAL B 422 -4.95 -57.00 -52.60
CA VAL B 422 -5.22 -57.69 -53.82
C VAL B 422 -5.48 -59.12 -53.45
N THR B 423 -6.67 -59.58 -53.76
CA THR B 423 -7.12 -60.85 -53.30
C THR B 423 -7.62 -61.74 -54.42
N THR B 424 -7.44 -63.03 -54.27
CA THR B 424 -7.97 -63.97 -55.20
C THR B 424 -9.29 -64.55 -54.80
N ARG B 425 -9.88 -64.05 -53.73
CA ARG B 425 -11.20 -64.51 -53.30
C ARG B 425 -12.18 -63.36 -53.19
N LEU B 426 -13.31 -63.49 -53.84
CA LEU B 426 -14.36 -62.49 -53.76
C LEU B 426 -14.95 -62.32 -52.37
N GLN B 427 -15.10 -63.41 -51.66
CA GLN B 427 -15.58 -63.39 -50.31
C GLN B 427 -14.67 -62.60 -49.41
N THR B 428 -13.38 -62.69 -49.69
CA THR B 428 -12.41 -61.94 -48.99
C THR B 428 -12.64 -60.48 -49.21
N CYS B 429 -12.98 -60.09 -50.41
CA CYS B 429 -13.29 -58.71 -50.67
C CYS B 429 -14.49 -58.23 -49.86
N ARG B 430 -15.49 -59.06 -49.75
CA ARG B 430 -16.61 -58.72 -48.90
C ARG B 430 -16.28 -58.69 -47.41
N GLN B 431 -15.55 -59.69 -46.93
CA GLN B 431 -15.22 -59.85 -45.53
C GLN B 431 -14.37 -58.70 -45.00
N LEU B 432 -13.56 -58.15 -45.87
CA LEU B 432 -12.71 -57.01 -45.60
C LEU B 432 -13.44 -55.71 -45.53
N ASN B 433 -14.73 -55.73 -45.80
CA ASN B 433 -15.58 -54.58 -45.70
C ASN B 433 -15.82 -54.17 -44.25
N ILE B 434 -15.44 -55.00 -43.30
CA ILE B 434 -15.48 -54.60 -41.91
C ILE B 434 -14.14 -54.18 -41.35
N THR B 435 -13.11 -54.15 -42.17
CA THR B 435 -11.82 -53.73 -41.69
C THR B 435 -11.56 -52.31 -42.10
N GLN B 436 -11.24 -51.44 -41.17
CA GLN B 436 -11.02 -50.06 -41.53
C GLN B 436 -9.81 -49.85 -42.43
N GLY B 437 -9.95 -48.88 -43.30
CA GLY B 437 -8.86 -48.40 -44.10
C GLY B 437 -8.37 -49.27 -45.22
N VAL B 438 -9.18 -50.22 -45.65
CA VAL B 438 -8.79 -51.18 -46.65
C VAL B 438 -9.72 -51.24 -47.85
N GLU B 439 -9.12 -51.30 -49.03
CA GLU B 439 -9.87 -51.47 -50.25
C GLU B 439 -9.38 -52.69 -50.99
N SER B 440 -10.29 -53.44 -51.57
CA SER B 440 -9.96 -54.70 -52.22
C SER B 440 -10.04 -54.67 -53.74
N VAL B 441 -9.09 -55.33 -54.36
CA VAL B 441 -9.08 -55.56 -55.78
C VAL B 441 -9.11 -57.05 -55.99
N PHE B 442 -10.09 -57.56 -56.69
CA PHE B 442 -10.13 -58.98 -56.96
C PHE B 442 -9.25 -59.34 -58.16
N PHE B 443 -8.46 -60.39 -58.04
CA PHE B 443 -7.62 -60.90 -59.10
C PHE B 443 -8.03 -62.33 -59.32
N ASP B 444 -8.51 -62.61 -60.52
CA ASP B 444 -9.08 -63.90 -60.85
C ASP B 444 -7.97 -64.83 -61.22
N ALA B 445 -7.65 -65.71 -60.31
CA ALA B 445 -6.56 -66.60 -60.49
C ALA B 445 -6.85 -67.48 -61.69
N ASP B 446 -8.09 -67.88 -61.85
CA ASP B 446 -8.44 -68.81 -62.90
C ASP B 446 -8.19 -68.25 -64.29
N LYS B 447 -8.74 -67.09 -64.55
CA LYS B 447 -8.52 -66.39 -65.76
C LYS B 447 -7.06 -65.97 -65.93
N LEU B 448 -6.45 -65.41 -64.90
CA LEU B 448 -5.12 -64.85 -65.02
C LEU B 448 -3.98 -65.64 -64.46
N GLY B 449 -4.22 -66.81 -63.93
CA GLY B 449 -3.13 -67.60 -63.41
C GLY B 449 -2.77 -67.32 -61.96
N HIS B 450 -1.98 -68.22 -61.40
CA HIS B 450 -1.61 -68.23 -60.01
C HIS B 450 -0.66 -67.15 -59.54
N ASP B 451 0.03 -66.51 -60.46
CA ASP B 451 0.88 -65.37 -60.18
C ASP B 451 1.90 -65.56 -59.08
N GLU B 452 2.66 -66.64 -59.14
CA GLU B 452 3.57 -67.01 -58.08
C GLU B 452 4.68 -66.00 -57.88
N GLY B 453 5.06 -65.28 -58.91
CA GLY B 453 6.11 -64.29 -58.75
C GLY B 453 5.60 -62.95 -58.30
N LYS B 454 4.29 -62.83 -58.26
CA LYS B 454 3.57 -61.79 -57.55
C LYS B 454 3.51 -60.49 -58.31
N GLU B 455 4.15 -60.44 -59.45
CA GLU B 455 4.21 -59.24 -60.25
C GLU B 455 2.87 -58.75 -60.78
N HIS B 456 2.00 -59.64 -61.19
CA HIS B 456 0.69 -59.23 -61.65
C HIS B 456 -0.25 -58.67 -60.62
N ARG B 457 -0.35 -59.34 -59.50
CA ARG B 457 -1.21 -58.88 -58.42
C ARG B 457 -0.69 -57.54 -57.97
N VAL B 458 0.61 -57.41 -57.88
CA VAL B 458 1.18 -56.16 -57.53
C VAL B 458 0.89 -55.07 -58.50
N ALA B 459 0.93 -55.34 -59.79
CA ALA B 459 0.61 -54.33 -60.77
C ALA B 459 -0.82 -53.85 -60.67
N ALA B 460 -1.73 -54.77 -60.43
CA ALA B 460 -3.14 -54.47 -60.28
C ALA B 460 -3.44 -53.60 -59.07
N GLY B 461 -2.84 -53.90 -57.93
CA GLY B 461 -3.01 -53.04 -56.78
C GLY B 461 -2.47 -51.66 -56.99
N VAL B 462 -1.31 -51.56 -57.59
CA VAL B 462 -0.77 -50.26 -57.91
C VAL B 462 -1.64 -49.49 -58.90
N GLU B 463 -2.14 -50.17 -59.93
CA GLU B 463 -2.99 -49.52 -60.92
C GLU B 463 -4.26 -49.01 -60.31
N PHE B 464 -4.83 -49.80 -59.42
CA PHE B 464 -6.03 -49.39 -58.72
C PHE B 464 -5.75 -48.15 -57.92
N ALA B 465 -4.60 -48.07 -57.29
CA ALA B 465 -4.22 -46.91 -56.54
C ALA B 465 -4.06 -45.67 -57.38
N LYS B 466 -3.53 -45.84 -58.57
CA LYS B 466 -3.41 -44.77 -59.55
C LYS B 466 -4.78 -44.31 -59.97
N SER B 467 -5.63 -45.28 -60.23
CA SER B 467 -6.96 -45.02 -60.69
C SER B 467 -7.83 -44.23 -59.71
N LYS B 468 -7.71 -44.47 -58.42
CA LYS B 468 -8.50 -43.76 -57.45
C LYS B 468 -7.79 -42.49 -57.07
N GLY B 469 -6.61 -42.29 -57.61
CA GLY B 469 -5.89 -41.07 -57.36
C GLY B 469 -5.06 -40.95 -56.12
N TYR B 470 -4.89 -42.05 -55.41
CA TYR B 470 -4.06 -42.09 -54.23
C TYR B 470 -2.62 -41.82 -54.56
N VAL B 471 -2.16 -42.32 -55.69
CA VAL B 471 -0.78 -42.10 -56.14
C VAL B 471 -0.58 -41.56 -57.56
N GLN B 472 0.53 -40.87 -57.75
CA GLN B 472 0.96 -40.39 -59.05
C GLN B 472 2.40 -40.80 -59.16
N THR B 473 2.98 -40.56 -60.32
CA THR B 473 4.32 -40.99 -60.62
C THR B 473 5.20 -40.23 -59.68
N GLY B 474 6.22 -40.91 -59.21
CA GLY B 474 7.16 -40.37 -58.28
C GLY B 474 6.82 -40.60 -56.84
N ASP B 475 5.62 -41.08 -56.57
CA ASP B 475 5.18 -41.47 -55.24
C ASP B 475 5.69 -42.84 -54.79
N TYR B 476 5.77 -43.01 -53.49
CA TYR B 476 6.15 -44.26 -52.94
C TYR B 476 4.95 -45.06 -52.66
N CYS B 477 5.03 -46.33 -52.95
CA CYS B 477 4.04 -47.27 -52.57
C CYS B 477 4.72 -48.40 -51.83
N VAL B 478 4.22 -48.74 -50.65
CA VAL B 478 4.85 -49.76 -49.84
C VAL B 478 4.09 -51.02 -50.01
N VAL B 479 4.80 -52.08 -50.37
CA VAL B 479 4.23 -53.31 -50.86
C VAL B 479 4.60 -54.49 -50.00
N ILE B 480 3.65 -55.36 -49.73
CA ILE B 480 3.82 -56.50 -48.85
C ILE B 480 3.37 -57.83 -49.42
N HIS B 481 4.25 -58.80 -49.45
CA HIS B 481 3.92 -60.15 -49.83
C HIS B 481 5.08 -61.05 -49.49
N ALA B 482 4.99 -62.30 -49.88
CA ALA B 482 6.10 -63.20 -49.80
C ALA B 482 7.11 -63.02 -50.92
N ASP B 483 8.28 -63.55 -50.66
CA ASP B 483 9.31 -63.69 -51.63
C ASP B 483 9.02 -64.95 -52.39
N HIS B 484 9.93 -65.34 -53.24
CA HIS B 484 9.72 -66.48 -54.07
C HIS B 484 9.63 -67.82 -53.39
N LYS B 485 10.45 -68.07 -52.39
CA LYS B 485 10.33 -69.28 -51.61
C LYS B 485 9.17 -69.45 -50.59
N VAL B 486 8.94 -68.47 -49.75
CA VAL B 486 8.01 -68.60 -48.62
C VAL B 486 6.53 -68.69 -48.95
N LYS B 487 5.85 -69.59 -48.25
CA LYS B 487 4.44 -69.84 -48.46
C LYS B 487 3.61 -69.77 -47.20
N GLY B 488 2.42 -69.20 -47.31
CA GLY B 488 1.50 -69.08 -46.20
C GLY B 488 1.49 -67.80 -45.43
N TYR B 489 2.47 -66.96 -45.63
CA TYR B 489 2.50 -65.65 -45.05
C TYR B 489 3.37 -64.74 -45.86
N ALA B 490 3.36 -63.47 -45.54
CA ALA B 490 4.21 -62.54 -46.22
C ALA B 490 5.42 -62.24 -45.38
N ASN B 491 6.59 -62.50 -45.91
CA ASN B 491 7.83 -62.20 -45.25
C ASN B 491 8.61 -61.02 -45.82
N GLN B 492 8.02 -60.26 -46.72
CA GLN B 492 8.73 -59.22 -47.44
C GLN B 492 8.04 -57.86 -47.52
N THR B 493 8.83 -56.81 -47.48
CA THR B 493 8.36 -55.49 -47.76
C THR B 493 9.22 -54.79 -48.77
N ARG B 494 8.62 -54.04 -49.67
CA ARG B 494 9.34 -53.25 -50.64
C ARG B 494 8.80 -51.85 -50.75
N ILE B 495 9.68 -50.88 -50.86
CA ILE B 495 9.24 -49.56 -51.19
C ILE B 495 9.50 -49.34 -52.67
N LEU B 496 8.45 -49.22 -53.47
CA LEU B 496 8.60 -48.95 -54.89
C LEU B 496 8.10 -47.62 -55.35
N LEU B 497 8.80 -47.05 -56.31
CA LEU B 497 8.49 -45.78 -56.89
C LEU B 497 7.45 -45.99 -57.97
N VAL B 498 6.46 -45.12 -58.07
CA VAL B 498 5.40 -45.36 -59.04
C VAL B 498 5.55 -44.58 -60.32
N GLU B 499 5.34 -45.27 -61.44
CA GLU B 499 5.45 -44.64 -62.76
C GLU B 499 4.10 -44.64 -63.48
N SER C 2 -0.87 -44.22 -21.93
CA SER C 2 -1.61 -43.87 -23.12
C SER C 2 -3.07 -43.98 -22.82
N GLN C 3 -3.89 -43.35 -23.63
CA GLN C 3 -5.30 -43.40 -23.41
C GLN C 3 -5.79 -44.79 -23.66
N LEU C 4 -5.12 -45.48 -24.54
CA LEU C 4 -5.47 -46.84 -24.88
C LEU C 4 -5.31 -47.80 -23.75
N ALA C 5 -4.14 -47.78 -23.12
CA ALA C 5 -3.74 -48.78 -22.16
C ALA C 5 -4.68 -48.73 -21.00
N HIS C 6 -4.86 -47.47 -20.59
CA HIS C 6 -5.83 -46.97 -19.60
C HIS C 6 -7.27 -47.34 -19.81
N ASN C 7 -7.74 -47.35 -21.03
CA ASN C 7 -9.10 -47.77 -21.30
C ASN C 7 -9.28 -49.19 -20.82
N LEU C 8 -8.18 -49.88 -20.85
CA LEU C 8 -8.03 -51.28 -20.54
C LEU C 8 -8.14 -51.57 -19.04
N THR C 9 -7.83 -50.59 -18.24
CA THR C 9 -7.97 -50.68 -16.81
C THR C 9 -9.34 -50.32 -16.34
N LEU C 10 -10.19 -49.78 -17.20
CA LEU C 10 -11.54 -49.42 -16.77
C LEU C 10 -12.47 -50.59 -16.57
N SER C 11 -13.45 -50.43 -15.70
CA SER C 11 -14.55 -51.40 -15.58
C SER C 11 -15.91 -50.78 -15.41
N ILE C 12 -16.93 -51.38 -15.98
CA ILE C 12 -18.28 -50.89 -15.79
C ILE C 12 -18.74 -50.94 -14.34
N PHE C 13 -18.17 -51.87 -13.58
CA PHE C 13 -18.55 -52.03 -12.18
C PHE C 13 -17.72 -51.19 -11.21
N ASP C 14 -16.90 -50.27 -11.73
CA ASP C 14 -16.13 -49.42 -10.87
C ASP C 14 -17.13 -48.52 -10.18
N PRO C 15 -16.96 -48.31 -8.90
CA PRO C 15 -17.83 -47.41 -8.18
C PRO C 15 -17.57 -45.98 -8.54
N VAL C 16 -18.61 -45.17 -8.68
CA VAL C 16 -18.41 -43.77 -8.95
C VAL C 16 -18.02 -42.99 -7.73
N ALA C 17 -17.63 -41.76 -7.94
CA ALA C 17 -17.15 -40.88 -6.89
C ALA C 17 -18.20 -40.35 -5.93
N ASN C 18 -17.72 -39.84 -4.81
CA ASN C 18 -18.59 -39.24 -3.84
C ASN C 18 -18.88 -37.79 -4.14
N TYR C 19 -18.30 -37.29 -5.22
CA TYR C 19 -18.56 -35.96 -5.68
C TYR C 19 -18.63 -35.88 -7.19
N ARG C 20 -19.44 -34.98 -7.71
CA ARG C 20 -19.49 -34.69 -9.13
C ARG C 20 -18.81 -33.36 -9.41
N ALA C 21 -17.73 -33.42 -10.15
CA ALA C 21 -16.98 -32.25 -10.56
C ALA C 21 -17.65 -31.29 -11.53
N ALA C 22 -18.27 -31.83 -12.56
CA ALA C 22 -18.88 -31.02 -13.58
C ALA C 22 -20.15 -30.35 -13.12
N ARG C 23 -20.44 -29.20 -13.69
CA ARG C 23 -21.57 -28.39 -13.33
C ARG C 23 -22.64 -28.30 -14.40
N ILE C 24 -23.88 -28.26 -13.96
CA ILE C 24 -25.00 -28.23 -14.87
C ILE C 24 -25.71 -26.91 -14.90
N ILE C 25 -25.99 -26.44 -16.09
CA ILE C 25 -26.67 -25.19 -16.33
C ILE C 25 -28.04 -25.42 -16.93
N CYS C 26 -29.05 -24.76 -16.42
CA CYS C 26 -30.41 -24.95 -16.90
C CYS C 26 -31.02 -23.65 -17.34
N THR C 27 -31.66 -23.68 -18.48
CA THR C 27 -32.38 -22.56 -19.00
C THR C 27 -33.77 -22.58 -18.46
N ILE C 28 -34.24 -21.44 -17.98
CA ILE C 28 -35.51 -21.37 -17.32
C ILE C 28 -36.61 -20.81 -18.19
N GLY C 29 -37.61 -21.60 -18.41
CA GLY C 29 -38.75 -21.30 -19.21
C GLY C 29 -40.00 -21.70 -18.47
N PRO C 30 -41.05 -21.84 -19.24
CA PRO C 30 -42.39 -22.04 -18.76
C PRO C 30 -42.52 -23.29 -17.93
N SER C 31 -41.82 -24.33 -18.32
CA SER C 31 -41.72 -25.53 -17.54
C SER C 31 -41.03 -25.34 -16.19
N THR C 32 -40.13 -24.39 -16.06
CA THR C 32 -39.28 -24.35 -14.89
C THR C 32 -39.24 -23.09 -14.03
N GLN C 33 -40.13 -22.17 -14.33
CA GLN C 33 -40.19 -20.90 -13.67
C GLN C 33 -40.66 -20.90 -12.22
N SER C 34 -41.56 -21.80 -11.94
CA SER C 34 -42.14 -21.88 -10.64
C SER C 34 -41.13 -22.30 -9.65
N VAL C 35 -41.29 -21.78 -8.46
CA VAL C 35 -40.40 -22.03 -7.38
C VAL C 35 -40.34 -23.50 -7.09
N GLU C 36 -41.46 -24.18 -7.15
CA GLU C 36 -41.44 -25.59 -6.96
C GLU C 36 -40.64 -26.31 -8.02
N ALA C 37 -40.79 -25.90 -9.27
CA ALA C 37 -40.01 -26.49 -10.35
C ALA C 37 -38.52 -26.24 -10.17
N LEU C 38 -38.17 -25.04 -9.76
CA LEU C 38 -36.81 -24.66 -9.53
C LEU C 38 -36.16 -25.41 -8.41
N LYS C 39 -36.92 -25.67 -7.36
CA LYS C 39 -36.47 -26.47 -6.26
C LYS C 39 -36.18 -27.88 -6.71
N GLY C 40 -37.00 -28.39 -7.59
CA GLY C 40 -36.77 -29.68 -8.17
C GLY C 40 -35.50 -29.73 -8.99
N LEU C 41 -35.25 -28.67 -9.72
CA LEU C 41 -34.06 -28.55 -10.53
C LEU C 41 -32.78 -28.51 -9.72
N ILE C 42 -32.78 -27.77 -8.64
CA ILE C 42 -31.63 -27.67 -7.78
C ILE C 42 -31.30 -28.99 -7.16
N GLN C 43 -32.31 -29.66 -6.67
CA GLN C 43 -32.17 -30.96 -6.06
C GLN C 43 -31.72 -32.00 -7.05
N SER C 44 -32.15 -31.80 -8.27
CA SER C 44 -31.79 -32.65 -9.36
C SER C 44 -30.38 -32.42 -9.77
N GLY C 45 -29.83 -31.28 -9.42
CA GLY C 45 -28.49 -30.95 -9.81
C GLY C 45 -28.12 -29.68 -10.51
N MET C 46 -28.98 -28.68 -10.55
CA MET C 46 -28.66 -27.43 -11.23
C MET C 46 -27.78 -26.50 -10.44
N SER C 47 -26.71 -26.01 -11.02
CA SER C 47 -25.88 -25.07 -10.35
C SER C 47 -26.03 -23.67 -10.88
N VAL C 48 -26.46 -23.54 -12.11
CA VAL C 48 -26.59 -22.24 -12.73
C VAL C 48 -27.92 -22.11 -13.42
N ALA C 49 -28.65 -21.04 -13.20
CA ALA C 49 -29.85 -20.81 -13.96
C ALA C 49 -29.72 -19.77 -15.03
N ARG C 50 -30.09 -20.12 -16.25
CA ARG C 50 -29.90 -19.28 -17.40
C ARG C 50 -31.21 -18.68 -17.88
N MET C 51 -31.21 -17.39 -18.06
CA MET C 51 -32.32 -16.68 -18.64
C MET C 51 -31.97 -16.22 -20.03
N ASN C 52 -32.78 -16.57 -21.01
CA ASN C 52 -32.51 -16.20 -22.37
C ASN C 52 -33.33 -15.01 -22.78
N PHE C 53 -32.66 -13.91 -23.07
CA PHE C 53 -33.29 -12.64 -23.29
C PHE C 53 -33.77 -12.49 -24.71
N SER C 54 -33.59 -13.53 -25.49
CA SER C 54 -34.23 -13.65 -26.78
C SER C 54 -35.70 -13.92 -26.62
N HIS C 55 -36.10 -14.38 -25.46
CA HIS C 55 -37.45 -14.75 -25.21
C HIS C 55 -37.84 -14.04 -23.92
N GLY C 56 -39.11 -13.80 -23.73
CA GLY C 56 -39.54 -13.17 -22.51
C GLY C 56 -39.31 -11.70 -22.54
N SER C 57 -39.28 -11.08 -21.38
CA SER C 57 -39.21 -9.66 -21.27
C SER C 57 -38.60 -9.45 -19.94
N HIS C 58 -38.34 -8.21 -19.59
CA HIS C 58 -37.70 -7.94 -18.33
C HIS C 58 -38.61 -8.43 -17.27
N GLU C 59 -39.91 -8.21 -17.49
CA GLU C 59 -40.93 -8.65 -16.56
C GLU C 59 -40.88 -10.16 -16.33
N TYR C 60 -40.83 -10.93 -17.41
CA TYR C 60 -40.81 -12.36 -17.27
C TYR C 60 -39.59 -12.88 -16.56
N HIS C 61 -38.45 -12.34 -16.97
CA HIS C 61 -37.15 -12.69 -16.43
C HIS C 61 -36.94 -12.29 -14.99
N GLN C 62 -37.59 -11.22 -14.58
CA GLN C 62 -37.57 -10.79 -13.21
C GLN C 62 -38.22 -11.83 -12.35
N THR C 63 -39.29 -12.40 -12.83
CA THR C 63 -39.97 -13.40 -12.07
C THR C 63 -39.04 -14.55 -11.83
N THR C 64 -38.25 -14.89 -12.84
CA THR C 64 -37.28 -15.97 -12.77
C THR C 64 -36.22 -15.70 -11.74
N ILE C 65 -35.74 -14.47 -11.71
CA ILE C 65 -34.75 -14.08 -10.77
C ILE C 65 -35.22 -14.20 -9.36
N ASN C 66 -36.42 -13.71 -9.11
CA ASN C 66 -37.00 -13.79 -7.80
C ASN C 66 -37.25 -15.19 -7.41
N ASN C 67 -37.76 -15.97 -8.32
CA ASN C 67 -37.97 -17.35 -8.05
C ASN C 67 -36.72 -18.17 -7.75
N VAL C 68 -35.63 -17.87 -8.43
CA VAL C 68 -34.38 -18.57 -8.21
C VAL C 68 -33.84 -18.27 -6.83
N ARG C 69 -33.84 -17.01 -6.50
CA ARG C 69 -33.36 -16.60 -5.22
C ARG C 69 -34.21 -17.19 -4.09
N GLN C 70 -35.52 -17.19 -4.25
CA GLN C 70 -36.44 -17.78 -3.27
C GLN C 70 -36.28 -19.27 -3.11
N ALA C 71 -36.15 -19.98 -4.22
CA ALA C 71 -35.89 -21.39 -4.18
C ALA C 71 -34.55 -21.78 -3.58
N ALA C 72 -33.51 -21.04 -3.93
CA ALA C 72 -32.20 -21.26 -3.40
C ALA C 72 -32.16 -21.00 -1.91
N ALA C 73 -32.83 -19.95 -1.50
CA ALA C 73 -32.87 -19.54 -0.11
C ALA C 73 -33.52 -20.57 0.76
N GLU C 74 -34.59 -21.15 0.27
CA GLU C 74 -35.30 -22.22 0.91
C GLU C 74 -34.50 -23.46 1.05
N LEU C 75 -33.54 -23.65 0.17
CA LEU C 75 -32.79 -24.88 0.15
C LEU C 75 -31.41 -24.69 0.71
N GLY C 76 -31.15 -23.49 1.17
CA GLY C 76 -29.87 -23.13 1.71
C GLY C 76 -28.68 -23.28 0.82
N VAL C 77 -28.80 -22.82 -0.42
CA VAL C 77 -27.76 -23.01 -1.39
C VAL C 77 -27.56 -21.78 -2.20
N ASN C 78 -26.42 -21.66 -2.86
CA ASN C 78 -26.17 -20.51 -3.68
C ASN C 78 -26.21 -20.90 -5.17
N ILE C 79 -27.05 -20.26 -5.95
CA ILE C 79 -27.21 -20.57 -7.36
C ILE C 79 -26.85 -19.39 -8.21
N ALA C 80 -25.96 -19.55 -9.17
CA ALA C 80 -25.60 -18.48 -10.07
C ALA C 80 -26.76 -18.15 -10.98
N ILE C 81 -26.90 -16.88 -11.32
CA ILE C 81 -27.87 -16.44 -12.27
C ILE C 81 -27.18 -15.86 -13.49
N ALA C 82 -27.52 -16.35 -14.66
CA ALA C 82 -26.86 -15.94 -15.88
C ALA C 82 -27.81 -15.23 -16.81
N LEU C 83 -27.39 -14.14 -17.39
CA LEU C 83 -28.18 -13.48 -18.39
C LEU C 83 -27.59 -13.70 -19.79
N ASP C 84 -28.46 -14.40 -20.52
CA ASP C 84 -28.27 -14.82 -21.87
C ASP C 84 -29.00 -13.88 -22.82
N THR C 85 -28.25 -12.98 -23.42
CA THR C 85 -28.77 -11.94 -24.28
C THR C 85 -29.41 -12.42 -25.60
N LYS C 86 -30.34 -11.63 -26.10
CA LYS C 86 -30.96 -11.93 -27.36
C LYS C 86 -29.90 -11.74 -28.41
N GLY C 87 -29.21 -10.64 -28.36
CA GLY C 87 -28.15 -10.35 -29.29
C GLY C 87 -28.65 -9.83 -30.61
N PRO C 88 -27.78 -9.41 -31.47
CA PRO C 88 -28.18 -8.93 -32.78
C PRO C 88 -28.78 -10.05 -33.61
N GLU C 89 -29.88 -9.82 -34.35
CA GLU C 89 -30.49 -10.81 -35.22
C GLU C 89 -30.65 -10.21 -36.62
N ILE C 90 -30.51 -11.07 -37.64
CA ILE C 90 -30.91 -10.78 -39.00
C ILE C 90 -32.21 -11.51 -39.25
N ARG C 91 -33.21 -10.74 -39.68
CA ARG C 91 -34.52 -11.26 -40.03
C ARG C 91 -35.01 -10.75 -41.40
N THR C 92 -35.81 -11.57 -42.06
CA THR C 92 -36.62 -11.08 -43.22
C THR C 92 -37.71 -10.16 -42.71
N GLY C 93 -38.35 -9.47 -43.66
CA GLY C 93 -39.53 -8.71 -43.39
C GLY C 93 -40.75 -9.60 -43.47
N GLN C 94 -41.90 -8.95 -43.69
CA GLN C 94 -43.20 -9.56 -43.89
C GLN C 94 -43.40 -9.93 -45.35
N PHE C 95 -44.21 -10.96 -45.60
CA PHE C 95 -44.69 -11.25 -46.95
C PHE C 95 -46.17 -10.96 -47.10
N VAL C 96 -46.59 -10.57 -48.32
CA VAL C 96 -48.01 -10.36 -48.64
C VAL C 96 -48.78 -11.69 -48.49
N GLY C 97 -49.98 -11.62 -47.91
CA GLY C 97 -50.75 -12.82 -47.56
C GLY C 97 -50.20 -13.58 -46.37
N GLY C 98 -49.28 -12.95 -45.62
CA GLY C 98 -48.67 -13.57 -44.46
C GLY C 98 -47.55 -14.57 -44.73
N ASP C 99 -47.45 -15.03 -45.98
CA ASP C 99 -46.63 -16.20 -46.35
C ASP C 99 -46.00 -16.01 -47.76
N ALA C 100 -44.99 -16.83 -48.11
CA ALA C 100 -44.42 -16.81 -49.47
C ALA C 100 -43.74 -18.11 -49.91
N VAL C 101 -44.18 -18.64 -51.04
CA VAL C 101 -43.89 -19.99 -51.49
C VAL C 101 -42.66 -20.07 -52.42
N MET C 102 -41.50 -20.39 -51.87
CA MET C 102 -40.19 -20.39 -52.59
C MET C 102 -39.91 -21.70 -53.32
N GLU C 103 -39.86 -21.69 -54.66
CA GLU C 103 -39.70 -22.95 -55.42
C GLU C 103 -38.26 -23.16 -55.87
N ARG C 104 -37.84 -24.41 -56.01
CA ARG C 104 -36.48 -24.69 -56.44
C ARG C 104 -36.25 -24.23 -57.90
N GLY C 105 -35.10 -23.61 -58.18
CA GLY C 105 -34.82 -23.14 -59.53
C GLY C 105 -35.23 -21.68 -59.83
N ALA C 106 -36.23 -21.17 -59.08
CA ALA C 106 -36.76 -19.78 -59.22
C ALA C 106 -35.73 -18.69 -58.91
N THR C 107 -35.92 -17.52 -59.54
CA THR C 107 -35.19 -16.31 -59.19
C THR C 107 -36.01 -15.42 -58.24
N CYS C 108 -35.37 -14.93 -57.18
CA CYS C 108 -35.98 -13.93 -56.29
C CYS C 108 -34.98 -12.83 -55.94
N TYR C 109 -35.46 -11.74 -55.37
CA TYR C 109 -34.65 -10.53 -55.16
C TYR C 109 -34.71 -10.23 -53.66
N VAL C 110 -33.57 -10.08 -53.03
CA VAL C 110 -33.58 -9.78 -51.58
C VAL C 110 -33.04 -8.36 -51.45
N THR C 111 -33.78 -7.53 -50.73
CA THR C 111 -33.41 -6.16 -50.69
C THR C 111 -33.32 -5.65 -49.28
N THR C 112 -32.47 -4.67 -49.05
CA THR C 112 -32.48 -3.97 -47.77
C THR C 112 -33.18 -2.62 -47.83
N ASP C 113 -33.84 -2.34 -48.95
CA ASP C 113 -34.66 -1.12 -49.08
C ASP C 113 -35.85 -1.22 -48.08
N PRO C 114 -35.91 -0.30 -47.10
CA PRO C 114 -36.90 -0.48 -46.02
C PRO C 114 -38.35 -0.28 -46.49
N ALA C 115 -38.54 0.42 -47.62
CA ALA C 115 -39.86 0.46 -48.30
C ALA C 115 -40.57 -0.93 -48.42
N PHE C 116 -39.79 -2.01 -48.42
CA PHE C 116 -40.29 -3.38 -48.66
C PHE C 116 -40.56 -4.27 -47.42
N ALA C 117 -40.46 -3.69 -46.23
CA ALA C 117 -40.53 -4.49 -44.98
C ALA C 117 -41.89 -5.14 -44.72
N ASP C 118 -42.96 -4.54 -45.26
CA ASP C 118 -44.31 -5.07 -45.08
C ASP C 118 -44.98 -5.47 -46.40
N LYS C 119 -44.18 -5.70 -47.45
CA LYS C 119 -44.71 -6.03 -48.80
C LYS C 119 -43.72 -6.88 -49.62
N GLY C 120 -43.06 -7.80 -48.94
CA GLY C 120 -42.28 -8.80 -49.67
C GLY C 120 -43.20 -9.75 -50.45
N THR C 121 -42.62 -10.52 -51.36
CA THR C 121 -43.37 -11.57 -52.07
C THR C 121 -42.31 -12.56 -52.43
N LYS C 122 -42.69 -13.70 -52.99
CA LYS C 122 -41.67 -14.65 -53.41
C LYS C 122 -40.66 -14.01 -54.38
N ASP C 123 -41.11 -12.97 -55.10
CA ASP C 123 -40.34 -12.24 -56.11
C ASP C 123 -39.30 -11.32 -55.49
N LYS C 124 -39.68 -10.57 -54.46
CA LYS C 124 -38.76 -9.65 -53.82
C LYS C 124 -39.18 -9.32 -52.40
N PHE C 125 -38.24 -9.48 -51.50
CA PHE C 125 -38.54 -9.19 -50.09
C PHE C 125 -37.35 -8.60 -49.35
N TYR C 126 -37.63 -8.15 -48.15
CA TYR C 126 -36.69 -7.41 -47.36
C TYR C 126 -35.98 -8.34 -46.35
N ILE C 127 -34.67 -8.13 -46.19
CA ILE C 127 -33.84 -8.66 -45.11
C ILE C 127 -33.35 -7.43 -44.35
N ASP C 128 -33.45 -7.43 -43.04
CA ASP C 128 -33.29 -6.16 -42.30
C ASP C 128 -31.86 -5.78 -41.94
N TYR C 129 -30.86 -6.44 -42.53
CA TYR C 129 -29.47 -6.16 -42.20
C TYR C 129 -28.93 -5.26 -43.29
N GLN C 130 -28.77 -3.98 -42.95
CA GLN C 130 -28.53 -2.94 -43.96
C GLN C 130 -27.23 -3.09 -44.73
N ASN C 131 -26.29 -3.79 -44.12
CA ASN C 131 -25.04 -4.09 -44.77
C ASN C 131 -25.07 -5.36 -45.57
N LEU C 132 -26.22 -5.98 -45.83
CA LEU C 132 -26.22 -7.30 -46.54
C LEU C 132 -25.34 -7.31 -47.80
N SER C 133 -25.54 -6.30 -48.68
CA SER C 133 -24.85 -6.23 -49.98
C SER C 133 -23.36 -6.10 -49.90
N LYS C 134 -22.88 -5.33 -48.93
CA LYS C 134 -21.45 -5.15 -48.76
C LYS C 134 -20.81 -6.46 -48.25
N VAL C 135 -21.57 -7.26 -47.53
CA VAL C 135 -20.94 -8.40 -46.85
C VAL C 135 -20.96 -9.64 -47.73
N VAL C 136 -21.92 -9.72 -48.64
CA VAL C 136 -22.04 -10.93 -49.46
C VAL C 136 -21.44 -10.68 -50.85
N ARG C 137 -20.92 -11.74 -51.50
CA ARG C 137 -20.49 -11.72 -52.92
C ARG C 137 -21.19 -12.83 -53.73
N PRO C 138 -21.19 -12.71 -55.10
CA PRO C 138 -21.67 -13.79 -55.98
C PRO C 138 -21.07 -15.15 -55.59
N GLY C 139 -21.93 -16.17 -55.44
CA GLY C 139 -21.50 -17.51 -55.07
C GLY C 139 -21.84 -17.83 -53.63
N ASN C 140 -21.77 -16.83 -52.76
CA ASN C 140 -22.19 -16.98 -51.34
C ASN C 140 -23.62 -17.46 -51.18
N TYR C 141 -23.86 -18.10 -50.06
CA TYR C 141 -25.16 -18.67 -49.73
C TYR C 141 -25.84 -17.81 -48.66
N ILE C 142 -27.17 -17.73 -48.74
CA ILE C 142 -27.95 -16.99 -47.76
C ILE C 142 -29.03 -17.90 -47.20
N TYR C 143 -28.89 -18.26 -45.92
CA TYR C 143 -29.82 -19.23 -45.28
C TYR C 143 -30.99 -18.53 -44.60
N ILE C 144 -32.19 -19.07 -44.83
CA ILE C 144 -33.40 -18.49 -44.27
C ILE C 144 -34.25 -19.59 -43.63
N ASP C 145 -34.77 -19.30 -42.45
CA ASP C 145 -35.56 -20.28 -41.72
C ASP C 145 -34.91 -21.47 -41.00
N ASP C 146 -33.86 -21.19 -40.23
CA ASP C 146 -33.13 -22.28 -39.59
C ASP C 146 -32.06 -22.87 -40.54
N GLY C 147 -31.81 -22.17 -41.66
CA GLY C 147 -30.96 -22.73 -42.76
C GLY C 147 -31.73 -23.68 -43.70
N ILE C 148 -33.05 -23.71 -43.59
CA ILE C 148 -33.86 -24.66 -44.35
C ILE C 148 -33.93 -24.26 -45.82
N LEU C 149 -34.12 -22.97 -46.05
CA LEU C 149 -34.23 -22.42 -47.40
C LEU C 149 -32.85 -21.87 -47.73
N ILE C 150 -32.26 -22.38 -48.79
CA ILE C 150 -30.90 -21.95 -49.14
C ILE C 150 -30.99 -21.20 -50.45
N LEU C 151 -30.79 -19.88 -50.38
CA LEU C 151 -30.74 -19.08 -51.57
C LEU C 151 -29.26 -18.95 -51.90
N GLN C 152 -28.94 -18.90 -53.20
CA GLN C 152 -27.59 -18.52 -53.61
C GLN C 152 -27.51 -17.18 -54.35
N VAL C 153 -26.55 -16.37 -53.93
CA VAL C 153 -26.34 -15.06 -54.49
C VAL C 153 -25.73 -15.10 -55.89
N GLN C 154 -26.42 -14.46 -56.85
CA GLN C 154 -25.97 -14.47 -58.22
C GLN C 154 -25.31 -13.14 -58.55
N SER C 155 -25.96 -12.02 -58.18
CA SER C 155 -25.45 -10.71 -58.54
C SER C 155 -26.08 -9.64 -57.71
N HIS C 156 -25.51 -8.44 -57.83
CA HIS C 156 -26.06 -7.23 -57.27
C HIS C 156 -26.97 -6.64 -58.35
N GLU C 157 -28.29 -6.85 -58.21
CA GLU C 157 -29.25 -6.09 -59.04
C GLU C 157 -29.00 -4.59 -58.88
N ASP C 158 -28.88 -4.11 -57.63
CA ASP C 158 -28.46 -2.72 -57.40
C ASP C 158 -27.73 -2.59 -56.07
N GLU C 159 -27.56 -1.37 -55.59
CA GLU C 159 -26.79 -1.22 -54.39
C GLU C 159 -27.43 -1.74 -53.09
N GLN C 160 -28.73 -2.07 -53.14
CA GLN C 160 -29.50 -2.57 -52.00
C GLN C 160 -30.20 -3.88 -52.25
N THR C 161 -30.02 -4.46 -53.43
CA THR C 161 -30.83 -5.60 -53.80
C THR C 161 -29.92 -6.65 -54.43
N LEU C 162 -30.13 -7.90 -54.04
CA LEU C 162 -29.38 -9.02 -54.55
C LEU C 162 -30.29 -9.91 -55.37
N GLU C 163 -29.85 -10.28 -56.57
CA GLU C 163 -30.57 -11.28 -57.35
C GLU C 163 -30.12 -12.64 -56.80
N CYS C 164 -31.06 -13.50 -56.43
CA CYS C 164 -30.73 -14.82 -55.88
C CYS C 164 -31.35 -15.94 -56.70
N THR C 165 -30.69 -17.10 -56.73
CA THR C 165 -31.33 -18.38 -57.10
C THR C 165 -31.91 -19.09 -55.87
N VAL C 166 -33.09 -19.67 -55.98
CA VAL C 166 -33.58 -20.56 -54.95
C VAL C 166 -33.03 -22.03 -55.16
N THR C 167 -32.20 -22.52 -54.22
CA THR C 167 -31.55 -23.83 -54.43
C THR C 167 -32.40 -25.02 -53.99
N ASN C 168 -33.38 -24.77 -53.11
CA ASN C 168 -34.30 -25.85 -52.68
C ASN C 168 -35.64 -25.28 -52.25
N SER C 169 -36.68 -26.08 -52.39
CA SER C 169 -38.06 -25.61 -52.23
C SER C 169 -38.35 -25.47 -50.75
N HIS C 170 -39.13 -24.45 -50.40
CA HIS C 170 -39.54 -24.29 -49.03
C HIS C 170 -40.48 -23.07 -48.93
N THR C 171 -41.58 -23.25 -48.23
CA THR C 171 -42.48 -22.16 -47.95
C THR C 171 -41.93 -21.47 -46.70
N ILE C 172 -41.82 -20.14 -46.75
CA ILE C 172 -41.35 -19.37 -45.60
C ILE C 172 -42.40 -18.33 -45.14
N SER C 173 -42.64 -18.24 -43.84
CA SER C 173 -43.58 -17.24 -43.32
C SER C 173 -42.86 -15.95 -42.88
N ASP C 174 -43.60 -15.01 -42.29
CA ASP C 174 -43.03 -13.72 -41.87
C ASP C 174 -41.84 -13.82 -40.95
N ARG C 175 -40.85 -12.97 -41.26
CA ARG C 175 -39.77 -12.64 -40.32
C ARG C 175 -38.90 -13.80 -39.88
N ARG C 176 -38.45 -14.62 -40.82
CA ARG C 176 -37.51 -15.68 -40.45
C ARG C 176 -36.08 -15.17 -40.23
N GLY C 177 -35.30 -15.89 -39.43
CA GLY C 177 -33.93 -15.52 -39.17
C GLY C 177 -33.07 -15.90 -40.36
N VAL C 178 -32.03 -15.14 -40.60
CA VAL C 178 -31.20 -15.52 -41.70
C VAL C 178 -29.79 -15.75 -41.16
N ASN C 179 -29.03 -16.58 -41.86
CA ASN C 179 -27.60 -16.68 -41.58
C ASN C 179 -26.79 -16.47 -42.82
N LEU C 180 -25.48 -16.28 -42.63
CA LEU C 180 -24.58 -15.93 -43.70
C LEU C 180 -23.24 -16.72 -43.57
N PRO C 181 -23.23 -18.02 -43.97
CA PRO C 181 -22.11 -18.80 -43.49
C PRO C 181 -20.74 -18.46 -44.00
N GLY C 182 -20.61 -17.85 -45.16
CA GLY C 182 -19.28 -17.53 -45.65
C GLY C 182 -19.07 -16.03 -45.48
N CYS C 183 -19.75 -15.47 -44.49
CA CYS C 183 -19.83 -14.02 -44.43
C CYS C 183 -19.51 -13.53 -43.06
N ASP C 184 -18.70 -12.47 -43.05
CA ASP C 184 -18.34 -11.83 -41.82
C ASP C 184 -19.42 -10.81 -41.47
N VAL C 185 -20.29 -11.20 -40.57
CA VAL C 185 -21.42 -10.33 -40.21
C VAL C 185 -20.95 -9.25 -39.28
N ASP C 186 -21.33 -8.00 -39.52
CA ASP C 186 -20.77 -6.87 -38.73
C ASP C 186 -21.79 -6.05 -37.96
N LEU C 187 -22.85 -6.69 -37.54
CA LEU C 187 -23.67 -6.13 -36.54
C LEU C 187 -22.84 -5.75 -35.33
N PRO C 188 -23.28 -4.73 -34.64
CA PRO C 188 -22.66 -4.32 -33.39
C PRO C 188 -22.72 -5.44 -32.38
N ALA C 189 -21.88 -5.39 -31.39
CA ALA C 189 -21.78 -6.47 -30.43
C ALA C 189 -23.03 -6.53 -29.64
N VAL C 190 -23.56 -5.37 -29.36
CA VAL C 190 -24.69 -5.19 -28.50
C VAL C 190 -25.80 -4.41 -29.18
N SER C 191 -26.96 -5.01 -29.31
CA SER C 191 -28.11 -4.32 -29.83
C SER C 191 -28.67 -3.29 -28.87
N ALA C 192 -29.65 -2.52 -29.32
CA ALA C 192 -30.28 -1.58 -28.44
C ALA C 192 -31.07 -2.27 -27.33
N LYS C 193 -31.74 -3.34 -27.63
CA LYS C 193 -32.39 -4.11 -26.61
C LYS C 193 -31.39 -4.72 -25.60
N ASP C 194 -30.27 -5.22 -26.10
CA ASP C 194 -29.23 -5.75 -25.25
C ASP C 194 -28.77 -4.69 -24.26
N ARG C 195 -28.58 -3.49 -24.74
CA ARG C 195 -28.11 -2.40 -23.94
C ARG C 195 -29.04 -2.20 -22.78
N VAL C 196 -30.32 -2.29 -23.05
CA VAL C 196 -31.30 -2.18 -22.02
C VAL C 196 -31.21 -3.48 -21.33
N ASP C 197 -30.71 -4.52 -22.02
CA ASP C 197 -30.66 -5.81 -21.41
C ASP C 197 -29.52 -5.93 -20.42
N LEU C 198 -28.37 -5.40 -20.79
CA LEU C 198 -27.23 -5.38 -19.91
C LEU C 198 -27.41 -4.56 -18.66
N GLN C 199 -28.03 -3.39 -18.78
CA GLN C 199 -28.27 -2.56 -17.64
C GLN C 199 -29.17 -3.21 -16.62
N PHE C 200 -30.19 -3.91 -17.10
CA PHE C 200 -31.13 -4.60 -16.26
C PHE C 200 -30.43 -5.67 -15.46
N GLY C 201 -29.51 -6.36 -16.12
CA GLY C 201 -28.75 -7.40 -15.49
C GLY C 201 -27.90 -6.90 -14.36
N VAL C 202 -27.30 -5.74 -14.56
CA VAL C 202 -26.55 -5.08 -13.51
C VAL C 202 -27.43 -4.69 -12.35
N GLU C 203 -28.59 -4.13 -12.65
CA GLU C 203 -29.56 -3.68 -11.67
C GLU C 203 -30.09 -4.79 -10.81
N GLN C 204 -30.35 -5.93 -11.39
CA GLN C 204 -30.91 -7.02 -10.64
C GLN C 204 -29.81 -7.90 -10.09
N GLY C 205 -28.59 -7.43 -10.23
CA GLY C 205 -27.45 -8.12 -9.70
C GLY C 205 -27.13 -9.53 -10.17
N VAL C 206 -27.24 -9.76 -11.46
CA VAL C 206 -26.85 -11.05 -12.00
C VAL C 206 -25.37 -11.35 -11.90
N ASP C 207 -25.05 -12.60 -11.72
CA ASP C 207 -23.69 -13.10 -11.69
C ASP C 207 -22.83 -13.08 -12.97
N MET C 208 -23.38 -13.48 -14.09
CA MET C 208 -22.65 -13.57 -15.34
C MET C 208 -23.49 -13.23 -16.56
N ILE C 209 -22.83 -12.89 -17.64
CA ILE C 209 -23.47 -12.67 -18.89
C ILE C 209 -23.01 -13.73 -19.87
N PHE C 210 -23.93 -14.39 -20.53
CA PHE C 210 -23.54 -15.22 -21.62
C PHE C 210 -23.71 -14.36 -22.84
N ALA C 211 -22.65 -13.87 -23.39
CA ALA C 211 -22.73 -12.93 -24.45
C ALA C 211 -22.82 -13.60 -25.79
N SER C 212 -23.97 -13.49 -26.43
CA SER C 212 -24.22 -14.09 -27.71
C SER C 212 -23.43 -13.53 -28.85
N PHE C 213 -23.21 -14.41 -29.81
CA PHE C 213 -22.61 -14.09 -31.06
C PHE C 213 -21.28 -13.27 -30.94
N ILE C 214 -20.21 -13.62 -30.13
CA ILE C 214 -19.06 -12.79 -30.01
C ILE C 214 -18.16 -13.02 -31.19
N ARG C 215 -18.11 -12.09 -32.13
CA ARG C 215 -17.11 -11.98 -33.20
C ARG C 215 -15.65 -11.60 -32.83
N SER C 216 -15.46 -10.81 -31.80
CA SER C 216 -14.17 -10.17 -31.54
C SER C 216 -13.84 -9.80 -30.09
N ALA C 217 -12.56 -9.58 -29.86
CA ALA C 217 -12.04 -9.10 -28.60
C ALA C 217 -12.51 -7.70 -28.30
N GLU C 218 -12.65 -6.89 -29.34
CA GLU C 218 -13.16 -5.55 -29.25
C GLU C 218 -14.61 -5.52 -28.77
N GLN C 219 -15.40 -6.46 -29.22
CA GLN C 219 -16.78 -6.62 -28.83
C GLN C 219 -16.95 -6.95 -27.37
N VAL C 220 -16.09 -7.78 -26.83
CA VAL C 220 -16.13 -8.12 -25.43
C VAL C 220 -15.91 -6.87 -24.63
N GLY C 221 -14.96 -6.06 -25.06
CA GLY C 221 -14.66 -4.84 -24.38
C GLY C 221 -15.84 -3.91 -24.37
N ASP C 222 -16.55 -3.87 -25.48
CA ASP C 222 -17.75 -3.09 -25.55
C ASP C 222 -18.80 -3.59 -24.59
N VAL C 223 -18.89 -4.88 -24.41
CA VAL C 223 -19.76 -5.44 -23.40
C VAL C 223 -19.37 -5.07 -21.97
N ARG C 224 -18.10 -5.08 -21.71
CA ARG C 224 -17.56 -4.79 -20.42
C ARG C 224 -17.90 -3.36 -20.07
N LYS C 225 -17.83 -2.54 -21.09
CA LYS C 225 -18.02 -1.11 -21.00
C LYS C 225 -19.48 -0.73 -20.81
N ALA C 226 -20.37 -1.44 -21.47
CA ALA C 226 -21.79 -1.29 -21.27
C ALA C 226 -22.20 -1.69 -19.87
N LEU C 227 -21.56 -2.70 -19.32
CA LEU C 227 -21.87 -3.10 -17.97
C LEU C 227 -21.51 -2.01 -17.01
N GLY C 228 -20.43 -1.31 -17.32
CA GLY C 228 -19.99 -0.19 -16.54
C GLY C 228 -19.21 -0.50 -15.28
N PRO C 229 -19.01 0.50 -14.45
CA PRO C 229 -18.40 0.38 -13.13
C PRO C 229 -19.20 -0.44 -12.17
N LYS C 230 -20.50 -0.25 -12.17
CA LYS C 230 -21.38 -0.98 -11.29
C LYS C 230 -21.32 -2.44 -11.62
N GLY C 231 -20.98 -2.72 -12.86
CA GLY C 231 -20.98 -4.06 -13.39
C GLY C 231 -19.65 -4.77 -13.50
N ARG C 232 -18.63 -4.22 -12.88
CA ARG C 232 -17.26 -4.69 -13.07
C ARG C 232 -16.95 -6.10 -12.63
N ASP C 233 -17.66 -6.60 -11.65
CA ASP C 233 -17.41 -7.93 -11.17
C ASP C 233 -18.29 -8.99 -11.78
N ILE C 234 -19.06 -8.63 -12.78
CA ILE C 234 -19.87 -9.60 -13.48
C ILE C 234 -19.00 -10.23 -14.54
N MET C 235 -19.05 -11.54 -14.62
CA MET C 235 -18.28 -12.33 -15.55
C MET C 235 -18.85 -12.26 -16.95
N ILE C 236 -18.03 -12.05 -17.96
CA ILE C 236 -18.52 -12.15 -19.30
C ILE C 236 -18.07 -13.44 -19.95
N ILE C 237 -19.02 -14.33 -20.15
CA ILE C 237 -18.77 -15.59 -20.79
C ILE C 237 -19.10 -15.47 -22.27
N CYS C 238 -18.15 -15.73 -23.14
CA CYS C 238 -18.39 -15.50 -24.54
C CYS C 238 -18.79 -16.71 -25.34
N LYS C 239 -19.97 -16.67 -25.91
CA LYS C 239 -20.49 -17.70 -26.74
C LYS C 239 -19.89 -17.65 -28.13
N ILE C 240 -19.38 -18.78 -28.59
CA ILE C 240 -18.79 -18.87 -29.90
C ILE C 240 -19.80 -19.55 -30.75
N GLU C 241 -20.41 -18.81 -31.66
CA GLU C 241 -21.51 -19.37 -32.45
C GLU C 241 -21.29 -19.22 -33.95
N ASN C 242 -20.28 -18.48 -34.37
CA ASN C 242 -19.95 -18.31 -35.79
C ASN C 242 -18.50 -18.41 -36.21
N HIS C 243 -18.26 -18.20 -37.50
CA HIS C 243 -16.92 -18.32 -38.06
C HIS C 243 -15.90 -17.39 -37.40
N GLN C 244 -16.24 -16.10 -37.37
CA GLN C 244 -15.35 -15.09 -36.88
C GLN C 244 -14.96 -15.34 -35.44
N GLY C 245 -15.89 -15.77 -34.63
CA GLY C 245 -15.61 -16.10 -33.28
C GLY C 245 -14.63 -17.23 -33.14
N VAL C 246 -14.77 -18.26 -33.93
CA VAL C 246 -13.79 -19.32 -33.92
C VAL C 246 -12.43 -18.86 -34.36
N GLN C 247 -12.39 -18.06 -35.39
CA GLN C 247 -11.15 -17.59 -35.92
C GLN C 247 -10.39 -16.75 -34.92
N ASN C 248 -11.12 -15.97 -34.15
CA ASN C 248 -10.56 -15.02 -33.21
C ASN C 248 -10.48 -15.52 -31.79
N ILE C 249 -10.46 -16.81 -31.60
CA ILE C 249 -10.63 -17.39 -30.30
C ILE C 249 -9.58 -17.05 -29.25
N ASP C 250 -8.31 -16.98 -29.59
CA ASP C 250 -7.31 -16.65 -28.62
C ASP C 250 -7.47 -15.27 -28.03
N SER C 251 -7.69 -14.30 -28.88
CA SER C 251 -7.96 -12.97 -28.43
C SER C 251 -9.25 -12.81 -27.66
N ILE C 252 -10.28 -13.52 -28.06
CA ILE C 252 -11.52 -13.55 -27.33
C ILE C 252 -11.37 -14.19 -25.96
N ILE C 253 -10.64 -15.28 -25.91
CA ILE C 253 -10.39 -15.95 -24.67
C ILE C 253 -9.63 -15.03 -23.72
N GLU C 254 -8.67 -14.28 -24.23
CA GLU C 254 -7.93 -13.32 -23.45
C GLU C 254 -8.81 -12.30 -22.76
N GLU C 255 -9.71 -11.69 -23.51
CA GLU C 255 -10.58 -10.64 -22.97
C GLU C 255 -11.70 -11.17 -22.08
N SER C 256 -12.18 -12.37 -22.36
CA SER C 256 -13.28 -12.97 -21.66
C SER C 256 -12.95 -13.50 -20.28
N ASP C 257 -13.97 -13.89 -19.55
CA ASP C 257 -13.83 -14.65 -18.35
C ASP C 257 -14.14 -16.12 -18.57
N GLY C 258 -14.54 -16.48 -19.76
CA GLY C 258 -14.87 -17.83 -20.10
C GLY C 258 -15.54 -17.95 -21.45
N ILE C 259 -15.77 -19.16 -21.87
CA ILE C 259 -16.29 -19.47 -23.17
C ILE C 259 -17.45 -20.42 -23.11
N MET C 260 -18.39 -20.22 -23.99
CA MET C 260 -19.40 -21.18 -24.32
C MET C 260 -19.27 -21.72 -25.74
N VAL C 261 -19.28 -23.01 -25.90
CA VAL C 261 -19.29 -23.60 -27.21
C VAL C 261 -20.73 -23.76 -27.62
N ALA C 262 -21.24 -22.75 -28.30
CA ALA C 262 -22.65 -22.63 -28.57
C ALA C 262 -23.01 -23.40 -29.81
N ARG C 263 -23.25 -24.67 -29.62
CA ARG C 263 -23.34 -25.58 -30.70
C ARG C 263 -24.48 -25.38 -31.66
N GLY C 264 -25.66 -24.97 -31.19
CA GLY C 264 -26.76 -24.79 -32.09
C GLY C 264 -26.61 -23.78 -33.20
N ASP C 265 -26.25 -22.56 -32.89
CA ASP C 265 -25.84 -21.60 -33.91
C ASP C 265 -24.58 -21.96 -34.68
N LEU C 266 -23.56 -22.49 -34.02
CA LEU C 266 -22.29 -22.84 -34.61
C LEU C 266 -22.43 -23.89 -35.67
N GLY C 267 -23.35 -24.78 -35.40
CA GLY C 267 -23.74 -25.85 -36.23
C GLY C 267 -24.31 -25.50 -37.59
N VAL C 268 -25.08 -24.44 -37.72
CA VAL C 268 -25.47 -23.81 -38.97
C VAL C 268 -24.37 -23.05 -39.65
N GLU C 269 -23.71 -22.24 -38.85
CA GLU C 269 -22.67 -21.35 -39.34
C GLU C 269 -21.49 -22.10 -39.89
N ILE C 270 -21.16 -23.18 -39.29
CA ILE C 270 -20.01 -23.89 -39.62
C ILE C 270 -20.67 -25.18 -39.86
N PRO C 271 -20.10 -25.92 -40.75
CA PRO C 271 -20.61 -27.25 -41.01
C PRO C 271 -20.30 -28.01 -39.77
N ALA C 272 -21.31 -28.82 -39.53
CA ALA C 272 -21.71 -29.49 -38.35
C ALA C 272 -20.66 -30.44 -37.95
N GLU C 273 -20.09 -31.12 -38.93
CA GLU C 273 -19.01 -32.05 -38.70
C GLU C 273 -17.78 -31.37 -38.17
N LYS C 274 -17.70 -30.06 -38.37
CA LYS C 274 -16.61 -29.26 -37.84
C LYS C 274 -16.78 -28.88 -36.37
N VAL C 275 -18.03 -28.82 -35.90
CA VAL C 275 -18.31 -28.42 -34.55
C VAL C 275 -17.53 -29.30 -33.58
N VAL C 276 -17.31 -30.55 -33.93
CA VAL C 276 -16.52 -31.44 -33.10
C VAL C 276 -15.08 -31.01 -32.90
N VAL C 277 -14.39 -30.63 -33.97
CA VAL C 277 -13.07 -30.06 -33.89
C VAL C 277 -13.04 -28.75 -33.13
N ALA C 278 -14.01 -27.91 -33.38
CA ALA C 278 -14.12 -26.69 -32.64
C ALA C 278 -14.34 -26.95 -31.14
N GLN C 279 -15.13 -27.93 -30.77
CA GLN C 279 -15.33 -28.24 -29.38
C GLN C 279 -14.06 -28.68 -28.69
N LYS C 280 -13.33 -29.58 -29.31
CA LYS C 280 -12.10 -30.00 -28.76
C LYS C 280 -11.11 -28.87 -28.66
N ILE C 281 -10.96 -28.04 -29.68
CA ILE C 281 -10.02 -26.97 -29.57
C ILE C 281 -10.36 -25.93 -28.53
N LEU C 282 -11.60 -25.49 -28.49
CA LEU C 282 -11.99 -24.43 -27.61
C LEU C 282 -11.94 -24.78 -26.13
N ILE C 283 -12.33 -25.99 -25.83
CA ILE C 283 -12.29 -26.50 -24.49
C ILE C 283 -10.86 -26.61 -24.01
N SER C 284 -10.00 -27.12 -24.85
CA SER C 284 -8.61 -27.27 -24.51
C SER C 284 -7.94 -25.95 -24.28
N LYS C 285 -8.19 -24.97 -25.11
CA LYS C 285 -7.61 -23.67 -24.97
C LYS C 285 -8.07 -22.97 -23.67
N CYS C 286 -9.32 -23.16 -23.33
CA CYS C 286 -9.85 -22.72 -22.07
C CYS C 286 -9.24 -23.44 -20.88
N ASN C 287 -9.02 -24.73 -20.97
CA ASN C 287 -8.38 -25.46 -19.92
C ASN C 287 -6.95 -25.00 -19.69
N VAL C 288 -6.22 -24.80 -20.76
CA VAL C 288 -4.87 -24.34 -20.68
C VAL C 288 -4.80 -22.95 -20.10
N ALA C 289 -5.71 -22.09 -20.51
CA ALA C 289 -5.79 -20.75 -20.00
C ALA C 289 -6.32 -20.57 -18.55
N GLY C 290 -6.85 -21.61 -17.96
CA GLY C 290 -7.62 -21.56 -16.74
C GLY C 290 -8.94 -20.81 -16.65
N LYS C 291 -9.75 -20.88 -17.69
CA LYS C 291 -11.03 -20.22 -17.69
C LYS C 291 -12.12 -21.21 -17.99
N PRO C 292 -13.27 -20.98 -17.39
CA PRO C 292 -14.39 -21.91 -17.46
C PRO C 292 -14.92 -22.06 -18.88
N VAL C 293 -15.27 -23.27 -19.28
CA VAL C 293 -15.76 -23.56 -20.59
C VAL C 293 -17.02 -24.41 -20.56
N ILE C 294 -18.00 -24.04 -21.36
CA ILE C 294 -19.30 -24.65 -21.38
C ILE C 294 -19.62 -25.29 -22.73
N CYS C 295 -20.10 -26.52 -22.67
CA CYS C 295 -20.62 -27.23 -23.82
C CYS C 295 -22.12 -27.18 -23.86
N ALA C 296 -22.62 -26.66 -24.96
CA ALA C 296 -24.02 -26.35 -25.11
C ALA C 296 -24.71 -26.91 -26.32
N THR C 297 -26.00 -27.22 -26.12
CA THR C 297 -27.05 -27.38 -27.12
C THR C 297 -27.26 -28.80 -27.63
N GLN C 298 -28.49 -29.27 -27.59
CA GLN C 298 -28.93 -30.56 -28.09
C GLN C 298 -28.27 -31.72 -27.37
N MET C 299 -27.72 -31.46 -26.20
CA MET C 299 -27.03 -32.47 -25.45
C MET C 299 -27.93 -33.61 -25.02
N LEU C 300 -29.12 -33.31 -24.56
CA LEU C 300 -30.07 -34.34 -24.25
C LEU C 300 -31.43 -34.01 -24.85
N GLU C 301 -31.45 -33.69 -26.12
CA GLU C 301 -32.60 -33.15 -26.81
C GLU C 301 -33.89 -33.95 -26.79
N SER C 302 -33.82 -35.26 -26.92
CA SER C 302 -34.96 -36.12 -27.03
C SER C 302 -35.73 -36.19 -25.72
N MET C 303 -35.07 -35.76 -24.67
CA MET C 303 -35.59 -35.79 -23.33
C MET C 303 -36.45 -34.59 -23.10
N THR C 304 -36.57 -33.75 -24.12
CA THR C 304 -37.54 -32.70 -24.13
C THR C 304 -38.89 -33.37 -24.15
N TYR C 305 -38.97 -34.52 -24.79
CA TYR C 305 -40.23 -35.20 -24.90
C TYR C 305 -40.28 -36.60 -24.34
N ASN C 306 -39.15 -37.21 -24.07
CA ASN C 306 -39.12 -38.57 -23.58
C ASN C 306 -38.45 -38.69 -22.26
N PRO C 307 -38.85 -39.71 -21.53
CA PRO C 307 -38.30 -40.02 -20.22
C PRO C 307 -36.83 -40.44 -20.24
N ARG C 308 -36.37 -40.98 -21.36
CA ARG C 308 -35.05 -41.53 -21.50
C ARG C 308 -34.34 -41.00 -22.73
N PRO C 309 -33.03 -40.83 -22.64
CA PRO C 309 -32.22 -40.34 -23.73
C PRO C 309 -31.83 -41.38 -24.76
N THR C 310 -31.44 -40.91 -25.93
CA THR C 310 -30.81 -41.70 -26.94
C THR C 310 -29.36 -42.04 -26.62
N ARG C 311 -28.82 -43.06 -27.27
CA ARG C 311 -27.45 -43.44 -27.08
C ARG C 311 -26.47 -42.37 -27.47
N ALA C 312 -26.75 -41.69 -28.57
CA ALA C 312 -25.91 -40.61 -29.02
C ALA C 312 -25.85 -39.47 -28.01
N GLU C 313 -26.96 -39.21 -27.37
CA GLU C 313 -27.01 -38.18 -26.38
C GLU C 313 -26.18 -38.45 -25.13
N VAL C 314 -26.28 -39.66 -24.61
CA VAL C 314 -25.53 -40.07 -23.47
C VAL C 314 -24.08 -40.00 -23.80
N SER C 315 -23.71 -40.49 -24.95
CA SER C 315 -22.34 -40.40 -25.37
C SER C 315 -21.87 -38.97 -25.45
N ASP C 316 -22.71 -38.09 -25.93
CA ASP C 316 -22.39 -36.69 -26.00
C ASP C 316 -22.11 -36.03 -24.64
N VAL C 317 -22.90 -36.25 -23.63
CA VAL C 317 -22.61 -35.64 -22.34
C VAL C 317 -21.27 -36.12 -21.77
N ALA C 318 -21.02 -37.40 -21.92
CA ALA C 318 -19.80 -38.02 -21.45
C ALA C 318 -18.52 -37.53 -22.13
N ASN C 319 -18.53 -37.45 -23.44
CA ASN C 319 -17.44 -36.93 -24.21
C ASN C 319 -17.14 -35.48 -23.95
N ALA C 320 -18.13 -34.69 -23.64
CA ALA C 320 -17.87 -33.31 -23.25
C ALA C 320 -17.04 -33.18 -21.97
N VAL C 321 -17.31 -34.03 -21.00
CA VAL C 321 -16.52 -34.15 -19.80
C VAL C 321 -15.11 -34.63 -20.05
N PHE C 322 -14.98 -35.64 -20.90
CA PHE C 322 -13.71 -36.18 -21.34
C PHE C 322 -12.95 -35.09 -22.07
N ASN C 323 -13.65 -34.24 -22.80
CA ASN C 323 -13.09 -33.17 -23.57
C ASN C 323 -12.42 -32.17 -22.62
N GLY C 324 -12.91 -32.11 -21.38
CA GLY C 324 -12.43 -31.17 -20.42
C GLY C 324 -13.27 -30.00 -20.02
N ALA C 325 -14.54 -30.04 -20.35
CA ALA C 325 -15.46 -28.97 -20.01
C ALA C 325 -15.79 -28.80 -18.53
N ASP C 326 -15.81 -27.57 -18.09
CA ASP C 326 -16.31 -27.25 -16.79
C ASP C 326 -17.80 -27.56 -16.65
N CYS C 327 -18.58 -27.20 -17.66
CA CYS C 327 -20.03 -27.25 -17.63
C CYS C 327 -20.73 -27.87 -18.84
N VAL C 328 -21.86 -28.50 -18.58
CA VAL C 328 -22.75 -28.88 -19.63
C VAL C 328 -24.03 -28.11 -19.42
N MET C 329 -24.80 -27.95 -20.47
CA MET C 329 -25.93 -27.07 -20.46
C MET C 329 -27.20 -27.69 -20.99
N LEU C 330 -28.31 -27.22 -20.47
CA LEU C 330 -29.62 -27.66 -20.91
C LEU C 330 -30.40 -26.49 -21.41
N SER C 331 -31.02 -26.64 -22.56
CA SER C 331 -31.73 -25.54 -23.15
C SER C 331 -33.25 -25.71 -23.17
N GLY C 332 -33.74 -26.28 -24.24
CA GLY C 332 -35.14 -26.59 -24.40
C GLY C 332 -35.63 -27.66 -23.47
N GLU C 333 -34.75 -28.58 -23.14
CA GLU C 333 -35.06 -29.71 -22.30
C GLU C 333 -35.55 -29.25 -20.92
N THR C 334 -35.05 -28.14 -20.43
CA THR C 334 -35.56 -27.53 -19.22
C THR C 334 -36.46 -26.31 -19.42
N ALA C 335 -36.32 -25.58 -20.50
CA ALA C 335 -37.18 -24.47 -20.76
C ALA C 335 -38.62 -24.83 -21.07
N LYS C 336 -38.83 -25.78 -21.97
CA LYS C 336 -40.14 -26.16 -22.41
C LYS C 336 -40.49 -27.64 -22.34
N GLY C 337 -39.59 -28.43 -21.79
CA GLY C 337 -39.71 -29.87 -21.75
C GLY C 337 -40.70 -30.48 -20.80
N LYS C 338 -41.04 -31.72 -21.09
CA LYS C 338 -41.79 -32.63 -20.25
C LYS C 338 -41.14 -33.13 -18.97
N TYR C 339 -39.84 -33.38 -18.99
CA TYR C 339 -39.21 -34.03 -17.87
C TYR C 339 -38.00 -33.30 -17.38
N PRO C 340 -38.20 -32.12 -16.85
CA PRO C 340 -37.10 -31.28 -16.45
C PRO C 340 -36.23 -31.88 -15.36
N ASN C 341 -36.82 -32.39 -14.30
CA ASN C 341 -36.06 -33.03 -13.25
C ASN C 341 -35.30 -34.26 -13.71
N GLU C 342 -35.95 -35.10 -14.49
CA GLU C 342 -35.32 -36.28 -14.99
C GLU C 342 -34.15 -36.00 -15.93
N VAL C 343 -34.27 -35.00 -16.78
CA VAL C 343 -33.20 -34.72 -17.70
C VAL C 343 -31.95 -34.29 -16.95
N VAL C 344 -32.11 -33.44 -15.98
CA VAL C 344 -31.03 -33.02 -15.14
C VAL C 344 -30.44 -34.16 -14.37
N GLN C 345 -31.27 -35.03 -13.83
CA GLN C 345 -30.79 -36.14 -13.08
C GLN C 345 -29.99 -37.06 -13.96
N TYR C 346 -30.43 -37.25 -15.19
CA TYR C 346 -29.69 -38.05 -16.15
C TYR C 346 -28.35 -37.45 -16.52
N MET C 347 -28.31 -36.16 -16.72
CA MET C 347 -27.08 -35.52 -17.03
C MET C 347 -26.08 -35.63 -15.91
N ALA C 348 -26.52 -35.46 -14.68
CA ALA C 348 -25.65 -35.56 -13.54
C ALA C 348 -25.05 -36.91 -13.39
N ARG C 349 -25.86 -37.92 -13.61
CA ARG C 349 -25.46 -39.29 -13.52
C ARG C 349 -24.42 -39.67 -14.57
N ILE C 350 -24.60 -39.22 -15.80
CA ILE C 350 -23.63 -39.43 -16.85
C ILE C 350 -22.32 -38.74 -16.58
N CYS C 351 -22.39 -37.55 -16.03
CA CYS C 351 -21.23 -36.78 -15.70
C CYS C 351 -20.42 -37.49 -14.63
N LEU C 352 -21.08 -38.06 -13.64
CA LEU C 352 -20.39 -38.80 -12.61
C LEU C 352 -19.71 -40.05 -13.11
N GLU C 353 -20.37 -40.77 -14.00
CA GLU C 353 -19.81 -41.93 -14.61
C GLU C 353 -18.58 -41.65 -15.47
N ALA C 354 -18.62 -40.61 -16.28
CA ALA C 354 -17.48 -40.22 -17.13
C ALA C 354 -16.30 -39.83 -16.30
N GLN C 355 -16.57 -39.24 -15.15
CA GLN C 355 -15.62 -38.79 -14.18
C GLN C 355 -14.81 -39.94 -13.66
N SER C 356 -15.40 -41.10 -13.47
CA SER C 356 -14.64 -42.26 -13.11
C SER C 356 -13.62 -42.67 -14.12
N ALA C 357 -14.03 -42.63 -15.38
CA ALA C 357 -13.17 -42.95 -16.50
C ALA C 357 -12.11 -41.91 -16.71
N LEU C 358 -12.33 -40.72 -16.19
CA LEU C 358 -11.45 -39.60 -16.46
C LEU C 358 -10.12 -39.83 -15.82
N ASN C 359 -9.05 -39.60 -16.53
CA ASN C 359 -7.75 -39.69 -15.94
C ASN C 359 -7.35 -38.32 -15.49
N GLU C 360 -7.65 -38.00 -14.25
CA GLU C 360 -7.40 -36.69 -13.67
C GLU C 360 -5.93 -36.39 -13.59
N TYR C 361 -5.14 -37.40 -13.34
CA TYR C 361 -3.71 -37.28 -13.26
C TYR C 361 -3.01 -36.87 -14.55
N VAL C 362 -3.36 -37.50 -15.66
CA VAL C 362 -2.80 -37.18 -16.95
C VAL C 362 -3.15 -35.78 -17.32
N PHE C 363 -4.37 -35.43 -17.03
CA PHE C 363 -4.89 -34.11 -17.23
C PHE C 363 -4.12 -33.07 -16.46
N PHE C 364 -3.74 -33.36 -15.23
CA PHE C 364 -2.93 -32.43 -14.44
C PHE C 364 -1.56 -32.16 -15.05
N ASN C 365 -0.87 -33.22 -15.40
CA ASN C 365 0.41 -33.16 -16.03
C ASN C 365 0.39 -32.51 -17.41
N SER C 366 -0.62 -32.79 -18.19
CA SER C 366 -0.73 -32.24 -19.50
C SER C 366 -0.90 -30.77 -19.45
N ILE C 367 -1.73 -30.29 -18.54
CA ILE C 367 -1.98 -28.89 -18.35
C ILE C 367 -0.75 -28.13 -17.88
N LYS C 368 -0.06 -28.74 -16.96
CA LYS C 368 1.14 -28.24 -16.33
C LYS C 368 2.28 -28.03 -17.32
N LYS C 369 2.48 -28.95 -18.25
CA LYS C 369 3.46 -28.80 -19.30
C LYS C 369 3.18 -27.67 -20.21
N LEU C 370 1.95 -27.28 -20.38
CA LEU C 370 1.59 -26.23 -21.29
C LEU C 370 1.72 -24.80 -20.79
N GLN C 371 2.00 -24.64 -19.52
CA GLN C 371 2.18 -23.34 -18.94
C GLN C 371 3.55 -22.81 -19.18
N HIS C 372 3.60 -21.52 -19.42
CA HIS C 372 4.81 -20.82 -19.61
C HIS C 372 5.63 -20.77 -18.34
N ILE C 373 6.93 -20.96 -18.48
CA ILE C 373 7.83 -20.93 -17.33
C ILE C 373 8.92 -19.87 -17.52
N PRO C 374 9.08 -19.01 -16.51
CA PRO C 374 8.25 -19.08 -15.31
C PRO C 374 6.84 -18.53 -15.56
N MET C 375 6.05 -18.44 -14.49
CA MET C 375 4.68 -17.93 -14.60
C MET C 375 4.36 -16.96 -13.47
N SER C 376 3.90 -17.50 -12.34
CA SER C 376 3.56 -16.68 -11.19
C SER C 376 3.60 -17.50 -9.90
N ALA C 377 4.05 -16.87 -8.82
CA ALA C 377 4.14 -17.53 -7.54
C ALA C 377 2.88 -18.22 -7.07
N ASP C 378 1.75 -17.57 -7.19
CA ASP C 378 0.49 -18.23 -6.88
C ASP C 378 0.15 -19.41 -7.79
N GLU C 379 0.47 -19.31 -9.07
CA GLU C 379 0.26 -20.42 -9.98
C GLU C 379 1.09 -21.64 -9.65
N ALA C 380 2.33 -21.43 -9.31
CA ALA C 380 3.17 -22.52 -8.87
C ALA C 380 2.65 -23.16 -7.59
N VAL C 381 2.14 -22.34 -6.69
CA VAL C 381 1.63 -22.81 -5.44
C VAL C 381 0.46 -23.72 -5.68
N CYS C 382 -0.44 -23.32 -6.55
CA CYS C 382 -1.58 -24.15 -6.87
C CYS C 382 -1.25 -25.44 -7.58
N SER C 383 -0.38 -25.38 -8.56
CA SER C 383 0.04 -26.56 -9.26
C SER C 383 0.81 -27.56 -8.41
N SER C 384 1.79 -27.08 -7.71
CA SER C 384 2.50 -27.93 -6.82
C SER C 384 1.61 -28.46 -5.67
N ALA C 385 0.65 -27.68 -5.21
CA ALA C 385 -0.25 -28.13 -4.16
C ALA C 385 -1.12 -29.30 -4.57
N VAL C 386 -1.57 -29.28 -5.82
CA VAL C 386 -2.25 -30.39 -6.46
C VAL C 386 -1.34 -31.59 -6.60
N ASN C 387 -0.09 -31.34 -6.93
CA ASN C 387 0.87 -32.39 -7.04
C ASN C 387 1.03 -33.09 -5.69
N SER C 388 0.96 -32.30 -4.64
CA SER C 388 0.93 -32.78 -3.29
C SER C 388 -0.27 -33.62 -3.04
N VAL C 389 -1.39 -33.26 -3.62
CA VAL C 389 -2.56 -34.04 -3.42
C VAL C 389 -2.37 -35.42 -3.98
N TYR C 390 -1.85 -35.52 -5.19
CA TYR C 390 -1.61 -36.81 -5.80
C TYR C 390 -0.55 -37.63 -5.07
N GLU C 391 0.51 -36.98 -4.62
CA GLU C 391 1.56 -37.64 -3.89
C GLU C 391 1.17 -38.24 -2.52
N THR C 392 0.31 -37.56 -1.78
CA THR C 392 -0.17 -38.07 -0.50
C THR C 392 -1.48 -38.83 -0.52
N LYS C 393 -2.14 -38.81 -1.65
CA LYS C 393 -3.52 -39.21 -1.75
C LYS C 393 -4.46 -38.44 -0.86
N ALA C 394 -4.33 -37.14 -0.83
CA ALA C 394 -5.19 -36.29 -0.06
C ALA C 394 -6.63 -36.30 -0.54
N LYS C 395 -7.55 -36.32 0.39
CA LYS C 395 -8.92 -36.52 0.01
C LYS C 395 -9.73 -35.26 -0.12
N ALA C 396 -9.14 -34.13 0.18
CA ALA C 396 -9.75 -32.85 0.02
C ALA C 396 -8.77 -31.72 -0.06
N MET C 397 -9.25 -30.60 -0.49
CA MET C 397 -8.41 -29.48 -0.68
C MET C 397 -9.18 -28.31 -0.17
N VAL C 398 -8.51 -27.36 0.44
CA VAL C 398 -9.17 -26.13 0.86
C VAL C 398 -8.44 -24.93 0.36
N VAL C 399 -9.14 -23.99 -0.25
CA VAL C 399 -8.53 -22.76 -0.66
C VAL C 399 -9.24 -21.55 -0.21
N LEU C 400 -8.51 -20.51 0.09
CA LEU C 400 -9.12 -19.26 0.39
C LEU C 400 -9.16 -18.38 -0.83
N SER C 401 -10.35 -18.05 -1.30
CA SER C 401 -10.52 -17.05 -2.33
C SER C 401 -11.68 -16.12 -2.12
N ASN C 402 -11.41 -14.83 -2.15
CA ASN C 402 -12.44 -13.81 -2.14
C ASN C 402 -12.94 -13.36 -3.52
N THR C 403 -12.03 -13.10 -4.45
CA THR C 403 -12.39 -12.84 -5.83
C THR C 403 -12.85 -14.07 -6.56
N GLY C 404 -12.46 -15.22 -6.08
CA GLY C 404 -12.66 -16.46 -6.79
C GLY C 404 -11.52 -16.85 -7.69
N ARG C 405 -10.57 -15.94 -7.86
CA ARG C 405 -9.40 -16.18 -8.68
C ARG C 405 -8.59 -17.40 -8.19
N SER C 406 -8.28 -17.43 -6.89
CA SER C 406 -7.49 -18.51 -6.38
C SER C 406 -8.14 -19.83 -6.63
N ALA C 407 -9.44 -19.89 -6.48
CA ALA C 407 -10.14 -21.12 -6.73
C ALA C 407 -10.10 -21.64 -8.17
N ARG C 408 -10.23 -20.78 -9.15
CA ARG C 408 -10.11 -21.18 -10.53
C ARG C 408 -8.72 -21.71 -10.86
N LEU C 409 -7.72 -21.06 -10.30
CA LEU C 409 -6.35 -21.40 -10.50
C LEU C 409 -6.00 -22.78 -10.01
N VAL C 410 -6.51 -23.16 -8.87
CA VAL C 410 -6.44 -24.51 -8.39
C VAL C 410 -7.21 -25.59 -9.13
N ALA C 411 -8.44 -25.28 -9.48
CA ALA C 411 -9.34 -26.20 -10.16
C ALA C 411 -8.78 -26.51 -11.51
N LYS C 412 -8.05 -25.55 -12.03
CA LYS C 412 -7.41 -25.63 -13.30
C LYS C 412 -6.45 -26.80 -13.39
N TYR C 413 -5.90 -27.18 -12.26
CA TYR C 413 -4.93 -28.24 -12.23
C TYR C 413 -5.52 -29.60 -12.01
N ARG C 414 -6.82 -29.69 -11.98
CA ARG C 414 -7.46 -30.99 -11.94
C ARG C 414 -7.00 -32.01 -10.87
N PRO C 415 -7.16 -31.66 -9.61
CA PRO C 415 -6.90 -32.59 -8.53
C PRO C 415 -7.92 -33.69 -8.52
N ASN C 416 -7.62 -34.81 -7.89
CA ASN C 416 -8.54 -35.92 -7.93
C ASN C 416 -9.43 -36.00 -6.70
N CYS C 417 -9.62 -34.86 -6.09
CA CYS C 417 -10.37 -34.77 -4.89
C CYS C 417 -11.15 -33.49 -4.93
N PRO C 418 -12.16 -33.36 -4.09
CA PRO C 418 -12.95 -32.15 -4.04
C PRO C 418 -12.14 -30.95 -3.64
N ILE C 419 -12.47 -29.80 -4.13
CA ILE C 419 -11.81 -28.60 -3.74
C ILE C 419 -12.78 -27.77 -2.95
N VAL C 420 -12.38 -27.31 -1.80
CA VAL C 420 -13.30 -26.56 -1.02
C VAL C 420 -12.82 -25.16 -0.88
N CYS C 421 -13.58 -24.23 -1.42
CA CYS C 421 -13.24 -22.85 -1.40
C CYS C 421 -13.94 -22.08 -0.29
N VAL C 422 -13.21 -21.30 0.46
CA VAL C 422 -13.83 -20.55 1.51
C VAL C 422 -13.75 -19.11 1.11
N THR C 423 -14.90 -18.49 0.97
CA THR C 423 -14.98 -17.18 0.40
C THR C 423 -15.75 -16.22 1.29
N THR C 424 -15.37 -14.97 1.25
CA THR C 424 -16.08 -13.94 1.95
C THR C 424 -17.08 -13.21 1.09
N ARG C 425 -17.29 -13.66 -0.13
CA ARG C 425 -18.28 -13.04 -1.00
C ARG C 425 -19.29 -14.05 -1.51
N LEU C 426 -20.55 -13.77 -1.31
CA LEU C 426 -21.62 -14.64 -1.80
C LEU C 426 -21.66 -14.76 -3.31
N GLN C 427 -21.40 -13.68 -4.00
CA GLN C 427 -21.36 -13.66 -5.43
C GLN C 427 -20.28 -14.57 -5.94
N THR C 428 -19.18 -14.64 -5.22
CA THR C 428 -18.12 -15.53 -5.52
C THR C 428 -18.59 -16.95 -5.44
N CYS C 429 -19.42 -17.27 -4.46
CA CYS C 429 -19.96 -18.60 -4.37
C CYS C 429 -20.82 -18.92 -5.59
N ARG C 430 -21.60 -17.98 -6.04
CA ARG C 430 -22.36 -18.20 -7.24
C ARG C 430 -21.51 -18.30 -8.51
N GLN C 431 -20.53 -17.42 -8.65
CA GLN C 431 -19.69 -17.34 -9.83
C GLN C 431 -18.86 -18.58 -10.04
N LEU C 432 -18.51 -19.23 -8.94
CA LEU C 432 -17.76 -20.46 -8.91
C LEU C 432 -18.57 -21.66 -9.28
N ASN C 433 -19.86 -21.46 -9.51
CA ASN C 433 -20.75 -22.50 -9.94
C ASN C 433 -20.49 -22.92 -11.38
N ILE C 434 -19.68 -22.16 -12.10
CA ILE C 434 -19.25 -22.59 -13.41
C ILE C 434 -17.85 -23.18 -13.46
N THR C 435 -17.21 -23.33 -12.31
CA THR C 435 -15.91 -23.91 -12.30
C THR C 435 -16.00 -25.34 -11.85
N GLN C 436 -15.47 -26.27 -12.62
CA GLN C 436 -15.57 -27.66 -12.24
C GLN C 436 -14.82 -27.99 -10.97
N GLY C 437 -15.38 -28.93 -10.24
CA GLY C 437 -14.74 -29.53 -9.11
C GLY C 437 -14.60 -28.69 -7.87
N VAL C 438 -15.39 -27.64 -7.74
CA VAL C 438 -15.27 -26.71 -6.64
C VAL C 438 -16.57 -26.51 -5.86
N GLU C 439 -16.44 -26.49 -4.55
CA GLU C 439 -17.56 -26.20 -3.68
C GLU C 439 -17.23 -25.04 -2.78
N SER C 440 -18.20 -24.17 -2.56
CA SER C 440 -17.97 -22.96 -1.82
C SER C 440 -18.61 -22.94 -0.42
N VAL C 441 -17.88 -22.39 0.53
CA VAL C 441 -18.37 -22.12 1.85
C VAL C 441 -18.29 -20.64 2.08
N PHE C 442 -19.39 -19.99 2.37
CA PHE C 442 -19.35 -18.58 2.64
C PHE C 442 -18.93 -18.30 4.10
N PHE C 443 -18.03 -17.36 4.31
CA PHE C 443 -17.58 -16.93 5.61
C PHE C 443 -17.87 -15.46 5.71
N ASP C 444 -18.71 -15.10 6.65
CA ASP C 444 -19.20 -13.74 6.78
C ASP C 444 -18.20 -12.95 7.55
N ALA C 445 -17.46 -12.14 6.85
CA ALA C 445 -16.41 -11.39 7.45
C ALA C 445 -17.00 -10.46 8.47
N ASP C 446 -18.16 -9.90 8.18
CA ASP C 446 -18.76 -8.91 9.05
C ASP C 446 -19.11 -9.48 10.41
N LYS C 447 -19.86 -10.55 10.42
CA LYS C 447 -20.19 -11.24 11.61
C LYS C 447 -18.97 -11.83 12.30
N LEU C 448 -18.09 -12.48 11.54
CA LEU C 448 -16.98 -13.21 12.13
C LEU C 448 -15.62 -12.58 12.05
N GLY C 449 -15.50 -11.40 11.51
CA GLY C 449 -14.21 -10.77 11.44
C GLY C 449 -13.37 -11.12 10.23
N HIS C 450 -12.33 -10.34 10.02
CA HIS C 450 -11.48 -10.40 8.86
C HIS C 450 -10.55 -11.61 8.75
N ASP C 451 -10.35 -12.31 9.84
CA ASP C 451 -9.60 -13.55 9.87
C ASP C 451 -8.23 -13.52 9.22
N GLU C 452 -7.42 -12.54 9.60
CA GLU C 452 -6.13 -12.32 8.95
C GLU C 452 -5.16 -13.46 9.16
N GLY C 453 -5.29 -14.20 10.24
CA GLY C 453 -4.40 -15.32 10.44
C GLY C 453 -4.86 -16.60 9.81
N LYS C 454 -6.07 -16.54 9.28
CA LYS C 454 -6.60 -17.50 8.33
C LYS C 454 -7.10 -18.77 8.97
N GLU C 455 -6.93 -18.87 10.27
CA GLU C 455 -7.34 -20.05 11.01
C GLU C 455 -8.82 -20.36 10.99
N HIS C 456 -9.66 -19.35 11.08
CA HIS C 456 -11.09 -19.58 11.01
C HIS C 456 -11.63 -20.05 9.69
N ARG C 457 -11.23 -19.39 8.62
CA ARG C 457 -11.68 -19.76 7.30
C ARG C 457 -11.21 -21.17 7.03
N VAL C 458 -9.99 -21.47 7.42
CA VAL C 458 -9.50 -22.78 7.28
C VAL C 458 -10.26 -23.81 8.04
N ALA C 459 -10.67 -23.52 9.26
CA ALA C 459 -11.44 -24.46 10.05
C ALA C 459 -12.79 -24.76 9.40
N ALA C 460 -13.42 -23.73 8.86
CA ALA C 460 -14.69 -23.86 8.19
C ALA C 460 -14.64 -24.71 6.94
N GLY C 461 -13.63 -24.51 6.11
CA GLY C 461 -13.47 -25.37 4.96
C GLY C 461 -13.22 -26.80 5.31
N VAL C 462 -12.38 -27.04 6.30
CA VAL C 462 -12.17 -28.39 6.75
C VAL C 462 -13.43 -29.02 7.34
N GLU C 463 -14.19 -28.26 8.12
CA GLU C 463 -15.41 -28.77 8.71
C GLU C 463 -16.43 -29.13 7.66
N PHE C 464 -16.52 -28.30 6.65
CA PHE C 464 -17.42 -28.57 5.55
C PHE C 464 -17.01 -29.85 4.87
N ALA C 465 -15.73 -30.08 4.72
CA ALA C 465 -15.25 -31.31 4.12
C ALA C 465 -15.57 -32.53 4.93
N LYS C 466 -15.51 -32.40 6.24
CA LYS C 466 -15.90 -33.46 7.16
C LYS C 466 -17.37 -33.73 7.04
N SER C 467 -18.12 -32.66 6.99
CA SER C 467 -19.55 -32.74 6.92
C SER C 467 -20.09 -33.43 5.68
N LYS C 468 -19.46 -33.24 4.53
CA LYS C 468 -19.93 -33.86 3.31
C LYS C 468 -19.29 -35.23 3.19
N GLY C 469 -18.44 -35.56 4.11
CA GLY C 469 -17.83 -36.86 4.13
C GLY C 469 -16.62 -37.12 3.27
N TYR C 470 -16.06 -36.06 2.70
CA TYR C 470 -14.85 -36.16 1.91
C TYR C 470 -13.68 -36.60 2.74
N VAL C 471 -13.61 -36.14 3.98
CA VAL C 471 -12.55 -36.51 4.90
C VAL C 471 -12.94 -37.05 6.28
N GLN C 472 -12.09 -37.87 6.85
CA GLN C 472 -12.23 -38.37 8.20
C GLN C 472 -10.89 -38.14 8.84
N THR C 473 -10.82 -38.43 10.14
CA THR C 473 -9.65 -38.16 10.91
C THR C 473 -8.58 -39.05 10.35
N GLY C 474 -7.39 -38.51 10.31
CA GLY C 474 -6.24 -39.19 9.78
C GLY C 474 -6.00 -38.95 8.32
N ASP C 475 -6.93 -38.32 7.64
CA ASP C 475 -6.80 -37.92 6.26
C ASP C 475 -5.99 -36.64 6.06
N TYR C 476 -5.43 -36.50 4.88
CA TYR C 476 -4.71 -35.32 4.55
C TYR C 476 -5.61 -34.38 3.86
N CYS C 477 -5.48 -33.13 4.20
CA CYS C 477 -6.14 -32.08 3.50
C CYS C 477 -5.10 -31.06 3.08
N VAL C 478 -5.07 -30.70 1.82
CA VAL C 478 -4.07 -29.77 1.32
C VAL C 478 -4.68 -28.42 1.25
N VAL C 479 -4.02 -27.46 1.86
CA VAL C 479 -4.58 -26.16 2.14
C VAL C 479 -3.77 -25.04 1.51
N ILE C 480 -4.44 -24.07 0.93
CA ILE C 480 -3.81 -22.99 0.20
C ILE C 480 -4.26 -21.58 0.59
N HIS C 481 -3.34 -20.74 0.98
CA HIS C 481 -3.62 -19.35 1.25
C HIS C 481 -2.32 -18.62 1.39
N ALA C 482 -2.39 -17.35 1.74
CA ALA C 482 -1.22 -16.61 2.10
C ALA C 482 -0.73 -16.88 3.51
N ASP C 483 0.51 -16.51 3.71
CA ASP C 483 1.11 -16.48 5.01
C ASP C 483 0.73 -15.17 5.63
N HIS C 484 1.30 -14.89 6.77
CA HIS C 484 0.94 -13.70 7.50
C HIS C 484 1.28 -12.38 6.86
N LYS C 485 2.43 -12.26 6.24
CA LYS C 485 2.77 -11.07 5.50
C LYS C 485 2.09 -10.76 4.13
N VAL C 486 2.06 -11.73 3.24
CA VAL C 486 1.64 -11.52 1.85
C VAL C 486 0.17 -11.23 1.61
N LYS C 487 -0.08 -10.27 0.74
CA LYS C 487 -1.43 -9.83 0.42
C LYS C 487 -1.73 -9.84 -1.07
N GLY C 488 -2.95 -10.24 -1.42
CA GLY C 488 -3.39 -10.26 -2.78
C GLY C 488 -3.28 -11.55 -3.55
N TYR C 489 -2.56 -12.51 -3.01
CA TYR C 489 -2.47 -13.83 -3.59
C TYR C 489 -2.08 -14.82 -2.53
N ALA C 490 -2.14 -16.09 -2.86
CA ALA C 490 -1.72 -17.09 -1.94
C ALA C 490 -0.33 -17.56 -2.29
N ASN C 491 0.57 -17.44 -1.34
CA ASN C 491 1.93 -17.91 -1.51
C ASN C 491 2.28 -19.17 -0.73
N GLN C 492 1.32 -19.82 -0.13
CA GLN C 492 1.57 -20.92 0.77
C GLN C 492 0.74 -22.20 0.56
N THR C 493 1.34 -23.33 0.78
CA THR C 493 0.64 -24.58 0.83
C THR C 493 0.98 -25.35 2.08
N ARG C 494 0.00 -26.00 2.67
CA ARG C 494 0.21 -26.86 3.82
C ARG C 494 -0.50 -28.17 3.69
N ILE C 495 0.14 -29.24 4.08
CA ILE C 495 -0.55 -30.49 4.20
C ILE C 495 -0.89 -30.72 5.65
N LEU C 496 -2.17 -30.67 6.01
CA LEU C 496 -2.60 -30.94 7.38
C LEU C 496 -3.39 -32.18 7.59
N LEU C 497 -3.16 -32.81 8.72
CA LEU C 497 -3.83 -34.03 9.13
C LEU C 497 -5.14 -33.66 9.74
N VAL C 498 -6.21 -34.38 9.44
CA VAL C 498 -7.51 -34.00 9.96
C VAL C 498 -7.96 -34.76 11.18
N GLU C 499 -8.47 -34.02 12.17
CA GLU C 499 -8.93 -34.63 13.41
C GLU C 499 -10.44 -34.45 13.58
N SER D 2 -105.74 -8.62 -20.46
CA SER D 2 -106.70 -9.35 -19.70
C SER D 2 -107.97 -8.54 -19.64
N GLN D 3 -109.06 -9.18 -19.33
CA GLN D 3 -110.32 -8.50 -19.27
C GLN D 3 -110.29 -7.55 -18.11
N LEU D 4 -109.55 -7.90 -17.09
CA LEU D 4 -109.43 -7.10 -15.91
C LEU D 4 -108.77 -5.77 -16.15
N ALA D 5 -107.62 -5.80 -16.79
CA ALA D 5 -106.74 -4.67 -16.94
C ALA D 5 -107.47 -3.60 -17.69
N HIS D 6 -108.03 -4.11 -18.79
CA HIS D 6 -108.96 -3.45 -19.72
C HIS D 6 -110.19 -2.81 -19.12
N ASN D 7 -110.79 -3.43 -18.13
CA ASN D 7 -111.93 -2.82 -17.47
C ASN D 7 -111.51 -1.51 -16.89
N LEU D 8 -110.25 -1.46 -16.56
CA LEU D 8 -109.55 -0.37 -15.91
C LEU D 8 -109.34 0.83 -16.82
N THR D 9 -109.29 0.58 -18.10
CA THR D 9 -109.19 1.62 -19.09
C THR D 9 -110.51 2.17 -19.48
N LEU D 10 -111.62 1.57 -19.07
CA LEU D 10 -112.93 2.10 -19.43
C LEU D 10 -113.34 3.35 -18.69
N SER D 11 -114.17 4.17 -19.31
CA SER D 11 -114.81 5.30 -18.62
C SER D 11 -116.27 5.48 -18.96
N ILE D 12 -117.07 5.89 -18.00
CA ILE D 12 -118.46 6.17 -18.28
C ILE D 12 -118.66 7.31 -19.25
N PHE D 13 -117.69 8.23 -19.28
CA PHE D 13 -117.77 9.38 -20.18
C PHE D 13 -117.18 9.14 -21.58
N ASP D 14 -116.84 7.90 -21.90
CA ASP D 14 -116.31 7.61 -23.20
C ASP D 14 -117.47 7.81 -24.15
N PRO D 15 -117.20 8.44 -25.27
CA PRO D 15 -118.23 8.63 -26.28
C PRO D 15 -118.57 7.34 -26.97
N VAL D 16 -119.83 7.09 -27.25
CA VAL D 16 -120.19 5.90 -27.98
C VAL D 16 -119.94 6.03 -29.45
N ALA D 17 -120.07 4.93 -30.15
CA ALA D 17 -119.79 4.85 -31.57
C ALA D 17 -120.81 5.51 -32.49
N ASN D 18 -120.40 5.72 -33.73
CA ASN D 18 -121.29 6.26 -34.72
C ASN D 18 -122.12 5.20 -35.39
N TYR D 19 -121.92 3.96 -34.98
CA TYR D 19 -122.71 2.87 -35.47
C TYR D 19 -123.02 1.86 -34.39
N ARG D 20 -124.18 1.22 -34.47
CA ARG D 20 -124.52 0.13 -33.59
C ARG D 20 -124.43 -1.20 -34.33
N ALA D 21 -123.50 -2.03 -33.89
CA ALA D 21 -123.31 -3.36 -34.45
C ALA D 21 -124.41 -4.38 -34.25
N ALA D 22 -124.92 -4.47 -33.05
CA ALA D 22 -125.93 -5.44 -32.72
C ALA D 22 -127.27 -5.14 -33.33
N ARG D 23 -128.04 -6.16 -33.61
CA ARG D 23 -129.33 -6.06 -34.23
C ARG D 23 -130.50 -6.42 -33.34
N ILE D 24 -131.59 -5.72 -33.52
CA ILE D 24 -132.76 -5.92 -32.70
C ILE D 24 -133.90 -6.54 -33.43
N ILE D 25 -134.50 -7.54 -32.80
CA ILE D 25 -135.61 -8.28 -33.34
C ILE D 25 -136.87 -8.02 -32.55
N CYS D 26 -137.98 -7.76 -33.22
CA CYS D 26 -139.22 -7.45 -32.55
C CYS D 26 -140.32 -8.37 -32.97
N THR D 27 -141.06 -8.85 -32.01
CA THR D 27 -142.20 -9.69 -32.25
C THR D 27 -143.40 -8.80 -32.44
N ILE D 28 -144.17 -9.09 -33.46
CA ILE D 28 -145.28 -8.25 -33.83
C ILE D 28 -146.62 -8.79 -33.39
N GLY D 29 -147.28 -8.03 -32.57
CA GLY D 29 -148.55 -8.34 -32.01
C GLY D 29 -149.45 -7.15 -32.11
N PRO D 30 -150.49 -7.16 -31.30
CA PRO D 30 -151.58 -6.22 -31.35
C PRO D 30 -151.12 -4.81 -31.13
N SER D 31 -150.15 -4.62 -30.27
CA SER D 31 -149.51 -3.35 -30.09
C SER D 31 -148.75 -2.85 -31.33
N THR D 32 -148.25 -3.73 -32.16
CA THR D 32 -147.32 -3.31 -33.19
C THR D 32 -147.61 -3.60 -34.65
N GLN D 33 -148.81 -4.09 -34.89
CA GLN D 33 -149.24 -4.49 -36.21
C GLN D 33 -149.47 -3.38 -37.23
N SER D 34 -149.92 -2.27 -36.72
CA SER D 34 -150.25 -1.16 -37.55
C SER D 34 -149.02 -0.60 -38.18
N VAL D 35 -149.19 -0.11 -39.36
CA VAL D 35 -148.13 0.42 -40.15
C VAL D 35 -147.50 1.57 -39.42
N GLU D 36 -148.29 2.39 -38.78
CA GLU D 36 -147.73 3.46 -38.00
C GLU D 36 -146.88 2.95 -36.86
N ALA D 37 -147.35 1.92 -36.17
CA ALA D 37 -146.57 1.34 -35.09
C ALA D 37 -145.26 0.75 -35.60
N LEU D 38 -145.33 0.07 -36.72
CA LEU D 38 -144.17 -0.53 -37.34
C LEU D 38 -143.14 0.47 -37.78
N LYS D 39 -143.59 1.60 -38.29
CA LYS D 39 -142.74 2.68 -38.65
C LYS D 39 -142.02 3.22 -37.46
N GLY D 40 -142.71 3.29 -36.35
CA GLY D 40 -142.12 3.69 -35.10
C GLY D 40 -141.05 2.74 -34.64
N LEU D 41 -141.30 1.46 -34.81
CA LEU D 41 -140.37 0.41 -34.46
C LEU D 41 -139.09 0.46 -35.27
N ILE D 42 -139.20 0.67 -36.56
CA ILE D 42 -138.06 0.73 -37.42
C ILE D 42 -137.18 1.90 -37.08
N GLN D 43 -137.80 3.03 -36.87
CA GLN D 43 -137.12 4.24 -36.51
C GLN D 43 -136.46 4.13 -35.15
N SER D 44 -137.10 3.36 -34.31
CA SER D 44 -136.62 3.10 -32.99
C SER D 44 -135.45 2.16 -33.04
N GLY D 45 -135.33 1.43 -34.12
CA GLY D 45 -134.26 0.47 -34.23
C GLY D 45 -134.48 -0.98 -34.58
N MET D 46 -135.64 -1.36 -35.07
CA MET D 46 -135.91 -2.75 -35.42
C MET D 46 -135.32 -3.19 -36.75
N SER D 47 -134.59 -4.27 -36.77
CA SER D 47 -134.08 -4.77 -38.01
C SER D 47 -134.79 -5.99 -38.51
N VAL D 48 -135.42 -6.72 -37.62
CA VAL D 48 -136.10 -7.94 -37.96
C VAL D 48 -137.47 -7.99 -37.34
N ALA D 49 -138.49 -8.31 -38.11
CA ALA D 49 -139.79 -8.49 -37.51
C ALA D 49 -140.20 -9.96 -37.40
N ARG D 50 -140.58 -10.36 -36.21
CA ARG D 50 -140.89 -11.74 -35.92
C ARG D 50 -142.37 -11.97 -35.77
N MET D 51 -142.87 -12.97 -36.47
CA MET D 51 -144.24 -13.41 -36.35
C MET D 51 -144.27 -14.74 -35.64
N ASN D 52 -145.03 -14.84 -34.57
CA ASN D 52 -145.12 -16.07 -33.84
C ASN D 52 -146.37 -16.84 -34.18
N PHE D 53 -146.18 -17.99 -34.77
CA PHE D 53 -147.25 -18.76 -35.35
C PHE D 53 -147.95 -19.60 -34.32
N SER D 54 -147.52 -19.48 -33.08
CA SER D 54 -148.25 -20.01 -31.95
C SER D 54 -149.48 -19.19 -31.68
N HIS D 55 -149.52 -17.99 -32.20
CA HIS D 55 -150.60 -17.07 -31.95
C HIS D 55 -151.02 -16.59 -33.31
N GLY D 56 -152.25 -16.15 -33.44
CA GLY D 56 -152.71 -15.63 -34.70
C GLY D 56 -153.04 -16.71 -35.67
N SER D 57 -153.07 -16.38 -36.93
CA SER D 57 -153.51 -17.28 -37.95
C SER D 57 -152.83 -16.78 -39.17
N HIS D 58 -152.99 -17.47 -40.28
CA HIS D 58 -152.32 -17.07 -41.48
C HIS D 58 -152.83 -15.73 -41.83
N GLU D 59 -154.11 -15.55 -41.58
CA GLU D 59 -154.75 -14.29 -41.88
C GLU D 59 -154.18 -13.16 -41.08
N TYR D 60 -153.99 -13.34 -39.79
CA TYR D 60 -153.42 -12.30 -38.97
C TYR D 60 -152.01 -11.93 -39.34
N HIS D 61 -151.22 -12.98 -39.54
CA HIS D 61 -149.82 -12.87 -39.90
C HIS D 61 -149.56 -12.29 -41.27
N GLN D 62 -150.49 -12.49 -42.17
CA GLN D 62 -150.44 -11.89 -43.49
C GLN D 62 -150.53 -10.41 -43.35
N THR D 63 -151.38 -9.95 -42.47
CA THR D 63 -151.55 -8.54 -42.29
C THR D 63 -150.23 -7.96 -41.87
N THR D 64 -149.52 -8.68 -40.99
CA THR D 64 -148.24 -8.26 -40.49
C THR D 64 -147.20 -8.17 -41.59
N ILE D 65 -147.20 -9.13 -42.47
CA ILE D 65 -146.30 -9.15 -43.57
C ILE D 65 -146.49 -7.98 -44.48
N ASN D 66 -147.73 -7.71 -44.81
CA ASN D 66 -148.06 -6.60 -45.66
C ASN D 66 -147.71 -5.31 -45.00
N ASN D 67 -148.03 -5.20 -43.75
CA ASN D 67 -147.69 -4.02 -43.04
C ASN D 67 -146.20 -3.73 -42.89
N VAL D 68 -145.40 -4.78 -42.73
CA VAL D 68 -143.97 -4.63 -42.62
C VAL D 68 -143.38 -4.13 -43.93
N ARG D 69 -143.79 -4.75 -45.00
CA ARG D 69 -143.32 -4.37 -46.28
C ARG D 69 -143.72 -2.93 -46.62
N GLN D 70 -144.96 -2.55 -46.32
CA GLN D 70 -145.44 -1.20 -46.55
C GLN D 70 -144.73 -0.15 -45.72
N ALA D 71 -144.51 -0.45 -44.45
CA ALA D 71 -143.76 0.43 -43.59
C ALA D 71 -142.29 0.59 -43.99
N ALA D 72 -141.65 -0.51 -44.34
CA ALA D 72 -140.28 -0.50 -44.79
C ALA D 72 -140.13 0.28 -46.07
N ALA D 73 -141.08 0.09 -46.97
CA ALA D 73 -141.06 0.74 -48.26
C ALA D 73 -141.16 2.22 -48.15
N GLU D 74 -142.01 2.68 -47.25
CA GLU D 74 -142.19 4.07 -46.95
C GLU D 74 -140.98 4.69 -46.35
N LEU D 75 -140.15 3.91 -45.71
CA LEU D 75 -139.01 4.44 -45.01
C LEU D 75 -137.73 4.17 -45.75
N GLY D 76 -137.86 3.57 -46.91
CA GLY D 76 -136.74 3.21 -47.72
C GLY D 76 -135.72 2.29 -47.12
N VAL D 77 -136.17 1.24 -46.47
CA VAL D 77 -135.28 0.35 -45.77
C VAL D 77 -135.66 -1.07 -46.00
N ASN D 78 -134.76 -1.99 -45.74
CA ASN D 78 -135.05 -3.38 -45.91
C ASN D 78 -135.16 -4.07 -44.54
N ILE D 79 -136.29 -4.69 -44.25
CA ILE D 79 -136.51 -5.34 -42.98
C ILE D 79 -136.73 -6.83 -43.16
N ALA D 80 -135.99 -7.66 -42.46
CA ALA D 80 -136.18 -9.09 -42.53
C ALA D 80 -137.49 -9.48 -41.91
N ILE D 81 -138.13 -10.50 -42.45
CA ILE D 81 -139.33 -11.06 -41.89
C ILE D 81 -139.07 -12.48 -41.45
N ALA D 82 -139.38 -12.79 -40.21
CA ALA D 82 -139.08 -14.09 -39.66
C ALA D 82 -140.34 -14.82 -39.28
N LEU D 83 -140.45 -16.08 -39.63
CA LEU D 83 -141.55 -16.88 -39.19
C LEU D 83 -141.13 -17.87 -38.08
N ASP D 84 -141.77 -17.55 -36.96
CA ASP D 84 -141.65 -18.21 -35.71
C ASP D 84 -142.79 -19.19 -35.49
N THR D 85 -142.51 -20.45 -35.75
CA THR D 85 -143.50 -21.52 -35.70
C THR D 85 -144.09 -21.83 -34.31
N LYS D 86 -145.31 -22.33 -34.32
CA LYS D 86 -145.95 -22.72 -33.10
C LYS D 86 -145.20 -23.93 -32.58
N GLY D 87 -144.94 -24.88 -33.43
CA GLY D 87 -144.20 -26.06 -33.07
C GLY D 87 -145.05 -27.07 -32.35
N PRO D 88 -144.52 -28.23 -32.12
CA PRO D 88 -145.26 -29.26 -31.38
C PRO D 88 -145.52 -28.84 -29.95
N GLU D 89 -146.71 -29.06 -29.40
CA GLU D 89 -147.03 -28.74 -28.01
C GLU D 89 -147.60 -30.00 -27.33
N ILE D 90 -147.31 -30.13 -26.03
CA ILE D 90 -147.98 -31.06 -25.14
C ILE D 90 -148.94 -30.25 -24.30
N ARG D 91 -150.20 -30.69 -24.34
CA ARG D 91 -151.27 -30.09 -23.55
C ARG D 91 -152.10 -31.15 -22.79
N THR D 92 -152.63 -30.73 -21.65
CA THR D 92 -153.71 -31.51 -20.99
C THR D 92 -154.98 -31.41 -21.80
N GLY D 93 -155.94 -32.25 -21.45
CA GLY D 93 -157.28 -32.15 -21.98
C GLY D 93 -158.09 -31.16 -21.18
N GLN D 94 -159.41 -31.33 -21.27
CA GLN D 94 -160.41 -30.57 -20.53
C GLN D 94 -160.68 -31.20 -19.17
N PHE D 95 -161.09 -30.39 -18.21
CA PHE D 95 -161.61 -30.89 -16.94
C PHE D 95 -163.12 -30.64 -16.81
N VAL D 96 -163.80 -31.52 -16.09
CA VAL D 96 -165.23 -31.37 -15.79
C VAL D 96 -165.44 -30.11 -14.93
N GLY D 97 -166.49 -29.33 -15.24
CA GLY D 97 -166.72 -28.03 -14.61
C GLY D 97 -165.76 -26.95 -15.09
N GLY D 98 -165.03 -27.21 -16.18
CA GLY D 98 -164.08 -26.26 -16.74
C GLY D 98 -162.72 -26.19 -16.04
N ASP D 99 -162.64 -26.72 -14.82
CA ASP D 99 -161.52 -26.49 -13.90
C ASP D 99 -161.19 -27.75 -13.06
N ALA D 100 -160.03 -27.80 -12.41
CA ALA D 100 -159.70 -28.91 -11.49
C ALA D 100 -158.66 -28.57 -10.42
N VAL D 101 -159.02 -28.80 -9.16
CA VAL D 101 -158.34 -28.28 -7.99
C VAL D 101 -157.31 -29.28 -7.42
N MET D 102 -156.05 -29.13 -7.79
CA MET D 102 -154.96 -30.08 -7.43
C MET D 102 -154.32 -29.78 -6.07
N GLU D 103 -154.47 -30.67 -5.09
CA GLU D 103 -153.97 -30.39 -3.73
C GLU D 103 -152.63 -31.06 -3.46
N ARG D 104 -151.81 -30.48 -2.60
CA ARG D 104 -150.51 -31.06 -2.28
C ARG D 104 -150.68 -32.40 -1.53
N GLY D 105 -149.89 -33.41 -1.88
CA GLY D 105 -149.98 -34.71 -1.21
C GLY D 105 -150.95 -35.72 -1.88
N ALA D 106 -151.95 -35.21 -2.63
CA ALA D 106 -152.95 -36.03 -3.35
C ALA D 106 -152.36 -36.95 -4.43
N THR D 107 -153.05 -38.06 -4.70
CA THR D 107 -152.76 -38.90 -5.85
C THR D 107 -153.71 -38.59 -7.02
N CYS D 108 -153.14 -38.46 -8.22
CA CYS D 108 -153.95 -38.33 -9.46
C CYS D 108 -153.38 -39.20 -10.57
N TYR D 109 -154.13 -39.37 -11.65
CA TYR D 109 -153.79 -40.35 -12.69
C TYR D 109 -153.76 -39.56 -13.99
N VAL D 110 -152.67 -39.66 -14.73
CA VAL D 110 -152.58 -38.92 -16.01
C VAL D 110 -152.59 -39.99 -17.10
N THR D 111 -153.46 -39.81 -18.07
CA THR D 111 -153.62 -40.83 -19.05
C THR D 111 -153.52 -40.28 -20.44
N THR D 112 -153.05 -41.09 -21.38
CA THR D 112 -153.15 -40.72 -22.78
C THR D 112 -154.28 -41.41 -23.52
N ASP D 113 -155.15 -42.09 -22.77
CA ASP D 113 -156.37 -42.68 -23.34
C ASP D 113 -157.28 -41.54 -23.86
N PRO D 114 -157.54 -41.49 -25.18
CA PRO D 114 -158.23 -40.31 -25.73
C PRO D 114 -159.71 -40.22 -25.30
N ALA D 115 -160.30 -41.35 -24.89
CA ALA D 115 -161.63 -41.34 -24.21
C ALA D 115 -161.79 -40.23 -23.13
N PHE D 116 -160.67 -39.80 -22.54
CA PHE D 116 -160.66 -38.84 -21.39
C PHE D 116 -160.43 -37.36 -21.70
N ALA D 117 -160.37 -37.01 -22.98
CA ALA D 117 -159.96 -35.64 -23.39
C ALA D 117 -160.95 -34.54 -22.96
N ASP D 118 -162.22 -34.90 -22.81
CA ASP D 118 -163.25 -33.93 -22.40
C ASP D 118 -163.91 -34.28 -21.06
N LYS D 119 -163.24 -35.10 -20.25
CA LYS D 119 -163.79 -35.56 -18.94
C LYS D 119 -162.70 -35.89 -17.92
N GLY D 120 -161.65 -35.07 -17.92
CA GLY D 120 -160.67 -35.16 -16.84
C GLY D 120 -161.28 -34.70 -15.52
N THR D 121 -160.60 -34.98 -14.41
CA THR D 121 -161.01 -34.47 -13.10
C THR D 121 -159.72 -34.43 -12.33
N LYS D 122 -159.74 -33.89 -11.12
CA LYS D 122 -158.51 -33.91 -10.34
C LYS D 122 -157.96 -35.33 -10.16
N ASP D 123 -158.86 -36.33 -10.23
CA ASP D 123 -158.56 -37.75 -10.08
C ASP D 123 -157.84 -38.35 -11.27
N LYS D 124 -158.32 -38.04 -12.47
CA LYS D 124 -157.72 -38.57 -13.68
C LYS D 124 -158.01 -37.72 -14.89
N PHE D 125 -156.97 -37.36 -15.60
CA PHE D 125 -157.16 -36.54 -16.80
C PHE D 125 -156.17 -36.89 -17.90
N TYR D 126 -156.42 -36.30 -19.05
CA TYR D 126 -155.70 -36.63 -20.26
C TYR D 126 -154.57 -35.61 -20.51
N ILE D 127 -153.42 -36.12 -20.96
CA ILE D 127 -152.32 -35.38 -21.53
C ILE D 127 -152.20 -35.88 -22.97
N ASP D 128 -152.11 -34.99 -23.94
CA ASP D 128 -152.32 -35.43 -25.33
C ASP D 128 -151.08 -35.97 -26.05
N TYR D 129 -150.01 -36.27 -25.33
CA TYR D 129 -148.78 -36.76 -25.95
C TYR D 129 -148.77 -38.25 -25.80
N GLN D 130 -149.04 -38.95 -26.91
CA GLN D 130 -149.34 -40.39 -26.86
C GLN D 130 -148.20 -41.25 -26.36
N ASN D 131 -147.00 -40.74 -26.51
CA ASN D 131 -145.82 -41.42 -26.00
C ASN D 131 -145.50 -41.08 -24.59
N LEU D 132 -146.37 -40.41 -23.82
CA LEU D 132 -145.99 -39.98 -22.43
C LEU D 132 -145.36 -41.11 -21.61
N SER D 133 -146.02 -42.29 -21.57
CA SER D 133 -145.62 -43.43 -20.74
C SER D 133 -144.27 -44.01 -21.11
N LYS D 134 -143.99 -44.07 -22.39
CA LYS D 134 -142.70 -44.60 -22.83
C LYS D 134 -141.56 -43.63 -22.47
N VAL D 135 -141.87 -42.35 -22.37
CA VAL D 135 -140.78 -41.38 -22.23
C VAL D 135 -140.47 -41.11 -20.76
N VAL D 136 -141.45 -41.30 -19.90
CA VAL D 136 -141.24 -40.99 -18.48
C VAL D 136 -140.97 -42.28 -17.68
N ARG D 137 -140.21 -42.17 -16.59
CA ARG D 137 -140.02 -43.26 -15.60
C ARG D 137 -140.37 -42.80 -14.17
N PRO D 138 -140.61 -43.76 -13.23
CA PRO D 138 -140.79 -43.44 -11.80
C PRO D 138 -139.69 -42.49 -11.29
N GLY D 139 -140.07 -41.40 -10.62
CA GLY D 139 -139.14 -40.42 -10.08
C GLY D 139 -139.14 -39.15 -10.91
N ASN D 140 -139.31 -39.29 -12.22
CA ASN D 140 -139.44 -38.12 -13.13
C ASN D 140 -140.56 -37.16 -12.73
N TYR D 141 -140.39 -35.91 -13.13
CA TYR D 141 -141.33 -34.86 -12.82
C TYR D 141 -142.12 -34.47 -14.08
N ILE D 142 -143.38 -34.11 -13.88
CA ILE D 142 -144.24 -33.68 -14.98
C ILE D 142 -144.82 -32.30 -14.66
N TYR D 143 -144.38 -31.29 -15.41
CA TYR D 143 -144.79 -29.89 -15.12
C TYR D 143 -146.02 -29.49 -15.91
N ILE D 144 -146.97 -28.85 -15.22
CA ILE D 144 -148.21 -28.42 -15.85
C ILE D 144 -148.50 -26.97 -15.49
N ASP D 145 -148.92 -26.20 -16.48
CA ASP D 145 -149.18 -24.79 -16.29
C ASP D 145 -148.05 -23.77 -16.14
N ASP D 146 -147.08 -23.82 -17.05
CA ASP D 146 -145.92 -22.96 -16.92
C ASP D 146 -144.85 -23.57 -15.98
N GLY D 147 -145.03 -24.85 -15.64
CA GLY D 147 -144.20 -25.50 -14.58
C GLY D 147 -144.70 -25.20 -13.14
N ILE D 148 -145.88 -24.62 -13.02
CA ILE D 148 -146.39 -24.19 -11.72
C ILE D 148 -146.82 -25.38 -10.87
N LEU D 149 -147.49 -26.33 -11.50
CA LEU D 149 -147.99 -27.53 -10.83
C LEU D 149 -146.96 -28.61 -11.15
N ILE D 150 -146.37 -29.18 -10.10
CA ILE D 150 -145.34 -30.19 -10.32
C ILE D 150 -145.88 -31.50 -9.81
N LEU D 151 -146.18 -32.41 -10.75
CA LEU D 151 -146.59 -33.74 -10.38
C LEU D 151 -145.32 -34.58 -10.42
N GLN D 152 -145.22 -35.57 -9.54
CA GLN D 152 -144.18 -36.59 -9.66
C GLN D 152 -144.70 -37.98 -10.00
N VAL D 153 -144.04 -38.61 -10.97
CA VAL D 153 -144.41 -39.92 -11.43
C VAL D 153 -144.02 -41.03 -10.45
N GLN D 154 -145.04 -41.82 -10.05
CA GLN D 154 -144.81 -42.88 -9.07
C GLN D 154 -144.74 -44.22 -9.79
N SER D 155 -145.69 -44.49 -10.69
CA SER D 155 -145.75 -45.77 -11.35
C SER D 155 -146.60 -45.73 -12.58
N HIS D 156 -146.53 -46.80 -13.35
CA HIS D 156 -147.40 -47.05 -14.47
C HIS D 156 -148.60 -47.81 -13.93
N GLU D 157 -149.71 -47.11 -13.70
CA GLU D 157 -151.00 -47.80 -13.44
C GLU D 157 -151.28 -48.78 -14.57
N ASP D 158 -151.17 -48.34 -15.82
CA ASP D 158 -151.26 -49.27 -16.96
C ASP D 158 -150.46 -48.77 -18.14
N GLU D 159 -150.67 -49.33 -19.31
CA GLU D 159 -149.85 -48.93 -20.42
C GLU D 159 -150.06 -47.51 -20.96
N GLN D 160 -151.14 -46.85 -20.53
CA GLN D 160 -151.50 -45.49 -20.95
C GLN D 160 -151.71 -44.52 -19.81
N THR D 161 -151.51 -44.97 -18.58
CA THR D 161 -151.89 -44.16 -17.44
C THR D 161 -150.76 -44.20 -16.43
N LEU D 162 -150.44 -43.03 -15.88
CA LEU D 162 -149.41 -42.88 -14.88
C LEU D 162 -150.05 -42.49 -13.55
N GLU D 163 -149.68 -43.18 -12.48
CA GLU D 163 -150.09 -42.75 -11.14
C GLU D 163 -149.10 -41.66 -10.75
N CYS D 164 -149.59 -40.50 -10.33
CA CYS D 164 -148.73 -39.38 -9.93
C CYS D 164 -149.02 -38.94 -8.50
N THR D 165 -147.99 -38.42 -7.82
CA THR D 165 -148.16 -37.57 -6.61
C THR D 165 -148.27 -36.09 -7.00
N VAL D 166 -149.15 -35.34 -6.36
CA VAL D 166 -149.13 -33.90 -6.49
C VAL D 166 -148.12 -33.26 -5.47
N THR D 167 -147.04 -32.63 -5.96
CA THR D 167 -146.01 -32.13 -5.04
C THR D 167 -146.29 -30.74 -4.49
N ASN D 168 -147.16 -29.98 -5.17
CA ASN D 168 -147.55 -28.64 -4.66
C ASN D 168 -148.92 -28.25 -5.16
N SER D 169 -149.62 -27.43 -4.38
CA SER D 169 -151.04 -27.14 -4.61
C SER D 169 -151.15 -26.17 -5.77
N HIS D 170 -152.18 -26.34 -6.58
CA HIS D 170 -152.44 -25.40 -7.65
C HIS D 170 -153.72 -25.81 -8.39
N THR D 171 -154.57 -24.83 -8.64
CA THR D 171 -155.76 -25.06 -9.43
C THR D 171 -155.31 -24.91 -10.89
N ILE D 172 -155.71 -25.86 -11.72
CA ILE D 172 -155.40 -25.81 -13.16
C ILE D 172 -156.67 -25.82 -14.02
N SER D 173 -156.75 -24.95 -15.01
CA SER D 173 -157.91 -24.94 -15.93
C SER D 173 -157.64 -25.77 -17.19
N ASP D 174 -158.58 -25.74 -18.14
CA ASP D 174 -158.47 -26.54 -19.38
C ASP D 174 -157.20 -26.32 -20.17
N ARG D 175 -156.65 -27.44 -20.63
CA ARG D 175 -155.64 -27.45 -21.68
C ARG D 175 -154.35 -26.71 -21.40
N ARG D 176 -153.78 -26.93 -20.23
CA ARG D 176 -152.47 -26.33 -19.95
C ARG D 176 -151.31 -27.04 -20.65
N GLY D 177 -150.22 -26.33 -20.88
CA GLY D 177 -149.06 -26.90 -21.51
C GLY D 177 -148.30 -27.74 -20.50
N VAL D 178 -147.64 -28.78 -20.96
CA VAL D 178 -146.90 -29.55 -20.01
C VAL D 178 -145.44 -29.56 -20.46
N ASN D 179 -144.53 -29.73 -19.50
CA ASN D 179 -143.15 -30.00 -19.85
C ASN D 179 -142.65 -31.24 -19.19
N LEU D 180 -141.49 -31.73 -19.62
CA LEU D 180 -140.94 -32.97 -19.18
C LEU D 180 -139.40 -32.86 -18.96
N PRO D 181 -138.98 -32.25 -17.82
CA PRO D 181 -137.59 -31.82 -17.83
C PRO D 181 -136.53 -32.88 -17.87
N GLY D 182 -136.80 -34.08 -17.41
CA GLY D 182 -135.76 -35.11 -17.44
C GLY D 182 -136.08 -36.07 -18.56
N CYS D 183 -136.77 -35.57 -19.58
CA CYS D 183 -137.36 -36.47 -20.55
C CYS D 183 -137.05 -36.02 -21.93
N ASP D 184 -136.69 -37.01 -22.75
CA ASP D 184 -136.43 -36.78 -24.14
C ASP D 184 -137.74 -36.84 -24.90
N VAL D 185 -138.27 -35.67 -25.20
CA VAL D 185 -139.57 -35.61 -25.87
C VAL D 185 -139.39 -35.90 -27.35
N ASP D 186 -140.24 -36.75 -27.92
CA ASP D 186 -140.02 -37.19 -29.32
C ASP D 186 -141.16 -36.87 -30.28
N LEU D 187 -141.83 -35.78 -30.03
CA LEU D 187 -142.65 -35.21 -31.03
C LEU D 187 -141.86 -34.98 -32.30
N PRO D 188 -142.54 -35.06 -33.42
CA PRO D 188 -141.94 -34.74 -34.70
C PRO D 188 -141.44 -33.32 -34.71
N ALA D 189 -140.55 -33.01 -35.61
CA ALA D 189 -139.92 -31.71 -35.64
C ALA D 189 -140.94 -30.69 -36.02
N VAL D 190 -141.81 -31.10 -36.90
CA VAL D 190 -142.80 -30.25 -37.51
C VAL D 190 -144.20 -30.81 -37.34
N SER D 191 -145.06 -30.07 -36.69
CA SER D 191 -146.45 -30.46 -36.58
C SER D 191 -147.21 -30.30 -37.89
N ALA D 192 -148.44 -30.76 -37.92
CA ALA D 192 -149.25 -30.59 -39.10
C ALA D 192 -149.56 -29.13 -39.36
N LYS D 193 -149.82 -28.35 -38.34
CA LYS D 193 -150.00 -26.94 -38.53
C LYS D 193 -148.72 -26.25 -39.03
N ASP D 194 -147.57 -26.64 -38.49
CA ASP D 194 -146.30 -26.12 -38.93
C ASP D 194 -146.13 -26.35 -40.42
N ARG D 195 -146.46 -27.54 -40.86
CA ARG D 195 -146.31 -27.90 -42.24
C ARG D 195 -147.08 -26.95 -43.10
N VAL D 196 -148.26 -26.60 -42.67
CA VAL D 196 -149.05 -25.66 -43.37
C VAL D 196 -148.39 -24.36 -43.04
N ASP D 197 -147.67 -24.31 -41.93
CA ASP D 197 -147.06 -23.05 -41.56
C ASP D 197 -145.83 -22.76 -42.38
N LEU D 198 -145.01 -23.76 -42.61
CA LEU D 198 -143.84 -23.63 -43.45
C LEU D 198 -144.13 -23.29 -44.89
N GLN D 199 -145.14 -23.93 -45.47
CA GLN D 199 -145.51 -23.66 -46.83
C GLN D 199 -145.96 -22.23 -47.04
N PHE D 200 -146.70 -21.71 -46.09
CA PHE D 200 -147.20 -20.35 -46.14
C PHE D 200 -146.05 -19.38 -46.13
N GLY D 201 -145.04 -19.69 -45.32
CA GLY D 201 -143.88 -18.86 -45.23
C GLY D 201 -143.12 -18.77 -46.52
N VAL D 202 -143.01 -19.89 -47.20
CA VAL D 202 -142.42 -19.92 -48.52
C VAL D 202 -143.20 -19.11 -49.51
N GLU D 203 -144.52 -19.26 -49.49
CA GLU D 203 -145.43 -18.57 -50.37
C GLU D 203 -145.39 -17.08 -50.24
N GLN D 204 -145.30 -16.59 -49.02
CA GLN D 204 -145.31 -15.17 -48.79
C GLN D 204 -143.91 -14.64 -48.78
N GLY D 205 -142.98 -15.48 -49.16
CA GLY D 205 -141.60 -15.09 -49.27
C GLY D 205 -140.86 -14.58 -48.05
N VAL D 206 -141.05 -15.21 -46.92
CA VAL D 206 -140.31 -14.84 -45.73
C VAL D 206 -138.82 -15.13 -45.83
N ASP D 207 -138.04 -14.29 -45.19
CA ASP D 207 -136.61 -14.43 -45.08
C ASP D 207 -136.01 -15.58 -44.26
N MET D 208 -136.54 -15.85 -43.08
CA MET D 208 -136.00 -16.86 -42.20
C MET D 208 -137.07 -17.57 -41.38
N ILE D 209 -136.74 -18.75 -40.90
CA ILE D 209 -137.58 -19.47 -40.00
C ILE D 209 -136.91 -19.57 -38.65
N PHE D 210 -137.61 -19.21 -37.61
CA PHE D 210 -137.12 -19.51 -36.30
C PHE D 210 -137.76 -20.81 -35.93
N ALA D 211 -137.02 -21.89 -35.99
CA ALA D 211 -137.60 -23.17 -35.80
C ALA D 211 -137.62 -23.57 -34.33
N SER D 212 -138.81 -23.63 -33.77
CA SER D 212 -139.01 -23.96 -32.39
C SER D 212 -138.64 -25.37 -32.01
N PHE D 213 -138.26 -25.49 -30.76
CA PHE D 213 -138.00 -26.73 -30.11
C PHE D 213 -137.05 -27.68 -30.92
N ILE D 214 -135.83 -27.31 -31.45
CA ILE D 214 -135.06 -28.21 -32.25
C ILE D 214 -134.31 -29.15 -31.33
N ARG D 215 -134.74 -30.39 -31.25
CA ARG D 215 -134.01 -31.52 -30.65
C ARG D 215 -132.76 -32.08 -31.38
N SER D 216 -132.72 -32.00 -32.69
CA SER D 216 -131.72 -32.73 -33.49
C SER D 216 -131.35 -32.17 -34.86
N ALA D 217 -130.22 -32.62 -35.36
CA ALA D 217 -129.74 -32.32 -36.69
C ALA D 217 -130.64 -32.88 -37.76
N GLU D 218 -131.21 -34.04 -37.47
CA GLU D 218 -132.17 -34.70 -38.35
C GLU D 218 -133.43 -33.88 -38.52
N GLN D 219 -133.88 -33.26 -37.45
CA GLN D 219 -135.04 -32.40 -37.45
C GLN D 219 -134.86 -31.16 -38.30
N VAL D 220 -133.69 -30.58 -38.29
CA VAL D 220 -133.41 -29.42 -39.11
C VAL D 220 -133.55 -29.82 -40.56
N GLY D 221 -133.03 -30.98 -40.89
CA GLY D 221 -133.11 -31.47 -42.24
C GLY D 221 -134.53 -31.65 -42.68
N ASP D 222 -135.35 -32.14 -41.78
CA ASP D 222 -136.75 -32.28 -42.05
C ASP D 222 -137.40 -30.93 -42.30
N VAL D 223 -136.99 -29.91 -41.58
CA VAL D 223 -137.45 -28.58 -41.86
C VAL D 223 -137.03 -28.04 -43.22
N ARG D 224 -135.79 -28.33 -43.59
CA ARG D 224 -135.22 -27.87 -44.82
C ARG D 224 -136.01 -28.48 -45.95
N LYS D 225 -136.39 -29.72 -45.74
CA LYS D 225 -137.08 -30.54 -46.71
C LYS D 225 -138.53 -30.14 -46.89
N ALA D 226 -139.19 -29.78 -45.81
CA ALA D 226 -140.51 -29.22 -45.86
C ALA D 226 -140.56 -27.90 -46.58
N LEU D 227 -139.52 -27.10 -46.44
CA LEU D 227 -139.47 -25.84 -47.13
C LEU D 227 -139.39 -26.09 -48.62
N GLY D 228 -138.69 -27.14 -48.99
CA GLY D 228 -138.58 -27.55 -50.36
C GLY D 228 -137.58 -26.81 -51.21
N PRO D 229 -137.64 -27.01 -52.50
CA PRO D 229 -136.85 -26.29 -53.50
C PRO D 229 -137.15 -24.84 -53.58
N LYS D 230 -138.42 -24.49 -53.53
CA LYS D 230 -138.83 -23.11 -53.57
C LYS D 230 -138.30 -22.36 -52.39
N GLY D 231 -138.05 -23.10 -51.33
CA GLY D 231 -137.64 -22.55 -50.06
C GLY D 231 -136.17 -22.63 -49.71
N ARG D 232 -135.35 -22.97 -50.67
CA ARG D 232 -133.95 -23.28 -50.41
C ARG D 232 -133.09 -22.16 -49.88
N ASP D 233 -133.42 -20.94 -50.19
CA ASP D 233 -132.64 -19.83 -49.72
C ASP D 233 -133.15 -19.19 -48.45
N ILE D 234 -134.13 -19.81 -47.82
CA ILE D 234 -134.61 -19.32 -46.56
C ILE D 234 -133.74 -19.90 -45.48
N MET D 235 -133.33 -19.06 -44.56
CA MET D 235 -132.46 -19.42 -43.46
C MET D 235 -133.20 -20.16 -42.39
N ILE D 236 -132.67 -21.25 -41.88
CA ILE D 236 -133.27 -21.89 -40.74
C ILE D 236 -132.48 -21.61 -39.47
N ILE D 237 -133.05 -20.81 -38.62
CA ILE D 237 -132.46 -20.46 -37.36
C ILE D 237 -133.03 -21.38 -36.28
N CYS D 238 -132.17 -22.12 -35.60
CA CYS D 238 -132.67 -23.10 -34.67
C CYS D 238 -132.73 -22.66 -33.22
N LYS D 239 -133.91 -22.63 -32.67
CA LYS D 239 -134.12 -22.29 -31.30
C LYS D 239 -133.79 -23.43 -30.38
N ILE D 240 -132.96 -23.17 -29.38
CA ILE D 240 -132.59 -24.18 -28.42
C ILE D 240 -133.38 -23.89 -27.20
N GLU D 241 -134.34 -24.76 -26.90
CA GLU D 241 -135.26 -24.51 -25.80
C GLU D 241 -135.33 -25.66 -24.81
N ASN D 242 -134.73 -26.79 -25.12
CA ASN D 242 -134.69 -27.95 -24.21
C ASN D 242 -133.38 -28.68 -24.03
N HIS D 243 -133.42 -29.76 -23.25
CA HIS D 243 -132.21 -30.51 -22.94
C HIS D 243 -131.53 -31.08 -24.18
N GLN D 244 -132.30 -31.80 -24.98
CA GLN D 244 -131.78 -32.48 -26.14
C GLN D 244 -131.12 -31.52 -27.11
N GLY D 245 -131.72 -30.38 -27.29
CA GLY D 245 -131.15 -29.38 -28.14
C GLY D 245 -129.81 -28.90 -27.65
N VAL D 246 -129.67 -28.67 -26.37
CA VAL D 246 -128.40 -28.31 -25.82
C VAL D 246 -127.37 -29.40 -25.99
N GLN D 247 -127.76 -30.61 -25.75
CA GLN D 247 -126.87 -31.73 -25.83
C GLN D 247 -126.33 -31.91 -27.23
N ASN D 248 -127.18 -31.67 -28.20
CA ASN D 248 -126.88 -31.90 -29.60
C ASN D 248 -126.43 -30.67 -30.37
N ILE D 249 -125.91 -29.69 -29.65
CA ILE D 249 -125.66 -28.40 -30.23
C ILE D 249 -124.67 -28.33 -31.38
N ASP D 250 -123.58 -29.05 -31.35
CA ASP D 250 -122.64 -29.01 -32.44
C ASP D 250 -123.20 -29.49 -33.75
N SER D 251 -123.88 -30.61 -33.72
CA SER D 251 -124.55 -31.12 -34.88
C SER D 251 -125.68 -30.24 -35.38
N ILE D 252 -126.44 -29.66 -34.47
CA ILE D 252 -127.46 -28.71 -34.83
C ILE D 252 -126.88 -27.45 -35.45
N ILE D 253 -125.82 -26.95 -34.89
CA ILE D 253 -125.18 -25.79 -35.41
C ILE D 253 -124.67 -26.08 -36.83
N GLU D 254 -124.12 -27.25 -37.07
CA GLU D 254 -123.69 -27.66 -38.38
C GLU D 254 -124.77 -27.57 -39.44
N GLU D 255 -125.90 -28.19 -39.15
CA GLU D 255 -127.07 -28.18 -40.02
C GLU D 255 -127.77 -26.84 -40.23
N SER D 256 -127.79 -26.04 -39.21
CA SER D 256 -128.49 -24.78 -39.19
C SER D 256 -127.78 -23.65 -39.91
N ASP D 257 -128.48 -22.55 -40.07
CA ASP D 257 -127.91 -21.31 -40.50
C ASP D 257 -127.69 -20.36 -39.33
N GLY D 258 -128.11 -20.75 -38.15
CA GLY D 258 -127.96 -19.94 -36.97
C GLY D 258 -128.72 -20.48 -35.80
N ILE D 259 -128.55 -19.86 -34.65
CA ILE D 259 -129.11 -20.32 -33.42
C ILE D 259 -129.83 -19.21 -32.67
N MET D 260 -130.89 -19.59 -32.01
CA MET D 260 -131.50 -18.80 -31.01
C MET D 260 -131.39 -19.41 -29.61
N VAL D 261 -130.96 -18.64 -28.65
CA VAL D 261 -130.93 -19.08 -27.29
C VAL D 261 -132.26 -18.73 -26.67
N ALA D 262 -133.20 -19.64 -26.74
CA ALA D 262 -134.58 -19.40 -26.42
C ALA D 262 -134.81 -19.55 -24.95
N ARG D 263 -134.54 -18.49 -24.23
CA ARG D 263 -134.44 -18.56 -22.81
C ARG D 263 -135.71 -18.89 -22.07
N GLY D 264 -136.86 -18.44 -22.52
CA GLY D 264 -138.07 -18.74 -21.80
C GLY D 264 -138.46 -20.19 -21.66
N ASP D 265 -138.52 -20.93 -22.73
CA ASP D 265 -138.65 -22.38 -22.65
C ASP D 265 -137.46 -23.10 -22.00
N LEU D 266 -136.24 -22.68 -22.32
CA LEU D 266 -135.02 -23.30 -21.82
C LEU D 266 -134.92 -23.24 -20.33
N GLY D 267 -135.41 -22.13 -19.82
CA GLY D 267 -135.50 -21.82 -18.44
C GLY D 267 -136.34 -22.72 -17.58
N VAL D 268 -137.45 -23.23 -18.07
CA VAL D 268 -138.21 -24.32 -17.47
C VAL D 268 -137.59 -25.67 -17.62
N GLU D 269 -137.16 -25.94 -18.84
CA GLU D 269 -136.59 -27.22 -19.20
C GLU D 269 -135.30 -27.52 -18.47
N ILE D 270 -134.53 -26.52 -18.26
CA ILE D 270 -133.25 -26.68 -17.72
C ILE D 270 -133.43 -25.75 -16.61
N PRO D 271 -132.77 -26.02 -15.54
CA PRO D 271 -132.78 -25.13 -14.42
C PRO D 271 -132.05 -23.92 -14.90
N ALA D 272 -132.65 -22.86 -14.40
CA ALA D 272 -132.60 -21.50 -14.79
C ALA D 272 -131.23 -20.99 -14.62
N GLU D 273 -130.61 -21.38 -13.53
CA GLU D 273 -129.24 -21.00 -13.25
C GLU D 273 -128.27 -21.57 -14.27
N LYS D 274 -128.71 -22.59 -14.98
CA LYS D 274 -127.92 -23.19 -16.05
C LYS D 274 -128.02 -22.42 -17.36
N VAL D 275 -129.11 -21.70 -17.57
CA VAL D 275 -129.33 -20.98 -18.81
C VAL D 275 -128.15 -20.06 -19.07
N VAL D 276 -127.54 -19.53 -18.03
CA VAL D 276 -126.37 -18.68 -18.19
C VAL D 276 -125.17 -19.37 -18.81
N VAL D 277 -124.84 -20.57 -18.37
CA VAL D 277 -123.81 -21.38 -18.98
C VAL D 277 -124.15 -21.77 -20.40
N ALA D 278 -125.38 -22.13 -20.62
CA ALA D 278 -125.83 -22.42 -21.95
C ALA D 278 -125.72 -21.21 -22.88
N GLN D 279 -126.04 -20.03 -22.41
CA GLN D 279 -125.91 -18.84 -23.21
C GLN D 279 -124.49 -18.56 -23.63
N LYS D 280 -123.57 -18.63 -22.69
CA LYS D 280 -122.21 -18.45 -23.00
C LYS D 280 -121.70 -19.49 -23.93
N ILE D 281 -122.00 -20.76 -23.73
CA ILE D 281 -121.51 -21.75 -24.64
C ILE D 281 -122.06 -21.64 -26.05
N LEU D 282 -123.35 -21.47 -26.20
CA LEU D 282 -123.97 -21.45 -27.48
C LEU D 282 -123.58 -20.28 -28.37
N ILE D 283 -123.47 -19.13 -27.76
CA ILE D 283 -123.05 -17.95 -28.44
C ILE D 283 -121.64 -18.07 -28.92
N SER D 284 -120.76 -18.59 -28.08
CA SER D 284 -119.40 -18.78 -28.44
C SER D 284 -119.22 -19.76 -29.56
N LYS D 285 -119.92 -20.86 -29.54
CA LYS D 285 -119.84 -21.85 -30.58
C LYS D 285 -120.34 -21.31 -31.93
N CYS D 286 -121.37 -20.49 -31.89
CA CYS D 286 -121.84 -19.78 -33.04
C CYS D 286 -120.85 -18.76 -33.55
N ASN D 287 -120.19 -18.03 -32.67
CA ASN D 287 -119.19 -17.09 -33.08
C ASN D 287 -118.02 -17.76 -33.75
N VAL D 288 -117.56 -18.86 -33.18
CA VAL D 288 -116.47 -19.61 -33.73
C VAL D 288 -116.83 -20.20 -35.08
N ALA D 289 -118.03 -20.70 -35.21
CA ALA D 289 -118.53 -21.23 -36.44
C ALA D 289 -118.88 -20.23 -37.57
N GLY D 290 -118.90 -18.95 -37.26
CA GLY D 290 -119.45 -17.91 -38.09
C GLY D 290 -120.92 -17.89 -38.46
N LYS D 291 -121.80 -18.20 -37.53
CA LYS D 291 -123.21 -18.19 -37.78
C LYS D 291 -123.90 -17.32 -36.75
N PRO D 292 -124.95 -16.66 -37.19
CA PRO D 292 -125.66 -15.68 -36.37
C PRO D 292 -126.29 -16.31 -35.13
N VAL D 293 -126.23 -15.63 -34.01
CA VAL D 293 -126.77 -16.11 -32.76
C VAL D 293 -127.61 -15.06 -32.06
N ILE D 294 -128.76 -15.48 -31.57
CA ILE D 294 -129.73 -14.60 -30.95
C ILE D 294 -129.99 -14.92 -29.49
N CYS D 295 -129.97 -13.90 -28.67
CA CYS D 295 -130.36 -13.99 -27.29
C CYS D 295 -131.76 -13.50 -27.07
N ALA D 296 -132.57 -14.36 -26.51
CA ALA D 296 -133.99 -14.16 -26.41
C ALA D 296 -134.60 -14.32 -25.03
N THR D 297 -135.64 -13.52 -24.80
CA THR D 297 -136.69 -13.68 -23.80
C THR D 297 -136.44 -12.97 -22.46
N GLN D 298 -137.40 -12.19 -22.02
CA GLN D 298 -137.40 -11.49 -20.75
C GLN D 298 -136.27 -10.49 -20.63
N MET D 299 -135.69 -10.12 -21.75
CA MET D 299 -134.59 -9.20 -21.74
C MET D 299 -134.94 -7.82 -21.20
N LEU D 300 -136.08 -7.30 -21.58
CA LEU D 300 -136.54 -6.07 -20.99
C LEU D 300 -137.99 -6.18 -20.58
N GLU D 301 -138.31 -7.21 -19.83
CA GLU D 301 -139.65 -7.59 -19.51
C GLU D 301 -140.55 -6.59 -18.82
N SER D 302 -140.02 -5.82 -17.88
CA SER D 302 -140.78 -4.89 -17.08
C SER D 302 -141.27 -3.72 -17.91
N MET D 303 -140.67 -3.57 -19.07
CA MET D 303 -140.95 -2.49 -19.96
C MET D 303 -142.16 -2.84 -20.80
N THR D 304 -142.71 -4.01 -20.57
CA THR D 304 -143.99 -4.36 -21.10
C THR D 304 -144.98 -3.43 -20.46
N TYR D 305 -144.73 -3.05 -19.23
CA TYR D 305 -145.66 -2.20 -18.52
C TYR D 305 -145.12 -0.89 -18.02
N ASN D 306 -143.82 -0.72 -17.98
CA ASN D 306 -143.23 0.49 -17.47
C ASN D 306 -142.38 1.19 -18.49
N PRO D 307 -142.27 2.49 -18.31
CA PRO D 307 -141.47 3.33 -19.17
C PRO D 307 -139.97 3.07 -19.09
N ARG D 308 -139.51 2.54 -17.97
CA ARG D 308 -138.11 2.33 -17.70
C ARG D 308 -137.83 0.92 -17.21
N PRO D 309 -136.67 0.40 -17.58
CA PRO D 309 -136.25 -0.94 -17.19
C PRO D 309 -135.66 -1.06 -15.81
N THR D 310 -135.64 -2.27 -15.30
CA THR D 310 -134.92 -2.63 -14.11
C THR D 310 -133.41 -2.72 -14.33
N ARG D 311 -132.64 -2.67 -13.27
CA ARG D 311 -131.20 -2.78 -13.35
C ARG D 311 -130.76 -4.11 -13.89
N ALA D 312 -131.42 -5.17 -13.47
CA ALA D 312 -131.10 -6.49 -13.95
C ALA D 312 -131.32 -6.62 -15.46
N GLU D 313 -132.34 -5.97 -15.96
CA GLU D 313 -132.62 -5.99 -17.36
C GLU D 313 -131.59 -5.32 -18.23
N VAL D 314 -131.17 -4.14 -17.83
CA VAL D 314 -130.16 -3.39 -18.52
C VAL D 314 -128.89 -4.18 -18.51
N SER D 315 -128.54 -4.75 -17.39
CA SER D 315 -127.37 -5.56 -17.33
C SER D 315 -127.46 -6.75 -18.26
N ASP D 316 -128.64 -7.34 -18.36
CA ASP D 316 -128.85 -8.44 -19.26
C ASP D 316 -128.65 -8.08 -20.75
N VAL D 317 -129.15 -6.99 -21.25
CA VAL D 317 -128.92 -6.68 -22.66
C VAL D 317 -127.43 -6.48 -22.95
N ALA D 318 -126.76 -5.81 -22.05
CA ALA D 318 -125.35 -5.54 -22.16
C ALA D 318 -124.44 -6.77 -22.16
N ASN D 319 -124.66 -7.67 -21.22
CA ASN D 319 -123.96 -8.92 -21.14
C ASN D 319 -124.18 -9.83 -22.33
N ALA D 320 -125.34 -9.79 -22.93
CA ALA D 320 -125.54 -10.55 -24.16
C ALA D 320 -124.64 -10.11 -25.30
N VAL D 321 -124.44 -8.82 -25.44
CA VAL D 321 -123.49 -8.25 -26.38
C VAL D 321 -122.06 -8.60 -26.07
N PHE D 322 -121.69 -8.52 -24.80
CA PHE D 322 -120.40 -8.92 -24.31
C PHE D 322 -120.19 -10.40 -24.58
N ASN D 323 -121.25 -11.17 -24.47
CA ASN D 323 -121.23 -12.60 -24.69
C ASN D 323 -120.85 -12.89 -26.14
N GLY D 324 -121.14 -11.95 -27.02
CA GLY D 324 -120.90 -12.14 -28.42
C GLY D 324 -122.05 -12.35 -29.36
N ALA D 325 -123.26 -12.06 -28.92
CA ALA D 325 -124.43 -12.22 -29.73
C ALA D 325 -124.59 -11.27 -30.90
N ASP D 326 -124.99 -11.79 -32.02
CA ASP D 326 -125.39 -10.98 -33.13
C ASP D 326 -126.63 -10.14 -32.82
N CYS D 327 -127.61 -10.75 -32.19
CA CYS D 327 -128.93 -10.17 -31.98
C CYS D 327 -129.52 -10.28 -30.57
N VAL D 328 -130.29 -9.28 -30.20
CA VAL D 328 -131.13 -9.38 -29.04
C VAL D 328 -132.56 -9.29 -29.52
N MET D 329 -133.47 -9.80 -28.72
CA MET D 329 -134.84 -9.98 -29.13
C MET D 329 -135.85 -9.44 -28.17
N LEU D 330 -136.97 -9.01 -28.70
CA LEU D 330 -138.07 -8.52 -27.90
C LEU D 330 -139.29 -9.35 -28.18
N SER D 331 -139.97 -9.76 -27.13
CA SER D 331 -141.11 -10.62 -27.30
C SER D 331 -142.44 -9.97 -26.96
N GLY D 332 -142.84 -10.11 -25.73
CA GLY D 332 -144.04 -9.49 -25.20
C GLY D 332 -143.97 -7.99 -25.15
N GLU D 333 -142.78 -7.48 -24.91
CA GLU D 333 -142.53 -6.07 -24.76
C GLU D 333 -142.95 -5.31 -26.02
N THR D 334 -142.83 -5.92 -27.18
CA THR D 334 -143.36 -5.36 -28.41
C THR D 334 -144.66 -5.97 -28.93
N ALA D 335 -144.94 -7.20 -28.61
CA ALA D 335 -146.17 -7.80 -29.01
C ALA D 335 -147.41 -7.24 -28.34
N LYS D 336 -147.38 -7.11 -27.03
CA LYS D 336 -148.52 -6.66 -26.27
C LYS D 336 -148.29 -5.50 -25.30
N GLY D 337 -147.10 -4.94 -25.34
CA GLY D 337 -146.68 -3.92 -24.42
C GLY D 337 -147.23 -2.53 -24.59
N LYS D 338 -147.14 -1.77 -23.52
CA LYS D 338 -147.38 -0.35 -23.45
C LYS D 338 -146.42 0.58 -24.17
N TYR D 339 -145.14 0.27 -24.19
CA TYR D 339 -144.15 1.20 -24.68
C TYR D 339 -143.24 0.58 -25.70
N PRO D 340 -143.78 0.21 -26.83
CA PRO D 340 -143.01 -0.48 -27.83
C PRO D 340 -141.84 0.30 -28.38
N ASN D 341 -142.05 1.55 -28.76
CA ASN D 341 -140.96 2.38 -29.23
C ASN D 341 -139.89 2.63 -28.19
N GLU D 342 -140.28 2.92 -26.98
CA GLU D 342 -139.34 3.15 -25.91
C GLU D 342 -138.51 1.92 -25.58
N VAL D 343 -139.10 0.75 -25.56
CA VAL D 343 -138.34 -0.42 -25.22
C VAL D 343 -137.24 -0.68 -26.23
N VAL D 344 -137.57 -0.55 -27.49
CA VAL D 344 -136.61 -0.70 -28.54
C VAL D 344 -135.54 0.36 -28.47
N GLN D 345 -135.90 1.59 -28.19
CA GLN D 345 -134.95 2.65 -28.09
C GLN D 345 -134.01 2.39 -26.94
N TYR D 346 -134.53 1.89 -25.84
CA TYR D 346 -133.69 1.52 -24.70
C TYR D 346 -132.72 0.41 -25.01
N MET D 347 -133.18 -0.60 -25.70
CA MET D 347 -132.33 -1.68 -26.06
C MET D 347 -131.21 -1.26 -26.97
N ALA D 348 -131.49 -0.40 -27.94
CA ALA D 348 -130.50 0.07 -28.85
C ALA D 348 -129.43 0.87 -28.17
N ARG D 349 -129.85 1.69 -27.23
CA ARG D 349 -128.97 2.52 -26.47
C ARG D 349 -128.02 1.71 -25.59
N ILE D 350 -128.53 0.68 -24.93
CA ILE D 350 -127.71 -0.22 -24.15
C ILE D 350 -126.71 -0.98 -24.98
N CYS D 351 -127.13 -1.40 -26.16
CA CYS D 351 -126.29 -2.11 -27.06
C CYS D 351 -125.14 -1.23 -27.51
N LEU D 352 -125.40 0.02 -27.79
CA LEU D 352 -124.35 0.95 -28.18
C LEU D 352 -123.34 1.20 -27.10
N GLU D 353 -123.81 1.34 -25.88
CA GLU D 353 -122.96 1.51 -24.73
C GLU D 353 -122.05 0.33 -24.45
N ALA D 354 -122.57 -0.89 -24.52
CA ALA D 354 -121.80 -2.10 -24.30
C ALA D 354 -120.72 -2.26 -25.35
N GLN D 355 -121.04 -1.79 -26.54
CA GLN D 355 -120.19 -1.83 -27.69
C GLN D 355 -118.94 -1.01 -27.46
N SER D 356 -119.04 0.09 -26.76
CA SER D 356 -117.86 0.84 -26.38
C SER D 356 -116.93 0.06 -25.50
N ALA D 357 -117.48 -0.63 -24.53
CA ALA D 357 -116.75 -1.45 -23.61
C ALA D 357 -116.18 -2.67 -24.28
N LEU D 358 -116.73 -3.05 -25.41
CA LEU D 358 -116.36 -4.29 -26.06
C LEU D 358 -114.98 -4.19 -26.57
N ASN D 359 -114.18 -5.21 -26.34
CA ASN D 359 -112.87 -5.24 -26.91
C ASN D 359 -112.93 -6.01 -28.19
N GLU D 360 -113.15 -5.31 -29.29
CA GLU D 360 -113.31 -5.89 -30.60
C GLU D 360 -112.06 -6.57 -31.07
N TYR D 361 -110.92 -6.03 -30.70
CA TYR D 361 -109.64 -6.58 -31.05
C TYR D 361 -109.33 -7.94 -30.45
N VAL D 362 -109.58 -8.12 -29.16
CA VAL D 362 -109.36 -9.38 -28.49
C VAL D 362 -110.25 -10.42 -29.06
N PHE D 363 -111.46 -10.02 -29.33
CA PHE D 363 -112.45 -10.84 -29.96
C PHE D 363 -112.01 -11.32 -31.33
N PHE D 364 -111.37 -10.46 -32.12
CA PHE D 364 -110.86 -10.86 -33.43
C PHE D 364 -109.78 -11.94 -33.33
N ASN D 365 -108.81 -11.72 -32.48
CA ASN D 365 -107.74 -12.64 -32.24
C ASN D 365 -108.19 -13.96 -31.63
N SER D 366 -109.13 -13.90 -30.71
CA SER D 366 -109.62 -15.08 -30.08
C SER D 366 -110.30 -15.98 -31.04
N ILE D 367 -111.11 -15.39 -31.91
CA ILE D 367 -111.82 -16.12 -32.94
C ILE D 367 -110.90 -16.76 -33.95
N LYS D 368 -109.90 -16.01 -34.34
CA LYS D 368 -108.89 -16.37 -35.31
C LYS D 368 -108.07 -17.58 -34.87
N LYS D 369 -107.69 -17.64 -33.60
CA LYS D 369 -106.98 -18.77 -33.05
C LYS D 369 -107.78 -20.03 -33.07
N LEU D 370 -109.09 -19.94 -33.01
CA LEU D 370 -109.93 -21.11 -32.96
C LEU D 370 -110.26 -21.78 -34.28
N GLN D 371 -109.88 -21.16 -35.37
CA GLN D 371 -110.10 -21.72 -36.68
C GLN D 371 -109.06 -22.73 -37.05
N HIS D 372 -109.52 -23.76 -37.69
CA HIS D 372 -108.69 -24.81 -38.18
C HIS D 372 -107.78 -24.31 -39.28
N ILE D 373 -106.53 -24.75 -39.25
CA ILE D 373 -105.55 -24.35 -40.25
C ILE D 373 -104.95 -25.57 -40.95
N PRO D 374 -104.98 -25.55 -42.27
CA PRO D 374 -105.54 -24.43 -43.02
C PRO D 374 -107.07 -24.44 -43.00
N MET D 375 -107.69 -23.52 -43.74
CA MET D 375 -109.14 -23.44 -43.79
C MET D 375 -109.63 -23.23 -45.22
N SER D 376 -109.71 -21.98 -45.64
CA SER D 376 -110.16 -21.64 -46.99
C SER D 376 -109.63 -20.28 -47.43
N ALA D 377 -109.30 -20.16 -48.72
CA ALA D 377 -108.79 -18.92 -49.26
C ALA D 377 -109.63 -17.70 -48.98
N ASP D 378 -110.94 -17.79 -49.15
CA ASP D 378 -111.80 -16.69 -48.78
C ASP D 378 -111.81 -16.38 -47.28
N GLU D 379 -111.74 -17.39 -46.44
CA GLU D 379 -111.65 -17.16 -45.02
C GLU D 379 -110.40 -16.44 -44.57
N ALA D 380 -109.28 -16.80 -45.14
CA ALA D 380 -108.06 -16.10 -44.89
C ALA D 380 -108.11 -14.65 -45.37
N VAL D 381 -108.75 -14.43 -46.48
CA VAL D 381 -108.88 -13.11 -47.05
C VAL D 381 -109.66 -12.23 -46.11
N CYS D 382 -110.75 -12.73 -45.58
CA CYS D 382 -111.54 -11.99 -44.64
C CYS D 382 -110.87 -11.71 -43.33
N SER D 383 -110.23 -12.69 -42.76
CA SER D 383 -109.51 -12.51 -41.53
C SER D 383 -108.33 -11.57 -41.63
N SER D 384 -107.50 -11.79 -42.59
CA SER D 384 -106.40 -10.91 -42.81
C SER D 384 -106.86 -9.49 -43.20
N ALA D 385 -107.97 -9.36 -43.91
CA ALA D 385 -108.50 -8.04 -44.27
C ALA D 385 -108.92 -7.22 -43.09
N VAL D 386 -109.52 -7.87 -42.10
CA VAL D 386 -109.84 -7.30 -40.82
C VAL D 386 -108.58 -6.93 -40.06
N ASN D 387 -107.57 -7.77 -40.15
CA ASN D 387 -106.32 -7.48 -39.51
C ASN D 387 -105.73 -6.20 -40.10
N SER D 388 -105.93 -6.02 -41.38
CA SER D 388 -105.59 -4.81 -42.09
C SER D 388 -106.36 -3.65 -41.56
N VAL D 389 -107.60 -3.86 -41.19
CA VAL D 389 -108.37 -2.78 -40.67
C VAL D 389 -107.76 -2.29 -39.38
N TYR D 390 -107.43 -3.19 -38.48
CA TYR D 390 -106.81 -2.82 -37.24
C TYR D 390 -105.44 -2.18 -37.40
N GLU D 391 -104.63 -2.71 -38.30
CA GLU D 391 -103.32 -2.17 -38.57
C GLU D 391 -103.27 -0.76 -39.14
N THR D 392 -104.20 -0.41 -40.02
CA THR D 392 -104.28 0.94 -40.58
C THR D 392 -105.21 1.89 -39.89
N LYS D 393 -106.00 1.40 -38.96
CA LYS D 393 -107.12 2.11 -38.42
C LYS D 393 -108.15 2.51 -39.45
N ALA D 394 -108.49 1.61 -40.35
CA ALA D 394 -109.49 1.86 -41.36
C ALA D 394 -110.88 2.08 -40.79
N LYS D 395 -111.59 3.03 -41.32
CA LYS D 395 -112.84 3.42 -40.72
C LYS D 395 -114.05 2.79 -41.33
N ALA D 396 -113.87 2.01 -42.37
CA ALA D 396 -114.93 1.28 -43.00
C ALA D 396 -114.45 0.11 -43.81
N MET D 397 -115.36 -0.74 -44.15
CA MET D 397 -115.02 -1.92 -44.85
C MET D 397 -116.08 -2.08 -45.88
N VAL D 398 -115.73 -2.57 -47.06
CA VAL D 398 -116.72 -2.87 -48.07
C VAL D 398 -116.56 -4.27 -48.57
N VAL D 399 -117.62 -5.04 -48.63
CA VAL D 399 -117.57 -6.35 -49.21
C VAL D 399 -118.61 -6.60 -50.23
N LEU D 400 -118.26 -7.38 -51.23
CA LEU D 400 -119.24 -7.79 -52.19
C LEU D 400 -119.77 -9.16 -51.84
N SER D 401 -121.05 -9.24 -51.53
CA SER D 401 -121.71 -10.52 -51.39
C SER D 401 -123.09 -10.58 -51.99
N ASN D 402 -123.32 -11.57 -52.82
CA ASN D 402 -124.64 -11.86 -53.36
C ASN D 402 -125.45 -12.87 -52.55
N THR D 403 -124.84 -13.97 -52.15
CA THR D 403 -125.46 -14.93 -51.24
C THR D 403 -125.54 -14.41 -49.83
N GLY D 404 -124.69 -13.46 -49.48
CA GLY D 404 -124.54 -13.02 -48.13
C GLY D 404 -123.48 -13.77 -47.36
N ARG D 405 -122.96 -14.83 -47.97
CA ARG D 405 -121.89 -15.63 -47.37
C ARG D 405 -120.66 -14.79 -47.06
N SER D 406 -120.17 -14.04 -48.04
CA SER D 406 -118.98 -13.28 -47.84
C SER D 406 -119.13 -12.32 -46.71
N ALA D 407 -120.27 -11.70 -46.59
CA ALA D 407 -120.51 -10.79 -45.50
C ALA D 407 -120.49 -11.40 -44.09
N ARG D 408 -121.07 -12.56 -43.91
CA ARG D 408 -121.00 -13.23 -42.62
C ARG D 408 -119.57 -13.60 -42.24
N LEU D 409 -118.81 -14.03 -43.22
CA LEU D 409 -117.44 -14.44 -43.05
C LEU D 409 -116.57 -13.32 -42.57
N VAL D 410 -116.73 -12.15 -43.10
CA VAL D 410 -116.10 -10.96 -42.59
C VAL D 410 -116.53 -10.44 -41.23
N ALA D 411 -117.82 -10.42 -40.99
CA ALA D 411 -118.42 -9.92 -39.76
C ALA D 411 -117.98 -10.79 -38.63
N LYS D 412 -117.72 -12.03 -38.96
CA LYS D 412 -117.29 -13.04 -38.05
C LYS D 412 -115.99 -12.66 -37.37
N TYR D 413 -115.18 -11.87 -38.04
CA TYR D 413 -113.91 -11.51 -37.51
C TYR D 413 -113.92 -10.24 -36.71
N ARG D 414 -115.09 -9.69 -36.49
CA ARG D 414 -115.21 -8.56 -35.58
C ARG D 414 -114.24 -7.36 -35.79
N PRO D 415 -114.34 -6.70 -36.94
CA PRO D 415 -113.61 -5.48 -37.18
C PRO D 415 -114.14 -4.37 -36.32
N ASN D 416 -113.38 -3.33 -36.11
CA ASN D 416 -113.81 -2.27 -35.23
C ASN D 416 -114.44 -1.09 -35.97
N CYS D 417 -114.94 -1.38 -37.14
CA CYS D 417 -115.50 -0.40 -38.00
C CYS D 417 -116.68 -1.00 -38.68
N PRO D 418 -117.54 -0.17 -39.25
CA PRO D 418 -118.70 -0.65 -39.96
C PRO D 418 -118.32 -1.49 -41.16
N ILE D 419 -119.14 -2.46 -41.50
CA ILE D 419 -118.90 -3.25 -42.65
C ILE D 419 -119.98 -2.93 -43.64
N VAL D 420 -119.61 -2.64 -44.85
CA VAL D 420 -120.64 -2.29 -45.80
C VAL D 420 -120.68 -3.33 -46.88
N CYS D 421 -121.79 -4.01 -46.97
CA CYS D 421 -121.98 -5.06 -47.95
C CYS D 421 -122.75 -4.59 -49.16
N VAL D 422 -122.26 -4.89 -50.33
CA VAL D 422 -122.94 -4.49 -51.52
C VAL D 422 -123.45 -5.74 -52.16
N THR D 423 -124.76 -5.82 -52.30
CA THR D 423 -125.39 -7.03 -52.72
C THR D 423 -126.32 -6.82 -53.89
N THR D 424 -126.43 -7.83 -54.73
CA THR D 424 -127.36 -7.79 -55.81
C THR D 424 -128.66 -8.47 -55.51
N ARG D 425 -128.88 -8.89 -54.27
CA ARG D 425 -130.13 -9.50 -53.88
C ARG D 425 -130.77 -8.79 -52.71
N LEU D 426 -132.00 -8.38 -52.85
CA LEU D 426 -132.74 -7.74 -51.78
C LEU D 426 -132.95 -8.62 -50.56
N GLN D 427 -133.20 -9.89 -50.78
CA GLN D 427 -133.37 -10.85 -49.73
C GLN D 427 -132.11 -10.96 -48.90
N THR D 428 -130.97 -10.83 -49.56
CA THR D 428 -129.71 -10.83 -48.91
C THR D 428 -129.62 -9.66 -47.98
N CYS D 429 -130.13 -8.52 -48.39
CA CYS D 429 -130.14 -7.37 -47.52
C CYS D 429 -130.97 -7.63 -46.28
N ARG D 430 -132.11 -8.26 -46.44
CA ARG D 430 -132.89 -8.62 -45.30
C ARG D 430 -132.26 -9.68 -44.40
N GLN D 431 -131.70 -10.72 -45.00
CA GLN D 431 -131.13 -11.86 -44.30
C GLN D 431 -129.93 -11.45 -43.44
N LEU D 432 -129.22 -10.45 -43.90
CA LEU D 432 -128.08 -9.87 -43.24
C LEU D 432 -128.44 -9.01 -42.05
N ASN D 433 -129.72 -8.82 -41.84
CA ASN D 433 -130.23 -8.09 -40.71
C ASN D 433 -130.05 -8.85 -39.39
N ILE D 434 -129.68 -10.11 -39.46
CA ILE D 434 -129.31 -10.83 -38.26
C ILE D 434 -127.82 -10.97 -38.05
N THR D 435 -127.02 -10.36 -38.89
CA THR D 435 -125.60 -10.45 -38.72
C THR D 435 -125.10 -9.16 -38.11
N GLN D 436 -124.38 -9.23 -37.00
CA GLN D 436 -123.92 -8.02 -36.37
C GLN D 436 -122.92 -7.24 -37.22
N GLY D 437 -122.99 -5.95 -37.08
CA GLY D 437 -122.03 -5.05 -37.62
C GLY D 437 -122.02 -4.85 -39.11
N VAL D 438 -123.11 -5.18 -39.77
CA VAL D 438 -123.19 -5.13 -41.22
C VAL D 438 -124.33 -4.28 -41.75
N GLU D 439 -124.05 -3.49 -42.75
CA GLU D 439 -125.05 -2.71 -43.44
C GLU D 439 -125.05 -3.03 -44.92
N SER D 440 -126.22 -3.12 -45.50
CA SER D 440 -126.36 -3.53 -46.89
C SER D 440 -126.75 -2.40 -47.84
N VAL D 441 -126.14 -2.42 -49.01
CA VAL D 441 -126.51 -1.55 -50.10
C VAL D 441 -126.94 -2.42 -51.25
N PHE D 442 -128.14 -2.27 -51.73
CA PHE D 442 -128.58 -3.05 -52.87
C PHE D 442 -128.09 -2.44 -54.19
N PHE D 443 -127.58 -3.27 -55.09
CA PHE D 443 -127.13 -2.87 -56.40
C PHE D 443 -127.92 -3.69 -57.38
N ASP D 444 -128.70 -3.01 -58.20
CA ASP D 444 -129.62 -3.65 -59.11
C ASP D 444 -128.88 -4.04 -60.35
N ALA D 445 -128.59 -5.32 -60.46
CA ALA D 445 -127.82 -5.81 -61.53
C ALA D 445 -128.55 -5.56 -62.82
N ASP D 446 -129.87 -5.69 -62.81
CA ASP D 446 -130.65 -5.57 -64.01
C ASP D 446 -130.58 -4.18 -64.62
N LYS D 447 -130.87 -3.19 -63.82
CA LYS D 447 -130.75 -1.83 -64.21
C LYS D 447 -129.31 -1.43 -64.51
N LEU D 448 -128.38 -1.81 -63.66
CA LEU D 448 -127.01 -1.35 -63.77
C LEU D 448 -125.99 -2.31 -64.33
N GLY D 449 -126.40 -3.50 -64.69
CA GLY D 449 -125.44 -4.43 -65.24
C GLY D 449 -124.72 -5.29 -64.22
N HIS D 450 -124.08 -6.32 -64.72
CA HIS D 450 -123.43 -7.35 -63.93
C HIS D 450 -122.16 -6.96 -63.20
N ASP D 451 -121.55 -5.85 -63.59
CA ASP D 451 -120.41 -5.28 -62.91
C ASP D 451 -119.26 -6.21 -62.64
N GLU D 452 -118.81 -6.92 -63.66
CA GLU D 452 -117.80 -7.95 -63.51
C GLU D 452 -116.47 -7.42 -63.06
N GLY D 453 -116.16 -6.18 -63.37
CA GLY D 453 -114.90 -5.63 -62.93
C GLY D 453 -114.95 -5.02 -61.56
N LYS D 454 -116.15 -4.95 -61.02
CA LYS D 454 -116.43 -4.73 -59.62
C LYS D 454 -116.33 -3.28 -59.21
N GLU D 455 -115.96 -2.43 -60.13
CA GLU D 455 -115.80 -1.03 -59.86
C GLU D 455 -117.06 -0.29 -59.44
N HIS D 456 -118.19 -0.60 -60.04
CA HIS D 456 -119.43 0.03 -59.64
C HIS D 456 -119.94 -0.31 -58.27
N ARG D 457 -119.97 -1.59 -57.95
CA ARG D 457 -120.43 -2.05 -56.66
C ARG D 457 -119.52 -1.45 -55.61
N VAL D 458 -118.24 -1.44 -55.89
CA VAL D 458 -117.33 -0.83 -55.00
C VAL D 458 -117.55 0.63 -54.78
N ALA D 459 -117.85 1.38 -55.85
CA ALA D 459 -118.11 2.79 -55.70
C ALA D 459 -119.33 3.06 -54.83
N ALA D 460 -120.37 2.26 -55.00
CA ALA D 460 -121.59 2.38 -54.24
C ALA D 460 -121.41 2.11 -52.76
N GLY D 461 -120.67 1.08 -52.41
CA GLY D 461 -120.37 0.84 -51.01
C GLY D 461 -119.57 1.93 -50.39
N VAL D 462 -118.58 2.43 -51.09
CA VAL D 462 -117.82 3.55 -50.59
C VAL D 462 -118.67 4.81 -50.43
N GLU D 463 -119.53 5.08 -51.41
CA GLU D 463 -120.39 6.26 -51.34
C GLU D 463 -121.33 6.19 -50.18
N PHE D 464 -121.87 5.01 -49.96
CA PHE D 464 -122.75 4.80 -48.83
C PHE D 464 -122.02 5.07 -47.55
N ALA D 465 -120.77 4.65 -47.46
CA ALA D 465 -119.96 4.91 -46.29
C ALA D 465 -119.71 6.38 -46.06
N LYS D 466 -119.50 7.12 -47.13
CA LYS D 466 -119.35 8.56 -47.07
C LYS D 466 -120.62 9.19 -46.60
N SER D 467 -121.71 8.72 -47.15
CA SER D 467 -123.00 9.25 -46.85
C SER D 467 -123.43 9.11 -45.38
N LYS D 468 -123.09 8.00 -44.75
CA LYS D 468 -123.45 7.79 -43.36
C LYS D 468 -122.40 8.40 -42.47
N GLY D 469 -121.35 8.91 -43.08
CA GLY D 469 -120.32 9.56 -42.31
C GLY D 469 -119.23 8.73 -41.69
N TYR D 470 -119.18 7.45 -42.03
CA TYR D 470 -118.15 6.57 -41.55
C TYR D 470 -116.80 6.98 -42.04
N VAL D 471 -116.73 7.46 -43.28
CA VAL D 471 -115.47 7.91 -43.87
C VAL D 471 -115.44 9.30 -44.50
N GLN D 472 -114.28 9.91 -44.53
CA GLN D 472 -114.04 11.17 -45.18
C GLN D 472 -112.79 10.95 -46.00
N THR D 473 -112.45 11.96 -46.79
CA THR D 473 -111.34 11.85 -47.71
C THR D 473 -110.12 11.69 -46.87
N GLY D 474 -109.23 10.87 -47.36
CA GLY D 474 -108.00 10.56 -46.68
C GLY D 474 -108.07 9.37 -45.78
N ASP D 475 -109.26 8.86 -45.54
CA ASP D 475 -109.48 7.63 -44.79
C ASP D 475 -109.23 6.35 -45.60
N TYR D 476 -108.92 5.29 -44.88
CA TYR D 476 -108.74 4.02 -45.50
C TYR D 476 -110.02 3.28 -45.46
N CYS D 477 -110.30 2.62 -46.54
CA CYS D 477 -111.39 1.70 -46.62
C CYS D 477 -110.86 0.37 -47.11
N VAL D 478 -111.14 -0.70 -46.41
CA VAL D 478 -110.63 -2.00 -46.77
C VAL D 478 -111.70 -2.74 -47.52
N VAL D 479 -111.35 -3.22 -48.69
CA VAL D 479 -112.30 -3.71 -49.66
C VAL D 479 -112.06 -5.15 -50.03
N ILE D 480 -113.11 -5.94 -50.13
CA ILE D 480 -113.02 -7.36 -50.37
C ILE D 480 -113.90 -7.87 -51.51
N HIS D 481 -113.30 -8.52 -52.49
CA HIS D 481 -114.02 -9.17 -53.55
C HIS D 481 -113.07 -10.05 -54.31
N ALA D 482 -113.55 -10.64 -55.38
CA ALA D 482 -112.69 -11.33 -56.30
C ALA D 482 -111.94 -10.42 -57.24
N ASP D 483 -110.90 -10.98 -57.82
CA ASP D 483 -110.18 -10.38 -58.89
C ASP D 483 -110.91 -10.71 -60.15
N HIS D 484 -110.33 -10.37 -61.27
CA HIS D 484 -110.99 -10.56 -62.52
C HIS D 484 -111.25 -11.98 -62.96
N LYS D 485 -110.33 -12.88 -62.73
CA LYS D 485 -110.56 -14.28 -63.00
C LYS D 485 -111.47 -15.12 -62.08
N VAL D 486 -111.28 -15.04 -60.78
CA VAL D 486 -111.94 -15.94 -59.82
C VAL D 486 -113.44 -15.74 -59.62
N LYS D 487 -114.14 -16.86 -59.56
CA LYS D 487 -115.58 -16.87 -59.41
C LYS D 487 -116.08 -17.73 -58.26
N GLY D 488 -117.09 -17.23 -57.56
CA GLY D 488 -117.69 -17.94 -56.46
C GLY D 488 -117.23 -17.62 -55.07
N TYR D 489 -116.14 -16.89 -54.94
CA TYR D 489 -115.66 -16.42 -53.68
C TYR D 489 -114.80 -15.21 -53.88
N ALA D 490 -114.43 -14.56 -52.80
CA ALA D 490 -113.55 -13.45 -52.90
C ALA D 490 -112.14 -13.86 -52.52
N ASN D 491 -111.23 -13.67 -53.44
CA ASN D 491 -109.83 -13.95 -53.21
C ASN D 491 -108.93 -12.74 -53.02
N GLN D 492 -109.51 -11.55 -52.91
CA GLN D 492 -108.74 -10.32 -52.90
C GLN D 492 -109.07 -9.32 -51.80
N THR D 493 -108.07 -8.63 -51.32
CA THR D 493 -108.25 -7.51 -50.45
C THR D 493 -107.48 -6.30 -50.92
N ARG D 494 -108.07 -5.13 -50.81
CA ARG D 494 -107.40 -3.89 -51.13
C ARG D 494 -107.60 -2.84 -50.08
N ILE D 495 -106.56 -2.10 -49.78
CA ILE D 495 -106.72 -0.95 -48.96
C ILE D 495 -106.75 0.28 -49.86
N LEU D 496 -107.90 0.95 -49.97
CA LEU D 496 -107.99 2.17 -50.76
C LEU D 496 -108.24 3.43 -49.99
N LEU D 497 -107.64 4.50 -50.46
CA LEU D 497 -107.75 5.81 -49.88
C LEU D 497 -109.02 6.45 -50.40
N VAL D 498 -109.77 7.13 -49.55
CA VAL D 498 -111.04 7.67 -50.01
C VAL D 498 -110.99 9.14 -50.37
N GLU D 499 -111.60 9.48 -51.50
CA GLU D 499 -111.63 10.86 -51.97
C GLU D 499 -113.06 11.39 -52.00
N SER E 2 -93.70 -20.83 -25.39
CA SER E 2 -92.46 -20.38 -24.86
C SER E 2 -91.33 -21.03 -25.60
N GLN E 3 -90.16 -20.46 -25.51
CA GLN E 3 -89.04 -21.01 -26.21
C GLN E 3 -88.69 -22.33 -25.62
N LEU E 4 -88.95 -22.47 -24.34
CA LEU E 4 -88.66 -23.68 -23.62
C LEU E 4 -89.47 -24.86 -24.08
N ALA E 5 -90.77 -24.68 -24.16
CA ALA E 5 -91.71 -25.74 -24.38
C ALA E 5 -91.43 -26.36 -25.71
N HIS E 6 -91.30 -25.42 -26.64
CA HIS E 6 -90.86 -25.58 -28.04
C HIS E 6 -89.56 -26.29 -28.26
N ASN E 7 -88.57 -26.06 -27.44
CA ASN E 7 -87.32 -26.78 -27.56
C ASN E 7 -87.57 -28.24 -27.42
N LEU E 8 -88.60 -28.52 -26.68
CA LEU E 8 -89.07 -29.84 -26.30
C LEU E 8 -89.72 -30.60 -27.44
N THR E 9 -90.25 -29.87 -28.39
CA THR E 9 -90.80 -30.45 -29.58
C THR E 9 -89.79 -30.69 -30.65
N LEU E 10 -88.58 -30.20 -30.50
CA LEU E 10 -87.55 -30.45 -31.51
C LEU E 10 -86.98 -31.85 -31.54
N SER E 11 -86.52 -32.27 -32.70
CA SER E 11 -85.75 -33.52 -32.81
C SER E 11 -84.56 -33.44 -33.73
N ILE E 12 -83.48 -34.12 -33.39
CA ILE E 12 -82.34 -34.14 -34.27
C ILE E 12 -82.63 -34.80 -35.61
N PHE E 13 -83.60 -35.70 -35.63
CA PHE E 13 -83.97 -36.40 -36.85
C PHE E 13 -85.03 -35.70 -37.69
N ASP E 14 -85.37 -34.46 -37.35
CA ASP E 14 -86.34 -33.73 -38.12
C ASP E 14 -85.68 -33.45 -39.44
N PRO E 15 -86.40 -33.61 -40.52
CA PRO E 15 -85.86 -33.30 -41.83
C PRO E 15 -85.73 -31.81 -42.03
N VAL E 16 -84.65 -31.37 -42.66
CA VAL E 16 -84.51 -29.97 -42.95
C VAL E 16 -85.32 -29.54 -44.13
N ALA E 17 -85.40 -28.24 -44.33
CA ALA E 17 -86.19 -27.64 -45.38
C ALA E 17 -85.66 -27.79 -46.79
N ASN E 18 -86.54 -27.55 -47.75
CA ASN E 18 -86.16 -27.58 -49.14
C ASN E 18 -85.56 -26.27 -49.61
N TYR E 19 -85.49 -25.31 -48.70
CA TYR E 19 -84.87 -24.04 -49.00
C TYR E 19 -84.09 -23.53 -47.81
N ARG E 20 -83.02 -22.80 -48.08
CA ARG E 20 -82.26 -22.11 -47.06
C ARG E 20 -82.55 -20.61 -47.11
N ALA E 21 -83.15 -20.10 -46.07
CA ALA E 21 -83.45 -18.68 -45.94
C ALA E 21 -82.27 -17.73 -45.81
N ALA E 22 -81.33 -18.07 -44.96
CA ALA E 22 -80.20 -17.22 -44.70
C ALA E 22 -79.23 -17.15 -45.85
N ARG E 23 -78.56 -16.03 -45.97
CA ARG E 23 -77.62 -15.77 -47.05
C ARG E 23 -76.17 -15.69 -46.61
N ILE E 24 -75.29 -16.17 -47.46
CA ILE E 24 -73.88 -16.20 -47.15
C ILE E 24 -73.07 -15.24 -47.96
N ILE E 25 -72.20 -14.52 -47.28
CA ILE E 25 -71.34 -13.54 -47.88
C ILE E 25 -69.89 -13.98 -47.80
N CYS E 26 -69.15 -13.86 -48.89
CA CYS E 26 -67.78 -14.30 -48.94
C CYS E 26 -66.86 -13.19 -49.35
N THR E 27 -65.77 -13.06 -48.65
CA THR E 27 -64.75 -12.10 -48.97
C THR E 27 -63.79 -12.74 -49.94
N ILE E 28 -63.46 -12.00 -50.98
CA ILE E 28 -62.66 -12.53 -52.05
C ILE E 28 -61.22 -12.10 -51.98
N GLY E 29 -60.35 -13.06 -51.85
CA GLY E 29 -58.93 -12.88 -51.75
C GLY E 29 -58.24 -13.86 -52.66
N PRO E 30 -56.98 -14.07 -52.37
CA PRO E 30 -56.07 -14.81 -53.21
C PRO E 30 -56.51 -16.24 -53.40
N SER E 31 -57.08 -16.83 -52.38
CA SER E 31 -57.70 -18.12 -52.47
C SER E 31 -58.92 -18.16 -53.41
N THR E 32 -59.63 -17.07 -53.56
CA THR E 32 -60.92 -17.15 -54.22
C THR E 32 -61.19 -16.27 -55.44
N GLN E 33 -60.15 -15.63 -55.92
CA GLN E 33 -60.24 -14.72 -57.03
C GLN E 33 -60.52 -15.31 -58.40
N SER E 34 -59.99 -16.49 -58.60
CA SER E 34 -60.11 -17.16 -59.85
C SER E 34 -61.52 -17.54 -60.11
N VAL E 35 -61.86 -17.50 -61.36
CA VAL E 35 -63.18 -17.78 -61.81
C VAL E 35 -63.57 -19.17 -61.40
N GLU E 36 -62.66 -20.10 -61.49
CA GLU E 36 -62.95 -21.44 -61.04
C GLU E 36 -63.24 -21.49 -59.56
N ALA E 37 -62.47 -20.77 -58.76
CA ALA E 37 -62.72 -20.73 -57.34
C ALA E 37 -64.07 -20.11 -57.02
N LEU E 38 -64.40 -19.04 -57.73
CA LEU E 38 -65.64 -18.34 -57.55
C LEU E 38 -66.84 -19.18 -57.91
N LYS E 39 -66.71 -19.98 -58.96
CA LYS E 39 -67.73 -20.91 -59.35
C LYS E 39 -67.97 -21.93 -58.29
N GLY E 40 -66.90 -22.37 -57.66
CA GLY E 40 -66.99 -23.27 -56.54
C GLY E 40 -67.72 -22.67 -55.36
N LEU E 41 -67.46 -21.41 -55.11
CA LEU E 41 -68.09 -20.67 -54.04
C LEU E 41 -69.58 -20.50 -54.23
N ILE E 42 -69.99 -20.17 -55.44
CA ILE E 42 -71.38 -20.00 -55.74
C ILE E 42 -72.15 -21.28 -55.57
N GLN E 43 -71.59 -22.35 -56.09
CA GLN E 43 -72.17 -23.66 -55.98
C GLN E 43 -72.23 -24.15 -54.56
N SER E 44 -71.25 -23.70 -53.80
CA SER E 44 -71.17 -24.02 -52.41
C SER E 44 -72.18 -23.25 -51.63
N GLY E 45 -72.67 -22.15 -52.20
CA GLY E 45 -73.60 -21.33 -51.51
C GLY E 45 -73.42 -19.85 -51.31
N MET E 46 -72.52 -19.20 -52.03
CA MET E 46 -72.30 -17.78 -51.88
C MET E 46 -73.32 -16.91 -52.59
N SER E 47 -73.92 -15.96 -51.90
CA SER E 47 -74.83 -15.07 -52.55
C SER E 47 -74.28 -13.70 -52.76
N VAL E 48 -73.30 -13.32 -51.96
CA VAL E 48 -72.71 -12.01 -52.05
C VAL E 48 -71.22 -12.09 -52.04
N ALA E 49 -70.55 -11.41 -52.95
CA ALA E 49 -69.10 -11.36 -52.88
C ALA E 49 -68.57 -10.02 -52.39
N ARG E 50 -67.72 -10.08 -51.38
CA ARG E 50 -67.22 -8.90 -50.72
C ARG E 50 -65.78 -8.62 -51.08
N MET E 51 -65.52 -7.39 -51.47
CA MET E 51 -64.18 -6.92 -51.72
C MET E 51 -63.77 -5.97 -50.63
N ASN E 52 -62.65 -6.22 -49.98
CA ASN E 52 -62.19 -5.37 -48.93
C ASN E 52 -61.12 -4.43 -49.40
N PHE E 53 -61.43 -3.15 -49.37
CA PHE E 53 -60.61 -2.13 -49.97
C PHE E 53 -59.50 -1.71 -49.05
N SER E 54 -59.42 -2.34 -47.89
CA SER E 54 -58.27 -2.22 -47.03
C SER E 54 -57.10 -2.98 -47.61
N HIS E 55 -57.36 -3.88 -48.52
CA HIS E 55 -56.36 -4.72 -49.09
C HIS E 55 -56.53 -4.60 -50.58
N GLY E 56 -55.48 -4.84 -51.34
CA GLY E 56 -55.60 -4.79 -52.77
C GLY E 56 -55.58 -3.39 -53.27
N SER E 57 -56.08 -3.21 -54.47
CA SER E 57 -56.00 -1.93 -55.15
C SER E 57 -57.13 -1.98 -56.10
N HIS E 58 -57.37 -0.90 -56.81
CA HIS E 58 -58.47 -0.86 -57.71
C HIS E 58 -58.25 -1.90 -58.72
N GLU E 59 -57.00 -2.07 -59.09
CA GLU E 59 -56.63 -3.04 -60.07
C GLU E 59 -56.93 -4.44 -59.63
N TYR E 60 -56.58 -4.78 -58.40
CA TYR E 60 -56.86 -6.12 -57.91
C TYR E 60 -58.33 -6.42 -57.81
N HIS E 61 -59.05 -5.47 -57.27
CA HIS E 61 -60.49 -5.54 -57.07
C HIS E 61 -61.30 -5.57 -58.33
N GLN E 62 -60.79 -4.94 -59.37
CA GLN E 62 -61.39 -4.99 -60.68
C GLN E 62 -61.37 -6.40 -61.19
N THR E 63 -60.29 -7.08 -60.96
CA THR E 63 -60.18 -8.43 -61.42
C THR E 63 -61.26 -9.25 -60.78
N THR E 64 -61.51 -8.99 -59.51
CA THR E 64 -62.54 -9.68 -58.74
C THR E 64 -63.92 -9.44 -59.30
N ILE E 65 -64.18 -8.20 -59.65
CA ILE E 65 -65.44 -7.83 -60.21
C ILE E 65 -65.71 -8.53 -61.51
N ASN E 66 -64.72 -8.55 -62.37
CA ASN E 66 -64.84 -9.21 -63.63
C ASN E 66 -65.00 -10.67 -63.46
N ASN E 67 -64.23 -11.23 -62.58
CA ASN E 67 -64.36 -12.63 -62.31
C ASN E 67 -65.69 -13.07 -61.72
N VAL E 68 -66.28 -12.24 -60.87
CA VAL E 68 -67.57 -12.55 -60.28
C VAL E 68 -68.65 -12.55 -61.34
N ARG E 69 -68.64 -11.53 -62.15
CA ARG E 69 -69.61 -11.42 -63.19
C ARG E 69 -69.48 -12.57 -64.19
N GLN E 70 -68.26 -12.92 -64.56
CA GLN E 70 -68.01 -14.04 -65.47
C GLN E 70 -68.42 -15.39 -64.91
N ALA E 71 -68.10 -15.62 -63.65
CA ALA E 71 -68.54 -16.83 -62.99
C ALA E 71 -70.05 -16.94 -62.81
N ALA E 72 -70.69 -15.86 -62.43
CA ALA E 72 -72.12 -15.81 -62.28
C ALA E 72 -72.81 -16.04 -63.59
N ALA E 73 -72.28 -15.43 -64.64
CA ALA E 73 -72.85 -15.52 -65.97
C ALA E 73 -72.84 -16.92 -66.49
N GLU E 74 -71.74 -17.61 -66.24
CA GLU E 74 -71.56 -18.99 -66.60
C GLU E 74 -72.49 -19.90 -65.88
N LEU E 75 -72.95 -19.49 -64.71
CA LEU E 75 -73.76 -20.36 -63.90
C LEU E 75 -75.19 -19.94 -63.91
N GLY E 76 -75.48 -18.92 -64.70
CA GLY E 76 -76.80 -18.38 -64.80
C GLY E 76 -77.44 -17.86 -63.54
N VAL E 77 -76.69 -17.10 -62.76
CA VAL E 77 -77.16 -16.63 -61.49
C VAL E 77 -76.79 -15.21 -61.28
N ASN E 78 -77.44 -14.55 -60.35
CA ASN E 78 -77.12 -13.18 -60.06
C ASN E 78 -76.44 -13.08 -58.69
N ILE E 79 -75.25 -12.52 -58.64
CA ILE E 79 -74.49 -12.40 -57.41
C ILE E 79 -74.24 -10.95 -57.06
N ALA E 80 -74.59 -10.52 -55.87
CA ALA E 80 -74.32 -9.16 -55.45
C ALA E 80 -72.84 -8.94 -55.27
N ILE E 81 -72.40 -7.74 -55.59
CA ILE E 81 -71.03 -7.34 -55.36
C ILE E 81 -70.99 -6.23 -54.33
N ALA E 82 -70.20 -6.40 -53.30
CA ALA E 82 -70.15 -5.44 -52.22
C ALA E 82 -68.79 -4.81 -52.11
N LEU E 83 -68.73 -3.52 -51.94
CA LEU E 83 -67.48 -2.86 -51.70
C LEU E 83 -67.36 -2.42 -50.22
N ASP E 84 -66.36 -3.09 -49.67
CA ASP E 84 -65.93 -2.99 -48.30
C ASP E 84 -64.72 -2.07 -48.19
N THR E 85 -64.98 -0.84 -47.80
CA THR E 85 -63.97 0.21 -47.72
C THR E 85 -62.86 0.00 -46.69
N LYS E 86 -61.71 0.57 -46.96
CA LYS E 86 -60.61 0.51 -46.03
C LYS E 86 -61.01 1.34 -44.85
N GLY E 87 -61.50 2.53 -45.09
CA GLY E 87 -61.94 3.40 -44.04
C GLY E 87 -60.80 4.12 -43.37
N PRO E 88 -61.11 5.06 -42.50
CA PRO E 88 -60.07 5.77 -41.78
C PRO E 88 -59.29 4.85 -40.85
N GLU E 89 -57.96 4.94 -40.78
CA GLU E 89 -57.16 4.14 -39.86
C GLU E 89 -56.27 5.07 -39.02
N ILE E 90 -56.03 4.65 -37.77
CA ILE E 90 -55.00 5.23 -36.92
C ILE E 90 -53.85 4.25 -36.92
N ARG E 91 -52.67 4.77 -37.27
CA ARG E 91 -51.43 4.00 -37.26
C ARG E 91 -50.29 4.75 -36.53
N THR E 92 -49.39 3.98 -35.95
CA THR E 92 -48.07 4.53 -35.51
C THR E 92 -47.24 4.85 -36.72
N GLY E 93 -46.15 5.58 -36.48
CA GLY E 93 -45.15 5.80 -37.48
C GLY E 93 -44.16 4.65 -37.50
N GLN E 94 -42.97 4.96 -38.04
CA GLN E 94 -41.82 4.06 -38.10
C GLN E 94 -41.00 4.13 -36.82
N PHE E 95 -40.33 3.04 -36.49
CA PHE E 95 -39.31 3.06 -35.44
C PHE E 95 -37.90 2.90 -36.02
N VAL E 96 -36.91 3.50 -35.34
CA VAL E 96 -35.48 3.36 -35.70
C VAL E 96 -35.07 1.89 -35.55
N GLY E 97 -34.29 1.39 -36.52
CA GLY E 97 -33.94 -0.03 -36.60
C GLY E 97 -35.09 -0.92 -37.05
N GLY E 98 -36.15 -0.32 -37.57
CA GLY E 98 -37.33 -1.05 -38.04
C GLY E 98 -38.30 -1.51 -36.96
N ASP E 99 -37.86 -1.49 -35.70
CA ASP E 99 -38.56 -2.17 -34.59
C ASP E 99 -38.43 -1.36 -33.27
N ALA E 100 -39.23 -1.68 -32.25
CA ALA E 100 -39.09 -1.06 -30.93
C ALA E 100 -39.66 -1.87 -29.75
N VAL E 101 -38.81 -2.12 -28.76
CA VAL E 101 -39.03 -3.10 -27.71
C VAL E 101 -39.67 -2.49 -26.45
N MET E 102 -40.98 -2.60 -26.32
CA MET E 102 -41.77 -1.97 -25.23
C MET E 102 -41.85 -2.82 -23.97
N GLU E 103 -41.26 -2.38 -22.86
CA GLU E 103 -41.21 -3.21 -21.63
C GLU E 103 -42.29 -2.81 -20.63
N ARG E 104 -42.73 -3.75 -19.81
CA ARG E 104 -43.75 -3.45 -18.81
C ARG E 104 -43.21 -2.51 -17.73
N GLY E 105 -44.00 -1.51 -17.34
CA GLY E 105 -43.55 -0.57 -16.31
C GLY E 105 -42.85 0.69 -16.85
N ALA E 106 -42.26 0.61 -18.05
CA ALA E 106 -41.55 1.73 -18.73
C ALA E 106 -42.44 2.93 -19.05
N THR E 107 -41.84 4.12 -19.10
CA THR E 107 -42.47 5.33 -19.62
C THR E 107 -42.07 5.57 -21.09
N CYS E 108 -43.09 5.87 -21.93
CA CYS E 108 -42.83 6.30 -23.31
C CYS E 108 -43.72 7.48 -23.67
N TYR E 109 -43.43 8.13 -24.80
CA TYR E 109 -44.07 9.40 -25.16
C TYR E 109 -44.68 9.18 -26.55
N VAL E 110 -45.95 9.46 -26.70
CA VAL E 110 -46.59 9.28 -28.03
C VAL E 110 -46.92 10.68 -28.52
N THR E 111 -46.51 10.97 -29.74
CA THR E 111 -46.67 12.30 -30.22
C THR E 111 -47.35 12.34 -31.55
N THR E 112 -48.08 13.40 -31.84
CA THR E 112 -48.56 13.62 -33.18
C THR E 112 -47.76 14.63 -33.97
N ASP E 113 -46.62 15.04 -33.43
CA ASP E 113 -45.67 15.91 -34.14
C ASP E 113 -45.13 15.14 -35.38
N PRO E 114 -45.42 15.64 -36.61
CA PRO E 114 -45.09 14.83 -37.79
C PRO E 114 -43.58 14.71 -38.04
N ALA E 115 -42.77 15.63 -37.48
CA ALA E 115 -41.30 15.48 -37.43
C ALA E 115 -40.82 14.05 -37.02
N PHE E 116 -41.64 13.33 -36.26
CA PHE E 116 -41.28 12.01 -35.68
C PHE E 116 -41.74 10.75 -36.43
N ALA E 117 -42.32 10.91 -37.61
CA ALA E 117 -42.96 9.79 -38.33
C ALA E 117 -41.98 8.69 -38.79
N ASP E 118 -40.72 9.08 -39.01
CA ASP E 118 -39.69 8.12 -39.45
C ASP E 118 -38.53 7.97 -38.44
N LYS E 119 -38.77 8.35 -37.18
CA LYS E 119 -37.71 8.32 -36.13
C LYS E 119 -38.30 8.12 -34.73
N GLY E 120 -39.32 7.28 -34.64
CA GLY E 120 -39.79 6.85 -33.32
C GLY E 120 -38.75 5.97 -32.63
N THR E 121 -38.93 5.74 -31.33
CA THR E 121 -38.08 4.80 -30.60
C THR E 121 -38.97 4.35 -29.47
N LYS E 122 -38.51 3.39 -28.68
CA LYS E 122 -39.33 2.99 -27.55
C LYS E 122 -39.67 4.18 -26.63
N ASP E 123 -38.80 5.20 -26.65
CA ASP E 123 -38.89 6.42 -25.84
C ASP E 123 -39.97 7.36 -26.33
N LYS E 124 -40.03 7.58 -27.65
CA LYS E 124 -41.01 8.49 -28.21
C LYS E 124 -41.27 8.21 -29.67
N PHE E 125 -42.53 8.07 -30.00
CA PHE E 125 -42.89 7.81 -31.39
C PHE E 125 -44.19 8.46 -31.78
N TYR E 126 -44.47 8.40 -33.06
CA TYR E 126 -45.56 9.10 -33.67
C TYR E 126 -46.78 8.17 -33.84
N ILE E 127 -47.97 8.72 -33.58
CA ILE E 127 -49.27 8.16 -33.92
C ILE E 127 -49.90 9.17 -34.87
N ASP E 128 -50.43 8.72 -35.99
CA ASP E 128 -50.74 9.68 -37.07
C ASP E 128 -52.12 10.35 -36.98
N TYR E 129 -52.79 10.25 -35.84
CA TYR E 129 -54.12 10.84 -35.69
C TYR E 129 -53.96 12.15 -34.97
N GLN E 130 -54.08 13.24 -35.73
CA GLN E 130 -53.67 14.58 -35.25
C GLN E 130 -54.47 15.08 -34.05
N ASN E 131 -55.66 14.55 -33.91
CA ASN E 131 -56.49 14.88 -32.77
C ASN E 131 -56.26 13.98 -31.59
N LEU E 132 -55.22 13.15 -31.55
CA LEU E 132 -55.06 12.19 -30.41
C LEU E 132 -55.23 12.85 -29.03
N SER E 133 -54.51 13.97 -28.80
CA SER E 133 -54.48 14.66 -27.51
C SER E 133 -55.80 15.21 -27.06
N LYS E 134 -56.56 15.75 -28.00
CA LYS E 134 -57.87 16.29 -27.67
C LYS E 134 -58.85 15.15 -27.29
N VAL E 135 -58.63 13.98 -27.83
CA VAL E 135 -59.66 12.94 -27.67
C VAL E 135 -59.39 12.10 -26.43
N VAL E 136 -58.13 12.01 -26.02
CA VAL E 136 -57.81 11.15 -24.88
C VAL E 136 -57.63 12.00 -23.60
N ARG E 137 -57.91 11.41 -22.43
CA ARG E 137 -57.62 12.01 -21.12
C ARG E 137 -56.77 11.06 -20.23
N PRO E 138 -56.11 11.59 -19.16
CA PRO E 138 -55.42 10.76 -18.16
C PRO E 138 -56.31 9.60 -17.68
N GLY E 139 -55.78 8.36 -17.71
CA GLY E 139 -56.50 7.19 -17.27
C GLY E 139 -56.92 6.33 -18.46
N ASN E 140 -57.27 7.00 -19.57
CA ASN E 140 -57.59 6.29 -20.83
C ASN E 140 -56.48 5.35 -21.31
N TYR E 141 -56.90 4.34 -22.06
CA TYR E 141 -56.00 3.33 -22.58
C TYR E 141 -55.80 3.54 -24.08
N ILE E 142 -54.59 3.24 -24.56
CA ILE E 142 -54.26 3.35 -25.97
C ILE E 142 -53.72 2.01 -26.47
N TYR E 143 -54.49 1.35 -27.32
CA TYR E 143 -54.10 -0.02 -27.78
C TYR E 143 -53.31 0.02 -29.07
N ILE E 144 -52.24 -0.75 -29.13
CA ILE E 144 -51.37 -0.79 -30.29
C ILE E 144 -51.08 -2.23 -30.68
N ASP E 145 -51.15 -2.52 -31.97
CA ASP E 145 -50.94 -3.86 -32.46
C ASP E 145 -52.01 -4.96 -32.28
N ASP E 146 -53.24 -4.64 -32.66
CA ASP E 146 -54.32 -5.58 -32.43
C ASP E 146 -54.88 -5.48 -30.99
N GLY E 147 -54.49 -4.43 -30.28
CA GLY E 147 -54.78 -4.31 -28.82
C GLY E 147 -53.79 -5.11 -27.93
N ILE E 148 -52.70 -5.58 -28.51
CA ILE E 148 -51.76 -6.43 -27.79
C ILE E 148 -50.95 -5.64 -26.79
N LEU E 149 -50.50 -4.47 -27.21
CA LEU E 149 -49.70 -3.58 -26.36
C LEU E 149 -50.67 -2.56 -25.81
N ILE E 150 -50.75 -2.49 -24.48
CA ILE E 150 -51.71 -1.57 -23.88
C ILE E 150 -50.92 -0.51 -23.14
N LEU E 151 -50.93 0.70 -23.69
CA LEU E 151 -50.32 1.81 -23.02
C LEU E 151 -51.43 2.50 -22.23
N GLN E 152 -51.08 3.04 -21.07
CA GLN E 152 -52.02 3.94 -20.38
C GLN E 152 -51.56 5.39 -20.31
N VAL E 153 -52.49 6.29 -20.62
CA VAL E 153 -52.23 7.70 -20.64
C VAL E 153 -52.11 8.30 -19.24
N GLN E 154 -50.96 8.96 -18.98
CA GLN E 154 -50.71 9.52 -17.68
C GLN E 154 -50.95 11.03 -17.72
N SER E 155 -50.41 11.71 -18.73
CA SER E 155 -50.52 13.15 -18.80
C SER E 155 -50.20 13.66 -20.18
N HIS E 156 -50.49 14.95 -20.37
CA HIS E 156 -50.11 15.69 -21.55
C HIS E 156 -48.74 16.28 -21.26
N GLU E 157 -47.68 15.64 -21.78
CA GLU E 157 -46.35 16.29 -21.79
C GLU E 157 -46.44 17.66 -22.46
N ASP E 158 -47.07 17.73 -23.63
CA ASP E 158 -47.36 19.02 -24.26
C ASP E 158 -48.59 18.95 -25.14
N GLU E 159 -48.82 19.95 -25.96
CA GLU E 159 -50.03 19.94 -26.72
C GLU E 159 -50.15 18.87 -27.82
N GLN E 160 -49.05 18.19 -28.15
CA GLN E 160 -48.99 17.14 -29.16
C GLN E 160 -48.44 15.82 -28.67
N THR E 161 -48.11 15.73 -27.40
CA THR E 161 -47.38 14.58 -26.91
C THR E 161 -48.01 14.13 -25.61
N LEU E 162 -48.18 12.82 -25.48
CA LEU E 162 -48.75 12.20 -24.30
C LEU E 162 -47.69 11.37 -23.60
N GLU E 163 -47.54 11.56 -22.29
CA GLU E 163 -46.69 10.68 -21.49
C GLU E 163 -47.53 9.44 -21.20
N CYS E 164 -47.00 8.26 -21.50
CA CYS E 164 -47.72 6.99 -21.26
C CYS E 164 -46.94 6.06 -20.36
N THR E 165 -47.66 5.23 -19.60
CA THR E 165 -47.09 4.00 -19.00
C THR E 165 -47.27 2.81 -19.93
N VAL E 166 -46.27 1.95 -20.04
CA VAL E 166 -46.44 0.67 -20.69
C VAL E 166 -47.02 -0.41 -19.70
N THR E 167 -48.25 -0.89 -19.94
CA THR E 167 -48.89 -1.79 -18.97
C THR E 167 -48.53 -3.26 -19.16
N ASN E 168 -48.05 -3.62 -20.36
CA ASN E 168 -47.60 -5.01 -20.60
C ASN E 168 -46.56 -5.05 -21.71
N SER E 169 -45.69 -6.04 -21.65
CA SER E 169 -44.51 -6.10 -22.51
C SER E 169 -44.93 -6.53 -23.89
N HIS E 170 -44.28 -5.96 -24.91
CA HIS E 170 -44.54 -6.39 -26.27
C HIS E 170 -43.61 -5.62 -27.23
N THR E 171 -43.00 -6.34 -28.14
CA THR E 171 -42.21 -5.72 -29.17
C THR E 171 -43.20 -5.33 -30.28
N ILE E 172 -43.08 -4.09 -30.76
CA ILE E 172 -43.93 -3.61 -31.85
C ILE E 172 -43.10 -3.15 -33.06
N SER E 173 -43.49 -3.56 -34.27
CA SER E 173 -42.78 -3.11 -35.48
C SER E 173 -43.44 -1.88 -36.11
N ASP E 174 -42.95 -1.46 -37.28
CA ASP E 174 -43.47 -0.26 -37.95
C ASP E 174 -44.97 -0.26 -38.21
N ARG E 175 -45.56 0.90 -37.94
CA ARG E 175 -46.90 1.23 -38.43
C ARG E 175 -48.03 0.33 -37.98
N ARG E 176 -48.09 0.03 -36.69
CA ARG E 176 -49.23 -0.74 -36.19
C ARG E 176 -50.50 0.09 -36.04
N GLY E 177 -51.65 -0.58 -36.09
CA GLY E 177 -52.93 0.10 -35.94
C GLY E 177 -53.16 0.40 -34.48
N VAL E 178 -53.85 1.48 -34.19
CA VAL E 178 -54.10 1.75 -32.82
C VAL E 178 -55.62 1.81 -32.63
N ASN E 179 -56.07 1.52 -31.40
CA ASN E 179 -57.45 1.79 -31.05
C ASN E 179 -57.55 2.62 -29.82
N LEU E 180 -58.75 3.13 -29.54
CA LEU E 180 -58.98 4.06 -28.47
C LEU E 180 -60.32 3.73 -27.73
N PRO E 181 -60.31 2.69 -26.86
CA PRO E 181 -61.61 2.18 -26.49
C PRO E 181 -62.53 3.08 -25.69
N GLY E 182 -62.01 4.03 -24.95
CA GLY E 182 -62.89 4.89 -24.18
C GLY E 182 -62.96 6.24 -24.87
N CYS E 183 -62.75 6.23 -26.17
CA CYS E 183 -62.52 7.48 -26.86
C CYS E 183 -63.38 7.58 -28.08
N ASP E 184 -63.95 8.77 -28.23
CA ASP E 184 -64.76 9.08 -29.37
C ASP E 184 -63.84 9.55 -30.50
N VAL E 185 -63.56 8.64 -31.41
CA VAL E 185 -62.64 8.96 -32.49
C VAL E 185 -63.35 9.78 -33.54
N ASP E 186 -62.72 10.85 -34.02
CA ASP E 186 -63.43 11.78 -34.93
C ASP E 186 -62.80 11.96 -36.30
N LEU E 187 -62.16 10.94 -36.78
CA LEU E 187 -61.84 10.86 -38.15
C LEU E 187 -63.09 11.09 -38.98
N PRO E 188 -62.90 11.64 -40.17
CA PRO E 188 -63.97 11.81 -41.12
C PRO E 188 -64.54 10.46 -41.50
N ALA E 189 -65.75 10.45 -42.02
CA ALA E 189 -66.43 9.22 -42.32
C ALA E 189 -65.71 8.52 -43.41
N VAL E 190 -65.24 9.32 -44.34
CA VAL E 190 -64.63 8.86 -45.55
C VAL E 190 -63.23 9.43 -45.74
N SER E 191 -62.24 8.58 -45.83
CA SER E 191 -60.90 8.99 -46.12
C SER E 191 -60.73 9.44 -47.57
N ALA E 192 -59.58 9.97 -47.89
CA ALA E 192 -59.30 10.34 -49.26
C ALA E 192 -59.23 9.13 -50.17
N LYS E 193 -58.66 8.05 -49.72
CA LYS E 193 -58.68 6.84 -50.50
C LYS E 193 -60.10 6.29 -50.69
N ASP E 194 -60.92 6.34 -49.64
CA ASP E 194 -62.30 5.92 -49.72
C ASP E 194 -63.02 6.70 -50.80
N ARG E 195 -62.78 7.99 -50.84
CA ARG E 195 -63.43 8.85 -51.78
C ARG E 195 -63.14 8.38 -53.17
N VAL E 196 -61.91 7.99 -53.41
CA VAL E 196 -61.54 7.47 -54.67
C VAL E 196 -62.12 6.10 -54.65
N ASP E 197 -62.35 5.54 -53.46
CA ASP E 197 -62.87 4.20 -53.40
C ASP E 197 -64.34 4.15 -53.72
N LEU E 198 -65.10 5.09 -53.20
CA LEU E 198 -66.51 5.19 -53.51
C LEU E 198 -66.83 5.47 -54.95
N GLN E 199 -66.08 6.36 -55.57
CA GLN E 199 -66.29 6.67 -56.96
C GLN E 199 -66.08 5.49 -57.86
N PHE E 200 -65.07 4.70 -57.57
CA PHE E 200 -64.74 3.52 -58.32
C PHE E 200 -65.86 2.53 -58.26
N GLY E 201 -66.44 2.41 -57.07
CA GLY E 201 -67.54 1.50 -56.86
C GLY E 201 -68.75 1.86 -57.68
N VAL E 202 -69.03 3.15 -57.78
CA VAL E 202 -70.08 3.64 -58.63
C VAL E 202 -69.81 3.36 -60.09
N GLU E 203 -68.59 3.59 -60.52
CA GLU E 203 -68.15 3.39 -61.88
C GLU E 203 -68.24 1.95 -62.33
N GLN E 204 -67.88 1.02 -61.47
CA GLN E 204 -67.90 -0.36 -61.84
C GLN E 204 -69.22 -0.97 -61.50
N GLY E 205 -70.17 -0.13 -61.11
CA GLY E 205 -71.51 -0.57 -60.82
C GLY E 205 -71.75 -1.58 -59.73
N VAL E 206 -71.08 -1.42 -58.61
CA VAL E 206 -71.34 -2.28 -57.47
C VAL E 206 -72.72 -2.12 -56.86
N ASP E 207 -73.24 -3.21 -56.35
CA ASP E 207 -74.50 -3.23 -55.66
C ASP E 207 -74.64 -2.55 -54.29
N MET E 208 -73.68 -2.72 -53.40
CA MET E 208 -73.75 -2.18 -52.06
C MET E 208 -72.40 -1.76 -51.52
N ILE E 209 -72.41 -0.90 -50.53
CA ILE E 209 -71.24 -0.51 -49.82
C ILE E 209 -71.32 -1.01 -48.39
N PHE E 210 -70.29 -1.68 -47.93
CA PHE E 210 -70.22 -1.95 -46.53
C PHE E 210 -69.39 -0.85 -45.96
N ALA E 211 -69.99 0.09 -45.31
CA ALA E 211 -69.28 1.25 -44.88
C ALA E 211 -68.67 1.04 -43.51
N SER E 212 -67.35 0.98 -43.48
CA SER E 212 -66.61 0.77 -42.27
C SER E 212 -66.69 1.88 -41.26
N PHE E 213 -66.54 1.46 -40.02
CA PHE E 213 -66.42 2.33 -38.90
C PHE E 213 -67.53 3.43 -38.83
N ILE E 214 -68.89 3.20 -38.94
CA ILE E 214 -69.84 4.26 -38.97
C ILE E 214 -70.10 4.70 -37.54
N ARG E 215 -69.58 5.86 -37.15
CA ARG E 215 -69.92 6.60 -35.92
C ARG E 215 -71.31 7.28 -35.82
N SER E 216 -71.86 7.72 -36.94
CA SER E 216 -73.02 8.60 -36.94
C SER E 216 -73.95 8.59 -38.15
N ALA E 217 -75.15 9.11 -37.96
CA ALA E 217 -76.13 9.31 -38.99
C ALA E 217 -75.67 10.31 -40.02
N GLU E 218 -74.95 11.32 -39.55
CA GLU E 218 -74.36 12.34 -40.39
C GLU E 218 -73.34 11.77 -41.35
N GLN E 219 -72.55 10.82 -40.87
CA GLN E 219 -71.56 10.13 -41.66
C GLN E 219 -72.15 9.31 -42.78
N VAL E 220 -73.27 8.67 -42.55
CA VAL E 220 -73.94 7.90 -43.58
C VAL E 220 -74.34 8.85 -44.67
N GLY E 221 -74.85 10.00 -44.29
CA GLY E 221 -75.27 10.98 -45.27
C GLY E 221 -74.12 11.44 -46.11
N ASP E 222 -72.98 11.60 -45.49
CA ASP E 222 -71.79 11.96 -46.22
C ASP E 222 -71.40 10.88 -47.20
N VAL E 223 -71.57 9.63 -46.84
CA VAL E 223 -71.36 8.55 -47.76
C VAL E 223 -72.33 8.56 -48.94
N ARG E 224 -73.57 8.86 -48.66
CA ARG E 224 -74.61 8.87 -49.65
C ARG E 224 -74.28 9.94 -50.66
N LYS E 225 -73.75 11.02 -50.15
CA LYS E 225 -73.43 12.21 -50.90
C LYS E 225 -72.21 12.04 -51.77
N ALA E 226 -71.21 11.34 -51.26
CA ALA E 226 -70.05 10.97 -52.03
C ALA E 226 -70.41 10.04 -53.18
N LEU E 227 -71.36 9.16 -52.97
CA LEU E 227 -71.79 8.27 -54.02
C LEU E 227 -72.40 9.07 -55.13
N GLY E 228 -73.11 10.12 -54.76
CA GLY E 228 -73.71 11.02 -55.71
C GLY E 228 -75.02 10.58 -56.31
N PRO E 229 -75.45 11.28 -57.34
CA PRO E 229 -76.62 10.94 -58.15
C PRO E 229 -76.49 9.66 -58.89
N LYS E 230 -75.33 9.43 -59.47
CA LYS E 230 -75.08 8.23 -60.22
C LYS E 230 -75.17 7.03 -59.31
N GLY E 231 -74.93 7.28 -58.04
CA GLY E 231 -74.85 6.25 -57.04
C GLY E 231 -76.06 6.06 -56.15
N ARG E 232 -77.17 6.66 -56.49
CA ARG E 232 -78.32 6.73 -55.62
C ARG E 232 -79.00 5.42 -55.27
N ASP E 233 -78.91 4.45 -56.14
CA ASP E 233 -79.54 3.18 -55.88
C ASP E 233 -78.62 2.15 -55.26
N ILE E 234 -77.42 2.55 -54.88
CA ILE E 234 -76.52 1.65 -54.20
C ILE E 234 -76.86 1.70 -52.74
N MET E 235 -76.95 0.52 -52.13
CA MET E 235 -77.29 0.35 -50.73
C MET E 235 -76.12 0.68 -49.83
N ILE E 236 -76.34 1.43 -48.79
CA ILE E 236 -75.29 1.62 -47.82
C ILE E 236 -75.54 0.81 -46.58
N ILE E 237 -74.74 -0.22 -46.39
CA ILE E 237 -74.82 -1.08 -45.24
C ILE E 237 -73.82 -0.60 -44.20
N CYS E 238 -74.28 -0.25 -43.02
CA CYS E 238 -73.38 0.31 -42.05
C CYS E 238 -72.80 -0.65 -41.03
N LYS E 239 -71.50 -0.79 -41.04
CA LYS E 239 -70.79 -1.62 -40.12
C LYS E 239 -70.65 -0.96 -38.76
N ILE E 240 -71.04 -1.65 -37.72
CA ILE E 240 -70.93 -1.14 -36.38
C ILE E 240 -69.75 -1.80 -35.78
N GLU E 241 -68.69 -1.04 -35.56
CA GLU E 241 -67.43 -1.62 -35.10
C GLU E 241 -66.89 -0.95 -33.86
N ASN E 242 -67.48 0.17 -33.43
CA ASN E 242 -67.07 0.87 -32.21
C ASN E 242 -68.14 1.35 -31.26
N HIS E 243 -67.73 2.04 -30.23
CA HIS E 243 -68.62 2.53 -29.21
C HIS E 243 -69.68 3.52 -29.66
N GLN E 244 -69.27 4.49 -30.42
CA GLN E 244 -70.14 5.52 -30.93
C GLN E 244 -71.19 4.96 -31.84
N GLY E 245 -70.81 4.03 -32.68
CA GLY E 245 -71.74 3.39 -33.55
C GLY E 245 -72.82 2.65 -32.82
N VAL E 246 -72.45 1.92 -31.77
CA VAL E 246 -73.45 1.27 -30.97
C VAL E 246 -74.37 2.25 -30.28
N GLN E 247 -73.82 3.30 -29.76
CA GLN E 247 -74.58 4.28 -29.05
C GLN E 247 -75.60 4.94 -29.94
N ASN E 248 -75.22 5.18 -31.17
CA ASN E 248 -76.04 5.91 -32.13
C ASN E 248 -76.84 5.04 -33.07
N ILE E 249 -77.11 3.82 -32.67
CA ILE E 249 -77.67 2.85 -33.55
C ILE E 249 -79.03 3.13 -34.16
N ASP E 250 -79.96 3.70 -33.42
CA ASP E 250 -81.25 3.99 -33.98
C ASP E 250 -81.20 5.00 -35.11
N SER E 251 -80.48 6.08 -34.91
CA SER E 251 -80.29 7.05 -35.94
C SER E 251 -79.51 6.53 -37.14
N ILE E 252 -78.50 5.71 -36.90
CA ILE E 252 -77.78 5.07 -37.96
C ILE E 252 -78.64 4.11 -38.76
N ILE E 253 -79.45 3.35 -38.06
CA ILE E 253 -80.33 2.43 -38.70
C ILE E 253 -81.33 3.19 -39.58
N GLU E 254 -81.83 4.31 -39.11
CA GLU E 254 -82.71 5.17 -39.89
C GLU E 254 -82.13 5.59 -41.22
N GLU E 255 -80.94 6.14 -41.17
CA GLU E 255 -80.20 6.58 -42.36
C GLU E 255 -79.75 5.49 -43.32
N SER E 256 -79.40 4.35 -42.79
CA SER E 256 -78.85 3.26 -43.54
C SER E 256 -79.86 2.44 -44.32
N ASP E 257 -79.37 1.55 -45.14
CA ASP E 257 -80.16 0.53 -45.76
C ASP E 257 -79.98 -0.81 -45.08
N GLY E 258 -79.10 -0.88 -44.11
CA GLY E 258 -78.85 -2.09 -43.38
C GLY E 258 -77.65 -1.97 -42.48
N ILE E 259 -77.40 -3.01 -41.70
CA ILE E 259 -76.38 -3.02 -40.70
C ILE E 259 -75.52 -4.27 -40.80
N MET E 260 -74.26 -4.09 -40.51
CA MET E 260 -73.37 -5.17 -40.22
C MET E 260 -72.87 -5.15 -38.77
N VAL E 261 -72.95 -6.28 -38.10
CA VAL E 261 -72.41 -6.39 -36.79
C VAL E 261 -70.98 -6.84 -36.92
N ALA E 262 -70.08 -5.89 -36.98
CA ALA E 262 -68.70 -6.13 -37.35
C ALA E 262 -67.92 -6.54 -36.15
N ARG E 263 -67.96 -7.81 -35.86
CA ARG E 263 -67.50 -8.31 -34.61
C ARG E 263 -66.02 -8.19 -34.35
N GLY E 264 -65.17 -8.33 -35.35
CA GLY E 264 -63.75 -8.23 -35.11
C GLY E 264 -63.23 -6.92 -34.57
N ASP E 265 -63.52 -5.82 -35.21
CA ASP E 265 -63.27 -4.51 -34.62
C ASP E 265 -64.05 -4.20 -33.33
N LEU E 266 -65.32 -4.57 -33.28
CA LEU E 266 -66.20 -4.30 -32.16
C LEU E 266 -65.72 -4.95 -30.90
N GLY E 267 -65.16 -6.12 -31.10
CA GLY E 267 -64.57 -6.94 -30.10
C GLY E 267 -63.39 -6.37 -29.35
N VAL E 268 -62.51 -5.62 -29.99
CA VAL E 268 -61.50 -4.79 -29.38
C VAL E 268 -62.02 -3.54 -28.72
N GLU E 269 -62.87 -2.86 -29.47
CA GLU E 269 -63.43 -1.58 -29.05
C GLU E 269 -64.30 -1.71 -27.82
N ILE E 270 -65.01 -2.78 -27.74
CA ILE E 270 -65.95 -2.95 -26.72
C ILE E 270 -65.44 -4.23 -26.24
N PRO E 271 -65.61 -4.45 -24.97
CA PRO E 271 -65.23 -5.71 -24.40
C PRO E 271 -66.18 -6.68 -24.98
N ALA E 272 -65.52 -7.80 -25.21
CA ALA E 272 -65.83 -8.90 -26.06
C ALA E 272 -67.06 -9.55 -25.58
N GLU E 273 -67.18 -9.68 -24.27
CA GLU E 273 -68.35 -10.25 -23.66
C GLU E 273 -69.59 -9.42 -23.91
N LYS E 274 -69.38 -8.17 -24.28
CA LYS E 274 -70.48 -7.27 -24.62
C LYS E 274 -70.97 -7.45 -26.07
N VAL E 275 -70.08 -7.93 -26.95
CA VAL E 275 -70.43 -8.09 -28.34
C VAL E 275 -71.69 -8.94 -28.46
N VAL E 276 -71.89 -9.88 -27.56
CA VAL E 276 -73.08 -10.70 -27.57
C VAL E 276 -74.38 -9.93 -27.36
N VAL E 277 -74.42 -9.03 -26.39
CA VAL E 277 -75.54 -8.14 -26.18
C VAL E 277 -75.74 -7.20 -27.35
N ALA E 278 -74.67 -6.67 -27.88
CA ALA E 278 -74.76 -5.85 -29.04
C ALA E 278 -75.31 -6.61 -30.25
N GLN E 279 -74.93 -7.85 -30.44
CA GLN E 279 -75.46 -8.64 -31.52
C GLN E 279 -76.95 -8.85 -31.43
N LYS E 280 -77.41 -9.25 -30.26
CA LYS E 280 -78.80 -9.40 -30.06
C LYS E 280 -79.55 -8.12 -30.24
N ILE E 281 -79.10 -7.02 -29.69
CA ILE E 281 -79.81 -5.80 -29.88
C ILE E 281 -79.87 -5.29 -31.31
N LEU E 282 -78.76 -5.29 -32.00
CA LEU E 282 -78.69 -4.75 -33.32
C LEU E 282 -79.48 -5.51 -34.37
N ILE E 283 -79.44 -6.81 -34.25
CA ILE E 283 -80.18 -7.67 -35.12
C ILE E 283 -81.67 -7.49 -34.93
N SER E 284 -82.09 -7.41 -33.68
CA SER E 284 -83.47 -7.22 -33.39
C SER E 284 -84.00 -5.90 -33.88
N LYS E 285 -83.26 -4.84 -33.69
CA LYS E 285 -83.66 -3.53 -34.14
C LYS E 285 -83.77 -3.46 -35.68
N CYS E 286 -82.86 -4.13 -36.36
CA CYS E 286 -82.95 -4.30 -37.79
C CYS E 286 -84.14 -5.12 -38.22
N ASN E 287 -84.45 -6.19 -37.51
CA ASN E 287 -85.61 -6.98 -37.83
C ASN E 287 -86.90 -6.20 -37.67
N VAL E 288 -87.00 -5.45 -36.60
CA VAL E 288 -88.16 -4.65 -36.34
C VAL E 288 -88.30 -3.56 -37.37
N ALA E 289 -87.21 -2.95 -37.75
CA ALA E 289 -87.19 -1.92 -38.77
C ALA E 289 -87.39 -2.38 -40.24
N GLY E 290 -87.35 -3.67 -40.48
CA GLY E 290 -87.25 -4.25 -41.80
C GLY E 290 -86.04 -4.01 -42.69
N LYS E 291 -84.86 -4.00 -42.13
CA LYS E 291 -83.65 -3.80 -42.89
C LYS E 291 -82.70 -4.94 -42.64
N PRO E 292 -81.95 -5.28 -43.67
CA PRO E 292 -81.06 -6.43 -43.65
C PRO E 292 -79.95 -6.28 -42.62
N VAL E 293 -79.62 -7.35 -41.91
CA VAL E 293 -78.60 -7.35 -40.90
C VAL E 293 -77.63 -8.50 -41.05
N ILE E 294 -76.36 -8.22 -40.92
CA ILE E 294 -75.30 -9.18 -41.13
C ILE E 294 -74.46 -9.42 -39.88
N CYS E 295 -74.24 -10.69 -39.59
CA CYS E 295 -73.34 -11.13 -38.55
C CYS E 295 -72.01 -11.53 -39.11
N ALA E 296 -70.98 -10.88 -38.61
CA ALA E 296 -69.65 -10.98 -39.15
C ALA E 296 -68.54 -11.32 -38.18
N THR E 297 -67.56 -12.05 -38.71
CA THR E 297 -66.19 -12.21 -38.22
C THR E 297 -65.96 -13.39 -37.28
N GLN E 298 -64.97 -14.21 -37.59
CA GLN E 298 -64.53 -15.34 -36.80
C GLN E 298 -65.60 -16.40 -36.65
N MET E 299 -66.59 -16.36 -37.51
CA MET E 299 -67.69 -17.30 -37.44
C MET E 299 -67.25 -18.74 -37.65
N LEU E 300 -66.40 -18.97 -38.61
CA LEU E 300 -65.85 -20.30 -38.78
C LEU E 300 -64.34 -20.22 -38.96
N GLU E 301 -63.68 -19.55 -38.05
CA GLU E 301 -62.28 -19.20 -38.16
C GLU E 301 -61.27 -20.32 -38.33
N SER E 302 -61.45 -21.44 -37.64
CA SER E 302 -60.52 -22.53 -37.62
C SER E 302 -60.49 -23.24 -38.96
N MET E 303 -61.50 -22.98 -39.76
CA MET E 303 -61.68 -23.60 -41.03
C MET E 303 -60.87 -22.85 -42.07
N THR E 304 -60.18 -21.82 -41.64
CA THR E 304 -59.19 -21.17 -42.44
C THR E 304 -58.10 -22.19 -42.65
N TYR E 305 -57.88 -23.05 -41.67
CA TYR E 305 -56.81 -24.01 -41.78
C TYR E 305 -57.22 -25.46 -41.66
N ASN E 306 -58.42 -25.74 -41.19
CA ASN E 306 -58.85 -27.10 -41.01
C ASN E 306 -60.09 -27.42 -41.79
N PRO E 307 -60.21 -28.68 -42.12
CA PRO E 307 -61.35 -29.21 -42.85
C PRO E 307 -62.67 -29.12 -42.09
N ARG E 308 -62.62 -29.10 -40.78
CA ARG E 308 -63.78 -29.14 -39.92
C ARG E 308 -63.74 -28.07 -38.86
N PRO E 309 -64.91 -27.55 -38.50
CA PRO E 309 -65.03 -26.50 -37.51
C PRO E 309 -65.02 -26.99 -36.08
N THR E 310 -64.75 -26.08 -35.18
CA THR E 310 -64.92 -26.27 -33.75
C THR E 310 -66.38 -26.23 -33.32
N ARG E 311 -66.69 -26.77 -32.15
CA ARG E 311 -68.02 -26.76 -31.62
C ARG E 311 -68.53 -25.36 -31.38
N ALA E 312 -67.68 -24.48 -30.88
CA ALA E 312 -68.06 -23.12 -30.64
C ALA E 312 -68.43 -22.40 -31.92
N GLU E 313 -67.74 -22.71 -32.99
CA GLU E 313 -68.03 -22.13 -34.26
C GLU E 313 -69.36 -22.49 -34.85
N VAL E 314 -69.70 -23.77 -34.81
CA VAL E 314 -70.94 -24.27 -35.29
C VAL E 314 -72.05 -23.65 -34.48
N SER E 315 -71.89 -23.60 -33.19
CA SER E 315 -72.87 -22.97 -32.37
C SER E 315 -73.06 -21.52 -32.72
N ASP E 316 -71.97 -20.84 -33.03
CA ASP E 316 -72.04 -19.46 -33.43
C ASP E 316 -72.83 -19.22 -34.73
N VAL E 317 -72.65 -19.99 -35.76
CA VAL E 317 -73.43 -19.75 -36.97
C VAL E 317 -74.93 -19.95 -36.72
N ALA E 318 -75.25 -20.98 -35.97
CA ALA E 318 -76.61 -21.29 -35.62
C ALA E 318 -77.35 -20.25 -34.79
N ASN E 319 -76.70 -19.77 -33.75
CA ASN E 319 -77.22 -18.72 -32.90
C ASN E 319 -77.41 -17.41 -33.63
N ALA E 320 -76.59 -17.10 -34.61
CA ALA E 320 -76.82 -15.91 -35.41
C ALA E 320 -78.13 -15.93 -36.18
N VAL E 321 -78.46 -17.08 -36.73
CA VAL E 321 -79.74 -17.33 -37.37
C VAL E 321 -80.91 -17.25 -36.42
N PHE E 322 -80.76 -17.85 -35.24
CA PHE E 322 -81.72 -17.78 -34.18
C PHE E 322 -81.89 -16.35 -33.74
N ASN E 323 -80.83 -15.58 -33.76
CA ASN E 323 -80.81 -14.20 -33.37
C ASN E 323 -81.70 -13.39 -34.33
N GLY E 324 -81.86 -13.89 -35.54
CA GLY E 324 -82.61 -13.19 -36.54
C GLY E 324 -81.90 -12.54 -37.69
N ALA E 325 -80.65 -12.86 -37.90
CA ALA E 325 -79.87 -12.30 -38.97
C ALA E 325 -80.26 -12.70 -40.39
N ASP E 326 -80.29 -11.75 -41.28
CA ASP E 326 -80.42 -12.03 -42.68
C ASP E 326 -79.23 -12.82 -43.23
N CYS E 327 -78.03 -12.40 -42.84
CA CYS E 327 -76.78 -12.91 -43.40
C CYS E 327 -75.69 -13.31 -42.42
N VAL E 328 -74.91 -14.30 -42.79
CA VAL E 328 -73.68 -14.59 -42.11
C VAL E 328 -72.57 -14.36 -43.10
N MET E 329 -71.37 -14.13 -42.58
CA MET E 329 -70.28 -13.68 -43.40
C MET E 329 -69.01 -14.47 -43.19
N LEU E 330 -68.22 -14.56 -44.23
CA LEU E 330 -66.94 -15.22 -44.18
C LEU E 330 -65.86 -14.25 -44.57
N SER E 331 -64.80 -14.22 -43.80
CA SER E 331 -63.75 -13.27 -44.04
C SER E 331 -62.45 -13.88 -44.53
N GLY E 332 -61.58 -14.20 -43.61
CA GLY E 332 -60.34 -14.87 -43.87
C GLY E 332 -60.48 -16.27 -44.38
N GLU E 333 -61.53 -16.93 -43.92
CA GLU E 333 -61.81 -18.30 -44.25
C GLU E 333 -61.98 -18.48 -45.77
N THR E 334 -62.50 -17.48 -46.45
CA THR E 334 -62.53 -17.47 -47.90
C THR E 334 -61.49 -16.60 -48.60
N ALA E 335 -61.01 -15.56 -47.95
CA ALA E 335 -59.99 -14.75 -48.54
C ALA E 335 -58.64 -15.42 -48.69
N LYS E 336 -58.16 -16.05 -47.63
CA LYS E 336 -56.86 -16.66 -47.60
C LYS E 336 -56.79 -18.12 -47.17
N GLY E 337 -57.93 -18.72 -46.94
CA GLY E 337 -58.05 -20.05 -46.42
C GLY E 337 -57.71 -21.21 -47.32
N LYS E 338 -57.44 -22.34 -46.69
CA LYS E 338 -57.30 -23.65 -47.27
C LYS E 338 -58.54 -24.31 -47.87
N TYR E 339 -59.70 -24.12 -47.26
CA TYR E 339 -60.87 -24.86 -47.66
C TYR E 339 -62.07 -23.98 -47.91
N PRO E 340 -61.97 -23.15 -48.92
CA PRO E 340 -63.01 -22.19 -49.18
C PRO E 340 -64.36 -22.80 -49.50
N ASN E 341 -64.42 -23.78 -50.38
CA ASN E 341 -65.66 -24.45 -50.67
C ASN E 341 -66.26 -25.17 -49.48
N GLU E 342 -65.45 -25.88 -48.75
CA GLU E 342 -65.91 -26.58 -47.59
C GLU E 342 -66.45 -25.67 -46.50
N VAL E 343 -65.81 -24.55 -46.26
CA VAL E 343 -66.28 -23.67 -45.21
C VAL E 343 -67.66 -23.13 -45.53
N VAL E 344 -67.86 -22.73 -46.76
CA VAL E 344 -69.15 -22.28 -47.20
C VAL E 344 -70.18 -23.37 -47.14
N GLN E 345 -69.83 -24.57 -47.53
CA GLN E 345 -70.75 -25.66 -47.49
C GLN E 345 -71.15 -25.96 -46.08
N TYR E 346 -70.21 -25.88 -45.15
CA TYR E 346 -70.51 -26.05 -43.74
C TYR E 346 -71.43 -24.99 -43.18
N MET E 347 -71.20 -23.77 -43.55
CA MET E 347 -72.02 -22.71 -43.09
C MET E 347 -73.45 -22.84 -43.59
N ALA E 348 -73.63 -23.22 -44.84
CA ALA E 348 -74.93 -23.39 -45.40
C ALA E 348 -75.71 -24.48 -44.73
N ARG E 349 -75.04 -25.56 -44.43
CA ARG E 349 -75.60 -26.70 -43.77
C ARG E 349 -76.06 -26.37 -42.36
N ILE E 350 -75.27 -25.64 -41.60
CA ILE E 350 -75.64 -25.20 -40.27
C ILE E 350 -76.83 -24.26 -40.29
N CYS E 351 -76.86 -23.39 -41.27
CA CYS E 351 -77.93 -22.45 -41.43
C CYS E 351 -79.23 -23.17 -41.69
N LEU E 352 -79.19 -24.19 -42.51
CA LEU E 352 -80.38 -24.97 -42.80
C LEU E 352 -80.91 -25.74 -41.60
N GLU E 353 -80.01 -26.28 -40.82
CA GLU E 353 -80.36 -26.96 -39.61
C GLU E 353 -80.98 -26.07 -38.54
N ALA E 354 -80.43 -24.89 -38.34
CA ALA E 354 -80.97 -23.92 -37.37
C ALA E 354 -82.36 -23.47 -37.76
N GLN E 355 -82.56 -23.39 -39.06
CA GLN E 355 -83.80 -22.98 -39.68
C GLN E 355 -84.91 -23.93 -39.33
N SER E 356 -84.63 -25.21 -39.20
CA SER E 356 -85.62 -26.14 -38.72
C SER E 356 -86.09 -25.86 -37.33
N ALA E 357 -85.14 -25.56 -36.47
CA ALA E 357 -85.39 -25.22 -35.09
C ALA E 357 -86.07 -23.89 -34.95
N LEU E 358 -85.98 -23.06 -35.96
CA LEU E 358 -86.46 -21.71 -35.88
C LEU E 358 -87.96 -21.71 -35.80
N ASN E 359 -88.51 -20.94 -34.91
CA ASN E 359 -89.94 -20.80 -34.86
C ASN E 359 -90.32 -19.59 -35.66
N GLU E 360 -90.59 -19.78 -36.93
CA GLU E 360 -90.92 -18.73 -37.86
C GLU E 360 -92.19 -18.02 -37.50
N TYR E 361 -93.14 -18.77 -36.96
CA TYR E 361 -94.40 -18.23 -36.53
C TYR E 361 -94.35 -17.25 -35.38
N VAL E 362 -93.60 -17.57 -34.34
CA VAL E 362 -93.45 -16.69 -33.20
C VAL E 362 -92.78 -15.44 -33.62
N PHE E 363 -91.80 -15.59 -34.47
CA PHE E 363 -91.07 -14.51 -35.06
C PHE E 363 -91.97 -13.58 -35.84
N PHE E 364 -92.92 -14.11 -36.58
CA PHE E 364 -93.87 -13.28 -37.33
C PHE E 364 -94.75 -12.42 -36.40
N ASN E 365 -95.31 -13.04 -35.41
CA ASN E 365 -96.13 -12.39 -34.43
C ASN E 365 -95.38 -11.37 -33.58
N SER E 366 -94.16 -11.69 -33.20
CA SER E 366 -93.36 -10.82 -32.40
C SER E 366 -93.05 -9.56 -33.12
N ILE E 367 -92.70 -9.69 -34.39
CA ILE E 367 -92.38 -8.56 -35.23
C ILE E 367 -93.57 -7.66 -35.46
N LYS E 368 -94.70 -8.28 -35.71
CA LYS E 368 -95.98 -7.67 -35.98
C LYS E 368 -96.46 -6.80 -34.82
N LYS E 369 -96.32 -7.28 -33.59
CA LYS E 369 -96.65 -6.50 -32.41
C LYS E 369 -95.84 -5.28 -32.25
N LEU E 370 -94.63 -5.27 -32.75
CA LEU E 370 -93.74 -4.14 -32.58
C LEU E 370 -93.89 -2.98 -33.54
N GLN E 371 -94.72 -3.15 -34.54
CA GLN E 371 -94.98 -2.12 -35.50
C GLN E 371 -96.00 -1.14 -35.01
N HIS E 372 -95.75 0.10 -35.33
CA HIS E 372 -96.62 1.17 -35.00
C HIS E 372 -97.92 1.07 -35.77
N ILE E 373 -99.02 1.35 -35.07
CA ILE E 373 -100.35 1.29 -35.68
C ILE E 373 -101.06 2.62 -35.57
N PRO E 374 -101.55 3.14 -36.69
CA PRO E 374 -101.42 2.44 -37.98
C PRO E 374 -100.01 2.57 -38.54
N MET E 375 -99.80 2.07 -39.75
CA MET E 375 -98.49 2.14 -40.40
C MET E 375 -98.63 2.55 -41.86
N SER E 376 -98.82 1.58 -42.74
CA SER E 376 -98.96 1.83 -44.16
C SER E 376 -99.71 0.71 -44.86
N ALA E 377 -100.52 1.07 -45.85
CA ALA E 377 -101.30 0.09 -46.59
C ALA E 377 -100.51 -1.06 -47.16
N ASP E 378 -99.39 -0.80 -47.77
CA ASP E 378 -98.52 -1.87 -48.22
C ASP E 378 -97.96 -2.74 -47.11
N GLU E 379 -97.62 -2.14 -45.98
CA GLU E 379 -97.16 -2.92 -44.86
C GLU E 379 -98.19 -3.85 -44.28
N ALA E 380 -99.41 -3.40 -44.17
CA ALA E 380 -100.50 -4.25 -43.75
C ALA E 380 -100.75 -5.39 -44.74
N VAL E 381 -100.61 -5.10 -46.01
CA VAL E 381 -100.81 -6.09 -47.05
C VAL E 381 -99.81 -7.18 -46.91
N CYS E 382 -98.56 -6.83 -46.70
CA CYS E 382 -97.52 -7.82 -46.52
C CYS E 382 -97.65 -8.65 -45.27
N SER E 383 -97.94 -8.02 -44.16
CA SER E 383 -98.14 -8.73 -42.92
C SER E 383 -99.33 -9.65 -42.91
N SER E 384 -100.46 -9.15 -43.31
CA SER E 384 -101.62 -9.96 -43.42
C SER E 384 -101.45 -11.08 -44.47
N ALA E 385 -100.73 -10.81 -45.54
CA ALA E 385 -100.49 -11.83 -46.56
C ALA E 385 -99.70 -13.02 -46.07
N VAL E 386 -98.72 -12.75 -45.22
CA VAL E 386 -97.97 -13.75 -44.49
C VAL E 386 -98.86 -14.50 -43.51
N ASN E 387 -99.75 -13.79 -42.87
CA ASN E 387 -100.68 -14.39 -41.96
C ASN E 387 -101.55 -15.40 -42.73
N SER E 388 -101.89 -15.05 -43.94
CA SER E 388 -102.56 -15.91 -44.87
C SER E 388 -101.74 -17.12 -45.17
N VAL E 389 -100.44 -16.96 -45.28
CA VAL E 389 -99.62 -18.08 -45.56
C VAL E 389 -99.70 -19.08 -44.44
N TYR E 390 -99.60 -18.63 -43.21
CA TYR E 390 -99.70 -19.52 -42.07
C TYR E 390 -101.08 -20.16 -41.92
N GLU E 391 -102.12 -19.40 -42.16
CA GLU E 391 -103.48 -19.88 -42.09
C GLU E 391 -103.86 -20.97 -43.09
N THR E 392 -103.38 -20.87 -44.33
CA THR E 392 -103.63 -21.88 -45.35
C THR E 392 -102.57 -22.95 -45.51
N LYS E 393 -101.46 -22.78 -44.84
CA LYS E 393 -100.27 -23.55 -45.12
C LYS E 393 -99.76 -23.42 -46.53
N ALA E 394 -99.73 -22.22 -47.06
CA ALA E 394 -99.22 -21.97 -48.38
C ALA E 394 -97.74 -22.28 -48.53
N LYS E 395 -97.38 -22.88 -49.63
CA LYS E 395 -96.03 -23.36 -49.76
C LYS E 395 -95.09 -22.44 -50.50
N ALA E 396 -95.61 -21.34 -50.99
CA ALA E 396 -94.83 -20.33 -51.64
C ALA E 396 -95.49 -18.98 -51.67
N MET E 397 -94.72 -17.99 -51.98
CA MET E 397 -95.21 -16.67 -51.97
C MET E 397 -94.63 -16.02 -53.18
N VAL E 398 -95.37 -15.15 -53.83
CA VAL E 398 -94.83 -14.40 -54.94
C VAL E 398 -95.07 -12.92 -54.76
N VAL E 399 -94.04 -12.11 -54.92
CA VAL E 399 -94.22 -10.68 -54.86
C VAL E 399 -93.65 -9.97 -56.03
N LEU E 400 -94.29 -8.90 -56.42
CA LEU E 400 -93.73 -8.07 -57.43
C LEU E 400 -93.00 -6.90 -56.81
N SER E 401 -91.71 -6.82 -57.02
CA SER E 401 -90.93 -5.66 -56.66
C SER E 401 -89.90 -5.24 -57.68
N ASN E 402 -89.94 -3.99 -58.08
CA ASN E 402 -88.92 -3.41 -58.92
C ASN E 402 -87.77 -2.72 -58.16
N THR E 403 -88.08 -1.92 -57.16
CA THR E 403 -87.10 -1.35 -56.27
C THR E 403 -86.51 -2.37 -55.34
N GLY E 404 -87.23 -3.44 -55.09
CA GLY E 404 -86.87 -4.39 -54.06
C GLY E 404 -87.49 -4.09 -52.72
N ARG E 405 -88.12 -2.92 -52.60
CA ARG E 405 -88.80 -2.53 -51.38
C ARG E 405 -89.89 -3.52 -50.97
N SER E 406 -90.78 -3.86 -51.90
CA SER E 406 -91.86 -4.74 -51.57
C SER E 406 -91.34 -6.05 -51.06
N ALA E 407 -90.30 -6.56 -51.64
CA ALA E 407 -89.73 -7.80 -51.18
C ALA E 407 -89.15 -7.80 -49.75
N ARG E 408 -88.46 -6.75 -49.36
CA ARG E 408 -87.96 -6.64 -48.01
C ARG E 408 -89.09 -6.58 -46.99
N LEU E 409 -90.14 -5.86 -47.35
CA LEU E 409 -91.29 -5.68 -46.51
C LEU E 409 -92.01 -6.97 -46.21
N VAL E 410 -92.15 -7.82 -47.18
CA VAL E 410 -92.62 -9.18 -46.98
C VAL E 410 -91.74 -10.13 -46.21
N ALA E 411 -90.46 -10.14 -46.51
CA ALA E 411 -89.48 -11.02 -45.92
C ALA E 411 -89.37 -10.70 -44.46
N LYS E 412 -89.64 -9.46 -44.16
CA LYS E 412 -89.60 -8.92 -42.84
C LYS E 412 -90.56 -9.65 -41.90
N TYR E 413 -91.62 -10.18 -42.46
CA TYR E 413 -92.62 -10.82 -41.66
C TYR E 413 -92.39 -12.31 -41.50
N ARG E 414 -91.28 -12.80 -41.98
CA ARG E 414 -90.91 -14.18 -41.71
C ARG E 414 -91.96 -15.28 -41.98
N PRO E 415 -92.38 -15.42 -43.23
CA PRO E 415 -93.24 -16.52 -43.63
C PRO E 415 -92.50 -17.82 -43.55
N ASN E 416 -93.20 -18.92 -43.48
CA ASN E 416 -92.54 -20.20 -43.34
C ASN E 416 -92.35 -20.94 -44.66
N CYS E 417 -92.32 -20.17 -45.71
CA CYS E 417 -92.22 -20.68 -47.03
C CYS E 417 -91.35 -19.78 -47.82
N PRO E 418 -90.86 -20.24 -48.96
CA PRO E 418 -90.03 -19.41 -49.80
C PRO E 418 -90.76 -18.22 -50.33
N ILE E 419 -90.09 -17.12 -50.55
CA ILE E 419 -90.69 -15.97 -51.12
C ILE E 419 -90.11 -15.78 -52.50
N VAL E 420 -90.94 -15.61 -53.47
CA VAL E 420 -90.40 -15.46 -54.80
C VAL E 420 -90.71 -14.10 -55.31
N CYS E 421 -89.67 -13.34 -55.55
CA CYS E 421 -89.78 -11.98 -56.02
C CYS E 421 -89.59 -11.87 -57.52
N VAL E 422 -90.47 -11.19 -58.19
CA VAL E 422 -90.33 -11.02 -59.61
C VAL E 422 -90.02 -9.59 -59.86
N THR E 423 -88.87 -9.35 -60.44
CA THR E 423 -88.36 -8.02 -60.56
C THR E 423 -87.98 -7.67 -61.98
N THR E 424 -88.12 -6.42 -62.33
CA THR E 424 -87.70 -5.94 -63.61
C THR E 424 -86.33 -5.33 -63.60
N ARG E 425 -85.61 -5.41 -62.48
CA ARG E 425 -84.26 -4.89 -62.40
C ARG E 425 -83.28 -5.94 -61.95
N LEU E 426 -82.23 -6.15 -62.72
CA LEU E 426 -81.19 -7.10 -62.36
C LEU E 426 -80.45 -6.74 -61.08
N GLN E 427 -80.21 -5.47 -60.86
CA GLN E 427 -79.57 -4.99 -59.68
C GLN E 427 -80.39 -5.32 -58.45
N THR E 428 -81.70 -5.28 -58.62
CA THR E 428 -82.60 -5.64 -57.58
C THR E 428 -82.41 -7.09 -57.23
N CYS E 429 -82.20 -7.93 -58.22
CA CYS E 429 -81.95 -9.32 -57.93
C CYS E 429 -80.68 -9.50 -57.12
N ARG E 430 -79.65 -8.76 -57.45
CA ARG E 430 -78.46 -8.80 -56.66
C ARG E 430 -78.61 -8.23 -55.25
N GLN E 431 -79.27 -7.09 -55.13
CA GLN E 431 -79.43 -6.38 -53.87
C GLN E 431 -80.23 -7.19 -52.86
N LEU E 432 -81.15 -7.99 -53.36
CA LEU E 432 -81.97 -8.88 -52.58
C LEU E 432 -81.25 -10.09 -52.07
N ASN E 433 -80.00 -10.24 -52.46
CA ASN E 433 -79.15 -11.31 -52.00
C ASN E 433 -78.75 -11.15 -50.54
N ILE E 434 -79.01 -9.99 -49.96
CA ILE E 434 -78.82 -9.83 -48.53
C ILE E 434 -80.10 -9.91 -47.73
N THR E 435 -81.22 -10.20 -48.35
CA THR E 435 -82.45 -10.33 -47.62
C THR E 435 -82.77 -11.78 -47.42
N GLN E 436 -82.98 -12.21 -46.20
CA GLN E 436 -83.26 -13.61 -45.96
C GLN E 436 -84.56 -14.07 -46.58
N GLY E 437 -84.55 -15.31 -47.00
CA GLY E 437 -85.73 -16.01 -47.43
C GLY E 437 -86.32 -15.61 -48.75
N VAL E 438 -85.55 -14.96 -49.60
CA VAL E 438 -86.05 -14.43 -50.86
C VAL E 438 -85.27 -14.90 -52.07
N GLU E 439 -85.99 -15.26 -53.11
CA GLU E 439 -85.39 -15.62 -54.38
C GLU E 439 -85.94 -14.76 -55.49
N SER E 440 -85.09 -14.34 -56.39
CA SER E 440 -85.47 -13.42 -57.44
C SER E 440 -85.57 -14.04 -58.83
N VAL E 441 -86.58 -13.63 -59.56
CA VAL E 441 -86.75 -13.96 -60.95
C VAL E 441 -86.73 -12.68 -61.73
N PHE E 442 -85.83 -12.53 -62.66
CA PHE E 442 -85.80 -11.34 -63.48
C PHE E 442 -86.82 -11.42 -64.63
N PHE E 443 -87.56 -10.35 -64.86
CA PHE E 443 -88.51 -10.25 -65.94
C PHE E 443 -88.11 -9.04 -66.74
N ASP E 444 -87.78 -9.28 -68.00
CA ASP E 444 -87.23 -8.26 -68.85
C ASP E 444 -88.37 -7.49 -69.45
N ALA E 445 -88.57 -6.29 -68.93
CA ALA E 445 -89.67 -5.50 -69.34
C ALA E 445 -89.50 -5.16 -70.80
N ASP E 446 -88.28 -4.93 -71.24
CA ASP E 446 -88.04 -4.50 -72.60
C ASP E 446 -88.46 -5.54 -73.62
N LYS E 447 -87.96 -6.74 -73.45
CA LYS E 447 -88.31 -7.85 -74.27
C LYS E 447 -89.79 -8.21 -74.11
N LEU E 448 -90.28 -8.28 -72.89
CA LEU E 448 -91.63 -8.78 -72.64
C LEU E 448 -92.69 -7.78 -72.32
N GLY E 449 -92.37 -6.50 -72.33
CA GLY E 449 -93.39 -5.52 -72.05
C GLY E 449 -93.59 -5.19 -70.59
N HIS E 450 -94.29 -4.11 -70.34
CA HIS E 450 -94.50 -3.52 -69.03
C HIS E 450 -95.41 -4.29 -68.08
N ASP E 451 -96.20 -5.20 -68.61
CA ASP E 451 -97.03 -6.09 -67.82
C ASP E 451 -97.91 -5.44 -66.79
N GLU E 452 -98.66 -4.42 -67.19
CA GLU E 452 -99.45 -3.62 -66.26
C GLU E 452 -100.54 -4.40 -65.58
N GLY E 453 -101.05 -5.46 -66.21
CA GLY E 453 -102.07 -6.24 -65.57
C GLY E 453 -101.54 -7.32 -64.68
N LYS E 454 -100.23 -7.49 -64.73
CA LYS E 454 -99.45 -8.22 -63.74
C LYS E 454 -99.49 -9.71 -63.93
N GLU E 455 -100.25 -10.17 -64.88
CA GLU E 455 -100.41 -11.57 -65.15
C GLU E 455 -99.15 -12.30 -65.58
N HIS E 456 -98.32 -11.69 -66.39
CA HIS E 456 -97.08 -12.32 -66.78
C HIS E 456 -96.05 -12.49 -65.71
N ARG E 457 -95.80 -11.44 -64.95
CA ARG E 457 -94.83 -11.49 -63.87
C ARG E 457 -95.31 -12.52 -62.88
N VAL E 458 -96.59 -12.53 -62.63
CA VAL E 458 -97.13 -13.51 -61.75
C VAL E 458 -96.97 -14.91 -62.24
N ALA E 459 -97.15 -15.17 -63.52
CA ALA E 459 -96.97 -16.50 -64.06
C ALA E 459 -95.53 -16.98 -63.92
N ALA E 460 -94.59 -16.08 -64.16
CA ALA E 460 -93.18 -16.38 -64.04
C ALA E 460 -92.75 -16.73 -62.62
N GLY E 461 -93.21 -15.99 -61.64
CA GLY E 461 -92.92 -16.33 -60.27
C GLY E 461 -93.50 -17.65 -59.86
N VAL E 462 -94.72 -17.91 -60.25
CA VAL E 462 -95.30 -19.21 -59.98
C VAL E 462 -94.56 -20.34 -60.68
N GLU E 463 -94.18 -20.14 -61.93
CA GLU E 463 -93.45 -21.17 -62.66
C GLU E 463 -92.13 -21.48 -62.04
N PHE E 464 -91.45 -20.44 -61.60
CA PHE E 464 -90.19 -20.61 -60.91
C PHE E 464 -90.39 -21.42 -59.66
N ALA E 465 -91.46 -21.18 -58.94
CA ALA E 465 -91.77 -21.95 -57.76
C ALA E 465 -92.04 -23.40 -58.03
N LYS E 466 -92.70 -23.68 -59.13
CA LYS E 466 -92.93 -25.04 -59.59
C LYS E 466 -91.62 -25.69 -59.95
N SER E 467 -90.80 -24.95 -60.64
CA SER E 467 -89.53 -25.45 -61.09
C SER E 467 -88.57 -25.85 -59.98
N LYS E 468 -88.54 -25.11 -58.88
CA LYS E 468 -87.65 -25.43 -57.79
C LYS E 468 -88.33 -26.41 -56.87
N GLY E 469 -89.57 -26.74 -57.17
CA GLY E 469 -90.26 -27.73 -56.39
C GLY E 469 -90.96 -27.31 -55.12
N TYR E 470 -91.03 -26.01 -54.89
CA TYR E 470 -91.72 -25.47 -53.74
C TYR E 470 -93.18 -25.77 -53.79
N VAL E 471 -93.77 -25.73 -54.98
CA VAL E 471 -95.18 -26.02 -55.17
C VAL E 471 -95.56 -27.05 -56.23
N GLN E 472 -96.69 -27.70 -56.03
CA GLN E 472 -97.27 -28.63 -56.97
C GLN E 472 -98.71 -28.22 -57.10
N THR E 473 -99.42 -28.85 -58.01
CA THR E 473 -100.78 -28.50 -58.31
C THR E 473 -101.56 -28.79 -57.07
N GLY E 474 -102.52 -27.92 -56.81
CA GLY E 474 -103.35 -28.01 -55.64
C GLY E 474 -102.84 -27.25 -54.45
N ASP E 475 -101.62 -26.78 -54.52
CA ASP E 475 -101.02 -25.93 -53.49
C ASP E 475 -101.46 -24.47 -53.57
N TYR E 476 -101.39 -23.80 -52.44
CA TYR E 476 -101.69 -22.41 -52.39
C TYR E 476 -100.45 -21.64 -52.56
N CYS E 477 -100.56 -20.57 -53.33
CA CYS E 477 -99.51 -19.61 -53.45
C CYS E 477 -100.09 -18.25 -53.14
N VAL E 478 -99.46 -17.51 -52.24
CA VAL E 478 -99.97 -16.22 -51.84
C VAL E 478 -99.23 -15.17 -52.58
N VAL E 479 -99.96 -14.30 -53.24
CA VAL E 479 -99.44 -13.39 -54.23
C VAL E 479 -99.70 -11.94 -53.87
N ILE E 480 -98.70 -11.09 -54.06
CA ILE E 480 -98.76 -9.70 -53.68
C ILE E 480 -98.37 -8.71 -54.77
N HIS E 481 -99.24 -7.79 -55.09
CA HIS E 481 -98.93 -6.71 -56.00
C HIS E 481 -100.04 -5.69 -55.93
N ALA E 482 -99.97 -4.70 -56.78
CA ALA E 482 -101.06 -3.78 -56.95
C ALA E 482 -102.20 -4.31 -57.80
N ASP E 483 -103.32 -3.67 -57.65
CA ASP E 483 -104.45 -3.85 -58.50
C ASP E 483 -104.24 -3.00 -59.71
N HIS E 484 -105.24 -2.93 -60.55
CA HIS E 484 -105.11 -2.20 -61.78
C HIS E 484 -104.93 -0.71 -61.69
N LYS E 485 -105.62 -0.06 -60.79
CA LYS E 485 -105.40 1.35 -60.56
C LYS E 485 -104.13 1.85 -59.82
N VAL E 486 -103.81 1.24 -58.69
CA VAL E 486 -102.76 1.76 -57.80
C VAL E 486 -101.33 1.63 -58.28
N LYS E 487 -100.57 2.68 -58.07
CA LYS E 487 -99.19 2.77 -58.50
C LYS E 487 -98.21 3.14 -57.40
N GLY E 488 -97.05 2.50 -57.40
CA GLY E 488 -96.02 2.78 -56.44
C GLY E 488 -95.93 1.90 -55.21
N TYR E 489 -96.93 1.09 -54.98
CA TYR E 489 -96.91 0.13 -53.92
C TYR E 489 -97.88 -0.98 -54.22
N ALA E 490 -97.85 -2.03 -53.44
CA ALA E 490 -98.79 -3.09 -53.61
C ALA E 490 -99.90 -2.98 -52.59
N ASN E 491 -101.11 -2.89 -53.08
CA ASN E 491 -102.27 -2.83 -52.23
C ASN E 491 -103.12 -4.10 -52.20
N GLN E 492 -102.65 -5.17 -52.79
CA GLN E 492 -103.45 -6.37 -52.97
C GLN E 492 -102.79 -7.70 -52.57
N THR E 493 -103.57 -8.60 -52.05
CA THR E 493 -103.15 -9.95 -51.83
C THR E 493 -104.14 -10.93 -52.41
N ARG E 494 -103.65 -12.01 -52.98
CA ARG E 494 -104.49 -13.08 -53.49
C ARG E 494 -103.99 -14.43 -53.10
N ILE E 495 -104.87 -15.32 -52.73
CA ILE E 495 -104.50 -16.69 -52.56
C ILE E 495 -104.92 -17.45 -53.80
N LEU E 496 -103.97 -17.92 -54.59
CA LEU E 496 -104.28 -18.72 -55.76
C LEU E 496 -103.86 -20.15 -55.72
N LEU E 497 -104.67 -21.00 -56.30
CA LEU E 497 -104.45 -22.43 -56.37
C LEU E 497 -103.54 -22.70 -57.53
N VAL E 498 -102.57 -23.59 -57.39
CA VAL E 498 -101.62 -23.80 -58.47
C VAL E 498 -101.93 -25.02 -59.33
N GLU E 499 -101.84 -24.83 -60.64
CA GLU E 499 -102.10 -25.91 -61.58
C GLU E 499 -100.85 -26.26 -62.38
N SER F 2 -108.29 -18.24 -22.78
CA SER F 2 -109.17 -17.15 -23.06
C SER F 2 -110.51 -17.44 -22.47
N GLN F 3 -111.33 -16.42 -22.30
CA GLN F 3 -112.62 -16.61 -21.72
C GLN F 3 -113.46 -17.40 -22.66
N LEU F 4 -113.20 -17.25 -23.93
CA LEU F 4 -113.94 -17.93 -24.96
C LEU F 4 -113.75 -19.42 -24.93
N ALA F 5 -112.50 -19.86 -24.89
CA ALA F 5 -112.13 -21.24 -25.07
C ALA F 5 -112.75 -22.05 -23.97
N HIS F 6 -112.53 -21.47 -22.79
CA HIS F 6 -113.09 -21.84 -21.48
C HIS F 6 -114.59 -21.94 -21.39
N ASN F 7 -115.31 -21.07 -22.04
CA ASN F 7 -116.76 -21.17 -22.05
C ASN F 7 -117.16 -22.49 -22.64
N LEU F 8 -116.29 -22.95 -23.49
CA LEU F 8 -116.41 -24.15 -24.29
C LEU F 8 -116.24 -25.43 -23.48
N THR F 9 -115.52 -25.32 -22.39
CA THR F 9 -115.35 -26.41 -21.47
C THR F 9 -116.45 -26.50 -20.47
N LEU F 10 -117.32 -25.51 -20.37
CA LEU F 10 -118.41 -25.57 -19.41
C LEU F 10 -119.53 -26.53 -19.76
N SER F 11 -120.21 -27.04 -18.76
CA SER F 11 -121.45 -27.81 -18.97
C SER F 11 -122.55 -27.50 -17.99
N ILE F 12 -123.79 -27.50 -18.43
CA ILE F 12 -124.88 -27.30 -17.52
C ILE F 12 -125.00 -28.38 -16.46
N PHE F 13 -124.52 -29.58 -16.79
CA PHE F 13 -124.59 -30.70 -15.86
C PHE F 13 -123.38 -30.81 -14.92
N ASP F 14 -122.51 -29.80 -14.90
CA ASP F 14 -121.38 -29.83 -14.01
C ASP F 14 -121.96 -29.70 -12.63
N PRO F 15 -121.45 -30.47 -11.70
CA PRO F 15 -121.90 -30.37 -10.32
C PRO F 15 -121.38 -29.12 -9.68
N VAL F 16 -122.20 -28.46 -8.88
CA VAL F 16 -121.74 -27.30 -8.17
C VAL F 16 -120.91 -27.64 -6.97
N ALA F 17 -120.30 -26.63 -6.40
CA ALA F 17 -119.40 -26.78 -5.28
C ALA F 17 -120.03 -27.10 -3.94
N ASN F 18 -119.20 -27.56 -3.02
CA ASN F 18 -119.66 -27.85 -1.68
C ASN F 18 -119.66 -26.61 -0.79
N TYR F 19 -119.24 -25.50 -1.37
CA TYR F 19 -119.27 -24.24 -0.66
C TYR F 19 -119.67 -23.10 -1.57
N ARG F 20 -120.34 -22.10 -1.03
CA ARG F 20 -120.64 -20.89 -1.75
C ARG F 20 -119.75 -19.75 -1.26
N ALA F 21 -118.91 -19.26 -2.14
CA ALA F 21 -118.02 -18.15 -1.86
C ALA F 21 -118.65 -16.79 -1.62
N ALA F 22 -119.59 -16.42 -2.46
CA ALA F 22 -120.22 -15.13 -2.38
C ALA F 22 -121.15 -14.99 -1.19
N ARG F 23 -121.27 -13.79 -0.69
CA ARG F 23 -122.07 -13.48 0.48
C ARG F 23 -123.31 -12.65 0.19
N ILE F 24 -124.37 -12.94 0.91
CA ILE F 24 -125.62 -12.27 0.71
C ILE F 24 -125.99 -11.34 1.82
N ILE F 25 -126.42 -10.14 1.46
CA ILE F 25 -126.81 -9.10 2.38
C ILE F 25 -128.30 -8.83 2.28
N CYS F 26 -128.98 -8.74 3.40
CA CYS F 26 -130.41 -8.53 3.42
C CYS F 26 -130.79 -7.32 4.20
N THR F 27 -131.65 -6.52 3.66
CA THR F 27 -132.19 -5.36 4.31
C THR F 27 -133.38 -5.78 5.12
N ILE F 28 -133.44 -5.32 6.35
CA ILE F 28 -134.47 -5.75 7.26
C ILE F 28 -135.57 -4.73 7.43
N GLY F 29 -136.76 -5.13 7.08
CA GLY F 29 -137.94 -4.34 7.14
C GLY F 29 -139.05 -5.15 7.76
N PRO F 30 -140.26 -4.69 7.51
CA PRO F 30 -141.45 -5.18 8.13
C PRO F 30 -141.69 -6.64 7.87
N SER F 31 -141.35 -7.09 6.68
CA SER F 31 -141.37 -8.47 6.34
C SER F 31 -140.36 -9.32 7.12
N THR F 32 -139.25 -8.75 7.55
CA THR F 32 -138.17 -9.57 8.07
C THR F 32 -137.64 -9.31 9.47
N GLN F 33 -138.33 -8.47 10.19
CA GLN F 33 -137.93 -8.06 11.51
C GLN F 33 -138.03 -9.10 12.61
N SER F 34 -139.03 -9.93 12.49
CA SER F 34 -139.31 -10.92 13.48
C SER F 34 -138.22 -11.93 13.50
N VAL F 35 -137.99 -12.43 14.68
CA VAL F 35 -136.95 -13.37 14.93
C VAL F 35 -137.18 -14.60 14.10
N GLU F 36 -138.41 -15.02 13.97
CA GLU F 36 -138.69 -16.16 13.12
C GLU F 36 -138.35 -15.88 11.68
N ALA F 37 -138.67 -14.69 11.19
CA ALA F 37 -138.33 -14.33 9.83
C ALA F 37 -136.82 -14.29 9.62
N LEU F 38 -136.12 -13.74 10.59
CA LEU F 38 -134.68 -13.64 10.54
C LEU F 38 -133.99 -14.97 10.55
N LYS F 39 -134.54 -15.91 11.31
CA LYS F 39 -134.05 -17.26 11.34
C LYS F 39 -134.20 -17.91 10.00
N GLY F 40 -135.30 -17.64 9.34
CA GLY F 40 -135.53 -18.10 8.00
C GLY F 40 -134.53 -17.55 7.02
N LEU F 41 -134.21 -16.29 7.18
CA LEU F 41 -133.24 -15.61 6.34
C LEU F 41 -131.84 -16.18 6.46
N ILE F 42 -131.42 -16.44 7.67
CA ILE F 42 -130.11 -16.99 7.92
C ILE F 42 -129.97 -18.36 7.33
N GLN F 43 -130.97 -19.17 7.52
CA GLN F 43 -131.01 -20.52 6.99
C GLN F 43 -131.06 -20.52 5.49
N SER F 44 -131.70 -19.49 4.97
CA SER F 44 -131.82 -19.31 3.56
C SER F 44 -130.52 -18.85 2.98
N GLY F 45 -129.66 -18.31 3.81
CA GLY F 45 -128.40 -17.80 3.34
C GLY F 45 -127.90 -16.41 3.61
N MET F 46 -128.49 -15.69 4.54
CA MET F 46 -128.05 -14.34 4.85
C MET F 46 -126.81 -14.25 5.71
N SER F 47 -125.83 -13.50 5.30
CA SER F 47 -124.66 -13.33 6.11
C SER F 47 -124.59 -11.98 6.77
N VAL F 48 -125.24 -11.01 6.20
CA VAL F 48 -125.20 -9.66 6.71
C VAL F 48 -126.59 -9.08 6.79
N ALA F 49 -126.96 -8.49 7.90
CA ALA F 49 -128.22 -7.80 7.95
C ALA F 49 -128.09 -6.28 7.92
N ARG F 50 -128.80 -5.66 7.01
CA ARG F 50 -128.70 -4.24 6.77
C ARG F 50 -129.90 -3.49 7.30
N MET F 51 -129.63 -2.45 8.06
CA MET F 51 -130.64 -1.54 8.53
C MET F 51 -130.52 -0.23 7.80
N ASN F 52 -131.60 0.23 7.20
CA ASN F 52 -131.58 1.48 6.48
C ASN F 52 -132.15 2.60 7.29
N PHE F 53 -131.33 3.56 7.62
CA PHE F 53 -131.66 4.61 8.55
C PHE F 53 -132.41 5.72 7.89
N SER F 54 -132.67 5.57 6.61
CA SER F 54 -133.59 6.42 5.89
C SER F 54 -135.01 6.12 6.30
N HIS F 55 -135.23 4.97 6.87
CA HIS F 55 -136.54 4.51 7.24
C HIS F 55 -136.44 4.08 8.69
N GLY F 56 -137.54 4.11 9.40
CA GLY F 56 -137.50 3.68 10.77
C GLY F 56 -136.95 4.72 11.68
N SER F 57 -136.51 4.30 12.83
CA SER F 57 -136.08 5.20 13.86
C SER F 57 -135.14 4.39 14.67
N HIS F 58 -134.52 4.99 15.67
CA HIS F 58 -133.57 4.28 16.45
C HIS F 58 -134.29 3.18 17.10
N GLU F 59 -135.51 3.47 17.50
CA GLU F 59 -136.33 2.52 18.17
C GLU F 59 -136.64 1.34 17.31
N TYR F 60 -137.02 1.55 16.06
CA TYR F 60 -137.31 0.45 15.17
C TYR F 60 -136.12 -0.42 14.88
N HIS F 61 -135.01 0.24 14.60
CA HIS F 61 -133.74 -0.38 14.29
C HIS F 61 -133.11 -1.13 15.42
N GLN F 62 -133.38 -0.69 16.64
CA GLN F 62 -132.94 -1.39 17.82
C GLN F 62 -133.60 -2.72 17.89
N THR F 63 -134.86 -2.77 17.54
CA THR F 63 -135.57 -4.02 17.58
C THR F 63 -134.90 -4.98 16.65
N THR F 64 -134.48 -4.48 15.50
CA THR F 64 -133.81 -5.29 14.50
C THR F 64 -132.50 -5.84 15.00
N ILE F 65 -131.76 -5.01 15.69
CA ILE F 65 -130.50 -5.43 16.24
C ILE F 65 -130.65 -6.52 17.25
N ASN F 66 -131.61 -6.36 18.13
CA ASN F 66 -131.88 -7.36 19.13
C ASN F 66 -132.35 -8.62 18.51
N ASN F 67 -133.23 -8.49 17.55
CA ASN F 67 -133.69 -9.65 16.88
C ASN F 67 -132.64 -10.42 16.09
N VAL F 68 -131.70 -9.73 15.48
CA VAL F 68 -130.64 -10.37 14.75
C VAL F 68 -129.74 -11.16 15.67
N ARG F 69 -129.36 -10.52 16.75
CA ARG F 69 -128.52 -11.17 17.71
C ARG F 69 -129.20 -12.39 18.32
N GLN F 70 -130.48 -12.28 18.65
CA GLN F 70 -131.25 -13.39 19.19
C GLN F 70 -131.42 -14.54 18.23
N ALA F 71 -131.72 -14.23 16.99
CA ALA F 71 -131.81 -15.23 15.96
C ALA F 71 -130.49 -15.94 15.65
N ALA F 72 -129.42 -15.18 15.57
CA ALA F 72 -128.11 -15.71 15.33
C ALA F 72 -127.67 -16.60 16.47
N ALA F 73 -127.95 -16.17 17.69
CA ALA F 73 -127.57 -16.89 18.88
C ALA F 73 -128.23 -18.24 18.97
N GLU F 74 -129.50 -18.27 18.60
CA GLU F 74 -130.28 -19.48 18.54
C GLU F 74 -129.78 -20.43 17.51
N LEU F 75 -129.12 -19.93 16.49
CA LEU F 75 -128.71 -20.78 15.41
C LEU F 75 -127.24 -21.04 15.44
N GLY F 76 -126.60 -20.55 16.46
CA GLY F 76 -125.18 -20.69 16.64
C GLY F 76 -124.30 -20.14 15.56
N VAL F 77 -124.59 -18.94 15.09
CA VAL F 77 -123.88 -18.36 13.98
C VAL F 77 -123.58 -16.92 14.23
N ASN F 78 -122.64 -16.36 13.50
CA ASN F 78 -122.31 -14.99 13.66
C ASN F 78 -122.78 -14.19 12.44
N ILE F 79 -123.61 -13.18 12.65
CA ILE F 79 -124.15 -12.38 11.56
C ILE F 79 -123.73 -10.94 11.69
N ALA F 80 -123.14 -10.36 10.66
CA ALA F 80 -122.76 -8.97 10.68
C ALA F 80 -123.98 -8.08 10.68
N ILE F 81 -123.88 -6.96 11.38
CA ILE F 81 -124.93 -5.96 11.38
C ILE F 81 -124.41 -4.70 10.74
N ALA F 82 -125.12 -4.19 9.76
CA ALA F 82 -124.68 -3.03 9.03
C ALA F 82 -125.62 -1.86 9.20
N LEU F 83 -125.09 -0.69 9.43
CA LEU F 83 -125.92 0.49 9.49
C LEU F 83 -125.74 1.35 8.23
N ASP F 84 -126.88 1.38 7.57
CA ASP F 84 -127.13 2.08 6.34
C ASP F 84 -127.81 3.41 6.59
N THR F 85 -127.03 4.45 6.57
CA THR F 85 -127.46 5.81 6.87
C THR F 85 -128.48 6.42 5.90
N LYS F 86 -129.29 7.32 6.43
CA LYS F 86 -130.23 8.03 5.60
C LYS F 86 -129.44 8.92 4.69
N GLY F 87 -128.50 9.65 5.24
CA GLY F 87 -127.65 10.51 4.48
C GLY F 87 -128.31 11.83 4.13
N PRO F 88 -127.58 12.74 3.57
CA PRO F 88 -128.14 14.01 3.17
C PRO F 88 -129.17 13.84 2.07
N GLU F 89 -130.32 14.52 2.12
CA GLU F 89 -131.33 14.47 1.06
C GLU F 89 -131.67 15.90 0.60
N ILE F 90 -131.97 16.02 -0.69
CA ILE F 90 -132.60 17.22 -1.25
C ILE F 90 -134.05 16.88 -1.47
N ARG F 91 -134.91 17.72 -0.90
CA ARG F 91 -136.35 17.61 -1.06
C ARG F 91 -137.01 18.97 -1.44
N THR F 92 -138.11 18.88 -2.16
CA THR F 92 -139.02 20.04 -2.32
C THR F 92 -139.72 20.31 -1.01
N GLY F 93 -140.35 21.47 -0.94
CA GLY F 93 -141.23 21.80 0.15
C GLY F 93 -142.62 21.25 -0.11
N GLN F 94 -143.60 21.86 0.57
CA GLN F 94 -145.02 21.58 0.45
C GLN F 94 -145.64 22.38 -0.69
N PHE F 95 -146.70 21.85 -1.28
CA PHE F 95 -147.53 22.61 -2.21
C PHE F 95 -148.90 22.93 -1.60
N VAL F 96 -149.48 24.06 -2.01
CA VAL F 96 -150.84 24.45 -1.60
C VAL F 96 -151.85 23.41 -2.15
N GLY F 97 -152.84 23.05 -1.33
CA GLY F 97 -153.77 21.96 -1.65
C GLY F 97 -153.15 20.58 -1.57
N GLY F 98 -151.97 20.48 -0.98
CA GLY F 98 -151.27 19.20 -0.83
C GLY F 98 -150.51 18.71 -2.06
N ASP F 99 -150.81 19.29 -3.23
CA ASP F 99 -150.41 18.75 -4.54
C ASP F 99 -150.09 19.89 -5.54
N ALA F 100 -149.42 19.58 -6.65
CA ALA F 100 -149.18 20.57 -7.72
C ALA F 100 -148.95 19.99 -9.12
N VAL F 101 -149.75 20.44 -10.08
CA VAL F 101 -149.91 19.83 -11.38
C VAL F 101 -148.98 20.45 -12.45
N MET F 102 -147.83 19.82 -12.70
CA MET F 102 -146.78 20.35 -13.60
C MET F 102 -146.98 19.97 -15.07
N GLU F 103 -147.24 20.94 -15.94
CA GLU F 103 -147.56 20.61 -17.35
C GLU F 103 -146.35 20.79 -18.27
N ARG F 104 -146.30 20.03 -19.35
CA ARG F 104 -145.18 20.14 -20.27
C ARG F 104 -145.19 21.52 -20.99
N GLY F 105 -144.02 22.15 -21.14
CA GLY F 105 -143.94 23.45 -21.80
C GLY F 105 -144.07 24.67 -20.85
N ALA F 106 -144.71 24.49 -19.69
CA ALA F 106 -144.91 25.54 -18.66
C ALA F 106 -143.62 26.08 -18.06
N THR F 107 -143.65 27.34 -17.60
CA THR F 107 -142.59 27.93 -16.81
C THR F 107 -142.94 27.87 -15.30
N CYS F 108 -141.97 27.44 -14.49
CA CYS F 108 -142.10 27.50 -13.02
C CYS F 108 -140.82 28.00 -12.38
N TYR F 109 -140.87 28.34 -11.10
CA TYR F 109 -139.77 29.03 -10.41
C TYR F 109 -139.43 28.16 -9.21
N VAL F 110 -138.16 27.81 -9.07
CA VAL F 110 -137.76 26.98 -7.91
C VAL F 110 -136.89 27.87 -7.04
N THR F 111 -137.22 27.93 -5.77
CA THR F 111 -136.54 28.85 -4.92
C THR F 111 -136.00 28.18 -3.69
N THR F 112 -134.91 28.69 -3.15
CA THR F 112 -134.48 28.25 -1.84
C THR F 112 -134.82 29.23 -0.73
N ASP F 113 -135.62 30.24 -1.05
CA ASP F 113 -136.15 31.17 -0.03
C ASP F 113 -137.07 30.37 0.95
N PRO F 114 -136.67 30.31 2.24
CA PRO F 114 -137.40 29.40 3.15
C PRO F 114 -138.83 29.88 3.45
N ALA F 115 -139.11 31.18 3.26
CA ALA F 115 -140.50 31.70 3.28
C ALA F 115 -141.52 30.83 2.49
N PHE F 116 -141.04 30.08 1.48
CA PHE F 116 -141.89 29.29 0.58
C PHE F 116 -142.09 27.79 0.87
N ALA F 117 -141.58 27.33 2.01
CA ALA F 117 -141.54 25.87 2.31
C ALA F 117 -142.93 25.24 2.48
N ASP F 118 -143.91 26.05 2.90
CA ASP F 118 -145.28 25.54 3.10
C ASP F 118 -146.31 26.21 2.18
N LYS F 119 -145.84 26.81 1.08
CA LYS F 119 -146.73 27.56 0.14
C LYS F 119 -146.19 27.57 -1.29
N GLY F 120 -145.64 26.43 -1.70
CA GLY F 120 -145.30 26.27 -3.11
C GLY F 120 -146.57 26.17 -3.97
N THR F 121 -146.43 26.29 -5.29
CA THR F 121 -147.54 26.08 -6.21
C THR F 121 -146.86 25.65 -7.47
N LYS F 122 -147.63 25.27 -8.48
CA LYS F 122 -146.98 24.92 -9.74
C LYS F 122 -146.11 26.06 -10.27
N ASP F 123 -146.45 27.30 -9.89
CA ASP F 123 -145.77 28.53 -10.31
C ASP F 123 -144.43 28.72 -9.62
N LYS F 124 -144.37 28.49 -8.32
CA LYS F 124 -143.14 28.66 -7.57
C LYS F 124 -143.13 27.88 -6.29
N PHE F 125 -142.08 27.12 -6.11
CA PHE F 125 -141.97 26.31 -4.89
C PHE F 125 -140.53 26.19 -4.40
N TYR F 126 -140.41 25.62 -3.23
CA TYR F 126 -139.17 25.57 -2.51
C TYR F 126 -138.48 24.20 -2.71
N ILE F 127 -137.17 24.23 -2.90
CA ILE F 127 -136.26 23.09 -2.83
C ILE F 127 -135.32 23.40 -1.66
N ASP F 128 -135.12 22.44 -0.77
CA ASP F 128 -134.50 22.79 0.52
C ASP F 128 -132.97 22.79 0.54
N TYR F 129 -132.33 22.77 -0.62
CA TYR F 129 -130.86 22.73 -0.68
C TYR F 129 -130.39 24.13 -0.96
N GLN F 130 -129.87 24.78 0.09
CA GLN F 130 -129.62 26.23 0.06
C GLN F 130 -128.60 26.67 -0.99
N ASN F 131 -127.74 25.75 -1.37
CA ASN F 131 -126.79 26.01 -2.41
C ASN F 131 -127.29 25.71 -3.79
N LEU F 132 -128.59 25.47 -4.00
CA LEU F 132 -129.06 25.06 -5.36
C LEU F 132 -128.53 25.96 -6.50
N SER F 133 -128.68 27.30 -6.32
CA SER F 133 -128.32 28.28 -7.34
C SER F 133 -126.86 28.31 -7.69
N LYS F 134 -126.01 28.15 -6.70
CA LYS F 134 -124.57 28.16 -6.93
C LYS F 134 -124.16 26.87 -7.71
N VAL F 135 -124.91 25.80 -7.53
CA VAL F 135 -124.42 24.53 -8.07
C VAL F 135 -124.93 24.30 -9.48
N VAL F 136 -126.07 24.89 -9.81
CA VAL F 136 -126.66 24.66 -11.12
C VAL F 136 -126.36 25.83 -12.07
N ARG F 137 -126.28 25.56 -13.38
CA ARG F 137 -126.19 26.60 -14.44
C ARG F 137 -127.29 26.42 -15.50
N PRO F 138 -127.58 27.48 -16.31
CA PRO F 138 -128.50 27.37 -17.47
C PRO F 138 -128.17 26.15 -18.34
N GLY F 139 -129.18 25.33 -18.65
CA GLY F 139 -129.01 24.13 -19.46
C GLY F 139 -129.09 22.88 -18.62
N ASN F 140 -128.57 22.95 -17.39
CA ASN F 140 -128.67 21.82 -16.42
C ASN F 140 -130.12 21.36 -16.17
N TYR F 141 -130.23 20.11 -15.80
CA TYR F 141 -131.51 19.49 -15.53
C TYR F 141 -131.71 19.30 -14.03
N ILE F 142 -132.96 19.42 -13.58
CA ILE F 142 -133.30 19.22 -12.18
C ILE F 142 -134.40 18.18 -12.07
N TYR F 143 -134.06 17.02 -11.52
CA TYR F 143 -135.03 15.89 -11.46
C TYR F 143 -135.81 15.87 -10.17
N ILE F 144 -137.11 15.67 -10.27
CA ILE F 144 -137.99 15.66 -9.11
C ILE F 144 -138.91 14.45 -9.17
N ASP F 145 -139.06 13.78 -8.02
CA ASP F 145 -139.86 12.59 -7.95
C ASP F 145 -139.37 11.25 -8.50
N ASP F 146 -138.14 10.87 -8.15
CA ASP F 146 -137.57 9.68 -8.72
C ASP F 146 -136.92 9.94 -10.10
N GLY F 147 -136.76 11.22 -10.43
CA GLY F 147 -136.35 11.63 -11.81
C GLY F 147 -137.52 11.66 -12.83
N ILE F 148 -138.75 11.55 -12.33
CA ILE F 148 -139.91 11.46 -13.22
C ILE F 148 -140.23 12.79 -13.87
N LEU F 149 -140.16 13.85 -13.08
CA LEU F 149 -140.44 15.19 -13.57
C LEU F 149 -139.08 15.82 -13.85
N ILE F 150 -138.88 16.23 -15.10
CA ILE F 150 -137.58 16.78 -15.47
C ILE F 150 -137.78 18.25 -15.80
N LEU F 151 -137.27 19.10 -14.91
CA LEU F 151 -137.31 20.53 -15.17
C LEU F 151 -135.96 20.85 -15.80
N GLN F 152 -135.94 21.82 -16.72
CA GLN F 152 -134.66 22.39 -17.18
C GLN F 152 -134.44 23.84 -16.76
N VAL F 153 -133.24 24.10 -16.26
CA VAL F 153 -132.87 25.41 -15.80
C VAL F 153 -132.61 26.40 -16.95
N GLN F 154 -133.35 27.52 -16.91
CA GLN F 154 -133.24 28.51 -17.97
C GLN F 154 -132.36 29.67 -17.50
N SER F 155 -132.63 30.18 -16.28
CA SER F 155 -131.91 31.34 -15.80
C SER F 155 -132.07 31.50 -14.31
N HIS F 156 -131.27 32.41 -13.76
CA HIS F 156 -131.37 32.84 -12.39
C HIS F 156 -132.34 34.02 -12.39
N GLU F 157 -133.60 33.78 -12.01
CA GLU F 157 -134.51 34.91 -11.71
C GLU F 157 -133.89 35.82 -10.67
N ASP F 158 -133.37 35.27 -9.58
CA ASP F 158 -132.59 36.06 -8.62
C ASP F 158 -131.57 35.19 -7.90
N GLU F 159 -131.00 35.69 -6.81
CA GLU F 159 -129.97 34.93 -6.19
C GLU F 159 -130.40 33.64 -5.47
N GLN F 160 -131.71 33.44 -5.29
CA GLN F 160 -132.29 32.27 -4.63
C GLN F 160 -133.32 31.53 -5.46
N THR F 161 -133.56 31.99 -6.68
CA THR F 161 -134.68 31.47 -7.43
C THR F 161 -134.23 31.21 -8.85
N LEU F 162 -134.63 30.05 -9.38
CA LEU F 162 -134.29 29.64 -10.72
C LEU F 162 -135.56 29.61 -11.57
N GLU F 163 -135.52 30.23 -12.75
CA GLU F 163 -136.61 30.09 -13.71
C GLU F 163 -136.38 28.76 -14.42
N CYS F 164 -137.39 27.89 -14.45
CA CYS F 164 -137.26 26.58 -15.10
C CYS F 164 -138.31 26.40 -16.19
N THR F 165 -137.97 25.61 -17.21
CA THR F 165 -138.96 24.99 -18.12
C THR F 165 -139.40 23.61 -17.59
N VAL F 166 -140.67 23.29 -17.68
CA VAL F 166 -141.11 21.93 -17.45
C VAL F 166 -140.99 21.06 -18.76
N THR F 167 -140.11 20.05 -18.75
CA THR F 167 -139.86 19.30 -20.01
C THR F 167 -140.84 18.15 -20.24
N ASN F 168 -141.50 17.69 -19.18
CA ASN F 168 -142.53 16.63 -19.33
C ASN F 168 -143.55 16.72 -18.21
N SER F 169 -144.76 16.26 -18.50
CA SER F 169 -145.91 16.47 -17.62
C SER F 169 -145.82 15.50 -16.46
N HIS F 170 -146.23 15.96 -15.29
CA HIS F 170 -146.27 15.08 -14.13
C HIS F 170 -146.84 15.85 -12.93
N THR F 171 -147.76 15.22 -12.24
CA THR F 171 -148.28 15.78 -11.01
C THR F 171 -147.30 15.35 -9.91
N ILE F 172 -146.90 16.31 -9.08
CA ILE F 172 -146.01 16.02 -7.94
C ILE F 172 -146.64 16.41 -6.60
N SER F 173 -146.56 15.53 -5.60
CA SER F 173 -147.09 15.85 -4.27
C SER F 173 -146.00 16.42 -3.34
N ASP F 174 -146.33 16.64 -2.08
CA ASP F 174 -145.40 17.23 -1.11
C ASP F 174 -144.08 16.51 -0.96
N ARG F 175 -143.02 17.32 -0.92
CA ARG F 175 -141.70 16.88 -0.45
C ARG F 175 -141.05 15.75 -1.23
N ARG F 176 -141.04 15.85 -2.55
CA ARG F 176 -140.31 14.86 -3.34
C ARG F 176 -138.80 15.05 -3.33
N GLY F 177 -138.06 13.98 -3.55
CA GLY F 177 -136.61 14.05 -3.58
C GLY F 177 -136.16 14.64 -4.90
N VAL F 178 -135.05 15.35 -4.90
CA VAL F 178 -134.62 15.87 -6.14
C VAL F 178 -133.22 15.33 -6.41
N ASN F 179 -132.85 15.26 -7.69
CA ASN F 179 -131.47 14.99 -8.04
C ASN F 179 -130.93 16.02 -8.97
N LEU F 180 -129.61 16.02 -9.16
CA LEU F 180 -128.93 17.04 -9.93
C LEU F 180 -127.81 16.39 -10.82
N PRO F 181 -128.21 15.78 -11.96
CA PRO F 181 -127.24 14.89 -12.55
C PRO F 181 -125.97 15.50 -13.12
N GLY F 182 -125.98 16.75 -13.49
CA GLY F 182 -124.76 17.34 -14.04
C GLY F 182 -124.16 18.25 -12.99
N CYS F 183 -124.44 17.93 -11.72
CA CYS F 183 -124.16 18.89 -10.68
C CYS F 183 -123.43 18.24 -9.55
N ASP F 184 -122.40 18.97 -9.09
CA ASP F 184 -121.62 18.53 -7.97
C ASP F 184 -122.33 18.98 -6.70
N VAL F 185 -123.04 18.06 -6.08
CA VAL F 185 -123.80 18.41 -4.88
C VAL F 185 -122.88 18.48 -3.70
N ASP F 186 -123.02 19.52 -2.87
CA ASP F 186 -122.04 19.73 -1.77
C ASP F 186 -122.63 19.74 -0.37
N LEU F 187 -123.67 19.00 -0.18
CA LEU F 187 -124.09 18.66 1.12
C LEU F 187 -122.94 18.06 1.90
N PRO F 188 -122.95 18.27 3.19
CA PRO F 188 -121.98 17.66 4.09
C PRO F 188 -122.07 16.15 4.00
N ALA F 189 -121.04 15.46 4.40
CA ALA F 189 -120.98 14.03 4.26
C ALA F 189 -122.00 13.42 5.15
N VAL F 190 -122.15 14.02 6.30
CA VAL F 190 -122.97 13.52 7.37
C VAL F 190 -123.99 14.57 7.81
N SER F 191 -125.25 14.23 7.70
CA SER F 191 -126.30 15.09 8.21
C SER F 191 -126.36 15.10 9.73
N ALA F 192 -127.20 15.97 10.28
CA ALA F 192 -127.38 15.98 11.70
C ALA F 192 -128.03 14.71 12.22
N LYS F 193 -128.98 14.18 11.51
CA LYS F 193 -129.54 12.90 11.89
C LYS F 193 -128.52 11.77 11.80
N ASP F 194 -127.69 11.76 10.76
CA ASP F 194 -126.63 10.79 10.62
C ASP F 194 -125.72 10.81 11.83
N ARG F 195 -125.38 12.00 12.26
CA ARG F 195 -124.49 12.17 13.38
C ARG F 195 -125.05 11.47 14.58
N VAL F 196 -126.35 11.60 14.76
CA VAL F 196 -127.00 10.95 15.84
C VAL F 196 -127.06 9.53 15.36
N ASP F 197 -127.01 9.32 14.05
CA ASP F 197 -127.12 7.98 13.56
C ASP F 197 -125.85 7.19 13.75
N LEU F 198 -124.72 7.81 13.48
CA LEU F 198 -123.44 7.20 13.70
C LEU F 198 -123.12 6.87 15.14
N GLN F 199 -123.46 7.76 16.05
CA GLN F 199 -123.23 7.52 17.45
C GLN F 199 -124.00 6.33 17.96
N PHE F 200 -125.23 6.19 17.52
CA PHE F 200 -126.09 5.10 17.91
C PHE F 200 -125.50 3.80 17.46
N GLY F 201 -124.94 3.79 16.26
CA GLY F 201 -124.34 2.62 15.72
C GLY F 201 -123.15 2.15 16.52
N VAL F 202 -122.35 3.09 16.97
CA VAL F 202 -121.25 2.80 17.85
C VAL F 202 -121.72 2.23 19.17
N GLU F 203 -122.74 2.83 19.74
CA GLU F 203 -123.33 2.44 21.01
C GLU F 203 -123.89 1.05 21.00
N GLN F 204 -124.56 0.68 19.92
CA GLN F 204 -125.17 -0.63 19.85
C GLN F 204 -124.22 -1.61 19.26
N GLY F 205 -122.98 -1.20 19.07
CA GLY F 205 -121.95 -2.06 18.58
C GLY F 205 -122.09 -2.69 17.21
N VAL F 206 -122.54 -1.93 16.24
CA VAL F 206 -122.60 -2.42 14.88
C VAL F 206 -121.26 -2.70 14.25
N ASP F 207 -121.21 -3.71 13.42
CA ASP F 207 -120.05 -4.07 12.65
C ASP F 207 -119.53 -3.14 11.53
N MET F 208 -120.41 -2.60 10.72
CA MET F 208 -120.01 -1.77 9.61
C MET F 208 -121.01 -0.66 9.31
N ILE F 209 -120.55 0.36 8.62
CA ILE F 209 -121.39 1.42 8.15
C ILE F 209 -121.44 1.39 6.64
N PHE F 210 -122.61 1.40 6.06
CA PHE F 210 -122.70 1.62 4.66
C PHE F 210 -122.93 3.10 4.50
N ALA F 211 -121.93 3.82 4.12
CA ALA F 211 -122.04 5.25 4.10
C ALA F 211 -122.59 5.74 2.79
N SER F 212 -123.79 6.27 2.83
CA SER F 212 -124.47 6.78 1.68
C SER F 212 -123.85 8.00 1.04
N PHE F 213 -124.07 8.08 -0.26
CA PHE F 213 -123.72 9.20 -1.05
C PHE F 213 -122.25 9.68 -0.86
N ILE F 214 -121.13 8.86 -0.92
CA ILE F 214 -119.82 9.34 -0.65
C ILE F 214 -119.30 10.04 -1.89
N ARG F 215 -119.24 11.37 -1.88
CA ARG F 215 -118.51 12.21 -2.84
C ARG F 215 -116.98 12.21 -2.83
N SER F 216 -116.36 12.02 -1.68
CA SER F 216 -114.93 12.27 -1.49
C SER F 216 -114.20 11.48 -0.41
N ALA F 217 -112.88 11.46 -0.53
CA ALA F 217 -111.98 10.90 0.45
C ALA F 217 -112.03 11.65 1.76
N GLU F 218 -112.21 12.95 1.66
CA GLU F 218 -112.35 13.82 2.82
C GLU F 218 -113.59 13.49 3.62
N GLN F 219 -114.68 13.17 2.95
CA GLN F 219 -115.93 12.78 3.55
C GLN F 219 -115.82 11.50 4.34
N VAL F 220 -115.09 10.53 3.84
CA VAL F 220 -114.89 9.28 4.54
C VAL F 220 -114.19 9.57 5.85
N GLY F 221 -113.20 10.44 5.80
CA GLY F 221 -112.48 10.80 6.98
C GLY F 221 -113.38 11.44 8.00
N ASP F 222 -114.28 12.26 7.54
CA ASP F 222 -115.24 12.86 8.41
C ASP F 222 -116.13 11.82 9.06
N VAL F 223 -116.49 10.79 8.32
CA VAL F 223 -117.21 9.69 8.91
C VAL F 223 -116.43 8.91 9.95
N ARG F 224 -115.16 8.71 9.70
CA ARG F 224 -114.28 7.98 10.55
C ARG F 224 -114.19 8.72 11.86
N LYS F 225 -114.16 10.03 11.75
CA LYS F 225 -113.98 10.95 12.84
C LYS F 225 -115.23 11.08 13.69
N ALA F 226 -116.39 11.07 13.08
CA ALA F 226 -117.64 11.02 13.79
C ALA F 226 -117.81 9.73 14.55
N LEU F 227 -117.31 8.64 14.04
CA LEU F 227 -117.39 7.38 14.74
C LEU F 227 -116.57 7.46 15.99
N GLY F 228 -115.45 8.15 15.91
CA GLY F 228 -114.59 8.37 17.03
C GLY F 228 -113.65 7.24 17.38
N PRO F 229 -113.03 7.35 18.54
CA PRO F 229 -112.17 6.32 19.12
C PRO F 229 -112.90 5.05 19.46
N LYS F 230 -114.08 5.18 20.02
CA LYS F 230 -114.88 4.04 20.39
C LYS F 230 -115.26 3.27 19.16
N GLY F 231 -115.27 3.96 18.04
CA GLY F 231 -115.72 3.42 16.79
C GLY F 231 -114.67 3.01 15.80
N ARG F 232 -113.43 2.93 16.22
CA ARG F 232 -112.30 2.75 15.34
C ARG F 232 -112.24 1.46 14.56
N ASP F 233 -112.80 0.40 15.10
CA ASP F 233 -112.76 -0.87 14.43
C ASP F 233 -114.00 -1.16 13.60
N ILE F 234 -114.87 -0.18 13.44
CA ILE F 234 -116.01 -0.35 12.59
C ILE F 234 -115.58 -0.03 11.18
N MET F 235 -115.98 -0.88 10.26
CA MET F 235 -115.65 -0.75 8.85
C MET F 235 -116.49 0.30 8.18
N ILE F 236 -115.89 1.17 7.39
CA ILE F 236 -116.69 2.08 6.60
C ILE F 236 -116.72 1.65 5.15
N ILE F 237 -117.87 1.18 4.73
CA ILE F 237 -118.09 0.76 3.37
C ILE F 237 -118.73 1.91 2.59
N CYS F 238 -118.08 2.36 1.54
CA CYS F 238 -118.56 3.53 0.85
C CYS F 238 -119.43 3.27 -0.37
N LYS F 239 -120.66 3.71 -0.31
CA LYS F 239 -121.59 3.58 -1.38
C LYS F 239 -121.34 4.63 -2.46
N ILE F 240 -121.22 4.17 -3.69
CA ILE F 240 -121.00 5.06 -4.81
C ILE F 240 -122.30 5.19 -5.49
N GLU F 241 -122.91 6.36 -5.39
CA GLU F 241 -124.26 6.55 -5.92
C GLU F 241 -124.37 7.74 -6.87
N ASN F 242 -123.33 8.55 -6.97
CA ASN F 242 -123.31 9.70 -7.90
C ASN F 242 -122.06 9.92 -8.73
N HIS F 243 -122.06 11.00 -9.47
CA HIS F 243 -120.98 11.33 -10.37
C HIS F 243 -119.63 11.58 -9.71
N GLN F 244 -119.64 12.36 -8.66
CA GLN F 244 -118.45 12.70 -7.95
C GLN F 244 -117.81 11.49 -7.31
N GLY F 245 -118.61 10.62 -6.77
CA GLY F 245 -118.10 9.41 -6.19
C GLY F 245 -117.41 8.54 -7.19
N VAL F 246 -117.98 8.38 -8.37
CA VAL F 246 -117.31 7.64 -9.40
C VAL F 246 -116.01 8.28 -9.83
N GLN F 247 -116.01 9.58 -9.97
CA GLN F 247 -114.85 10.29 -10.41
C GLN F 247 -113.71 10.15 -9.44
N ASN F 248 -114.04 10.14 -8.17
CA ASN F 248 -113.06 10.11 -7.09
C ASN F 248 -112.78 8.75 -6.52
N ILE F 249 -113.03 7.72 -7.28
CA ILE F 249 -113.03 6.38 -6.78
C ILE F 249 -111.72 5.84 -6.20
N ASP F 250 -110.59 6.15 -6.80
CA ASP F 250 -109.33 5.68 -6.27
C ASP F 250 -109.02 6.21 -4.89
N SER F 251 -109.19 7.49 -4.71
CA SER F 251 -109.02 8.10 -3.42
C SER F 251 -110.03 7.64 -2.38
N ILE F 252 -111.26 7.44 -2.78
CA ILE F 252 -112.26 6.90 -1.92
C ILE F 252 -111.96 5.46 -1.52
N ILE F 253 -111.51 4.67 -2.46
CA ILE F 253 -111.17 3.31 -2.19
C ILE F 253 -110.00 3.28 -1.20
N GLU F 254 -109.03 4.15 -1.33
CA GLU F 254 -107.93 4.26 -0.41
C GLU F 254 -108.36 4.47 1.02
N GLU F 255 -109.19 5.47 1.24
CA GLU F 255 -109.75 5.80 2.54
C GLU F 255 -110.69 4.78 3.16
N SER F 256 -111.47 4.13 2.34
CA SER F 256 -112.48 3.22 2.76
C SER F 256 -111.98 1.84 3.19
N ASP F 257 -112.87 1.05 3.75
CA ASP F 257 -112.65 -0.34 3.97
C ASP F 257 -113.34 -1.20 2.92
N GLY F 258 -114.08 -0.59 2.03
CA GLY F 258 -114.78 -1.28 1.00
C GLY F 258 -115.75 -0.40 0.27
N ILE F 259 -116.36 -0.94 -0.76
CA ILE F 259 -117.22 -0.20 -1.65
C ILE F 259 -118.54 -0.92 -1.87
N MET F 260 -119.57 -0.13 -2.00
CA MET F 260 -120.82 -0.56 -2.54
C MET F 260 -121.16 0.09 -3.87
N VAL F 261 -121.52 -0.70 -4.85
CA VAL F 261 -121.97 -0.17 -6.11
C VAL F 261 -123.45 0.03 -6.01
N ALA F 262 -123.86 1.21 -5.60
CA ALA F 262 -125.22 1.50 -5.22
C ALA F 262 -126.03 1.85 -6.43
N ARG F 263 -126.51 0.83 -7.10
CA ARG F 263 -127.07 0.99 -8.40
C ARG F 263 -128.32 1.81 -8.50
N GLY F 264 -129.22 1.76 -7.53
CA GLY F 264 -130.42 2.53 -7.63
C GLY F 264 -130.30 4.03 -7.71
N ASP F 265 -129.59 4.65 -6.81
CA ASP F 265 -129.22 6.05 -6.95
C ASP F 265 -128.29 6.36 -8.13
N LEU F 266 -127.30 5.51 -8.38
CA LEU F 266 -126.31 5.70 -9.44
C LEU F 266 -126.95 5.74 -10.79
N GLY F 267 -127.97 4.92 -10.92
CA GLY F 267 -128.78 4.78 -12.07
C GLY F 267 -129.55 6.00 -12.52
N VAL F 268 -130.05 6.83 -11.63
CA VAL F 268 -130.56 8.15 -11.90
C VAL F 268 -129.50 9.19 -12.18
N GLU F 269 -128.49 9.17 -11.33
CA GLU F 269 -127.41 10.14 -11.38
C GLU F 269 -126.60 10.03 -12.64
N ILE F 270 -126.42 8.83 -13.10
CA ILE F 270 -125.57 8.58 -14.18
C ILE F 270 -126.55 7.86 -14.99
N PRO F 271 -126.41 7.99 -16.27
CA PRO F 271 -127.26 7.25 -17.16
C PRO F 271 -126.87 5.84 -16.98
N ALA F 272 -127.96 5.10 -17.04
CA ALA F 272 -128.21 3.79 -16.59
C ALA F 272 -127.36 2.85 -17.34
N GLU F 273 -127.22 3.08 -18.63
CA GLU F 273 -126.37 2.27 -19.46
C GLU F 273 -124.91 2.35 -19.06
N LYS F 274 -124.58 3.40 -18.32
CA LYS F 274 -123.23 3.59 -17.79
C LYS F 274 -122.97 2.79 -16.52
N VAL F 275 -124.03 2.50 -15.76
CA VAL F 275 -123.88 1.78 -14.51
C VAL F 275 -123.14 0.48 -14.73
N VAL F 276 -123.29 -0.14 -15.89
CA VAL F 276 -122.58 -1.34 -16.21
C VAL F 276 -121.08 -1.19 -16.27
N VAL F 277 -120.58 -0.16 -16.92
CA VAL F 277 -119.17 0.18 -16.93
C VAL F 277 -118.67 0.54 -15.55
N ALA F 278 -119.43 1.30 -14.81
CA ALA F 278 -119.08 1.61 -13.48
C ALA F 278 -119.00 0.36 -12.59
N GLN F 279 -119.89 -0.59 -12.76
CA GLN F 279 -119.84 -1.81 -11.99
C GLN F 279 -118.58 -2.61 -12.26
N LYS F 280 -118.25 -2.80 -13.52
CA LYS F 280 -117.06 -3.47 -13.85
C LYS F 280 -115.84 -2.76 -13.35
N ILE F 281 -115.73 -1.46 -13.51
CA ILE F 281 -114.57 -0.79 -13.01
C ILE F 281 -114.41 -0.82 -11.51
N LEU F 282 -115.46 -0.55 -10.78
CA LEU F 282 -115.38 -0.45 -9.35
C LEU F 282 -115.07 -1.76 -8.64
N ILE F 283 -115.65 -2.81 -9.13
CA ILE F 283 -115.43 -4.13 -8.62
C ILE F 283 -114.00 -4.55 -8.84
N SER F 284 -113.50 -4.30 -10.04
CA SER F 284 -112.15 -4.64 -10.36
C SER F 284 -111.14 -3.89 -9.55
N LYS F 285 -111.33 -2.61 -9.34
CA LYS F 285 -110.44 -1.82 -8.56
C LYS F 285 -110.41 -2.26 -7.08
N CYS F 286 -111.56 -2.65 -6.57
CA CYS F 286 -111.67 -3.25 -5.26
C CYS F 286 -110.99 -4.60 -5.18
N ASN F 287 -111.12 -5.43 -6.19
CA ASN F 287 -110.44 -6.71 -6.21
C ASN F 287 -108.94 -6.55 -6.22
N VAL F 288 -108.44 -5.63 -7.02
CA VAL F 288 -107.04 -5.38 -7.11
C VAL F 288 -106.51 -4.82 -5.81
N ALA F 289 -107.25 -3.94 -5.19
CA ALA F 289 -106.90 -3.38 -3.91
C ALA F 289 -107.01 -4.29 -2.67
N GLY F 290 -107.63 -5.44 -2.82
CA GLY F 290 -108.06 -6.29 -1.74
C GLY F 290 -109.10 -5.83 -0.74
N LYS F 291 -110.13 -5.13 -1.18
CA LYS F 291 -111.18 -4.67 -0.30
C LYS F 291 -112.50 -5.15 -0.82
N PRO F 292 -113.40 -5.42 0.11
CA PRO F 292 -114.69 -6.01 -0.20
C PRO F 292 -115.56 -5.09 -1.05
N VAL F 293 -116.27 -5.64 -2.02
CA VAL F 293 -117.11 -4.89 -2.92
C VAL F 293 -118.49 -5.50 -3.05
N ILE F 294 -119.50 -4.67 -3.00
CA ILE F 294 -120.89 -5.10 -3.01
C ILE F 294 -121.65 -4.57 -4.21
N CYS F 295 -122.38 -5.45 -4.86
CA CYS F 295 -123.31 -5.12 -5.91
C CYS F 295 -124.72 -5.06 -5.41
N ALA F 296 -125.32 -3.90 -5.61
CA ALA F 296 -126.60 -3.58 -5.03
C ALA F 296 -127.67 -3.09 -5.98
N THR F 297 -128.91 -3.46 -5.64
CA THR F 297 -130.17 -2.85 -6.05
C THR F 297 -130.83 -3.48 -7.28
N GLN F 298 -132.10 -3.82 -7.16
CA GLN F 298 -132.93 -4.35 -8.22
C GLN F 298 -132.42 -5.68 -8.75
N MET F 299 -131.57 -6.33 -8.00
CA MET F 299 -130.99 -7.58 -8.42
C MET F 299 -132.01 -8.69 -8.62
N LEU F 300 -132.95 -8.81 -7.71
CA LEU F 300 -134.03 -9.74 -7.91
C LEU F 300 -135.37 -9.08 -7.61
N GLU F 301 -135.60 -7.95 -8.23
CA GLU F 301 -136.72 -7.08 -7.93
C GLU F 301 -138.12 -7.64 -8.04
N SER F 302 -138.39 -8.45 -9.03
CA SER F 302 -139.71 -8.98 -9.31
C SER F 302 -140.14 -9.97 -8.25
N MET F 303 -139.17 -10.43 -7.48
CA MET F 303 -139.36 -11.42 -6.47
C MET F 303 -139.84 -10.74 -5.21
N THR F 304 -139.97 -9.43 -5.26
CA THR F 304 -140.65 -8.70 -4.23
C THR F 304 -142.09 -9.16 -4.25
N TYR F 305 -142.58 -9.49 -5.42
CA TYR F 305 -143.96 -9.88 -5.54
C TYR F 305 -144.22 -11.26 -6.11
N ASN F 306 -143.23 -11.87 -6.73
CA ASN F 306 -143.42 -13.16 -7.35
C ASN F 306 -142.50 -14.20 -6.79
N PRO F 307 -142.96 -15.42 -6.86
CA PRO F 307 -142.21 -16.58 -6.40
C PRO F 307 -140.94 -16.86 -7.18
N ARG F 308 -140.89 -16.42 -8.43
CA ARG F 308 -139.80 -16.71 -9.34
C ARG F 308 -139.29 -15.45 -10.02
N PRO F 309 -138.00 -15.40 -10.29
CA PRO F 309 -137.36 -14.27 -10.93
C PRO F 309 -137.47 -14.25 -12.43
N THR F 310 -137.27 -13.08 -13.01
CA THR F 310 -137.09 -12.90 -14.43
C THR F 310 -135.73 -13.37 -14.92
N ARG F 311 -135.61 -13.61 -16.22
CA ARG F 311 -134.37 -14.01 -16.82
C ARG F 311 -133.29 -12.98 -16.66
N ALA F 312 -133.64 -11.71 -16.82
CA ALA F 312 -132.69 -10.64 -16.66
C ALA F 312 -132.14 -10.58 -15.25
N GLU F 313 -132.96 -10.86 -14.28
CA GLU F 313 -132.54 -10.87 -12.91
C GLU F 313 -131.54 -11.95 -12.55
N VAL F 314 -131.79 -13.16 -13.01
CA VAL F 314 -130.92 -14.27 -12.79
C VAL F 314 -129.60 -13.99 -13.44
N SER F 315 -129.64 -13.48 -14.65
CA SER F 315 -128.43 -13.13 -15.31
C SER F 315 -127.66 -12.08 -14.55
N ASP F 316 -128.35 -11.12 -13.98
CA ASP F 316 -127.73 -10.10 -13.18
C ASP F 316 -127.00 -10.63 -11.95
N VAL F 317 -127.58 -11.52 -11.17
CA VAL F 317 -126.85 -12.01 -10.01
C VAL F 317 -125.57 -12.75 -10.40
N ALA F 318 -125.67 -13.54 -11.45
CA ALA F 318 -124.57 -14.30 -11.98
C ALA F 318 -123.40 -13.48 -12.51
N ASN F 319 -123.69 -12.47 -13.31
CA ASN F 319 -122.71 -11.56 -13.83
C ASN F 319 -122.02 -10.74 -12.76
N ALA F 320 -122.70 -10.41 -11.69
CA ALA F 320 -122.03 -9.75 -10.58
C ALA F 320 -120.92 -10.57 -9.94
N VAL F 321 -121.15 -11.86 -9.79
CA VAL F 321 -120.16 -12.81 -9.35
C VAL F 321 -119.01 -12.96 -10.31
N PHE F 322 -119.32 -13.06 -11.60
CA PHE F 322 -118.35 -13.10 -12.65
C PHE F 322 -117.54 -11.81 -12.66
N ASN F 323 -118.18 -10.72 -12.33
CA ASN F 323 -117.56 -9.41 -12.27
C ASN F 323 -116.48 -9.41 -11.19
N GLY F 324 -116.64 -10.26 -10.20
CA GLY F 324 -115.73 -10.29 -9.09
C GLY F 324 -116.17 -9.77 -7.75
N ALA F 325 -117.44 -9.57 -7.57
CA ALA F 325 -117.98 -9.08 -6.31
C ALA F 325 -117.91 -10.02 -5.13
N ASP F 326 -117.53 -9.48 -3.99
CA ASP F 326 -117.63 -10.20 -2.75
C ASP F 326 -119.08 -10.52 -2.39
N CYS F 327 -119.95 -9.53 -2.55
CA CYS F 327 -121.33 -9.59 -2.07
C CYS F 327 -122.42 -9.16 -3.05
N VAL F 328 -123.57 -9.77 -2.94
CA VAL F 328 -124.75 -9.30 -3.58
C VAL F 328 -125.72 -8.91 -2.49
N MET F 329 -126.66 -8.03 -2.83
CA MET F 329 -127.51 -7.43 -1.86
C MET F 329 -128.97 -7.49 -2.19
N LEU F 330 -129.79 -7.53 -1.17
CA LEU F 330 -131.23 -7.52 -1.33
C LEU F 330 -131.81 -6.35 -0.59
N SER F 331 -132.69 -5.62 -1.25
CA SER F 331 -133.24 -4.44 -0.64
C SER F 331 -134.71 -4.54 -0.27
N GLY F 332 -135.56 -4.17 -1.19
CA GLY F 332 -136.99 -4.27 -1.05
C GLY F 332 -137.50 -5.68 -1.00
N GLU F 333 -136.81 -6.56 -1.71
CA GLU F 333 -137.17 -7.94 -1.82
C GLU F 333 -137.21 -8.61 -0.45
N THR F 334 -136.36 -8.20 0.46
CA THR F 334 -136.42 -8.65 1.84
C THR F 334 -137.03 -7.66 2.85
N ALA F 335 -136.97 -6.37 2.58
CA ALA F 335 -137.57 -5.42 3.45
C ALA F 335 -139.09 -5.44 3.48
N LYS F 336 -139.71 -5.46 2.32
CA LYS F 336 -141.15 -5.41 2.20
C LYS F 336 -141.81 -6.48 1.35
N GLY F 337 -141.03 -7.42 0.89
CA GLY F 337 -141.47 -8.45 -0.03
C GLY F 337 -142.33 -9.56 0.50
N LYS F 338 -143.02 -10.21 -0.42
CA LYS F 338 -143.75 -11.44 -0.24
C LYS F 338 -142.96 -12.71 0.04
N TYR F 339 -141.80 -12.88 -0.57
CA TYR F 339 -141.10 -14.13 -0.49
C TYR F 339 -139.67 -13.98 -0.06
N PRO F 340 -139.46 -13.53 1.14
CA PRO F 340 -138.12 -13.25 1.62
C PRO F 340 -137.21 -14.45 1.63
N ASN F 341 -137.64 -15.57 2.17
CA ASN F 341 -136.83 -16.76 2.17
C ASN F 341 -136.52 -17.28 0.78
N GLU F 342 -137.50 -17.31 -0.08
CA GLU F 342 -137.32 -17.76 -1.43
C GLU F 342 -136.35 -16.89 -2.24
N VAL F 343 -136.42 -15.59 -2.08
CA VAL F 343 -135.55 -14.73 -2.83
C VAL F 343 -134.11 -14.97 -2.47
N VAL F 344 -133.83 -15.08 -1.19
CA VAL F 344 -132.52 -15.39 -0.73
C VAL F 344 -132.05 -16.74 -1.19
N GLN F 345 -132.92 -17.72 -1.15
CA GLN F 345 -132.56 -19.04 -1.59
C GLN F 345 -132.22 -19.04 -3.04
N TYR F 346 -132.97 -18.29 -3.83
CA TYR F 346 -132.68 -18.15 -5.26
C TYR F 346 -131.36 -17.47 -5.53
N MET F 347 -131.06 -16.44 -4.80
CA MET F 347 -129.82 -15.76 -4.98
C MET F 347 -128.64 -16.64 -4.64
N ALA F 348 -128.74 -17.41 -3.58
CA ALA F 348 -127.67 -18.30 -3.19
C ALA F 348 -127.40 -19.36 -4.21
N ARG F 349 -128.46 -19.89 -4.77
CA ARG F 349 -128.39 -20.90 -5.78
C ARG F 349 -127.73 -20.41 -7.06
N ILE F 350 -128.08 -19.21 -7.50
CA ILE F 350 -127.46 -18.59 -8.65
C ILE F 350 -125.99 -18.31 -8.44
N CYS F 351 -125.65 -17.88 -7.25
CA CYS F 351 -124.30 -17.59 -6.89
C CYS F 351 -123.46 -18.85 -6.95
N LEU F 352 -123.98 -19.96 -6.47
CA LEU F 352 -123.27 -21.22 -6.52
C LEU F 352 -123.04 -21.73 -7.93
N GLU F 353 -124.04 -21.58 -8.78
CA GLU F 353 -123.94 -21.93 -10.16
C GLU F 353 -122.90 -21.14 -10.94
N ALA F 354 -122.88 -19.82 -10.75
CA ALA F 354 -121.91 -18.95 -11.41
C ALA F 354 -120.50 -19.28 -11.00
N GLN F 355 -120.37 -19.70 -9.76
CA GLN F 355 -119.12 -20.07 -9.13
C GLN F 355 -118.52 -21.26 -9.84
N SER F 356 -119.31 -22.18 -10.31
CA SER F 356 -118.79 -23.26 -11.11
C SER F 356 -118.16 -22.79 -12.39
N ALA F 357 -118.81 -21.87 -13.05
CA ALA F 357 -118.35 -21.29 -14.28
C ALA F 357 -117.15 -20.41 -14.07
N LEU F 358 -116.94 -19.97 -12.84
CA LEU F 358 -115.90 -18.99 -12.55
C LEU F 358 -114.57 -19.62 -12.73
N ASN F 359 -113.67 -18.94 -13.39
CA ASN F 359 -112.33 -19.43 -13.49
C ASN F 359 -111.52 -18.80 -12.41
N GLU F 360 -111.44 -19.48 -11.28
CA GLU F 360 -110.76 -18.99 -10.09
C GLU F 360 -109.28 -18.83 -10.32
N TYR F 361 -108.72 -19.72 -11.11
CA TYR F 361 -107.33 -19.68 -11.44
C TYR F 361 -106.86 -18.47 -12.24
N VAL F 362 -107.60 -18.11 -13.28
CA VAL F 362 -107.27 -16.95 -14.09
C VAL F 362 -107.37 -15.73 -13.26
N PHE F 363 -108.37 -15.68 -12.44
CA PHE F 363 -108.60 -14.63 -11.49
C PHE F 363 -107.44 -14.47 -10.54
N PHE F 364 -106.86 -15.55 -10.05
CA PHE F 364 -105.70 -15.48 -9.17
C PHE F 364 -104.48 -14.85 -9.85
N ASN F 365 -104.17 -15.33 -11.03
CA ASN F 365 -103.09 -14.83 -11.81
C ASN F 365 -103.26 -13.39 -12.26
N SER F 366 -104.47 -13.02 -12.64
CA SER F 366 -104.75 -11.70 -13.08
C SER F 366 -104.54 -10.71 -12.00
N ILE F 367 -105.01 -11.04 -10.81
CA ILE F 367 -104.85 -10.20 -9.64
C ILE F 367 -103.41 -10.02 -9.23
N LYS F 368 -102.68 -11.11 -9.26
CA LYS F 368 -101.29 -11.22 -8.91
C LYS F 368 -100.39 -10.35 -9.79
N LYS F 369 -100.64 -10.32 -11.09
CA LYS F 369 -99.93 -9.45 -12.00
C LYS F 369 -100.12 -8.01 -11.73
N LEU F 370 -101.24 -7.62 -11.18
CA LEU F 370 -101.53 -6.24 -10.94
C LEU F 370 -100.97 -5.61 -9.68
N GLN F 371 -100.37 -6.41 -8.84
CA GLN F 371 -99.75 -5.94 -7.62
C GLN F 371 -98.38 -5.39 -7.88
N HIS F 372 -98.09 -4.33 -7.19
CA HIS F 372 -96.82 -3.70 -7.23
C HIS F 372 -95.75 -4.58 -6.63
N ILE F 373 -94.59 -4.61 -7.28
CA ILE F 373 -93.47 -5.41 -6.81
C ILE F 373 -92.24 -4.55 -6.57
N PRO F 374 -91.65 -4.68 -5.38
CA PRO F 374 -92.17 -5.59 -4.36
C PRO F 374 -93.42 -5.04 -3.69
N MET F 375 -93.90 -5.74 -2.66
CA MET F 375 -95.09 -5.31 -1.94
C MET F 375 -94.90 -5.45 -0.44
N SER F 376 -95.21 -6.64 0.09
CA SER F 376 -95.07 -6.91 1.51
C SER F 376 -94.93 -8.40 1.79
N ALA F 377 -94.11 -8.74 2.78
CA ALA F 377 -93.89 -10.13 3.13
C ALA F 377 -95.13 -10.94 3.38
N ASP F 378 -96.08 -10.41 4.13
CA ASP F 378 -97.35 -11.08 4.29
C ASP F 378 -98.16 -11.24 3.01
N GLU F 379 -98.12 -10.25 2.14
CA GLU F 379 -98.80 -10.37 0.86
C GLU F 379 -98.23 -11.44 -0.03
N ALA F 380 -96.92 -11.56 -0.08
CA ALA F 380 -96.29 -12.61 -0.81
C ALA F 380 -96.64 -13.99 -0.24
N VAL F 381 -96.73 -14.06 1.07
CA VAL F 381 -97.04 -15.30 1.75
C VAL F 381 -98.41 -15.76 1.36
N CYS F 382 -99.36 -14.85 1.35
CA CYS F 382 -100.71 -15.19 0.95
C CYS F 382 -100.86 -15.58 -0.49
N SER F 383 -100.26 -14.83 -1.38
CA SER F 383 -100.31 -15.14 -2.78
C SER F 383 -99.62 -16.45 -3.15
N SER F 384 -98.42 -16.62 -2.70
CA SER F 384 -97.75 -17.85 -2.93
C SER F 384 -98.45 -19.05 -2.24
N ALA F 385 -99.06 -18.84 -1.09
CA ALA F 385 -99.79 -19.91 -0.42
C ALA F 385 -100.97 -20.41 -1.19
N VAL F 386 -101.68 -19.51 -1.84
CA VAL F 386 -102.73 -19.81 -2.79
C VAL F 386 -102.19 -20.55 -4.00
N ASN F 387 -101.03 -20.13 -4.46
CA ASN F 387 -100.40 -20.77 -5.57
C ASN F 387 -100.10 -22.24 -5.22
N SER F 388 -99.74 -22.44 -3.97
CA SER F 388 -99.56 -23.76 -3.39
C SER F 388 -100.85 -24.51 -3.41
N VAL F 389 -101.95 -23.85 -3.17
CA VAL F 389 -103.20 -24.53 -3.19
C VAL F 389 -103.48 -25.08 -4.56
N TYR F 390 -103.30 -24.28 -5.58
CA TYR F 390 -103.51 -24.74 -6.94
C TYR F 390 -102.53 -25.83 -7.37
N GLU F 391 -101.28 -25.71 -6.98
CA GLU F 391 -100.27 -26.69 -7.31
C GLU F 391 -100.48 -28.08 -6.70
N THR F 392 -100.94 -28.16 -5.47
CA THR F 392 -101.23 -29.43 -4.80
C THR F 392 -102.65 -29.94 -4.90
N LYS F 393 -103.54 -29.11 -5.41
CA LYS F 393 -104.95 -29.32 -5.30
C LYS F 393 -105.46 -29.42 -3.87
N ALA F 394 -105.01 -28.55 -3.02
CA ALA F 394 -105.44 -28.52 -1.64
C ALA F 394 -106.91 -28.17 -1.49
N LYS F 395 -107.58 -28.86 -0.59
CA LYS F 395 -109.00 -28.72 -0.52
C LYS F 395 -109.50 -27.76 0.52
N ALA F 396 -108.59 -27.20 1.28
CA ALA F 396 -108.91 -26.19 2.27
C ALA F 396 -107.73 -25.35 2.64
N MET F 397 -108.02 -24.26 3.30
CA MET F 397 -107.01 -23.35 3.65
C MET F 397 -107.33 -22.90 5.03
N VAL F 398 -106.33 -22.69 5.86
CA VAL F 398 -106.57 -22.15 7.19
C VAL F 398 -105.71 -20.95 7.44
N VAL F 399 -106.28 -19.86 7.90
CA VAL F 399 -105.50 -18.70 8.27
C VAL F 399 -105.79 -18.20 9.63
N LEU F 400 -104.78 -17.69 10.28
CA LEU F 400 -104.99 -17.04 11.53
C LEU F 400 -105.09 -15.55 11.34
N SER F 401 -106.24 -14.99 11.66
CA SER F 401 -106.40 -13.55 11.72
C SER F 401 -107.23 -13.06 12.88
N ASN F 402 -106.67 -12.14 13.64
CA ASN F 402 -107.41 -11.45 14.68
C ASN F 402 -108.08 -10.14 14.26
N THR F 403 -107.38 -9.29 13.52
CA THR F 403 -107.96 -8.12 12.91
C THR F 403 -108.86 -8.44 11.76
N GLY F 404 -108.66 -9.58 11.14
CA GLY F 404 -109.32 -9.92 9.91
C GLY F 404 -108.54 -9.54 8.68
N ARG F 405 -107.47 -8.79 8.88
CA ARG F 405 -106.59 -8.38 7.79
C ARG F 405 -106.02 -9.57 7.02
N SER F 406 -105.43 -10.53 7.73
CA SER F 406 -104.83 -11.64 7.08
C SER F 406 -105.81 -12.37 6.23
N ALA F 407 -107.02 -12.53 6.71
CA ALA F 407 -108.03 -13.20 5.95
C ALA F 407 -108.45 -12.52 4.64
N ARG F 408 -108.59 -11.22 4.63
CA ARG F 408 -108.90 -10.50 3.40
C ARG F 408 -107.78 -10.63 2.38
N LEU F 409 -106.55 -10.58 2.85
CA LEU F 409 -105.38 -10.67 2.04
C LEU F 409 -105.27 -11.98 1.31
N VAL F 410 -105.58 -13.07 1.96
CA VAL F 410 -105.73 -14.35 1.33
C VAL F 410 -106.89 -14.56 0.38
N ALA F 411 -108.05 -14.11 0.76
CA ALA F 411 -109.27 -14.24 -0.01
C ALA F 411 -109.13 -13.48 -1.29
N LYS F 412 -108.33 -12.45 -1.22
CA LYS F 412 -108.04 -11.59 -2.31
C LYS F 412 -107.44 -12.34 -3.48
N TYR F 413 -106.74 -13.42 -3.20
CA TYR F 413 -106.08 -14.16 -4.21
C TYR F 413 -106.91 -15.27 -4.80
N ARG F 414 -108.15 -15.35 -4.42
CA ARG F 414 -109.07 -16.27 -5.06
C ARG F 414 -108.62 -17.76 -5.21
N PRO F 415 -108.40 -18.43 -4.10
CA PRO F 415 -108.12 -19.85 -4.10
C PRO F 415 -109.34 -20.62 -4.52
N ASN F 416 -109.18 -21.84 -4.96
CA ASN F 416 -110.32 -22.60 -5.44
C ASN F 416 -110.91 -23.54 -4.39
N CYS F 417 -110.67 -23.19 -3.15
CA CYS F 417 -111.07 -23.98 -2.05
C CYS F 417 -111.52 -23.06 -0.96
N PRO F 418 -112.24 -23.58 0.02
CA PRO F 418 -112.70 -22.79 1.13
C PRO F 418 -111.55 -22.24 1.94
N ILE F 419 -111.70 -21.09 2.52
CA ILE F 419 -110.70 -20.54 3.37
C ILE F 419 -111.24 -20.53 4.78
N VAL F 420 -110.49 -21.05 5.70
CA VAL F 420 -110.99 -21.09 7.04
C VAL F 420 -110.17 -20.21 7.91
N CYS F 421 -110.79 -19.19 8.44
CA CYS F 421 -110.13 -18.23 9.29
C CYS F 421 -110.37 -18.50 10.77
N VAL F 422 -109.33 -18.50 11.55
CA VAL F 422 -109.47 -18.73 12.95
C VAL F 422 -109.16 -17.45 13.64
N THR F 423 -110.12 -16.93 14.35
CA THR F 423 -110.01 -15.61 14.90
C THR F 423 -110.30 -15.58 16.39
N THR F 424 -109.66 -14.68 17.09
CA THR F 424 -109.92 -14.48 18.48
C THR F 424 -110.90 -13.36 18.74
N ARG F 425 -111.48 -12.78 17.71
CA ARG F 425 -112.47 -11.73 17.89
C ARG F 425 -113.77 -12.07 17.20
N LEU F 426 -114.86 -12.02 17.94
CA LEU F 426 -116.18 -12.27 17.39
C LEU F 426 -116.60 -11.26 16.33
N GLN F 427 -116.25 -10.01 16.52
CA GLN F 427 -116.54 -8.97 15.58
C GLN F 427 -115.85 -9.23 14.27
N THR F 428 -114.68 -9.80 14.34
CA THR F 428 -113.95 -10.21 13.18
C THR F 428 -114.71 -11.24 12.42
N CYS F 429 -115.34 -12.17 13.13
CA CYS F 429 -116.15 -13.15 12.46
C CYS F 429 -117.32 -12.51 11.73
N ARG F 430 -117.94 -11.53 12.33
CA ARG F 430 -118.98 -10.81 11.66
C ARG F 430 -118.49 -9.97 10.47
N GLN F 431 -117.40 -9.26 10.66
CA GLN F 431 -116.86 -8.35 9.67
C GLN F 431 -116.42 -9.06 8.40
N LEU F 432 -115.98 -10.29 8.57
CA LEU F 432 -115.57 -11.17 7.50
C LEU F 432 -116.70 -11.74 6.70
N ASN F 433 -117.92 -11.44 7.12
CA ASN F 433 -119.10 -11.85 6.42
C ASN F 433 -119.30 -11.09 5.11
N ILE F 434 -118.52 -10.06 4.88
CA ILE F 434 -118.52 -9.39 3.59
C ILE F 434 -117.35 -9.77 2.70
N THR F 435 -116.51 -10.71 3.14
CA THR F 435 -115.42 -11.12 2.32
C THR F 435 -115.76 -12.43 1.67
N GLN F 436 -115.65 -12.53 0.35
CA GLN F 436 -115.99 -13.76 -0.30
C GLN F 436 -115.07 -14.91 0.05
N GLY F 437 -115.64 -16.08 0.08
CA GLY F 437 -114.92 -17.30 0.20
C GLY F 437 -114.30 -17.62 1.54
N VAL F 438 -114.77 -16.99 2.59
CA VAL F 438 -114.18 -17.15 3.91
C VAL F 438 -115.17 -17.57 4.98
N GLU F 439 -114.76 -18.50 5.80
CA GLU F 439 -115.55 -18.93 6.95
C GLU F 439 -114.75 -18.77 8.22
N SER F 440 -115.40 -18.32 9.27
CA SER F 440 -114.73 -18.01 10.51
C SER F 440 -115.00 -19.00 11.64
N VAL F 441 -113.97 -19.31 12.39
CA VAL F 441 -114.06 -20.08 13.60
C VAL F 441 -113.58 -19.21 14.73
N PHE F 442 -114.40 -18.98 15.73
CA PHE F 442 -113.95 -18.20 16.86
C PHE F 442 -113.16 -19.05 17.86
N PHE F 443 -112.04 -18.55 18.34
CA PHE F 443 -111.21 -19.20 19.33
C PHE F 443 -111.11 -18.24 20.49
N ASP F 444 -111.61 -18.67 21.63
CA ASP F 444 -111.71 -17.83 22.80
C ASP F 444 -110.40 -17.83 23.52
N ALA F 445 -109.67 -16.76 23.36
CA ALA F 445 -108.36 -16.67 23.91
C ALA F 445 -108.47 -16.76 25.41
N ASP F 446 -109.50 -16.17 25.99
CA ASP F 446 -109.62 -16.11 27.43
C ASP F 446 -109.78 -17.48 28.06
N LYS F 447 -110.73 -18.23 27.58
CA LYS F 447 -110.93 -19.57 28.00
C LYS F 447 -109.77 -20.47 27.63
N LEU F 448 -109.26 -20.38 26.41
CA LEU F 448 -108.26 -21.31 25.93
C LEU F 448 -106.83 -20.82 25.85
N GLY F 449 -106.57 -19.61 26.26
CA GLY F 449 -105.22 -19.12 26.23
C GLY F 449 -104.79 -18.49 24.92
N HIS F 450 -103.67 -17.80 24.97
CA HIS F 450 -103.15 -17.01 23.88
C HIS F 450 -102.59 -17.76 22.68
N ASP F 451 -102.31 -19.04 22.85
CA ASP F 451 -101.89 -19.92 21.77
C ASP F 451 -100.75 -19.43 20.93
N GLU F 452 -99.67 -19.02 21.56
CA GLU F 452 -98.54 -18.40 20.87
C GLU F 452 -97.85 -19.33 19.90
N GLY F 453 -97.90 -20.62 20.14
CA GLY F 453 -97.27 -21.55 19.22
C GLY F 453 -98.16 -21.98 18.10
N LYS F 454 -99.41 -21.56 18.19
CA LYS F 454 -100.36 -21.54 17.09
C LYS F 454 -100.99 -22.89 16.81
N GLU F 455 -100.56 -23.89 17.53
CA GLU F 455 -101.05 -25.24 17.35
C GLU F 455 -102.53 -25.44 17.62
N HIS F 456 -103.05 -24.81 18.64
CA HIS F 456 -104.47 -24.92 18.91
C HIS F 456 -105.41 -24.30 17.91
N ARG F 457 -105.12 -23.06 17.53
CA ARG F 457 -105.93 -22.37 16.55
C ARG F 457 -105.88 -23.15 15.27
N VAL F 458 -104.72 -23.63 14.93
CA VAL F 458 -104.59 -24.45 13.76
C VAL F 458 -105.38 -25.72 13.82
N ALA F 459 -105.42 -26.39 14.95
CA ALA F 459 -106.20 -27.60 15.08
C ALA F 459 -107.69 -27.35 14.90
N ALA F 460 -108.16 -26.24 15.46
CA ALA F 460 -109.55 -25.85 15.36
C ALA F 460 -109.99 -25.54 13.94
N GLY F 461 -109.18 -24.81 13.19
CA GLY F 461 -109.50 -24.57 11.80
C GLY F 461 -109.51 -25.81 10.98
N VAL F 462 -108.56 -26.69 11.19
CA VAL F 462 -108.58 -27.96 10.50
C VAL F 462 -109.79 -28.80 10.87
N GLU F 463 -110.13 -28.85 12.15
CA GLU F 463 -111.28 -29.63 12.59
C GLU F 463 -112.56 -29.12 12.00
N PHE F 464 -112.69 -27.82 11.94
CA PHE F 464 -113.84 -27.21 11.33
C PHE F 464 -113.93 -27.61 9.87
N ALA F 465 -112.81 -27.66 9.19
CA ALA F 465 -112.78 -28.09 7.81
C ALA F 465 -113.19 -29.52 7.61
N LYS F 466 -112.79 -30.37 8.54
CA LYS F 466 -113.21 -31.76 8.56
C LYS F 466 -114.69 -31.86 8.78
N SER F 467 -115.15 -31.08 9.72
CA SER F 467 -116.54 -31.09 10.09
C SER F 467 -117.50 -30.67 8.99
N LYS F 468 -117.13 -29.71 8.17
CA LYS F 468 -118.00 -29.27 7.09
C LYS F 468 -117.75 -30.12 5.87
N GLY F 469 -116.80 -31.02 5.97
CA GLY F 469 -116.55 -31.94 4.88
C GLY F 469 -115.65 -31.48 3.76
N TYR F 470 -115.01 -30.35 3.92
CA TYR F 470 -114.08 -29.84 2.94
C TYR F 470 -112.88 -30.75 2.79
N VAL F 471 -112.43 -31.33 3.89
CA VAL F 471 -111.29 -32.25 3.88
C VAL F 471 -111.48 -33.61 4.55
N GLN F 472 -110.73 -34.59 4.09
CA GLN F 472 -110.67 -35.91 4.67
C GLN F 472 -109.21 -36.22 4.81
N THR F 473 -108.92 -37.34 5.44
CA THR F 473 -107.56 -37.73 5.73
C THR F 473 -106.90 -37.93 4.41
N GLY F 474 -105.65 -37.53 4.35
CA GLY F 474 -104.86 -37.61 3.17
C GLY F 474 -104.90 -36.40 2.30
N ASP F 475 -105.80 -35.48 2.59
CA ASP F 475 -105.90 -34.19 1.91
C ASP F 475 -104.87 -33.17 2.39
N TYR F 476 -104.57 -32.22 1.52
CA TYR F 476 -103.69 -31.16 1.87
C TYR F 476 -104.49 -30.01 2.35
N CYS F 477 -103.99 -29.39 3.39
CA CYS F 477 -104.51 -28.17 3.86
C CYS F 477 -103.39 -27.16 3.94
N VAL F 478 -103.57 -25.99 3.35
CA VAL F 478 -102.52 -25.00 3.32
C VAL F 478 -102.79 -24.00 4.40
N VAL F 479 -101.80 -23.78 5.23
CA VAL F 479 -101.94 -23.07 6.48
C VAL F 479 -101.06 -21.85 6.56
N ILE F 480 -101.60 -20.75 7.07
CA ILE F 480 -100.91 -19.49 7.12
C ILE F 480 -100.92 -18.80 8.48
N HIS F 481 -99.76 -18.49 9.00
CA HIS F 481 -99.63 -17.72 10.21
C HIS F 481 -98.19 -17.31 10.37
N ALA F 482 -97.87 -16.69 11.48
CA ALA F 482 -96.51 -16.43 11.84
C ALA F 482 -95.79 -17.63 12.41
N ASP F 483 -94.48 -17.52 12.39
CA ASP F 483 -93.60 -18.43 13.05
C ASP F 483 -93.51 -17.98 14.48
N HIS F 484 -92.64 -18.61 15.22
CA HIS F 484 -92.53 -18.30 16.62
C HIS F 484 -92.04 -16.93 17.00
N LYS F 485 -91.08 -16.40 16.29
CA LYS F 485 -90.64 -15.03 16.52
C LYS F 485 -91.52 -13.85 16.04
N VAL F 486 -91.98 -13.87 14.81
CA VAL F 486 -92.64 -12.72 14.19
C VAL F 486 -94.02 -12.35 14.72
N LYS F 487 -94.24 -11.06 14.88
CA LYS F 487 -95.47 -10.52 15.41
C LYS F 487 -96.11 -9.45 14.55
N GLY F 488 -97.42 -9.49 14.44
CA GLY F 488 -98.17 -8.52 13.68
C GLY F 488 -98.54 -8.86 12.27
N TYR F 489 -97.97 -9.91 11.72
CA TYR F 489 -98.34 -10.40 10.43
C TYR F 489 -97.96 -11.85 10.30
N ALA F 490 -98.39 -12.50 9.25
CA ALA F 490 -98.02 -13.85 9.03
C ALA F 490 -96.91 -13.93 8.02
N ASN F 491 -95.81 -14.53 8.43
CA ASN F 491 -94.68 -14.73 7.55
C ASN F 491 -94.46 -16.16 7.09
N GLN F 492 -95.40 -17.05 7.35
CA GLN F 492 -95.21 -18.47 7.10
C GLN F 492 -96.35 -19.19 6.38
N THR F 493 -95.99 -20.14 5.56
CA THR F 493 -96.93 -21.04 4.97
C THR F 493 -96.52 -22.48 5.15
N ARG F 494 -97.47 -23.35 5.41
CA ARG F 494 -97.21 -24.78 5.52
C ARG F 494 -98.23 -25.59 4.77
N ILE F 495 -97.78 -26.62 4.09
CA ILE F 495 -98.70 -27.56 3.55
C ILE F 495 -98.74 -28.77 4.47
N LEU F 496 -99.85 -29.00 5.15
CA LEU F 496 -100.01 -30.17 6.00
C LEU F 496 -101.00 -31.18 5.55
N LEU F 497 -100.68 -32.43 5.79
CA LEU F 497 -101.50 -33.56 5.45
C LEU F 497 -102.52 -33.75 6.55
N VAL F 498 -103.76 -34.04 6.20
CA VAL F 498 -104.78 -34.15 7.24
C VAL F 498 -105.10 -35.56 7.66
N GLU F 499 -105.18 -35.76 8.98
CA GLU F 499 -105.48 -37.08 9.53
C GLU F 499 -106.82 -37.07 10.27
N SER G 2 -91.28 -10.93 -24.87
CA SER G 2 -90.65 -11.74 -25.88
C SER G 2 -89.17 -11.60 -25.77
N GLN G 3 -88.43 -12.52 -26.34
CA GLN G 3 -87.02 -12.48 -26.27
C GLN G 3 -86.53 -11.32 -27.07
N LEU G 4 -87.27 -10.98 -28.10
CA LEU G 4 -86.93 -9.88 -28.96
C LEU G 4 -86.97 -8.54 -28.27
N ALA G 5 -88.06 -8.27 -27.60
CA ALA G 5 -88.36 -6.96 -27.07
C ALA G 5 -87.31 -6.60 -26.06
N HIS G 6 -87.12 -7.62 -25.22
CA HIS G 6 -86.07 -7.74 -24.19
C HIS G 6 -84.65 -7.57 -24.65
N ASN G 7 -84.29 -8.04 -25.81
CA ASN G 7 -82.96 -7.82 -26.33
C ASN G 7 -82.72 -6.35 -26.45
N LEU G 8 -83.80 -5.67 -26.66
CA LEU G 8 -83.90 -4.25 -26.90
C LEU G 8 -83.64 -3.41 -25.65
N THR G 9 -83.90 -4.00 -24.51
CA THR G 9 -83.62 -3.38 -23.24
C THR G 9 -82.22 -3.60 -22.78
N LEU G 10 -81.46 -4.46 -23.43
CA LEU G 10 -80.09 -4.70 -23.01
C LEU G 10 -79.11 -3.59 -23.35
N SER G 11 -78.06 -3.46 -22.56
CA SER G 11 -76.94 -2.57 -22.91
C SER G 11 -75.58 -3.15 -22.62
N ILE G 12 -74.60 -2.86 -23.48
CA ILE G 12 -73.26 -3.32 -23.21
C ILE G 12 -72.66 -2.74 -21.95
N PHE G 13 -73.13 -1.55 -21.56
CA PHE G 13 -72.63 -0.88 -20.37
C PHE G 13 -73.38 -1.25 -19.08
N ASP G 14 -74.25 -2.26 -19.14
CA ASP G 14 -74.95 -2.66 -17.95
C ASP G 14 -73.91 -3.28 -17.06
N PRO G 15 -73.97 -2.98 -15.79
CA PRO G 15 -73.04 -3.57 -14.84
C PRO G 15 -73.35 -5.02 -14.59
N VAL G 16 -72.36 -5.87 -14.49
CA VAL G 16 -72.60 -7.26 -14.19
C VAL G 16 -72.88 -7.48 -12.74
N ALA G 17 -73.31 -8.68 -12.41
CA ALA G 17 -73.70 -9.06 -11.07
C ALA G 17 -72.58 -9.23 -10.07
N ASN G 18 -72.96 -9.25 -8.81
CA ASN G 18 -72.01 -9.48 -7.75
C ASN G 18 -71.78 -10.95 -7.49
N TYR G 19 -72.46 -11.78 -8.25
CA TYR G 19 -72.26 -13.21 -8.17
C TYR G 19 -72.34 -13.86 -9.53
N ARG G 20 -71.60 -14.94 -9.72
CA ARG G 20 -71.68 -15.75 -10.91
C ARG G 20 -72.41 -17.05 -10.61
N ALA G 21 -73.55 -17.22 -11.22
CA ALA G 21 -74.36 -18.42 -11.09
C ALA G 21 -73.80 -19.71 -11.66
N ALA G 22 -73.28 -19.65 -12.86
CA ALA G 22 -72.77 -20.81 -13.54
C ALA G 22 -71.47 -21.31 -12.95
N ARG G 23 -71.26 -22.61 -13.06
CA ARG G 23 -70.12 -23.28 -12.51
C ARG G 23 -69.15 -23.82 -13.55
N ILE G 24 -67.87 -23.76 -13.23
CA ILE G 24 -66.85 -24.19 -14.14
C ILE G 24 -66.16 -25.45 -13.71
N ILE G 25 -65.99 -26.36 -14.65
CA ILE G 25 -65.37 -27.64 -14.44
C ILE G 25 -64.06 -27.73 -15.19
N CYS G 26 -63.02 -28.20 -14.55
CA CYS G 26 -61.71 -28.27 -15.17
C CYS G 26 -61.16 -29.67 -15.12
N THR G 27 -60.62 -30.11 -16.23
CA THR G 27 -59.98 -31.39 -16.33
C THR G 27 -58.54 -31.23 -15.95
N ILE G 28 -58.05 -32.11 -15.12
CA ILE G 28 -56.72 -32.00 -14.58
C ILE G 28 -55.72 -32.91 -15.26
N GLY G 29 -54.73 -32.30 -15.84
CA GLY G 29 -53.68 -32.95 -16.56
C GLY G 29 -52.35 -32.36 -16.14
N PRO G 30 -51.38 -32.58 -16.98
CA PRO G 30 -49.99 -32.28 -16.72
C PRO G 30 -49.77 -30.82 -16.46
N SER G 31 -50.49 -29.97 -17.15
CA SER G 31 -50.50 -28.56 -16.90
C SER G 31 -51.06 -28.19 -15.52
N THR G 32 -51.96 -28.97 -14.96
CA THR G 32 -52.69 -28.50 -13.81
C THR G 32 -52.68 -29.33 -12.53
N GLN G 33 -51.83 -30.34 -12.52
CA GLN G 33 -51.73 -31.27 -11.42
C GLN G 33 -51.13 -30.74 -10.13
N SER G 34 -50.19 -29.85 -10.29
CA SER G 34 -49.49 -29.31 -9.18
C SER G 34 -50.40 -28.47 -8.34
N VAL G 35 -50.12 -28.52 -7.08
CA VAL G 35 -50.91 -27.83 -6.10
C VAL G 35 -50.93 -26.35 -6.40
N GLU G 36 -49.80 -25.81 -6.81
CA GLU G 36 -49.78 -24.42 -7.17
C GLU G 36 -50.66 -24.14 -8.37
N ALA G 37 -50.64 -25.01 -9.36
CA ALA G 37 -51.51 -24.82 -10.52
C ALA G 37 -52.97 -24.91 -10.14
N LEU G 38 -53.30 -25.85 -9.27
CA LEU G 38 -54.65 -26.05 -8.81
C LEU G 38 -55.17 -24.88 -8.01
N LYS G 39 -54.31 -24.28 -7.22
CA LYS G 39 -54.65 -23.09 -6.47
C LYS G 39 -54.96 -21.96 -7.40
N GLY G 40 -54.22 -21.86 -8.48
CA GLY G 40 -54.47 -20.89 -9.50
C GLY G 40 -55.81 -21.09 -10.16
N LEU G 41 -56.15 -22.34 -10.41
CA LEU G 41 -57.41 -22.70 -11.01
C LEU G 41 -58.61 -22.35 -10.15
N ILE G 42 -58.52 -22.62 -8.87
CA ILE G 42 -59.59 -22.33 -7.95
C ILE G 42 -59.84 -20.84 -7.86
N GLN G 43 -58.78 -20.10 -7.74
CA GLN G 43 -58.84 -18.66 -7.68
C GLN G 43 -59.36 -18.06 -8.96
N SER G 44 -59.06 -18.74 -10.04
CA SER G 44 -59.49 -18.34 -11.34
C SER G 44 -60.95 -18.64 -11.50
N GLY G 45 -61.47 -19.54 -10.70
CA GLY G 45 -62.85 -19.92 -10.81
C GLY G 45 -63.31 -21.34 -10.95
N MET G 46 -62.48 -22.32 -10.67
CA MET G 46 -62.86 -23.72 -10.78
C MET G 46 -63.69 -24.23 -9.63
N SER G 47 -64.82 -24.85 -9.90
CA SER G 47 -65.60 -25.42 -8.82
C SER G 47 -65.53 -26.91 -8.78
N VAL G 48 -65.21 -27.54 -9.90
CA VAL G 48 -65.16 -28.97 -9.98
C VAL G 48 -63.90 -29.43 -10.67
N ALA G 49 -63.18 -30.37 -10.11
CA ALA G 49 -62.05 -30.92 -10.82
C ALA G 49 -62.30 -32.30 -11.39
N ARG G 50 -62.04 -32.45 -12.67
CA ARG G 50 -62.34 -33.67 -13.39
C ARG G 50 -61.10 -34.47 -13.70
N MET G 51 -61.14 -35.74 -13.38
CA MET G 51 -60.10 -36.67 -13.72
C MET G 51 -60.60 -37.60 -14.80
N ASN G 52 -59.87 -37.69 -15.90
CA ASN G 52 -60.26 -38.55 -16.98
C ASN G 52 -59.51 -39.86 -16.96
N PHE G 53 -60.22 -40.92 -16.74
CA PHE G 53 -59.64 -42.22 -16.51
C PHE G 53 -59.30 -42.93 -17.78
N SER G 54 -59.52 -42.26 -18.89
CA SER G 54 -59.02 -42.68 -20.18
C SER G 54 -57.53 -42.45 -20.25
N HIS G 55 -57.02 -41.60 -19.40
CA HIS G 55 -55.64 -41.22 -19.42
C HIS G 55 -55.14 -41.40 -18.00
N GLY G 56 -53.87 -41.62 -17.82
CA GLY G 56 -53.35 -41.76 -16.50
C GLY G 56 -53.58 -43.11 -15.93
N SER G 57 -53.52 -43.23 -14.63
CA SER G 57 -53.61 -44.50 -13.97
C SER G 57 -54.08 -44.15 -12.62
N HIS G 58 -54.34 -45.13 -11.79
CA HIS G 58 -54.86 -44.87 -10.49
C HIS G 58 -53.85 -44.07 -9.78
N GLU G 59 -52.60 -44.39 -10.03
CA GLU G 59 -51.51 -43.70 -9.40
C GLU G 59 -51.46 -42.25 -9.77
N TYR G 60 -51.61 -41.93 -11.05
CA TYR G 60 -51.60 -40.55 -11.48
C TYR G 60 -52.73 -39.74 -10.92
N HIS G 61 -53.90 -40.33 -11.00
CA HIS G 61 -55.15 -39.74 -10.53
C HIS G 61 -55.23 -39.54 -9.04
N GLN G 62 -54.56 -40.41 -8.30
CA GLN G 62 -54.45 -40.28 -6.86
C GLN G 62 -53.71 -39.02 -6.54
N THR G 63 -52.68 -38.73 -7.29
CA THR G 63 -51.92 -37.56 -7.04
C THR G 63 -52.81 -36.35 -7.18
N THR G 64 -53.68 -36.40 -8.18
CA THR G 64 -54.62 -35.32 -8.45
C THR G 64 -55.59 -35.12 -7.31
N ILE G 65 -56.07 -36.21 -6.78
CA ILE G 65 -56.99 -36.16 -5.68
C ILE G 65 -56.38 -35.54 -4.46
N ASN G 66 -55.17 -35.95 -4.15
CA ASN G 66 -54.47 -35.40 -3.03
C ASN G 66 -54.16 -33.97 -3.23
N ASN G 67 -53.73 -33.64 -4.40
CA ASN G 67 -53.46 -32.27 -4.70
C ASN G 67 -54.67 -31.33 -4.65
N VAL G 68 -55.83 -31.83 -5.07
CA VAL G 68 -57.04 -31.03 -5.04
C VAL G 68 -57.45 -30.75 -3.61
N ARG G 69 -57.43 -31.78 -2.81
CA ARG G 69 -57.80 -31.63 -1.44
C ARG G 69 -56.84 -30.70 -0.71
N GLN G 70 -55.54 -30.82 -0.95
CA GLN G 70 -54.55 -29.96 -0.35
C GLN G 70 -54.65 -28.51 -0.78
N ALA G 71 -54.88 -28.29 -2.06
CA ALA G 71 -55.10 -26.95 -2.55
C ALA G 71 -56.38 -26.29 -2.03
N ALA G 72 -57.46 -27.06 -1.99
CA ALA G 72 -58.72 -26.58 -1.48
C ALA G 72 -58.61 -26.26 -0.02
N ALA G 73 -57.93 -27.10 0.72
CA ALA G 73 -57.76 -26.94 2.15
C ALA G 73 -57.02 -25.68 2.50
N GLU G 74 -55.99 -25.40 1.73
CA GLU G 74 -55.20 -24.21 1.85
C GLU G 74 -55.97 -22.97 1.56
N LEU G 75 -57.01 -23.08 0.76
CA LEU G 75 -57.74 -21.92 0.33
C LEU G 75 -59.06 -21.80 1.03
N GLY G 76 -59.29 -22.72 1.94
CA GLY G 76 -60.52 -22.78 2.68
C GLY G 76 -61.79 -22.93 1.89
N VAL G 77 -61.79 -23.82 0.92
CA VAL G 77 -62.91 -23.97 0.03
C VAL G 77 -63.22 -25.41 -0.20
N ASN G 78 -64.40 -25.72 -0.68
CA ASN G 78 -64.76 -27.07 -0.96
C ASN G 78 -64.85 -27.28 -2.48
N ILE G 79 -64.08 -28.22 -3.01
CA ILE G 79 -64.07 -28.48 -4.45
C ILE G 79 -64.52 -29.89 -4.74
N ALA G 80 -65.50 -30.05 -5.61
CA ALA G 80 -65.94 -31.37 -6.00
C ALA G 80 -64.89 -32.08 -6.81
N ILE G 81 -64.81 -33.38 -6.63
CA ILE G 81 -63.93 -34.21 -7.41
C ILE G 81 -64.75 -35.17 -8.26
N ALA G 82 -64.51 -35.18 -9.55
CA ALA G 82 -65.28 -36.00 -10.45
C ALA G 82 -64.45 -37.06 -11.12
N LEU G 83 -64.94 -38.27 -11.18
CA LEU G 83 -64.25 -39.31 -11.91
C LEU G 83 -64.96 -39.60 -13.24
N ASP G 84 -64.16 -39.28 -14.25
CA ASP G 84 -64.46 -39.41 -15.63
C ASP G 84 -63.84 -40.67 -16.21
N THR G 85 -64.66 -41.70 -16.34
CA THR G 85 -64.24 -43.02 -16.78
C THR G 85 -63.72 -43.11 -18.23
N LYS G 86 -62.86 -44.07 -18.45
CA LYS G 86 -62.35 -44.32 -19.78
C LYS G 86 -63.51 -44.85 -20.58
N GLY G 87 -64.22 -45.80 -20.05
CA GLY G 87 -65.36 -46.36 -20.71
C GLY G 87 -64.98 -47.38 -21.77
N PRO G 88 -65.95 -48.05 -22.31
CA PRO G 88 -65.68 -49.02 -23.37
C PRO G 88 -65.14 -48.35 -24.61
N GLU G 89 -64.11 -48.88 -25.28
CA GLU G 89 -63.58 -48.34 -26.53
C GLU G 89 -63.56 -49.43 -27.59
N ILE G 90 -63.77 -49.02 -28.85
CA ILE G 90 -63.51 -49.84 -30.02
C ILE G 90 -62.23 -49.32 -30.63
N ARG G 91 -61.29 -50.25 -30.81
CA ARG G 91 -60.01 -49.98 -31.44
C ARG G 91 -59.66 -51.00 -32.54
N THR G 92 -58.91 -50.55 -33.53
CA THR G 92 -58.22 -51.48 -34.46
C THR G 92 -57.10 -52.18 -33.74
N GLY G 93 -56.58 -53.22 -34.39
CA GLY G 93 -55.39 -53.88 -33.95
C GLY G 93 -54.15 -53.15 -34.46
N GLN G 94 -53.05 -53.89 -34.50
CA GLN G 94 -51.76 -53.47 -35.03
C GLN G 94 -51.70 -53.71 -36.53
N PHE G 95 -50.90 -52.90 -37.22
CA PHE G 95 -50.54 -53.16 -38.62
C PHE G 95 -49.08 -53.57 -38.76
N VAL G 96 -48.79 -54.41 -39.76
CA VAL G 96 -47.40 -54.81 -40.09
C VAL G 96 -46.60 -53.56 -40.54
N GLY G 97 -45.36 -53.47 -40.07
CA GLY G 97 -44.54 -52.27 -40.28
C GLY G 97 -44.96 -51.08 -39.43
N GLY G 98 -45.81 -51.33 -38.44
CA GLY G 98 -46.30 -50.27 -37.55
C GLY G 98 -47.43 -49.40 -38.10
N ASP G 99 -47.64 -49.45 -39.41
CA ASP G 99 -48.47 -48.47 -40.14
C ASP G 99 -49.24 -49.16 -41.31
N ALA G 100 -50.26 -48.49 -41.87
CA ALA G 100 -50.95 -48.99 -43.06
C ALA G 100 -51.66 -47.93 -43.92
N VAL G 101 -51.32 -47.90 -45.20
CA VAL G 101 -51.62 -46.81 -46.11
C VAL G 101 -52.93 -47.03 -46.90
N MET G 102 -54.04 -46.47 -46.42
CA MET G 102 -55.40 -46.68 -46.97
C MET G 102 -55.73 -45.73 -48.13
N GLU G 103 -55.90 -46.25 -49.35
CA GLU G 103 -56.12 -45.38 -50.52
C GLU G 103 -57.58 -45.28 -50.90
N ARG G 104 -57.99 -44.17 -51.49
CA ARG G 104 -59.38 -44.00 -51.88
C ARG G 104 -59.76 -44.98 -53.02
N GLY G 105 -60.94 -45.60 -52.94
CA GLY G 105 -61.36 -46.53 -53.97
C GLY G 105 -60.99 -48.01 -53.72
N ALA G 106 -59.94 -48.25 -52.92
CA ALA G 106 -59.45 -49.60 -52.55
C ALA G 106 -60.46 -50.44 -51.76
N THR G 107 -60.36 -51.76 -51.90
CA THR G 107 -61.07 -52.71 -51.05
C THR G 107 -60.17 -53.21 -49.90
N CYS G 108 -60.73 -53.22 -48.68
CA CYS G 108 -60.05 -53.84 -47.53
C CYS G 108 -61.03 -54.67 -46.71
N TYR G 109 -60.52 -55.47 -45.78
CA TYR G 109 -61.33 -56.46 -45.07
C TYR G 109 -61.12 -56.16 -43.58
N VAL G 110 -62.19 -56.01 -42.85
CA VAL G 110 -62.06 -55.74 -41.40
C VAL G 110 -62.60 -56.96 -40.69
N THR G 111 -61.82 -57.49 -39.77
CA THR G 111 -62.20 -58.72 -39.16
C THR G 111 -62.16 -58.65 -37.67
N THR G 112 -63.00 -59.41 -37.00
CA THR G 112 -62.88 -59.56 -35.57
C THR G 112 -62.22 -60.86 -35.15
N ASP G 113 -61.68 -61.59 -36.12
CA ASP G 113 -60.88 -62.80 -35.83
C ASP G 113 -59.61 -62.39 -35.05
N PRO G 114 -59.47 -62.87 -33.79
CA PRO G 114 -58.38 -62.33 -32.96
C PRO G 114 -56.98 -62.77 -33.43
N ALA G 115 -56.91 -63.86 -34.21
CA ALA G 115 -55.65 -64.23 -34.93
C ALA G 115 -54.94 -63.04 -35.63
N PHE G 116 -55.70 -62.00 -36.00
CA PHE G 116 -55.21 -60.85 -36.78
C PHE G 116 -54.81 -59.58 -36.01
N ALA G 117 -54.80 -59.63 -34.68
CA ALA G 117 -54.61 -58.43 -33.84
C ALA G 117 -53.21 -57.80 -33.98
N ASP G 118 -52.21 -58.61 -34.32
CA ASP G 118 -50.84 -58.12 -34.47
C ASP G 118 -50.29 -58.30 -35.90
N LYS G 119 -51.19 -58.45 -36.88
CA LYS G 119 -50.78 -58.69 -38.30
C LYS G 119 -51.82 -58.18 -39.29
N GLY G 120 -52.40 -57.02 -38.98
CA GLY G 120 -53.24 -56.34 -39.97
C GLY G 120 -52.39 -55.81 -41.12
N THR G 121 -53.03 -55.42 -42.22
CA THR G 121 -52.33 -54.77 -43.33
C THR G 121 -53.41 -53.93 -43.97
N LYS G 122 -53.05 -53.12 -44.95
CA LYS G 122 -54.10 -52.37 -45.62
C LYS G 122 -55.20 -53.28 -46.19
N ASP G 123 -54.84 -54.53 -46.48
CA ASP G 123 -55.72 -55.55 -47.06
C ASP G 123 -56.71 -56.10 -46.05
N LYS G 124 -56.24 -56.41 -44.84
CA LYS G 124 -57.11 -56.97 -43.82
C LYS G 124 -56.57 -56.75 -42.43
N PHE G 125 -57.42 -56.21 -41.59
CA PHE G 125 -56.98 -55.97 -40.21
C PHE G 125 -58.11 -56.17 -39.21
N TYR G 126 -57.73 -56.12 -37.95
CA TYR G 126 -58.61 -56.44 -36.86
C TYR G 126 -59.21 -55.17 -36.24
N ILE G 127 -60.49 -55.24 -35.89
CA ILE G 127 -61.21 -54.30 -35.04
C ILE G 127 -61.65 -55.11 -33.83
N ASP G 128 -61.42 -54.61 -32.63
CA ASP G 128 -61.53 -55.49 -31.46
C ASP G 128 -62.93 -55.63 -30.86
N TYR G 129 -63.97 -55.20 -31.57
CA TYR G 129 -65.33 -55.26 -31.05
C TYR G 129 -65.98 -56.47 -31.65
N GLN G 130 -66.11 -57.52 -30.83
CA GLN G 130 -66.47 -58.86 -31.34
C GLN G 130 -67.85 -58.94 -32.01
N ASN G 131 -68.70 -58.02 -31.64
CA ASN G 131 -70.00 -57.92 -32.24
C ASN G 131 -70.04 -57.06 -33.47
N LEU G 132 -68.91 -56.65 -34.05
CA LEU G 132 -68.95 -55.70 -35.21
C LEU G 132 -69.94 -56.13 -36.30
N SER G 133 -69.85 -57.41 -36.73
CA SER G 133 -70.65 -57.94 -37.85
C SER G 133 -72.13 -57.95 -37.59
N LYS G 134 -72.53 -58.27 -36.38
CA LYS G 134 -73.94 -58.29 -36.03
C LYS G 134 -74.51 -56.86 -36.02
N VAL G 135 -73.68 -55.88 -35.73
CA VAL G 135 -74.22 -54.54 -35.51
C VAL G 135 -74.26 -53.73 -36.79
N VAL G 136 -73.39 -54.05 -37.72
CA VAL G 136 -73.32 -53.27 -38.96
C VAL G 136 -74.06 -54.00 -40.10
N ARG G 137 -74.61 -53.23 -41.06
CA ARG G 137 -75.18 -53.79 -42.31
C ARG G 137 -74.55 -53.11 -43.57
N PRO G 138 -74.68 -53.74 -44.77
CA PRO G 138 -74.27 -53.11 -46.03
C PRO G 138 -74.79 -51.67 -46.15
N GLY G 139 -73.92 -50.72 -46.48
CA GLY G 139 -74.29 -49.32 -46.63
C GLY G 139 -73.80 -48.49 -45.45
N ASN G 140 -73.81 -49.09 -44.26
CA ASN G 140 -73.26 -48.42 -43.05
C ASN G 140 -71.81 -47.98 -43.20
N TYR G 141 -71.45 -46.97 -42.43
CA TYR G 141 -70.12 -46.39 -42.46
C TYR G 141 -69.36 -46.80 -41.20
N ILE G 142 -68.05 -46.98 -41.35
CA ILE G 142 -67.18 -47.33 -40.23
C ILE G 142 -66.04 -46.32 -40.15
N TYR G 143 -66.05 -45.51 -39.10
CA TYR G 143 -65.05 -44.41 -38.97
C TYR G 143 -63.84 -44.84 -38.18
N ILE G 144 -62.66 -44.51 -38.68
CA ILE G 144 -61.41 -44.88 -38.04
C ILE G 144 -60.48 -43.68 -37.96
N ASP G 145 -59.85 -43.50 -36.80
CA ASP G 145 -58.99 -42.37 -36.57
C ASP G 145 -59.56 -40.96 -36.33
N ASP G 146 -60.52 -40.86 -35.42
CA ASP G 146 -61.18 -39.59 -35.19
C ASP G 146 -62.32 -39.35 -36.21
N GLY G 147 -62.69 -40.40 -36.94
CA GLY G 147 -63.63 -40.27 -38.10
C GLY G 147 -62.94 -39.80 -39.40
N ILE G 148 -61.61 -39.79 -39.42
CA ILE G 148 -60.86 -39.25 -40.55
C ILE G 148 -60.93 -40.19 -41.75
N LEU G 149 -60.78 -41.48 -41.47
CA LEU G 149 -60.81 -42.51 -42.52
C LEU G 149 -62.23 -43.07 -42.49
N ILE G 150 -62.91 -42.97 -43.62
CA ILE G 150 -64.30 -43.44 -43.65
C ILE G 150 -64.35 -44.64 -44.58
N LEU G 151 -64.55 -45.81 -43.99
CA LEU G 151 -64.73 -47.01 -44.77
C LEU G 151 -66.25 -47.18 -44.91
N GLN G 152 -66.68 -47.71 -46.05
CA GLN G 152 -68.08 -48.14 -46.17
C GLN G 152 -68.24 -49.66 -46.31
N VAL G 153 -69.18 -50.20 -45.54
CA VAL G 153 -69.44 -51.61 -45.53
C VAL G 153 -70.19 -52.08 -46.78
N GLN G 154 -69.60 -53.07 -47.47
CA GLN G 154 -70.18 -53.56 -48.70
C GLN G 154 -70.89 -54.89 -48.43
N SER G 155 -70.22 -55.80 -47.72
CA SER G 155 -70.79 -57.12 -47.50
C SER G 155 -70.09 -57.83 -46.37
N HIS G 156 -70.70 -58.95 -45.97
CA HIS G 156 -70.12 -59.88 -45.03
C HIS G 156 -69.33 -60.88 -45.86
N GLU G 157 -68.01 -60.70 -45.93
CA GLU G 157 -67.13 -61.77 -46.47
C GLU G 157 -67.38 -63.08 -45.72
N ASP G 158 -67.40 -63.04 -44.39
CA ASP G 158 -67.81 -64.20 -43.60
C ASP G 158 -68.41 -63.77 -42.26
N GLU G 159 -68.56 -64.71 -41.34
CA GLU G 159 -69.22 -64.35 -40.12
C GLU G 159 -68.44 -63.40 -39.18
N GLN G 160 -67.15 -63.19 -39.45
CA GLN G 160 -66.28 -62.33 -38.66
C GLN G 160 -65.58 -61.24 -39.45
N THR G 161 -65.86 -61.16 -40.75
CA THR G 161 -65.07 -60.29 -41.60
C THR G 161 -66.01 -59.53 -42.51
N LEU G 162 -65.76 -58.24 -42.65
CA LEU G 162 -66.53 -57.35 -43.49
C LEU G 162 -65.69 -56.90 -44.66
N GLU G 163 -66.23 -56.99 -45.87
CA GLU G 163 -65.57 -56.40 -47.04
C GLU G 163 -65.95 -54.92 -47.02
N CYS G 164 -64.97 -54.03 -47.09
CA CYS G 164 -65.21 -52.58 -47.07
C CYS G 164 -64.66 -51.91 -48.30
N THR G 165 -65.30 -50.81 -48.73
CA THR G 165 -64.68 -49.80 -49.62
C THR G 165 -63.97 -48.71 -48.80
N VAL G 166 -62.80 -48.27 -49.23
CA VAL G 166 -62.20 -47.09 -48.67
C VAL G 166 -62.74 -45.78 -49.38
N THR G 167 -63.48 -44.93 -48.64
CA THR G 167 -64.12 -43.77 -49.30
C THR G 167 -63.22 -42.56 -49.42
N ASN G 168 -62.16 -42.49 -48.60
CA ASN G 168 -61.20 -41.37 -48.70
C ASN G 168 -59.83 -41.80 -48.19
N SER G 169 -58.78 -41.17 -48.71
CA SER G 169 -57.41 -41.62 -48.49
C SER G 169 -56.98 -41.20 -47.10
N HIS G 170 -56.19 -42.04 -46.45
CA HIS G 170 -55.65 -41.68 -45.16
C HIS G 170 -54.73 -42.82 -44.67
N THR G 171 -53.56 -42.44 -44.19
CA THR G 171 -52.66 -43.39 -43.58
C THR G 171 -53.11 -43.51 -42.12
N ILE G 172 -53.23 -44.74 -41.65
CA ILE G 172 -53.60 -45.00 -40.25
C ILE G 172 -52.54 -45.82 -39.52
N SER G 173 -52.17 -45.43 -38.30
CA SER G 173 -51.20 -46.20 -37.51
C SER G 173 -51.91 -47.17 -36.56
N ASP G 174 -51.12 -47.85 -35.71
CA ASP G 174 -51.67 -48.85 -34.78
C ASP G 174 -52.77 -48.35 -33.87
N ARG G 175 -53.80 -49.20 -33.75
CA ARG G 175 -54.78 -49.08 -32.67
C ARG G 175 -55.60 -47.81 -32.64
N ARG G 176 -56.11 -47.38 -33.78
CA ARG G 176 -57.01 -46.22 -33.77
C ARG G 176 -58.41 -46.53 -33.26
N GLY G 177 -59.10 -45.52 -32.74
CA GLY G 177 -60.45 -45.69 -32.25
C GLY G 177 -61.41 -45.76 -33.42
N VAL G 178 -62.48 -46.49 -33.27
CA VAL G 178 -63.40 -46.52 -34.35
C VAL G 178 -64.76 -46.03 -33.83
N ASN G 179 -65.57 -45.50 -34.74
CA ASN G 179 -66.96 -45.22 -34.40
C ASN G 179 -67.89 -45.86 -35.38
N LEU G 180 -69.17 -45.89 -35.05
CA LEU G 180 -70.18 -46.57 -35.82
C LEU G 180 -71.49 -45.73 -35.89
N PRO G 181 -71.51 -44.67 -36.76
CA PRO G 181 -72.56 -43.71 -36.54
C PRO G 181 -73.99 -44.16 -36.76
N GLY G 182 -74.23 -45.15 -37.58
CA GLY G 182 -75.61 -45.58 -37.80
C GLY G 182 -75.83 -46.88 -37.05
N CYS G 183 -75.07 -47.06 -35.97
CA CYS G 183 -75.00 -48.37 -35.36
C CYS G 183 -75.21 -48.28 -33.89
N ASP G 184 -76.02 -49.21 -33.40
CA ASP G 184 -76.27 -49.32 -31.99
C ASP G 184 -75.18 -50.17 -31.37
N VAL G 185 -74.22 -49.51 -30.76
CA VAL G 185 -73.09 -50.23 -30.19
C VAL G 185 -73.49 -50.85 -28.87
N ASP G 186 -73.14 -52.11 -28.65
CA ASP G 186 -73.64 -52.82 -27.44
C ASP G 186 -72.57 -53.33 -26.49
N LEU G 187 -71.47 -52.64 -26.44
CA LEU G 187 -70.57 -52.81 -25.37
C LEU G 187 -71.28 -52.66 -24.05
N PRO G 188 -70.80 -53.35 -23.05
CA PRO G 188 -71.30 -53.22 -21.70
C PRO G 188 -71.13 -51.80 -21.22
N ALA G 189 -71.88 -51.42 -20.21
CA ALA G 189 -71.87 -50.06 -19.74
C ALA G 189 -70.54 -49.76 -19.14
N VAL G 190 -70.01 -50.75 -18.47
CA VAL G 190 -68.80 -50.64 -17.70
C VAL G 190 -67.77 -51.68 -18.12
N SER G 191 -66.63 -51.25 -18.56
CA SER G 191 -65.54 -52.13 -18.87
C SER G 191 -64.90 -52.74 -17.63
N ALA G 192 -64.00 -53.67 -17.83
CA ALA G 192 -63.29 -54.24 -16.70
C ALA G 192 -62.40 -53.22 -16.02
N LYS G 193 -61.74 -52.38 -16.77
CA LYS G 193 -60.99 -51.32 -16.17
C LYS G 193 -61.87 -50.32 -15.41
N ASP G 194 -63.03 -49.98 -15.96
CA ASP G 194 -63.98 -49.11 -15.30
C ASP G 194 -64.36 -49.69 -13.95
N ARG G 195 -64.61 -50.98 -13.91
CA ARG G 195 -65.02 -51.64 -12.72
C ARG G 195 -63.98 -51.43 -11.64
N VAL G 196 -62.73 -51.52 -12.02
CA VAL G 196 -61.68 -51.28 -11.12
C VAL G 196 -61.67 -49.80 -10.99
N ASP G 197 -62.21 -49.10 -11.99
CA ASP G 197 -62.19 -47.66 -11.92
C ASP G 197 -63.22 -47.12 -10.96
N LEU G 198 -64.42 -47.68 -11.00
CA LEU G 198 -65.47 -47.30 -10.09
C LEU G 198 -65.18 -47.59 -8.63
N GLN G 199 -64.59 -48.74 -8.35
CA GLN G 199 -64.26 -49.09 -6.99
C GLN G 199 -63.26 -48.14 -6.39
N PHE G 200 -62.29 -47.74 -7.18
CA PHE G 200 -61.25 -46.82 -6.75
C PHE G 200 -61.87 -45.49 -6.38
N GLY G 201 -62.83 -45.06 -7.18
CA GLY G 201 -63.51 -43.83 -6.94
C GLY G 201 -64.26 -43.81 -5.64
N VAL G 202 -64.90 -44.92 -5.32
CA VAL G 202 -65.54 -45.08 -4.05
C VAL G 202 -64.57 -45.04 -2.90
N GLU G 203 -63.46 -45.74 -3.05
CA GLU G 203 -62.41 -45.82 -2.06
C GLU G 203 -61.79 -44.51 -1.74
N GLN G 204 -61.55 -43.69 -2.73
CA GLN G 204 -60.91 -42.42 -2.52
C GLN G 204 -61.94 -41.35 -2.26
N GLY G 205 -63.17 -41.77 -2.12
CA GLY G 205 -64.24 -40.87 -1.80
C GLY G 205 -64.59 -39.74 -2.74
N VAL G 206 -64.60 -40.01 -4.02
CA VAL G 206 -65.01 -39.02 -5.00
C VAL G 206 -66.48 -38.63 -4.90
N ASP G 207 -66.76 -37.39 -5.19
CA ASP G 207 -68.10 -36.86 -5.25
C ASP G 207 -69.07 -37.31 -6.34
N MET G 208 -68.62 -37.41 -7.58
CA MET G 208 -69.46 -37.77 -8.68
C MET G 208 -68.75 -38.59 -9.75
N ILE G 209 -69.52 -39.28 -10.56
CA ILE G 209 -69.00 -40.00 -11.69
C ILE G 209 -69.54 -39.38 -12.96
N PHE G 210 -68.67 -39.07 -13.89
CA PHE G 210 -69.14 -38.71 -15.18
C PHE G 210 -69.09 -39.97 -15.97
N ALA G 211 -70.23 -40.57 -16.21
CA ALA G 211 -70.26 -41.87 -16.82
C ALA G 211 -70.29 -41.76 -18.33
N SER G 212 -69.20 -42.17 -18.95
CA SER G 212 -69.06 -42.12 -20.38
C SER G 212 -69.96 -43.02 -21.15
N PHE G 213 -70.27 -42.58 -22.36
CA PHE G 213 -70.98 -43.32 -23.33
C PHE G 213 -72.30 -43.95 -22.80
N ILE G 214 -73.29 -43.28 -22.10
CA ILE G 214 -74.43 -43.93 -21.57
C ILE G 214 -75.44 -44.12 -22.69
N ARG G 215 -75.59 -45.34 -23.17
CA ARG G 215 -76.69 -45.80 -24.04
C ARG G 215 -78.10 -45.94 -23.44
N SER G 216 -78.22 -46.26 -22.17
CA SER G 216 -79.48 -46.68 -21.57
C SER G 216 -79.69 -46.45 -20.08
N ALA G 217 -80.94 -46.49 -19.67
CA ALA G 217 -81.35 -46.44 -18.28
C ALA G 217 -80.87 -47.63 -17.50
N GLU G 218 -80.84 -48.78 -18.16
CA GLU G 218 -80.35 -50.01 -17.59
C GLU G 218 -78.87 -49.93 -17.26
N GLN G 219 -78.10 -49.28 -18.11
CA GLN G 219 -76.69 -49.05 -17.92
C GLN G 219 -76.38 -48.19 -16.72
N VAL G 220 -77.18 -47.17 -16.48
CA VAL G 220 -76.99 -46.31 -15.32
C VAL G 220 -77.16 -47.16 -14.08
N GLY G 221 -78.15 -48.02 -14.10
CA GLY G 221 -78.41 -48.88 -12.97
C GLY G 221 -77.24 -49.78 -12.70
N ASP G 222 -76.64 -50.28 -13.76
CA ASP G 222 -75.47 -51.10 -13.62
C ASP G 222 -74.33 -50.32 -13.01
N VAL G 223 -74.20 -49.06 -13.36
CA VAL G 223 -73.23 -48.22 -12.71
C VAL G 223 -73.48 -47.98 -11.24
N ARG G 224 -74.74 -47.80 -10.89
CA ARG G 224 -75.16 -47.55 -9.54
C ARG G 224 -74.81 -48.75 -8.71
N LYS G 225 -74.98 -49.90 -9.31
CA LYS G 225 -74.80 -51.19 -8.69
C LYS G 225 -73.35 -51.54 -8.49
N ALA G 226 -72.51 -51.19 -9.45
CA ALA G 226 -71.08 -51.32 -9.31
C ALA G 226 -70.53 -50.43 -8.23
N LEU G 227 -71.10 -49.26 -8.04
CA LEU G 227 -70.65 -48.38 -7.00
C LEU G 227 -70.94 -49.02 -5.66
N GLY G 228 -72.05 -49.71 -5.58
CA GLY G 228 -72.44 -50.42 -4.39
C GLY G 228 -73.09 -49.61 -3.31
N PRO G 229 -73.22 -50.21 -2.13
CA PRO G 229 -73.71 -49.56 -0.92
C PRO G 229 -72.81 -48.48 -0.42
N LYS G 230 -71.52 -48.72 -0.45
CA LYS G 230 -70.54 -47.76 0.01
C LYS G 230 -70.61 -46.53 -0.86
N GLY G 231 -71.07 -46.73 -2.08
CA GLY G 231 -71.10 -45.70 -3.09
C GLY G 231 -72.42 -45.02 -3.35
N ARG G 232 -73.39 -45.23 -2.49
CA ARG G 232 -74.75 -44.80 -2.74
C ARG G 232 -75.00 -43.32 -2.85
N ASP G 233 -74.19 -42.51 -2.21
CA ASP G 233 -74.38 -41.09 -2.26
C ASP G 233 -73.54 -40.40 -3.30
N ILE G 234 -72.88 -41.16 -4.14
CA ILE G 234 -72.12 -40.57 -5.23
C ILE G 234 -73.08 -40.35 -6.37
N MET G 235 -73.00 -39.17 -6.96
CA MET G 235 -73.86 -38.77 -8.06
C MET G 235 -73.43 -39.39 -9.36
N ILE G 236 -74.34 -39.93 -10.13
CA ILE G 236 -73.98 -40.38 -11.45
C ILE G 236 -74.46 -39.42 -12.51
N ILE G 237 -73.53 -38.73 -13.12
CA ILE G 237 -73.80 -37.80 -14.18
C ILE G 237 -73.62 -38.49 -15.51
N CYS G 238 -74.65 -38.54 -16.33
CA CYS G 238 -74.55 -39.30 -17.55
C CYS G 238 -74.20 -38.51 -18.79
N LYS G 239 -73.07 -38.83 -19.38
CA LYS G 239 -72.62 -38.23 -20.60
C LYS G 239 -73.35 -38.77 -21.80
N ILE G 240 -73.89 -37.88 -22.61
CA ILE G 240 -74.59 -38.28 -23.81
C ILE G 240 -73.66 -38.01 -24.94
N GLU G 241 -73.14 -39.08 -25.54
CA GLU G 241 -72.12 -38.93 -26.57
C GLU G 241 -72.47 -39.63 -27.87
N ASN G 242 -73.53 -40.43 -27.88
CA ASN G 242 -74.00 -41.11 -29.09
C ASN G 242 -75.48 -41.10 -29.41
N HIS G 243 -75.85 -41.79 -30.46
CA HIS G 243 -77.22 -41.84 -30.92
C HIS G 243 -78.23 -42.43 -29.96
N GLN G 244 -77.88 -43.56 -29.39
CA GLN G 244 -78.73 -44.26 -28.47
C GLN G 244 -78.99 -43.45 -27.23
N GLY G 245 -77.97 -42.79 -26.72
CA GLY G 245 -78.12 -41.96 -25.58
C GLY G 245 -79.06 -40.82 -25.81
N VAL G 246 -78.98 -40.17 -26.96
CA VAL G 246 -79.94 -39.14 -27.28
C VAL G 246 -81.34 -39.66 -27.39
N GLN G 247 -81.50 -40.80 -28.02
CA GLN G 247 -82.78 -41.38 -28.22
C GLN G 247 -83.46 -41.72 -26.92
N ASN G 248 -82.68 -42.19 -25.98
CA ASN G 248 -83.17 -42.66 -24.70
C ASN G 248 -83.09 -41.67 -23.57
N ILE G 249 -83.07 -40.40 -23.90
CA ILE G 249 -82.79 -39.37 -22.95
C ILE G 249 -83.73 -39.21 -21.76
N ASP G 250 -85.02 -39.35 -21.95
CA ASP G 250 -85.94 -39.23 -20.85
C ASP G 250 -85.75 -40.28 -19.79
N SER G 251 -85.62 -41.53 -20.20
CA SER G 251 -85.34 -42.59 -19.30
C SER G 251 -83.98 -42.50 -18.63
N ILE G 252 -82.98 -42.07 -19.36
CA ILE G 252 -81.68 -41.81 -18.80
C ILE G 252 -81.69 -40.69 -17.79
N ILE G 253 -82.39 -39.63 -18.09
CA ILE G 253 -82.51 -38.53 -17.20
C ILE G 253 -83.20 -38.98 -15.91
N GLU G 254 -84.21 -39.80 -16.00
CA GLU G 254 -84.89 -40.36 -14.86
C GLU G 254 -83.97 -41.08 -13.90
N GLU G 255 -83.19 -42.01 -14.42
CA GLU G 255 -82.21 -42.78 -13.68
C GLU G 255 -81.03 -42.01 -13.11
N SER G 256 -80.57 -41.03 -13.84
CA SER G 256 -79.39 -40.27 -13.51
C SER G 256 -79.59 -39.22 -12.43
N ASP G 257 -78.50 -38.64 -11.99
CA ASP G 257 -78.52 -37.48 -11.17
C ASP G 257 -78.21 -36.22 -11.97
N GLY G 258 -77.90 -36.38 -13.23
CA GLY G 258 -77.59 -35.27 -14.10
C GLY G 258 -77.05 -35.71 -15.42
N ILE G 259 -76.84 -34.76 -16.31
CA ILE G 259 -76.44 -35.01 -17.67
C ILE G 259 -75.25 -34.16 -18.06
N MET G 260 -74.42 -34.74 -18.88
CA MET G 260 -73.43 -34.03 -19.63
C MET G 260 -73.68 -34.08 -21.14
N VAL G 261 -73.65 -32.94 -21.79
CA VAL G 261 -73.77 -32.90 -23.21
C VAL G 261 -72.37 -32.99 -23.77
N ALA G 262 -71.94 -34.20 -24.05
CA ALA G 262 -70.57 -34.50 -24.37
C ALA G 262 -70.31 -34.28 -25.83
N ARG G 263 -70.04 -33.04 -26.17
CA ARG G 263 -70.04 -32.62 -27.52
C ARG G 263 -68.98 -33.23 -28.41
N GLY G 264 -67.78 -33.50 -27.92
CA GLY G 264 -66.77 -34.06 -28.76
C GLY G 264 -67.05 -35.42 -29.38
N ASP G 265 -67.40 -36.40 -28.59
CA ASP G 265 -67.90 -37.65 -29.11
C ASP G 265 -69.23 -37.56 -29.88
N LEU G 266 -70.17 -36.76 -29.38
CA LEU G 266 -71.49 -36.60 -29.96
C LEU G 266 -71.44 -36.04 -31.35
N GLY G 267 -70.48 -35.17 -31.52
CA GLY G 267 -70.15 -34.52 -32.74
C GLY G 267 -69.72 -35.39 -33.89
N VAL G 268 -68.97 -36.46 -33.66
CA VAL G 268 -68.72 -37.53 -34.60
C VAL G 268 -69.88 -38.45 -34.84
N GLU G 269 -70.48 -38.85 -33.74
CA GLU G 269 -71.58 -39.81 -33.75
C GLU G 269 -72.79 -39.28 -34.46
N ILE G 270 -73.05 -38.02 -34.30
CA ILE G 270 -74.21 -37.43 -34.79
C ILE G 270 -73.56 -36.38 -35.55
N PRO G 271 -74.19 -36.00 -36.62
CA PRO G 271 -73.69 -34.91 -37.40
C PRO G 271 -73.87 -33.70 -36.54
N ALA G 272 -72.83 -32.92 -36.72
CA ALA G 272 -72.32 -31.87 -35.92
C ALA G 272 -73.31 -30.79 -35.85
N GLU G 273 -73.95 -30.51 -36.97
CA GLU G 273 -74.99 -29.50 -37.02
C GLU G 273 -76.18 -29.87 -36.17
N LYS G 274 -76.29 -31.15 -35.84
CA LYS G 274 -77.34 -31.63 -34.95
C LYS G 274 -77.03 -31.43 -33.47
N VAL G 275 -75.75 -31.37 -33.13
CA VAL G 275 -75.35 -31.23 -31.74
C VAL G 275 -76.02 -30.00 -31.13
N VAL G 276 -76.26 -28.97 -31.92
CA VAL G 276 -76.95 -27.79 -31.44
C VAL G 276 -78.38 -28.04 -30.98
N VAL G 277 -79.16 -28.77 -31.75
CA VAL G 277 -80.48 -29.19 -31.35
C VAL G 277 -80.46 -30.10 -30.14
N ALA G 278 -79.53 -31.02 -30.12
CA ALA G 278 -79.37 -31.87 -28.99
C ALA G 278 -79.01 -31.08 -27.72
N GLN G 279 -78.17 -30.07 -27.83
CA GLN G 279 -77.84 -29.26 -26.68
C GLN G 279 -79.03 -28.52 -26.11
N LYS G 280 -79.80 -27.89 -26.97
CA LYS G 280 -80.96 -27.24 -26.53
C LYS G 280 -81.96 -28.18 -25.93
N ILE G 281 -82.22 -29.32 -26.54
CA ILE G 281 -83.16 -30.22 -25.94
C ILE G 281 -82.73 -30.80 -24.61
N LEU G 282 -81.51 -31.26 -24.51
CA LEU G 282 -81.05 -31.91 -23.31
C LEU G 282 -80.96 -31.02 -22.09
N ILE G 283 -80.52 -29.81 -22.31
CA ILE G 283 -80.44 -28.83 -21.28
C ILE G 283 -81.80 -28.47 -20.76
N SER G 284 -82.74 -28.27 -21.66
CA SER G 284 -84.08 -27.94 -21.28
C SER G 284 -84.76 -29.04 -20.52
N LYS G 285 -84.60 -30.27 -20.92
CA LYS G 285 -85.18 -31.38 -20.24
C LYS G 285 -84.62 -31.55 -18.81
N CYS G 286 -83.33 -31.31 -18.67
CA CYS G 286 -82.69 -31.26 -17.38
C CYS G 286 -83.17 -30.11 -16.52
N ASN G 287 -83.38 -28.94 -17.10
CA ASN G 287 -83.91 -27.83 -16.35
C ASN G 287 -85.31 -28.09 -15.85
N VAL G 288 -86.14 -28.65 -16.70
CA VAL G 288 -87.49 -28.97 -16.33
C VAL G 288 -87.54 -30.03 -15.27
N ALA G 289 -86.69 -31.02 -15.37
CA ALA G 289 -86.57 -32.07 -14.39
C ALA G 289 -85.91 -31.72 -13.03
N GLY G 290 -85.31 -30.55 -12.94
CA GLY G 290 -84.43 -30.17 -11.86
C GLY G 290 -83.13 -30.89 -11.59
N LYS G 291 -82.41 -31.28 -12.64
CA LYS G 291 -81.15 -31.95 -12.49
C LYS G 291 -80.08 -31.20 -13.23
N PRO G 292 -78.88 -31.24 -12.70
CA PRO G 292 -77.76 -30.47 -13.21
C PRO G 292 -77.36 -30.90 -14.62
N VAL G 293 -77.03 -29.96 -15.47
CA VAL G 293 -76.66 -30.22 -16.84
C VAL G 293 -75.39 -29.49 -17.23
N ILE G 294 -74.50 -30.19 -17.90
CA ILE G 294 -73.19 -29.70 -18.27
C ILE G 294 -72.98 -29.64 -19.78
N CYS G 295 -72.49 -28.51 -20.24
CA CYS G 295 -72.07 -28.33 -21.61
C CYS G 295 -70.58 -28.47 -21.75
N ALA G 296 -70.19 -29.38 -22.60
CA ALA G 296 -68.82 -29.80 -22.73
C ALA G 296 -68.23 -29.79 -24.12
N THR G 297 -66.93 -29.50 -24.16
CA THR G 297 -65.97 -29.78 -25.22
C THR G 297 -65.78 -28.67 -26.27
N GLN G 298 -64.55 -28.29 -26.51
CA GLN G 298 -64.14 -27.32 -27.50
C GLN G 298 -64.71 -25.94 -27.23
N MET G 299 -65.16 -25.71 -26.02
CA MET G 299 -65.75 -24.44 -25.67
C MET G 299 -64.79 -23.27 -25.78
N LEU G 300 -63.58 -23.44 -25.34
CA LEU G 300 -62.58 -22.42 -25.54
C LEU G 300 -61.29 -23.03 -26.07
N GLU G 301 -61.40 -23.80 -27.12
CA GLU G 301 -60.32 -24.62 -27.62
C GLU G 301 -59.03 -23.95 -28.02
N SER G 302 -59.09 -22.79 -28.64
CA SER G 302 -57.94 -22.09 -29.17
C SER G 302 -57.06 -21.56 -28.05
N MET G 303 -57.63 -21.53 -26.87
CA MET G 303 -56.98 -21.01 -25.70
C MET G 303 -56.12 -22.09 -25.09
N THR G 304 -56.11 -23.24 -25.70
CA THR G 304 -55.16 -24.27 -25.39
C THR G 304 -53.81 -23.73 -25.78
N TYR G 305 -53.78 -22.92 -26.81
CA TYR G 305 -52.52 -22.40 -27.28
C TYR G 305 -52.39 -20.89 -27.32
N ASN G 306 -53.48 -20.17 -27.21
CA ASN G 306 -53.44 -18.73 -27.29
C ASN G 306 -53.99 -18.07 -26.07
N PRO G 307 -53.50 -16.88 -25.82
CA PRO G 307 -53.92 -16.07 -24.69
C PRO G 307 -55.38 -15.61 -24.76
N ARG G 308 -55.93 -15.52 -25.95
CA ARG G 308 -57.25 -15.00 -26.19
C ARG G 308 -58.08 -15.92 -27.07
N PRO G 309 -59.38 -15.96 -26.81
CA PRO G 309 -60.30 -16.80 -27.55
C PRO G 309 -60.77 -16.22 -28.86
N THR G 310 -61.27 -17.08 -29.72
CA THR G 310 -61.99 -16.70 -30.92
C THR G 310 -63.39 -16.19 -30.64
N ARG G 311 -63.97 -15.48 -31.58
CA ARG G 311 -65.31 -14.97 -31.45
C ARG G 311 -66.34 -16.07 -31.31
N ALA G 312 -66.18 -17.14 -32.08
CA ALA G 312 -67.07 -18.25 -32.01
C ALA G 312 -67.05 -18.91 -30.64
N GLU G 313 -65.89 -18.97 -30.03
CA GLU G 313 -65.76 -19.53 -28.72
C GLU G 313 -66.46 -18.78 -27.62
N VAL G 314 -66.31 -17.47 -27.61
CA VAL G 314 -66.93 -16.60 -26.66
C VAL G 314 -68.42 -16.72 -26.82
N SER G 315 -68.88 -16.70 -28.04
CA SER G 315 -70.29 -16.87 -28.28
C SER G 315 -70.79 -18.19 -27.77
N ASP G 316 -70.00 -19.24 -27.93
CA ASP G 316 -70.37 -20.53 -27.42
C ASP G 316 -70.52 -20.60 -25.90
N VAL G 317 -69.63 -20.05 -25.12
CA VAL G 317 -69.81 -20.11 -23.67
C VAL G 317 -71.08 -19.38 -23.23
N ALA G 318 -71.32 -18.23 -23.83
CA ALA G 318 -72.47 -17.43 -23.56
C ALA G 318 -73.83 -18.06 -23.88
N ASN G 319 -73.94 -18.65 -25.06
CA ASN G 319 -75.11 -19.38 -25.49
C ASN G 319 -75.41 -20.60 -24.64
N ALA G 320 -74.40 -21.26 -24.14
CA ALA G 320 -74.65 -22.36 -23.22
C ALA G 320 -75.36 -21.95 -21.93
N VAL G 321 -74.98 -20.80 -21.40
CA VAL G 321 -75.66 -20.19 -20.26
C VAL G 321 -77.08 -19.77 -20.58
N PHE G 322 -77.26 -19.16 -21.74
CA PHE G 322 -78.56 -18.78 -22.24
C PHE G 322 -79.40 -20.02 -22.44
N ASN G 323 -78.79 -21.11 -22.83
CA ASN G 323 -79.44 -22.37 -23.07
C ASN G 323 -80.03 -22.90 -21.75
N GLY G 324 -79.44 -22.49 -20.65
CA GLY G 324 -79.84 -22.97 -19.36
C GLY G 324 -78.97 -23.93 -18.61
N ALA G 325 -77.74 -24.09 -19.02
CA ALA G 325 -76.82 -24.98 -18.37
C ALA G 325 -76.36 -24.59 -16.98
N ASP G 326 -76.31 -25.57 -16.10
CA ASP G 326 -75.69 -25.39 -14.82
C ASP G 326 -74.19 -25.12 -14.93
N CYS G 327 -73.53 -25.89 -15.78
CA CYS G 327 -72.07 -25.90 -15.89
C CYS G 327 -71.48 -25.83 -17.30
N VAL G 328 -70.32 -25.21 -17.39
CA VAL G 328 -69.52 -25.30 -18.57
C VAL G 328 -68.24 -26.00 -18.19
N MET G 329 -67.58 -26.58 -19.15
CA MET G 329 -66.47 -27.46 -18.90
C MET G 329 -65.24 -27.14 -19.72
N LEU G 330 -64.09 -27.44 -19.16
CA LEU G 330 -62.83 -27.27 -19.84
C LEU G 330 -62.11 -28.58 -19.91
N SER G 331 -61.60 -28.92 -21.07
CA SER G 331 -60.96 -30.19 -21.24
C SER G 331 -59.47 -30.12 -21.45
N GLY G 332 -59.06 -30.03 -22.69
CA GLY G 332 -57.68 -29.88 -23.07
C GLY G 332 -57.08 -28.56 -22.67
N GLU G 333 -57.91 -27.55 -22.66
CA GLU G 333 -57.50 -26.19 -22.34
C GLU G 333 -56.90 -26.12 -20.95
N THR G 334 -57.37 -26.92 -20.03
CA THR G 334 -56.75 -27.05 -18.72
C THR G 334 -55.89 -28.30 -18.49
N ALA G 335 -56.15 -29.37 -19.20
CA ALA G 335 -55.33 -30.54 -19.08
C ALA G 335 -53.92 -30.41 -19.61
N LYS G 336 -53.79 -29.89 -20.82
CA LYS G 336 -52.51 -29.76 -21.49
C LYS G 336 -52.14 -28.39 -22.02
N GLY G 337 -52.97 -27.41 -21.75
CA GLY G 337 -52.83 -26.08 -22.28
C GLY G 337 -51.74 -25.20 -21.72
N LYS G 338 -51.40 -24.18 -22.49
CA LYS G 338 -50.57 -23.06 -22.15
C LYS G 338 -51.09 -22.08 -21.11
N TYR G 339 -52.38 -21.79 -21.12
CA TYR G 339 -52.89 -20.73 -20.29
C TYR G 339 -54.06 -21.15 -19.45
N PRO G 340 -53.83 -22.05 -18.53
CA PRO G 340 -54.90 -22.61 -17.75
C PRO G 340 -55.65 -21.60 -16.91
N ASN G 341 -54.96 -20.74 -16.18
CA ASN G 341 -55.61 -19.72 -15.40
C ASN G 341 -56.38 -18.72 -16.25
N GLU G 342 -55.80 -18.27 -17.33
CA GLU G 342 -56.45 -17.35 -18.22
C GLU G 342 -57.71 -17.91 -18.86
N VAL G 343 -57.69 -19.16 -19.27
CA VAL G 343 -58.85 -19.71 -19.91
C VAL G 343 -60.02 -19.77 -18.96
N VAL G 344 -59.78 -20.18 -17.75
CA VAL G 344 -60.79 -20.19 -16.73
C VAL G 344 -61.29 -18.81 -16.41
N GLN G 345 -60.40 -17.86 -16.32
CA GLN G 345 -60.79 -16.50 -16.03
C GLN G 345 -61.65 -15.96 -17.13
N TYR G 346 -61.32 -16.28 -18.37
CA TYR G 346 -62.14 -15.88 -19.50
C TYR G 346 -63.51 -16.49 -19.50
N MET G 347 -63.60 -17.75 -19.18
CA MET G 347 -64.86 -18.41 -19.12
C MET G 347 -65.75 -17.83 -18.05
N ALA G 348 -65.20 -17.53 -16.89
CA ALA G 348 -65.96 -16.96 -15.80
C ALA G 348 -66.53 -15.61 -16.15
N ARG G 349 -65.72 -14.82 -16.80
CA ARG G 349 -66.08 -13.50 -17.23
C ARG G 349 -67.21 -13.50 -18.24
N ILE G 350 -67.15 -14.40 -19.21
CA ILE G 350 -68.21 -14.56 -20.20
C ILE G 350 -69.51 -15.03 -19.56
N CYS G 351 -69.40 -15.92 -18.60
CA CYS G 351 -70.54 -16.43 -17.91
C CYS G 351 -71.23 -15.32 -17.13
N LEU G 352 -70.48 -14.46 -16.51
CA LEU G 352 -71.05 -13.34 -15.78
C LEU G 352 -71.76 -12.34 -16.68
N GLU G 353 -71.17 -12.06 -17.82
CA GLU G 353 -71.77 -11.21 -18.79
C GLU G 353 -73.08 -11.72 -19.37
N ALA G 354 -73.13 -12.99 -19.71
CA ALA G 354 -74.34 -13.61 -20.24
C ALA G 354 -75.46 -13.60 -19.23
N GLN G 355 -75.07 -13.72 -17.98
CA GLN G 355 -75.95 -13.71 -16.83
C GLN G 355 -76.69 -12.40 -16.73
N SER G 356 -76.07 -11.30 -17.06
CA SER G 356 -76.77 -10.04 -17.11
C SER G 356 -77.87 -10.02 -18.12
N ALA G 357 -77.59 -10.55 -19.29
CA ALA G 357 -78.54 -10.64 -20.38
C ALA G 357 -79.63 -11.63 -20.09
N LEU G 358 -79.39 -12.53 -19.15
CA LEU G 358 -80.31 -13.62 -18.90
C LEU G 358 -81.56 -13.09 -18.30
N ASN G 359 -82.70 -13.53 -18.78
CA ASN G 359 -83.93 -13.16 -18.16
C ASN G 359 -84.31 -14.22 -17.19
N GLU G 360 -83.90 -14.06 -15.96
CA GLU G 360 -84.11 -15.02 -14.90
C GLU G 360 -85.57 -15.19 -14.57
N TYR G 361 -86.32 -14.13 -14.68
CA TYR G 361 -87.74 -14.14 -14.45
C TYR G 361 -88.56 -14.97 -15.41
N VAL G 362 -88.31 -14.84 -16.70
CA VAL G 362 -89.01 -15.60 -17.72
C VAL G 362 -88.71 -17.05 -17.54
N PHE G 363 -87.47 -17.33 -17.25
CA PHE G 363 -86.99 -18.65 -16.96
C PHE G 363 -87.71 -19.27 -15.78
N PHE G 364 -87.96 -18.51 -14.73
CA PHE G 364 -88.70 -19.01 -13.58
C PHE G 364 -90.13 -19.43 -13.93
N ASN G 365 -90.84 -18.56 -14.61
CA ASN G 365 -92.17 -18.80 -15.06
C ASN G 365 -92.30 -19.92 -16.07
N SER G 366 -91.35 -20.01 -16.98
CA SER G 366 -91.37 -21.03 -17.97
C SER G 366 -91.22 -22.38 -17.38
N ILE G 367 -90.32 -22.51 -16.43
CA ILE G 367 -90.08 -23.74 -15.73
C ILE G 367 -91.27 -24.19 -14.90
N LYS G 368 -91.87 -23.24 -14.23
CA LYS G 368 -93.01 -23.40 -13.35
C LYS G 368 -94.23 -23.92 -14.10
N LYS G 369 -94.50 -23.41 -15.30
CA LYS G 369 -95.58 -23.91 -16.12
C LYS G 369 -95.42 -25.32 -16.55
N LEU G 370 -94.20 -25.80 -16.65
CA LEU G 370 -93.95 -27.14 -17.11
C LEU G 370 -94.05 -28.26 -16.09
N GLN G 371 -94.21 -27.91 -14.83
CA GLN G 371 -94.35 -28.86 -13.78
C GLN G 371 -95.76 -29.37 -13.68
N HIS G 372 -95.85 -30.65 -13.41
CA HIS G 372 -97.09 -31.31 -13.22
C HIS G 372 -97.77 -30.83 -11.96
N ILE G 373 -99.09 -30.65 -12.05
CA ILE G 373 -99.88 -30.19 -10.91
C ILE G 373 -100.99 -31.17 -10.59
N PRO G 374 -101.07 -31.57 -9.32
CA PRO G 374 -100.14 -31.09 -8.30
C PRO G 374 -98.76 -31.76 -8.43
N MET G 375 -97.87 -31.48 -7.48
CA MET G 375 -96.54 -32.06 -7.50
C MET G 375 -96.12 -32.53 -6.10
N SER G 376 -95.55 -31.63 -5.32
CA SER G 376 -95.11 -31.96 -3.97
C SER G 376 -95.02 -30.71 -3.10
N ALA G 377 -95.38 -30.85 -1.83
CA ALA G 377 -95.33 -29.75 -0.90
C ALA G 377 -94.02 -29.00 -0.84
N ASP G 378 -92.92 -29.69 -0.78
CA ASP G 378 -91.63 -29.03 -0.86
C ASP G 378 -91.36 -28.32 -2.17
N GLU G 379 -91.79 -28.88 -3.28
CA GLU G 379 -91.65 -28.22 -4.56
C GLU G 379 -92.43 -26.93 -4.68
N ALA G 380 -93.64 -26.91 -4.18
CA ALA G 380 -94.42 -25.70 -4.13
C ALA G 380 -93.77 -24.65 -3.24
N VAL G 381 -93.18 -25.09 -2.14
CA VAL G 381 -92.55 -24.20 -1.21
C VAL G 381 -91.40 -23.51 -1.89
N CYS G 382 -90.59 -24.26 -2.60
CA CYS G 382 -89.47 -23.68 -3.31
C CYS G 382 -89.85 -22.75 -4.44
N SER G 383 -90.81 -23.13 -5.24
CA SER G 383 -91.27 -22.29 -6.31
C SER G 383 -91.94 -21.01 -5.86
N SER G 384 -92.86 -21.12 -4.95
CA SER G 384 -93.47 -19.97 -4.40
C SER G 384 -92.47 -19.07 -3.62
N ALA G 385 -91.48 -19.67 -2.97
CA ALA G 385 -90.47 -18.90 -2.27
C ALA G 385 -89.64 -18.03 -3.16
N VAL G 386 -89.30 -18.55 -4.33
CA VAL G 386 -88.66 -17.81 -5.40
C VAL G 386 -89.57 -16.71 -5.92
N ASN G 387 -90.84 -17.00 -6.04
CA ASN G 387 -91.80 -16.02 -6.47
C ASN G 387 -91.81 -14.85 -5.48
N SER G 388 -91.67 -15.18 -4.22
CA SER G 388 -91.50 -14.22 -3.16
C SER G 388 -90.26 -13.42 -3.36
N VAL G 389 -89.20 -14.03 -3.84
CA VAL G 389 -88.01 -13.28 -4.06
C VAL G 389 -88.24 -12.22 -5.10
N TYR G 390 -88.85 -12.57 -6.21
CA TYR G 390 -89.14 -11.60 -7.24
C TYR G 390 -90.11 -10.52 -6.80
N GLU G 391 -91.14 -10.87 -6.05
CA GLU G 391 -92.11 -9.94 -5.54
C GLU G 391 -91.58 -8.88 -4.57
N THR G 392 -90.67 -9.26 -3.68
CA THR G 392 -90.05 -8.33 -2.74
C THR G 392 -88.74 -7.72 -3.16
N LYS G 393 -88.18 -8.20 -4.25
CA LYS G 393 -86.82 -7.93 -4.61
C LYS G 393 -85.80 -8.34 -3.57
N ALA G 394 -85.96 -9.53 -3.02
CA ALA G 394 -85.04 -10.06 -2.05
C ALA G 394 -83.66 -10.31 -2.61
N LYS G 395 -82.65 -9.99 -1.85
CA LYS G 395 -81.32 -10.02 -2.38
C LYS G 395 -80.54 -11.27 -2.09
N ALA G 396 -81.13 -12.16 -1.32
CA ALA G 396 -80.54 -13.44 -1.02
C ALA G 396 -81.56 -14.45 -0.58
N MET G 397 -81.13 -15.68 -0.57
CA MET G 397 -82.00 -16.75 -0.24
C MET G 397 -81.22 -17.66 0.62
N VAL G 398 -81.83 -18.27 1.60
CA VAL G 398 -81.15 -19.27 2.41
C VAL G 398 -81.95 -20.54 2.47
N VAL G 399 -81.32 -21.67 2.22
CA VAL G 399 -81.99 -22.94 2.37
C VAL G 399 -81.26 -23.91 3.19
N LEU G 400 -81.97 -24.72 3.93
CA LEU G 400 -81.36 -25.79 4.63
C LEU G 400 -81.46 -27.08 3.86
N SER G 401 -80.32 -27.62 3.46
CA SER G 401 -80.27 -28.94 2.89
C SER G 401 -79.10 -29.79 3.35
N ASN G 402 -79.40 -30.97 3.83
CA ASN G 402 -78.38 -31.95 4.16
C ASN G 402 -78.03 -32.93 3.03
N THR G 403 -79.02 -33.47 2.35
CA THR G 403 -78.81 -34.26 1.15
C THR G 403 -78.39 -33.44 -0.03
N GLY G 404 -78.71 -32.16 -0.01
CA GLY G 404 -78.55 -31.31 -1.16
C GLY G 404 -79.77 -31.24 -2.05
N ARG G 405 -80.75 -32.10 -1.77
CA ARG G 405 -81.99 -32.12 -2.52
C ARG G 405 -82.72 -30.78 -2.47
N SER G 406 -82.91 -30.23 -1.27
CA SER G 406 -83.63 -29.00 -1.15
C SER G 406 -82.99 -27.91 -1.94
N ALA G 407 -81.68 -27.86 -1.94
CA ALA G 407 -80.99 -26.87 -2.70
C ALA G 407 -81.15 -26.93 -4.22
N ARG G 408 -81.14 -28.11 -4.80
CA ARG G 408 -81.37 -28.26 -6.23
C ARG G 408 -82.78 -27.83 -6.61
N LEU G 409 -83.73 -28.16 -5.77
CA LEU G 409 -85.11 -27.85 -5.96
C LEU G 409 -85.39 -26.37 -6.02
N VAL G 410 -84.77 -25.61 -5.16
CA VAL G 410 -84.77 -24.17 -5.24
C VAL G 410 -84.06 -23.52 -6.40
N ALA G 411 -82.86 -23.99 -6.70
CA ALA G 411 -82.02 -23.46 -7.75
C ALA G 411 -82.71 -23.66 -9.07
N LYS G 412 -83.51 -24.70 -9.12
CA LYS G 412 -84.25 -25.09 -10.26
C LYS G 412 -85.19 -23.99 -10.71
N TYR G 413 -85.64 -23.17 -9.78
CA TYR G 413 -86.57 -22.14 -10.09
C TYR G 413 -85.94 -20.84 -10.46
N ARG G 414 -84.64 -20.80 -10.58
CA ARG G 414 -83.98 -19.62 -11.11
C ARG G 414 -84.33 -18.25 -10.47
N PRO G 415 -84.06 -18.09 -9.20
CA PRO G 415 -84.20 -16.81 -8.54
C PRO G 415 -83.17 -15.84 -9.05
N ASN G 416 -83.39 -14.56 -8.87
CA ASN G 416 -82.46 -13.58 -9.41
C ASN G 416 -81.44 -13.09 -8.38
N CYS G 417 -81.22 -13.91 -7.40
CA CYS G 417 -80.36 -13.59 -6.31
C CYS G 417 -79.62 -14.82 -5.93
N PRO G 418 -78.54 -14.66 -5.18
CA PRO G 418 -77.76 -15.80 -4.74
C PRO G 418 -78.56 -16.70 -3.84
N ILE G 419 -78.28 -17.98 -3.86
CA ILE G 419 -78.92 -18.91 -2.99
C ILE G 419 -77.90 -19.41 -2.03
N VAL G 420 -78.20 -19.37 -0.76
CA VAL G 420 -77.21 -19.81 0.18
C VAL G 420 -77.71 -21.04 0.89
N CYS G 421 -77.02 -22.12 0.70
CA CYS G 421 -77.38 -23.39 1.27
C CYS G 421 -76.58 -23.69 2.53
N VAL G 422 -77.25 -24.10 3.58
CA VAL G 422 -76.56 -24.42 4.79
C VAL G 422 -76.69 -25.89 4.99
N THR G 423 -75.57 -26.57 5.00
CA THR G 423 -75.56 -28.01 4.98
C THR G 423 -74.73 -28.59 6.11
N THR G 424 -75.14 -29.74 6.59
CA THR G 424 -74.38 -30.45 7.57
C THR G 424 -73.47 -31.50 6.99
N ARG G 425 -73.36 -31.57 5.67
CA ARG G 425 -72.47 -32.52 5.03
C ARG G 425 -71.50 -31.84 4.09
N LEU G 426 -70.23 -32.08 4.28
CA LEU G 426 -69.21 -31.53 3.41
C LEU G 426 -69.30 -32.00 1.97
N GLN G 427 -69.65 -33.26 1.78
CA GLN G 427 -69.81 -33.81 0.47
C GLN G 427 -70.93 -33.11 -0.27
N THR G 428 -71.95 -32.71 0.47
CA THR G 428 -73.02 -31.96 -0.08
C THR G 428 -72.52 -30.65 -0.59
N CYS G 429 -71.61 -30.02 0.12
CA CYS G 429 -71.03 -28.79 -0.35
C CYS G 429 -70.28 -28.99 -1.66
N ARG G 430 -69.56 -30.07 -1.78
CA ARG G 430 -68.92 -30.38 -3.03
C ARG G 430 -69.88 -30.72 -4.17
N GLN G 431 -70.88 -31.54 -3.87
CA GLN G 431 -71.83 -32.04 -4.85
C GLN G 431 -72.66 -30.91 -5.46
N LEU G 432 -72.90 -29.89 -4.67
CA LEU G 432 -73.62 -28.70 -5.07
C LEU G 432 -72.82 -27.77 -5.94
N ASN G 433 -71.57 -28.11 -6.17
CA ASN G 433 -70.71 -27.36 -7.04
C ASN G 433 -71.09 -27.52 -8.51
N ILE G 434 -71.98 -28.45 -8.81
CA ILE G 434 -72.53 -28.54 -10.16
C ILE G 434 -73.91 -27.94 -10.30
N THR G 435 -74.44 -27.33 -9.26
CA THR G 435 -75.73 -26.73 -9.37
C THR G 435 -75.57 -25.24 -9.52
N GLN G 436 -76.15 -24.64 -10.55
CA GLN G 436 -75.99 -23.23 -10.74
C GLN G 436 -76.62 -22.39 -9.65
N GLY G 437 -75.97 -21.28 -9.37
CA GLY G 437 -76.49 -20.27 -8.51
C GLY G 437 -76.53 -20.55 -7.04
N VAL G 438 -75.75 -21.50 -6.59
CA VAL G 438 -75.78 -21.93 -5.20
C VAL G 438 -74.43 -21.88 -4.51
N GLU G 439 -74.42 -21.40 -3.29
CA GLU G 439 -73.23 -21.38 -2.48
C GLU G 439 -73.49 -22.10 -1.17
N SER G 440 -72.53 -22.87 -0.71
CA SER G 440 -72.69 -23.68 0.47
C SER G 440 -71.93 -23.20 1.70
N VAL G 441 -72.58 -23.30 2.84
CA VAL G 441 -71.97 -23.06 4.12
C VAL G 441 -72.05 -24.33 4.91
N PHE G 442 -70.95 -24.88 5.34
CA PHE G 442 -70.98 -26.07 6.15
C PHE G 442 -71.26 -25.76 7.62
N PHE G 443 -72.15 -26.49 8.26
CA PHE G 443 -72.48 -26.37 9.65
C PHE G 443 -72.22 -27.70 10.28
N ASP G 444 -71.29 -27.71 11.22
CA ASP G 444 -70.82 -28.94 11.83
C ASP G 444 -71.75 -29.32 12.92
N ALA G 445 -72.57 -30.30 12.65
CA ALA G 445 -73.56 -30.71 13.58
C ALA G 445 -72.89 -31.21 14.83
N ASP G 446 -71.78 -31.90 14.69
CA ASP G 446 -71.12 -32.50 15.83
C ASP G 446 -70.63 -31.48 16.82
N LYS G 447 -69.88 -30.53 16.36
CA LYS G 447 -69.42 -29.44 17.15
C LYS G 447 -70.56 -28.57 17.65
N LEU G 448 -71.49 -28.23 16.78
CA LEU G 448 -72.53 -27.26 17.13
C LEU G 448 -73.90 -27.81 17.41
N GLY G 449 -74.08 -29.10 17.37
CA GLY G 449 -75.39 -29.64 17.68
C GLY G 449 -76.33 -29.74 16.48
N HIS G 450 -77.40 -30.48 16.68
CA HIS G 450 -78.37 -30.83 15.66
C HIS G 450 -79.27 -29.71 15.16
N ASP G 451 -79.36 -28.63 15.91
CA ASP G 451 -80.09 -27.44 15.52
C ASP G 451 -81.51 -27.64 15.06
N GLU G 452 -82.30 -28.37 15.83
CA GLU G 452 -83.64 -28.74 15.44
C GLU G 452 -84.56 -27.57 15.26
N GLY G 453 -84.33 -26.48 15.95
CA GLY G 453 -85.19 -25.33 15.78
C GLY G 453 -84.77 -24.41 14.67
N LYS G 454 -83.61 -24.72 14.10
CA LYS G 454 -83.15 -24.24 12.82
C LYS G 454 -82.58 -22.84 12.88
N GLU G 455 -82.62 -22.24 14.04
CA GLU G 455 -82.13 -20.89 14.22
C GLU G 455 -80.65 -20.70 13.98
N HIS G 456 -79.82 -21.63 14.37
CA HIS G 456 -78.40 -21.52 14.11
C HIS G 456 -77.98 -21.62 12.67
N ARG G 457 -78.48 -22.62 11.97
CA ARG G 457 -78.16 -22.80 10.58
C ARG G 457 -78.63 -21.59 9.83
N VAL G 458 -79.79 -21.10 10.17
CA VAL G 458 -80.29 -19.92 9.57
C VAL G 458 -79.43 -18.71 9.81
N ALA G 459 -78.92 -18.54 11.01
CA ALA G 459 -78.06 -17.41 11.30
C ALA G 459 -76.77 -17.45 10.49
N ALA G 460 -76.22 -18.64 10.34
CA ALA G 460 -75.01 -18.85 9.58
C ALA G 460 -75.16 -18.54 8.09
N GLY G 461 -76.25 -18.98 7.50
CA GLY G 461 -76.51 -18.63 6.12
C GLY G 461 -76.70 -17.16 5.91
N VAL G 462 -77.43 -16.52 6.78
CA VAL G 462 -77.57 -15.08 6.70
C VAL G 462 -76.26 -14.36 6.89
N GLU G 463 -75.45 -14.78 7.85
CA GLU G 463 -74.16 -14.15 8.08
C GLU G 463 -73.25 -14.27 6.91
N PHE G 464 -73.25 -15.44 6.29
CA PHE G 464 -72.47 -15.65 5.10
C PHE G 464 -72.91 -14.71 4.02
N ALA G 465 -74.20 -14.49 3.88
CA ALA G 465 -74.71 -13.56 2.91
C ALA G 465 -74.29 -12.14 3.15
N LYS G 466 -74.24 -11.76 4.40
CA LYS G 466 -73.75 -10.45 4.81
C LYS G 466 -72.29 -10.32 4.47
N SER G 467 -71.56 -11.37 4.78
CA SER G 467 -70.14 -11.39 4.57
C SER G 467 -69.72 -11.25 3.11
N LYS G 468 -70.44 -11.85 2.19
CA LYS G 468 -70.09 -11.76 0.78
C LYS G 468 -70.72 -10.52 0.20
N GLY G 469 -71.48 -9.81 0.99
CA GLY G 469 -72.06 -8.58 0.54
C GLY G 469 -73.34 -8.61 -0.25
N TYR G 470 -73.97 -9.77 -0.31
CA TYR G 470 -75.24 -9.93 -0.97
C TYR G 470 -76.32 -9.14 -0.29
N VAL G 471 -76.28 -9.08 1.03
CA VAL G 471 -77.25 -8.33 1.82
C VAL G 471 -76.72 -7.33 2.85
N GLN G 472 -77.51 -6.31 3.13
CA GLN G 472 -77.22 -5.34 4.16
C GLN G 472 -78.50 -5.23 4.94
N THR G 473 -78.45 -4.47 6.02
CA THR G 473 -79.54 -4.35 6.94
C THR G 473 -80.65 -3.70 6.17
N GLY G 474 -81.85 -4.15 6.43
CA GLY G 474 -83.03 -3.67 5.77
C GLY G 474 -83.41 -4.44 4.55
N ASP G 475 -82.54 -5.32 4.09
CA ASP G 475 -82.82 -6.22 2.98
C ASP G 475 -83.66 -7.43 3.37
N TYR G 476 -84.34 -7.98 2.38
CA TYR G 476 -85.11 -9.17 2.59
C TYR G 476 -84.28 -10.34 2.25
N CYS G 477 -84.40 -11.36 3.06
CA CYS G 477 -83.83 -12.63 2.77
C CYS G 477 -84.92 -13.67 2.87
N VAL G 478 -85.07 -14.50 1.85
CA VAL G 478 -86.14 -15.48 1.83
C VAL G 478 -85.55 -16.79 2.24
N VAL G 479 -86.16 -17.41 3.23
CA VAL G 479 -85.61 -18.53 3.94
C VAL G 479 -86.49 -19.76 3.86
N ILE G 480 -85.89 -20.91 3.65
CA ILE G 480 -86.60 -22.16 3.45
C ILE G 480 -86.13 -23.32 4.32
N HIS G 481 -87.04 -23.90 5.08
CA HIS G 481 -86.75 -25.09 5.83
C HIS G 481 -88.05 -25.66 6.35
N ALA G 482 -87.96 -26.68 7.16
CA ALA G 482 -89.11 -27.18 7.88
C ALA G 482 -89.46 -26.36 9.09
N ASP G 483 -90.68 -26.55 9.54
CA ASP G 483 -91.16 -26.06 10.78
C ASP G 483 -90.74 -27.04 11.84
N HIS G 484 -91.21 -26.83 13.04
CA HIS G 484 -90.79 -27.67 14.14
C HIS G 484 -91.22 -29.12 14.09
N LYS G 485 -92.42 -29.41 13.66
CA LYS G 485 -92.84 -30.77 13.47
C LYS G 485 -92.31 -31.61 12.28
N VAL G 486 -92.35 -31.06 11.08
CA VAL G 486 -92.07 -31.82 9.86
C VAL G 486 -90.62 -32.25 9.62
N LYS G 487 -90.47 -33.47 9.17
CA LYS G 487 -89.17 -34.07 8.94
C LYS G 487 -89.00 -34.66 7.54
N GLY G 488 -87.83 -34.47 6.97
CA GLY G 488 -87.50 -35.01 5.68
C GLY G 488 -87.67 -34.11 4.49
N TYR G 489 -88.32 -32.98 4.66
CA TYR G 489 -88.44 -31.99 3.63
C TYR G 489 -88.71 -30.64 4.24
N ALA G 490 -88.66 -29.60 3.45
CA ALA G 490 -88.99 -28.30 3.94
C ALA G 490 -90.39 -27.92 3.55
N ASN G 491 -91.20 -27.64 4.54
CA ASN G 491 -92.56 -27.20 4.31
C ASN G 491 -92.82 -25.71 4.56
N GLN G 492 -91.78 -24.94 4.79
CA GLN G 492 -91.94 -23.56 5.21
C GLN G 492 -91.11 -22.52 4.45
N THR G 493 -91.67 -21.35 4.27
CA THR G 493 -90.95 -20.22 3.78
C THR G 493 -91.15 -19.00 4.65
N ARG G 494 -90.12 -18.23 4.86
CA ARG G 494 -90.20 -16.99 5.60
C ARG G 494 -89.48 -15.86 4.91
N ILE G 495 -90.07 -14.70 4.92
CA ILE G 495 -89.35 -13.53 4.47
C ILE G 495 -88.87 -12.79 5.70
N LEU G 496 -87.57 -12.75 5.94
CA LEU G 496 -87.01 -12.01 7.06
C LEU G 496 -86.17 -10.82 6.70
N LEU G 497 -86.30 -9.79 7.52
CA LEU G 497 -85.57 -8.55 7.37
C LEU G 497 -84.20 -8.73 7.97
N VAL G 498 -83.16 -8.23 7.33
CA VAL G 498 -81.83 -8.45 7.85
C VAL G 498 -81.26 -7.29 8.64
N GLU G 499 -80.66 -7.62 9.79
CA GLU G 499 -80.07 -6.61 10.65
C GLU G 499 -78.56 -6.79 10.76
N SER H 2 -19.74 62.35 19.40
CA SER H 2 -20.34 63.16 20.40
C SER H 2 -20.37 64.59 19.95
N GLN H 3 -21.19 65.40 20.55
CA GLN H 3 -21.30 66.77 20.15
C GLN H 3 -20.03 67.46 20.51
N LEU H 4 -19.39 67.01 21.56
CA LEU H 4 -18.15 67.57 22.03
C LEU H 4 -17.02 67.42 21.05
N ALA H 5 -16.81 66.20 20.59
CA ALA H 5 -15.64 65.83 19.84
C ALA H 5 -15.63 66.62 18.57
N HIS H 6 -16.83 66.57 17.98
CA HIS H 6 -17.29 67.35 16.81
C HIS H 6 -17.13 68.84 16.88
N ASN H 7 -17.36 69.45 18.01
CA ASN H 7 -17.15 70.87 18.15
C ASN H 7 -15.72 71.19 17.84
N LEU H 8 -14.91 70.21 18.11
CA LEU H 8 -13.47 70.22 18.00
C LEU H 8 -12.97 70.20 16.57
N THR H 9 -13.78 69.65 15.69
CA THR H 9 -13.50 69.66 14.28
C THR H 9 -13.95 70.90 13.59
N LEU H 10 -14.71 71.76 14.24
CA LEU H 10 -15.16 72.99 13.62
C LEU H 10 -14.10 74.05 13.43
N SER H 11 -14.24 74.88 12.43
CA SER H 11 -13.41 76.08 12.29
C SER H 11 -14.16 77.32 11.87
N ILE H 12 -13.77 78.48 12.37
CA ILE H 12 -14.40 79.70 11.94
C ILE H 12 -14.18 80.00 10.47
N PHE H 13 -13.08 79.49 9.92
CA PHE H 13 -12.76 79.72 8.51
C PHE H 13 -13.34 78.67 7.56
N ASP H 14 -14.23 77.82 8.05
CA ASP H 14 -14.85 76.84 7.20
C ASP H 14 -15.74 77.62 6.28
N PRO H 15 -15.74 77.28 5.01
CA PRO H 15 -16.62 77.93 4.07
C PRO H 15 -18.05 77.51 4.26
N VAL H 16 -18.99 78.44 4.16
CA VAL H 16 -20.38 78.08 4.26
C VAL H 16 -20.91 77.45 3.02
N ALA H 17 -22.11 76.92 3.11
CA ALA H 17 -22.76 76.21 2.03
C ALA H 17 -23.27 77.04 0.88
N ASN H 18 -23.53 76.39 -0.23
CA ASN H 18 -24.09 77.05 -1.38
C ASN H 18 -25.60 77.17 -1.31
N TYR H 19 -26.17 76.65 -0.23
CA TYR H 19 -27.58 76.77 0.00
C TYR H 19 -27.89 77.00 1.47
N ARG H 20 -28.95 77.74 1.75
CA ARG H 20 -29.45 77.90 3.09
C ARG H 20 -30.71 77.09 3.30
N ALA H 21 -30.64 76.11 4.17
CA ALA H 21 -31.75 75.26 4.52
C ALA H 21 -32.92 75.90 5.26
N ALA H 22 -32.62 76.69 6.26
CA ALA H 22 -33.63 77.30 7.07
C ALA H 22 -34.38 78.40 6.36
N ARG H 23 -35.62 78.59 6.74
CA ARG H 23 -36.51 79.56 6.13
C ARG H 23 -36.88 80.72 7.03
N ILE H 24 -37.01 81.88 6.43
CA ILE H 24 -37.31 83.07 7.16
C ILE H 24 -38.69 83.60 6.92
N ILE H 25 -39.37 83.95 8.01
CA ILE H 25 -40.71 84.47 7.98
C ILE H 25 -40.74 85.93 8.43
N CYS H 26 -41.43 86.77 7.70
CA CYS H 26 -41.48 88.18 8.01
C CYS H 26 -42.90 88.65 8.20
N THR H 27 -43.11 89.41 9.24
CA THR H 27 -44.38 90.02 9.51
C THR H 27 -44.44 91.34 8.78
N ILE H 28 -45.54 91.59 8.12
CA ILE H 28 -45.68 92.75 7.29
C ILE H 28 -46.50 93.85 7.93
N GLY H 29 -45.86 94.97 8.11
CA GLY H 29 -46.42 96.14 8.71
C GLY H 29 -46.06 97.34 7.88
N PRO H 30 -46.17 98.49 8.50
CA PRO H 30 -46.07 99.78 7.89
C PRO H 30 -44.73 99.98 7.22
N SER H 31 -43.68 99.48 7.83
CA SER H 31 -42.38 99.46 7.23
C SER H 31 -42.28 98.60 5.97
N THR H 32 -43.09 97.57 5.84
CA THR H 32 -42.84 96.60 4.79
C THR H 32 -43.94 96.28 3.80
N GLN H 33 -45.00 97.06 3.85
CA GLN H 33 -46.16 96.87 3.02
C GLN H 33 -46.01 97.16 1.53
N SER H 34 -45.19 98.15 1.26
CA SER H 34 -44.99 98.59 -0.08
C SER H 34 -44.30 97.53 -0.87
N VAL H 35 -44.65 97.50 -2.12
CA VAL H 35 -44.15 96.53 -3.04
C VAL H 35 -42.66 96.64 -3.12
N GLU H 36 -42.14 97.84 -3.12
CA GLU H 36 -40.72 98.01 -3.12
C GLU H 36 -40.07 97.42 -1.87
N ALA H 37 -40.68 97.66 -0.72
CA ALA H 37 -40.15 97.09 0.51
C ALA H 37 -40.19 95.57 0.50
N LEU H 38 -41.28 95.02 -0.01
CA LEU H 38 -41.45 93.60 -0.10
C LEU H 38 -40.46 92.94 -1.02
N LYS H 39 -40.15 93.61 -2.11
CA LYS H 39 -39.15 93.15 -3.03
C LYS H 39 -37.80 93.11 -2.38
N GLY H 40 -37.53 94.08 -1.54
CA GLY H 40 -36.32 94.11 -0.77
C GLY H 40 -36.24 92.96 0.20
N LEU H 41 -37.35 92.64 0.82
CA LEU H 41 -37.45 91.55 1.76
C LEU H 41 -37.21 90.19 1.12
N ILE H 42 -37.77 89.96 -0.04
CA ILE H 42 -37.61 88.73 -0.74
C ILE H 42 -36.18 88.50 -1.14
N GLN H 43 -35.57 89.54 -1.67
CA GLN H 43 -34.19 89.51 -2.07
C GLN H 43 -33.26 89.33 -0.90
N SER H 44 -33.70 89.86 0.22
CA SER H 44 -32.97 89.75 1.44
C SER H 44 -33.08 88.37 2.00
N GLY H 45 -34.10 87.64 1.57
CA GLY H 45 -34.31 86.31 2.09
C GLY H 45 -35.62 85.86 2.67
N MET H 46 -36.70 86.56 2.46
CA MET H 46 -37.99 86.17 3.01
C MET H 46 -38.69 85.08 2.22
N SER H 47 -39.12 84.02 2.88
CA SER H 47 -39.85 83.00 2.19
C SER H 47 -41.31 83.00 2.50
N VAL H 48 -41.68 83.55 3.64
CA VAL H 48 -43.06 83.57 4.07
C VAL H 48 -43.45 84.94 4.55
N ALA H 49 -44.56 85.48 4.10
CA ALA H 49 -45.03 86.72 4.65
C ALA H 49 -46.21 86.57 5.59
N ARG H 50 -46.07 87.12 6.78
CA ARG H 50 -47.06 86.96 7.82
C ARG H 50 -47.88 88.20 8.05
N MET H 51 -49.18 88.05 8.05
CA MET H 51 -50.09 89.11 8.39
C MET H 51 -50.69 88.85 9.74
N ASN H 52 -50.59 89.81 10.64
CA ASN H 52 -51.14 89.66 11.96
C ASN H 52 -52.47 90.34 12.10
N PHE H 53 -53.50 89.56 12.33
CA PHE H 53 -54.85 90.03 12.30
C PHE H 53 -55.27 90.65 13.60
N SER H 54 -54.34 90.70 14.53
CA SER H 54 -54.50 91.49 15.73
C SER H 54 -54.39 92.96 15.42
N HIS H 55 -53.81 93.28 14.28
CA HIS H 55 -53.57 94.64 13.90
C HIS H 55 -54.13 94.77 12.51
N GLY H 56 -54.49 95.97 12.11
CA GLY H 56 -54.99 96.16 10.78
C GLY H 56 -56.40 95.74 10.64
N SER H 57 -56.82 95.49 9.43
CA SER H 57 -58.20 95.21 9.13
C SER H 57 -58.14 94.44 7.88
N HIS H 58 -59.27 93.97 7.40
CA HIS H 58 -59.26 93.16 6.22
C HIS H 58 -58.74 94.00 5.12
N GLU H 59 -59.15 95.26 5.14
CA GLU H 59 -58.70 96.23 4.15
C GLU H 59 -57.19 96.37 4.13
N TYR H 60 -56.58 96.54 5.30
CA TYR H 60 -55.14 96.71 5.35
C TYR H 60 -54.39 95.50 4.88
N HIS H 61 -54.84 94.35 5.36
CA HIS H 61 -54.26 93.06 5.05
C HIS H 61 -54.41 92.63 3.61
N GLN H 62 -55.49 93.08 2.98
CA GLN H 62 -55.70 92.85 1.57
C GLN H 62 -54.63 93.52 0.79
N THR H 63 -54.27 94.72 1.19
CA THR H 63 -53.25 95.45 0.49
C THR H 63 -51.99 94.65 0.53
N THR H 64 -51.70 94.04 1.67
CA THR H 64 -50.52 93.24 1.87
C THR H 64 -50.50 92.03 0.96
N ILE H 65 -51.64 91.38 0.83
CA ILE H 65 -51.76 90.24 -0.01
C ILE H 65 -51.50 90.58 -1.45
N ASN H 66 -52.09 91.66 -1.91
CA ASN H 66 -51.88 92.09 -3.26
C ASN H 66 -50.47 92.48 -3.49
N ASN H 67 -49.92 93.19 -2.56
CA ASN H 67 -48.54 93.57 -2.69
C ASN H 67 -47.54 92.42 -2.70
N VAL H 68 -47.82 91.38 -1.92
CA VAL H 68 -46.95 90.22 -1.88
C VAL H 68 -46.97 89.48 -3.20
N ARG H 69 -48.15 89.28 -3.71
CA ARG H 69 -48.31 88.61 -4.95
C ARG H 69 -47.65 89.40 -6.09
N GLN H 70 -47.85 90.71 -6.11
CA GLN H 70 -47.23 91.57 -7.11
C GLN H 70 -45.72 91.61 -7.05
N ALA H 71 -45.19 91.70 -5.85
CA ALA H 71 -43.76 91.64 -5.67
C ALA H 71 -43.12 90.30 -6.03
N ALA H 72 -43.77 89.22 -5.65
CA ALA H 72 -43.32 87.89 -5.97
C ALA H 72 -43.35 87.66 -7.46
N ALA H 73 -44.41 88.12 -8.10
CA ALA H 73 -44.60 87.95 -9.52
C ALA H 73 -43.53 88.64 -10.32
N GLU H 74 -43.18 89.82 -9.90
CA GLU H 74 -42.13 90.60 -10.49
C GLU H 74 -40.79 89.96 -10.34
N LEU H 75 -40.62 89.14 -9.34
CA LEU H 75 -39.31 88.58 -9.07
C LEU H 75 -39.26 87.12 -9.46
N GLY H 76 -40.33 86.66 -10.03
CA GLY H 76 -40.45 85.29 -10.44
C GLY H 76 -40.29 84.24 -9.38
N VAL H 77 -40.93 84.43 -8.25
CA VAL H 77 -40.76 83.55 -7.12
C VAL H 77 -42.07 83.27 -6.47
N ASN H 78 -42.15 82.21 -5.69
CA ASN H 78 -43.36 81.90 -5.00
C ASN H 78 -43.21 82.16 -3.49
N ILE H 79 -44.06 82.99 -2.92
CA ILE H 79 -43.98 83.34 -1.52
C ILE H 79 -45.22 82.92 -0.79
N ALA H 80 -45.10 82.17 0.30
CA ALA H 80 -46.24 81.79 1.08
C ALA H 80 -46.84 82.97 1.79
N ILE H 81 -48.15 82.97 1.94
CA ILE H 81 -48.84 83.98 2.69
C ILE H 81 -49.50 83.35 3.89
N ALA H 82 -49.24 83.89 5.07
CA ALA H 82 -49.75 83.32 6.29
C ALA H 82 -50.68 84.26 6.99
N LEU H 83 -51.80 83.76 7.47
CA LEU H 83 -52.69 84.57 8.26
C LEU H 83 -52.61 84.18 9.74
N ASP H 84 -52.13 85.20 10.44
CA ASP H 84 -51.90 85.24 11.84
C ASP H 84 -53.04 85.93 12.56
N THR H 85 -53.93 85.14 13.12
CA THR H 85 -55.14 85.60 13.77
C THR H 85 -54.95 86.44 15.04
N LYS H 86 -55.90 87.31 15.30
CA LYS H 86 -55.87 88.10 16.50
C LYS H 86 -56.09 87.15 17.65
N GLY H 87 -57.07 86.30 17.55
CA GLY H 87 -57.37 85.33 18.57
C GLY H 87 -58.13 85.92 19.73
N PRO H 88 -58.57 85.08 20.62
CA PRO H 88 -59.28 85.56 21.80
C PRO H 88 -58.38 86.41 22.69
N GLU H 89 -58.85 87.54 23.22
CA GLU H 89 -58.08 88.37 24.14
C GLU H 89 -58.89 88.61 25.42
N ILE H 90 -58.18 88.70 26.55
CA ILE H 90 -58.72 89.21 27.79
C ILE H 90 -58.19 90.62 27.95
N ARG H 91 -59.14 91.54 28.15
CA ARG H 91 -58.83 92.95 28.39
C ARG H 91 -59.60 93.50 29.61
N THR H 92 -58.99 94.49 30.26
CA THR H 92 -59.74 95.34 31.22
C THR H 92 -60.69 96.23 30.47
N GLY H 93 -61.59 96.86 31.22
CA GLY H 93 -62.45 97.89 30.70
C GLY H 93 -61.73 99.23 30.73
N GLN H 94 -62.55 100.29 30.71
CA GLN H 94 -62.12 101.69 30.82
C GLN H 94 -62.00 102.10 32.28
N PHE H 95 -61.13 103.07 32.55
CA PHE H 95 -61.10 103.72 33.86
C PHE H 95 -61.59 105.17 33.77
N VAL H 96 -62.20 105.67 34.86
CA VAL H 96 -62.63 107.07 34.96
C VAL H 96 -61.40 107.99 34.89
N GLY H 97 -61.52 109.09 34.15
CA GLY H 97 -60.39 109.98 33.86
C GLY H 97 -59.40 109.41 32.86
N GLY H 98 -59.79 108.33 32.17
CA GLY H 98 -58.93 107.69 31.19
C GLY H 98 -57.86 106.75 31.74
N ASP H 99 -57.59 106.86 33.03
CA ASP H 99 -56.40 106.25 33.67
C ASP H 99 -56.71 105.76 35.10
N ALA H 100 -55.83 104.94 35.69
CA ALA H 100 -55.99 104.52 37.09
C ALA H 100 -54.69 104.07 37.79
N VAL H 101 -54.39 104.71 38.92
CA VAL H 101 -53.09 104.66 39.58
C VAL H 101 -53.01 103.57 40.66
N MET H 102 -52.46 102.41 40.31
CA MET H 102 -52.43 101.22 41.19
C MET H 102 -51.21 101.20 42.13
N GLU H 103 -51.41 101.30 43.44
CA GLU H 103 -50.27 101.39 44.37
C GLU H 103 -49.95 100.06 45.03
N ARG H 104 -48.70 99.85 45.40
CA ARG H 104 -48.32 98.59 46.03
C ARG H 104 -48.97 98.46 47.44
N GLY H 105 -49.47 97.28 47.78
CA GLY H 105 -50.11 97.08 49.08
C GLY H 105 -51.62 97.33 49.13
N ALA H 106 -52.14 98.16 48.20
CA ALA H 106 -53.58 98.49 48.08
C ALA H 106 -54.48 97.30 47.78
N THR H 107 -55.74 97.39 48.20
CA THR H 107 -56.80 96.47 47.80
C THR H 107 -57.63 97.05 46.64
N CYS H 108 -57.88 96.22 45.62
CA CYS H 108 -58.81 96.59 44.53
C CYS H 108 -59.71 95.41 44.18
N TYR H 109 -60.74 95.66 43.40
CA TYR H 109 -61.80 94.68 43.15
C TYR H 109 -61.89 94.54 41.63
N VAL H 110 -61.81 93.31 41.14
CA VAL H 110 -61.89 93.12 39.66
C VAL H 110 -63.20 92.38 39.43
N THR H 111 -63.99 92.91 38.52
CA THR H 111 -65.29 92.35 38.35
C THR H 111 -65.57 92.03 36.90
N THR H 112 -66.39 91.03 36.66
CA THR H 112 -66.88 90.81 35.31
C THR H 112 -68.30 91.31 35.09
N ASP H 113 -68.83 92.04 36.07
CA ASP H 113 -70.14 92.70 35.93
C ASP H 113 -70.03 93.77 34.81
N PRO H 114 -70.81 93.59 33.71
CA PRO H 114 -70.59 94.46 32.54
C PRO H 114 -71.03 95.92 32.79
N ALA H 115 -71.90 96.14 33.77
CA ALA H 115 -72.22 97.51 34.27
C ALA H 115 -70.95 98.41 34.48
N PHE H 116 -69.79 97.79 34.73
CA PHE H 116 -68.54 98.50 35.07
C PHE H 116 -67.53 98.76 33.94
N ALA H 117 -67.90 98.45 32.70
CA ALA H 117 -66.94 98.48 31.57
C ALA H 117 -66.43 99.88 31.22
N ASP H 118 -67.23 100.91 31.53
CA ASP H 118 -66.85 102.29 31.25
C ASP H 118 -66.72 103.16 32.52
N LYS H 119 -66.56 102.52 33.68
CA LYS H 119 -66.50 103.24 34.98
C LYS H 119 -65.68 102.48 36.02
N GLY H 120 -64.58 101.88 35.56
CA GLY H 120 -63.62 101.33 36.53
C GLY H 120 -62.90 102.45 37.29
N THR H 121 -62.22 102.09 38.36
CA THR H 121 -61.38 103.05 39.10
C THR H 121 -60.33 102.18 39.73
N LYS H 122 -59.35 102.79 40.37
CA LYS H 122 -58.36 101.96 41.05
C LYS H 122 -59.01 100.99 42.05
N ASP H 123 -60.19 101.38 42.56
CA ASP H 123 -60.97 100.63 43.56
C ASP H 123 -61.65 99.40 42.96
N LYS H 124 -62.26 99.56 41.80
CA LYS H 124 -62.97 98.45 41.17
C LYS H 124 -63.13 98.66 39.68
N PHE H 125 -62.73 97.66 38.93
CA PHE H 125 -62.85 97.75 37.48
C PHE H 125 -63.17 96.41 36.83
N TYR H 126 -63.46 96.48 35.56
CA TYR H 126 -63.95 95.37 34.80
C TYR H 126 -62.82 94.69 34.03
N ILE H 127 -62.84 93.36 34.01
CA ILE H 127 -62.06 92.49 33.13
C ILE H 127 -63.09 91.75 32.29
N ASP H 128 -62.92 91.70 30.98
CA ASP H 128 -64.03 91.28 30.11
C ASP H 128 -64.17 89.78 29.90
N TYR H 129 -63.50 88.96 30.69
CA TYR H 129 -63.55 87.50 30.52
C TYR H 129 -64.53 86.98 31.54
N GLN H 130 -65.73 86.61 31.06
CA GLN H 130 -66.87 86.35 31.95
C GLN H 130 -66.67 85.17 32.90
N ASN H 131 -65.79 84.28 32.51
CA ASN H 131 -65.43 83.16 33.34
C ASN H 131 -64.31 83.45 34.31
N LEU H 132 -63.87 84.70 34.49
CA LEU H 132 -62.69 84.96 35.35
C LEU H 132 -62.74 84.24 36.72
N SER H 133 -63.90 84.40 37.42
CA SER H 133 -64.07 83.87 38.78
C SER H 133 -64.01 82.36 38.87
N LYS H 134 -64.57 81.68 37.89
CA LYS H 134 -64.55 80.23 37.88
C LYS H 134 -63.10 79.72 37.64
N VAL H 135 -62.30 80.49 36.94
CA VAL H 135 -61.00 79.96 36.52
C VAL H 135 -59.93 80.25 37.54
N VAL H 136 -60.09 81.31 38.31
CA VAL H 136 -59.05 81.69 39.26
C VAL H 136 -59.42 81.22 40.68
N ARG H 137 -58.41 80.94 41.51
CA ARG H 137 -58.60 80.67 42.96
C ARG H 137 -57.71 81.59 43.83
N PRO H 138 -58.03 81.73 45.15
CA PRO H 138 -57.16 82.45 46.09
C PRO H 138 -55.68 82.01 45.97
N GLY H 139 -54.77 82.98 45.84
CA GLY H 139 -53.35 82.70 45.72
C GLY H 139 -52.87 82.92 44.29
N ASN H 140 -53.72 82.61 43.32
CA ASN H 140 -53.41 82.88 41.90
C ASN H 140 -53.08 84.34 41.60
N TYR H 141 -52.31 84.54 40.55
CA TYR H 141 -51.87 85.85 40.14
C TYR H 141 -52.62 86.29 38.87
N ILE H 142 -52.89 87.58 38.78
CA ILE H 142 -53.56 88.15 37.61
C ILE H 142 -52.71 89.27 37.03
N TYR H 143 -52.16 89.04 35.85
CA TYR H 143 -51.23 90.02 35.23
C TYR H 143 -51.94 90.99 34.31
N ILE H 144 -51.60 92.27 34.45
CA ILE H 144 -52.23 93.32 33.66
C ILE H 144 -51.16 94.24 33.07
N ASP H 145 -51.33 94.57 31.80
CA ASP H 145 -50.36 95.40 31.10
C ASP H 145 -49.00 94.85 30.64
N ASP H 146 -49.04 93.70 29.98
CA ASP H 146 -47.79 93.06 29.60
C ASP H 146 -47.22 92.19 30.76
N GLY H 147 -48.04 91.97 31.78
CA GLY H 147 -47.56 91.33 33.05
C GLY H 147 -46.86 92.33 34.01
N ILE H 148 -46.96 93.62 33.72
CA ILE H 148 -46.24 94.64 34.49
C ILE H 148 -46.87 94.82 35.88
N LEU H 149 -48.19 94.85 35.91
CA LEU H 149 -48.93 95.04 37.16
C LEU H 149 -49.36 93.64 37.57
N ILE H 150 -48.94 93.24 38.77
CA ILE H 150 -49.26 91.90 39.23
C ILE H 150 -50.20 92.02 40.41
N LEU H 151 -51.46 91.64 40.18
CA LEU H 151 -52.42 91.62 41.26
C LEU H 151 -52.40 90.18 41.78
N GLN H 152 -52.61 90.01 43.09
CA GLN H 152 -52.88 88.66 43.62
C GLN H 152 -54.30 88.49 44.16
N VAL H 153 -54.91 87.38 43.78
CA VAL H 153 -56.25 87.06 44.18
C VAL H 153 -56.35 86.62 45.64
N GLN H 154 -57.20 87.33 46.40
CA GLN H 154 -57.34 87.03 47.82
C GLN H 154 -58.62 86.23 48.06
N SER H 155 -59.74 86.68 47.46
CA SER H 155 -61.01 86.03 47.71
C SER H 155 -62.03 86.41 46.66
N HIS H 156 -63.14 85.70 46.70
CA HIS H 156 -64.33 86.01 45.91
C HIS H 156 -65.17 86.96 46.77
N GLU H 157 -65.10 88.25 46.50
CA GLU H 157 -66.09 89.19 47.08
C GLU H 157 -67.50 88.72 46.76
N ASP H 158 -67.77 88.40 45.49
CA ASP H 158 -69.05 87.76 45.13
C ASP H 158 -68.90 86.89 43.90
N GLU H 159 -70.00 86.48 43.30
CA GLU H 159 -69.87 85.57 42.21
C GLU H 159 -69.26 86.13 40.91
N GLN H 160 -69.10 87.46 40.82
CA GLN H 160 -68.53 88.14 39.67
C GLN H 160 -67.35 89.05 40.00
N THR H 161 -66.95 89.09 41.26
CA THR H 161 -65.98 90.09 41.66
C THR H 161 -64.95 89.41 42.54
N LEU H 162 -63.68 89.74 42.30
CA LEU H 162 -62.56 89.21 43.04
C LEU H 162 -61.92 90.33 43.84
N GLU H 163 -61.68 90.09 45.13
CA GLU H 163 -60.90 91.02 45.94
C GLU H 163 -59.43 90.70 45.63
N CYS H 164 -58.64 91.70 45.26
CA CYS H 164 -57.22 91.50 44.94
C CYS H 164 -56.33 92.35 45.81
N THR H 165 -55.11 91.87 46.07
CA THR H 165 -53.98 92.72 46.52
C THR H 165 -53.19 93.26 45.33
N VAL H 166 -52.76 94.50 45.36
CA VAL H 166 -51.80 94.99 44.41
C VAL H 166 -50.33 94.68 44.87
N THR H 167 -49.60 93.82 44.13
CA THR H 167 -48.27 93.39 44.60
C THR H 167 -47.15 94.34 44.21
N ASN H 168 -47.37 95.17 43.18
CA ASN H 168 -46.36 96.17 42.78
C ASN H 168 -47.02 97.36 42.11
N SER H 169 -46.38 98.51 42.21
CA SER H 169 -46.98 99.79 41.81
C SER H 169 -46.94 99.89 40.30
N HIS H 170 -47.99 100.47 39.72
CA HIS H 170 -47.99 100.71 38.30
C HIS H 170 -49.29 101.45 37.91
N THR H 171 -49.14 102.48 37.11
CA THR H 171 -50.28 103.18 36.57
C THR H 171 -50.70 102.40 35.32
N ILE H 172 -52.00 102.12 35.21
CA ILE H 172 -52.53 101.42 34.04
C ILE H 172 -53.61 102.25 33.32
N SER H 173 -53.53 102.34 32.00
CA SER H 173 -54.56 103.06 31.22
C SER H 173 -55.66 102.12 30.71
N ASP H 174 -56.59 102.65 29.91
CA ASP H 174 -57.73 101.86 29.41
C ASP H 174 -57.36 100.60 28.67
N ARG H 175 -58.11 99.55 28.99
CA ARG H 175 -58.16 98.34 28.17
C ARG H 175 -56.86 97.58 28.01
N ARG H 176 -56.13 97.36 29.09
CA ARG H 176 -54.93 96.54 28.99
C ARG H 176 -55.22 95.04 28.90
N GLY H 177 -54.29 94.29 28.31
CA GLY H 177 -54.46 92.85 28.18
C GLY H 177 -54.16 92.20 29.52
N VAL H 178 -54.81 91.09 29.80
CA VAL H 178 -54.50 90.46 31.03
C VAL H 178 -54.02 89.04 30.72
N ASN H 179 -53.22 88.48 31.61
CA ASN H 179 -52.91 87.05 31.54
C ASN H 179 -53.20 86.37 32.84
N LEU H 180 -53.20 85.03 32.80
CA LEU H 180 -53.59 84.22 33.93
C LEU H 180 -52.63 82.99 34.07
N PRO H 181 -51.41 83.21 34.64
CA PRO H 181 -50.44 82.17 34.42
C PRO H 181 -50.69 80.83 35.06
N GLY H 182 -51.44 80.75 36.13
CA GLY H 182 -51.68 79.45 36.75
C GLY H 182 -53.09 79.02 36.42
N CYS H 183 -53.57 79.50 35.27
CA CYS H 183 -55.00 79.37 35.02
C CYS H 183 -55.24 78.84 33.65
N ASP H 184 -56.18 77.89 33.61
CA ASP H 184 -56.59 77.30 32.36
C ASP H 184 -57.66 78.19 31.74
N VAL H 185 -57.26 79.00 30.79
CA VAL H 185 -58.19 79.95 30.18
C VAL H 185 -59.05 79.22 29.18
N ASP H 186 -60.37 79.46 29.20
CA ASP H 186 -61.27 78.66 28.35
C ASP H 186 -62.09 79.47 27.34
N LEU H 187 -61.54 80.54 26.89
CA LEU H 187 -62.03 81.17 25.71
C LEU H 187 -62.14 80.16 24.59
N PRO H 188 -63.08 80.37 23.71
CA PRO H 188 -63.23 79.57 22.51
C PRO H 188 -61.98 79.67 21.67
N ALA H 189 -61.78 78.72 20.80
CA ALA H 189 -60.57 78.65 20.01
C ALA H 189 -60.55 79.82 19.07
N VAL H 190 -61.71 80.14 18.58
CA VAL H 190 -61.90 81.13 17.55
C VAL H 190 -62.89 82.19 17.99
N SER H 191 -62.48 83.43 18.03
CA SER H 191 -63.36 84.53 18.31
C SER H 191 -64.30 84.83 17.14
N ALA H 192 -65.24 85.72 17.37
CA ALA H 192 -66.11 86.13 16.30
C ALA H 192 -65.37 86.87 15.20
N LYS H 193 -64.43 87.71 15.55
CA LYS H 193 -63.61 88.33 14.55
C LYS H 193 -62.75 87.33 13.77
N ASP H 194 -62.19 86.35 14.47
CA ASP H 194 -61.41 85.29 13.84
C ASP H 194 -62.26 84.59 12.79
N ARG H 195 -63.49 84.30 13.14
CA ARG H 195 -64.38 83.59 12.26
C ARG H 195 -64.51 84.35 10.97
N VAL H 196 -64.62 85.65 11.09
CA VAL H 196 -64.70 86.47 9.93
C VAL H 196 -63.30 86.50 9.44
N ASP H 197 -62.33 86.24 10.32
CA ASP H 197 -60.97 86.29 9.88
C ASP H 197 -60.56 85.08 9.08
N LEU H 198 -60.99 83.90 9.53
CA LEU H 198 -60.75 82.68 8.81
C LEU H 198 -61.39 82.60 7.45
N GLN H 199 -62.63 83.07 7.33
CA GLN H 199 -63.31 83.07 6.07
C GLN H 199 -62.62 83.92 5.03
N PHE H 200 -62.13 85.07 5.46
CA PHE H 200 -61.45 85.99 4.60
C PHE H 200 -60.20 85.37 4.05
N GLY H 201 -59.50 84.63 4.92
CA GLY H 201 -58.30 83.95 4.54
C GLY H 201 -58.52 82.92 3.48
N VAL H 202 -59.60 82.19 3.59
CA VAL H 202 -60.01 81.24 2.58
C VAL H 202 -60.33 81.92 1.27
N GLU H 203 -61.07 83.02 1.33
CA GLU H 203 -61.48 83.80 0.18
C GLU H 203 -60.33 84.37 -0.58
N GLN H 204 -59.32 84.87 0.10
CA GLN H 204 -58.20 85.48 -0.56
C GLN H 204 -57.14 84.46 -0.84
N GLY H 205 -57.47 83.21 -0.61
CA GLY H 205 -56.57 82.12 -0.88
C GLY H 205 -55.24 82.05 -0.20
N VAL H 206 -55.19 82.34 1.09
CA VAL H 206 -53.97 82.19 1.84
C VAL H 206 -53.49 80.77 1.97
N ASP H 207 -52.19 80.61 2.01
CA ASP H 207 -51.53 79.34 2.22
C ASP H 207 -51.62 78.63 3.58
N MET H 208 -51.47 79.36 4.67
CA MET H 208 -51.49 78.79 6.00
C MET H 208 -52.10 79.71 7.04
N ILE H 209 -52.50 79.13 8.15
CA ILE H 209 -52.99 79.87 9.27
C ILE H 209 -52.03 79.68 10.43
N PHE H 210 -51.59 80.75 11.04
CA PHE H 210 -50.91 80.61 12.28
C PHE H 210 -51.94 80.80 13.33
N ALA H 211 -52.37 79.74 13.95
CA ALA H 211 -53.48 79.81 14.86
C ALA H 211 -53.01 80.14 16.26
N SER H 212 -53.35 81.33 16.71
CA SER H 212 -52.99 81.81 18.02
C SER H 212 -53.61 81.07 19.17
N PHE H 213 -52.86 81.09 20.25
CA PHE H 213 -53.29 80.60 21.52
C PHE H 213 -53.91 79.17 21.47
N ILE H 214 -53.32 78.07 20.86
CA ILE H 214 -53.99 76.82 20.78
C ILE H 214 -53.82 76.09 22.10
N ARG H 215 -54.87 76.01 22.90
CA ARG H 215 -55.01 75.14 24.07
C ARG H 215 -55.15 73.62 23.85
N SER H 216 -55.75 73.20 22.76
CA SER H 216 -56.19 71.81 22.58
C SER H 216 -56.29 71.27 21.16
N ALA H 217 -56.32 69.96 21.07
CA ALA H 217 -56.55 69.23 19.84
C ALA H 217 -57.93 69.47 19.29
N GLU H 218 -58.89 69.62 20.19
CA GLU H 218 -60.26 69.92 19.86
C GLU H 218 -60.40 71.28 19.19
N GLN H 219 -59.63 72.24 19.66
CA GLN H 219 -59.58 73.58 19.12
C GLN H 219 -59.06 73.62 17.71
N VAL H 220 -58.07 72.83 17.39
CA VAL H 220 -57.53 72.77 16.05
C VAL H 220 -58.61 72.28 15.14
N GLY H 221 -59.35 71.29 15.57
CA GLY H 221 -60.42 70.75 14.79
C GLY H 221 -61.47 71.79 14.50
N ASP H 222 -61.76 72.59 15.49
CA ASP H 222 -62.69 73.67 15.30
C ASP H 222 -62.18 74.66 14.28
N VAL H 223 -60.89 74.92 14.26
CA VAL H 223 -60.31 75.74 13.23
C VAL H 223 -60.42 75.14 11.84
N ARG H 224 -60.21 73.86 11.74
CA ARG H 224 -60.23 73.13 10.51
C ARG H 224 -61.62 73.24 9.94
N LYS H 225 -62.58 73.18 10.83
CA LYS H 225 -63.98 73.15 10.53
C LYS H 225 -64.50 74.51 10.11
N ALA H 226 -64.02 75.56 10.73
CA ALA H 226 -64.31 76.91 10.32
C ALA H 226 -63.75 77.22 8.95
N LEU H 227 -62.61 76.66 8.61
CA LEU H 227 -62.05 76.88 7.31
C LEU H 227 -62.94 76.26 6.28
N GLY H 228 -63.54 75.13 6.62
CA GLY H 228 -64.46 74.46 5.76
C GLY H 228 -63.88 73.60 4.68
N PRO H 229 -64.72 73.16 3.75
CA PRO H 229 -64.33 72.43 2.56
C PRO H 229 -63.48 73.22 1.61
N LYS H 230 -63.83 74.47 1.42
CA LYS H 230 -63.08 75.34 0.52
C LYS H 230 -61.70 75.53 1.06
N GLY H 231 -61.56 75.36 2.35
CA GLY H 231 -60.33 75.61 3.06
C GLY H 231 -59.48 74.42 3.43
N ARG H 232 -59.80 73.26 2.89
CA ARG H 232 -59.21 72.01 3.32
C ARG H 232 -57.71 71.84 3.10
N ASP H 233 -57.17 72.50 2.11
CA ASP H 233 -55.76 72.38 1.85
C ASP H 233 -54.92 73.46 2.47
N ILE H 234 -55.51 74.29 3.31
CA ILE H 234 -54.76 75.29 4.03
C ILE H 234 -54.20 74.64 5.25
N MET H 235 -52.93 74.89 5.50
CA MET H 235 -52.20 74.34 6.62
C MET H 235 -52.54 75.05 7.91
N ILE H 236 -52.80 74.33 8.98
CA ILE H 236 -52.95 74.98 10.26
C ILE H 236 -51.74 74.79 11.12
N ILE H 237 -51.01 75.86 11.31
CA ILE H 237 -49.83 75.87 12.14
C ILE H 237 -50.21 76.35 13.53
N CYS H 238 -49.97 75.54 14.54
CA CYS H 238 -50.43 75.91 15.86
C CYS H 238 -49.41 76.57 16.75
N LYS H 239 -49.68 77.78 17.15
CA LYS H 239 -48.85 78.53 18.03
C LYS H 239 -49.03 78.09 19.47
N ILE H 240 -47.93 77.78 20.13
CA ILE H 240 -47.97 77.38 21.52
C ILE H 240 -47.54 78.56 22.30
N GLU H 241 -48.47 79.16 23.02
CA GLU H 241 -48.19 80.41 23.73
C GLU H 241 -48.53 80.34 25.21
N ASN H 242 -49.19 79.29 25.66
CA ASN H 242 -49.54 79.11 27.08
C ASN H 242 -49.31 77.74 27.69
N HIS H 243 -49.68 77.62 28.96
CA HIS H 243 -49.48 76.37 29.71
C HIS H 243 -50.18 75.18 29.07
N GLN H 244 -51.48 75.32 28.84
CA GLN H 244 -52.29 74.25 28.33
C GLN H 244 -51.78 73.74 26.99
N GLY H 245 -51.36 74.63 26.14
CA GLY H 245 -50.80 74.25 24.89
C GLY H 245 -49.55 73.42 25.04
N VAL H 246 -48.67 73.78 25.93
CA VAL H 246 -47.51 72.98 26.18
C VAL H 246 -47.87 71.62 26.73
N GLN H 247 -48.80 71.58 27.65
CA GLN H 247 -49.19 70.36 28.27
C GLN H 247 -49.78 69.38 27.27
N ASN H 248 -50.51 69.90 26.33
CA ASN H 248 -51.23 69.11 25.35
C ASN H 248 -50.54 68.95 24.02
N ILE H 249 -49.24 69.09 24.01
CA ILE H 249 -48.49 69.18 22.79
C ILE H 249 -48.54 68.00 21.85
N ASP H 250 -48.50 66.77 22.35
CA ASP H 250 -48.56 65.62 21.48
C ASP H 250 -49.85 65.53 20.70
N SER H 251 -50.96 65.70 21.37
CA SER H 251 -52.23 65.73 20.72
C SER H 251 -52.42 66.89 19.76
N ILE H 252 -51.92 68.06 20.13
CA ILE H 252 -51.93 69.19 19.25
C ILE H 252 -51.07 68.97 18.01
N ILE H 253 -49.91 68.40 18.19
CA ILE H 253 -49.04 68.11 17.10
C ILE H 253 -49.72 67.13 16.15
N GLU H 254 -50.41 66.14 16.67
CA GLU H 254 -51.15 65.18 15.87
C GLU H 254 -52.15 65.84 14.95
N GLU H 255 -53.00 66.67 15.50
CA GLU H 255 -54.01 67.43 14.77
C GLU H 255 -53.51 68.47 13.79
N SER H 256 -52.42 69.11 14.13
CA SER H 256 -51.87 70.20 13.37
C SER H 256 -51.09 69.79 12.13
N ASP H 257 -50.74 70.77 11.33
CA ASP H 257 -49.80 70.60 10.26
C ASP H 257 -48.42 71.14 10.64
N GLY H 258 -48.30 71.72 11.80
CA GLY H 258 -47.06 72.26 12.28
C GLY H 258 -47.22 73.09 13.51
N ILE H 259 -46.12 73.54 14.07
CA ILE H 259 -46.08 74.24 15.32
C ILE H 259 -45.28 75.51 15.22
N MET H 260 -45.72 76.50 15.94
CA MET H 260 -44.94 77.65 16.26
C MET H 260 -44.62 77.76 17.75
N VAL H 261 -43.36 77.98 18.07
CA VAL H 261 -42.98 78.22 19.43
C VAL H 261 -43.07 79.70 19.67
N ALA H 262 -44.21 80.15 20.14
CA ALA H 262 -44.55 81.55 20.21
C ALA H 262 -44.02 82.14 21.47
N ARG H 263 -42.77 82.54 21.42
CA ARG H 263 -42.05 82.87 22.60
C ARG H 263 -42.52 84.08 23.36
N GLY H 264 -43.00 85.12 22.68
CA GLY H 264 -43.45 86.29 23.40
C GLY H 264 -44.59 86.12 24.37
N ASP H 265 -45.69 85.56 23.96
CA ASP H 265 -46.73 85.14 24.88
C ASP H 265 -46.34 84.04 25.86
N LEU H 266 -45.59 83.04 25.41
CA LEU H 266 -45.19 81.90 26.20
C LEU H 266 -44.33 82.30 27.37
N GLY H 267 -43.53 83.31 27.10
CA GLY H 267 -42.65 83.93 28.01
C GLY H 267 -43.26 84.59 29.21
N VAL H 268 -44.41 85.23 29.10
CA VAL H 268 -45.25 85.65 30.20
C VAL H 268 -45.99 84.56 30.92
N GLU H 269 -46.58 83.70 30.11
CA GLU H 269 -47.40 82.60 30.60
C GLU H 269 -46.61 81.60 31.41
N ILE H 270 -45.41 81.37 31.00
CA ILE H 270 -44.62 80.36 31.56
C ILE H 270 -43.48 81.22 31.88
N PRO H 271 -42.80 80.88 32.93
CA PRO H 271 -41.61 81.57 33.29
C PRO H 271 -40.63 81.24 32.22
N ALA H 272 -39.93 82.32 31.96
CA ALA H 272 -39.15 82.67 30.83
C ALA H 272 -38.02 81.72 30.72
N GLU H 273 -37.44 81.37 31.84
CA GLU H 273 -36.36 80.41 31.88
C GLU H 273 -36.80 79.04 31.42
N LYS H 274 -38.10 78.82 31.45
CA LYS H 274 -38.68 77.56 30.98
C LYS H 274 -38.86 77.52 29.46
N VAL H 275 -39.00 78.69 28.83
CA VAL H 275 -39.21 78.76 27.41
C VAL H 275 -38.12 77.99 26.68
N VAL H 276 -36.91 77.98 27.21
CA VAL H 276 -35.82 77.24 26.62
C VAL H 276 -36.04 75.74 26.56
N VAL H 277 -36.50 75.14 27.65
CA VAL H 277 -36.88 73.74 27.68
C VAL H 277 -38.05 73.45 26.75
N ALA H 278 -39.02 74.32 26.75
CA ALA H 278 -40.13 74.17 25.86
C ALA H 278 -39.69 74.25 24.39
N GLN H 279 -38.76 75.12 24.05
CA GLN H 279 -38.27 75.21 22.70
C GLN H 279 -37.58 73.93 22.24
N LYS H 280 -36.70 73.42 23.07
CA LYS H 280 -36.07 72.20 22.75
C LYS H 280 -37.03 71.06 22.64
N ILE H 281 -37.97 70.92 23.55
CA ILE H 281 -38.90 69.83 23.42
C ILE H 281 -39.81 69.91 22.21
N LEU H 282 -40.39 71.06 21.96
CA LEU H 282 -41.34 71.20 20.89
C LEU H 282 -40.78 71.02 19.50
N ILE H 283 -39.59 71.54 19.30
CA ILE H 283 -38.89 71.42 18.07
C ILE H 283 -38.54 69.98 17.80
N SER H 284 -38.05 69.29 18.80
CA SER H 284 -37.70 67.92 18.66
C SER H 284 -38.87 67.04 18.36
N LYS H 285 -39.99 67.24 19.02
CA LYS H 285 -41.17 66.47 18.78
C LYS H 285 -41.73 66.69 17.35
N CYS H 286 -41.64 67.91 16.87
CA CYS H 286 -41.94 68.23 15.50
C CYS H 286 -40.99 67.59 14.52
N ASN H 287 -39.70 67.56 14.81
CA ASN H 287 -38.75 66.91 13.95
C ASN H 287 -39.00 65.43 13.85
N VAL H 288 -39.27 64.80 14.97
CA VAL H 288 -39.54 63.40 15.01
C VAL H 288 -40.82 63.07 14.27
N ALA H 289 -41.84 63.88 14.43
CA ALA H 289 -43.08 63.72 13.74
C ALA H 289 -43.11 64.06 12.23
N GLY H 290 -42.06 64.65 11.72
CA GLY H 290 -42.03 65.27 10.41
C GLY H 290 -42.90 66.45 10.06
N LYS H 291 -43.10 67.38 10.97
CA LYS H 291 -43.90 68.54 10.72
C LYS H 291 -43.10 69.78 11.00
N PRO H 292 -43.37 70.81 10.23
CA PRO H 292 -42.62 72.05 10.28
C PRO H 292 -42.73 72.76 11.62
N VAL H 293 -41.65 73.32 12.13
CA VAL H 293 -41.62 73.99 13.39
C VAL H 293 -40.94 75.35 13.30
N ILE H 294 -41.54 76.34 13.91
CA ILE H 294 -41.09 77.71 13.85
C ILE H 294 -40.70 78.27 15.21
N CYS H 295 -39.54 78.91 15.25
CA CYS H 295 -39.08 79.64 16.40
C CYS H 295 -39.32 81.12 16.23
N ALA H 296 -40.05 81.67 17.19
CA ALA H 296 -40.56 83.01 17.11
C ALA H 296 -40.26 83.91 18.29
N THR H 297 -40.08 85.19 17.96
CA THR H 297 -40.20 86.37 18.82
C THR H 297 -38.90 86.83 19.49
N GLN H 298 -38.62 88.12 19.39
CA GLN H 298 -37.44 88.71 20.02
C GLN H 298 -36.14 88.04 19.57
N MET H 299 -36.14 87.48 18.37
CA MET H 299 -34.95 86.86 17.86
C MET H 299 -33.88 87.86 17.46
N LEU H 300 -34.25 88.94 16.81
CA LEU H 300 -33.31 89.98 16.53
C LEU H 300 -33.89 91.34 16.88
N GLU H 301 -34.39 91.45 18.10
CA GLU H 301 -35.17 92.59 18.54
C GLU H 301 -34.53 93.97 18.46
N SER H 302 -33.26 94.10 18.78
CA SER H 302 -32.57 95.35 18.84
C SER H 302 -32.39 95.97 17.46
N MET H 303 -32.58 95.14 16.46
CA MET H 303 -32.42 95.50 15.09
C MET H 303 -33.68 96.16 14.59
N THR H 304 -34.66 96.27 15.46
CA THR H 304 -35.80 97.09 15.20
C THR H 304 -35.31 98.50 15.13
N TYR H 305 -34.29 98.81 15.89
CA TYR H 305 -33.79 100.17 15.93
C TYR H 305 -32.34 100.35 15.57
N ASN H 306 -31.56 99.28 15.53
CA ASN H 306 -30.16 99.40 15.23
C ASN H 306 -29.75 98.60 14.03
N PRO H 307 -28.70 99.05 13.40
CA PRO H 307 -28.14 98.40 12.22
C PRO H 307 -27.55 97.02 12.50
N ARG H 308 -27.14 96.77 13.73
CA ARG H 308 -26.46 95.56 14.10
C ARG H 308 -27.08 94.93 15.35
N PRO H 309 -27.06 93.61 15.41
CA PRO H 309 -27.60 92.86 16.51
C PRO H 309 -26.69 92.74 17.72
N THR H 310 -27.28 92.42 18.85
CA THR H 310 -26.57 92.03 20.04
C THR H 310 -26.02 90.61 19.96
N ARG H 311 -25.05 90.30 20.80
CA ARG H 311 -24.47 88.98 20.85
C ARG H 311 -25.48 87.91 21.23
N ALA H 312 -26.34 88.21 22.17
CA ALA H 312 -27.36 87.29 22.59
C ALA H 312 -28.32 86.97 21.45
N GLU H 313 -28.62 87.94 20.64
CA GLU H 313 -29.49 87.74 19.52
C GLU H 313 -28.94 86.82 18.45
N VAL H 314 -27.69 87.02 18.07
CA VAL H 314 -27.03 86.21 17.11
C VAL H 314 -26.97 84.80 17.61
N SER H 315 -26.61 84.64 18.86
CA SER H 315 -26.60 83.33 19.44
C SER H 315 -27.95 82.68 19.40
N ASP H 316 -29.00 83.45 19.64
CA ASP H 316 -30.33 82.93 19.56
C ASP H 316 -30.74 82.42 18.17
N VAL H 317 -30.46 83.13 17.10
CA VAL H 317 -30.85 82.59 15.80
C VAL H 317 -30.13 81.28 15.48
N ALA H 318 -28.86 81.23 15.82
CA ALA H 318 -28.04 80.07 15.62
C ALA H 318 -28.47 78.81 16.37
N ASN H 319 -28.74 78.96 17.66
CA ASN H 319 -29.24 77.91 18.50
C ASN H 319 -30.59 77.38 18.08
N ALA H 320 -31.43 78.21 17.53
CA ALA H 320 -32.70 77.72 17.01
C ALA H 320 -32.53 76.74 15.85
N VAL H 321 -31.59 77.01 14.98
CA VAL H 321 -31.19 76.11 13.90
C VAL H 321 -30.59 74.83 14.41
N PHE H 322 -29.70 74.93 15.39
CA PHE H 322 -29.10 73.81 16.05
C PHE H 322 -30.18 72.99 16.73
N ASN H 323 -31.20 73.65 17.24
CA ASN H 323 -32.31 73.03 17.93
C ASN H 323 -33.07 72.13 16.95
N GLY H 324 -32.99 72.46 15.66
CA GLY H 324 -33.72 71.74 14.67
C GLY H 324 -34.91 72.37 14.01
N ALA H 325 -35.07 73.66 14.16
CA ALA H 325 -36.17 74.37 13.57
C ALA H 325 -36.17 74.51 12.06
N ASP H 326 -37.32 74.31 11.45
CA ASP H 326 -37.50 74.61 10.07
C ASP H 326 -37.36 76.11 9.78
N CYS H 327 -37.96 76.93 10.63
CA CYS H 327 -38.08 78.36 10.41
C CYS H 327 -37.73 79.28 11.57
N VAL H 328 -37.21 80.43 11.26
CA VAL H 328 -37.09 81.49 12.21
C VAL H 328 -37.98 82.63 11.74
N MET H 329 -38.38 83.48 12.66
CA MET H 329 -39.38 84.47 12.39
C MET H 329 -39.00 85.86 12.81
N LEU H 330 -39.52 86.84 12.10
CA LEU H 330 -39.32 88.23 12.42
C LEU H 330 -40.64 88.89 12.65
N SER H 331 -40.73 89.66 13.72
CA SER H 331 -41.99 90.27 14.06
C SER H 331 -42.00 91.78 13.90
N GLY H 332 -41.67 92.47 14.96
CA GLY H 332 -41.55 93.91 14.98
C GLY H 332 -40.42 94.43 14.14
N GLU H 333 -39.36 93.66 14.06
CA GLU H 333 -38.17 94.02 13.34
C GLU H 333 -38.48 94.29 11.86
N THR H 334 -39.43 93.58 11.29
CA THR H 334 -39.92 93.87 9.96
C THR H 334 -41.26 94.61 9.87
N ALA H 335 -42.11 94.49 10.86
CA ALA H 335 -43.34 95.22 10.86
C ALA H 335 -43.21 96.71 11.02
N LYS H 336 -42.44 97.14 11.99
CA LYS H 336 -42.28 98.54 12.30
C LYS H 336 -40.86 99.09 12.39
N GLY H 337 -39.90 98.25 12.06
CA GLY H 337 -38.50 98.56 12.20
C GLY H 337 -37.87 99.50 11.22
N LYS H 338 -36.75 100.05 11.62
CA LYS H 338 -35.82 100.82 10.83
C LYS H 338 -35.07 100.10 9.72
N TYR H 339 -34.66 98.86 9.93
CA TYR H 339 -33.78 98.20 9.01
C TYR H 339 -34.28 96.85 8.59
N PRO H 340 -35.38 96.83 7.89
CA PRO H 340 -36.01 95.59 7.53
C PRO H 340 -35.16 94.70 6.65
N ASN H 341 -34.57 95.21 5.60
CA ASN H 341 -33.70 94.43 4.75
C ASN H 341 -32.46 93.93 5.47
N GLU H 342 -31.83 94.76 6.25
CA GLU H 342 -30.67 94.37 7.00
C GLU H 342 -30.95 93.28 8.03
N VAL H 343 -32.06 93.35 8.72
CA VAL H 343 -32.35 92.36 9.73
C VAL H 343 -32.51 91.00 9.10
N VAL H 344 -33.22 90.92 8.01
CA VAL H 344 -33.38 89.71 7.28
C VAL H 344 -32.08 89.20 6.73
N GLN H 345 -31.24 90.07 6.22
CA GLN H 345 -29.97 89.67 5.69
C GLN H 345 -29.11 89.11 6.78
N TYR H 346 -29.15 89.71 7.96
CA TYR H 346 -28.42 89.19 9.11
C TYR H 346 -28.90 87.84 9.56
N MET H 347 -30.20 87.64 9.59
CA MET H 347 -30.72 86.39 9.98
C MET H 347 -30.33 85.29 9.02
N ALA H 348 -30.36 85.56 7.74
CA ALA H 348 -30.00 84.58 6.74
C ALA H 348 -28.56 84.17 6.85
N ARG H 349 -27.71 85.13 7.09
CA ARG H 349 -26.31 84.91 7.24
C ARG H 349 -25.97 84.06 8.45
N ILE H 350 -26.61 84.32 9.58
CA ILE H 350 -26.45 83.51 10.77
C ILE H 350 -26.93 82.09 10.59
N CYS H 351 -28.02 81.94 9.88
CA CYS H 351 -28.57 80.64 9.61
C CYS H 351 -27.63 79.83 8.76
N LEU H 352 -27.00 80.45 7.77
CA LEU H 352 -26.03 79.76 6.94
C LEU H 352 -24.80 79.32 7.69
N GLU H 353 -24.32 80.16 8.58
CA GLU H 353 -23.20 79.85 9.41
C GLU H 353 -23.44 78.70 10.37
N ALA H 354 -24.59 78.68 11.03
CA ALA H 354 -24.96 77.60 11.95
C ALA H 354 -25.07 76.28 11.25
N GLN H 355 -25.51 76.36 9.99
CA GLN H 355 -25.71 75.23 9.12
C GLN H 355 -24.40 74.54 8.86
N SER H 356 -23.31 75.25 8.76
CA SER H 356 -22.01 74.63 8.65
C SER H 356 -21.65 73.80 9.84
N ALA H 357 -21.92 74.33 11.01
CA ALA H 357 -21.67 73.66 12.27
C ALA H 357 -22.60 72.50 12.48
N LEU H 358 -23.71 72.48 11.78
CA LEU H 358 -24.73 71.50 12.02
C LEU H 358 -24.25 70.16 11.58
N ASN H 359 -24.46 69.15 12.40
CA ASN H 359 -24.13 67.81 12.00
C ASN H 359 -25.36 67.18 11.43
N GLU H 360 -25.52 67.29 10.13
CA GLU H 360 -26.69 66.81 9.42
C GLU H 360 -26.80 65.30 9.49
N TYR H 361 -25.67 64.64 9.49
CA TYR H 361 -25.61 63.21 9.58
C TYR H 361 -26.11 62.61 10.89
N VAL H 362 -25.70 63.17 12.01
CA VAL H 362 -26.14 62.70 13.32
C VAL H 362 -27.62 62.90 13.44
N PHE H 363 -28.06 64.03 12.96
CA PHE H 363 -29.45 64.38 12.92
C PHE H 363 -30.26 63.39 12.11
N PHE H 364 -29.75 62.91 11.00
CA PHE H 364 -30.44 61.91 10.20
C PHE H 364 -30.63 60.59 10.95
N ASN H 365 -29.56 60.09 11.52
CA ASN H 365 -29.57 58.90 12.30
C ASN H 365 -30.41 58.98 13.57
N SER H 366 -30.37 60.10 14.24
CA SER H 366 -31.11 60.29 15.43
C SER H 366 -32.57 60.24 15.18
N ILE H 367 -33.00 60.89 14.11
CA ILE H 367 -34.38 60.91 13.71
C ILE H 367 -34.90 59.55 13.30
N LYS H 368 -34.09 58.84 12.57
CA LYS H 368 -34.34 57.52 12.04
C LYS H 368 -34.56 56.49 13.14
N LYS H 369 -33.78 56.53 14.20
CA LYS H 369 -33.96 55.66 15.35
C LYS H 369 -35.24 55.87 16.05
N LEU H 370 -35.79 57.06 16.01
CA LEU H 370 -37.01 57.37 16.71
C LEU H 370 -38.32 56.99 16.05
N GLN H 371 -38.25 56.55 14.82
CA GLN H 371 -39.41 56.12 14.10
C GLN H 371 -39.81 54.72 14.44
N HIS H 372 -41.11 54.50 14.56
CA HIS H 372 -41.64 53.20 14.96
C HIS H 372 -41.71 52.23 13.78
N ILE H 373 -41.45 50.96 14.05
CA ILE H 373 -41.49 49.93 13.02
C ILE H 373 -42.61 48.93 13.30
N PRO H 374 -43.38 48.60 12.27
CA PRO H 374 -43.15 49.17 10.93
C PRO H 374 -43.67 50.60 10.83
N MET H 375 -43.37 51.25 9.71
CA MET H 375 -43.81 52.62 9.48
C MET H 375 -44.64 52.72 8.21
N SER H 376 -43.97 52.88 7.08
CA SER H 376 -44.64 52.97 5.79
C SER H 376 -43.64 52.89 4.64
N ALA H 377 -44.04 52.24 3.54
CA ALA H 377 -43.20 52.10 2.38
C ALA H 377 -42.60 53.38 1.85
N ASP H 378 -43.39 54.42 1.73
CA ASP H 378 -42.85 55.72 1.36
C ASP H 378 -41.88 56.31 2.35
N GLU H 379 -42.12 56.13 3.64
CA GLU H 379 -41.19 56.59 4.64
C GLU H 379 -39.85 55.91 4.61
N ALA H 380 -39.84 54.62 4.40
CA ALA H 380 -38.62 53.89 4.23
C ALA H 380 -37.85 54.35 2.97
N VAL H 381 -38.58 54.63 1.93
CA VAL H 381 -38.00 55.06 0.68
C VAL H 381 -37.28 56.37 0.88
N CYS H 382 -37.91 57.30 1.58
CA CYS H 382 -37.29 58.56 1.86
C CYS H 382 -36.09 58.49 2.76
N SER H 383 -36.19 57.74 3.83
CA SER H 383 -35.08 57.57 4.73
C SER H 383 -33.88 56.86 4.13
N SER H 384 -34.12 55.75 3.51
CA SER H 384 -33.07 55.06 2.84
C SER H 384 -32.49 55.89 1.66
N ALA H 385 -33.30 56.67 0.97
CA ALA H 385 -32.82 57.50 -0.11
C ALA H 385 -31.84 58.57 0.33
N VAL H 386 -32.09 59.16 1.49
CA VAL H 386 -31.19 60.04 2.17
C VAL H 386 -29.92 59.33 2.60
N ASN H 387 -30.06 58.11 3.05
CA ASN H 387 -28.93 57.31 3.43
C ASN H 387 -28.02 57.11 2.22
N SER H 388 -28.64 56.94 1.08
CA SER H 388 -27.98 56.88 -0.20
C SER H 388 -27.27 58.16 -0.49
N VAL H 389 -27.84 59.27 -0.12
CA VAL H 389 -27.19 60.51 -0.36
C VAL H 389 -25.89 60.58 0.40
N TYR H 390 -25.92 60.23 1.67
CA TYR H 390 -24.71 60.23 2.46
C TYR H 390 -23.67 59.22 1.99
N GLU H 391 -24.10 58.03 1.61
CA GLU H 391 -23.23 57.01 1.11
C GLU H 391 -22.49 57.32 -0.19
N THR H 392 -23.14 57.98 -1.13
CA THR H 392 -22.52 58.39 -2.39
C THR H 392 -21.94 59.78 -2.43
N LYS H 393 -22.20 60.56 -1.41
CA LYS H 393 -21.98 61.99 -1.45
C LYS H 393 -22.72 62.71 -2.55
N ALA H 394 -23.98 62.39 -2.73
CA ALA H 394 -24.80 63.03 -3.71
C ALA H 394 -25.04 64.49 -3.43
N LYS H 395 -24.99 65.31 -4.46
CA LYS H 395 -25.03 66.73 -4.24
C LYS H 395 -26.38 67.37 -4.38
N ALA H 396 -27.37 66.58 -4.75
CA ALA H 396 -28.73 67.04 -4.85
C ALA H 396 -29.72 65.92 -4.78
N MET H 397 -30.95 66.29 -4.58
CA MET H 397 -31.97 65.34 -4.43
C MET H 397 -33.13 65.86 -5.19
N VAL H 398 -33.90 65.00 -5.82
CA VAL H 398 -35.12 65.44 -6.48
C VAL H 398 -36.29 64.61 -6.05
N VAL H 399 -37.38 65.24 -5.68
CA VAL H 399 -38.58 64.51 -5.34
C VAL H 399 -39.79 65.00 -6.05
N LEU H 400 -40.67 64.09 -6.37
CA LEU H 400 -41.93 64.49 -6.92
C LEU H 400 -42.98 64.54 -5.84
N SER H 401 -43.52 65.72 -5.58
CA SER H 401 -44.66 65.86 -4.72
C SER H 401 -45.70 66.85 -5.21
N ASN H 402 -46.94 66.42 -5.30
CA ASN H 402 -48.05 67.29 -5.59
C ASN H 402 -48.76 67.87 -4.36
N THR H 403 -49.04 67.04 -3.36
CA THR H 403 -49.54 67.51 -2.09
C THR H 403 -48.50 68.21 -1.27
N GLY H 404 -47.25 67.94 -1.54
CA GLY H 404 -46.17 68.40 -0.71
C GLY H 404 -45.78 67.43 0.40
N ARG H 405 -46.59 66.39 0.56
CA ARG H 405 -46.32 65.35 1.54
C ARG H 405 -44.97 64.68 1.33
N SER H 406 -44.70 64.24 0.11
CA SER H 406 -43.47 63.55 -0.16
C SER H 406 -42.30 64.40 0.17
N ALA H 407 -42.36 65.67 -0.13
CA ALA H 407 -41.28 66.55 0.19
C ALA H 407 -40.98 66.75 1.68
N ARG H 408 -41.98 66.87 2.51
CA ARG H 408 -41.78 66.97 3.95
C ARG H 408 -41.14 65.70 4.51
N LEU H 409 -41.58 64.57 4.01
CA LEU H 409 -41.11 63.28 4.43
C LEU H 409 -39.63 63.09 4.17
N VAL H 410 -39.16 63.51 3.04
CA VAL H 410 -37.74 63.57 2.75
C VAL H 410 -36.90 64.57 3.52
N ALA H 411 -37.39 65.77 3.66
CA ALA H 411 -36.71 66.86 4.33
C ALA H 411 -36.54 66.50 5.78
N LYS H 412 -37.46 65.71 6.25
CA LYS H 412 -37.50 65.23 7.60
C LYS H 412 -36.25 64.46 7.97
N TYR H 413 -35.63 63.84 6.97
CA TYR H 413 -34.48 63.03 7.21
C TYR H 413 -33.18 63.78 7.10
N ARG H 414 -33.24 65.07 6.91
CA ARG H 414 -32.04 65.88 6.97
C ARG H 414 -30.83 65.44 6.11
N PRO H 415 -30.99 65.40 4.80
CA PRO H 415 -29.89 65.15 3.89
C PRO H 415 -28.93 66.31 3.90
N ASN H 416 -27.71 66.09 3.47
CA ASN H 416 -26.73 67.16 3.53
C ASN H 416 -26.58 67.91 2.21
N CYS H 417 -27.63 67.88 1.44
CA CYS H 417 -27.64 68.46 0.14
C CYS H 417 -29.00 69.06 -0.08
N PRO H 418 -29.12 69.93 -1.06
CA PRO H 418 -30.39 70.54 -1.37
C PRO H 418 -31.41 69.53 -1.81
N ILE H 419 -32.66 69.76 -1.53
CA ILE H 419 -33.70 68.89 -1.99
C ILE H 419 -34.51 69.65 -3.00
N VAL H 420 -34.74 69.06 -4.14
CA VAL H 420 -35.48 69.77 -5.13
C VAL H 420 -36.78 69.08 -5.38
N CYS H 421 -37.85 69.77 -5.08
CA CYS H 421 -39.17 69.23 -5.23
C CYS H 421 -39.85 69.70 -6.51
N VAL H 422 -40.42 68.79 -7.26
CA VAL H 422 -41.07 69.17 -8.47
C VAL H 422 -42.54 68.94 -8.25
N THR H 423 -43.30 70.00 -8.35
CA THR H 423 -44.68 69.96 -7.97
C THR H 423 -45.59 70.48 -9.08
N THR H 424 -46.78 69.94 -9.15
CA THR H 424 -47.76 70.42 -10.07
C THR H 424 -48.72 71.40 -9.45
N ARG H 425 -48.50 71.82 -8.22
CA ARG H 425 -49.34 72.80 -7.58
C ARG H 425 -48.55 73.98 -7.08
N LEU H 426 -48.95 75.17 -7.48
CA LEU H 426 -48.30 76.39 -7.03
C LEU H 426 -48.41 76.62 -5.53
N GLN H 427 -49.54 76.29 -4.96
CA GLN H 427 -49.77 76.42 -3.55
C GLN H 427 -48.82 75.53 -2.78
N THR H 428 -48.51 74.39 -3.35
CA THR H 428 -47.56 73.49 -2.78
C THR H 428 -46.21 74.14 -2.74
N CYS H 429 -45.85 74.88 -3.77
CA CYS H 429 -44.60 75.60 -3.76
C CYS H 429 -44.56 76.62 -2.63
N ARG H 430 -45.65 77.32 -2.41
CA ARG H 430 -45.70 78.22 -1.31
C ARG H 430 -45.68 77.54 0.06
N GLN H 431 -46.45 76.48 0.21
CA GLN H 431 -46.62 75.78 1.48
C GLN H 431 -45.31 75.16 1.95
N LEU H 432 -44.48 74.76 1.00
CA LEU H 432 -43.18 74.20 1.24
C LEU H 432 -42.15 75.22 1.66
N ASN H 433 -42.53 76.48 1.68
CA ASN H 433 -41.68 77.55 2.13
C ASN H 433 -41.46 77.52 3.64
N ILE H 434 -42.21 76.69 4.35
CA ILE H 434 -41.93 76.48 5.76
C ILE H 434 -41.19 75.20 6.05
N THR H 435 -40.79 74.45 5.04
CA THR H 435 -40.06 73.24 5.27
C THR H 435 -38.61 73.48 5.01
N GLN H 436 -37.74 73.18 5.96
CA GLN H 436 -36.34 73.43 5.75
C GLN H 436 -35.73 72.59 4.65
N GLY H 437 -34.78 73.19 3.97
CA GLY H 437 -33.94 72.51 3.03
C GLY H 437 -34.56 72.11 1.72
N VAL H 438 -35.67 72.74 1.35
CA VAL H 438 -36.40 72.37 0.16
C VAL H 438 -36.64 73.52 -0.81
N GLU H 439 -36.45 73.26 -2.07
CA GLU H 439 -36.73 74.21 -3.12
C GLU H 439 -37.70 73.63 -4.11
N SER H 440 -38.65 74.43 -4.56
CA SER H 440 -39.70 73.95 -5.43
C SER H 440 -39.59 74.43 -6.88
N VAL H 441 -39.90 73.53 -7.79
CA VAL H 441 -40.02 73.82 -9.18
C VAL H 441 -41.43 73.51 -9.60
N PHE H 442 -42.15 74.47 -10.12
CA PHE H 442 -43.50 74.20 -10.58
C PHE H 442 -43.51 73.59 -11.98
N PHE H 443 -44.30 72.55 -12.19
CA PHE H 443 -44.47 71.90 -13.46
C PHE H 443 -45.93 71.97 -13.79
N ASP H 444 -46.25 72.64 -14.88
CA ASP H 444 -47.62 72.92 -15.25
C ASP H 444 -48.16 71.74 -15.98
N ALA H 445 -48.97 70.97 -15.30
CA ALA H 445 -49.49 69.77 -15.85
C ALA H 445 -50.33 70.10 -17.06
N ASP H 446 -51.06 71.21 -17.00
CA ASP H 446 -51.97 71.56 -18.06
C ASP H 446 -51.27 71.83 -19.37
N LYS H 447 -50.30 72.70 -19.33
CA LYS H 447 -49.48 73.00 -20.46
C LYS H 447 -48.64 71.80 -20.88
N LEU H 448 -48.02 71.11 -19.94
CA LEU H 448 -47.08 70.05 -20.29
C LEU H 448 -47.55 68.63 -20.12
N GLY H 449 -48.78 68.43 -19.72
CA GLY H 449 -49.25 67.07 -19.57
C GLY H 449 -48.97 66.43 -18.22
N HIS H 450 -49.65 65.32 -17.99
CA HIS H 450 -49.65 64.62 -16.72
C HIS H 450 -48.38 63.89 -16.33
N ASP H 451 -47.49 63.66 -17.28
CA ASP H 451 -46.18 63.09 -17.04
C ASP H 451 -46.15 61.82 -16.24
N GLU H 452 -46.96 60.85 -16.62
CA GLU H 452 -47.11 59.62 -15.86
C GLU H 452 -45.85 58.80 -15.77
N GLY H 453 -44.97 58.91 -16.76
CA GLY H 453 -43.75 58.15 -16.70
C GLY H 453 -42.64 58.85 -15.97
N LYS H 454 -42.90 60.10 -15.61
CA LYS H 454 -42.17 60.86 -14.61
C LYS H 454 -40.89 61.45 -15.15
N GLU H 455 -40.58 61.17 -16.39
CA GLU H 455 -39.36 61.64 -17.01
C GLU H 455 -39.24 63.14 -17.15
N HIS H 456 -40.32 63.82 -17.47
CA HIS H 456 -40.28 65.26 -17.57
C HIS H 456 -40.08 66.02 -16.29
N ARG H 457 -40.84 65.65 -15.26
CA ARG H 457 -40.72 66.29 -13.97
C ARG H 457 -39.32 66.05 -13.47
N VAL H 458 -38.84 64.86 -13.66
CA VAL H 458 -37.50 64.56 -13.27
C VAL H 458 -36.46 65.37 -13.99
N ALA H 459 -36.62 65.59 -15.28
CA ALA H 459 -35.68 66.40 -16.02
C ALA H 459 -35.65 67.84 -15.53
N ALA H 460 -36.81 68.37 -15.22
CA ALA H 460 -36.94 69.73 -14.71
C ALA H 460 -36.28 69.93 -13.36
N GLY H 461 -36.47 69.01 -12.44
CA GLY H 461 -35.79 69.09 -11.18
C GLY H 461 -34.30 69.00 -11.29
N VAL H 462 -33.82 68.10 -12.13
CA VAL H 462 -32.39 68.03 -12.37
C VAL H 462 -31.85 69.29 -13.02
N GLU H 463 -32.57 69.85 -14.00
CA GLU H 463 -32.13 71.06 -14.67
C GLU H 463 -32.04 72.22 -13.73
N PHE H 464 -33.03 72.31 -12.86
CA PHE H 464 -33.03 73.36 -11.85
C PHE H 464 -31.83 73.22 -10.97
N ALA H 465 -31.47 72.00 -10.61
CA ALA H 465 -30.29 71.76 -9.81
C ALA H 465 -29.01 72.16 -10.49
N LYS H 466 -28.93 71.93 -11.78
CA LYS H 466 -27.81 72.36 -12.59
C LYS H 466 -27.74 73.86 -12.63
N SER H 467 -28.90 74.45 -12.82
CA SER H 467 -29.00 75.88 -12.93
C SER H 467 -28.56 76.65 -11.69
N LYS H 468 -28.86 76.13 -10.49
CA LYS H 468 -28.47 76.81 -9.28
C LYS H 468 -27.09 76.39 -8.90
N GLY H 469 -26.51 75.48 -9.66
CA GLY H 469 -25.15 75.07 -9.41
C GLY H 469 -24.89 74.01 -8.37
N TYR H 470 -25.94 73.38 -7.89
CA TYR H 470 -25.82 72.30 -6.94
C TYR H 470 -25.12 71.11 -7.54
N VAL H 471 -25.38 70.84 -8.81
CA VAL H 471 -24.74 69.74 -9.52
C VAL H 471 -24.06 70.05 -10.86
N GLN H 472 -23.07 69.25 -11.20
CA GLN H 472 -22.39 69.31 -12.48
C GLN H 472 -22.36 67.89 -12.97
N THR H 473 -21.88 67.72 -14.19
CA THR H 473 -21.89 66.43 -14.83
C THR H 473 -20.97 65.56 -14.03
N GLY H 474 -21.36 64.31 -13.90
CA GLY H 474 -20.63 63.34 -13.14
C GLY H 474 -21.05 63.24 -11.70
N ASP H 475 -21.88 64.16 -11.24
CA ASP H 475 -22.47 64.12 -9.91
C ASP H 475 -23.66 63.18 -9.78
N TYR H 476 -23.89 62.73 -8.57
CA TYR H 476 -25.02 61.90 -8.31
C TYR H 476 -26.15 62.74 -7.87
N CYS H 477 -27.31 62.40 -8.35
CA CYS H 477 -28.53 62.98 -7.89
C CYS H 477 -29.46 61.86 -7.48
N VAL H 478 -30.01 61.93 -6.28
CA VAL H 478 -30.85 60.87 -5.78
C VAL H 478 -32.28 61.29 -5.97
N VAL H 479 -33.05 60.44 -6.61
CA VAL H 479 -34.35 60.77 -7.13
C VAL H 479 -35.44 59.90 -6.55
N ILE H 480 -36.56 60.49 -6.20
CA ILE H 480 -37.66 59.80 -5.55
C ILE H 480 -39.03 60.01 -6.18
N HIS H 481 -39.70 58.94 -6.55
CA HIS H 481 -41.04 58.99 -7.03
C HIS H 481 -41.59 57.60 -7.09
N ALA H 482 -42.79 57.45 -7.61
CA ALA H 482 -43.32 56.16 -7.92
C ALA H 482 -42.79 55.55 -9.19
N ASP H 483 -42.97 54.26 -9.28
CA ASP H 483 -42.73 53.51 -10.47
C ASP H 483 -43.97 53.63 -11.31
N HIS H 484 -44.01 52.91 -12.39
CA HIS H 484 -45.11 53.01 -13.31
C HIS H 484 -46.46 52.57 -12.81
N LYS H 485 -46.53 51.49 -12.07
CA LYS H 485 -47.77 51.08 -11.46
C LYS H 485 -48.35 51.85 -10.24
N VAL H 486 -47.55 52.12 -9.24
CA VAL H 486 -48.01 52.66 -7.95
C VAL H 486 -48.50 54.09 -7.95
N LYS H 487 -49.60 54.31 -7.25
CA LYS H 487 -50.24 55.61 -7.17
C LYS H 487 -50.51 56.08 -5.75
N GLY H 488 -50.30 57.36 -5.52
CA GLY H 488 -50.54 57.97 -4.24
C GLY H 488 -49.37 58.12 -3.29
N TYR H 489 -48.26 57.48 -3.60
CA TYR H 489 -47.05 57.65 -2.85
C TYR H 489 -45.86 57.28 -3.70
N ALA H 490 -44.68 57.55 -3.22
CA ALA H 490 -43.50 57.17 -3.95
C ALA H 490 -42.92 55.91 -3.35
N ASN H 491 -42.80 54.89 -4.18
CA ASN H 491 -42.19 53.65 -3.78
C ASN H 491 -40.81 53.39 -4.33
N GLN H 492 -40.19 54.36 -4.97
CA GLN H 492 -38.94 54.16 -5.67
C GLN H 492 -37.83 55.17 -5.40
N THR H 493 -36.61 54.71 -5.39
CA THR H 493 -35.46 55.57 -5.37
C THR H 493 -34.47 55.21 -6.45
N ARG H 494 -33.87 56.19 -7.07
CA ARG H 494 -32.83 55.98 -8.06
C ARG H 494 -31.65 56.87 -7.85
N ILE H 495 -30.46 56.34 -8.01
CA ILE H 495 -29.30 57.17 -8.05
C ILE H 495 -28.91 57.38 -9.50
N LEU H 496 -29.06 58.59 -10.02
CA LEU H 496 -28.65 58.90 -11.39
C LEU H 496 -27.48 59.83 -11.53
N LEU H 497 -26.67 59.56 -12.53
CA LEU H 497 -25.50 60.33 -12.85
C LEU H 497 -25.94 61.52 -13.69
N VAL H 498 -25.39 62.69 -13.44
CA VAL H 498 -25.85 63.87 -14.16
C VAL H 498 -24.98 64.27 -15.32
N GLU H 499 -25.61 64.56 -16.45
CA GLU H 499 -24.89 64.96 -17.66
C GLU H 499 -25.23 66.40 -18.05
N SER I 2 -25.78 45.14 23.81
CA SER I 2 -24.58 44.40 24.02
C SER I 2 -24.86 42.94 23.85
N GLN I 3 -23.83 42.16 23.62
CA GLN I 3 -24.02 40.77 23.42
C GLN I 3 -24.48 40.14 24.70
N LEU I 4 -24.07 40.71 25.80
CA LEU I 4 -24.43 40.23 27.10
C LEU I 4 -25.91 40.34 27.39
N ALA I 5 -26.46 41.52 27.17
CA ALA I 5 -27.79 41.86 27.59
C ALA I 5 -28.76 40.96 26.90
N HIS I 6 -28.49 40.91 25.60
CA HIS I 6 -29.08 40.03 24.58
C HIS I 6 -29.05 38.56 24.87
N ASN I 7 -27.99 38.04 25.44
CA ASN I 7 -27.94 36.64 25.80
C ASN I 7 -29.05 36.35 26.77
N LEU I 8 -29.39 37.38 27.49
CA LEU I 8 -30.37 37.41 28.56
C LEU I 8 -31.80 37.32 28.08
N THR I 9 -32.02 37.75 26.85
CA THR I 9 -33.29 37.64 26.21
C THR I 9 -33.50 36.34 25.54
N LEU I 10 -32.48 35.50 25.41
CA LEU I 10 -32.64 34.21 24.78
C LEU I 10 -33.39 33.17 25.59
N SER I 11 -34.03 32.24 24.93
CA SER I 11 -34.61 31.07 25.61
C SER I 11 -34.43 29.77 24.85
N ILE I 12 -34.20 28.68 25.57
CA ILE I 12 -34.10 27.40 24.91
C ILE I 12 -35.37 26.98 24.21
N PHE I 13 -36.51 27.48 24.69
CA PHE I 13 -37.80 27.13 24.11
C PHE I 13 -38.24 28.07 22.98
N ASP I 14 -37.35 28.94 22.52
CA ASP I 14 -37.70 29.82 21.43
C ASP I 14 -37.83 28.93 20.21
N PRO I 15 -38.84 29.16 19.42
CA PRO I 15 -39.02 28.39 18.20
C PRO I 15 -38.00 28.78 17.16
N VAL I 16 -37.47 27.81 16.44
CA VAL I 16 -36.53 28.13 15.38
C VAL I 16 -37.22 28.63 14.14
N ALA I 17 -36.44 29.12 13.21
CA ALA I 17 -36.93 29.70 11.99
C ALA I 17 -37.48 28.75 10.96
N ASN I 18 -38.21 29.30 10.01
CA ASN I 18 -38.74 28.52 8.92
C ASN I 18 -37.76 28.35 7.79
N TYR I 19 -36.58 28.95 7.95
CA TYR I 19 -35.53 28.80 6.99
C TYR I 19 -34.17 28.69 7.67
N ARG I 20 -33.26 27.93 7.06
CA ARG I 20 -31.89 27.88 7.51
C ARG I 20 -31.00 28.66 6.57
N ALA I 21 -30.40 29.72 7.08
CA ALA I 21 -29.47 30.55 6.34
C ALA I 21 -28.14 29.94 5.92
N ALA I 22 -27.51 29.25 6.84
CA ALA I 22 -26.21 28.67 6.59
C ALA I 22 -26.26 27.49 5.66
N ARG I 23 -25.19 27.29 4.92
CA ARG I 23 -25.08 26.25 3.93
C ARG I 23 -24.09 25.15 4.28
N ILE I 24 -24.42 23.94 3.91
CA ILE I 24 -23.60 22.81 4.23
C ILE I 24 -22.92 22.21 3.04
N ILE I 25 -21.64 21.94 3.20
CA ILE I 25 -20.80 21.37 2.16
C ILE I 25 -20.36 19.96 2.53
N CYS I 26 -20.46 19.03 1.61
CA CYS I 26 -20.12 17.66 1.88
C CYS I 26 -19.08 17.14 0.92
N THR I 27 -18.10 16.47 1.44
CA THR I 27 -17.07 15.84 0.67
C THR I 27 -17.54 14.47 0.29
N ILE I 28 -17.38 14.13 -0.97
CA ILE I 28 -17.90 12.89 -1.49
C ILE I 28 -16.83 11.83 -1.65
N GLY I 29 -17.03 10.75 -0.94
CA GLY I 29 -16.15 9.62 -0.92
C GLY I 29 -16.97 8.36 -1.05
N PRO I 30 -16.35 7.27 -0.65
CA PRO I 30 -16.85 5.93 -0.84
C PRO I 30 -18.18 5.72 -0.18
N SER I 31 -18.37 6.30 0.98
CA SER I 31 -19.64 6.33 1.63
C SER I 31 -20.73 7.07 0.87
N THR I 32 -20.39 8.06 0.07
CA THR I 32 -21.41 8.94 -0.46
C THR I 32 -21.53 9.13 -1.97
N GLN I 33 -20.80 8.31 -2.70
CA GLN I 33 -20.75 8.39 -4.14
C GLN I 33 -21.99 7.97 -4.90
N SER I 34 -22.67 7.00 -4.34
CA SER I 34 -23.83 6.45 -4.96
C SER I 34 -24.92 7.45 -4.99
N VAL I 35 -25.69 7.37 -6.04
CA VAL I 35 -26.77 8.27 -6.28
C VAL I 35 -27.75 8.21 -5.14
N GLU I 36 -28.01 7.03 -4.63
CA GLU I 36 -28.89 6.92 -3.49
C GLU I 36 -28.32 7.62 -2.27
N ALA I 37 -27.03 7.47 -2.03
CA ALA I 37 -26.41 8.16 -0.92
C ALA I 37 -26.47 9.67 -1.08
N LEU I 38 -26.23 10.14 -2.29
CA LEU I 38 -26.26 11.55 -2.60
C LEU I 38 -27.62 12.15 -2.44
N LYS I 39 -28.64 11.40 -2.81
CA LYS I 39 -30.01 11.81 -2.61
C LYS I 39 -30.32 11.96 -1.15
N GLY I 40 -29.79 11.08 -0.35
CA GLY I 40 -29.93 11.16 1.08
C GLY I 40 -29.27 12.39 1.63
N LEU I 41 -28.11 12.72 1.11
CA LEU I 41 -27.36 13.89 1.51
C LEU I 41 -28.08 15.19 1.20
N ILE I 42 -28.65 15.29 0.03
CA ILE I 42 -29.36 16.47 -0.37
C ILE I 42 -30.58 16.70 0.49
N GLN I 43 -31.31 15.66 0.74
CA GLN I 43 -32.47 15.70 1.58
C GLN I 43 -32.14 16.01 3.01
N SER I 44 -30.97 15.58 3.40
CA SER I 44 -30.46 15.81 4.70
C SER I 44 -30.02 17.23 4.84
N GLY I 45 -29.76 17.88 3.72
CA GLY I 45 -29.28 19.24 3.76
C GLY I 45 -28.05 19.71 3.05
N MET I 46 -27.50 18.94 2.12
CA MET I 46 -26.31 19.34 1.40
C MET I 46 -26.55 20.33 0.29
N SER I 47 -25.81 21.42 0.26
CA SER I 47 -25.96 22.35 -0.82
C SER I 47 -24.81 22.32 -1.79
N VAL I 48 -23.66 21.86 -1.33
CA VAL I 48 -22.48 21.83 -2.15
C VAL I 48 -21.80 20.50 -2.05
N ALA I 49 -21.44 19.89 -3.16
CA ALA I 49 -20.65 18.68 -3.09
C ALA I 49 -19.19 18.87 -3.45
N ARG I 50 -18.31 18.44 -2.58
CA ARG I 50 -16.90 18.66 -2.72
C ARG I 50 -16.17 17.40 -3.13
N MET I 51 -15.36 17.51 -4.16
CA MET I 51 -14.48 16.46 -4.60
C MET I 51 -13.06 16.81 -4.26
N ASN I 52 -12.37 15.93 -3.55
CA ASN I 52 -11.00 16.18 -3.19
C ASN I 52 -10.04 15.47 -4.09
N PHE I 53 -9.27 16.23 -4.84
CA PHE I 53 -8.44 15.72 -5.88
C PHE I 53 -7.13 15.20 -5.36
N SER I 54 -6.96 15.26 -4.06
CA SER I 54 -5.88 14.58 -3.38
C SER I 54 -6.12 13.10 -3.36
N HIS I 55 -7.36 12.69 -3.58
CA HIS I 55 -7.74 11.31 -3.51
C HIS I 55 -8.49 11.04 -4.79
N GLY I 56 -8.52 9.81 -5.22
CA GLY I 56 -9.26 9.47 -6.40
C GLY I 56 -8.51 9.83 -7.64
N SER I 57 -9.22 9.95 -8.73
CA SER I 57 -8.62 10.16 -10.01
C SER I 57 -9.68 10.82 -10.80
N HIS I 58 -9.39 11.21 -12.02
CA HIS I 58 -10.35 11.91 -12.81
C HIS I 58 -11.49 10.99 -12.99
N GLU I 59 -11.18 9.73 -13.16
CA GLU I 59 -12.17 8.73 -13.36
C GLU I 59 -13.10 8.59 -12.18
N TYR I 60 -12.56 8.55 -10.98
CA TYR I 60 -13.39 8.44 -9.80
C TYR I 60 -14.29 9.63 -9.59
N HIS I 61 -13.70 10.80 -9.74
CA HIS I 61 -14.36 12.08 -9.59
C HIS I 61 -15.42 12.38 -10.62
N GLN I 62 -15.22 11.84 -11.81
CA GLN I 62 -16.22 11.93 -12.86
C GLN I 62 -17.46 11.22 -12.44
N THR I 63 -17.31 10.09 -11.81
CA THR I 63 -18.45 9.34 -11.39
C THR I 63 -19.23 10.18 -10.42
N THR I 64 -18.54 10.90 -9.56
CA THR I 64 -19.16 11.75 -8.57
C THR I 64 -19.93 12.87 -9.21
N ILE I 65 -19.37 13.47 -10.24
CA ILE I 65 -20.01 14.52 -10.94
C ILE I 65 -21.28 14.08 -11.59
N ASN I 66 -21.24 12.94 -12.24
CA ASN I 66 -22.40 12.39 -12.87
C ASN I 66 -23.43 12.03 -11.87
N ASN I 67 -23.01 11.43 -10.81
CA ASN I 67 -23.94 11.10 -9.77
C ASN I 67 -24.62 12.27 -9.09
N VAL I 68 -23.89 13.37 -8.90
CA VAL I 68 -24.45 14.55 -8.29
C VAL I 68 -25.51 15.17 -9.18
N ARG I 69 -25.19 15.29 -10.44
CA ARG I 69 -26.10 15.84 -11.38
C ARG I 69 -27.36 14.98 -11.49
N GLN I 70 -27.20 13.66 -11.54
CA GLN I 70 -28.33 12.74 -11.61
C GLN I 70 -29.20 12.76 -10.38
N ALA I 71 -28.58 12.79 -9.21
CA ALA I 71 -29.32 12.91 -7.98
C ALA I 71 -30.07 14.24 -7.81
N ALA I 72 -29.41 15.33 -8.18
CA ALA I 72 -30.01 16.64 -8.13
C ALA I 72 -31.17 16.74 -9.09
N ALA I 73 -31.01 16.18 -10.26
CA ALA I 73 -32.01 16.22 -11.30
C ALA I 73 -33.26 15.51 -10.90
N GLU I 74 -33.09 14.38 -10.26
CA GLU I 74 -34.16 13.58 -9.72
C GLU I 74 -34.91 14.28 -8.63
N LEU I 75 -34.26 15.19 -7.95
CA LEU I 75 -34.88 15.82 -6.81
C LEU I 75 -35.29 17.23 -7.12
N GLY I 76 -35.10 17.61 -8.36
CA GLY I 76 -35.42 18.93 -8.81
C GLY I 76 -34.73 20.08 -8.13
N VAL I 77 -33.44 19.97 -7.92
CA VAL I 77 -32.69 20.95 -7.18
C VAL I 77 -31.38 21.24 -7.84
N ASN I 78 -30.78 22.35 -7.51
CA ASN I 78 -29.50 22.70 -8.07
C ASN I 78 -28.40 22.58 -7.00
N ILE I 79 -27.39 21.76 -7.25
CA ILE I 79 -26.32 21.54 -6.30
C ILE I 79 -24.99 21.98 -6.88
N ALA I 80 -24.26 22.82 -6.18
CA ALA I 80 -22.95 23.24 -6.62
C ALA I 80 -21.97 22.10 -6.57
N ILE I 81 -21.06 22.07 -7.51
CA ILE I 81 -19.99 21.10 -7.52
C ILE I 81 -18.66 21.81 -7.35
N ALA I 82 -17.88 21.38 -6.38
CA ALA I 82 -16.63 22.04 -6.08
C ALA I 82 -15.44 21.14 -6.32
N LEU I 83 -14.41 21.63 -6.95
CA LEU I 83 -13.21 20.87 -7.09
C LEU I 83 -12.11 21.39 -6.16
N ASP I 84 -11.81 20.45 -5.27
CA ASP I 84 -10.84 20.54 -4.23
C ASP I 84 -9.54 19.88 -4.64
N THR I 85 -8.59 20.69 -5.06
CA THR I 85 -7.30 20.24 -5.58
C THR I 85 -6.39 19.52 -4.58
N LYS I 86 -5.55 18.65 -5.10
CA LYS I 86 -4.58 17.97 -4.28
C LYS I 86 -3.60 19.01 -3.82
N GLY I 87 -3.11 19.81 -4.74
CA GLY I 87 -2.19 20.86 -4.43
C GLY I 87 -0.77 20.34 -4.27
N PRO I 88 0.16 21.24 -4.14
CA PRO I 88 1.55 20.84 -3.94
C PRO I 88 1.74 20.11 -2.62
N GLU I 89 2.51 19.01 -2.57
CA GLU I 89 2.78 18.30 -1.33
C GLU I 89 4.30 18.14 -1.17
N ILE I 90 4.76 18.17 0.10
CA ILE I 90 6.09 17.75 0.47
C ILE I 90 5.97 16.39 1.10
N ARG I 91 6.74 15.45 0.54
CA ARG I 91 6.81 14.09 1.06
C ARG I 91 8.27 13.61 1.24
N THR I 92 8.46 12.72 2.20
CA THR I 92 9.71 11.92 2.27
C THR I 92 9.76 10.93 1.13
N GLY I 93 10.93 10.34 0.93
CA GLY I 93 11.09 9.24 0.02
C GLY I 93 10.74 7.93 0.72
N GLN I 94 11.27 6.85 0.15
CA GLN I 94 11.17 5.49 0.67
C GLN I 94 12.27 5.22 1.69
N PHE I 95 11.99 4.30 2.62
CA PHE I 95 13.03 3.76 3.50
C PHE I 95 13.32 2.30 3.17
N VAL I 96 14.58 1.88 3.41
CA VAL I 96 15.00 0.47 3.25
C VAL I 96 14.23 -0.40 4.25
N GLY I 97 13.78 -1.57 3.79
CA GLY I 97 12.90 -2.44 4.58
C GLY I 97 11.48 -1.92 4.70
N GLY I 98 11.13 -0.93 3.89
CA GLY I 98 9.79 -0.34 3.90
C GLY I 98 9.52 0.68 5.01
N ASP I 99 10.37 0.69 6.03
CA ASP I 99 10.11 1.39 7.30
C ASP I 99 11.41 2.00 7.89
N ALA I 100 11.29 2.90 8.87
CA ALA I 100 12.46 3.44 9.57
C ALA I 100 12.20 3.99 10.98
N VAL I 101 12.93 3.47 11.95
CA VAL I 101 12.65 3.62 13.37
C VAL I 101 13.40 4.80 14.01
N MET I 102 12.74 5.95 14.14
CA MET I 102 13.35 7.22 14.60
C MET I 102 13.33 7.36 16.13
N GLU I 103 14.49 7.37 16.78
CA GLU I 103 14.53 7.39 18.27
C GLU I 103 14.79 8.79 18.80
N ARG I 104 14.29 9.08 19.99
CA ARG I 104 14.50 10.40 20.58
C ARG I 104 15.99 10.63 20.91
N GLY I 105 16.52 11.83 20.62
CA GLY I 105 17.93 12.11 20.91
C GLY I 105 18.91 11.81 19.76
N ALA I 106 18.53 10.89 18.85
CA ALA I 106 19.34 10.49 17.67
C ALA I 106 19.60 11.62 16.68
N THR I 107 20.72 11.52 15.95
CA THR I 107 21.00 12.38 14.80
C THR I 107 20.63 11.66 13.49
N CYS I 108 19.93 12.38 12.60
CA CYS I 108 19.67 11.89 11.24
C CYS I 108 19.89 13.00 10.21
N TYR I 109 19.93 12.64 8.93
CA TYR I 109 20.34 13.56 7.87
C TYR I 109 19.19 13.57 6.87
N VAL I 110 18.69 14.73 6.53
CA VAL I 110 17.58 14.81 5.55
C VAL I 110 18.16 15.47 4.31
N THR I 111 17.95 14.84 3.17
CA THR I 111 18.60 15.32 1.99
C THR I 111 17.61 15.51 0.87
N THR I 112 17.88 16.45 -0.01
CA THR I 112 17.12 16.54 -1.24
C THR I 112 17.84 15.97 -2.45
N ASP I 113 18.96 15.31 -2.21
CA ASP I 113 19.69 14.59 -3.27
C ASP I 113 18.79 13.44 -3.79
N PRO I 114 18.40 13.49 -5.08
CA PRO I 114 17.39 12.51 -5.55
C PRO I 114 17.93 11.08 -5.62
N ALA I 115 19.25 10.92 -5.69
CA ALA I 115 19.90 9.59 -5.51
C ALA I 115 19.32 8.76 -4.32
N PHE I 116 18.78 9.43 -3.30
CA PHE I 116 18.31 8.81 -2.05
C PHE I 116 16.81 8.49 -1.92
N ALA I 117 16.05 8.67 -2.99
CA ALA I 117 14.57 8.58 -2.93
C ALA I 117 14.06 7.16 -2.62
N ASP I 118 14.83 6.14 -2.99
CA ASP I 118 14.44 4.75 -2.74
C ASP I 118 15.41 4.01 -1.80
N LYS I 119 16.19 4.75 -1.02
CA LYS I 119 17.21 4.16 -0.11
C LYS I 119 17.49 5.03 1.12
N GLY I 120 16.43 5.63 1.65
CA GLY I 120 16.56 6.29 2.95
C GLY I 120 16.78 5.27 4.06
N THR I 121 17.18 5.74 5.23
CA THR I 121 17.30 4.88 6.42
C THR I 121 17.10 5.84 7.56
N LYS I 122 17.03 5.33 8.79
CA LYS I 122 16.92 6.25 9.90
C LYS I 122 18.06 7.28 9.93
N ASP I 123 19.20 6.90 9.34
CA ASP I 123 20.43 7.71 9.27
C ASP I 123 20.33 8.85 8.27
N LYS I 124 19.80 8.57 7.08
CA LYS I 124 19.68 9.59 6.06
C LYS I 124 18.63 9.25 5.03
N PHE I 125 17.73 10.20 4.81
CA PHE I 125 16.67 9.96 3.84
C PHE I 125 16.30 11.23 3.08
N TYR I 126 15.47 11.04 2.08
CA TYR I 126 15.13 12.06 1.14
C TYR I 126 13.78 12.71 1.50
N ILE I 127 13.72 14.04 1.36
CA ILE I 127 12.51 14.84 1.38
C ILE I 127 12.45 15.47 -0.02
N ASP I 128 11.30 15.41 -0.69
CA ASP I 128 11.29 15.70 -2.13
C ASP I 128 11.14 17.18 -2.49
N TYR I 129 11.31 18.10 -1.54
CA TYR I 129 11.14 19.52 -1.81
C TYR I 129 12.51 20.11 -2.01
N GLN I 130 12.85 20.38 -3.27
CA GLN I 130 14.24 20.69 -3.65
C GLN I 130 14.81 21.95 -3.00
N ASN I 131 13.92 22.84 -2.62
CA ASN I 131 14.31 24.03 -1.93
C ASN I 131 14.38 23.87 -0.44
N LEU I 132 14.32 22.65 0.12
CA LEU I 132 14.28 22.51 1.61
C LEU I 132 15.35 23.35 2.33
N SER I 133 16.62 23.22 1.87
CA SER I 133 17.77 23.86 2.51
C SER I 133 17.74 25.37 2.50
N LYS I 134 17.28 25.94 1.40
CA LYS I 134 17.19 27.38 1.30
C LYS I 134 16.08 27.91 2.24
N VAL I 135 15.08 27.11 2.51
CA VAL I 135 13.92 27.65 3.22
C VAL I 135 14.07 27.50 4.72
N VAL I 136 14.83 26.51 5.15
CA VAL I 136 14.95 26.25 6.59
C VAL I 136 16.28 26.82 7.12
N ARG I 137 16.31 27.22 8.40
CA ARG I 137 17.54 27.61 9.12
C ARG I 137 17.72 26.80 10.42
N PRO I 138 18.96 26.76 10.99
CA PRO I 138 19.21 26.16 12.31
C PRO I 138 18.19 26.63 13.36
N GLY I 139 17.56 25.70 14.09
CA GLY I 139 16.58 26.02 15.10
C GLY I 139 15.17 25.69 14.63
N ASN I 140 14.91 25.88 13.34
CA ASN I 140 13.62 25.50 12.73
C ASN I 140 13.26 24.02 12.94
N TYR I 141 11.96 23.77 12.91
CA TYR I 141 11.42 22.43 13.12
C TYR I 141 10.92 21.86 11.79
N ILE I 142 11.07 20.55 11.63
CA ILE I 142 10.60 19.86 10.44
C ILE I 142 9.67 18.73 10.84
N TYR I 143 8.39 18.87 10.53
CA TYR I 143 7.37 17.87 10.97
C TYR I 143 7.14 16.80 9.94
N ILE I 144 7.11 15.55 10.39
CA ILE I 144 6.92 14.41 9.51
C ILE I 144 5.84 13.49 10.06
N ASP I 145 4.96 13.03 9.18
CA ASP I 145 3.86 12.19 9.59
C ASP I 145 2.64 12.75 10.33
N ASP I 146 2.07 13.83 9.80
CA ASP I 146 0.98 14.48 10.50
C ASP I 146 1.50 15.46 11.59
N GLY I 147 2.80 15.74 11.55
CA GLY I 147 3.46 16.51 12.65
C GLY I 147 3.84 15.63 13.88
N ILE I 148 3.75 14.31 13.72
CA ILE I 148 3.96 13.40 14.84
C ILE I 148 5.43 13.31 15.21
N LEU I 149 6.27 13.23 14.18
CA LEU I 149 7.72 13.13 14.37
C LEU I 149 8.24 14.55 14.18
N ILE I 150 8.91 15.06 15.21
CA ILE I 150 9.40 16.43 15.13
C ILE I 150 10.92 16.37 15.12
N LEU I 151 11.50 16.69 13.96
CA LEU I 151 12.93 16.78 13.86
C LEU I 151 13.26 18.26 14.05
N GLN I 152 14.40 18.53 14.68
CA GLN I 152 14.93 19.91 14.68
C GLN I 152 16.22 20.08 13.88
N VAL I 153 16.24 21.13 13.07
CA VAL I 153 17.37 21.43 12.23
C VAL I 153 18.55 22.00 13.01
N GLN I 154 19.71 21.33 12.87
CA GLN I 154 20.90 21.74 13.61
C GLN I 154 21.83 22.51 12.67
N SER I 155 22.08 21.97 11.46
CA SER I 155 23.02 22.60 10.56
C SER I 155 22.84 22.09 9.15
N HIS I 156 23.52 22.77 8.23
CA HIS I 156 23.65 22.34 6.86
C HIS I 156 24.88 21.46 6.79
N GLU I 157 24.69 20.14 6.78
CA GLU I 157 25.80 19.22 6.45
C GLU I 157 26.40 19.61 5.09
N ASP I 158 25.55 19.81 4.08
CA ASP I 158 26.02 20.37 2.80
C ASP I 158 24.92 21.13 2.09
N GLU I 159 25.11 21.43 0.82
CA GLU I 159 24.12 22.25 0.18
C GLU I 159 22.75 21.61 -0.07
N GLN I 160 22.65 20.28 0.10
CA GLN I 160 21.43 19.51 -0.10
C GLN I 160 21.00 18.69 1.10
N THR I 161 21.74 18.77 2.19
CA THR I 161 21.52 17.86 3.29
C THR I 161 21.54 18.64 4.58
N LEU I 162 20.58 18.33 5.46
CA LEU I 162 20.45 18.97 6.74
C LEU I 162 20.74 17.95 7.85
N GLU I 163 21.60 18.31 8.79
CA GLU I 163 21.80 17.48 9.99
C GLU I 163 20.64 17.82 10.92
N CYS I 164 19.91 16.82 11.39
CA CYS I 164 18.77 17.05 12.30
C CYS I 164 18.95 16.30 13.61
N THR I 165 18.38 16.85 14.69
CA THR I 165 18.09 16.09 15.93
C THR I 165 16.68 15.48 15.87
N VAL I 166 16.51 14.26 16.33
CA VAL I 166 15.19 13.71 16.54
C VAL I 166 14.63 14.12 17.96
N THR I 167 13.56 14.93 18.01
CA THR I 167 13.09 15.45 19.31
C THR I 167 12.13 14.51 20.03
N ASN I 168 11.51 13.59 19.30
CA ASN I 168 10.61 12.59 19.93
C ASN I 168 10.55 11.32 19.10
N SER I 169 10.31 10.20 19.77
CA SER I 169 10.41 8.88 19.14
C SER I 169 9.20 8.65 18.27
N HIS I 170 9.42 7.98 17.15
CA HIS I 170 8.31 7.62 16.28
C HIS I 170 8.84 6.80 15.09
N THR I 171 8.17 5.71 14.80
CA THR I 171 8.48 4.93 13.63
C THR I 171 7.72 5.58 12.47
N ILE I 172 8.42 5.81 11.36
CA ILE I 172 7.80 6.38 10.16
C ILE I 172 7.92 5.45 8.95
N SER I 173 6.85 5.25 8.20
CA SER I 173 6.90 4.42 6.99
C SER I 173 7.14 5.27 5.74
N ASP I 174 7.09 4.65 4.55
CA ASP I 174 7.36 5.33 3.29
C ASP I 174 6.49 6.55 3.03
N ARG I 175 7.16 7.59 2.54
CA ARG I 175 6.49 8.73 1.90
C ARG I 175 5.51 9.51 2.76
N ARG I 176 5.92 9.85 3.98
CA ARG I 176 5.06 10.71 4.80
C ARG I 176 5.09 12.17 4.38
N GLY I 177 4.03 12.91 4.69
CA GLY I 177 3.96 14.32 4.37
C GLY I 177 4.79 15.10 5.36
N VAL I 178 5.35 16.20 4.93
CA VAL I 178 6.11 16.96 5.87
C VAL I 178 5.50 18.35 5.94
N ASN I 179 5.69 19.02 7.08
CA ASN I 179 5.37 20.44 7.15
C ASN I 179 6.53 21.22 7.65
N LEU I 180 6.44 22.55 7.53
CA LEU I 180 7.52 23.44 7.84
C LEU I 180 7.00 24.71 8.59
N PRO I 181 6.70 24.59 9.90
CA PRO I 181 5.87 25.64 10.45
C PRO I 181 6.47 27.04 10.54
N GLY I 182 7.77 27.17 10.60
CA GLY I 182 8.34 28.52 10.68
C GLY I 182 8.92 28.86 9.33
N CYS I 183 8.35 28.28 8.28
CA CYS I 183 9.02 28.33 6.99
C CYS I 183 8.06 28.73 5.93
N ASP I 184 8.56 29.64 5.08
CA ASP I 184 7.81 30.08 3.94
C ASP I 184 8.02 29.11 2.79
N VAL I 185 7.06 28.24 2.60
CA VAL I 185 7.20 27.21 1.57
C VAL I 185 6.91 27.81 0.22
N ASP I 186 7.74 27.53 -0.77
CA ASP I 186 7.60 28.21 -2.09
C ASP I 186 7.35 27.29 -3.27
N LEU I 187 6.70 26.20 -3.03
CA LEU I 187 6.11 25.46 -4.08
C LEU I 187 5.24 26.36 -4.93
N PRO I 188 5.15 26.04 -6.20
CA PRO I 188 4.26 26.73 -7.11
C PRO I 188 2.83 26.60 -6.63
N ALA I 189 1.97 27.48 -7.09
CA ALA I 189 0.60 27.51 -6.62
C ALA I 189 -0.09 26.27 -7.07
N VAL I 190 0.25 25.87 -8.27
CA VAL I 190 -0.39 24.79 -8.96
C VAL I 190 0.61 23.73 -9.40
N SER I 191 0.45 22.52 -8.92
CA SER I 191 1.26 21.41 -9.37
C SER I 191 0.94 20.98 -10.80
N ALA I 192 1.73 20.08 -11.33
CA ALA I 192 1.44 19.55 -12.64
C ALA I 192 0.16 18.75 -12.66
N LYS I 193 -0.10 17.97 -11.64
CA LYS I 193 -1.36 17.29 -11.54
C LYS I 193 -2.54 18.25 -11.42
N ASP I 194 -2.39 19.30 -10.64
CA ASP I 194 -3.42 20.33 -10.50
C ASP I 194 -3.76 20.91 -11.86
N ARG I 195 -2.74 21.19 -12.65
CA ARG I 195 -2.92 21.78 -13.93
C ARG I 195 -3.81 20.90 -14.77
N VAL I 196 -3.59 19.61 -14.68
CA VAL I 196 -4.42 18.70 -15.38
C VAL I 196 -5.66 18.69 -14.58
N ASP I 197 -5.58 19.05 -13.30
CA ASP I 197 -6.76 19.01 -12.48
C ASP I 197 -7.68 20.17 -12.76
N LEU I 198 -7.13 21.34 -12.92
CA LEU I 198 -7.91 22.52 -13.27
C LEU I 198 -8.59 22.45 -14.61
N GLN I 199 -7.89 21.93 -15.61
CA GLN I 199 -8.46 21.80 -16.93
C GLN I 199 -9.67 20.88 -16.94
N PHE I 200 -9.58 19.79 -16.20
CA PHE I 200 -10.64 18.82 -16.11
C PHE I 200 -11.85 19.43 -15.51
N GLY I 201 -11.65 20.28 -14.50
CA GLY I 201 -12.72 20.95 -13.84
C GLY I 201 -13.47 21.88 -14.75
N VAL I 202 -12.74 22.58 -15.60
CA VAL I 202 -13.33 23.42 -16.61
C VAL I 202 -14.13 22.61 -17.60
N GLU I 203 -13.57 21.50 -18.05
CA GLU I 203 -14.19 20.62 -19.01
C GLU I 203 -15.48 20.02 -18.53
N GLN I 204 -15.54 19.62 -17.28
CA GLN I 204 -16.72 18.99 -16.75
C GLN I 204 -17.64 20.02 -16.17
N GLY I 205 -17.31 21.28 -16.38
CA GLY I 205 -18.13 22.37 -15.94
C GLY I 205 -18.42 22.53 -14.47
N VAL I 206 -17.42 22.37 -13.63
CA VAL I 206 -17.58 22.62 -12.22
C VAL I 206 -17.84 24.08 -11.87
N ASP I 207 -18.63 24.28 -10.84
CA ASP I 207 -18.93 25.58 -10.31
C ASP I 207 -17.83 26.40 -9.61
N MET I 208 -17.03 25.78 -8.76
CA MET I 208 -16.01 26.47 -8.01
C MET I 208 -14.77 25.63 -7.77
N ILE I 209 -13.67 26.28 -7.47
CA ILE I 209 -12.46 25.63 -7.10
C ILE I 209 -12.13 25.95 -5.65
N PHE I 210 -11.88 24.96 -4.85
CA PHE I 210 -11.33 25.23 -3.56
C PHE I 210 -9.85 25.10 -3.72
N ALA I 211 -9.16 26.20 -3.77
CA ALA I 211 -7.75 26.16 -4.08
C ALA I 211 -6.92 25.98 -2.83
N SER I 212 -6.31 24.82 -2.73
CA SER I 212 -5.47 24.47 -1.61
C SER I 212 -4.22 25.28 -1.44
N PHE I 213 -3.82 25.39 -0.20
CA PHE I 213 -2.60 25.97 0.21
C PHE I 213 -2.32 27.37 -0.44
N ILE I 214 -3.22 28.43 -0.44
CA ILE I 214 -2.93 29.65 -1.12
C ILE I 214 -2.03 30.49 -0.24
N ARG I 215 -0.75 30.60 -0.59
CA ARG I 215 0.20 31.57 -0.05
C ARG I 215 0.05 33.06 -0.42
N SER I 216 -0.45 33.37 -1.60
CA SER I 216 -0.40 34.71 -2.16
C SER I 216 -1.48 35.12 -3.16
N ALA I 217 -1.60 36.43 -3.35
CA ALA I 217 -2.46 37.02 -4.34
C ALA I 217 -2.02 36.69 -5.74
N GLU I 218 -0.73 36.59 -5.93
CA GLU I 218 -0.13 36.21 -7.19
C GLU I 218 -0.50 34.79 -7.59
N GLN I 219 -0.56 33.90 -6.63
CA GLN I 219 -0.96 32.52 -6.81
C GLN I 219 -2.38 32.37 -7.26
N VAL I 220 -3.28 33.17 -6.73
CA VAL I 220 -4.67 33.14 -7.12
C VAL I 220 -4.75 33.50 -8.59
N GLY I 221 -3.99 34.50 -8.98
CA GLY I 221 -3.98 34.93 -10.35
C GLY I 221 -3.51 33.84 -11.26
N ASP I 222 -2.52 33.10 -10.83
CA ASP I 222 -2.04 31.99 -11.57
C ASP I 222 -3.11 30.93 -11.71
N VAL I 223 -3.90 30.71 -10.69
CA VAL I 223 -5.03 29.83 -10.80
C VAL I 223 -6.10 30.29 -11.78
N ARG I 224 -6.36 31.57 -11.78
CA ARG I 224 -7.35 32.18 -12.62
C ARG I 224 -6.94 31.98 -14.04
N LYS I 225 -5.64 32.09 -14.26
CA LYS I 225 -5.02 32.03 -15.55
C LYS I 225 -4.97 30.62 -16.11
N ALA I 226 -4.72 29.65 -15.26
CA ALA I 226 -4.80 28.26 -15.62
C ALA I 226 -6.21 27.85 -15.99
N LEU I 227 -7.21 28.42 -15.35
CA LEU I 227 -8.57 28.12 -15.68
C LEU I 227 -8.86 28.61 -17.07
N GLY I 228 -8.28 29.73 -17.42
CA GLY I 228 -8.41 30.29 -18.73
C GLY I 228 -9.67 31.08 -19.01
N PRO I 229 -9.90 31.40 -20.27
CA PRO I 229 -11.12 32.04 -20.76
C PRO I 229 -12.35 31.19 -20.59
N LYS I 230 -12.22 29.92 -20.89
CA LYS I 230 -13.34 29.00 -20.77
C LYS I 230 -13.77 28.91 -19.34
N GLY I 231 -12.84 29.20 -18.45
CA GLY I 231 -13.04 29.07 -17.03
C GLY I 231 -13.32 30.31 -16.24
N ARG I 232 -13.61 31.40 -16.92
CA ARG I 232 -13.69 32.70 -16.29
C ARG I 232 -14.78 32.90 -15.26
N ASP I 233 -15.87 32.18 -15.38
CA ASP I 233 -16.94 32.33 -14.44
C ASP I 233 -16.91 31.33 -13.30
N ILE I 234 -15.86 30.56 -13.20
CA ILE I 234 -15.71 29.65 -12.09
C ILE I 234 -15.12 30.43 -10.95
N MET I 235 -15.69 30.25 -9.77
CA MET I 235 -15.28 30.93 -8.56
C MET I 235 -14.03 30.32 -7.98
N ILE I 236 -13.07 31.12 -7.59
CA ILE I 236 -11.94 30.58 -6.89
C ILE I 236 -12.01 30.89 -5.41
N ILE I 237 -12.26 29.87 -4.63
CA ILE I 237 -12.34 29.97 -3.19
C ILE I 237 -10.98 29.60 -2.61
N CYS I 238 -10.37 30.51 -1.88
CA CYS I 238 -9.03 30.25 -1.39
C CYS I 238 -8.92 29.70 0.02
N LYS I 239 -8.39 28.52 0.13
CA LYS I 239 -8.17 27.88 1.40
C LYS I 239 -6.95 28.44 2.10
N ILE I 240 -7.12 28.83 3.34
CA ILE I 240 -6.02 29.36 4.12
C ILE I 240 -5.62 28.27 5.04
N GLU I 241 -4.44 27.70 4.80
CA GLU I 241 -4.01 26.54 5.56
C GLU I 241 -2.63 26.72 6.19
N ASN I 242 -1.92 27.78 5.85
CA ASN I 242 -0.60 28.08 6.43
C ASN I 242 -0.32 29.51 6.87
N HIS I 243 0.89 29.73 7.31
CA HIS I 243 1.32 31.02 7.82
C HIS I 243 1.27 32.17 6.83
N GLN I 244 1.79 31.94 5.65
CA GLN I 244 1.84 32.92 4.62
C GLN I 244 0.46 33.34 4.17
N GLY I 245 -0.43 32.39 4.06
CA GLY I 245 -1.79 32.68 3.69
C GLY I 245 -2.48 33.56 4.69
N VAL I 246 -2.30 33.31 5.97
CA VAL I 246 -2.85 34.17 6.96
C VAL I 246 -2.26 35.57 6.91
N GLN I 247 -0.97 35.65 6.73
CA GLN I 247 -0.30 36.91 6.70
C GLN I 247 -0.77 37.77 5.56
N ASN I 248 -1.04 37.14 4.44
CA ASN I 248 -1.40 37.81 3.21
C ASN I 248 -2.88 37.88 2.93
N ILE I 249 -3.69 37.79 3.96
CA ILE I 249 -5.10 37.62 3.81
C ILE I 249 -5.87 38.72 3.10
N ASP I 250 -5.56 39.98 3.32
CA ASP I 250 -6.26 41.04 2.66
C ASP I 250 -6.08 41.03 1.16
N SER I 251 -4.86 40.87 0.72
CA SER I 251 -4.58 40.74 -0.68
C SER I 251 -5.16 39.48 -1.32
N ILE I 252 -5.14 38.38 -0.61
CA ILE I 252 -5.77 37.18 -1.07
C ILE I 252 -7.28 37.31 -1.16
N ILE I 253 -7.88 37.94 -0.19
CA ILE I 253 -9.29 38.16 -0.19
C ILE I 253 -9.67 39.03 -1.38
N GLU I 254 -8.89 40.04 -1.69
CA GLU I 254 -9.10 40.90 -2.84
C GLU I 254 -9.18 40.13 -4.14
N GLU I 255 -8.18 39.31 -4.40
CA GLU I 255 -8.09 38.46 -5.58
C GLU I 255 -9.14 37.35 -5.70
N SER I 256 -9.50 36.78 -4.58
CA SER I 256 -10.38 35.66 -4.53
C SER I 256 -11.85 35.97 -4.70
N ASP I 257 -12.66 34.95 -4.83
CA ASP I 257 -14.08 35.05 -4.75
C ASP I 257 -14.60 34.61 -3.40
N GLY I 258 -13.73 34.13 -2.54
CA GLY I 258 -14.11 33.67 -1.23
C GLY I 258 -12.99 32.96 -0.54
N ILE I 259 -13.22 32.60 0.71
CA ILE I 259 -12.22 32.01 1.56
C ILE I 259 -12.72 30.76 2.24
N MET I 260 -11.83 29.83 2.42
CA MET I 260 -12.01 28.74 3.32
C MET I 260 -11.03 28.77 4.49
N VAL I 261 -11.54 28.62 5.69
CA VAL I 261 -10.70 28.52 6.84
C VAL I 261 -10.38 27.07 7.06
N ALA I 262 -9.29 26.63 6.47
CA ALA I 262 -8.96 25.22 6.36
C ALA I 262 -8.27 24.76 7.60
N ARG I 263 -9.05 24.41 8.59
CA ARG I 263 -8.56 24.21 9.90
C ARG I 263 -7.61 23.05 10.09
N GLY I 264 -7.79 21.94 9.39
CA GLY I 264 -6.90 20.83 9.58
C GLY I 264 -5.44 21.04 9.25
N ASP I 265 -5.11 21.52 8.09
CA ASP I 265 -3.77 21.98 7.80
C ASP I 265 -3.29 23.18 8.62
N LEU I 266 -4.15 24.16 8.84
CA LEU I 266 -3.83 25.38 9.55
C LEU I 266 -3.42 25.11 10.97
N GLY I 267 -4.08 24.12 11.52
CA GLY I 267 -3.87 23.61 12.82
C GLY I 267 -2.51 23.03 13.13
N VAL I 268 -1.87 22.36 12.20
CA VAL I 268 -0.46 21.99 12.25
C VAL I 268 0.49 23.11 12.02
N GLU I 269 0.19 23.88 10.99
CA GLU I 269 1.02 24.98 10.55
C GLU I 269 1.11 26.08 11.58
N ILE I 270 0.05 26.32 12.26
CA ILE I 270 -0.03 27.40 13.15
C ILE I 270 -0.45 26.62 14.31
N PRO I 271 -0.05 27.08 15.45
CA PRO I 271 -0.48 26.45 16.68
C PRO I 271 -1.93 26.72 16.75
N ALA I 272 -2.52 25.65 17.25
CA ALA I 272 -3.88 25.24 17.20
C ALA I 272 -4.70 26.20 17.94
N GLU I 273 -4.19 26.68 19.05
CA GLU I 273 -4.87 27.67 19.85
C GLU I 273 -5.03 28.98 19.11
N LYS I 274 -4.21 29.16 18.08
CA LYS I 274 -4.29 30.35 17.23
C LYS I 274 -5.38 30.25 16.16
N VAL I 275 -5.72 29.03 15.77
CA VAL I 275 -6.71 28.83 14.73
C VAL I 275 -8.00 29.57 15.08
N VAL I 276 -8.32 29.66 16.36
CA VAL I 276 -9.49 30.38 16.79
C VAL I 276 -9.47 31.86 16.47
N VAL I 277 -8.37 32.54 16.71
CA VAL I 277 -8.18 33.92 16.32
C VAL I 277 -8.20 34.09 14.81
N ALA I 278 -7.56 33.19 14.11
CA ALA I 278 -7.60 33.22 12.69
C ALA I 278 -9.01 33.03 12.14
N GLN I 279 -9.80 32.17 12.73
CA GLN I 279 -11.17 31.98 12.30
C GLN I 279 -12.02 33.22 12.46
N LYS I 280 -11.93 33.85 13.61
CA LYS I 280 -12.63 35.05 13.82
C LYS I 280 -12.18 36.14 12.89
N ILE I 281 -10.89 36.33 12.69
CA ILE I 281 -10.47 37.37 11.79
C ILE I 281 -10.86 37.15 10.35
N LEU I 282 -10.65 35.97 9.84
CA LEU I 282 -10.89 35.70 8.44
C LEU I 282 -12.35 35.76 8.03
N ILE I 283 -13.21 35.28 8.89
CA ILE I 283 -14.61 35.32 8.67
C ILE I 283 -15.11 36.74 8.66
N SER I 284 -14.66 37.53 9.60
CA SER I 284 -15.04 38.90 9.69
C SER I 284 -14.60 39.70 8.50
N LYS I 285 -13.39 39.52 8.04
CA LYS I 285 -12.88 40.22 6.90
C LYS I 285 -13.66 39.87 5.62
N CYS I 286 -14.03 38.60 5.49
CA CYS I 286 -14.90 38.16 4.44
C CYS I 286 -16.30 38.74 4.53
N ASN I 287 -16.86 38.84 5.72
CA ASN I 287 -18.15 39.44 5.89
C ASN I 287 -18.15 40.91 5.50
N VAL I 288 -17.13 41.62 5.94
CA VAL I 288 -17.01 43.01 5.63
C VAL I 288 -16.81 43.22 4.14
N ALA I 289 -16.02 42.39 3.51
CA ALA I 289 -15.80 42.44 2.09
C ALA I 289 -16.96 41.98 1.17
N GLY I 290 -17.98 41.38 1.74
CA GLY I 290 -19.00 40.65 1.02
C GLY I 290 -18.68 39.41 0.20
N LYS I 291 -17.80 38.56 0.69
CA LYS I 291 -17.45 37.35 0.00
C LYS I 291 -17.66 36.17 0.91
N PRO I 292 -18.05 35.07 0.31
CA PRO I 292 -18.42 33.86 1.04
C PRO I 292 -17.25 33.28 1.81
N VAL I 293 -17.50 32.81 3.03
CA VAL I 293 -16.49 32.25 3.88
C VAL I 293 -16.91 30.92 4.48
N ILE I 294 -16.02 29.95 4.46
CA ILE I 294 -16.28 28.60 4.88
C ILE I 294 -15.42 28.17 6.07
N CYS I 295 -16.07 27.60 7.06
CA CYS I 295 -15.41 26.98 8.19
C CYS I 295 -15.32 25.49 8.02
N ALA I 296 -14.09 25.00 8.07
CA ALA I 296 -13.79 23.63 7.74
C ALA I 296 -13.00 22.85 8.76
N THR I 297 -13.30 21.55 8.82
CA THR I 297 -12.49 20.46 9.34
C THR I 297 -12.75 20.10 10.81
N GLN I 298 -13.00 18.82 11.08
CA GLN I 298 -13.18 18.27 12.39
C GLN I 298 -14.40 18.84 13.11
N MET I 299 -15.29 19.45 12.35
CA MET I 299 -16.46 20.06 12.93
C MET I 299 -17.38 19.07 13.62
N LEU I 300 -17.61 17.94 13.02
CA LEU I 300 -18.36 16.90 13.67
C LEU I 300 -17.65 15.56 13.54
N GLU I 301 -16.40 15.53 13.90
CA GLU I 301 -15.51 14.42 13.65
C GLU I 301 -15.89 13.06 14.22
N SER I 302 -16.43 13.01 15.42
CA SER I 302 -16.74 11.79 16.11
C SER I 302 -17.89 11.06 15.46
N MET I 303 -18.61 11.79 14.62
CA MET I 303 -19.78 11.31 13.95
C MET I 303 -19.37 10.57 12.70
N THR I 304 -18.07 10.50 12.48
CA THR I 304 -17.53 9.62 11.47
C THR I 304 -17.82 8.23 11.95
N TYR I 305 -17.84 8.02 13.24
CA TYR I 305 -18.04 6.70 13.77
C TYR I 305 -19.22 6.53 14.70
N ASN I 306 -19.78 7.61 15.21
CA ASN I 306 -20.87 7.53 16.14
C ASN I 306 -22.10 8.23 15.66
N PRO I 307 -23.22 7.76 16.13
CA PRO I 307 -24.52 8.32 15.81
C PRO I 307 -24.73 9.74 16.33
N ARG I 308 -24.04 10.11 17.38
CA ARG I 308 -24.22 11.39 18.05
C ARG I 308 -22.89 12.09 18.27
N PRO I 309 -22.91 13.42 18.21
CA PRO I 309 -21.73 14.24 18.39
C PRO I 309 -21.37 14.50 19.83
N THR I 310 -20.12 14.89 20.04
CA THR I 310 -19.64 15.42 21.29
C THR I 310 -20.12 16.83 21.56
N ARG I 311 -20.06 17.26 22.81
CA ARG I 311 -20.45 18.60 23.19
C ARG I 311 -19.59 19.66 22.53
N ALA I 312 -18.29 19.41 22.46
CA ALA I 312 -17.39 20.32 21.83
C ALA I 312 -17.70 20.51 20.36
N GLU I 313 -18.11 19.46 19.71
CA GLU I 313 -18.47 19.53 18.32
C GLU I 313 -19.70 20.36 18.02
N VAL I 314 -20.74 20.18 18.79
CA VAL I 314 -21.95 20.93 18.65
C VAL I 314 -21.66 22.38 18.90
N SER I 315 -20.90 22.66 19.93
CA SER I 315 -20.52 24.02 20.18
C SER I 315 -19.75 24.61 19.03
N ASP I 316 -18.88 23.84 18.42
CA ASP I 316 -18.15 24.29 17.28
C ASP I 316 -19.01 24.67 16.07
N VAL I 317 -19.99 23.88 15.69
CA VAL I 317 -20.81 24.28 14.54
C VAL I 317 -21.56 25.58 14.81
N ALA I 318 -22.07 25.71 16.01
CA ALA I 318 -22.80 26.87 16.44
C ALA I 318 -22.00 28.18 16.47
N ASN I 319 -20.82 28.13 17.05
CA ASN I 319 -19.90 29.25 17.08
C ASN I 319 -19.43 29.68 15.71
N ALA I 320 -19.29 28.78 14.78
CA ALA I 320 -18.95 29.17 13.42
C ALA I 320 -20.01 30.05 12.76
N VAL I 321 -21.27 29.74 12.99
CA VAL I 321 -22.39 30.55 12.58
C VAL I 321 -22.43 31.90 13.26
N PHE I 322 -22.20 31.91 14.57
CA PHE I 322 -22.10 33.11 15.36
C PHE I 322 -20.93 33.95 14.85
N ASN I 323 -19.89 33.30 14.41
CA ASN I 323 -18.69 33.94 13.91
C ASN I 323 -19.03 34.71 12.64
N GLY I 324 -20.08 34.28 11.94
CA GLY I 324 -20.46 34.88 10.70
C GLY I 324 -20.20 34.15 9.41
N ALA I 325 -19.92 32.87 9.48
CA ALA I 325 -19.68 32.07 8.31
C ALA I 325 -20.87 31.81 7.40
N ASP I 326 -20.64 31.91 6.12
CA ASP I 326 -21.60 31.48 5.15
C ASP I 326 -21.85 29.97 5.21
N CYS I 327 -20.78 29.21 5.32
CA CYS I 327 -20.81 27.76 5.21
C CYS I 327 -20.05 26.96 6.28
N VAL I 328 -20.57 25.80 6.59
CA VAL I 328 -19.83 24.83 7.35
C VAL I 328 -19.60 23.63 6.46
N MET I 329 -18.60 22.85 6.77
CA MET I 329 -18.14 21.80 5.90
C MET I 329 -17.98 20.47 6.57
N LEU I 330 -18.17 19.42 5.81
CA LEU I 330 -17.99 18.07 6.28
C LEU I 330 -16.96 17.38 5.44
N SER I 331 -16.02 16.71 6.08
CA SER I 331 -14.96 16.08 5.35
C SER I 331 -15.00 14.57 5.36
N GLY I 332 -14.33 13.99 6.33
CA GLY I 332 -14.32 12.57 6.55
C GLY I 332 -15.65 12.01 6.98
N GLU I 333 -16.41 12.80 7.69
CA GLU I 333 -17.69 12.43 8.22
C GLU I 333 -18.65 12.03 7.10
N THR I 334 -18.54 12.64 5.94
CA THR I 334 -19.28 12.22 4.78
C THR I 334 -18.49 11.43 3.73
N ALA I 335 -17.19 11.60 3.65
CA ALA I 335 -16.40 10.84 2.73
C ALA I 335 -16.29 9.37 3.06
N LYS I 336 -15.97 9.05 4.31
CA LYS I 336 -15.75 7.69 4.73
C LYS I 336 -16.53 7.20 5.94
N GLY I 337 -17.42 8.05 6.44
CA GLY I 337 -18.16 7.80 7.65
C GLY I 337 -19.27 6.79 7.62
N LYS I 338 -19.62 6.33 8.80
CA LYS I 338 -20.78 5.52 9.11
C LYS I 338 -22.15 6.16 8.97
N TYR I 339 -22.29 7.43 9.32
CA TYR I 339 -23.59 8.04 9.38
C TYR I 339 -23.68 9.32 8.63
N PRO I 340 -23.55 9.24 7.32
CA PRO I 340 -23.52 10.44 6.51
C PRO I 340 -24.77 11.28 6.57
N ASN I 341 -25.94 10.68 6.44
CA ASN I 341 -27.17 11.41 6.54
C ASN I 341 -27.40 12.03 7.90
N GLU I 342 -27.12 11.29 8.96
CA GLU I 342 -27.27 11.79 10.29
C GLU I 342 -26.34 12.95 10.61
N VAL I 343 -25.11 12.90 10.16
CA VAL I 343 -24.20 13.96 10.47
C VAL I 343 -24.65 15.26 9.85
N VAL I 344 -25.07 15.22 8.61
CA VAL I 344 -25.61 16.36 7.94
C VAL I 344 -26.86 16.86 8.60
N GLN I 345 -27.75 15.98 9.01
CA GLN I 345 -28.96 16.38 9.66
C GLN I 345 -28.65 17.06 10.94
N TYR I 346 -27.68 16.56 11.69
CA TYR I 346 -27.24 17.21 12.92
C TYR I 346 -26.66 18.58 12.71
N MET I 347 -25.85 18.73 11.70
CA MET I 347 -25.28 20.00 11.41
C MET I 347 -26.32 21.03 11.04
N ALA I 348 -27.31 20.64 10.25
CA ALA I 348 -28.36 21.54 9.85
C ALA I 348 -29.18 22.01 11.01
N ARG I 349 -29.46 21.10 11.91
CA ARG I 349 -30.22 21.37 13.10
C ARG I 349 -29.52 22.34 14.03
N ILE I 350 -28.23 22.16 14.24
CA ILE I 350 -27.42 23.08 15.02
C ILE I 350 -27.34 24.46 14.42
N CYS I 351 -27.24 24.51 13.11
CA CYS I 351 -27.17 25.75 12.39
C CYS I 351 -28.47 26.52 12.56
N LEU I 352 -29.59 25.85 12.50
CA LEU I 352 -30.87 26.49 12.70
C LEU I 352 -31.06 27.04 14.09
N GLU I 353 -30.63 26.29 15.08
CA GLU I 353 -30.68 26.73 16.44
C GLU I 353 -29.82 27.95 16.75
N ALA I 354 -28.60 27.98 16.23
CA ALA I 354 -27.70 29.11 16.42
C ALA I 354 -28.25 30.37 15.79
N GLN I 355 -28.95 30.17 14.69
CA GLN I 355 -29.58 31.19 13.91
C GLN I 355 -30.62 31.92 14.72
N SER I 356 -31.34 31.22 15.58
CA SER I 356 -32.25 31.89 16.48
C SER I 356 -31.58 32.83 17.42
N ALA I 357 -30.46 32.40 17.98
CA ALA I 357 -29.66 33.18 18.88
C ALA I 357 -28.98 34.32 18.18
N LEU I 358 -28.85 34.25 16.87
CA LEU I 358 -28.08 35.21 16.13
C LEU I 358 -28.78 36.52 16.13
N ASN I 359 -28.05 37.59 16.39
CA ASN I 359 -28.64 38.89 16.30
C ASN I 359 -28.36 39.43 14.92
N GLU I 360 -29.28 39.20 14.01
CA GLU I 360 -29.14 39.58 12.62
C GLU I 360 -29.09 41.07 12.45
N TYR I 361 -29.82 41.78 13.29
CA TYR I 361 -29.85 43.21 13.27
C TYR I 361 -28.54 43.91 13.62
N VAL I 362 -27.88 43.46 14.68
CA VAL I 362 -26.61 44.03 15.08
C VAL I 362 -25.60 43.79 14.03
N PHE I 363 -25.65 42.61 13.47
CA PHE I 363 -24.81 42.21 12.38
C PHE I 363 -24.99 43.09 11.17
N PHE I 364 -26.21 43.48 10.85
CA PHE I 364 -26.45 44.40 9.73
C PHE I 364 -25.82 45.77 9.93
N ASN I 365 -26.04 46.34 11.09
CA ASN I 365 -25.48 47.61 11.46
C ASN I 365 -23.96 47.61 11.56
N SER I 366 -23.41 46.54 12.11
CA SER I 366 -22.00 46.44 12.27
C SER I 366 -21.31 46.41 10.96
N ILE I 367 -21.85 45.66 10.02
CA ILE I 367 -21.32 45.55 8.68
C ILE I 367 -21.39 46.85 7.92
N LYS I 368 -22.50 47.52 8.05
CA LYS I 368 -22.82 48.79 7.42
C LYS I 368 -21.87 49.90 7.83
N LYS I 369 -21.52 49.98 9.10
CA LYS I 369 -20.54 50.94 9.59
C LYS I 369 -19.19 50.74 9.03
N LEU I 370 -18.84 49.53 8.67
CA LEU I 370 -17.51 49.25 8.17
C LEU I 370 -17.25 49.52 6.70
N GLN I 371 -18.28 49.86 5.96
CA GLN I 371 -18.15 50.17 4.57
C GLN I 371 -17.70 51.59 4.35
N HIS I 372 -16.82 51.77 3.37
CA HIS I 372 -16.26 53.08 3.08
C HIS I 372 -17.23 53.93 2.26
N ILE I 373 -17.35 55.20 2.64
CA ILE I 373 -18.23 56.13 1.94
C ILE I 373 -17.44 57.13 1.10
N PRO I 374 -17.82 57.27 -0.16
CA PRO I 374 -18.94 56.51 -0.71
C PRO I 374 -18.54 55.09 -1.12
N MET I 375 -19.50 54.30 -1.57
CA MET I 375 -19.22 52.93 -1.98
C MET I 375 -19.71 52.68 -3.41
N SER I 376 -21.03 52.63 -3.57
CA SER I 376 -21.62 52.40 -4.88
C SER I 376 -23.15 52.41 -4.81
N ALA I 377 -23.79 52.94 -5.84
CA ALA I 377 -25.23 53.01 -5.90
C ALA I 377 -25.96 51.71 -5.65
N ASP I 378 -25.51 50.63 -6.26
CA ASP I 378 -26.08 49.33 -5.95
C ASP I 378 -25.86 48.86 -4.53
N GLU I 379 -24.72 49.15 -3.96
CA GLU I 379 -24.47 48.81 -2.57
C GLU I 379 -25.36 49.53 -1.58
N ALA I 380 -25.59 50.80 -1.81
CA ALA I 380 -26.52 51.56 -1.02
C ALA I 380 -27.94 51.02 -1.14
N VAL I 381 -28.30 50.61 -2.33
CA VAL I 381 -29.62 50.09 -2.60
C VAL I 381 -29.84 48.84 -1.80
N CYS I 382 -28.87 47.95 -1.79
CA CYS I 382 -28.97 46.75 -1.03
C CYS I 382 -29.00 46.93 0.46
N SER I 383 -28.13 47.77 0.97
CA SER I 383 -28.12 48.06 2.38
C SER I 383 -29.36 48.75 2.90
N SER I 384 -29.76 49.80 2.23
CA SER I 384 -30.96 50.46 2.59
C SER I 384 -32.21 49.56 2.41
N ALA I 385 -32.20 48.69 1.41
CA ALA I 385 -33.32 47.77 1.20
C ALA I 385 -33.52 46.79 2.33
N VAL I 386 -32.43 46.31 2.89
CA VAL I 386 -32.40 45.51 4.09
C VAL I 386 -32.88 46.30 5.28
N ASN I 387 -32.49 47.56 5.35
CA ASN I 387 -32.93 48.42 6.42
C ASN I 387 -34.46 48.55 6.37
N SER I 388 -34.98 48.59 5.16
CA SER I 388 -36.40 48.56 4.90
C SER I 388 -37.00 47.29 5.39
N VAL I 389 -36.30 46.19 5.26
CA VAL I 389 -36.83 44.96 5.73
C VAL I 389 -37.03 45.02 7.22
N TYR I 390 -36.04 45.47 7.95
CA TYR I 390 -36.15 45.59 9.40
C TYR I 390 -37.21 46.58 9.84
N GLU I 391 -37.31 47.71 9.16
CA GLU I 391 -38.28 48.73 9.46
C GLU I 391 -39.74 48.33 9.28
N THR I 392 -40.06 47.55 8.25
CA THR I 392 -41.41 47.07 8.00
C THR I 392 -41.73 45.70 8.54
N LYS I 393 -40.73 45.00 9.02
CA LYS I 393 -40.82 43.58 9.30
C LYS I 393 -41.20 42.74 8.10
N ALA I 394 -40.58 43.00 6.97
CA ALA I 394 -40.82 42.24 5.77
C ALA I 394 -40.38 40.80 5.88
N LYS I 395 -41.17 39.90 5.36
CA LYS I 395 -40.92 38.51 5.58
C LYS I 395 -40.17 37.81 4.48
N ALA I 396 -39.90 38.53 3.42
CA ALA I 396 -39.11 38.02 2.32
C ALA I 396 -38.49 39.10 1.49
N MET I 397 -37.56 38.71 0.68
CA MET I 397 -36.85 39.64 -0.12
C MET I 397 -36.72 39.00 -1.45
N VAL I 398 -36.79 39.77 -2.53
CA VAL I 398 -36.53 39.24 -3.85
C VAL I 398 -35.52 40.06 -4.57
N VAL I 399 -34.52 39.43 -5.15
CA VAL I 399 -33.56 40.14 -5.95
C VAL I 399 -33.34 39.56 -7.29
N LEU I 400 -33.10 40.39 -8.27
CA LEU I 400 -32.74 39.90 -9.56
C LEU I 400 -31.24 39.91 -9.72
N SER I 401 -30.65 38.74 -9.89
CA SER I 401 -29.26 38.64 -10.26
C SER I 401 -28.96 37.57 -11.28
N ASN I 402 -28.29 37.95 -12.35
CA ASN I 402 -27.79 37.01 -13.33
C ASN I 402 -26.36 36.52 -13.09
N THR I 403 -25.44 37.42 -12.77
CA THR I 403 -24.10 37.05 -12.35
C THR I 403 -24.07 36.45 -10.98
N GLY I 404 -25.06 36.75 -10.16
CA GLY I 404 -25.04 36.40 -8.77
C GLY I 404 -24.48 37.48 -7.88
N ARG I 405 -23.89 38.50 -8.50
CA ARG I 405 -23.33 39.63 -7.78
C ARG I 405 -24.36 40.33 -6.90
N SER I 406 -25.51 40.67 -7.47
CA SER I 406 -26.51 41.39 -6.71
C SER I 406 -26.93 40.60 -5.52
N ALA I 407 -27.07 39.31 -5.64
CA ALA I 407 -27.44 38.50 -4.53
C ALA I 407 -26.45 38.43 -3.36
N ARG I 408 -25.17 38.37 -3.64
CA ARG I 408 -24.16 38.40 -2.60
C ARG I 408 -24.17 39.73 -1.86
N LEU I 409 -24.35 40.80 -2.60
CA LEU I 409 -24.37 42.13 -2.08
C LEU I 409 -25.49 42.37 -1.09
N VAL I 410 -26.65 41.86 -1.38
CA VAL I 410 -27.74 41.82 -0.44
C VAL I 410 -27.61 40.93 0.79
N ALA I 411 -27.14 39.72 0.58
CA ALA I 411 -26.98 38.73 1.62
C ALA I 411 -25.96 39.21 2.62
N LYS I 412 -25.06 40.01 2.11
CA LYS I 412 -24.01 40.59 2.87
C LYS I 412 -24.52 41.45 4.00
N TYR I 413 -25.71 42.00 3.84
CA TYR I 413 -26.27 42.86 4.82
C TYR I 413 -27.12 42.16 5.84
N ARG I 414 -27.17 40.85 5.78
CA ARG I 414 -27.82 40.09 6.83
C ARG I 414 -29.26 40.50 7.23
N PRO I 415 -30.20 40.41 6.28
CA PRO I 415 -31.60 40.62 6.59
C PRO I 415 -32.13 39.50 7.45
N ASN I 416 -33.23 39.73 8.12
CA ASN I 416 -33.74 38.70 9.01
C ASN I 416 -34.83 37.84 8.40
N CYS I 417 -34.79 37.77 7.10
CA CYS I 417 -35.77 37.07 6.34
C CYS I 417 -35.09 36.41 5.19
N PRO I 418 -35.75 35.46 4.57
CA PRO I 418 -35.18 34.78 3.42
C PRO I 418 -34.95 35.71 2.26
N ILE I 419 -33.95 35.46 1.47
CA ILE I 419 -33.70 36.24 0.31
C ILE I 419 -33.97 35.38 -0.89
N VAL I 420 -34.75 35.86 -1.81
CA VAL I 420 -35.04 35.03 -2.94
C VAL I 420 -34.47 35.64 -4.17
N CYS I 421 -33.54 34.96 -4.77
CA CYS I 421 -32.87 35.43 -5.96
C CYS I 421 -33.44 34.83 -7.23
N VAL I 422 -33.72 35.64 -8.21
CA VAL I 422 -34.25 35.14 -9.43
C VAL I 422 -33.20 35.33 -10.48
N THR I 423 -32.76 34.24 -11.04
CA THR I 423 -31.61 34.26 -11.92
C THR I 423 -31.89 33.61 -13.25
N THR I 424 -31.24 34.11 -14.28
CA THR I 424 -31.34 33.51 -15.58
C THR I 424 -30.22 32.55 -15.88
N ARG I 425 -29.37 32.27 -14.92
CA ARG I 425 -28.30 31.31 -15.11
C ARG I 425 -28.33 30.20 -14.08
N LEU I 426 -28.34 28.97 -14.55
CA LEU I 426 -28.32 27.82 -13.65
C LEU I 426 -27.07 27.71 -12.81
N GLN I 427 -25.94 28.05 -13.38
CA GLN I 427 -24.69 28.05 -12.68
C GLN I 427 -24.72 29.04 -11.54
N THR I 428 -25.41 30.13 -11.73
CA THR I 428 -25.59 31.10 -10.72
C THR I 428 -26.35 30.51 -9.57
N CYS I 429 -27.34 29.69 -9.86
CA CYS I 429 -28.07 29.03 -8.80
C CYS I 429 -27.16 28.11 -8.00
N ARG I 430 -26.29 27.39 -8.67
CA ARG I 430 -25.33 26.59 -7.96
C ARG I 430 -24.30 27.38 -7.16
N GLN I 431 -23.76 28.43 -7.76
CA GLN I 431 -22.71 29.24 -7.19
C GLN I 431 -23.16 29.95 -5.91
N LEU I 432 -24.43 30.27 -5.87
CA LEU I 432 -25.08 30.90 -4.76
C LEU I 432 -25.33 29.97 -3.60
N ASN I 433 -25.03 28.71 -3.78
CA ASN I 433 -25.15 27.71 -2.75
C ASN I 433 -24.10 27.88 -1.65
N ILE I 434 -23.11 28.74 -1.88
CA ILE I 434 -22.19 29.09 -0.82
C ILE I 434 -22.46 30.42 -0.17
N THR I 435 -23.55 31.08 -0.54
CA THR I 435 -23.87 32.33 0.08
C THR I 435 -24.96 32.12 1.09
N GLN I 436 -24.76 32.53 2.33
CA GLN I 436 -25.78 32.32 3.33
C GLN I 436 -27.06 33.07 3.06
N GLY I 437 -28.15 32.46 3.46
CA GLY I 437 -29.43 33.08 3.48
C GLY I 437 -30.10 33.33 2.16
N VAL I 438 -29.69 32.65 1.11
CA VAL I 438 -30.19 32.88 -0.22
C VAL I 438 -30.75 31.64 -0.90
N GLU I 439 -31.88 31.80 -1.55
CA GLU I 439 -32.47 30.74 -2.33
C GLU I 439 -32.69 31.20 -3.75
N SER I 440 -32.42 30.34 -4.71
CA SER I 440 -32.48 30.69 -6.10
C SER I 440 -33.67 30.10 -6.86
N VAL I 441 -34.23 30.90 -7.74
CA VAL I 441 -35.25 30.48 -8.67
C VAL I 441 -34.71 30.71 -10.05
N PHE I 442 -34.63 29.68 -10.85
CA PHE I 442 -34.18 29.85 -12.22
C PHE I 442 -35.31 30.34 -13.14
N PHE I 443 -35.04 31.33 -13.96
CA PHE I 443 -35.97 31.85 -14.94
C PHE I 443 -35.32 31.71 -16.28
N ASP I 444 -35.95 30.92 -17.14
CA ASP I 444 -35.38 30.57 -18.42
C ASP I 444 -35.69 31.67 -19.40
N ALA I 445 -34.68 32.46 -19.68
CA ALA I 445 -34.86 33.58 -20.53
C ALA I 445 -35.28 33.11 -21.89
N ASP I 446 -34.72 32.00 -22.35
CA ASP I 446 -34.98 31.52 -23.68
C ASP I 446 -36.44 31.16 -23.90
N LYS I 447 -36.96 30.33 -23.05
CA LYS I 447 -38.33 29.96 -23.06
C LYS I 447 -39.24 31.15 -22.77
N LEU I 448 -38.92 31.94 -21.76
CA LEU I 448 -39.82 33.00 -21.32
C LEU I 448 -39.46 34.41 -21.70
N GLY I 449 -38.41 34.61 -22.43
CA GLY I 449 -38.07 35.95 -22.83
C GLY I 449 -37.19 36.72 -21.85
N HIS I 450 -36.65 37.82 -22.32
CA HIS I 450 -35.69 38.63 -21.61
C HIS I 450 -36.20 39.43 -20.43
N ASP I 451 -37.50 39.61 -20.33
CA ASP I 451 -38.15 40.25 -19.21
C ASP I 451 -37.60 41.59 -18.79
N GLU I 452 -37.46 42.50 -19.74
CA GLU I 452 -36.82 43.77 -19.49
C GLU I 452 -37.57 44.64 -18.52
N GLY I 453 -38.87 44.49 -18.42
CA GLY I 453 -39.61 45.28 -17.48
C GLY I 453 -39.69 44.69 -16.11
N LYS I 454 -39.18 43.47 -15.99
CA LYS I 454 -38.82 42.82 -14.75
C LYS I 454 -40.00 42.23 -14.02
N GLU I 455 -41.18 42.42 -14.55
CA GLU I 455 -42.39 41.94 -13.93
C GLU I 455 -42.50 40.44 -13.80
N HIS I 456 -42.06 39.69 -14.79
CA HIS I 456 -42.09 38.25 -14.70
C HIS I 456 -41.16 37.62 -13.69
N ARG I 457 -39.91 38.04 -13.69
CA ARG I 457 -38.94 37.52 -12.76
C ARG I 457 -39.41 37.86 -11.37
N VAL I 458 -39.93 39.05 -11.20
CA VAL I 458 -40.46 39.42 -9.94
C VAL I 458 -41.62 38.59 -9.50
N ALA I 459 -42.53 38.25 -10.39
CA ALA I 459 -43.65 37.41 -10.03
C ALA I 459 -43.21 36.03 -9.59
N ALA I 460 -42.23 35.48 -10.27
CA ALA I 460 -41.68 34.18 -9.94
C ALA I 460 -41.02 34.12 -8.59
N GLY I 461 -40.22 35.10 -8.25
CA GLY I 461 -39.64 35.16 -6.93
C GLY I 461 -40.66 35.29 -5.84
N VAL I 462 -41.65 36.12 -6.04
CA VAL I 462 -42.72 36.23 -5.08
C VAL I 462 -43.51 34.94 -4.94
N GLU I 463 -43.80 34.28 -6.06
CA GLU I 463 -44.55 33.03 -6.02
C GLU I 463 -43.80 31.96 -5.29
N PHE I 464 -42.50 31.90 -5.52
CA PHE I 464 -41.67 30.96 -4.82
C PHE I 464 -41.72 31.22 -3.34
N ALA I 465 -41.72 32.47 -2.94
CA ALA I 465 -41.81 32.82 -1.54
C ALA I 465 -43.11 32.41 -0.92
N LYS I 466 -44.19 32.53 -1.67
CA LYS I 466 -45.50 32.07 -1.24
C LYS I 466 -45.50 30.58 -1.09
N SER I 467 -44.92 29.93 -2.06
CA SER I 467 -44.86 28.50 -2.09
C SER I 467 -44.12 27.85 -0.93
N LYS I 468 -43.03 28.46 -0.47
CA LYS I 468 -42.28 27.90 0.63
C LYS I 468 -42.85 28.41 1.92
N GLY I 469 -43.84 29.26 1.84
CA GLY I 469 -44.50 29.75 3.02
C GLY I 469 -43.91 30.90 3.77
N TYR I 470 -42.90 31.53 3.20
CA TYR I 470 -42.28 32.70 3.77
C TYR I 470 -43.25 33.85 3.86
N VAL I 471 -44.10 34.00 2.86
CA VAL I 471 -45.10 35.06 2.83
C VAL I 471 -46.56 34.66 2.57
N GLN I 472 -47.47 35.46 3.08
CA GLN I 472 -48.90 35.31 2.84
C GLN I 472 -49.37 36.68 2.45
N THR I 473 -50.63 36.77 2.07
CA THR I 473 -51.20 37.99 1.56
C THR I 473 -51.17 38.95 2.70
N GLY I 474 -50.89 40.19 2.37
CA GLY I 474 -50.79 41.25 3.33
C GLY I 474 -49.40 41.46 3.86
N ASP I 475 -48.49 40.56 3.57
CA ASP I 475 -47.07 40.69 3.92
C ASP I 475 -46.30 41.60 2.98
N TYR I 476 -45.21 42.15 3.49
CA TYR I 476 -44.35 42.96 2.71
C TYR I 476 -43.27 42.12 2.15
N CYS I 477 -42.95 42.37 0.91
CA CYS I 477 -41.82 41.79 0.28
C CYS I 477 -40.98 42.91 -0.29
N VAL I 478 -39.69 42.93 0.01
CA VAL I 478 -38.83 44.00 -0.44
C VAL I 478 -38.08 43.52 -1.63
N VAL I 479 -38.15 44.28 -2.71
CA VAL I 479 -37.74 43.85 -4.02
C VAL I 479 -36.66 44.73 -4.61
N ILE I 480 -35.66 44.14 -5.22
CA ILE I 480 -34.50 44.84 -5.74
C ILE I 480 -34.15 44.53 -7.19
N HIS I 481 -34.09 45.54 -8.03
CA HIS I 481 -33.62 45.40 -9.38
C HIS I 481 -33.41 46.75 -9.96
N ALA I 482 -33.10 46.81 -11.23
CA ALA I 482 -33.06 48.06 -11.95
C ALA I 482 -34.42 48.57 -12.36
N ASP I 483 -34.45 49.84 -12.67
CA ASP I 483 -35.56 50.49 -13.27
C ASP I 483 -35.45 50.24 -14.74
N HIS I 484 -36.31 50.87 -15.50
CA HIS I 484 -36.36 50.65 -16.92
C HIS I 484 -35.16 51.08 -17.71
N LYS I 485 -34.58 52.22 -17.40
CA LYS I 485 -33.35 52.64 -18.05
C LYS I 485 -32.00 51.96 -17.69
N VAL I 486 -31.70 51.81 -16.41
CA VAL I 486 -30.38 51.37 -15.96
C VAL I 486 -30.01 49.92 -16.22
N LYS I 487 -28.77 49.72 -16.69
CA LYS I 487 -28.28 48.38 -17.00
C LYS I 487 -26.88 48.16 -16.45
N GLY I 488 -26.68 47.03 -15.77
CA GLY I 488 -25.39 46.70 -15.20
C GLY I 488 -25.43 46.61 -13.68
N TYR I 489 -26.57 46.94 -13.10
CA TYR I 489 -26.72 46.89 -11.67
C TYR I 489 -28.13 47.22 -11.29
N ALA I 490 -28.47 47.03 -10.04
CA ALA I 490 -29.78 47.40 -9.59
C ALA I 490 -29.73 48.73 -8.87
N ASN I 491 -30.51 49.66 -9.37
CA ASN I 491 -30.62 50.96 -8.75
C ASN I 491 -31.92 51.23 -8.00
N GLN I 492 -32.75 50.22 -7.82
CA GLN I 492 -34.08 50.40 -7.30
C GLN I 492 -34.51 49.45 -6.16
N THR I 493 -35.28 49.96 -5.24
CA THR I 493 -35.92 49.15 -4.25
C THR I 493 -37.40 49.45 -4.17
N ARG I 494 -38.21 48.43 -3.98
CA ARG I 494 -39.64 48.60 -3.78
C ARG I 494 -40.16 47.77 -2.65
N ILE I 495 -41.04 48.32 -1.87
CA ILE I 495 -41.74 47.53 -0.91
C ILE I 495 -43.12 47.21 -1.47
N LEU I 496 -43.38 45.95 -1.80
CA LEU I 496 -44.69 45.54 -2.28
C LEU I 496 -45.47 44.64 -1.38
N LEU I 497 -46.77 44.86 -1.37
CA LEU I 497 -47.71 44.09 -0.59
C LEU I 497 -48.04 42.84 -1.33
N VAL I 498 -48.12 41.70 -0.65
CA VAL I 498 -48.36 40.45 -1.37
C VAL I 498 -49.80 39.99 -1.35
N GLU I 499 -50.27 39.57 -2.52
CA GLU I 499 -51.64 39.08 -2.65
C GLU I 499 -51.67 37.61 -3.04
N SER J 2 -28.74 60.04 23.18
CA SER J 2 -28.53 61.11 22.23
C SER J 2 -29.11 62.37 22.79
N GLN J 3 -28.68 63.49 22.27
CA GLN J 3 -29.15 64.74 22.77
C GLN J 3 -30.60 64.87 22.43
N LEU J 4 -31.00 64.27 21.33
CA LEU J 4 -32.37 64.32 20.88
C LEU J 4 -33.33 63.64 21.82
N ALA J 5 -33.02 62.41 22.19
CA ALA J 5 -33.90 61.54 22.90
C ALA J 5 -34.23 62.16 24.23
N HIS J 6 -33.13 62.57 24.83
CA HIS J 6 -33.00 63.37 26.06
C HIS J 6 -33.76 64.67 26.09
N ASN J 7 -33.82 65.40 25.01
CA ASN J 7 -34.61 66.62 24.96
C ASN J 7 -36.04 66.28 25.27
N LEU J 8 -36.38 65.08 24.91
CA LEU J 8 -37.70 64.48 24.99
C LEU J 8 -38.12 64.16 26.42
N THR J 9 -37.14 63.94 27.27
CA THR J 9 -37.38 63.72 28.66
C THR J 9 -37.48 64.99 29.45
N LEU J 10 -37.15 66.12 28.88
CA LEU J 10 -37.25 67.38 29.61
C LEU J 10 -38.65 67.89 29.83
N SER J 11 -38.85 68.64 30.90
CA SER J 11 -40.11 69.37 31.11
C SER J 11 -39.93 70.77 31.63
N ILE J 12 -40.77 71.69 31.20
CA ILE J 12 -40.70 73.04 31.72
C ILE J 12 -41.01 73.12 33.20
N PHE J 13 -41.79 72.16 33.70
CA PHE J 13 -42.16 72.13 35.11
C PHE J 13 -41.18 71.36 36.00
N ASP J 14 -40.03 70.97 35.47
CA ASP J 14 -39.05 70.27 36.27
C ASP J 14 -38.55 71.29 37.26
N PRO J 15 -38.39 70.88 38.49
CA PRO J 15 -37.85 71.78 39.50
C PRO J 15 -36.38 72.01 39.30
N VAL J 16 -35.91 73.22 39.49
CA VAL J 16 -34.50 73.48 39.38
C VAL J 16 -33.74 73.03 40.59
N ALA J 17 -32.43 73.06 40.49
CA ALA J 17 -31.54 72.60 41.53
C ALA J 17 -31.40 73.49 42.75
N ASN J 18 -30.87 72.92 43.81
CA ASN J 18 -30.62 73.67 45.02
C ASN J 18 -29.30 74.40 44.97
N TYR J 19 -28.59 74.26 43.88
CA TYR J 19 -27.34 74.96 43.68
C TYR J 19 -27.18 75.41 42.24
N ARG J 20 -26.52 76.53 42.03
CA ARG J 20 -26.16 76.98 40.71
C ARG J 20 -24.67 76.78 40.48
N ALA J 21 -24.34 75.92 39.54
CA ALA J 21 -22.97 75.64 39.15
C ALA J 21 -22.19 76.75 38.48
N ALA J 22 -22.80 77.43 37.54
CA ALA J 22 -22.14 78.46 36.79
C ALA J 22 -21.91 79.71 37.59
N ARG J 23 -20.86 80.42 37.25
CA ARG J 23 -20.45 81.62 37.95
C ARG J 23 -20.60 82.90 37.14
N ILE J 24 -20.96 83.96 37.82
CA ILE J 24 -21.19 85.22 37.17
C ILE J 24 -20.15 86.26 37.47
N ILE J 25 -19.69 86.92 36.44
CA ILE J 25 -18.68 87.95 36.52
C ILE J 25 -19.26 89.32 36.18
N CYS J 26 -18.97 90.32 36.98
CA CYS J 26 -19.51 91.64 36.77
C CYS J 26 -18.42 92.66 36.64
N THR J 27 -18.56 93.53 35.67
CA THR J 27 -17.66 94.62 35.47
C THR J 27 -18.14 95.79 36.28
N ILE J 28 -17.23 96.42 36.99
CA ILE J 28 -17.58 97.47 37.89
C ILE J 28 -17.29 98.85 37.35
N GLY J 29 -18.34 99.62 37.23
CA GLY J 29 -18.32 100.96 36.74
C GLY J 29 -19.14 101.84 37.64
N PRO J 30 -19.52 102.97 37.09
CA PRO J 30 -20.14 104.05 37.81
C PRO J 30 -21.44 103.64 38.44
N SER J 31 -22.19 102.79 37.79
CA SER J 31 -23.35 102.20 38.36
C SER J 31 -23.08 101.28 39.55
N THR J 32 -21.91 100.67 39.63
CA THR J 32 -21.71 99.61 40.60
C THR J 32 -20.57 99.71 41.60
N GLN J 33 -19.94 100.86 41.62
CA GLN J 33 -18.80 101.10 42.46
C GLN J 33 -19.03 101.20 43.95
N SER J 34 -20.19 101.73 44.28
CA SER J 34 -20.54 101.94 45.64
C SER J 34 -20.71 100.65 46.34
N VAL J 35 -20.37 100.67 47.60
CA VAL J 35 -20.41 99.52 48.43
C VAL J 35 -21.82 98.99 48.49
N GLU J 36 -22.78 99.87 48.56
CA GLU J 36 -24.15 99.42 48.55
C GLU J 36 -24.52 98.73 47.25
N ALA J 37 -24.07 99.28 46.12
CA ALA J 37 -24.32 98.64 44.85
C ALA J 37 -23.66 97.27 44.76
N LEU J 38 -22.44 97.18 45.25
CA LEU J 38 -21.69 95.96 45.25
C LEU J 38 -22.31 94.89 46.10
N LYS J 39 -22.86 95.28 47.23
CA LYS J 39 -23.57 94.39 48.09
C LYS J 39 -24.79 93.83 47.40
N GLY J 40 -25.45 94.66 46.64
CA GLY J 40 -26.57 94.25 45.85
C GLY J 40 -26.18 93.24 44.80
N LEU J 41 -25.04 93.46 44.18
CA LEU J 41 -24.50 92.57 43.17
C LEU J 41 -24.15 91.20 43.70
N ILE J 42 -23.53 91.15 44.85
CA ILE J 42 -23.16 89.90 45.47
C ILE J 42 -24.37 89.09 45.82
N GLN J 43 -25.35 89.73 46.40
CA GLN J 43 -26.58 89.10 46.78
C GLN J 43 -27.37 88.64 45.58
N SER J 44 -27.21 89.38 44.52
CA SER J 44 -27.83 89.08 43.27
C SER J 44 -27.16 87.90 42.62
N GLY J 45 -25.94 87.63 43.00
CA GLY J 45 -25.21 86.56 42.41
C GLY J 45 -23.82 86.72 41.82
N MET J 46 -23.13 87.81 42.10
CA MET J 46 -21.80 88.01 41.55
C MET J 46 -20.70 87.25 42.27
N SER J 47 -19.88 86.52 41.55
CA SER J 47 -18.78 85.84 42.18
C SER J 47 -17.46 86.47 41.90
N VAL J 48 -17.37 87.20 40.81
CA VAL J 48 -16.12 87.83 40.41
C VAL J 48 -16.35 89.27 40.03
N ALA J 49 -15.54 90.18 40.55
CA ALA J 49 -15.64 91.54 40.09
C ALA J 49 -14.52 91.96 39.16
N ARG J 50 -14.87 92.49 38.02
CA ARG J 50 -13.93 92.83 36.98
C ARG J 50 -13.71 94.31 36.87
N MET J 51 -12.45 94.71 36.87
CA MET J 51 -12.06 96.07 36.63
C MET J 51 -11.42 96.18 35.27
N ASN J 52 -11.92 97.08 34.44
CA ASN J 52 -11.38 97.26 33.13
C ASN J 52 -10.46 98.44 33.06
N PHE J 53 -9.20 98.18 32.80
CA PHE J 53 -8.16 99.16 32.89
C PHE J 53 -8.05 99.98 31.65
N SER J 54 -8.93 99.72 30.70
CA SER J 54 -9.12 100.59 29.56
C SER J 54 -9.82 101.85 29.97
N HIS J 55 -10.47 101.82 31.11
CA HIS J 55 -11.26 102.93 31.59
C HIS J 55 -10.79 103.17 33.00
N GLY J 56 -10.94 104.39 33.48
CA GLY J 56 -10.57 104.67 34.84
C GLY J 56 -9.10 104.86 34.97
N SER J 57 -8.60 104.72 36.17
CA SER J 57 -7.22 105.02 36.48
C SER J 57 -6.95 104.20 37.67
N HIS J 58 -5.72 104.20 38.14
CA HIS J 58 -5.36 103.38 39.26
C HIS J 58 -6.18 103.85 40.40
N GLU J 59 -6.37 105.14 40.45
CA GLU J 59 -7.12 105.75 41.50
C GLU J 59 -8.55 105.30 41.51
N TYR J 60 -9.19 105.28 40.36
CA TYR J 60 -10.57 104.84 40.29
C TYR J 60 -10.76 103.39 40.66
N HIS J 61 -9.88 102.58 40.11
CA HIS J 61 -9.86 101.14 40.32
C HIS J 61 -9.53 100.70 41.72
N GLN J 62 -8.74 101.51 42.40
CA GLN J 62 -8.43 101.29 43.80
C GLN J 62 -9.67 101.41 44.61
N THR J 63 -10.50 102.37 44.28
CA THR J 63 -11.72 102.56 45.01
C THR J 63 -12.55 101.31 44.89
N THR J 64 -12.56 100.72 43.71
CA THR J 64 -13.31 99.52 43.43
C THR J 64 -12.81 98.35 44.24
N ILE J 65 -11.51 98.23 44.35
CA ILE J 65 -10.91 97.18 45.12
C ILE J 65 -11.27 97.27 46.56
N ASN J 66 -11.19 98.45 47.11
CA ASN J 66 -11.53 98.67 48.49
C ASN J 66 -12.98 98.44 48.73
N ASN J 67 -13.78 98.91 47.83
CA ASN J 67 -15.19 98.67 47.96
C ASN J 67 -15.62 97.21 47.87
N VAL J 68 -14.96 96.44 47.02
CA VAL J 68 -15.27 95.03 46.89
C VAL J 68 -14.93 94.28 48.15
N ARG J 69 -13.76 94.54 48.66
CA ARG J 69 -13.33 93.91 49.86
C ARG J 69 -14.23 94.28 51.04
N GLN J 70 -14.60 95.54 51.15
CA GLN J 70 -15.51 95.99 52.21
C GLN J 70 -16.89 95.41 52.12
N ALA J 71 -17.44 95.37 50.92
CA ALA J 71 -18.71 94.72 50.70
C ALA J 71 -18.73 93.23 50.96
N ALA J 72 -17.70 92.53 50.52
CA ALA J 72 -17.57 91.12 50.74
C ALA J 72 -17.42 90.82 52.20
N ALA J 73 -16.64 91.63 52.89
CA ALA J 73 -16.38 91.44 54.30
C ALA J 73 -17.62 91.57 55.14
N GLU J 74 -18.44 92.53 54.79
CA GLU J 74 -19.72 92.76 55.41
C GLU J 74 -20.68 91.64 55.19
N LEU J 75 -20.50 90.89 54.12
CA LEU J 75 -21.45 89.87 53.79
C LEU J 75 -20.91 88.50 54.07
N GLY J 76 -19.72 88.48 54.63
CA GLY J 76 -19.04 87.25 54.95
C GLY J 76 -18.76 86.31 53.82
N VAL J 77 -18.28 86.83 52.70
CA VAL J 77 -18.07 86.04 51.52
C VAL J 77 -16.77 86.38 50.88
N ASN J 78 -16.28 85.51 50.03
CA ASN J 78 -15.04 85.77 49.34
C ASN J 78 -15.32 86.05 47.86
N ILE J 79 -14.90 87.21 47.36
CA ILE J 79 -15.13 87.59 45.98
C ILE J 79 -13.82 87.78 45.25
N ALA J 80 -13.64 87.12 44.12
CA ALA J 80 -12.45 87.30 43.32
C ALA J 80 -12.41 88.68 42.71
N ILE J 81 -11.22 89.23 42.60
CA ILE J 81 -11.00 90.49 41.94
C ILE J 81 -10.17 90.28 40.70
N ALA J 82 -10.64 90.74 39.56
CA ALA J 82 -9.96 90.52 38.31
C ALA J 82 -9.50 91.82 37.69
N LEU J 83 -8.29 91.86 37.21
CA LEU J 83 -7.81 93.01 36.49
C LEU J 83 -7.75 92.73 34.98
N ASP J 84 -8.61 93.52 34.35
CA ASP J 84 -8.85 93.56 32.94
C ASP J 84 -8.11 94.71 32.29
N THR J 85 -6.98 94.39 31.71
CA THR J 85 -6.07 95.37 31.11
C THR J 85 -6.62 96.14 29.90
N LYS J 86 -6.12 97.34 29.72
CA LYS J 86 -6.47 98.14 28.58
C LYS J 86 -5.90 97.44 27.37
N GLY J 87 -4.65 97.07 27.43
CA GLY J 87 -4.00 96.39 26.36
C GLY J 87 -3.55 97.32 25.26
N PRO J 88 -2.82 96.81 24.30
CA PRO J 88 -2.38 97.62 23.18
C PRO J 88 -3.56 98.09 22.34
N GLU J 89 -3.61 99.35 21.90
CA GLU J 89 -4.66 99.85 21.03
C GLU J 89 -4.04 100.49 19.78
N ILE J 90 -4.75 100.37 18.65
CA ILE J 90 -4.48 101.14 17.45
C ILE J 90 -5.54 102.21 17.37
N ARG J 91 -5.07 103.45 17.27
CA ARG J 91 -5.92 104.62 17.12
C ARG J 91 -5.47 105.53 15.96
N THR J 92 -6.44 106.22 15.37
CA THR J 92 -6.13 107.38 14.48
C THR J 92 -5.62 108.53 15.32
N GLY J 93 -5.07 109.52 14.63
CA GLY J 93 -4.71 110.77 15.24
C GLY J 93 -5.91 111.70 15.29
N GLN J 94 -5.62 112.99 15.40
CA GLN J 94 -6.58 114.09 15.37
C GLN J 94 -6.87 114.52 13.94
N PHE J 95 -8.07 115.06 13.73
CA PHE J 95 -8.39 115.74 12.48
C PHE J 95 -8.53 117.24 12.68
N VAL J 96 -8.20 118.03 11.63
CA VAL J 96 -8.39 119.49 11.64
C VAL J 96 -9.90 119.81 11.75
N GLY J 97 -10.23 120.80 12.57
CA GLY J 97 -11.62 121.12 12.90
C GLY J 97 -12.27 120.12 13.83
N GLY J 98 -11.47 119.26 14.46
CA GLY J 98 -11.97 118.24 15.37
C GLY J 98 -12.56 116.99 14.73
N ASP J 99 -12.88 117.07 13.44
CA ASP J 99 -13.72 116.07 12.75
C ASP J 99 -13.25 115.86 11.29
N ALA J 100 -13.70 114.80 10.63
CA ALA J 100 -13.40 114.58 9.20
C ALA J 100 -14.41 113.69 8.45
N VAL J 101 -14.96 114.23 7.36
CA VAL J 101 -16.13 113.69 6.68
C VAL J 101 -15.77 112.74 5.52
N MET J 102 -15.78 111.45 5.78
CA MET J 102 -15.33 110.41 4.81
C MET J 102 -16.44 109.95 3.85
N GLU J 103 -16.31 110.23 2.56
CA GLU J 103 -17.41 109.91 1.60
C GLU J 103 -17.14 108.62 0.85
N ARG J 104 -18.20 107.93 0.45
CA ARG J 104 -18.03 106.68 -0.28
C ARG J 104 -17.41 106.93 -1.68
N GLY J 105 -16.46 106.09 -2.10
CA GLY J 105 -15.82 106.27 -3.40
C GLY J 105 -14.54 107.12 -3.39
N ALA J 106 -14.40 108.02 -2.40
CA ALA J 106 -13.23 108.92 -2.23
C ALA J 106 -11.92 108.19 -1.99
N THR J 107 -10.80 108.82 -2.38
CA THR J 107 -9.46 108.38 -2.02
C THR J 107 -8.93 109.17 -0.81
N CYS J 108 -8.35 108.45 0.16
CA CYS J 108 -7.65 109.08 1.28
C CYS J 108 -6.34 108.37 1.57
N TYR J 109 -5.48 108.97 2.38
CA TYR J 109 -4.11 108.49 2.59
C TYR J 109 -3.96 108.28 4.09
N VAL J 110 -3.52 107.12 4.49
CA VAL J 110 -3.34 106.86 5.94
C VAL J 110 -1.84 106.72 6.16
N THR J 111 -1.33 107.45 7.12
CA THR J 111 0.09 107.47 7.28
C THR J 111 0.49 107.19 8.70
N THR J 112 1.65 106.61 8.89
CA THR J 112 2.21 106.52 10.23
C THR J 112 3.29 107.54 10.51
N ASP J 113 3.46 108.49 9.60
CA ASP J 113 4.38 109.62 9.80
C ASP J 113 3.86 110.47 11.01
N PRO J 114 4.65 110.54 12.10
CA PRO J 114 4.10 111.17 13.32
C PRO J 114 3.89 112.69 13.18
N ALA J 115 4.59 113.32 12.23
CA ALA J 115 4.30 114.73 11.84
C ALA J 115 2.78 115.03 11.67
N PHE J 116 1.98 114.01 11.36
CA PHE J 116 0.54 114.16 11.04
C PHE J 116 -0.48 113.89 12.16
N ALA J 117 0.00 113.67 13.39
CA ALA J 117 -0.87 113.22 14.50
C ALA J 117 -1.92 114.26 14.94
N ASP J 118 -1.61 115.54 14.72
CA ASP J 118 -2.54 116.63 15.09
C ASP J 118 -3.02 117.45 13.88
N LYS J 119 -2.92 116.89 12.67
CA LYS J 119 -3.29 117.60 11.43
C LYS J 119 -3.73 116.65 10.31
N GLY J 120 -4.47 115.63 10.71
CA GLY J 120 -5.13 114.79 9.70
C GLY J 120 -6.25 115.57 9.00
N THR J 121 -6.75 115.04 7.88
CA THR J 121 -7.90 115.63 7.21
C THR J 121 -8.52 114.45 6.50
N LYS J 122 -9.67 114.64 5.88
CA LYS J 122 -10.23 113.53 5.13
C LYS J 122 -9.26 112.98 4.07
N ASP J 123 -8.34 113.86 3.61
CA ASP J 123 -7.34 113.58 2.58
C ASP J 123 -6.20 112.70 3.09
N LYS J 124 -5.70 113.01 4.28
CA LYS J 124 -4.59 112.26 4.84
C LYS J 124 -4.51 112.41 6.35
N PHE J 125 -4.45 111.27 7.01
CA PHE J 125 -4.37 111.31 8.47
C PHE J 125 -3.51 110.18 9.03
N TYR J 126 -3.26 110.27 10.31
CA TYR J 126 -2.34 109.41 10.99
C TYR J 126 -3.09 108.25 11.70
N ILE J 127 -2.51 107.06 11.63
CA ILE J 127 -2.86 105.89 12.43
C ILE J 127 -1.60 105.58 13.23
N ASP J 128 -1.72 105.36 14.53
CA ASP J 128 -0.53 105.39 15.38
C ASP J 128 0.23 104.06 15.50
N TYR J 129 -0.06 103.09 14.63
CA TYR J 129 0.60 101.79 14.70
C TYR J 129 1.69 101.79 13.67
N GLN J 130 2.93 101.92 14.15
CA GLN J 130 4.09 102.21 13.26
C GLN J 130 4.37 101.13 12.23
N ASN J 131 3.95 99.92 12.54
CA ASN J 131 4.08 98.83 11.61
C ASN J 131 2.93 98.69 10.67
N LEU J 132 2.01 99.66 10.55
CA LEU J 132 0.81 99.47 9.69
C LEU J 132 1.15 98.94 8.28
N SER J 133 2.12 99.61 7.62
CA SER J 133 2.49 99.30 6.23
C SER J 133 3.05 97.92 6.02
N LYS J 134 3.86 97.46 6.96
CA LYS J 134 4.43 96.13 6.87
C LYS J 134 3.34 95.05 7.05
N VAL J 135 2.28 95.37 7.79
CA VAL J 135 1.34 94.32 8.15
C VAL J 135 0.23 94.21 7.13
N VAL J 136 -0.07 95.30 6.44
CA VAL J 136 -1.19 95.28 5.49
C VAL J 136 -0.67 95.11 4.05
N ARG J 137 -1.48 94.50 3.18
CA ARG J 137 -1.22 94.43 1.72
C ARG J 137 -2.43 94.97 0.91
N PRO J 138 -2.21 95.32 -0.39
CA PRO J 138 -3.31 95.69 -1.31
C PRO J 138 -4.46 94.67 -1.24
N GLY J 139 -5.70 95.16 -1.06
CA GLY J 139 -6.87 94.31 -0.98
C GLY J 139 -7.38 94.21 0.44
N ASN J 140 -6.47 94.21 1.41
CA ASN J 140 -6.85 94.22 2.84
C ASN J 140 -7.75 95.40 3.23
N TYR J 141 -8.51 95.18 4.28
CA TYR J 141 -9.46 96.16 4.78
C TYR J 141 -8.94 96.77 6.08
N ILE J 142 -9.23 98.06 6.28
CA ILE J 142 -8.84 98.76 7.48
C ILE J 142 -10.08 99.39 8.13
N TYR J 143 -10.46 98.86 9.28
CA TYR J 143 -11.72 99.32 9.95
C TYR J 143 -11.46 100.43 10.94
N ILE J 144 -12.30 101.46 10.89
CA ILE J 144 -12.15 102.62 11.77
C ILE J 144 -13.49 102.97 12.39
N ASP J 145 -13.47 103.24 13.69
CA ASP J 145 -14.68 103.55 14.42
C ASP J 145 -15.69 102.45 14.81
N ASP J 146 -15.17 101.37 15.40
CA ASP J 146 -16.04 100.24 15.70
C ASP J 146 -16.21 99.31 14.49
N GLY J 147 -15.39 99.52 13.46
CA GLY J 147 -15.58 98.83 12.14
C GLY J 147 -16.64 99.51 11.24
N ILE J 148 -17.07 100.71 11.62
CA ILE J 148 -18.15 101.39 10.90
C ILE J 148 -17.68 101.92 9.56
N LEU J 149 -16.49 102.50 9.55
CA LEU J 149 -15.90 103.06 8.34
C LEU J 149 -14.95 102.00 7.83
N ILE J 150 -15.17 101.55 6.60
CA ILE J 150 -14.33 100.50 6.05
C ILE J 150 -13.54 101.08 4.90
N LEU J 151 -12.24 101.25 5.12
CA LEU J 151 -11.36 101.70 4.06
C LEU J 151 -10.78 100.42 3.45
N GLN J 152 -10.54 100.45 2.15
CA GLN J 152 -9.75 99.39 1.52
C GLN J 152 -8.39 99.85 0.98
N VAL J 153 -7.37 99.06 1.31
CA VAL J 153 -6.01 99.36 0.91
C VAL J 153 -5.76 99.10 -0.57
N GLN J 154 -5.28 100.15 -1.27
CA GLN J 154 -5.06 100.05 -2.70
C GLN J 154 -3.56 99.87 -2.96
N SER J 155 -2.72 100.70 -2.32
CA SER J 155 -1.30 100.64 -2.59
C SER J 155 -0.53 101.35 -1.49
N HIS J 156 0.79 101.15 -1.56
CA HIS J 156 1.74 101.87 -0.73
C HIS J 156 2.12 103.14 -1.51
N GLU J 157 1.52 104.27 -1.15
CA GLU J 157 2.02 105.57 -1.64
C GLU J 157 3.51 105.70 -1.32
N ASP J 158 3.90 105.42 -0.08
CA ASP J 158 5.33 105.36 0.26
C ASP J 158 5.57 104.41 1.43
N GLU J 159 6.74 104.45 2.02
CA GLU J 159 7.02 103.50 3.05
C GLU J 159 6.24 103.65 4.36
N GLN J 160 5.55 104.80 4.54
CA GLN J 160 4.76 105.10 5.73
C GLN J 160 3.31 105.45 5.44
N THR J 161 2.91 105.41 4.18
CA THR J 161 1.61 105.95 3.82
C THR J 161 0.94 104.97 2.88
N LEU J 162 -0.34 104.72 3.13
CA LEU J 162 -1.16 103.84 2.33
C LEU J 162 -2.21 104.64 1.59
N GLU J 163 -2.33 104.42 0.28
CA GLU J 163 -3.45 105.00 -0.47
C GLU J 163 -4.65 104.08 -0.22
N CYS J 164 -5.77 104.64 0.21
CA CYS J 164 -6.97 103.84 0.49
C CYS J 164 -8.16 104.32 -0.33
N THR J 165 -9.07 103.40 -0.66
CA THR J 165 -10.46 103.73 -1.08
C THR J 165 -11.39 103.79 0.14
N VAL J 166 -12.29 104.76 0.18
CA VAL J 166 -13.35 104.74 1.16
C VAL J 166 -14.58 103.87 0.65
N THR J 167 -14.87 102.75 1.31
CA THR J 167 -15.92 101.84 0.78
C THR J 167 -17.32 102.21 1.22
N ASN J 168 -17.45 102.98 2.30
CA ASN J 168 -18.78 103.44 2.76
C ASN J 168 -18.67 104.74 3.52
N SER J 169 -19.73 105.54 3.49
CA SER J 169 -19.70 106.91 3.99
C SER J 169 -19.76 106.87 5.50
N HIS J 170 -19.05 107.79 6.14
CA HIS J 170 -19.12 107.91 7.58
C HIS J 170 -18.25 109.08 8.04
N THR J 171 -18.80 109.90 8.91
CA THR J 171 -18.04 110.97 9.52
C THR J 171 -17.32 110.34 10.71
N ILE J 172 -16.02 110.61 10.83
CA ILE J 172 -15.23 110.11 11.96
C ILE J 172 -14.59 111.26 12.76
N SER J 173 -14.67 111.20 14.08
CA SER J 173 -14.04 112.24 14.92
C SER J 173 -12.64 111.81 15.39
N ASP J 174 -12.00 112.61 16.25
CA ASP J 174 -10.64 112.34 16.72
C ASP J 174 -10.45 110.98 17.35
N ARG J 175 -9.33 110.36 16.97
CA ARG J 175 -8.77 109.22 17.70
C ARG J 175 -9.64 107.99 17.79
N ARG J 176 -10.22 107.56 16.68
CA ARG J 176 -10.97 106.31 16.70
C ARG J 176 -10.09 105.06 16.69
N GLY J 177 -10.62 103.96 17.21
CA GLY J 177 -9.87 102.71 17.23
C GLY J 177 -9.87 102.09 15.86
N VAL J 178 -8.84 101.38 15.51
CA VAL J 178 -8.87 100.76 14.22
C VAL J 178 -8.71 99.26 14.43
N ASN J 179 -9.22 98.48 13.47
CA ASN J 179 -8.91 97.06 13.45
C ASN J 179 -8.38 96.64 12.12
N LEU J 180 -7.83 95.43 12.05
CA LEU J 180 -7.15 94.94 10.89
C LEU J 180 -7.51 93.44 10.63
N PRO J 181 -8.72 93.17 10.06
CA PRO J 181 -9.17 91.81 10.18
C PRO J 181 -8.39 90.74 9.46
N GLY J 182 -7.70 91.06 8.40
CA GLY J 182 -6.95 90.02 7.69
C GLY J 182 -5.48 90.19 8.03
N CYS J 183 -5.21 90.74 9.21
CA CYS J 183 -3.86 91.20 9.48
C CYS J 183 -3.42 90.71 10.81
N ASP J 184 -2.17 90.24 10.81
CA ASP J 184 -1.53 89.78 12.02
C ASP J 184 -0.92 90.99 12.72
N VAL J 185 -1.62 91.48 13.71
CA VAL J 185 -1.15 92.68 14.41
C VAL J 185 -0.04 92.31 15.37
N ASP J 186 1.03 93.07 15.39
CA ASP J 186 2.21 92.67 16.21
C ASP J 186 2.63 93.67 17.28
N LEU J 187 1.69 94.37 17.80
CA LEU J 187 1.90 95.05 19.02
C LEU J 187 2.42 94.11 20.08
N PRO J 188 3.21 94.63 20.99
CA PRO J 188 3.69 93.87 22.12
C PRO J 188 2.52 93.38 22.95
N ALA J 189 2.74 92.38 23.76
CA ALA J 189 1.67 91.76 24.51
C ALA J 189 1.18 92.74 25.52
N VAL J 190 2.11 93.48 26.07
CA VAL J 190 1.88 94.37 27.16
C VAL J 190 2.35 95.79 26.82
N SER J 191 1.45 96.73 26.85
CA SER J 191 1.80 98.12 26.68
C SER J 191 2.54 98.69 27.87
N ALA J 192 3.02 99.92 27.74
CA ALA J 192 3.66 100.56 28.86
C ALA J 192 2.69 100.84 29.98
N LYS J 193 1.49 101.25 29.68
CA LYS J 193 0.49 101.40 30.70
C LYS J 193 0.13 100.08 31.38
N ASP J 194 0.03 99.01 30.61
CA ASP J 194 -0.23 97.69 31.15
C ASP J 194 0.83 97.31 32.16
N ARG J 195 2.07 97.58 31.81
CA ARG J 195 3.18 97.25 32.66
C ARG J 195 3.00 97.90 34.00
N VAL J 196 2.55 99.14 33.98
CA VAL J 196 2.31 99.83 35.20
C VAL J 196 1.03 99.23 35.67
N ASP J 197 0.25 98.66 34.74
CA ASP J 197 -1.02 98.11 35.15
C ASP J 197 -0.86 96.79 35.85
N LEU J 198 0.00 95.94 35.34
CA LEU J 198 0.30 94.67 35.97
C LEU J 198 0.93 94.77 37.33
N GLN J 199 1.86 95.69 37.49
CA GLN J 199 2.50 95.88 38.78
C GLN J 199 1.53 96.30 39.85
N PHE J 200 0.61 97.17 39.50
CA PHE J 200 -0.40 97.67 40.41
C PHE J 200 -1.27 96.53 40.87
N GLY J 201 -1.60 95.64 39.96
CA GLY J 201 -2.42 94.50 40.27
C GLY J 201 -1.78 93.58 41.26
N VAL J 202 -0.48 93.37 41.11
CA VAL J 202 0.28 92.61 42.06
C VAL J 202 0.31 93.27 43.43
N GLU J 203 0.53 94.57 43.45
CA GLU J 203 0.59 95.36 44.66
C GLU J 203 -0.68 95.35 45.45
N GLN J 204 -1.81 95.43 44.77
CA GLN J 204 -3.07 95.48 45.46
C GLN J 204 -3.61 94.09 45.64
N GLY J 205 -2.80 93.11 45.32
CA GLY J 205 -3.17 91.73 45.52
C GLY J 205 -4.37 91.17 44.80
N VAL J 206 -4.53 91.51 43.54
CA VAL J 206 -5.60 90.92 42.75
C VAL J 206 -5.44 89.44 42.50
N ASP J 207 -6.56 88.76 42.44
CA ASP J 207 -6.64 87.36 42.12
C ASP J 207 -6.27 86.85 40.72
N MET J 208 -6.73 87.52 39.68
CA MET J 208 -6.49 87.11 38.32
C MET J 208 -6.33 88.27 37.35
N ILE J 209 -5.73 88.00 36.22
CA ILE J 209 -5.62 88.95 35.15
C ILE J 209 -6.42 88.46 33.96
N PHE J 210 -7.27 89.30 33.42
CA PHE J 210 -7.85 88.98 32.17
C PHE J 210 -6.99 89.66 31.14
N ALA J 211 -6.17 88.91 30.47
CA ALA J 211 -5.20 89.50 29.59
C ALA J 211 -5.78 89.72 28.21
N SER J 212 -5.96 90.97 27.84
CA SER J 212 -6.51 91.34 26.57
C SER J 212 -5.66 91.02 25.38
N PHE J 213 -6.36 90.80 24.28
CA PHE J 213 -5.78 90.62 22.99
C PHE J 213 -4.63 89.58 22.96
N ILE J 214 -4.69 88.29 23.48
CA ILE J 214 -3.57 87.42 23.48
C ILE J 214 -3.44 86.79 22.11
N ARG J 215 -2.46 87.22 21.33
CA ARG J 215 -1.98 86.57 20.10
C ARG J 215 -1.22 85.23 20.21
N SER J 216 -0.49 85.01 21.28
CA SER J 216 0.48 83.92 21.37
C SER J 216 0.82 83.37 22.75
N ALA J 217 1.40 82.18 22.76
CA ALA J 217 1.92 81.53 23.93
C ALA J 217 3.08 82.28 24.52
N GLU J 218 3.88 82.87 23.66
CA GLU J 218 5.00 83.69 24.04
C GLU J 218 4.57 84.93 24.80
N GLN J 219 3.48 85.53 24.39
CA GLN J 219 2.89 86.68 25.03
C GLN J 219 2.41 86.40 26.43
N VAL J 220 1.83 85.25 26.66
CA VAL J 220 1.38 84.87 27.98
C VAL J 220 2.59 84.81 28.88
N GLY J 221 3.66 84.25 28.39
CA GLY J 221 4.87 84.14 29.16
C GLY J 221 5.40 85.49 29.53
N ASP J 222 5.31 86.42 28.62
CA ASP J 222 5.71 87.77 28.90
C ASP J 222 4.85 88.39 29.97
N VAL J 223 3.58 88.08 29.98
CA VAL J 223 2.72 88.51 31.06
C VAL J 223 3.07 87.91 32.41
N ARG J 224 3.42 86.65 32.41
CA ARG J 224 3.76 85.92 33.60
C ARG J 224 4.99 86.54 34.19
N LYS J 225 5.88 86.95 33.31
CA LYS J 225 7.17 87.49 33.64
C LYS J 225 7.08 88.91 34.17
N ALA J 226 6.20 89.70 33.61
CA ALA J 226 5.90 91.02 34.12
C ALA J 226 5.29 90.97 35.50
N LEU J 227 4.48 89.97 35.77
CA LEU J 227 3.89 89.83 37.08
C LEU J 227 4.98 89.56 38.08
N GLY J 228 5.98 88.82 37.67
CA GLY J 228 7.12 88.53 38.50
C GLY J 228 6.95 87.42 39.51
N PRO J 229 7.90 87.32 40.42
CA PRO J 229 7.87 86.40 41.56
C PRO J 229 6.78 86.69 42.53
N LYS J 230 6.58 87.96 42.82
CA LYS J 230 5.56 88.38 43.76
C LYS J 230 4.20 88.01 43.21
N GLY J 231 4.13 87.90 41.90
CA GLY J 231 2.90 87.66 41.20
C GLY J 231 2.63 86.25 40.73
N ARG J 232 3.40 85.30 41.19
CA ARG J 232 3.38 83.95 40.67
C ARG J 232 2.09 83.18 40.83
N ASP J 233 1.32 83.47 41.86
CA ASP J 233 0.10 82.76 42.09
C ASP J 233 -1.13 83.44 41.52
N ILE J 234 -0.93 84.49 40.76
CA ILE J 234 -2.03 85.15 40.10
C ILE J 234 -2.30 84.41 38.81
N MET J 235 -3.56 84.13 38.57
CA MET J 235 -4.01 83.41 37.39
C MET J 235 -4.00 84.30 36.16
N ILE J 236 -3.48 83.82 35.05
CA ILE J 236 -3.62 84.57 33.83
C ILE J 236 -4.67 83.95 32.93
N ILE J 237 -5.78 84.64 32.80
CA ILE J 237 -6.87 84.22 31.95
C ILE J 237 -6.74 84.91 30.61
N CYS J 238 -6.62 84.16 29.54
CA CYS J 238 -6.37 84.77 28.26
C CYS J 238 -7.60 85.01 27.38
N LYS J 239 -7.85 86.26 27.09
CA LYS J 239 -8.92 86.67 26.24
C LYS J 239 -8.60 86.44 24.79
N ILE J 240 -9.47 85.76 24.07
CA ILE J 240 -9.29 85.51 22.67
C ILE J 240 -10.18 86.45 21.96
N GLU J 241 -9.58 87.44 21.30
CA GLU J 241 -10.38 88.50 20.68
C GLU J 241 -10.05 88.69 19.21
N ASN J 242 -9.01 88.05 18.70
CA ASN J 242 -8.64 88.12 17.27
C ASN J 242 -8.29 86.84 16.56
N HIS J 243 -7.89 86.97 15.32
CA HIS J 243 -7.56 85.84 14.47
C HIS J 243 -6.40 84.97 14.93
N GLN J 244 -5.32 85.61 15.30
CA GLN J 244 -4.14 84.94 15.75
C GLN J 244 -4.38 84.17 17.02
N GLY J 245 -5.12 84.74 17.93
CA GLY J 245 -5.46 84.07 19.14
C GLY J 245 -6.24 82.82 18.91
N VAL J 246 -7.21 82.85 18.04
CA VAL J 246 -7.93 81.65 17.70
C VAL J 246 -7.06 80.61 17.06
N GLN J 247 -6.20 81.03 16.16
CA GLN J 247 -5.35 80.12 15.46
C GLN J 247 -4.40 79.41 16.40
N ASN J 248 -3.94 80.12 17.40
CA ASN J 248 -2.94 79.63 18.33
C ASN J 248 -3.49 79.09 19.62
N ILE J 249 -4.73 78.68 19.62
CA ILE J 249 -5.44 78.37 20.83
C ILE J 249 -4.89 77.23 21.68
N ASP J 250 -4.42 76.15 21.11
CA ASP J 250 -3.88 75.07 21.89
C ASP J 250 -2.66 75.46 22.68
N SER J 251 -1.74 76.13 22.05
CA SER J 251 -0.57 76.63 22.73
C SER J 251 -0.87 77.70 23.76
N ILE J 252 -1.81 78.57 23.48
CA ILE J 252 -2.26 79.54 24.44
C ILE J 252 -2.95 78.91 25.64
N ILE J 253 -3.77 77.92 25.39
CA ILE J 253 -4.43 77.22 26.44
C ILE J 253 -3.39 76.54 27.33
N GLU J 254 -2.36 75.95 26.76
CA GLU J 254 -1.28 75.34 27.50
C GLU J 254 -0.62 76.28 28.49
N GLU J 255 -0.21 77.43 28.00
CA GLU J 255 0.40 78.47 28.81
C GLU J 255 -0.47 79.14 29.86
N SER J 256 -1.72 79.31 29.54
CA SER J 256 -2.66 80.01 30.37
C SER J 256 -3.19 79.23 31.56
N ASP J 257 -3.91 79.90 32.42
CA ASP J 257 -4.68 79.29 33.45
C ASP J 257 -6.16 79.23 33.09
N GLY J 258 -6.54 79.80 31.96
CA GLY J 258 -7.89 79.81 31.52
C GLY J 258 -8.10 80.72 30.34
N ILE J 259 -9.29 80.70 29.79
CA ILE J 259 -9.63 81.42 28.60
C ILE J 259 -10.90 82.24 28.76
N MET J 260 -10.91 83.37 28.11
CA MET J 260 -12.10 84.13 27.88
C MET J 260 -12.46 84.19 26.39
N VAL J 261 -13.69 83.90 26.06
CA VAL J 261 -14.15 84.04 24.71
C VAL J 261 -14.69 85.44 24.58
N ALA J 262 -13.84 86.36 24.17
CA ALA J 262 -14.11 87.77 24.21
C ALA J 262 -14.86 88.19 22.98
N ARG J 263 -16.15 88.02 23.03
CA ARG J 263 -16.97 88.11 21.86
C ARG J 263 -17.04 89.46 21.20
N GLY J 264 -17.03 90.56 21.95
CA GLY J 264 -17.12 91.85 21.33
C GLY J 264 -16.02 92.25 20.37
N ASP J 265 -14.78 92.16 20.76
CA ASP J 265 -13.67 92.28 19.84
C ASP J 265 -13.58 91.19 18.76
N LEU J 266 -13.83 89.93 19.14
CA LEU J 266 -13.75 88.80 18.26
C LEU J 266 -14.71 88.89 17.11
N GLY J 267 -15.85 89.45 17.43
CA GLY J 267 -16.91 89.72 16.55
C GLY J 267 -16.65 90.66 15.40
N VAL J 268 -15.86 91.70 15.59
CA VAL J 268 -15.28 92.53 14.54
C VAL J 268 -14.18 91.88 13.76
N GLU J 269 -13.27 91.29 14.52
CA GLU J 269 -12.07 90.67 13.96
C GLU J 269 -12.40 89.49 13.08
N ILE J 270 -13.38 88.75 13.44
CA ILE J 270 -13.68 87.56 12.79
C ILE J 270 -15.09 87.88 12.51
N PRO J 271 -15.56 87.37 11.43
CA PRO J 271 -16.96 87.54 11.10
C PRO J 271 -17.69 86.76 12.13
N ALA J 272 -18.78 87.42 12.45
CA ALA J 272 -19.62 87.33 13.58
C ALA J 272 -20.25 86.01 13.61
N GLU J 273 -20.65 85.52 12.46
CA GLU J 273 -21.24 84.21 12.33
C GLU J 273 -20.26 83.10 12.69
N LYS J 274 -18.97 83.45 12.66
CA LYS J 274 -17.93 82.52 13.06
C LYS J 274 -17.74 82.44 14.58
N VAL J 275 -18.08 83.51 15.29
CA VAL J 275 -17.89 83.56 16.72
C VAL J 275 -18.57 82.36 17.37
N VAL J 276 -19.67 81.89 16.82
CA VAL J 276 -20.34 80.73 17.33
C VAL J 276 -19.53 79.46 17.29
N VAL J 277 -18.87 79.18 16.18
CA VAL J 277 -17.95 78.07 16.06
C VAL J 277 -16.75 78.22 16.97
N ALA J 278 -16.22 79.40 17.06
CA ALA J 278 -15.16 79.67 17.96
C ALA J 278 -15.57 79.44 19.43
N GLN J 279 -16.76 79.84 19.80
CA GLN J 279 -17.23 79.61 21.15
C GLN J 279 -17.33 78.14 21.50
N LYS J 280 -17.92 77.36 20.63
CA LYS J 280 -17.99 75.97 20.84
C LYS J 280 -16.64 75.33 20.90
N ILE J 281 -15.73 75.65 20.00
CA ILE J 281 -14.44 75.05 20.07
C ILE J 281 -13.64 75.40 21.29
N LEU J 282 -13.58 76.66 21.64
CA LEU J 282 -12.75 77.11 22.73
C LEU J 282 -13.18 76.61 24.10
N ILE J 283 -14.47 76.58 24.30
CA ILE J 283 -15.04 76.09 25.51
C ILE J 283 -14.77 74.61 25.68
N SER J 284 -14.94 73.87 24.62
CA SER J 284 -14.69 72.46 24.65
C SER J 284 -13.26 72.13 24.92
N LYS J 285 -12.33 72.82 24.29
CA LYS J 285 -10.94 72.60 24.50
C LYS J 285 -10.50 72.91 25.95
N CYS J 286 -11.08 73.95 26.51
CA CYS J 286 -10.92 74.26 27.91
C CYS J 286 -11.50 73.22 28.82
N ASN J 287 -12.67 72.69 28.51
CA ASN J 287 -13.25 71.64 29.30
C ASN J 287 -12.41 70.39 29.30
N VAL J 288 -11.92 70.01 28.14
CA VAL J 288 -11.09 68.86 28.01
C VAL J 288 -9.78 69.02 28.75
N ALA J 289 -9.20 70.20 28.67
CA ALA J 289 -7.99 70.53 29.37
C ALA J 289 -8.09 70.73 30.89
N GLY J 290 -9.29 70.81 31.42
CA GLY J 290 -9.56 71.24 32.77
C GLY J 290 -9.23 72.66 33.23
N LYS J 291 -9.46 73.64 32.39
CA LYS J 291 -9.21 75.01 32.73
C LYS J 291 -10.45 75.83 32.52
N PRO J 292 -10.62 76.83 33.38
CA PRO J 292 -11.84 77.64 33.40
C PRO J 292 -12.03 78.43 32.12
N VAL J 293 -13.25 78.52 31.63
CA VAL J 293 -13.58 79.21 30.41
C VAL J 293 -14.75 80.15 30.58
N ILE J 294 -14.63 81.35 30.05
CA ILE J 294 -15.60 82.41 30.21
C ILE J 294 -16.20 82.85 28.88
N CYS J 295 -17.52 82.94 28.86
CA CYS J 295 -18.25 83.50 27.75
C CYS J 295 -18.65 84.94 28.03
N ALA J 296 -18.22 85.80 27.13
CA ALA J 296 -18.33 87.22 27.32
C ALA J 296 -18.98 88.01 26.21
N THR J 297 -19.66 89.08 26.61
CA THR J 297 -20.06 90.26 25.84
C THR J 297 -21.43 90.18 25.18
N GLN J 298 -22.23 91.23 25.38
CA GLN J 298 -23.54 91.32 24.75
C GLN J 298 -24.45 90.16 25.12
N MET J 299 -24.20 89.56 26.28
CA MET J 299 -25.02 88.47 26.73
C MET J 299 -26.41 88.89 27.17
N LEU J 300 -26.50 89.97 27.91
CA LEU J 300 -27.79 90.52 28.24
C LEU J 300 -27.83 92.01 27.99
N GLU J 301 -27.44 92.42 26.81
CA GLU J 301 -27.21 93.79 26.45
C GLU J 301 -28.35 94.78 26.62
N SER J 302 -29.56 94.39 26.29
CA SER J 302 -30.72 95.26 26.30
C SER J 302 -31.11 95.64 27.72
N MET J 303 -30.59 94.89 28.66
CA MET J 303 -30.87 95.05 30.04
C MET J 303 -30.00 96.14 30.61
N THR J 304 -29.16 96.71 29.78
CA THR J 304 -28.45 97.91 30.12
C THR J 304 -29.49 98.98 30.27
N TYR J 305 -30.56 98.90 29.52
CA TYR J 305 -31.57 99.92 29.56
C TYR J 305 -32.96 99.46 29.92
N ASN J 306 -33.23 98.16 29.86
CA ASN J 306 -34.54 97.67 30.13
C ASN J 306 -34.57 96.68 31.27
N PRO J 307 -35.71 96.62 31.92
CA PRO J 307 -35.94 95.71 33.03
C PRO J 307 -35.90 94.23 32.65
N ARG J 308 -36.19 93.92 31.40
CA ARG J 308 -36.32 92.57 30.91
C ARG J 308 -35.51 92.35 29.64
N PRO J 309 -34.98 91.14 29.49
CA PRO J 309 -34.18 90.77 28.35
C PRO J 309 -34.97 90.38 27.12
N THR J 310 -34.32 90.41 25.98
CA THR J 310 -34.82 89.85 24.75
C THR J 310 -34.74 88.33 24.72
N ARG J 311 -35.49 87.70 23.84
CA ARG J 311 -35.47 86.27 23.69
C ARG J 311 -34.12 85.74 23.26
N ALA J 312 -33.48 86.44 22.35
CA ALA J 312 -32.17 86.06 21.90
C ALA J 312 -31.14 86.08 23.02
N GLU J 313 -31.26 87.03 23.91
CA GLU J 313 -30.39 87.12 25.03
C GLU J 313 -30.48 85.98 26.03
N VAL J 314 -31.69 85.62 26.38
CA VAL J 314 -31.96 84.54 27.28
C VAL J 314 -31.43 83.28 26.67
N SER J 315 -31.71 83.07 25.41
CA SER J 315 -31.18 81.93 24.73
C SER J 315 -29.68 81.90 24.77
N ASP J 316 -29.05 83.03 24.60
CA ASP J 316 -27.62 83.11 24.66
C ASP J 316 -27.02 82.72 26.02
N VAL J 317 -27.54 83.16 27.13
CA VAL J 317 -26.97 82.74 28.41
C VAL J 317 -27.07 81.23 28.61
N ALA J 318 -28.21 80.69 28.24
CA ALA J 318 -28.47 79.28 28.35
C ALA J 318 -27.58 78.37 27.52
N ASN J 319 -27.41 78.71 26.25
CA ASN J 319 -26.52 78.01 25.35
C ASN J 319 -25.08 78.06 25.76
N ALA J 320 -24.63 79.14 26.38
CA ALA J 320 -23.28 79.17 26.90
C ALA J 320 -23.01 78.13 27.98
N VAL J 321 -23.97 77.92 28.85
CA VAL J 321 -23.94 76.86 29.84
C VAL J 321 -23.97 75.48 29.23
N PHE J 322 -24.83 75.29 28.25
CA PHE J 322 -24.92 74.07 27.49
C PHE J 322 -23.61 73.81 26.78
N ASN J 323 -22.96 74.87 26.34
CA ASN J 323 -21.70 74.82 25.64
C ASN J 323 -20.63 74.25 26.56
N GLY J 324 -20.81 74.41 27.86
CA GLY J 324 -19.85 74.00 28.83
C GLY J 324 -19.02 75.01 29.55
N ALA J 325 -19.40 76.27 29.49
CA ALA J 325 -18.68 77.32 30.15
C ALA J 325 -18.73 77.34 31.67
N ASP J 326 -17.60 77.58 32.28
CA ASP J 326 -17.54 77.83 33.68
C ASP J 326 -18.29 79.11 34.09
N CYS J 327 -18.09 80.16 33.31
CA CYS J 327 -18.57 81.50 33.63
C CYS J 327 -19.28 82.27 32.52
N VAL J 328 -20.23 83.09 32.90
CA VAL J 328 -20.79 84.07 32.02
C VAL J 328 -20.44 85.42 32.59
N MET J 329 -20.44 86.43 31.74
CA MET J 329 -19.93 87.73 32.10
C MET J 329 -20.86 88.86 31.77
N LEU J 330 -20.78 89.91 32.56
CA LEU J 330 -21.56 91.10 32.34
C LEU J 330 -20.63 92.27 32.18
N SER J 331 -20.88 93.09 31.17
CA SER J 331 -19.99 94.18 30.90
C SER J 331 -20.59 95.55 31.16
N GLY J 332 -21.20 96.12 30.14
CA GLY J 332 -21.90 97.38 30.23
C GLY J 332 -23.13 97.33 31.08
N GLU J 333 -23.78 96.18 31.09
CA GLU J 333 -25.00 95.96 31.81
C GLU J 333 -24.81 96.23 33.31
N THR J 334 -23.66 95.93 33.84
CA THR J 334 -23.31 96.29 35.19
C THR J 334 -22.40 97.53 35.36
N ALA J 335 -21.59 97.84 34.38
CA ALA J 335 -20.76 99.00 34.47
C ALA J 335 -21.51 100.32 34.41
N LYS J 336 -22.40 100.46 33.45
CA LYS J 336 -23.12 101.69 33.23
C LYS J 336 -24.64 101.60 33.17
N GLY J 337 -25.17 100.42 33.40
CA GLY J 337 -26.57 100.13 33.26
C GLY J 337 -27.52 100.66 34.30
N LYS J 338 -28.79 100.72 33.91
CA LYS J 338 -29.93 100.98 34.74
C LYS J 338 -30.31 99.93 35.78
N TYR J 339 -30.16 98.66 35.47
CA TYR J 339 -30.68 97.63 36.33
C TYR J 339 -29.66 96.57 36.67
N PRO J 340 -28.65 96.96 37.39
CA PRO J 340 -27.56 96.07 37.67
C PRO J 340 -27.95 94.84 38.46
N ASN J 341 -28.69 95.00 39.54
CA ASN J 341 -29.15 93.87 40.30
C ASN J 341 -30.07 92.95 39.53
N GLU J 342 -31.00 93.50 38.80
CA GLU J 342 -31.90 92.72 38.01
C GLU J 342 -31.21 91.92 36.90
N VAL J 343 -30.24 92.49 36.25
CA VAL J 343 -29.58 91.79 35.18
C VAL J 343 -28.85 90.57 35.71
N VAL J 344 -28.17 90.72 36.82
CA VAL J 344 -27.51 89.63 37.45
C VAL J 344 -28.48 88.58 37.93
N GLN J 345 -29.59 88.99 38.49
CA GLN J 345 -30.58 88.07 38.97
C GLN J 345 -31.15 87.29 37.82
N TYR J 346 -31.37 87.93 36.69
CA TYR J 346 -31.83 87.25 35.49
C TYR J 346 -30.84 86.24 34.96
N MET J 347 -29.59 86.60 34.94
CA MET J 347 -28.58 85.71 34.47
C MET J 347 -28.47 84.48 35.34
N ALA J 348 -28.54 84.64 36.65
CA ALA J 348 -28.46 83.53 37.56
C ALA J 348 -29.59 82.57 37.40
N ARG J 349 -30.77 83.11 37.21
CA ARG J 349 -31.97 82.34 37.01
C ARG J 349 -31.94 81.53 35.74
N ILE J 350 -31.47 82.10 34.64
CA ILE J 350 -31.29 81.39 33.39
C ILE J 350 -30.27 80.28 33.49
N CYS J 351 -29.21 80.55 34.20
CA CYS J 351 -28.16 79.59 34.41
C CYS J 351 -28.68 78.39 35.17
N LEU J 352 -29.48 78.61 36.18
CA LEU J 352 -30.07 77.54 36.94
C LEU J 352 -31.03 76.68 36.14
N GLU J 353 -31.83 77.31 35.31
CA GLU J 353 -32.72 76.62 34.43
C GLU J 353 -32.03 75.75 33.40
N ALA J 354 -30.99 76.26 32.76
CA ALA J 354 -30.22 75.50 31.78
C ALA J 354 -29.56 74.30 32.39
N GLN J 355 -29.17 74.45 33.65
CA GLN J 355 -28.52 73.45 34.44
C GLN J 355 -29.42 72.26 34.64
N SER J 356 -30.71 72.45 34.76
CA SER J 356 -31.63 71.35 34.80
C SER J 356 -31.63 70.52 33.55
N ALA J 357 -31.62 71.21 32.42
CA ALA J 357 -31.59 70.59 31.12
C ALA J 357 -30.26 69.94 30.85
N LEU J 358 -29.23 70.32 31.56
CA LEU J 358 -27.89 69.87 31.28
C LEU J 358 -27.77 68.42 31.60
N ASN J 359 -27.17 67.65 30.72
CA ASN J 359 -26.92 66.28 31.02
C ASN J 359 -25.53 66.17 31.57
N GLU J 360 -25.41 66.24 32.88
CA GLU J 360 -24.14 66.22 33.57
C GLU J 360 -23.42 64.92 33.40
N TYR J 361 -24.18 63.85 33.33
CA TYR J 361 -23.63 62.52 33.14
C TYR J 361 -22.94 62.29 31.80
N VAL J 362 -23.56 62.71 30.71
CA VAL J 362 -22.99 62.56 29.39
C VAL J 362 -21.74 63.36 29.30
N PHE J 363 -21.79 64.53 29.87
CA PHE J 363 -20.66 65.43 29.97
C PHE J 363 -19.50 64.80 30.72
N PHE J 364 -19.76 64.08 31.79
CA PHE J 364 -18.70 63.39 32.52
C PHE J 364 -17.99 62.32 31.69
N ASN J 365 -18.77 61.48 31.05
CA ASN J 365 -18.27 60.45 30.20
C ASN J 365 -17.56 60.97 28.96
N SER J 366 -18.07 62.02 28.36
CA SER J 366 -17.48 62.58 27.20
C SER J 366 -16.13 63.12 27.49
N ILE J 367 -16.00 63.81 28.60
CA ILE J 367 -14.73 64.37 29.04
C ILE J 367 -13.71 63.33 29.35
N LYS J 368 -14.14 62.29 30.02
CA LYS J 368 -13.36 61.15 30.46
C LYS J 368 -12.74 60.39 29.29
N LYS J 369 -13.50 60.18 28.22
CA LYS J 369 -12.98 59.55 27.03
C LYS J 369 -11.90 60.32 26.35
N LEU J 370 -11.90 61.62 26.49
CA LEU J 370 -10.92 62.46 25.84
C LEU J 370 -9.58 62.61 26.50
N GLN J 371 -9.43 62.10 27.69
CA GLN J 371 -8.19 62.13 28.41
C GLN J 371 -7.25 61.05 27.97
N HIS J 372 -6.00 61.41 27.90
CA HIS J 372 -4.96 60.51 27.58
C HIS J 372 -4.76 59.47 28.65
N ILE J 373 -4.55 58.24 28.23
CA ILE J 373 -4.34 57.13 29.15
C ILE J 373 -3.00 56.45 28.90
N PRO J 374 -2.21 56.30 29.97
CA PRO J 374 -2.61 56.77 31.29
C PRO J 374 -2.48 58.28 31.42
N MET J 375 -2.72 58.81 32.62
CA MET J 375 -2.63 60.24 32.86
C MET J 375 -1.88 60.53 34.16
N SER J 376 -2.62 60.55 35.27
CA SER J 376 -2.03 60.82 36.57
C SER J 376 -2.90 60.26 37.70
N ALA J 377 -2.24 59.77 38.74
CA ALA J 377 -2.95 59.19 39.88
C ALA J 377 -4.01 60.07 40.48
N ASP J 378 -3.72 61.34 40.70
CA ASP J 378 -4.75 62.26 41.15
C ASP J 378 -5.89 62.46 40.18
N GLU J 379 -5.61 62.50 38.89
CA GLU J 379 -6.65 62.60 37.90
C GLU J 379 -7.60 61.43 37.86
N ALA J 380 -7.06 60.24 37.98
CA ALA J 380 -7.89 59.06 38.07
C ALA J 380 -8.75 59.07 39.35
N VAL J 381 -8.18 59.56 40.42
CA VAL J 381 -8.88 59.62 41.68
C VAL J 381 -10.08 60.51 41.56
N CYS J 382 -9.90 61.68 40.94
CA CYS J 382 -11.00 62.58 40.74
C CYS J 382 -12.07 62.09 39.82
N SER J 383 -11.68 61.53 38.70
CA SER J 383 -12.63 60.98 37.76
C SER J 383 -13.41 59.80 38.30
N SER J 384 -12.73 58.84 38.84
CA SER J 384 -13.39 57.73 39.44
C SER J 384 -14.25 58.16 40.66
N ALA J 385 -13.82 59.15 41.40
CA ALA J 385 -14.61 59.64 42.55
C ALA J 385 -15.93 60.22 42.15
N VAL J 386 -15.96 60.94 41.05
CA VAL J 386 -17.16 61.43 40.41
C VAL J 386 -18.02 60.28 39.91
N ASN J 387 -17.39 59.27 39.38
CA ASN J 387 -18.10 58.10 38.92
C ASN J 387 -18.83 57.45 40.10
N SER J 388 -18.18 57.48 41.24
CA SER J 388 -18.74 57.07 42.50
C SER J 388 -19.91 57.90 42.86
N VAL J 389 -19.86 59.19 42.58
CA VAL J 389 -20.97 60.01 42.89
C VAL J 389 -22.18 59.60 42.12
N TYR J 390 -22.04 59.38 40.83
CA TYR J 390 -23.14 58.93 40.00
C TYR J 390 -23.67 57.55 40.38
N GLU J 391 -22.77 56.64 40.70
CA GLU J 391 -23.14 55.30 41.10
C GLU J 391 -23.93 55.18 42.41
N THR J 392 -23.60 55.99 43.41
CA THR J 392 -24.32 56.00 44.67
C THR J 392 -25.42 57.02 44.81
N LYS J 393 -25.51 57.92 43.85
CA LYS J 393 -26.30 59.12 43.98
C LYS J 393 -25.92 60.00 45.14
N ALA J 394 -24.64 60.22 45.33
CA ALA J 394 -24.15 61.07 46.37
C ALA J 394 -24.54 62.52 46.20
N LYS J 395 -24.91 63.16 47.27
CA LYS J 395 -25.47 64.48 47.16
C LYS J 395 -24.50 65.61 47.37
N ALA J 396 -23.28 65.28 47.70
CA ALA J 396 -22.23 66.24 47.86
C ALA J 396 -20.85 65.65 47.73
N MET J 397 -19.89 66.50 47.59
CA MET J 397 -18.56 66.07 47.38
C MET J 397 -17.71 66.97 48.20
N VAL J 398 -16.65 66.47 48.80
CA VAL J 398 -15.72 67.32 49.51
C VAL J 398 -14.32 67.08 49.04
N VAL J 399 -13.59 68.13 48.72
CA VAL J 399 -12.20 67.99 48.37
C VAL J 399 -11.30 68.87 49.13
N LEU J 400 -10.11 68.40 49.40
CA LEU J 400 -9.13 69.23 50.00
C LEU J 400 -8.20 69.79 48.95
N SER J 401 -8.20 71.10 48.79
CA SER J 401 -7.22 71.78 47.97
C SER J 401 -6.69 73.07 48.54
N ASN J 402 -5.38 73.17 48.62
CA ASN J 402 -4.73 74.41 48.99
C ASN J 402 -4.33 75.32 47.83
N THR J 403 -3.75 74.76 46.78
CA THR J 403 -3.49 75.48 45.54
C THR J 403 -4.75 75.75 44.76
N GLY J 404 -5.77 74.97 44.98
CA GLY J 404 -6.96 75.00 44.16
C GLY J 404 -6.92 74.04 43.00
N ARG J 405 -5.75 73.44 42.77
CA ARG J 405 -5.57 72.45 41.71
C ARG J 405 -6.53 71.27 41.85
N SER J 406 -6.58 70.66 43.03
CA SER J 406 -7.41 69.51 43.22
C SER J 406 -8.83 69.82 42.93
N ALA J 407 -9.29 70.97 43.33
CA ALA J 407 -10.65 71.36 43.05
C ALA J 407 -11.02 71.53 41.57
N ARG J 408 -10.16 72.11 40.76
CA ARG J 408 -10.41 72.21 39.35
C ARG J 408 -10.47 70.84 38.68
N LEU J 409 -9.60 69.96 39.11
CA LEU J 409 -9.50 68.63 38.59
C LEU J 409 -10.76 67.82 38.80
N VAL J 410 -11.35 67.93 39.95
CA VAL J 410 -12.67 67.38 40.22
C VAL J 410 -13.85 67.98 39.50
N ALA J 411 -13.91 69.30 39.45
CA ALA J 411 -14.98 70.05 38.85
C ALA J 411 -15.01 69.76 37.38
N LYS J 412 -13.85 69.45 36.87
CA LYS J 412 -13.64 69.14 35.49
C LYS J 412 -14.46 67.94 35.05
N TYR J 413 -14.75 67.05 35.98
CA TYR J 413 -15.46 65.87 35.65
C TYR J 413 -16.95 65.99 35.80
N ARG J 414 -17.42 67.19 36.08
CA ARG J 414 -18.86 67.43 36.06
C ARG J 414 -19.77 66.46 36.86
N PRO J 415 -19.59 66.41 38.17
CA PRO J 415 -20.48 65.65 39.04
C PRO J 415 -21.83 66.31 39.08
N ASN J 416 -22.84 65.58 39.47
CA ASN J 416 -24.18 66.14 39.48
C ASN J 416 -24.62 66.67 40.84
N CYS J 417 -23.64 67.01 41.62
CA CYS J 417 -23.85 67.45 42.96
C CYS J 417 -22.86 68.53 43.25
N PRO J 418 -23.10 69.31 44.28
CA PRO J 418 -22.19 70.36 44.67
C PRO J 418 -20.84 69.84 45.07
N ILE J 419 -19.80 70.59 44.82
CA ILE J 419 -18.50 70.19 45.23
C ILE J 419 -18.06 71.14 46.31
N VAL J 420 -17.59 70.62 47.41
CA VAL J 420 -17.20 71.50 48.46
C VAL J 420 -15.73 71.39 48.69
N CYS J 421 -15.04 72.47 48.45
CA CYS J 421 -13.61 72.53 48.60
C CYS J 421 -13.19 73.14 49.92
N VAL J 422 -12.28 72.49 50.61
CA VAL J 422 -11.82 73.02 51.86
C VAL J 422 -10.40 73.43 51.67
N THR J 423 -10.14 74.71 51.84
CA THR J 423 -8.88 75.26 51.50
C THR J 423 -8.25 76.03 52.65
N THR J 424 -6.94 76.03 52.71
CA THR J 424 -6.23 76.80 53.67
C THR J 424 -5.77 78.14 53.16
N ARG J 425 -6.16 78.51 51.94
CA ARG J 425 -5.80 79.80 51.39
C ARG J 425 -7.02 80.58 50.97
N LEU J 426 -7.15 81.79 51.45
CA LEU J 426 -8.25 82.67 51.07
C LEU J 426 -8.27 83.04 49.59
N GLN J 427 -7.10 83.24 49.03
CA GLN J 427 -6.97 83.55 47.64
C GLN J 427 -7.47 82.41 46.79
N THR J 428 -7.28 81.20 47.26
CA THR J 428 -7.77 80.04 46.63
C THR J 428 -9.27 80.07 46.60
N CYS J 429 -9.89 80.53 47.66
CA CYS J 429 -11.33 80.66 47.68
C CYS J 429 -11.81 81.65 46.64
N ARG J 430 -11.10 82.75 46.49
CA ARG J 430 -11.44 83.68 45.45
C ARG J 430 -11.19 83.15 44.03
N GLN J 431 -10.05 82.52 43.82
CA GLN J 431 -9.62 82.03 42.51
C GLN J 431 -10.57 80.96 41.97
N LEU J 432 -11.15 80.20 42.88
CA LEU J 432 -12.10 79.17 42.58
C LEU J 432 -13.47 79.69 42.20
N ASN J 433 -13.64 80.99 42.28
CA ASN J 433 -14.86 81.65 41.89
C ASN J 433 -15.07 81.64 40.39
N ILE J 434 -14.05 81.26 39.64
CA ILE J 434 -14.24 81.04 38.20
C ILE J 434 -14.38 79.60 37.81
N THR J 435 -14.42 78.69 38.76
CA THR J 435 -14.59 77.30 38.43
C THR J 435 -16.00 76.90 38.67
N GLN J 436 -16.68 76.33 37.69
CA GLN J 436 -18.06 75.96 37.88
C GLN J 436 -18.26 74.87 38.92
N GLY J 437 -19.36 74.98 39.61
CA GLY J 437 -19.82 73.94 40.49
C GLY J 437 -19.09 73.74 41.78
N VAL J 438 -18.33 74.73 42.22
CA VAL J 438 -17.50 74.61 43.39
C VAL J 438 -17.75 75.69 44.43
N GLU J 439 -17.80 75.28 45.68
CA GLU J 439 -17.92 76.19 46.80
C GLU J 439 -16.79 75.99 47.76
N SER J 440 -16.25 77.07 48.29
CA SER J 440 -15.09 77.01 49.14
C SER J 440 -15.36 77.29 50.62
N VAL J 441 -14.71 76.54 51.47
CA VAL J 441 -14.70 76.76 52.89
C VAL J 441 -13.28 77.03 53.30
N PHE J 442 -13.01 78.15 53.90
CA PHE J 442 -11.67 78.44 54.36
C PHE J 442 -11.39 77.78 55.72
N PHE J 443 -10.25 77.15 55.87
CA PHE J 443 -9.81 76.54 57.11
C PHE J 443 -8.49 77.18 57.46
N ASP J 444 -8.47 77.84 58.60
CA ASP J 444 -7.34 78.64 59.01
C ASP J 444 -6.35 77.73 59.68
N ALA J 445 -5.30 77.43 58.96
CA ALA J 445 -4.32 76.51 59.43
C ALA J 445 -3.69 77.08 60.67
N ASP J 446 -3.48 78.38 60.71
CA ASP J 446 -2.77 79.00 61.81
C ASP J 446 -3.52 78.86 63.11
N LYS J 447 -4.76 79.26 63.13
CA LYS J 447 -5.61 79.10 64.26
C LYS J 447 -5.87 77.64 64.58
N LEU J 448 -6.17 76.82 63.58
CA LEU J 448 -6.58 75.45 63.83
C LEU J 448 -5.58 74.36 63.57
N GLY J 449 -4.37 74.71 63.18
CA GLY J 449 -3.39 73.69 62.95
C GLY J 449 -3.38 73.10 61.54
N HIS J 450 -2.32 72.38 61.25
CA HIS J 450 -2.03 71.83 59.93
C HIS J 450 -2.90 70.68 59.48
N ASP J 451 -3.59 70.04 60.39
CA ASP J 451 -4.56 69.00 60.09
C ASP J 451 -4.07 67.88 59.20
N GLU J 452 -2.92 67.31 59.53
CA GLU J 452 -2.28 66.31 58.68
C GLU J 452 -3.11 65.05 58.52
N GLY J 453 -3.93 64.71 59.48
CA GLY J 453 -4.74 63.53 59.34
C GLY J 453 -6.05 63.77 58.64
N LYS J 454 -6.31 65.03 58.38
CA LYS J 454 -7.31 65.49 57.43
C LYS J 454 -8.72 65.46 57.99
N GLU J 455 -8.87 64.98 59.19
CA GLU J 455 -10.16 64.86 59.82
C GLU J 455 -10.89 66.17 60.07
N HIS J 456 -10.18 67.20 60.45
CA HIS J 456 -10.83 68.48 60.65
C HIS J 456 -11.33 69.18 59.42
N ARG J 457 -10.50 69.24 58.38
CA ARG J 457 -10.89 69.86 57.14
C ARG J 457 -12.06 69.10 56.59
N VAL J 458 -12.02 67.80 56.69
CA VAL J 458 -13.11 67.02 56.25
C VAL J 458 -14.38 67.27 57.00
N ALA J 459 -14.32 67.44 58.31
CA ALA J 459 -15.49 67.73 59.09
C ALA J 459 -16.13 69.05 58.71
N ALA J 460 -15.30 70.05 58.45
CA ALA J 460 -15.74 71.36 58.05
C ALA J 460 -16.44 71.37 56.70
N GLY J 461 -15.90 70.68 55.73
CA GLY J 461 -16.57 70.57 54.45
C GLY J 461 -17.90 69.87 54.54
N VAL J 462 -17.95 68.79 55.28
CA VAL J 462 -19.20 68.12 55.50
C VAL J 462 -20.22 69.00 56.23
N GLU J 463 -19.78 69.72 57.25
CA GLU J 463 -20.68 70.58 58.00
C GLU J 463 -21.25 71.67 57.14
N PHE J 464 -20.40 72.24 56.30
CA PHE J 464 -20.84 73.25 55.37
C PHE J 464 -21.88 72.69 54.46
N ALA J 465 -21.71 71.47 54.01
CA ALA J 465 -22.69 70.82 53.17
C ALA J 465 -24.02 70.60 53.85
N LYS J 466 -23.98 70.26 55.11
CA LYS J 466 -25.16 70.14 55.93
C LYS J 466 -25.85 71.47 56.08
N SER J 467 -25.04 72.47 56.33
CA SER J 467 -25.54 73.80 56.54
C SER J 467 -26.27 74.40 55.35
N LYS J 468 -25.80 74.15 54.14
CA LYS J 468 -26.45 74.69 52.96
C LYS J 468 -27.54 73.76 52.52
N GLY J 469 -27.68 72.65 53.20
CA GLY J 469 -28.75 71.74 52.90
C GLY J 469 -28.56 70.73 51.80
N TYR J 470 -27.35 70.63 51.28
CA TYR J 470 -27.02 69.66 50.26
C TYR J 470 -27.16 68.25 50.76
N VAL J 471 -26.80 68.02 52.01
CA VAL J 471 -26.91 66.70 52.63
C VAL J 471 -27.64 66.61 53.97
N GLN J 472 -28.21 65.45 54.24
CA GLN J 472 -28.84 65.14 55.50
C GLN J 472 -28.27 63.80 55.89
N THR J 473 -28.62 63.35 57.09
CA THR J 473 -28.08 62.14 57.64
C THR J 473 -28.57 61.04 56.76
N GLY J 474 -27.69 60.08 56.55
CA GLY J 474 -27.97 58.95 55.71
C GLY J 474 -27.56 59.13 54.28
N ASP J 475 -27.19 60.34 53.90
CA ASP J 475 -26.65 60.65 52.58
C ASP J 475 -25.18 60.29 52.42
N TYR J 476 -24.80 60.07 51.17
CA TYR J 476 -23.43 59.80 50.87
C TYR J 476 -22.75 61.06 50.52
N CYS J 477 -21.54 61.20 51.00
CA CYS J 477 -20.69 62.26 50.60
C CYS J 477 -19.38 61.66 50.13
N VAL J 478 -18.92 62.03 48.96
CA VAL J 478 -17.72 61.46 48.40
C VAL J 478 -16.60 62.42 48.64
N VAL J 479 -15.53 61.92 49.25
CA VAL J 479 -14.47 62.72 49.81
C VAL J 479 -13.13 62.42 49.19
N ILE J 480 -12.36 63.45 48.90
CA ILE J 480 -11.09 63.32 48.22
C ILE J 480 -9.91 64.03 48.89
N HIS J 481 -8.87 63.30 49.20
CA HIS J 481 -7.66 63.88 49.71
C HIS J 481 -6.58 62.84 49.68
N ALA J 482 -5.42 63.15 50.21
CA ALA J 482 -4.39 62.18 50.43
C ALA J 482 -4.61 61.31 51.65
N ASP J 483 -3.91 60.21 51.66
CA ASP J 483 -3.79 59.35 52.79
C ASP J 483 -2.71 59.92 53.65
N HIS J 484 -2.37 59.19 54.68
CA HIS J 484 -1.40 59.67 55.63
C HIS J 484 0.01 59.87 55.13
N LYS J 485 0.51 58.98 54.32
CA LYS J 485 1.80 59.16 53.70
C LYS J 485 1.99 60.19 52.55
N VAL J 486 1.13 60.17 51.56
CA VAL J 486 1.32 60.94 50.33
C VAL J 486 1.18 62.45 50.43
N LYS J 487 2.08 63.15 49.78
CA LYS J 487 2.13 64.60 49.80
C LYS J 487 2.15 65.24 48.42
N GLY J 488 1.43 66.34 48.27
CA GLY J 488 1.39 67.07 47.04
C GLY J 488 0.25 66.79 46.09
N TYR J 489 -0.50 65.74 46.33
CA TYR J 489 -1.68 65.44 45.56
C TYR J 489 -2.59 64.56 46.37
N ALA J 490 -3.80 64.34 45.89
CA ALA J 490 -4.70 63.46 46.55
C ALA J 490 -4.70 62.12 45.87
N ASN J 491 -4.39 61.09 46.62
CA ASN J 491 -4.42 59.73 46.12
C ASN J 491 -5.57 58.88 46.61
N GLN J 492 -6.53 59.47 47.30
CA GLN J 492 -7.58 58.72 47.97
C GLN J 492 -9.01 59.20 47.75
N THR J 493 -9.93 58.28 47.69
CA THR J 493 -11.33 58.58 47.70
C THR J 493 -12.06 57.77 48.73
N ARG J 494 -13.03 58.36 49.41
CA ARG J 494 -13.87 57.67 50.36
C ARG J 494 -15.32 58.01 50.19
N ILE J 495 -16.18 57.03 50.30
CA ILE J 495 -17.57 57.31 50.37
C ILE J 495 -18.00 57.22 51.82
N LEU J 496 -18.36 58.34 52.43
CA LEU J 496 -18.85 58.34 53.80
C LEU J 496 -20.29 58.70 53.99
N LEU J 497 -20.91 58.05 54.96
CA LEU J 497 -22.28 58.25 55.31
C LEU J 497 -22.37 59.43 56.23
N VAL J 498 -23.36 60.30 56.05
CA VAL J 498 -23.41 61.50 56.87
C VAL J 498 -24.37 61.42 58.04
N GLU J 499 -23.90 61.87 59.20
CA GLU J 499 -24.71 61.85 60.41
C GLU J 499 -24.99 63.26 60.91
N SER K 2 17.10 41.18 -36.65
CA SER K 2 15.96 41.47 -37.47
C SER K 2 15.55 42.90 -37.22
N GLN K 3 14.78 43.46 -38.13
CA GLN K 3 14.38 44.82 -37.98
C GLN K 3 13.44 44.92 -36.83
N LEU K 4 12.71 43.87 -36.57
CA LEU K 4 11.77 43.81 -35.48
C LEU K 4 12.40 43.91 -34.13
N ALA K 5 13.40 43.08 -33.89
CA ALA K 5 13.99 42.89 -32.59
C ALA K 5 14.58 44.18 -32.14
N HIS K 6 15.33 44.72 -33.10
CA HIS K 6 15.94 46.06 -33.12
C HIS K 6 15.04 47.23 -32.87
N ASN K 7 13.83 47.21 -33.38
CA ASN K 7 12.89 48.28 -33.10
C ASN K 7 12.67 48.36 -31.62
N LEU K 8 12.82 47.22 -31.00
CA LEU K 8 12.61 46.95 -29.60
C LEU K 8 13.68 47.54 -28.70
N THR K 9 14.86 47.73 -29.26
CA THR K 9 15.95 48.37 -28.57
C THR K 9 15.92 49.85 -28.69
N LEU K 10 15.07 50.42 -29.53
CA LEU K 10 15.00 51.87 -29.66
C LEU K 10 14.35 52.58 -28.51
N SER K 11 14.72 53.82 -28.29
CA SER K 11 14.01 54.70 -27.34
C SER K 11 13.83 56.11 -27.82
N ILE K 12 12.70 56.72 -27.52
CA ILE K 12 12.50 58.12 -27.87
C ILE K 12 13.49 59.05 -27.20
N PHE K 13 13.99 58.65 -26.04
CA PHE K 13 14.93 59.47 -25.29
C PHE K 13 16.40 59.23 -25.66
N ASP K 14 16.66 58.47 -26.72
CA ASP K 14 18.02 58.22 -27.13
C ASP K 14 18.52 59.55 -27.64
N PRO K 15 19.73 59.90 -27.29
CA PRO K 15 20.31 61.13 -27.79
C PRO K 15 20.68 61.01 -29.25
N VAL K 16 20.45 62.05 -30.03
CA VAL K 16 20.84 62.02 -31.41
C VAL K 16 22.30 62.26 -31.60
N ALA K 17 22.77 62.04 -32.81
CA ALA K 17 24.16 62.15 -33.16
C ALA K 17 24.74 63.55 -33.23
N ASN K 18 26.05 63.62 -33.22
CA ASN K 18 26.73 64.89 -33.35
C ASN K 18 26.92 65.30 -34.79
N TYR K 19 26.45 64.46 -35.69
CA TYR K 19 26.49 64.77 -37.11
C TYR K 19 25.23 64.29 -37.81
N ARG K 20 24.82 65.01 -38.84
CA ARG K 20 23.74 64.58 -39.70
C ARG K 20 24.29 64.10 -41.03
N ALA K 21 24.10 62.82 -41.29
CA ALA K 21 24.52 62.20 -42.54
C ALA K 21 23.80 62.63 -43.81
N ALA K 22 22.50 62.72 -43.76
CA ALA K 22 21.71 63.05 -44.91
C ALA K 22 21.83 64.50 -45.32
N ARG K 23 21.68 64.76 -46.60
CA ARG K 23 21.83 66.07 -47.17
C ARG K 23 20.54 66.67 -47.70
N ILE K 24 20.40 67.97 -47.54
CA ILE K 24 19.21 68.66 -47.94
C ILE K 24 19.40 69.53 -49.14
N ILE K 25 18.48 69.44 -50.07
CA ILE K 25 18.48 70.20 -51.30
C ILE K 25 17.33 71.19 -51.34
N CYS K 26 17.60 72.42 -51.72
CA CYS K 26 16.58 73.44 -51.73
C CYS K 26 16.46 74.08 -53.08
N THR K 27 15.24 74.24 -53.53
CA THR K 27 14.95 74.90 -54.76
C THR K 27 14.83 76.37 -54.50
N ILE K 28 15.46 77.17 -55.33
CA ILE K 28 15.51 78.59 -55.11
C ILE K 28 14.56 79.36 -55.98
N GLY K 29 13.66 80.07 -55.34
CA GLY K 29 12.65 80.86 -55.95
C GLY K 29 12.59 82.20 -55.26
N PRO K 30 11.47 82.86 -55.45
CA PRO K 30 11.25 84.22 -55.05
C PRO K 30 11.40 84.41 -53.58
N SER K 31 10.96 83.45 -52.80
CA SER K 31 11.19 83.43 -51.38
C SER K 31 12.67 83.33 -50.99
N THR K 32 13.51 82.72 -51.80
CA THR K 32 14.84 82.38 -51.36
C THR K 32 16.05 82.89 -52.13
N GLN K 33 15.80 83.75 -53.08
CA GLN K 33 16.80 84.29 -53.95
C GLN K 33 17.82 85.23 -53.34
N SER K 34 17.33 86.00 -52.39
CA SER K 34 18.13 87.00 -51.77
C SER K 34 19.21 86.37 -50.97
N VAL K 35 20.32 87.05 -50.94
CA VAL K 35 21.49 86.58 -50.27
C VAL K 35 21.19 86.38 -48.81
N GLU K 36 20.42 87.24 -48.22
CA GLU K 36 20.04 87.05 -46.85
C GLU K 36 19.21 85.79 -46.65
N ALA K 37 18.28 85.54 -47.55
CA ALA K 37 17.49 84.34 -47.48
C ALA K 37 18.34 83.09 -47.64
N LEU K 38 19.27 83.14 -48.56
CA LEU K 38 20.17 82.04 -48.82
C LEU K 38 21.08 81.73 -47.66
N LYS K 39 21.53 82.75 -46.98
CA LYS K 39 22.32 82.61 -45.80
C LYS K 39 21.54 81.93 -44.72
N GLY K 40 20.27 82.25 -44.62
CA GLY K 40 19.37 81.61 -43.69
C GLY K 40 19.21 80.14 -44.00
N LEU K 41 19.11 79.83 -45.28
CA LEU K 41 18.97 78.47 -45.75
C LEU K 41 20.18 77.60 -45.44
N ILE K 42 21.36 78.13 -45.65
CA ILE K 42 22.57 77.41 -45.39
C ILE K 42 22.73 77.11 -43.93
N GLN K 43 22.47 78.09 -43.11
CA GLN K 43 22.52 77.95 -41.68
C GLN K 43 21.48 76.98 -41.16
N SER K 44 20.37 76.96 -41.86
CA SER K 44 19.29 76.09 -41.54
C SER K 44 19.62 74.68 -41.93
N GLY K 45 20.57 74.53 -42.84
CA GLY K 45 20.93 73.22 -43.30
C GLY K 45 20.98 72.85 -44.76
N MET K 46 20.98 73.80 -45.67
CA MET K 46 21.02 73.49 -47.10
C MET K 46 22.41 73.14 -47.62
N SER K 47 22.54 72.03 -48.31
CA SER K 47 23.81 71.69 -48.88
C SER K 47 23.85 71.89 -50.37
N VAL K 48 22.71 71.85 -51.01
CA VAL K 48 22.64 71.97 -52.44
C VAL K 48 21.56 72.96 -52.84
N ALA K 49 21.87 73.89 -53.72
CA ALA K 49 20.83 74.76 -54.23
C ALA K 49 20.39 74.43 -55.64
N ARG K 50 19.11 74.26 -55.81
CA ARG K 50 18.54 73.82 -57.08
C ARG K 50 17.84 74.95 -57.81
N MET K 51 18.20 75.11 -59.07
CA MET K 51 17.53 76.04 -59.95
C MET K 51 16.69 75.28 -60.95
N ASN K 52 15.42 75.60 -61.04
CA ASN K 52 14.54 74.94 -61.96
C ASN K 52 14.33 75.74 -63.21
N PHE K 53 14.79 75.22 -64.32
CA PHE K 53 14.83 75.94 -65.56
C PHE K 53 13.52 75.89 -66.29
N SER K 54 12.55 75.25 -65.68
CA SER K 54 11.17 75.33 -66.12
C SER K 54 10.60 76.68 -65.80
N HIS K 55 11.22 77.39 -64.89
CA HIS K 55 10.73 78.66 -64.42
C HIS K 55 11.91 79.60 -64.52
N GLY K 56 11.64 80.88 -64.66
CA GLY K 56 12.72 81.83 -64.70
C GLY K 56 13.35 81.88 -66.05
N SER K 57 14.56 82.38 -66.11
CA SER K 57 15.23 82.62 -67.35
C SER K 57 16.66 82.60 -66.99
N HIS K 58 17.54 82.71 -67.96
CA HIS K 58 18.94 82.64 -67.68
C HIS K 58 19.26 83.76 -66.79
N GLU K 59 18.61 84.88 -67.04
CA GLU K 59 18.82 86.06 -66.27
C GLU K 59 18.43 85.87 -64.82
N TYR K 60 17.28 85.29 -64.57
CA TYR K 60 16.84 85.06 -63.20
C TYR K 60 17.74 84.12 -62.44
N HIS K 61 18.07 83.03 -63.11
CA HIS K 61 18.92 81.98 -62.58
C HIS K 61 20.35 82.37 -62.34
N GLN K 62 20.83 83.32 -63.12
CA GLN K 62 22.14 83.88 -62.92
C GLN K 62 22.18 84.61 -61.62
N THR K 63 21.13 85.30 -61.30
CA THR K 63 21.09 86.02 -60.07
C THR K 63 21.23 85.05 -58.94
N THR K 64 20.59 83.90 -59.05
CA THR K 64 20.63 82.85 -58.06
C THR K 64 22.03 82.30 -57.88
N ILE K 65 22.71 82.10 -58.98
CA ILE K 65 24.05 81.60 -58.94
C ILE K 65 24.98 82.54 -58.24
N ASN K 66 24.87 83.81 -58.56
CA ASN K 66 25.69 84.80 -57.94
C ASN K 66 25.38 84.92 -56.49
N ASN K 67 24.12 84.91 -56.17
CA ASN K 67 23.74 84.97 -54.80
C ASN K 67 24.16 83.78 -53.95
N VAL K 68 24.16 82.59 -54.51
CA VAL K 68 24.59 81.41 -53.80
C VAL K 68 26.07 81.47 -53.49
N ARG K 69 26.84 81.83 -54.49
CA ARG K 69 28.25 81.94 -54.32
C ARG K 69 28.60 83.01 -53.30
N GLN K 70 27.94 84.15 -53.35
CA GLN K 70 28.14 85.24 -52.40
C GLN K 70 27.77 84.88 -50.98
N ALA K 71 26.63 84.23 -50.82
CA ALA K 71 26.22 83.76 -49.52
C ALA K 71 27.13 82.68 -48.92
N ALA K 72 27.54 81.74 -49.75
CA ALA K 72 28.44 80.69 -49.33
C ALA K 72 29.79 81.26 -48.94
N ALA K 73 30.26 82.21 -49.71
CA ALA K 73 31.55 82.82 -49.49
C ALA K 73 31.61 83.55 -48.19
N GLU K 74 30.54 84.24 -47.87
CA GLU K 74 30.37 84.95 -46.62
C GLU K 74 30.33 84.02 -45.44
N LEU K 75 29.93 82.80 -45.65
CA LEU K 75 29.75 81.90 -44.55
C LEU K 75 30.85 80.86 -44.50
N GLY K 76 31.79 81.02 -45.39
CA GLY K 76 32.90 80.11 -45.50
C GLY K 76 32.59 78.67 -45.75
N VAL K 77 31.69 78.40 -46.68
CA VAL K 77 31.24 77.06 -46.93
C VAL K 77 31.13 76.81 -48.40
N ASN K 78 31.09 75.55 -48.80
CA ASN K 78 30.95 75.22 -50.18
C ASN K 78 29.56 74.65 -50.46
N ILE K 79 28.81 75.25 -51.36
CA ILE K 79 27.47 74.82 -51.67
C ILE K 79 27.36 74.39 -53.12
N ALA K 80 26.87 73.19 -53.38
CA ALA K 80 26.67 72.74 -54.74
C ALA K 80 25.58 73.50 -55.41
N ILE K 81 25.73 73.74 -56.70
CA ILE K 81 24.71 74.37 -57.50
C ILE K 81 24.20 73.38 -58.55
N ALA K 82 22.92 73.18 -58.59
CA ALA K 82 22.34 72.20 -59.49
C ALA K 82 21.44 72.84 -60.51
N LEU K 83 21.56 72.46 -61.76
CA LEU K 83 20.66 72.94 -62.77
C LEU K 83 19.65 71.83 -63.17
N ASP K 84 18.43 72.23 -62.83
CA ASP K 84 17.23 71.49 -63.03
C ASP K 84 16.50 71.98 -64.27
N THR K 85 16.66 71.24 -65.34
CA THR K 85 16.13 71.58 -66.66
C THR K 85 14.60 71.59 -66.77
N LYS K 86 14.11 72.41 -67.68
CA LYS K 86 12.69 72.44 -67.95
C LYS K 86 12.32 71.14 -68.58
N GLY K 87 13.08 70.72 -69.56
CA GLY K 87 12.85 69.46 -70.21
C GLY K 87 11.74 69.54 -71.24
N PRO K 88 11.57 68.49 -72.00
CA PRO K 88 10.50 68.46 -72.99
C PRO K 88 9.12 68.51 -72.33
N GLU K 89 8.17 69.28 -72.83
CA GLU K 89 6.81 69.33 -72.29
C GLU K 89 5.81 69.08 -73.43
N ILE K 90 4.70 68.42 -73.08
CA ILE K 90 3.51 68.34 -73.92
C ILE K 90 2.50 69.30 -73.35
N ARG K 91 2.04 70.19 -74.23
CA ARG K 91 1.00 71.17 -73.89
C ARG K 91 -0.13 71.20 -74.94
N THR K 92 -1.33 71.54 -74.47
CA THR K 92 -2.42 71.94 -75.39
C THR K 92 -2.11 73.29 -76.00
N GLY K 93 -2.87 73.64 -77.02
CA GLY K 93 -2.84 74.97 -77.59
C GLY K 93 -3.75 75.89 -76.81
N GLN K 94 -4.15 76.97 -77.48
CA GLN K 94 -5.09 77.98 -77.00
C GLN K 94 -6.52 77.55 -77.29
N PHE K 95 -7.45 78.02 -76.47
CA PHE K 95 -8.89 77.90 -76.75
C PHE K 95 -9.50 79.26 -77.07
N VAL K 96 -10.53 79.27 -77.93
CA VAL K 96 -11.30 80.47 -78.26
C VAL K 96 -12.00 81.00 -76.98
N GLY K 97 -11.98 82.31 -76.78
CA GLY K 97 -12.47 82.93 -75.55
C GLY K 97 -11.55 82.73 -74.36
N GLY K 98 -10.32 82.27 -74.62
CA GLY K 98 -9.33 82.04 -73.56
C GLY K 98 -9.49 80.74 -72.79
N ASP K 99 -10.66 80.10 -72.90
CA ASP K 99 -11.09 79.00 -72.01
C ASP K 99 -11.91 77.95 -72.78
N ALA K 100 -12.11 76.76 -72.19
CA ALA K 100 -12.99 75.73 -72.79
C ALA K 100 -13.57 74.71 -71.80
N VAL K 101 -14.89 74.60 -71.80
CA VAL K 101 -15.67 73.93 -70.76
C VAL K 101 -15.97 72.45 -71.11
N MET K 102 -15.16 71.54 -70.59
CA MET K 102 -15.23 70.09 -70.90
C MET K 102 -16.22 69.32 -70.03
N GLU K 103 -17.29 68.79 -70.60
CA GLU K 103 -18.34 68.14 -69.79
C GLU K 103 -18.20 66.62 -69.80
N ARG K 104 -18.64 65.96 -68.73
CA ARG K 104 -18.54 64.51 -68.67
C ARG K 104 -19.47 63.84 -69.71
N GLY K 105 -19.00 62.81 -70.40
CA GLY K 105 -19.82 62.13 -71.40
C GLY K 105 -19.68 62.67 -72.83
N ALA K 106 -19.27 63.95 -72.98
CA ALA K 106 -19.07 64.63 -74.29
C ALA K 106 -17.98 64.00 -75.16
N THR K 107 -18.12 64.15 -76.48
CA THR K 107 -17.07 63.83 -77.43
C THR K 107 -16.28 65.10 -77.84
N CYS K 108 -14.95 64.98 -77.83
CA CYS K 108 -14.08 66.04 -78.36
C CYS K 108 -12.96 65.46 -79.21
N TYR K 109 -12.25 66.30 -79.95
CA TYR K 109 -11.29 65.85 -80.96
C TYR K 109 -9.96 66.52 -80.60
N VAL K 110 -8.91 65.74 -80.47
CA VAL K 110 -7.60 66.34 -80.15
C VAL K 110 -6.74 66.15 -81.38
N THR K 111 -6.12 67.23 -81.81
CA THR K 111 -5.41 67.16 -83.05
C THR K 111 -4.00 67.68 -82.91
N THR K 112 -3.09 67.17 -83.69
CA THR K 112 -1.77 67.78 -83.79
C THR K 112 -1.58 68.64 -85.03
N ASP K 113 -2.67 68.87 -85.76
CA ASP K 113 -2.65 69.80 -86.90
C ASP K 113 -2.34 71.23 -86.38
N PRO K 114 -1.20 71.81 -86.81
CA PRO K 114 -0.78 73.09 -86.17
C PRO K 114 -1.70 74.27 -86.54
N ALA K 115 -2.44 74.15 -87.65
CA ALA K 115 -3.53 75.12 -87.97
C ALA K 115 -4.44 75.46 -86.75
N PHE K 116 -4.55 74.56 -85.79
CA PHE K 116 -5.46 74.68 -84.63
C PHE K 116 -4.90 75.22 -83.31
N ALA K 117 -3.65 75.67 -83.33
CA ALA K 117 -2.95 76.05 -82.07
C ALA K 117 -3.55 77.27 -81.36
N ASP K 118 -4.19 78.16 -82.13
CA ASP K 118 -4.80 79.37 -81.57
C ASP K 118 -6.33 79.42 -81.75
N LYS K 119 -6.96 78.25 -81.99
CA LYS K 119 -8.41 78.18 -82.26
C LYS K 119 -9.01 76.83 -81.86
N GLY K 120 -8.54 76.31 -80.73
CA GLY K 120 -9.21 75.15 -80.14
C GLY K 120 -10.59 75.53 -79.61
N THR K 121 -11.40 74.53 -79.29
CA THR K 121 -12.70 74.77 -78.65
C THR K 121 -12.94 73.48 -77.91
N LYS K 122 -14.00 73.43 -77.11
CA LYS K 122 -14.30 72.17 -76.44
C LYS K 122 -14.44 71.00 -77.44
N ASP K 123 -14.83 71.34 -78.68
CA ASP K 123 -15.06 70.40 -79.78
C ASP K 123 -13.78 69.84 -80.36
N LYS K 124 -12.78 70.70 -80.58
CA LYS K 124 -11.53 70.26 -81.16
C LYS K 124 -10.40 71.22 -80.85
N PHE K 125 -9.32 70.68 -80.34
CA PHE K 125 -8.18 71.51 -80.01
C PHE K 125 -6.85 70.81 -80.23
N TYR K 126 -5.80 71.57 -80.12
CA TYR K 126 -4.48 71.14 -80.46
C TYR K 126 -3.70 70.71 -79.20
N ILE K 127 -2.95 69.61 -79.34
CA ILE K 127 -1.92 69.15 -78.41
C ILE K 127 -0.62 69.20 -79.20
N ASP K 128 0.43 69.78 -78.65
CA ASP K 128 1.58 70.13 -79.49
C ASP K 128 2.62 69.02 -79.68
N TYR K 129 2.28 67.78 -79.35
CA TYR K 129 3.23 66.67 -79.48
C TYR K 129 2.91 65.95 -80.75
N GLN K 130 3.74 66.17 -81.78
CA GLN K 130 3.39 65.76 -83.15
C GLN K 130 3.23 64.26 -83.35
N ASN K 131 3.86 63.51 -82.46
CA ASN K 131 3.71 62.07 -82.48
C ASN K 131 2.55 61.57 -81.66
N LEU K 132 1.63 62.41 -81.20
CA LEU K 132 0.54 61.91 -80.31
C LEU K 132 -0.15 60.65 -80.83
N SER K 133 -0.57 60.68 -82.12
CA SER K 133 -1.34 59.61 -82.74
C SER K 133 -0.61 58.29 -82.83
N LYS K 134 0.68 58.35 -83.13
CA LYS K 134 1.48 57.14 -83.23
C LYS K 134 1.66 56.51 -81.83
N VAL K 135 1.63 57.32 -80.80
CA VAL K 135 2.01 56.78 -79.48
C VAL K 135 0.80 56.26 -78.73
N VAL K 136 -0.37 56.79 -79.03
CA VAL K 136 -1.57 56.38 -78.29
C VAL K 136 -2.38 55.36 -79.11
N ARG K 137 -3.10 54.47 -78.42
CA ARG K 137 -4.10 53.56 -79.06
C ARG K 137 -5.49 53.68 -78.39
N PRO K 138 -6.57 53.21 -79.07
CA PRO K 138 -7.92 53.12 -78.46
C PRO K 138 -7.87 52.48 -77.06
N GLY K 139 -8.48 53.14 -76.07
CA GLY K 139 -8.52 52.63 -74.70
C GLY K 139 -7.59 53.42 -73.80
N ASN K 140 -6.46 53.86 -74.36
CA ASN K 140 -5.51 54.73 -73.61
C ASN K 140 -6.15 56.01 -73.09
N TYR K 141 -5.56 56.53 -72.03
CA TYR K 141 -6.03 57.73 -71.37
C TYR K 141 -5.10 58.90 -71.68
N ILE K 142 -5.68 60.09 -71.79
CA ILE K 142 -4.91 61.31 -72.04
C ILE K 142 -5.23 62.33 -70.96
N TYR K 143 -4.25 62.62 -70.10
CA TYR K 143 -4.48 63.52 -68.94
C TYR K 143 -4.13 64.96 -69.26
N ILE K 144 -5.01 65.88 -68.88
CA ILE K 144 -4.82 67.29 -69.15
C ILE K 144 -5.07 68.10 -67.88
N ASP K 145 -4.19 69.07 -67.63
CA ASP K 145 -4.27 69.87 -66.44
C ASP K 145 -3.88 69.32 -65.05
N ASP K 146 -2.70 68.71 -64.99
CA ASP K 146 -2.29 68.08 -63.75
C ASP K 146 -2.88 66.64 -63.62
N GLY K 147 -3.42 66.13 -64.72
CA GLY K 147 -4.20 64.85 -64.69
C GLY K 147 -5.66 65.03 -64.23
N ILE K 148 -6.12 66.28 -64.14
CA ILE K 148 -7.45 66.56 -63.60
C ILE K 148 -8.54 66.16 -64.58
N LEU K 149 -8.32 66.49 -65.84
CA LEU K 149 -9.27 66.18 -66.91
C LEU K 149 -8.75 64.90 -67.56
N ILE K 150 -9.59 63.88 -67.56
CA ILE K 150 -9.16 62.60 -68.10
C ILE K 150 -10.00 62.33 -69.33
N LEU K 151 -9.35 62.42 -70.50
CA LEU K 151 -10.00 62.08 -71.74
C LEU K 151 -9.63 60.63 -72.00
N GLN K 152 -10.55 59.86 -72.60
CA GLN K 152 -10.19 58.54 -73.13
C GLN K 152 -10.25 58.45 -74.65
N VAL K 153 -9.20 57.86 -75.22
CA VAL K 153 -9.08 57.72 -76.64
C VAL K 153 -9.99 56.63 -77.21
N GLN K 154 -10.84 57.03 -78.19
CA GLN K 154 -11.79 56.10 -78.76
C GLN K 154 -11.28 55.62 -80.11
N SER K 155 -10.82 56.56 -80.97
CA SER K 155 -10.39 56.19 -82.30
C SER K 155 -9.56 57.27 -82.93
N HIS K 156 -8.95 56.91 -84.06
CA HIS K 156 -8.26 57.84 -84.92
C HIS K 156 -9.28 58.39 -85.90
N GLU K 157 -9.80 59.59 -85.64
CA GLU K 157 -10.58 60.31 -86.67
C GLU K 157 -9.77 60.42 -87.96
N ASP K 158 -8.51 60.84 -87.87
CA ASP K 158 -7.61 60.80 -89.03
C ASP K 158 -6.17 60.65 -88.59
N GLU K 159 -5.23 60.88 -89.50
CA GLU K 159 -3.87 60.64 -89.13
C GLU K 159 -3.26 61.61 -88.10
N GLN K 160 -3.94 62.73 -87.83
CA GLN K 160 -3.51 63.76 -86.88
C GLN K 160 -4.50 64.06 -85.79
N THR K 161 -5.63 63.36 -85.76
CA THR K 161 -6.71 63.76 -84.89
C THR K 161 -7.26 62.52 -84.22
N LEU K 162 -7.51 62.62 -82.91
CA LEU K 162 -8.04 61.55 -82.11
C LEU K 162 -9.44 61.92 -81.65
N GLU K 163 -10.40 61.02 -81.84
CA GLU K 163 -11.73 61.20 -81.24
C GLU K 163 -11.60 60.74 -79.79
N CYS K 164 -12.01 61.58 -78.84
CA CYS K 164 -11.93 61.24 -77.41
C CYS K 164 -13.29 61.31 -76.75
N THR K 165 -13.49 60.49 -75.71
CA THR K 165 -14.55 60.70 -74.70
C THR K 165 -14.04 61.56 -73.54
N VAL K 166 -14.84 62.48 -73.05
CA VAL K 166 -14.54 63.15 -71.80
C VAL K 166 -15.04 62.31 -70.56
N THR K 167 -14.12 61.81 -69.73
CA THR K 167 -14.54 60.91 -68.63
C THR K 167 -14.96 61.62 -67.37
N ASN K 168 -14.55 62.89 -67.21
CA ASN K 168 -14.98 63.68 -66.04
C ASN K 168 -14.95 65.17 -66.37
N SER K 169 -15.81 65.93 -65.70
CA SER K 169 -16.05 67.33 -66.03
C SER K 169 -14.90 68.16 -65.55
N HIS K 170 -14.54 69.19 -66.31
CA HIS K 170 -13.51 70.10 -65.87
C HIS K 170 -13.34 71.21 -66.92
N THR K 171 -13.29 72.44 -66.45
CA THR K 171 -13.00 73.56 -67.32
C THR K 171 -11.47 73.63 -67.41
N ILE K 172 -10.96 73.76 -68.64
CA ILE K 172 -9.51 73.89 -68.86
C ILE K 172 -9.17 75.20 -69.59
N SER K 173 -8.16 75.92 -69.13
CA SER K 173 -7.72 77.16 -69.81
C SER K 173 -6.57 76.88 -70.79
N ASP K 174 -6.02 77.95 -71.38
CA ASP K 174 -4.95 77.82 -72.37
C ASP K 174 -3.73 77.05 -71.92
N ARG K 175 -3.26 76.19 -72.81
CA ARG K 175 -1.92 75.61 -72.73
C ARG K 175 -1.64 74.76 -71.50
N ARG K 176 -2.54 73.86 -71.15
CA ARG K 176 -2.26 72.94 -70.05
C ARG K 176 -1.30 71.81 -70.43
N GLY K 177 -0.60 71.27 -69.44
CA GLY K 177 0.32 70.17 -69.68
C GLY K 177 -0.46 68.89 -69.85
N VAL K 178 0.06 67.98 -70.65
CA VAL K 178 -0.65 66.76 -70.77
C VAL K 178 0.29 65.63 -70.35
N ASN K 179 -0.31 64.53 -69.89
CA ASN K 179 0.48 63.30 -69.70
C ASN K 179 -0.13 62.15 -70.42
N LEU K 180 0.62 61.06 -70.52
CA LEU K 180 0.24 59.90 -71.30
C LEU K 180 0.60 58.59 -70.54
N PRO K 181 -0.22 58.20 -69.53
CA PRO K 181 0.32 57.22 -68.63
C PRO K 181 0.59 55.83 -69.16
N GLY K 182 -0.07 55.41 -70.20
CA GLY K 182 0.19 54.07 -70.73
C GLY K 182 0.99 54.21 -72.01
N CYS K 183 1.74 55.29 -72.10
CA CYS K 183 2.32 55.65 -73.38
C CYS K 183 3.77 55.95 -73.24
N ASP K 184 4.51 55.41 -74.20
CA ASP K 184 5.93 55.65 -74.28
C ASP K 184 6.16 56.94 -75.04
N VAL K 185 6.40 58.00 -74.29
CA VAL K 185 6.57 59.31 -74.93
C VAL K 185 7.96 59.42 -75.50
N ASP K 186 8.07 59.91 -76.73
CA ASP K 186 9.39 59.89 -77.43
C ASP K 186 9.93 61.26 -77.83
N LEU K 187 9.60 62.25 -77.07
CA LEU K 187 10.31 63.48 -77.14
C LEU K 187 11.79 63.23 -77.00
N PRO K 188 12.58 64.07 -77.62
CA PRO K 188 14.02 64.04 -77.46
C PRO K 188 14.39 64.26 -76.02
N ALA K 189 15.58 63.86 -75.64
CA ALA K 189 16.01 63.93 -74.26
C ALA K 189 16.12 65.35 -73.86
N VAL K 190 16.59 66.15 -74.79
CA VAL K 190 16.91 67.53 -74.59
C VAL K 190 16.18 68.43 -75.58
N SER K 191 15.38 69.33 -75.08
CA SER K 191 14.72 70.32 -75.91
C SER K 191 15.70 71.37 -76.43
N ALA K 192 15.22 72.22 -77.31
CA ALA K 192 16.05 73.31 -77.78
C ALA K 192 16.38 74.30 -76.69
N LYS K 193 15.44 74.60 -75.84
CA LYS K 193 15.74 75.44 -74.71
C LYS K 193 16.74 74.79 -73.74
N ASP K 194 16.60 73.50 -73.49
CA ASP K 194 17.53 72.76 -72.67
C ASP K 194 18.93 72.89 -73.21
N ARG K 195 19.07 72.76 -74.51
CA ARG K 195 20.35 72.82 -75.15
C ARG K 195 21.00 74.13 -74.83
N VAL K 196 20.22 75.19 -74.86
CA VAL K 196 20.72 76.48 -74.52
C VAL K 196 20.83 76.41 -73.03
N ASP K 197 20.05 75.53 -72.41
CA ASP K 197 20.10 75.47 -70.97
C ASP K 197 21.33 74.77 -70.46
N LEU K 198 21.70 73.67 -71.09
CA LEU K 198 22.90 72.96 -70.75
C LEU K 198 24.18 73.74 -70.97
N GLN K 199 24.28 74.46 -72.06
CA GLN K 199 25.44 75.26 -72.34
C GLN K 199 25.66 76.34 -71.31
N PHE K 200 24.59 76.96 -70.87
CA PHE K 200 24.64 78.00 -69.89
C PHE K 200 25.16 77.46 -68.58
N GLY K 201 24.73 76.26 -68.24
CA GLY K 201 25.17 75.60 -67.04
C GLY K 201 26.65 75.34 -67.02
N VAL K 202 27.17 74.93 -68.15
CA VAL K 202 28.59 74.74 -68.32
C VAL K 202 29.34 76.04 -68.17
N GLU K 203 28.83 77.09 -68.80
CA GLU K 203 29.42 78.41 -68.78
C GLU K 203 29.50 79.01 -67.41
N GLN K 204 28.47 78.84 -66.62
CA GLN K 204 28.44 79.43 -65.31
C GLN K 204 29.00 78.47 -64.30
N GLY K 205 29.57 77.39 -64.78
CA GLY K 205 30.21 76.42 -63.94
C GLY K 205 29.42 75.70 -62.88
N VAL K 206 28.22 75.28 -63.20
CA VAL K 206 27.42 74.49 -62.27
C VAL K 206 28.00 73.13 -61.97
N ASP K 207 27.80 72.68 -60.76
CA ASP K 207 28.19 71.36 -60.31
C ASP K 207 27.49 70.12 -60.87
N MET K 208 26.18 70.13 -60.99
CA MET K 208 25.42 68.99 -61.44
C MET K 208 24.19 69.37 -62.25
N ILE K 209 23.70 68.43 -63.02
CA ILE K 209 22.48 68.59 -63.75
C ILE K 209 21.45 67.62 -63.21
N PHE K 210 20.28 68.09 -62.88
CA PHE K 210 19.22 67.20 -62.60
C PHE K 210 18.46 67.06 -63.89
N ALA K 211 18.63 65.97 -64.58
CA ALA K 211 18.09 65.83 -65.89
C ALA K 211 16.67 65.29 -65.83
N SER K 212 15.74 66.13 -66.19
CA SER K 212 14.34 65.79 -66.20
C SER K 212 13.93 64.74 -67.19
N PHE K 213 12.89 64.03 -66.81
CA PHE K 213 12.22 63.08 -67.63
C PHE K 213 13.18 62.06 -68.32
N ILE K 214 14.16 61.31 -67.68
CA ILE K 214 15.04 60.47 -68.39
C ILE K 214 14.34 59.16 -68.69
N ARG K 215 13.95 58.95 -69.93
CA ARG K 215 13.50 57.66 -70.49
C ARG K 215 14.55 56.53 -70.69
N SER K 216 15.79 56.87 -70.98
CA SER K 216 16.78 55.91 -71.44
C SER K 216 18.26 56.21 -71.18
N ALA K 217 19.06 55.16 -71.28
CA ALA K 217 20.50 55.23 -71.20
C ALA K 217 21.10 56.03 -72.32
N GLU K 218 20.48 55.93 -73.49
CA GLU K 218 20.87 56.67 -74.67
C GLU K 218 20.69 58.16 -74.48
N GLN K 219 19.62 58.55 -73.81
CA GLN K 219 19.32 59.92 -73.49
C GLN K 219 20.34 60.55 -72.58
N VAL K 220 20.81 59.82 -71.60
CA VAL K 220 21.82 60.31 -70.69
C VAL K 220 23.06 60.63 -71.50
N GLY K 221 23.40 59.75 -72.41
CA GLY K 221 24.56 59.95 -73.24
C GLY K 221 24.44 61.20 -74.07
N ASP K 222 23.24 61.45 -74.56
CA ASP K 222 22.99 62.65 -75.29
C ASP K 222 23.17 63.87 -74.43
N VAL K 223 22.79 63.79 -73.18
CA VAL K 223 23.05 64.86 -72.25
C VAL K 223 24.53 65.09 -71.98
N ARG K 224 25.27 64.02 -71.86
CA ARG K 224 26.68 64.05 -71.58
C ARG K 224 27.36 64.75 -72.72
N LYS K 225 26.86 64.47 -73.91
CA LYS K 225 27.41 64.93 -75.16
C LYS K 225 27.11 66.40 -75.41
N ALA K 226 25.93 66.83 -75.04
CA ALA K 226 25.57 68.23 -75.08
C ALA K 226 26.41 69.05 -74.12
N LEU K 227 26.75 68.49 -72.98
CA LEU K 227 27.58 69.20 -72.04
C LEU K 227 28.94 69.41 -72.63
N GLY K 228 29.40 68.44 -73.39
CA GLY K 228 30.65 68.53 -74.08
C GLY K 228 31.88 68.22 -73.28
N PRO K 229 33.04 68.53 -73.83
CA PRO K 229 34.34 68.43 -73.17
C PRO K 229 34.50 69.37 -72.01
N LYS K 230 34.04 70.59 -72.18
CA LYS K 230 34.12 71.58 -71.13
C LYS K 230 33.31 71.15 -69.95
N GLY K 231 32.33 70.33 -70.23
CA GLY K 231 31.36 69.89 -69.24
C GLY K 231 31.55 68.52 -68.65
N ARG K 232 32.68 67.90 -68.89
CA ARG K 232 32.90 66.51 -68.56
C ARG K 232 32.86 66.13 -67.09
N ASP K 233 33.19 67.05 -66.22
CA ASP K 233 33.19 66.75 -64.81
C ASP K 233 31.91 67.14 -64.11
N ILE K 234 30.89 67.55 -64.86
CA ILE K 234 29.62 67.84 -64.26
C ILE K 234 28.86 66.55 -64.15
N MET K 235 28.26 66.33 -63.00
CA MET K 235 27.50 65.14 -62.69
C MET K 235 26.14 65.16 -63.34
N ILE K 236 25.72 64.08 -63.96
CA ILE K 236 24.37 64.02 -64.43
C ILE K 236 23.51 63.14 -63.55
N ILE K 237 22.62 63.76 -62.82
CA ILE K 237 21.72 63.08 -61.94
C ILE K 237 20.40 62.87 -62.67
N CYS K 238 19.97 61.63 -62.82
CA CYS K 238 18.80 61.37 -63.62
C CYS K 238 17.50 61.23 -62.86
N LYS K 239 16.57 62.11 -63.14
CA LYS K 239 15.28 62.09 -62.55
C LYS K 239 14.39 61.05 -63.17
N ILE K 240 13.79 60.20 -62.36
CA ILE K 240 12.90 59.17 -62.84
C ILE K 240 11.53 59.65 -62.57
N GLU K 241 10.80 60.00 -63.62
CA GLU K 241 9.49 60.61 -63.44
C GLU K 241 8.40 59.89 -64.22
N ASN K 242 8.75 58.96 -65.08
CA ASN K 242 7.77 58.16 -65.83
C ASN K 242 7.98 56.67 -65.93
N HIS K 243 7.09 56.01 -66.67
CA HIS K 243 7.14 54.55 -66.80
C HIS K 243 8.45 54.04 -67.38
N GLN K 244 8.83 54.58 -68.53
CA GLN K 244 9.99 54.14 -69.24
C GLN K 244 11.25 54.26 -68.41
N GLY K 245 11.36 55.34 -67.67
CA GLY K 245 12.48 55.52 -66.80
C GLY K 245 12.56 54.48 -65.74
N VAL K 246 11.45 54.12 -65.13
CA VAL K 246 11.45 53.05 -64.17
C VAL K 246 11.82 51.72 -64.79
N GLN K 247 11.30 51.45 -65.95
CA GLN K 247 11.54 50.21 -66.62
C GLN K 247 13.00 50.03 -66.95
N ASN K 248 13.64 51.12 -67.33
CA ASN K 248 15.01 51.12 -67.79
C ASN K 248 16.03 51.49 -66.75
N ILE K 249 15.70 51.32 -65.49
CA ILE K 249 16.48 51.83 -64.41
C ILE K 249 17.91 51.32 -64.28
N ASP K 250 18.17 50.05 -64.49
CA ASP K 250 19.52 49.55 -64.39
C ASP K 250 20.47 50.17 -65.39
N SER K 251 20.05 50.23 -66.64
CA SER K 251 20.82 50.88 -67.65
C SER K 251 21.00 52.37 -67.45
N ILE K 252 19.97 53.04 -66.98
CA ILE K 252 20.06 54.43 -66.63
C ILE K 252 21.00 54.68 -65.46
N ILE K 253 20.93 53.83 -64.47
CA ILE K 253 21.79 53.95 -63.34
C ILE K 253 23.24 53.77 -63.78
N GLU K 254 23.51 52.84 -64.68
CA GLU K 254 24.83 52.62 -65.22
C GLU K 254 25.43 53.87 -65.84
N GLU K 255 24.69 54.47 -66.74
CA GLU K 255 25.07 55.71 -67.42
C GLU K 255 25.20 56.95 -66.56
N SER K 256 24.34 57.06 -65.58
CA SER K 256 24.25 58.22 -64.74
C SER K 256 25.32 58.32 -63.66
N ASP K 257 25.36 59.45 -63.00
CA ASP K 257 26.12 59.63 -61.80
C ASP K 257 25.25 59.57 -60.57
N GLY K 258 23.95 59.44 -60.74
CA GLY K 258 23.02 59.36 -59.66
C GLY K 258 21.60 59.47 -60.11
N ILE K 259 20.68 59.31 -59.19
CA ILE K 259 19.27 59.25 -59.46
C ILE K 259 18.48 60.16 -58.56
N MET K 260 17.44 60.72 -59.12
CA MET K 260 16.39 61.35 -58.37
C MET K 260 15.06 60.60 -58.50
N VAL K 261 14.42 60.34 -57.38
CA VAL K 261 13.11 59.75 -57.40
C VAL K 261 12.12 60.88 -57.43
N ALA K 262 11.73 61.29 -58.62
CA ALA K 262 10.97 62.49 -58.85
C ALA K 262 9.51 62.24 -58.66
N ARG K 263 9.08 62.29 -57.43
CA ARG K 263 7.80 61.81 -57.06
C ARG K 263 6.62 62.54 -57.64
N GLY K 264 6.69 63.86 -57.80
CA GLY K 264 5.56 64.56 -58.34
C GLY K 264 5.09 64.21 -59.73
N ASP K 265 5.96 64.21 -60.70
CA ASP K 265 5.66 63.64 -62.01
C ASP K 265 5.39 62.13 -62.02
N LEU K 266 6.16 61.35 -61.26
CA LEU K 266 6.05 59.90 -61.21
C LEU K 266 4.71 59.46 -60.70
N GLY K 267 4.22 60.24 -59.77
CA GLY K 267 2.95 60.09 -59.16
C GLY K 267 1.74 60.17 -60.04
N VAL K 268 1.72 61.03 -61.05
CA VAL K 268 0.76 61.04 -62.14
C VAL K 268 0.94 59.93 -63.15
N GLU K 269 2.19 59.75 -63.54
CA GLU K 269 2.55 58.80 -64.56
C GLU K 269 2.29 57.37 -64.13
N ILE K 270 2.51 57.10 -62.89
CA ILE K 270 2.43 55.80 -62.40
C ILE K 270 1.48 56.09 -61.33
N PRO K 271 0.68 55.11 -61.04
CA PRO K 271 -0.25 55.23 -59.94
C PRO K 271 0.61 55.28 -58.73
N ALA K 272 0.08 56.13 -57.88
CA ALA K 272 0.65 56.81 -56.77
C ALA K 272 1.03 55.82 -55.76
N GLU K 273 0.19 54.82 -55.57
CA GLU K 273 0.46 53.76 -54.63
C GLU K 273 1.68 52.94 -55.03
N LYS K 274 2.04 53.05 -56.30
CA LYS K 274 3.24 52.38 -56.82
C LYS K 274 4.53 53.16 -56.53
N VAL K 275 4.42 54.48 -56.38
CA VAL K 275 5.58 55.30 -56.16
C VAL K 275 6.37 54.78 -54.96
N VAL K 276 5.69 54.22 -53.97
CA VAL K 276 6.35 53.65 -52.82
C VAL K 276 7.27 52.48 -53.14
N VAL K 277 6.82 51.55 -53.95
CA VAL K 277 7.65 50.46 -54.44
C VAL K 277 8.79 50.95 -55.30
N ALA K 278 8.51 51.90 -56.16
CA ALA K 278 9.54 52.49 -56.95
C ALA K 278 10.60 53.19 -56.09
N GLN K 279 10.21 53.87 -55.03
CA GLN K 279 11.15 54.50 -54.15
C GLN K 279 12.08 53.53 -53.47
N LYS K 280 11.52 52.47 -52.93
CA LYS K 280 12.31 51.48 -52.33
C LYS K 280 13.23 50.82 -53.32
N ILE K 281 12.77 50.45 -54.50
CA ILE K 281 13.65 49.82 -55.43
C ILE K 281 14.78 50.71 -55.92
N LEU K 282 14.48 51.92 -56.30
CA LEU K 282 15.45 52.80 -56.89
C LEU K 282 16.56 53.23 -55.94
N ILE K 283 16.19 53.49 -54.71
CA ILE K 283 17.11 53.84 -53.70
C ILE K 283 18.06 52.70 -53.40
N SER K 284 17.51 51.50 -53.29
CA SER K 284 18.31 50.34 -53.03
C SER K 284 19.28 50.05 -54.13
N LYS K 285 18.86 50.14 -55.37
CA LYS K 285 19.72 49.91 -56.49
C LYS K 285 20.88 50.92 -56.57
N CYS K 286 20.57 52.16 -56.24
CA CYS K 286 21.57 53.19 -56.09
C CYS K 286 22.53 52.93 -54.95
N ASN K 287 22.04 52.47 -53.83
CA ASN K 287 22.90 52.15 -52.72
C ASN K 287 23.85 51.01 -53.05
N VAL K 288 23.34 49.99 -53.69
CA VAL K 288 24.14 48.87 -54.09
C VAL K 288 25.18 49.25 -55.10
N ALA K 289 24.80 50.10 -56.05
CA ALA K 289 25.71 50.60 -57.05
C ALA K 289 26.75 51.65 -56.60
N GLY K 290 26.62 52.16 -55.39
CA GLY K 290 27.34 53.32 -54.91
C GLY K 290 27.16 54.68 -55.55
N LYS K 291 25.95 55.04 -55.92
CA LYS K 291 25.67 56.32 -56.51
C LYS K 291 24.60 57.02 -55.73
N PRO K 292 24.72 58.34 -55.66
CA PRO K 292 23.84 59.17 -54.85
C PRO K 292 22.39 59.10 -55.32
N VAL K 293 21.45 59.06 -54.38
CA VAL K 293 20.05 58.97 -54.67
C VAL K 293 19.23 59.98 -53.88
N ILE K 294 18.32 60.65 -54.55
CA ILE K 294 17.53 61.71 -53.98
C ILE K 294 16.04 61.40 -53.97
N CYS K 295 15.42 61.63 -52.84
CA CYS K 295 13.98 61.55 -52.68
C CYS K 295 13.36 62.92 -52.73
N ALA K 296 12.43 63.07 -53.66
CA ALA K 296 11.85 64.34 -53.99
C ALA K 296 10.35 64.44 -53.99
N THR K 297 9.87 65.63 -53.62
CA THR K 297 8.56 66.18 -53.88
C THR K 297 7.50 65.93 -52.80
N GLN K 298 6.85 66.99 -52.35
CA GLN K 298 5.76 66.97 -51.40
C GLN K 298 6.18 66.43 -50.05
N MET K 299 7.48 66.40 -49.80
CA MET K 299 7.98 65.86 -48.57
C MET K 299 7.53 66.64 -47.35
N LEU K 300 7.55 67.95 -47.42
CA LEU K 300 7.01 68.75 -46.34
C LEU K 300 6.10 69.83 -46.88
N GLU K 301 5.15 69.43 -47.72
CA GLU K 301 4.33 70.32 -48.48
C GLU K 301 3.51 71.37 -47.74
N SER K 302 2.92 71.01 -46.62
CA SER K 302 2.03 71.87 -45.86
C SER K 302 2.78 73.03 -45.24
N MET K 303 4.09 72.89 -45.19
CA MET K 303 4.96 73.85 -44.60
C MET K 303 5.26 74.94 -45.58
N THR K 304 4.70 74.83 -46.77
CA THR K 304 4.70 75.90 -47.72
C THR K 304 3.87 77.00 -47.11
N TYR K 305 2.87 76.63 -46.33
CA TYR K 305 2.00 77.63 -45.75
C TYR K 305 1.90 77.63 -44.25
N ASN K 306 2.35 76.58 -43.59
CA ASN K 306 2.24 76.49 -42.15
C ASN K 306 3.57 76.34 -41.48
N PRO K 307 3.62 76.79 -40.26
CA PRO K 307 4.81 76.72 -39.43
C PRO K 307 5.23 75.29 -39.07
N ARG K 308 4.29 74.36 -39.06
CA ARG K 308 4.51 73.00 -38.63
C ARG K 308 3.96 72.00 -39.64
N PRO K 309 4.65 70.86 -39.76
CA PRO K 309 4.27 69.81 -40.67
C PRO K 309 3.18 68.89 -40.17
N THR K 310 2.55 68.20 -41.09
CA THR K 310 1.66 67.10 -40.81
C THR K 310 2.39 65.84 -40.38
N ARG K 311 1.68 64.92 -39.74
CA ARG K 311 2.25 63.66 -39.31
C ARG K 311 2.74 62.83 -40.47
N ALA K 312 1.98 62.81 -41.55
CA ALA K 312 2.36 62.07 -42.72
C ALA K 312 3.66 62.60 -43.32
N GLU K 313 3.84 63.88 -43.28
CA GLU K 313 5.04 64.49 -43.78
C GLU K 313 6.31 64.13 -43.03
N VAL K 314 6.24 64.20 -41.71
CA VAL K 314 7.33 63.85 -40.86
C VAL K 314 7.68 62.41 -41.07
N SER K 315 6.68 61.57 -41.13
CA SER K 315 6.93 60.18 -41.39
C SER K 315 7.60 59.98 -42.72
N ASP K 316 7.20 60.74 -43.73
CA ASP K 316 7.81 60.66 -45.02
C ASP K 316 9.31 61.03 -45.04
N VAL K 317 9.74 62.09 -44.39
CA VAL K 317 11.17 62.40 -44.41
C VAL K 317 12.00 61.30 -43.75
N ALA K 318 11.48 60.79 -42.65
CA ALA K 318 12.12 59.74 -41.91
C ALA K 318 12.28 58.40 -42.64
N ASN K 319 11.22 57.95 -43.28
CA ASN K 319 11.22 56.76 -44.09
C ASN K 319 12.13 56.86 -45.28
N ALA K 320 12.29 58.02 -45.87
CA ALA K 320 13.25 58.17 -46.95
C ALA K 320 14.69 57.90 -46.54
N VAL K 321 15.05 58.34 -45.35
CA VAL K 321 16.33 58.04 -44.73
C VAL K 321 16.51 56.59 -44.42
N PHE K 322 15.47 55.97 -43.86
CA PHE K 322 15.42 54.56 -43.58
C PHE K 322 15.55 53.79 -44.88
N ASN K 323 14.98 54.32 -45.94
CA ASN K 323 14.99 53.71 -47.26
C ASN K 323 16.44 53.64 -47.76
N GLY K 324 17.28 54.54 -47.28
CA GLY K 324 18.63 54.62 -47.73
C GLY K 324 19.06 55.75 -48.62
N ALA K 325 18.26 56.78 -48.71
CA ALA K 325 18.57 57.94 -49.52
C ALA K 325 19.73 58.81 -49.05
N ASP K 326 20.56 59.21 -49.98
CA ASP K 326 21.55 60.20 -49.71
C ASP K 326 20.94 61.56 -49.37
N CYS K 327 19.92 61.96 -50.11
CA CYS K 327 19.33 63.29 -50.04
C CYS K 327 17.82 63.37 -49.98
N VAL K 328 17.33 64.38 -49.29
CA VAL K 328 15.95 64.75 -49.38
C VAL K 328 15.89 66.14 -49.98
N MET K 329 14.76 66.48 -50.56
CA MET K 329 14.64 67.66 -51.36
C MET K 329 13.46 68.52 -51.01
N LEU K 330 13.60 69.81 -51.20
CA LEU K 330 12.54 70.75 -50.98
C LEU K 330 12.26 71.51 -52.25
N SER K 331 10.99 71.62 -52.58
CA SER K 331 10.63 72.25 -53.82
C SER K 331 9.94 73.59 -53.68
N GLY K 332 8.63 73.55 -53.61
CA GLY K 332 7.80 74.71 -53.39
C GLY K 332 7.96 75.31 -52.02
N GLU K 333 8.24 74.46 -51.05
CA GLU K 333 8.38 74.85 -49.66
C GLU K 333 9.49 75.88 -49.50
N THR K 334 10.53 75.81 -50.29
CA THR K 334 11.55 76.83 -50.34
C THR K 334 11.49 77.80 -51.52
N ALA K 335 10.93 77.40 -52.64
CA ALA K 335 10.79 78.29 -53.75
C ALA K 335 9.82 79.43 -53.54
N LYS K 336 8.63 79.12 -53.06
CA LYS K 336 7.57 80.09 -52.89
C LYS K 336 6.92 80.16 -51.52
N GLY K 337 7.43 79.40 -50.58
CA GLY K 337 6.87 79.26 -49.26
C GLY K 337 7.02 80.40 -48.30
N LYS K 338 6.16 80.38 -47.29
CA LYS K 338 6.19 81.22 -46.11
C LYS K 338 7.32 81.00 -45.12
N TYR K 339 7.76 79.76 -44.90
CA TYR K 339 8.68 79.49 -43.85
C TYR K 339 9.87 78.69 -44.31
N PRO K 340 10.67 79.29 -45.16
CA PRO K 340 11.79 78.57 -45.75
C PRO K 340 12.80 78.08 -44.76
N ASN K 341 13.25 78.91 -43.84
CA ASN K 341 14.18 78.48 -42.82
C ASN K 341 13.63 77.41 -41.90
N GLU K 342 12.41 77.56 -41.47
CA GLU K 342 11.79 76.59 -40.63
C GLU K 342 11.60 75.22 -41.28
N VAL K 343 11.23 75.20 -42.54
CA VAL K 343 11.02 73.94 -43.20
C VAL K 343 12.31 73.15 -43.29
N VAL K 344 13.39 73.80 -43.64
CA VAL K 344 14.67 73.21 -43.67
C VAL K 344 15.12 72.74 -42.31
N GLN K 345 14.90 73.54 -41.29
CA GLN K 345 15.28 73.18 -39.97
C GLN K 345 14.52 71.95 -39.52
N TYR K 346 13.25 71.87 -39.86
CA TYR K 346 12.46 70.70 -39.56
C TYR K 346 12.93 69.45 -40.26
N MET K 347 13.28 69.57 -41.51
CA MET K 347 13.76 68.46 -42.24
C MET K 347 15.06 67.93 -41.68
N ALA K 348 15.96 68.82 -41.30
CA ALA K 348 17.23 68.42 -40.74
C ALA K 348 17.07 67.68 -39.44
N ARG K 349 16.18 68.16 -38.63
CA ARG K 349 15.88 67.59 -37.35
C ARG K 349 15.31 66.18 -37.47
N ILE K 350 14.38 65.98 -38.38
CA ILE K 350 13.83 64.67 -38.66
C ILE K 350 14.85 63.70 -39.18
N CYS K 351 15.74 64.18 -40.02
CA CYS K 351 16.79 63.38 -40.58
C CYS K 351 17.73 62.90 -39.49
N LEU K 352 18.06 63.76 -38.55
CA LEU K 352 18.91 63.38 -37.45
C LEU K 352 18.29 62.36 -36.52
N GLU K 353 17.01 62.50 -36.26
CA GLU K 353 16.28 61.55 -35.47
C GLU K 353 16.18 60.16 -36.09
N ALA K 354 15.90 60.09 -37.37
CA ALA K 354 15.81 58.82 -38.10
C ALA K 354 17.14 58.10 -38.10
N GLN K 355 18.20 58.90 -38.15
CA GLN K 355 19.57 58.45 -38.16
C GLN K 355 19.90 57.70 -36.90
N SER K 356 19.34 58.09 -35.77
CA SER K 356 19.52 57.33 -34.57
C SER K 356 18.93 55.96 -34.64
N ALA K 357 17.75 55.86 -35.20
CA ALA K 357 17.04 54.62 -35.40
C ALA K 357 17.70 53.76 -36.44
N LEU K 358 18.51 54.36 -37.30
CA LEU K 358 19.08 53.66 -38.42
C LEU K 358 20.06 52.65 -37.95
N ASN K 359 19.99 51.46 -38.48
CA ASN K 359 20.98 50.47 -38.16
C ASN K 359 22.05 50.51 -39.21
N GLU K 360 23.07 51.30 -38.97
CA GLU K 360 24.15 51.52 -39.90
C GLU K 360 24.94 50.27 -40.17
N TYR K 361 25.08 49.45 -39.14
CA TYR K 361 25.78 48.20 -39.24
C TYR K 361 25.15 47.16 -40.15
N VAL K 362 23.85 46.97 -40.05
CA VAL K 362 23.13 46.02 -40.90
C VAL K 362 23.23 46.47 -42.31
N PHE K 363 23.10 47.75 -42.50
CA PHE K 363 23.22 48.39 -43.78
C PHE K 363 24.58 48.16 -44.40
N PHE K 364 25.65 48.21 -43.62
CA PHE K 364 26.98 47.93 -44.13
C PHE K 364 27.14 46.50 -44.64
N ASN K 365 26.72 45.56 -43.84
CA ASN K 365 26.76 44.16 -44.18
C ASN K 365 25.86 43.79 -45.34
N SER K 366 24.68 44.38 -45.41
CA SER K 366 23.77 44.11 -46.46
C SER K 366 24.31 44.53 -47.78
N ILE K 367 24.90 45.71 -47.81
CA ILE K 367 25.50 46.26 -49.01
C ILE K 367 26.68 45.45 -49.49
N LYS K 368 27.50 45.04 -48.56
CA LYS K 368 28.71 44.27 -48.76
C LYS K 368 28.43 42.91 -49.38
N LYS K 369 27.38 42.22 -48.94
CA LYS K 369 26.97 40.96 -49.53
C LYS K 369 26.54 41.08 -50.95
N LEU K 370 26.04 42.23 -51.35
CA LEU K 370 25.55 42.41 -52.69
C LEU K 370 26.55 42.73 -53.77
N GLN K 371 27.78 42.97 -53.38
CA GLN K 371 28.84 43.25 -54.31
C GLN K 371 29.41 42.00 -54.91
N HIS K 372 29.72 42.10 -56.17
CA HIS K 372 30.33 41.05 -56.90
C HIS K 372 31.74 40.79 -56.42
N ILE K 373 32.09 39.51 -56.31
CA ILE K 373 33.42 39.12 -55.86
C ILE K 373 34.11 38.25 -56.90
N PRO K 374 35.33 38.62 -57.26
CA PRO K 374 35.97 39.81 -56.68
C PRO K 374 35.40 41.10 -57.27
N MET K 375 35.99 42.24 -56.89
CA MET K 375 35.54 43.53 -57.39
C MET K 375 36.72 44.41 -57.78
N SER K 376 37.25 45.15 -56.81
CA SER K 376 38.38 46.03 -57.07
C SER K 376 39.15 46.31 -55.78
N ALA K 377 40.47 46.43 -55.90
CA ALA K 377 41.31 46.69 -54.75
C ALA K 377 40.92 47.89 -53.93
N ASP K 378 40.61 49.00 -54.55
CA ASP K 378 40.10 50.14 -53.81
C ASP K 378 38.76 49.90 -53.14
N GLU K 379 37.87 49.17 -53.77
CA GLU K 379 36.61 48.82 -53.14
C GLU K 379 36.74 47.96 -51.92
N ALA K 380 37.61 46.99 -51.95
CA ALA K 380 37.90 46.19 -50.79
C ALA K 380 38.52 47.02 -49.67
N VAL K 381 39.35 47.96 -50.03
CA VAL K 381 40.00 48.80 -49.06
C VAL K 381 38.97 49.62 -48.33
N CYS K 382 38.03 50.19 -49.05
CA CYS K 382 36.98 50.95 -48.43
C CYS K 382 36.05 50.17 -47.57
N SER K 383 35.61 49.02 -48.05
CA SER K 383 34.75 48.18 -47.27
C SER K 383 35.38 47.60 -46.02
N SER K 384 36.55 47.05 -46.15
CA SER K 384 37.25 46.57 -45.02
C SER K 384 37.63 47.71 -44.04
N ALA K 385 37.91 48.89 -44.55
CA ALA K 385 38.24 50.03 -43.69
C ALA K 385 37.10 50.46 -42.80
N VAL K 386 35.89 50.42 -43.34
CA VAL K 386 34.66 50.61 -42.61
C VAL K 386 34.45 49.50 -41.58
N ASN K 387 34.78 48.29 -41.95
CA ASN K 387 34.67 47.18 -41.06
C ASN K 387 35.59 47.41 -39.85
N SER K 388 36.73 48.00 -40.12
CA SER K 388 37.67 48.43 -39.11
C SER K 388 37.05 49.47 -38.25
N VAL K 389 36.26 50.34 -38.81
CA VAL K 389 35.64 51.34 -38.01
C VAL K 389 34.72 50.72 -37.00
N TYR K 390 33.89 49.78 -37.42
CA TYR K 390 32.99 49.10 -36.51
C TYR K 390 33.72 48.26 -35.46
N GLU K 391 34.77 47.57 -35.87
CA GLU K 391 35.56 46.76 -34.98
C GLU K 391 36.29 47.51 -33.86
N THR K 392 36.82 48.69 -34.14
CA THR K 392 37.49 49.51 -33.13
C THR K 392 36.64 50.56 -32.46
N LYS K 393 35.44 50.76 -32.94
CA LYS K 393 34.64 51.90 -32.60
C LYS K 393 35.29 53.23 -32.92
N ALA K 394 35.88 53.35 -34.09
CA ALA K 394 36.48 54.57 -34.52
C ALA K 394 35.49 55.70 -34.71
N LYS K 395 35.87 56.89 -34.29
CA LYS K 395 34.93 57.97 -34.26
C LYS K 395 34.97 58.88 -35.44
N ALA K 396 35.89 58.64 -36.34
CA ALA K 396 36.00 59.39 -37.57
C ALA K 396 36.76 58.66 -38.64
N MET K 397 36.65 59.15 -39.83
CA MET K 397 37.27 58.52 -40.93
C MET K 397 37.82 59.61 -41.76
N VAL K 398 38.97 59.40 -42.38
CA VAL K 398 39.52 60.37 -43.30
C VAL K 398 39.87 59.74 -44.61
N VAL K 399 39.44 60.32 -45.71
CA VAL K 399 39.82 59.84 -47.01
C VAL K 399 40.36 60.88 -47.90
N LEU K 400 41.31 60.49 -48.73
CA LEU K 400 41.78 61.39 -49.72
C LEU K 400 41.10 61.14 -51.04
N SER K 401 40.36 62.11 -51.52
CA SER K 401 39.82 62.06 -52.87
C SER K 401 39.87 63.37 -53.61
N ASN K 402 40.44 63.34 -54.80
CA ASN K 402 40.42 64.47 -55.70
C ASN K 402 39.26 64.51 -56.70
N THR K 403 38.95 63.38 -57.33
CA THR K 403 37.78 63.24 -58.15
C THR K 403 36.51 63.18 -57.34
N GLY K 404 36.61 62.78 -56.09
CA GLY K 404 35.47 62.50 -55.28
C GLY K 404 35.04 61.05 -55.31
N ARG K 405 35.64 60.29 -56.22
CA ARG K 405 35.35 58.86 -56.35
C ARG K 405 35.62 58.10 -55.06
N SER K 406 36.80 58.29 -54.47
CA SER K 406 37.14 57.55 -53.28
C SER K 406 36.16 57.82 -52.20
N ALA K 407 35.73 59.04 -52.06
CA ALA K 407 34.76 59.37 -51.05
C ALA K 407 33.37 58.71 -51.19
N ARG K 408 32.85 58.62 -52.39
CA ARG K 408 31.60 57.94 -52.61
C ARG K 408 31.70 56.46 -52.27
N LEU K 409 32.82 55.86 -52.64
CA LEU K 409 33.09 54.47 -52.43
C LEU K 409 33.10 54.09 -50.97
N VAL K 410 33.70 54.91 -50.14
CA VAL K 410 33.61 54.78 -48.71
C VAL K 410 32.26 55.01 -48.05
N ALA K 411 31.58 56.06 -48.46
CA ALA K 411 30.30 56.47 -47.91
C ALA K 411 29.30 55.40 -48.21
N LYS K 412 29.53 54.72 -49.29
CA LYS K 412 28.71 53.66 -49.76
C LYS K 412 28.58 52.54 -48.76
N TYR K 413 29.60 52.37 -47.93
CA TYR K 413 29.61 51.32 -46.98
C TYR K 413 29.03 51.69 -45.65
N ARG K 414 28.49 52.88 -45.54
CA ARG K 414 27.75 53.24 -44.34
C ARG K 414 28.44 53.02 -42.97
N PRO K 415 29.54 53.69 -42.74
CA PRO K 415 30.20 53.69 -41.45
C PRO K 415 29.35 54.41 -40.44
N ASN K 416 29.58 54.17 -39.17
CA ASN K 416 28.74 54.81 -38.16
C ASN K 416 29.36 56.06 -37.56
N CYS K 417 30.22 56.66 -38.33
CA CYS K 417 30.96 57.81 -37.91
C CYS K 417 31.08 58.73 -39.07
N PRO K 418 31.42 59.97 -38.83
CA PRO K 418 31.60 60.94 -39.90
C PRO K 418 32.72 60.56 -40.81
N ILE K 419 32.63 60.90 -42.08
CA ILE K 419 33.68 60.65 -43.00
C ILE K 419 34.26 61.97 -43.40
N VAL K 420 35.55 62.11 -43.33
CA VAL K 420 36.11 63.37 -43.68
C VAL K 420 36.96 63.24 -44.89
N CYS K 421 36.56 63.89 -45.95
CA CYS K 421 37.24 63.83 -47.21
C CYS K 421 38.17 65.04 -47.42
N VAL K 422 39.38 64.78 -47.82
CA VAL K 422 40.30 65.86 -48.05
C VAL K 422 40.55 65.91 -49.52
N THR K 423 40.20 67.02 -50.13
CA THR K 423 40.20 67.12 -51.56
C THR K 423 40.99 68.31 -52.05
N THR K 424 41.59 68.18 -53.21
CA THR K 424 42.27 69.27 -53.83
C THR K 424 41.44 70.00 -54.84
N ARG K 425 40.17 69.66 -54.96
CA ARG K 425 39.28 70.36 -55.87
C ARG K 425 38.06 70.91 -55.17
N LEU K 426 37.81 72.19 -55.33
CA LEU K 426 36.64 72.82 -54.74
C LEU K 426 35.32 72.29 -55.27
N GLN K 427 35.28 71.99 -56.55
CA GLN K 427 34.11 71.43 -57.17
C GLN K 427 33.78 70.09 -56.56
N THR K 428 34.80 69.35 -56.20
CA THR K 428 34.64 68.10 -55.53
C THR K 428 33.97 68.31 -54.22
N CYS K 429 34.33 69.36 -53.51
CA CYS K 429 33.66 69.65 -52.26
C CYS K 429 32.18 69.93 -52.47
N ARG K 430 31.85 70.65 -53.50
CA ARG K 430 30.47 70.86 -53.82
C ARG K 430 29.73 69.60 -54.26
N GLN K 431 30.34 68.82 -55.13
CA GLN K 431 29.75 67.63 -55.72
C GLN K 431 29.43 66.57 -54.67
N LEU K 432 30.24 66.54 -53.64
CA LEU K 432 30.09 65.65 -52.52
C LEU K 432 28.98 66.04 -51.57
N ASN K 433 28.36 67.15 -51.83
CA ASN K 433 27.23 67.63 -51.07
C ASN K 433 25.98 66.79 -51.31
N ILE K 434 26.00 65.92 -52.31
CA ILE K 434 24.93 64.96 -52.49
C ILE K 434 25.25 63.58 -51.98
N THR K 435 26.39 63.38 -51.36
CA THR K 435 26.72 62.08 -50.84
C THR K 435 26.50 62.08 -49.36
N GLN K 436 25.72 61.15 -48.83
CA GLN K 436 25.46 61.13 -47.42
C GLN K 436 26.70 60.85 -46.59
N GLY K 437 26.72 61.46 -45.43
CA GLY K 437 27.68 61.18 -44.41
C GLY K 437 29.09 61.66 -44.64
N VAL K 438 29.27 62.61 -45.53
CA VAL K 438 30.59 63.08 -45.90
C VAL K 438 30.78 64.58 -45.75
N GLU K 439 31.92 64.96 -45.22
CA GLU K 439 32.30 66.35 -45.09
C GLU K 439 33.62 66.59 -45.77
N SER K 440 33.74 67.70 -46.46
CA SER K 440 34.92 68.00 -47.25
C SER K 440 35.82 69.09 -46.66
N VAL K 441 37.11 68.87 -46.76
CA VAL K 441 38.11 69.85 -46.44
C VAL K 441 38.90 70.12 -47.68
N PHE K 442 38.94 71.35 -48.14
CA PHE K 442 39.74 71.68 -49.30
C PHE K 442 41.21 71.88 -48.94
N PHE K 443 42.11 71.31 -49.72
CA PHE K 443 43.54 71.45 -49.56
C PHE K 443 44.06 72.01 -50.85
N ASP K 444 44.65 73.19 -50.77
CA ASP K 444 45.06 73.93 -51.94
C ASP K 444 46.42 73.44 -52.33
N ALA K 445 46.46 72.66 -53.38
CA ALA K 445 47.67 72.05 -53.80
C ALA K 445 48.63 73.14 -54.22
N ASP K 446 48.13 74.19 -54.84
CA ASP K 446 48.99 75.23 -55.36
C ASP K 446 49.75 75.95 -54.27
N LYS K 447 49.04 76.44 -53.29
CA LYS K 447 49.62 77.06 -52.15
C LYS K 447 50.46 76.09 -51.33
N LEU K 448 49.96 74.89 -51.08
CA LEU K 448 50.61 73.96 -50.17
C LEU K 448 51.35 72.81 -50.78
N GLY K 449 51.39 72.71 -52.09
CA GLY K 449 52.12 71.63 -52.69
C GLY K 449 51.31 70.35 -52.90
N HIS K 450 51.87 69.47 -53.69
CA HIS K 450 51.24 68.24 -54.14
C HIS K 450 51.06 67.15 -53.10
N ASP K 451 51.79 67.23 -52.00
CA ASP K 451 51.63 66.33 -50.88
C ASP K 451 51.67 64.86 -51.19
N GLU K 452 52.68 64.43 -51.92
CA GLU K 452 52.76 63.06 -52.41
C GLU K 452 52.89 62.05 -51.30
N GLY K 453 53.45 62.42 -50.16
CA GLY K 453 53.56 61.48 -49.08
C GLY K 453 52.35 61.44 -48.19
N LYS K 454 51.44 62.35 -48.44
CA LYS K 454 50.07 62.32 -47.97
C LYS K 454 49.91 62.79 -46.55
N GLU K 455 51.01 63.09 -45.90
CA GLU K 455 51.00 63.52 -44.53
C GLU K 455 50.27 64.81 -44.24
N HIS K 456 50.38 65.80 -45.11
CA HIS K 456 49.66 67.03 -44.92
C HIS K 456 48.16 66.96 -45.05
N ARG K 457 47.69 66.32 -46.10
CA ARG K 457 46.26 66.17 -46.32
C ARG K 457 45.69 65.39 -45.17
N VAL K 458 46.41 64.38 -44.74
CA VAL K 458 45.98 63.63 -43.61
C VAL K 458 45.91 64.42 -42.35
N ALA K 459 46.86 65.29 -42.10
CA ALA K 459 46.83 66.12 -40.90
C ALA K 459 45.64 67.06 -40.91
N ALA K 460 45.32 67.62 -42.06
CA ALA K 460 44.20 68.52 -42.22
C ALA K 460 42.86 67.84 -41.97
N GLY K 461 42.65 66.66 -42.50
CA GLY K 461 41.44 65.93 -42.22
C GLY K 461 41.29 65.58 -40.78
N VAL K 462 42.35 65.14 -40.15
CA VAL K 462 42.30 64.87 -38.74
C VAL K 462 42.02 66.13 -37.92
N GLU K 463 42.66 67.23 -38.26
CA GLU K 463 42.45 68.48 -37.54
C GLU K 463 41.02 68.95 -37.64
N PHE K 464 40.47 68.82 -38.83
CA PHE K 464 39.08 69.17 -39.04
C PHE K 464 38.20 68.34 -38.17
N ALA K 465 38.50 67.06 -38.04
CA ALA K 465 37.75 66.18 -37.18
C ALA K 465 37.82 66.56 -35.73
N LYS K 466 38.97 67.00 -35.30
CA LYS K 466 39.17 67.50 -33.94
C LYS K 466 38.35 68.76 -33.73
N SER K 467 38.42 69.61 -34.72
CA SER K 467 37.74 70.88 -34.67
C SER K 467 36.23 70.79 -34.56
N LYS K 468 35.60 69.83 -35.23
CA LYS K 468 34.17 69.69 -35.18
C LYS K 468 33.81 68.82 -34.00
N GLY K 469 34.80 68.32 -33.31
CA GLY K 469 34.55 67.54 -32.13
C GLY K 469 34.24 66.06 -32.28
N TYR K 470 34.41 65.54 -33.48
CA TYR K 470 34.20 64.14 -33.74
C TYR K 470 35.21 63.30 -32.99
N VAL K 471 36.44 63.78 -32.88
CA VAL K 471 37.50 63.06 -32.16
C VAL K 471 38.27 63.84 -31.09
N GLN K 472 38.78 63.12 -30.12
CA GLN K 472 39.64 63.65 -29.08
C GLN K 472 40.81 62.71 -29.03
N THR K 473 41.79 63.07 -28.23
CA THR K 473 43.03 62.32 -28.15
C THR K 473 42.65 60.99 -27.59
N GLY K 474 43.33 59.98 -28.11
CA GLY K 474 43.09 58.62 -27.72
C GLY K 474 42.07 57.91 -28.56
N ASP K 475 41.37 58.63 -29.41
CA ASP K 475 40.42 58.06 -30.36
C ASP K 475 41.08 57.49 -31.61
N TYR K 476 40.39 56.56 -32.24
CA TYR K 476 40.87 56.00 -33.46
C TYR K 476 40.29 56.74 -34.59
N CYS K 477 41.10 56.97 -35.58
CA CYS K 477 40.66 57.51 -36.83
C CYS K 477 41.13 56.59 -37.93
N VAL K 478 40.23 56.16 -38.80
CA VAL K 478 40.59 55.23 -39.84
C VAL K 478 40.80 56.01 -41.10
N VAL K 479 41.95 55.80 -41.72
CA VAL K 479 42.45 56.65 -42.77
C VAL K 479 42.68 55.88 -44.05
N ILE K 480 42.30 56.45 -45.18
CA ILE K 480 42.37 55.81 -46.47
C ILE K 480 43.05 56.62 -47.57
N HIS K 481 44.08 56.08 -48.18
CA HIS K 481 44.72 56.67 -49.32
C HIS K 481 45.64 55.67 -49.94
N ALA K 482 46.39 56.09 -50.93
CA ALA K 482 47.46 55.30 -51.47
C ALA K 482 48.72 55.31 -50.63
N ASP K 483 49.54 54.33 -50.89
CA ASP K 483 50.86 54.25 -50.37
C ASP K 483 51.73 55.06 -51.28
N HIS K 484 53.01 55.01 -51.06
CA HIS K 484 53.93 55.82 -51.83
C HIS K 484 54.04 55.51 -53.30
N LYS K 485 54.04 54.26 -53.68
CA LYS K 485 54.02 53.90 -55.08
C LYS K 485 52.74 54.06 -55.92
N VAL K 486 51.61 53.59 -55.42
CA VAL K 486 50.38 53.50 -56.21
C VAL K 486 49.69 54.81 -56.55
N LYS K 487 49.23 54.89 -57.79
CA LYS K 487 48.58 56.08 -58.32
C LYS K 487 47.22 55.81 -58.94
N GLY K 488 46.29 56.72 -58.71
CA GLY K 488 44.96 56.62 -59.27
C GLY K 488 43.88 56.00 -58.42
N TYR K 489 44.25 55.37 -57.33
CA TYR K 489 43.30 54.84 -56.38
C TYR K 489 43.95 54.70 -55.04
N ALA K 490 43.18 54.40 -54.03
CA ALA K 490 43.73 54.17 -52.73
C ALA K 490 43.82 52.69 -52.46
N ASN K 491 45.01 52.24 -52.19
CA ASN K 491 45.25 50.86 -51.84
C ASN K 491 45.56 50.59 -50.38
N GLN K 492 45.41 51.58 -49.52
CA GLN K 492 45.83 51.48 -48.14
C GLN K 492 44.84 51.93 -47.07
N THR K 493 44.84 51.26 -45.95
CA THR K 493 44.11 51.70 -44.80
C THR K 493 44.99 51.70 -43.57
N ARG K 494 44.82 52.69 -42.73
CA ARG K 494 45.52 52.77 -41.46
C ARG K 494 44.62 53.13 -40.32
N ILE K 495 44.80 52.51 -39.19
CA ILE K 495 44.13 52.95 -38.01
C ILE K 495 45.11 53.76 -37.18
N LEU K 496 44.91 55.06 -37.06
CA LEU K 496 45.76 55.90 -36.24
C LEU K 496 45.13 56.48 -35.02
N LEU K 497 45.92 56.58 -33.97
CA LEU K 497 45.51 57.11 -32.70
C LEU K 497 45.63 58.61 -32.76
N VAL K 498 44.66 59.33 -32.22
CA VAL K 498 44.70 60.79 -32.34
C VAL K 498 45.25 61.50 -31.12
N GLU K 499 46.13 62.47 -31.36
CA GLU K 499 46.73 63.24 -30.29
C GLU K 499 46.33 64.70 -30.37
N SER L 2 24.41 26.38 -44.51
CA SER L 2 24.40 25.39 -43.47
C SER L 2 25.41 24.33 -43.77
N GLN L 3 25.79 23.57 -42.78
CA GLN L 3 26.77 22.56 -42.98
C GLN L 3 26.18 21.48 -43.84
N LEU L 4 24.89 21.31 -43.73
CA LEU L 4 24.16 20.32 -44.48
C LEU L 4 24.18 20.56 -45.96
N ALA L 5 23.84 21.77 -46.36
CA ALA L 5 23.59 22.13 -47.73
C ALA L 5 24.85 21.94 -48.51
N HIS L 6 25.88 22.50 -47.87
CA HIS L 6 27.31 22.41 -48.20
C HIS L 6 27.88 21.03 -48.35
N ASN L 7 27.48 20.08 -47.52
CA ASN L 7 27.95 18.72 -47.66
C ASN L 7 27.56 18.22 -49.02
N LEU L 8 26.48 18.78 -49.49
CA LEU L 8 25.80 18.46 -50.73
C LEU L 8 26.55 18.93 -51.97
N THR L 9 27.35 19.96 -51.79
CA THR L 9 28.20 20.47 -52.83
C THR L 9 29.50 19.76 -52.91
N LEU L 10 29.84 18.93 -51.95
CA LEU L 10 31.11 18.20 -52.00
C LEU L 10 31.18 17.09 -53.01
N SER L 11 32.36 16.78 -53.49
CA SER L 11 32.59 15.58 -54.32
C SER L 11 33.87 14.84 -53.99
N ILE L 12 33.85 13.52 -54.05
CA ILE L 12 35.07 12.77 -53.84
C ILE L 12 36.13 13.04 -54.87
N PHE L 13 35.71 13.45 -56.07
CA PHE L 13 36.63 13.74 -57.15
C PHE L 13 37.13 15.19 -57.19
N ASP L 14 36.84 15.96 -56.15
CA ASP L 14 37.31 17.32 -56.11
C ASP L 14 38.80 17.23 -55.95
N PRO L 15 39.53 18.04 -56.66
CA PRO L 15 40.98 18.06 -56.51
C PRO L 15 41.39 18.70 -55.21
N VAL L 16 42.39 18.16 -54.55
CA VAL L 16 42.87 18.77 -53.34
C VAL L 16 43.74 19.97 -53.60
N ALA L 17 44.06 20.69 -52.56
CA ALA L 17 44.83 21.91 -52.62
C ALA L 17 46.31 21.75 -52.91
N ASN L 18 46.92 22.85 -53.30
CA ASN L 18 48.34 22.87 -53.54
C ASN L 18 49.14 23.11 -52.28
N TYR L 19 48.43 23.26 -51.16
CA TYR L 19 49.07 23.41 -49.88
C TYR L 19 48.30 22.69 -48.80
N ARG L 20 48.99 22.19 -47.80
CA ARG L 20 48.39 21.62 -46.62
C ARG L 20 48.52 22.57 -45.45
N ALA L 21 47.40 23.06 -44.97
CA ALA L 21 47.34 23.94 -43.82
C ALA L 21 47.73 23.37 -42.47
N ALA L 22 47.24 22.19 -42.16
CA ALA L 22 47.48 21.58 -40.89
C ALA L 22 48.89 21.07 -40.73
N ARG L 23 49.37 21.06 -39.50
CA ARG L 23 50.72 20.67 -39.18
C ARG L 23 50.82 19.37 -38.40
N ILE L 24 51.86 18.62 -38.68
CA ILE L 24 52.05 17.34 -38.05
C ILE L 24 53.20 17.31 -37.09
N ILE L 25 52.96 16.74 -35.93
CA ILE L 25 53.92 16.62 -34.86
C ILE L 25 54.31 15.17 -34.64
N CYS L 26 55.58 14.89 -34.52
CA CYS L 26 56.05 13.54 -34.36
C CYS L 26 56.89 13.39 -33.12
N THR L 27 56.62 12.34 -32.38
CA THR L 27 57.38 12.01 -31.21
C THR L 27 58.55 11.16 -31.62
N ILE L 28 59.71 11.49 -31.12
CA ILE L 28 60.92 10.82 -31.54
C ILE L 28 61.41 9.80 -30.54
N GLY L 29 61.48 8.58 -31.00
CA GLY L 29 61.90 7.43 -30.24
C GLY L 29 62.86 6.63 -31.05
N PRO L 30 63.02 5.39 -30.64
CA PRO L 30 64.01 4.48 -31.14
C PRO L 30 63.87 4.24 -32.62
N SER L 31 62.66 4.19 -33.10
CA SER L 31 62.39 4.13 -34.51
C SER L 31 62.83 5.37 -35.29
N THR L 32 62.85 6.53 -34.67
CA THR L 32 63.02 7.74 -35.43
C THR L 32 64.16 8.69 -35.10
N GLN L 33 65.04 8.25 -34.24
CA GLN L 33 66.14 9.03 -33.76
C GLN L 33 67.25 9.33 -34.75
N SER L 34 67.48 8.38 -35.62
CA SER L 34 68.53 8.48 -36.57
C SER L 34 68.24 9.57 -37.55
N VAL L 35 69.30 10.19 -37.99
CA VAL L 35 69.22 11.29 -38.88
C VAL L 35 68.55 10.86 -40.16
N GLU L 36 68.84 9.67 -40.63
CA GLU L 36 68.17 9.18 -41.80
C GLU L 36 66.67 9.03 -41.58
N ALA L 37 66.28 8.51 -40.42
CA ALA L 37 64.88 8.38 -40.12
C ALA L 37 64.18 9.73 -40.04
N LEU L 38 64.85 10.69 -39.43
CA LEU L 38 64.34 12.03 -39.28
C LEU L 38 64.17 12.73 -40.59
N LYS L 39 65.09 12.51 -41.51
CA LYS L 39 65.00 13.03 -42.84
C LYS L 39 63.81 12.48 -43.56
N GLY L 40 63.53 11.21 -43.34
CA GLY L 40 62.35 10.59 -43.88
C GLY L 40 61.09 11.19 -43.33
N LEU L 41 61.09 11.49 -42.06
CA LEU L 41 59.96 12.11 -41.39
C LEU L 41 59.65 13.49 -41.90
N ILE L 42 60.66 14.30 -42.11
CA ILE L 42 60.48 15.63 -42.60
C ILE L 42 59.91 15.64 -43.99
N GLN L 43 60.46 14.79 -44.83
CA GLN L 43 60.00 14.64 -46.18
C GLN L 43 58.60 14.10 -46.27
N SER L 44 58.28 13.29 -45.28
CA SER L 44 56.99 12.71 -45.16
C SER L 44 56.00 13.73 -44.69
N GLY L 45 56.49 14.80 -44.08
CA GLY L 45 55.62 15.81 -43.56
C GLY L 45 55.67 16.30 -42.14
N MET L 46 56.72 16.02 -41.40
CA MET L 46 56.82 16.47 -40.02
C MET L 46 57.23 17.92 -39.87
N SER L 47 56.50 18.69 -39.09
CA SER L 47 56.88 20.05 -38.87
C SER L 47 57.43 20.28 -37.49
N VAL L 48 57.08 19.43 -36.55
CA VAL L 48 57.51 19.57 -35.18
C VAL L 48 58.01 18.26 -34.64
N ALA L 49 59.17 18.26 -34.02
CA ALA L 49 59.61 17.04 -33.36
C ALA L 49 59.49 17.09 -31.85
N ARG L 50 58.83 16.09 -31.29
CA ARG L 50 58.53 16.05 -29.88
C ARG L 50 59.40 15.06 -29.14
N MET L 51 60.00 15.51 -28.06
CA MET L 51 60.74 14.67 -27.16
C MET L 51 59.98 14.50 -25.88
N ASN L 52 59.74 13.27 -25.48
CA ASN L 52 59.02 12.99 -24.26
C ASN L 52 59.94 12.67 -23.12
N PHE L 53 59.96 13.52 -22.13
CA PHE L 53 60.91 13.45 -21.05
C PHE L 53 60.48 12.48 -19.99
N SER L 54 59.36 11.83 -20.21
CA SER L 54 58.97 10.69 -19.41
C SER L 54 59.83 9.49 -19.74
N HIS L 55 60.47 9.53 -20.88
CA HIS L 55 61.26 8.42 -21.35
C HIS L 55 62.60 9.01 -21.71
N GLY L 56 63.64 8.20 -21.69
CA GLY L 56 64.93 8.69 -22.06
C GLY L 56 65.58 9.46 -20.97
N SER L 57 66.54 10.27 -21.32
CA SER L 57 67.34 10.97 -20.36
C SER L 57 67.83 12.15 -21.11
N HIS L 58 68.55 13.04 -20.44
CA HIS L 58 69.00 14.22 -21.10
C HIS L 58 69.90 13.80 -22.18
N GLU L 59 70.66 12.77 -21.91
CA GLU L 59 71.59 12.24 -22.86
C GLU L 59 70.90 11.73 -24.09
N TYR L 60 69.84 10.96 -23.94
CA TYR L 60 69.12 10.44 -25.09
C TYR L 60 68.50 11.50 -25.94
N HIS L 61 67.85 12.43 -25.24
CA HIS L 61 67.16 13.56 -25.85
C HIS L 61 68.05 14.56 -26.53
N GLN L 62 69.27 14.68 -26.05
CA GLN L 62 70.27 15.50 -26.68
C GLN L 62 70.60 14.96 -28.02
N THR L 63 70.68 13.66 -28.12
CA THR L 63 70.99 13.05 -29.39
C THR L 63 69.92 13.42 -30.37
N THR L 64 68.67 13.44 -29.92
CA THR L 64 67.53 13.78 -30.75
C THR L 64 67.60 15.20 -31.23
N ILE L 65 67.99 16.09 -30.35
CA ILE L 65 68.10 17.47 -30.70
C ILE L 65 69.15 17.70 -31.75
N ASN L 66 70.29 17.07 -31.59
CA ASN L 66 71.35 17.19 -32.55
C ASN L 66 70.96 16.59 -33.85
N ASN L 67 70.34 15.45 -33.79
CA ASN L 67 69.88 14.84 -34.99
C ASN L 67 68.82 15.61 -35.77
N VAL L 68 67.92 16.27 -35.06
CA VAL L 68 66.90 17.06 -35.71
C VAL L 68 67.50 18.25 -36.43
N ARG L 69 68.38 18.94 -35.74
CA ARG L 69 69.03 20.06 -36.32
C ARG L 69 69.87 19.67 -37.53
N GLN L 70 70.59 18.56 -37.44
CA GLN L 70 71.39 18.06 -38.55
C GLN L 70 70.57 17.63 -39.75
N ALA L 71 69.49 16.94 -39.49
CA ALA L 71 68.58 16.57 -40.55
C ALA L 71 67.88 17.73 -41.23
N ALA L 72 67.43 18.70 -40.44
CA ALA L 72 66.79 19.88 -40.94
C ALA L 72 67.76 20.69 -41.77
N ALA L 73 68.98 20.81 -41.29
CA ALA L 73 70.01 21.58 -41.95
C ALA L 73 70.34 21.04 -43.32
N GLU L 74 70.41 19.73 -43.40
CA GLU L 74 70.65 19.03 -44.63
C GLU L 74 69.54 19.20 -45.61
N LEU L 75 68.35 19.48 -45.14
CA LEU L 75 67.21 19.54 -46.02
C LEU L 75 66.77 20.96 -46.25
N GLY L 76 67.52 21.87 -45.67
CA GLY L 76 67.23 23.28 -45.76
C GLY L 76 65.90 23.75 -45.24
N VAL L 77 65.53 23.26 -44.07
CA VAL L 77 64.23 23.55 -43.52
C VAL L 77 64.32 23.86 -42.06
N ASN L 78 63.30 24.48 -41.51
CA ASN L 78 63.30 24.79 -40.11
C ASN L 78 62.28 23.91 -39.37
N ILE L 79 62.71 23.15 -38.39
CA ILE L 79 61.84 22.25 -37.66
C ILE L 79 61.78 22.63 -36.20
N ALA L 80 60.59 22.83 -35.65
CA ALA L 80 60.45 23.13 -34.24
C ALA L 80 60.82 21.94 -33.39
N ILE L 81 61.41 22.21 -32.24
CA ILE L 81 61.72 21.19 -31.29
C ILE L 81 60.90 21.41 -30.02
N ALA L 82 60.19 20.40 -29.58
CA ALA L 82 59.32 20.54 -28.44
C ALA L 82 59.76 19.65 -27.30
N LEU L 83 59.78 20.17 -26.10
CA LEU L 83 60.06 19.37 -24.95
C LEU L 83 58.78 19.09 -24.14
N ASP L 84 58.52 17.79 -24.17
CA ASP L 84 57.42 17.13 -23.54
C ASP L 84 57.83 16.50 -22.22
N THR L 85 57.53 17.21 -21.14
CA THR L 85 57.93 16.82 -19.80
C THR L 85 57.31 15.52 -19.26
N LYS L 86 58.04 14.89 -18.36
CA LYS L 86 57.55 13.70 -17.72
C LYS L 86 56.41 14.12 -16.85
N GLY L 87 56.59 15.16 -16.06
CA GLY L 87 55.57 15.68 -15.21
C GLY L 87 55.42 14.88 -13.94
N PRO L 88 54.62 15.36 -13.03
CA PRO L 88 54.39 14.64 -11.79
C PRO L 88 53.69 13.31 -12.03
N GLU L 89 54.08 12.21 -11.38
CA GLU L 89 53.42 10.92 -11.53
C GLU L 89 53.05 10.39 -10.12
N ILE L 90 51.92 9.68 -10.06
CA ILE L 90 51.56 8.86 -8.91
C ILE L 90 51.84 7.42 -9.30
N ARG L 91 52.63 6.77 -8.46
CA ARG L 91 52.95 5.36 -8.62
C ARG L 91 52.76 4.56 -7.31
N THR L 92 52.44 3.28 -7.47
CA THR L 92 52.56 2.32 -6.34
C THR L 92 54.01 2.07 -6.03
N GLY L 93 54.24 1.43 -4.88
CA GLY L 93 55.55 0.94 -4.53
C GLY L 93 55.78 -0.42 -5.14
N GLN L 94 56.72 -1.15 -4.53
CA GLN L 94 57.08 -2.52 -4.86
C GLN L 94 56.18 -3.50 -4.13
N PHE L 95 55.98 -4.67 -4.72
CA PHE L 95 55.35 -5.80 -4.03
C PHE L 95 56.35 -6.91 -3.73
N VAL L 96 56.13 -7.65 -2.63
CA VAL L 96 56.94 -8.82 -2.26
C VAL L 96 56.79 -9.90 -3.34
N GLY L 97 57.89 -10.55 -3.71
CA GLY L 97 57.92 -11.49 -4.83
C GLY L 97 57.84 -10.82 -6.20
N GLY L 98 58.02 -9.51 -6.24
CA GLY L 98 57.97 -8.74 -7.48
C GLY L 98 56.58 -8.40 -8.00
N ASP L 99 55.56 -9.09 -7.48
CA ASP L 99 54.20 -9.11 -8.05
C ASP L 99 53.12 -9.18 -6.96
N ALA L 100 51.86 -8.90 -7.30
CA ALA L 100 50.75 -9.06 -6.34
C ALA L 100 49.36 -9.27 -6.99
N VAL L 101 48.70 -10.36 -6.60
CA VAL L 101 47.53 -10.90 -7.27
C VAL L 101 46.21 -10.40 -6.67
N MET L 102 45.62 -9.37 -7.27
CA MET L 102 44.41 -8.68 -6.75
C MET L 102 43.10 -9.33 -7.20
N GLU L 103 42.33 -9.90 -6.28
CA GLU L 103 41.11 -10.65 -6.67
C GLU L 103 39.84 -9.81 -6.50
N ARG L 104 38.83 -10.08 -7.30
CA ARG L 104 37.59 -9.33 -7.20
C ARG L 104 36.87 -9.62 -5.86
N GLY L 105 36.34 -8.59 -5.20
CA GLY L 105 35.65 -8.80 -3.92
C GLY L 105 36.54 -8.65 -2.68
N ALA L 106 37.86 -8.87 -2.82
CA ALA L 106 38.86 -8.78 -1.73
C ALA L 106 38.99 -7.38 -1.13
N THR L 107 39.39 -7.32 0.15
CA THR L 107 39.78 -6.09 0.81
C THR L 107 41.32 -5.93 0.80
N CYS L 108 41.78 -4.72 0.43
CA CYS L 108 43.21 -4.38 0.55
C CYS L 108 43.39 -2.98 1.13
N TYR L 109 44.60 -2.63 1.51
CA TYR L 109 44.87 -1.40 2.27
C TYR L 109 45.92 -0.64 1.46
N VAL L 110 45.65 0.61 1.16
CA VAL L 110 46.65 1.40 0.39
C VAL L 110 47.16 2.46 1.34
N THR L 111 48.46 2.56 1.44
CA THR L 111 49.02 3.45 2.42
C THR L 111 50.03 4.37 1.83
N THR L 112 50.16 5.56 2.39
CA THR L 112 51.28 6.42 2.03
C THR L 112 52.40 6.42 3.04
N ASP L 113 52.34 5.50 4.00
CA ASP L 113 53.43 5.30 4.97
C ASP L 113 54.68 4.79 4.19
N PRO L 114 55.78 5.57 4.19
CA PRO L 114 56.90 5.22 3.31
C PRO L 114 57.64 3.94 3.75
N ALA L 115 57.51 3.56 5.02
CA ALA L 115 57.96 2.23 5.51
C ALA L 115 57.58 1.05 4.57
N PHE L 116 56.50 1.21 3.79
CA PHE L 116 55.93 0.15 2.94
C PHE L 116 56.32 0.12 1.46
N ALA L 117 57.25 0.99 1.06
CA ALA L 117 57.57 1.19 -0.39
C ALA L 117 58.20 -0.04 -1.05
N ASP L 118 58.89 -0.87 -0.26
CA ASP L 118 59.54 -2.07 -0.79
C ASP L 118 58.99 -3.38 -0.19
N LYS L 119 57.77 -3.32 0.37
CA LYS L 119 57.16 -4.50 1.05
C LYS L 119 55.63 -4.45 1.01
N GLY L 120 55.09 -4.00 -0.12
CA GLY L 120 53.65 -4.14 -0.33
C GLY L 120 53.27 -5.61 -0.51
N THR L 121 51.97 -5.91 -0.45
CA THR L 121 51.46 -7.25 -0.73
C THR L 121 50.06 -7.00 -1.19
N LYS L 122 49.37 -8.04 -1.64
CA LYS L 122 47.98 -7.83 -2.02
C LYS L 122 47.15 -7.21 -0.88
N ASP L 123 47.59 -7.47 0.36
CA ASP L 123 46.94 -7.02 1.60
C ASP L 123 47.14 -5.53 1.86
N LYS L 124 48.37 -5.05 1.68
CA LYS L 124 48.66 -3.65 1.93
C LYS L 124 49.90 -3.19 1.20
N PHE L 125 49.74 -2.10 0.48
CA PHE L 125 50.89 -1.57 -0.28
C PHE L 125 50.88 -0.06 -0.33
N TYR L 126 51.97 0.47 -0.83
CA TYR L 126 52.25 1.88 -0.83
C TYR L 126 51.88 2.51 -2.18
N ILE L 127 51.27 3.70 -2.12
CA ILE L 127 51.07 4.64 -3.23
C ILE L 127 51.86 5.88 -2.85
N ASP L 128 52.68 6.40 -3.75
CA ASP L 128 53.68 7.40 -3.32
C ASP L 128 53.20 8.85 -3.28
N TYR L 129 51.90 9.08 -3.33
CA TYR L 129 51.36 10.44 -3.33
C TYR L 129 50.90 10.74 -1.93
N GLN L 130 51.70 11.55 -1.22
CA GLN L 130 51.55 11.71 0.24
C GLN L 130 50.21 12.31 0.66
N ASN L 131 49.60 13.03 -0.24
CA ASN L 131 48.29 13.59 0.00
C ASN L 131 47.16 12.68 -0.38
N LEU L 132 47.40 11.40 -0.67
CA LEU L 132 46.28 10.52 -1.15
C LEU L 132 45.01 10.63 -0.28
N SER L 133 45.19 10.49 1.05
CA SER L 133 44.07 10.45 2.01
C SER L 133 43.26 11.72 2.07
N LYS L 134 43.93 12.86 1.98
CA LYS L 134 43.23 14.13 2.01
C LYS L 134 42.41 14.32 0.71
N VAL L 135 42.85 13.73 -0.38
CA VAL L 135 42.22 14.06 -1.66
C VAL L 135 41.07 13.12 -1.96
N VAL L 136 41.11 11.92 -1.42
CA VAL L 136 40.06 10.95 -1.74
C VAL L 136 39.03 10.87 -0.59
N ARG L 137 37.78 10.54 -0.91
CA ARG L 137 36.72 10.24 0.08
C ARG L 137 36.08 8.84 -0.18
N PRO L 138 35.37 8.28 0.84
CA PRO L 138 34.59 7.04 0.65
C PRO L 138 33.70 7.13 -0.60
N GLY L 139 33.76 6.10 -1.47
CA GLY L 139 32.97 6.05 -2.69
C GLY L 139 33.83 6.30 -3.91
N ASN L 140 34.82 7.19 -3.76
CA ASN L 140 35.80 7.45 -4.85
C ASN L 140 36.52 6.20 -5.34
N TYR L 141 36.95 6.26 -6.59
CA TYR L 141 37.64 5.16 -7.23
C TYR L 141 39.13 5.47 -7.36
N ILE L 142 39.96 4.43 -7.26
CA ILE L 142 41.40 4.56 -7.40
C ILE L 142 41.88 3.60 -8.47
N TYR L 143 42.34 4.15 -9.60
CA TYR L 143 42.74 3.31 -10.76
C TYR L 143 44.22 2.99 -10.74
N ILE L 144 44.56 1.72 -10.98
CA ILE L 144 45.94 1.27 -10.97
C ILE L 144 46.23 0.45 -12.21
N ASP L 145 47.37 0.70 -12.82
CA ASP L 145 47.75 0.01 -14.04
C ASP L 145 47.09 0.35 -15.40
N ASP L 146 47.04 1.64 -15.72
CA ASP L 146 46.36 2.06 -16.92
C ASP L 146 44.83 2.22 -16.69
N GLY L 147 44.43 2.20 -15.42
CA GLY L 147 42.97 2.13 -15.05
C GLY L 147 42.39 0.69 -15.11
N ILE L 148 43.26 -0.31 -15.23
CA ILE L 148 42.82 -1.69 -15.40
C ILE L 148 42.25 -2.26 -14.12
N LEU L 149 42.94 -1.98 -13.01
CA LEU L 149 42.54 -2.46 -11.70
C LEU L 149 41.81 -1.29 -11.05
N ILE L 150 40.54 -1.53 -10.69
CA ILE L 150 39.76 -0.45 -10.11
C ILE L 150 39.47 -0.80 -8.67
N LEU L 151 40.11 -0.07 -7.76
CA LEU L 151 39.84 -0.24 -6.35
C LEU L 151 38.79 0.81 -6.01
N GLN L 152 37.89 0.49 -5.09
CA GLN L 152 37.03 1.52 -4.50
C GLN L 152 37.30 1.80 -3.02
N VAL L 153 37.37 3.08 -2.70
CA VAL L 153 37.64 3.53 -1.37
C VAL L 153 36.45 3.36 -0.43
N GLN L 154 36.68 2.64 0.68
CA GLN L 154 35.61 2.35 1.62
C GLN L 154 35.75 3.28 2.83
N SER L 155 36.97 3.39 3.38
CA SER L 155 37.15 4.18 4.59
C SER L 155 38.61 4.52 4.80
N HIS L 156 38.84 5.41 5.76
CA HIS L 156 40.15 5.73 6.26
C HIS L 156 40.43 4.77 7.40
N GLU L 157 41.20 3.71 7.13
CA GLU L 157 41.75 2.90 8.25
C GLU L 157 42.50 3.78 9.23
N ASP L 158 43.38 4.65 8.73
CA ASP L 158 44.01 5.67 9.58
C ASP L 158 44.39 6.90 8.78
N GLU L 159 45.21 7.76 9.35
CA GLU L 159 45.49 8.98 8.64
C GLU L 159 46.35 8.86 7.37
N GLN L 160 46.95 7.69 7.15
CA GLN L 160 47.80 7.41 5.99
C GLN L 160 47.37 6.19 5.19
N THR L 161 46.28 5.55 5.57
CA THR L 161 45.95 4.27 5.00
C THR L 161 44.47 4.25 4.68
N LEU L 162 44.13 3.75 3.49
CA LEU L 162 42.78 3.65 3.03
C LEU L 162 42.39 2.17 2.92
N GLU L 163 41.25 1.81 3.49
CA GLU L 163 40.69 0.47 3.28
C GLU L 163 40.00 0.52 1.93
N CYS L 164 40.31 -0.41 1.03
CA CYS L 164 39.71 -0.45 -0.31
C CYS L 164 39.02 -1.77 -0.57
N THR L 165 37.97 -1.76 -1.38
CA THR L 165 37.45 -2.96 -2.08
C THR L 165 38.13 -3.14 -3.43
N VAL L 166 38.47 -4.35 -3.80
CA VAL L 166 38.87 -4.64 -5.16
C VAL L 166 37.63 -4.92 -6.08
N THR L 167 37.38 -4.04 -7.07
CA THR L 167 36.13 -4.18 -7.87
C THR L 167 36.27 -5.13 -9.05
N ASN L 168 37.51 -5.39 -9.49
CA ASN L 168 37.72 -6.36 -10.58
C ASN L 168 39.12 -6.98 -10.48
N SER L 169 39.25 -8.19 -10.98
CA SER L 169 40.45 -9.00 -10.77
C SER L 169 41.54 -8.49 -11.68
N HIS L 170 42.77 -8.52 -11.19
CA HIS L 170 43.91 -8.15 -12.02
C HIS L 170 45.20 -8.33 -11.22
N THR L 171 46.18 -8.95 -11.84
CA THR L 171 47.49 -9.06 -11.25
C THR L 171 48.22 -7.77 -11.60
N ILE L 172 48.85 -7.16 -10.59
CA ILE L 172 49.64 -5.94 -10.81
C ILE L 172 51.10 -6.12 -10.38
N SER L 173 52.04 -5.68 -11.20
CA SER L 173 53.46 -5.76 -10.85
C SER L 173 53.96 -4.45 -10.21
N ASP L 174 55.27 -4.37 -9.94
CA ASP L 174 55.86 -3.19 -9.27
C ASP L 174 55.58 -1.87 -9.95
N ARG L 175 55.26 -0.89 -9.11
CA ARG L 175 55.30 0.52 -9.50
C ARG L 175 54.37 0.93 -10.63
N ARG L 176 53.12 0.52 -10.58
CA ARG L 176 52.17 0.99 -11.59
C ARG L 176 51.69 2.42 -11.35
N GLY L 177 51.27 3.09 -12.42
CA GLY L 177 50.76 4.43 -12.30
C GLY L 177 49.35 4.41 -11.74
N VAL L 178 48.97 5.43 -11.01
CA VAL L 178 47.64 5.42 -10.52
C VAL L 178 46.94 6.68 -11.04
N ASN L 179 45.62 6.61 -11.16
CA ASN L 179 44.84 7.82 -11.39
C ASN L 179 43.75 7.98 -10.39
N LEU L 180 43.15 9.17 -10.36
CA LEU L 180 42.17 9.51 -9.36
C LEU L 180 40.99 10.31 -10.01
N PRO L 181 40.05 9.59 -10.68
CA PRO L 181 39.20 10.36 -11.56
C PRO L 181 38.25 11.35 -10.93
N GLY L 182 37.85 11.17 -9.71
CA GLY L 182 36.92 12.12 -9.11
C GLY L 182 37.70 12.98 -8.13
N CYS L 183 38.99 13.14 -8.41
CA CYS L 183 39.85 13.71 -7.40
C CYS L 183 40.70 14.79 -7.97
N ASP L 184 40.78 15.87 -7.20
CA ASP L 184 41.61 17.00 -7.56
C ASP L 184 43.02 16.72 -7.07
N VAL L 185 43.86 16.29 -7.98
CA VAL L 185 45.24 15.94 -7.62
C VAL L 185 46.05 17.19 -7.46
N ASP L 186 46.83 17.29 -6.40
CA ASP L 186 47.55 18.56 -6.11
C ASP L 186 49.06 18.46 -6.05
N LEU L 187 49.61 17.56 -6.82
CA LEU L 187 50.99 17.60 -7.10
C LEU L 187 51.37 18.97 -7.64
N PRO L 188 52.59 19.37 -7.38
CA PRO L 188 53.13 20.60 -7.92
C PRO L 188 53.12 20.54 -9.43
N ALA L 189 53.20 21.69 -10.07
CA ALA L 189 53.08 21.76 -11.50
C ALA L 189 54.28 21.11 -12.11
N VAL L 190 55.40 21.31 -11.46
CA VAL L 190 56.68 20.90 -11.93
C VAL L 190 57.41 20.03 -10.91
N SER L 191 57.73 18.82 -11.28
CA SER L 191 58.51 17.96 -10.44
C SER L 191 59.98 18.38 -10.36
N ALA L 192 60.74 17.75 -9.51
CA ALA L 192 62.15 18.04 -9.43
C ALA L 192 62.88 17.65 -10.70
N LYS L 193 62.53 16.53 -11.29
CA LYS L 193 63.11 16.18 -12.55
C LYS L 193 62.73 17.17 -13.67
N ASP L 194 61.48 17.61 -13.69
CA ASP L 194 61.03 18.60 -14.64
C ASP L 194 61.88 19.86 -14.54
N ARG L 195 62.14 20.29 -13.32
CA ARG L 195 62.90 21.47 -13.08
C ARG L 195 64.24 21.36 -13.74
N VAL L 196 64.83 20.20 -13.63
CA VAL L 196 66.08 19.95 -14.27
C VAL L 196 65.70 19.79 -15.70
N ASP L 197 64.44 19.43 -15.96
CA ASP L 197 64.06 19.22 -17.33
C ASP L 197 63.84 20.52 -18.07
N LEU L 198 63.21 21.47 -17.43
CA LEU L 198 63.01 22.78 -17.99
C LEU L 198 64.29 23.56 -18.25
N GLN L 199 65.23 23.50 -17.33
CA GLN L 199 66.48 24.18 -17.50
C GLN L 199 67.26 23.67 -18.70
N PHE L 200 67.24 22.37 -18.89
CA PHE L 200 67.92 21.73 -19.99
C PHE L 200 67.35 22.20 -21.30
N GLY L 201 66.04 22.33 -21.34
CA GLY L 201 65.36 22.79 -22.51
C GLY L 201 65.74 24.18 -22.91
N VAL L 202 65.88 25.04 -21.92
CA VAL L 202 66.36 26.38 -22.14
C VAL L 202 67.78 26.39 -22.66
N GLU L 203 68.64 25.57 -22.07
CA GLU L 203 70.03 25.46 -22.43
C GLU L 203 70.25 24.98 -23.83
N GLN L 204 69.46 24.02 -24.27
CA GLN L 204 69.64 23.47 -25.59
C GLN L 204 68.79 24.22 -26.58
N GLY L 205 68.21 25.31 -26.13
CA GLY L 205 67.43 26.17 -26.98
C GLY L 205 66.21 25.62 -27.67
N VAL L 206 65.41 24.84 -26.97
CA VAL L 206 64.16 24.36 -27.53
C VAL L 206 63.14 25.45 -27.79
N ASP L 207 62.36 25.25 -28.82
CA ASP L 207 61.27 26.13 -29.19
C ASP L 207 60.02 26.21 -28.29
N MET L 208 59.52 25.10 -27.82
CA MET L 208 58.31 25.08 -27.02
C MET L 208 58.32 23.99 -25.95
N ILE L 209 57.49 24.15 -24.96
CA ILE L 209 57.29 23.16 -23.94
C ILE L 209 55.87 22.63 -24.04
N PHE L 210 55.71 21.34 -24.08
CA PHE L 210 54.41 20.80 -23.93
C PHE L 210 54.30 20.45 -22.48
N ALA L 211 53.58 21.25 -21.72
CA ALA L 211 53.55 21.08 -20.31
C ALA L 211 52.47 20.11 -19.88
N SER L 212 52.89 18.97 -19.39
CA SER L 212 52.01 17.93 -18.96
C SER L 212 51.17 18.26 -17.75
N PHE L 213 50.01 17.62 -17.73
CA PHE L 213 49.11 17.66 -16.64
C PHE L 213 48.79 19.08 -16.11
N ILE L 214 48.39 20.16 -16.90
CA ILE L 214 48.22 21.46 -16.36
C ILE L 214 46.84 21.52 -15.70
N ARG L 215 46.80 21.52 -14.38
CA ARG L 215 45.63 21.86 -13.55
C ARG L 215 45.14 23.32 -13.51
N SER L 216 46.03 24.28 -13.63
CA SER L 216 45.74 25.68 -13.33
C SER L 216 46.54 26.77 -14.05
N ALA L 217 46.00 27.97 -14.03
CA ALA L 217 46.65 29.15 -14.52
C ALA L 217 47.88 29.50 -13.72
N GLU L 218 47.82 29.24 -12.43
CA GLU L 218 48.92 29.44 -11.52
C GLU L 218 50.10 28.56 -11.84
N GLN L 219 49.82 27.32 -12.23
CA GLN L 219 50.81 26.36 -12.63
C GLN L 219 51.56 26.77 -13.88
N VAL L 220 50.88 27.34 -14.85
CA VAL L 220 51.51 27.81 -16.06
C VAL L 220 52.51 28.87 -15.67
N GLY L 221 52.12 29.75 -14.79
CA GLY L 221 52.99 30.81 -14.35
C GLY L 221 54.22 30.27 -13.70
N ASP L 222 54.06 29.22 -12.92
CA ASP L 222 55.18 28.58 -12.32
C ASP L 222 56.10 27.98 -13.35
N VAL L 223 55.57 27.45 -14.43
CA VAL L 223 56.37 27.00 -15.53
C VAL L 223 57.14 28.12 -16.22
N ARG L 224 56.49 29.25 -16.41
CA ARG L 224 57.04 30.39 -17.07
C ARG L 224 58.22 30.87 -16.27
N LYS L 225 58.06 30.80 -14.97
CA LYS L 225 59.01 31.28 -14.00
C LYS L 225 60.22 30.38 -13.87
N ALA L 226 60.01 29.08 -13.94
CA ALA L 226 61.09 28.13 -14.00
C ALA L 226 61.92 28.27 -15.26
N LEU L 227 61.30 28.62 -16.35
CA LEU L 227 62.02 28.82 -17.58
C LEU L 227 62.93 30.00 -17.43
N GLY L 228 62.47 31.00 -16.70
CA GLY L 228 63.25 32.18 -16.41
C GLY L 228 63.30 33.23 -17.49
N PRO L 229 64.20 34.18 -17.31
CA PRO L 229 64.51 35.22 -18.30
C PRO L 229 65.09 34.71 -19.57
N LYS L 230 66.01 33.75 -19.45
CA LYS L 230 66.65 33.17 -20.60
C LYS L 230 65.63 32.45 -21.43
N GLY L 231 64.56 32.04 -20.79
CA GLY L 231 63.53 31.24 -21.40
C GLY L 231 62.28 31.93 -21.82
N ARG L 232 62.28 33.25 -21.83
CA ARG L 232 61.07 34.03 -22.02
C ARG L 232 60.36 33.89 -23.36
N ASP L 233 61.09 33.58 -24.40
CA ASP L 233 60.47 33.45 -25.69
C ASP L 233 60.11 32.04 -26.06
N ILE L 234 60.22 31.11 -25.12
CA ILE L 234 59.78 29.76 -25.35
C ILE L 234 58.31 29.70 -25.08
N MET L 235 57.59 29.06 -25.98
CA MET L 235 56.15 28.92 -25.90
C MET L 235 55.75 27.85 -24.91
N ILE L 236 54.79 28.12 -24.06
CA ILE L 236 54.28 27.08 -23.21
C ILE L 236 52.93 26.59 -23.70
N ILE L 237 52.91 25.39 -24.22
CA ILE L 237 51.71 24.76 -24.71
C ILE L 237 51.14 23.87 -23.61
N CYS L 238 49.93 24.11 -23.19
CA CYS L 238 49.40 23.39 -22.06
C CYS L 238 48.54 22.17 -22.40
N LYS L 239 48.99 21.03 -22.00
CA LYS L 239 48.27 19.80 -22.20
C LYS L 239 47.14 19.64 -21.20
N ILE L 240 45.95 19.37 -21.71
CA ILE L 240 44.80 19.19 -20.85
C ILE L 240 44.57 17.73 -20.79
N GLU L 241 44.83 17.13 -19.63
CA GLU L 241 44.77 15.68 -19.52
C GLU L 241 43.86 15.23 -18.38
N ASN L 242 43.41 16.13 -17.54
CA ASN L 242 42.49 15.80 -16.43
C ASN L 242 41.30 16.70 -16.20
N HIS L 243 40.56 16.41 -15.16
CA HIS L 243 39.35 17.13 -14.83
C HIS L 243 39.51 18.60 -14.52
N GLN L 244 40.48 18.91 -13.69
CA GLN L 244 40.77 20.26 -13.29
C GLN L 244 41.19 21.12 -14.44
N GLY L 245 42.00 20.57 -15.32
CA GLY L 245 42.42 21.28 -16.48
C GLY L 245 41.27 21.64 -17.38
N VAL L 246 40.35 20.74 -17.59
CA VAL L 246 39.18 21.07 -18.37
C VAL L 246 38.34 22.14 -17.71
N GLN L 247 38.16 22.03 -16.41
CA GLN L 247 37.34 22.95 -15.69
C GLN L 247 37.90 24.35 -15.75
N ASN L 248 39.21 24.46 -15.72
CA ASN L 248 39.90 25.72 -15.66
C ASN L 248 40.40 26.24 -17.00
N ILE L 249 39.79 25.80 -18.06
CA ILE L 249 40.31 26.02 -19.39
C ILE L 249 40.43 27.47 -19.85
N ASP L 250 39.50 28.34 -19.55
CA ASP L 250 39.60 29.72 -19.95
C ASP L 250 40.78 30.43 -19.35
N SER L 251 40.97 30.28 -18.07
CA SER L 251 42.11 30.82 -17.40
C SER L 251 43.44 30.23 -17.84
N ILE L 252 43.47 28.94 -18.09
CA ILE L 252 44.62 28.30 -18.64
C ILE L 252 44.95 28.78 -20.04
N ILE L 253 43.95 28.92 -20.85
CA ILE L 253 44.13 29.40 -22.19
C ILE L 253 44.69 30.82 -22.15
N GLU L 254 44.22 31.65 -21.25
CA GLU L 254 44.72 33.00 -21.07
C GLU L 254 46.21 33.04 -20.81
N GLU L 255 46.65 32.28 -19.83
CA GLU L 255 48.06 32.16 -19.46
C GLU L 255 48.99 31.52 -20.48
N SER L 256 48.48 30.55 -21.19
CA SER L 256 49.24 29.76 -22.11
C SER L 256 49.52 30.43 -23.45
N ASP L 257 50.36 29.81 -24.24
CA ASP L 257 50.54 30.15 -25.62
C ASP L 257 49.81 29.20 -26.54
N GLY L 258 49.19 28.18 -25.99
CA GLY L 258 48.47 27.21 -26.75
C GLY L 258 48.06 26.02 -25.93
N ILE L 259 47.30 25.13 -26.52
CA ILE L 259 46.72 24.01 -25.87
C ILE L 259 46.97 22.72 -26.62
N MET L 260 47.15 21.66 -25.88
CA MET L 260 47.06 20.33 -26.37
C MET L 260 45.89 19.55 -25.79
N VAL L 261 45.11 18.91 -26.63
CA VAL L 261 44.05 18.07 -26.16
C VAL L 261 44.62 16.69 -26.01
N ALA L 262 45.11 16.38 -24.82
CA ALA L 262 45.90 15.20 -24.56
C ALA L 262 45.01 14.04 -24.29
N ARG L 263 44.56 13.41 -25.34
CA ARG L 263 43.52 12.46 -25.26
C ARG L 263 43.79 11.21 -24.49
N GLY L 264 45.01 10.67 -24.52
CA GLY L 264 45.27 9.47 -23.79
C GLY L 264 45.11 9.50 -22.29
N ASP L 265 45.72 10.43 -21.61
CA ASP L 265 45.43 10.68 -20.22
C ASP L 265 43.99 11.15 -19.92
N LEU L 266 43.46 12.05 -20.75
CA LEU L 266 42.14 12.63 -20.58
C LEU L 266 41.06 11.59 -20.62
N GLY L 267 41.30 10.62 -21.47
CA GLY L 267 40.49 9.48 -21.68
C GLY L 267 40.26 8.57 -20.51
N VAL L 268 41.25 8.34 -19.67
CA VAL L 268 41.11 7.72 -18.36
C VAL L 268 40.47 8.58 -17.31
N GLU L 269 40.95 9.81 -17.26
CA GLU L 269 40.52 10.78 -16.27
C GLU L 269 39.06 11.13 -16.41
N ILE L 270 38.61 11.21 -17.61
CA ILE L 270 37.32 11.68 -17.88
C ILE L 270 36.91 10.51 -18.67
N PRO L 271 35.64 10.22 -18.59
CA PRO L 271 35.09 9.17 -19.39
C PRO L 271 35.18 9.66 -20.79
N ALA L 272 35.51 8.64 -21.56
CA ALA L 272 36.05 8.60 -22.86
C ALA L 272 35.10 9.21 -23.81
N GLU L 273 33.84 8.92 -23.62
CA GLU L 273 32.79 9.48 -24.45
C GLU L 273 32.69 10.99 -24.30
N LYS L 274 33.26 11.49 -23.20
CA LYS L 274 33.30 12.93 -22.96
C LYS L 274 34.45 13.62 -23.69
N VAL L 275 35.52 12.88 -23.99
CA VAL L 275 36.68 13.45 -24.63
C VAL L 275 36.26 14.15 -25.92
N VAL L 276 35.24 13.64 -26.59
CA VAL L 276 34.75 14.27 -27.80
C VAL L 276 34.19 15.66 -27.59
N VAL L 277 33.39 15.87 -26.57
CA VAL L 277 32.90 17.19 -26.19
C VAL L 277 34.03 18.10 -25.76
N ALA L 278 34.95 17.58 -25.00
CA ALA L 278 36.09 18.34 -24.61
C ALA L 278 36.94 18.75 -25.82
N GLN L 279 37.10 17.90 -26.81
CA GLN L 279 37.85 18.24 -28.00
C GLN L 279 37.22 19.39 -28.77
N LYS L 280 35.92 19.29 -28.99
CA LYS L 280 35.24 20.33 -29.64
C LYS L 280 35.30 21.62 -28.88
N ILE L 281 35.07 21.62 -27.58
CA ILE L 281 35.14 22.85 -26.86
C ILE L 281 36.51 23.49 -26.82
N LEU L 282 37.53 22.73 -26.54
CA LEU L 282 38.85 23.27 -26.39
C LEU L 282 39.46 23.84 -27.64
N ILE L 283 39.22 23.17 -28.75
CA ILE L 283 39.67 23.61 -30.02
C ILE L 283 39.00 24.90 -30.41
N SER L 284 37.71 24.98 -30.20
CA SER L 284 36.98 26.17 -30.52
C SER L 284 37.40 27.35 -29.70
N LYS L 285 37.61 27.17 -28.42
CA LYS L 285 38.04 28.24 -27.57
C LYS L 285 39.44 28.77 -27.95
N CYS L 286 40.31 27.86 -28.34
CA CYS L 286 41.59 28.21 -28.89
C CYS L 286 41.49 28.94 -30.22
N ASN L 287 40.59 28.52 -31.09
CA ASN L 287 40.40 29.21 -32.34
C ASN L 287 39.90 30.62 -32.14
N VAL L 288 38.95 30.78 -31.25
CA VAL L 288 38.40 32.08 -30.96
C VAL L 288 39.44 32.98 -30.34
N ALA L 289 40.24 32.44 -29.44
CA ALA L 289 41.32 33.16 -28.81
C ALA L 289 42.56 33.49 -29.68
N GLY L 290 42.65 32.91 -30.85
CA GLY L 290 43.84 32.89 -31.66
C GLY L 290 45.12 32.21 -31.19
N LYS L 291 45.01 31.07 -30.55
CA LYS L 291 46.16 30.35 -30.08
C LYS L 291 46.12 28.94 -30.62
N PRO L 292 47.30 28.40 -30.88
CA PRO L 292 47.46 27.11 -31.52
C PRO L 292 46.89 25.98 -30.67
N VAL L 293 46.23 25.02 -31.28
CA VAL L 293 45.63 23.90 -30.60
C VAL L 293 45.97 22.57 -31.26
N ILE L 294 46.33 21.60 -30.46
CA ILE L 294 46.78 20.30 -30.92
C ILE L 294 45.88 19.17 -30.46
N CYS L 295 45.54 18.31 -31.40
CA CYS L 295 44.83 17.08 -31.14
C CYS L 295 45.76 15.90 -31.10
N ALA L 296 45.72 15.22 -29.98
CA ALA L 296 46.68 14.18 -29.67
C ALA L 296 46.12 12.84 -29.25
N THR L 297 46.86 11.81 -29.64
CA THR L 297 46.86 10.45 -29.09
C THR L 297 45.93 9.45 -29.77
N GLN L 298 46.46 8.28 -30.12
CA GLN L 298 45.67 7.22 -30.73
C GLN L 298 45.00 7.67 -32.02
N MET L 299 45.58 8.66 -32.69
CA MET L 299 45.02 9.11 -33.94
C MET L 299 45.21 8.13 -35.08
N LEU L 300 46.38 7.54 -35.19
CA LEU L 300 46.57 6.49 -36.17
C LEU L 300 47.27 5.30 -35.53
N GLU L 301 46.72 4.83 -34.43
CA GLU L 301 47.35 3.84 -33.58
C GLU L 301 47.72 2.50 -34.19
N SER L 302 46.89 1.95 -35.06
CA SER L 302 47.07 0.64 -35.64
C SER L 302 48.25 0.62 -36.60
N MET L 303 48.67 1.80 -36.99
CA MET L 303 49.72 1.99 -37.93
C MET L 303 51.05 1.92 -37.22
N THR L 304 51.01 1.71 -35.92
CA THR L 304 52.17 1.38 -35.16
C THR L 304 52.63 0.04 -35.67
N TYR L 305 51.69 -0.79 -36.07
CA TYR L 305 52.05 -2.12 -36.50
C TYR L 305 51.63 -2.49 -37.91
N ASN L 306 50.75 -1.73 -38.52
CA ASN L 306 50.27 -2.05 -39.84
C ASN L 306 50.53 -0.96 -40.83
N PRO L 307 50.65 -1.36 -42.08
CA PRO L 307 50.88 -0.46 -43.19
C PRO L 307 49.72 0.50 -43.45
N ARG L 308 48.52 0.13 -43.07
CA ARG L 308 47.31 0.88 -43.36
C ARG L 308 46.46 1.08 -42.12
N PRO L 309 45.79 2.21 -42.04
CA PRO L 309 44.94 2.56 -40.93
C PRO L 309 43.56 1.97 -40.98
N THR L 310 42.91 1.92 -39.82
CA THR L 310 41.51 1.62 -39.70
C THR L 310 40.61 2.76 -40.15
N ARG L 311 39.35 2.47 -40.43
CA ARG L 311 38.40 3.47 -40.83
C ARG L 311 38.16 4.50 -39.76
N ALA L 312 38.08 4.06 -38.52
CA ALA L 312 37.89 4.96 -37.41
C ALA L 312 39.04 5.94 -37.27
N GLU L 313 40.24 5.48 -37.54
CA GLU L 313 41.39 6.32 -37.47
C GLU L 313 41.44 7.44 -38.50
N VAL L 314 41.13 7.10 -39.74
CA VAL L 314 41.10 8.05 -40.81
C VAL L 314 40.04 9.06 -40.52
N SER L 315 38.89 8.62 -40.06
CA SER L 315 37.85 9.53 -39.70
C SER L 315 38.29 10.46 -38.60
N ASP L 316 39.03 9.95 -37.63
CA ASP L 316 39.54 10.76 -36.57
C ASP L 316 40.50 11.87 -37.02
N VAL L 317 41.44 11.62 -37.89
CA VAL L 317 42.33 12.70 -38.32
C VAL L 317 41.55 13.81 -39.03
N ALA L 318 40.62 13.40 -39.87
CA ALA L 318 39.79 14.32 -40.61
C ALA L 318 38.88 15.21 -39.78
N ASN L 319 38.19 14.64 -38.81
CA ASN L 319 37.36 15.35 -37.89
C ASN L 319 38.11 16.31 -37.01
N ALA L 320 39.34 16.01 -36.66
CA ALA L 320 40.14 16.97 -35.93
C ALA L 320 40.41 18.25 -36.69
N VAL L 321 40.67 18.14 -37.98
CA VAL L 321 40.79 19.27 -38.88
C VAL L 321 39.51 20.05 -39.03
N PHE L 322 38.40 19.34 -39.18
CA PHE L 322 37.09 19.91 -39.25
C PHE L 322 36.78 20.62 -37.95
N ASN L 323 37.27 20.09 -36.85
CA ASN L 323 37.08 20.63 -35.53
C ASN L 323 37.74 22.00 -35.44
N GLY L 324 38.77 22.22 -36.26
CA GLY L 324 39.51 23.43 -36.22
C GLY L 324 40.90 23.43 -35.65
N ALA L 325 41.49 22.28 -35.48
CA ALA L 325 42.83 22.15 -34.95
C ALA L 325 43.96 22.65 -35.83
N ASP L 326 44.90 23.35 -35.24
CA ASP L 326 46.11 23.68 -35.90
C ASP L 326 46.95 22.44 -36.24
N CYS L 327 47.06 21.52 -35.30
CA CYS L 327 47.94 20.39 -35.38
C CYS L 327 47.36 19.02 -35.02
N VAL L 328 47.86 18.00 -35.67
CA VAL L 328 47.62 16.65 -35.25
C VAL L 328 48.96 16.06 -34.85
N MET L 329 48.92 15.04 -34.03
CA MET L 329 50.10 14.52 -33.40
C MET L 329 50.26 13.03 -33.52
N LEU L 330 51.49 12.58 -33.54
CA LEU L 330 51.81 11.18 -33.58
C LEU L 330 52.66 10.82 -32.39
N SER L 331 52.31 9.74 -31.73
CA SER L 331 53.02 9.36 -30.54
C SER L 331 53.85 8.10 -30.67
N GLY L 332 53.25 6.98 -30.36
CA GLY L 332 53.85 5.69 -30.50
C GLY L 332 54.10 5.29 -31.92
N GLU L 333 53.24 5.74 -32.80
CA GLU L 333 53.29 5.42 -34.20
C GLU L 333 54.63 5.86 -34.81
N THR L 334 55.19 6.94 -34.34
CA THR L 334 56.53 7.35 -34.72
C THR L 334 57.65 7.05 -33.72
N ALA L 335 57.33 6.97 -32.44
CA ALA L 335 58.32 6.64 -31.46
C ALA L 335 58.85 5.23 -31.54
N LYS L 336 57.95 4.25 -31.62
CA LYS L 336 58.31 2.85 -31.62
C LYS L 336 57.76 2.00 -32.74
N GLY L 337 57.08 2.63 -33.69
CA GLY L 337 56.41 1.96 -34.76
C GLY L 337 57.22 1.37 -35.87
N LYS L 338 56.57 0.54 -36.67
CA LYS L 338 57.19 -0.08 -37.83
C LYS L 338 57.11 0.76 -39.10
N TYR L 339 56.14 1.67 -39.21
CA TYR L 339 56.02 2.40 -40.44
C TYR L 339 55.95 3.89 -40.23
N PRO L 340 57.01 4.46 -39.73
CA PRO L 340 57.01 5.86 -39.39
C PRO L 340 56.76 6.78 -40.55
N ASN L 341 57.45 6.61 -41.66
CA ASN L 341 57.23 7.42 -42.83
C ASN L 341 55.82 7.28 -43.40
N GLU L 342 55.33 6.07 -43.49
CA GLU L 342 54.01 5.83 -43.99
C GLU L 342 52.91 6.45 -43.13
N VAL L 343 53.04 6.38 -41.82
CA VAL L 343 52.02 6.91 -40.98
C VAL L 343 51.90 8.41 -41.15
N VAL L 344 53.01 9.09 -41.21
CA VAL L 344 53.04 10.49 -41.45
C VAL L 344 52.50 10.84 -42.81
N GLN L 345 52.85 10.07 -43.82
CA GLN L 345 52.35 10.33 -45.14
C GLN L 345 50.87 10.17 -45.19
N TYR L 346 50.34 9.18 -44.50
CA TYR L 346 48.90 8.99 -44.41
C TYR L 346 48.19 10.12 -43.70
N MET L 347 48.76 10.60 -42.63
CA MET L 347 48.16 11.69 -41.92
C MET L 347 48.12 12.93 -42.75
N ALA L 348 49.17 13.23 -43.48
CA ALA L 348 49.23 14.40 -44.32
C ALA L 348 48.20 14.37 -45.41
N ARG L 349 48.03 13.22 -45.99
CA ARG L 349 47.10 13.00 -47.05
C ARG L 349 45.66 13.18 -46.59
N ILE L 350 45.32 12.66 -45.43
CA ILE L 350 44.01 12.85 -44.84
C ILE L 350 43.72 14.29 -44.51
N CYS L 351 44.72 14.98 -44.01
CA CYS L 351 44.60 16.37 -43.67
C CYS L 351 44.31 17.19 -44.90
N LEU L 352 44.98 16.89 -46.01
CA LEU L 352 44.74 17.60 -47.24
C LEU L 352 43.35 17.38 -47.81
N GLU L 353 42.87 16.16 -47.72
CA GLU L 353 41.54 15.83 -48.14
C GLU L 353 40.44 16.52 -47.34
N ALA L 354 40.57 16.55 -46.02
CA ALA L 354 39.61 17.21 -45.16
C ALA L 354 39.55 18.70 -45.42
N GLN L 355 40.69 19.23 -45.77
CA GLN L 355 40.89 20.63 -46.09
C GLN L 355 40.06 21.03 -47.28
N SER L 356 39.90 20.16 -48.25
CA SER L 356 39.01 20.45 -49.35
C SER L 356 37.58 20.61 -48.92
N ALA L 357 37.13 19.73 -48.05
CA ALA L 357 35.80 19.75 -47.50
C ALA L 357 35.59 20.91 -46.58
N LEU L 358 36.67 21.49 -46.07
CA LEU L 358 36.57 22.51 -45.06
C LEU L 358 35.99 23.75 -45.65
N ASN L 359 35.04 24.36 -44.97
CA ASN L 359 34.53 25.61 -45.42
C ASN L 359 35.28 26.70 -44.73
N GLU L 360 36.34 27.17 -45.35
CA GLU L 360 37.22 28.18 -44.79
C GLU L 360 36.53 29.49 -44.60
N TYR L 361 35.62 29.81 -45.50
CA TYR L 361 34.84 31.02 -45.44
C TYR L 361 33.90 31.14 -44.25
N VAL L 362 33.15 30.10 -43.96
CA VAL L 362 32.25 30.08 -42.83
C VAL L 362 33.02 30.22 -41.56
N PHE L 363 34.13 29.53 -41.53
CA PHE L 363 35.06 29.58 -40.43
C PHE L 363 35.58 30.98 -40.19
N PHE L 364 35.88 31.72 -41.24
CA PHE L 364 36.34 33.11 -41.10
C PHE L 364 35.28 34.00 -40.46
N ASN L 365 34.08 33.94 -40.97
CA ASN L 365 32.97 34.69 -40.48
C ASN L 365 32.55 34.32 -39.06
N SER L 366 32.58 33.04 -38.75
CA SER L 366 32.21 32.58 -37.46
C SER L 366 33.14 33.08 -36.42
N ILE L 367 34.43 33.04 -36.71
CA ILE L 367 35.46 33.53 -35.81
C ILE L 367 35.37 35.02 -35.58
N LYS L 368 35.13 35.74 -36.64
CA LYS L 368 35.01 37.18 -36.70
C LYS L 368 33.86 37.70 -35.83
N LYS L 369 32.72 37.04 -35.86
CA LYS L 369 31.59 37.39 -35.02
C LYS L 369 31.86 37.23 -33.57
N LEU L 370 32.75 36.34 -33.20
CA LEU L 370 33.02 36.08 -31.81
C LEU L 370 34.00 37.00 -31.11
N GLN L 371 34.63 37.87 -31.86
CA GLN L 371 35.57 38.82 -31.31
C GLN L 371 34.86 40.01 -30.74
N HIS L 372 35.36 40.48 -29.60
CA HIS L 372 34.74 41.60 -28.89
C HIS L 372 35.14 42.94 -29.51
N ILE L 373 34.16 43.83 -29.66
CA ILE L 373 34.39 45.14 -30.24
C ILE L 373 34.29 46.22 -29.15
N PRO L 374 35.27 47.12 -29.13
CA PRO L 374 36.38 47.07 -30.07
C PRO L 374 37.41 46.02 -29.70
N MET L 375 38.44 45.86 -30.52
CA MET L 375 39.49 44.87 -30.26
C MET L 375 40.86 45.51 -30.33
N SER L 376 41.40 45.64 -31.54
CA SER L 376 42.71 46.25 -31.74
C SER L 376 42.96 46.53 -33.22
N ALA L 377 43.64 47.64 -33.50
CA ALA L 377 43.95 48.03 -34.85
C ALA L 377 44.62 46.97 -35.69
N ASP L 378 45.62 46.29 -35.15
CA ASP L 378 46.21 45.17 -35.87
C ASP L 378 45.26 44.00 -36.10
N GLU L 379 44.40 43.72 -35.15
CA GLU L 379 43.41 42.66 -35.34
C GLU L 379 42.41 42.95 -36.44
N ALA L 380 41.95 44.18 -36.52
CA ALA L 380 41.09 44.58 -37.59
C ALA L 380 41.79 44.50 -38.95
N VAL L 381 43.06 44.85 -38.97
CA VAL L 381 43.83 44.83 -40.18
C VAL L 381 43.92 43.42 -40.69
N CYS L 382 44.20 42.48 -39.82
CA CYS L 382 44.27 41.09 -40.21
C CYS L 382 42.97 40.50 -40.66
N SER L 383 41.91 40.75 -39.94
CA SER L 383 40.61 40.26 -40.32
C SER L 383 40.07 40.84 -41.60
N SER L 384 40.11 42.13 -41.73
CA SER L 384 39.72 42.75 -42.95
C SER L 384 40.63 42.36 -44.13
N ALA L 385 41.90 42.14 -43.90
CA ALA L 385 42.82 41.73 -44.95
C ALA L 385 42.50 40.37 -45.54
N VAL L 386 42.07 39.45 -44.68
CA VAL L 386 41.54 38.17 -45.05
C VAL L 386 40.24 38.32 -45.82
N ASN L 387 39.41 39.24 -45.39
CA ASN L 387 38.17 39.51 -46.07
C ASN L 387 38.46 39.96 -47.50
N SER L 388 39.53 40.72 -47.65
CA SER L 388 40.06 41.13 -48.93
C SER L 388 40.49 39.95 -49.72
N VAL L 389 41.05 38.95 -49.07
CA VAL L 389 41.46 37.80 -49.80
C VAL L 389 40.27 37.11 -50.42
N TYR L 390 39.21 36.92 -49.66
CA TYR L 390 38.01 36.30 -50.18
C TYR L 390 37.33 37.12 -51.26
N GLU L 391 37.28 38.43 -51.08
CA GLU L 391 36.69 39.32 -52.05
C GLU L 391 37.36 39.39 -53.41
N THR L 392 38.69 39.34 -53.45
CA THR L 392 39.44 39.34 -54.71
C THR L 392 39.83 37.99 -55.25
N LYS L 393 39.61 36.95 -54.48
CA LYS L 393 40.19 35.66 -54.72
C LYS L 393 41.70 35.65 -54.78
N ALA L 394 42.34 36.31 -53.86
CA ALA L 394 43.77 36.35 -53.79
C ALA L 394 44.38 35.00 -53.48
N LYS L 395 45.47 34.68 -54.15
CA LYS L 395 46.00 33.35 -54.04
C LYS L 395 47.11 33.17 -53.05
N ALA L 396 47.52 34.26 -52.42
CA ALA L 396 48.52 34.23 -51.39
C ALA L 396 48.46 35.43 -50.50
N MET L 397 49.14 35.34 -49.40
CA MET L 397 49.12 36.36 -48.43
C MET L 397 50.52 36.49 -47.95
N VAL L 398 50.97 37.69 -47.66
CA VAL L 398 52.28 37.87 -47.07
C VAL L 398 52.20 38.71 -45.83
N VAL L 399 52.79 38.28 -44.75
CA VAL L 399 52.85 39.08 -43.55
C VAL L 399 54.21 39.23 -43.00
N LEU L 400 54.49 40.37 -42.43
CA LEU L 400 55.72 40.55 -41.73
C LEU L 400 55.52 40.33 -40.26
N SER L 401 56.18 39.32 -39.71
CA SER L 401 56.24 39.13 -38.28
C SER L 401 57.59 38.70 -37.76
N ASN L 402 58.10 39.43 -36.79
CA ASN L 402 59.30 39.05 -36.08
C ASN L 402 59.08 38.22 -34.81
N THR L 403 58.13 38.61 -33.98
CA THR L 403 57.71 37.81 -32.85
C THR L 403 56.92 36.60 -33.25
N GLY L 404 56.32 36.63 -34.41
CA GLY L 404 55.37 35.63 -34.83
C GLY L 404 53.94 35.95 -34.48
N ARG L 405 53.75 37.00 -33.68
CA ARG L 405 52.43 37.46 -33.29
C ARG L 405 51.56 37.80 -34.49
N SER L 406 52.07 38.61 -35.41
CA SER L 406 51.29 39.03 -36.52
C SER L 406 50.84 37.86 -37.33
N ALA L 407 51.69 36.88 -37.50
CA ALA L 407 51.30 35.71 -38.23
C ALA L 407 50.19 34.86 -37.62
N ARG L 408 50.18 34.66 -36.33
CA ARG L 408 49.10 33.94 -35.67
C ARG L 408 47.78 34.68 -35.82
N LEU L 409 47.82 35.99 -35.70
CA LEU L 409 46.67 36.83 -35.80
C LEU L 409 45.99 36.75 -37.13
N VAL L 410 46.74 36.72 -38.20
CA VAL L 410 46.24 36.44 -39.52
C VAL L 410 45.70 35.04 -39.80
N ALA L 411 46.44 34.04 -39.36
CA ALA L 411 46.11 32.64 -39.57
C ALA L 411 44.84 32.33 -38.86
N LYS L 412 44.61 33.06 -37.81
CA LYS L 412 43.45 32.95 -36.98
C LYS L 412 42.18 33.17 -37.76
N TYR L 413 42.25 33.96 -38.81
CA TYR L 413 41.10 34.31 -39.57
C TYR L 413 40.85 33.38 -40.73
N ARG L 414 41.63 32.32 -40.83
CA ARG L 414 41.34 31.29 -41.82
C ARG L 414 41.10 31.73 -43.28
N PRO L 415 42.11 32.33 -43.90
CA PRO L 415 42.05 32.65 -45.31
C PRO L 415 42.08 31.39 -46.14
N ASN L 416 41.65 31.45 -47.37
CA ASN L 416 41.59 30.26 -48.18
C ASN L 416 42.80 30.08 -49.09
N CYS L 417 43.88 30.69 -48.68
CA CYS L 417 45.09 30.70 -49.44
C CYS L 417 46.23 30.59 -48.49
N PRO L 418 47.40 30.25 -48.99
CA PRO L 418 48.58 30.15 -48.15
C PRO L 418 48.95 31.47 -47.55
N ILE L 419 49.52 31.46 -46.37
CA ILE L 419 49.98 32.66 -45.75
C ILE L 419 51.48 32.61 -45.71
N VAL L 420 52.12 33.64 -46.16
CA VAL L 420 53.55 33.59 -46.15
C VAL L 420 54.08 34.62 -45.21
N CYS L 421 54.76 34.16 -44.19
CA CYS L 421 55.31 35.02 -43.18
C CYS L 421 56.79 35.28 -43.40
N VAL L 422 57.19 36.52 -43.33
CA VAL L 422 58.57 36.84 -43.50
C VAL L 422 59.08 37.32 -42.19
N THR L 423 60.04 36.61 -41.66
CA THR L 423 60.49 36.83 -40.32
C THR L 423 61.99 37.04 -40.23
N THR L 424 62.41 37.84 -39.28
CA THR L 424 63.80 38.03 -39.03
C THR L 424 64.34 37.16 -37.93
N ARG L 425 63.54 36.23 -37.42
CA ARG L 425 63.99 35.31 -36.39
C ARG L 425 63.78 33.88 -36.79
N LEU L 426 64.83 33.08 -36.74
CA LEU L 426 64.74 31.68 -37.05
C LEU L 426 63.85 30.89 -36.10
N GLN L 427 63.88 31.23 -34.84
CA GLN L 427 63.05 30.60 -33.85
C GLN L 427 61.59 30.84 -34.15
N THR L 428 61.29 32.00 -34.68
CA THR L 428 59.97 32.33 -35.10
C THR L 428 59.55 31.41 -36.19
N CYS L 429 60.44 31.08 -37.11
CA CYS L 429 60.11 30.13 -38.15
C CYS L 429 59.77 28.78 -37.57
N ARG L 430 60.51 28.33 -36.58
CA ARG L 430 60.19 27.11 -35.92
C ARG L 430 58.89 27.15 -35.13
N GLN L 431 58.68 28.20 -34.37
CA GLN L 431 57.55 28.36 -33.48
C GLN L 431 56.23 28.39 -34.24
N LEU L 432 56.28 28.91 -35.46
CA LEU L 432 55.16 29.00 -36.37
C LEU L 432 54.80 27.69 -37.00
N ASN L 433 55.57 26.66 -36.73
CA ASN L 433 55.32 25.33 -37.20
C ASN L 433 54.12 24.69 -36.51
N ILE L 434 53.63 25.31 -35.45
CA ILE L 434 52.37 24.86 -34.85
C ILE L 434 51.17 25.70 -35.24
N THR L 435 51.34 26.66 -36.13
CA THR L 435 50.22 27.46 -36.54
C THR L 435 49.75 26.99 -37.88
N GLN L 436 48.48 26.66 -38.03
CA GLN L 436 48.00 26.19 -39.30
C GLN L 436 48.08 27.22 -40.40
N GLY L 437 48.34 26.73 -41.60
CA GLY L 437 48.25 27.51 -42.79
C GLY L 437 49.31 28.54 -43.03
N VAL L 438 50.45 28.41 -42.37
CA VAL L 438 51.51 29.39 -42.45
C VAL L 438 52.86 28.82 -42.85
N GLU L 439 53.53 29.52 -43.73
CA GLU L 439 54.87 29.17 -44.14
C GLU L 439 55.81 30.33 -43.90
N SER L 440 57.00 30.04 -43.42
CA SER L 440 57.95 31.07 -43.05
C SER L 440 59.14 31.21 -44.00
N VAL L 441 59.52 32.44 -44.23
CA VAL L 441 60.72 32.77 -44.96
C VAL L 441 61.60 33.56 -44.03
N PHE L 442 62.80 33.11 -43.77
CA PHE L 442 63.71 33.85 -42.93
C PHE L 442 64.42 34.96 -43.72
N PHE L 443 64.49 36.16 -43.16
CA PHE L 443 65.19 37.29 -43.74
C PHE L 443 66.21 37.72 -42.72
N ASP L 444 67.46 37.65 -43.12
CA ASP L 444 68.57 37.89 -42.24
C ASP L 444 68.83 39.36 -42.18
N ALA L 445 68.40 39.95 -41.09
CA ALA L 445 68.50 41.36 -40.93
C ALA L 445 69.95 41.75 -40.96
N ASP L 446 70.82 40.94 -40.38
CA ASP L 446 72.22 41.29 -40.26
C ASP L 446 72.90 41.41 -41.60
N LYS L 447 72.78 40.38 -42.40
CA LYS L 447 73.29 40.37 -43.73
C LYS L 447 72.59 41.40 -44.61
N LEU L 448 71.27 41.48 -44.56
CA LEU L 448 70.52 42.31 -45.48
C LEU L 448 69.97 43.60 -44.94
N GLY L 449 70.23 43.93 -43.71
CA GLY L 449 69.74 45.18 -43.19
C GLY L 449 68.34 45.13 -42.59
N HIS L 450 68.01 46.17 -41.88
CA HIS L 450 66.78 46.29 -41.12
C HIS L 450 65.49 46.47 -41.90
N ASP L 451 65.60 46.84 -43.16
CA ASP L 451 64.48 46.91 -44.07
C ASP L 451 63.28 47.71 -43.59
N GLU L 452 63.52 48.91 -43.11
CA GLU L 452 62.48 49.72 -42.49
C GLU L 452 61.38 50.10 -43.44
N GLY L 453 61.66 50.20 -44.73
CA GLY L 453 60.61 50.53 -45.67
C GLY L 453 59.85 49.35 -46.17
N LYS L 454 60.32 48.17 -45.79
CA LYS L 454 59.59 46.91 -45.85
C LYS L 454 59.58 46.30 -47.22
N GLU L 455 60.15 46.98 -48.18
CA GLU L 455 60.18 46.51 -49.55
C GLU L 455 60.93 45.22 -49.78
N HIS L 456 62.04 45.02 -49.13
CA HIS L 456 62.77 43.77 -49.27
C HIS L 456 62.11 42.54 -48.71
N ARG L 457 61.61 42.63 -47.50
CA ARG L 457 60.93 41.51 -46.86
C ARG L 457 59.73 41.18 -47.70
N VAL L 458 59.05 42.19 -48.16
CA VAL L 458 57.93 41.96 -49.02
C VAL L 458 58.28 41.29 -50.30
N ALA L 459 59.38 41.65 -50.93
CA ALA L 459 59.79 41.01 -52.17
C ALA L 459 60.09 39.54 -51.96
N ALA L 460 60.74 39.22 -50.85
CA ALA L 460 61.09 37.86 -50.50
C ALA L 460 59.88 36.98 -50.27
N GLY L 461 58.89 37.46 -49.55
CA GLY L 461 57.68 36.70 -49.37
C GLY L 461 56.94 36.47 -50.66
N VAL L 462 56.85 37.48 -51.49
CA VAL L 462 56.25 37.30 -52.79
C VAL L 462 57.02 36.31 -53.66
N GLU L 463 58.35 36.39 -53.66
CA GLU L 463 59.16 35.48 -54.46
C GLU L 463 59.00 34.06 -54.01
N PHE L 464 58.94 33.87 -52.72
CA PHE L 464 58.72 32.55 -52.17
C PHE L 464 57.39 32.02 -52.63
N ALA L 465 56.38 32.85 -52.68
CA ALA L 465 55.09 32.45 -53.16
C ALA L 465 55.07 32.06 -54.61
N LYS L 466 55.84 32.77 -55.41
CA LYS L 466 56.03 32.44 -56.81
C LYS L 466 56.73 31.12 -56.95
N SER L 467 57.75 30.96 -56.14
CA SER L 467 58.55 29.77 -56.18
C SER L 467 57.81 28.49 -55.84
N LYS L 468 56.87 28.53 -54.89
CA LYS L 468 56.13 27.34 -54.53
C LYS L 468 54.93 27.22 -55.43
N GLY L 469 54.73 28.18 -56.30
CA GLY L 469 53.66 28.12 -57.25
C GLY L 469 52.29 28.58 -56.82
N TYR L 470 52.19 29.18 -55.66
CA TYR L 470 50.94 29.73 -55.17
C TYR L 470 50.45 30.84 -56.04
N VAL L 471 51.37 31.65 -56.56
CA VAL L 471 51.01 32.77 -57.44
C VAL L 471 51.75 32.87 -58.78
N GLN L 472 51.09 33.46 -59.76
CA GLN L 472 51.67 33.76 -61.05
C GLN L 472 51.33 35.19 -61.30
N THR L 473 51.87 35.73 -62.39
CA THR L 473 51.72 37.13 -62.72
C THR L 473 50.26 37.34 -62.96
N GLY L 474 49.78 38.48 -62.53
CA GLY L 474 48.41 38.85 -62.65
C GLY L 474 47.56 38.47 -61.47
N ASP L 475 48.10 37.67 -60.56
CA ASP L 475 47.46 37.31 -59.31
C ASP L 475 47.54 38.39 -58.23
N TYR L 476 46.59 38.35 -57.32
CA TYR L 476 46.60 39.25 -56.22
C TYR L 476 47.28 38.62 -55.07
N CYS L 477 48.08 39.39 -54.39
CA CYS L 477 48.66 38.99 -53.16
C CYS L 477 48.33 40.04 -52.13
N VAL L 478 47.80 39.63 -50.99
CA VAL L 478 47.39 40.57 -49.96
C VAL L 478 48.47 40.63 -48.93
N VAL L 479 48.93 41.82 -48.63
CA VAL L 479 50.14 42.06 -47.88
C VAL L 479 49.89 42.86 -46.63
N ILE L 480 50.50 42.47 -45.54
CA ILE L 480 50.29 43.08 -44.24
C ILE L 480 51.56 43.50 -43.49
N HIS L 481 51.67 44.74 -43.13
CA HIS L 481 52.74 45.23 -42.31
C HIS L 481 52.42 46.61 -41.84
N ALA L 482 53.34 47.25 -41.17
CA ALA L 482 53.23 48.64 -40.85
C ALA L 482 53.57 49.56 -42.01
N ASP L 483 53.12 50.78 -41.86
CA ASP L 483 53.50 51.86 -42.71
C ASP L 483 54.79 52.40 -42.19
N HIS L 484 55.24 53.49 -42.76
CA HIS L 484 56.51 54.03 -42.40
C HIS L 484 56.66 54.56 -40.99
N LYS L 485 55.66 55.22 -40.46
CA LYS L 485 55.69 55.64 -39.09
C LYS L 485 55.50 54.61 -37.94
N VAL L 486 54.48 53.77 -38.04
CA VAL L 486 54.07 52.89 -36.93
C VAL L 486 55.01 51.75 -36.58
N LYS L 487 55.19 51.54 -35.30
CA LYS L 487 56.09 50.52 -34.76
C LYS L 487 55.44 49.60 -33.75
N GLY L 488 55.76 48.33 -33.84
CA GLY L 488 55.26 47.33 -32.92
C GLY L 488 54.05 46.53 -33.34
N TYR L 489 53.39 46.94 -34.39
CA TYR L 489 52.30 46.20 -34.96
C TYR L 489 52.11 46.58 -36.39
N ALA L 490 51.28 45.86 -37.09
CA ALA L 490 50.99 46.19 -38.45
C ALA L 490 49.67 46.92 -38.54
N ASN L 491 49.72 48.12 -39.08
CA ASN L 491 48.52 48.91 -39.28
C ASN L 491 48.05 49.02 -40.73
N GLN L 492 48.65 48.27 -41.63
CA GLN L 492 48.40 48.42 -43.05
C GLN L 492 48.10 47.14 -43.84
N THR L 493 47.24 47.25 -44.82
CA THR L 493 47.02 46.21 -45.77
C THR L 493 47.10 46.72 -47.18
N ARG L 494 47.68 45.95 -48.07
CA ARG L 494 47.74 46.28 -49.49
C ARG L 494 47.40 45.13 -50.36
N ILE L 495 46.63 45.36 -51.40
CA ILE L 495 46.45 44.35 -52.39
C ILE L 495 47.37 44.67 -53.56
N LEU L 496 48.38 43.85 -53.79
CA LEU L 496 49.28 44.03 -54.93
C LEU L 496 49.21 42.98 -55.99
N LEU L 497 49.37 43.43 -57.22
CA LEU L 497 49.35 42.58 -58.40
C LEU L 497 50.73 41.98 -58.56
N VAL L 498 50.81 40.72 -58.91
CA VAL L 498 52.12 40.08 -58.99
C VAL L 498 52.67 39.99 -60.40
N GLU L 499 53.95 40.34 -60.54
CA GLU L 499 54.61 40.30 -61.84
C GLU L 499 55.74 39.27 -61.85
N SER M 2 17.18 39.81 -46.88
CA SER M 2 17.29 41.13 -46.32
C SER M 2 16.23 42.00 -46.93
N GLN M 3 15.93 43.10 -46.28
CA GLN M 3 14.92 43.97 -46.77
C GLN M 3 15.39 44.60 -48.05
N LEU M 4 16.69 44.77 -48.17
CA LEU M 4 17.29 45.36 -49.33
C LEU M 4 17.12 44.54 -50.57
N ALA M 5 17.46 43.26 -50.48
CA ALA M 5 17.56 42.38 -51.61
C ALA M 5 16.22 42.27 -52.26
N HIS M 6 15.28 42.02 -51.34
CA HIS M 6 13.82 42.02 -51.53
C HIS M 6 13.21 43.23 -52.15
N ASN M 7 13.67 44.42 -51.83
CA ASN M 7 13.16 45.61 -52.47
C ASN M 7 13.39 45.52 -53.94
N LEU M 8 14.43 44.80 -54.26
CA LEU M 8 14.96 44.57 -55.59
C LEU M 8 14.09 43.65 -56.43
N THR M 9 13.34 42.80 -55.77
CA THR M 9 12.40 41.93 -56.42
C THR M 9 11.07 42.58 -56.64
N LEU M 10 10.82 43.74 -56.07
CA LEU M 10 9.54 44.41 -56.27
C LEU M 10 9.35 45.03 -57.63
N SER M 11 8.11 45.13 -58.08
CA SER M 11 7.78 45.92 -59.27
C SER M 11 6.52 46.75 -59.15
N ILE M 12 6.51 47.93 -59.73
CA ILE M 12 5.30 48.73 -59.72
C ILE M 12 4.13 48.08 -60.44
N PHE M 13 4.44 47.22 -61.40
CA PHE M 13 3.41 46.54 -62.18
C PHE M 13 2.93 45.22 -61.56
N ASP M 14 3.35 44.92 -60.34
CA ASP M 14 2.92 43.70 -59.70
C ASP M 14 1.45 43.89 -59.43
N PRO M 15 0.67 42.88 -59.67
CA PRO M 15 -0.75 42.95 -59.38
C PRO M 15 -1.00 42.90 -57.90
N VAL M 16 -1.94 43.69 -57.40
CA VAL M 16 -2.28 43.63 -56.00
C VAL M 16 -3.14 42.46 -55.67
N ALA M 17 -3.33 42.23 -54.39
CA ALA M 17 -4.08 41.10 -53.88
C ALA M 17 -5.58 41.16 -54.04
N ASN M 18 -6.21 40.01 -53.88
CA ASN M 18 -7.65 39.94 -53.94
C ASN M 18 -8.30 40.25 -52.62
N TYR M 19 -7.47 40.53 -51.63
CA TYR M 19 -7.97 40.93 -50.32
C TYR M 19 -7.10 42.01 -49.72
N ARG M 20 -7.71 42.89 -48.93
CA ARG M 20 -6.98 43.87 -48.16
C ARG M 20 -6.97 43.48 -46.70
N ALA M 21 -5.79 43.20 -46.17
CA ALA M 21 -5.59 42.86 -44.78
C ALA M 21 -5.84 43.94 -43.74
N ALA M 22 -5.35 45.13 -43.99
CA ALA M 22 -5.46 46.21 -43.07
C ALA M 22 -6.86 46.76 -42.98
N ARG M 23 -7.21 47.29 -41.81
CA ARG M 23 -8.52 47.80 -41.53
C ARG M 23 -8.57 49.31 -41.34
N ILE M 24 -9.66 49.91 -41.79
CA ILE M 24 -9.81 51.33 -41.72
C ILE M 24 -10.84 51.77 -40.73
N ILE M 25 -10.49 52.77 -39.94
CA ILE M 25 -11.33 53.32 -38.91
C ILE M 25 -11.73 54.75 -39.26
N CYS M 26 -12.98 55.09 -39.13
CA CYS M 26 -13.47 56.41 -39.48
C CYS M 26 -14.16 57.06 -38.33
N THR M 27 -13.84 58.31 -38.10
CA THR M 27 -14.48 59.10 -37.09
C THR M 27 -15.70 59.74 -37.69
N ILE M 28 -16.80 59.67 -36.98
CA ILE M 28 -18.06 60.15 -37.49
C ILE M 28 -18.47 61.49 -36.95
N GLY M 29 -18.60 62.42 -37.86
CA GLY M 29 -18.96 63.77 -37.58
C GLY M 29 -20.04 64.22 -38.54
N PRO M 30 -20.16 65.52 -38.66
CA PRO M 30 -21.22 66.17 -39.38
C PRO M 30 -21.25 65.79 -40.82
N SER M 31 -20.10 65.61 -41.42
CA SER M 31 -19.98 65.10 -42.75
C SER M 31 -20.47 63.66 -42.90
N THR M 32 -20.41 62.86 -41.87
CA THR M 32 -20.62 61.42 -42.05
C THR M 32 -21.70 60.73 -41.24
N GLN M 33 -22.49 61.50 -40.55
CA GLN M 33 -23.52 61.01 -39.69
C GLN M 33 -24.73 60.35 -40.34
N SER M 34 -25.08 60.88 -41.49
CA SER M 34 -26.21 60.43 -42.21
C SER M 34 -26.00 59.03 -42.69
N VAL M 35 -27.09 58.32 -42.72
CA VAL M 35 -27.08 56.94 -43.10
C VAL M 35 -26.56 56.80 -44.50
N GLU M 36 -26.92 57.71 -45.37
CA GLU M 36 -26.40 57.66 -46.70
C GLU M 36 -24.89 57.87 -46.73
N ALA M 37 -24.39 58.79 -45.94
CA ALA M 37 -22.96 59.00 -45.85
C ALA M 37 -22.24 57.78 -45.31
N LEU M 38 -22.82 57.17 -44.29
CA LEU M 38 -22.27 55.99 -43.67
C LEU M 38 -22.21 54.81 -44.60
N LYS M 39 -23.23 54.66 -45.42
CA LYS M 39 -23.28 53.65 -46.43
C LYS M 39 -22.18 53.83 -47.43
N GLY M 40 -21.91 55.07 -47.77
CA GLY M 40 -20.82 55.40 -48.64
C GLY M 40 -19.47 55.04 -48.04
N LEU M 41 -19.33 55.29 -46.76
CA LEU M 41 -18.13 54.97 -46.03
C LEU M 41 -17.84 53.48 -45.97
N ILE M 42 -18.86 52.69 -45.71
CA ILE M 42 -18.70 51.26 -45.64
C ILE M 42 -18.29 50.68 -46.97
N GLN M 43 -18.93 51.12 -48.01
CA GLN M 43 -18.63 50.70 -49.35
C GLN M 43 -17.25 51.14 -49.79
N SER M 44 -16.86 52.26 -49.26
CA SER M 44 -15.56 52.82 -49.52
C SER M 44 -14.51 52.05 -48.78
N GLY M 45 -14.90 51.34 -47.75
CA GLY M 45 -13.96 50.60 -46.96
C GLY M 45 -13.85 50.73 -45.47
N MET M 46 -14.83 51.30 -44.80
CA MET M 46 -14.77 51.44 -43.35
C MET M 46 -15.13 50.19 -42.58
N SER M 47 -14.30 49.79 -41.65
CA SER M 47 -14.64 48.65 -40.84
C SER M 47 -15.03 49.01 -39.44
N VAL M 48 -14.59 50.16 -38.98
CA VAL M 48 -14.88 50.58 -37.63
C VAL M 48 -15.35 52.01 -37.61
N ALA M 49 -16.43 52.31 -36.92
CA ALA M 49 -16.82 53.69 -36.77
C ALA M 49 -16.54 54.25 -35.39
N ARG M 50 -15.85 55.37 -35.36
CA ARG M 50 -15.40 55.97 -34.12
C ARG M 50 -16.20 57.20 -33.75
N MET M 51 -16.67 57.23 -32.53
CA MET M 51 -17.34 58.38 -31.98
C MET M 51 -16.44 59.04 -30.97
N ASN M 52 -16.19 60.33 -31.12
CA ASN M 52 -15.35 61.05 -30.21
C ASN M 52 -16.15 61.83 -29.21
N PHE M 53 -16.04 61.45 -27.96
CA PHE M 53 -16.87 61.98 -26.91
C PHE M 53 -16.36 63.27 -26.38
N SER M 54 -15.29 63.76 -26.96
CA SER M 54 -14.83 65.12 -26.74
C SER M 54 -15.74 66.10 -27.44
N HIS M 55 -16.51 65.62 -28.39
CA HIS M 55 -17.36 66.46 -29.17
C HIS M 55 -18.73 65.81 -29.12
N GLY M 56 -19.77 66.58 -29.32
CA GLY M 56 -21.08 66.01 -29.33
C GLY M 56 -21.59 65.76 -27.95
N SER M 57 -22.57 64.91 -27.83
CA SER M 57 -23.24 64.67 -26.59
C SER M 57 -23.79 63.30 -26.74
N HIS M 58 -24.41 62.78 -25.71
CA HIS M 58 -24.91 61.44 -25.77
C HIS M 58 -25.92 61.41 -26.83
N GLU M 59 -26.66 62.49 -26.93
CA GLU M 59 -27.71 62.60 -27.90
C GLU M 59 -27.17 62.56 -29.30
N TYR M 60 -26.11 63.30 -29.59
CA TYR M 60 -25.53 63.30 -30.91
C TYR M 60 -24.98 61.96 -31.31
N HIS M 61 -24.24 61.38 -30.39
CA HIS M 61 -23.60 60.08 -30.56
C HIS M 61 -24.53 58.92 -30.67
N GLN M 62 -25.70 59.03 -30.05
CA GLN M 62 -26.74 58.05 -30.18
C GLN M 62 -27.21 58.01 -31.59
N THR M 63 -27.33 59.16 -32.20
CA THR M 63 -27.78 59.21 -33.56
C THR M 63 -26.82 58.45 -34.42
N THR M 64 -25.54 58.59 -34.14
CA THR M 64 -24.48 57.92 -34.87
C THR M 64 -24.58 56.43 -34.73
N ILE M 65 -24.84 55.97 -33.53
CA ILE M 65 -24.98 54.57 -33.28
C ILE M 65 -26.11 53.96 -34.03
N ASN M 66 -27.24 54.63 -34.01
CA ASN M 66 -28.40 54.16 -34.72
C ASN M 66 -28.16 54.17 -36.19
N ASN M 67 -27.56 55.22 -36.66
CA ASN M 67 -27.25 55.29 -38.06
C ASN M 67 -26.26 54.24 -38.56
N VAL M 68 -25.29 53.89 -37.75
CA VAL M 68 -24.31 52.89 -38.12
C VAL M 68 -24.96 51.52 -38.23
N ARG M 69 -25.75 51.21 -37.24
CA ARG M 69 -26.44 49.96 -37.23
C ARG M 69 -27.40 49.84 -38.40
N GLN M 70 -28.14 50.90 -38.70
CA GLN M 70 -29.06 50.94 -39.82
C GLN M 70 -28.38 50.82 -41.16
N ALA M 71 -27.29 51.54 -41.33
CA ALA M 71 -26.51 51.43 -42.54
C ALA M 71 -25.86 50.07 -42.75
N ALA M 72 -25.31 49.51 -41.70
CA ALA M 72 -24.71 48.20 -41.74
C ALA M 72 -25.74 47.14 -42.06
N ALA M 73 -26.90 47.26 -41.45
CA ALA M 73 -27.97 46.31 -41.63
C ALA M 73 -28.46 46.26 -43.05
N GLU M 74 -28.58 47.42 -43.65
CA GLU M 74 -28.95 47.59 -45.03
C GLU M 74 -27.95 46.99 -45.96
N LEU M 75 -26.72 46.91 -45.55
CA LEU M 75 -25.67 46.47 -46.45
C LEU M 75 -25.23 45.06 -46.12
N GLY M 76 -25.90 44.48 -45.16
CA GLY M 76 -25.58 43.16 -44.70
C GLY M 76 -24.20 42.91 -44.18
N VAL M 77 -23.71 43.81 -43.35
CA VAL M 77 -22.35 43.73 -42.88
C VAL M 77 -22.28 44.05 -41.42
N ASN M 78 -21.21 43.68 -40.77
CA ASN M 78 -21.05 43.97 -39.38
C ASN M 78 -19.97 45.04 -39.17
N ILE M 79 -20.31 46.14 -38.54
CA ILE M 79 -19.38 47.24 -38.33
C ILE M 79 -19.16 47.47 -36.85
N ALA M 80 -17.92 47.49 -36.41
CA ALA M 80 -17.62 47.78 -35.02
C ALA M 80 -17.92 49.22 -34.69
N ILE M 81 -18.38 49.46 -33.47
CA ILE M 81 -18.61 50.78 -32.98
C ILE M 81 -17.66 51.07 -31.83
N ALA M 82 -16.93 52.15 -31.92
CA ALA M 82 -15.94 52.47 -30.92
C ALA M 82 -16.26 53.75 -30.20
N LEU M 83 -16.14 53.76 -28.89
CA LEU M 83 -16.32 54.97 -28.14
C LEU M 83 -14.96 55.52 -27.66
N ASP M 84 -14.74 56.70 -28.24
CA ASP M 84 -13.60 57.52 -28.05
C ASP M 84 -13.88 58.63 -27.06
N THR M 85 -13.44 58.43 -25.84
CA THR M 85 -13.70 59.33 -24.72
C THR M 85 -13.07 60.72 -24.82
N LYS M 86 -13.70 61.68 -24.19
CA LYS M 86 -13.17 63.01 -24.14
C LYS M 86 -11.93 62.96 -23.29
N GLY M 87 -12.02 62.32 -22.15
CA GLY M 87 -10.89 62.17 -21.27
C GLY M 87 -10.63 63.41 -20.45
N PRO M 88 -9.72 63.32 -19.52
CA PRO M 88 -9.38 64.48 -18.70
C PRO M 88 -8.74 65.57 -19.54
N GLU M 89 -9.08 66.85 -19.36
CA GLU M 89 -8.47 67.96 -20.07
C GLU M 89 -7.96 69.00 -19.06
N ILE M 90 -6.85 69.65 -19.41
CA ILE M 90 -6.38 70.85 -18.73
C ILE M 90 -6.72 72.02 -19.64
N ARG M 91 -7.44 72.98 -19.06
CA ARG M 91 -7.81 74.21 -19.74
C ARG M 91 -7.50 75.47 -18.90
N THR M 92 -7.22 76.56 -19.59
CA THR M 92 -7.23 77.90 -18.93
C THR M 92 -8.65 78.29 -18.60
N GLY M 93 -8.78 79.34 -17.81
CA GLY M 93 -10.05 79.96 -17.53
C GLY M 93 -10.37 80.97 -18.62
N GLN M 94 -11.26 81.90 -18.26
CA GLN M 94 -11.68 83.03 -19.08
C GLN M 94 -10.72 84.20 -18.90
N PHE M 95 -10.62 85.03 -19.94
CA PHE M 95 -9.94 86.32 -19.83
C PHE M 95 -10.93 87.48 -19.90
N VAL M 96 -10.61 88.59 -19.21
CA VAL M 96 -11.41 89.83 -19.28
C VAL M 96 -11.38 90.39 -20.72
N GLY M 97 -12.53 90.85 -21.20
CA GLY M 97 -12.70 91.25 -22.59
C GLY M 97 -12.75 90.10 -23.57
N GLY M 98 -12.92 88.88 -23.05
CA GLY M 98 -12.97 87.68 -23.88
C GLY M 98 -11.64 87.13 -24.36
N ASP M 99 -10.59 87.95 -24.27
CA ASP M 99 -9.31 87.69 -24.95
C ASP M 99 -8.11 88.17 -24.10
N ALA M 100 -6.89 87.75 -24.42
CA ALA M 100 -5.68 88.26 -23.74
C ALA M 100 -4.38 88.16 -24.56
N VAL M 101 -3.70 89.29 -24.72
CA VAL M 101 -2.63 89.48 -25.67
C VAL M 101 -1.23 89.24 -25.06
N MET M 102 -0.70 88.04 -25.26
CA MET M 102 0.58 87.59 -24.63
C MET M 102 1.81 87.98 -25.45
N GLU M 103 2.68 88.86 -24.93
CA GLU M 103 3.83 89.35 -25.72
C GLU M 103 5.11 88.62 -25.36
N ARG M 104 6.04 88.52 -26.30
CA ARG M 104 7.30 87.84 -26.03
C ARG M 104 8.15 88.63 -25.00
N GLY M 105 8.78 87.94 -24.05
CA GLY M 105 9.59 88.63 -23.05
C GLY M 105 8.85 89.03 -21.76
N ALA M 106 7.51 89.20 -21.85
CA ALA M 106 6.63 89.58 -20.71
C ALA M 106 6.60 88.55 -19.57
N THR M 107 6.34 89.02 -18.36
CA THR M 107 6.04 88.16 -17.22
C THR M 107 4.52 88.06 -17.00
N CYS M 108 4.05 86.82 -16.79
CA CYS M 108 2.64 86.58 -16.39
C CYS M 108 2.57 85.55 -15.28
N TYR M 109 1.40 85.41 -14.66
CA TYR M 109 1.24 84.60 -13.45
C TYR M 109 0.13 83.61 -13.76
N VAL M 110 0.38 82.33 -13.56
CA VAL M 110 -0.66 81.32 -13.83
C VAL M 110 -1.05 80.74 -12.48
N THR M 111 -2.33 80.72 -12.21
CA THR M 111 -2.76 80.33 -10.90
C THR M 111 -3.81 79.26 -10.96
N THR M 112 -3.86 78.41 -9.96
CA THR M 112 -4.98 77.49 -9.82
C THR M 112 -6.00 77.94 -8.78
N ASP M 113 -5.85 79.16 -8.29
CA ASP M 113 -6.84 79.76 -7.37
C ASP M 113 -8.17 79.95 -8.16
N PRO M 114 -9.25 79.25 -7.72
CA PRO M 114 -10.47 79.24 -8.55
C PRO M 114 -11.18 80.61 -8.57
N ALA M 115 -10.91 81.46 -7.59
CA ALA M 115 -11.35 82.89 -7.63
C ALA M 115 -11.09 83.58 -9.01
N PHE M 116 -10.10 83.10 -9.77
CA PHE M 116 -9.65 83.72 -11.03
C PHE M 116 -10.20 83.14 -12.34
N ALA M 117 -11.14 82.21 -12.26
CA ALA M 117 -11.60 81.46 -13.45
C ALA M 117 -12.33 82.33 -14.49
N ASP M 118 -12.95 83.42 -14.04
CA ASP M 118 -13.68 84.32 -14.93
C ASP M 118 -13.09 85.75 -14.98
N LYS M 119 -11.82 85.89 -14.57
CA LYS M 119 -11.17 87.22 -14.50
C LYS M 119 -9.64 87.12 -14.68
N GLY M 120 -9.23 86.25 -15.59
CA GLY M 120 -7.82 86.26 -15.99
C GLY M 120 -7.49 87.52 -16.79
N THR M 121 -6.20 87.78 -16.97
CA THR M 121 -5.76 88.89 -17.85
C THR M 121 -4.40 88.44 -18.30
N LYS M 122 -3.78 89.19 -19.21
CA LYS M 122 -2.44 88.80 -19.61
C LYS M 122 -1.49 88.69 -18.42
N ASP M 123 -1.79 89.43 -17.34
CA ASP M 123 -1.01 89.51 -16.11
C ASP M 123 -1.15 88.25 -15.25
N LYS M 124 -2.37 87.78 -15.09
CA LYS M 124 -2.60 86.60 -14.26
C LYS M 124 -3.91 85.91 -14.61
N PHE M 125 -3.81 84.63 -14.84
CA PHE M 125 -5.01 83.87 -15.19
C PHE M 125 -4.99 82.46 -14.62
N TYR M 126 -6.11 81.79 -14.75
CA TYR M 126 -6.34 80.52 -14.15
C TYR M 126 -6.11 79.38 -15.16
N ILE M 127 -5.48 78.31 -14.69
CA ILE M 127 -5.39 77.01 -15.33
C ILE M 127 -6.10 76.03 -14.40
N ASP M 128 -6.99 75.21 -14.92
CA ASP M 128 -7.92 74.50 -14.03
C ASP M 128 -7.41 73.19 -13.45
N TYR M 129 -6.11 72.92 -13.55
CA TYR M 129 -5.55 71.66 -13.05
C TYR M 129 -4.95 71.94 -11.70
N GLN M 130 -5.64 71.50 -10.65
CA GLN M 130 -5.33 71.95 -9.28
C GLN M 130 -3.94 71.54 -8.78
N ASN M 131 -3.42 70.50 -9.38
CA ASN M 131 -2.09 70.05 -9.08
C ASN M 131 -1.03 70.70 -9.91
N LEU M 132 -1.30 71.76 -10.67
CA LEU M 132 -0.27 72.35 -11.58
C LEU M 132 1.09 72.57 -10.89
N SER M 133 1.05 73.25 -9.71
CA SER M 133 2.27 73.64 -8.98
C SER M 133 3.10 72.48 -8.50
N LYS M 134 2.45 71.42 -8.04
CA LYS M 134 3.18 70.25 -7.57
C LYS M 134 3.86 69.53 -8.76
N VAL M 135 3.29 69.65 -9.94
CA VAL M 135 3.78 68.81 -11.04
C VAL M 135 4.88 69.51 -11.82
N VAL M 136 4.87 70.83 -11.80
CA VAL M 136 5.86 71.57 -12.60
C VAL M 136 7.00 72.07 -11.70
N ARG M 137 8.21 72.22 -12.27
CA ARG M 137 9.35 72.87 -11.59
C ARG M 137 9.94 74.02 -12.45
N PRO M 138 10.74 74.95 -11.85
CA PRO M 138 11.47 75.98 -12.60
C PRO M 138 12.22 75.37 -13.80
N GLY M 139 12.04 75.97 -14.99
CA GLY M 139 12.70 75.50 -16.20
C GLY M 139 11.72 74.79 -17.12
N ASN M 140 10.77 74.06 -16.52
CA ASN M 140 9.69 73.41 -17.30
C ASN M 140 8.90 74.38 -18.18
N TYR M 141 8.33 73.83 -19.24
CA TYR M 141 7.56 74.59 -20.20
C TYR M 141 6.07 74.29 -20.03
N ILE M 142 5.24 75.30 -20.27
CA ILE M 142 3.79 75.16 -20.19
C ILE M 142 3.17 75.61 -21.50
N TYR M 143 2.61 74.67 -22.25
CA TYR M 143 2.07 74.98 -23.60
C TYR M 143 0.59 75.31 -23.55
N ILE M 144 0.21 76.37 -24.25
CA ILE M 144 -1.17 76.83 -24.27
C ILE M 144 -1.61 77.08 -25.71
N ASP M 145 -2.81 76.63 -26.04
CA ASP M 145 -3.33 76.77 -27.38
C ASP M 145 -2.81 75.91 -28.55
N ASP M 146 -2.77 74.59 -28.32
CA ASP M 146 -2.21 73.71 -29.32
C ASP M 146 -0.67 73.63 -29.20
N GLY M 147 -0.13 74.14 -28.10
CA GLY M 147 1.35 74.33 -27.96
C GLY M 147 1.89 75.60 -28.65
N ILE M 148 1.00 76.49 -29.07
CA ILE M 148 1.39 77.67 -29.84
C ILE M 148 2.08 78.70 -28.96
N LEU M 149 1.51 78.90 -27.78
CA LEU M 149 2.05 79.86 -26.81
C LEU M 149 2.87 79.03 -25.83
N ILE M 150 4.16 79.37 -25.73
CA ILE M 150 5.02 78.59 -24.86
C ILE M 150 5.45 79.50 -23.72
N LEU M 151 4.93 79.21 -22.52
CA LEU M 151 5.35 79.93 -21.35
C LEU M 151 6.44 79.07 -20.72
N GLN M 152 7.44 79.73 -20.10
CA GLN M 152 8.37 79.01 -19.26
C GLN M 152 8.28 79.34 -17.77
N VAL M 153 8.27 78.30 -16.95
CA VAL M 153 8.14 78.44 -15.53
C VAL M 153 9.43 78.95 -14.87
N GLN M 154 9.30 80.07 -14.12
CA GLN M 154 10.46 80.68 -13.50
C GLN M 154 10.47 80.33 -12.02
N SER M 155 9.32 80.48 -11.34
CA SER M 155 9.29 80.24 -9.91
C SER M 155 7.86 80.06 -9.42
N HIS M 156 7.76 79.63 -8.17
CA HIS M 156 6.52 79.57 -7.45
C HIS M 156 6.35 80.92 -6.77
N GLU M 157 5.53 81.80 -7.35
CA GLU M 157 5.08 83.01 -6.62
C GLU M 157 4.46 82.61 -5.28
N ASP M 158 3.54 81.63 -5.30
CA ASP M 158 3.03 81.07 -4.04
C ASP M 158 2.60 79.62 -4.22
N GLU M 159 1.86 79.08 -3.27
CA GLU M 159 1.53 77.69 -3.38
C GLU M 159 0.55 77.31 -4.50
N GLN M 160 -0.10 78.31 -5.12
CA GLN M 160 -1.07 78.11 -6.19
C GLN M 160 -0.77 78.89 -7.46
N THR M 161 0.34 79.61 -7.48
CA THR M 161 0.58 80.54 -8.56
C THR M 161 2.02 80.39 -9.01
N LEU M 162 2.22 80.36 -10.33
CA LEU M 162 3.51 80.24 -10.94
C LEU M 162 3.85 81.54 -11.67
N GLU M 163 5.05 82.07 -11.42
CA GLU M 163 5.54 83.19 -12.21
C GLU M 163 6.09 82.58 -13.50
N CYS M 164 5.66 83.07 -14.66
CA CYS M 164 6.13 82.56 -15.95
C CYS M 164 6.74 83.65 -16.80
N THR M 165 7.71 83.28 -17.65
CA THR M 165 8.12 84.09 -18.81
C THR M 165 7.30 83.72 -20.06
N VAL M 166 6.89 84.69 -20.85
CA VAL M 166 6.34 84.41 -22.15
C VAL M 166 7.48 84.26 -23.24
N THR M 167 7.64 83.05 -23.80
CA THR M 167 8.78 82.83 -24.71
C THR M 167 8.51 83.22 -26.15
N ASN M 168 7.22 83.31 -26.53
CA ASN M 168 6.87 83.76 -27.89
C ASN M 168 5.49 84.40 -27.90
N SER M 169 5.27 85.31 -28.83
CA SER M 169 4.08 86.17 -28.85
C SER M 169 2.90 85.36 -29.35
N HIS M 170 1.74 85.61 -28.78
CA HIS M 170 0.53 84.96 -29.26
C HIS M 170 -0.67 85.49 -28.47
N THR M 171 -1.72 85.82 -29.18
CA THR M 171 -2.97 86.20 -28.55
C THR M 171 -3.71 84.89 -28.27
N ILE M 172 -4.21 84.76 -27.04
CA ILE M 172 -4.99 83.58 -26.66
C ILE M 172 -6.40 83.95 -26.18
N SER M 173 -7.42 83.22 -26.65
CA SER M 173 -8.80 83.48 -26.21
C SER M 173 -9.19 82.55 -25.05
N ASP M 174 -10.47 82.62 -24.62
CA ASP M 174 -10.95 81.83 -23.49
C ASP M 174 -10.73 80.35 -23.59
N ARG M 175 -10.29 79.78 -22.47
CA ARG M 175 -10.33 78.33 -22.24
C ARG M 175 -9.53 77.47 -23.21
N ARG M 176 -8.29 77.85 -23.47
CA ARG M 176 -7.44 76.98 -24.29
C ARG M 176 -6.91 75.77 -23.54
N GLY M 177 -6.58 74.71 -24.29
CA GLY M 177 -6.05 73.50 -23.69
C GLY M 177 -4.59 73.73 -23.35
N VAL M 178 -4.11 73.08 -22.30
CA VAL M 178 -2.73 73.25 -22.02
C VAL M 178 -2.07 71.88 -22.04
N ASN M 179 -0.77 71.86 -22.32
CA ASN M 179 0.01 70.65 -22.13
C ASN M 179 1.20 70.88 -21.27
N LEU M 180 1.83 69.80 -20.82
CA LEU M 180 2.91 69.85 -19.88
C LEU M 180 4.04 68.84 -20.27
N PRO M 181 4.88 69.20 -21.28
CA PRO M 181 5.65 68.12 -21.85
C PRO M 181 6.69 67.45 -20.99
N GLY M 182 7.21 68.10 -19.98
CA GLY M 182 8.22 67.44 -19.15
C GLY M 182 7.57 67.07 -17.84
N CYS M 183 6.26 66.84 -17.88
CA CYS M 183 5.52 66.75 -16.64
C CYS M 183 4.65 65.55 -16.64
N ASP M 184 4.67 64.88 -15.49
CA ASP M 184 3.84 63.72 -15.28
C ASP M 184 2.47 64.21 -14.80
N VAL M 185 1.53 64.25 -15.71
CA VAL M 185 0.21 64.76 -15.37
C VAL M 185 -0.57 63.69 -14.64
N ASP M 186 -1.24 64.05 -13.54
CA ASP M 186 -1.88 63.02 -12.69
C ASP M 186 -3.39 63.17 -12.52
N LEU M 187 -4.04 63.70 -13.52
CA LEU M 187 -5.43 63.58 -13.62
C LEU M 187 -5.84 62.12 -13.50
N PRO M 188 -7.01 61.89 -12.97
CA PRO M 188 -7.59 60.56 -12.92
C PRO M 188 -7.74 60.00 -14.31
N ALA M 189 -7.85 58.69 -14.42
CA ALA M 189 -7.90 58.05 -15.71
C ALA M 189 -9.16 58.43 -16.40
N VAL M 190 -10.21 58.53 -15.60
CA VAL M 190 -11.54 58.75 -16.06
C VAL M 190 -12.16 59.97 -15.40
N SER M 191 -12.56 60.93 -16.20
CA SER M 191 -13.27 62.08 -15.70
C SER M 191 -14.70 61.75 -15.30
N ALA M 192 -15.38 62.71 -14.70
CA ALA M 192 -16.76 62.51 -14.36
C ALA M 192 -17.64 62.36 -15.59
N LYS M 193 -17.38 63.13 -16.61
CA LYS M 193 -18.09 62.96 -17.84
C LYS M 193 -17.81 61.60 -18.50
N ASP M 194 -16.57 61.16 -18.47
CA ASP M 194 -16.20 59.85 -18.98
C ASP M 194 -17.00 58.77 -18.29
N ARG M 195 -17.13 58.88 -16.98
CA ARG M 195 -17.83 57.91 -16.21
C ARG M 195 -19.22 57.78 -16.70
N VAL M 196 -19.84 58.90 -17.02
CA VAL M 196 -21.14 58.89 -17.56
C VAL M 196 -20.93 58.45 -18.96
N ASP M 197 -19.72 58.65 -19.48
CA ASP M 197 -19.48 58.28 -20.86
C ASP M 197 -19.32 56.79 -21.02
N LEU M 198 -18.60 56.17 -20.12
CA LEU M 198 -18.44 54.73 -20.13
C LEU M 198 -19.71 53.95 -19.91
N GLN M 199 -20.55 54.40 -18.99
CA GLN M 199 -21.80 53.73 -18.74
C GLN M 199 -22.71 53.74 -19.95
N PHE M 200 -22.74 54.85 -20.66
CA PHE M 200 -23.55 55.00 -21.83
C PHE M 200 -23.11 54.04 -22.90
N GLY M 201 -21.80 53.86 -23.02
CA GLY M 201 -21.25 52.95 -23.98
C GLY M 201 -21.64 51.53 -23.73
N VAL M 202 -21.65 51.14 -22.47
CA VAL M 202 -22.14 49.84 -22.08
C VAL M 202 -23.60 49.66 -22.40
N GLU M 203 -24.41 50.66 -22.10
CA GLU M 203 -25.83 50.66 -22.32
C GLU M 203 -26.20 50.54 -23.76
N GLN M 204 -25.50 51.21 -24.64
CA GLN M 204 -25.82 51.19 -26.04
C GLN M 204 -25.07 50.08 -26.72
N GLY M 205 -24.41 49.25 -25.93
CA GLY M 205 -23.71 48.11 -26.45
C GLY M 205 -22.58 48.30 -27.43
N VAL M 206 -21.74 49.28 -27.20
CA VAL M 206 -20.57 49.45 -28.03
C VAL M 206 -19.55 48.33 -27.92
N ASP M 207 -18.89 48.08 -29.04
CA ASP M 207 -17.83 47.11 -29.12
C ASP M 207 -16.49 47.35 -28.41
N MET M 208 -15.96 48.55 -28.48
CA MET M 208 -14.67 48.87 -27.90
C MET M 208 -14.60 50.29 -27.37
N ILE M 209 -13.66 50.53 -26.49
CA ILE M 209 -13.37 51.84 -25.99
C ILE M 209 -11.99 52.25 -26.43
N PHE M 210 -11.87 53.42 -27.03
CA PHE M 210 -10.57 53.95 -27.25
C PHE M 210 -10.30 54.84 -26.07
N ALA M 211 -9.49 54.40 -25.15
CA ALA M 211 -9.32 55.12 -23.93
C ALA M 211 -8.22 56.15 -24.05
N SER M 212 -8.61 57.41 -24.02
CA SER M 212 -7.70 58.52 -24.14
C SER M 212 -6.73 58.68 -23.00
N PHE M 213 -5.59 59.23 -23.36
CA PHE M 213 -4.57 59.63 -22.46
C PHE M 213 -4.18 58.53 -21.43
N ILE M 214 -3.85 57.22 -21.75
CA ILE M 214 -3.58 56.24 -20.76
C ILE M 214 -2.15 56.42 -20.29
N ARG M 215 -1.96 56.95 -19.09
CA ARG M 215 -0.70 56.95 -18.32
C ARG M 215 -0.18 55.62 -17.74
N SER M 216 -1.06 54.71 -17.37
CA SER M 216 -0.70 53.55 -16.56
C SER M 216 -1.55 52.29 -16.68
N ALA M 217 -0.99 51.19 -16.24
CA ALA M 217 -1.67 49.91 -16.14
C ALA M 217 -2.79 49.95 -15.13
N GLU M 218 -2.60 50.71 -14.07
CA GLU M 218 -3.59 50.91 -13.05
C GLU M 218 -4.81 51.63 -13.58
N GLN M 219 -4.61 52.59 -14.46
CA GLN M 219 -5.65 53.33 -15.12
C GLN M 219 -6.53 52.48 -15.99
N VAL M 220 -5.94 51.55 -16.71
CA VAL M 220 -6.69 50.64 -17.55
C VAL M 220 -7.62 49.84 -16.68
N GLY M 221 -7.11 49.39 -15.56
CA GLY M 221 -7.91 48.62 -14.63
C GLY M 221 -9.08 49.41 -14.13
N ASP M 222 -8.86 50.68 -13.87
CA ASP M 222 -9.92 51.54 -13.46
C ASP M 222 -10.96 51.68 -14.55
N VAL M 223 -10.55 51.72 -15.78
CA VAL M 223 -11.49 51.70 -16.89
C VAL M 223 -12.30 50.42 -17.00
N ARG M 224 -11.65 49.31 -16.76
CA ARG M 224 -12.24 48.00 -16.85
C ARG M 224 -13.32 47.92 -15.80
N LYS M 225 -13.02 48.51 -14.66
CA LYS M 225 -13.84 48.48 -13.48
C LYS M 225 -15.06 49.38 -13.60
N ALA M 226 -14.88 50.53 -14.22
CA ALA M 226 -15.99 51.41 -14.53
C ALA M 226 -16.94 50.79 -15.54
N LEU M 227 -16.42 50.01 -16.46
CA LEU M 227 -17.28 49.34 -17.41
C LEU M 227 -18.14 48.35 -16.70
N GLY M 228 -17.59 47.72 -15.68
CA GLY M 228 -18.31 46.79 -14.86
C GLY M 228 -18.45 45.39 -15.40
N PRO M 229 -19.30 44.61 -14.77
CA PRO M 229 -19.68 43.27 -15.21
C PRO M 229 -20.42 43.25 -16.51
N LYS M 230 -21.34 44.18 -16.68
CA LYS M 230 -22.11 44.27 -17.89
C LYS M 230 -21.20 44.56 -19.06
N GLY M 231 -20.08 45.17 -18.75
CA GLY M 231 -19.14 45.64 -19.74
C GLY M 231 -17.91 44.79 -19.98
N ARG M 232 -17.89 43.59 -19.46
CA ARG M 232 -16.70 42.78 -19.44
C ARG M 232 -16.14 42.34 -20.78
N ASP M 233 -16.98 42.22 -21.78
CA ASP M 233 -16.51 41.81 -23.06
C ASP M 233 -16.21 42.94 -24.01
N ILE M 234 -16.24 44.16 -23.52
CA ILE M 234 -15.87 45.30 -24.33
C ILE M 234 -14.37 45.44 -24.26
N MET M 235 -13.76 45.62 -25.42
CA MET M 235 -12.33 45.76 -25.56
C MET M 235 -11.85 47.12 -25.12
N ILE M 236 -10.79 47.20 -24.35
CA ILE M 236 -10.22 48.49 -24.06
C ILE M 236 -8.93 48.70 -24.85
N ILE M 237 -9.01 49.59 -25.81
CA ILE M 237 -7.88 49.94 -26.63
C ILE M 237 -7.22 51.18 -26.05
N CYS M 238 -5.96 51.10 -25.70
CA CYS M 238 -5.33 52.21 -25.04
C CYS M 238 -4.54 53.15 -25.92
N LYS M 239 -4.96 54.39 -25.98
CA LYS M 239 -4.30 55.41 -26.73
C LYS M 239 -3.07 55.93 -26.01
N ILE M 240 -1.95 55.93 -26.70
CA ILE M 240 -0.72 56.42 -26.12
C ILE M 240 -0.52 57.78 -26.69
N GLU M 241 -0.66 58.80 -25.85
CA GLU M 241 -0.62 60.17 -26.33
C GLU M 241 0.39 61.03 -25.58
N ASN M 242 0.95 60.53 -24.50
CA ASN M 242 1.98 61.25 -23.72
C ASN M 242 3.21 60.50 -23.28
N HIS M 243 4.05 61.16 -22.53
CA HIS M 243 5.31 60.61 -22.06
C HIS M 243 5.20 59.39 -21.17
N GLN M 244 4.34 59.47 -20.19
CA GLN M 244 4.12 58.41 -19.25
C GLN M 244 3.59 57.16 -19.91
N GLY M 245 2.69 57.33 -20.83
CA GLY M 245 2.16 56.22 -21.56
C GLY M 245 3.21 55.49 -22.36
N VAL M 246 4.09 56.21 -23.00
CA VAL M 246 5.18 55.58 -23.70
C VAL M 246 6.11 54.85 -22.76
N GLN M 247 6.42 55.47 -21.65
CA GLN M 247 7.32 54.90 -20.70
C GLN M 247 6.80 53.59 -20.13
N ASN M 248 5.51 53.55 -19.92
CA ASN M 248 4.85 52.43 -19.29
C ASN M 248 4.22 51.43 -20.24
N ILE M 249 4.70 51.39 -21.46
CA ILE M 249 4.05 50.66 -22.50
C ILE M 249 3.90 49.15 -22.32
N ASP M 250 4.90 48.47 -21.79
CA ASP M 250 4.77 47.03 -21.60
C ASP M 250 3.68 46.66 -20.64
N SER M 251 3.63 47.33 -19.50
CA SER M 251 2.58 47.12 -18.56
C SER M 251 1.19 47.51 -19.06
N ILE M 252 1.11 48.60 -19.81
CA ILE M 252 -0.11 48.99 -20.44
C ILE M 252 -0.58 47.99 -21.48
N ILE M 253 0.34 47.50 -22.27
CA ILE M 253 0.03 46.54 -23.26
C ILE M 253 -0.50 45.26 -22.60
N GLU M 254 0.09 44.85 -21.50
CA GLU M 254 -0.37 43.71 -20.74
C GLU M 254 -1.82 43.81 -20.32
N GLU M 255 -2.17 44.91 -19.68
CA GLU M 255 -3.54 45.20 -19.25
C GLU M 255 -4.58 45.40 -20.34
N SER M 256 -4.17 45.99 -21.43
CA SER M 256 -5.04 46.35 -22.51
C SER M 256 -5.45 45.21 -23.43
N ASP M 257 -6.37 45.48 -24.31
CA ASP M 257 -6.70 44.61 -25.39
C ASP M 257 -6.09 45.09 -26.69
N GLY M 258 -5.44 46.23 -26.68
CA GLY M 258 -4.82 46.79 -27.84
C GLY M 258 -4.36 48.20 -27.61
N ILE M 259 -3.68 48.75 -28.60
CA ILE M 259 -3.06 50.04 -28.52
C ILE M 259 -3.41 50.92 -29.70
N MET M 260 -3.54 52.19 -29.44
CA MET M 260 -3.53 53.21 -30.43
C MET M 260 -2.32 54.13 -30.33
N VAL M 261 -1.64 54.34 -31.44
CA VAL M 261 -0.56 55.28 -31.48
C VAL M 261 -1.15 56.62 -31.83
N ALA M 262 -1.51 57.39 -30.83
CA ALA M 262 -2.28 58.59 -30.98
C ALA M 262 -1.40 59.75 -31.30
N ARG M 263 -1.08 59.89 -32.57
CA ARG M 263 -0.05 60.77 -32.99
C ARG M 263 -0.27 62.23 -32.76
N GLY M 264 -1.49 62.73 -32.88
CA GLY M 264 -1.71 64.14 -32.67
C GLY M 264 -1.39 64.71 -31.32
N ASP M 265 -1.90 64.15 -30.25
CA ASP M 265 -1.45 64.48 -28.92
C ASP M 265 0.02 64.12 -28.61
N LEU M 266 0.48 62.96 -29.07
CA LEU M 266 1.82 62.47 -28.82
C LEU M 266 2.86 63.37 -29.39
N GLY M 267 2.52 63.92 -30.53
CA GLY M 267 3.28 64.86 -31.26
C GLY M 267 3.60 66.16 -30.60
N VAL M 268 2.71 66.74 -29.81
CA VAL M 268 2.97 67.83 -28.89
C VAL M 268 3.74 67.45 -27.66
N GLU M 269 3.29 66.36 -27.06
CA GLU M 269 3.85 65.87 -25.82
C GLU M 269 5.29 65.44 -25.96
N ILE M 270 5.61 64.88 -27.06
CA ILE M 270 6.87 64.32 -27.26
C ILE M 270 7.18 65.05 -28.49
N PRO M 271 8.44 65.31 -28.68
CA PRO M 271 8.88 65.94 -29.89
C PRO M 271 8.64 64.93 -30.95
N ALA M 272 8.22 65.57 -32.02
CA ALA M 272 7.54 65.09 -33.16
C ALA M 272 8.39 64.13 -33.88
N GLU M 273 9.67 64.43 -33.97
CA GLU M 273 10.63 63.56 -34.60
C GLU M 273 10.77 62.24 -33.86
N LYS M 274 10.35 62.24 -32.60
CA LYS M 274 10.36 61.02 -31.80
C LYS M 274 9.15 60.11 -32.06
N VAL M 275 8.04 60.71 -32.52
CA VAL M 275 6.83 59.95 -32.75
C VAL M 275 7.12 58.78 -33.68
N VAL M 276 8.05 58.95 -34.60
CA VAL M 276 8.43 57.88 -35.49
C VAL M 276 9.03 56.66 -34.81
N VAL M 277 9.95 56.87 -33.88
CA VAL M 277 10.50 55.81 -33.05
C VAL M 277 9.44 55.18 -32.17
N ALA M 278 8.60 55.98 -31.59
CA ALA M 278 7.52 55.48 -30.82
C ALA M 278 6.55 54.63 -31.65
N GLN M 279 6.26 55.02 -32.87
CA GLN M 279 5.42 54.24 -33.73
C GLN M 279 5.99 52.87 -34.05
N LYS M 280 7.24 52.83 -34.42
CA LYS M 280 7.87 51.59 -34.66
C LYS M 280 7.92 50.73 -33.44
N ILE M 281 8.29 51.25 -32.29
CA ILE M 281 8.32 50.42 -31.13
C ILE M 281 6.98 49.88 -30.69
N LEU M 282 5.98 50.72 -30.62
CA LEU M 282 4.69 50.32 -30.13
C LEU M 282 3.96 49.29 -30.98
N ILE M 283 4.07 49.46 -32.28
CA ILE M 283 3.50 48.56 -33.20
C ILE M 283 4.15 47.20 -33.11
N SER M 284 5.46 47.18 -33.02
CA SER M 284 6.18 45.95 -32.91
C SER M 284 5.87 45.21 -31.65
N LYS M 285 5.80 45.89 -30.53
CA LYS M 285 5.48 45.28 -29.28
C LYS M 285 4.06 44.67 -29.27
N CYS M 286 3.14 45.37 -29.90
CA CYS M 286 1.81 44.85 -30.12
C CYS M 286 1.78 43.65 -31.03
N ASN M 287 2.57 43.65 -32.09
CA ASN M 287 2.64 42.51 -32.97
C ASN M 287 3.19 41.29 -32.27
N VAL M 288 4.24 41.48 -31.49
CA VAL M 288 4.84 40.41 -30.77
C VAL M 288 3.89 39.86 -29.72
N ALA M 289 3.17 40.73 -29.05
CA ALA M 289 2.19 40.35 -28.07
C ALA M 289 0.87 39.73 -28.59
N GLY M 290 0.65 39.79 -29.87
CA GLY M 290 -0.62 39.51 -30.50
C GLY M 290 -1.86 40.34 -30.21
N LYS M 291 -1.71 41.65 -30.09
CA LYS M 291 -2.81 42.53 -29.85
C LYS M 291 -2.86 43.60 -30.91
N PRO M 292 -4.07 44.01 -31.23
CA PRO M 292 -4.32 44.94 -32.32
C PRO M 292 -3.70 46.31 -32.06
N VAL M 293 -3.13 46.92 -33.08
CA VAL M 293 -2.48 48.20 -32.98
C VAL M 293 -2.92 49.15 -34.08
N ILE M 294 -3.21 50.38 -33.71
CA ILE M 294 -3.73 51.38 -34.60
C ILE M 294 -2.82 52.59 -34.75
N CYS M 295 -2.59 52.98 -35.98
CA CYS M 295 -1.89 54.20 -36.31
C CYS M 295 -2.83 55.31 -36.66
N ALA M 296 -2.70 56.39 -35.92
CA ALA M 296 -3.63 57.49 -35.95
C ALA M 296 -3.06 58.86 -36.19
N THR M 297 -3.87 59.67 -36.87
CA THR M 297 -3.83 61.13 -36.92
C THR M 297 -3.00 61.74 -38.05
N GLN M 298 -3.60 62.65 -38.80
CA GLN M 298 -2.97 63.39 -39.87
C GLN M 298 -2.49 62.51 -41.00
N MET M 299 -2.98 61.29 -41.07
CA MET M 299 -2.55 60.36 -42.07
C MET M 299 -2.88 60.80 -43.48
N LEU M 300 -4.07 61.32 -43.69
CA LEU M 300 -4.38 61.88 -44.97
C LEU M 300 -5.03 63.25 -44.81
N GLU M 301 -4.38 64.11 -44.07
CA GLU M 301 -4.94 65.37 -43.63
C GLU M 301 -5.40 66.36 -44.69
N SER M 302 -4.68 66.49 -45.79
CA SER M 302 -4.95 67.46 -46.82
C SER M 302 -6.23 67.12 -47.57
N MET M 303 -6.66 65.89 -47.40
CA MET M 303 -7.80 65.36 -48.07
C MET M 303 -9.05 65.74 -47.31
N THR M 304 -8.87 66.45 -46.22
CA THR M 304 -9.96 67.10 -45.54
C THR M 304 -10.49 68.13 -46.49
N TYR M 305 -9.63 68.70 -47.29
CA TYR M 305 -10.05 69.76 -48.19
C TYR M 305 -9.79 69.51 -49.66
N ASN M 306 -8.96 68.55 -50.01
CA ASN M 306 -8.64 68.30 -51.38
C ASN M 306 -8.98 66.91 -51.81
N PRO M 307 -9.23 66.78 -53.09
CA PRO M 307 -9.57 65.50 -53.71
C PRO M 307 -8.43 64.49 -53.68
N ARG M 308 -7.19 64.95 -53.62
CA ARG M 308 -6.01 64.13 -53.71
C ARG M 308 -5.02 64.42 -52.59
N PRO M 309 -4.33 63.40 -52.14
CA PRO M 309 -3.36 63.51 -51.07
C PRO M 309 -2.00 64.01 -51.50
N THR M 310 -1.24 64.50 -50.55
CA THR M 310 0.17 64.79 -50.71
C THR M 310 1.03 63.53 -50.74
N ARG M 311 2.25 63.67 -51.25
CA ARG M 311 3.18 62.57 -51.31
C ARG M 311 3.55 62.05 -49.94
N ALA M 312 3.75 62.95 -49.00
CA ALA M 312 4.08 62.58 -47.65
C ALA M 312 2.97 61.76 -47.00
N GLU M 313 1.75 62.10 -47.31
CA GLU M 313 0.62 61.39 -46.78
C GLU M 313 0.49 59.96 -47.27
N VAL M 314 0.65 59.76 -48.56
CA VAL M 314 0.60 58.46 -49.15
C VAL M 314 1.70 57.62 -48.58
N SER M 315 2.88 58.19 -48.49
CA SER M 315 3.96 57.47 -47.89
C SER M 315 3.66 57.08 -46.47
N ASP M 316 3.03 57.95 -45.72
CA ASP M 316 2.65 57.66 -44.37
C ASP M 316 1.67 56.48 -44.23
N VAL M 317 0.64 56.39 -45.01
CA VAL M 317 -0.27 55.24 -44.87
C VAL M 317 0.46 53.92 -45.15
N ALA M 318 1.28 53.93 -46.17
CA ALA M 318 2.05 52.78 -46.58
C ALA M 318 3.06 52.27 -45.56
N ASN M 319 3.84 53.17 -44.98
CA ASN M 319 4.79 52.87 -43.94
C ASN M 319 4.14 52.36 -42.67
N ALA M 320 2.96 52.81 -42.35
CA ALA M 320 2.26 52.26 -41.21
C ALA M 320 1.93 50.77 -41.35
N VAL M 321 1.54 50.36 -42.54
CA VAL M 321 1.35 48.97 -42.89
C VAL M 321 2.61 48.16 -42.85
N PHE M 322 3.69 48.73 -43.40
CA PHE M 322 5.00 48.14 -43.36
C PHE M 322 5.45 48.01 -41.92
N ASN M 323 5.08 48.95 -41.09
CA ASN M 323 5.43 48.99 -39.69
C ASN M 323 4.80 47.79 -38.98
N GLY M 324 3.70 47.29 -39.53
CA GLY M 324 2.99 46.21 -38.92
C GLY M 324 1.66 46.47 -38.26
N ALA M 325 1.07 47.62 -38.50
CA ALA M 325 -0.20 47.98 -37.93
C ALA M 325 -1.41 47.19 -38.41
N ASP M 326 -2.26 46.82 -37.50
CA ASP M 326 -3.53 46.27 -37.83
C ASP M 326 -4.43 47.28 -38.55
N CYS M 327 -4.45 48.50 -38.06
CA CYS M 327 -5.37 49.54 -38.50
C CYS M 327 -4.78 50.92 -38.78
N VAL M 328 -5.36 51.60 -39.73
CA VAL M 328 -5.11 53.00 -39.93
C VAL M 328 -6.41 53.73 -39.66
N MET M 329 -6.31 55.00 -39.32
CA MET M 329 -7.42 55.76 -38.83
C MET M 329 -7.63 57.07 -39.54
N LEU M 330 -8.87 57.50 -39.61
CA LEU M 330 -9.22 58.77 -40.18
C LEU M 330 -9.94 59.59 -39.15
N SER M 331 -9.54 60.85 -39.03
CA SER M 331 -10.13 61.69 -38.02
C SER M 331 -10.99 62.81 -38.56
N GLY M 332 -10.39 63.95 -38.79
CA GLY M 332 -11.03 65.09 -39.38
C GLY M 332 -11.45 64.88 -40.81
N GLU M 333 -10.67 64.10 -41.52
CA GLU M 333 -10.88 63.83 -42.91
C GLU M 333 -12.26 63.21 -43.15
N THR M 334 -12.75 62.42 -42.22
CA THR M 334 -14.11 61.93 -42.27
C THR M 334 -15.12 62.63 -41.35
N ALA M 335 -14.67 63.21 -40.26
CA ALA M 335 -15.56 63.93 -39.40
C ALA M 335 -16.12 65.21 -39.99
N LYS M 336 -15.26 66.04 -40.54
CA LYS M 336 -15.64 67.33 -41.07
C LYS M 336 -15.24 67.64 -42.50
N GLY M 337 -14.66 66.67 -43.17
CA GLY M 337 -14.11 66.83 -44.49
C GLY M 337 -15.05 66.94 -45.65
N LYS M 338 -14.52 67.49 -46.74
CA LYS M 338 -15.11 67.53 -48.06
C LYS M 338 -15.27 66.21 -48.81
N TYR M 339 -14.32 65.30 -48.68
CA TYR M 339 -14.33 64.12 -49.51
C TYR M 339 -14.19 62.85 -48.72
N PRO M 340 -15.19 62.56 -47.92
CA PRO M 340 -15.12 61.42 -47.04
C PRO M 340 -14.98 60.09 -47.76
N ASN M 341 -15.79 59.83 -48.76
CA ASN M 341 -15.66 58.60 -49.52
C ASN M 341 -14.33 58.46 -50.24
N GLU M 342 -13.89 59.52 -50.87
CA GLU M 342 -12.64 59.51 -51.56
C GLU M 342 -11.43 59.27 -50.64
N VAL M 343 -11.42 59.86 -49.47
CA VAL M 343 -10.30 59.70 -48.60
C VAL M 343 -10.17 58.25 -48.16
N VAL M 344 -11.27 57.63 -47.82
CA VAL M 344 -11.29 56.25 -47.47
C VAL M 344 -10.89 55.37 -48.62
N GLN M 345 -11.36 55.66 -49.80
CA GLN M 345 -11.01 54.89 -50.95
C GLN M 345 -9.54 54.98 -51.23
N TYR M 346 -8.96 56.15 -51.05
CA TYR M 346 -7.53 56.33 -51.21
C TYR M 346 -6.73 55.57 -50.19
N MET M 347 -7.15 55.57 -48.96
CA MET M 347 -6.47 54.85 -47.94
C MET M 347 -6.49 53.37 -48.19
N ALA M 348 -7.62 52.84 -48.62
CA ALA M 348 -7.73 51.42 -48.90
C ALA M 348 -6.82 50.98 -50.01
N ARG M 349 -6.74 51.80 -51.03
CA ARG M 349 -5.93 51.56 -52.18
C ARG M 349 -4.44 51.54 -51.84
N ILE M 350 -4.00 52.48 -51.03
CA ILE M 350 -2.62 52.51 -50.57
C ILE M 350 -2.27 51.32 -49.70
N CYS M 351 -3.20 50.92 -48.87
CA CYS M 351 -3.02 49.78 -48.01
C CYS M 351 -2.84 48.52 -48.83
N LEU M 352 -3.62 48.37 -49.88
CA LEU M 352 -3.51 47.21 -50.75
C LEU M 352 -2.20 47.15 -51.49
N GLU M 353 -1.73 48.29 -51.95
CA GLU M 353 -0.46 48.39 -52.61
C GLU M 353 0.73 48.06 -51.73
N ALA M 354 0.75 48.57 -50.50
CA ALA M 354 1.81 48.29 -49.54
C ALA M 354 1.88 46.82 -49.19
N GLN M 355 0.71 46.21 -49.17
CA GLN M 355 0.51 44.82 -48.88
C GLN M 355 1.21 43.95 -49.88
N SER M 356 1.26 44.35 -51.13
CA SER M 356 2.03 43.62 -52.11
C SER M 356 3.49 43.62 -51.81
N ALA M 357 4.01 44.77 -51.42
CA ALA M 357 5.39 44.93 -51.05
C ALA M 357 5.72 44.23 -49.77
N LEU M 358 4.73 43.94 -48.96
CA LEU M 358 4.95 43.40 -47.64
C LEU M 358 5.48 42.02 -47.74
N ASN M 359 6.51 41.72 -46.98
CA ASN M 359 7.00 40.38 -46.92
C ASN M 359 6.35 39.68 -45.78
N GLU M 360 5.25 39.03 -46.04
CA GLU M 360 4.45 38.36 -45.04
C GLU M 360 5.19 37.21 -44.40
N TYR M 361 6.01 36.54 -45.19
CA TYR M 361 6.80 35.44 -44.72
C TYR M 361 7.88 35.78 -43.70
N VAL M 362 8.62 36.84 -43.93
CA VAL M 362 9.65 37.29 -43.01
C VAL M 362 9.02 37.69 -41.73
N PHE M 363 7.91 38.36 -41.85
CA PHE M 363 7.10 38.79 -40.73
C PHE M 363 6.63 37.62 -39.90
N PHE M 364 6.24 36.52 -40.52
CA PHE M 364 5.83 35.32 -39.78
C PHE M 364 6.97 34.72 -38.94
N ASN M 365 8.11 34.55 -39.57
CA ASN M 365 9.28 34.04 -38.93
C ASN M 365 9.83 34.94 -37.84
N SER M 366 9.81 36.24 -38.07
CA SER M 366 10.31 37.18 -37.13
C SER M 366 9.51 37.15 -35.88
N ILE M 367 8.20 37.10 -36.02
CA ILE M 367 7.28 37.04 -34.90
C ILE M 367 7.43 35.78 -34.09
N LYS M 368 7.56 34.68 -34.79
CA LYS M 368 7.70 33.34 -34.26
C LYS M 368 8.95 33.19 -33.41
N LYS M 369 10.07 33.75 -33.82
CA LYS M 369 11.29 33.75 -33.03
C LYS M 369 11.17 34.48 -31.74
N LEU M 370 10.32 35.46 -31.68
CA LEU M 370 10.18 36.27 -30.49
C LEU M 370 9.30 35.74 -29.38
N GLN M 371 8.61 34.65 -29.64
CA GLN M 371 7.77 34.02 -28.66
C GLN M 371 8.55 33.15 -27.73
N HIS M 372 8.19 33.20 -26.46
CA HIS M 372 8.91 32.45 -25.42
C HIS M 372 8.50 30.99 -25.40
N ILE M 373 9.49 30.10 -25.36
CA ILE M 373 9.25 28.66 -25.32
C ILE M 373 9.47 28.12 -23.91
N PRO M 374 8.51 27.35 -23.42
CA PRO M 374 7.29 27.04 -24.20
C PRO M 374 6.30 28.19 -24.18
N MET M 375 5.15 28.00 -24.80
CA MET M 375 4.11 29.03 -24.84
C MET M 375 2.74 28.45 -24.49
N SER M 376 2.09 27.84 -25.49
CA SER M 376 0.78 27.24 -25.28
C SER M 376 0.37 26.39 -26.48
N ALA M 377 -0.30 25.27 -26.21
CA ALA M 377 -0.76 24.38 -27.26
C ALA M 377 -1.53 25.03 -28.37
N ASP M 378 -2.47 25.88 -28.06
CA ASP M 378 -3.16 26.64 -29.09
C ASP M 378 -2.28 27.58 -29.88
N GLU M 379 -1.32 28.22 -29.22
CA GLU M 379 -0.38 29.07 -29.94
C GLU M 379 0.49 28.34 -30.91
N ALA M 380 0.98 27.18 -30.53
CA ALA M 380 1.73 26.36 -31.43
C ALA M 380 0.89 25.90 -32.63
N VAL M 381 -0.36 25.61 -32.37
CA VAL M 381 -1.27 25.15 -33.40
C VAL M 381 -1.44 26.24 -34.43
N CYS M 382 -1.64 27.46 -33.98
CA CYS M 382 -1.79 28.56 -34.89
C CYS M 382 -0.56 28.89 -35.68
N SER M 383 0.58 28.93 -35.04
CA SER M 383 1.83 29.19 -35.72
C SER M 383 2.23 28.13 -36.71
N SER M 384 2.20 26.90 -36.30
CA SER M 384 2.48 25.84 -37.20
C SER M 384 1.44 25.73 -38.34
N ALA M 385 0.19 26.05 -38.06
CA ALA M 385 -0.84 26.03 -39.10
C ALA M 385 -0.60 27.03 -40.21
N VAL M 386 -0.12 28.21 -39.84
CA VAL M 386 0.34 29.22 -40.77
C VAL M 386 1.57 28.74 -41.54
N ASN M 387 2.45 28.05 -40.86
CA ASN M 387 3.61 27.50 -41.51
C ASN M 387 3.18 26.51 -42.60
N SER M 388 2.12 25.78 -42.30
CA SER M 388 1.46 24.91 -43.24
C SER M 388 0.93 25.69 -44.40
N VAL M 389 0.42 26.86 -44.15
CA VAL M 389 -0.08 27.63 -45.24
C VAL M 389 1.01 27.98 -46.19
N TYR M 390 2.13 28.45 -45.70
CA TYR M 390 3.26 28.77 -46.56
C TYR M 390 3.84 27.56 -47.27
N GLU M 391 3.94 26.44 -46.59
CA GLU M 391 4.46 25.22 -47.17
C GLU M 391 3.63 24.62 -48.31
N THR M 392 2.30 24.68 -48.23
CA THR M 392 1.43 24.19 -49.28
C THR M 392 0.95 25.22 -50.28
N LYS M 393 1.23 26.47 -50.03
CA LYS M 393 0.61 27.56 -50.72
C LYS M 393 -0.91 27.59 -50.61
N ALA M 394 -1.42 27.37 -49.42
CA ALA M 394 -2.84 27.41 -49.19
C ALA M 394 -3.45 28.78 -49.40
N LYS M 395 -4.61 28.82 -50.01
CA LYS M 395 -5.15 30.09 -50.41
C LYS M 395 -6.16 30.68 -49.46
N ALA M 396 -6.47 29.94 -48.41
CA ALA M 396 -7.35 30.42 -47.37
C ALA M 396 -7.18 29.68 -46.08
N MET M 397 -7.74 30.23 -45.04
CA MET M 397 -7.59 29.68 -43.76
C MET M 397 -8.92 29.80 -43.12
N VAL M 398 -9.32 28.83 -42.32
CA VAL M 398 -10.56 28.92 -41.57
C VAL M 398 -10.32 28.65 -40.11
N VAL M 399 -10.81 29.51 -39.24
CA VAL M 399 -10.72 29.25 -37.83
C VAL M 399 -12.01 29.38 -37.12
N LEU M 400 -12.19 28.57 -36.10
CA LEU M 400 -13.33 28.72 -35.28
C LEU M 400 -13.00 29.51 -34.04
N SER M 401 -13.61 30.66 -33.89
CA SER M 401 -13.52 31.42 -32.66
C SER M 401 -14.83 32.05 -32.21
N ASN M 402 -15.21 31.79 -30.98
CA ASN M 402 -16.33 32.46 -30.37
C ASN M 402 -16.00 33.72 -29.57
N THR M 403 -14.96 33.69 -28.76
CA THR M 403 -14.43 34.86 -28.10
C THR M 403 -13.71 35.79 -29.04
N GLY M 404 -13.24 35.27 -30.14
CA GLY M 404 -12.36 36.00 -31.03
C GLY M 404 -10.90 35.81 -30.74
N ARG M 405 -10.61 35.17 -29.61
CA ARG M 405 -9.24 34.88 -29.21
C ARG M 405 -8.49 34.05 -30.26
N SER M 406 -9.09 32.95 -30.70
CA SER M 406 -8.41 32.10 -31.63
C SER M 406 -8.07 32.85 -32.88
N ALA M 407 -8.95 33.68 -33.35
CA ALA M 407 -8.68 34.46 -34.53
C ALA M 407 -7.53 35.45 -34.44
N ARG M 408 -7.38 36.16 -33.34
CA ARG M 408 -6.26 37.04 -33.14
C ARG M 408 -4.94 36.29 -33.12
N LEU M 409 -4.95 35.13 -32.49
CA LEU M 409 -3.80 34.30 -32.35
C LEU M 409 -3.26 33.81 -33.67
N VAL M 410 -4.13 33.43 -34.57
CA VAL M 410 -3.77 33.15 -35.93
C VAL M 410 -3.30 34.30 -36.82
N ALA M 411 -4.01 35.40 -36.74
CA ALA M 411 -3.74 36.59 -37.54
C ALA M 411 -2.39 37.14 -37.16
N LYS M 412 -2.04 36.88 -35.92
CA LYS M 412 -0.81 37.29 -35.35
C LYS M 412 0.39 36.74 -36.10
N TYR M 413 0.21 35.60 -36.72
CA TYR M 413 1.29 34.96 -37.40
C TYR M 413 1.39 35.33 -38.86
N ARG M 414 0.59 36.26 -39.29
CA ARG M 414 0.74 36.81 -40.63
C ARG M 414 0.84 35.81 -41.80
N PRO M 415 -0.22 35.03 -42.03
CA PRO M 415 -0.31 34.17 -43.19
C PRO M 415 -0.45 34.99 -44.44
N ASN M 416 -0.15 34.42 -45.58
CA ASN M 416 -0.21 35.19 -46.80
C ASN M 416 -1.51 35.01 -47.58
N CYS M 417 -2.53 34.64 -46.84
CA CYS M 417 -3.81 34.36 -47.40
C CYS M 417 -4.84 34.86 -46.46
N PRO M 418 -6.07 35.01 -46.92
CA PRO M 418 -7.15 35.46 -46.08
C PRO M 418 -7.43 34.51 -44.96
N ILE M 419 -7.87 35.01 -43.83
CA ILE M 419 -8.23 34.17 -42.73
C ILE M 419 -9.72 34.27 -42.55
N VAL M 420 -10.39 33.16 -42.47
CA VAL M 420 -11.81 33.25 -42.34
C VAL M 420 -12.21 32.69 -41.01
N CYS M 421 -12.78 33.54 -40.19
CA CYS M 421 -13.20 33.19 -38.87
C CYS M 421 -14.70 32.88 -38.79
N VAL M 422 -15.06 31.78 -38.19
CA VAL M 422 -16.44 31.45 -38.08
C VAL M 422 -16.80 31.58 -36.63
N THR M 423 -17.72 32.45 -36.34
CA THR M 423 -18.01 32.81 -34.98
C THR M 423 -19.49 32.68 -34.66
N THR M 424 -19.79 32.35 -33.43
CA THR M 424 -21.14 32.31 -32.97
C THR M 424 -21.57 33.57 -32.27
N ARG M 425 -20.75 34.59 -32.27
CA ARG M 425 -21.11 35.86 -31.66
C ARG M 425 -20.97 37.01 -32.62
N LEU M 426 -22.03 37.78 -32.79
CA LEU M 426 -22.00 38.94 -33.66
C LEU M 426 -21.03 40.02 -33.21
N GLN M 427 -20.92 40.22 -31.92
CA GLN M 427 -20.01 41.17 -31.36
C GLN M 427 -18.58 40.80 -31.69
N THR M 428 -18.32 39.52 -31.74
CA THR M 428 -17.05 39.01 -32.12
C THR M 428 -16.75 39.41 -33.54
N CYS M 429 -17.75 39.36 -34.40
CA CYS M 429 -17.55 39.79 -35.77
C CYS M 429 -17.18 41.27 -35.83
N ARG M 430 -17.83 42.08 -35.03
CA ARG M 430 -17.46 43.46 -34.97
C ARG M 430 -16.08 43.72 -34.36
N GLN M 431 -15.77 43.04 -33.27
CA GLN M 431 -14.54 43.23 -32.52
C GLN M 431 -13.31 42.87 -33.34
N LEU M 432 -13.48 41.90 -34.23
CA LEU M 432 -12.47 41.42 -35.13
C LEU M 432 -12.20 42.37 -36.27
N ASN M 433 -12.97 43.43 -36.36
CA ASN M 433 -12.79 44.45 -37.36
C ASN M 433 -11.54 45.29 -37.12
N ILE M 434 -10.92 45.13 -35.96
CA ILE M 434 -9.62 45.75 -35.73
C ILE M 434 -8.45 44.81 -35.87
N THR M 435 -8.69 43.57 -36.27
CA THR M 435 -7.61 42.65 -36.44
C THR M 435 -7.29 42.53 -37.90
N GLN M 436 -6.05 42.74 -38.30
CA GLN M 436 -5.73 42.65 -39.70
C GLN M 436 -5.89 41.25 -40.28
N GLY M 437 -6.28 41.23 -41.53
CA GLY M 437 -6.31 40.04 -42.31
C GLY M 437 -7.38 39.02 -42.01
N VAL M 438 -8.43 39.43 -41.33
CA VAL M 438 -9.47 38.53 -40.89
C VAL M 438 -10.87 38.91 -41.34
N GLU M 439 -11.62 37.94 -41.78
CA GLU M 439 -13.01 38.13 -42.15
C GLU M 439 -13.89 37.19 -41.36
N SER M 440 -15.02 37.67 -40.92
CA SER M 440 -15.90 36.91 -40.07
C SER M 440 -17.18 36.43 -40.74
N VAL M 441 -17.56 35.21 -40.42
CA VAL M 441 -18.83 34.65 -40.81
C VAL M 441 -19.59 34.32 -39.56
N PHE M 442 -20.76 34.87 -39.39
CA PHE M 442 -21.56 34.54 -38.22
C PHE M 442 -22.32 33.22 -38.41
N PHE M 443 -22.31 32.37 -37.41
CA PHE M 443 -23.03 31.11 -37.41
C PHE M 443 -23.94 31.15 -36.20
N ASP M 444 -25.23 31.10 -36.46
CA ASP M 444 -26.23 31.26 -35.44
C ASP M 444 -26.45 29.94 -34.76
N ALA M 445 -25.91 29.83 -33.57
CA ALA M 445 -25.95 28.61 -32.86
C ALA M 445 -27.39 28.27 -32.57
N ASP M 446 -28.20 29.27 -32.27
CA ASP M 446 -29.57 29.03 -31.87
C ASP M 446 -30.39 28.40 -32.97
N LYS M 447 -30.38 29.01 -34.13
CA LYS M 447 -31.02 28.49 -35.28
C LYS M 447 -30.40 27.18 -35.75
N LEU M 448 -29.09 27.10 -35.80
CA LEU M 448 -28.41 25.95 -36.38
C LEU M 448 -27.79 24.96 -35.43
N GLY M 449 -27.91 25.17 -34.14
CA GLY M 449 -27.33 24.23 -33.22
C GLY M 449 -25.89 24.48 -32.86
N HIS M 450 -25.45 23.80 -31.81
CA HIS M 450 -24.14 23.99 -31.21
C HIS M 450 -22.95 23.47 -31.99
N ASP M 451 -23.18 22.63 -32.96
CA ASP M 451 -22.16 22.16 -33.87
C ASP M 451 -20.91 21.60 -33.25
N GLU M 452 -21.06 20.69 -32.31
CA GLU M 452 -19.95 20.18 -31.53
C GLU M 452 -18.94 19.42 -32.36
N GLY M 453 -19.36 18.83 -33.45
CA GLY M 453 -18.42 18.12 -34.28
C GLY M 453 -17.74 18.99 -35.30
N LYS M 454 -18.19 20.22 -35.38
CA LYS M 454 -17.50 21.33 -36.02
C LYS M 454 -17.66 21.34 -37.53
N GLU M 455 -18.30 20.34 -38.05
CA GLU M 455 -18.48 20.21 -39.48
C GLU M 455 -19.28 21.32 -40.14
N HIS M 456 -20.33 21.80 -39.50
CA HIS M 456 -21.08 22.90 -40.06
C HIS M 456 -20.40 24.23 -40.12
N ARG M 457 -19.76 24.63 -39.04
CA ARG M 457 -19.05 25.88 -38.99
C ARG M 457 -17.95 25.83 -40.01
N VAL M 458 -17.30 24.70 -40.10
CA VAL M 458 -16.28 24.54 -41.08
C VAL M 458 -16.78 24.64 -42.49
N ALA M 459 -17.94 24.08 -42.79
CA ALA M 459 -18.49 24.18 -44.13
C ALA M 459 -18.81 25.62 -44.50
N ALA M 460 -19.34 26.37 -43.56
CA ALA M 460 -19.68 27.76 -43.75
C ALA M 460 -18.47 28.63 -44.03
N GLY M 461 -17.39 28.46 -43.28
CA GLY M 461 -16.18 29.19 -43.56
C GLY M 461 -15.60 28.87 -44.90
N VAL M 462 -15.58 27.61 -45.26
CA VAL M 462 -15.12 27.24 -46.58
C VAL M 462 -16.00 27.81 -47.68
N GLU M 463 -17.31 27.76 -47.50
CA GLU M 463 -18.23 28.29 -48.50
C GLU M 463 -18.05 29.76 -48.70
N PHE M 464 -17.86 30.47 -47.61
CA PHE M 464 -17.62 31.88 -47.67
C PHE M 464 -16.36 32.15 -48.45
N ALA M 465 -15.33 31.35 -48.26
CA ALA M 465 -14.11 31.48 -49.00
C ALA M 465 -14.26 31.26 -50.48
N LYS M 466 -15.10 30.30 -50.84
CA LYS M 466 -15.43 30.03 -52.22
C LYS M 466 -16.17 31.21 -52.80
N SER M 467 -17.10 31.71 -52.03
CA SER M 467 -17.93 32.80 -52.46
C SER M 467 -17.18 34.10 -52.75
N LYS M 468 -16.16 34.42 -51.97
CA LYS M 468 -15.40 35.63 -52.20
C LYS M 468 -14.31 35.35 -53.19
N GLY M 469 -14.19 34.12 -53.61
CA GLY M 469 -13.22 33.77 -54.61
C GLY M 469 -11.80 33.49 -54.19
N TYR M 470 -11.57 33.40 -52.91
CA TYR M 470 -10.27 33.06 -52.37
C TYR M 470 -9.84 31.68 -52.76
N VAL M 471 -10.79 30.75 -52.80
CA VAL M 471 -10.51 29.37 -53.20
C VAL M 471 -11.38 28.76 -54.29
N GLN M 472 -10.82 27.80 -55.01
CA GLN M 472 -11.53 27.03 -56.00
C GLN M 472 -11.19 25.59 -55.69
N THR M 473 -11.82 24.68 -56.40
CA THR M 473 -11.68 23.27 -56.15
C THR M 473 -10.25 22.94 -56.44
N GLY M 474 -9.71 22.07 -55.63
CA GLY M 474 -8.34 21.65 -55.73
C GLY M 474 -7.39 22.45 -54.91
N ASP M 475 -7.85 23.55 -54.35
CA ASP M 475 -7.07 24.38 -53.42
C ASP M 475 -7.02 23.83 -52.01
N TYR M 476 -5.98 24.21 -51.30
CA TYR M 476 -5.85 23.84 -49.93
C TYR M 476 -6.43 24.90 -49.08
N CYS M 477 -7.12 24.48 -48.05
CA CYS M 477 -7.58 25.35 -47.03
C CYS M 477 -7.12 24.81 -45.71
N VAL M 478 -6.48 25.63 -44.90
CA VAL M 478 -5.95 25.17 -43.63
C VAL M 478 -6.91 25.57 -42.55
N VAL M 479 -7.31 24.60 -41.75
CA VAL M 479 -8.42 24.72 -40.84
C VAL M 479 -8.03 24.48 -39.41
N ILE M 480 -8.52 25.30 -38.50
CA ILE M 480 -8.17 25.27 -37.10
C ILE M 480 -9.33 25.22 -36.14
N HIS M 481 -9.38 24.22 -35.27
CA HIS M 481 -10.35 24.14 -34.22
C HIS M 481 -9.94 23.05 -33.27
N ALA M 482 -10.78 22.76 -32.30
CA ALA M 482 -10.60 21.61 -31.46
C ALA M 482 -11.03 20.32 -32.10
N ASP M 483 -10.56 19.25 -31.52
CA ASP M 483 -10.99 17.92 -31.82
C ASP M 483 -12.22 17.68 -31.00
N HIS M 484 -12.70 16.47 -31.02
CA HIS M 484 -13.92 16.14 -30.34
C HIS M 484 -13.90 16.24 -28.83
N LYS M 485 -12.84 15.82 -28.19
CA LYS M 485 -12.71 15.99 -26.76
C LYS M 485 -12.41 17.39 -26.16
N VAL M 486 -11.43 18.09 -26.69
CA VAL M 486 -10.93 19.33 -26.09
C VAL M 486 -11.85 20.54 -26.13
N LYS M 487 -11.90 21.25 -25.02
CA LYS M 487 -12.75 22.42 -24.87
C LYS M 487 -12.01 23.66 -24.40
N GLY M 488 -12.38 24.80 -24.95
CA GLY M 488 -11.80 26.07 -24.57
C GLY M 488 -10.66 26.60 -25.40
N TYR M 489 -10.11 25.78 -26.27
CA TYR M 489 -9.10 26.21 -27.19
C TYR M 489 -9.06 25.28 -28.36
N ALA M 490 -8.32 25.64 -29.39
CA ALA M 490 -8.17 24.78 -30.51
C ALA M 490 -6.85 24.04 -30.44
N ASN M 491 -6.93 22.73 -30.44
CA ASN M 491 -5.75 21.89 -30.44
C ASN M 491 -5.44 21.20 -31.75
N GLN M 492 -6.14 21.53 -32.81
CA GLN M 492 -6.04 20.81 -34.07
C GLN M 492 -5.86 21.65 -35.33
N THR M 493 -5.09 21.14 -36.26
CA THR M 493 -5.01 21.71 -37.58
C THR M 493 -5.22 20.67 -38.64
N ARG M 494 -5.92 21.03 -39.70
CA ARG M 494 -6.12 20.15 -40.84
C ARG M 494 -5.89 20.85 -42.15
N ILE M 495 -5.25 20.19 -43.07
CA ILE M 495 -5.18 20.71 -44.40
C ILE M 495 -6.22 19.98 -45.25
N LEU M 496 -7.27 20.65 -45.68
CA LEU M 496 -8.28 20.04 -46.54
C LEU M 496 -8.34 20.57 -47.94
N LEU M 497 -8.62 19.68 -48.85
CA LEU M 497 -8.74 19.97 -50.26
C LEU M 497 -10.14 20.49 -50.51
N VAL M 498 -10.29 21.51 -51.33
CA VAL M 498 -11.62 22.08 -51.52
C VAL M 498 -12.32 21.62 -52.79
N GLU M 499 -13.59 21.26 -52.64
CA GLU M 499 -14.39 20.79 -53.76
C GLU M 499 -15.54 21.76 -54.06
N SER N 2 26.23 29.01 -34.07
CA SER N 2 27.27 28.37 -34.81
C SER N 2 27.70 27.13 -34.10
N GLN N 3 28.36 26.24 -34.79
CA GLN N 3 28.78 25.02 -34.19
C GLN N 3 29.84 25.32 -33.17
N LEU N 4 30.58 26.36 -33.41
CA LEU N 4 31.65 26.78 -32.53
C LEU N 4 31.16 27.22 -31.18
N ALA N 5 30.19 28.12 -31.18
CA ALA N 5 29.75 28.82 -30.01
C ALA N 5 29.22 27.82 -29.03
N HIS N 6 28.36 26.98 -29.63
CA HIS N 6 27.75 25.77 -29.09
C HIS N 6 28.68 24.74 -28.51
N ASN N 7 29.83 24.51 -29.10
CA ASN N 7 30.78 23.59 -28.53
C ASN N 7 31.16 24.06 -27.15
N LEU N 8 31.08 25.36 -27.01
CA LEU N 8 31.44 26.12 -25.84
C LEU N 8 30.47 25.96 -24.68
N THR N 9 29.24 25.63 -25.01
CA THR N 9 28.23 25.34 -24.02
C THR N 9 28.26 23.92 -23.58
N LEU N 10 29.00 23.04 -24.22
CA LEU N 10 29.05 21.65 -23.80
C LEU N 10 29.83 21.39 -22.53
N SER N 11 29.47 20.34 -21.81
CA SER N 11 30.29 19.86 -20.69
C SER N 11 30.41 18.36 -20.62
N ILE N 12 31.56 17.86 -20.21
CA ILE N 12 31.72 16.44 -20.03
C ILE N 12 30.82 15.86 -18.96
N PHE N 13 30.44 16.69 -18.00
CA PHE N 13 29.58 16.25 -16.90
C PHE N 13 28.08 16.40 -17.18
N ASP N 14 27.71 16.72 -18.42
CA ASP N 14 26.32 16.85 -18.75
C ASP N 14 25.76 15.45 -18.67
N PRO N 15 24.59 15.31 -18.10
CA PRO N 15 23.95 14.01 -18.03
C PRO N 15 23.45 13.58 -19.38
N VAL N 16 23.58 12.32 -19.73
CA VAL N 16 23.04 11.84 -20.97
C VAL N 16 21.56 11.63 -20.91
N ALA N 17 20.97 11.38 -22.06
CA ALA N 17 19.53 11.21 -22.20
C ALA N 17 18.96 9.92 -21.68
N ASN N 18 17.66 9.91 -21.51
CA ASN N 18 16.96 8.72 -21.08
C ASN N 18 16.62 7.80 -22.23
N TYR N 19 16.99 8.22 -23.43
CA TYR N 19 16.80 7.41 -24.60
C TYR N 19 17.97 7.52 -25.56
N ARG N 20 18.27 6.46 -26.28
CA ARG N 20 19.25 6.48 -27.34
C ARG N 20 18.56 6.46 -28.69
N ALA N 21 18.72 7.53 -29.43
CA ALA N 21 18.18 7.64 -30.78
C ALA N 21 18.74 6.75 -31.86
N ALA N 22 20.04 6.63 -31.91
CA ALA N 22 20.71 5.86 -32.92
C ALA N 22 20.54 4.36 -32.74
N ARG N 23 20.54 3.64 -33.83
CA ARG N 23 20.34 2.21 -33.84
C ARG N 23 21.56 1.41 -34.23
N ILE N 24 21.71 0.26 -33.61
CA ILE N 24 22.85 -0.58 -33.83
C ILE N 24 22.53 -1.84 -34.58
N ILE N 25 23.35 -2.15 -35.56
CA ILE N 25 23.20 -3.30 -36.41
C ILE N 25 24.34 -4.28 -36.18
N CYS N 26 24.03 -5.55 -36.04
CA CYS N 26 25.04 -6.55 -35.76
C CYS N 26 25.01 -7.65 -36.78
N THR N 27 26.16 -8.02 -37.26
CA THR N 27 26.33 -9.10 -38.18
C THR N 27 26.48 -10.38 -37.38
N ILE N 28 25.75 -11.40 -37.78
CA ILE N 28 25.72 -12.63 -37.03
C ILE N 28 26.57 -13.72 -37.64
N GLY N 29 27.53 -14.16 -36.87
CA GLY N 29 28.48 -15.17 -37.23
C GLY N 29 28.60 -16.15 -36.10
N PRO N 30 29.70 -16.89 -36.14
CA PRO N 30 29.96 -18.00 -35.28
C PRO N 30 29.97 -17.61 -33.83
N SER N 31 30.48 -16.45 -33.52
CA SER N 31 30.41 -15.89 -32.20
C SER N 31 28.99 -15.58 -31.74
N THR N 32 28.06 -15.30 -32.63
CA THR N 32 26.79 -14.75 -32.20
C THR N 32 25.51 -15.46 -32.61
N GLN N 33 25.66 -16.63 -33.18
CA GLN N 33 24.56 -17.40 -33.68
C GLN N 33 23.61 -18.01 -32.65
N SER N 34 24.20 -18.39 -31.54
CA SER N 34 23.46 -19.04 -30.51
C SER N 34 22.48 -18.10 -29.91
N VAL N 35 21.39 -18.68 -29.50
CA VAL N 35 20.29 -17.94 -28.95
C VAL N 35 20.75 -17.22 -27.72
N GLU N 36 21.58 -17.83 -26.92
CA GLU N 36 22.11 -17.15 -25.77
C GLU N 36 22.95 -15.95 -26.15
N ALA N 37 23.78 -16.11 -27.17
CA ALA N 37 24.58 -14.98 -27.64
C ALA N 37 23.72 -13.86 -28.17
N LEU N 38 22.69 -14.21 -28.91
CA LEU N 38 21.77 -13.25 -29.48
C LEU N 38 21.00 -12.49 -28.43
N LYS N 39 20.61 -13.17 -27.38
CA LYS N 39 19.97 -12.56 -26.26
C LYS N 39 20.86 -11.54 -25.60
N GLY N 40 22.13 -11.87 -25.51
CA GLY N 40 23.12 -10.96 -25.00
C GLY N 40 23.25 -9.72 -25.86
N LEU N 41 23.21 -9.92 -27.16
CA LEU N 41 23.30 -8.84 -28.12
C LEU N 41 22.14 -7.88 -28.04
N ILE N 42 20.94 -8.40 -27.92
CA ILE N 42 19.76 -7.59 -27.83
C ILE N 42 19.77 -6.74 -26.59
N GLN N 43 20.12 -7.34 -25.49
CA GLN N 43 20.22 -6.68 -24.22
C GLN N 43 21.30 -5.65 -24.20
N SER N 44 22.33 -5.93 -24.97
CA SER N 44 23.45 -5.05 -25.12
C SER N 44 23.07 -3.88 -25.98
N GLY N 45 22.03 -4.04 -26.76
CA GLY N 45 21.63 -2.98 -27.66
C GLY N 45 21.42 -3.18 -29.14
N MET N 46 21.32 -4.41 -29.62
CA MET N 46 21.13 -4.65 -31.04
C MET N 46 19.70 -4.47 -31.52
N SER N 47 19.49 -3.70 -32.56
CA SER N 47 18.17 -3.55 -33.08
C SER N 47 17.97 -4.28 -34.37
N VAL N 48 19.03 -4.54 -35.10
CA VAL N 48 18.95 -5.20 -36.38
C VAL N 48 19.96 -6.31 -36.47
N ALA N 49 19.57 -7.49 -36.90
CA ALA N 49 20.54 -8.52 -37.14
C ALA N 49 20.82 -8.77 -38.61
N ARG N 50 22.08 -8.73 -38.96
CA ARG N 50 22.51 -8.82 -40.35
C ARG N 50 23.11 -10.17 -40.67
N MET N 51 22.64 -10.77 -41.73
CA MET N 51 23.20 -11.99 -42.25
C MET N 51 23.92 -11.71 -43.55
N ASN N 52 25.18 -12.09 -43.63
CA ASN N 52 25.95 -11.86 -44.82
C ASN N 52 26.03 -13.09 -45.68
N PHE N 53 25.44 -13.00 -46.86
CA PHE N 53 25.27 -14.13 -47.73
C PHE N 53 26.49 -14.42 -48.55
N SER N 54 27.53 -13.64 -48.32
CA SER N 54 28.85 -13.94 -48.83
C SER N 54 29.45 -15.10 -48.08
N HIS N 55 28.93 -15.38 -46.91
CA HIS N 55 29.46 -16.40 -46.06
C HIS N 55 28.29 -17.26 -45.67
N GLY N 56 28.52 -18.50 -45.33
CA GLY N 56 27.46 -19.35 -44.91
C GLY N 56 26.68 -19.88 -46.08
N SER N 57 25.47 -20.32 -45.82
CA SER N 57 24.66 -20.98 -46.81
C SER N 57 23.29 -20.75 -46.33
N HIS N 58 22.30 -21.19 -47.09
CA HIS N 58 20.94 -20.95 -46.72
C HIS N 58 20.73 -21.64 -45.44
N GLU N 59 21.34 -22.79 -45.31
CA GLU N 59 21.21 -23.59 -44.14
C GLU N 59 21.75 -22.90 -42.92
N TYR N 60 22.93 -22.30 -43.02
CA TYR N 60 23.51 -21.61 -41.89
C TYR N 60 22.69 -20.40 -41.46
N HIS N 61 22.31 -19.63 -42.45
CA HIS N 61 21.52 -18.43 -42.28
C HIS N 61 20.13 -18.64 -41.76
N GLN N 62 19.55 -19.79 -42.09
CA GLN N 62 18.28 -20.18 -41.55
C GLN N 62 18.37 -20.35 -40.08
N THR N 63 19.45 -20.92 -39.62
CA THR N 63 19.63 -21.13 -38.22
C THR N 63 19.61 -19.79 -37.53
N THR N 64 20.23 -18.81 -38.15
CA THR N 64 20.30 -17.46 -37.62
C THR N 64 18.94 -16.82 -37.52
N ILE N 65 18.14 -17.02 -38.53
CA ILE N 65 16.82 -16.49 -38.55
C ILE N 65 15.97 -17.05 -37.46
N ASN N 66 16.03 -18.36 -37.29
CA ASN N 66 15.29 -19.00 -36.25
C ASN N 66 15.75 -18.58 -34.91
N ASN N 67 17.04 -18.51 -34.75
CA ASN N 67 17.58 -18.06 -33.50
C ASN N 67 17.24 -16.63 -33.13
N VAL N 68 17.18 -15.73 -34.10
CA VAL N 68 16.83 -14.35 -33.85
C VAL N 68 15.40 -14.23 -33.40
N ARG N 69 14.53 -14.90 -34.10
CA ARG N 69 13.14 -14.88 -33.76
C ARG N 69 12.90 -15.47 -32.38
N GLN N 70 13.56 -16.58 -32.06
CA GLN N 70 13.44 -17.22 -30.75
C GLN N 70 13.98 -16.37 -29.62
N ALA N 71 15.12 -15.76 -29.82
CA ALA N 71 15.67 -14.85 -28.86
C ALA N 71 14.84 -13.59 -28.62
N ALA N 72 14.34 -13.01 -29.70
CA ALA N 72 13.50 -11.85 -29.62
C ALA N 72 12.20 -12.16 -28.91
N ALA N 73 11.65 -13.31 -29.22
CA ALA N 73 10.38 -13.74 -28.65
C ALA N 73 10.47 -13.93 -27.16
N GLU N 74 11.57 -14.49 -26.71
CA GLU N 74 11.87 -14.68 -25.33
C GLU N 74 12.03 -13.39 -24.60
N LEU N 75 12.42 -12.34 -25.28
CA LEU N 75 12.71 -11.10 -24.64
C LEU N 75 11.63 -10.09 -24.87
N GLY N 76 10.59 -10.52 -25.53
CA GLY N 76 9.48 -9.68 -25.86
C GLY N 76 9.76 -8.45 -26.69
N VAL N 77 10.55 -8.59 -27.72
CA VAL N 77 10.98 -7.46 -28.52
C VAL N 77 10.93 -7.78 -29.96
N ASN N 78 10.93 -6.78 -30.81
CA ASN N 78 10.92 -7.00 -32.23
C ASN N 78 12.27 -6.63 -32.84
N ILE N 79 12.92 -7.56 -33.51
CA ILE N 79 14.22 -7.32 -34.10
C ILE N 79 14.17 -7.48 -35.60
N ALA N 80 14.63 -6.49 -36.34
CA ALA N 80 14.67 -6.59 -37.79
C ALA N 80 15.69 -7.60 -38.24
N ILE N 81 15.40 -8.30 -39.31
CA ILE N 81 16.32 -9.22 -39.91
C ILE N 81 16.72 -8.72 -41.29
N ALA N 82 18.00 -8.61 -41.54
CA ALA N 82 18.47 -8.07 -42.80
C ALA N 82 19.25 -9.09 -43.58
N LEU N 83 19.00 -9.18 -44.87
CA LEU N 83 19.78 -10.05 -45.71
C LEU N 83 20.74 -9.23 -46.59
N ASP N 84 21.99 -9.52 -46.25
CA ASP N 84 23.18 -8.97 -46.83
C ASP N 84 23.76 -9.91 -47.87
N THR N 85 23.48 -9.62 -49.12
CA THR N 85 23.87 -10.46 -50.26
C THR N 85 25.38 -10.57 -50.51
N LYS N 86 25.77 -11.69 -51.09
CA LYS N 86 27.14 -11.89 -51.46
C LYS N 86 27.44 -10.93 -52.58
N GLY N 87 26.58 -10.87 -53.56
CA GLY N 87 26.75 -9.97 -54.66
C GLY N 87 27.73 -10.48 -55.69
N PRO N 88 27.83 -9.80 -56.80
CA PRO N 88 28.79 -10.19 -57.82
C PRO N 88 30.22 -10.05 -57.34
N GLU N 89 31.12 -11.00 -57.60
CA GLU N 89 32.53 -10.89 -57.23
C GLU N 89 33.39 -11.13 -58.47
N ILE N 90 34.54 -10.44 -58.50
CA ILE N 90 35.62 -10.73 -59.43
C ILE N 90 36.69 -11.45 -58.63
N ARG N 91 37.05 -12.63 -59.16
CA ARG N 91 38.12 -13.44 -58.58
C ARG N 91 39.14 -13.92 -59.64
N THR N 92 40.37 -14.11 -59.20
CA THR N 92 41.36 -14.87 -60.01
C THR N 92 40.98 -16.33 -60.03
N GLY N 93 41.63 -17.08 -60.92
CA GLY N 93 41.53 -18.52 -60.93
C GLY N 93 42.52 -19.11 -59.96
N GLN N 94 42.83 -20.39 -60.21
CA GLN N 94 43.82 -21.17 -59.47
C GLN N 94 45.22 -20.95 -60.04
N PHE N 95 46.23 -21.11 -59.20
CA PHE N 95 47.62 -21.17 -59.66
C PHE N 95 48.19 -22.58 -59.49
N VAL N 96 49.13 -22.95 -60.39
CA VAL N 96 49.86 -24.23 -60.30
C VAL N 96 50.69 -24.26 -59.00
N GLY N 97 50.69 -25.41 -58.32
CA GLY N 97 51.31 -25.54 -57.00
C GLY N 97 50.52 -24.86 -55.89
N GLY N 98 49.28 -24.49 -56.18
CA GLY N 98 48.41 -23.82 -55.20
C GLY N 98 48.65 -22.33 -55.00
N ASP N 99 49.81 -21.84 -55.45
CA ASP N 99 50.32 -20.51 -55.09
C ASP N 99 51.07 -19.85 -56.28
N ALA N 100 51.33 -18.54 -56.22
CA ALA N 100 52.14 -17.86 -57.23
C ALA N 100 52.83 -16.56 -56.78
N VAL N 101 54.14 -16.51 -56.95
CA VAL N 101 55.03 -15.54 -56.33
C VAL N 101 55.29 -14.31 -57.23
N MET N 102 54.54 -13.24 -57.01
CA MET N 102 54.57 -12.02 -57.88
C MET N 102 55.66 -11.02 -57.46
N GLU N 103 56.67 -10.79 -58.29
CA GLU N 103 57.80 -9.93 -57.90
C GLU N 103 57.67 -8.52 -58.47
N ARG N 104 58.21 -7.53 -57.78
CA ARG N 104 58.12 -6.16 -58.26
C ARG N 104 58.95 -5.98 -59.56
N GLY N 105 58.40 -5.25 -60.54
CA GLY N 105 59.11 -5.04 -61.81
C GLY N 105 58.81 -6.08 -62.91
N ALA N 106 58.39 -7.29 -62.52
CA ALA N 106 58.04 -8.41 -63.44
C ALA N 106 56.87 -8.10 -64.37
N THR N 107 56.86 -8.75 -65.54
CA THR N 107 55.71 -8.75 -66.43
C THR N 107 54.88 -10.05 -66.25
N CYS N 108 53.55 -9.88 -66.16
CA CYS N 108 52.64 -11.03 -66.15
C CYS N 108 51.44 -10.76 -67.04
N TYR N 109 50.64 -11.79 -67.33
CA TYR N 109 49.58 -11.72 -68.33
C TYR N 109 48.30 -12.14 -67.62
N VAL N 110 47.27 -11.32 -67.70
CA VAL N 110 46.00 -11.69 -67.03
C VAL N 110 45.01 -11.95 -68.15
N THR N 111 44.35 -13.09 -68.09
CA THR N 111 43.50 -13.45 -69.17
C THR N 111 42.12 -13.83 -68.70
N THR N 112 41.12 -13.60 -69.53
CA THR N 112 39.81 -14.15 -69.25
C THR N 112 39.48 -15.40 -70.05
N ASP N 113 40.48 -15.94 -70.74
CA ASP N 113 40.34 -17.23 -71.44
C ASP N 113 40.09 -18.34 -70.39
N PRO N 114 38.90 -18.99 -70.44
CA PRO N 114 38.55 -19.91 -69.33
C PRO N 114 39.42 -21.19 -69.32
N ALA N 115 40.04 -21.53 -70.45
CA ALA N 115 41.08 -22.58 -70.50
C ALA N 115 42.12 -22.50 -69.34
N PHE N 116 42.34 -21.29 -68.80
CA PHE N 116 43.37 -21.01 -67.79
C PHE N 116 42.96 -20.99 -66.30
N ALA N 117 41.71 -21.37 -66.02
CA ALA N 117 41.14 -21.20 -64.66
C ALA N 117 41.81 -22.10 -63.60
N ASP N 118 42.37 -23.24 -64.04
CA ASP N 118 43.04 -24.17 -63.12
C ASP N 118 44.54 -24.35 -63.42
N LYS N 119 45.13 -23.40 -64.15
CA LYS N 119 46.56 -23.49 -64.58
C LYS N 119 47.19 -22.11 -64.77
N GLY N 120 46.85 -21.18 -63.89
CA GLY N 120 47.58 -19.92 -63.85
C GLY N 120 49.00 -20.12 -63.36
N THR N 121 49.86 -19.11 -63.52
CA THR N 121 51.22 -19.14 -62.97
C THR N 121 51.55 -17.69 -62.79
N LYS N 122 52.68 -17.39 -62.19
CA LYS N 122 53.05 -15.99 -62.09
C LYS N 122 53.09 -15.29 -63.46
N ASP N 123 53.33 -16.08 -64.51
CA ASP N 123 53.45 -15.64 -65.91
C ASP N 123 52.11 -15.28 -66.52
N LYS N 124 51.10 -16.12 -66.30
CA LYS N 124 49.78 -15.87 -66.87
C LYS N 124 48.70 -16.60 -66.11
N PHE N 125 47.69 -15.85 -65.74
CA PHE N 125 46.58 -16.46 -65.00
C PHE N 125 45.23 -15.83 -65.35
N TYR N 126 44.20 -16.45 -64.84
CA TYR N 126 42.85 -16.13 -65.18
C TYR N 126 42.22 -15.21 -64.12
N ILE N 127 41.46 -14.22 -64.58
CA ILE N 127 40.54 -13.40 -63.79
C ILE N 127 39.15 -13.68 -64.38
N ASP N 128 38.18 -13.98 -63.54
CA ASP N 128 36.93 -14.57 -64.07
C ASP N 128 35.89 -13.56 -64.57
N TYR N 129 36.25 -12.31 -64.76
CA TYR N 129 35.30 -11.29 -65.21
C TYR N 129 35.50 -11.11 -66.69
N GLN N 130 34.55 -11.66 -67.45
CA GLN N 130 34.75 -11.81 -68.91
C GLN N 130 34.89 -10.51 -69.67
N ASN N 131 34.37 -9.45 -69.09
CA ASN N 131 34.50 -8.13 -69.66
C ASN N 131 35.74 -7.42 -69.22
N LEU N 132 36.72 -8.06 -68.57
CA LEU N 132 37.90 -7.31 -68.03
C LEU N 132 38.53 -6.37 -69.08
N SER N 133 38.81 -6.91 -70.29
CA SER N 133 39.51 -6.17 -71.35
C SER N 133 38.77 -4.95 -71.86
N LYS N 134 37.46 -5.07 -71.98
CA LYS N 134 36.66 -3.96 -72.45
C LYS N 134 36.63 -2.84 -71.38
N VAL N 135 36.77 -3.19 -70.13
CA VAL N 135 36.53 -2.19 -69.08
C VAL N 135 37.82 -1.47 -68.71
N VAL N 136 38.95 -2.13 -68.90
CA VAL N 136 40.22 -1.52 -68.49
C VAL N 136 40.95 -0.92 -69.72
N ARG N 137 41.74 0.13 -69.49
CA ARG N 137 42.66 0.70 -70.52
C ARG N 137 44.12 0.77 -70.00
N PRO N 138 45.11 0.90 -70.91
CA PRO N 138 46.52 1.15 -70.52
C PRO N 138 46.63 2.28 -69.48
N GLY N 139 47.35 2.01 -68.37
CA GLY N 139 47.53 3.00 -67.32
C GLY N 139 46.71 2.64 -66.10
N ASN N 140 45.51 2.08 -66.32
CA ASN N 140 44.66 1.60 -65.21
C ASN N 140 45.34 0.57 -64.31
N TYR N 141 44.87 0.53 -63.08
CA TYR N 141 45.42 -0.36 -62.07
C TYR N 141 44.45 -1.52 -61.81
N ILE N 142 45.01 -2.69 -61.52
CA ILE N 142 44.22 -3.87 -61.21
C ILE N 142 44.65 -4.43 -59.85
N TYR N 143 43.77 -4.33 -58.87
CA TYR N 143 44.12 -4.74 -57.49
C TYR N 143 43.74 -6.18 -57.20
N ILE N 144 44.65 -6.92 -56.59
CA ILE N 144 44.43 -8.32 -56.27
C ILE N 144 44.81 -8.60 -54.83
N ASP N 145 43.97 -9.37 -54.14
CA ASP N 145 44.18 -9.67 -52.74
C ASP N 145 43.94 -8.62 -51.65
N ASP N 146 42.78 -7.98 -51.69
CA ASP N 146 42.51 -6.91 -50.75
C ASP N 146 43.10 -5.56 -51.23
N GLY N 147 43.52 -5.52 -52.50
CA GLY N 147 44.30 -4.37 -53.03
C GLY N 147 45.81 -4.42 -52.68
N ILE N 148 46.27 -5.55 -52.17
CA ILE N 148 47.65 -5.67 -51.71
C ILE N 148 48.63 -5.72 -52.87
N LEU N 149 48.26 -6.49 -53.89
CA LEU N 149 49.10 -6.64 -55.08
C LEU N 149 48.52 -5.69 -56.11
N ILE N 150 49.36 -4.77 -56.58
CA ILE N 150 48.86 -3.78 -57.53
C ILE N 150 49.56 -4.03 -58.84
N LEU N 151 48.79 -4.52 -59.82
CA LEU N 151 49.32 -4.70 -61.15
C LEU N 151 48.91 -3.43 -61.90
N GLN N 152 49.77 -2.99 -62.83
CA GLN N 152 49.35 -1.95 -63.79
C GLN N 152 49.24 -2.45 -65.24
N VAL N 153 48.14 -2.07 -65.87
CA VAL N 153 47.86 -2.46 -67.23
C VAL N 153 48.72 -1.70 -68.25
N GLN N 154 49.44 -2.49 -69.08
CA GLN N 154 50.34 -1.88 -70.06
C GLN N 154 49.68 -1.92 -71.43
N SER N 155 49.12 -3.09 -71.82
CA SER N 155 48.56 -3.23 -73.14
C SER N 155 47.66 -4.44 -73.23
N HIS N 156 46.94 -4.51 -74.34
CA HIS N 156 46.15 -5.66 -74.71
C HIS N 156 47.07 -6.58 -75.51
N GLU N 157 47.60 -7.61 -74.86
CA GLU N 157 48.27 -8.70 -75.62
C GLU N 157 47.32 -9.24 -76.68
N ASP N 158 46.08 -9.55 -76.31
CA ASP N 158 45.05 -9.91 -77.31
C ASP N 158 43.67 -9.55 -76.82
N GLU N 159 42.64 -10.06 -77.47
CA GLU N 159 41.33 -9.65 -77.08
C GLU N 159 40.82 -10.14 -75.71
N GLN N 160 41.55 -11.09 -75.10
CA GLN N 160 41.20 -11.66 -73.79
C GLN N 160 42.32 -11.57 -72.77
N THR N 161 43.43 -10.97 -73.13
CA THR N 161 44.60 -11.05 -72.27
C THR N 161 45.23 -9.68 -72.19
N LEU N 162 45.60 -9.29 -70.98
CA LEU N 162 46.24 -8.02 -70.70
C LEU N 162 47.68 -8.25 -70.28
N GLU N 163 48.61 -7.53 -70.88
CA GLU N 163 49.99 -7.52 -70.40
C GLU N 163 50.03 -6.55 -69.23
N CYS N 164 50.53 -6.99 -68.08
CA CYS N 164 50.61 -6.15 -66.89
C CYS N 164 52.04 -6.01 -66.38
N THR N 165 52.35 -4.87 -65.76
CA THR N 165 53.51 -4.73 -64.86
C THR N 165 53.13 -5.07 -63.41
N VAL N 166 53.98 -5.78 -62.69
CA VAL N 166 53.80 -5.91 -61.25
C VAL N 166 54.45 -4.69 -60.49
N THR N 167 53.62 -3.87 -59.81
CA THR N 167 54.16 -2.64 -59.19
C THR N 167 54.72 -2.85 -57.80
N ASN N 168 54.32 -3.94 -57.14
CA ASN N 168 54.87 -4.25 -55.80
C ASN N 168 54.81 -5.76 -55.53
N SER N 169 55.73 -6.24 -54.71
CA SER N 169 55.93 -7.67 -54.52
C SER N 169 54.84 -8.21 -53.64
N HIS N 170 54.39 -9.42 -53.92
CA HIS N 170 53.42 -10.07 -53.06
C HIS N 170 53.13 -11.48 -53.60
N THR N 171 53.13 -12.44 -52.68
CA THR N 171 52.74 -13.79 -53.04
C THR N 171 51.21 -13.83 -52.94
N ILE N 172 50.58 -14.38 -53.97
CA ILE N 172 49.12 -14.53 -53.97
C ILE N 172 48.69 -16.00 -54.13
N SER N 173 47.73 -16.44 -53.32
CA SER N 173 47.23 -17.83 -53.43
C SER N 173 45.97 -17.89 -54.32
N ASP N 174 45.36 -19.07 -54.41
CA ASP N 174 44.18 -19.28 -55.27
C ASP N 174 43.03 -18.35 -55.01
N ARG N 175 42.47 -17.87 -56.12
CA ARG N 175 41.14 -17.23 -56.12
C ARG N 175 41.00 -15.99 -55.28
N ARG N 176 41.94 -15.05 -55.40
CA ARG N 176 41.77 -13.78 -54.70
C ARG N 176 40.78 -12.83 -55.38
N GLY N 177 40.19 -11.93 -54.61
CA GLY N 177 39.26 -10.96 -55.15
C GLY N 177 40.01 -9.87 -55.87
N VAL N 178 39.41 -9.31 -56.89
CA VAL N 178 40.11 -8.26 -57.55
C VAL N 178 39.23 -7.02 -57.49
N ASN N 179 39.87 -5.84 -57.55
CA ASN N 179 39.12 -4.62 -57.76
C ASN N 179 39.64 -3.84 -58.92
N LEU N 180 38.89 -2.84 -59.35
CA LEU N 180 39.19 -2.08 -60.54
C LEU N 180 38.90 -0.57 -60.31
N PRO N 181 39.84 0.15 -59.61
CA PRO N 181 39.40 1.42 -59.09
C PRO N 181 39.07 2.51 -60.09
N GLY N 182 39.62 2.48 -61.27
CA GLY N 182 39.31 3.53 -62.23
C GLY N 182 38.37 2.96 -63.27
N CYS N 183 37.61 1.95 -62.88
CA CYS N 183 36.90 1.17 -63.86
C CYS N 183 35.48 1.01 -63.48
N ASP N 184 34.63 1.18 -64.48
CA ASP N 184 33.21 0.99 -64.33
C ASP N 184 32.90 -0.49 -64.51
N VAL N 185 32.73 -1.17 -63.40
CA VAL N 185 32.49 -2.62 -63.46
C VAL N 185 31.05 -2.87 -63.83
N ASP N 186 30.80 -3.79 -64.76
CA ASP N 186 29.41 -3.97 -65.26
C ASP N 186 28.83 -5.37 -65.07
N LEU N 187 29.25 -6.02 -64.03
CA LEU N 187 28.53 -7.14 -63.56
C LEU N 187 27.08 -6.80 -63.36
N PRO N 188 26.23 -7.78 -63.54
CA PRO N 188 24.80 -7.62 -63.27
C PRO N 188 24.59 -7.27 -61.82
N ALA N 189 23.44 -6.72 -61.50
CA ALA N 189 23.18 -6.24 -60.17
C ALA N 189 23.11 -7.41 -59.25
N VAL N 190 22.54 -8.46 -59.75
CA VAL N 190 22.24 -9.65 -59.01
C VAL N 190 22.86 -10.89 -59.64
N SER N 191 23.71 -11.57 -58.92
CA SER N 191 24.26 -12.82 -59.39
C SER N 191 23.24 -13.95 -59.36
N ALA N 192 23.61 -15.09 -59.90
CA ALA N 192 22.73 -16.24 -59.85
C ALA N 192 22.53 -16.73 -58.43
N LYS N 193 23.54 -16.73 -57.62
CA LYS N 193 23.38 -17.06 -56.24
C LYS N 193 22.49 -16.05 -55.49
N ASP N 194 22.65 -14.78 -55.77
CA ASP N 194 21.82 -13.74 -55.19
C ASP N 194 20.36 -14.01 -55.50
N ARG N 195 20.08 -14.37 -56.74
CA ARG N 195 18.74 -14.62 -57.17
C ARG N 195 18.13 -15.68 -56.32
N VAL N 196 18.90 -16.70 -56.02
CA VAL N 196 18.44 -17.74 -55.17
C VAL N 196 18.49 -17.12 -53.82
N ASP N 197 19.33 -16.10 -53.66
CA ASP N 197 19.45 -15.51 -52.35
C ASP N 197 18.29 -14.61 -52.02
N LEU N 198 17.85 -13.83 -52.99
CA LEU N 198 16.68 -12.98 -52.82
C LEU N 198 15.39 -13.73 -52.59
N GLN N 199 15.18 -14.80 -53.32
CA GLN N 199 13.99 -15.60 -53.16
C GLN N 199 13.87 -16.19 -51.77
N PHE N 200 14.99 -16.65 -51.24
CA PHE N 200 15.05 -17.24 -49.93
C PHE N 200 14.67 -16.22 -48.89
N GLY N 201 15.13 -15.01 -49.07
CA GLY N 201 14.84 -13.93 -48.17
C GLY N 201 13.37 -13.62 -48.11
N VAL N 202 12.72 -13.63 -49.26
CA VAL N 202 11.30 -13.47 -49.34
C VAL N 202 10.57 -14.59 -48.63
N GLU N 203 11.00 -15.81 -48.86
CA GLU N 203 10.41 -17.00 -48.28
C GLU N 203 10.48 -17.05 -46.79
N GLN N 204 11.59 -16.63 -46.22
CA GLN N 204 11.77 -16.67 -44.80
C GLN N 204 11.31 -15.39 -44.18
N GLY N 205 10.71 -14.54 -44.97
CA GLY N 205 10.16 -13.30 -44.50
C GLY N 205 11.07 -12.28 -43.87
N VAL N 206 12.23 -12.06 -44.45
CA VAL N 206 13.11 -11.02 -43.98
C VAL N 206 12.57 -9.61 -44.16
N ASP N 207 12.91 -8.75 -43.25
CA ASP N 207 12.57 -7.35 -43.29
C ASP N 207 13.21 -6.43 -44.34
N MET N 208 14.50 -6.55 -44.57
CA MET N 208 15.20 -5.69 -45.50
C MET N 208 16.33 -6.40 -46.23
N ILE N 209 16.75 -5.85 -47.35
CA ILE N 209 17.88 -6.31 -48.08
C ILE N 209 18.96 -5.26 -48.05
N PHE N 210 20.16 -5.63 -47.68
CA PHE N 210 21.25 -4.74 -47.86
C PHE N 210 21.85 -5.14 -49.19
N ALA N 211 21.61 -4.37 -50.21
CA ALA N 211 22.01 -4.76 -51.53
C ALA N 211 23.43 -4.30 -51.83
N SER N 212 24.32 -5.25 -51.94
CA SER N 212 25.71 -5.00 -52.21
C SER N 212 26.01 -4.42 -53.56
N PHE N 213 27.09 -3.66 -53.57
CA PHE N 213 27.66 -3.12 -54.76
C PHE N 213 26.64 -2.40 -55.68
N ILE N 214 25.74 -1.43 -55.28
CA ILE N 214 24.78 -0.87 -56.16
C ILE N 214 25.45 0.20 -57.00
N ARG N 215 25.71 -0.08 -58.27
CA ARG N 215 26.09 0.88 -59.32
C ARG N 215 25.03 1.90 -59.82
N SER N 216 23.77 1.53 -59.83
CA SER N 216 22.73 2.28 -60.52
C SER N 216 21.29 2.17 -60.02
N ALA N 217 20.48 3.12 -60.43
CA ALA N 217 19.06 3.15 -60.18
C ALA N 217 18.35 2.01 -60.86
N GLU N 218 18.83 1.65 -62.04
CA GLU N 218 18.32 0.54 -62.81
C GLU N 218 18.51 -0.78 -62.08
N GLN N 219 19.65 -0.93 -61.43
CA GLN N 219 19.97 -2.10 -60.64
C GLN N 219 19.06 -2.30 -59.45
N VAL N 220 18.69 -1.22 -58.79
CA VAL N 220 17.79 -1.30 -57.66
C VAL N 220 16.48 -1.84 -58.16
N GLY N 221 16.04 -1.36 -59.31
CA GLY N 221 14.79 -1.80 -59.87
C GLY N 221 14.83 -3.27 -60.17
N ASP N 222 15.96 -3.75 -60.65
CA ASP N 222 16.12 -5.15 -60.90
C ASP N 222 16.04 -5.94 -59.61
N VAL N 223 16.56 -5.41 -58.54
CA VAL N 223 16.39 -6.04 -57.24
C VAL N 223 14.95 -6.09 -56.76
N ARG N 224 14.23 -5.02 -56.99
CA ARG N 224 12.87 -4.88 -56.58
C ARG N 224 12.06 -5.93 -57.30
N LYS N 225 12.43 -6.14 -58.54
CA LYS N 225 11.75 -7.01 -59.46
C LYS N 225 12.01 -8.48 -59.17
N ALA N 226 13.22 -8.79 -58.78
CA ALA N 226 13.57 -10.12 -58.33
C ALA N 226 12.85 -10.47 -57.05
N LEU N 227 12.63 -9.52 -56.18
CA LEU N 227 11.91 -9.78 -54.96
C LEU N 227 10.49 -10.14 -55.28
N GLY N 228 9.96 -9.52 -56.30
CA GLY N 228 8.63 -9.80 -56.78
C GLY N 228 7.49 -9.16 -56.03
N PRO N 229 6.28 -9.60 -56.31
CA PRO N 229 5.07 -9.20 -55.61
C PRO N 229 5.04 -9.63 -54.18
N LYS N 230 5.47 -10.84 -53.91
CA LYS N 230 5.50 -11.36 -52.57
C LYS N 230 6.43 -10.55 -51.72
N GLY N 231 7.39 -9.94 -52.39
CA GLY N 231 8.44 -9.21 -51.74
C GLY N 231 8.33 -7.70 -51.70
N ARG N 232 7.18 -7.18 -52.04
CA ARG N 232 6.99 -5.75 -52.24
C ARG N 232 7.20 -4.86 -51.04
N ASP N 233 6.96 -5.36 -49.86
CA ASP N 233 7.13 -4.56 -48.68
C ASP N 233 8.47 -4.71 -48.01
N ILE N 234 9.39 -5.41 -48.65
CA ILE N 234 10.73 -5.52 -48.12
C ILE N 234 11.50 -4.31 -48.58
N MET N 235 12.21 -3.70 -47.66
CA MET N 235 13.01 -2.51 -47.90
C MET N 235 14.29 -2.84 -48.62
N ILE N 236 14.64 -2.09 -49.65
CA ILE N 236 15.93 -2.27 -50.25
C ILE N 236 16.88 -1.15 -49.85
N ILE N 237 17.85 -1.49 -49.03
CA ILE N 237 18.85 -0.58 -48.58
C ILE N 237 20.07 -0.71 -49.47
N CYS N 238 20.48 0.37 -50.11
CA CYS N 238 21.56 0.25 -51.06
C CYS N 238 22.94 0.62 -50.55
N LYS N 239 23.83 -0.35 -50.56
CA LYS N 239 25.18 -0.16 -50.16
C LYS N 239 26.01 0.53 -51.22
N ILE N 240 26.68 1.60 -50.85
CA ILE N 240 27.52 2.33 -51.77
C ILE N 240 28.91 1.93 -51.47
N GLU N 241 29.52 1.17 -52.38
CA GLU N 241 30.84 0.62 -52.12
C GLU N 241 31.84 0.94 -53.21
N ASN N 242 31.40 1.51 -54.33
CA ASN N 242 32.29 1.91 -55.42
C ASN N 242 32.08 3.27 -56.05
N HIS N 243 32.84 3.55 -57.08
CA HIS N 243 32.82 4.83 -57.76
C HIS N 243 31.51 5.19 -58.42
N GLN N 244 30.95 4.26 -59.15
CA GLN N 244 29.72 4.44 -59.85
C GLN N 244 28.56 4.71 -58.91
N GLY N 245 28.54 3.99 -57.82
CA GLY N 245 27.51 4.19 -56.83
C GLY N 245 27.55 5.57 -56.24
N VAL N 246 28.72 6.08 -55.94
CA VAL N 246 28.83 7.43 -55.45
C VAL N 246 28.40 8.44 -56.49
N GLN N 247 28.79 8.23 -57.72
CA GLN N 247 28.47 9.14 -58.77
C GLN N 247 26.99 9.24 -59.00
N ASN N 248 26.32 8.12 -58.87
CA ASN N 248 24.90 8.01 -59.16
C ASN N 248 23.99 8.10 -57.96
N ILE N 249 24.47 8.72 -56.90
CA ILE N 249 23.80 8.68 -55.63
C ILE N 249 22.39 9.26 -55.56
N ASP N 250 22.12 10.36 -56.22
CA ASP N 250 20.78 10.92 -56.17
C ASP N 250 19.74 10.03 -56.78
N SER N 251 20.02 9.48 -57.93
CA SER N 251 19.14 8.53 -58.54
C SER N 251 18.98 7.24 -57.77
N ILE N 252 20.06 6.75 -57.18
CA ILE N 252 20.00 5.60 -56.33
C ILE N 252 19.19 5.85 -55.07
N ILE N 253 19.37 7.00 -54.48
CA ILE N 253 18.63 7.36 -53.31
C ILE N 253 17.14 7.42 -53.64
N GLU N 254 16.78 7.96 -54.79
CA GLU N 254 15.41 8.00 -55.25
C GLU N 254 14.74 6.65 -55.29
N GLU N 255 15.38 5.72 -55.95
CA GLU N 255 14.92 4.34 -56.08
C GLU N 255 14.89 3.51 -54.80
N SER N 256 15.85 3.74 -53.94
CA SER N 256 16.03 2.98 -52.74
C SER N 256 15.08 3.34 -51.59
N ASP N 257 15.11 2.53 -50.56
CA ASP N 257 14.49 2.85 -49.31
C ASP N 257 15.49 3.34 -48.29
N GLY N 258 16.77 3.34 -48.63
CA GLY N 258 17.81 3.77 -47.75
C GLY N 258 19.17 3.45 -48.28
N ILE N 259 20.18 3.92 -47.58
CA ILE N 259 21.55 3.80 -48.00
C ILE N 259 22.44 3.26 -46.90
N MET N 260 23.41 2.49 -47.30
CA MET N 260 24.53 2.14 -46.49
C MET N 260 25.84 2.72 -47.01
N VAL N 261 26.60 3.37 -46.16
CA VAL N 261 27.89 3.84 -46.52
C VAL N 261 28.88 2.74 -46.22
N ALA N 262 29.14 1.91 -47.20
CA ALA N 262 29.86 0.67 -47.02
C ALA N 262 31.33 0.91 -47.10
N ARG N 263 31.90 1.31 -46.00
CA ARG N 263 33.21 1.84 -45.97
C ARG N 263 34.32 0.89 -46.34
N GLY N 264 34.23 -0.38 -45.99
CA GLY N 264 35.29 -1.29 -46.32
C GLY N 264 35.61 -1.50 -47.78
N ASP N 265 34.64 -1.83 -48.59
CA ASP N 265 34.79 -1.81 -50.03
C ASP N 265 35.07 -0.42 -50.65
N LEU N 266 34.39 0.61 -50.16
CA LEU N 266 34.50 1.96 -50.68
C LEU N 266 35.89 2.51 -50.52
N GLY N 267 36.48 2.11 -49.41
CA GLY N 267 37.81 2.42 -49.03
C GLY N 267 38.92 1.96 -49.94
N VAL N 268 38.82 0.80 -50.54
CA VAL N 268 39.65 0.34 -51.64
C VAL N 268 39.38 1.00 -52.96
N GLU N 269 38.09 1.06 -53.27
CA GLU N 269 37.61 1.58 -54.53
C GLU N 269 37.93 3.05 -54.70
N ILE N 270 37.85 3.77 -53.64
CA ILE N 270 37.98 5.16 -53.68
C ILE N 270 39.05 5.26 -52.70
N PRO N 271 39.88 6.24 -52.88
CA PRO N 271 40.91 6.49 -51.91
C PRO N 271 40.19 6.95 -50.70
N ALA N 272 40.81 6.45 -49.65
CA ALA N 272 40.37 6.27 -48.32
C ALA N 272 40.09 7.58 -47.71
N GLU N 273 40.95 8.53 -48.00
CA GLU N 273 40.78 9.89 -47.51
C GLU N 273 39.53 10.54 -48.07
N LYS N 274 39.04 9.99 -49.16
CA LYS N 274 37.79 10.46 -49.76
C LYS N 274 36.54 9.91 -49.08
N VAL N 275 36.65 8.74 -48.45
CA VAL N 275 35.53 8.10 -47.82
C VAL N 275 34.88 9.07 -46.84
N VAL N 276 35.65 9.93 -46.21
CA VAL N 276 35.12 10.92 -45.30
C VAL N 276 34.18 11.92 -45.95
N VAL N 277 34.54 12.46 -47.09
CA VAL N 277 33.67 13.32 -47.88
C VAL N 277 32.44 12.59 -48.36
N ALA N 278 32.62 11.38 -48.82
CA ALA N 278 31.51 10.58 -49.22
C ALA N 278 30.55 10.30 -48.05
N GLN N 279 31.06 10.06 -46.87
CA GLN N 279 30.21 9.83 -45.73
C GLN N 279 29.36 11.04 -45.37
N LYS N 280 29.98 12.19 -45.33
CA LYS N 280 29.25 13.38 -45.08
C LYS N 280 28.25 13.66 -46.14
N ILE N 281 28.58 13.54 -47.41
CA ILE N 281 27.59 13.80 -48.42
C ILE N 281 26.42 12.84 -48.42
N LEU N 282 26.68 11.56 -48.34
CA LEU N 282 25.64 10.58 -48.44
C LEU N 282 24.64 10.57 -47.30
N ILE N 283 25.15 10.79 -46.11
CA ILE N 283 24.33 10.88 -44.95
C ILE N 283 23.43 12.10 -45.01
N SER N 284 23.98 13.21 -45.43
CA SER N 284 23.22 14.42 -45.55
C SER N 284 22.14 14.32 -46.57
N LYS N 285 22.42 13.74 -47.72
CA LYS N 285 21.45 13.58 -48.75
C LYS N 285 20.29 12.66 -48.32
N CYS N 286 20.62 11.62 -47.58
CA CYS N 286 19.64 10.77 -46.96
C CYS N 286 18.81 11.48 -45.91
N ASN N 287 19.42 12.31 -45.09
CA ASN N 287 18.69 13.07 -44.12
C ASN N 287 17.72 14.03 -44.75
N VAL N 288 18.15 14.71 -45.79
CA VAL N 288 17.32 15.64 -46.49
C VAL N 288 16.18 14.93 -47.18
N ALA N 289 16.44 13.79 -47.77
CA ALA N 289 15.44 12.98 -48.40
C ALA N 289 14.44 12.24 -47.48
N GLY N 290 14.71 12.21 -46.20
CA GLY N 290 14.04 11.35 -45.25
C GLY N 290 14.14 9.83 -45.33
N LYS N 291 15.31 9.31 -45.65
CA LYS N 291 15.51 7.89 -45.74
C LYS N 291 16.66 7.49 -44.86
N PRO N 292 16.56 6.30 -44.30
CA PRO N 292 17.51 5.80 -43.33
C PRO N 292 18.91 5.63 -43.91
N VAL N 293 19.94 5.98 -43.17
CA VAL N 293 21.30 5.89 -43.62
C VAL N 293 22.19 5.22 -42.58
N ILE N 294 23.03 4.31 -43.04
CA ILE N 294 23.88 3.50 -42.19
C ILE N 294 25.36 3.73 -42.45
N CYS N 295 26.10 3.92 -41.37
CA CYS N 295 27.54 3.99 -41.40
C CYS N 295 28.16 2.68 -41.00
N ALA N 296 28.97 2.15 -41.89
CA ALA N 296 29.50 0.82 -41.77
C ALA N 296 31.00 0.67 -41.88
N THR N 297 31.51 -0.30 -41.14
CA THR N 297 32.79 -0.99 -41.31
C THR N 297 33.97 -0.39 -40.51
N GLN N 298 34.66 -1.24 -39.76
CA GLN N 298 35.84 -0.90 -39.01
C GLN N 298 35.57 0.13 -37.92
N MET N 299 34.31 0.31 -37.58
CA MET N 299 33.94 1.29 -36.59
C MET N 299 34.52 1.01 -35.21
N LEU N 300 34.49 -0.23 -34.78
CA LEU N 300 35.14 -0.58 -33.56
C LEU N 300 36.00 -1.83 -33.73
N GLU N 301 36.84 -1.82 -34.74
CA GLU N 301 37.57 -2.97 -35.19
C GLU N 301 38.47 -3.69 -34.19
N SER N 302 39.17 -2.96 -33.35
CA SER N 302 40.14 -3.51 -32.43
C SER N 302 39.46 -4.32 -31.34
N MET N 303 38.18 -4.12 -31.21
CA MET N 303 37.36 -4.74 -30.21
C MET N 303 36.95 -6.11 -30.68
N THR N 304 37.38 -6.48 -31.87
CA THR N 304 37.28 -7.83 -32.33
C THR N 304 38.17 -8.64 -31.43
N TYR N 305 39.24 -8.07 -30.96
CA TYR N 305 40.18 -8.80 -30.15
C TYR N 305 40.44 -8.24 -28.77
N ASN N 306 40.06 -7.00 -28.52
CA ASN N 306 40.33 -6.38 -27.25
C ASN N 306 39.08 -5.94 -26.55
N PRO N 307 39.16 -5.89 -25.25
CA PRO N 307 38.08 -5.46 -24.39
C PRO N 307 37.70 -3.98 -24.56
N ARG N 308 38.64 -3.17 -24.99
CA ARG N 308 38.47 -1.74 -25.10
C ARG N 308 38.89 -1.21 -26.46
N PRO N 309 38.21 -0.17 -26.92
CA PRO N 309 38.49 0.44 -28.20
C PRO N 309 39.63 1.43 -28.20
N THR N 310 40.15 1.70 -29.38
CA THR N 310 41.07 2.79 -29.62
C THR N 310 40.40 4.15 -29.62
N ARG N 311 41.18 5.20 -29.47
CA ARG N 311 40.66 6.57 -29.47
C ARG N 311 40.02 6.90 -30.81
N ALA N 312 40.68 6.50 -31.90
CA ALA N 312 40.17 6.75 -33.21
C ALA N 312 38.82 6.10 -33.45
N GLU N 313 38.64 4.92 -32.89
CA GLU N 313 37.39 4.23 -33.00
C GLU N 313 36.22 4.90 -32.32
N VAL N 314 36.43 5.33 -31.09
CA VAL N 314 35.44 6.02 -30.33
C VAL N 314 35.07 7.28 -31.04
N SER N 315 36.05 8.00 -31.51
CA SER N 315 35.78 9.19 -32.25
C SER N 315 34.96 8.91 -33.48
N ASP N 316 35.26 7.81 -34.16
CA ASP N 316 34.50 7.43 -35.32
C ASP N 316 33.02 7.15 -35.04
N VAL N 317 32.66 6.41 -34.01
CA VAL N 317 31.24 6.19 -33.77
C VAL N 317 30.49 7.49 -33.48
N ALA N 318 31.12 8.35 -32.72
CA ALA N 318 30.57 9.63 -32.37
C ALA N 318 30.33 10.60 -33.53
N ASN N 319 31.32 10.73 -34.40
CA ASN N 319 31.22 11.53 -35.59
C ASN N 319 30.20 11.04 -36.58
N ALA N 320 29.98 9.75 -36.65
CA ALA N 320 28.90 9.24 -37.49
C ALA N 320 27.52 9.71 -37.06
N VAL N 321 27.27 9.76 -35.77
CA VAL N 321 26.08 10.33 -35.19
C VAL N 321 25.94 11.81 -35.44
N PHE N 322 27.03 12.53 -35.26
CA PHE N 322 27.11 13.95 -35.54
C PHE N 322 26.86 14.18 -37.02
N ASN N 323 27.30 13.26 -37.85
CA ASN N 323 27.14 13.33 -39.28
C ASN N 323 25.65 13.27 -39.64
N GLY N 324 24.87 12.65 -38.76
CA GLY N 324 23.47 12.48 -39.02
C GLY N 324 22.94 11.10 -39.36
N ALA N 325 23.73 10.08 -39.13
CA ALA N 325 23.33 8.73 -39.40
C ALA N 325 22.23 8.14 -38.53
N ASP N 326 21.30 7.45 -39.15
CA ASP N 326 20.34 6.68 -38.43
C ASP N 326 20.99 5.53 -37.65
N CYS N 327 21.92 4.83 -38.30
CA CYS N 327 22.50 3.60 -37.78
C CYS N 327 24.03 3.48 -37.85
N VAL N 328 24.58 2.79 -36.88
CA VAL N 328 25.94 2.36 -36.97
C VAL N 328 25.93 0.84 -37.00
N MET N 329 26.99 0.26 -37.52
CA MET N 329 27.02 -1.14 -37.81
C MET N 329 28.23 -1.85 -37.28
N LEU N 330 28.07 -3.11 -36.95
CA LEU N 330 29.14 -3.96 -36.50
C LEU N 330 29.29 -5.14 -37.42
N SER N 331 30.51 -5.43 -37.81
CA SER N 331 30.73 -6.49 -38.75
C SER N 331 31.43 -7.70 -38.16
N GLY N 332 32.74 -7.69 -38.25
CA GLY N 332 33.58 -8.72 -37.68
C GLY N 332 33.57 -8.75 -36.18
N GLU N 333 33.41 -7.59 -35.59
CA GLU N 333 33.41 -7.42 -34.16
C GLU N 333 32.32 -8.28 -33.50
N THR N 334 31.21 -8.46 -34.16
CA THR N 334 30.19 -9.37 -33.71
C THR N 334 30.11 -10.72 -34.44
N ALA N 335 30.55 -10.80 -35.67
CA ALA N 335 30.56 -12.04 -36.36
C ALA N 335 31.56 -13.06 -35.84
N LYS N 336 32.79 -12.64 -35.64
CA LYS N 336 33.86 -13.52 -35.22
C LYS N 336 34.67 -13.10 -33.99
N GLY N 337 34.25 -12.02 -33.36
CA GLY N 337 34.96 -11.42 -32.26
C GLY N 337 34.91 -12.11 -30.92
N LYS N 338 35.87 -11.76 -30.09
CA LYS N 338 35.97 -12.07 -28.69
C LYS N 338 34.94 -11.46 -27.75
N TYR N 339 34.54 -10.21 -27.98
CA TYR N 339 33.73 -9.52 -27.01
C TYR N 339 32.51 -8.90 -27.63
N PRO N 340 31.62 -9.73 -28.10
CA PRO N 340 30.45 -9.25 -28.80
C PRO N 340 29.54 -8.38 -27.98
N ASN N 341 29.19 -8.78 -26.76
CA ASN N 341 28.38 -7.97 -25.90
C ASN N 341 29.04 -6.65 -25.52
N GLU N 342 30.29 -6.68 -25.18
CA GLU N 342 31.01 -5.49 -24.84
C GLU N 342 31.12 -4.48 -25.98
N VAL N 343 31.35 -4.95 -27.19
CA VAL N 343 31.49 -4.03 -28.29
C VAL N 343 30.20 -3.28 -28.53
N VAL N 344 29.10 -3.98 -28.50
CA VAL N 344 27.81 -3.38 -28.64
C VAL N 344 27.51 -2.43 -27.51
N GLN N 345 27.85 -2.79 -26.30
CA GLN N 345 27.61 -1.93 -25.18
C GLN N 345 28.41 -0.67 -25.30
N TYR N 346 29.64 -0.78 -25.78
CA TYR N 346 30.47 0.40 -26.01
C TYR N 346 29.92 1.30 -27.09
N MET N 347 29.44 0.73 -28.16
CA MET N 347 28.88 1.52 -29.21
C MET N 347 27.65 2.27 -28.76
N ALA N 348 26.79 1.64 -27.98
CA ALA N 348 25.59 2.27 -27.49
C ALA N 348 25.89 3.42 -26.59
N ARG N 349 26.88 3.25 -25.75
CA ARG N 349 27.31 4.25 -24.82
C ARG N 349 27.88 5.48 -25.52
N ILE N 350 28.69 5.28 -26.53
CA ILE N 350 29.22 6.37 -27.34
C ILE N 350 28.13 7.13 -28.09
N CYS N 351 27.17 6.40 -28.58
CA CYS N 351 26.07 6.97 -29.30
C CYS N 351 25.26 7.86 -28.38
N LEU N 352 25.03 7.42 -27.16
CA LEU N 352 24.29 8.23 -26.20
C LEU N 352 25.02 9.50 -25.81
N GLU N 353 26.31 9.42 -25.64
CA GLU N 353 27.13 10.55 -25.34
C GLU N 353 27.17 11.60 -26.45
N ALA N 354 27.31 11.18 -27.70
CA ALA N 354 27.31 12.08 -28.84
C ALA N 354 26.00 12.79 -28.99
N GLN N 355 24.93 12.09 -28.62
CA GLN N 355 23.58 12.56 -28.67
C GLN N 355 23.39 13.73 -27.76
N SER N 356 24.05 13.78 -26.63
CA SER N 356 24.01 14.94 -25.78
C SER N 356 24.59 16.16 -26.43
N ALA N 357 25.71 15.98 -27.11
CA ALA N 357 26.39 17.03 -27.82
C ALA N 357 25.63 17.46 -29.05
N LEU N 358 24.73 16.62 -29.53
CA LEU N 358 24.04 16.87 -30.77
C LEU N 358 23.12 18.03 -30.62
N ASN N 359 23.14 18.93 -31.56
CA ASN N 359 22.18 20.00 -31.55
C ASN N 359 21.01 19.61 -32.40
N GLU N 360 20.02 19.02 -31.76
CA GLU N 360 18.84 18.51 -32.43
C GLU N 360 18.03 19.61 -33.07
N TYR N 361 18.01 20.76 -32.43
CA TYR N 361 17.30 21.91 -32.91
C TYR N 361 17.83 22.50 -34.22
N VAL N 362 19.14 22.66 -34.33
CA VAL N 362 19.75 23.18 -35.53
C VAL N 362 19.51 22.24 -36.66
N PHE N 363 19.62 20.98 -36.35
CA PHE N 363 19.35 19.91 -37.28
C PHE N 363 17.93 19.96 -37.80
N PHE N 364 16.96 20.24 -36.96
CA PHE N 364 15.57 20.37 -37.40
C PHE N 364 15.36 21.51 -38.39
N ASN N 365 15.87 22.66 -38.06
CA ASN N 365 15.80 23.83 -38.89
C ASN N 365 16.56 23.69 -40.20
N SER N 366 17.73 23.08 -40.16
CA SER N 366 18.53 22.90 -41.32
C SER N 366 17.85 22.02 -42.32
N ILE N 367 17.25 20.95 -41.83
CA ILE N 367 16.52 20.02 -42.67
C ILE N 367 15.30 20.64 -43.31
N LYS N 368 14.58 21.40 -42.51
CA LYS N 368 13.37 22.09 -42.87
C LYS N 368 13.58 23.10 -43.99
N LYS N 369 14.67 23.85 -43.95
CA LYS N 369 15.01 24.78 -45.01
C LYS N 369 15.28 24.13 -46.31
N LEU N 370 15.74 22.89 -46.30
CA LEU N 370 16.08 22.21 -47.52
C LEU N 370 14.96 21.54 -48.29
N GLN N 371 13.78 21.52 -47.71
CA GLN N 371 12.63 20.95 -48.35
C GLN N 371 12.00 21.91 -49.32
N HIS N 372 11.56 21.36 -50.42
CA HIS N 372 10.88 22.08 -51.42
C HIS N 372 9.53 22.56 -50.93
N ILE N 373 9.20 23.80 -51.29
CA ILE N 373 7.92 24.39 -50.89
C ILE N 373 7.11 24.84 -52.10
N PRO N 374 5.86 24.40 -52.17
CA PRO N 374 5.29 23.55 -51.11
C PRO N 374 5.79 22.10 -51.23
N MET N 375 5.25 21.23 -50.40
CA MET N 375 5.63 19.83 -50.41
C MET N 375 4.42 18.91 -50.33
N SER N 376 4.00 18.62 -49.10
CA SER N 376 2.84 17.75 -48.88
C SER N 376 2.22 18.00 -47.51
N ALA N 377 0.89 17.92 -47.44
CA ALA N 377 0.17 18.13 -46.21
C ALA N 377 0.65 17.33 -45.03
N ASP N 378 0.89 16.05 -45.22
CA ASP N 378 1.48 15.25 -44.16
C ASP N 378 2.89 15.67 -43.76
N GLU N 379 3.69 16.08 -44.71
CA GLU N 379 5.03 16.57 -44.39
C GLU N 379 5.04 17.84 -43.57
N ALA N 380 4.16 18.76 -43.89
CA ALA N 380 3.99 19.94 -43.10
C ALA N 380 3.52 19.63 -41.68
N VAL N 381 2.64 18.66 -41.57
CA VAL N 381 2.09 18.26 -40.30
C VAL N 381 3.19 17.75 -39.42
N CYS N 382 4.05 16.90 -39.97
CA CYS N 382 5.16 16.38 -39.22
C CYS N 382 6.20 17.40 -38.81
N SER N 383 6.57 18.25 -39.72
CA SER N 383 7.52 19.29 -39.42
C SER N 383 7.02 20.32 -38.42
N SER N 384 5.85 20.83 -38.63
CA SER N 384 5.27 21.73 -37.70
C SER N 384 5.00 21.06 -36.34
N ALA N 385 4.65 19.78 -36.32
CA ALA N 385 4.42 19.07 -35.07
C ALA N 385 5.65 18.97 -34.20
N VAL N 386 6.80 18.75 -34.83
CA VAL N 386 8.10 18.80 -34.21
C VAL N 386 8.42 20.19 -33.72
N ASN N 387 8.06 21.19 -34.49
CA ASN N 387 8.26 22.56 -34.09
C ASN N 387 7.48 22.83 -32.80
N SER N 388 6.31 22.24 -32.71
CA SER N 388 5.50 22.25 -31.53
C SER N 388 6.20 21.59 -30.39
N VAL N 389 6.93 20.54 -30.66
CA VAL N 389 7.63 19.88 -29.60
C VAL N 389 8.65 20.81 -29.00
N TYR N 390 9.44 21.47 -29.83
CA TYR N 390 10.42 22.41 -29.34
C TYR N 390 9.82 23.61 -28.63
N GLU N 391 8.73 24.14 -29.16
CA GLU N 391 8.04 25.26 -28.56
C GLU N 391 7.44 25.02 -27.18
N THR N 392 6.88 23.85 -26.94
CA THR N 392 6.32 23.49 -25.63
C THR N 392 7.24 22.74 -24.69
N LYS N 393 8.38 22.32 -25.19
CA LYS N 393 9.20 21.35 -24.52
C LYS N 393 8.53 20.04 -24.24
N ALA N 394 7.82 19.51 -25.22
CA ALA N 394 7.16 18.24 -25.09
C ALA N 394 8.12 17.08 -24.93
N LYS N 395 7.79 16.16 -24.06
CA LYS N 395 8.74 15.14 -23.71
C LYS N 395 8.56 13.84 -24.46
N ALA N 396 7.54 13.76 -25.28
CA ALA N 396 7.30 12.61 -26.12
C ALA N 396 6.42 12.92 -27.30
N MET N 397 6.41 12.02 -28.22
CA MET N 397 5.68 12.22 -29.42
C MET N 397 5.03 10.92 -29.71
N VAL N 398 3.83 10.93 -30.24
CA VAL N 398 3.18 9.70 -30.66
C VAL N 398 2.70 9.81 -32.07
N VAL N 399 3.00 8.85 -32.91
CA VAL N 399 2.48 8.83 -34.25
C VAL N 399 1.84 7.55 -34.62
N LEU N 400 0.82 7.63 -35.43
CA LEU N 400 0.22 6.44 -35.96
C LEU N 400 0.77 6.17 -37.34
N SER N 401 1.44 5.04 -37.49
CA SER N 401 1.84 4.56 -38.80
C SER N 401 1.70 3.07 -38.98
N ASN N 402 1.01 2.67 -40.03
CA ASN N 402 0.92 1.29 -40.43
C ASN N 402 1.98 0.83 -41.45
N THR N 403 2.21 1.62 -42.49
CA THR N 403 3.30 1.39 -43.42
C THR N 403 4.64 1.70 -42.82
N GLY N 404 4.67 2.54 -41.82
CA GLY N 404 5.90 3.07 -41.29
C GLY N 404 6.33 4.38 -41.91
N ARG N 405 5.64 4.76 -42.97
CA ARG N 405 5.90 6.02 -43.66
C ARG N 405 5.78 7.22 -42.74
N SER N 406 4.67 7.32 -42.01
CA SER N 406 4.46 8.45 -41.16
C SER N 406 5.55 8.58 -40.15
N ALA N 407 6.00 7.48 -39.60
CA ALA N 407 7.07 7.52 -38.65
C ALA N 407 8.43 8.01 -39.17
N ARG N 408 8.83 7.62 -40.36
CA ARG N 408 10.05 8.12 -40.95
C ARG N 408 9.98 9.62 -41.20
N LEU N 409 8.83 10.08 -41.64
CA LEU N 409 8.58 11.45 -41.93
C LEU N 409 8.73 12.36 -40.74
N VAL N 410 8.23 11.94 -39.61
CA VAL N 410 8.48 12.60 -38.35
C VAL N 410 9.89 12.56 -37.80
N ALA N 411 10.52 11.41 -37.84
CA ALA N 411 11.85 11.18 -37.31
C ALA N 411 12.82 12.02 -38.09
N LYS N 412 12.46 12.25 -39.32
CA LYS N 412 13.23 13.03 -40.25
C LYS N 412 13.47 14.43 -39.75
N TYR N 413 12.55 14.94 -38.96
CA TYR N 413 12.65 16.28 -38.48
C TYR N 413 13.38 16.41 -37.17
N ARG N 414 13.92 15.33 -36.67
CA ARG N 414 14.78 15.41 -35.50
C ARG N 414 14.24 16.15 -34.26
N PRO N 415 13.16 15.66 -33.68
CA PRO N 415 12.66 16.18 -32.42
C PRO N 415 13.61 15.86 -31.31
N ASN N 416 13.53 16.57 -30.21
CA ASN N 416 14.46 16.33 -29.13
C ASN N 416 13.91 15.42 -28.03
N CYS N 417 12.96 14.61 -28.43
CA CYS N 417 12.29 13.73 -27.54
C CYS N 417 12.03 12.45 -28.25
N PRO N 418 11.72 11.41 -27.51
CA PRO N 418 11.42 10.12 -28.11
C PRO N 418 10.20 10.18 -28.99
N ILE N 419 10.17 9.38 -30.03
CA ILE N 419 9.02 9.32 -30.86
C ILE N 419 8.39 7.96 -30.67
N VAL N 420 7.12 7.92 -30.43
CA VAL N 420 6.53 6.64 -30.21
C VAL N 420 5.54 6.35 -31.30
N CYS N 421 5.83 5.32 -32.06
CA CYS N 421 5.01 4.93 -33.18
C CYS N 421 4.07 3.78 -32.83
N VAL N 422 2.81 3.92 -33.16
CA VAL N 422 1.88 2.87 -32.88
C VAL N 422 1.47 2.29 -34.18
N THR N 423 1.75 1.02 -34.36
CA THR N 423 1.59 0.39 -35.63
C THR N 423 0.75 -0.87 -35.55
N THR N 424 0.03 -1.16 -36.61
CA THR N 424 -0.72 -2.37 -36.70
C THR N 424 0.00 -3.46 -37.44
N ARG N 425 1.25 -3.25 -37.81
CA ARG N 425 2.03 -4.27 -38.47
C ARG N 425 3.32 -4.57 -37.74
N LEU N 426 3.55 -5.83 -37.42
CA LEU N 426 4.77 -6.24 -36.76
C LEU N 426 6.03 -6.00 -37.59
N GLN N 427 5.94 -6.21 -38.88
CA GLN N 427 7.03 -5.97 -39.77
C GLN N 427 7.42 -4.52 -39.76
N THR N 428 6.45 -3.66 -39.60
CA THR N 428 6.68 -2.26 -39.49
C THR N 428 7.49 -1.98 -38.26
N CYS N 429 7.21 -2.68 -37.17
CA CYS N 429 8.01 -2.50 -35.97
C CYS N 429 9.45 -2.90 -36.21
N ARG N 430 9.68 -3.97 -36.93
CA ARG N 430 11.02 -4.34 -37.28
C ARG N 430 11.71 -3.38 -38.24
N GLN N 431 11.00 -2.96 -39.27
CA GLN N 431 11.53 -2.11 -40.32
C GLN N 431 11.97 -0.74 -39.79
N LEU N 432 11.27 -0.28 -38.77
CA LEU N 432 11.54 0.95 -38.09
C LEU N 432 12.74 0.90 -37.19
N ASN N 433 13.34 -0.26 -37.06
CA ASN N 433 14.53 -0.46 -36.29
C ASN N 433 15.76 0.18 -36.96
N ILE N 434 15.62 0.60 -38.20
CA ILE N 434 16.67 1.38 -38.83
C ILE N 434 16.42 2.87 -38.87
N THR N 435 15.35 3.33 -38.25
CA THR N 435 15.08 4.73 -38.23
C THR N 435 15.47 5.29 -36.89
N GLN N 436 16.29 6.31 -36.85
CA GLN N 436 16.70 6.86 -35.58
C GLN N 436 15.57 7.48 -34.79
N GLY N 437 15.68 7.35 -33.49
CA GLY N 437 14.83 8.03 -32.57
C GLY N 437 13.39 7.56 -32.46
N VAL N 438 13.12 6.35 -32.89
CA VAL N 438 11.76 5.84 -32.93
C VAL N 438 11.59 4.52 -32.20
N GLU N 439 10.52 4.42 -31.45
CA GLU N 439 10.15 3.19 -30.77
C GLU N 439 8.76 2.78 -31.17
N SER N 440 8.56 1.49 -31.37
CA SER N 440 7.30 0.97 -31.87
C SER N 440 6.48 0.22 -30.83
N VAL N 441 5.18 0.43 -30.87
CA VAL N 441 4.23 -0.31 -30.11
C VAL N 441 3.30 -1.00 -31.06
N PHE N 442 3.21 -2.30 -31.01
CA PHE N 442 2.29 -3.01 -31.88
C PHE N 442 0.86 -2.99 -31.33
N PHE N 443 -0.12 -2.71 -32.16
CA PHE N 443 -1.51 -2.72 -31.82
C PHE N 443 -2.18 -3.70 -32.74
N ASP N 444 -2.75 -4.75 -32.17
CA ASP N 444 -3.30 -5.84 -32.91
C ASP N 444 -4.69 -5.49 -33.32
N ALA N 445 -4.84 -5.15 -34.58
CA ALA N 445 -6.09 -4.70 -35.09
C ALA N 445 -7.08 -5.82 -34.95
N ASP N 446 -6.66 -7.05 -35.18
CA ASP N 446 -7.57 -8.16 -35.18
C ASP N 446 -8.22 -8.40 -33.82
N LYS N 447 -7.39 -8.42 -32.78
CA LYS N 447 -7.86 -8.63 -31.43
C LYS N 447 -8.52 -7.38 -30.84
N LEU N 448 -8.07 -6.20 -31.27
CA LEU N 448 -8.62 -4.98 -30.72
C LEU N 448 -9.42 -4.10 -31.65
N GLY N 449 -9.61 -4.50 -32.88
CA GLY N 449 -10.39 -3.70 -33.77
C GLY N 449 -9.62 -2.63 -34.53
N HIS N 450 -10.25 -2.09 -35.54
CA HIS N 450 -9.66 -1.15 -36.48
C HIS N 450 -9.37 0.25 -35.95
N ASP N 451 -9.97 0.62 -34.84
CA ASP N 451 -9.70 1.87 -34.16
C ASP N 451 -9.77 3.12 -35.01
N GLU N 452 -10.85 3.27 -35.74
CA GLU N 452 -10.98 4.36 -36.69
C GLU N 452 -10.98 5.73 -36.05
N GLY N 453 -11.42 5.83 -34.81
CA GLY N 453 -11.41 7.11 -34.15
C GLY N 453 -10.11 7.43 -33.47
N LYS N 454 -9.23 6.45 -33.45
CA LYS N 454 -7.82 6.59 -33.17
C LYS N 454 -7.50 6.70 -31.69
N GLU N 455 -8.53 6.71 -30.87
CA GLU N 455 -8.38 6.83 -29.45
C GLU N 455 -7.62 5.70 -28.77
N HIS N 456 -7.82 4.47 -29.19
CA HIS N 456 -7.08 3.38 -28.61
C HIS N 456 -5.61 3.32 -28.91
N ARG N 457 -5.25 3.51 -30.17
CA ARG N 457 -3.86 3.50 -30.57
C ARG N 457 -3.17 4.63 -29.86
N VAL N 458 -3.84 5.76 -29.78
CA VAL N 458 -3.28 6.85 -29.07
C VAL N 458 -3.07 6.59 -27.62
N ALA N 459 -4.00 5.92 -26.96
CA ALA N 459 -3.84 5.60 -25.56
C ALA N 459 -2.64 4.68 -25.31
N ALA N 460 -2.46 3.72 -26.19
CA ALA N 460 -1.37 2.78 -26.12
C ALA N 460 -0.01 3.43 -26.27
N GLY N 461 0.14 4.32 -27.23
CA GLY N 461 1.38 5.04 -27.37
C GLY N 461 1.68 5.91 -26.19
N VAL N 462 0.69 6.60 -25.68
CA VAL N 462 0.91 7.38 -24.48
C VAL N 462 1.27 6.52 -23.28
N GLU N 463 0.59 5.39 -23.11
CA GLU N 463 0.88 4.49 -21.99
C GLU N 463 2.28 3.96 -22.06
N PHE N 464 2.71 3.61 -23.25
CA PHE N 464 4.06 3.14 -23.45
C PHE N 464 5.04 4.21 -23.06
N ALA N 465 4.75 5.45 -23.39
CA ALA N 465 5.60 6.55 -23.01
C ALA N 465 5.69 6.76 -21.53
N LYS N 466 4.58 6.56 -20.84
CA LYS N 466 4.54 6.61 -19.39
C LYS N 466 5.36 5.49 -18.80
N SER N 467 5.19 4.33 -19.38
CA SER N 467 5.86 3.15 -18.92
C SER N 467 7.38 3.21 -19.01
N LYS N 468 7.93 3.82 -20.06
CA LYS N 468 9.36 3.90 -20.19
C LYS N 468 9.85 5.14 -19.48
N GLY N 469 8.94 5.90 -18.93
CA GLY N 469 9.32 7.06 -18.17
C GLY N 469 9.61 8.35 -18.89
N TYR N 470 9.32 8.40 -20.18
CA TYR N 470 9.49 9.59 -20.97
C TYR N 470 8.59 10.69 -20.50
N VAL N 471 7.37 10.34 -20.10
CA VAL N 471 6.40 11.32 -19.60
C VAL N 471 5.75 11.03 -18.24
N GLN N 472 5.35 12.09 -17.56
CA GLN N 472 4.60 12.02 -16.33
C GLN N 472 3.45 12.96 -16.52
N THR N 473 2.55 12.97 -15.54
CA THR N 473 1.34 13.75 -15.63
C THR N 473 1.77 15.18 -15.66
N GLY N 474 1.06 15.94 -16.45
CA GLY N 474 1.33 17.34 -16.64
C GLY N 474 2.25 17.65 -17.78
N ASP N 475 2.86 16.62 -18.35
CA ASP N 475 3.69 16.74 -19.54
C ASP N 475 2.90 16.83 -20.85
N TYR N 476 3.52 17.43 -21.84
CA TYR N 476 2.92 17.51 -23.13
C TYR N 476 3.37 16.37 -23.95
N CYS N 477 2.45 15.82 -24.69
CA CYS N 477 2.76 14.85 -25.68
C CYS N 477 2.17 15.30 -26.99
N VAL N 478 2.96 15.32 -28.04
CA VAL N 478 2.51 15.81 -29.33
C VAL N 478 2.15 14.62 -30.17
N VAL N 479 0.95 14.64 -30.70
CA VAL N 479 0.33 13.48 -31.30
C VAL N 479 -0.05 13.71 -32.75
N ILE N 480 0.22 12.74 -33.60
CA ILE N 480 0.00 12.85 -35.03
C ILE N 480 -0.79 11.72 -35.66
N HIS N 481 -1.87 12.05 -36.33
CA HIS N 481 -2.63 11.09 -37.08
C HIS N 481 -3.62 11.82 -37.95
N ALA N 482 -4.48 11.10 -38.63
CA ALA N 482 -5.59 11.68 -39.31
C ALA N 482 -6.75 12.04 -38.40
N ASP N 483 -7.60 12.88 -38.93
CA ASP N 483 -8.85 13.20 -38.36
C ASP N 483 -9.81 12.15 -38.80
N HIS N 484 -11.06 12.33 -38.49
CA HIS N 484 -12.06 11.33 -38.79
C HIS N 484 -12.34 11.07 -40.24
N LYS N 485 -12.37 12.09 -41.07
CA LYS N 485 -12.52 11.89 -42.50
C LYS N 485 -11.32 11.37 -43.34
N VAL N 486 -10.15 11.95 -43.18
CA VAL N 486 -9.01 11.68 -44.06
C VAL N 486 -8.36 10.31 -43.95
N LYS N 487 -8.04 9.75 -45.10
CA LYS N 487 -7.45 8.43 -45.19
C LYS N 487 -6.17 8.37 -46.01
N GLY N 488 -5.22 7.59 -45.55
CA GLY N 488 -3.97 7.40 -46.23
C GLY N 488 -2.80 8.25 -45.80
N TYR N 489 -3.04 9.26 -45.00
CA TYR N 489 -2.00 10.06 -44.42
C TYR N 489 -2.49 10.74 -43.17
N ALA N 490 -1.61 11.35 -42.43
CA ALA N 490 -2.01 12.08 -41.27
C ALA N 490 -2.07 13.56 -41.57
N ASN N 491 -3.24 14.13 -41.38
CA ASN N 491 -3.44 15.55 -41.56
C ASN N 491 -3.57 16.36 -40.27
N GLN N 492 -3.33 15.76 -39.13
CA GLN N 492 -3.61 16.38 -37.86
C GLN N 492 -2.49 16.33 -36.80
N THR N 493 -2.37 17.38 -36.03
CA THR N 493 -1.53 17.37 -34.88
C THR N 493 -2.27 17.86 -33.65
N ARG N 494 -2.01 17.26 -32.51
CA ARG N 494 -2.58 17.69 -31.25
C ARG N 494 -1.55 17.75 -30.16
N ILE N 495 -1.61 18.76 -29.34
CA ILE N 495 -0.81 18.76 -28.14
C ILE N 495 -1.71 18.37 -26.99
N LEU N 496 -1.48 17.20 -26.40
CA LEU N 496 -2.24 16.77 -25.23
C LEU N 496 -1.49 16.66 -23.96
N LEU N 497 -2.16 17.01 -22.88
CA LEU N 497 -1.61 16.97 -21.54
C LEU N 497 -1.74 15.57 -21.02
N VAL N 498 -0.72 15.05 -20.34
CA VAL N 498 -0.78 13.66 -19.90
C VAL N 498 -1.19 13.48 -18.46
N GLU N 499 -2.10 12.54 -18.23
CA GLU N 499 -2.59 12.26 -16.89
C GLU N 499 -2.19 10.85 -16.44
N SER O 2 13.93 -44.27 -18.35
CA SER O 2 14.94 -43.30 -18.02
C SER O 2 16.23 -44.02 -17.77
N GLN O 3 17.32 -43.31 -17.83
CA GLN O 3 18.60 -43.92 -17.63
C GLN O 3 18.70 -44.36 -16.20
N LEU O 4 18.04 -43.65 -15.33
CA LEU O 4 18.05 -43.93 -13.92
C LEU O 4 17.41 -45.25 -13.59
N ALA O 5 16.22 -45.47 -14.07
CA ALA O 5 15.36 -46.57 -13.69
C ALA O 5 16.05 -47.84 -14.05
N HIS O 6 16.50 -47.80 -15.30
CA HIS O 6 17.37 -48.76 -15.98
C HIS O 6 18.66 -49.13 -15.31
N ASN O 7 19.33 -48.18 -14.69
CA ASN O 7 20.54 -48.49 -13.95
C ASN O 7 20.22 -49.48 -12.88
N LEU O 8 18.99 -49.40 -12.44
CA LEU O 8 18.39 -50.14 -11.36
C LEU O 8 18.13 -51.60 -11.72
N THR O 9 17.96 -51.87 -12.99
CA THR O 9 17.81 -53.19 -13.49
C THR O 9 19.11 -53.87 -13.77
N LEU O 10 20.23 -53.17 -13.72
CA LEU O 10 21.52 -53.79 -13.97
C LEU O 10 22.02 -54.67 -12.85
N SER O 11 22.83 -55.66 -13.18
CA SER O 11 23.55 -56.45 -12.17
C SER O 11 24.99 -56.76 -12.54
N ILE O 12 25.88 -56.76 -11.58
CA ILE O 12 27.25 -57.13 -11.85
C ILE O 12 27.40 -58.57 -12.33
N PHE O 13 26.47 -59.42 -11.94
CA PHE O 13 26.49 -60.83 -12.32
C PHE O 13 25.79 -61.14 -13.63
N ASP O 14 25.38 -60.11 -14.38
CA ASP O 14 24.73 -60.34 -15.64
C ASP O 14 25.80 -60.91 -16.54
N PRO O 15 25.47 -61.91 -17.30
CA PRO O 15 26.41 -62.47 -18.25
C PRO O 15 26.63 -61.55 -19.41
N VAL O 16 27.87 -61.43 -19.87
CA VAL O 16 28.13 -60.61 -21.04
C VAL O 16 27.75 -61.30 -22.32
N ALA O 17 27.79 -60.55 -23.40
CA ALA O 17 27.39 -61.03 -24.71
C ALA O 17 28.34 -61.98 -25.40
N ASN O 18 27.84 -62.65 -26.41
CA ASN O 18 28.65 -63.54 -27.21
C ASN O 18 29.39 -62.82 -28.30
N TYR O 19 29.18 -61.51 -28.38
CA TYR O 19 29.89 -60.69 -29.32
C TYR O 19 30.26 -59.35 -28.74
N ARG O 20 31.38 -58.80 -29.17
CA ARG O 20 31.77 -57.45 -28.81
C ARG O 20 31.57 -56.52 -29.99
N ALA O 21 30.66 -55.57 -29.82
CA ALA O 21 30.38 -54.56 -30.82
C ALA O 21 31.46 -53.55 -31.14
N ALA O 22 32.07 -53.01 -30.11
CA ALA O 22 33.07 -51.99 -30.26
C ALA O 22 34.37 -52.51 -30.84
N ARG O 23 35.07 -51.66 -31.55
CA ARG O 23 36.30 -52.01 -32.21
C ARG O 23 37.54 -51.33 -31.63
N ILE O 24 38.64 -52.06 -31.63
CA ILE O 24 39.86 -51.57 -31.07
C ILE O 24 40.91 -51.27 -32.09
N ILE O 25 41.54 -50.12 -31.95
CA ILE O 25 42.57 -49.65 -32.83
C ILE O 25 43.90 -49.60 -32.11
N CYS O 26 44.95 -50.09 -32.74
CA CYS O 26 46.25 -50.13 -32.12
C CYS O 26 47.29 -49.43 -32.95
N THR O 27 48.09 -48.63 -32.33
CA THR O 27 49.18 -47.95 -32.97
C THR O 27 50.39 -48.85 -32.93
N ILE O 28 51.06 -48.98 -34.05
CA ILE O 28 52.16 -49.90 -34.16
C ILE O 28 53.51 -49.23 -34.09
N GLY O 29 54.26 -49.64 -33.10
CA GLY O 29 55.57 -49.13 -32.82
C GLY O 29 56.50 -50.28 -32.55
N PRO O 30 57.60 -49.96 -31.90
CA PRO O 30 58.71 -50.84 -31.68
C PRO O 30 58.31 -52.07 -30.90
N SER O 31 57.43 -51.91 -29.95
CA SER O 31 56.85 -53.01 -29.24
C SER O 31 56.00 -53.94 -30.11
N THR O 32 55.40 -53.45 -31.18
CA THR O 32 54.40 -54.22 -31.86
C THR O 32 54.56 -54.52 -33.35
N GLN O 33 55.71 -54.17 -33.87
CA GLN O 33 56.01 -54.30 -35.27
C GLN O 33 56.18 -55.71 -35.80
N SER O 34 56.72 -56.56 -34.96
CA SER O 34 57.00 -57.90 -35.33
C SER O 34 55.74 -58.64 -35.57
N VAL O 35 55.82 -59.55 -36.50
CA VAL O 35 54.72 -60.34 -36.91
C VAL O 35 54.19 -61.12 -35.74
N GLU O 36 55.05 -61.63 -34.91
CA GLU O 36 54.60 -62.33 -33.74
C GLU O 36 53.84 -61.41 -32.80
N ALA O 37 54.33 -60.20 -32.61
CA ALA O 37 53.63 -59.24 -31.77
C ALA O 37 52.26 -58.89 -32.33
N LEU O 38 52.21 -58.70 -33.64
CA LEU O 38 50.99 -58.37 -34.33
C LEU O 38 49.95 -59.46 -34.25
N LYS O 39 50.40 -60.69 -34.33
CA LYS O 39 49.55 -61.83 -34.17
C LYS O 39 48.95 -61.88 -32.79
N GLY O 40 49.74 -61.51 -31.81
CA GLY O 40 49.27 -61.40 -30.46
C GLY O 40 48.22 -60.34 -30.31
N LEU O 41 48.41 -59.23 -30.97
CA LEU O 41 47.48 -58.12 -30.97
C LEU O 41 46.14 -58.47 -31.58
N ILE O 42 46.15 -59.15 -32.69
CA ILE O 42 44.94 -59.53 -33.36
C ILE O 42 44.13 -60.48 -32.52
N GLN O 43 44.79 -61.45 -31.95
CA GLN O 43 44.18 -62.42 -31.09
C GLN O 43 43.65 -61.81 -29.82
N SER O 44 44.33 -60.77 -29.40
CA SER O 44 43.96 -60.02 -28.24
C SER O 44 42.77 -59.16 -28.54
N GLY O 45 42.52 -58.90 -29.81
CA GLY O 45 41.43 -58.06 -30.18
C GLY O 45 41.57 -56.86 -31.07
N MET O 46 42.67 -56.70 -31.77
CA MET O 46 42.86 -55.55 -32.64
C MET O 46 42.15 -55.65 -33.97
N SER O 47 41.39 -54.65 -34.35
CA SER O 47 40.75 -54.68 -35.63
C SER O 47 41.38 -53.73 -36.62
N VAL O 48 42.06 -52.72 -36.14
CA VAL O 48 42.67 -51.73 -36.99
C VAL O 48 44.08 -51.46 -36.57
N ALA O 49 45.03 -51.46 -37.48
CA ALA O 49 46.37 -51.05 -37.13
C ALA O 49 46.74 -49.68 -37.62
N ARG O 50 47.21 -48.85 -36.72
CA ARG O 50 47.50 -47.46 -37.01
C ARG O 50 48.98 -47.19 -37.10
N MET O 51 49.38 -46.55 -38.17
CA MET O 51 50.74 -46.09 -38.34
C MET O 51 50.79 -44.60 -38.22
N ASN O 52 51.64 -44.09 -37.34
CA ASN O 52 51.76 -42.67 -37.14
C ASN O 52 52.94 -42.11 -37.87
N PHE O 53 52.66 -41.27 -38.85
CA PHE O 53 53.66 -40.78 -39.76
C PHE O 53 54.42 -39.61 -39.20
N SER O 54 54.10 -39.25 -37.98
CA SER O 54 54.91 -38.33 -37.21
C SER O 54 56.18 -38.99 -36.77
N HIS O 55 56.21 -40.29 -36.78
CA HIS O 55 57.34 -41.06 -36.30
C HIS O 55 57.65 -42.04 -37.41
N GLY O 56 58.88 -42.48 -37.47
CA GLY O 56 59.24 -43.46 -38.46
C GLY O 56 59.46 -42.82 -39.81
N SER O 57 59.39 -43.62 -40.84
CA SER O 57 59.70 -43.18 -42.17
C SER O 57 58.95 -44.10 -43.03
N HIS O 58 58.98 -43.89 -44.33
CA HIS O 58 58.22 -44.72 -45.22
C HIS O 58 58.75 -46.09 -45.07
N GLU O 59 60.05 -46.18 -44.90
CA GLU O 59 60.70 -47.44 -44.75
C GLU O 59 60.23 -48.19 -43.53
N TYR O 60 60.14 -47.52 -42.40
CA TYR O 60 59.70 -48.16 -41.18
C TYR O 60 58.27 -48.63 -41.26
N HIS O 61 57.42 -47.75 -41.76
CA HIS O 61 56.01 -47.98 -41.93
C HIS O 61 55.65 -49.04 -42.93
N GLN O 62 56.49 -49.20 -43.94
CA GLN O 62 56.35 -50.26 -44.90
C GLN O 62 56.49 -51.58 -44.23
N THR O 63 57.43 -51.67 -43.32
CA THR O 63 57.65 -52.91 -42.63
C THR O 63 56.39 -53.27 -41.89
N THR O 64 55.75 -52.27 -41.30
CA THR O 64 54.52 -52.45 -40.56
C THR O 64 53.40 -52.97 -41.44
N ILE O 65 53.30 -52.40 -42.62
CA ILE O 65 52.29 -52.81 -43.55
C ILE O 65 52.45 -54.24 -43.96
N ASN O 66 53.66 -54.62 -44.27
CA ASN O 66 53.95 -55.97 -44.65
C ASN O 66 53.71 -56.91 -43.53
N ASN O 67 54.13 -56.53 -42.37
CA ASN O 67 53.89 -57.35 -41.23
C ASN O 67 52.43 -57.54 -40.85
N VAL O 68 51.62 -56.52 -41.03
CA VAL O 68 50.20 -56.61 -40.73
C VAL O 68 49.51 -57.56 -41.68
N ARG O 69 49.82 -57.41 -42.95
CA ARG O 69 49.25 -58.26 -43.94
C ARG O 69 49.66 -59.70 -43.74
N GLN O 70 50.93 -59.95 -43.43
CA GLN O 70 51.44 -61.29 -43.16
C GLN O 70 50.83 -61.93 -41.93
N ALA O 71 50.71 -61.16 -40.87
CA ALA O 71 50.07 -61.65 -39.67
C ALA O 71 48.57 -61.94 -39.84
N ALA O 72 47.87 -61.07 -40.52
CA ALA O 72 46.48 -61.24 -40.80
C ALA O 72 46.24 -62.45 -41.68
N ALA O 73 47.10 -62.62 -42.67
CA ALA O 73 46.99 -63.71 -43.60
C ALA O 73 47.14 -65.05 -42.93
N GLU O 74 48.08 -65.12 -42.02
CA GLU O 74 48.33 -66.29 -41.22
C GLU O 74 47.19 -66.63 -40.33
N LEU O 75 46.40 -65.65 -39.96
CA LEU O 75 45.34 -65.88 -39.00
C LEU O 75 43.99 -65.90 -39.67
N GLY O 76 44.01 -65.79 -40.97
CA GLY O 76 42.81 -65.78 -41.75
C GLY O 76 41.82 -64.70 -41.46
N VAL O 77 42.28 -63.47 -41.31
CA VAL O 77 41.43 -62.38 -40.92
C VAL O 77 41.75 -61.15 -41.71
N ASN O 78 40.84 -60.21 -41.74
CA ASN O 78 41.08 -58.98 -42.46
C ASN O 78 41.28 -57.82 -41.47
N ILE O 79 42.41 -57.14 -41.55
CA ILE O 79 42.72 -56.05 -40.64
C ILE O 79 42.88 -54.76 -41.40
N ALA O 80 42.17 -53.71 -41.02
CA ALA O 80 42.32 -52.42 -41.64
C ALA O 80 43.66 -51.82 -41.33
N ILE O 81 44.22 -51.11 -42.28
CA ILE O 81 45.44 -50.38 -42.09
C ILE O 81 45.17 -48.89 -42.20
N ALA O 82 45.58 -48.13 -41.22
CA ALA O 82 45.30 -46.71 -41.18
C ALA O 82 46.56 -45.89 -41.23
N LEU O 83 46.60 -44.87 -42.04
CA LEU O 83 47.71 -43.96 -42.04
C LEU O 83 47.35 -42.63 -41.36
N ASP O 84 48.10 -42.50 -40.28
CA ASP O 84 48.07 -41.40 -39.36
C ASP O 84 49.19 -40.42 -39.64
N THR O 85 48.85 -39.35 -40.33
CA THR O 85 49.80 -38.35 -40.79
C THR O 85 50.50 -37.55 -39.69
N LYS O 86 51.70 -37.09 -40.00
CA LYS O 86 52.43 -36.25 -39.09
C LYS O 86 51.69 -34.95 -39.00
N GLY O 87 51.33 -34.39 -40.13
CA GLY O 87 50.60 -33.16 -40.18
C GLY O 87 51.48 -31.95 -39.98
N PRO O 88 50.92 -30.78 -40.16
CA PRO O 88 51.68 -29.56 -39.95
C PRO O 88 52.09 -29.40 -38.49
N GLU O 89 53.32 -28.99 -38.18
CA GLU O 89 53.77 -28.75 -36.81
C GLU O 89 54.36 -27.34 -36.71
N ILE O 90 54.17 -26.72 -35.54
CA ILE O 90 54.88 -25.52 -35.15
C ILE O 90 55.94 -25.94 -34.16
N ARG O 91 57.18 -25.57 -34.48
CA ARG O 91 58.33 -25.82 -33.62
C ARG O 91 59.19 -24.56 -33.40
N THR O 92 59.83 -24.49 -32.24
CA THR O 92 60.94 -23.53 -32.04
C THR O 92 62.14 -23.95 -32.86
N GLY O 93 63.10 -23.04 -32.96
CA GLY O 93 64.38 -23.34 -33.53
C GLY O 93 65.30 -23.94 -32.48
N GLN O 94 66.60 -23.84 -32.75
CA GLN O 94 67.69 -24.26 -31.88
C GLN O 94 68.04 -23.15 -30.90
N PHE O 95 68.56 -23.54 -29.73
CA PHE O 95 69.17 -22.59 -28.80
C PHE O 95 70.69 -22.78 -28.73
N VAL O 96 71.41 -21.69 -28.47
CA VAL O 96 72.87 -21.73 -28.26
C VAL O 96 73.19 -22.56 -27.01
N GLY O 97 74.22 -23.40 -27.10
CA GLY O 97 74.55 -24.37 -26.04
C GLY O 97 73.58 -25.54 -25.98
N GLY O 98 72.77 -25.71 -27.02
CA GLY O 98 71.79 -26.79 -27.08
C GLY O 98 70.51 -26.59 -26.29
N ASP O 99 70.51 -25.63 -25.36
CA ASP O 99 69.48 -25.49 -24.33
C ASP O 99 69.19 -24.00 -24.00
N ALA O 100 68.09 -23.70 -23.31
CA ALA O 100 67.81 -22.33 -22.86
C ALA O 100 66.87 -22.22 -21.65
N VAL O 101 67.34 -21.54 -20.61
CA VAL O 101 66.77 -21.55 -19.27
C VAL O 101 65.77 -20.40 -19.04
N MET O 102 64.48 -20.68 -19.20
CA MET O 102 63.39 -19.66 -19.14
C MET O 102 62.89 -19.41 -17.71
N GLU O 103 63.10 -18.22 -17.16
CA GLU O 103 62.72 -17.96 -15.76
C GLU O 103 61.39 -17.23 -15.65
N ARG O 104 60.68 -17.43 -14.56
CA ARG O 104 59.39 -16.76 -14.37
C ARG O 104 59.57 -15.24 -14.21
N GLY O 105 58.72 -14.44 -14.85
CA GLY O 105 58.84 -12.98 -14.74
C GLY O 105 59.71 -12.31 -15.83
N ALA O 106 60.65 -13.07 -16.42
CA ALA O 106 61.57 -12.60 -17.48
C ALA O 106 60.86 -12.16 -18.77
N THR O 107 61.48 -11.24 -19.51
CA THR O 107 61.07 -10.90 -20.86
C THR O 107 61.93 -11.64 -21.90
N CYS O 108 61.26 -12.22 -22.91
CA CYS O 108 61.96 -12.81 -24.06
C CYS O 108 61.26 -12.43 -25.36
N TYR O 109 61.91 -12.69 -26.49
CA TYR O 109 61.46 -12.19 -27.79
C TYR O 109 61.34 -13.42 -28.68
N VAL O 110 60.19 -13.61 -29.30
CA VAL O 110 60.01 -14.77 -30.20
C VAL O 110 59.89 -14.21 -31.60
N THR O 111 60.68 -14.76 -32.50
CA THR O 111 60.72 -14.18 -33.81
C THR O 111 60.52 -15.22 -34.87
N THR O 112 59.95 -14.84 -36.00
CA THR O 112 59.92 -15.71 -37.15
C THR O 112 60.97 -15.37 -38.19
N ASP O 113 61.88 -14.45 -37.85
CA ASP O 113 63.03 -14.13 -38.72
C ASP O 113 63.93 -15.39 -38.83
N PRO O 114 64.07 -15.94 -40.07
CA PRO O 114 64.75 -17.24 -40.18
C PRO O 114 66.26 -17.16 -39.89
N ALA O 115 66.85 -15.97 -39.99
CA ALA O 115 68.23 -15.73 -39.50
C ALA O 115 68.52 -16.33 -38.08
N PHE O 116 67.47 -16.50 -37.27
CA PHE O 116 67.59 -16.94 -35.86
C PHE O 116 67.38 -18.43 -35.55
N ALA O 117 67.23 -19.26 -36.59
CA ALA O 117 66.82 -20.68 -36.41
C ALA O 117 67.87 -21.54 -35.68
N ASP O 118 69.15 -21.14 -35.80
CA ASP O 118 70.24 -21.88 -35.15
C ASP O 118 71.00 -21.05 -34.10
N LYS O 119 70.37 -19.98 -33.60
CA LYS O 119 71.02 -19.05 -32.64
C LYS O 119 70.01 -18.36 -31.72
N GLY O 120 69.00 -19.11 -31.31
CA GLY O 120 68.11 -18.60 -30.27
C GLY O 120 68.84 -18.52 -28.93
N THR O 121 68.25 -17.84 -27.96
CA THR O 121 68.79 -17.80 -26.59
C THR O 121 67.58 -17.55 -25.75
N LYS O 122 67.72 -17.57 -24.43
CA LYS O 122 66.57 -17.25 -23.61
C LYS O 122 65.98 -15.87 -23.93
N ASP O 123 66.84 -14.98 -24.47
CA ASP O 123 66.51 -13.61 -24.83
C ASP O 123 65.67 -13.51 -26.11
N LYS O 124 66.05 -14.27 -27.13
CA LYS O 124 65.33 -14.24 -28.39
C LYS O 124 65.56 -15.49 -29.21
N PHE O 125 64.46 -16.08 -29.63
CA PHE O 125 64.58 -17.30 -30.43
C PHE O 125 63.49 -17.39 -31.49
N TYR O 126 63.64 -18.38 -32.34
CA TYR O 126 62.82 -18.54 -33.50
C TYR O 126 61.70 -19.57 -33.25
N ILE O 127 60.51 -19.26 -33.75
CA ILE O 127 59.38 -20.17 -33.89
C ILE O 127 59.12 -20.24 -35.39
N ASP O 128 58.97 -21.45 -35.93
CA ASP O 128 59.05 -21.58 -37.40
C ASP O 128 57.74 -21.35 -38.15
N TYR O 129 56.72 -20.78 -37.50
CA TYR O 129 55.43 -20.57 -38.15
C TYR O 129 55.39 -19.13 -38.58
N GLN O 130 55.55 -18.92 -39.89
CA GLN O 130 55.80 -17.57 -40.43
C GLN O 130 54.67 -16.57 -40.20
N ASN O 131 53.49 -17.10 -40.02
CA ASN O 131 52.34 -16.28 -39.71
C ASN O 131 52.15 -16.04 -38.24
N LEU O 132 53.10 -16.37 -37.36
CA LEU O 132 52.86 -16.22 -35.89
C LEU O 132 52.26 -14.86 -35.50
N SER O 133 52.89 -13.77 -35.99
CA SER O 133 52.52 -12.39 -35.63
C SER O 133 51.14 -12.00 -36.05
N LYS O 134 50.73 -12.42 -37.23
CA LYS O 134 49.40 -12.11 -37.72
C LYS O 134 48.34 -12.86 -36.90
N VAL O 135 48.68 -14.00 -36.36
CA VAL O 135 47.64 -14.83 -35.76
C VAL O 135 47.47 -14.51 -34.28
N VAL O 136 48.51 -14.02 -33.64
CA VAL O 136 48.44 -13.77 -32.20
C VAL O 136 48.21 -12.27 -31.94
N ARG O 137 47.62 -11.94 -30.77
CA ARG O 137 47.51 -10.56 -30.32
C ARG O 137 47.83 -10.41 -28.81
N PRO O 138 48.17 -9.19 -28.38
CA PRO O 138 48.48 -8.94 -26.95
C PRO O 138 47.47 -9.62 -26.02
N GLY O 139 47.94 -10.37 -25.03
CA GLY O 139 47.09 -11.06 -24.07
C GLY O 139 47.06 -12.55 -24.35
N ASN O 140 47.12 -12.93 -25.63
CA ASN O 140 47.20 -14.36 -26.01
C ASN O 140 48.38 -15.10 -25.39
N TYR O 141 48.22 -16.40 -25.26
CA TYR O 141 49.21 -17.26 -24.65
C TYR O 141 49.90 -18.09 -25.73
N ILE O 142 51.18 -18.36 -25.54
CA ILE O 142 51.95 -19.19 -26.47
C ILE O 142 52.61 -20.33 -25.70
N TYR O 143 52.15 -21.55 -25.96
CA TYR O 143 52.62 -22.73 -25.19
C TYR O 143 53.78 -23.42 -25.88
N ILE O 144 54.80 -23.75 -25.09
CA ILE O 144 56.00 -24.40 -25.62
C ILE O 144 56.37 -25.59 -24.76
N ASP O 145 56.72 -26.69 -25.42
CA ASP O 145 57.04 -27.92 -24.72
C ASP O 145 55.95 -28.80 -24.09
N ASP O 146 54.91 -29.09 -24.86
CA ASP O 146 53.80 -29.84 -24.30
C ASP O 146 52.80 -28.91 -23.57
N GLY O 147 52.96 -27.60 -23.76
CA GLY O 147 52.22 -26.59 -22.96
C GLY O 147 52.84 -26.31 -21.57
N ILE O 148 54.05 -26.81 -21.35
CA ILE O 148 54.68 -26.70 -20.04
C ILE O 148 55.15 -25.28 -19.75
N LEU O 149 55.74 -24.66 -20.77
CA LEU O 149 56.24 -23.29 -20.64
C LEU O 149 55.16 -22.42 -21.25
N ILE O 150 54.66 -21.48 -20.45
CA ILE O 150 53.57 -20.63 -20.94
C ILE O 150 54.11 -19.22 -21.03
N LEU O 151 54.29 -18.74 -22.27
CA LEU O 151 54.69 -17.38 -22.48
C LEU O 151 53.40 -16.61 -22.72
N GLN O 152 53.35 -15.36 -22.26
CA GLN O 152 52.26 -14.47 -22.68
C GLN O 152 52.71 -13.31 -23.57
N VAL O 153 51.95 -13.10 -24.64
CA VAL O 153 52.25 -12.07 -25.60
C VAL O 153 51.91 -10.67 -25.09
N GLN O 154 52.92 -9.79 -25.11
CA GLN O 154 52.76 -8.43 -24.60
C GLN O 154 52.57 -7.46 -25.77
N SER O 155 53.44 -7.57 -26.79
CA SER O 155 53.39 -6.63 -27.89
C SER O 155 54.15 -7.15 -29.09
N HIS O 156 53.96 -6.45 -30.20
CA HIS O 156 54.73 -6.65 -31.40
C HIS O 156 55.95 -5.75 -31.30
N GLU O 157 57.10 -6.31 -30.93
CA GLU O 157 58.37 -5.58 -31.08
C GLU O 157 58.54 -5.11 -32.52
N ASP O 158 58.33 -5.99 -33.49
CA ASP O 158 58.29 -5.58 -34.91
C ASP O 158 57.40 -6.50 -35.72
N GLU O 159 57.53 -6.44 -37.04
CA GLU O 159 56.66 -7.22 -37.94
C GLU O 159 56.86 -8.75 -37.89
N GLN O 160 57.94 -9.19 -37.25
CA GLN O 160 58.30 -10.60 -37.15
C GLN O 160 58.63 -11.06 -35.75
N THR O 161 58.52 -10.18 -34.77
CA THR O 161 59.03 -10.49 -33.45
C THR O 161 58.00 -10.06 -32.43
N LEU O 162 57.76 -10.92 -31.45
CA LEU O 162 56.83 -10.67 -30.37
C LEU O 162 57.58 -10.53 -29.06
N GLU O 163 57.30 -9.48 -28.31
CA GLU O 163 57.82 -9.36 -26.95
C GLU O 163 56.91 -10.22 -26.08
N CYS O 164 57.48 -11.13 -25.29
CA CYS O 164 56.69 -12.00 -24.41
C CYS O 164 57.11 -11.87 -22.96
N THR O 165 56.16 -12.08 -22.04
CA THR O 165 56.47 -12.40 -20.63
C THR O 165 56.58 -13.91 -20.43
N VAL O 166 57.54 -14.37 -19.63
CA VAL O 166 57.57 -15.74 -19.20
C VAL O 166 56.67 -15.94 -17.92
N THR O 167 55.57 -16.72 -18.03
CA THR O 167 54.62 -16.82 -16.90
C THR O 167 55.00 -17.89 -15.88
N ASN O 168 55.83 -18.86 -16.29
CA ASN O 168 56.30 -19.89 -15.35
C ASN O 168 57.64 -20.45 -15.79
N SER O 169 58.42 -20.92 -14.83
CA SER O 169 59.83 -21.29 -15.06
C SER O 169 59.86 -22.62 -15.76
N HIS O 170 60.82 -22.78 -16.66
CA HIS O 170 61.01 -24.06 -17.33
C HIS O 170 62.22 -23.97 -18.27
N THR O 171 63.07 -24.96 -18.20
CA THR O 171 64.17 -25.07 -19.12
C THR O 171 63.62 -25.77 -20.37
N ILE O 172 63.90 -25.21 -21.54
CA ILE O 172 63.48 -25.81 -22.82
C ILE O 172 64.67 -26.13 -23.72
N SER O 173 64.68 -27.32 -24.32
CA SER O 173 65.76 -27.68 -25.25
C SER O 173 65.36 -27.40 -26.71
N ASP O 174 66.22 -27.79 -27.66
CA ASP O 174 65.97 -27.52 -29.09
C ASP O 174 64.64 -28.03 -29.62
N ARG O 175 64.02 -27.17 -30.41
CA ARG O 175 62.93 -27.56 -31.30
C ARG O 175 61.69 -28.13 -30.63
N ARG O 176 61.21 -27.48 -29.59
CA ARG O 176 59.95 -27.92 -28.98
C ARG O 176 58.72 -27.52 -29.79
N GLY O 177 57.63 -28.27 -29.63
CA GLY O 177 56.39 -27.97 -30.33
C GLY O 177 55.71 -26.81 -29.65
N VAL O 178 54.98 -26.02 -30.40
CA VAL O 178 54.31 -24.94 -29.75
C VAL O 178 52.81 -25.10 -30.05
N ASN O 179 51.98 -24.57 -29.15
CA ASN O 179 50.56 -24.44 -29.44
C ASN O 179 50.09 -23.04 -29.25
N LEU O 180 48.88 -22.77 -29.73
CA LEU O 180 48.33 -21.43 -29.76
C LEU O 180 46.82 -21.45 -29.37
N PRO O 181 46.51 -21.57 -28.04
CA PRO O 181 45.15 -21.96 -27.76
C PRO O 181 44.05 -20.99 -28.10
N GLY O 182 44.32 -19.71 -28.17
CA GLY O 182 43.25 -18.76 -28.49
C GLY O 182 43.45 -18.32 -29.92
N CYS O 183 44.06 -19.18 -30.73
CA CYS O 183 44.55 -18.72 -32.02
C CYS O 183 44.13 -19.66 -33.09
N ASP O 184 43.67 -19.06 -34.18
CA ASP O 184 43.28 -19.80 -35.35
C ASP O 184 44.52 -20.04 -36.19
N VAL O 185 45.07 -21.24 -36.07
CA VAL O 185 46.30 -21.55 -36.78
C VAL O 185 45.99 -21.85 -38.23
N ASP O 186 46.76 -21.29 -39.16
CA ASP O 186 46.42 -21.43 -40.59
C ASP O 186 47.47 -22.10 -41.47
N LEU O 187 48.19 -23.00 -40.89
CA LEU O 187 48.94 -23.92 -41.65
C LEU O 187 48.04 -24.61 -42.66
N PRO O 188 48.62 -24.97 -43.78
CA PRO O 188 47.93 -25.75 -44.79
C PRO O 188 47.47 -27.07 -44.21
N ALA O 189 46.51 -27.70 -44.83
CA ALA O 189 45.93 -28.91 -44.31
C ALA O 189 46.95 -29.99 -44.35
N VAL O 190 47.72 -29.96 -45.41
CA VAL O 190 48.67 -30.98 -45.73
C VAL O 190 50.07 -30.40 -45.92
N SER O 191 51.00 -30.85 -45.12
CA SER O 191 52.39 -30.46 -45.30
C SER O 191 53.03 -31.10 -46.52
N ALA O 192 54.24 -30.70 -46.83
CA ALA O 192 54.95 -31.31 -47.92
C ALA O 192 55.28 -32.76 -47.64
N LYS O 193 55.66 -33.09 -46.43
CA LYS O 193 55.86 -34.46 -46.07
C LYS O 193 54.57 -35.28 -46.15
N ASP O 194 53.47 -34.71 -45.69
CA ASP O 194 52.17 -35.37 -45.78
C ASP O 194 51.86 -35.71 -47.22
N ARG O 195 52.12 -34.79 -48.11
CA ARG O 195 51.83 -34.98 -49.51
C ARG O 195 52.55 -36.20 -50.00
N VAL O 196 53.79 -36.36 -49.58
CA VAL O 196 54.54 -37.50 -49.94
C VAL O 196 53.95 -38.56 -49.09
N ASP O 197 53.33 -38.19 -47.97
CA ASP O 197 52.80 -39.20 -47.09
C ASP O 197 51.50 -39.78 -47.63
N LEU O 198 50.64 -38.94 -48.14
CA LEU O 198 49.41 -39.38 -48.75
C LEU O 198 49.58 -40.24 -49.99
N GLN O 199 50.52 -39.88 -50.84
CA GLN O 199 50.78 -40.66 -52.03
C GLN O 199 51.24 -42.06 -51.71
N PHE O 200 52.08 -42.17 -50.71
CA PHE O 200 52.62 -43.44 -50.28
C PHE O 200 51.51 -44.34 -49.79
N GLY O 201 50.57 -43.74 -49.08
CA GLY O 201 49.44 -44.47 -48.57
C GLY O 201 48.57 -45.04 -49.65
N VAL O 202 48.37 -44.27 -50.70
CA VAL O 202 47.67 -44.74 -51.86
C VAL O 202 48.39 -45.88 -52.55
N GLU O 203 49.69 -45.74 -52.70
CA GLU O 203 50.54 -46.72 -53.34
C GLU O 203 50.56 -48.03 -52.63
N GLN O 204 50.61 -48.02 -51.31
CA GLN O 204 50.68 -49.24 -50.57
C GLN O 204 49.29 -49.72 -50.23
N GLY O 205 48.30 -49.09 -50.80
CA GLY O 205 46.94 -49.48 -50.63
C GLY O 205 46.32 -49.49 -49.26
N VAL O 206 46.60 -48.48 -48.46
CA VAL O 206 45.96 -48.35 -47.17
C VAL O 206 44.46 -48.12 -47.23
N ASP O 207 43.77 -48.65 -46.24
CA ASP O 207 42.36 -48.47 -46.07
C ASP O 207 41.79 -47.09 -45.69
N MET O 208 42.40 -46.40 -44.76
CA MET O 208 41.92 -45.12 -44.30
C MET O 208 43.03 -44.16 -43.92
N ILE O 209 42.71 -42.88 -43.88
CA ILE O 209 43.60 -41.87 -43.41
C ILE O 209 43.05 -41.26 -42.14
N PHE O 210 43.85 -41.19 -41.11
CA PHE O 210 43.45 -40.41 -39.99
C PHE O 210 44.09 -39.06 -40.19
N ALA O 211 43.32 -38.10 -40.59
CA ALA O 211 43.88 -36.83 -40.97
C ALA O 211 44.00 -35.92 -39.77
N SER O 212 45.24 -35.65 -39.39
CA SER O 212 45.55 -34.81 -38.28
C SER O 212 45.17 -33.37 -38.42
N PHE O 213 44.89 -32.77 -37.28
CA PHE O 213 44.65 -31.38 -37.14
C PHE O 213 43.62 -30.80 -38.16
N ILE O 214 42.36 -31.35 -38.40
CA ILE O 214 41.49 -30.82 -39.40
C ILE O 214 40.79 -29.59 -38.85
N ARG O 215 41.19 -28.41 -39.29
CA ARG O 215 40.48 -27.14 -39.11
C ARG O 215 39.15 -26.90 -39.87
N SER O 216 39.00 -27.47 -41.05
CA SER O 216 37.92 -27.11 -41.96
C SER O 216 37.45 -28.15 -42.97
N ALA O 217 36.27 -27.92 -43.50
CA ALA O 217 35.68 -28.69 -44.56
C ALA O 217 36.47 -28.59 -45.84
N GLU O 218 37.03 -27.42 -46.08
CA GLU O 218 37.88 -27.15 -47.22
C GLU O 218 39.14 -27.97 -47.18
N GLN O 219 39.71 -28.14 -46.01
CA GLN O 219 40.89 -28.94 -45.78
C GLN O 219 40.68 -30.40 -46.08
N VAL O 220 39.53 -30.94 -45.73
CA VAL O 220 39.21 -32.33 -46.01
C VAL O 220 39.21 -32.51 -47.51
N GLY O 221 38.63 -31.56 -48.22
CA GLY O 221 38.58 -31.63 -49.65
C GLY O 221 39.96 -31.64 -50.25
N ASP O 222 40.83 -30.85 -49.69
CA ASP O 222 42.20 -30.82 -50.12
C ASP O 222 42.86 -32.16 -49.90
N VAL O 223 42.54 -32.83 -48.81
CA VAL O 223 43.02 -34.18 -48.60
C VAL O 223 42.49 -35.19 -49.60
N ARG O 224 41.24 -35.06 -49.94
CA ARG O 224 40.57 -35.95 -50.85
C ARG O 224 41.24 -35.83 -52.19
N LYS O 225 41.60 -34.60 -52.51
CA LYS O 225 42.17 -34.21 -53.77
C LYS O 225 43.62 -34.65 -53.91
N ALA O 226 44.37 -34.59 -52.84
CA ALA O 226 45.71 -35.12 -52.80
C ALA O 226 45.73 -36.62 -52.96
N LEU O 227 44.73 -37.30 -52.43
CA LEU O 227 44.66 -38.73 -52.58
C LEU O 227 44.46 -39.07 -54.03
N GLY O 228 43.70 -38.24 -54.72
CA GLY O 228 43.46 -38.39 -56.13
C GLY O 228 42.40 -39.39 -56.52
N PRO O 229 42.35 -39.70 -57.80
CA PRO O 229 41.49 -40.74 -58.37
C PRO O 229 41.83 -42.12 -57.90
N LYS O 230 43.10 -42.43 -57.83
CA LYS O 230 43.56 -43.73 -57.41
C LYS O 230 43.16 -43.95 -55.98
N GLY O 231 42.97 -42.86 -55.26
CA GLY O 231 42.69 -42.87 -53.85
C GLY O 231 41.26 -42.67 -53.42
N ARG O 232 40.34 -42.71 -54.35
CA ARG O 232 38.97 -42.32 -54.11
C ARG O 232 38.18 -43.15 -53.11
N ASP O 233 38.53 -44.41 -52.96
CA ASP O 233 37.82 -45.25 -52.03
C ASP O 233 38.47 -45.34 -50.66
N ILE O 234 39.48 -44.54 -50.42
CA ILE O 234 40.08 -44.50 -49.11
C ILE O 234 39.29 -43.55 -48.26
N MET O 235 38.98 -43.98 -47.06
CA MET O 235 38.20 -43.22 -46.11
C MET O 235 39.01 -42.13 -45.46
N ILE O 236 38.49 -40.92 -45.37
CA ILE O 236 39.18 -39.90 -44.63
C ILE O 236 38.51 -39.67 -43.28
N ILE O 237 39.18 -40.09 -42.24
CA ILE O 237 38.70 -39.92 -40.88
C ILE O 237 39.33 -38.67 -40.31
N CYS O 238 38.51 -37.71 -39.89
CA CYS O 238 39.06 -36.45 -39.45
C CYS O 238 39.26 -36.30 -37.95
N LYS O 239 40.49 -36.13 -37.54
CA LYS O 239 40.83 -35.92 -36.17
C LYS O 239 40.54 -34.50 -35.73
N ILE O 240 39.81 -34.36 -34.64
CA ILE O 240 39.49 -33.06 -34.10
C ILE O 240 40.39 -32.85 -32.94
N GLU O 241 41.35 -31.95 -33.09
CA GLU O 241 42.37 -31.77 -32.07
C GLU O 241 42.48 -30.32 -31.61
N ASN O 242 41.82 -29.39 -32.28
CA ASN O 242 41.83 -27.98 -31.88
C ASN O 242 40.52 -27.23 -31.87
N HIS O 243 40.59 -25.93 -31.56
CA HIS O 243 39.39 -25.10 -31.45
C HIS O 243 38.58 -25.06 -32.76
N GLN O 244 39.26 -24.70 -33.84
CA GLN O 244 38.61 -24.52 -35.11
C GLN O 244 37.91 -25.76 -35.57
N GLY O 245 38.52 -26.91 -35.36
CA GLY O 245 37.91 -28.15 -35.70
C GLY O 245 36.64 -28.40 -34.95
N VAL O 246 36.62 -28.12 -33.66
CA VAL O 246 35.41 -28.24 -32.90
C VAL O 246 34.33 -27.29 -33.39
N GLN O 247 34.71 -26.07 -33.67
CA GLN O 247 33.78 -25.06 -34.08
C GLN O 247 33.13 -25.43 -35.39
N ASN O 248 33.88 -26.04 -36.27
CA ASN O 248 33.46 -26.36 -37.61
C ASN O 248 32.98 -27.78 -37.80
N ILE O 249 32.57 -28.42 -36.73
CA ILE O 249 32.30 -29.83 -36.74
C ILE O 249 31.22 -30.34 -37.69
N ASP O 250 30.11 -29.64 -37.83
CA ASP O 250 29.08 -30.09 -38.73
C ASP O 250 29.52 -30.15 -40.17
N SER O 251 30.16 -29.11 -40.64
CA SER O 251 30.71 -29.09 -41.95
C SER O 251 31.82 -30.09 -42.18
N ILE O 252 32.67 -30.29 -41.20
CA ILE O 252 33.68 -31.31 -41.25
C ILE O 252 33.11 -32.71 -41.28
N ILE O 253 32.10 -32.95 -40.49
CA ILE O 253 31.45 -34.21 -40.46
C ILE O 253 30.82 -34.49 -41.83
N GLU O 254 30.21 -33.50 -42.45
CA GLU O 254 29.65 -33.63 -43.78
C GLU O 254 30.65 -34.11 -44.81
N GLU O 255 31.78 -33.45 -44.89
CA GLU O 255 32.87 -33.79 -45.79
C GLU O 255 33.58 -35.11 -45.54
N SER O 256 33.72 -35.45 -44.29
CA SER O 256 34.46 -36.61 -43.86
C SER O 256 33.72 -37.94 -44.03
N ASP O 257 34.45 -39.02 -43.81
CA ASP O 257 33.87 -40.32 -43.68
C ASP O 257 33.79 -40.75 -42.22
N GLY O 258 34.29 -39.94 -41.32
CA GLY O 258 34.27 -40.23 -39.92
C GLY O 258 35.12 -39.28 -39.12
N ILE O 259 35.07 -39.41 -37.82
CA ILE O 259 35.71 -38.52 -36.90
C ILE O 259 36.52 -39.27 -35.86
N MET O 260 37.62 -38.66 -35.50
CA MET O 260 38.35 -39.02 -34.32
C MET O 260 38.34 -37.92 -33.27
N VAL O 261 38.02 -38.26 -32.04
CA VAL O 261 38.10 -37.32 -30.96
C VAL O 261 39.49 -37.42 -30.38
N ALA O 262 40.38 -36.60 -30.89
CA ALA O 262 41.80 -36.71 -30.63
C ALA O 262 42.14 -36.02 -29.35
N ARG O 263 41.97 -36.71 -28.26
CA ARG O 263 42.00 -36.11 -26.97
C ARG O 263 43.31 -35.52 -26.53
N GLY O 264 44.45 -36.12 -26.88
CA GLY O 264 45.70 -35.57 -26.45
C GLY O 264 46.06 -34.18 -26.91
N ASP O 265 46.00 -33.90 -28.18
CA ASP O 265 46.08 -32.54 -28.67
C ASP O 265 44.94 -31.61 -28.25
N LEU O 266 43.70 -32.11 -28.26
CA LEU O 266 42.51 -31.35 -27.93
C LEU O 266 42.54 -30.84 -26.52
N GLY O 267 43.11 -31.66 -25.68
CA GLY O 267 43.32 -31.43 -24.30
C GLY O 267 44.21 -30.27 -23.93
N VAL O 268 45.26 -29.99 -24.68
CA VAL O 268 46.04 -28.76 -24.62
C VAL O 268 45.36 -27.56 -25.21
N GLU O 269 44.82 -27.79 -26.40
CA GLU O 269 44.18 -26.74 -27.17
C GLU O 269 42.96 -26.17 -26.49
N ILE O 270 42.23 -27.01 -25.84
CA ILE O 270 41.00 -26.64 -25.28
C ILE O 270 41.30 -27.10 -23.92
N PRO O 271 40.73 -26.42 -22.99
CA PRO O 271 40.87 -26.82 -21.61
C PRO O 271 40.13 -28.12 -21.52
N ALA O 272 40.81 -28.91 -20.71
CA ALA O 272 40.76 -30.31 -20.56
C ALA O 272 39.44 -30.71 -20.07
N GLU O 273 38.89 -29.93 -19.16
CA GLU O 273 37.57 -30.17 -18.63
C GLU O 273 36.50 -30.03 -19.70
N LYS O 274 36.85 -29.35 -20.78
CA LYS O 274 35.94 -29.22 -21.92
C LYS O 274 35.94 -30.43 -22.85
N VAL O 275 37.05 -31.17 -22.87
CA VAL O 275 37.17 -32.31 -23.75
C VAL O 275 36.01 -33.27 -23.52
N VAL O 276 35.51 -33.35 -22.31
CA VAL O 276 34.35 -34.18 -22.02
C VAL O 276 33.09 -33.78 -22.75
N VAL O 277 32.76 -32.51 -22.77
CA VAL O 277 31.65 -31.99 -23.54
C VAL O 277 31.86 -32.18 -25.03
N ALA O 278 33.05 -31.93 -25.50
CA ALA O 278 33.37 -32.17 -26.86
C ALA O 278 33.23 -33.65 -27.25
N GLN O 279 33.62 -34.56 -26.39
CA GLN O 279 33.46 -35.96 -26.66
C GLN O 279 32.01 -36.38 -26.80
N LYS O 280 31.18 -35.95 -25.88
CA LYS O 280 29.81 -36.23 -25.96
C LYS O 280 29.18 -35.62 -27.18
N ILE O 281 29.47 -34.38 -27.51
CA ILE O 281 28.87 -33.81 -28.68
C ILE O 281 29.29 -34.45 -29.98
N LEU O 282 30.57 -34.67 -30.16
CA LEU O 282 31.08 -35.19 -31.41
C LEU O 282 30.65 -36.61 -31.73
N ILE O 283 30.62 -37.43 -30.72
CA ILE O 283 30.19 -38.78 -30.84
C ILE O 283 28.72 -38.84 -31.22
N SER O 284 27.92 -38.03 -30.57
CA SER O 284 26.52 -37.99 -30.84
C SER O 284 26.21 -37.52 -32.23
N LYS O 285 26.88 -36.49 -32.69
CA LYS O 285 26.68 -35.98 -34.02
C LYS O 285 27.08 -37.01 -35.11
N CYS O 286 28.14 -37.74 -34.84
CA CYS O 286 28.53 -38.85 -35.68
C CYS O 286 27.52 -39.98 -35.66
N ASN O 287 26.97 -40.31 -34.51
CA ASN O 287 25.96 -41.33 -34.44
C ASN O 287 24.71 -40.96 -35.21
N VAL O 288 24.28 -39.72 -35.06
CA VAL O 288 23.13 -39.25 -35.75
C VAL O 288 23.34 -39.23 -37.24
N ALA O 289 24.52 -38.81 -37.66
CA ALA O 289 24.89 -38.79 -39.06
C ALA O 289 25.17 -40.16 -39.73
N GLY O 290 25.26 -41.21 -38.96
CA GLY O 290 25.77 -42.49 -39.38
C GLY O 290 27.20 -42.67 -39.85
N LYS O 291 28.14 -42.02 -39.20
CA LYS O 291 29.53 -42.14 -39.54
C LYS O 291 30.33 -42.55 -38.34
N PRO O 292 31.37 -43.33 -38.57
CA PRO O 292 32.17 -43.93 -37.53
C PRO O 292 32.89 -42.87 -36.68
N VAL O 293 32.94 -43.07 -35.39
CA VAL O 293 33.57 -42.14 -34.48
C VAL O 293 34.50 -42.85 -33.51
N ILE O 294 35.68 -42.29 -33.31
CA ILE O 294 36.73 -42.86 -32.51
C ILE O 294 37.10 -42.00 -31.31
N CYS O 295 37.18 -42.64 -30.17
CA CYS O 295 37.69 -42.03 -28.96
C CYS O 295 39.12 -42.41 -28.70
N ALA O 296 39.95 -41.39 -28.60
CA ALA O 296 41.38 -41.54 -28.55
C ALA O 296 42.09 -40.87 -27.41
N THR O 297 43.18 -41.53 -26.98
CA THR O 297 44.30 -41.01 -26.22
C THR O 297 44.19 -41.14 -24.70
N GLN O 298 45.22 -41.69 -24.08
CA GLN O 298 45.34 -41.85 -22.64
C GLN O 298 44.27 -42.72 -22.04
N MET O 299 43.60 -43.50 -22.87
CA MET O 299 42.53 -44.35 -22.42
C MET O 299 42.97 -45.40 -21.43
N LEU O 300 44.08 -46.04 -21.68
CA LEU O 300 44.64 -46.95 -20.72
C LEU O 300 46.12 -46.70 -20.51
N GLU O 301 46.46 -45.46 -20.24
CA GLU O 301 47.82 -44.99 -20.22
C GLU O 301 48.80 -45.66 -19.28
N SER O 302 48.38 -46.00 -18.07
CA SER O 302 49.24 -46.56 -17.06
C SER O 302 49.69 -47.96 -17.41
N MET O 303 49.00 -48.54 -18.36
CA MET O 303 49.23 -49.88 -18.80
C MET O 303 50.34 -49.90 -19.81
N THR O 304 50.89 -48.73 -20.11
CA THR O 304 52.10 -48.61 -20.85
C THR O 304 53.18 -49.22 -19.99
N TYR O 305 53.04 -49.10 -18.69
CA TYR O 305 54.05 -49.62 -17.81
C TYR O 305 53.61 -50.64 -16.79
N ASN O 306 52.31 -50.77 -16.58
CA ASN O 306 51.81 -51.69 -15.59
C ASN O 306 50.89 -52.72 -16.17
N PRO O 307 50.85 -53.85 -15.51
CA PRO O 307 50.01 -54.96 -15.89
C PRO O 307 48.51 -54.68 -15.78
N ARG O 308 48.13 -53.76 -14.92
CA ARG O 308 46.75 -53.45 -14.62
C ARG O 308 46.46 -51.97 -14.68
N PRO O 309 45.27 -51.61 -15.11
CA PRO O 309 44.84 -50.24 -15.23
C PRO O 309 44.37 -49.59 -13.95
N THR O 310 44.36 -48.28 -13.94
CA THR O 310 43.72 -47.48 -12.91
C THR O 310 42.20 -47.49 -13.02
N ARG O 311 41.53 -47.12 -11.94
CA ARG O 311 40.09 -47.04 -11.93
C ARG O 311 39.55 -46.02 -12.90
N ALA O 312 40.21 -44.88 -12.99
CA ALA O 312 39.81 -43.84 -13.91
C ALA O 312 39.90 -44.30 -15.35
N GLU O 313 40.89 -45.09 -15.65
CA GLU O 313 41.06 -45.62 -16.98
C GLU O 313 39.97 -46.57 -17.43
N VAL O 314 39.62 -47.50 -16.57
CA VAL O 314 38.58 -48.45 -16.82
C VAL O 314 37.30 -47.71 -17.01
N SER O 315 37.02 -46.77 -16.15
CA SER O 315 35.84 -45.97 -16.31
C SER O 315 35.82 -45.24 -17.63
N ASP O 316 36.96 -44.73 -18.05
CA ASP O 316 37.05 -44.07 -19.31
C ASP O 316 36.73 -44.96 -20.53
N VAL O 317 37.23 -46.17 -20.61
CA VAL O 317 36.89 -46.99 -21.77
C VAL O 317 35.39 -47.29 -21.83
N ALA O 318 34.81 -47.56 -20.68
CA ALA O 318 33.41 -47.85 -20.55
C ALA O 318 32.46 -46.71 -20.93
N ASN O 319 32.74 -45.51 -20.44
CA ASN O 319 32.01 -44.32 -20.77
C ASN O 319 32.09 -43.94 -22.23
N ALA O 320 33.19 -44.21 -22.89
CA ALA O 320 33.27 -43.98 -24.32
C ALA O 320 32.28 -44.82 -25.12
N VAL O 321 32.11 -46.06 -24.74
CA VAL O 321 31.10 -46.96 -25.29
C VAL O 321 29.70 -46.50 -25.00
N PHE O 322 29.45 -46.08 -23.78
CA PHE O 322 28.19 -45.53 -23.36
C PHE O 322 27.92 -44.26 -24.15
N ASN O 323 28.95 -43.51 -24.45
CA ASN O 323 28.87 -42.27 -25.19
C ASN O 323 28.36 -42.56 -26.60
N GLY O 324 28.59 -43.77 -27.08
CA GLY O 324 28.22 -44.13 -28.41
C GLY O 324 29.28 -44.29 -29.46
N ALA O 325 30.53 -44.40 -29.06
CA ALA O 325 31.62 -44.57 -29.98
C ALA O 325 31.72 -45.90 -30.70
N ASP O 326 32.00 -45.85 -31.98
CA ASP O 326 32.32 -47.02 -32.72
C ASP O 326 33.61 -47.68 -32.23
N CYS O 327 34.63 -46.89 -31.98
CA CYS O 327 35.98 -47.34 -31.68
C CYS O 327 36.69 -46.71 -30.49
N VAL O 328 37.51 -47.49 -29.83
CA VAL O 328 38.44 -46.97 -28.88
C VAL O 328 39.83 -47.23 -29.42
N MET O 329 40.79 -46.46 -28.97
CA MET O 329 42.11 -46.45 -29.54
C MET O 329 43.22 -46.60 -28.54
N LEU O 330 44.30 -47.19 -28.96
CA LEU O 330 45.49 -47.34 -28.14
C LEU O 330 46.65 -46.69 -28.82
N SER O 331 47.40 -45.91 -28.08
CA SER O 331 48.50 -45.20 -28.67
C SER O 331 49.87 -45.67 -28.25
N GLY O 332 50.38 -45.07 -27.19
CA GLY O 332 51.62 -45.44 -26.59
C GLY O 332 51.62 -46.80 -25.94
N GLU O 333 50.47 -47.17 -25.43
CA GLU O 333 50.27 -48.43 -24.74
C GLU O 333 50.61 -49.61 -25.64
N THR O 334 50.36 -49.50 -26.93
CA THR O 334 50.80 -50.48 -27.88
C THR O 334 52.04 -50.13 -28.72
N ALA O 335 52.30 -48.86 -28.93
CA ALA O 335 53.48 -48.47 -29.63
C ALA O 335 54.78 -48.74 -28.93
N LYS O 336 54.88 -48.35 -27.67
CA LYS O 336 56.09 -48.48 -26.89
C LYS O 336 55.98 -49.18 -25.55
N GLY O 337 54.82 -49.70 -25.25
CA GLY O 337 54.50 -50.29 -23.98
C GLY O 337 55.07 -51.65 -23.65
N LYS O 338 55.10 -51.94 -22.36
CA LYS O 338 55.39 -53.23 -21.78
C LYS O 338 54.40 -54.35 -22.00
N TYR O 339 53.11 -54.06 -22.02
CA TYR O 339 52.12 -55.12 -22.03
C TYR O 339 51.10 -54.93 -23.12
N PRO O 340 51.54 -55.02 -24.35
CA PRO O 340 50.66 -54.76 -25.46
C PRO O 340 49.47 -55.69 -25.56
N ASN O 341 49.68 -56.99 -25.44
CA ASN O 341 48.58 -57.93 -25.47
C ASN O 341 47.62 -57.76 -24.32
N GLU O 342 48.13 -57.56 -23.12
CA GLU O 342 47.29 -57.36 -21.97
C GLU O 342 46.44 -56.10 -22.05
N VAL O 343 47.00 -55.01 -22.54
CA VAL O 343 46.24 -53.80 -22.60
C VAL O 343 45.06 -53.93 -23.53
N VAL O 344 45.27 -54.55 -24.67
CA VAL O 344 44.21 -54.80 -25.59
C VAL O 344 43.19 -55.75 -25.03
N GLN O 345 43.62 -56.78 -24.34
CA GLN O 345 42.71 -57.71 -23.75
C GLN O 345 41.87 -57.04 -22.71
N TYR O 346 42.45 -56.15 -21.94
CA TYR O 346 41.70 -55.38 -20.95
C TYR O 346 40.68 -54.45 -21.57
N MET O 347 41.05 -53.79 -22.64
CA MET O 347 40.14 -52.93 -23.30
C MET O 347 38.96 -53.67 -23.88
N ALA O 348 39.18 -54.83 -24.46
CA ALA O 348 38.13 -55.62 -25.02
C ALA O 348 37.15 -56.09 -23.99
N ARG O 349 37.67 -56.48 -22.86
CA ARG O 349 36.89 -56.95 -21.76
C ARG O 349 36.00 -55.87 -21.18
N ILE O 350 36.53 -54.66 -21.01
CA ILE O 350 35.75 -53.52 -20.56
C ILE O 350 34.67 -53.14 -21.53
N CYS O 351 34.97 -53.21 -22.80
CA CYS O 351 34.03 -52.89 -23.83
C CYS O 351 32.87 -53.87 -23.81
N LEU O 352 33.14 -55.14 -23.60
CA LEU O 352 32.09 -56.13 -23.52
C LEU O 352 31.19 -55.95 -22.31
N GLU O 353 31.76 -55.60 -21.19
CA GLU O 353 31.03 -55.33 -20.00
C GLU O 353 30.11 -54.12 -20.11
N ALA O 354 30.59 -53.03 -20.68
CA ALA O 354 29.79 -51.82 -20.87
C ALA O 354 28.63 -52.07 -21.79
N GLN O 355 28.85 -52.95 -22.74
CA GLN O 355 27.90 -53.36 -23.74
C GLN O 355 26.71 -54.02 -23.09
N SER O 356 26.90 -54.77 -22.03
CA SER O 356 25.79 -55.31 -21.30
C SER O 356 24.91 -54.26 -20.70
N ALA O 357 25.53 -53.26 -20.12
CA ALA O 357 24.85 -52.13 -19.52
C ALA O 357 24.19 -51.26 -20.55
N LEU O 358 24.63 -51.35 -21.78
CA LEU O 358 24.17 -50.45 -22.81
C LEU O 358 22.74 -50.73 -23.12
N ASN O 359 21.94 -49.70 -23.22
CA ASN O 359 20.57 -49.88 -23.64
C ASN O 359 20.50 -49.66 -25.13
N GLU O 360 20.65 -50.73 -25.87
CA GLU O 360 20.68 -50.70 -27.32
C GLU O 360 19.37 -50.24 -27.90
N TYR O 361 18.29 -50.60 -27.26
CA TYR O 361 16.97 -50.22 -27.67
C TYR O 361 16.66 -48.72 -27.60
N VAL O 362 17.03 -48.07 -26.51
CA VAL O 362 16.81 -46.64 -26.35
C VAL O 362 17.62 -45.92 -27.37
N PHE O 363 18.82 -46.39 -27.57
CA PHE O 363 19.72 -45.88 -28.56
C PHE O 363 19.14 -45.96 -29.96
N PHE O 364 18.47 -47.05 -30.30
CA PHE O 364 17.84 -47.18 -31.60
C PHE O 364 16.74 -46.14 -31.83
N ASN O 365 15.85 -46.01 -30.87
CA ASN O 365 14.78 -45.07 -30.90
C ASN O 365 15.24 -43.62 -30.89
N SER O 366 16.26 -43.33 -30.11
CA SER O 366 16.76 -42.00 -30.02
C SER O 366 17.33 -41.55 -31.32
N ILE O 367 18.07 -42.42 -31.97
CA ILE O 367 18.67 -42.13 -33.25
C ILE O 367 17.64 -41.93 -34.34
N LYS O 368 16.65 -42.77 -34.33
CA LYS O 368 15.54 -42.80 -35.26
C LYS O 368 14.73 -41.52 -35.23
N LYS O 369 14.44 -40.98 -34.07
CA LYS O 369 13.76 -39.71 -33.93
C LYS O 369 14.52 -38.56 -34.50
N LEU O 370 15.82 -38.63 -34.53
CA LEU O 370 16.63 -37.54 -35.01
C LEU O 370 16.83 -37.42 -36.50
N GLN O 371 16.37 -38.40 -37.25
CA GLN O 371 16.46 -38.41 -38.68
C GLN O 371 15.36 -37.59 -39.30
N HIS O 372 15.73 -36.90 -40.34
CA HIS O 372 14.82 -36.13 -41.11
C HIS O 372 13.84 -36.99 -41.85
N ILE O 373 12.58 -36.58 -41.86
CA ILE O 373 11.53 -37.32 -42.54
C ILE O 373 10.85 -36.45 -43.60
N PRO O 374 10.75 -36.99 -44.82
CA PRO O 374 11.29 -38.31 -45.12
C PRO O 374 12.81 -38.30 -45.25
N MET O 375 13.39 -39.43 -45.63
CA MET O 375 14.83 -39.53 -45.78
C MET O 375 15.20 -40.27 -47.07
N SER O 376 15.27 -41.60 -46.99
CA SER O 376 15.62 -42.42 -48.14
C SER O 376 15.10 -43.85 -47.97
N ALA O 377 14.66 -44.45 -49.07
CA ALA O 377 14.15 -45.80 -49.05
C ALA O 377 15.05 -46.83 -48.40
N ASP O 378 16.33 -46.82 -48.72
CA ASP O 378 17.27 -47.69 -48.03
C ASP O 378 17.41 -47.41 -46.55
N GLU O 379 17.38 -46.16 -46.15
CA GLU O 379 17.43 -45.81 -44.73
C GLU O 379 16.24 -46.31 -43.95
N ALA O 380 15.06 -46.19 -44.50
CA ALA O 380 13.88 -46.73 -43.88
C ALA O 380 13.95 -48.25 -43.77
N VAL O 381 14.50 -48.88 -44.77
CA VAL O 381 14.61 -50.32 -44.80
C VAL O 381 15.50 -50.78 -43.67
N CYS O 382 16.62 -50.11 -43.48
CA CYS O 382 17.51 -50.45 -42.40
C CYS O 382 16.97 -50.21 -41.03
N SER O 383 16.35 -49.07 -40.83
CA SER O 383 15.74 -48.75 -39.56
C SER O 383 14.58 -49.65 -39.17
N SER O 384 13.66 -49.82 -40.07
CA SER O 384 12.59 -50.72 -39.83
C SER O 384 13.06 -52.19 -39.69
N ALA O 385 14.09 -52.58 -40.40
CA ALA O 385 14.63 -53.93 -40.28
C ALA O 385 15.19 -54.24 -38.91
N VAL O 386 15.85 -53.27 -38.32
CA VAL O 386 16.29 -53.30 -36.94
C VAL O 386 15.12 -53.35 -35.99
N ASN O 387 14.08 -52.61 -36.29
CA ASN O 387 12.89 -52.61 -35.48
C ASN O 387 12.30 -54.03 -35.47
N SER O 388 12.38 -54.68 -36.61
CA SER O 388 12.02 -56.07 -36.77
C SER O 388 12.88 -56.93 -35.90
N VAL O 389 14.14 -56.61 -35.76
CA VAL O 389 14.97 -57.41 -34.94
C VAL O 389 14.51 -57.36 -33.51
N TYR O 390 14.22 -56.18 -33.00
CA TYR O 390 13.73 -56.05 -31.65
C TYR O 390 12.37 -56.69 -31.42
N GLU O 391 11.47 -56.55 -32.39
CA GLU O 391 10.16 -57.14 -32.31
C GLU O 391 10.10 -58.66 -32.28
N THR O 392 10.96 -59.33 -33.05
CA THR O 392 11.03 -60.79 -33.05
C THR O 392 12.06 -61.41 -32.14
N LYS O 393 12.90 -60.60 -31.55
CA LYS O 393 14.10 -61.06 -30.89
C LYS O 393 15.04 -61.83 -31.78
N ALA O 394 15.28 -61.34 -32.98
CA ALA O 394 16.18 -61.97 -33.89
C ALA O 394 17.62 -61.95 -33.42
N LYS O 395 18.31 -63.05 -33.61
CA LYS O 395 19.62 -63.18 -33.03
C LYS O 395 20.76 -62.83 -33.93
N ALA O 396 20.46 -62.51 -35.18
CA ALA O 396 21.45 -62.08 -36.14
C ALA O 396 20.85 -61.31 -37.28
N MET O 397 21.71 -60.66 -38.01
CA MET O 397 21.27 -59.83 -39.06
C MET O 397 22.23 -60.09 -40.18
N VAL O 398 21.76 -60.09 -41.41
CA VAL O 398 22.65 -60.20 -42.55
C VAL O 398 22.40 -59.10 -43.54
N VAL O 399 23.44 -58.42 -43.98
CA VAL O 399 23.30 -57.42 -45.01
C VAL O 399 24.22 -57.59 -46.14
N LEU O 400 23.77 -57.26 -47.32
CA LEU O 400 24.65 -57.25 -48.44
C LEU O 400 25.16 -55.85 -48.70
N SER O 401 26.46 -55.66 -48.57
CA SER O 401 27.10 -54.43 -48.99
C SER O 401 28.41 -54.60 -49.70
N ASN O 402 28.54 -54.02 -50.86
CA ASN O 402 29.79 -53.96 -51.58
C ASN O 402 30.65 -52.72 -51.31
N THR O 403 30.04 -51.54 -51.31
CA THR O 403 30.70 -50.33 -50.88
C THR O 403 30.93 -50.26 -49.40
N GLY O 404 30.14 -50.99 -48.64
CA GLY O 404 30.12 -50.88 -47.21
C GLY O 404 29.09 -49.89 -46.69
N ARG O 405 28.50 -49.14 -47.60
CA ARG O 405 27.47 -48.18 -47.26
C ARG O 405 26.28 -48.82 -46.55
N SER O 406 25.74 -49.89 -47.11
CA SER O 406 24.59 -50.52 -46.53
C SER O 406 24.87 -50.96 -45.14
N ALA O 407 26.05 -51.49 -44.90
CA ALA O 407 26.39 -51.92 -43.58
C ALA O 407 26.49 -50.82 -42.50
N ARG O 408 27.03 -49.67 -42.83
CA ARG O 408 27.06 -48.56 -41.90
C ARG O 408 25.67 -48.07 -41.56
N LEU O 409 24.81 -48.04 -42.56
CA LEU O 409 23.45 -47.60 -42.42
C LEU O 409 22.65 -48.44 -41.47
N VAL O 410 22.81 -49.73 -41.53
CA VAL O 410 22.26 -50.64 -40.55
C VAL O 410 22.82 -50.59 -39.14
N ALA O 411 24.13 -50.53 -39.03
CA ALA O 411 24.84 -50.51 -37.77
C ALA O 411 24.48 -49.27 -37.01
N LYS O 412 24.15 -48.26 -37.78
CA LYS O 412 23.77 -46.97 -37.29
C LYS O 412 22.55 -47.06 -36.39
N TYR O 413 21.71 -48.04 -36.63
CA TYR O 413 20.50 -48.16 -35.89
C TYR O 413 20.62 -49.03 -34.67
N ARG O 414 21.82 -49.46 -34.36
CA ARG O 414 22.04 -50.15 -33.10
C ARG O 414 21.11 -51.34 -32.74
N PRO O 415 21.13 -52.38 -33.56
CA PRO O 415 20.42 -53.60 -33.24
C PRO O 415 21.05 -54.29 -32.08
N ASN O 416 20.34 -55.18 -31.42
CA ASN O 416 20.90 -55.82 -30.25
C ASN O 416 21.48 -57.20 -30.53
N CYS O 417 21.88 -57.37 -31.77
CA CYS O 417 22.39 -58.61 -32.24
C CYS O 417 23.49 -58.33 -33.19
N PRO O 418 24.31 -59.32 -33.48
CA PRO O 418 25.40 -59.14 -34.43
C PRO O 418 24.90 -58.83 -35.81
N ILE O 419 25.64 -58.07 -36.57
CA ILE O 419 25.28 -57.79 -37.91
C ILE O 419 26.28 -58.46 -38.80
N VAL O 420 25.82 -59.20 -39.78
CA VAL O 420 26.77 -59.87 -40.61
C VAL O 420 26.67 -59.34 -42.00
N CYS O 421 27.76 -58.74 -42.45
CA CYS O 421 27.82 -58.15 -43.75
C CYS O 421 28.51 -59.06 -44.76
N VAL O 422 27.91 -59.23 -45.91
CA VAL O 422 28.50 -60.05 -46.92
C VAL O 422 28.91 -59.15 -48.03
N THR O 423 30.20 -59.14 -48.30
CA THR O 423 30.74 -58.17 -49.21
C THR O 423 31.58 -58.83 -50.30
N THR O 424 31.59 -58.22 -51.46
CA THR O 424 32.42 -58.67 -52.54
C THR O 424 33.72 -57.94 -52.63
N ARG O 425 34.03 -57.07 -51.67
CA ARG O 425 35.29 -56.36 -51.66
C ARG O 425 36.05 -56.57 -50.38
N LEU O 426 37.28 -57.01 -50.47
CA LEU O 426 38.12 -57.20 -49.31
C LEU O 426 38.42 -55.92 -48.54
N GLN O 427 38.60 -54.83 -49.25
CA GLN O 427 38.84 -53.55 -48.66
C GLN O 427 37.65 -53.12 -47.84
N THR O 428 36.47 -53.48 -48.29
CA THR O 428 35.27 -53.23 -47.57
C THR O 428 35.30 -53.95 -46.26
N CYS O 429 35.80 -55.17 -46.24
CA CYS O 429 35.91 -55.89 -45.01
C CYS O 429 36.86 -55.19 -44.04
N ARG O 430 37.95 -54.66 -44.54
CA ARG O 430 38.82 -53.90 -43.70
C ARG O 430 38.23 -52.57 -43.22
N GLN O 431 37.59 -51.84 -44.12
CA GLN O 431 37.04 -50.52 -43.86
C GLN O 431 35.94 -50.56 -42.80
N LEU O 432 35.22 -51.67 -42.77
CA LEU O 432 34.16 -51.93 -41.83
C LEU O 432 34.65 -52.27 -40.45
N ASN O 433 35.95 -52.37 -40.29
CA ASN O 433 36.58 -52.63 -39.02
C ASN O 433 36.49 -51.42 -38.09
N ILE O 434 36.08 -50.27 -38.61
CA ILE O 434 35.79 -49.14 -37.74
C ILE O 434 34.32 -48.93 -37.47
N THR O 435 33.46 -49.81 -37.94
CA THR O 435 32.06 -49.66 -37.67
C THR O 435 31.66 -50.61 -36.58
N GLN O 436 31.04 -50.11 -35.52
CA GLN O 436 30.67 -50.99 -34.44
C GLN O 436 29.63 -52.02 -34.81
N GLY O 437 29.76 -53.17 -34.20
CA GLY O 437 28.76 -54.21 -34.27
C GLY O 437 28.65 -54.96 -35.57
N VAL O 438 29.67 -54.92 -36.40
CA VAL O 438 29.62 -55.52 -37.71
C VAL O 438 30.74 -56.50 -37.99
N GLU O 439 30.39 -57.62 -38.58
CA GLU O 439 31.36 -58.61 -39.01
C GLU O 439 31.22 -58.89 -40.48
N SER O 440 32.33 -59.03 -41.17
CA SER O 440 32.32 -59.18 -42.61
C SER O 440 32.67 -60.59 -43.09
N VAL O 441 31.97 -61.02 -44.11
CA VAL O 441 32.26 -62.23 -44.83
C VAL O 441 32.56 -61.87 -46.25
N PHE O 442 33.72 -62.20 -46.74
CA PHE O 442 34.04 -61.92 -48.12
C PHE O 442 33.45 -62.99 -49.06
N PHE O 443 32.84 -62.57 -50.16
CA PHE O 443 32.30 -63.44 -51.17
C PHE O 443 32.97 -63.07 -52.46
N ASP O 444 33.69 -64.01 -53.03
CA ASP O 444 34.51 -63.77 -54.19
C ASP O 444 33.65 -63.87 -55.41
N ALA O 445 33.32 -62.74 -55.97
CA ALA O 445 32.44 -62.70 -57.08
C ALA O 445 33.07 -63.43 -58.23
N ASP O 446 34.37 -63.30 -58.39
CA ASP O 446 35.05 -63.87 -59.53
C ASP O 446 34.97 -65.39 -59.54
N LYS O 447 35.36 -66.00 -58.46
CA LYS O 447 35.27 -67.41 -58.28
C LYS O 447 33.81 -67.88 -58.28
N LEU O 448 32.94 -67.20 -57.56
CA LEU O 448 31.58 -67.67 -57.36
C LEU O 448 30.50 -66.98 -58.14
N GLY O 449 30.83 -66.03 -58.97
CA GLY O 449 29.80 -65.38 -59.74
C GLY O 449 29.14 -64.19 -59.07
N HIS O 450 28.42 -63.43 -59.86
CA HIS O 450 27.81 -62.18 -59.47
C HIS O 450 26.62 -62.26 -58.52
N ASP O 451 26.02 -63.42 -58.40
CA ASP O 451 24.97 -63.68 -57.45
C ASP O 451 23.81 -62.71 -57.46
N GLU O 452 23.25 -62.45 -58.63
CA GLU O 452 22.23 -61.44 -58.79
C GLU O 452 20.95 -61.75 -58.05
N GLY O 453 20.66 -63.01 -57.83
CA GLY O 453 19.47 -63.34 -57.09
C GLY O 453 19.65 -63.38 -55.61
N LYS O 454 20.90 -63.24 -55.20
CA LYS O 454 21.31 -62.91 -53.85
C LYS O 454 21.30 -64.09 -52.91
N GLU O 455 20.86 -65.22 -53.40
CA GLU O 455 20.78 -66.42 -52.60
C GLU O 455 22.08 -66.94 -52.05
N HIS O 456 23.14 -66.90 -52.82
CA HIS O 456 24.43 -67.33 -52.33
C HIS O 456 25.06 -66.48 -51.24
N ARG O 457 25.07 -65.19 -51.44
CA ARG O 457 25.63 -64.28 -50.47
C ARG O 457 24.83 -64.43 -49.20
N VAL O 458 23.54 -64.53 -49.33
CA VAL O 458 22.72 -64.74 -48.19
C VAL O 458 23.00 -66.01 -47.47
N ALA O 459 23.24 -67.11 -48.17
CA ALA O 459 23.56 -68.36 -47.52
C ALA O 459 24.85 -68.29 -46.74
N ALA O 460 25.84 -67.61 -47.30
CA ALA O 460 27.13 -67.43 -46.67
C ALA O 460 27.07 -66.62 -45.39
N GLY O 461 26.33 -65.54 -45.39
CA GLY O 461 26.15 -64.78 -44.18
C GLY O 461 25.44 -65.54 -43.11
N VAL O 462 24.41 -66.26 -43.47
CA VAL O 462 23.74 -67.10 -42.51
C VAL O 462 24.64 -68.20 -41.96
N GLU O 463 25.41 -68.84 -42.83
CA GLU O 463 26.31 -69.90 -42.41
C GLU O 463 27.35 -69.39 -41.45
N PHE O 464 27.87 -68.22 -41.74
CA PHE O 464 28.84 -67.61 -40.87
C PHE O 464 28.22 -67.36 -39.52
N ALA O 465 26.98 -66.93 -39.49
CA ALA O 465 26.28 -66.72 -38.24
C ALA O 465 26.09 -67.98 -37.44
N LYS O 466 25.82 -69.07 -38.12
CA LYS O 466 25.71 -70.38 -37.50
C LYS O 466 27.04 -70.80 -36.94
N SER O 467 28.07 -70.57 -37.73
CA SER O 467 29.40 -70.95 -37.36
C SER O 467 29.94 -70.26 -36.12
N LYS O 468 29.62 -68.99 -35.92
CA LYS O 468 30.10 -68.28 -34.76
C LYS O 468 29.15 -68.48 -33.62
N GLY O 469 28.06 -69.18 -33.88
CA GLY O 469 27.12 -69.49 -32.83
C GLY O 469 26.07 -68.48 -32.47
N TYR O 470 25.95 -67.43 -33.26
CA TYR O 470 24.94 -66.43 -33.07
C TYR O 470 23.56 -66.98 -33.24
N VAL O 471 23.39 -67.90 -34.19
CA VAL O 471 22.11 -68.54 -34.45
C VAL O 471 22.08 -70.08 -34.49
N GLN O 472 20.93 -70.63 -34.17
CA GLN O 472 20.66 -72.05 -34.27
C GLN O 472 19.36 -72.16 -34.99
N THR O 473 18.97 -73.37 -35.30
CA THR O 473 17.80 -73.63 -36.09
C THR O 473 16.64 -73.16 -35.26
N GLY O 474 15.68 -72.58 -35.94
CA GLY O 474 14.51 -72.03 -35.33
C GLY O 474 14.63 -70.59 -34.96
N ASP O 475 15.81 -70.03 -35.05
CA ASP O 475 16.06 -68.60 -34.84
C ASP O 475 15.70 -67.74 -36.05
N TYR O 476 15.43 -66.48 -35.76
CA TYR O 476 15.15 -65.54 -36.80
C TYR O 476 16.39 -64.85 -37.17
N CYS O 477 16.57 -64.66 -38.46
CA CYS O 477 17.62 -63.84 -38.96
C CYS O 477 17.00 -62.80 -39.88
N VAL O 478 17.32 -61.55 -39.68
CA VAL O 478 16.73 -60.48 -40.46
C VAL O 478 17.71 -60.09 -41.52
N VAL O 479 17.24 -60.09 -42.76
CA VAL O 479 18.08 -60.02 -43.93
C VAL O 479 17.77 -58.82 -44.80
N ILE O 480 18.78 -58.13 -45.28
CA ILE O 480 18.64 -56.92 -46.04
C ILE O 480 19.39 -56.89 -47.37
N HIS O 481 18.68 -56.66 -48.46
CA HIS O 481 19.29 -56.46 -49.74
C HIS O 481 18.26 -55.94 -50.70
N ALA O 482 18.61 -55.82 -51.94
CA ALA O 482 17.67 -55.53 -52.98
C ALA O 482 16.86 -56.73 -53.43
N ASP O 483 15.77 -56.42 -54.08
CA ASP O 483 14.96 -57.38 -54.76
C ASP O 483 15.58 -57.56 -56.12
N HIS O 484 14.91 -58.30 -56.96
CA HIS O 484 15.45 -58.61 -58.25
C HIS O 484 15.63 -57.47 -59.22
N LYS O 485 14.71 -56.55 -59.27
CA LYS O 485 14.86 -55.36 -60.08
C LYS O 485 15.83 -54.24 -59.64
N VAL O 486 15.75 -53.81 -58.39
CA VAL O 486 16.46 -52.62 -57.92
C VAL O 486 17.97 -52.73 -57.80
N LYS O 487 18.65 -51.67 -58.22
CA LYS O 487 20.10 -51.62 -58.23
C LYS O 487 20.67 -50.39 -57.54
N GLY O 488 21.75 -50.58 -56.81
CA GLY O 488 22.43 -49.51 -56.12
C GLY O 488 22.09 -49.26 -54.67
N TYR O 489 21.03 -49.89 -54.18
CA TYR O 489 20.69 -49.83 -52.79
C TYR O 489 19.84 -51.02 -52.43
N ALA O 490 19.60 -51.22 -51.16
CA ALA O 490 18.74 -52.28 -50.75
C ALA O 490 17.36 -51.75 -50.42
N ASN O 491 16.38 -52.27 -51.11
CA ASN O 491 15.00 -51.91 -50.87
C ASN O 491 14.16 -52.95 -50.15
N GLN O 492 14.78 -54.00 -49.64
CA GLN O 492 14.06 -55.13 -49.11
C GLN O 492 14.52 -55.65 -47.74
N THR O 493 13.58 -56.09 -46.94
CA THR O 493 13.87 -56.79 -45.73
C THR O 493 13.10 -58.09 -45.63
N ARG O 494 13.73 -59.12 -45.12
CA ARG O 494 13.07 -60.40 -44.89
C ARG O 494 13.39 -60.96 -43.54
N ILE O 495 12.42 -61.52 -42.89
CA ILE O 495 12.69 -62.28 -41.70
C ILE O 495 12.67 -63.75 -42.06
N LEU O 496 13.81 -64.41 -42.02
CA LEU O 496 13.89 -65.85 -42.29
C LEU O 496 14.25 -66.71 -41.12
N LEU O 497 13.63 -67.88 -41.09
CA LEU O 497 13.84 -68.87 -40.07
C LEU O 497 15.08 -69.66 -40.41
N VAL O 498 15.92 -69.97 -39.44
CA VAL O 498 17.16 -70.66 -39.77
C VAL O 498 17.13 -72.15 -39.53
N GLU O 499 17.64 -72.90 -40.50
CA GLU O 499 17.68 -74.35 -40.41
C GLU O 499 19.11 -74.86 -40.37
N SER P 2 15.54 -36.62 -24.31
CA SER P 2 16.43 -37.74 -24.24
C SER P 2 17.81 -37.26 -23.94
N GLN P 3 18.67 -38.15 -23.48
CA GLN P 3 20.00 -37.76 -23.16
C GLN P 3 20.72 -37.41 -24.42
N LEU P 4 20.34 -38.05 -25.49
CA LEU P 4 20.94 -37.82 -26.78
C LEU P 4 20.72 -36.44 -27.32
N ALA P 5 19.47 -36.01 -27.32
CA ALA P 5 19.04 -34.80 -27.98
C ALA P 5 19.74 -33.63 -27.35
N HIS P 6 19.66 -33.70 -26.03
CA HIS P 6 20.34 -32.86 -25.03
C HIS P 6 21.83 -32.75 -25.14
N ASN P 7 22.52 -33.81 -25.47
CA ASN P 7 23.95 -33.75 -25.67
C ASN P 7 24.24 -32.77 -26.77
N LEU P 8 23.28 -32.67 -27.64
CA LEU P 8 23.29 -31.87 -28.85
C LEU P 8 23.16 -30.38 -28.59
N THR P 9 22.56 -30.04 -27.48
CA THR P 9 22.45 -28.68 -27.05
C THR P 9 23.64 -28.21 -26.26
N LEU P 10 24.54 -29.10 -25.89
CA LEU P 10 25.73 -28.68 -25.15
C LEU P 10 26.77 -27.95 -25.95
N SER P 11 27.54 -27.09 -25.31
CA SER P 11 28.72 -26.49 -25.93
C SER P 11 29.92 -26.40 -25.03
N ILE P 12 31.11 -26.59 -25.57
CA ILE P 12 32.30 -26.43 -24.77
C ILE P 12 32.50 -25.03 -24.24
N PHE P 13 31.95 -24.04 -24.95
CA PHE P 13 32.07 -22.65 -24.54
C PHE P 13 30.97 -22.16 -23.59
N ASP P 14 30.14 -23.08 -23.10
CA ASP P 14 29.09 -22.69 -22.19
C ASP P 14 29.81 -22.27 -20.93
N PRO P 15 29.37 -21.20 -20.33
CA PRO P 15 29.96 -20.75 -19.08
C PRO P 15 29.56 -21.65 -17.94
N VAL P 16 30.47 -21.95 -17.03
CA VAL P 16 30.12 -22.74 -15.89
C VAL P 16 29.39 -21.95 -14.84
N ALA P 17 28.88 -22.64 -13.85
CA ALA P 17 28.09 -22.06 -12.79
C ALA P 17 28.84 -21.25 -11.76
N ASN P 18 28.11 -20.46 -11.01
CA ASN P 18 28.69 -19.68 -9.94
C ASN P 18 28.80 -20.47 -8.66
N TYR P 19 28.37 -21.71 -8.69
CA TYR P 19 28.50 -22.59 -7.57
C TYR P 19 28.84 -24.01 -8.00
N ARG P 20 29.60 -24.73 -7.18
CA ARG P 20 29.86 -26.13 -7.39
C ARG P 20 29.06 -26.97 -6.41
N ALA P 21 28.14 -27.75 -6.94
CA ALA P 21 27.33 -28.65 -6.15
C ALA P 21 28.01 -29.82 -5.47
N ALA P 22 28.88 -30.50 -6.18
CA ALA P 22 29.54 -31.66 -5.68
C ALA P 22 30.59 -31.33 -4.64
N ARG P 23 30.80 -32.25 -3.72
CA ARG P 23 31.72 -32.09 -2.62
C ARG P 23 32.95 -32.98 -2.69
N ILE P 24 34.07 -32.45 -2.25
CA ILE P 24 35.31 -33.17 -2.30
C ILE P 24 35.82 -33.58 -0.96
N ILE P 25 36.25 -34.82 -0.88
CA ILE P 25 36.75 -35.43 0.33
C ILE P 25 38.24 -35.74 0.19
N CYS P 26 39.03 -35.40 1.18
CA CYS P 26 40.46 -35.60 1.12
C CYS P 26 40.94 -36.41 2.29
N THR P 27 41.77 -37.37 2.00
CA THR P 27 42.40 -38.19 3.00
C THR P 27 43.67 -37.51 3.45
N ILE P 28 43.86 -37.44 4.74
CA ILE P 28 44.96 -36.71 5.30
C ILE P 28 46.11 -37.59 5.75
N GLY P 29 47.23 -37.37 5.14
CA GLY P 29 48.45 -38.09 5.38
C GLY P 29 49.59 -37.11 5.52
N PRO P 30 50.78 -37.65 5.35
CA PRO P 30 52.02 -36.97 5.60
C PRO P 30 52.17 -35.73 4.76
N SER P 31 51.72 -35.78 3.53
CA SER P 31 51.66 -34.63 2.68
C SER P 31 50.71 -33.54 3.18
N THR P 32 49.66 -33.88 3.91
CA THR P 32 48.62 -32.91 4.17
C THR P 32 48.24 -32.60 5.60
N GLN P 33 49.02 -33.11 6.53
CA GLN P 33 48.76 -32.95 7.94
C GLN P 33 48.94 -31.57 8.53
N SER P 34 49.91 -30.87 7.99
CA SER P 34 50.24 -29.58 8.47
C SER P 34 49.14 -28.61 8.22
N VAL P 35 49.01 -27.71 9.13
CA VAL P 35 47.97 -26.73 9.09
C VAL P 35 48.08 -25.92 7.83
N GLU P 36 49.28 -25.59 7.42
CA GLU P 36 49.44 -24.89 6.18
C GLU P 36 48.96 -25.71 4.99
N ALA P 37 49.27 -27.00 4.98
CA ALA P 37 48.80 -27.85 3.91
C ALA P 37 47.29 -27.95 3.89
N LEU P 38 46.69 -28.07 5.07
CA LEU P 38 45.27 -28.16 5.22
C LEU P 38 44.55 -26.92 4.77
N LYS P 39 45.13 -25.77 5.04
CA LYS P 39 44.61 -24.52 4.59
C LYS P 39 44.62 -24.44 3.09
N GLY P 40 45.65 -24.97 2.48
CA GLY P 40 45.74 -25.05 1.06
C GLY P 40 44.66 -25.94 0.48
N LEU P 41 44.38 -27.03 1.15
CA LEU P 41 43.36 -27.97 0.74
C LEU P 41 41.96 -27.39 0.79
N ILE P 42 41.66 -26.66 1.83
CA ILE P 42 40.37 -26.05 1.99
C ILE P 42 40.13 -25.02 0.92
N GLN P 43 41.11 -24.20 0.67
CA GLN P 43 41.05 -23.18 -0.34
C GLN P 43 40.96 -23.76 -1.72
N SER P 44 41.57 -24.91 -1.86
CA SER P 44 41.55 -25.64 -3.09
C SER P 44 40.22 -26.27 -3.31
N GLY P 45 39.46 -26.44 -2.24
CA GLY P 45 38.17 -27.07 -2.35
C GLY P 45 37.76 -28.24 -1.51
N MET P 46 38.45 -28.54 -0.42
CA MET P 46 38.09 -29.67 0.42
C MET P 46 36.95 -29.39 1.37
N SER P 47 35.93 -30.24 1.40
CA SER P 47 34.87 -30.06 2.33
C SER P 47 34.90 -31.04 3.46
N VAL P 48 35.53 -32.17 3.25
CA VAL P 48 35.58 -33.21 4.25
C VAL P 48 36.98 -33.73 4.40
N ALA P 49 37.47 -33.84 5.62
CA ALA P 49 38.77 -34.48 5.81
C ALA P 49 38.68 -35.87 6.37
N ARG P 50 39.31 -36.81 5.70
CA ARG P 50 39.22 -38.21 6.05
C ARG P 50 40.49 -38.72 6.70
N MET P 51 40.33 -39.37 7.83
CA MET P 51 41.41 -40.04 8.51
C MET P 51 41.26 -41.52 8.37
N ASN P 52 42.27 -42.19 7.88
CA ASN P 52 42.22 -43.63 7.72
C ASN P 52 42.92 -44.35 8.84
N PHE P 53 42.15 -45.10 9.60
CA PHE P 53 42.61 -45.70 10.82
C PHE P 53 43.32 -46.99 10.57
N SER P 54 43.45 -47.36 9.31
CA SER P 54 44.32 -48.43 8.90
C SER P 54 45.76 -48.00 9.00
N HIS P 55 46.00 -46.72 9.06
CA HIS P 55 47.33 -46.18 9.08
C HIS P 55 47.35 -45.23 10.24
N GLY P 56 48.51 -44.98 10.79
CA GLY P 56 48.62 -44.05 11.88
C GLY P 56 48.19 -44.64 13.17
N SER P 57 47.85 -43.80 14.12
CA SER P 57 47.55 -44.23 15.45
C SER P 57 46.69 -43.16 15.98
N HIS P 58 46.18 -43.31 17.18
CA HIS P 58 45.29 -42.33 17.72
C HIS P 58 46.04 -41.08 17.83
N GLU P 59 47.31 -41.21 18.17
CA GLU P 59 48.16 -40.08 18.32
C GLU P 59 48.34 -39.33 17.03
N TYR P 60 48.60 -40.02 15.94
CA TYR P 60 48.77 -39.36 14.67
C TYR P 60 47.53 -38.65 14.19
N HIS P 61 46.42 -39.36 14.30
CA HIS P 61 45.10 -38.90 13.91
C HIS P 61 44.57 -37.74 14.71
N GLN P 62 44.97 -37.68 15.98
CA GLN P 62 44.64 -36.57 16.84
C GLN P 62 45.26 -35.32 16.31
N THR P 63 46.48 -35.43 15.84
CA THR P 63 47.16 -34.28 15.32
C THR P 63 46.37 -33.75 14.16
N THR P 64 45.84 -34.65 13.34
CA THR P 64 45.05 -34.30 12.18
C THR P 64 43.77 -33.58 12.56
N ILE P 65 43.13 -34.06 13.60
CA ILE P 65 41.93 -33.45 14.06
C ILE P 65 42.15 -32.06 14.54
N ASN P 66 43.19 -31.86 15.31
CA ASN P 66 43.53 -30.56 15.81
C ASN P 66 43.91 -29.64 14.71
N ASN P 67 44.68 -30.14 13.79
CA ASN P 67 45.04 -29.35 12.66
C ASN P 67 43.90 -28.93 11.75
N VAL P 68 42.92 -29.80 11.57
CA VAL P 68 41.77 -29.48 10.76
C VAL P 68 40.94 -28.39 11.39
N ARG P 69 40.69 -28.53 12.67
CA ARG P 69 39.94 -27.57 13.37
C ARG P 69 40.64 -26.21 13.39
N GLN P 70 41.94 -26.20 13.59
CA GLN P 70 42.74 -24.97 13.59
C GLN P 70 42.78 -24.29 12.23
N ALA P 71 42.96 -25.07 11.19
CA ALA P 71 42.91 -24.54 9.84
C ALA P 71 41.55 -24.01 9.43
N ALA P 72 40.50 -24.72 9.76
CA ALA P 72 39.15 -24.30 9.48
C ALA P 72 38.81 -23.04 10.22
N ALA P 73 39.23 -22.97 11.46
CA ALA P 73 38.95 -21.83 12.32
C ALA P 73 39.57 -20.57 11.80
N GLU P 74 40.78 -20.69 11.32
CA GLU P 74 41.52 -19.61 10.71
C GLU P 74 40.89 -19.13 9.44
N LEU P 75 40.15 -19.98 8.77
CA LEU P 75 39.61 -19.62 7.50
C LEU P 75 38.14 -19.34 7.58
N GLY P 76 37.63 -19.40 8.78
CA GLY P 76 36.23 -19.19 9.03
C GLY P 76 35.26 -20.09 8.35
N VAL P 77 35.54 -21.39 8.37
CA VAL P 77 34.73 -22.34 7.64
C VAL P 77 34.50 -23.56 8.47
N ASN P 78 33.51 -24.35 8.12
CA ASN P 78 33.24 -25.56 8.84
C ASN P 78 33.61 -26.78 7.98
N ILE P 79 34.49 -27.63 8.47
CA ILE P 79 34.94 -28.80 7.74
C ILE P 79 34.57 -30.07 8.46
N ALA P 80 33.90 -30.99 7.80
CA ALA P 80 33.57 -32.27 8.41
C ALA P 80 34.81 -33.10 8.64
N ILE P 81 34.82 -33.86 9.71
CA ILE P 81 35.88 -34.78 9.99
C ILE P 81 35.34 -36.20 9.96
N ALA P 82 35.96 -37.05 9.18
CA ALA P 82 35.49 -38.40 9.01
C ALA P 82 36.47 -39.41 9.53
N LEU P 83 36.01 -40.40 10.25
CA LEU P 83 36.88 -41.47 10.68
C LEU P 83 36.59 -42.75 9.88
N ASP P 84 37.67 -43.06 9.16
CA ASP P 84 37.80 -44.18 8.28
C ASP P 84 38.55 -45.31 8.96
N THR P 85 37.79 -46.28 9.44
CA THR P 85 38.30 -47.40 10.20
C THR P 85 39.24 -48.36 9.45
N LYS P 86 40.11 -49.00 10.19
CA LYS P 86 40.99 -49.99 9.61
C LYS P 86 40.14 -51.15 9.21
N GLY P 87 39.27 -51.59 10.09
CA GLY P 87 38.38 -52.68 9.82
C GLY P 87 39.05 -54.02 9.95
N PRO P 88 38.29 -55.07 9.86
CA PRO P 88 38.85 -56.41 9.94
C PRO P 88 39.76 -56.70 8.75
N GLU P 89 40.93 -57.33 8.95
CA GLU P 89 41.82 -57.69 7.85
C GLU P 89 42.15 -59.19 7.95
N ILE P 90 42.33 -59.81 6.79
CA ILE P 90 42.92 -61.14 6.68
C ILE P 90 44.34 -60.94 6.19
N ARG P 91 45.28 -61.50 6.95
CA ARG P 91 46.70 -61.47 6.63
C ARG P 91 47.34 -62.88 6.73
N THR P 92 48.37 -63.09 5.92
CA THR P 92 49.30 -64.23 6.13
C THR P 92 50.13 -63.98 7.36
N GLY P 93 50.81 -65.04 7.80
CA GLY P 93 51.80 -64.93 8.84
C GLY P 93 53.14 -64.53 8.25
N GLN P 94 54.19 -64.84 9.01
CA GLN P 94 55.59 -64.64 8.63
C GLN P 94 56.10 -65.84 7.85
N PHE P 95 57.09 -65.58 6.98
CA PHE P 95 57.84 -66.66 6.34
C PHE P 95 59.28 -66.73 6.87
N VAL P 96 59.85 -67.94 6.89
CA VAL P 96 61.27 -68.15 7.27
C VAL P 96 62.17 -67.43 6.26
N GLY P 97 63.22 -66.79 6.76
CA GLY P 97 64.08 -65.93 5.94
C GLY P 97 63.44 -64.61 5.54
N GLY P 98 62.32 -64.27 6.18
CA GLY P 98 61.60 -63.03 5.88
C GLY P 98 60.71 -63.05 4.65
N ASP P 99 60.92 -64.05 3.77
CA ASP P 99 60.36 -64.06 2.41
C ASP P 99 59.97 -65.49 1.97
N ALA P 100 59.19 -65.64 0.90
CA ALA P 100 58.88 -66.95 0.34
C ALA P 100 58.48 -66.96 -1.16
N VAL P 101 59.20 -67.76 -1.93
CA VAL P 101 59.21 -67.71 -3.39
C VAL P 101 58.19 -68.69 -4.03
N MET P 102 57.02 -68.19 -4.37
CA MET P 102 55.88 -69.02 -4.88
C MET P 102 55.93 -69.24 -6.39
N GLU P 103 56.13 -70.48 -6.85
CA GLU P 103 56.30 -70.73 -8.29
C GLU P 103 55.01 -71.24 -8.94
N ARG P 104 54.82 -70.97 -10.22
CA ARG P 104 53.62 -71.42 -10.91
C ARG P 104 53.59 -72.96 -11.02
N GLY P 105 52.43 -73.58 -10.78
CA GLY P 105 52.33 -75.04 -10.87
C GLY P 105 52.59 -75.80 -9.55
N ALA P 106 53.34 -75.18 -8.62
CA ALA P 106 53.67 -75.75 -7.29
C ALA P 106 52.46 -76.00 -6.39
N THR P 107 52.58 -76.98 -5.50
CA THR P 107 51.62 -77.20 -4.42
C THR P 107 52.13 -76.56 -3.10
N CYS P 108 51.22 -75.83 -2.42
CA CYS P 108 51.51 -75.32 -1.08
C CYS P 108 50.31 -75.52 -0.16
N TYR P 109 50.51 -75.32 1.14
CA TYR P 109 49.50 -75.68 2.14
C TYR P 109 49.25 -74.41 2.94
N VAL P 110 47.99 -74.01 3.07
CA VAL P 110 47.69 -72.78 3.85
C VAL P 110 46.94 -73.26 5.09
N THR P 111 47.40 -72.82 6.24
CA THR P 111 46.83 -73.33 7.44
C THR P 111 46.41 -72.22 8.37
N THR P 112 45.39 -72.47 9.17
CA THR P 112 45.06 -71.55 10.25
C THR P 112 45.55 -72.02 11.61
N ASP P 113 46.35 -73.08 11.62
CA ASP P 113 47.00 -73.55 12.86
C ASP P 113 47.99 -72.45 13.36
N PRO P 114 47.72 -71.88 14.56
CA PRO P 114 48.52 -70.70 14.95
C PRO P 114 49.99 -71.04 15.27
N ALA P 115 50.27 -72.32 15.57
CA ALA P 115 51.67 -72.80 15.64
C ALA P 115 52.59 -72.31 14.47
N PHE P 116 52.00 -72.02 13.32
CA PHE P 116 52.72 -71.66 12.09
C PHE P 116 52.89 -70.17 11.75
N ALA P 117 52.49 -69.29 12.67
CA ALA P 117 52.44 -67.83 12.38
C ALA P 117 53.82 -67.19 12.14
N ASP P 118 54.86 -67.79 12.74
CA ASP P 118 56.23 -67.26 12.58
C ASP P 118 57.18 -68.25 11.90
N LYS P 119 56.62 -69.23 11.17
CA LYS P 119 57.44 -70.29 10.50
C LYS P 119 56.75 -70.85 9.25
N GLY P 120 56.13 -69.96 8.50
CA GLY P 120 55.65 -70.36 7.17
C GLY P 120 56.82 -70.61 6.22
N THR P 121 56.54 -71.23 5.09
CA THR P 121 57.56 -71.42 4.04
C THR P 121 56.74 -71.51 2.78
N LYS P 122 57.40 -71.56 1.63
CA LYS P 122 56.61 -71.72 0.41
C LYS P 122 55.72 -72.96 0.46
N ASP P 123 56.14 -73.97 1.26
CA ASP P 123 55.46 -75.26 1.43
C ASP P 123 54.20 -75.15 2.27
N LYS P 124 54.27 -74.42 3.38
CA LYS P 124 53.13 -74.28 4.26
C LYS P 124 53.22 -73.05 5.13
N PHE P 125 52.16 -72.27 5.10
CA PHE P 125 52.16 -71.05 5.92
C PHE P 125 50.78 -70.73 6.47
N TYR P 126 50.76 -69.75 7.33
CA TYR P 126 49.58 -69.40 8.09
C TYR P 126 48.85 -68.22 7.45
N ILE P 127 47.52 -68.29 7.43
CA ILE P 127 46.59 -67.21 7.14
C ILE P 127 45.79 -67.02 8.42
N ASP P 128 45.65 -65.80 8.89
CA ASP P 128 45.17 -65.61 10.28
C ASP P 128 43.65 -65.58 10.45
N TYR P 129 42.89 -66.00 9.45
CA TYR P 129 41.43 -65.97 9.53
C TYR P 129 40.97 -67.36 9.87
N GLN P 130 40.57 -67.55 11.14
CA GLN P 130 40.37 -68.90 11.70
C GLN P 130 39.27 -69.69 11.02
N ASN P 131 38.35 -68.99 10.40
CA ASN P 131 37.30 -69.62 9.65
C ASN P 131 37.65 -69.90 8.22
N LEU P 132 38.92 -69.76 7.79
CA LEU P 132 39.24 -69.92 6.34
C LEU P 132 38.62 -71.19 5.72
N SER P 133 38.83 -72.34 6.39
CA SER P 133 38.40 -73.65 5.87
C SER P 133 36.91 -73.80 5.72
N LYS P 134 36.15 -73.26 6.65
CA LYS P 134 34.70 -73.33 6.58
C LYS P 134 34.18 -72.45 5.42
N VAL P 135 34.90 -71.41 5.08
CA VAL P 135 34.34 -70.44 4.14
C VAL P 135 34.71 -70.78 2.71
N VAL P 136 35.82 -71.48 2.52
CA VAL P 136 36.26 -71.78 1.16
C VAL P 136 35.90 -73.22 0.78
N ARG P 137 35.68 -73.49 -0.51
CA ARG P 137 35.52 -74.86 -1.06
C ARG P 137 36.50 -75.12 -2.22
N PRO P 138 36.74 -76.41 -2.58
CA PRO P 138 37.53 -76.77 -3.77
C PRO P 138 37.07 -75.98 -5.01
N GLY P 139 38.03 -75.35 -5.72
CA GLY P 139 37.74 -74.58 -6.91
C GLY P 139 37.86 -73.09 -6.64
N ASN P 140 37.48 -72.67 -5.42
CA ASN P 140 37.65 -71.27 -5.00
C ASN P 140 39.08 -70.76 -5.10
N TYR P 141 39.20 -69.45 -5.25
CA TYR P 141 40.49 -68.79 -5.40
C TYR P 141 40.83 -68.03 -4.11
N ILE P 142 42.11 -67.99 -3.78
CA ILE P 142 42.59 -67.28 -2.61
C ILE P 142 43.66 -66.28 -3.04
N TYR P 143 43.35 -64.99 -2.95
CA TYR P 143 44.28 -63.94 -3.44
C TYR P 143 45.18 -63.43 -2.34
N ILE P 144 46.47 -63.30 -2.65
CA ILE P 144 47.46 -62.85 -1.68
C ILE P 144 48.33 -61.76 -2.30
N ASP P 145 48.58 -60.71 -1.53
CA ASP P 145 49.35 -59.58 -2.01
C ASP P 145 48.76 -58.56 -3.00
N ASP P 146 47.57 -58.06 -2.69
CA ASP P 146 46.90 -57.18 -3.62
C ASP P 146 46.12 -57.96 -4.70
N GLY P 147 45.98 -59.26 -4.50
CA GLY P 147 45.44 -60.19 -5.56
C GLY P 147 46.50 -60.60 -6.60
N ILE P 148 47.77 -60.34 -6.32
CA ILE P 148 48.84 -60.60 -7.28
C ILE P 148 49.12 -62.09 -7.40
N LEU P 149 49.16 -62.76 -6.26
CA LEU P 149 49.43 -64.19 -6.20
C LEU P 149 48.06 -64.85 -6.07
N ILE P 150 47.76 -65.72 -7.04
CA ILE P 150 46.44 -66.36 -7.03
C ILE P 150 46.66 -67.83 -6.77
N LEU P 151 46.27 -68.27 -5.58
CA LEU P 151 46.31 -69.68 -5.26
C LEU P 151 44.92 -70.22 -5.57
N GLN P 152 44.83 -71.46 -6.02
CA GLN P 152 43.55 -72.14 -6.09
C GLN P 152 43.41 -73.32 -5.12
N VAL P 153 42.27 -73.35 -4.44
CA VAL P 153 41.98 -74.37 -3.47
C VAL P 153 41.64 -75.72 -4.10
N GLN P 154 42.41 -76.76 -3.71
CA GLN P 154 42.22 -78.08 -4.29
C GLN P 154 41.43 -78.95 -3.31
N SER P 155 41.84 -78.94 -2.02
CA SER P 155 41.22 -79.82 -1.05
C SER P 155 41.52 -79.38 0.36
N HIS P 156 40.80 -79.99 1.30
CA HIS P 156 41.06 -79.87 2.71
C HIS P 156 42.05 -80.96 3.07
N GLU P 157 43.34 -80.60 3.18
CA GLU P 157 44.31 -81.53 3.81
C GLU P 157 43.82 -81.97 5.18
N ASP P 158 43.41 -81.02 6.01
CA ASP P 158 42.75 -81.35 7.29
C ASP P 158 41.78 -80.27 7.71
N GLU P 159 41.34 -80.30 8.96
CA GLU P 159 40.35 -79.34 9.35
C GLU P 159 40.81 -77.88 9.44
N GLN P 160 42.13 -77.65 9.40
CA GLN P 160 42.73 -76.32 9.49
C GLN P 160 43.66 -75.98 8.34
N THR P 161 43.79 -76.87 7.37
CA THR P 161 44.81 -76.71 6.36
C THR P 161 44.21 -77.01 5.01
N LEU P 162 44.51 -76.16 4.03
CA LEU P 162 44.05 -76.30 2.67
C LEU P 162 45.22 -76.61 1.76
N GLU P 163 45.07 -77.64 0.93
CA GLU P 163 46.05 -77.91 -0.12
C GLU P 163 45.71 -76.95 -1.26
N CYS P 164 46.69 -76.18 -1.74
CA CYS P 164 46.46 -75.22 -2.83
C CYS P 164 47.38 -75.49 -4.01
N THR P 165 46.92 -75.16 -5.21
CA THR P 165 47.80 -74.96 -6.39
C THR P 165 48.24 -73.50 -6.49
N VAL P 166 49.49 -73.24 -6.83
CA VAL P 166 49.92 -71.91 -7.20
C VAL P 166 49.63 -71.62 -8.72
N THR P 167 48.73 -70.68 -9.02
CA THR P 167 48.33 -70.47 -10.44
C THR P 167 49.24 -69.52 -11.20
N ASN P 168 50.00 -68.68 -10.47
CA ASN P 168 50.97 -67.78 -11.13
C ASN P 168 52.11 -67.43 -10.18
N SER P 169 53.27 -67.14 -10.75
CA SER P 169 54.51 -67.01 -9.99
C SER P 169 54.50 -65.67 -9.30
N HIS P 170 55.03 -65.63 -8.08
CA HIS P 170 55.17 -64.38 -7.37
C HIS P 170 55.88 -64.61 -6.03
N THR P 171 56.85 -63.78 -5.74
CA THR P 171 57.50 -63.82 -4.45
C THR P 171 56.63 -62.98 -3.51
N ILE P 172 56.34 -63.54 -2.33
CA ILE P 172 55.56 -62.81 -1.32
C ILE P 172 56.34 -62.66 0.00
N SER P 173 56.33 -61.47 0.58
CA SER P 173 57.00 -61.24 1.87
C SER P 173 56.02 -61.39 3.04
N ASP P 174 56.49 -61.11 4.27
CA ASP P 174 55.67 -61.26 5.48
C ASP P 174 54.35 -60.52 5.47
N ARG P 175 53.33 -61.23 5.93
CA ARG P 175 52.06 -60.63 6.33
C ARG P 175 51.30 -59.89 5.24
N ARG P 176 51.16 -60.50 4.08
CA ARG P 176 50.33 -59.88 3.05
C ARG P 176 48.83 -60.04 3.30
N GLY P 177 48.03 -59.12 2.74
CA GLY P 177 46.59 -59.18 2.89
C GLY P 177 46.04 -60.25 1.97
N VAL P 178 44.95 -60.87 2.35
CA VAL P 178 44.41 -61.84 1.47
C VAL P 178 42.98 -61.42 1.15
N ASN P 179 42.48 -61.85 -0.01
CA ASN P 179 41.06 -61.73 -0.29
C ASN P 179 40.46 -63.04 -0.68
N LEU P 180 39.14 -63.10 -0.72
CA LEU P 180 38.41 -64.32 -0.94
C LEU P 180 37.19 -64.06 -1.90
N PRO P 181 37.45 -63.95 -3.23
CA PRO P 181 36.40 -63.35 -4.01
C PRO P 181 35.10 -64.12 -4.15
N GLY P 182 35.11 -65.42 -4.01
CA GLY P 182 33.85 -66.15 -4.16
C GLY P 182 33.40 -66.58 -2.78
N CYS P 183 33.78 -65.79 -1.77
CA CYS P 183 33.64 -66.26 -0.41
C CYS P 183 33.01 -65.22 0.43
N ASP P 184 32.06 -65.69 1.25
CA ASP P 184 31.39 -64.85 2.19
C ASP P 184 32.23 -64.76 3.46
N VAL P 185 32.96 -63.69 3.58
CA VAL P 185 33.86 -63.55 4.74
C VAL P 185 33.06 -63.14 5.95
N ASP P 186 33.31 -63.78 7.09
CA ASP P 186 32.45 -63.52 8.28
C ASP P 186 33.18 -63.00 9.51
N LEU P 187 34.22 -62.26 9.28
CA LEU P 187 34.75 -61.45 10.30
C LEU P 187 33.67 -60.58 10.89
N PRO P 188 33.81 -60.26 12.16
CA PRO P 188 32.92 -59.33 12.84
C PRO P 188 32.97 -57.99 12.16
N ALA P 189 31.95 -57.18 12.37
CA ALA P 189 31.84 -55.92 11.69
C ALA P 189 32.92 -55.02 12.16
N VAL P 190 33.20 -55.12 13.44
CA VAL P 190 34.11 -54.27 14.13
C VAL P 190 35.21 -55.06 14.83
N SER P 191 36.44 -54.82 14.48
CA SER P 191 37.56 -55.41 15.16
C SER P 191 37.78 -54.83 16.56
N ALA P 192 38.69 -55.42 17.30
CA ALA P 192 39.01 -54.88 18.60
C ALA P 192 39.66 -53.52 18.51
N LYS P 193 40.53 -53.32 17.54
CA LYS P 193 41.08 -52.01 17.34
C LYS P 193 40.02 -50.98 16.91
N ASP P 194 39.10 -51.38 16.06
CA ASP P 194 38.00 -50.53 15.65
C ASP P 194 37.22 -50.06 16.86
N ARG P 195 36.95 -50.97 17.77
CA ARG P 195 36.19 -50.69 18.93
C ARG P 195 36.85 -49.59 19.71
N VAL P 196 38.16 -49.65 19.80
CA VAL P 196 38.90 -48.63 20.45
C VAL P 196 38.87 -47.52 19.46
N ASP P 197 38.68 -47.84 18.18
CA ASP P 197 38.71 -46.79 17.20
C ASP P 197 37.43 -45.98 17.19
N LEU P 198 36.30 -46.65 17.31
CA LEU P 198 35.03 -45.97 17.40
C LEU P 198 34.85 -45.11 18.63
N GLN P 199 35.30 -45.58 19.77
CA GLN P 199 35.21 -44.81 20.98
C GLN P 199 35.99 -43.52 20.91
N PHE P 200 37.16 -43.58 20.31
CA PHE P 200 38.03 -42.44 20.16
C PHE P 200 37.36 -41.39 19.30
N GLY P 201 36.69 -41.86 18.26
CA GLY P 201 35.99 -40.98 17.37
C GLY P 201 34.87 -40.23 18.04
N VAL P 202 34.15 -40.90 18.90
CA VAL P 202 33.14 -40.28 19.72
C VAL P 202 33.73 -39.24 20.65
N GLU P 203 34.82 -39.59 21.30
CA GLU P 203 35.51 -38.74 22.25
C GLU P 203 36.03 -37.48 21.63
N GLN P 204 36.57 -37.55 20.43
CA GLN P 204 37.13 -36.39 19.80
C GLN P 204 36.10 -35.70 18.97
N GLY P 205 34.86 -36.14 19.10
CA GLY P 205 33.76 -35.53 18.42
C GLY P 205 33.75 -35.48 16.90
N VAL P 206 34.12 -36.57 16.26
CA VAL P 206 34.03 -36.64 14.81
C VAL P 206 32.62 -36.62 14.28
N ASP P 207 32.46 -36.02 13.12
CA ASP P 207 31.22 -35.97 12.41
C ASP P 207 30.61 -37.25 11.81
N MET P 208 31.42 -38.08 11.17
CA MET P 208 30.94 -39.28 10.52
C MET P 208 31.93 -40.43 10.58
N ILE P 209 31.44 -41.64 10.38
CA ILE P 209 32.26 -42.80 10.28
C ILE P 209 32.15 -43.36 8.88
N PHE P 210 33.26 -43.62 8.25
CA PHE P 210 33.22 -44.36 7.04
C PHE P 210 33.48 -45.78 7.44
N ALA P 211 32.47 -46.59 7.49
CA ALA P 211 32.61 -47.91 8.01
C ALA P 211 33.05 -48.89 6.94
N SER P 212 34.26 -49.37 7.06
CA SER P 212 34.83 -50.31 6.13
C SER P 212 34.19 -51.65 6.09
N PHE P 213 34.28 -52.24 4.92
CA PHE P 213 33.88 -53.58 4.66
C PHE P 213 32.45 -53.92 5.18
N ILE P 214 31.31 -53.18 4.92
CA ILE P 214 30.05 -53.51 5.49
C ILE P 214 29.43 -54.63 4.68
N ARG P 215 29.41 -55.84 5.21
CA ARG P 215 28.63 -56.99 4.74
C ARG P 215 27.09 -56.97 4.91
N SER P 216 26.59 -56.33 5.95
CA SER P 216 25.19 -56.47 6.37
C SER P 216 24.54 -55.31 7.13
N ALA P 217 23.23 -55.33 7.16
CA ALA P 217 22.42 -54.42 7.92
C ALA P 217 22.61 -54.59 9.41
N GLU P 218 22.83 -55.84 9.81
CA GLU P 218 23.11 -56.18 11.19
C GLU P 218 24.41 -55.59 11.67
N GLN P 219 25.41 -55.57 10.81
CA GLN P 219 26.70 -54.98 11.08
C GLN P 219 26.64 -53.49 11.31
N VAL P 220 25.84 -52.78 10.55
CA VAL P 220 25.66 -51.36 10.73
C VAL P 220 25.12 -51.12 12.11
N GLY P 221 24.16 -51.92 12.51
CA GLY P 221 23.55 -51.79 13.81
C GLY P 221 24.57 -51.98 14.90
N ASP P 222 25.45 -52.93 14.70
CA ASP P 222 26.52 -53.15 15.64
C ASP P 222 27.43 -51.95 15.72
N VAL P 223 27.68 -51.29 14.61
CA VAL P 223 28.42 -50.06 14.64
C VAL P 223 27.73 -48.93 15.38
N ARG P 224 26.43 -48.83 15.19
CA ARG P 224 25.63 -47.81 15.79
C ARG P 224 25.70 -47.98 17.29
N LYS P 225 25.69 -49.24 17.69
CA LYS P 225 25.65 -49.66 19.06
C LYS P 225 26.97 -49.45 19.77
N ALA P 226 28.07 -49.69 19.08
CA ALA P 226 29.38 -49.38 19.58
C ALA P 226 29.59 -47.90 19.76
N LEU P 227 29.01 -47.09 18.91
CA LEU P 227 29.12 -45.67 19.06
C LEU P 227 28.43 -45.24 20.32
N GLY P 228 27.34 -45.89 20.63
CA GLY P 228 26.60 -45.64 21.84
C GLY P 228 25.66 -44.47 21.82
N PRO P 229 25.17 -44.09 22.98
CA PRO P 229 24.35 -42.91 23.20
C PRO P 229 25.06 -41.62 22.93
N LYS P 230 26.30 -41.54 23.38
CA LYS P 230 27.10 -40.35 23.19
C LYS P 230 27.32 -40.13 21.72
N GLY P 231 27.25 -41.20 20.96
CA GLY P 231 27.55 -41.21 19.56
C GLY P 231 26.39 -41.19 18.61
N ARG P 232 25.20 -40.94 19.10
CA ARG P 232 23.98 -41.11 18.33
C ARG P 232 23.81 -40.22 17.12
N ASP P 233 24.39 -39.04 17.14
CA ASP P 233 24.25 -38.14 16.04
C ASP P 233 25.37 -38.21 15.04
N ILE P 234 26.26 -39.18 15.18
CA ILE P 234 27.31 -39.37 14.22
C ILE P 234 26.76 -40.21 13.11
N MET P 235 27.02 -39.80 11.88
CA MET P 235 26.55 -40.46 10.68
C MET P 235 27.35 -41.70 10.39
N ILE P 236 26.71 -42.80 10.06
CA ILE P 236 27.45 -43.94 9.62
C ILE P 236 27.33 -44.12 8.11
N ILE P 237 28.41 -43.87 7.43
CA ILE P 237 28.49 -44.01 5.99
C ILE P 237 29.06 -45.39 5.67
N CYS P 238 28.33 -46.20 4.95
CA CYS P 238 28.78 -47.55 4.73
C CYS P 238 29.51 -47.80 3.42
N LYS P 239 30.75 -48.19 3.52
CA LYS P 239 31.57 -48.51 2.39
C LYS P 239 31.24 -49.88 1.83
N ILE P 240 30.98 -49.95 0.54
CA ILE P 240 30.67 -51.20 -0.11
C ILE P 240 31.91 -51.61 -0.82
N GLU P 241 32.56 -52.65 -0.34
CA GLU P 241 33.85 -53.05 -0.89
C GLU P 241 33.90 -54.51 -1.30
N ASN P 242 32.88 -55.29 -0.97
CA ASN P 242 32.80 -56.71 -1.36
C ASN P 242 31.49 -57.22 -1.90
N HIS P 243 31.44 -58.50 -2.17
CA HIS P 243 30.29 -59.15 -2.74
C HIS P 243 29.03 -59.10 -1.91
N GLN P 244 29.15 -59.42 -0.64
CA GLN P 244 28.05 -59.43 0.27
C GLN P 244 27.44 -58.06 0.45
N GLY P 245 28.27 -57.05 0.52
CA GLY P 245 27.80 -55.71 0.63
C GLY P 245 26.99 -55.29 -0.56
N VAL P 246 27.41 -55.62 -1.75
CA VAL P 246 26.62 -55.33 -2.92
C VAL P 246 25.31 -56.07 -2.92
N GLN P 247 25.33 -57.32 -2.55
CA GLN P 247 24.17 -58.13 -2.55
C GLN P 247 23.12 -57.61 -1.59
N ASN P 248 23.56 -57.10 -0.47
CA ASN P 248 22.71 -56.65 0.60
C ASN P 248 22.45 -55.17 0.63
N ILE P 249 22.59 -54.52 -0.51
CA ILE P 249 22.59 -53.08 -0.56
C ILE P 249 21.33 -52.36 -0.10
N ASP P 250 20.15 -52.85 -0.42
CA ASP P 250 18.94 -52.20 0.01
C ASP P 250 18.79 -52.15 1.51
N SER P 251 19.01 -53.27 2.16
CA SER P 251 18.99 -53.32 3.59
C SER P 251 20.08 -52.50 4.26
N ILE P 252 21.27 -52.50 3.69
CA ILE P 252 22.34 -51.66 4.16
C ILE P 252 22.04 -50.19 4.00
N ILE P 253 21.47 -49.81 2.88
CA ILE P 253 21.11 -48.46 2.64
C ILE P 253 20.06 -48.02 3.65
N GLU P 254 19.10 -48.87 3.97
CA GLU P 254 18.10 -48.60 4.97
C GLU P 254 18.67 -48.23 6.32
N GLU P 255 19.56 -49.08 6.82
CA GLU P 255 20.26 -48.88 8.08
C GLU P 255 21.22 -47.71 8.16
N SER P 256 21.88 -47.44 7.07
CA SER P 256 22.92 -46.45 6.99
C SER P 256 22.42 -45.01 6.89
N ASP P 257 23.34 -44.08 7.01
CA ASP P 257 23.09 -42.70 6.69
C ASP P 257 23.65 -42.33 5.33
N GLY P 258 24.33 -43.25 4.67
CA GLY P 258 24.89 -43.02 3.38
C GLY P 258 25.80 -44.14 2.96
N ILE P 259 26.29 -44.05 1.74
CA ILE P 259 27.09 -45.08 1.13
C ILE P 259 28.35 -44.53 0.51
N MET P 260 29.38 -45.31 0.58
CA MET P 260 30.56 -45.13 -0.21
C MET P 260 30.78 -46.26 -1.20
N VAL P 261 31.02 -45.93 -2.45
CA VAL P 261 31.36 -46.91 -3.44
C VAL P 261 32.85 -47.07 -3.42
N ALA P 262 33.33 -48.00 -2.64
CA ALA P 262 34.74 -48.14 -2.32
C ALA P 262 35.43 -48.94 -3.37
N ARG P 263 35.81 -48.27 -4.43
CA ARG P 263 36.23 -48.93 -5.61
C ARG P 263 37.49 -49.75 -5.52
N GLY P 264 38.48 -49.33 -4.74
CA GLY P 264 39.70 -50.09 -4.67
C GLY P 264 39.60 -51.50 -4.14
N ASP P 265 39.01 -51.71 -3.00
CA ASP P 265 38.66 -53.05 -2.54
C ASP P 265 37.63 -53.79 -3.40
N LEU P 266 36.61 -53.08 -3.87
CA LEU P 266 35.53 -53.66 -4.65
C LEU P 266 36.01 -54.23 -5.94
N GLY P 267 36.99 -53.54 -6.48
CA GLY P 267 37.68 -53.87 -7.67
C GLY P 267 38.43 -55.18 -7.70
N VAL P 268 39.05 -55.60 -6.61
CA VAL P 268 39.56 -56.94 -6.38
C VAL P 268 38.52 -57.98 -6.13
N GLU P 269 37.60 -57.62 -5.26
CA GLU P 269 36.55 -58.52 -4.82
C GLU P 269 35.61 -58.90 -5.93
N ILE P 270 35.34 -57.98 -6.79
CA ILE P 270 34.39 -58.16 -7.79
C ILE P 270 35.27 -57.82 -8.91
N PRO P 271 35.00 -58.44 -10.02
CA PRO P 271 35.72 -58.12 -11.21
C PRO P 271 35.31 -56.74 -11.56
N ALA P 272 36.37 -56.10 -12.02
CA ALA P 272 36.63 -54.71 -12.14
C ALA P 272 35.69 -54.13 -13.10
N GLU P 273 35.41 -54.84 -14.17
CA GLU P 273 34.46 -54.42 -15.16
C GLU P 273 33.06 -54.32 -14.61
N LYS P 274 32.84 -55.00 -13.49
CA LYS P 274 31.55 -54.95 -12.80
C LYS P 274 31.40 -53.70 -11.91
N VAL P 275 32.51 -53.15 -11.45
CA VAL P 275 32.48 -52.01 -10.56
C VAL P 275 31.67 -50.89 -11.19
N VAL P 276 31.70 -50.77 -12.51
CA VAL P 276 30.92 -49.78 -13.20
C VAL P 276 29.41 -49.93 -13.04
N VAL P 277 28.89 -51.13 -13.18
CA VAL P 277 27.50 -51.43 -12.92
C VAL P 277 27.14 -51.21 -11.46
N ALA P 278 28.01 -51.63 -10.57
CA ALA P 278 27.80 -51.38 -9.18
C ALA P 278 27.77 -49.89 -8.85
N GLN P 279 28.61 -49.09 -9.46
CA GLN P 279 28.60 -47.67 -9.24
C GLN P 279 27.29 -47.01 -9.66
N LYS P 280 26.84 -47.35 -10.85
CA LYS P 280 25.60 -46.84 -11.30
C LYS P 280 24.46 -47.28 -10.44
N ILE P 281 24.38 -48.54 -10.06
CA ILE P 281 23.29 -48.95 -9.23
C ILE P 281 23.28 -48.33 -7.85
N LEU P 282 24.40 -48.32 -7.17
CA LEU P 282 24.47 -47.83 -5.82
C LEU P 282 24.19 -46.35 -5.64
N ILE P 283 24.70 -45.58 -6.58
CA ILE P 283 24.47 -44.18 -6.59
C ILE P 283 23.02 -43.85 -6.82
N SER P 284 22.42 -44.54 -7.76
CA SER P 284 21.03 -44.34 -8.06
C SER P 284 20.14 -44.69 -6.90
N LYS P 285 20.39 -45.80 -6.24
CA LYS P 285 19.60 -46.21 -5.12
C LYS P 285 19.71 -45.22 -3.95
N CYS P 286 20.89 -44.68 -3.73
CA CYS P 286 21.11 -43.61 -2.79
C CYS P 286 20.40 -42.34 -3.17
N ASN P 287 20.40 -41.97 -4.44
CA ASN P 287 19.69 -40.79 -4.88
C ASN P 287 18.19 -40.93 -4.66
N VAL P 288 17.66 -42.08 -5.00
CA VAL P 288 16.25 -42.33 -4.84
C VAL P 288 15.87 -42.32 -3.37
N ALA P 289 16.70 -42.90 -2.53
CA ALA P 289 16.49 -42.92 -1.10
C ALA P 289 16.71 -41.60 -0.34
N GLY P 290 17.28 -40.61 -0.99
CA GLY P 290 17.79 -39.40 -0.37
C GLY P 290 18.93 -39.45 0.62
N LYS P 291 19.93 -40.27 0.37
CA LYS P 291 21.07 -40.37 1.24
C LYS P 291 22.33 -40.15 0.45
N PRO P 292 23.30 -39.54 1.09
CA PRO P 292 24.54 -39.14 0.45
C PRO P 292 25.35 -40.33 -0.07
N VAL P 293 25.93 -40.21 -1.24
CA VAL P 293 26.70 -41.26 -1.86
C VAL P 293 28.04 -40.76 -2.36
N ILE P 294 29.09 -41.52 -2.10
CA ILE P 294 30.45 -41.15 -2.41
C ILE P 294 31.10 -42.12 -3.39
N CYS P 295 31.73 -41.56 -4.40
CA CYS P 295 32.56 -42.30 -5.33
C CYS P 295 34.02 -42.17 -4.99
N ALA P 296 34.63 -43.31 -4.79
CA ALA P 296 35.97 -43.41 -4.27
C ALA P 296 36.96 -44.23 -5.06
N THR P 297 38.21 -43.78 -5.01
CA THR P 297 39.44 -44.52 -5.28
C THR P 297 39.95 -44.44 -6.73
N GLN P 298 41.22 -44.08 -6.89
CA GLN P 298 41.91 -44.01 -8.15
C GLN P 298 41.32 -43.00 -9.10
N MET P 299 40.52 -42.08 -8.57
CA MET P 299 39.87 -41.10 -9.40
C MET P 299 40.84 -40.18 -10.11
N LEU P 300 41.86 -39.72 -9.42
CA LEU P 300 42.88 -38.95 -10.08
C LEU P 300 44.26 -39.46 -9.70
N GLU P 301 44.47 -40.75 -9.83
CA GLU P 301 45.64 -41.44 -9.34
C GLU P 301 47.00 -40.98 -9.80
N SER P 302 47.15 -40.62 -11.06
CA SER P 302 48.41 -40.27 -11.66
C SER P 302 48.92 -38.94 -11.12
N MET P 303 48.02 -38.21 -10.50
CA MET P 303 48.28 -36.91 -9.97
C MET P 303 48.91 -37.04 -8.60
N THR P 304 49.08 -38.27 -8.16
CA THR P 304 49.87 -38.55 -6.99
C THR P 304 51.28 -38.16 -7.35
N TYR P 305 51.64 -38.31 -8.60
CA TYR P 305 53.00 -38.02 -9.01
C TYR P 305 53.15 -36.98 -10.10
N ASN P 306 52.09 -36.65 -10.79
CA ASN P 306 52.17 -35.70 -11.88
C ASN P 306 51.29 -34.50 -11.68
N PRO P 307 51.70 -33.42 -12.28
CA PRO P 307 50.97 -32.16 -12.22
C PRO P 307 49.62 -32.20 -12.91
N ARG P 308 49.45 -33.08 -13.88
CA ARG P 308 48.27 -33.16 -14.71
C ARG P 308 47.73 -34.58 -14.79
N PRO P 309 46.43 -34.71 -14.88
CA PRO P 309 45.76 -35.99 -14.96
C PRO P 309 45.72 -36.60 -16.34
N THR P 310 45.49 -37.90 -16.38
CA THR P 310 45.18 -38.62 -17.59
C THR P 310 43.77 -38.36 -18.10
N ARG P 311 43.51 -38.66 -19.36
CA ARG P 311 42.20 -38.50 -19.93
C ARG P 311 41.17 -39.38 -19.28
N ALA P 312 41.54 -40.61 -18.96
CA ALA P 312 40.65 -41.52 -18.31
C ALA P 312 40.24 -41.02 -16.93
N GLU P 313 41.16 -40.39 -16.24
CA GLU P 313 40.87 -39.84 -14.95
C GLU P 313 39.88 -38.70 -14.93
N VAL P 314 40.05 -37.76 -15.84
CA VAL P 314 39.17 -36.65 -15.99
C VAL P 314 37.80 -37.14 -16.34
N SER P 315 37.74 -38.08 -17.25
CA SER P 315 36.47 -38.65 -17.59
C SER P 315 35.81 -39.31 -16.41
N ASP P 316 36.59 -39.99 -15.58
CA ASP P 316 36.08 -40.61 -14.39
C ASP P 316 35.47 -39.62 -13.38
N VAL P 317 36.08 -38.50 -13.08
CA VAL P 317 35.46 -37.59 -12.13
C VAL P 317 34.13 -37.04 -12.65
N ALA P 318 34.11 -36.73 -13.94
CA ALA P 318 32.93 -36.22 -14.60
C ALA P 318 31.73 -37.17 -14.64
N ASN P 319 31.98 -38.42 -15.01
CA ASN P 319 30.98 -39.45 -15.02
C ASN P 319 30.43 -39.78 -13.65
N ALA P 320 31.22 -39.67 -12.62
CA ALA P 320 30.69 -39.84 -11.27
C ALA P 320 29.63 -38.82 -10.89
N VAL P 321 29.83 -37.57 -11.29
CA VAL P 321 28.85 -36.51 -11.15
C VAL P 321 27.61 -36.74 -11.97
N PHE P 322 27.79 -37.16 -13.21
CA PHE P 322 26.72 -37.52 -14.10
C PHE P 322 25.96 -38.69 -13.51
N ASN P 323 26.64 -39.58 -12.85
CA ASN P 323 26.08 -40.76 -12.23
C ASN P 323 25.11 -40.33 -11.12
N GLY P 324 25.34 -39.16 -10.56
CA GLY P 324 24.56 -38.68 -9.47
C GLY P 324 25.13 -38.64 -8.08
N ALA P 325 26.44 -38.77 -7.97
CA ALA P 325 27.10 -38.75 -6.69
C ALA P 325 27.13 -37.41 -5.96
N ASP P 326 26.88 -37.46 -4.67
CA ASP P 326 27.08 -36.32 -3.84
C ASP P 326 28.55 -35.91 -3.77
N CYS P 327 29.43 -36.87 -3.62
CA CYS P 327 30.85 -36.66 -3.36
C CYS P 327 31.84 -37.45 -4.20
N VAL P 328 32.98 -36.85 -4.46
CA VAL P 328 34.10 -37.56 -4.98
C VAL P 328 35.20 -37.50 -3.94
N MET P 329 36.11 -38.44 -4.00
CA MET P 329 37.07 -38.64 -2.96
C MET P 329 38.50 -38.73 -3.44
N LEU P 330 39.42 -38.30 -2.61
CA LEU P 330 40.83 -38.39 -2.89
C LEU P 330 41.51 -39.19 -1.83
N SER P 331 42.35 -40.11 -2.23
CA SER P 331 43.00 -40.98 -1.28
C SER P 331 44.48 -40.76 -1.14
N GLY P 332 45.25 -41.48 -1.92
CA GLY P 332 46.69 -41.34 -1.98
C GLY P 332 47.15 -40.03 -2.53
N GLU P 333 46.37 -39.49 -3.45
CA GLU P 333 46.68 -38.26 -4.13
C GLU P 333 46.84 -37.11 -3.15
N THR P 334 46.08 -37.12 -2.07
CA THR P 334 46.27 -36.18 -0.99
C THR P 334 47.01 -36.70 0.25
N ALA P 335 46.95 -37.99 0.51
CA ALA P 335 47.68 -38.53 1.63
C ALA P 335 49.19 -38.51 1.48
N LYS P 336 49.69 -38.96 0.35
CA LYS P 336 51.11 -39.07 0.12
C LYS P 336 51.66 -38.42 -1.14
N GLY P 337 50.80 -37.73 -1.86
CA GLY P 337 51.12 -37.16 -3.15
C GLY P 337 51.99 -35.93 -3.18
N LYS P 338 52.57 -35.69 -4.35
CA LYS P 338 53.28 -34.51 -4.74
C LYS P 338 52.48 -33.23 -4.90
N TYR P 339 51.26 -33.29 -5.40
CA TYR P 339 50.53 -32.09 -5.74
C TYR P 339 49.15 -32.06 -5.15
N PRO P 340 49.08 -31.98 -3.84
CA PRO P 340 47.81 -32.05 -3.17
C PRO P 340 46.86 -30.93 -3.52
N ASN P 341 47.31 -29.69 -3.51
CA ASN P 341 46.47 -28.58 -3.89
C ASN P 341 46.01 -28.64 -5.33
N GLU P 342 46.90 -28.97 -6.24
CA GLU P 342 46.57 -29.09 -7.62
C GLU P 342 45.55 -30.18 -7.92
N VAL P 343 45.67 -31.32 -7.28
CA VAL P 343 44.76 -32.40 -7.55
C VAL P 343 43.35 -32.02 -7.15
N VAL P 344 43.20 -31.41 -6.00
CA VAL P 344 41.93 -30.93 -5.56
C VAL P 344 41.39 -29.86 -6.45
N GLN P 345 42.21 -28.94 -6.90
CA GLN P 345 41.78 -27.90 -7.77
C GLN P 345 41.30 -28.47 -9.07
N TYR P 346 41.99 -29.48 -9.58
CA TYR P 346 41.56 -30.16 -10.80
C TYR P 346 40.24 -30.87 -10.64
N MET P 347 40.05 -31.53 -9.53
CA MET P 347 38.82 -32.21 -9.31
C MET P 347 37.65 -31.26 -9.22
N ALA P 348 37.83 -30.13 -8.56
CA ALA P 348 36.78 -29.15 -8.44
C ALA P 348 36.38 -28.57 -9.76
N ARG P 349 37.35 -28.32 -10.59
CA ARG P 349 37.16 -27.77 -11.89
C ARG P 349 36.39 -28.72 -12.80
N ILE P 350 36.72 -29.99 -12.78
CA ILE P 350 36.01 -31.01 -13.53
C ILE P 350 34.58 -31.17 -13.07
N CYS P 351 34.38 -31.10 -11.78
CA CYS P 351 33.07 -31.20 -11.20
C CYS P 351 32.20 -30.06 -11.65
N LEU P 352 32.73 -28.87 -11.71
CA LEU P 352 31.99 -27.71 -12.17
C LEU P 352 31.61 -27.80 -13.63
N GLU P 353 32.51 -28.28 -14.45
CA GLU P 353 32.26 -28.47 -15.84
C GLU P 353 31.17 -29.51 -16.14
N ALA P 354 31.21 -30.64 -15.45
CA ALA P 354 30.20 -31.69 -15.60
C ALA P 354 28.83 -31.22 -15.21
N GLN P 355 28.82 -30.34 -14.22
CA GLN P 355 27.63 -29.73 -13.67
C GLN P 355 26.92 -28.92 -14.71
N SER P 356 27.63 -28.26 -15.59
CA SER P 356 26.99 -27.58 -16.69
C SER P 356 26.26 -28.49 -17.62
N ALA P 357 26.88 -29.60 -17.93
CA ALA P 357 26.30 -30.62 -18.78
C ALA P 357 25.16 -31.34 -18.11
N LEU P 358 25.09 -31.26 -16.80
CA LEU P 358 24.12 -32.03 -16.04
C LEU P 358 22.76 -31.50 -16.31
N ASN P 359 21.81 -32.38 -16.56
CA ASN P 359 20.46 -31.95 -16.70
C ASN P 359 19.77 -32.09 -15.37
N GLU P 360 19.79 -31.03 -14.60
CA GLU P 360 19.25 -31.01 -13.26
C GLU P 360 17.76 -31.21 -13.24
N TYR P 361 17.09 -30.71 -14.25
CA TYR P 361 15.68 -30.86 -14.40
C TYR P 361 15.17 -32.27 -14.62
N VAL P 362 15.82 -33.02 -15.49
CA VAL P 362 15.44 -34.40 -15.76
C VAL P 362 15.65 -35.21 -14.53
N PHE P 363 16.74 -34.93 -13.86
CA PHE P 363 17.08 -35.55 -12.61
C PHE P 363 16.04 -35.31 -11.55
N PHE P 364 15.48 -34.11 -11.47
CA PHE P 364 14.42 -33.82 -10.51
C PHE P 364 13.15 -34.65 -10.76
N ASN P 365 12.71 -34.66 -11.99
CA ASN P 365 11.57 -35.42 -12.41
C ASN P 365 11.74 -36.92 -12.28
N SER P 366 12.91 -37.42 -12.60
CA SER P 366 13.19 -38.81 -12.51
C SER P 366 13.12 -39.30 -11.12
N ILE P 367 13.69 -38.53 -10.20
CA ILE P 367 13.68 -38.85 -8.79
C ILE P 367 12.30 -38.84 -8.20
N LYS P 368 11.53 -37.84 -8.58
CA LYS P 368 10.18 -37.58 -8.15
C LYS P 368 9.23 -38.72 -8.52
N LYS P 369 9.35 -39.26 -9.73
CA LYS P 369 8.57 -40.41 -10.15
C LYS P 369 8.83 -41.63 -9.36
N LEU P 370 10.02 -41.78 -8.82
CA LEU P 370 10.37 -42.96 -8.09
C LEU P 370 9.95 -43.04 -6.63
N GLN P 371 9.41 -41.97 -6.11
CA GLN P 371 8.93 -41.93 -4.76
C GLN P 371 7.56 -42.51 -4.63
N HIS P 372 7.36 -43.26 -3.55
CA HIS P 372 6.08 -43.93 -3.31
C HIS P 372 5.02 -42.96 -2.79
N ILE P 373 3.80 -43.11 -3.28
CA ILE P 373 2.69 -42.26 -2.87
C ILE P 373 1.65 -43.05 -2.10
N PRO P 374 1.22 -42.51 -0.95
CA PRO P 374 1.73 -41.23 -0.47
C PRO P 374 3.11 -41.37 0.17
N MET P 375 3.70 -40.25 0.57
CA MET P 375 5.02 -40.25 1.20
C MET P 375 5.00 -39.54 2.54
N SER P 376 5.17 -38.22 2.50
CA SER P 376 5.17 -37.41 3.71
C SER P 376 5.02 -35.93 3.40
N ALA P 377 4.29 -35.22 4.25
CA ALA P 377 4.07 -33.80 4.07
C ALA P 377 5.30 -32.97 3.85
N ASP P 378 6.33 -33.18 4.63
CA ASP P 378 7.60 -32.51 4.39
C ASP P 378 8.26 -32.87 3.08
N GLU P 379 8.17 -34.12 2.67
CA GLU P 379 8.71 -34.52 1.38
C GLU P 379 8.02 -33.87 0.20
N ALA P 380 6.72 -33.78 0.25
CA ALA P 380 5.99 -33.07 -0.77
C ALA P 380 6.35 -31.58 -0.81
N VAL P 381 6.56 -31.02 0.34
CA VAL P 381 6.90 -29.62 0.45
C VAL P 381 8.21 -29.36 -0.23
N CYS P 382 9.19 -30.21 0.02
CA CYS P 382 10.48 -30.07 -0.62
C CYS P 382 10.47 -30.29 -2.11
N SER P 383 9.80 -31.31 -2.56
CA SER P 383 9.69 -31.56 -3.97
C SER P 383 8.94 -30.51 -4.75
N SER P 384 7.79 -30.16 -4.28
CA SER P 384 7.06 -29.10 -4.90
C SER P 384 7.79 -27.74 -4.81
N ALA P 385 8.52 -27.50 -3.74
CA ALA P 385 9.28 -26.25 -3.62
C ALA P 385 10.37 -26.10 -4.65
N VAL P 386 11.04 -27.20 -4.96
CA VAL P 386 11.98 -27.30 -6.05
C VAL P 386 11.29 -27.10 -7.39
N ASN P 387 10.11 -27.65 -7.54
CA ASN P 387 9.34 -27.48 -8.74
C ASN P 387 9.05 -25.99 -8.95
N SER P 388 8.80 -25.30 -7.85
CA SER P 388 8.64 -23.87 -7.82
C SER P 388 9.90 -23.19 -8.26
N VAL P 389 11.04 -23.73 -7.89
CA VAL P 389 12.26 -23.12 -8.31
C VAL P 389 12.38 -23.15 -9.81
N TYR P 390 12.12 -24.29 -10.41
CA TYR P 390 12.18 -24.40 -11.85
C TYR P 390 11.13 -23.55 -12.58
N GLU P 391 9.93 -23.50 -12.04
CA GLU P 391 8.87 -22.70 -12.61
C GLU P 391 9.09 -21.20 -12.62
N THR P 392 9.68 -20.64 -11.57
CA THR P 392 9.99 -19.21 -11.50
C THR P 392 11.38 -18.81 -11.92
N LYS P 393 12.24 -19.78 -12.16
CA LYS P 393 13.64 -19.56 -12.29
C LYS P 393 14.29 -18.91 -11.08
N ALA P 394 13.95 -19.38 -9.90
CA ALA P 394 14.53 -18.88 -8.68
C ALA P 394 16.01 -19.15 -8.57
N LYS P 395 16.74 -18.17 -8.08
CA LYS P 395 18.18 -18.29 -8.10
C LYS P 395 18.80 -18.78 -6.83
N ALA P 396 17.99 -18.99 -5.83
CA ALA P 396 18.44 -19.53 -4.57
C ALA P 396 17.33 -20.15 -3.77
N MET P 397 17.70 -20.89 -2.78
CA MET P 397 16.76 -21.58 -1.99
C MET P 397 17.24 -21.45 -0.59
N VAL P 398 16.34 -21.32 0.36
CA VAL P 398 16.72 -21.31 1.76
C VAL P 398 15.93 -22.31 2.55
N VAL P 399 16.58 -23.13 3.34
CA VAL P 399 15.88 -24.04 4.20
C VAL P 399 16.30 -23.98 5.61
N LEU P 400 15.39 -24.18 6.51
CA LEU P 400 15.74 -24.29 7.89
C LEU P 400 15.87 -25.73 8.29
N SER P 401 17.06 -26.14 8.68
CA SER P 401 17.26 -27.44 9.28
C SER P 401 18.22 -27.46 10.44
N ASN P 402 17.77 -28.01 11.56
CA ASN P 402 18.63 -28.24 12.71
C ASN P 402 19.29 -29.62 12.76
N THR P 403 18.55 -30.67 12.49
CA THR P 403 19.10 -32.01 12.33
C THR P 403 19.87 -32.16 11.05
N GLY P 404 19.58 -31.35 10.07
CA GLY P 404 20.10 -31.52 8.74
C GLY P 404 19.21 -32.34 7.84
N ARG P 405 18.17 -32.95 8.43
CA ARG P 405 17.22 -33.75 7.68
C ARG P 405 16.53 -32.94 6.57
N SER P 406 16.00 -31.78 6.92
CA SER P 406 15.30 -31.00 5.95
C SER P 406 16.16 -30.66 4.78
N ALA P 407 17.41 -30.34 5.04
CA ALA P 407 18.32 -30.04 3.97
C ALA P 407 18.63 -31.18 2.98
N ARG P 408 18.80 -32.39 3.47
CA ARG P 408 19.01 -33.53 2.60
C ARG P 408 17.79 -33.79 1.73
N LEU P 409 16.61 -33.64 2.31
CA LEU P 409 15.37 -33.86 1.65
C LEU P 409 15.15 -32.94 0.47
N VAL P 410 15.49 -31.69 0.63
CA VAL P 410 15.54 -30.75 -0.47
C VAL P 410 16.58 -30.96 -1.55
N ALA P 411 17.79 -31.24 -1.14
CA ALA P 411 18.93 -31.43 -2.02
C ALA P 411 18.68 -32.62 -2.89
N LYS P 412 17.92 -33.53 -2.34
CA LYS P 412 17.54 -34.75 -2.97
C LYS P 412 16.80 -34.51 -4.27
N TYR P 413 16.11 -33.40 -4.35
CA TYR P 413 15.32 -33.10 -5.50
C TYR P 413 16.06 -32.33 -6.57
N ARG P 414 17.34 -32.11 -6.36
CA ARG P 414 18.15 -31.52 -7.41
C ARG P 414 17.64 -30.21 -8.08
N PRO P 415 17.52 -29.15 -7.30
CA PRO P 415 17.20 -27.85 -7.83
C PRO P 415 18.35 -27.31 -8.65
N ASN P 416 18.11 -26.36 -9.51
CA ASN P 416 19.17 -25.87 -10.35
C ASN P 416 19.84 -24.60 -9.83
N CYS P 417 19.74 -24.43 -8.54
CA CYS P 417 20.23 -23.27 -7.87
C CYS P 417 20.80 -23.70 -6.57
N PRO P 418 21.60 -22.84 -5.96
CA PRO P 418 22.18 -23.15 -4.67
C PRO P 418 21.15 -23.32 -3.60
N ILE P 419 21.39 -24.17 -2.63
CA ILE P 419 20.50 -24.32 -1.54
C ILE P 419 21.17 -23.79 -0.30
N VAL P 420 20.50 -22.94 0.43
CA VAL P 420 21.15 -22.39 1.58
C VAL P 420 20.43 -22.85 2.81
N CYS P 421 21.13 -23.58 3.62
CA CYS P 421 20.59 -24.13 4.84
C CYS P 421 20.97 -23.30 6.06
N VAL P 422 20.01 -22.99 6.88
CA VAL P 422 20.30 -22.23 8.06
C VAL P 422 20.08 -23.14 9.23
N THR P 423 21.14 -23.36 9.98
CA THR P 423 21.12 -24.35 11.00
C THR P 423 21.56 -23.80 12.35
N THR P 424 21.01 -24.35 13.41
CA THR P 424 21.42 -24.00 14.73
C THR P 424 22.45 -24.93 15.31
N ARG P 425 22.95 -25.88 14.53
CA ARG P 425 23.97 -26.78 14.99
C ARG P 425 25.19 -26.75 14.11
N LEU P 426 26.35 -26.53 14.69
CA LEU P 426 27.60 -26.53 13.95
C LEU P 426 27.94 -27.87 13.32
N GLN P 427 27.65 -28.94 14.03
CA GLN P 427 27.88 -30.27 13.55
C GLN P 427 27.05 -30.54 12.31
N THR P 428 25.86 -29.97 12.27
CA THR P 428 25.02 -30.05 11.14
C THR P 428 25.67 -29.40 9.96
N CYS P 429 26.34 -28.28 10.17
CA CYS P 429 27.05 -27.64 9.09
C CYS P 429 28.15 -28.54 8.56
N ARG P 430 28.87 -29.21 9.42
CA ARG P 430 29.85 -30.14 8.98
C ARG P 430 29.27 -31.38 8.27
N GLN P 431 28.23 -31.94 8.83
CA GLN P 431 27.61 -33.17 8.34
C GLN P 431 27.03 -32.99 6.94
N LEU P 432 26.58 -31.79 6.66
CA LEU P 432 26.02 -31.39 5.39
C LEU P 432 27.07 -31.19 4.32
N ASN P 433 28.32 -31.32 4.69
CA ASN P 433 29.43 -31.23 3.77
C ASN P 433 29.50 -32.45 2.85
N ILE P 434 28.74 -33.48 3.13
CA ILE P 434 28.62 -34.59 2.20
C ILE P 434 27.36 -34.57 1.36
N THR P 435 26.55 -33.53 1.48
CA THR P 435 25.36 -33.46 0.69
C THR P 435 25.59 -32.51 -0.46
N GLN P 436 25.35 -32.94 -1.68
CA GLN P 436 25.58 -32.06 -2.81
C GLN P 436 24.67 -30.86 -2.83
N GLY P 437 25.21 -29.77 -3.32
CA GLY P 437 24.47 -28.58 -3.62
C GLY P 437 23.98 -27.77 -2.46
N VAL P 438 24.57 -27.94 -1.29
CA VAL P 438 24.12 -27.29 -0.09
C VAL P 438 25.19 -26.49 0.63
N GLU P 439 24.84 -25.30 1.07
CA GLU P 439 25.72 -24.47 1.86
C GLU P 439 25.06 -24.12 3.17
N SER P 440 25.83 -24.12 4.23
CA SER P 440 25.29 -23.91 5.56
C SER P 440 25.65 -22.55 6.18
N VAL P 441 24.69 -21.97 6.86
CA VAL P 441 24.89 -20.79 7.65
C VAL P 441 24.55 -21.14 9.07
N PHE P 442 25.46 -20.98 9.99
CA PHE P 442 25.16 -21.25 11.38
C PHE P 442 24.44 -20.06 12.05
N PHE P 443 23.39 -20.33 12.79
CA PHE P 443 22.65 -19.34 13.54
C PHE P 443 22.70 -19.76 14.98
N ASP P 444 23.29 -18.93 15.81
CA ASP P 444 23.54 -19.24 17.20
C ASP P 444 22.30 -18.95 17.99
N ALA P 445 21.58 -19.98 18.34
CA ALA P 445 20.35 -19.84 19.01
C ALA P 445 20.60 -19.16 20.34
N ASP P 446 21.70 -19.50 21.00
CA ASP P 446 21.97 -19.00 22.32
C ASP P 446 22.15 -17.49 22.34
N LYS P 447 23.02 -17.00 21.51
CA LYS P 447 23.23 -15.60 21.34
C LYS P 447 22.01 -14.90 20.79
N LEU P 448 21.39 -15.46 19.76
CA LEU P 448 20.31 -14.77 19.06
C LEU P 448 18.90 -15.24 19.33
N GLY P 449 18.72 -16.20 20.21
CA GLY P 449 17.38 -16.63 20.50
C GLY P 449 16.85 -17.72 19.59
N HIS P 450 15.76 -18.33 20.02
CA HIS P 450 15.15 -19.48 19.39
C HIS P 450 14.46 -19.25 18.06
N ASP P 451 14.15 -18.00 17.75
CA ASP P 451 13.60 -17.61 16.47
C ASP P 451 12.39 -18.37 15.99
N GLU P 452 11.40 -18.49 16.86
CA GLU P 452 10.23 -19.31 16.58
C GLU P 452 9.42 -18.82 15.40
N GLY P 453 9.45 -17.54 15.12
CA GLY P 453 8.70 -17.05 13.98
C GLY P 453 9.46 -17.10 12.69
N LYS P 454 10.73 -17.47 12.80
CA LYS P 454 11.56 -17.92 11.70
C LYS P 454 12.12 -16.79 10.86
N GLU P 455 11.73 -15.58 11.17
CA GLU P 455 12.16 -14.42 10.43
C GLU P 455 13.65 -14.15 10.45
N HIS P 456 14.30 -14.34 11.57
CA HIS P 456 15.74 -14.15 11.63
C HIS P 456 16.57 -15.13 10.86
N ARG P 457 16.29 -16.40 11.01
CA ARG P 457 17.02 -17.44 10.30
C ARG P 457 16.82 -17.22 8.84
N VAL P 458 15.62 -16.88 8.46
CA VAL P 458 15.35 -16.60 7.08
C VAL P 458 16.11 -15.42 6.56
N ALA P 459 16.23 -14.36 7.33
CA ALA P 459 16.99 -13.20 6.89
C ALA P 459 18.45 -13.53 6.68
N ALA P 460 19.02 -14.32 7.56
CA ALA P 460 20.39 -14.74 7.48
C ALA P 460 20.70 -15.59 6.26
N GLY P 461 19.85 -16.54 5.94
CA GLY P 461 20.02 -17.31 4.74
C GLY P 461 19.93 -16.48 3.50
N VAL P 462 18.97 -15.59 3.43
CA VAL P 462 18.88 -14.68 2.32
C VAL P 462 20.09 -13.78 2.19
N GLU P 463 20.57 -13.24 3.31
CA GLU P 463 21.73 -12.36 3.29
C GLU P 463 22.96 -13.08 2.81
N PHE P 464 23.12 -14.30 3.25
CA PHE P 464 24.22 -15.11 2.81
C PHE P 464 24.15 -15.31 1.32
N ALA P 465 22.97 -15.52 0.79
CA ALA P 465 22.79 -15.67 -0.64
C ALA P 465 23.13 -14.43 -1.42
N LYS P 466 22.81 -13.29 -0.86
CA LYS P 466 23.18 -12.00 -1.44
C LYS P 466 24.67 -11.84 -1.43
N SER P 467 25.26 -12.20 -0.31
CA SER P 467 26.66 -12.06 -0.11
C SER P 467 27.52 -12.88 -1.06
N LYS P 468 27.10 -14.10 -1.40
CA LYS P 468 27.87 -14.92 -2.30
C LYS P 468 27.47 -14.62 -3.72
N GLY P 469 26.52 -13.73 -3.88
CA GLY P 469 26.12 -13.31 -5.20
C GLY P 469 25.13 -14.15 -5.97
N TYR P 470 24.54 -15.13 -5.31
CA TYR P 470 23.53 -15.97 -5.91
C TYR P 470 22.30 -15.18 -6.27
N VAL P 471 21.95 -14.21 -5.45
CA VAL P 471 20.79 -13.35 -5.70
C VAL P 471 21.00 -11.84 -5.64
N GLN P 472 20.18 -11.11 -6.36
CA GLN P 472 20.15 -9.66 -6.33
C GLN P 472 18.70 -9.32 -6.18
N THR P 473 18.43 -8.03 -6.02
CA THR P 473 17.11 -7.55 -5.75
C THR P 473 16.30 -7.86 -6.97
N GLY P 474 15.07 -8.24 -6.73
CA GLY P 474 14.15 -8.61 -7.77
C GLY P 474 14.16 -10.08 -8.10
N ASP P 475 15.11 -10.82 -7.57
CA ASP P 475 15.17 -12.27 -7.70
C ASP P 475 14.23 -13.02 -6.75
N TYR P 476 13.87 -14.22 -7.15
CA TYR P 476 13.06 -15.05 -6.32
C TYR P 476 13.92 -15.92 -5.51
N CYS P 477 13.55 -16.09 -4.27
CA CYS P 477 14.17 -17.04 -3.41
C CYS P 477 13.09 -17.92 -2.83
N VAL P 478 13.24 -19.23 -2.94
CA VAL P 478 12.22 -20.15 -2.47
C VAL P 478 12.63 -20.64 -1.12
N VAL P 479 11.73 -20.51 -0.16
CA VAL P 479 12.02 -20.66 1.24
C VAL P 479 11.19 -21.75 1.88
N ILE P 480 11.80 -22.58 2.71
CA ILE P 480 11.16 -23.72 3.33
C ILE P 480 11.33 -23.81 4.84
N HIS P 481 10.24 -23.88 5.56
CA HIS P 481 10.25 -24.11 6.98
C HIS P 481 8.85 -24.41 7.44
N ALA P 482 8.67 -24.54 8.73
CA ALA P 482 7.36 -24.63 9.30
C ALA P 482 6.66 -23.30 9.42
N ASP P 483 5.36 -23.39 9.59
CA ASP P 483 4.53 -22.28 9.94
C ASP P 483 4.59 -22.14 11.42
N HIS P 484 3.79 -21.26 11.96
CA HIS P 484 3.82 -20.99 13.36
C HIS P 484 3.42 -22.11 14.29
N LYS P 485 2.40 -22.85 13.95
CA LYS P 485 2.04 -24.02 14.73
C LYS P 485 2.89 -25.31 14.68
N VAL P 486 3.23 -25.77 13.48
CA VAL P 486 3.86 -27.08 13.30
C VAL P 486 5.29 -27.23 13.78
N LYS P 487 5.56 -28.35 14.42
CA LYS P 487 6.86 -28.66 14.98
C LYS P 487 7.44 -29.99 14.54
N GLY P 488 8.73 -30.01 14.29
CA GLY P 488 9.43 -31.21 13.90
C GLY P 488 9.65 -31.46 12.43
N TYR P 489 8.99 -30.70 11.58
CA TYR P 489 9.21 -30.75 10.16
C TYR P 489 8.78 -29.46 9.53
N ALA P 490 9.08 -29.28 8.27
CA ALA P 490 8.65 -28.12 7.58
C ALA P 490 7.44 -28.42 6.74
N ASN P 491 6.37 -27.71 6.99
CA ASN P 491 5.15 -27.85 6.23
C ASN P 491 4.85 -26.71 5.26
N GLN P 492 5.78 -25.80 5.07
CA GLN P 492 5.53 -24.59 4.32
C GLN P 492 6.56 -24.22 3.25
N THR P 493 6.10 -23.66 2.15
CA THR P 493 6.95 -23.07 1.17
C THR P 493 6.51 -21.67 0.82
N ARG P 494 7.46 -20.78 0.62
CA ARG P 494 7.17 -19.43 0.18
C ARG P 494 8.07 -18.98 -0.92
N ILE P 495 7.55 -18.29 -1.90
CA ILE P 495 8.37 -17.65 -2.86
C ILE P 495 8.47 -16.17 -2.50
N LEU P 496 9.64 -15.71 -2.07
CA LEU P 496 9.84 -14.31 -1.77
C LEU P 496 10.76 -13.56 -2.68
N LEU P 497 10.41 -12.31 -2.91
CA LEU P 497 11.17 -11.41 -3.75
C LEU P 497 12.29 -10.83 -2.93
N VAL P 498 13.48 -10.70 -3.49
CA VAL P 498 14.59 -10.22 -2.69
C VAL P 498 14.91 -8.76 -2.88
N GLU P 499 15.13 -8.06 -1.77
CA GLU P 499 15.43 -6.63 -1.80
C GLU P 499 16.84 -6.37 -1.26
N SER Q 2 64.93 44.59 13.91
CA SER Q 2 65.67 45.52 13.11
C SER Q 2 64.79 46.68 12.77
N GLN Q 3 65.37 47.79 12.39
CA GLN Q 3 64.60 48.93 12.06
C GLN Q 3 63.82 48.67 10.81
N LEU Q 4 64.37 47.84 9.96
CA LEU Q 4 63.75 47.47 8.71
C LEU Q 4 62.46 46.72 8.88
N ALA Q 5 62.51 45.67 9.68
CA ALA Q 5 61.44 44.71 9.81
C ALA Q 5 60.22 45.40 10.31
N HIS Q 6 60.52 46.15 11.37
CA HIS Q 6 59.66 47.13 12.06
C HIS Q 6 59.01 48.19 11.22
N ASN Q 7 59.70 48.73 10.23
CA ASN Q 7 59.10 49.69 9.35
C ASN Q 7 57.92 49.06 8.67
N LEU Q 8 58.03 47.78 8.52
CA LEU Q 8 57.10 46.90 7.86
C LEU Q 8 55.81 46.67 8.62
N THR Q 9 55.88 46.82 9.93
CA THR Q 9 54.73 46.74 10.78
C THR Q 9 54.01 48.04 10.90
N LEU Q 10 54.56 49.13 10.42
CA LEU Q 10 53.88 50.43 10.51
C LEU Q 10 52.71 50.59 9.58
N SER Q 11 51.76 51.42 9.96
CA SER Q 11 50.68 51.83 9.05
C SER Q 11 50.32 53.30 9.14
N ILE Q 12 49.99 53.92 8.03
CA ILE Q 12 49.55 55.29 8.07
C ILE Q 12 48.27 55.49 8.85
N PHE Q 13 47.44 54.45 8.92
CA PHE Q 13 46.18 54.53 9.63
C PHE Q 13 46.27 54.15 11.12
N ASP Q 14 47.48 53.99 11.64
CA ASP Q 14 47.64 53.68 13.03
C ASP Q 14 47.20 54.91 13.78
N PRO Q 15 46.44 54.74 14.84
CA PRO Q 15 46.03 55.86 15.65
C PRO Q 15 47.18 56.41 16.45
N VAL Q 16 47.28 57.72 16.57
CA VAL Q 16 48.31 58.31 17.38
C VAL Q 16 48.00 58.24 18.85
N ALA Q 17 48.98 58.57 19.65
CA ALA Q 17 48.89 58.49 21.10
C ALA Q 17 48.04 59.55 21.77
N ASN Q 18 47.68 59.28 23.01
CA ASN Q 18 46.93 60.23 23.80
C ASN Q 18 47.82 61.25 24.47
N TYR Q 19 49.11 61.13 24.24
CA TYR Q 19 50.05 62.08 24.76
C TYR Q 19 51.16 62.35 23.77
N ARG Q 20 51.69 63.56 23.77
CA ARG Q 20 52.85 63.91 22.99
C ARG Q 20 54.07 64.04 23.90
N ALA Q 21 55.03 63.17 23.71
CA ALA Q 21 56.28 63.19 24.45
C ALA Q 21 57.23 64.36 24.22
N ALA Q 22 57.43 64.72 22.98
CA ALA Q 22 58.35 65.77 22.64
C ALA Q 22 57.84 67.14 23.00
N ARG Q 23 58.75 68.03 23.29
CA ARG Q 23 58.45 69.38 23.71
C ARG Q 23 58.83 70.45 22.71
N ILE Q 24 58.02 71.48 22.65
CA ILE Q 24 58.23 72.55 21.69
C ILE Q 24 58.65 73.83 22.34
N ILE Q 25 59.66 74.45 21.75
CA ILE Q 25 60.23 75.70 22.22
C ILE Q 25 59.97 76.81 21.21
N CYS Q 26 59.52 77.95 21.68
CA CYS Q 26 59.20 79.06 20.82
C CYS Q 26 59.96 80.30 21.18
N THR Q 27 60.51 80.95 20.20
CA THR Q 27 61.20 82.19 20.37
C THR Q 27 60.20 83.31 20.28
N ILE Q 28 60.27 84.23 21.20
CA ILE Q 28 59.29 85.29 21.30
C ILE Q 28 59.78 86.60 20.75
N GLY Q 29 59.08 87.07 19.75
CA GLY Q 29 59.35 88.28 19.05
C GLY Q 29 58.08 89.06 18.88
N PRO Q 30 58.12 89.98 17.93
CA PRO Q 30 57.10 90.96 17.70
C PRO Q 30 55.77 90.33 17.39
N SER Q 31 55.78 89.24 16.66
CA SER Q 31 54.62 88.45 16.41
C SER Q 31 54.02 87.82 17.66
N THR Q 32 54.81 87.52 18.67
CA THR Q 32 54.33 86.69 19.75
C THR Q 32 54.39 87.21 21.18
N GLN Q 33 54.74 88.47 21.31
CA GLN Q 33 54.91 89.11 22.59
C GLN Q 33 53.67 89.34 23.42
N SER Q 34 52.59 89.62 22.72
CA SER Q 34 51.36 89.92 23.35
C SER Q 34 50.82 88.74 24.06
N VAL Q 35 50.16 89.02 25.15
CA VAL Q 35 49.62 88.01 26.00
C VAL Q 35 48.63 87.17 25.24
N GLU Q 36 47.86 87.78 24.39
CA GLU Q 36 46.95 87.02 23.57
C GLU Q 36 47.69 86.09 22.62
N ALA Q 37 48.76 86.56 22.02
CA ALA Q 37 49.54 85.71 21.15
C ALA Q 37 50.17 84.55 21.90
N LEU Q 38 50.67 84.83 23.09
CA LEU Q 38 51.28 83.84 23.94
C LEU Q 38 50.32 82.78 24.38
N LYS Q 39 49.11 83.17 24.68
CA LYS Q 39 48.06 82.26 25.03
C LYS Q 39 47.74 81.34 23.88
N GLY Q 40 47.78 81.87 22.69
CA GLY Q 40 47.60 81.08 21.50
C GLY Q 40 48.71 80.06 21.33
N LEU Q 41 49.92 80.47 21.61
CA LEU Q 41 51.08 79.61 21.53
C LEU Q 41 51.05 78.45 22.51
N ILE Q 42 50.65 78.71 23.73
CA ILE Q 42 50.56 77.69 24.73
C ILE Q 42 49.52 76.66 24.38
N GLN Q 43 48.39 77.12 23.95
CA GLN Q 43 47.31 76.27 23.53
C GLN Q 43 47.65 75.46 22.31
N SER Q 44 48.48 76.07 21.48
CA SER Q 44 48.96 75.45 20.29
C SER Q 44 49.99 74.40 20.63
N GLY Q 45 50.57 74.50 21.80
CA GLY Q 45 51.59 73.56 22.18
C GLY Q 45 52.96 73.98 22.67
N MET Q 46 53.15 75.22 23.04
CA MET Q 46 54.46 75.67 23.52
C MET Q 46 54.75 75.32 24.95
N SER Q 47 55.89 74.71 25.22
CA SER Q 47 56.25 74.42 26.57
C SER Q 47 57.32 75.32 27.11
N VAL Q 48 58.11 75.89 26.23
CA VAL Q 48 59.21 76.74 26.64
C VAL Q 48 59.21 78.02 25.84
N ALA Q 49 59.34 79.16 26.48
CA ALA Q 49 59.50 80.38 25.72
C ALA Q 49 60.91 80.92 25.75
N ARG Q 50 61.45 81.19 24.58
CA ARG Q 50 62.82 81.60 24.42
C ARG Q 50 62.95 83.07 24.08
N MET Q 51 63.78 83.75 24.83
CA MET Q 51 64.13 85.13 24.57
C MET Q 51 65.53 85.21 24.03
N ASN Q 52 65.71 85.82 22.89
CA ASN Q 52 67.03 85.95 22.31
C ASN Q 52 67.62 87.31 22.57
N PHE Q 53 68.70 87.32 23.32
CA PHE Q 53 69.29 88.54 23.82
C PHE Q 53 70.19 89.18 22.82
N SER Q 54 70.29 88.58 21.65
CA SER Q 54 70.90 89.20 20.50
C SER Q 54 70.03 90.30 19.96
N HIS Q 55 68.76 90.27 20.31
CA HIS Q 55 67.80 91.20 19.80
C HIS Q 55 67.09 91.75 21.02
N GLY Q 56 66.54 92.94 20.91
CA GLY Q 56 65.81 93.49 22.01
C GLY Q 56 66.72 94.06 23.05
N SER Q 57 66.22 94.22 24.24
CA SER Q 57 66.92 94.88 25.30
C SER Q 57 66.31 94.33 26.53
N HIS Q 58 66.82 94.70 27.68
CA HIS Q 58 66.33 94.15 28.91
C HIS Q 58 64.91 94.56 29.00
N GLU Q 59 64.65 95.77 28.55
CA GLU Q 59 63.32 96.31 28.60
C GLU Q 59 62.36 95.52 27.76
N TYR Q 60 62.74 95.18 26.53
CA TYR Q 60 61.87 94.41 25.67
C TYR Q 60 61.59 93.03 26.20
N HIS Q 61 62.65 92.38 26.64
CA HIS Q 61 62.61 91.04 27.19
C HIS Q 61 61.87 90.90 28.48
N GLN Q 62 61.87 91.96 29.27
CA GLN Q 62 61.10 92.02 30.48
C GLN Q 62 59.64 91.94 30.17
N THR Q 63 59.24 92.61 29.12
CA THR Q 63 57.86 92.60 28.74
C THR Q 63 57.47 91.18 28.44
N THR Q 64 58.35 90.45 27.77
CA THR Q 64 58.12 89.06 27.41
C THR Q 64 57.96 88.18 28.62
N ILE Q 65 58.79 88.40 29.61
CA ILE Q 65 58.74 87.65 30.83
C ILE Q 65 57.44 87.85 31.54
N ASN Q 66 57.02 89.09 31.65
CA ASN Q 66 55.78 89.40 32.30
C ASN Q 66 54.63 88.84 31.55
N ASN Q 67 54.67 88.97 30.25
CA ASN Q 67 53.63 88.42 29.45
C ASN Q 67 53.51 86.90 29.49
N VAL Q 68 54.63 86.21 29.58
CA VAL Q 68 54.62 84.76 29.67
C VAL Q 68 54.00 84.30 30.96
N ARG Q 69 54.42 84.91 32.03
CA ARG Q 69 53.90 84.58 33.31
C ARG Q 69 52.40 84.86 33.40
N GLN Q 70 51.96 86.00 32.88
CA GLN Q 70 50.56 86.36 32.87
C GLN Q 70 49.71 85.45 32.02
N ALA Q 71 50.19 85.10 30.85
CA ALA Q 71 49.51 84.14 30.01
C ALA Q 71 49.42 82.74 30.58
N ALA Q 72 50.51 82.27 31.16
CA ALA Q 72 50.55 80.98 31.80
C ALA Q 72 49.63 80.93 32.97
N ALA Q 73 49.60 81.99 33.76
CA ALA Q 73 48.79 82.08 34.94
C ALA Q 73 47.33 82.00 34.63
N GLU Q 74 46.93 82.67 33.58
CA GLU Q 74 45.59 82.67 33.07
C GLU Q 74 45.16 81.33 32.58
N LEU Q 75 46.10 80.51 32.18
CA LEU Q 75 45.76 79.24 31.58
C LEU Q 75 46.04 78.09 32.52
N GLY Q 76 46.45 78.45 33.72
CA GLY Q 76 46.79 77.49 34.72
C GLY Q 76 47.87 76.50 34.39
N VAL Q 77 48.96 76.96 33.83
CA VAL Q 77 50.02 76.09 33.37
C VAL Q 77 51.35 76.64 33.73
N ASN Q 78 52.37 75.81 33.72
CA ASN Q 78 53.69 76.28 34.02
C ASN Q 78 54.55 76.27 32.74
N ILE Q 79 55.12 77.41 32.37
CA ILE Q 79 55.91 77.52 31.17
C ILE Q 79 57.33 77.93 31.50
N ALA Q 80 58.32 77.19 31.03
CA ALA Q 80 59.70 77.55 31.26
C ALA Q 80 60.06 78.80 30.50
N ILE Q 81 60.93 79.60 31.08
CA ILE Q 81 61.45 80.77 30.42
C ILE Q 81 62.95 80.60 30.20
N ALA Q 82 63.39 80.77 28.98
CA ALA Q 82 64.79 80.56 28.66
C ALA Q 82 65.45 81.82 28.19
N LEU Q 83 66.64 82.09 28.67
CA LEU Q 83 67.39 83.22 28.18
C LEU Q 83 68.54 82.76 27.27
N ASP Q 84 68.33 83.22 26.05
CA ASP Q 84 69.18 82.99 24.91
C ASP Q 84 70.07 84.20 24.66
N THR Q 85 71.31 84.09 25.11
CA THR Q 85 72.29 85.16 25.06
C THR Q 85 72.72 85.61 23.65
N LYS Q 86 73.10 86.85 23.55
CA LYS Q 86 73.62 87.37 22.30
C LYS Q 86 74.94 86.68 22.05
N GLY Q 87 75.78 86.65 23.05
CA GLY Q 87 77.06 86.00 22.95
C GLY Q 87 78.09 86.84 22.24
N PRO Q 88 79.31 86.41 22.23
CA PRO Q 88 80.36 87.14 21.55
C PRO Q 88 80.12 87.18 20.04
N GLU Q 89 80.31 88.31 19.36
CA GLU Q 89 80.16 88.40 17.91
C GLU Q 89 81.45 89.01 17.32
N ILE Q 90 81.77 88.56 16.10
CA ILE Q 90 82.77 89.20 15.25
C ILE Q 90 82.01 89.96 14.19
N ARG Q 91 82.32 91.25 14.10
CA ARG Q 91 81.75 92.13 13.10
C ARG Q 91 82.82 92.97 12.36
N THR Q 92 82.53 93.30 11.11
CA THR Q 92 83.30 94.36 10.41
C THR Q 92 82.97 95.71 11.01
N GLY Q 93 83.77 96.70 10.64
CA GLY Q 93 83.48 98.07 10.95
C GLY Q 93 82.55 98.67 9.91
N GLN Q 94 82.57 100.00 9.84
CA GLN Q 94 81.85 100.81 8.88
C GLN Q 94 82.64 100.96 7.59
N PHE Q 95 81.93 101.15 6.48
CA PHE Q 95 82.55 101.55 5.22
C PHE Q 95 82.20 102.98 4.85
N VAL Q 96 83.12 103.67 4.15
CA VAL Q 96 82.88 105.03 3.62
C VAL Q 96 81.73 104.98 2.59
N GLY Q 97 80.84 105.97 2.65
CA GLY Q 97 79.62 105.97 1.84
C GLY Q 97 78.57 104.98 2.31
N GLY Q 98 78.75 104.44 3.51
CA GLY Q 98 77.81 103.47 4.08
C GLY Q 98 77.96 102.04 3.59
N ASP Q 99 78.66 101.85 2.47
CA ASP Q 99 78.65 100.60 1.70
C ASP Q 99 80.04 100.31 1.08
N ALA Q 100 80.28 99.07 0.61
CA ALA Q 100 81.53 98.75 -0.10
C ALA Q 100 81.44 97.54 -1.06
N VAL Q 101 81.80 97.77 -2.31
CA VAL Q 101 81.52 96.88 -3.43
C VAL Q 101 82.68 95.90 -3.71
N MET Q 102 82.58 94.68 -3.19
CA MET Q 102 83.66 93.66 -3.26
C MET Q 102 83.61 92.82 -4.54
N GLU Q 103 84.62 92.93 -5.42
CA GLU Q 103 84.57 92.23 -6.72
C GLU Q 103 85.38 90.95 -6.70
N ARG Q 104 84.99 89.97 -7.50
CA ARG Q 104 85.73 88.70 -7.55
C ARG Q 104 87.14 88.91 -8.15
N GLY Q 105 88.16 88.29 -7.55
CA GLY Q 105 89.53 88.44 -8.06
C GLY Q 105 90.34 89.57 -7.42
N ALA Q 106 89.65 90.60 -6.89
CA ALA Q 106 90.27 91.78 -6.23
C ALA Q 106 91.07 91.43 -4.97
N THR Q 107 92.07 92.25 -4.65
CA THR Q 107 92.78 92.22 -3.38
C THR Q 107 92.22 93.28 -2.42
N CYS Q 108 91.98 92.85 -1.16
CA CYS Q 108 91.60 93.80 -0.09
C CYS Q 108 92.36 93.47 1.18
N TYR Q 109 92.32 94.38 2.16
CA TYR Q 109 93.16 94.28 3.36
C TYR Q 109 92.20 94.33 4.55
N VAL Q 110 92.29 93.37 5.44
CA VAL Q 110 91.40 93.37 6.62
C VAL Q 110 92.29 93.63 7.82
N THR Q 111 91.90 94.60 8.62
CA THR Q 111 92.76 94.99 9.68
C THR Q 111 92.05 95.02 11.00
N THR Q 112 92.75 94.77 12.08
CA THR Q 112 92.19 95.00 13.40
C THR Q 112 92.66 96.29 14.04
N ASP Q 113 93.36 97.12 13.27
CA ASP Q 113 93.76 98.46 13.74
C ASP Q 113 92.48 99.31 13.97
N PRO Q 114 92.23 99.73 15.23
CA PRO Q 114 90.92 100.36 15.52
C PRO Q 114 90.77 101.75 14.88
N ALA Q 115 91.89 102.39 14.52
CA ALA Q 115 91.86 103.62 13.67
C ALA Q 115 90.91 103.51 12.44
N PHE Q 116 90.66 102.29 11.96
CA PHE Q 116 89.88 102.03 10.73
C PHE Q 116 88.39 101.68 10.88
N ALA Q 117 87.86 101.76 12.10
CA ALA Q 117 86.49 101.26 12.38
C ALA Q 117 85.38 102.07 11.69
N ASP Q 118 85.65 103.34 11.40
CA ASP Q 118 84.67 104.21 10.73
C ASP Q 118 85.13 104.71 9.36
N LYS Q 119 86.11 104.02 8.76
CA LYS Q 119 86.71 104.46 7.46
C LYS Q 119 87.26 103.28 6.66
N GLY Q 120 86.55 102.16 6.70
CA GLY Q 120 86.87 101.06 5.78
C GLY Q 120 86.55 101.43 4.34
N THR Q 121 87.04 100.65 3.39
CA THR Q 121 86.69 100.83 1.98
C THR Q 121 86.86 99.45 1.41
N LYS Q 122 86.50 99.26 0.15
CA LYS Q 122 86.73 97.95 -0.44
C LYS Q 122 88.20 97.53 -0.35
N ASP Q 123 89.10 98.53 -0.28
CA ASP Q 123 90.55 98.35 -0.22
C ASP Q 123 91.03 97.87 1.14
N LYS Q 124 90.51 98.46 2.21
CA LYS Q 124 90.93 98.09 3.54
C LYS Q 124 89.89 98.46 4.58
N PHE Q 125 89.54 97.48 5.39
CA PHE Q 125 88.55 97.74 6.43
C PHE Q 125 88.82 96.95 7.70
N TYR Q 126 88.06 97.27 8.73
CA TYR Q 126 88.27 96.76 10.04
C TYR Q 126 87.33 95.58 10.34
N ILE Q 127 87.87 94.56 11.00
CA ILE Q 127 87.16 93.46 11.63
C ILE Q 127 87.47 93.59 13.12
N ASP Q 128 86.46 93.53 13.97
CA ASP Q 128 86.67 93.97 15.36
C ASP Q 128 87.21 92.90 16.32
N TYR Q 129 87.71 91.78 15.79
CA TYR Q 129 88.21 90.70 16.65
C TYR Q 129 89.70 90.82 16.69
N GLN Q 130 90.21 91.31 17.82
CA GLN Q 130 91.62 91.76 17.91
C GLN Q 130 92.64 90.65 17.70
N ASN Q 131 92.21 89.43 17.95
CA ASN Q 131 93.05 88.28 17.71
C ASN Q 131 92.95 87.73 16.32
N LEU Q 132 92.32 88.43 15.36
CA LEU Q 132 92.12 87.83 14.00
C LEU Q 132 93.41 87.21 13.42
N SER Q 133 94.52 87.99 13.43
CA SER Q 133 95.79 87.60 12.82
C SER Q 133 96.42 86.38 13.45
N LYS Q 134 96.34 86.27 14.76
CA LYS Q 134 96.91 85.12 15.46
C LYS Q 134 96.09 83.85 15.12
N VAL Q 135 94.82 83.99 14.83
CA VAL Q 135 93.99 82.80 14.72
C VAL Q 135 93.95 82.28 13.29
N VAL Q 136 94.16 83.16 12.33
CA VAL Q 136 94.07 82.73 10.93
C VAL Q 136 95.47 82.50 10.34
N ARG Q 137 95.58 81.58 9.37
CA ARG Q 137 96.82 81.39 8.57
C ARG Q 137 96.54 81.50 7.05
N PRO Q 138 97.59 81.71 6.21
CA PRO Q 138 97.45 81.66 4.74
C PRO Q 138 96.68 80.40 4.28
N GLY Q 139 95.67 80.60 3.44
CA GLY Q 139 94.86 79.50 2.92
C GLY Q 139 93.49 79.47 3.57
N ASN Q 140 93.43 79.84 4.85
CA ASN Q 140 92.13 79.95 5.58
C ASN Q 140 91.15 80.91 4.90
N TYR Q 141 89.89 80.66 5.16
CA TYR Q 141 88.80 81.43 4.59
C TYR Q 141 88.18 82.33 5.66
N ILE Q 142 87.74 83.51 5.24
CA ILE Q 142 87.08 84.45 6.14
C ILE Q 142 85.73 84.84 5.58
N TYR Q 143 84.66 84.41 6.24
CA TYR Q 143 83.29 84.63 5.72
C TYR Q 143 82.67 85.90 6.27
N ILE Q 144 82.05 86.67 5.38
CA ILE Q 144 81.43 87.94 5.76
C ILE Q 144 80.03 88.03 5.20
N ASP Q 145 79.10 88.48 6.00
CA ASP Q 145 77.71 88.57 5.61
C ASP Q 145 76.82 87.32 5.49
N ASP Q 146 76.83 86.50 6.53
CA ASP Q 146 76.11 85.25 6.46
C ASP Q 146 76.92 84.14 5.76
N GLY Q 147 78.21 84.40 5.57
CA GLY Q 147 79.08 83.52 4.73
C GLY Q 147 78.94 83.79 3.21
N ILE Q 148 78.29 84.88 2.84
CA ILE Q 148 78.00 85.17 1.44
C ILE Q 148 79.25 85.60 0.69
N LEU Q 149 80.04 86.45 1.34
CA LEU Q 149 81.27 86.97 0.76
C LEU Q 149 82.39 86.12 1.36
N ILE Q 150 83.15 85.46 0.48
CA ILE Q 150 84.19 84.57 0.97
C ILE Q 150 85.52 85.17 0.55
N LEU Q 151 86.25 85.68 1.54
CA LEU Q 151 87.59 86.17 1.30
C LEU Q 151 88.52 85.02 1.63
N GLN Q 152 89.62 84.91 0.89
CA GLN Q 152 90.70 84.01 1.30
C GLN Q 152 91.99 84.71 1.72
N VAL Q 153 92.52 84.25 2.86
CA VAL Q 153 93.72 84.82 3.42
C VAL Q 153 94.98 84.43 2.64
N GLN Q 154 95.73 85.45 2.21
CA GLN Q 154 96.92 85.21 1.41
C GLN Q 154 98.16 85.37 2.30
N SER Q 155 98.22 86.46 3.08
CA SER Q 155 99.40 86.73 3.88
C SER Q 155 99.10 87.75 4.97
N HIS Q 156 100.07 87.87 5.87
CA HIS Q 156 100.08 88.91 6.87
C HIS Q 156 100.80 90.11 6.26
N GLU Q 157 100.04 91.10 5.79
CA GLU Q 157 100.65 92.40 5.44
C GLU Q 157 101.43 92.94 6.62
N ASP Q 158 100.84 92.95 7.82
CA ASP Q 158 101.59 93.28 9.03
C ASP Q 158 100.99 92.58 10.25
N GLU Q 159 101.37 93.00 11.44
CA GLU Q 159 100.90 92.30 12.59
C GLU Q 159 99.40 92.44 12.92
N GLN Q 160 98.71 93.38 12.25
CA GLN Q 160 97.28 93.65 12.45
C GLN Q 160 96.47 93.59 11.18
N THR Q 161 97.09 93.28 10.05
CA THR Q 161 96.42 93.42 8.78
C THR Q 161 96.70 92.19 7.95
N LEU Q 162 95.65 91.67 7.31
CA LEU Q 162 95.73 90.51 6.46
C LEU Q 162 95.47 90.91 5.02
N GLU Q 163 96.34 90.50 4.10
CA GLU Q 163 96.07 90.67 2.68
C GLU Q 163 95.14 89.53 2.29
N CYS Q 164 94.00 89.85 1.66
CA CYS Q 164 93.02 88.83 1.25
C CYS Q 164 92.76 88.87 -0.25
N THR Q 165 92.44 87.72 -0.83
CA THR Q 165 91.75 87.65 -2.14
C THR Q 165 90.23 87.64 -1.97
N VAL Q 166 89.51 88.35 -2.81
CA VAL Q 166 88.07 88.19 -2.87
C VAL Q 166 87.66 87.01 -3.81
N THR Q 167 87.06 85.94 -3.24
CA THR Q 167 86.78 84.74 -4.06
C THR Q 167 85.47 84.80 -4.82
N ASN Q 168 84.55 85.67 -4.38
CA ASN Q 168 83.26 85.84 -5.11
C ASN Q 168 82.70 87.23 -4.86
N SER Q 169 81.93 87.72 -5.82
CA SER Q 169 81.49 89.12 -5.83
C SER Q 169 80.36 89.27 -4.84
N HIS Q 170 80.33 90.42 -4.17
CA HIS Q 170 79.23 90.72 -3.27
C HIS Q 170 79.42 92.12 -2.68
N THR Q 171 78.35 92.89 -2.68
CA THR Q 171 78.36 94.18 -2.05
C THR Q 171 78.04 93.92 -0.57
N ILE Q 172 78.84 94.52 0.32
CA ILE Q 172 78.61 94.40 1.76
C ILE Q 172 78.39 95.76 2.43
N SER Q 173 77.39 95.89 3.29
CA SER Q 173 77.15 97.15 4.01
C SER Q 173 77.82 97.13 5.39
N ASP Q 174 77.58 98.19 6.19
CA ASP Q 174 78.20 98.31 7.51
C ASP Q 174 77.99 97.15 8.45
N ARG Q 175 79.07 96.78 9.12
CA ARG Q 175 79.02 95.93 10.31
C ARG Q 175 78.44 94.54 10.11
N ARG Q 176 78.88 93.83 9.07
CA ARG Q 176 78.43 92.45 8.92
C ARG Q 176 79.14 91.47 9.86
N GLY Q 177 78.49 90.36 10.15
CA GLY Q 177 79.08 89.35 11.01
C GLY Q 177 80.11 88.57 10.23
N VAL Q 178 81.13 88.08 10.90
CA VAL Q 178 82.08 87.31 10.18
C VAL Q 178 82.15 85.94 10.83
N ASN Q 179 82.54 84.93 10.05
CA ASN Q 179 82.88 83.63 10.63
C ASN Q 179 84.24 83.19 10.20
N LEU Q 180 84.76 82.15 10.85
CA LEU Q 180 86.10 81.68 10.65
C LEU Q 180 86.15 80.12 10.64
N PRO Q 181 85.73 79.49 9.51
CA PRO Q 181 85.44 78.09 9.66
C PRO Q 181 86.58 77.14 9.98
N GLY Q 182 87.80 77.48 9.64
CA GLY Q 182 88.89 76.57 9.96
C GLY Q 182 89.66 77.14 11.14
N CYS Q 183 88.95 77.90 11.97
CA CYS Q 183 89.66 78.71 12.95
C CYS Q 183 89.05 78.53 14.30
N ASP Q 184 89.94 78.38 15.28
CA ASP Q 184 89.55 78.28 16.64
C ASP Q 184 89.38 79.68 17.21
N VAL Q 185 88.15 80.12 17.28
CA VAL Q 185 87.89 81.49 17.75
C VAL Q 185 87.98 81.54 19.25
N ASP Q 186 88.66 82.54 19.79
CA ASP Q 186 88.92 82.55 21.26
C ASP Q 186 88.37 83.76 22.01
N LEU Q 187 87.29 84.28 21.53
CA LEU Q 187 86.51 85.16 22.31
C LEU Q 187 86.18 84.52 23.65
N PRO Q 188 86.03 85.34 24.66
CA PRO Q 188 85.59 84.89 25.96
C PRO Q 188 84.24 84.25 25.86
N ALA Q 189 83.88 83.45 26.84
CA ALA Q 189 82.65 82.70 26.79
C ALA Q 189 81.51 83.65 26.89
N VAL Q 190 81.71 84.67 27.69
CA VAL Q 190 80.70 85.62 28.03
C VAL Q 190 81.16 87.04 27.74
N SER Q 191 80.44 87.74 26.89
CA SER Q 191 80.72 89.13 26.63
C SER Q 191 80.32 90.03 27.79
N ALA Q 192 80.65 91.30 27.69
CA ALA Q 192 80.25 92.23 28.71
C ALA Q 192 78.75 92.42 28.75
N LYS Q 193 78.11 92.47 27.61
CA LYS Q 193 76.67 92.51 27.59
C LYS Q 193 76.03 91.25 28.17
N ASP Q 194 76.59 90.09 27.86
CA ASP Q 194 76.13 88.83 28.41
C ASP Q 194 76.16 88.88 29.93
N ARG Q 195 77.24 89.40 30.46
CA ARG Q 195 77.42 89.46 31.88
C ARG Q 195 76.30 90.23 32.49
N VAL Q 196 75.91 91.31 31.85
CA VAL Q 196 74.82 92.08 32.31
C VAL Q 196 73.64 91.25 31.93
N ASP Q 197 73.80 90.38 30.92
CA ASP Q 197 72.67 89.61 30.49
C ASP Q 197 72.37 88.47 31.44
N LEU Q 198 73.40 87.79 31.90
CA LEU Q 198 73.25 86.74 32.88
C LEU Q 198 72.70 87.18 34.21
N GLN Q 199 73.16 88.32 34.71
CA GLN Q 199 72.67 88.83 35.96
C GLN Q 199 71.19 89.15 35.92
N PHE Q 200 70.74 89.70 34.81
CA PHE Q 200 69.37 90.05 34.62
C PHE Q 200 68.51 88.82 34.66
N GLY Q 201 68.99 87.75 34.05
CA GLY Q 201 68.29 86.50 34.02
C GLY Q 201 68.09 85.92 35.39
N VAL Q 202 69.12 86.02 36.21
CA VAL Q 202 69.02 85.61 37.59
C VAL Q 202 68.01 86.42 38.36
N GLU Q 203 68.04 87.74 38.17
CA GLU Q 203 67.16 88.68 38.82
C GLU Q 203 65.71 88.46 38.49
N GLN Q 204 65.41 88.17 37.25
CA GLN Q 204 64.04 88.00 36.85
C GLN Q 204 63.63 86.56 36.98
N GLY Q 205 64.50 85.78 37.59
CA GLY Q 205 64.22 84.39 37.84
C GLY Q 205 63.94 83.45 36.69
N VAL Q 206 64.71 83.56 35.63
CA VAL Q 206 64.58 82.63 34.53
C VAL Q 206 64.98 81.20 34.87
N ASP Q 207 64.29 80.27 34.25
CA ASP Q 207 64.58 78.87 34.37
C ASP Q 207 65.88 78.28 33.79
N MET Q 208 66.26 78.67 32.60
CA MET Q 208 67.43 78.13 31.94
C MET Q 208 68.15 79.15 31.07
N ILE Q 209 69.40 78.89 30.78
CA ILE Q 209 70.17 79.68 29.87
C ILE Q 209 70.50 78.85 28.65
N PHE Q 210 70.25 79.37 27.48
CA PHE Q 210 70.76 78.74 26.32
C PHE Q 210 72.04 79.46 26.02
N ALA Q 211 73.16 78.86 26.31
CA ALA Q 211 74.41 79.54 26.20
C ALA Q 211 74.99 79.41 24.82
N SER Q 212 75.03 80.51 24.11
CA SER Q 212 75.53 80.57 22.76
C SER Q 212 77.00 80.30 22.61
N PHE Q 213 77.33 79.77 21.46
CA PHE Q 213 78.67 79.57 21.02
C PHE Q 213 79.57 78.84 22.06
N ILE Q 214 79.24 77.66 22.72
CA ILE Q 214 80.08 77.10 23.72
C ILE Q 214 81.20 76.33 23.05
N ARG Q 215 82.42 76.88 23.07
CA ARG Q 215 83.68 76.20 22.73
C ARG Q 215 84.22 75.12 23.68
N SER Q 216 83.97 75.24 24.98
CA SER Q 216 84.65 74.45 25.99
C SER Q 216 83.95 74.20 27.32
N ALA Q 217 84.43 73.19 28.03
CA ALA Q 217 83.99 72.86 29.36
C ALA Q 217 84.32 73.96 30.35
N GLU Q 218 85.45 74.60 30.14
CA GLU Q 218 85.89 75.72 30.94
C GLU Q 218 84.96 76.90 30.83
N GLN Q 219 84.45 77.15 29.64
CA GLN Q 219 83.50 78.19 29.36
C GLN Q 219 82.18 78.00 30.07
N VAL Q 220 81.70 76.79 30.15
CA VAL Q 220 80.47 76.49 30.85
C VAL Q 220 80.65 76.86 32.29
N GLY Q 221 81.80 76.52 32.85
CA GLY Q 221 82.08 76.82 34.22
C GLY Q 221 82.08 78.30 34.47
N ASP Q 222 82.61 79.05 33.53
CA ASP Q 222 82.59 80.47 33.62
C ASP Q 222 81.18 81.00 33.60
N VAL Q 223 80.31 80.39 32.82
CA VAL Q 223 78.91 80.75 32.87
C VAL Q 223 78.23 80.45 34.19
N ARG Q 224 78.56 79.32 34.77
CA ARG Q 224 77.99 78.87 36.01
C ARG Q 224 78.38 79.85 37.07
N LYS Q 225 79.59 80.34 36.97
CA LYS Q 225 80.21 81.22 37.92
C LYS Q 225 79.66 82.63 37.83
N ALA Q 226 79.40 83.11 36.63
CA ALA Q 226 78.73 84.36 36.42
C ALA Q 226 77.31 84.35 36.97
N LEU Q 227 76.64 83.24 36.88
CA LEU Q 227 75.30 83.14 37.40
C LEU Q 227 75.35 83.28 38.89
N GLY Q 228 76.39 82.76 39.50
CA GLY Q 228 76.61 82.88 40.91
C GLY Q 228 75.85 81.92 41.79
N PRO Q 229 75.87 82.17 43.09
CA PRO Q 229 75.09 81.45 44.09
C PRO Q 229 73.61 81.59 43.93
N LYS Q 230 73.17 82.80 43.65
CA LYS Q 230 71.76 83.08 43.48
C LYS Q 230 71.24 82.31 42.30
N GLY Q 231 72.14 82.01 41.38
CA GLY Q 231 71.82 81.38 40.13
C GLY Q 231 72.06 79.89 40.01
N ARG Q 232 72.33 79.24 41.11
CA ARG Q 232 72.80 77.86 41.10
C ARG Q 232 71.84 76.82 40.56
N ASP Q 233 70.56 77.06 40.65
CA ASP Q 233 69.61 76.12 40.17
C ASP Q 233 69.11 76.39 38.77
N ILE Q 234 69.72 77.34 38.09
CA ILE Q 234 69.38 77.60 36.72
C ILE Q 234 70.17 76.66 35.86
N MET Q 235 69.51 76.04 34.91
CA MET Q 235 70.09 75.07 34.00
C MET Q 235 70.90 75.74 32.93
N ILE Q 236 72.09 75.27 32.65
CA ILE Q 236 72.83 75.79 31.52
C ILE Q 236 72.80 74.81 30.37
N ILE Q 237 72.07 75.18 29.33
CA ILE Q 237 71.96 74.39 28.14
C ILE Q 237 72.97 74.89 27.11
N CYS Q 238 73.86 74.05 26.67
CA CYS Q 238 74.91 74.52 25.80
C CYS Q 238 74.68 74.34 24.31
N LYS Q 239 74.62 75.42 23.60
CA LYS Q 239 74.46 75.43 22.18
C LYS Q 239 75.74 75.10 21.46
N ILE Q 240 75.69 74.13 20.57
CA ILE Q 240 76.86 73.74 19.81
C ILE Q 240 76.68 74.33 18.46
N GLU Q 241 77.49 75.33 18.15
CA GLU Q 241 77.31 76.07 16.90
C GLU Q 241 78.58 76.12 16.06
N ASN Q 242 79.72 75.69 16.60
CA ASN Q 242 80.99 75.66 15.86
C ASN Q 242 81.84 74.42 15.96
N HIS Q 243 82.99 74.46 15.31
CA HIS Q 243 83.90 73.31 15.29
C HIS Q 243 84.35 72.86 16.67
N GLN Q 244 84.89 73.79 17.45
CA GLN Q 244 85.43 73.51 18.74
C GLN Q 244 84.41 72.89 19.66
N GLY Q 245 83.20 73.38 19.61
CA GLY Q 245 82.14 72.82 20.40
C GLY Q 245 81.85 71.39 20.05
N VAL Q 246 81.82 71.06 18.78
CA VAL Q 246 81.65 69.69 18.39
C VAL Q 246 82.79 68.82 18.83
N GLN Q 247 84.00 69.30 18.70
CA GLN Q 247 85.15 68.55 19.04
C GLN Q 247 85.19 68.22 20.52
N ASN Q 248 84.75 69.16 21.32
CA ASN Q 248 84.79 69.06 22.76
C ASN Q 248 83.53 68.60 23.43
N ILE Q 249 82.70 67.90 22.68
CA ILE Q 249 81.36 67.59 23.12
C ILE Q 249 81.21 66.75 24.38
N ASP Q 250 82.04 65.74 24.60
CA ASP Q 250 81.93 64.96 25.80
C ASP Q 250 82.18 65.74 27.07
N SER Q 251 83.22 66.52 27.07
CA SER Q 251 83.49 67.39 28.18
C SER Q 251 82.47 68.47 28.39
N ILE Q 252 81.96 69.05 27.33
CA ILE Q 252 80.88 69.99 27.41
C ILE Q 252 79.60 69.38 27.95
N ILE Q 253 79.28 68.20 27.49
CA ILE Q 253 78.12 67.51 27.95
C ILE Q 253 78.25 67.23 29.44
N GLU Q 254 79.41 66.85 29.91
CA GLU Q 254 79.68 66.63 31.32
C GLU Q 254 79.35 67.83 32.18
N GLU Q 255 79.90 68.97 31.81
CA GLU Q 255 79.67 70.25 32.49
C GLU Q 255 78.26 70.80 32.44
N SER Q 256 77.60 70.61 31.33
CA SER Q 256 76.31 71.17 31.06
C SER Q 256 75.15 70.46 31.73
N ASP Q 257 73.98 71.04 31.64
CA ASP Q 257 72.75 70.40 31.98
C ASP Q 257 72.00 69.94 30.75
N GLY Q 258 72.50 70.24 29.57
CA GLY Q 258 71.89 69.85 28.34
C GLY Q 258 72.53 70.50 27.15
N ILE Q 259 72.09 70.11 25.98
CA ILE Q 259 72.66 70.56 24.73
C ILE Q 259 71.61 71.05 23.77
N MET Q 260 71.97 72.05 23.01
CA MET Q 260 71.28 72.44 21.83
C MET Q 260 72.09 72.22 20.56
N VAL Q 261 71.49 71.58 19.58
CA VAL Q 261 72.13 71.42 18.30
C VAL Q 261 71.75 72.61 17.45
N ALA Q 262 72.57 73.64 17.51
CA ALA Q 262 72.25 74.94 16.96
C ALA Q 262 72.58 74.99 15.51
N ARG Q 263 71.66 74.52 14.70
CA ARG Q 263 71.93 74.24 13.34
C ARG Q 263 72.26 75.42 12.47
N GLY Q 264 71.64 76.57 12.69
CA GLY Q 264 71.93 77.70 11.85
C GLY Q 264 73.35 78.23 11.83
N ASP Q 265 73.93 78.50 12.96
CA ASP Q 265 75.35 78.77 13.06
C ASP Q 265 76.26 77.59 12.68
N LEU Q 266 75.91 76.39 13.11
CA LEU Q 266 76.70 75.19 12.88
C LEU Q 266 76.85 74.88 11.42
N GLY Q 267 75.79 75.17 10.71
CA GLY Q 267 75.66 75.05 9.31
C GLY Q 267 76.61 75.86 8.46
N VAL Q 268 76.93 77.08 8.83
CA VAL Q 268 78.03 77.87 8.28
C VAL Q 268 79.40 77.41 8.68
N GLU Q 269 79.53 77.17 9.97
CA GLU Q 269 80.79 76.80 10.58
C GLU Q 269 81.31 75.47 10.08
N ILE Q 270 80.42 74.57 9.85
CA ILE Q 270 80.76 73.26 9.53
C ILE Q 270 79.97 73.19 8.30
N PRO Q 271 80.46 72.42 7.38
CA PRO Q 271 79.71 72.19 6.16
C PRO Q 271 78.53 71.41 6.59
N ALA Q 272 77.50 71.82 5.88
CA ALA Q 272 76.11 71.68 6.11
C ALA Q 272 75.75 70.26 6.06
N GLU Q 273 76.34 69.54 5.13
CA GLU Q 273 76.12 68.12 5.01
C GLU Q 273 76.62 67.36 6.21
N LYS Q 274 77.49 67.99 6.98
CA LYS Q 274 78.01 67.41 8.21
C LYS Q 274 77.05 67.60 9.40
N VAL Q 275 76.22 68.64 9.36
CA VAL Q 275 75.32 68.93 10.45
C VAL Q 275 74.48 67.70 10.76
N VAL Q 276 74.15 66.91 9.76
CA VAL Q 276 73.40 65.69 9.97
C VAL Q 276 74.09 64.66 10.84
N VAL Q 277 75.36 64.40 10.60
CA VAL Q 277 76.16 63.55 11.46
C VAL Q 277 76.32 64.11 12.85
N ALA Q 278 76.55 65.40 12.95
CA ALA Q 278 76.62 66.04 14.21
C ALA Q 278 75.29 65.93 14.99
N GLN Q 279 74.17 66.06 14.33
CA GLN Q 279 72.89 65.91 14.99
C GLN Q 279 72.68 64.53 15.58
N LYS Q 280 72.96 63.52 14.78
CA LYS Q 280 72.86 62.20 15.27
C LYS Q 280 73.80 61.92 16.39
N ILE Q 281 75.05 62.33 16.31
CA ILE Q 281 75.94 62.07 17.39
C ILE Q 281 75.59 62.78 18.68
N LEU Q 282 75.29 64.05 18.62
CA LEU Q 282 75.04 64.84 19.79
C LEU Q 282 73.79 64.45 20.57
N ILE Q 283 72.76 64.13 19.84
CA ILE Q 283 71.53 63.68 20.41
C ILE Q 283 71.72 62.36 21.12
N SER Q 284 72.41 61.45 20.48
CA SER Q 284 72.67 60.17 21.06
C SER Q 284 73.50 60.24 22.31
N LYS Q 285 74.53 61.05 22.31
CA LYS Q 285 75.37 61.21 23.47
C LYS Q 285 74.60 61.81 24.66
N CYS Q 286 73.71 62.75 24.37
CA CYS Q 286 72.80 63.28 25.35
C CYS Q 286 71.82 62.27 25.85
N ASN Q 287 71.28 61.42 25.00
CA ASN Q 287 70.37 60.39 25.43
C ASN Q 287 71.06 59.40 26.33
N VAL Q 288 72.25 58.99 25.98
CA VAL Q 288 73.00 58.06 26.77
C VAL Q 288 73.37 58.66 28.12
N ALA Q 289 73.73 59.91 28.13
CA ALA Q 289 74.05 60.62 29.35
C ALA Q 289 72.87 61.00 30.27
N GLY Q 290 71.66 60.85 29.79
CA GLY Q 290 70.47 61.39 30.41
C GLY Q 290 70.26 62.89 30.55
N LYS Q 291 70.63 63.67 29.56
CA LYS Q 291 70.45 65.09 29.59
C LYS Q 291 69.68 65.54 28.38
N PRO Q 292 68.88 66.57 28.57
CA PRO Q 292 67.97 67.06 27.55
C PRO Q 292 68.71 67.58 26.32
N VAL Q 293 68.20 67.31 25.14
CA VAL Q 293 68.80 67.72 23.90
C VAL Q 293 67.79 68.36 22.96
N ILE Q 294 68.17 69.46 22.36
CA ILE Q 294 67.29 70.25 21.51
C ILE Q 294 67.81 70.34 20.08
N CYS Q 295 66.90 70.11 19.15
CA CYS Q 295 67.15 70.32 17.73
C CYS Q 295 66.57 71.63 17.27
N ALA Q 296 67.44 72.44 16.71
CA ALA Q 296 67.14 73.81 16.38
C ALA Q 296 67.43 74.25 14.96
N THR Q 297 66.58 75.15 14.49
CA THR Q 297 66.78 76.07 13.37
C THR Q 297 66.30 75.58 12.00
N GLN Q 298 65.50 76.39 11.33
CA GLN Q 298 64.99 76.14 9.99
C GLN Q 298 64.12 74.91 9.92
N MET Q 299 63.65 74.45 11.05
CA MET Q 299 62.84 73.26 11.09
C MET Q 299 61.52 73.39 10.34
N LEU Q 300 60.85 74.51 10.48
CA LEU Q 300 59.68 74.76 9.68
C LEU Q 300 59.72 76.15 9.08
N GLU Q 301 60.82 76.47 8.42
CA GLU Q 301 61.13 77.81 7.96
C GLU Q 301 60.15 78.48 7.02
N SER Q 302 59.57 77.77 6.09
CA SER Q 302 58.70 78.31 5.08
C SER Q 302 57.38 78.77 5.67
N MET Q 303 57.13 78.32 6.88
CA MET Q 303 55.92 78.60 7.59
C MET Q 303 56.03 79.94 8.28
N THR Q 304 57.17 80.57 8.12
CA THR Q 304 57.33 81.94 8.51
C THR Q 304 56.42 82.74 7.61
N TYR Q 305 56.24 82.29 6.39
CA TYR Q 305 55.42 83.03 5.46
C TYR Q 305 54.25 82.29 4.88
N ASN Q 306 54.19 80.98 5.01
CA ASN Q 306 53.13 80.21 4.44
C ASN Q 306 52.36 79.42 5.46
N PRO Q 307 51.12 79.17 5.15
CA PRO Q 307 50.23 78.40 6.00
C PRO Q 307 50.64 76.94 6.16
N ARG Q 308 51.36 76.39 5.20
CA ARG Q 308 51.72 75.00 5.16
C ARG Q 308 53.20 74.80 4.90
N PRO Q 309 53.77 73.76 5.49
CA PRO Q 309 55.17 73.44 5.35
C PRO Q 309 55.54 72.70 4.09
N THR Q 310 56.81 72.73 3.74
CA THR Q 310 57.39 71.90 2.72
C THR Q 310 57.57 70.46 3.17
N ARG Q 311 57.73 69.54 2.23
CA ARG Q 311 57.96 68.15 2.53
C ARG Q 311 59.24 67.93 3.30
N ALA Q 312 60.29 68.64 2.92
CA ALA Q 312 61.54 68.52 3.61
C ALA Q 312 61.45 68.95 5.06
N GLU Q 313 60.65 69.95 5.33
CA GLU Q 313 60.45 70.41 6.67
C GLU Q 313 59.75 69.44 7.58
N VAL Q 314 58.68 68.85 7.10
CA VAL Q 314 57.94 67.86 7.83
C VAL Q 314 58.83 66.69 8.11
N SER Q 315 59.56 66.26 7.13
CA SER Q 315 60.49 65.19 7.34
C SER Q 315 61.51 65.53 8.39
N ASP Q 316 61.99 66.76 8.39
CA ASP Q 316 62.93 67.20 9.38
C ASP Q 316 62.40 67.15 10.83
N VAL Q 317 61.20 67.60 11.10
CA VAL Q 317 60.71 67.53 12.48
C VAL Q 317 60.60 66.08 12.96
N ALA Q 318 60.12 65.23 12.08
CA ALA Q 318 59.96 63.83 12.36
C ALA Q 318 61.25 63.06 12.64
N ASN Q 319 62.26 63.26 11.81
CA ASN Q 319 63.57 62.67 11.99
C ASN Q 319 64.27 63.15 13.23
N ALA Q 320 64.05 64.36 13.66
CA ALA Q 320 64.61 64.80 14.93
C ALA Q 320 64.10 64.02 16.13
N VAL Q 321 62.82 63.70 16.13
CA VAL Q 321 62.21 62.83 17.12
C VAL Q 321 62.73 61.41 17.07
N PHE Q 322 62.85 60.88 15.85
CA PHE Q 322 63.43 59.58 15.61
C PHE Q 322 64.87 59.57 16.09
N ASN Q 323 65.55 60.68 15.94
CA ASN Q 323 66.94 60.83 16.32
C ASN Q 323 67.06 60.69 17.84
N GLY Q 324 65.97 60.98 18.55
CA GLY Q 324 65.98 60.95 19.99
C GLY Q 324 65.97 62.22 20.76
N ALA Q 325 65.64 63.33 20.12
CA ALA Q 325 65.59 64.61 20.77
C ALA Q 325 64.46 64.82 21.77
N ASP Q 326 64.79 65.43 22.89
CA ASP Q 326 63.81 65.87 23.81
C ASP Q 326 62.91 66.96 23.23
N CYS Q 327 63.52 67.92 22.54
CA CYS Q 327 62.86 69.13 22.07
C CYS Q 327 63.11 69.54 20.63
N VAL Q 328 62.11 70.14 20.02
CA VAL Q 328 62.29 70.82 18.77
C VAL Q 328 62.02 72.29 19.02
N MET Q 329 62.55 73.14 18.18
CA MET Q 329 62.55 74.55 18.41
C MET Q 329 62.06 75.37 17.25
N LEU Q 330 61.48 76.50 17.55
CA LEU Q 330 61.01 77.44 16.55
C LEU Q 330 61.68 78.75 16.75
N SER Q 331 62.18 79.34 15.67
CA SER Q 331 62.90 80.57 15.78
C SER Q 331 62.19 81.76 15.18
N GLY Q 332 62.46 82.02 13.93
CA GLY Q 332 61.82 83.07 13.17
C GLY Q 332 60.36 82.83 12.93
N GLU Q 333 60.00 81.58 12.81
CA GLU Q 333 58.64 81.17 12.53
C GLU Q 333 57.68 81.67 13.60
N THR Q 334 58.12 81.75 14.83
CA THR Q 334 57.35 82.37 15.89
C THR Q 334 57.78 83.80 16.29
N ALA Q 335 59.02 84.16 16.09
CA ALA Q 335 59.45 85.49 16.38
C ALA Q 335 58.87 86.56 15.49
N LYS Q 336 58.93 86.35 14.17
CA LYS Q 336 58.49 87.33 13.20
C LYS Q 336 57.51 86.85 12.16
N GLY Q 337 57.06 85.62 12.28
CA GLY Q 337 56.21 84.98 11.31
C GLY Q 337 54.77 85.39 11.23
N LYS Q 338 54.17 85.08 10.09
CA LYS Q 338 52.76 85.16 9.80
C LYS Q 338 51.82 84.21 10.54
N TYR Q 339 52.25 82.98 10.79
CA TYR Q 339 51.34 81.99 11.30
C TYR Q 339 51.89 81.28 12.50
N PRO Q 340 52.05 82.01 13.58
CA PRO Q 340 52.67 81.44 14.76
C PRO Q 340 51.91 80.29 15.37
N ASN Q 341 50.61 80.40 15.55
CA ASN Q 341 49.83 79.31 16.07
C ASN Q 341 49.81 78.09 15.18
N GLU Q 342 49.66 78.29 13.89
CA GLU Q 342 49.67 77.20 12.95
C GLU Q 342 50.99 76.46 12.89
N VAL Q 343 52.10 77.16 12.95
CA VAL Q 343 53.37 76.50 12.86
C VAL Q 343 53.58 75.58 14.04
N VAL Q 344 53.25 76.05 15.22
CA VAL Q 344 53.32 75.25 16.40
C VAL Q 344 52.39 74.07 16.35
N GLN Q 345 51.18 74.28 15.87
CA GLN Q 345 50.24 73.21 15.77
C GLN Q 345 50.73 72.16 14.82
N TYR Q 346 51.34 72.57 13.72
CA TYR Q 346 51.92 71.64 12.78
C TYR Q 346 53.07 70.84 13.36
N MET Q 347 53.92 71.48 14.10
CA MET Q 347 55.02 70.81 14.71
C MET Q 347 54.56 69.79 15.71
N ALA Q 348 53.56 70.11 16.51
CA ALA Q 348 53.04 69.19 17.48
C ALA Q 348 52.45 67.96 16.87
N ARG Q 349 51.74 68.16 15.79
CA ARG Q 349 51.10 67.11 15.06
C ARG Q 349 52.11 66.15 14.44
N ILE Q 350 53.17 66.67 13.85
CA ILE Q 350 54.24 65.86 13.31
C ILE Q 350 54.96 65.06 14.37
N CYS Q 351 55.16 65.67 15.51
CA CYS Q 351 55.82 65.04 16.62
C CYS Q 351 54.99 63.86 17.11
N LEU Q 352 53.69 64.03 17.19
CA LEU Q 352 52.82 62.95 17.60
C LEU Q 352 52.80 61.79 16.65
N GLU Q 353 52.80 62.07 15.38
CA GLU Q 353 52.85 61.08 14.35
C GLU Q 353 54.14 60.26 14.35
N ALA Q 354 55.29 60.92 14.49
CA ALA Q 354 56.58 60.24 14.55
C ALA Q 354 56.69 59.33 15.74
N GLN Q 355 56.04 59.76 16.81
CA GLN Q 355 55.99 59.07 18.08
C GLN Q 355 55.32 57.73 17.92
N SER Q 356 54.33 57.61 17.07
CA SER Q 356 53.74 56.33 16.78
C SER Q 356 54.70 55.37 16.16
N ALA Q 357 55.47 55.87 15.21
CA ALA Q 357 56.47 55.10 14.51
C ALA Q 357 57.64 54.76 15.40
N LEU Q 358 57.80 55.49 16.48
CA LEU Q 358 58.96 55.35 17.33
C LEU Q 358 58.92 54.03 18.02
N ASN Q 359 60.03 53.32 18.03
CA ASN Q 359 60.09 52.11 18.79
C ASN Q 359 60.67 52.42 20.13
N GLU Q 360 59.80 52.71 21.08
CA GLU Q 360 60.18 53.10 22.42
C GLU Q 360 60.90 51.99 23.16
N TYR Q 361 60.50 50.77 22.89
CA TYR Q 361 61.12 49.61 23.49
C TYR Q 361 62.57 49.36 23.10
N VAL Q 362 62.90 49.47 21.83
CA VAL Q 362 64.26 49.28 21.35
C VAL Q 362 65.12 50.35 21.94
N PHE Q 363 64.60 51.54 21.97
CA PHE Q 363 65.23 52.68 22.55
C PHE Q 363 65.54 52.47 24.01
N PHE Q 364 64.66 51.86 24.77
CA PHE Q 364 64.91 51.57 26.18
C PHE Q 364 66.07 50.61 26.37
N ASN Q 365 66.06 49.52 25.65
CA ASN Q 365 67.09 48.54 25.68
C ASN Q 365 68.44 49.03 25.18
N SER Q 366 68.43 49.83 24.15
CA SER Q 366 69.63 50.36 23.59
C SER Q 366 70.32 51.25 24.56
N ILE Q 367 69.57 52.09 25.22
CA ILE Q 367 70.08 53.01 26.22
C ILE Q 367 70.64 52.30 27.42
N LYS Q 368 69.94 51.29 27.86
CA LYS Q 368 70.25 50.46 29.00
C LYS Q 368 71.57 49.72 28.84
N LYS Q 369 71.83 49.18 27.65
CA LYS Q 369 73.10 48.53 27.36
C LYS Q 369 74.27 49.45 27.43
N LEU Q 370 74.07 50.72 27.16
CA LEU Q 370 75.16 51.66 27.15
C LEU Q 370 75.61 52.23 28.47
N GLN Q 371 74.88 51.94 29.53
CA GLN Q 371 75.23 52.38 30.85
C GLN Q 371 76.27 51.52 31.48
N HIS Q 372 77.16 52.17 32.18
CA HIS Q 372 78.18 51.51 32.91
C HIS Q 372 77.62 50.72 34.06
N ILE Q 373 78.17 49.52 34.26
CA ILE Q 373 77.72 48.64 35.34
C ILE Q 373 78.88 48.27 36.26
N PRO Q 374 78.68 48.48 37.56
CA PRO Q 374 77.40 49.02 38.06
C PRO Q 374 77.29 50.52 37.82
N MET Q 375 76.23 51.12 38.35
CA MET Q 375 76.02 52.56 38.18
C MET Q 375 75.57 53.21 39.49
N SER Q 376 74.26 53.19 39.74
CA SER Q 376 73.71 53.78 40.95
C SER Q 376 72.35 53.18 41.28
N ALA Q 377 72.09 53.01 42.58
CA ALA Q 377 70.82 52.45 43.03
C ALA Q 377 69.59 53.11 42.48
N ASP Q 378 69.55 54.42 42.48
CA ASP Q 378 68.44 55.12 41.84
C ASP Q 378 68.34 54.90 40.34
N GLU Q 379 69.46 54.82 39.65
CA GLU Q 379 69.43 54.54 38.23
C GLU Q 379 68.90 53.17 37.89
N ALA Q 380 69.27 52.17 38.65
CA ALA Q 380 68.73 50.85 38.49
C ALA Q 380 67.22 50.82 38.77
N VAL Q 381 66.79 51.58 39.74
CA VAL Q 381 65.40 51.64 40.11
C VAL Q 381 64.59 52.19 38.97
N CYS Q 382 65.08 53.26 38.36
CA CYS Q 382 64.39 53.83 37.24
C CYS Q 382 64.36 52.97 36.01
N SER Q 383 65.47 52.37 35.67
CA SER Q 383 65.52 51.48 34.53
C SER Q 383 64.69 50.23 34.68
N SER Q 384 64.84 49.56 35.78
CA SER Q 384 64.03 48.42 36.04
C SER Q 384 62.53 48.77 36.17
N ALA Q 385 62.22 49.94 36.70
CA ALA Q 385 60.82 50.37 36.82
C ALA Q 385 60.13 50.55 35.48
N VAL Q 386 60.86 51.08 34.52
CA VAL Q 386 60.45 51.17 33.13
C VAL Q 386 60.30 49.78 32.52
N ASN Q 387 61.19 48.89 32.86
CA ASN Q 387 61.12 47.54 32.38
C ASN Q 387 59.81 46.90 32.87
N SER Q 388 59.45 47.25 34.09
CA SER Q 388 58.19 46.87 34.68
C SER Q 388 57.05 47.44 33.90
N VAL Q 389 57.20 48.64 33.39
CA VAL Q 389 56.14 49.21 32.63
C VAL Q 389 55.90 48.40 31.39
N TYR Q 390 56.94 48.05 30.68
CA TYR Q 390 56.79 47.24 29.48
C TYR Q 390 56.26 45.84 29.76
N GLU Q 391 56.72 45.22 30.83
CA GLU Q 391 56.28 43.90 31.23
C GLU Q 391 54.80 43.78 31.60
N THR Q 392 54.25 44.77 32.29
CA THR Q 392 52.85 44.78 32.67
C THR Q 392 51.91 45.52 31.73
N LYS Q 393 52.47 46.21 30.77
CA LYS Q 393 51.73 47.19 29.99
C LYS Q 393 51.10 48.29 30.80
N ALA Q 394 51.84 48.84 31.75
CA ALA Q 394 51.36 49.92 32.56
C ALA Q 394 51.12 51.19 31.77
N LYS Q 395 50.04 51.87 32.09
CA LYS Q 395 49.64 52.98 31.27
C LYS Q 395 50.07 54.32 31.76
N ALA Q 396 50.70 54.35 32.91
CA ALA Q 396 51.25 55.57 33.47
C ALA Q 396 52.33 55.31 34.47
N MET Q 397 53.03 56.35 34.79
CA MET Q 397 54.13 56.24 35.67
C MET Q 397 54.06 57.43 36.56
N VAL Q 398 54.40 57.29 37.82
CA VAL Q 398 54.48 58.43 38.70
C VAL Q 398 55.81 58.49 39.40
N VAL Q 399 56.46 59.62 39.40
CA VAL Q 399 57.68 59.77 40.14
C VAL Q 399 57.69 60.96 41.02
N LEU Q 400 58.35 60.84 42.15
CA LEU Q 400 58.54 61.96 43.00
C LEU Q 400 59.90 62.58 42.75
N SER Q 401 59.91 63.81 42.28
CA SER Q 401 61.13 64.58 42.20
C SER Q 401 60.99 66.03 42.60
N ASN Q 402 61.83 66.47 43.53
CA ASN Q 402 61.92 67.87 43.88
C ASN Q 402 62.97 68.68 43.10
N THR Q 403 64.16 68.14 42.93
CA THR Q 403 65.17 68.72 42.07
C THR Q 403 64.84 68.57 40.61
N GLY Q 404 64.05 67.59 40.28
CA GLY Q 404 63.81 67.22 38.92
C GLY Q 404 64.74 66.14 38.41
N ARG Q 405 65.75 65.82 39.21
CA ARG Q 405 66.71 64.77 38.87
C ARG Q 405 66.04 63.42 38.64
N SER Q 406 65.21 62.99 39.59
CA SER Q 406 64.59 61.71 39.47
C SER Q 406 63.79 61.62 38.21
N ALA Q 407 63.09 62.66 37.85
CA ALA Q 407 62.33 62.66 36.64
C ALA Q 407 63.12 62.53 35.33
N ARG Q 408 64.24 63.18 35.22
CA ARG Q 408 65.09 63.02 34.05
C ARG Q 408 65.62 61.60 33.92
N LEU Q 409 65.99 61.03 35.05
CA LEU Q 409 66.52 59.70 35.12
C LEU Q 409 65.57 58.66 34.64
N VAL Q 410 64.32 58.76 34.99
CA VAL Q 410 63.26 57.96 34.43
C VAL Q 410 62.92 58.14 32.97
N ALA Q 411 62.81 59.38 32.54
CA ALA Q 411 62.44 59.75 31.20
C ALA Q 411 63.50 59.27 30.25
N LYS Q 412 64.69 59.19 30.78
CA LYS Q 412 65.85 58.75 30.07
C LYS Q 412 65.70 57.34 29.54
N TYR Q 413 64.89 56.54 30.21
CA TYR Q 413 64.71 55.19 29.83
C TYR Q 413 63.57 54.96 28.89
N ARG Q 414 62.95 56.01 28.44
CA ARG Q 414 61.96 55.89 27.38
C ARG Q 414 60.83 54.86 27.57
N PRO Q 415 60.02 55.02 28.59
CA PRO Q 415 58.84 54.20 28.79
C PRO Q 415 57.82 54.50 27.72
N ASN Q 416 56.88 53.61 27.51
CA ASN Q 416 55.92 53.82 26.44
C ASN Q 416 54.59 54.42 26.93
N CYS Q 417 54.68 55.08 28.04
CA CYS Q 417 53.55 55.65 28.68
C CYS Q 417 53.94 56.96 29.26
N PRO Q 418 52.97 57.79 29.59
CA PRO Q 418 53.25 59.09 30.19
C PRO Q 418 53.94 58.97 31.51
N ILE Q 419 54.78 59.91 31.85
CA ILE Q 419 55.42 59.91 33.12
C ILE Q 419 54.87 61.08 33.91
N VAL Q 420 54.45 60.83 35.11
CA VAL Q 420 53.89 61.93 35.84
C VAL Q 420 54.75 62.22 37.03
N CYS Q 421 55.32 63.39 37.04
CA CYS Q 421 56.21 63.82 38.09
C CYS Q 421 55.50 64.69 39.12
N VAL Q 422 55.67 64.39 40.38
CA VAL Q 422 55.06 65.19 41.40
C VAL Q 422 56.15 65.91 42.11
N THR Q 423 56.10 67.21 42.07
CA THR Q 423 57.19 68.02 42.54
C THR Q 423 56.74 69.07 43.54
N THR Q 424 57.60 69.39 44.47
CA THR Q 424 57.34 70.44 45.40
C THR Q 424 57.93 71.77 45.00
N ARG Q 425 58.51 71.86 43.80
CA ARG Q 425 59.05 73.10 43.31
C ARG Q 425 58.46 73.50 41.98
N LEU Q 426 57.94 74.70 41.90
CA LEU Q 426 57.38 75.21 40.66
C LEU Q 426 58.41 75.36 39.54
N GLN Q 427 59.61 75.76 39.88
CA GLN Q 427 60.67 75.89 38.95
C GLN Q 427 61.01 74.55 38.33
N THR Q 428 60.90 73.52 39.12
CA THR Q 428 61.09 72.18 38.66
C THR Q 428 60.07 71.85 37.62
N CYS Q 429 58.84 72.28 37.81
CA CYS Q 429 57.84 72.06 36.80
C CYS Q 429 58.18 72.75 35.50
N ARG Q 430 58.69 73.95 35.57
CA ARG Q 430 59.14 74.62 34.38
C ARG Q 430 60.37 73.97 33.73
N GLN Q 431 61.35 73.62 34.53
CA GLN Q 431 62.62 73.07 34.06
C GLN Q 431 62.44 71.75 33.35
N LEU Q 432 61.45 71.00 33.77
CA LEU Q 432 61.08 69.73 33.21
C LEU Q 432 60.36 69.84 31.88
N ASN Q 433 60.09 71.05 31.46
CA ASN Q 433 59.47 71.33 30.19
C ASN Q 433 60.42 71.05 29.03
N ILE Q 434 61.69 70.84 29.30
CA ILE Q 434 62.61 70.39 28.26
C ILE Q 434 62.90 68.91 28.29
N THR Q 435 62.26 68.16 29.16
CA THR Q 435 62.48 66.75 29.20
C THR Q 435 61.35 66.05 28.51
N GLN Q 436 61.63 65.20 27.54
CA GLN Q 436 60.57 64.53 26.84
C GLN Q 436 59.77 63.58 27.71
N GLY Q 437 58.49 63.50 27.40
CA GLY Q 437 57.63 62.52 27.96
C GLY Q 437 57.22 62.69 29.40
N VAL Q 438 57.36 63.89 29.94
CA VAL Q 438 57.10 64.14 31.34
C VAL Q 438 56.09 65.26 31.58
N GLU Q 439 55.20 65.03 32.51
CA GLU Q 439 54.25 66.02 32.94
C GLU Q 439 54.35 66.24 34.42
N SER Q 440 54.26 67.48 34.85
CA SER Q 440 54.46 67.84 36.24
C SER Q 440 53.19 68.24 36.98
N VAL Q 441 53.08 67.80 38.22
CA VAL Q 441 52.05 68.20 39.13
C VAL Q 441 52.72 68.87 40.30
N PHE Q 442 52.39 70.10 40.58
CA PHE Q 442 52.97 70.77 41.73
C PHE Q 442 52.23 70.40 43.03
N PHE Q 443 52.95 70.09 44.08
CA PHE Q 443 52.42 69.79 45.39
C PHE Q 443 53.02 70.77 46.34
N ASP Q 444 52.18 71.58 46.95
CA ASP Q 444 52.60 72.67 47.79
C ASP Q 444 52.88 72.14 49.15
N ALA Q 445 54.15 72.01 49.46
CA ALA Q 445 54.54 71.43 50.70
C ALA Q 445 54.05 72.31 51.82
N ASP Q 446 54.08 73.62 51.63
CA ASP Q 446 53.72 74.53 52.69
C ASP Q 446 52.28 74.39 53.12
N LYS Q 447 51.39 74.47 52.17
CA LYS Q 447 49.99 74.27 52.40
C LYS Q 447 49.69 72.85 52.85
N LEU Q 448 50.27 71.85 52.20
CA LEU Q 448 49.91 70.46 52.45
C LEU Q 448 50.87 69.63 53.25
N GLY Q 449 51.96 70.21 53.71
CA GLY Q 449 52.88 69.44 54.51
C GLY Q 449 53.93 68.69 53.72
N HIS Q 450 54.94 68.22 54.42
CA HIS Q 450 56.11 67.58 53.87
C HIS Q 450 55.94 66.20 53.29
N ASP Q 451 54.85 65.54 53.62
CA ASP Q 451 54.48 64.26 53.04
C ASP Q 451 55.53 63.18 53.07
N GLU Q 452 56.12 62.96 54.23
CA GLU Q 452 57.26 62.04 54.35
C GLU Q 452 56.90 60.61 54.02
N GLY Q 453 55.66 60.22 54.22
CA GLY Q 453 55.29 58.86 53.90
C GLY Q 453 54.88 58.67 52.47
N LYS Q 454 54.78 59.78 51.76
CA LYS Q 454 54.73 59.85 50.31
C LYS Q 454 53.37 59.55 49.74
N GLU Q 455 52.43 59.21 50.60
CA GLU Q 455 51.10 58.87 50.18
C GLU Q 455 50.32 59.98 49.50
N HIS Q 456 50.44 61.20 49.96
CA HIS Q 456 49.77 62.30 49.31
C HIS Q 456 50.26 62.67 47.93
N ARG Q 457 51.57 62.79 47.77
CA ARG Q 457 52.15 63.12 46.50
C ARG Q 457 51.78 62.03 45.52
N VAL Q 458 51.84 60.81 45.98
CA VAL Q 458 51.46 59.72 45.16
C VAL Q 458 50.02 59.75 44.74
N ALA Q 459 49.12 60.12 45.64
CA ALA Q 459 47.71 60.21 45.28
C ALA Q 459 47.46 61.27 44.22
N ALA Q 460 48.14 62.40 44.35
CA ALA Q 460 48.03 63.49 43.41
C ALA Q 460 48.50 63.14 42.02
N GLY Q 461 49.64 62.47 41.90
CA GLY Q 461 50.09 62.02 40.61
C GLY Q 461 49.17 61.03 39.96
N VAL Q 462 48.67 60.10 40.74
CA VAL Q 462 47.70 59.16 40.21
C VAL Q 462 46.41 59.86 39.78
N GLU Q 463 45.92 60.80 40.58
CA GLU Q 463 44.70 61.52 40.25
C GLU Q 463 44.85 62.31 38.98
N PHE Q 464 46.00 62.93 38.82
CA PHE Q 464 46.29 63.67 37.61
C PHE Q 464 46.26 62.75 36.43
N ALA Q 465 46.79 61.56 36.58
CA ALA Q 465 46.76 60.58 35.51
C ALA Q 465 45.38 60.14 35.14
N LYS Q 466 44.52 60.00 36.12
CA LYS Q 466 43.12 59.69 35.91
C LYS Q 466 42.44 60.82 35.18
N SER Q 467 42.74 62.01 35.63
CA SER Q 467 42.15 63.20 35.07
C SER Q 467 42.46 63.43 33.60
N LYS Q 468 43.67 63.13 33.15
CA LYS Q 468 44.03 63.33 31.77
C LYS Q 468 43.65 62.11 30.98
N GLY Q 469 43.16 61.11 31.65
CA GLY Q 469 42.70 59.92 30.97
C GLY Q 469 43.71 58.85 30.62
N TYR Q 470 44.91 58.98 31.12
CA TYR Q 470 45.95 57.99 30.91
C TYR Q 470 45.60 56.68 31.54
N VAL Q 471 44.96 56.72 32.71
CA VAL Q 471 44.54 55.52 33.41
C VAL Q 471 43.07 55.43 33.86
N GLN Q 472 42.58 54.22 33.97
CA GLN Q 472 41.26 53.93 34.49
C GLN Q 472 41.47 52.84 35.49
N THR Q 473 40.40 52.49 36.20
CA THR Q 473 40.47 51.54 37.27
C THR Q 473 40.86 50.24 36.64
N GLY Q 474 41.67 49.51 37.35
CA GLY Q 474 42.18 48.23 36.91
C GLY Q 474 43.47 48.32 36.16
N ASP Q 475 43.91 49.52 35.83
CA ASP Q 475 45.20 49.76 35.20
C ASP Q 475 46.37 49.76 36.19
N TYR Q 476 47.54 49.47 35.67
CA TYR Q 476 48.73 49.50 36.46
C TYR Q 476 49.35 50.83 36.34
N CYS Q 477 49.83 51.33 37.44
CA CYS Q 477 50.63 52.50 37.46
C CYS Q 477 51.92 52.18 38.20
N VAL Q 478 53.05 52.49 37.60
CA VAL Q 478 54.33 52.17 38.20
C VAL Q 478 54.86 53.39 38.86
N VAL Q 479 55.20 53.26 40.13
CA VAL Q 479 55.47 54.37 41.01
C VAL Q 479 56.86 54.33 41.58
N ILE Q 480 57.53 55.45 41.63
CA ILE Q 480 58.91 55.56 42.06
C ILE Q 480 59.17 56.62 43.13
N HIS Q 481 59.73 56.22 44.24
CA HIS Q 481 60.17 57.15 45.26
C HIS Q 481 61.01 56.41 46.26
N ALA Q 482 61.40 57.07 47.32
CA ALA Q 482 62.03 56.42 48.43
C ALA Q 482 61.06 55.70 49.35
N ASP Q 483 61.63 54.82 50.13
CA ASP Q 483 60.96 54.18 51.21
C ASP Q 483 61.04 55.11 52.38
N HIS Q 484 60.60 54.64 53.52
CA HIS Q 484 60.55 55.47 54.68
C HIS Q 484 61.87 55.94 55.25
N LYS Q 485 62.87 55.09 55.27
CA LYS Q 485 64.19 55.51 55.69
C LYS Q 485 65.07 56.38 54.75
N VAL Q 486 65.20 56.01 53.49
CA VAL Q 486 66.14 56.62 52.57
C VAL Q 486 65.87 58.05 52.13
N LYS Q 487 66.91 58.86 52.11
CA LYS Q 487 66.81 60.26 51.75
C LYS Q 487 67.77 60.69 50.66
N GLY Q 488 67.30 61.54 49.77
CA GLY Q 488 68.09 62.07 48.70
C GLY Q 488 68.01 61.39 47.35
N TYR Q 489 67.41 60.22 47.30
CA TYR Q 489 67.16 59.54 46.07
C TYR Q 489 66.01 58.59 46.24
N ALA Q 490 65.54 58.02 45.15
CA ALA Q 490 64.52 57.05 45.23
C ALA Q 490 65.10 55.66 45.12
N ASN Q 491 64.85 54.85 46.12
CA ASN Q 491 65.28 53.47 46.13
C ASN Q 491 64.20 52.43 45.92
N GLN Q 492 63.00 52.86 45.58
CA GLN Q 492 61.85 51.98 45.53
C GLN Q 492 60.97 52.06 44.27
N THR Q 493 60.46 50.93 43.86
CA THR Q 493 59.45 50.88 42.84
C THR Q 493 58.26 50.05 43.27
N ARG Q 494 57.08 50.49 42.91
CA ARG Q 494 55.87 49.75 43.18
C ARG Q 494 54.96 49.69 41.99
N ILE Q 495 54.36 48.56 41.74
CA ILE Q 495 53.32 48.48 40.77
C ILE Q 495 51.98 48.50 41.49
N LEU Q 496 51.21 49.57 41.36
CA LEU Q 496 49.89 49.65 41.96
C LEU Q 496 48.73 49.66 41.02
N LEU Q 497 47.66 49.01 41.44
CA LEU Q 497 46.45 48.91 40.69
C LEU Q 497 45.64 50.17 40.92
N VAL Q 498 45.01 50.72 39.90
CA VAL Q 498 44.30 51.98 40.10
C VAL Q 498 42.80 51.82 40.27
N GLU Q 499 42.27 52.53 41.25
CA GLU Q 499 40.83 52.48 41.54
C GLU Q 499 40.18 53.83 41.30
N SER R 2 78.09 34.98 23.30
CA SER R 2 77.85 33.63 22.89
C SER R 2 78.46 32.70 23.88
N GLN R 3 78.04 31.46 23.89
CA GLN R 3 78.56 30.52 24.83
C GLN R 3 79.99 30.25 24.49
N LEU R 4 80.31 30.35 23.22
CA LEU R 4 81.65 30.11 22.74
C LEU R 4 82.65 31.11 23.25
N ALA R 5 82.34 32.37 23.10
CA ALA R 5 83.25 33.46 23.34
C ALA R 5 83.68 33.43 24.77
N HIS R 6 82.61 33.31 25.56
CA HIS R 6 82.59 33.08 27.01
C HIS R 6 83.36 31.91 27.54
N ASN R 7 83.37 30.79 26.83
CA ASN R 7 84.18 29.67 27.25
C ASN R 7 85.62 30.07 27.30
N LEU R 8 85.91 31.03 26.46
CA LEU R 8 87.22 31.60 26.20
C LEU R 8 87.72 32.47 27.33
N THR R 9 86.80 33.03 28.09
CA THR R 9 87.12 33.80 29.26
C THR R 9 87.28 32.97 30.48
N LEU R 10 86.95 31.70 30.44
CA LEU R 10 87.11 30.85 31.63
C LEU R 10 88.53 30.47 31.95
N SER R 11 88.81 30.20 33.20
CA SER R 11 90.09 29.62 33.62
C SER R 11 89.97 28.56 34.68
N ILE R 12 90.79 27.53 34.61
CA ILE R 12 90.78 26.52 35.66
C ILE R 12 91.17 27.06 37.01
N PHE R 13 91.97 28.12 37.02
CA PHE R 13 92.43 28.73 38.26
C PHE R 13 91.50 29.81 38.82
N ASP R 14 90.30 29.95 38.25
CA ASP R 14 89.37 30.92 38.75
C ASP R 14 88.95 30.41 40.10
N PRO R 15 88.85 31.29 41.07
CA PRO R 15 88.40 30.89 42.39
C PRO R 15 86.92 30.61 42.39
N VAL R 16 86.48 29.59 43.09
CA VAL R 16 85.06 29.32 43.19
C VAL R 16 84.37 30.23 44.16
N ALA R 17 83.06 30.18 44.16
CA ALA R 17 82.23 31.03 44.98
C ALA R 17 82.19 30.72 46.46
N ASN R 18 81.71 31.67 47.22
CA ASN R 18 81.55 31.49 48.65
C ASN R 18 80.24 30.82 48.99
N TYR R 19 79.46 30.51 47.98
CA TYR R 19 78.23 29.80 48.18
C TYR R 19 77.98 28.80 47.06
N ARG R 20 77.33 27.70 47.36
CA ARG R 20 76.89 26.75 46.38
C ARG R 20 75.39 26.86 46.17
N ALA R 21 74.99 27.25 44.99
CA ALA R 21 73.60 27.36 44.61
C ALA R 21 72.79 26.08 44.51
N ALA R 22 73.35 25.08 43.88
CA ALA R 22 72.67 23.83 43.66
C ALA R 22 72.51 23.01 44.93
N ARG R 23 71.45 22.23 44.97
CA ARG R 23 71.10 21.43 46.12
C ARG R 23 71.23 19.94 45.90
N ILE R 24 71.65 19.24 46.93
CA ILE R 24 71.86 17.83 46.84
C ILE R 24 70.86 17.02 47.62
N ILE R 25 70.35 15.98 46.98
CA ILE R 25 69.36 15.10 47.54
C ILE R 25 69.95 13.71 47.75
N CYS R 26 69.71 13.12 48.90
CA CYS R 26 70.27 11.83 49.22
C CYS R 26 69.20 10.84 49.60
N THR R 27 69.28 9.66 49.06
CA THR R 27 68.39 8.59 49.38
C THR R 27 68.94 7.86 50.56
N ILE R 28 68.09 7.59 51.52
CA ILE R 28 68.52 6.99 52.77
C ILE R 28 68.23 5.52 52.85
N GLY R 29 69.27 4.75 53.00
CA GLY R 29 69.26 3.33 53.09
C GLY R 29 70.13 2.88 54.22
N PRO R 30 70.50 1.63 54.16
CA PRO R 30 71.19 0.92 55.22
C PRO R 30 72.51 1.56 55.56
N SER R 31 73.20 2.05 54.57
CA SER R 31 74.39 2.82 54.75
C SER R 31 74.17 4.14 55.49
N THR R 32 73.01 4.75 55.37
CA THR R 32 72.85 6.11 55.84
C THR R 32 71.77 6.43 56.86
N GLN R 33 71.16 5.40 57.39
CA GLN R 33 70.08 5.53 58.32
C GLN R 33 70.40 6.06 59.71
N SER R 34 71.59 5.70 60.16
CA SER R 34 72.02 6.05 61.46
C SER R 34 72.22 7.52 61.56
N VAL R 35 71.96 8.02 62.73
CA VAL R 35 72.03 9.41 63.00
C VAL R 35 73.42 9.90 62.76
N GLU R 36 74.41 9.12 63.12
CA GLU R 36 75.77 9.51 62.84
C GLU R 36 76.04 9.61 61.35
N ALA R 37 75.53 8.66 60.58
CA ALA R 37 75.69 8.71 59.14
C ALA R 37 75.01 9.92 58.54
N LEU R 38 73.81 10.22 59.02
CA LEU R 38 73.04 11.34 58.56
C LEU R 38 73.70 12.66 58.86
N LYS R 39 74.32 12.76 60.01
CA LYS R 39 75.06 13.92 60.39
C LYS R 39 76.23 14.14 59.47
N GLY R 40 76.86 13.06 59.07
CA GLY R 40 77.92 13.10 58.10
C GLY R 40 77.44 13.60 56.76
N LEU R 41 76.27 13.15 56.36
CA LEU R 41 75.66 13.55 55.11
C LEU R 41 75.33 15.03 55.05
N ILE R 42 74.78 15.55 56.13
CA ILE R 42 74.42 16.94 56.18
C ILE R 42 75.64 17.82 56.11
N GLN R 43 76.65 17.46 56.84
CA GLN R 43 77.90 18.18 56.84
C GLN R 43 78.61 18.10 55.51
N SER R 44 78.39 16.99 54.85
CA SER R 44 78.93 16.75 53.55
C SER R 44 78.20 17.56 52.53
N GLY R 45 77.00 17.98 52.85
CA GLY R 45 76.21 18.72 51.91
C GLY R 45 74.80 18.35 51.52
N MET R 46 74.15 17.48 52.27
CA MET R 46 72.78 17.08 51.93
C MET R 46 71.72 18.07 52.35
N SER R 47 70.84 18.45 51.45
CA SER R 47 69.78 19.34 51.81
C SER R 47 68.45 18.66 51.90
N VAL R 48 68.30 17.55 51.22
CA VAL R 48 67.05 16.84 51.19
C VAL R 48 67.27 15.36 51.42
N ALA R 49 66.52 14.74 52.31
CA ALA R 49 66.61 13.31 52.45
C ALA R 49 65.44 12.56 51.85
N ARG R 50 65.74 11.60 51.00
CA ARG R 50 64.73 10.89 50.25
C ARG R 50 64.53 9.48 50.78
N MET R 51 63.29 9.13 51.02
CA MET R 51 62.91 7.80 51.39
C MET R 51 62.19 7.14 50.25
N ASN R 52 62.66 5.99 49.82
CA ASN R 52 62.03 5.28 48.73
C ASN R 52 61.13 4.19 49.22
N PHE R 53 59.85 4.33 48.95
CA PHE R 53 58.83 3.49 49.50
C PHE R 53 58.66 2.22 48.71
N SER R 54 59.48 2.06 47.69
CA SER R 54 59.62 0.81 46.99
C SER R 54 60.37 -0.18 47.84
N HIS R 55 61.08 0.31 48.83
CA HIS R 55 61.91 -0.52 49.66
C HIS R 55 61.54 -0.15 51.08
N GLY R 56 61.74 -1.06 52.01
CA GLY R 56 61.45 -0.76 53.38
C GLY R 56 60.00 -0.88 53.67
N SER R 57 59.57 -0.25 54.74
CA SER R 57 58.23 -0.38 55.22
C SER R 57 58.01 0.86 56.00
N HIS R 58 56.81 1.06 56.50
CA HIS R 58 56.51 2.28 57.20
C HIS R 58 57.40 2.30 58.38
N GLU R 59 57.62 1.15 58.95
CA GLU R 59 58.45 1.02 60.11
C GLU R 59 59.86 1.42 59.84
N TYR R 60 60.44 0.96 58.75
CA TYR R 60 61.80 1.32 58.41
C TYR R 60 61.98 2.79 58.14
N HIS R 61 61.06 3.32 57.37
CA HIS R 61 61.03 4.71 56.97
C HIS R 61 60.79 5.69 58.08
N GLN R 62 60.04 5.24 59.08
CA GLN R 62 59.82 6.02 60.28
C GLN R 62 61.11 6.23 60.99
N THR R 63 61.93 5.21 61.04
CA THR R 63 63.19 5.32 61.70
C THR R 63 63.99 6.40 61.02
N THR R 64 63.92 6.45 59.70
CA THR R 64 64.63 7.44 58.91
C THR R 64 64.16 8.83 59.21
N ILE R 65 62.87 9.00 59.34
CA ILE R 65 62.31 10.27 59.64
C ILE R 65 62.76 10.79 60.97
N ASN R 66 62.72 9.93 61.96
CA ASN R 66 63.16 10.29 63.28
C ASN R 66 64.61 10.60 63.31
N ASN R 67 65.37 9.79 62.64
CA ASN R 67 66.77 10.04 62.56
C ASN R 67 67.17 11.33 61.85
N VAL R 68 66.45 11.70 60.81
CA VAL R 68 66.72 12.91 60.09
C VAL R 68 66.46 14.13 60.96
N ARG R 69 65.32 14.11 61.60
CA ARG R 69 64.95 15.18 62.46
C ARG R 69 65.93 15.32 63.63
N GLN R 70 66.33 14.22 64.22
CA GLN R 70 67.30 14.22 65.31
C GLN R 70 68.68 14.71 64.90
N ALA R 71 69.14 14.26 63.76
CA ALA R 71 70.39 14.73 63.22
C ALA R 71 70.40 16.21 62.84
N ALA R 72 69.33 16.66 62.21
CA ALA R 72 69.18 18.04 61.84
C ALA R 72 69.12 18.92 63.06
N ALA R 73 68.40 18.47 64.06
CA ALA R 73 68.22 19.22 65.29
C ALA R 73 69.51 19.43 66.02
N GLU R 74 70.33 18.41 66.04
CA GLU R 74 71.65 18.45 66.63
C GLU R 74 72.57 19.37 65.91
N LEU R 75 72.33 19.61 64.64
CA LEU R 75 73.23 20.41 63.86
C LEU R 75 72.67 21.78 63.59
N GLY R 76 71.53 22.03 64.16
CA GLY R 76 70.85 23.29 63.99
C GLY R 76 70.48 23.68 62.59
N VAL R 77 69.94 22.76 61.83
CA VAL R 77 69.64 22.99 60.44
C VAL R 77 68.32 22.44 60.08
N ASN R 78 67.76 22.88 58.97
CA ASN R 78 66.48 22.37 58.53
C ASN R 78 66.67 21.51 57.28
N ILE R 79 66.24 20.26 57.34
CA ILE R 79 66.40 19.34 56.22
C ILE R 79 65.06 18.88 55.71
N ALA R 80 64.79 19.01 54.43
CA ALA R 80 63.56 18.54 53.85
C ALA R 80 63.50 17.02 53.87
N ILE R 81 62.31 16.49 54.06
CA ILE R 81 62.09 15.07 53.99
C ILE R 81 61.16 14.76 52.83
N ALA R 82 61.58 13.87 51.95
CA ALA R 82 60.81 13.57 50.78
C ALA R 82 60.34 12.14 50.77
N LEU R 83 59.10 11.91 50.42
CA LEU R 83 58.61 10.57 50.28
C LEU R 83 58.44 10.21 48.80
N ASP R 84 59.28 9.22 48.49
CA ASP R 84 59.43 8.61 47.22
C ASP R 84 58.68 7.30 47.14
N THR R 85 57.51 7.35 46.54
CA THR R 85 56.58 6.23 46.45
C THR R 85 57.06 5.02 45.64
N LYS R 86 56.56 3.87 46.00
CA LYS R 86 56.87 2.67 45.26
C LYS R 86 56.21 2.81 43.92
N GLY R 87 54.96 3.18 43.91
CA GLY R 87 54.23 3.37 42.69
C GLY R 87 53.74 2.07 42.09
N PRO R 88 52.93 2.16 41.07
CA PRO R 88 52.45 0.95 40.41
C PRO R 88 53.58 0.18 39.75
N GLU R 89 53.63 -1.15 39.87
CA GLU R 89 54.63 -1.97 39.21
C GLU R 89 53.95 -3.07 38.38
N ILE R 90 54.57 -3.42 37.26
CA ILE R 90 54.25 -4.62 36.49
C ILE R 90 55.32 -5.64 36.81
N ARG R 91 54.87 -6.80 37.25
CA ARG R 91 55.74 -7.94 37.54
C ARG R 91 55.23 -9.25 36.89
N THR R 92 56.17 -10.12 36.56
CA THR R 92 55.82 -11.54 36.25
C THR R 92 55.38 -12.24 37.52
N GLY R 93 54.81 -13.42 37.34
CA GLY R 93 54.52 -14.32 38.43
C GLY R 93 55.74 -15.15 38.77
N GLN R 94 55.47 -16.28 39.42
CA GLN R 94 56.44 -17.29 39.80
C GLN R 94 56.65 -18.28 38.65
N PHE R 95 57.84 -18.86 38.60
CA PHE R 95 58.10 -20.00 37.71
C PHE R 95 58.29 -21.30 38.50
N VAL R 96 57.90 -22.43 37.90
CA VAL R 96 58.12 -23.77 38.49
C VAL R 96 59.63 -24.03 38.63
N GLY R 97 60.03 -24.61 39.76
CA GLY R 97 61.45 -24.78 40.10
C GLY R 97 62.14 -23.48 40.51
N GLY R 98 61.36 -22.43 40.76
CA GLY R 98 61.90 -21.13 41.15
C GLY R 98 62.43 -20.26 40.02
N ASP R 99 62.66 -20.86 38.86
CA ASP R 99 63.44 -20.26 37.76
C ASP R 99 62.88 -20.65 36.38
N ALA R 100 63.27 -19.95 35.31
CA ALA R 100 62.88 -20.34 33.94
C ALA R 100 63.83 -19.84 32.83
N VAL R 101 64.32 -20.78 32.03
CA VAL R 101 65.43 -20.59 31.11
C VAL R 101 64.98 -20.20 29.69
N MET R 102 64.99 -18.91 29.38
CA MET R 102 64.46 -18.35 28.10
C MET R 102 65.50 -18.34 26.98
N GLU R 103 65.31 -19.12 25.92
CA GLU R 103 66.32 -19.23 24.86
C GLU R 103 66.00 -18.35 23.66
N ARG R 104 67.02 -17.90 22.94
CA ARG R 104 66.78 -17.06 21.77
C ARG R 104 66.07 -17.86 20.65
N GLY R 105 65.09 -17.26 19.98
CA GLY R 105 64.37 -17.95 18.92
C GLY R 105 63.11 -18.71 19.35
N ALA R 106 63.05 -19.12 20.64
CA ALA R 106 61.90 -19.86 21.23
C ALA R 106 60.59 -19.07 21.23
N THR R 107 59.48 -19.81 21.20
CA THR R 107 58.15 -19.25 21.43
C THR R 107 57.70 -19.47 22.90
N CYS R 108 57.17 -18.41 23.52
CA CYS R 108 56.56 -18.52 24.85
C CYS R 108 55.25 -17.74 24.89
N TYR R 109 54.46 -17.94 25.94
CA TYR R 109 53.09 -17.41 26.02
C TYR R 109 53.03 -16.60 27.30
N VAL R 110 52.60 -15.36 27.23
CA VAL R 110 52.51 -14.54 28.46
C VAL R 110 51.03 -14.30 28.68
N THR R 111 50.58 -14.58 29.89
CA THR R 111 49.18 -14.53 30.14
C THR R 111 48.86 -13.68 31.34
N THR R 112 47.70 -13.05 31.35
CA THR R 112 47.22 -12.41 32.56
C THR R 112 46.18 -13.22 33.31
N ASP R 113 45.97 -14.47 32.87
CA ASP R 113 45.09 -15.40 33.60
C ASP R 113 45.69 -15.69 34.99
N PRO R 114 44.98 -15.30 36.07
CA PRO R 114 45.62 -15.37 37.41
C PRO R 114 45.83 -16.82 37.89
N ALA R 115 45.09 -17.77 37.33
CA ALA R 115 45.39 -19.23 37.53
C ALA R 115 46.90 -19.59 37.40
N PHE R 116 47.66 -18.79 36.64
CA PHE R 116 49.08 -19.06 36.33
C PHE R 116 50.16 -18.38 37.18
N ALA R 117 49.75 -17.67 38.23
CA ALA R 117 50.68 -16.81 39.00
C ALA R 117 51.77 -17.58 39.76
N ASP R 118 51.47 -18.84 40.11
CA ASP R 118 52.43 -19.69 40.82
C ASP R 118 52.86 -20.94 40.04
N LYS R 119 52.67 -20.92 38.72
CA LYS R 119 52.98 -22.09 37.85
C LYS R 119 53.34 -21.68 36.42
N GLY R 120 54.08 -20.59 36.30
CA GLY R 120 54.67 -20.25 35.00
C GLY R 120 55.75 -21.26 34.63
N THR R 121 56.17 -21.24 33.36
CA THR R 121 57.29 -22.06 32.91
C THR R 121 57.84 -21.28 31.74
N LYS R 122 58.96 -21.73 31.17
CA LYS R 122 59.45 -21.02 30.00
C LYS R 122 58.40 -20.95 28.88
N ASP R 123 57.48 -21.94 28.88
CA ASP R 123 56.41 -22.08 27.89
C ASP R 123 55.29 -21.06 28.08
N LYS R 124 54.86 -20.85 29.31
CA LYS R 124 53.78 -19.93 29.59
C LYS R 124 53.79 -19.44 31.01
N PHE R 125 53.76 -18.13 31.16
CA PHE R 125 53.76 -17.57 32.51
C PHE R 125 52.92 -16.30 32.61
N TYR R 126 52.76 -15.86 33.83
CA TYR R 126 51.86 -14.79 34.16
C TYR R 126 52.63 -13.45 34.28
N ILE R 127 52.03 -12.38 33.75
CA ILE R 127 52.40 -10.99 33.98
C ILE R 127 51.19 -10.37 34.67
N ASP R 128 51.40 -9.64 35.76
CA ASP R 128 50.26 -9.30 36.62
C ASP R 128 49.49 -8.04 36.22
N TYR R 129 49.70 -7.51 35.03
CA TYR R 129 49.02 -6.29 34.60
C TYR R 129 47.87 -6.70 33.73
N GLN R 130 46.66 -6.61 34.29
CA GLN R 130 45.47 -7.22 33.68
C GLN R 130 45.10 -6.67 32.31
N ASN R 131 45.52 -5.44 32.07
CA ASN R 131 45.31 -4.81 30.79
C ASN R 131 46.40 -5.10 29.79
N LEU R 132 47.33 -6.04 30.03
CA LEU R 132 48.47 -6.23 29.09
C LEU R 132 48.03 -6.32 27.62
N SER R 133 47.03 -7.19 27.34
CA SER R 133 46.57 -7.48 25.98
C SER R 133 45.98 -6.30 25.26
N LYS R 134 45.22 -5.48 25.98
CA LYS R 134 44.62 -4.30 25.38
C LYS R 134 45.71 -3.25 25.04
N VAL R 135 46.80 -3.26 25.77
CA VAL R 135 47.75 -2.16 25.61
C VAL R 135 48.81 -2.48 24.57
N VAL R 136 49.08 -3.76 24.37
CA VAL R 136 50.13 -4.14 23.43
C VAL R 136 49.53 -4.57 22.08
N ARG R 137 50.27 -4.38 20.99
CA ARG R 137 49.91 -4.92 19.64
C ARG R 137 51.07 -5.76 19.05
N PRO R 138 50.78 -6.60 18.02
CA PRO R 138 51.83 -7.33 17.27
C PRO R 138 52.96 -6.38 16.84
N GLY R 139 54.22 -6.76 17.13
CA GLY R 139 55.38 -5.97 16.77
C GLY R 139 55.99 -5.29 17.99
N ASN R 140 55.13 -4.89 18.93
CA ASN R 140 55.59 -4.31 20.22
C ASN R 140 56.54 -5.23 20.99
N TYR R 141 57.37 -4.62 21.82
CA TYR R 141 58.36 -5.32 22.61
C TYR R 141 57.93 -5.34 24.08
N ILE R 142 58.25 -6.44 24.76
CA ILE R 142 57.95 -6.57 26.18
C ILE R 142 59.23 -6.89 26.94
N TYR R 143 59.68 -5.95 27.76
CA TYR R 143 60.97 -6.10 28.47
C TYR R 143 60.80 -6.71 29.85
N ILE R 144 61.65 -7.67 30.17
CA ILE R 144 61.58 -8.37 31.45
C ILE R 144 62.96 -8.43 32.08
N ASP R 145 63.03 -8.16 33.37
CA ASP R 145 64.28 -8.15 34.09
C ASP R 145 65.30 -7.00 33.92
N ASP R 146 64.80 -5.77 34.04
CA ASP R 146 65.66 -4.62 33.81
C ASP R 146 65.74 -4.27 32.30
N GLY R 147 64.85 -4.87 31.51
CA GLY R 147 64.96 -4.80 30.02
C GLY R 147 65.98 -5.80 29.41
N ILE R 148 66.45 -6.74 30.21
CA ILE R 148 67.50 -7.66 29.77
C ILE R 148 66.96 -8.69 28.79
N LEU R 149 65.77 -9.20 29.10
CA LEU R 149 65.12 -10.22 28.27
C LEU R 149 64.11 -9.45 27.43
N ILE R 150 64.26 -9.55 26.12
CA ILE R 150 63.36 -8.79 25.24
C ILE R 150 62.52 -9.80 24.48
N LEU R 151 61.23 -9.84 24.83
CA LEU R 151 60.30 -10.67 24.11
C LEU R 151 59.66 -9.76 23.08
N GLN R 152 59.35 -10.32 21.90
CA GLN R 152 58.49 -9.59 20.96
C GLN R 152 57.12 -10.23 20.75
N VAL R 153 56.10 -9.37 20.78
CA VAL R 153 54.74 -9.79 20.63
C VAL R 153 54.39 -10.15 19.19
N GLN R 154 53.88 -11.40 19.01
CA GLN R 154 53.57 -11.89 17.68
C GLN R 154 52.06 -11.82 17.46
N SER R 155 51.28 -12.30 18.44
CA SER R 155 49.84 -12.36 18.27
C SER R 155 49.14 -12.53 19.60
N HIS R 156 47.82 -12.37 19.54
CA HIS R 156 46.94 -12.68 20.65
C HIS R 156 46.54 -14.14 20.49
N GLU R 157 47.18 -15.04 21.24
CA GLU R 157 46.67 -16.42 21.36
C GLU R 157 45.20 -16.40 21.80
N ASP R 158 44.88 -15.63 22.84
CA ASP R 158 43.47 -15.41 23.21
C ASP R 158 43.29 -14.07 23.90
N GLU R 159 42.16 -13.86 24.54
CA GLU R 159 41.92 -12.56 25.09
C GLU R 159 42.79 -12.17 26.30
N GLN R 160 43.51 -13.15 26.89
CA GLN R 160 44.38 -12.95 28.05
C GLN R 160 45.80 -13.39 27.85
N THR R 161 46.13 -13.88 26.65
CA THR R 161 47.41 -14.53 26.46
C THR R 161 48.02 -14.03 25.17
N LEU R 162 49.30 -13.72 25.20
CA LEU R 162 50.05 -13.25 24.06
C LEU R 162 51.08 -14.29 23.65
N GLU R 163 51.11 -14.63 22.36
CA GLU R 163 52.19 -15.47 21.85
C GLU R 163 53.38 -14.54 21.62
N CYS R 164 54.54 -14.89 22.17
CA CYS R 164 55.74 -14.06 22.02
C CYS R 164 56.88 -14.84 21.38
N THR R 165 57.75 -14.14 20.65
CA THR R 165 59.11 -14.62 20.33
C THR R 165 60.12 -14.20 21.40
N VAL R 166 61.04 -15.07 21.78
CA VAL R 166 62.16 -14.66 22.59
C VAL R 166 63.34 -14.09 21.69
N THR R 167 63.65 -12.80 21.81
CA THR R 167 64.65 -12.19 20.89
C THR R 167 66.08 -12.35 21.35
N ASN R 168 66.29 -12.63 22.65
CA ASN R 168 67.65 -12.87 23.16
C ASN R 168 67.61 -13.74 24.40
N SER R 169 68.68 -14.50 24.63
CA SER R 169 68.71 -15.54 25.65
C SER R 169 68.86 -14.89 27.01
N HIS R 170 68.21 -15.45 28.01
CA HIS R 170 68.37 -14.97 29.37
C HIS R 170 67.55 -15.85 30.32
N THR R 171 68.17 -16.24 31.41
CA THR R 171 67.47 -16.96 32.45
C THR R 171 66.81 -15.88 33.33
N ILE R 172 65.53 -16.08 33.63
CA ILE R 172 64.79 -15.16 34.51
C ILE R 172 64.24 -15.86 35.74
N SER R 173 64.40 -15.27 36.92
CA SER R 173 63.83 -15.87 38.15
C SER R 173 62.45 -15.26 38.48
N ASP R 174 61.89 -15.65 39.63
CA ASP R 174 60.55 -15.19 40.03
C ASP R 174 60.37 -13.68 40.07
N ARG R 175 59.23 -13.27 39.54
CA ARG R 175 58.69 -11.92 39.77
C ARG R 175 59.54 -10.76 39.29
N ARG R 176 60.05 -10.84 38.07
CA ARG R 176 60.77 -9.70 37.53
C ARG R 176 59.87 -8.56 37.07
N GLY R 177 60.40 -7.34 37.04
CA GLY R 177 59.64 -6.19 36.60
C GLY R 177 59.56 -6.20 35.09
N VAL R 178 58.49 -5.67 34.56
CA VAL R 178 58.43 -5.64 33.14
C VAL R 178 58.25 -4.17 32.71
N ASN R 179 58.69 -3.86 31.49
CA ASN R 179 58.35 -2.58 30.90
C ASN R 179 57.73 -2.74 29.56
N LEU R 180 57.16 -1.66 29.03
CA LEU R 180 56.40 -1.69 27.81
C LEU R 180 56.72 -0.42 26.95
N PRO R 181 57.89 -0.43 26.24
CA PRO R 181 58.32 0.87 25.77
C PRO R 181 57.49 1.56 24.71
N GLY R 182 56.73 0.83 23.93
CA GLY R 182 55.92 1.50 22.91
C GLY R 182 54.48 1.50 23.37
N CYS R 183 54.30 1.47 24.69
CA CYS R 183 52.98 1.20 25.21
C CYS R 183 52.59 2.19 26.24
N ASP R 184 51.34 2.63 26.14
CA ASP R 184 50.77 3.53 27.09
C ASP R 184 50.23 2.73 28.26
N VAL R 185 50.99 2.69 29.32
CA VAL R 185 50.58 1.89 30.48
C VAL R 185 49.54 2.63 31.28
N ASP R 186 48.47 1.95 31.67
CA ASP R 186 47.34 2.67 32.32
C ASP R 186 47.01 2.20 33.73
N LEU R 187 47.99 1.76 34.45
CA LEU R 187 47.87 1.63 35.84
C LEU R 187 47.41 2.94 36.45
N PRO R 188 46.68 2.84 37.54
CA PRO R 188 46.26 4.01 38.29
C PRO R 188 47.46 4.78 38.77
N ALA R 189 47.28 6.03 39.10
CA ALA R 189 48.38 6.89 39.47
C ALA R 189 48.95 6.40 40.76
N VAL R 190 48.07 5.97 41.62
CA VAL R 190 48.37 5.60 42.96
C VAL R 190 47.92 4.17 43.26
N SER R 191 48.84 3.32 43.62
CA SER R 191 48.50 1.98 44.06
C SER R 191 47.85 1.95 45.43
N ALA R 192 47.37 0.79 45.83
CA ALA R 192 46.81 0.67 47.16
C ALA R 192 47.86 0.86 48.24
N LYS R 193 49.05 0.36 48.05
CA LYS R 193 50.11 0.63 48.98
C LYS R 193 50.48 2.11 49.03
N ASP R 194 50.53 2.76 47.89
CA ASP R 194 50.80 4.18 47.82
C ASP R 194 49.79 4.95 48.66
N ARG R 195 48.54 4.58 48.53
CA ARG R 195 47.48 5.24 49.23
C ARG R 195 47.75 5.19 50.70
N VAL R 196 48.21 4.05 51.17
CA VAL R 196 48.54 3.91 52.54
C VAL R 196 49.84 4.64 52.63
N ASP R 197 50.56 4.78 51.52
CA ASP R 197 51.84 5.43 51.59
C ASP R 197 51.70 6.93 51.68
N LEU R 198 50.79 7.51 50.93
CA LEU R 198 50.51 8.92 51.00
C LEU R 198 49.96 9.40 52.32
N GLN R 199 49.06 8.64 52.91
CA GLN R 199 48.50 8.99 54.19
C GLN R 199 49.54 9.04 55.28
N PHE R 200 50.47 8.09 55.26
CA PHE R 200 51.52 8.01 56.22
C PHE R 200 52.41 9.22 56.13
N GLY R 201 52.66 9.65 54.91
CA GLY R 201 53.48 10.81 54.67
C GLY R 201 52.89 12.07 55.24
N VAL R 202 51.58 12.20 55.10
CA VAL R 202 50.86 13.29 55.70
C VAL R 202 50.93 13.26 57.20
N GLU R 203 50.74 12.08 57.78
CA GLU R 203 50.76 11.85 59.21
C GLU R 203 52.08 12.18 59.84
N GLN R 204 53.17 11.82 59.19
CA GLN R 204 54.47 12.05 59.75
C GLN R 204 55.00 13.37 59.32
N GLY R 205 54.16 14.15 58.68
CA GLY R 205 54.50 15.47 58.26
C GLY R 205 55.65 15.70 57.30
N VAL R 206 55.74 14.87 56.28
CA VAL R 206 56.74 15.06 55.25
C VAL R 206 56.55 16.32 54.44
N ASP R 207 57.65 16.90 54.03
CA ASP R 207 57.68 18.05 53.15
C ASP R 207 57.22 17.94 51.69
N MET R 208 57.62 16.89 51.00
CA MET R 208 57.30 16.71 49.60
C MET R 208 57.10 15.27 49.21
N ILE R 209 56.42 15.05 48.10
CA ILE R 209 56.26 13.74 47.54
C ILE R 209 56.97 13.69 46.20
N PHE R 210 57.80 12.71 46.00
CA PHE R 210 58.31 12.48 44.69
C PHE R 210 57.40 11.45 44.09
N ALA R 211 56.52 11.86 43.21
CA ALA R 211 55.52 10.97 42.72
C ALA R 211 56.01 10.20 41.51
N SER R 212 56.19 8.91 41.68
CA SER R 212 56.67 8.04 40.65
C SER R 212 55.73 7.85 39.49
N PHE R 213 56.36 7.60 38.35
CA PHE R 213 55.70 7.23 37.15
C PHE R 213 54.53 8.19 36.76
N ILE R 214 54.61 9.57 36.70
CA ILE R 214 53.47 10.37 36.42
C ILE R 214 53.25 10.39 34.91
N ARG R 215 52.23 9.69 34.45
CA ARG R 215 51.66 9.79 33.10
C ARG R 215 50.89 11.06 32.69
N SER R 216 50.22 11.70 33.62
CA SER R 216 49.24 12.75 33.32
C SER R 216 48.97 13.82 34.37
N ALA R 217 48.38 14.91 33.92
CA ALA R 217 47.92 15.99 34.76
C ALA R 217 46.80 15.55 35.68
N GLU R 218 45.97 14.66 35.18
CA GLU R 218 44.88 14.09 35.94
C GLU R 218 45.38 13.26 37.12
N GLN R 219 46.47 12.54 36.92
CA GLN R 219 47.11 11.74 37.93
C GLN R 219 47.67 12.57 39.06
N VAL R 220 48.24 13.71 38.76
CA VAL R 220 48.76 14.60 39.78
C VAL R 220 47.61 15.03 40.66
N GLY R 221 46.50 15.35 40.04
CA GLY R 221 45.35 15.78 40.78
C GLY R 221 44.87 14.70 41.71
N ASP R 222 44.90 13.47 41.25
CA ASP R 222 44.55 12.36 42.08
C ASP R 222 45.48 12.23 43.26
N VAL R 223 46.76 12.51 43.06
CA VAL R 223 47.68 12.55 44.16
C VAL R 223 47.40 13.66 45.17
N ARG R 224 47.03 14.81 44.67
CA ARG R 224 46.76 15.97 45.47
C ARG R 224 45.58 15.65 46.35
N LYS R 225 44.64 14.93 45.77
CA LYS R 225 43.38 14.58 46.37
C LYS R 225 43.52 13.51 47.43
N ALA R 226 44.39 12.54 47.19
CA ALA R 226 44.73 11.54 48.18
C ALA R 226 45.43 12.15 49.37
N LEU R 227 46.23 13.16 49.16
CA LEU R 227 46.90 13.82 50.25
C LEU R 227 45.88 14.49 51.14
N GLY R 228 44.84 15.01 50.51
CA GLY R 228 43.74 15.62 51.22
C GLY R 228 43.96 17.04 51.67
N PRO R 229 43.06 17.52 52.52
CA PRO R 229 43.15 18.83 53.16
C PRO R 229 44.30 18.95 54.12
N LYS R 230 44.54 17.91 54.89
CA LYS R 230 45.63 17.90 55.84
C LYS R 230 46.94 18.00 55.11
N GLY R 231 46.92 17.57 53.86
CA GLY R 231 48.11 17.48 53.04
C GLY R 231 48.33 18.57 52.03
N ARG R 232 47.57 19.63 52.11
CA ARG R 232 47.54 20.65 51.07
C ARG R 232 48.82 21.42 50.82
N ASP R 233 49.65 21.56 51.83
CA ASP R 233 50.87 22.30 51.66
C ASP R 233 52.07 21.43 51.36
N ILE R 234 51.85 20.15 51.10
CA ILE R 234 52.93 19.28 50.71
C ILE R 234 53.10 19.41 49.22
N MET R 235 54.33 19.56 48.79
CA MET R 235 54.70 19.73 47.40
C MET R 235 54.64 18.42 46.65
N ILE R 236 54.04 18.41 45.48
CA ILE R 236 54.11 17.22 44.66
C ILE R 236 55.09 17.40 43.52
N ILE R 237 56.20 16.71 43.61
CA ILE R 237 57.22 16.74 42.60
C ILE R 237 57.02 15.55 41.67
N CYS R 238 56.83 15.80 40.39
CA CYS R 238 56.51 14.72 39.49
C CYS R 238 57.69 14.14 38.73
N LYS R 239 57.94 12.87 38.95
CA LYS R 239 58.97 12.15 38.28
C LYS R 239 58.55 11.76 36.88
N ILE R 240 59.38 12.09 35.89
CA ILE R 240 59.10 11.73 34.52
C ILE R 240 59.96 10.58 34.21
N GLU R 241 59.34 9.40 34.05
CA GLU R 241 60.11 8.18 33.88
C GLU R 241 59.70 7.40 32.63
N ASN R 242 58.62 7.79 31.97
CA ASN R 242 58.17 7.15 30.74
C ASN R 242 57.74 8.03 29.58
N HIS R 243 57.27 7.40 28.53
CA HIS R 243 56.88 8.09 27.31
C HIS R 243 55.74 9.08 27.45
N GLN R 244 54.68 8.65 28.12
CA GLN R 244 53.52 9.46 28.33
C GLN R 244 53.82 10.68 29.15
N GLY R 245 54.63 10.53 30.16
CA GLY R 245 55.03 11.64 30.97
C GLY R 245 55.78 12.67 30.20
N VAL R 246 56.69 12.27 29.35
CA VAL R 246 57.37 13.22 28.51
C VAL R 246 56.44 13.92 27.56
N GLN R 247 55.54 13.19 26.97
CA GLN R 247 54.62 13.72 26.01
C GLN R 247 53.73 14.77 26.63
N ASN R 248 53.34 14.54 27.86
CA ASN R 248 52.40 15.38 28.57
C ASN R 248 53.01 16.39 29.50
N ILE R 249 54.25 16.75 29.25
CA ILE R 249 55.01 17.53 30.17
C ILE R 249 54.50 18.91 30.52
N ASP R 250 53.98 19.67 29.58
CA ASP R 250 53.46 20.98 29.89
C ASP R 250 52.31 20.96 30.84
N SER R 251 51.36 20.10 30.60
CA SER R 251 50.25 19.93 31.50
C SER R 251 50.63 19.39 32.86
N ILE R 252 51.57 18.46 32.89
CA ILE R 252 52.09 17.97 34.13
C ILE R 252 52.83 19.03 34.92
N ILE R 253 53.62 19.83 34.25
CA ILE R 253 54.33 20.89 34.87
C ILE R 253 53.34 21.89 35.46
N GLU R 254 52.26 22.20 34.78
CA GLU R 254 51.23 23.07 35.26
C GLU R 254 50.64 22.62 36.59
N GLU R 255 50.23 21.38 36.65
CA GLU R 255 49.68 20.75 37.85
C GLU R 255 50.63 20.56 39.02
N SER R 256 51.86 20.28 38.72
CA SER R 256 52.87 19.97 39.70
C SER R 256 53.45 21.17 40.43
N ASP R 257 54.23 20.89 41.45
CA ASP R 257 55.06 21.87 42.08
C ASP R 257 56.50 21.76 41.64
N GLY R 258 56.81 20.78 40.82
CA GLY R 258 58.15 20.57 40.32
C GLY R 258 58.30 19.25 39.62
N ILE R 259 59.46 19.04 39.04
CA ILE R 259 59.74 17.89 38.22
C ILE R 259 61.02 17.21 38.63
N MET R 260 61.01 15.90 38.51
CA MET R 260 62.20 15.11 38.51
C MET R 260 62.46 14.43 37.18
N VAL R 261 63.68 14.55 36.67
CA VAL R 261 64.06 13.86 35.48
C VAL R 261 64.60 12.53 35.90
N ALA R 262 63.74 11.53 35.95
CA ALA R 262 64.04 10.26 36.55
C ALA R 262 64.72 9.36 35.56
N ARG R 263 66.02 9.52 35.44
CA ARG R 263 66.75 8.95 34.38
C ARG R 263 66.81 7.45 34.32
N GLY R 264 66.86 6.76 35.45
CA GLY R 264 66.93 5.33 35.41
C GLY R 264 65.79 4.58 34.77
N ASP R 265 64.57 4.83 35.17
CA ASP R 265 63.42 4.35 34.46
C ASP R 265 63.24 4.91 33.03
N LEU R 266 63.49 6.21 32.84
CA LEU R 266 63.33 6.88 31.57
C LEU R 266 64.22 6.31 30.51
N GLY R 267 65.39 5.93 30.96
CA GLY R 267 66.41 5.31 30.20
C GLY R 267 66.08 3.99 29.56
N VAL R 268 65.32 3.12 30.20
CA VAL R 268 64.71 1.95 29.62
C VAL R 268 63.54 2.23 28.72
N GLU R 269 62.66 3.08 29.23
CA GLU R 269 61.43 3.43 28.55
C GLU R 269 61.68 4.14 27.24
N ILE R 270 62.66 4.96 27.20
CA ILE R 270 62.91 5.77 26.10
C ILE R 270 64.30 5.34 25.90
N PRO R 271 64.70 5.37 24.67
CA PRO R 271 66.07 5.06 24.34
C PRO R 271 66.85 6.19 24.92
N ALA R 272 67.96 5.71 25.41
CA ALA R 272 68.88 6.25 26.35
C ALA R 272 69.48 7.47 25.79
N GLU R 273 69.80 7.43 24.52
CA GLU R 273 70.36 8.57 23.82
C GLU R 273 69.38 9.73 23.77
N LYS R 274 68.11 9.42 23.97
CA LYS R 274 67.07 10.44 24.01
C LYS R 274 66.98 11.14 25.37
N VAL R 275 67.38 10.45 26.43
CA VAL R 275 67.28 11.00 27.77
C VAL R 275 67.97 12.34 27.83
N VAL R 276 69.02 12.53 27.06
CA VAL R 276 69.72 13.80 27.01
C VAL R 276 68.88 14.96 26.50
N VAL R 277 68.15 14.75 25.41
CA VAL R 277 67.20 15.73 24.91
C VAL R 277 66.07 15.98 25.88
N ALA R 278 65.57 14.93 26.48
CA ALA R 278 64.55 15.08 27.48
C ALA R 278 65.05 15.87 28.69
N GLN R 279 66.28 15.67 29.12
CA GLN R 279 66.83 16.42 30.22
C GLN R 279 66.91 17.90 29.94
N LYS R 280 67.44 18.24 28.78
CA LYS R 280 67.50 19.60 28.40
C LYS R 280 66.15 20.22 28.28
N ILE R 281 65.20 19.52 27.66
CA ILE R 281 63.85 20.06 27.47
C ILE R 281 63.09 20.30 28.78
N LEU R 282 63.15 19.34 29.69
CA LEU R 282 62.41 19.39 30.91
C LEU R 282 62.91 20.39 31.93
N ILE R 283 64.21 20.50 32.02
CA ILE R 283 64.85 21.44 32.89
C ILE R 283 64.56 22.85 32.45
N SER R 284 64.65 23.09 31.16
CA SER R 284 64.38 24.39 30.63
C SER R 284 62.95 24.82 30.82
N LYS R 285 62.00 23.94 30.61
CA LYS R 285 60.62 24.24 30.79
C LYS R 285 60.28 24.56 32.26
N CYS R 286 60.92 23.83 33.17
CA CYS R 286 60.84 24.12 34.58
C CYS R 286 61.47 25.44 34.95
N ASN R 287 62.60 25.78 34.37
CA ASN R 287 63.22 27.06 34.62
C ASN R 287 62.35 28.21 34.16
N VAL R 288 61.79 28.08 32.98
CA VAL R 288 60.94 29.10 32.44
C VAL R 288 59.68 29.25 33.27
N ALA R 289 59.12 28.15 33.71
CA ALA R 289 57.95 28.15 34.56
C ALA R 289 58.15 28.60 36.03
N GLY R 290 59.38 28.73 36.47
CA GLY R 290 59.73 28.88 37.85
C GLY R 290 59.46 27.78 38.87
N LYS R 291 59.66 26.54 38.49
CA LYS R 291 59.45 25.43 39.39
C LYS R 291 60.70 24.59 39.45
N PRO R 292 60.93 24.03 40.62
CA PRO R 292 62.16 23.28 40.90
C PRO R 292 62.28 22.04 40.04
N VAL R 293 63.48 21.74 39.56
CA VAL R 293 63.74 20.61 38.71
C VAL R 293 64.94 19.81 39.18
N ILE R 294 64.81 18.51 39.20
CA ILE R 294 65.81 17.60 39.71
C ILE R 294 66.33 16.64 38.66
N CYS R 295 67.64 16.53 38.59
CA CYS R 295 68.32 15.56 37.76
C CYS R 295 68.76 14.37 38.57
N ALA R 296 68.29 13.21 38.15
CA ALA R 296 68.43 11.98 38.88
C ALA R 296 69.02 10.81 38.15
N THR R 297 69.75 10.00 38.92
CA THR R 297 70.11 8.60 38.67
C THR R 297 71.45 8.39 37.96
N GLN R 298 72.27 7.50 38.51
CA GLN R 298 73.55 7.14 37.90
C GLN R 298 74.46 8.36 37.71
N MET R 299 74.27 9.39 38.53
CA MET R 299 75.10 10.56 38.44
C MET R 299 76.51 10.33 38.93
N LEU R 300 76.68 9.64 40.03
CA LEU R 300 77.99 9.28 40.48
C LEU R 300 78.03 7.81 40.86
N GLU R 301 77.58 6.96 39.97
CA GLU R 301 77.36 5.55 40.23
C GLU R 301 78.53 4.72 40.71
N SER R 302 79.71 4.93 40.17
CA SER R 302 80.88 4.13 40.47
C SER R 302 81.37 4.36 41.89
N MET R 303 80.89 5.43 42.47
CA MET R 303 81.26 5.85 43.79
C MET R 303 80.44 5.11 44.81
N THR R 304 79.56 4.25 44.33
CA THR R 304 78.88 3.30 45.18
C THR R 304 79.96 2.37 45.69
N TYR R 305 80.98 2.14 44.90
CA TYR R 305 82.01 1.22 45.29
C TYR R 305 83.41 1.76 45.34
N ASN R 306 83.65 2.91 44.74
CA ASN R 306 84.98 3.48 44.70
C ASN R 306 85.05 4.83 45.33
N PRO R 307 86.22 5.14 45.81
CA PRO R 307 86.51 6.42 46.44
C PRO R 307 86.42 7.61 45.49
N ARG R 308 86.62 7.38 44.21
CA ARG R 308 86.70 8.43 43.20
C ARG R 308 85.82 8.11 42.01
N PRO R 309 85.25 9.16 41.41
CA PRO R 309 84.38 9.03 40.27
C PRO R 309 85.08 8.88 38.95
N THR R 310 84.37 8.38 37.96
CA THR R 310 84.77 8.39 36.58
C THR R 310 84.66 9.77 35.93
N ARG R 311 85.36 9.97 34.82
CA ARG R 311 85.30 11.22 34.10
C ARG R 311 83.92 11.53 33.58
N ALA R 312 83.23 10.53 33.08
CA ALA R 312 81.89 10.70 32.60
C ALA R 312 80.94 11.16 33.69
N GLU R 313 81.13 10.65 34.88
CA GLU R 313 80.33 11.03 36.00
C GLU R 313 80.46 12.48 36.42
N VAL R 314 81.69 12.94 36.53
CA VAL R 314 81.99 14.29 36.88
C VAL R 314 81.41 15.20 35.85
N SER R 315 81.59 14.86 34.60
CA SER R 315 81.01 15.65 33.55
C SER R 315 79.51 15.71 33.65
N ASP R 316 78.89 14.60 34.01
CA ASP R 316 77.47 14.56 34.19
C ASP R 316 76.95 15.48 35.30
N VAL R 317 77.55 15.53 36.46
CA VAL R 317 77.04 16.44 37.49
C VAL R 317 77.13 17.90 37.05
N ALA R 318 78.24 18.24 36.42
CA ALA R 318 78.48 19.56 35.92
C ALA R 318 77.52 20.06 34.85
N ASN R 319 77.28 19.24 33.85
CA ASN R 319 76.33 19.51 32.80
C ASN R 319 74.91 19.64 33.27
N ALA R 320 74.52 18.93 34.31
CA ALA R 320 73.21 19.12 34.88
C ALA R 320 72.99 20.51 35.45
N VAL R 321 73.99 21.05 36.11
CA VAL R 321 74.01 22.43 36.58
C VAL R 321 73.97 23.43 35.46
N PHE R 322 74.77 23.19 34.43
CA PHE R 322 74.80 24.00 33.23
C PHE R 322 73.43 23.94 32.56
N ASN R 323 72.78 22.81 32.63
CA ASN R 323 71.48 22.58 32.04
C ASN R 323 70.45 23.49 32.73
N GLY R 324 70.72 23.87 33.97
CA GLY R 324 69.82 24.66 34.73
C GLY R 324 69.04 24.03 35.86
N ALA R 325 69.44 22.87 36.30
CA ALA R 325 68.79 22.18 37.38
C ALA R 325 68.93 22.79 38.77
N ASP R 326 67.84 22.82 39.49
CA ASP R 326 67.87 23.18 40.87
C ASP R 326 68.66 22.17 41.71
N CYS R 327 68.44 20.89 41.46
CA CYS R 327 68.96 19.79 42.26
C CYS R 327 69.62 18.63 41.52
N VAL R 328 70.60 18.03 42.14
CA VAL R 328 71.11 16.78 41.71
C VAL R 328 70.83 15.77 42.81
N MET R 329 70.80 14.51 42.45
CA MET R 329 70.34 13.48 43.34
C MET R 329 71.27 12.30 43.45
N LEU R 330 71.25 11.66 44.60
CA LEU R 330 72.03 10.47 44.84
C LEU R 330 71.12 9.35 45.24
N SER R 331 71.32 8.20 44.63
CA SER R 331 70.44 7.09 44.90
C SER R 331 71.08 5.95 45.66
N GLY R 332 71.63 5.01 44.92
CA GLY R 332 72.35 3.90 45.47
C GLY R 332 73.64 4.27 46.15
N GLU R 333 74.26 5.32 45.65
CA GLU R 333 75.53 5.80 46.13
C GLU R 333 75.44 6.18 47.61
N THR R 334 74.30 6.67 48.05
CA THR R 334 74.06 6.90 49.46
C THR R 334 73.18 5.86 50.17
N ALA R 335 72.31 5.18 49.46
CA ALA R 335 71.51 4.16 50.07
C ALA R 335 72.27 2.93 50.51
N LYS R 336 73.11 2.39 49.64
CA LYS R 336 73.84 1.18 49.90
C LYS R 336 75.34 1.22 49.70
N GLY R 337 75.86 2.38 49.39
CA GLY R 337 77.25 2.58 49.06
C GLY R 337 78.27 2.51 50.17
N LYS R 338 79.51 2.29 49.75
CA LYS R 338 80.71 2.38 50.54
C LYS R 338 81.13 3.76 51.04
N TYR R 339 80.95 4.80 50.24
CA TYR R 339 81.50 6.08 50.57
C TYR R 339 80.49 7.19 50.51
N PRO R 340 79.52 7.14 51.39
CA PRO R 340 78.43 8.08 51.35
C PRO R 340 78.85 9.52 51.54
N ASN R 341 79.66 9.82 52.54
CA ASN R 341 80.15 11.16 52.74
C ASN R 341 81.01 11.67 51.60
N GLU R 342 81.89 10.86 51.10
CA GLU R 342 82.74 11.23 50.00
C GLU R 342 81.96 11.52 48.72
N VAL R 343 80.96 10.73 48.41
CA VAL R 343 80.23 10.94 47.20
C VAL R 343 79.51 12.28 47.23
N VAL R 344 78.90 12.61 48.33
CA VAL R 344 78.27 13.87 48.51
C VAL R 344 79.25 15.00 48.46
N GLN R 345 80.40 14.85 49.07
CA GLN R 345 81.39 15.88 49.05
C GLN R 345 81.87 16.12 47.65
N TYR R 346 82.03 15.07 46.88
CA TYR R 346 82.41 15.19 45.48
C TYR R 346 81.37 15.89 44.64
N MET R 347 80.13 15.58 44.85
CA MET R 347 79.08 16.21 44.12
C MET R 347 79.00 17.68 44.41
N ALA R 348 79.15 18.07 45.67
CA ALA R 348 79.11 19.46 46.05
C ALA R 348 80.22 20.26 45.43
N ARG R 349 81.38 19.67 45.40
CA ARG R 349 82.56 20.28 44.84
C ARG R 349 82.42 20.51 43.34
N ILE R 350 81.91 19.55 42.61
CA ILE R 350 81.64 19.67 41.19
C ILE R 350 80.61 20.75 40.90
N CYS R 351 79.59 20.80 41.72
CA CYS R 351 78.54 21.77 41.57
C CYS R 351 79.09 23.17 41.74
N LEU R 352 79.96 23.37 42.71
CA LEU R 352 80.58 24.65 42.92
C LEU R 352 81.46 25.11 41.78
N GLU R 353 82.22 24.19 41.23
CA GLU R 353 83.05 24.44 40.09
C GLU R 353 82.28 24.82 38.84
N ALA R 354 81.20 24.11 38.54
CA ALA R 354 80.37 24.40 37.37
C ALA R 354 79.72 25.76 37.48
N GLN R 355 79.42 26.13 38.71
CA GLN R 355 78.80 27.37 39.07
C GLN R 355 79.69 28.53 38.69
N SER R 356 80.99 28.39 38.81
CA SER R 356 81.88 29.42 38.33
C SER R 356 81.79 29.65 36.86
N ALA R 357 81.73 28.56 36.11
CA ALA R 357 81.61 28.59 34.67
C ALA R 357 80.25 29.09 34.24
N LEU R 358 79.28 29.04 35.12
CA LEU R 358 77.91 29.35 34.76
C LEU R 358 77.79 30.80 34.47
N ASN R 359 77.14 31.15 33.39
CA ASN R 359 76.87 32.53 33.11
C ASN R 359 75.51 32.86 33.66
N GLU R 360 75.48 33.33 34.89
CA GLU R 360 74.25 33.65 35.59
C GLU R 360 73.49 34.77 34.94
N TYR R 361 74.23 35.72 34.40
CA TYR R 361 73.66 36.85 33.71
C TYR R 361 72.88 36.53 32.44
N VAL R 362 73.44 35.69 31.58
CA VAL R 362 72.77 35.29 30.35
C VAL R 362 71.54 34.53 30.69
N PHE R 363 71.65 33.70 31.68
CA PHE R 363 70.54 32.93 32.21
C PHE R 363 69.42 33.82 32.70
N PHE R 364 69.74 34.91 33.37
CA PHE R 364 68.71 35.86 33.82
C PHE R 364 67.93 36.49 32.66
N ASN R 365 68.65 36.99 31.69
CA ASN R 365 68.09 37.59 30.52
C ASN R 365 67.31 36.62 29.66
N SER R 366 67.80 35.41 29.52
CA SER R 366 67.15 34.42 28.72
C SER R 366 65.83 34.06 29.29
N ILE R 367 65.77 33.89 30.60
CA ILE R 367 64.56 33.56 31.30
C ILE R 367 63.52 34.66 31.23
N LYS R 368 63.99 35.87 31.38
CA LYS R 368 63.21 37.10 31.37
C LYS R 368 62.51 37.32 30.03
N LYS R 369 63.18 37.07 28.92
CA LYS R 369 62.59 37.16 27.60
C LYS R 369 61.49 36.19 27.38
N LEU R 370 61.52 35.05 28.05
CA LEU R 370 60.53 34.04 27.85
C LEU R 370 59.21 34.17 28.60
N GLN R 371 59.14 35.14 29.49
CA GLN R 371 57.95 35.41 30.23
C GLN R 371 56.97 36.22 29.45
N HIS R 372 55.69 35.88 29.58
CA HIS R 372 54.63 36.55 28.83
C HIS R 372 54.23 37.87 29.47
N ILE R 373 53.98 38.88 28.64
CA ILE R 373 53.58 40.20 29.13
C ILE R 373 52.14 40.50 28.74
N PRO R 374 51.36 40.99 29.70
CA PRO R 374 51.87 41.23 31.05
C PRO R 374 51.98 39.93 31.85
N MET R 375 52.53 40.02 33.05
CA MET R 375 52.68 38.85 33.91
C MET R 375 52.03 39.09 35.28
N SER R 376 52.78 39.71 36.17
CA SER R 376 52.28 40.01 37.52
C SER R 376 53.20 40.98 38.25
N ALA R 377 52.61 41.87 39.04
CA ALA R 377 53.37 42.84 39.79
C ALA R 377 54.48 42.28 40.64
N ASP R 378 54.23 41.22 41.37
CA ASP R 378 55.30 40.55 42.10
C ASP R 378 56.38 39.96 41.22
N GLU R 379 56.01 39.40 40.08
CA GLU R 379 57.01 38.89 39.16
C GLU R 379 57.92 39.93 38.58
N ALA R 380 57.37 41.07 38.23
CA ALA R 380 58.17 42.19 37.79
C ALA R 380 59.12 42.68 38.88
N VAL R 381 58.63 42.68 40.10
CA VAL R 381 59.41 43.14 41.23
C VAL R 381 60.61 42.26 41.41
N CYS R 382 60.41 40.96 41.34
CA CYS R 382 61.51 40.03 41.46
C CYS R 382 62.51 40.09 40.34
N SER R 383 62.05 40.15 39.12
CA SER R 383 62.93 40.26 37.99
C SER R 383 63.72 41.54 37.93
N SER R 384 63.06 42.65 38.08
CA SER R 384 63.74 43.89 38.13
C SER R 384 64.67 44.00 39.36
N ALA R 385 64.32 43.40 40.47
CA ALA R 385 65.17 43.43 41.66
C ALA R 385 66.49 42.72 41.47
N VAL R 386 66.46 41.60 40.74
CA VAL R 386 67.62 40.89 40.29
C VAL R 386 68.43 41.72 39.31
N ASN R 387 67.75 42.43 38.44
CA ASN R 387 68.41 43.30 37.50
C ASN R 387 69.20 44.37 38.27
N SER R 388 68.61 44.82 39.36
CA SER R 388 69.25 45.72 40.29
C SER R 388 70.47 45.08 40.90
N VAL R 389 70.40 43.80 41.17
CA VAL R 389 71.55 43.16 41.72
C VAL R 389 72.71 43.22 40.77
N TYR R 390 72.48 42.89 39.51
CA TYR R 390 73.52 42.95 38.52
C TYR R 390 74.04 44.35 38.26
N GLU R 391 73.16 45.33 38.23
CA GLU R 391 73.53 46.71 38.02
C GLU R 391 74.39 47.34 39.11
N THR R 392 74.14 47.02 40.37
CA THR R 392 74.93 47.52 41.49
C THR R 392 76.06 46.63 41.96
N LYS R 393 76.11 45.42 41.44
CA LYS R 393 76.93 44.38 42.00
C LYS R 393 76.62 44.05 43.45
N ALA R 394 75.36 43.94 43.79
CA ALA R 394 74.95 43.60 45.12
C ALA R 394 75.36 42.20 45.52
N LYS R 395 75.81 42.05 46.76
CA LYS R 395 76.38 40.80 47.15
C LYS R 395 75.45 39.87 47.87
N ALA R 396 74.23 40.32 48.12
CA ALA R 396 73.21 39.50 48.72
C ALA R 396 71.83 40.01 48.45
N MET R 397 70.88 39.18 48.71
CA MET R 397 69.53 39.50 48.45
C MET R 397 68.75 39.02 49.62
N VAL R 398 67.72 39.73 50.02
CA VAL R 398 66.85 39.27 51.07
C VAL R 398 65.40 39.30 50.63
N VAL R 399 64.68 38.23 50.83
CA VAL R 399 63.27 38.22 50.53
C VAL R 399 62.43 37.73 51.65
N LEU R 400 61.26 38.29 51.79
CA LEU R 400 60.33 37.78 52.73
C LEU R 400 59.35 36.85 52.07
N SER R 401 59.37 35.58 52.46
CA SER R 401 58.35 34.65 52.04
C SER R 401 57.88 33.71 53.12
N ASN R 402 56.58 33.66 53.32
CA ASN R 402 55.97 32.70 54.21
C ASN R 402 55.52 31.39 53.55
N THR R 403 54.86 31.47 52.41
CA THR R 403 54.54 30.32 51.60
C THR R 403 55.76 29.73 50.91
N GLY R 404 56.78 30.52 50.73
CA GLY R 404 57.91 30.15 49.92
C GLY R 404 57.78 30.56 48.47
N ARG R 405 56.59 31.02 48.09
CA ARG R 405 56.34 31.48 46.73
C ARG R 405 57.28 32.61 46.32
N SER R 406 57.38 33.65 47.14
CA SER R 406 58.19 34.76 46.78
C SER R 406 59.61 34.34 46.55
N ALA R 407 60.12 33.46 47.36
CA ALA R 407 61.46 32.98 47.18
C ALA R 407 61.75 32.22 45.88
N ARG R 408 60.85 31.37 45.45
CA ARG R 408 61.00 30.68 44.17
C ARG R 408 61.01 31.65 43.00
N LEU R 409 60.14 32.65 43.08
CA LEU R 409 59.99 33.65 42.07
C LEU R 409 61.23 34.46 41.85
N VAL R 410 61.91 34.83 42.91
CA VAL R 410 63.22 35.43 42.84
C VAL R 410 64.38 34.57 42.36
N ALA R 411 64.45 33.35 42.86
CA ALA R 411 65.50 32.42 42.55
C ALA R 411 65.43 32.07 41.09
N LYS R 412 64.24 32.15 40.57
CA LYS R 412 63.94 31.88 39.20
C LYS R 412 64.71 32.78 38.26
N TYR R 413 65.04 33.96 38.72
CA TYR R 413 65.71 34.91 37.90
C TYR R 413 67.21 34.84 37.98
N ARG R 414 67.73 33.86 38.69
CA ARG R 414 69.16 33.62 38.69
C ARG R 414 70.10 34.82 38.96
N PRO R 415 70.00 35.41 40.14
CA PRO R 415 70.92 36.44 40.56
C PRO R 415 72.29 35.85 40.78
N ASN R 416 73.31 36.67 40.78
CA ASN R 416 74.65 36.15 40.93
C ASN R 416 75.19 36.21 42.35
N CYS R 417 74.26 36.24 43.27
CA CYS R 417 74.56 36.37 44.65
C CYS R 417 73.61 35.52 45.42
N PRO R 418 73.93 35.24 46.67
CA PRO R 418 73.06 34.44 47.51
C PRO R 418 71.73 35.09 47.73
N ILE R 419 70.69 34.33 47.89
CA ILE R 419 69.41 34.86 48.19
C ILE R 419 69.05 34.45 49.59
N VAL R 420 68.64 35.37 50.40
CA VAL R 420 68.34 35.01 51.74
C VAL R 420 66.88 35.22 52.00
N CYS R 421 66.19 34.13 52.28
CA CYS R 421 64.78 34.16 52.51
C CYS R 421 64.44 34.15 54.01
N VAL R 422 63.57 35.03 54.42
CA VAL R 422 63.20 35.06 55.80
C VAL R 422 61.78 34.62 55.88
N THR R 423 61.56 33.54 56.59
CA THR R 423 60.27 32.90 56.58
C THR R 423 59.74 32.67 57.98
N THR R 424 58.43 32.71 58.11
CA THR R 424 57.80 32.41 59.36
C THR R 424 57.33 30.99 59.46
N ARG R 425 57.65 30.15 58.50
CA ARG R 425 57.29 28.75 58.54
C ARG R 425 58.49 27.84 58.40
N LEU R 426 58.66 26.93 59.33
CA LEU R 426 59.75 25.98 59.27
C LEU R 426 59.68 25.03 58.08
N GLN R 427 58.49 24.62 57.72
CA GLN R 427 58.28 23.78 56.59
C GLN R 427 58.71 24.47 55.32
N THR R 428 58.53 25.76 55.27
CA THR R 428 58.97 26.56 54.17
C THR R 428 60.45 26.50 54.07
N CYS R 429 61.15 26.51 55.19
CA CYS R 429 62.58 26.39 55.17
C CYS R 429 63.02 25.05 54.59
N ARG R 430 62.32 23.99 54.95
CA ARG R 430 62.61 22.73 54.37
C ARG R 430 62.26 22.63 52.88
N GLN R 431 61.11 23.12 52.50
CA GLN R 431 60.60 23.03 51.14
C GLN R 431 61.48 23.77 50.15
N LEU R 432 62.10 24.84 50.61
CA LEU R 432 63.02 25.65 49.86
C LEU R 432 64.37 25.01 49.65
N ASN R 433 64.56 23.85 50.24
CA ASN R 433 65.77 23.09 50.09
C ASN R 433 65.88 22.48 48.69
N ILE R 434 64.82 22.53 47.91
CA ILE R 434 64.91 22.13 46.51
C ILE R 434 65.00 23.29 45.55
N THR R 435 65.09 24.51 46.04
CA THR R 435 65.21 25.63 45.16
C THR R 435 66.64 26.09 45.13
N GLN R 436 67.24 26.19 43.96
CA GLN R 436 68.62 26.59 43.90
C GLN R 436 68.86 28.01 44.38
N GLY R 437 70.00 28.20 44.98
CA GLY R 437 70.51 29.49 45.33
C GLY R 437 69.84 30.21 46.47
N VAL R 438 69.14 29.49 47.32
CA VAL R 438 68.37 30.09 48.40
C VAL R 438 68.71 29.53 49.76
N GLU R 439 68.82 30.41 50.73
CA GLU R 439 69.03 30.04 52.11
C GLU R 439 67.96 30.63 52.98
N SER R 440 67.48 29.87 53.93
CA SER R 440 66.36 30.28 54.76
C SER R 440 66.73 30.63 56.20
N VAL R 441 66.12 31.67 56.71
CA VAL R 441 66.20 32.05 58.10
C VAL R 441 64.82 31.99 58.66
N PHE R 442 64.60 31.21 59.69
CA PHE R 442 63.30 31.15 60.31
C PHE R 442 63.10 32.31 61.30
N PHE R 443 61.95 32.96 61.25
CA PHE R 443 61.58 34.02 62.15
C PHE R 443 60.30 33.60 62.82
N ASP R 444 60.36 33.45 64.13
CA ASP R 444 59.27 32.92 64.90
C ASP R 444 58.31 34.02 65.20
N ALA R 445 57.21 34.01 64.48
CA ALA R 445 56.24 35.05 64.60
C ALA R 445 55.70 35.05 66.00
N ASP R 446 55.51 33.88 66.59
CA ASP R 446 54.89 33.77 67.89
C ASP R 446 55.71 34.44 68.97
N LYS R 447 56.96 34.07 69.06
CA LYS R 447 57.88 34.65 69.97
C LYS R 447 58.13 36.13 69.65
N LEU R 448 58.35 36.46 68.39
CA LEU R 448 58.76 37.81 68.03
C LEU R 448 57.71 38.70 67.41
N GLY R 449 56.50 38.23 67.27
CA GLY R 449 55.48 39.09 66.70
C GLY R 449 55.38 39.04 65.19
N HIS R 450 54.29 39.59 64.69
CA HIS R 450 53.91 39.54 63.29
C HIS R 450 54.72 40.41 62.34
N ASP R 451 55.46 41.36 62.86
CA ASP R 451 56.38 42.17 62.10
C ASP R 451 55.82 42.83 60.86
N GLU R 452 54.70 43.50 61.00
CA GLU R 452 53.99 44.07 59.86
C GLU R 452 54.77 45.14 59.14
N GLY R 453 55.64 45.84 59.83
CA GLY R 453 56.43 46.86 59.17
C GLY R 453 57.69 46.34 58.55
N LYS R 454 57.96 45.07 58.81
CA LYS R 454 58.91 44.26 58.07
C LYS R 454 60.35 44.49 58.47
N GLU R 455 60.56 45.43 59.35
CA GLU R 455 61.89 45.79 59.80
C GLU R 455 62.66 44.69 60.51
N HIS R 456 62.00 43.91 61.34
CA HIS R 456 62.67 42.81 62.00
C HIS R 456 63.11 41.66 61.13
N ARG R 457 62.22 41.20 60.27
CA ARG R 457 62.54 40.12 59.37
C ARG R 457 63.67 40.57 58.48
N VAL R 458 63.60 41.80 58.05
CA VAL R 458 64.66 42.34 57.26
C VAL R 458 65.96 42.39 57.96
N ALA R 459 65.99 42.77 59.23
CA ALA R 459 67.22 42.82 59.98
C ALA R 459 67.85 41.44 60.13
N ALA R 460 67.02 40.44 60.36
CA ALA R 460 67.47 39.08 60.50
C ALA R 460 68.08 38.51 59.24
N GLY R 461 67.47 38.74 58.10
CA GLY R 461 68.06 38.31 56.85
C GLY R 461 69.36 38.98 56.56
N VAL R 462 69.45 40.27 56.80
CA VAL R 462 70.71 40.96 56.64
C VAL R 462 71.78 40.45 57.60
N GLU R 463 71.42 40.22 58.84
CA GLU R 463 72.38 39.71 59.83
C GLU R 463 72.90 38.36 59.46
N PHE R 464 72.02 37.52 58.98
CA PHE R 464 72.42 36.21 58.52
C PHE R 464 73.40 36.33 57.39
N ALA R 465 73.18 37.27 56.49
CA ALA R 465 74.09 37.50 55.40
C ALA R 465 75.45 37.97 55.84
N LYS R 466 75.48 38.80 56.86
CA LYS R 466 76.72 39.25 57.48
C LYS R 466 77.43 38.08 58.11
N SER R 467 76.66 37.28 58.80
CA SER R 467 77.19 36.15 59.51
C SER R 467 77.86 35.10 58.62
N LYS R 468 77.32 34.84 57.44
CA LYS R 468 77.90 33.85 56.56
C LYS R 468 78.95 34.52 55.71
N GLY R 469 79.11 35.80 55.86
CA GLY R 469 80.13 36.51 55.14
C GLY R 469 79.86 36.97 53.73
N TYR R 470 78.61 36.87 53.30
CA TYR R 470 78.21 37.33 51.99
C TYR R 470 78.36 38.82 51.87
N VAL R 471 78.07 39.55 52.94
CA VAL R 471 78.20 41.00 52.96
C VAL R 471 79.00 41.63 54.09
N GLN R 472 79.57 42.79 53.82
CA GLN R 472 80.27 43.60 54.80
C GLN R 472 79.71 44.97 54.64
N THR R 473 80.12 45.87 55.52
CA THR R 473 79.59 47.21 55.56
C THR R 473 80.00 47.84 54.27
N GLY R 474 79.10 48.64 53.75
CA GLY R 474 79.30 49.33 52.49
C GLY R 474 78.80 48.57 51.30
N ASP R 475 78.44 47.32 51.48
CA ASP R 475 77.82 46.50 50.44
C ASP R 475 76.34 46.78 50.23
N TYR R 476 75.88 46.47 49.04
CA TYR R 476 74.49 46.61 48.74
C TYR R 476 73.82 45.32 48.98
N CYS R 477 72.64 45.40 49.55
CA CYS R 477 71.78 44.28 49.68
C CYS R 477 70.44 44.65 49.09
N VAL R 478 69.91 43.83 48.20
CA VAL R 478 68.67 44.14 47.54
C VAL R 478 67.58 43.37 48.22
N VAL R 479 66.55 44.08 48.63
CA VAL R 479 65.54 43.59 49.54
C VAL R 479 64.16 43.63 48.94
N ILE R 480 63.39 42.57 49.14
CA ILE R 480 62.08 42.42 48.56
C ILE R 480 60.96 42.07 49.53
N HIS R 481 59.92 42.86 49.58
CA HIS R 481 58.75 42.56 50.36
C HIS R 481 57.65 43.51 49.97
N ALA R 482 56.54 43.45 50.67
CA ALA R 482 55.51 44.44 50.53
C ALA R 482 55.79 45.73 51.27
N ASP R 483 55.07 46.73 50.87
CA ASP R 483 55.02 47.99 51.55
C ASP R 483 54.00 47.84 52.63
N HIS R 484 53.69 48.92 53.31
CA HIS R 484 52.79 48.87 54.42
C HIS R 484 51.37 48.51 54.14
N LYS R 485 50.80 49.00 53.06
CA LYS R 485 49.47 48.59 52.66
C LYS R 485 49.23 47.19 52.05
N VAL R 486 50.03 46.79 51.08
CA VAL R 486 49.78 45.57 50.29
C VAL R 486 49.95 44.24 50.99
N LYS R 487 49.02 43.34 50.75
CA LYS R 487 49.01 42.03 51.36
C LYS R 487 48.91 40.88 50.37
N GLY R 488 49.64 39.82 50.64
CA GLY R 488 49.62 38.63 49.81
C GLY R 488 50.70 38.49 48.77
N TYR R 489 51.43 39.54 48.50
CA TYR R 489 52.56 39.49 47.61
C TYR R 489 53.50 40.62 47.92
N ALA R 490 54.67 40.59 47.32
CA ALA R 490 55.59 41.67 47.51
C ALA R 490 55.54 42.62 46.33
N ASN R 491 55.25 43.87 46.61
CA ASN R 491 55.24 44.89 45.60
C ASN R 491 56.40 45.87 45.62
N GLN R 492 57.40 45.60 46.44
CA GLN R 492 58.48 46.55 46.67
C GLN R 492 59.91 46.01 46.57
N THR R 493 60.80 46.82 46.07
CA THR R 493 62.21 46.53 46.13
C THR R 493 62.98 47.70 46.69
N ARG R 494 63.99 47.41 47.49
CA ARG R 494 64.88 48.43 48.01
C ARG R 494 66.32 48.04 47.91
N ILE R 495 67.18 48.97 47.54
CA ILE R 495 68.57 48.73 47.63
C ILE R 495 69.09 49.40 48.89
N LEU R 496 69.51 48.62 49.89
CA LEU R 496 70.07 49.18 51.10
C LEU R 496 71.53 48.91 51.33
N LEU R 497 72.19 49.91 51.90
CA LEU R 497 73.60 49.85 52.22
C LEU R 497 73.76 49.14 53.53
N VAL R 498 74.75 48.27 53.66
CA VAL R 498 74.87 47.51 54.90
C VAL R 498 75.90 48.06 55.86
N GLU R 499 75.51 48.13 57.14
CA GLU R 499 76.39 48.64 58.18
C GLU R 499 76.72 47.55 59.19
N SER S 2 74.24 49.06 17.53
CA SER S 2 73.03 49.83 17.54
C SER S 2 73.24 51.09 16.77
N GLN S 3 72.18 51.72 16.35
CA GLN S 3 72.31 52.92 15.58
C GLN S 3 72.85 54.00 16.46
N LEU S 4 72.56 53.92 17.73
CA LEU S 4 73.01 54.88 18.71
C LEU S 4 74.51 54.89 18.88
N ALA S 5 75.07 53.72 19.10
CA ALA S 5 76.44 53.57 19.50
C ALA S 5 77.32 54.11 18.43
N HIS S 6 76.95 53.63 17.24
CA HIS S 6 77.43 54.03 15.90
C HIS S 6 77.38 55.50 15.58
N ASN S 7 76.35 56.20 15.98
CA ASN S 7 76.29 57.63 15.76
C ASN S 7 77.47 58.28 16.43
N LEU S 8 77.89 57.63 17.47
CA LEU S 8 78.95 58.02 18.37
C LEU S 8 80.34 57.90 17.77
N THR S 9 80.47 57.01 16.80
CA THR S 9 81.68 56.85 16.07
C THR S 9 81.79 57.78 14.91
N LEU S 10 80.74 58.50 14.55
CA LEU S 10 80.81 59.42 13.44
C LEU S 10 81.58 60.70 13.71
N SER S 11 82.15 61.28 12.67
CA SER S 11 82.74 62.63 12.76
C SER S 11 82.45 63.51 11.58
N ILE S 12 82.26 64.80 11.81
CA ILE S 12 82.07 65.71 10.71
C ILE S 12 83.25 65.81 9.78
N PHE S 13 84.45 65.55 10.32
CA PHE S 13 85.67 65.61 9.54
C PHE S 13 86.05 64.30 8.84
N ASP S 14 85.15 63.31 8.85
CA ASP S 14 85.43 62.08 8.17
C ASP S 14 85.44 62.41 6.70
N PRO S 15 86.38 61.88 5.98
CA PRO S 15 86.43 62.09 4.54
C PRO S 15 85.34 61.33 3.84
N VAL S 16 84.72 61.92 2.84
CA VAL S 16 83.72 61.21 2.08
C VAL S 16 84.31 60.26 1.10
N ALA S 17 83.46 59.44 0.51
CA ALA S 17 83.87 58.40 -0.41
C ALA S 17 84.31 58.86 -1.79
N ASN S 18 84.97 57.98 -2.49
CA ASN S 18 85.39 58.26 -3.85
C ASN S 18 84.31 57.95 -4.86
N TYR S 19 83.17 57.49 -4.37
CA TYR S 19 82.03 57.25 -5.21
C TYR S 19 80.73 57.63 -4.52
N ARG S 20 79.75 58.07 -5.28
CA ARG S 20 78.43 58.32 -4.79
C ARG S 20 77.48 57.22 -5.25
N ALA S 21 76.97 56.47 -4.30
CA ALA S 21 76.01 55.41 -4.57
C ALA S 21 74.63 55.81 -5.06
N ALA S 22 74.05 56.80 -4.46
CA ALA S 22 72.72 57.25 -4.80
C ALA S 22 72.65 57.95 -6.13
N ARG S 23 71.51 57.85 -6.79
CA ARG S 23 71.30 58.41 -8.09
C ARG S 23 70.30 59.56 -8.12
N ILE S 24 70.57 60.52 -8.97
CA ILE S 24 69.74 61.69 -9.05
C ILE S 24 68.94 61.76 -10.32
N ILE S 25 67.67 62.08 -10.18
CA ILE S 25 66.74 62.19 -11.27
C ILE S 25 66.29 63.63 -11.46
N CYS S 26 66.28 64.11 -12.69
CA CYS S 26 65.92 65.48 -12.96
C CYS S 26 64.79 65.58 -13.95
N THR S 27 63.83 66.41 -13.65
CA THR S 27 62.73 66.68 -14.52
C THR S 27 63.12 67.78 -15.45
N ILE S 28 62.84 67.59 -16.73
CA ILE S 28 63.27 68.52 -17.74
C ILE S 28 62.17 69.44 -18.22
N GLY S 29 62.39 70.70 -18.02
CA GLY S 29 61.49 71.76 -18.37
C GLY S 29 62.25 72.85 -19.07
N PRO S 30 61.63 74.02 -19.09
CA PRO S 30 62.07 75.16 -19.84
C PRO S 30 63.44 75.61 -19.43
N SER S 31 63.75 75.53 -18.17
CA SER S 31 65.07 75.77 -17.67
C SER S 31 66.12 74.78 -18.17
N THR S 32 65.75 73.55 -18.47
CA THR S 32 66.74 72.53 -18.69
C THR S 32 66.74 71.76 -20.00
N GLN S 33 65.93 72.21 -20.93
CA GLN S 33 65.77 71.56 -22.21
C GLN S 33 66.93 71.63 -23.18
N SER S 34 67.62 72.75 -23.12
CA SER S 34 68.70 72.99 -24.01
C SER S 34 69.82 72.05 -23.73
N VAL S 35 70.50 71.71 -24.80
CA VAL S 35 71.58 70.79 -24.74
C VAL S 35 72.64 71.29 -23.83
N GLU S 36 72.91 72.58 -23.85
CA GLU S 36 73.87 73.12 -22.94
C GLU S 36 73.44 72.97 -21.49
N ALA S 37 72.17 73.20 -21.21
CA ALA S 37 71.65 73.04 -19.86
C ALA S 37 71.75 71.58 -19.42
N LEU S 38 71.42 70.67 -20.31
CA LEU S 38 71.48 69.26 -20.05
C LEU S 38 72.87 68.77 -19.77
N LYS S 39 73.83 69.30 -20.49
CA LYS S 39 75.21 68.99 -20.27
C LYS S 39 75.66 69.43 -18.91
N GLY S 40 75.16 70.57 -18.48
CA GLY S 40 75.42 71.06 -17.16
C GLY S 40 74.85 70.16 -16.10
N LEU S 41 73.66 69.65 -16.34
CA LEU S 41 72.99 68.74 -15.44
C LEU S 41 73.71 67.43 -15.27
N ILE S 42 74.19 66.87 -16.34
CA ILE S 42 74.91 65.62 -16.30
C ILE S 42 76.18 65.75 -15.53
N GLN S 43 76.90 66.80 -15.79
CA GLN S 43 78.14 67.10 -15.12
C GLN S 43 77.93 67.38 -13.65
N SER S 44 76.78 67.95 -13.37
CA SER S 44 76.39 68.26 -12.04
C SER S 44 76.01 67.01 -11.31
N GLY S 45 75.68 65.97 -12.04
CA GLY S 45 75.25 64.74 -11.43
C GLY S 45 73.97 64.03 -11.78
N MET S 46 73.33 64.37 -12.88
CA MET S 46 72.09 63.72 -13.27
C MET S 46 72.27 62.37 -13.91
N SER S 47 71.58 61.36 -13.44
CA SER S 47 71.66 60.07 -14.06
C SER S 47 70.43 59.72 -14.85
N VAL S 48 69.31 60.32 -14.52
CA VAL S 48 68.07 60.03 -15.18
C VAL S 48 67.35 61.30 -15.56
N ALA S 49 66.88 61.42 -16.78
CA ALA S 49 66.07 62.56 -17.13
C ALA S 49 64.59 62.24 -17.26
N ARG S 50 63.78 63.00 -16.55
CA ARG S 50 62.36 62.74 -16.47
C ARG S 50 61.55 63.74 -17.28
N MET S 51 60.67 63.22 -18.10
CA MET S 51 59.73 64.02 -18.85
C MET S 51 58.35 63.84 -18.27
N ASN S 52 57.69 64.93 -17.91
CA ASN S 52 56.37 64.85 -17.36
C ASN S 52 55.32 65.15 -18.39
N PHE S 53 54.50 64.16 -18.69
CA PHE S 53 53.58 64.21 -19.78
C PHE S 53 52.30 64.90 -19.39
N SER S 54 52.25 65.37 -18.17
CA SER S 54 51.20 66.27 -17.72
C SER S 54 51.40 67.64 -18.32
N HIS S 55 52.60 67.91 -18.78
CA HIS S 55 52.94 69.20 -19.31
C HIS S 55 53.58 68.94 -20.66
N GLY S 56 53.54 69.90 -21.54
CA GLY S 56 54.16 69.72 -22.82
C GLY S 56 53.32 68.91 -23.74
N SER S 57 53.94 68.35 -24.75
CA SER S 57 53.24 67.65 -25.79
C SER S 57 54.26 66.73 -26.33
N HIS S 58 53.88 65.89 -27.26
CA HIS S 58 54.79 64.92 -27.79
C HIS S 58 55.88 65.68 -28.43
N GLU S 59 55.52 66.78 -29.05
CA GLU S 59 56.46 67.61 -29.73
C GLU S 59 57.48 68.20 -28.79
N TYR S 60 57.05 68.72 -27.66
CA TYR S 60 57.97 69.29 -26.70
C TYR S 60 58.92 68.28 -26.12
N HIS S 61 58.34 67.15 -25.73
CA HIS S 61 59.05 66.03 -25.14
C HIS S 61 60.03 65.34 -26.06
N GLN S 62 59.73 65.36 -27.34
CA GLN S 62 60.64 64.85 -28.35
C GLN S 62 61.88 65.67 -28.36
N THR S 63 61.74 66.96 -28.23
CA THR S 63 62.89 67.81 -28.24
C THR S 63 63.78 67.42 -27.10
N THR S 64 63.19 67.11 -25.96
CA THR S 64 63.91 66.71 -24.76
C THR S 64 64.66 65.42 -24.97
N ILE S 65 64.03 64.47 -25.63
CA ILE S 65 64.64 63.23 -25.90
C ILE S 65 65.84 63.36 -26.78
N ASN S 66 65.71 64.15 -27.82
CA ASN S 66 66.80 64.39 -28.73
C ASN S 66 67.90 65.12 -28.05
N ASN S 67 67.55 66.10 -27.28
CA ASN S 67 68.55 66.81 -26.55
C ASN S 67 69.32 66.00 -25.52
N VAL S 68 68.64 65.07 -24.85
CA VAL S 68 69.29 64.23 -23.86
C VAL S 68 70.29 63.31 -24.52
N ARG S 69 69.87 62.70 -25.59
CA ARG S 69 70.72 61.82 -26.31
C ARG S 69 71.93 62.54 -26.87
N GLN S 70 71.73 63.73 -27.43
CA GLN S 70 72.82 64.56 -27.96
C GLN S 70 73.79 65.02 -26.90
N ALA S 71 73.28 65.46 -25.78
CA ALA S 71 74.12 65.84 -24.67
C ALA S 71 74.91 64.68 -24.05
N ALA S 72 74.27 63.54 -23.89
CA ALA S 72 74.91 62.36 -23.38
C ALA S 72 75.99 61.88 -24.31
N ALA S 73 75.70 61.92 -25.60
CA ALA S 73 76.62 61.45 -26.61
C ALA S 73 77.88 62.27 -26.64
N GLU S 74 77.73 63.56 -26.49
CA GLU S 74 78.82 64.50 -26.42
C GLU S 74 79.67 64.29 -25.21
N LEU S 75 79.11 63.74 -24.17
CA LEU S 75 79.83 63.61 -22.94
C LEU S 75 80.27 62.19 -22.68
N GLY S 76 79.98 61.35 -23.65
CA GLY S 76 80.31 59.95 -23.57
C GLY S 76 79.72 59.17 -22.42
N VAL S 77 78.43 59.37 -22.16
CA VAL S 77 77.79 58.78 -21.03
C VAL S 77 76.45 58.25 -21.39
N ASN S 78 75.90 57.36 -20.59
CA ASN S 78 74.59 56.84 -20.86
C ASN S 78 73.58 57.38 -19.84
N ILE S 79 72.53 58.03 -20.30
CA ILE S 79 71.53 58.62 -19.42
C ILE S 79 70.17 58.00 -19.65
N ALA S 80 69.54 57.51 -18.61
CA ALA S 80 68.20 56.95 -18.74
C ALA S 80 67.20 58.03 -19.06
N ILE S 81 66.20 57.68 -19.85
CA ILE S 81 65.11 58.57 -20.15
C ILE S 81 63.82 58.00 -19.59
N ALA S 82 63.11 58.77 -18.80
CA ALA S 82 61.91 58.29 -18.16
C ALA S 82 60.70 59.04 -18.62
N LEU S 83 59.63 58.34 -18.91
CA LEU S 83 58.39 58.98 -19.24
C LEU S 83 57.39 58.89 -18.09
N ASP S 84 57.13 60.11 -17.62
CA ASP S 84 56.26 60.44 -16.56
C ASP S 84 54.90 60.90 -17.07
N THR S 85 53.95 59.99 -17.05
CA THR S 85 52.62 60.20 -17.59
C THR S 85 51.76 61.26 -16.88
N LYS S 86 50.87 61.86 -17.64
CA LYS S 86 49.95 62.81 -17.07
C LYS S 86 49.04 62.05 -16.15
N GLY S 87 48.50 60.96 -16.62
CA GLY S 87 47.64 60.12 -15.83
C GLY S 87 46.22 60.66 -15.77
N PRO S 88 45.33 59.90 -15.21
CA PRO S 88 43.95 60.35 -15.07
C PRO S 88 43.84 61.55 -14.13
N GLU S 89 43.06 62.58 -14.45
CA GLU S 89 42.86 63.73 -13.59
C GLU S 89 41.36 63.94 -13.37
N ILE S 90 41.01 64.42 -12.17
CA ILE S 90 39.69 64.96 -11.88
C ILE S 90 39.83 66.48 -11.85
N ARG S 91 38.98 67.11 -12.66
CA ARG S 91 38.92 68.56 -12.74
C ARG S 91 37.46 69.09 -12.63
N THR S 92 37.33 70.29 -12.10
CA THR S 92 36.06 71.05 -12.24
C THR S 92 35.90 71.50 -13.67
N GLY S 93 34.69 71.97 -13.97
CA GLY S 93 34.42 72.62 -15.24
C GLY S 93 34.78 74.09 -15.15
N GLN S 94 34.17 74.86 -16.06
CA GLN S 94 34.27 76.31 -16.14
C GLN S 94 33.26 76.98 -15.23
N PHE S 95 33.58 78.18 -14.76
CA PHE S 95 32.61 79.04 -14.09
C PHE S 95 32.24 80.24 -14.95
N VAL S 96 30.99 80.73 -14.79
CA VAL S 96 30.52 81.95 -15.45
C VAL S 96 31.34 83.16 -14.96
N GLY S 97 31.71 84.04 -15.89
CA GLY S 97 32.64 85.15 -15.59
C GLY S 97 34.09 84.72 -15.40
N GLY S 98 34.39 83.48 -15.78
CA GLY S 98 35.74 82.94 -15.64
C GLY S 98 36.13 82.45 -14.26
N ASP S 99 35.37 82.85 -13.24
CA ASP S 99 35.76 82.71 -11.83
C ASP S 99 34.53 82.40 -10.93
N ALA S 100 34.76 81.96 -9.69
CA ALA S 100 33.66 81.77 -8.73
C ALA S 100 34.07 81.82 -7.24
N VAL S 101 33.40 82.69 -6.49
CA VAL S 101 33.80 83.12 -5.17
C VAL S 101 33.14 82.30 -4.05
N MET S 102 33.85 81.30 -3.54
CA MET S 102 33.32 80.32 -2.54
C MET S 102 33.48 80.80 -1.09
N GLU S 103 32.36 81.06 -0.39
CA GLU S 103 32.45 81.63 0.96
C GLU S 103 32.28 80.57 2.04
N ARG S 104 32.88 80.77 3.20
CA ARG S 104 32.77 79.79 4.29
C ARG S 104 31.32 79.73 4.81
N GLY S 105 30.80 78.53 5.07
CA GLY S 105 29.43 78.38 5.57
C GLY S 105 28.35 78.20 4.49
N ALA S 106 28.63 78.67 3.26
CA ALA S 106 27.70 78.58 2.10
C ALA S 106 27.40 77.15 1.66
N THR S 107 26.22 76.95 1.07
CA THR S 107 25.87 75.72 0.38
C THR S 107 26.10 75.84 -1.14
N CYS S 108 26.75 74.81 -1.72
CA CYS S 108 26.88 74.73 -3.18
C CYS S 108 26.61 73.30 -3.65
N TYR S 109 26.46 73.11 -4.96
CA TYR S 109 26.00 71.85 -5.53
C TYR S 109 27.06 71.43 -6.54
N VAL S 110 27.56 70.22 -6.42
CA VAL S 110 28.58 69.76 -7.40
C VAL S 110 27.93 68.66 -8.21
N THR S 111 28.01 68.78 -9.51
CA THR S 111 27.30 67.87 -10.35
C THR S 111 28.18 67.25 -11.38
N THR S 112 27.89 66.03 -11.79
CA THR S 112 28.54 65.45 -12.94
C THR S 112 27.70 65.49 -14.20
N ASP S 113 26.58 66.21 -14.15
CA ASP S 113 25.75 66.44 -15.34
C ASP S 113 26.55 67.28 -16.35
N PRO S 114 26.85 66.72 -17.55
CA PRO S 114 27.79 67.41 -18.44
C PRO S 114 27.20 68.70 -19.04
N ALA S 115 25.87 68.83 -19.05
CA ALA S 115 25.20 70.12 -19.37
C ALA S 115 25.84 71.36 -18.66
N PHE S 116 26.49 71.15 -17.52
CA PHE S 116 27.04 72.22 -16.66
C PHE S 116 28.54 72.55 -16.81
N ALA S 117 29.21 71.95 -17.78
CA ALA S 117 30.69 72.06 -17.89
C ALA S 117 31.18 73.47 -18.22
N ASP S 118 30.34 74.26 -18.89
CA ASP S 118 30.71 75.64 -19.25
C ASP S 118 29.81 76.70 -18.62
N LYS S 119 29.12 76.34 -17.52
CA LYS S 119 28.15 77.25 -16.85
C LYS S 119 28.01 76.93 -15.35
N GLY S 120 29.12 76.60 -14.73
CA GLY S 120 29.13 76.51 -13.26
C GLY S 120 28.97 77.90 -12.63
N THR S 121 28.68 77.94 -11.34
CA THR S 121 28.63 79.20 -10.59
C THR S 121 28.96 78.79 -9.19
N LYS S 122 29.10 79.74 -8.28
CA LYS S 122 29.34 79.34 -6.90
C LYS S 122 28.24 78.41 -6.37
N ASP S 123 27.04 78.53 -6.95
CA ASP S 123 25.84 77.77 -6.59
C ASP S 123 25.89 76.32 -7.05
N LYS S 124 26.31 76.10 -8.29
CA LYS S 124 26.38 74.77 -8.83
C LYS S 124 27.33 74.65 -9.99
N PHE S 125 28.23 73.69 -9.90
CA PHE S 125 29.20 73.52 -10.97
C PHE S 125 29.55 72.05 -11.19
N TYR S 126 30.28 71.82 -12.26
CA TYR S 126 30.57 70.51 -12.74
C TYR S 126 31.96 70.04 -12.26
N ILE S 127 32.06 68.77 -11.87
CA ILE S 127 33.29 68.02 -11.65
C ILE S 127 33.26 66.89 -12.67
N ASP S 128 34.34 66.68 -13.40
CA ASP S 128 34.24 65.83 -14.60
C ASP S 128 34.41 64.32 -14.36
N TYR S 129 34.35 63.88 -13.11
CA TYR S 129 34.54 62.45 -12.80
C TYR S 129 33.17 61.85 -12.62
N GLN S 130 32.74 61.10 -13.64
CA GLN S 130 31.33 60.67 -13.73
C GLN S 130 30.85 59.78 -12.59
N ASN S 131 31.80 59.11 -11.97
CA ASN S 131 31.51 58.30 -10.82
C ASN S 131 31.55 59.04 -9.52
N LEU S 132 31.63 60.38 -9.50
CA LEU S 132 31.79 61.10 -8.20
C LEU S 132 30.80 60.64 -7.11
N SER S 133 29.49 60.57 -7.47
CA SER S 133 28.41 60.25 -6.53
C SER S 133 28.50 58.87 -5.94
N LYS S 134 28.89 57.90 -6.75
CA LYS S 134 29.01 56.53 -6.28
C LYS S 134 30.21 56.41 -5.31
N VAL S 135 31.21 57.26 -5.47
CA VAL S 135 32.44 57.04 -4.71
C VAL S 135 32.40 57.78 -3.39
N VAL S 136 31.65 58.87 -3.33
CA VAL S 136 31.64 59.67 -2.10
C VAL S 136 30.38 59.37 -1.27
N ARG S 137 30.48 59.52 0.06
CA ARG S 137 29.32 59.46 0.97
C ARG S 137 29.22 60.73 1.85
N PRO S 138 28.03 60.99 2.47
CA PRO S 138 27.88 62.08 3.46
C PRO S 138 29.00 62.05 4.52
N GLY S 139 29.65 63.20 4.74
CA GLY S 139 30.73 63.31 5.71
C GLY S 139 32.08 63.42 5.03
N ASN S 140 32.23 62.72 3.90
CA ASN S 140 33.47 62.82 3.08
C ASN S 140 33.80 64.26 2.65
N TYR S 141 35.07 64.48 2.41
CA TYR S 141 35.57 65.77 2.01
C TYR S 141 35.95 65.76 0.53
N ILE S 142 35.75 66.90 -0.13
CA ILE S 142 36.10 67.05 -1.54
C ILE S 142 37.03 68.25 -1.69
N TYR S 143 38.28 67.98 -2.04
CA TYR S 143 39.30 69.07 -2.12
C TYR S 143 39.41 69.64 -3.52
N ILE S 144 39.44 70.97 -3.61
CA ILE S 144 39.53 71.65 -4.90
C ILE S 144 40.61 72.71 -4.85
N ASP S 145 41.40 72.78 -5.91
CA ASP S 145 42.51 73.71 -5.98
C ASP S 145 43.81 73.49 -5.18
N ASP S 146 44.35 72.28 -5.29
CA ASP S 146 45.52 71.95 -4.48
C ASP S 146 45.12 71.49 -3.06
N GLY S 147 43.84 71.23 -2.86
CA GLY S 147 43.29 70.98 -1.49
C GLY S 147 43.00 72.27 -0.70
N ILE S 148 43.03 73.42 -1.37
CA ILE S 148 42.88 74.70 -0.70
C ILE S 148 41.45 74.94 -0.26
N LEU S 149 40.52 74.61 -1.15
CA LEU S 149 39.09 74.78 -0.89
C LEU S 149 38.59 73.41 -0.45
N ILE S 150 38.03 73.35 0.75
CA ILE S 150 37.58 72.06 1.27
C ILE S 150 36.07 72.12 1.37
N LEU S 151 35.40 71.38 0.50
CA LEU S 151 33.97 71.26 0.56
C LEU S 151 33.70 69.99 1.36
N GLN S 152 32.63 69.98 2.14
CA GLN S 152 32.15 68.73 2.74
C GLN S 152 30.80 68.26 2.20
N VAL S 153 30.74 66.98 1.88
CA VAL S 153 29.56 66.37 1.34
C VAL S 153 28.46 66.16 2.38
N GLN S 154 27.27 66.72 2.08
CA GLN S 154 26.16 66.65 3.02
C GLN S 154 25.18 65.57 2.56
N SER S 155 24.82 65.59 1.27
CA SER S 155 23.82 64.66 0.78
C SER S 155 23.86 64.56 -0.73
N HIS S 156 23.14 63.58 -1.24
CA HIS S 156 22.88 63.41 -2.65
C HIS S 156 21.62 64.21 -2.95
N GLU S 157 21.77 65.41 -3.50
CA GLU S 157 20.61 66.12 -4.08
C GLU S 157 19.92 65.23 -5.10
N ASP S 158 20.68 64.63 -6.03
CA ASP S 158 20.12 63.61 -6.93
C ASP S 158 21.18 62.62 -7.36
N GLU S 159 20.90 61.83 -8.38
CA GLU S 159 21.86 60.82 -8.74
C GLU S 159 23.18 61.30 -9.35
N GLN S 160 23.25 62.59 -9.72
CA GLN S 160 24.43 63.21 -10.32
C GLN S 160 24.93 64.44 -9.60
N THR S 161 24.29 64.81 -8.50
CA THR S 161 24.57 66.08 -7.89
C THR S 161 24.68 65.89 -6.39
N LEU S 162 25.70 66.51 -5.80
CA LEU S 162 25.95 66.45 -4.38
C LEU S 162 25.72 67.82 -3.77
N GLU S 163 24.96 67.87 -2.68
CA GLU S 163 24.84 69.10 -1.90
C GLU S 163 26.08 69.16 -1.01
N CYS S 164 26.81 70.26 -1.04
CA CYS S 164 28.03 70.42 -0.24
C CYS S 164 27.94 71.63 0.68
N THR S 165 28.61 71.55 1.84
CA THR S 165 28.98 72.75 2.64
C THR S 165 30.36 73.28 2.21
N VAL S 166 30.53 74.58 2.12
CA VAL S 166 31.85 75.15 1.98
C VAL S 166 32.53 75.34 3.39
N THR S 167 33.63 74.61 3.66
CA THR S 167 34.22 74.66 5.02
C THR S 167 35.21 75.80 5.21
N ASN S 168 35.74 76.35 4.13
CA ASN S 168 36.65 77.51 4.23
C ASN S 168 36.61 78.34 2.95
N SER S 169 36.88 79.63 3.09
CA SER S 169 36.67 80.60 2.01
C SER S 169 37.79 80.45 1.00
N HIS S 170 37.47 80.61 -0.27
CA HIS S 170 38.49 80.60 -1.30
C HIS S 170 37.84 80.87 -2.67
N THR S 171 38.45 81.75 -3.42
CA THR S 171 38.02 82.00 -4.78
C THR S 171 38.70 80.94 -5.64
N ILE S 172 37.92 80.29 -6.50
CA ILE S 172 38.46 79.29 -7.42
C ILE S 172 38.19 79.65 -8.89
N SER S 173 39.20 79.52 -9.75
CA SER S 173 39.02 79.81 -11.19
C SER S 173 38.71 78.52 -11.97
N ASP S 174 38.64 78.62 -13.30
CA ASP S 174 38.28 77.48 -14.15
C ASP S 174 39.16 76.26 -13.98
N ARG S 175 38.49 75.11 -13.95
CA ARG S 175 39.14 73.81 -14.14
C ARG S 175 40.21 73.44 -13.13
N ARG S 176 39.92 73.61 -11.85
CA ARG S 176 40.87 73.15 -10.83
C ARG S 176 40.85 71.64 -10.62
N GLY S 177 41.96 71.09 -10.14
CA GLY S 177 42.04 69.67 -9.88
C GLY S 177 41.31 69.35 -8.59
N VAL S 178 40.75 68.17 -8.49
CA VAL S 178 40.11 67.86 -7.26
C VAL S 178 40.76 66.60 -6.70
N ASN S 179 40.69 66.45 -5.38
CA ASN S 179 41.05 65.18 -4.77
C ASN S 179 39.97 64.67 -3.88
N LEU S 180 40.08 63.40 -3.48
CA LEU S 180 39.06 62.71 -2.74
C LEU S 180 39.69 61.85 -1.61
N PRO S 181 40.08 62.49 -0.48
CA PRO S 181 40.98 61.73 0.37
C PRO S 181 40.44 60.50 1.06
N GLY S 182 39.15 60.39 1.28
CA GLY S 182 38.64 59.21 1.95
C GLY S 182 37.96 58.35 0.90
N CYS S 183 38.42 58.47 -0.34
CA CYS S 183 37.65 57.91 -1.44
C CYS S 183 38.53 57.11 -2.32
N ASP S 184 38.00 55.94 -2.70
CA ASP S 184 38.66 55.07 -3.62
C ASP S 184 38.32 55.50 -5.04
N VAL S 185 39.23 56.23 -5.65
CA VAL S 185 38.97 56.75 -6.99
C VAL S 185 39.17 55.65 -8.00
N ASP S 186 38.25 55.52 -8.95
CA ASP S 186 38.30 54.37 -9.89
C ASP S 186 38.43 54.73 -11.36
N LEU S 187 39.06 55.83 -11.63
CA LEU S 187 39.54 56.08 -12.94
C LEU S 187 40.36 54.92 -13.43
N PRO S 188 40.34 54.70 -14.73
CA PRO S 188 41.17 53.70 -15.36
C PRO S 188 42.63 54.00 -15.11
N ALA S 189 43.48 53.02 -15.25
CA ALA S 189 44.87 53.16 -14.94
C ALA S 189 45.49 54.11 -15.90
N VAL S 190 45.04 54.00 -17.12
CA VAL S 190 45.60 54.72 -18.24
C VAL S 190 44.52 55.51 -18.97
N SER S 191 44.69 56.81 -19.05
CA SER S 191 43.81 57.65 -19.81
C SER S 191 43.99 57.48 -21.32
N ALA S 192 43.14 58.10 -22.09
CA ALA S 192 43.29 58.05 -23.53
C ALA S 192 44.54 58.77 -23.98
N LYS S 193 44.87 59.88 -23.38
CA LYS S 193 46.11 60.54 -23.69
C LYS S 193 47.33 59.70 -23.29
N ASP S 194 47.27 59.06 -22.14
CA ASP S 194 48.33 58.17 -21.70
C ASP S 194 48.58 57.09 -22.73
N ARG S 195 47.50 56.52 -23.25
CA ARG S 195 47.60 55.46 -24.21
C ARG S 195 48.39 55.93 -25.39
N VAL S 196 48.14 57.15 -25.81
CA VAL S 196 48.87 57.71 -26.89
C VAL S 196 50.19 58.04 -26.28
N ASP S 197 50.21 58.21 -24.95
CA ASP S 197 51.46 58.57 -24.33
C ASP S 197 52.39 57.39 -24.20
N LEU S 198 51.87 56.25 -23.82
CA LEU S 198 52.64 55.03 -23.75
C LEU S 198 53.20 54.56 -25.06
N GLN S 199 52.41 54.63 -26.12
CA GLN S 199 52.87 54.22 -27.42
C GLN S 199 54.04 55.05 -27.91
N PHE S 200 53.97 56.34 -27.66
CA PHE S 200 55.00 57.27 -28.06
C PHE S 200 56.30 56.93 -27.38
N GLY S 201 56.20 56.58 -26.10
CA GLY S 201 57.34 56.21 -25.32
C GLY S 201 58.04 54.99 -25.85
N VAL S 202 57.26 54.01 -26.27
CA VAL S 202 57.80 52.85 -26.91
C VAL S 202 58.49 53.18 -28.22
N GLU S 203 57.86 54.02 -29.03
CA GLU S 203 58.37 54.45 -30.31
C GLU S 203 59.67 55.18 -30.23
N GLN S 204 59.82 56.04 -29.25
CA GLN S 204 61.01 56.83 -29.12
C GLN S 204 62.01 56.11 -28.26
N GLY S 205 61.72 54.88 -27.93
CA GLY S 205 62.60 54.05 -27.16
C GLY S 205 63.02 54.48 -25.77
N VAL S 206 62.08 54.97 -24.99
CA VAL S 206 62.38 55.31 -23.61
C VAL S 206 62.70 54.10 -22.74
N ASP S 207 63.58 54.34 -21.78
CA ASP S 207 63.96 53.35 -20.80
C ASP S 207 62.95 52.89 -19.74
N MET S 208 62.21 53.80 -19.14
CA MET S 208 61.28 53.47 -18.09
C MET S 208 60.03 54.35 -18.10
N ILE S 209 58.99 53.88 -17.47
CA ILE S 209 57.79 54.63 -17.28
C ILE S 209 57.59 54.91 -15.81
N PHE S 210 57.37 56.14 -15.45
CA PHE S 210 56.96 56.42 -14.12
C PHE S 210 55.46 56.48 -14.18
N ALA S 211 54.79 55.46 -13.72
CA ALA S 211 53.37 55.37 -13.89
C ALA S 211 52.64 56.05 -12.76
N SER S 212 51.99 57.15 -13.06
CA SER S 212 51.26 57.93 -12.12
C SER S 212 50.04 57.26 -11.54
N PHE S 213 49.75 57.65 -10.31
CA PHE S 213 48.59 57.29 -9.60
C PHE S 213 48.29 55.75 -9.60
N ILE S 214 49.23 54.77 -9.26
CA ILE S 214 48.92 53.39 -9.36
C ILE S 214 48.13 52.97 -8.14
N ARG S 215 46.83 52.74 -8.32
CA ARG S 215 45.94 52.07 -7.34
C ARG S 215 46.11 50.55 -7.10
N SER S 216 46.53 49.80 -8.10
CA SER S 216 46.47 48.34 -8.07
C SER S 216 47.47 47.56 -8.91
N ALA S 217 47.62 46.29 -8.58
CA ALA S 217 48.41 45.34 -9.32
C ALA S 217 47.85 45.09 -10.68
N GLU S 218 46.54 45.11 -10.79
CA GLU S 218 45.82 44.97 -12.04
C GLU S 218 46.12 46.10 -13.00
N GLN S 219 46.22 47.30 -12.49
CA GLN S 219 46.57 48.48 -13.23
C GLN S 219 47.94 48.44 -13.84
N VAL S 220 48.90 47.92 -13.11
CA VAL S 220 50.26 47.78 -13.61
C VAL S 220 50.23 46.86 -14.80
N GLY S 221 49.47 45.79 -14.69
CA GLY S 221 49.36 44.85 -15.78
C GLY S 221 48.78 45.49 -17.01
N ASP S 222 47.81 46.34 -16.80
CA ASP S 222 47.24 47.07 -17.90
C ASP S 222 48.25 47.97 -18.54
N VAL S 223 49.12 48.57 -17.76
CA VAL S 223 50.21 49.34 -18.31
C VAL S 223 51.20 48.52 -19.12
N ARG S 224 51.51 47.33 -18.63
CA ARG S 224 52.44 46.44 -19.24
C ARG S 224 51.91 46.05 -20.59
N LYS S 225 50.61 45.88 -20.63
CA LYS S 225 49.87 45.41 -21.77
C LYS S 225 49.74 46.49 -22.84
N ALA S 226 49.52 47.71 -22.43
CA ALA S 226 49.54 48.85 -23.32
C ALA S 226 50.89 49.06 -23.96
N LEU S 227 51.95 48.79 -23.23
CA LEU S 227 53.28 48.93 -23.78
C LEU S 227 53.47 47.93 -24.87
N GLY S 228 52.90 46.76 -24.69
CA GLY S 228 52.93 45.71 -25.68
C GLY S 228 54.19 44.88 -25.72
N PRO S 229 54.32 44.08 -26.77
CA PRO S 229 55.51 43.30 -27.06
C PRO S 229 56.72 44.12 -27.36
N LYS S 230 56.54 45.18 -28.12
CA LYS S 230 57.63 46.06 -28.48
C LYS S 230 58.17 46.71 -27.25
N GLY S 231 57.33 46.81 -26.24
CA GLY S 231 57.64 47.50 -25.02
C GLY S 231 58.03 46.67 -23.83
N ARG S 232 58.29 45.40 -24.04
CA ARG S 232 58.47 44.46 -22.94
C ARG S 232 59.65 44.68 -22.03
N ASP S 233 60.70 45.29 -22.52
CA ASP S 233 61.85 45.52 -21.70
C ASP S 233 61.89 46.90 -21.06
N ILE S 234 60.82 47.65 -21.17
CA ILE S 234 60.73 48.92 -20.51
C ILE S 234 60.26 48.68 -19.10
N MET S 235 60.93 49.30 -18.16
CA MET S 235 60.64 49.17 -16.75
C MET S 235 59.42 49.97 -16.35
N ILE S 236 58.53 49.39 -15.58
CA ILE S 236 57.44 50.17 -15.06
C ILE S 236 57.65 50.48 -13.59
N ILE S 237 57.92 51.73 -13.31
CA ILE S 237 58.12 52.21 -11.98
C ILE S 237 56.81 52.79 -11.46
N CYS S 238 56.30 52.26 -10.37
CA CYS S 238 54.99 52.69 -9.92
C CYS S 238 54.98 53.76 -8.84
N LYS S 239 54.43 54.90 -9.17
CA LYS S 239 54.29 55.99 -8.25
C LYS S 239 53.15 55.76 -7.28
N ILE S 240 53.44 55.89 -5.99
CA ILE S 240 52.42 55.73 -4.97
C ILE S 240 52.07 57.09 -4.54
N GLU S 241 50.86 57.53 -4.89
CA GLU S 241 50.45 58.90 -4.62
C GLU S 241 49.14 58.99 -3.84
N ASN S 242 48.43 57.89 -3.67
CA ASN S 242 47.18 57.87 -2.90
C ASN S 242 46.97 56.74 -1.91
N HIS S 243 45.82 56.71 -1.31
CA HIS S 243 45.48 55.74 -0.30
C HIS S 243 45.48 54.29 -0.73
N GLN S 244 44.85 54.02 -1.85
CA GLN S 244 44.75 52.71 -2.40
C GLN S 244 46.10 52.14 -2.77
N GLY S 245 46.95 52.96 -3.33
CA GLY S 245 48.27 52.54 -3.67
C GLY S 245 49.07 52.13 -2.47
N VAL S 246 48.99 52.88 -1.38
CA VAL S 246 49.65 52.48 -0.18
C VAL S 246 49.11 51.19 0.38
N GLN S 247 47.81 51.04 0.37
CA GLN S 247 47.17 49.88 0.91
C GLN S 247 47.57 48.63 0.16
N ASN S 248 47.72 48.76 -1.14
CA ASN S 248 48.01 47.64 -2.02
C ASN S 248 49.46 47.46 -2.38
N ILE S 249 50.34 47.96 -1.54
CA ILE S 249 51.74 48.04 -1.87
C ILE S 249 52.48 46.75 -2.15
N ASP S 250 52.22 45.69 -1.42
CA ASP S 250 52.91 44.45 -1.67
C ASP S 250 52.60 43.86 -3.02
N SER S 251 51.34 43.84 -3.38
CA SER S 251 50.95 43.40 -4.69
C SER S 251 51.43 44.27 -5.82
N ILE S 252 51.43 45.58 -5.62
CA ILE S 252 51.98 46.50 -6.56
C ILE S 252 53.48 46.33 -6.73
N ILE S 253 54.18 46.14 -5.65
CA ILE S 253 55.59 45.93 -5.69
C ILE S 253 55.90 44.65 -6.45
N GLU S 254 55.12 43.60 -6.26
CA GLU S 254 55.26 42.36 -6.99
C GLU S 254 55.21 42.54 -8.50
N GLU S 255 54.17 43.20 -8.96
CA GLU S 255 53.97 43.50 -10.38
C GLU S 255 54.95 44.47 -11.02
N SER S 256 55.39 45.43 -10.26
CA SER S 256 56.24 46.49 -10.74
C SER S 256 57.71 46.11 -10.89
N ASP S 257 58.46 47.00 -11.50
CA ASP S 257 59.89 46.92 -11.51
C ASP S 257 60.51 47.87 -10.51
N GLY S 258 59.70 48.66 -9.84
CA GLY S 258 60.17 49.59 -8.85
C GLY S 258 59.09 50.54 -8.41
N ILE S 259 59.41 51.36 -7.43
CA ILE S 259 58.47 52.24 -6.80
C ILE S 259 58.99 53.66 -6.72
N MET S 260 58.09 54.60 -6.86
CA MET S 260 58.31 55.95 -6.50
C MET S 260 57.43 56.39 -5.32
N VAL S 261 58.03 57.01 -4.33
CA VAL S 261 57.28 57.56 -3.24
C VAL S 261 56.95 58.99 -3.61
N ALA S 262 55.80 59.17 -4.22
CA ALA S 262 55.41 60.40 -4.84
C ALA S 262 54.81 61.34 -3.85
N ARG S 263 55.66 62.04 -3.15
CA ARG S 263 55.28 62.76 -1.99
C ARG S 263 54.30 63.90 -2.19
N GLY S 264 54.39 64.63 -3.29
CA GLY S 264 53.49 65.73 -3.48
C GLY S 264 52.01 65.42 -3.57
N ASP S 265 51.61 64.51 -4.42
CA ASP S 265 50.25 63.98 -4.38
C ASP S 265 49.88 63.21 -3.10
N LEU S 266 50.79 62.39 -2.59
CA LEU S 266 50.57 61.57 -1.42
C LEU S 266 50.27 62.39 -0.20
N GLY S 267 50.95 63.51 -0.15
CA GLY S 267 50.82 64.50 0.86
C GLY S 267 49.48 65.16 1.02
N VAL S 268 48.75 65.41 -0.04
CA VAL S 268 47.34 65.77 -0.02
C VAL S 268 46.40 64.64 0.32
N GLU S 269 46.65 63.53 -0.35
CA GLU S 269 45.81 62.36 -0.23
C GLU S 269 45.83 61.76 1.16
N ILE S 270 46.96 61.81 1.78
CA ILE S 270 47.15 61.18 3.00
C ILE S 270 47.64 62.35 3.71
N PRO S 271 47.34 62.39 4.98
CA PRO S 271 47.85 63.46 5.81
C PRO S 271 49.32 63.23 5.85
N ALA S 272 49.91 64.41 5.82
CA ALA S 272 51.24 64.76 5.50
C ALA S 272 52.16 64.16 6.47
N GLU S 273 51.76 64.17 7.73
CA GLU S 273 52.54 63.58 8.80
C GLU S 273 52.67 62.08 8.63
N LYS S 274 51.77 61.51 7.84
CA LYS S 274 51.82 60.09 7.54
C LYS S 274 52.81 59.75 6.42
N VAL S 275 53.08 60.70 5.54
CA VAL S 275 53.98 60.47 4.42
C VAL S 275 55.31 59.93 4.92
N VAL S 276 55.73 60.35 6.10
CA VAL S 276 56.96 59.85 6.69
C VAL S 276 56.97 58.37 6.98
N VAL S 277 55.91 57.84 7.57
CA VAL S 277 55.73 56.43 7.78
C VAL S 277 55.63 55.67 6.47
N ALA S 278 54.90 56.21 5.53
CA ALA S 278 54.83 55.62 4.24
C ALA S 278 56.19 55.57 3.53
N GLN S 279 57.00 56.59 3.66
CA GLN S 279 58.31 56.59 3.07
C GLN S 279 59.20 55.50 3.63
N LYS S 280 59.24 55.39 4.95
CA LYS S 280 59.99 54.37 5.55
C LYS S 280 59.50 53.01 5.18
N ILE S 281 58.21 52.76 5.20
CA ILE S 281 57.74 51.45 4.83
C ILE S 281 58.00 51.07 3.39
N LEU S 282 57.71 51.94 2.47
CA LEU S 282 57.83 51.63 1.07
C LEU S 282 59.25 51.40 0.58
N ILE S 283 60.15 52.18 1.10
CA ILE S 283 61.54 52.05 0.79
C ILE S 283 62.08 50.75 1.31
N SER S 284 61.73 50.41 2.53
CA SER S 284 62.17 49.17 3.11
C SER S 284 61.66 47.96 2.39
N LYS S 285 60.41 47.96 2.01
CA LYS S 285 59.83 46.87 1.29
C LYS S 285 60.49 46.67 -0.10
N CYS S 286 60.80 47.77 -0.74
CA CYS S 286 61.57 47.75 -1.96
C CYS S 286 62.98 47.25 -1.77
N ASN S 287 63.65 47.64 -0.69
CA ASN S 287 64.97 47.14 -0.41
C ASN S 287 64.97 45.65 -0.17
N VAL S 288 64.02 45.17 0.59
CA VAL S 288 63.91 43.77 0.88
C VAL S 288 63.60 42.98 -0.37
N ALA S 289 62.74 43.50 -1.22
CA ALA S 289 62.40 42.88 -2.48
C ALA S 289 63.46 42.94 -3.60
N GLY S 290 64.51 43.71 -3.41
CA GLY S 290 65.45 44.08 -4.44
C GLY S 290 65.02 44.89 -5.66
N LYS S 291 64.15 45.87 -5.48
CA LYS S 291 63.71 46.70 -6.57
C LYS S 291 63.96 48.15 -6.22
N PRO S 292 64.26 48.92 -7.25
CA PRO S 292 64.66 50.31 -7.10
C PRO S 292 63.54 51.16 -6.52
N VAL S 293 63.87 52.08 -5.62
CA VAL S 293 62.92 52.94 -4.97
C VAL S 293 63.35 54.40 -5.01
N ILE S 294 62.43 55.27 -5.32
CA ILE S 294 62.69 56.68 -5.49
C ILE S 294 61.91 57.55 -4.51
N CYS S 295 62.62 58.47 -3.90
CA CYS S 295 62.04 59.49 -3.06
C CYS S 295 61.89 60.80 -3.80
N ALA S 296 60.67 61.27 -3.84
CA ALA S 296 60.29 62.39 -4.65
C ALA S 296 59.56 63.53 -3.97
N THR S 297 59.82 64.73 -4.48
CA THR S 297 59.03 65.95 -4.35
C THR S 297 59.40 66.86 -3.18
N GLN S 298 59.62 68.13 -3.47
CA GLN S 298 59.91 69.17 -2.51
C GLN S 298 61.19 68.93 -1.74
N MET S 299 62.04 68.06 -2.25
CA MET S 299 63.26 67.73 -1.59
C MET S 299 64.21 68.90 -1.44
N LEU S 300 64.36 69.70 -2.47
CA LEU S 300 65.12 70.90 -2.34
C LEU S 300 64.37 72.08 -2.93
N GLU S 301 63.14 72.26 -2.50
CA GLU S 301 62.21 73.20 -3.10
C GLU S 301 62.60 74.66 -3.17
N SER S 302 63.23 75.18 -2.13
CA SER S 302 63.55 76.58 -2.02
C SER S 302 64.63 76.98 -3.01
N MET S 303 65.30 75.97 -3.54
CA MET S 303 66.39 76.13 -4.45
C MET S 303 65.86 76.32 -5.84
N THR S 304 64.54 76.30 -5.98
CA THR S 304 63.89 76.71 -7.18
C THR S 304 64.18 78.17 -7.34
N TYR S 305 64.29 78.87 -6.24
CA TYR S 305 64.51 80.31 -6.31
C TYR S 305 65.75 80.82 -5.63
N ASN S 306 66.38 80.03 -4.79
CA ASN S 306 67.54 80.47 -4.06
C ASN S 306 68.75 79.63 -4.33
N PRO S 307 69.89 80.25 -4.18
CA PRO S 307 71.18 79.59 -4.37
C PRO S 307 71.47 78.49 -3.35
N ARG S 308 70.88 78.58 -2.18
CA ARG S 308 71.14 77.69 -1.08
C ARG S 308 69.87 77.14 -0.47
N PRO S 309 69.93 75.89 0.00
CA PRO S 309 68.80 75.22 0.60
C PRO S 309 68.55 75.56 2.04
N THR S 310 67.35 75.29 2.51
CA THR S 310 66.99 75.32 3.90
C THR S 310 67.54 74.12 4.68
N ARG S 311 67.59 74.23 5.98
CA ARG S 311 68.05 73.16 6.83
C ARG S 311 67.17 71.93 6.74
N ALA S 312 65.87 72.14 6.68
CA ALA S 312 64.93 71.04 6.56
C ALA S 312 65.14 70.28 5.26
N GLU S 313 65.46 70.98 4.20
CA GLU S 313 65.70 70.36 2.94
C GLU S 313 66.92 69.46 2.89
N VAL S 314 68.02 69.94 3.43
CA VAL S 314 69.25 69.20 3.50
C VAL S 314 69.01 67.97 4.31
N SER S 315 68.35 68.13 5.43
CA SER S 315 68.03 66.99 6.25
C SER S 315 67.20 65.98 5.51
N ASP S 316 66.26 66.46 4.71
CA ASP S 316 65.44 65.59 3.92
C ASP S 316 66.21 64.76 2.89
N VAL S 317 67.13 65.31 2.14
CA VAL S 317 67.86 64.49 1.18
C VAL S 317 68.67 63.39 1.88
N ALA S 318 69.29 63.76 2.98
CA ALA S 318 70.08 62.85 3.77
C ALA S 318 69.33 61.68 4.39
N ASN S 319 68.20 61.95 5.00
CA ASN S 319 67.32 60.96 5.56
C ASN S 319 66.75 60.01 4.54
N ALA S 320 66.51 60.47 3.33
CA ALA S 320 66.08 59.57 2.29
C ALA S 320 67.10 58.49 1.94
N VAL S 321 68.36 58.87 1.92
CA VAL S 321 69.47 57.94 1.76
C VAL S 321 69.61 56.98 2.91
N PHE S 322 69.48 57.49 4.13
CA PHE S 322 69.49 56.71 5.34
C PHE S 322 68.31 55.75 5.32
N ASN S 323 67.21 56.18 4.75
CA ASN S 323 65.99 55.40 4.65
C ASN S 323 66.26 54.17 3.78
N GLY S 324 67.23 54.28 2.87
CA GLY S 324 67.51 53.23 1.95
C GLY S 324 67.14 53.39 0.50
N ALA S 325 66.83 54.59 0.08
CA ALA S 325 66.46 54.86 -1.29
C ALA S 325 67.56 54.73 -2.33
N ASP S 326 67.23 54.12 -3.44
CA ASP S 326 68.10 54.12 -4.58
C ASP S 326 68.30 55.52 -5.15
N CYS S 327 67.22 56.28 -5.26
CA CYS S 327 67.19 57.56 -5.93
C CYS S 327 66.50 58.73 -5.22
N VAL S 328 67.01 59.91 -5.45
CA VAL S 328 66.31 61.10 -5.07
C VAL S 328 65.98 61.84 -6.35
N MET S 329 64.98 62.69 -6.28
CA MET S 329 64.41 63.30 -7.45
C MET S 329 64.26 64.80 -7.36
N LEU S 330 64.36 65.45 -8.49
CA LEU S 330 64.17 66.88 -8.58
C LEU S 330 63.05 67.18 -9.54
N SER S 331 62.16 68.05 -9.14
CA SER S 331 61.02 68.35 -9.96
C SER S 331 61.00 69.73 -10.56
N GLY S 332 60.41 70.67 -9.85
CA GLY S 332 60.38 72.06 -10.22
C GLY S 332 61.72 72.72 -10.17
N GLU S 333 62.56 72.28 -9.27
CA GLU S 333 63.87 72.83 -9.05
C GLU S 333 64.71 72.75 -10.31
N THR S 334 64.53 71.73 -11.11
CA THR S 334 65.15 71.63 -12.42
C THR S 334 64.26 71.95 -13.62
N ALA S 335 62.97 71.75 -13.50
CA ALA S 335 62.07 72.10 -14.57
C ALA S 335 61.94 73.58 -14.85
N LYS S 336 61.72 74.37 -13.82
CA LYS S 336 61.50 75.79 -13.95
C LYS S 336 62.37 76.70 -13.11
N GLY S 337 63.31 76.13 -12.40
CA GLY S 337 64.14 76.83 -11.46
C GLY S 337 65.21 77.74 -11.99
N LYS S 338 65.65 78.64 -11.13
CA LYS S 338 66.81 79.49 -11.27
C LYS S 338 68.17 78.85 -11.27
N TYR S 339 68.38 77.82 -10.45
CA TYR S 339 69.71 77.28 -10.26
C TYR S 339 69.77 75.80 -10.45
N PRO S 340 69.54 75.36 -11.66
CA PRO S 340 69.46 73.94 -11.93
C PRO S 340 70.74 73.19 -11.64
N ASN S 341 71.88 73.67 -12.11
CA ASN S 341 73.14 73.04 -11.83
C ASN S 341 73.49 73.02 -10.36
N GLU S 342 73.29 74.12 -9.67
CA GLU S 342 73.56 74.19 -8.27
C GLU S 342 72.70 73.27 -7.42
N VAL S 343 71.43 73.13 -7.75
CA VAL S 343 70.58 72.29 -6.96
C VAL S 343 71.02 70.84 -7.05
N VAL S 344 71.34 70.39 -8.23
CA VAL S 344 71.85 69.08 -8.44
C VAL S 344 73.18 68.87 -7.75
N GLN S 345 74.05 69.84 -7.80
CA GLN S 345 75.33 69.73 -7.16
C GLN S 345 75.15 69.62 -5.67
N TYR S 346 74.22 70.38 -5.12
CA TYR S 346 73.92 70.29 -3.70
C TYR S 346 73.36 68.95 -3.29
N MET S 347 72.48 68.40 -4.08
CA MET S 347 71.92 67.13 -3.79
C MET S 347 72.97 66.03 -3.81
N ALA S 348 73.87 66.07 -4.77
CA ALA S 348 74.91 65.08 -4.87
C ALA S 348 75.83 65.11 -3.69
N ARG S 349 76.17 66.30 -3.25
CA ARG S 349 77.02 66.52 -2.14
C ARG S 349 76.44 66.00 -0.84
N ILE S 350 75.16 66.26 -0.60
CA ILE S 350 74.45 65.74 0.55
C ILE S 350 74.37 64.23 0.56
N CYS S 351 74.15 63.67 -0.60
CA CYS S 351 74.07 62.24 -0.76
C CYS S 351 75.39 61.60 -0.41
N LEU S 352 76.48 62.19 -0.83
CA LEU S 352 77.80 61.67 -0.51
C LEU S 352 78.13 61.72 0.96
N GLU S 353 77.75 62.80 1.60
CA GLU S 353 77.92 62.96 3.02
C GLU S 353 77.14 61.96 3.86
N ALA S 354 75.87 61.73 3.52
CA ALA S 354 75.03 60.77 4.22
C ALA S 354 75.56 59.37 4.09
N GLN S 355 76.17 59.11 2.95
CA GLN S 355 76.76 57.85 2.59
C GLN S 355 77.89 57.51 3.53
N SER S 356 78.65 58.48 3.97
CA SER S 356 79.65 58.23 4.97
C SER S 356 79.10 57.75 6.27
N ALA S 357 78.02 58.37 6.70
CA ALA S 357 77.32 58.02 7.91
C ALA S 357 76.61 56.70 7.79
N LEU S 358 76.38 56.25 6.58
CA LEU S 358 75.57 55.07 6.35
C LEU S 358 76.32 53.86 6.82
N ASN S 359 75.65 52.99 7.54
CA ASN S 359 76.26 51.76 7.93
C ASN S 359 75.89 50.72 6.92
N GLU S 360 76.72 50.56 5.90
CA GLU S 360 76.47 49.66 4.81
C GLU S 360 76.46 48.22 5.25
N TYR S 361 77.27 47.91 6.23
CA TYR S 361 77.35 46.58 6.79
C TYR S 361 76.10 46.10 7.50
N VAL S 362 75.52 46.93 8.35
CA VAL S 362 74.29 46.59 9.06
C VAL S 362 73.20 46.38 8.09
N PHE S 363 73.16 47.24 7.10
CA PHE S 363 72.22 47.17 6.02
C PHE S 363 72.33 45.88 5.26
N PHE S 364 73.53 45.38 5.01
CA PHE S 364 73.71 44.10 4.33
C PHE S 364 73.13 42.93 5.12
N ASN S 365 73.46 42.86 6.39
CA ASN S 365 72.99 41.85 7.27
C ASN S 365 71.48 41.90 7.52
N SER S 366 70.94 43.09 7.63
CA SER S 366 69.55 43.26 7.86
C SER S 366 68.75 42.77 6.71
N ILE S 367 69.19 43.08 5.51
CA ILE S 367 68.55 42.64 4.29
C ILE S 367 68.59 41.15 4.12
N LYS S 368 69.73 40.59 4.40
CA LYS S 368 70.04 39.17 4.30
C LYS S 368 69.15 38.32 5.21
N LYS S 369 68.91 38.76 6.43
CA LYS S 369 68.01 38.08 7.35
C LYS S 369 66.61 38.04 6.88
N LEU S 370 66.19 39.01 6.09
CA LEU S 370 64.82 39.07 5.64
C LEU S 370 64.45 38.24 4.43
N GLN S 371 65.42 37.63 3.80
CA GLN S 371 65.18 36.78 2.67
C GLN S 371 64.76 35.40 3.08
N HIS S 372 63.82 34.84 2.34
CA HIS S 372 63.30 33.52 2.63
C HIS S 372 64.26 32.43 2.15
N ILE S 373 64.39 31.37 2.94
CA ILE S 373 65.27 30.26 2.61
C ILE S 373 64.48 28.97 2.42
N PRO S 374 64.77 28.26 1.34
CA PRO S 374 65.80 28.69 0.38
C PRO S 374 65.29 29.80 -0.54
N MET S 375 66.18 30.37 -1.32
CA MET S 375 65.82 31.44 -2.25
C MET S 375 66.18 31.07 -3.68
N SER S 376 67.46 31.26 -4.03
CA SER S 376 67.93 30.95 -5.37
C SER S 376 69.45 30.96 -5.43
N ALA S 377 70.02 30.05 -6.23
CA ALA S 377 71.45 29.96 -6.37
C ALA S 377 72.15 31.24 -6.73
N ASP S 378 71.64 31.99 -7.68
CA ASP S 378 72.18 33.30 -7.97
C ASP S 378 72.07 34.30 -6.83
N GLU S 379 70.98 34.27 -6.09
CA GLU S 379 70.84 35.15 -4.95
C GLU S 379 71.83 34.87 -3.84
N ALA S 380 72.08 33.61 -3.57
CA ALA S 380 73.09 33.24 -2.61
C ALA S 380 74.49 33.67 -3.07
N VAL S 381 74.74 33.57 -4.36
CA VAL S 381 76.01 33.92 -4.92
C VAL S 381 76.26 35.39 -4.71
N CYS S 382 75.26 36.22 -4.97
CA CYS S 382 75.39 37.62 -4.77
C CYS S 382 75.55 38.05 -3.34
N SER S 383 74.76 37.49 -2.46
CA SER S 383 74.86 37.79 -1.06
C SER S 383 76.17 37.36 -0.42
N SER S 384 76.53 36.13 -0.64
CA SER S 384 77.79 35.67 -0.16
C SER S 384 78.98 36.40 -0.79
N ALA S 385 78.87 36.80 -2.05
CA ALA S 385 79.94 37.55 -2.71
C ALA S 385 80.20 38.90 -2.08
N VAL S 386 79.14 39.57 -1.68
CA VAL S 386 79.19 40.79 -0.90
C VAL S 386 79.80 40.53 0.47
N ASN S 387 79.46 39.42 1.07
CA ASN S 387 80.01 39.04 2.34
C ASN S 387 81.53 38.90 2.22
N SER S 388 81.95 38.39 1.08
CA SER S 388 83.34 38.29 0.70
C SER S 388 83.94 39.66 0.59
N VAL S 389 83.19 40.61 0.09
CA VAL S 389 83.73 41.92 -0.02
C VAL S 389 84.05 42.47 1.34
N TYR S 390 83.14 42.35 2.29
CA TYR S 390 83.37 42.82 3.63
C TYR S 390 84.50 42.07 4.35
N GLU S 391 84.56 40.78 4.17
CA GLU S 391 85.60 39.97 4.77
C GLU S 391 87.03 40.25 4.30
N THR S 392 87.23 40.54 3.03
CA THR S 392 88.54 40.88 2.49
C THR S 392 88.86 42.35 2.41
N LYS S 393 87.89 43.19 2.66
CA LYS S 393 87.96 44.59 2.33
C LYS S 393 88.20 44.88 0.87
N ALA S 394 87.51 44.19 -0.01
CA ALA S 394 87.62 44.41 -1.42
C ALA S 394 87.15 45.78 -1.85
N LYS S 395 87.88 46.39 -2.76
CA LYS S 395 87.59 47.75 -3.09
C LYS S 395 86.73 47.95 -4.31
N ALA S 396 86.38 46.88 -4.97
CA ALA S 396 85.50 46.91 -6.10
C ALA S 396 84.85 45.58 -6.38
N MET S 397 83.84 45.63 -7.19
CA MET S 397 83.10 44.46 -7.48
C MET S 397 82.83 44.51 -8.94
N VAL S 398 82.84 43.38 -9.62
CA VAL S 398 82.46 43.33 -11.01
C VAL S 398 81.41 42.30 -11.25
N VAL S 399 80.34 42.65 -11.94
CA VAL S 399 79.34 41.68 -12.31
C VAL S 399 79.01 41.69 -13.74
N LEU S 400 78.71 40.53 -14.28
CA LEU S 400 78.22 40.47 -15.62
C LEU S 400 76.72 40.39 -15.63
N SER S 401 76.08 41.41 -16.20
CA SER S 401 74.66 41.36 -16.46
C SER S 401 74.24 41.93 -17.79
N ASN S 402 73.50 41.15 -18.55
CA ASN S 402 72.89 41.62 -19.78
C ASN S 402 71.46 42.18 -19.63
N THR S 403 70.61 41.49 -18.90
CA THR S 403 69.30 42.00 -18.54
C THR S 403 69.36 43.10 -17.52
N GLY S 404 70.42 43.14 -16.75
CA GLY S 404 70.52 44.02 -15.62
C GLY S 404 70.06 43.39 -14.33
N ARG S 405 69.46 42.21 -14.43
CA ARG S 405 68.99 41.47 -13.26
C ARG S 405 70.12 41.18 -12.28
N SER S 406 71.23 40.63 -12.76
CA SER S 406 72.30 40.27 -11.88
C SER S 406 72.79 41.46 -11.14
N ALA S 407 72.88 42.60 -11.78
CA ALA S 407 73.32 43.78 -11.13
C ALA S 407 72.43 44.31 -10.00
N ARG S 408 71.12 44.28 -10.17
CA ARG S 408 70.21 44.66 -9.11
C ARG S 408 70.32 43.75 -7.90
N LEU S 409 70.48 42.46 -8.16
CA LEU S 409 70.59 41.46 -7.16
C LEU S 409 71.78 41.63 -6.26
N VAL S 410 72.90 41.97 -6.84
CA VAL S 410 74.07 42.38 -6.09
C VAL S 410 74.00 43.69 -5.32
N ALA S 411 73.49 44.72 -5.94
CA ALA S 411 73.38 46.05 -5.38
C ALA S 411 72.47 46.00 -4.19
N LYS S 412 71.55 45.07 -4.24
CA LYS S 412 70.59 44.84 -3.23
C LYS S 412 71.22 44.52 -1.90
N TYR S 413 72.40 43.95 -1.93
CA TYR S 413 73.06 43.55 -0.74
C TYR S 413 73.97 44.59 -0.17
N ARG S 414 73.97 45.77 -0.75
CA ARG S 414 74.70 46.88 -0.16
C ARG S 414 76.18 46.65 0.24
N PRO S 415 77.03 46.35 -0.73
CA PRO S 415 78.46 46.27 -0.51
C PRO S 415 79.02 47.64 -0.21
N ASN S 416 80.17 47.70 0.39
CA ASN S 416 80.72 48.99 0.76
C ASN S 416 81.73 49.52 -0.25
N CYS S 417 81.59 49.07 -1.46
CA CYS S 417 82.47 49.40 -2.52
C CYS S 417 81.69 49.55 -3.76
N PRO S 418 82.26 50.17 -4.77
CA PRO S 418 81.57 50.34 -6.04
C PRO S 418 81.28 49.02 -6.70
N ILE S 419 80.20 48.94 -7.44
CA ILE S 419 79.89 47.75 -8.17
C ILE S 419 80.03 48.07 -9.63
N VAL S 420 80.74 47.26 -10.34
CA VAL S 420 80.91 47.57 -11.73
C VAL S 420 80.27 46.50 -12.57
N CYS S 421 79.27 46.90 -13.31
CA CYS S 421 78.52 46.00 -14.14
C CYS S 421 78.96 46.04 -15.59
N VAL S 422 79.19 44.90 -16.18
CA VAL S 422 79.60 44.87 -17.55
C VAL S 422 78.47 44.28 -18.33
N THR S 423 77.94 45.05 -19.25
CA THR S 423 76.74 44.70 -19.93
C THR S 423 76.88 44.75 -21.43
N THR S 424 76.16 43.89 -22.12
CA THR S 424 76.13 43.91 -23.54
C THR S 424 74.96 44.67 -24.11
N ARG S 425 74.19 45.33 -23.26
CA ARG S 425 73.07 46.14 -23.72
C ARG S 425 73.16 47.56 -23.25
N LEU S 426 73.09 48.51 -24.14
CA LEU S 426 73.12 49.92 -23.80
C LEU S 426 71.92 50.36 -22.95
N GLN S 427 70.76 49.82 -23.23
CA GLN S 427 69.58 50.11 -22.49
C GLN S 427 69.73 49.67 -21.06
N THR S 428 70.43 48.58 -20.85
CA THR S 428 70.74 48.09 -19.56
C THR S 428 71.57 49.09 -18.82
N CYS S 429 72.51 49.73 -19.50
CA CYS S 429 73.30 50.75 -18.87
C CYS S 429 72.43 51.92 -18.43
N ARG S 430 71.49 52.31 -19.24
CA ARG S 430 70.56 53.34 -18.83
C ARG S 430 69.63 52.93 -17.69
N GLN S 431 69.08 51.73 -17.78
CA GLN S 431 68.10 51.23 -16.83
C GLN S 431 68.68 51.09 -15.43
N LEU S 432 69.96 50.80 -15.37
CA LEU S 432 70.72 50.67 -14.15
C LEU S 432 71.04 51.98 -13.50
N ASN S 433 70.67 53.07 -14.14
CA ASN S 433 70.85 54.40 -13.61
C ASN S 433 69.90 54.68 -12.45
N ILE S 434 68.93 53.81 -12.23
CA ILE S 434 68.11 53.92 -11.03
C ILE S 434 68.48 52.96 -9.93
N THR S 435 69.54 52.20 -10.10
CA THR S 435 69.96 51.30 -9.07
C THR S 435 71.13 51.90 -8.33
N GLN S 436 71.04 52.01 -7.01
CA GLN S 436 72.12 52.60 -6.28
C GLN S 436 73.40 51.79 -6.33
N GLY S 437 74.50 52.51 -6.32
CA GLY S 437 75.81 51.95 -6.16
C GLY S 437 76.37 51.18 -7.32
N VAL S 438 75.85 51.40 -8.51
CA VAL S 438 76.24 50.65 -9.68
C VAL S 438 76.70 51.51 -10.85
N GLU S 439 77.78 51.10 -11.48
CA GLU S 439 78.28 51.74 -12.67
C GLU S 439 78.38 50.76 -13.79
N SER S 440 78.02 51.17 -14.99
CA SER S 440 77.97 50.28 -16.14
C SER S 440 79.07 50.52 -17.16
N VAL S 441 79.59 49.42 -17.69
CA VAL S 441 80.50 49.43 -18.80
C VAL S 441 79.86 48.68 -19.93
N PHE S 442 79.68 49.30 -21.06
CA PHE S 442 79.12 48.59 -22.20
C PHE S 442 80.19 47.78 -22.93
N PHE S 443 79.89 46.54 -23.28
CA PHE S 443 80.75 45.66 -24.04
C PHE S 443 79.99 45.26 -25.26
N ASP S 444 80.51 45.63 -26.42
CA ASP S 444 79.84 45.45 -27.68
C ASP S 444 80.08 44.05 -28.15
N ALA S 445 79.09 43.22 -28.01
CA ALA S 445 79.23 41.85 -28.34
C ALA S 445 79.51 41.73 -29.82
N ASP S 446 78.89 42.57 -30.63
CA ASP S 446 79.02 42.46 -32.06
C ASP S 446 80.44 42.71 -32.53
N LYS S 447 81.00 43.81 -32.13
CA LYS S 447 82.36 44.13 -32.42
C LYS S 447 83.32 43.16 -31.75
N LEU S 448 83.12 42.83 -30.49
CA LEU S 448 84.08 42.04 -29.74
C LEU S 448 83.74 40.60 -29.48
N GLY S 449 82.63 40.13 -29.99
CA GLY S 449 82.31 38.73 -29.78
C GLY S 449 81.54 38.43 -28.51
N HIS S 450 80.99 37.24 -28.45
CA HIS S 450 80.11 36.78 -27.39
C HIS S 450 80.76 36.52 -26.04
N ASP S 451 82.06 36.38 -26.00
CA ASP S 451 82.82 36.25 -24.77
C ASP S 451 82.35 35.19 -23.81
N GLU S 452 82.15 33.99 -24.30
CA GLU S 452 81.58 32.92 -23.51
C GLU S 452 82.43 32.51 -22.33
N GLY S 453 83.74 32.68 -22.42
CA GLY S 453 84.58 32.33 -21.31
C GLY S 453 84.75 33.42 -20.30
N LYS S 454 84.21 34.58 -20.65
CA LYS S 454 83.94 35.67 -19.74
C LYS S 454 85.16 36.51 -19.40
N GLU S 455 86.29 36.11 -19.92
CA GLU S 455 87.53 36.79 -19.66
C GLU S 455 87.61 38.22 -20.15
N HIS S 456 87.07 38.51 -21.31
CA HIS S 456 87.06 39.87 -21.80
C HIS S 456 86.20 40.86 -21.06
N ARG S 457 84.97 40.47 -20.77
CA ARG S 457 84.06 41.33 -20.04
C ARG S 457 84.65 41.57 -18.69
N VAL S 458 85.22 40.55 -18.10
CA VAL S 458 85.86 40.71 -16.84
C VAL S 458 87.03 41.65 -16.87
N ALA S 459 87.85 41.59 -17.92
CA ALA S 459 88.98 42.50 -18.01
C ALA S 459 88.54 43.94 -18.12
N ALA S 460 87.47 44.18 -18.88
CA ALA S 460 86.93 45.50 -19.06
C ALA S 460 86.38 46.11 -17.79
N GLY S 461 85.64 45.33 -17.01
CA GLY S 461 85.17 45.82 -15.74
C GLY S 461 86.27 46.13 -14.78
N VAL S 462 87.27 45.28 -14.72
CA VAL S 462 88.42 45.56 -13.89
C VAL S 462 89.18 46.80 -14.36
N GLU S 463 89.36 46.96 -15.66
CA GLU S 463 90.07 48.12 -16.19
C GLU S 463 89.35 49.39 -15.88
N PHE S 464 88.04 49.36 -16.01
CA PHE S 464 87.23 50.51 -15.67
C PHE S 464 87.41 50.86 -14.23
N ALA S 465 87.48 49.87 -13.36
CA ALA S 465 87.72 50.11 -11.95
C ALA S 465 89.05 50.73 -11.66
N LYS S 466 90.06 50.31 -12.39
CA LYS S 466 91.39 50.89 -12.30
C LYS S 466 91.35 52.33 -12.76
N SER S 467 90.66 52.53 -13.85
CA SER S 467 90.58 53.83 -14.45
C SER S 467 89.91 54.89 -13.58
N LYS S 468 88.88 54.53 -12.83
CA LYS S 468 88.20 55.48 -11.98
C LYS S 468 88.90 55.53 -10.64
N GLY S 469 89.91 54.71 -10.47
CA GLY S 469 90.68 54.74 -9.26
C GLY S 469 90.18 53.99 -8.05
N TYR S 470 89.15 53.18 -8.24
CA TYR S 470 88.62 52.34 -7.19
C TYR S 470 89.62 51.32 -6.73
N VAL S 471 90.40 50.78 -7.67
CA VAL S 471 91.42 49.79 -7.35
C VAL S 471 92.84 50.05 -7.87
N GLN S 472 93.81 49.52 -7.19
CA GLN S 472 95.20 49.55 -7.59
C GLN S 472 95.69 48.14 -7.43
N THR S 473 96.92 47.90 -7.86
CA THR S 473 97.48 46.58 -7.88
C THR S 473 97.57 46.15 -6.46
N GLY S 474 97.30 44.88 -6.24
CA GLY S 474 97.31 44.30 -4.93
C GLY S 474 95.99 44.32 -4.23
N ASP S 475 95.03 45.04 -4.78
CA ASP S 475 93.65 45.06 -4.28
C ASP S 475 92.82 43.85 -4.70
N TYR S 476 91.81 43.56 -3.92
CA TYR S 476 90.90 42.51 -4.24
C TYR S 476 89.75 43.06 -4.99
N CYS S 477 89.35 42.33 -5.99
CA CYS S 477 88.14 42.62 -6.69
C CYS S 477 87.29 41.37 -6.70
N VAL S 478 86.04 41.48 -6.29
CA VAL S 478 85.18 40.33 -6.21
C VAL S 478 84.31 40.29 -7.42
N VAL S 479 84.32 39.17 -8.11
CA VAL S 479 83.78 39.03 -9.43
C VAL S 479 82.69 37.99 -9.52
N ILE S 480 81.62 38.30 -10.23
CA ILE S 480 80.45 37.46 -10.32
C ILE S 480 79.97 37.17 -11.74
N HIS S 481 79.87 35.90 -12.09
CA HIS S 481 79.29 35.50 -13.35
C HIS S 481 79.07 34.01 -13.31
N ALA S 482 78.65 33.46 -14.42
CA ALA S 482 78.59 32.03 -14.57
C ALA S 482 79.94 31.39 -14.86
N ASP S 483 79.97 30.10 -14.63
CA ASP S 483 81.05 29.26 -15.03
C ASP S 483 80.82 28.89 -16.47
N HIS S 484 81.64 28.01 -16.97
CA HIS S 484 81.54 27.65 -18.36
C HIS S 484 80.29 26.93 -18.80
N LYS S 485 79.78 26.03 -18.02
CA LYS S 485 78.52 25.39 -18.33
C LYS S 485 77.19 26.16 -18.16
N VAL S 486 76.99 26.82 -17.02
CA VAL S 486 75.70 27.40 -16.67
C VAL S 486 75.25 28.62 -17.46
N LYS S 487 73.99 28.63 -17.81
CA LYS S 487 73.39 29.70 -18.61
C LYS S 487 72.14 30.31 -17.99
N GLY S 488 72.03 31.62 -18.10
CA GLY S 488 70.88 32.34 -17.61
C GLY S 488 70.98 32.97 -16.24
N TYR S 489 72.00 32.62 -15.49
CA TYR S 489 72.27 33.24 -14.22
C TYR S 489 73.71 33.09 -13.87
N ALA S 490 74.16 33.75 -12.83
CA ALA S 490 75.50 33.60 -12.39
C ALA S 490 75.55 32.67 -11.20
N ASN S 491 76.32 31.61 -11.34
CA ASN S 491 76.52 30.66 -10.27
C ASN S 491 77.89 30.71 -9.60
N GLN S 492 78.69 31.70 -9.92
CA GLN S 492 80.08 31.74 -9.48
C GLN S 492 80.57 33.06 -8.87
N THR S 493 81.42 32.96 -7.89
CA THR S 493 82.13 34.10 -7.37
C THR S 493 83.60 33.84 -7.30
N ARG S 494 84.40 34.85 -7.61
CA ARG S 494 85.85 34.76 -7.49
C ARG S 494 86.43 35.98 -6.84
N ILE S 495 87.39 35.79 -5.97
CA ILE S 495 88.14 36.89 -5.47
C ILE S 495 89.46 36.95 -6.24
N LEU S 496 89.65 37.97 -7.06
CA LEU S 496 90.91 38.14 -7.79
C LEU S 496 91.73 39.32 -7.40
N LEU S 497 93.03 39.12 -7.42
CA LEU S 497 94.02 40.14 -7.09
C LEU S 497 94.23 40.99 -8.31
N VAL S 498 94.34 42.30 -8.14
CA VAL S 498 94.48 43.15 -9.32
C VAL S 498 95.89 43.58 -9.62
N GLU S 499 96.26 43.49 -10.89
CA GLU S 499 97.61 43.87 -11.33
C GLU S 499 97.56 45.07 -12.28
N SER T 2 68.02 30.81 22.23
CA SER T 2 68.75 30.42 23.40
C SER T 2 68.80 28.93 23.46
N GLN T 3 69.73 28.40 24.24
CA GLN T 3 69.85 26.99 24.34
C GLN T 3 68.65 26.44 25.05
N LEU T 4 68.08 27.23 25.94
CA LEU T 4 66.92 26.80 26.73
C LEU T 4 65.62 26.68 25.92
N ALA T 5 65.40 27.60 25.00
CA ALA T 5 64.16 27.66 24.26
C ALA T 5 64.07 26.47 23.37
N HIS T 6 65.20 26.32 22.69
CA HIS T 6 65.60 25.19 21.83
C HIS T 6 65.52 23.82 22.43
N ASN T 7 65.89 23.65 23.69
CA ASN T 7 65.75 22.37 24.34
C ASN T 7 64.32 21.95 24.30
N LEU T 8 63.48 22.95 24.29
CA LEU T 8 62.04 22.87 24.33
C LEU T 8 61.42 22.38 23.03
N THR T 9 62.12 22.58 21.95
CA THR T 9 61.73 22.08 20.66
C THR T 9 62.18 20.68 20.41
N LEU T 10 63.02 20.12 21.25
CA LEU T 10 63.48 18.75 21.04
C LEU T 10 62.46 17.69 21.36
N SER T 11 62.57 16.54 20.72
CA SER T 11 61.77 15.36 21.09
C SER T 11 62.54 14.06 21.05
N ILE T 12 62.27 13.16 21.98
CA ILE T 12 62.91 11.87 21.94
C ILE T 12 62.58 11.07 20.71
N PHE T 13 61.41 11.32 20.11
CA PHE T 13 60.98 10.61 18.92
C PHE T 13 61.44 11.26 17.61
N ASP T 14 62.32 12.25 17.67
CA ASP T 14 62.80 12.87 16.47
C ASP T 14 63.66 11.82 15.80
N PRO T 15 63.53 11.70 14.50
CA PRO T 15 64.35 10.76 13.77
C PRO T 15 65.78 11.24 13.67
N VAL T 16 66.74 10.36 13.80
CA VAL T 16 68.12 10.75 13.64
C VAL T 16 68.51 10.91 12.21
N ALA T 17 69.69 11.44 11.98
CA ALA T 17 70.20 11.74 10.67
C ALA T 17 70.65 10.54 9.84
N ASN T 18 70.80 10.77 8.55
CA ASN T 18 71.28 9.76 7.66
C ASN T 18 72.78 9.70 7.62
N TYR T 19 73.42 10.57 8.39
CA TYR T 19 74.86 10.56 8.51
C TYR T 19 75.30 10.87 9.92
N ARG T 20 76.42 10.30 10.34
CA ARG T 20 77.04 10.63 11.60
C ARG T 20 78.27 11.49 11.38
N ALA T 21 78.22 12.71 11.86
CA ALA T 21 79.32 13.64 11.77
C ALA T 21 80.58 13.33 12.57
N ALA T 22 80.41 12.93 13.81
CA ALA T 22 81.51 12.67 14.68
C ALA T 22 82.25 11.40 14.33
N ARG T 23 83.53 11.37 14.63
CA ARG T 23 84.40 10.27 14.31
C ARG T 23 84.91 9.50 15.53
N ILE T 24 85.04 8.21 15.37
CA ILE T 24 85.46 7.36 16.45
C ILE T 24 86.83 6.80 16.27
N ILE T 25 87.61 6.87 17.33
CA ILE T 25 88.98 6.40 17.36
C ILE T 25 89.11 5.20 18.29
N CYS T 26 89.80 4.16 17.85
CA CYS T 26 89.93 2.96 18.63
C CYS T 26 91.38 2.59 18.83
N THR T 27 91.71 2.25 20.03
CA THR T 27 93.03 1.81 20.38
C THR T 27 93.10 0.32 20.17
N ILE T 28 94.15 -0.13 19.52
CA ILE T 28 94.26 -1.52 19.15
C ILE T 28 95.18 -2.30 20.05
N GLY T 29 94.62 -3.30 20.68
CA GLY T 29 95.28 -4.16 21.60
C GLY T 29 94.92 -5.60 21.29
N PRO T 30 95.14 -6.44 22.26
CA PRO T 30 95.04 -7.87 22.15
C PRO T 30 93.66 -8.32 21.74
N SER T 31 92.65 -7.65 22.23
CA SER T 31 91.30 -7.86 21.79
C SER T 31 91.06 -7.50 20.33
N THR T 32 91.80 -6.57 19.76
CA THR T 32 91.42 -6.04 18.47
C THR T 32 92.41 -6.08 17.32
N GLN T 33 93.51 -6.78 17.54
CA GLN T 33 94.58 -6.88 16.59
C GLN T 33 94.32 -7.68 15.33
N SER T 34 93.53 -8.71 15.49
CA SER T 34 93.23 -9.60 14.42
C SER T 34 92.43 -8.91 13.38
N VAL T 35 92.67 -9.31 12.17
CA VAL T 35 92.04 -8.74 11.03
C VAL T 35 90.56 -8.89 11.13
N GLU T 36 90.10 -10.02 11.61
CA GLU T 36 88.68 -10.19 11.81
C GLU T 36 88.12 -9.23 12.83
N ALA T 37 88.83 -9.02 13.92
CA ALA T 37 88.40 -8.07 14.93
C ALA T 37 88.36 -6.64 14.37
N LEU T 38 89.37 -6.30 13.60
CA LEU T 38 89.47 -4.99 12.99
C LEU T 38 88.37 -4.72 12.00
N LYS T 39 88.00 -5.74 11.24
CA LYS T 39 86.90 -5.65 10.33
C LYS T 39 85.61 -5.40 11.06
N GLY T 40 85.46 -6.02 12.20
CA GLY T 40 84.32 -5.79 13.05
C GLY T 40 84.26 -4.37 13.56
N LEU T 41 85.42 -3.83 13.91
CA LEU T 41 85.54 -2.48 14.38
C LEU T 41 85.19 -1.45 13.34
N ILE T 42 85.64 -1.63 12.13
CA ILE T 42 85.36 -0.73 11.06
C ILE T 42 83.88 -0.69 10.75
N GLN T 43 83.28 -1.85 10.68
CA GLN T 43 81.87 -1.98 10.43
C GLN T 43 81.04 -1.41 11.54
N SER T 44 81.59 -1.51 12.73
CA SER T 44 80.98 -0.98 13.90
C SER T 44 81.07 0.51 13.92
N GLY T 45 82.00 1.06 13.17
CA GLY T 45 82.19 2.47 13.15
C GLY T 45 83.52 3.14 13.41
N MET T 46 84.62 2.42 13.36
CA MET T 46 85.93 3.00 13.60
C MET T 46 86.51 3.75 12.42
N SER T 47 86.94 4.98 12.61
CA SER T 47 87.56 5.70 11.53
C SER T 47 89.04 5.83 11.69
N VAL T 48 89.53 5.73 12.90
CA VAL T 48 90.93 5.88 13.17
C VAL T 48 91.43 4.77 14.06
N ALA T 49 92.53 4.13 13.72
CA ALA T 49 93.10 3.17 14.64
C ALA T 49 94.35 3.67 15.35
N ARG T 50 94.34 3.57 16.66
CA ARG T 50 95.40 4.11 17.48
C ARG T 50 96.30 3.03 18.03
N MET T 51 97.59 3.21 17.87
CA MET T 51 98.57 2.35 18.45
C MET T 51 99.28 3.07 19.57
N ASN T 52 99.30 2.49 20.76
CA ASN T 52 99.96 3.12 21.88
C ASN T 52 101.32 2.55 22.12
N PHE T 53 102.33 3.37 21.95
CA PHE T 53 103.70 2.95 21.95
C PHE T 53 104.25 2.83 23.34
N SER T 54 103.40 3.10 24.32
CA SER T 54 103.70 2.80 25.70
C SER T 54 103.64 1.31 25.94
N HIS T 55 102.99 0.60 25.05
CA HIS T 55 102.78 -0.82 25.20
C HIS T 55 103.21 -1.42 23.89
N GLY T 56 103.60 -2.68 23.91
CA GLY T 56 103.98 -3.33 22.69
C GLY T 56 105.37 -2.96 22.27
N SER T 57 105.68 -3.15 21.02
CA SER T 57 107.00 -2.98 20.51
C SER T 57 106.80 -2.70 19.08
N HIS T 58 107.86 -2.41 18.35
CA HIS T 58 107.71 -2.08 16.97
C HIS T 58 107.14 -3.26 16.31
N GLU T 59 107.57 -4.42 16.76
CA GLU T 59 107.12 -5.66 16.19
C GLU T 59 105.64 -5.85 16.37
N TYR T 60 105.13 -5.60 17.57
CA TYR T 60 103.71 -5.77 17.82
C TYR T 60 102.86 -4.81 17.03
N HIS T 61 103.29 -3.57 17.03
CA HIS T 61 102.63 -2.47 16.33
C HIS T 61 102.63 -2.58 14.84
N GLN T 62 103.67 -3.21 14.31
CA GLN T 62 103.74 -3.49 12.89
C GLN T 62 102.65 -4.43 12.51
N THR T 63 102.39 -5.40 13.34
CA THR T 63 101.36 -6.34 13.04
C THR T 63 100.06 -5.60 12.92
N THR T 64 99.84 -4.62 13.79
CA THR T 64 98.64 -3.83 13.81
C THR T 64 98.49 -3.02 12.53
N ILE T 65 99.58 -2.44 12.08
CA ILE T 65 99.58 -1.68 10.88
C ILE T 65 99.21 -2.50 9.69
N ASN T 66 99.80 -3.66 9.58
CA ASN T 66 99.50 -4.55 8.50
C ASN T 66 98.10 -5.03 8.56
N ASN T 67 97.66 -5.37 9.73
CA ASN T 67 96.30 -5.78 9.88
C ASN T 67 95.26 -4.72 9.56
N VAL T 68 95.53 -3.47 9.89
CA VAL T 68 94.61 -2.39 9.61
C VAL T 68 94.49 -2.17 8.11
N ARG T 69 95.62 -2.15 7.45
CA ARG T 69 95.63 -1.96 6.04
C ARG T 69 94.92 -3.11 5.33
N GLN T 70 95.17 -4.34 5.76
CA GLN T 70 94.51 -5.51 5.17
C GLN T 70 93.02 -5.54 5.40
N ALA T 71 92.60 -5.21 6.59
CA ALA T 71 91.18 -5.11 6.89
C ALA T 71 90.45 -4.00 6.14
N ALA T 72 91.08 -2.85 6.05
CA ALA T 72 90.54 -1.72 5.33
C ALA T 72 90.43 -2.04 3.86
N ALA T 73 91.45 -2.68 3.33
CA ALA T 73 91.51 -3.01 1.92
C ALA T 73 90.42 -3.96 1.52
N GLU T 74 90.16 -4.93 2.37
CA GLU T 74 89.09 -5.88 2.20
C GLU T 74 87.74 -5.25 2.24
N LEU T 75 87.62 -4.13 2.91
CA LEU T 75 86.33 -3.53 3.08
C LEU T 75 86.16 -2.31 2.22
N GLY T 76 87.16 -2.06 1.41
CA GLY T 76 87.17 -0.92 0.54
C GLY T 76 87.06 0.44 1.17
N VAL T 77 87.80 0.67 2.23
CA VAL T 77 87.69 1.89 2.97
C VAL T 77 89.04 2.40 3.36
N ASN T 78 89.13 3.67 3.71
CA ASN T 78 90.38 4.22 4.11
C ASN T 78 90.37 4.51 5.62
N ILE T 79 91.30 3.95 6.36
CA ILE T 79 91.36 4.12 7.80
C ILE T 79 92.65 4.79 8.21
N ALA T 80 92.57 5.87 8.96
CA ALA T 80 93.76 6.54 9.45
C ALA T 80 94.48 5.69 10.47
N ILE T 81 95.79 5.75 10.47
CA ILE T 81 96.60 5.09 11.46
C ILE T 81 97.33 6.11 12.30
N ALA T 82 97.19 6.02 13.60
CA ALA T 82 97.77 7.00 14.49
C ALA T 82 98.81 6.39 15.40
N LEU T 83 99.94 7.03 15.55
CA LEU T 83 100.93 6.58 16.48
C LEU T 83 100.96 7.48 17.73
N ASP T 84 100.59 6.75 18.79
CA ASP T 84 100.49 7.21 20.13
C ASP T 84 101.71 6.84 20.93
N THR T 85 102.61 7.79 21.09
CA THR T 85 103.90 7.61 21.74
C THR T 85 103.85 7.28 23.23
N LYS T 86 104.86 6.57 23.68
CA LYS T 86 104.98 6.26 25.09
C LYS T 86 105.25 7.55 25.80
N GLY T 87 106.18 8.33 25.31
CA GLY T 87 106.51 9.60 25.87
C GLY T 87 107.39 9.48 27.09
N PRO T 88 107.87 10.59 27.59
CA PRO T 88 108.71 10.56 28.79
C PRO T 88 107.93 10.07 30.00
N GLU T 89 108.50 9.21 30.85
CA GLU T 89 107.84 8.75 32.08
C GLU T 89 108.78 9.00 33.27
N ILE T 90 108.16 9.29 34.42
CA ILE T 90 108.83 9.27 35.71
C ILE T 90 108.40 8.00 36.41
N ARG T 91 109.39 7.23 36.82
CA ARG T 91 109.18 5.99 37.56
C ARG T 91 110.08 5.91 38.83
N THR T 92 109.57 5.22 39.84
CA THR T 92 110.44 4.78 40.97
C THR T 92 111.37 3.69 40.48
N GLY T 93 112.36 3.38 41.32
CA GLY T 93 113.21 2.24 41.11
C GLY T 93 112.57 1.00 41.69
N GLN T 94 113.43 0.01 41.96
CA GLN T 94 113.09 -1.26 42.59
C GLN T 94 113.11 -1.12 44.11
N PHE T 95 112.32 -1.94 44.79
CA PHE T 95 112.43 -2.10 46.24
C PHE T 95 112.98 -3.48 46.62
N VAL T 96 113.70 -3.54 47.75
CA VAL T 96 114.21 -4.81 48.29
C VAL T 96 113.02 -5.72 48.67
N GLY T 97 113.14 -7.00 48.37
CA GLY T 97 112.03 -7.96 48.52
C GLY T 97 110.93 -7.79 47.48
N GLY T 98 111.21 -7.03 46.43
CA GLY T 98 110.23 -6.78 45.36
C GLY T 98 109.17 -5.73 45.66
N ASP T 99 109.02 -5.37 46.93
CA ASP T 99 107.85 -4.60 47.42
C ASP T 99 108.26 -3.63 48.55
N ALA T 100 107.41 -2.66 48.89
CA ALA T 100 107.66 -1.77 50.03
C ALA T 100 106.41 -1.12 50.65
N VAL T 101 106.24 -1.32 51.95
CA VAL T 101 105.00 -1.05 52.68
C VAL T 101 104.96 0.34 53.32
N MET T 102 104.33 1.29 52.63
CA MET T 102 104.30 2.72 53.03
C MET T 102 103.17 3.06 54.01
N GLU T 103 103.49 3.43 55.25
CA GLU T 103 102.44 3.65 56.27
C GLU T 103 102.13 5.14 56.44
N ARG T 104 100.90 5.45 56.83
CA ARG T 104 100.51 6.84 57.01
C ARG T 104 101.27 7.47 58.21
N GLY T 105 101.75 8.70 58.06
CA GLY T 105 102.47 9.36 59.14
C GLY T 105 104.00 9.17 59.13
N ALA T 106 104.48 8.07 58.49
CA ALA T 106 105.92 7.73 58.36
C ALA T 106 106.73 8.75 57.57
N THR T 107 108.02 8.84 57.87
CA THR T 107 108.99 9.58 57.07
C THR T 107 109.75 8.63 56.12
N CYS T 108 109.86 9.05 54.85
CA CYS T 108 110.72 8.33 53.88
C CYS T 108 111.53 9.32 53.05
N TYR T 109 112.51 8.82 52.31
CA TYR T 109 113.49 9.67 51.62
C TYR T 109 113.43 9.27 50.16
N VAL T 110 113.25 10.22 49.27
CA VAL T 110 113.21 9.89 47.83
C VAL T 110 114.45 10.51 47.22
N THR T 111 115.18 9.70 46.48
CA THR T 111 116.44 10.19 45.99
C THR T 111 116.57 9.97 44.51
N THR T 112 117.32 10.83 43.84
CA THR T 112 117.68 10.57 42.46
C THR T 112 119.10 10.05 42.30
N ASP T 113 119.75 9.72 43.42
CA ASP T 113 121.07 9.07 43.39
C ASP T 113 120.92 7.67 42.73
N PRO T 114 121.59 7.45 41.57
CA PRO T 114 121.31 6.22 40.82
C PRO T 114 121.84 4.96 41.52
N ALA T 115 122.81 5.11 42.43
CA ALA T 115 123.22 4.01 43.35
C ALA T 115 122.02 3.22 43.98
N PHE T 116 120.87 3.88 44.11
CA PHE T 116 119.68 3.32 44.79
C PHE T 116 118.59 2.67 43.93
N ALA T 117 118.84 2.53 42.64
CA ALA T 117 117.79 2.08 41.69
C ALA T 117 117.32 0.63 41.92
N ASP T 118 118.20 -0.20 42.48
CA ASP T 118 117.85 -1.61 42.75
C ASP T 118 117.89 -1.96 44.24
N LYS T 119 117.79 -0.95 45.11
CA LYS T 119 117.88 -1.16 46.59
C LYS T 119 117.11 -0.09 47.36
N GLY T 120 115.95 0.29 46.83
CA GLY T 120 115.04 1.12 47.63
C GLY T 120 114.46 0.35 48.81
N THR T 121 113.85 1.05 49.75
CA THR T 121 113.13 0.40 50.85
C THR T 121 112.10 1.41 51.24
N LYS T 122 111.21 1.06 52.15
CA LYS T 122 110.24 2.07 52.59
C LYS T 122 110.92 3.34 53.11
N ASP T 123 112.16 3.18 53.60
CA ASP T 123 112.98 4.24 54.18
C ASP T 123 113.55 5.19 53.14
N LYS T 124 114.07 4.64 52.04
CA LYS T 124 114.67 5.45 51.00
C LYS T 124 114.71 4.74 49.68
N PHE T 125 114.19 5.40 48.66
CA PHE T 125 114.19 4.79 47.33
C PHE T 125 114.39 5.82 46.23
N TYR T 126 114.57 5.31 45.04
CA TYR T 126 114.95 6.08 43.89
C TYR T 126 113.71 6.43 43.04
N ILE T 127 113.67 7.67 42.55
CA ILE T 127 112.78 8.15 41.51
C ILE T 127 113.70 8.57 40.36
N ASP T 128 113.40 8.14 39.14
CA ASP T 128 114.42 8.24 38.08
C ASP T 128 114.47 9.57 37.33
N TYR T 129 113.83 10.61 37.85
CA TYR T 129 113.80 11.91 37.18
C TYR T 129 114.83 12.78 37.84
N GLN T 130 115.96 12.96 37.15
CA GLN T 130 117.16 13.55 37.76
C GLN T 130 116.99 14.98 38.26
N ASN T 131 116.03 15.66 37.66
CA ASN T 131 115.70 17.00 38.09
C ASN T 131 114.68 17.05 39.18
N LEU T 132 114.33 15.94 39.84
CA LEU T 132 113.22 15.98 40.86
C LEU T 132 113.37 17.14 41.86
N SER T 133 114.58 17.27 42.46
CA SER T 133 114.86 18.25 43.52
C SER T 133 114.72 19.69 43.08
N LYS T 134 115.16 19.99 41.87
CA LYS T 134 115.06 21.34 41.35
C LYS T 134 113.58 21.71 41.09
N VAL T 135 112.77 20.72 40.79
CA VAL T 135 111.41 21.06 40.33
C VAL T 135 110.44 21.13 41.49
N VAL T 136 110.72 20.41 42.57
CA VAL T 136 109.78 20.39 43.68
C VAL T 136 110.25 21.33 44.80
N ARG T 137 109.31 21.88 45.58
CA ARG T 137 109.60 22.65 46.81
C ARG T 137 108.84 22.08 48.04
N PRO T 138 109.27 22.42 49.28
CA PRO T 138 108.52 22.07 50.51
C PRO T 138 107.03 22.41 50.38
N GLY T 139 106.15 21.46 50.69
CA GLY T 139 104.72 21.65 50.61
C GLY T 139 104.13 20.93 49.41
N ASN T 140 104.88 20.89 48.31
CA ASN T 140 104.45 20.13 47.11
C ASN T 140 104.17 18.65 47.39
N TYR T 141 103.33 18.09 46.56
CA TYR T 141 102.92 16.70 46.68
C TYR T 141 103.59 15.86 45.58
N ILE T 142 103.90 14.61 45.92
CA ILE T 142 104.50 13.68 44.97
C ILE T 142 103.65 12.41 44.91
N TYR T 143 103.00 12.19 43.77
CA TYR T 143 102.06 11.04 43.64
C TYR T 143 102.74 9.83 43.07
N ILE T 144 102.48 8.68 43.68
CA ILE T 144 103.08 7.41 43.25
C ILE T 144 102.01 6.34 43.13
N ASP T 145 102.08 5.57 42.05
CA ASP T 145 101.11 4.54 41.79
C ASP T 145 99.69 4.88 41.30
N ASP T 146 99.61 5.71 40.27
CA ASP T 146 98.31 6.17 39.82
C ASP T 146 97.79 7.37 40.64
N GLY T 147 98.68 7.95 41.44
CA GLY T 147 98.28 9.00 42.45
C GLY T 147 97.71 8.40 43.76
N ILE T 148 97.85 7.09 43.94
CA ILE T 148 97.26 6.40 45.09
C ILE T 148 98.00 6.73 46.37
N LEU T 149 99.33 6.73 46.28
CA LEU T 149 100.18 7.02 47.43
C LEU T 149 100.57 8.47 47.29
N ILE T 150 100.25 9.26 48.31
CA ILE T 150 100.54 10.69 48.22
C ILE T 150 101.58 11.01 49.27
N LEU T 151 102.79 11.30 48.82
CA LEU T 151 103.84 11.72 49.71
C LEU T 151 103.81 13.25 49.67
N GLN T 152 104.11 13.88 50.81
CA GLN T 152 104.36 15.32 50.81
C GLN T 152 105.81 15.71 51.12
N VAL T 153 106.33 16.61 50.31
CA VAL T 153 107.69 17.07 50.43
C VAL T 153 107.88 18.00 51.63
N GLN T 154 108.84 17.63 52.51
CA GLN T 154 109.08 18.40 53.71
C GLN T 154 110.33 19.26 53.52
N SER T 155 111.42 18.64 53.02
CA SER T 155 112.67 19.35 52.89
C SER T 155 113.62 18.63 51.95
N HIS T 156 114.69 19.34 51.61
CA HIS T 156 115.82 18.79 50.89
C HIS T 156 116.77 18.23 51.93
N GLU T 157 116.75 16.91 52.15
CA GLU T 157 117.83 16.26 52.92
C GLU T 157 119.18 16.60 52.33
N ASP T 158 119.32 16.46 51.00
CA ASP T 158 120.53 16.93 50.32
C ASP T 158 120.23 17.32 48.87
N GLU T 159 121.26 17.50 48.07
CA GLU T 159 121.00 17.96 46.73
C GLU T 159 120.29 16.97 45.79
N GLN T 160 120.20 15.69 46.20
CA GLN T 160 119.57 14.63 45.42
C GLN T 160 118.47 13.89 46.16
N THR T 161 118.17 14.29 47.38
CA THR T 161 117.30 13.50 48.21
C THR T 161 116.31 14.42 48.89
N LEU T 162 115.05 14.00 48.90
CA LEU T 162 113.97 14.75 49.52
C LEU T 162 113.45 13.98 50.72
N GLU T 163 113.32 14.65 51.86
CA GLU T 163 112.65 14.07 53.02
C GLU T 163 111.15 14.23 52.76
N CYS T 164 110.39 13.15 52.85
CA CYS T 164 108.94 13.20 52.61
C CYS T 164 108.15 12.70 53.81
N THR T 165 106.94 13.23 54.01
CA THR T 165 105.91 12.58 54.84
C THR T 165 105.04 11.65 54.00
N VAL T 166 104.68 10.49 54.51
CA VAL T 166 103.66 9.68 53.88
C VAL T 166 102.22 10.11 54.36
N THR T 167 101.40 10.64 53.43
CA THR T 167 100.08 11.19 53.84
C THR T 167 98.97 10.14 53.92
N ASN T 168 99.16 9.00 53.25
CA ASN T 168 98.16 7.91 53.31
C ASN T 168 98.82 6.57 53.05
N SER T 169 98.25 5.52 53.62
CA SER T 169 98.88 4.20 53.64
C SER T 169 98.72 3.57 52.27
N HIS T 170 99.72 2.83 51.84
CA HIS T 170 99.62 2.10 50.59
C HIS T 170 100.91 1.29 50.37
N THR T 171 100.74 0.04 50.00
CA THR T 171 101.86 -0.79 49.63
C THR T 171 102.14 -0.49 48.15
N ILE T 172 103.41 -0.24 47.83
CA ILE T 172 103.81 -0.01 46.44
C ILE T 172 104.86 -1.02 45.96
N SER T 173 104.68 -1.56 44.76
CA SER T 173 105.66 -2.52 44.20
C SER T 173 106.67 -1.80 43.29
N ASP T 174 107.55 -2.57 42.64
CA ASP T 174 108.60 -2.00 41.77
C ASP T 174 108.11 -1.08 40.68
N ARG T 175 108.83 0.03 40.54
CA ARG T 175 108.75 0.87 39.34
C ARG T 175 107.41 1.50 39.04
N ARG T 176 106.76 2.08 40.05
CA ARG T 176 105.52 2.79 39.78
C ARG T 176 105.73 4.17 39.13
N GLY T 177 104.71 4.64 38.42
CA GLY T 177 104.80 5.95 37.79
C GLY T 177 104.60 7.03 38.81
N VAL T 178 105.21 8.17 38.62
CA VAL T 178 104.97 9.20 39.57
C VAL T 178 104.41 10.41 38.82
N ASN T 179 103.65 11.23 39.55
CA ASN T 179 103.27 12.54 39.01
C ASN T 179 103.64 13.63 39.93
N LEU T 180 103.57 14.87 39.44
CA LEU T 180 104.02 16.04 40.16
C LEU T 180 103.02 17.22 39.95
N PRO T 181 101.87 17.21 40.67
CA PRO T 181 100.83 18.08 40.20
C PRO T 181 101.06 19.57 40.30
N GLY T 182 101.90 20.03 41.19
CA GLY T 182 102.12 21.47 41.29
C GLY T 182 103.48 21.78 40.68
N CYS T 183 103.89 20.93 39.75
CA CYS T 183 105.28 20.98 39.31
C CYS T 183 105.37 21.00 37.83
N ASP T 184 106.25 21.88 37.36
CA ASP T 184 106.53 21.99 35.96
C ASP T 184 107.59 20.96 35.60
N VAL T 185 107.14 19.86 35.03
CA VAL T 185 108.06 18.77 34.71
C VAL T 185 108.80 19.11 33.44
N ASP T 186 110.11 18.90 33.42
CA ASP T 186 110.92 19.36 32.25
C ASP T 186 111.69 18.27 31.52
N LEU T 187 111.14 17.09 31.52
CA LEU T 187 111.57 16.10 30.61
C LEU T 187 111.52 16.64 29.19
N PRO T 188 112.40 16.15 28.37
CA PRO T 188 112.40 16.47 26.95
C PRO T 188 111.10 16.06 26.32
N ALA T 189 110.78 16.63 25.19
CA ALA T 189 109.50 16.40 24.56
C ALA T 189 109.45 14.98 24.10
N VAL T 190 110.57 14.52 23.63
CA VAL T 190 110.72 13.23 23.02
C VAL T 190 111.81 12.41 23.70
N SER T 191 111.45 11.26 24.21
CA SER T 191 112.41 10.35 24.77
C SER T 191 113.26 9.66 23.70
N ALA T 192 114.25 8.91 24.13
CA ALA T 192 115.05 8.17 23.19
C ALA T 192 114.25 7.08 22.50
N LYS T 193 113.40 6.41 23.22
CA LYS T 193 112.52 5.46 22.59
C LYS T 193 111.55 6.10 21.60
N ASP T 194 111.00 7.26 21.95
CA ASP T 194 110.13 8.01 21.07
C ASP T 194 110.84 8.31 19.77
N ARG T 195 112.09 8.72 19.86
CA ARG T 195 112.85 9.08 18.71
C ARG T 195 112.92 7.92 17.78
N VAL T 196 113.10 6.74 18.32
CA VAL T 196 113.11 5.57 17.54
C VAL T 196 111.68 5.36 17.21
N ASP T 197 110.78 5.90 18.04
CA ASP T 197 109.39 5.67 17.79
C ASP T 197 108.86 6.51 16.66
N LEU T 198 109.27 7.77 16.61
CA LEU T 198 108.91 8.66 15.53
C LEU T 198 109.43 8.25 14.18
N GLN T 199 110.67 7.80 14.12
CA GLN T 199 111.24 7.37 12.87
C GLN T 199 110.51 6.18 12.27
N PHE T 200 110.11 5.26 13.13
CA PHE T 200 109.39 4.07 12.73
C PHE T 200 108.07 4.45 12.13
N GLY T 201 107.42 5.43 12.72
CA GLY T 201 106.16 5.91 12.24
C GLY T 201 106.23 6.50 10.87
N VAL T 202 107.29 7.24 10.62
CA VAL T 202 107.56 7.77 9.31
C VAL T 202 107.80 6.67 8.29
N GLU T 203 108.59 5.69 8.67
CA GLU T 203 108.95 4.56 7.83
C GLU T 203 107.76 3.73 7.43
N GLN T 204 106.84 3.50 8.34
CA GLN T 204 105.70 2.67 8.05
C GLN T 204 104.57 3.51 7.54
N GLY T 205 104.86 4.77 7.28
CA GLY T 205 103.89 5.67 6.72
C GLY T 205 102.61 5.95 7.47
N VAL T 206 102.69 6.15 8.77
CA VAL T 206 101.53 6.53 9.55
C VAL T 206 101.00 7.91 9.21
N ASP T 207 99.70 8.05 9.32
CA ASP T 207 99.00 9.30 9.13
C ASP T 207 99.18 10.44 10.14
N MET T 208 99.15 10.15 11.42
CA MET T 208 99.25 11.16 12.45
C MET T 208 99.99 10.68 13.69
N ILE T 209 100.48 11.62 14.48
CA ILE T 209 101.08 11.33 15.74
C ILE T 209 100.23 11.91 16.84
N PHE T 210 99.90 11.12 17.82
CA PHE T 210 99.31 11.68 18.99
C PHE T 210 100.44 11.90 19.95
N ALA T 211 100.87 13.12 20.10
CA ALA T 211 102.05 13.38 20.87
C ALA T 211 101.73 13.56 22.34
N SER T 212 102.16 12.62 23.14
CA SER T 212 101.94 12.63 24.56
C SER T 212 102.61 13.73 25.32
N PHE T 213 101.97 14.10 26.40
CA PHE T 213 102.48 15.00 27.36
C PHE T 213 103.02 16.34 26.75
N ILE T 214 102.33 17.14 25.85
CA ILE T 214 102.92 18.30 25.26
C ILE T 214 102.83 19.44 26.26
N ARG T 215 103.95 19.81 26.87
CA ARG T 215 104.14 21.05 27.63
C ARG T 215 104.19 22.40 26.89
N SER T 216 104.67 22.41 25.66
CA SER T 216 105.02 23.64 24.96
C SER T 216 104.98 23.65 23.43
N ALA T 217 104.93 24.84 22.88
CA ALA T 217 105.03 25.09 21.46
C ALA T 217 106.37 24.69 20.90
N GLU T 218 107.40 24.89 21.70
CA GLU T 218 108.75 24.50 21.36
C GLU T 218 108.89 23.00 21.21
N GLN T 219 108.22 22.25 22.06
CA GLN T 219 108.20 20.81 22.02
C GLN T 219 107.55 20.26 20.78
N VAL T 220 106.50 20.87 20.31
CA VAL T 220 105.84 20.45 19.09
C VAL T 220 106.82 20.60 17.96
N GLY T 221 107.54 21.69 17.95
CA GLY T 221 108.52 21.93 16.91
C GLY T 221 109.58 20.88 16.91
N ASP T 222 110.00 20.47 18.09
CA ASP T 222 110.95 19.41 18.21
C ASP T 222 110.41 18.11 17.66
N VAL T 223 109.14 17.85 17.86
CA VAL T 223 108.51 16.71 17.24
C VAL T 223 108.47 16.77 15.72
N ARG T 224 108.18 17.94 15.20
CA ARG T 224 108.07 18.17 13.78
C ARG T 224 109.41 17.90 13.16
N LYS T 225 110.44 18.29 13.88
CA LYS T 225 111.81 18.21 13.46
C LYS T 225 112.36 16.80 13.49
N ALA T 226 111.98 16.04 14.49
CA ALA T 226 112.30 14.64 14.56
C ALA T 226 111.64 13.85 13.44
N LEU T 227 110.45 14.23 13.05
CA LEU T 227 109.79 13.57 11.96
C LEU T 227 110.56 13.79 10.69
N GLY T 228 111.12 14.97 10.56
CA GLY T 228 111.95 15.31 9.43
C GLY T 228 111.22 15.72 8.17
N PRO T 229 111.97 15.81 7.08
CA PRO T 229 111.44 16.07 5.75
C PRO T 229 110.55 14.98 5.22
N LYS T 230 110.93 13.74 5.45
CA LYS T 230 110.17 12.60 5.01
C LYS T 230 108.83 12.60 5.70
N GLY T 231 108.80 13.21 6.87
CA GLY T 231 107.64 13.22 7.72
C GLY T 231 106.79 14.44 7.73
N ARG T 232 106.99 15.34 6.79
CA ARG T 232 106.38 16.65 6.80
C ARG T 232 104.88 16.71 6.70
N ASP T 233 104.27 15.73 6.06
CA ASP T 233 102.84 15.74 5.91
C ASP T 233 102.11 14.93 6.96
N ILE T 234 102.82 14.47 7.97
CA ILE T 234 102.18 13.78 9.06
C ILE T 234 101.69 14.80 10.03
N MET T 235 100.46 14.64 10.47
CA MET T 235 99.81 15.55 11.39
C MET T 235 100.29 15.34 12.81
N ILE T 236 100.60 16.40 13.52
CA ILE T 236 100.91 16.26 14.92
C ILE T 236 99.75 16.72 15.79
N ILE T 237 99.09 15.77 16.41
CA ILE T 237 98.00 16.03 17.30
C ILE T 237 98.51 16.09 18.73
N CYS T 238 98.33 17.20 19.41
CA CYS T 238 98.91 17.35 20.72
C CYS T 238 98.01 17.03 21.89
N LYS T 239 98.37 16.03 22.65
CA LYS T 239 97.66 15.63 23.82
C LYS T 239 97.93 16.56 24.99
N ILE T 240 96.88 17.06 25.61
CA ILE T 240 97.02 17.94 26.74
C ILE T 240 96.73 17.11 27.94
N GLU T 241 97.74 16.82 28.73
CA GLU T 241 97.58 15.91 29.85
C GLU T 241 98.04 16.50 31.17
N ASN T 242 98.70 17.64 31.15
CA ASN T 242 99.14 18.32 32.37
C ASN T 242 98.91 19.82 32.49
N HIS T 243 99.40 20.39 33.56
CA HIS T 243 99.22 21.79 33.85
C HIS T 243 99.82 22.76 32.85
N GLN T 244 101.05 22.52 32.48
CA GLN T 244 101.76 23.34 31.55
C GLN T 244 101.11 23.35 30.18
N GLY T 245 100.66 22.20 29.75
CA GLY T 245 99.98 22.11 28.49
C GLY T 245 98.72 22.92 28.46
N VAL T 246 97.93 22.88 29.51
CA VAL T 246 96.75 23.70 29.58
C VAL T 246 97.09 25.18 29.57
N GLN T 247 98.10 25.55 30.31
CA GLN T 247 98.48 26.92 30.43
C GLN T 247 98.93 27.48 29.11
N ASN T 248 99.60 26.67 28.33
CA ASN T 248 100.20 27.08 27.07
C ASN T 248 99.39 26.75 25.85
N ILE T 249 98.10 26.59 26.02
CA ILE T 249 97.25 26.06 24.98
C ILE T 249 97.16 26.84 23.68
N ASP T 250 97.11 28.16 23.72
CA ASP T 250 97.04 28.92 22.50
C ASP T 250 98.25 28.75 21.61
N SER T 251 99.42 28.85 22.19
CA SER T 251 100.63 28.61 21.47
C SER T 251 100.80 27.18 20.98
N ILE T 252 100.38 26.21 21.77
CA ILE T 252 100.37 24.85 21.35
C ILE T 252 99.40 24.60 20.21
N ILE T 253 98.24 25.18 20.28
CA ILE T 253 97.26 25.04 19.26
C ILE T 253 97.80 25.64 17.96
N GLU T 254 98.48 26.76 18.02
CA GLU T 254 99.11 27.38 16.87
C GLU T 254 100.06 26.45 16.14
N GLU T 255 101.00 25.88 16.88
CA GLU T 255 101.97 24.93 16.36
C GLU T 255 101.44 23.60 15.85
N SER T 256 100.42 23.10 16.51
CA SER T 256 99.86 21.81 16.24
C SER T 256 98.96 21.74 15.03
N ASP T 257 98.58 20.54 14.65
CA ASP T 257 97.55 20.30 13.70
C ASP T 257 96.24 19.92 14.37
N GLY T 258 96.24 19.78 15.67
CA GLY T 258 95.07 19.42 16.42
C GLY T 258 95.39 19.10 17.86
N ILE T 259 94.36 18.86 18.63
CA ILE T 259 94.46 18.64 20.05
C ILE T 259 93.71 17.41 20.48
N MET T 260 94.26 16.75 21.47
CA MET T 260 93.57 15.77 22.25
C MET T 260 93.38 16.19 23.70
N VAL T 261 92.18 16.08 24.21
CA VAL T 261 91.92 16.34 25.58
C VAL T 261 92.10 15.05 26.33
N ALA T 262 93.31 14.81 26.81
CA ALA T 262 93.71 13.53 27.32
C ALA T 262 93.32 13.42 28.77
N ARG T 263 92.10 13.02 28.98
CA ARG T 263 91.49 13.10 30.26
C ARG T 263 92.09 12.25 31.36
N GLY T 264 92.55 11.05 31.05
CA GLY T 264 93.11 10.23 32.09
C GLY T 264 94.33 10.74 32.82
N ASP T 265 95.36 11.13 32.13
CA ASP T 265 96.46 11.85 32.73
C ASP T 265 96.10 13.24 33.31
N LEU T 266 95.27 14.00 32.59
CA LEU T 266 94.88 15.34 32.97
C LEU T 266 94.14 15.37 34.29
N GLY T 267 93.38 14.33 34.47
CA GLY T 267 92.61 14.05 35.63
C GLY T 267 93.35 13.87 36.91
N VAL T 268 94.52 13.25 36.92
CA VAL T 268 95.47 13.25 38.01
C VAL T 268 96.21 14.55 38.21
N GLU T 269 96.69 15.07 37.10
CA GLU T 269 97.49 16.28 37.10
C GLU T 269 96.72 17.49 37.57
N ILE T 270 95.48 17.54 37.23
CA ILE T 270 94.71 18.68 37.48
C ILE T 270 93.63 17.97 38.19
N PRO T 271 93.04 18.65 39.11
CA PRO T 271 91.91 18.10 39.81
C PRO T 271 90.83 18.02 38.78
N ALA T 272 90.16 16.91 39.00
CA ALA T 272 89.30 16.19 38.14
C ALA T 272 88.13 17.00 37.81
N GLU T 273 87.62 17.72 38.79
CA GLU T 273 86.51 18.62 38.60
C GLU T 273 86.84 19.75 37.64
N LYS T 274 88.14 19.99 37.47
CA LYS T 274 88.60 21.00 36.52
C LYS T 274 88.65 20.50 35.07
N VAL T 275 88.79 19.19 34.89
CA VAL T 275 88.89 18.62 33.56
C VAL T 275 87.70 19.05 32.73
N VAL T 276 86.54 19.24 33.34
CA VAL T 276 85.37 19.70 32.63
C VAL T 276 85.51 21.09 32.03
N VAL T 277 86.03 22.04 32.78
CA VAL T 277 86.34 23.36 32.27
C VAL T 277 87.41 23.33 31.20
N ALA T 278 88.42 22.53 31.41
CA ALA T 278 89.43 22.36 30.41
C ALA T 278 88.88 21.76 29.12
N GLN T 279 87.97 20.82 29.21
CA GLN T 279 87.37 20.25 28.03
C GLN T 279 86.58 21.26 27.22
N LYS T 280 85.75 22.03 27.89
CA LYS T 280 85.04 23.05 27.22
C LYS T 280 85.93 24.07 26.63
N ILE T 281 86.94 24.55 27.32
CA ILE T 281 87.80 25.53 26.73
C ILE T 281 88.60 25.05 25.56
N LEU T 282 89.21 23.90 25.67
CA LEU T 282 90.08 23.40 24.63
C LEU T 282 89.38 23.06 23.32
N ILE T 283 88.21 22.48 23.44
CA ILE T 283 87.40 22.15 22.32
C ILE T 283 86.96 23.40 21.59
N SER T 284 86.53 24.38 22.33
CA SER T 284 86.10 25.62 21.75
C SER T 284 87.20 26.34 21.04
N LYS T 285 88.38 26.41 21.62
CA LYS T 285 89.50 27.06 21.01
C LYS T 285 89.93 26.36 19.71
N CYS T 286 89.86 25.05 19.70
CA CYS T 286 90.07 24.27 18.51
C CYS T 286 89.01 24.50 17.45
N ASN T 287 87.75 24.61 17.85
CA ASN T 287 86.70 24.89 16.91
C ASN T 287 86.86 26.25 16.27
N VAL T 288 87.20 27.24 17.06
CA VAL T 288 87.40 28.57 16.57
C VAL T 288 88.59 28.64 15.64
N ALA T 289 89.65 27.94 15.99
CA ALA T 289 90.84 27.86 15.16
C ALA T 289 90.74 27.02 13.87
N GLY T 290 89.69 26.26 13.71
CA GLY T 290 89.56 25.22 12.71
C GLY T 290 90.47 24.01 12.71
N LYS T 291 90.78 23.47 13.88
CA LYS T 291 91.62 22.30 13.97
C LYS T 291 90.90 21.23 14.74
N PRO T 292 91.16 19.99 14.37
CA PRO T 292 90.47 18.83 14.93
C PRO T 292 90.73 18.66 16.42
N VAL T 293 89.73 18.30 17.18
CA VAL T 293 89.85 18.12 18.61
C VAL T 293 89.22 16.82 19.07
N ILE T 294 89.92 16.11 19.93
CA ILE T 294 89.53 14.80 20.39
C ILE T 294 89.29 14.75 21.90
N CYS T 295 88.17 14.16 22.28
CA CYS T 295 87.85 13.88 23.65
C CYS T 295 88.15 12.44 23.99
N ALA T 296 88.98 12.27 25.00
CA ALA T 296 89.54 11.00 25.35
C ALA T 296 89.39 10.57 26.80
N THR T 297 89.25 9.26 26.97
CA THR T 297 89.50 8.47 28.17
C THR T 297 88.28 8.25 29.08
N GLN T 298 88.02 7.01 29.42
CA GLN T 298 86.97 6.59 30.34
C GLN T 298 85.59 6.94 29.83
N MET T 299 85.48 7.21 28.55
CA MET T 299 84.22 7.58 27.96
C MET T 299 83.17 6.49 28.06
N LEU T 300 83.54 5.27 27.79
CA LEU T 300 82.62 4.17 28.00
C LEU T 300 83.30 3.04 28.74
N GLU T 301 83.90 3.37 29.87
CA GLU T 301 84.77 2.48 30.61
C GLU T 301 84.19 1.15 31.08
N SER T 302 82.96 1.13 31.54
CA SER T 302 82.33 -0.03 32.11
C SER T 302 82.08 -1.09 31.06
N MET T 303 82.14 -0.68 29.82
CA MET T 303 81.88 -1.51 28.69
C MET T 303 83.12 -2.28 28.33
N THR T 304 84.17 -2.07 29.07
CA THR T 304 85.33 -2.90 29.02
C THR T 304 84.90 -4.26 29.50
N TYR T 305 83.96 -4.29 30.42
CA TYR T 305 83.54 -5.55 30.98
C TYR T 305 82.07 -5.88 30.84
N ASN T 306 81.25 -4.90 30.51
CA ASN T 306 79.83 -5.13 30.42
C ASN T 306 79.28 -4.82 29.06
N PRO T 307 78.20 -5.48 28.73
CA PRO T 307 77.52 -5.30 27.47
C PRO T 307 76.89 -3.92 27.29
N ARG T 308 76.56 -3.26 28.38
CA ARG T 308 75.86 -2.00 28.38
C ARG T 308 76.55 -0.96 29.24
N PRO T 309 76.47 0.30 28.84
CA PRO T 309 77.08 1.40 29.56
C PRO T 309 76.27 1.92 30.71
N THR T 310 76.94 2.63 31.61
CA THR T 310 76.31 3.41 32.64
C THR T 310 75.68 4.70 32.12
N ARG T 311 74.78 5.28 32.89
CA ARG T 311 74.15 6.52 32.52
C ARG T 311 75.12 7.66 32.39
N ALA T 312 76.08 7.73 33.30
CA ALA T 312 77.09 8.76 33.26
C ALA T 312 77.93 8.67 32.00
N GLU T 313 78.20 7.47 31.55
CA GLU T 313 78.96 7.28 30.35
C GLU T 313 78.28 7.75 29.08
N VAL T 314 77.02 7.42 28.94
CA VAL T 314 76.23 7.81 27.81
C VAL T 314 76.15 9.30 27.79
N SER T 315 75.90 9.89 28.93
CA SER T 315 75.86 11.33 29.01
C SER T 315 77.18 11.94 28.60
N ASP T 316 78.27 11.33 28.99
CA ASP T 316 79.58 11.79 28.62
C ASP T 316 79.85 11.79 27.10
N VAL T 317 79.50 10.75 26.38
CA VAL T 317 79.75 10.78 24.93
C VAL T 317 78.95 11.88 24.25
N ALA T 318 77.71 12.03 24.68
CA ALA T 318 76.82 13.03 24.16
C ALA T 318 77.24 14.48 24.38
N ASN T 319 77.63 14.81 25.60
CA ASN T 319 78.15 16.10 25.95
C ASN T 319 79.43 16.46 25.25
N ALA T 320 80.27 15.50 24.95
CA ALA T 320 81.46 15.79 24.16
C ALA T 320 81.14 16.30 22.75
N VAL T 321 80.14 15.72 22.13
CA VAL T 321 79.62 16.17 20.85
C VAL T 321 79.00 17.54 20.93
N PHE T 322 78.20 17.78 21.97
CA PHE T 322 77.61 19.06 22.25
C PHE T 322 78.70 20.09 22.49
N ASN T 323 79.79 19.66 23.09
CA ASN T 323 80.92 20.50 23.40
C ASN T 323 81.55 21.01 22.10
N GLY T 324 81.37 20.25 21.03
CA GLY T 324 81.98 20.57 19.78
C GLY T 324 83.14 19.75 19.27
N ALA T 325 83.38 18.61 19.85
CA ALA T 325 84.46 17.75 19.45
C ALA T 325 84.33 17.09 18.08
N ASP T 326 85.41 17.08 17.34
CA ASP T 326 85.49 16.31 16.14
C ASP T 326 85.39 14.81 16.41
N CYS T 327 86.10 14.34 17.43
CA CYS T 327 86.27 12.92 17.72
C CYS T 327 86.07 12.48 19.17
N VAL T 328 85.58 11.28 19.33
CA VAL T 328 85.60 10.63 20.62
C VAL T 328 86.50 9.42 20.48
N MET T 329 87.02 8.95 21.60
CA MET T 329 88.04 7.95 21.60
C MET T 329 87.76 6.79 22.52
N LEU T 330 88.27 5.63 22.15
CA LEU T 330 88.16 4.44 22.96
C LEU T 330 89.53 3.92 23.28
N SER T 331 89.74 3.59 24.53
CA SER T 331 91.05 3.15 24.94
C SER T 331 91.13 1.69 25.33
N GLY T 332 90.92 1.41 26.59
CA GLY T 332 90.88 0.08 27.12
C GLY T 332 89.71 -0.73 26.64
N GLU T 333 88.61 -0.05 26.39
CA GLU T 333 87.37 -0.66 25.97
C GLU T 333 87.57 -1.43 24.66
N THR T 334 88.44 -0.96 23.79
CA THR T 334 88.82 -1.70 22.60
C THR T 334 90.18 -2.40 22.65
N ALA T 335 91.11 -1.93 23.44
CA ALA T 335 92.37 -2.58 23.57
C ALA T 335 92.32 -3.93 24.25
N LYS T 336 91.66 -3.99 25.40
CA LYS T 336 91.60 -5.20 26.20
C LYS T 336 90.22 -5.69 26.61
N GLY T 337 89.19 -5.04 26.11
CA GLY T 337 87.83 -5.29 26.48
C GLY T 337 87.17 -6.54 25.97
N LYS T 338 86.10 -6.93 26.64
CA LYS T 338 85.15 -7.94 26.27
C LYS T 338 84.27 -7.68 25.05
N TYR T 339 83.83 -6.45 24.85
CA TYR T 339 82.84 -6.18 23.84
C TYR T 339 83.23 -5.06 22.92
N PRO T 340 84.28 -5.27 22.16
CA PRO T 340 84.80 -4.22 21.32
C PRO T 340 83.84 -3.72 20.28
N ASN T 341 83.18 -4.59 19.54
CA ASN T 341 82.20 -4.18 18.57
C ASN T 341 81.02 -3.45 19.17
N GLU T 342 80.50 -3.97 20.26
CA GLU T 342 79.39 -3.35 20.92
C GLU T 342 79.69 -1.96 21.48
N VAL T 343 80.87 -1.77 22.03
CA VAL T 343 81.19 -0.49 22.59
C VAL T 343 81.24 0.58 21.51
N VAL T 344 81.84 0.27 20.40
CA VAL T 344 81.87 1.14 19.27
C VAL T 344 80.51 1.41 18.72
N GLN T 345 79.68 0.40 18.62
CA GLN T 345 78.34 0.57 18.12
C GLN T 345 77.57 1.47 19.02
N TYR T 346 77.73 1.32 20.33
CA TYR T 346 77.08 2.20 21.29
C TYR T 346 77.53 3.63 21.18
N MET T 347 78.81 3.84 21.00
CA MET T 347 79.30 5.17 20.88
C MET T 347 78.79 5.86 19.64
N ALA T 348 78.71 5.14 18.54
CA ALA T 348 78.22 5.70 17.30
C ALA T 348 76.78 6.10 17.39
N ARG T 349 76.00 5.28 18.04
CA ARG T 349 74.61 5.50 18.24
C ARG T 349 74.33 6.73 19.10
N ILE T 350 75.07 6.91 20.17
CA ILE T 350 74.98 8.08 21.02
C ILE T 350 75.37 9.35 20.29
N CYS T 351 76.39 9.25 19.49
CA CYS T 351 76.86 10.37 18.71
C CYS T 351 75.80 10.81 17.73
N LEU T 352 75.13 9.88 17.09
CA LEU T 352 74.06 10.22 16.18
C LEU T 352 72.87 10.87 16.83
N GLU T 353 72.51 10.40 18.00
CA GLU T 353 71.45 10.96 18.77
C GLU T 353 71.71 12.39 19.24
N ALA T 354 72.92 12.65 19.73
CA ALA T 354 73.31 13.99 20.17
C ALA T 354 73.30 14.98 19.04
N GLN T 355 73.64 14.48 17.86
CA GLN T 355 73.70 15.22 16.63
C GLN T 355 72.34 15.75 16.27
N SER T 356 71.28 15.03 16.54
CA SER T 356 69.96 15.55 16.34
C SER T 356 69.66 16.74 17.19
N ALA T 357 70.05 16.68 18.45
CA ALA T 357 69.87 17.74 19.40
C ALA T 357 70.76 18.91 19.10
N LEU T 358 71.81 18.70 18.32
CA LEU T 358 72.81 19.71 18.10
C LEU T 358 72.21 20.81 17.28
N ASN T 359 72.45 22.03 17.66
CA ASN T 359 72.02 23.14 16.85
C ASN T 359 73.16 23.56 15.98
N GLU T 360 73.22 22.99 14.79
CA GLU T 360 74.29 23.21 13.84
C GLU T 360 74.34 24.63 13.37
N TYR T 361 73.18 25.24 13.24
CA TYR T 361 73.06 26.62 12.83
C TYR T 361 73.64 27.65 13.78
N VAL T 362 73.36 27.51 15.06
CA VAL T 362 73.88 28.42 16.07
C VAL T 362 75.37 28.30 16.11
N PHE T 363 75.83 27.08 16.02
CA PHE T 363 77.23 26.75 15.96
C PHE T 363 77.92 27.41 14.79
N PHE T 364 77.28 27.45 13.63
CA PHE T 364 77.86 28.12 12.46
C PHE T 364 78.05 29.63 12.68
N ASN T 365 77.02 30.27 13.15
CA ASN T 365 77.03 31.67 13.45
C ASN T 365 77.98 32.06 14.57
N SER T 366 78.04 31.24 15.60
CA SER T 366 78.90 31.50 16.70
C SER T 366 80.33 31.48 16.30
N ILE T 367 80.69 30.50 15.49
CA ILE T 367 82.04 30.35 14.99
C ILE T 367 82.45 31.49 14.08
N LYS T 368 81.54 31.88 13.23
CA LYS T 368 81.68 32.93 12.25
C LYS T 368 81.95 34.29 12.88
N LYS T 369 81.26 34.61 13.96
CA LYS T 369 81.49 35.84 14.70
C LYS T 369 82.84 35.91 15.31
N LEU T 370 83.44 34.79 15.63
CA LEU T 370 84.73 34.77 16.28
C LEU T 370 85.96 34.90 15.41
N GLN T 371 85.76 34.88 14.11
CA GLN T 371 86.84 35.03 13.17
C GLN T 371 87.19 36.48 12.96
N HIS T 372 88.49 36.74 12.86
CA HIS T 372 88.99 38.11 12.71
C HIS T 372 88.81 38.61 11.28
N ILE T 373 88.35 39.84 11.14
CA ILE T 373 88.13 40.46 9.84
C ILE T 373 89.15 41.57 9.59
N PRO T 374 89.78 41.53 8.41
CA PRO T 374 89.50 40.48 7.42
C PRO T 374 90.19 39.17 7.77
N MET T 375 90.01 38.16 6.92
CA MET T 375 90.63 36.86 7.14
C MET T 375 91.34 36.36 5.89
N SER T 376 90.61 35.65 5.04
CA SER T 376 91.17 35.11 3.80
C SER T 376 90.08 34.77 2.81
N ALA T 377 90.35 34.98 1.53
CA ALA T 377 89.40 34.69 0.48
C ALA T 377 88.83 33.30 0.50
N ASP T 378 89.65 32.29 0.68
CA ASP T 378 89.15 30.94 0.84
C ASP T 378 88.28 30.73 2.07
N GLU T 379 88.64 31.36 3.17
CA GLU T 379 87.82 31.26 4.37
C GLU T 379 86.44 31.87 4.22
N ALA T 380 86.36 33.01 3.57
CA ALA T 380 85.09 33.61 3.28
C ALA T 380 84.24 32.72 2.34
N VAL T 381 84.90 32.09 1.41
CA VAL T 381 84.23 31.24 0.45
C VAL T 381 83.60 30.09 1.17
N CYS T 382 84.32 29.47 2.08
CA CYS T 382 83.79 28.38 2.85
C CYS T 382 82.68 28.75 3.79
N SER T 383 82.82 29.83 4.50
CA SER T 383 81.80 30.29 5.39
C SER T 383 80.52 30.73 4.69
N SER T 384 80.65 31.54 3.70
CA SER T 384 79.51 31.93 2.93
C SER T 384 78.87 30.74 2.19
N ALA T 385 79.66 29.78 1.76
CA ALA T 385 79.12 28.60 1.09
C ALA T 385 78.24 27.75 1.97
N VAL T 386 78.62 27.62 3.23
CA VAL T 386 77.82 27.01 4.27
C VAL T 386 76.56 27.82 4.53
N ASN T 387 76.68 29.12 4.51
CA ASN T 387 75.54 29.99 4.70
C ASN T 387 74.53 29.74 3.58
N SER T 388 75.05 29.49 2.39
CA SER T 388 74.28 29.08 1.25
C SER T 388 73.60 27.78 1.51
N VAL T 389 74.26 26.87 2.19
CA VAL T 389 73.65 25.62 2.47
C VAL T 389 72.43 25.81 3.33
N TYR T 390 72.54 26.59 4.38
CA TYR T 390 71.40 26.85 5.24
C TYR T 390 70.28 27.62 4.55
N GLU T 391 70.63 28.59 3.73
CA GLU T 391 69.66 29.36 2.98
C GLU T 391 68.83 28.59 1.96
N THR T 392 69.42 27.65 1.26
CA THR T 392 68.71 26.82 0.29
C THR T 392 68.20 25.48 0.80
N LYS T 393 68.60 25.13 1.99
CA LYS T 393 68.44 23.78 2.48
C LYS T 393 69.12 22.73 1.65
N ALA T 394 70.35 22.97 1.24
CA ALA T 394 71.11 22.04 0.47
C ALA T 394 71.44 20.78 1.22
N LYS T 395 71.34 19.65 0.55
CA LYS T 395 71.46 18.40 1.26
C LYS T 395 72.82 17.77 1.22
N ALA T 396 73.74 18.38 0.50
CA ALA T 396 75.11 17.95 0.44
C ALA T 396 76.05 19.03 0.01
N MET T 397 77.30 18.79 0.21
CA MET T 397 78.29 19.75 -0.08
C MET T 397 79.41 19.00 -0.72
N VAL T 398 80.07 19.57 -1.69
CA VAL T 398 81.25 18.96 -2.28
C VAL T 398 82.41 19.90 -2.28
N VAL T 399 83.56 19.47 -1.81
CA VAL T 399 84.75 20.29 -1.88
C VAL T 399 85.91 19.60 -2.47
N LEU T 400 86.72 20.33 -3.19
CA LEU T 400 87.94 19.79 -3.68
C LEU T 400 89.08 20.14 -2.76
N SER T 401 89.69 19.14 -2.16
CA SER T 401 90.92 19.33 -1.42
C SER T 401 91.95 18.24 -1.62
N ASN T 402 93.15 18.64 -1.98
CA ASN T 402 94.28 17.74 -2.05
C ASN T 402 95.12 17.63 -0.77
N THR T 403 95.45 18.76 -0.16
CA THR T 403 96.08 18.80 1.14
C THR T 403 95.15 18.40 2.25
N GLY T 404 93.87 18.56 2.04
CA GLY T 404 92.89 18.41 3.08
C GLY T 404 92.55 19.69 3.78
N ARG T 405 93.31 20.74 3.50
CA ARG T 405 93.09 22.06 4.07
C ARG T 405 91.68 22.59 3.77
N SER T 406 91.29 22.56 2.50
CA SER T 406 90.01 23.09 2.13
C SER T 406 88.92 22.40 2.86
N ALA T 407 89.01 21.11 3.01
CA ALA T 407 88.01 20.38 3.73
C ALA T 407 87.84 20.72 5.21
N ARG T 408 88.93 20.92 5.93
CA ARG T 408 88.85 21.34 7.32
C ARG T 408 88.20 22.70 7.46
N LEU T 409 88.53 23.60 6.55
CA LEU T 409 88.04 24.94 6.53
C LEU T 409 86.54 25.01 6.38
N VAL T 410 85.99 24.21 5.50
CA VAL T 410 84.57 24.02 5.40
C VAL T 410 83.84 23.36 6.56
N ALA T 411 84.40 22.29 7.06
CA ALA T 411 83.83 21.50 8.13
C ALA T 411 83.76 22.35 9.37
N LYS T 412 84.69 23.27 9.45
CA LYS T 412 84.82 24.19 10.53
C LYS T 412 83.56 25.02 10.71
N TYR T 413 82.84 25.24 9.64
CA TYR T 413 81.67 26.06 9.70
C TYR T 413 80.41 25.31 9.97
N ARG T 414 80.52 24.04 10.25
CA ARG T 414 79.36 23.28 10.70
C ARG T 414 78.06 23.37 9.87
N PRO T 415 78.12 22.94 8.62
CA PRO T 415 76.93 22.83 7.80
C PRO T 415 76.03 21.74 8.31
N ASN T 416 74.77 21.78 7.95
CA ASN T 416 73.85 20.79 8.48
C ASN T 416 73.62 19.60 7.53
N CYS T 417 74.59 19.39 6.70
CA CYS T 417 74.53 18.37 5.70
C CYS T 417 75.88 17.76 5.57
N PRO T 418 75.96 16.60 4.96
CA PRO T 418 77.24 15.94 4.75
C PRO T 418 78.16 16.74 3.88
N ILE T 419 79.44 16.64 4.11
CA ILE T 419 80.39 17.31 3.27
C ILE T 419 81.15 16.25 2.52
N VAL T 420 81.25 16.41 1.23
CA VAL T 420 81.94 15.39 0.48
C VAL T 420 83.17 15.96 -0.12
N CYS T 421 84.30 15.46 0.30
CA CYS T 421 85.57 15.92 -0.16
C CYS T 421 86.16 15.03 -1.25
N VAL T 422 86.61 15.62 -2.32
CA VAL T 422 87.18 14.86 -3.38
C VAL T 422 88.65 15.16 -3.41
N THR T 423 89.44 14.15 -3.20
CA THR T 423 90.86 14.34 -3.00
C THR T 423 91.69 13.48 -3.93
N THR T 424 92.84 13.98 -4.30
CA THR T 424 93.77 13.22 -5.08
C THR T 424 94.82 12.53 -4.26
N ARG T 425 94.72 12.58 -2.95
CA ARG T 425 95.66 11.90 -2.09
C ARG T 425 94.99 10.95 -1.13
N LEU T 426 95.40 9.71 -1.12
CA LEU T 426 94.86 8.72 -0.20
C LEU T 426 95.10 9.03 1.27
N GLN T 427 96.26 9.56 1.57
CA GLN T 427 96.60 9.96 2.90
C GLN T 427 95.69 11.04 3.40
N THR T 428 95.27 11.91 2.49
CA THR T 428 94.33 12.93 2.79
C THR T 428 93.03 12.32 3.20
N CYS T 429 92.62 11.25 2.54
CA CYS T 429 91.41 10.57 2.92
C CYS T 429 91.52 10.02 4.34
N ARG T 430 92.65 9.45 4.68
CA ARG T 430 92.85 9.01 6.03
C ARG T 430 92.91 10.12 7.06
N GLN T 431 93.65 11.18 6.76
CA GLN T 431 93.88 12.30 7.66
C GLN T 431 92.59 13.02 8.01
N LEU T 432 91.66 13.04 7.08
CA LEU T 432 90.36 13.63 7.22
C LEU T 432 89.42 12.82 8.07
N ASN T 433 89.86 11.66 8.50
CA ASN T 433 89.11 10.80 9.37
C ASN T 433 89.01 11.36 10.79
N ILE T 434 89.79 12.39 11.09
CA ILE T 434 89.62 13.10 12.35
C ILE T 434 88.84 14.39 12.25
N THR T 435 88.32 14.71 11.07
CA THR T 435 87.56 15.92 10.94
C THR T 435 86.10 15.57 10.93
N GLN T 436 85.30 16.18 11.78
CA GLN T 436 83.90 15.86 11.81
C GLN T 436 83.16 16.24 10.56
N GLY T 437 82.18 15.43 10.23
CA GLY T 437 81.24 15.71 9.19
C GLY T 437 81.72 15.63 7.77
N VAL T 438 82.82 14.93 7.55
CA VAL T 438 83.43 14.86 6.24
C VAL T 438 83.64 13.44 5.72
N GLU T 439 83.33 13.24 4.47
CA GLU T 439 83.57 11.98 3.80
C GLU T 439 84.42 12.19 2.58
N SER T 440 85.36 11.30 2.34
CA SER T 440 86.31 11.43 1.27
C SER T 440 86.10 10.48 0.09
N VAL T 441 86.29 11.00 -1.10
CA VAL T 441 86.30 10.23 -2.30
C VAL T 441 87.65 10.40 -2.94
N PHE T 442 88.38 9.33 -3.15
CA PHE T 442 89.67 9.43 -3.80
C PHE T 442 89.52 9.52 -5.33
N PHE T 443 90.23 10.42 -5.97
CA PHE T 443 90.26 10.58 -7.41
C PHE T 443 91.70 10.42 -7.82
N ASP T 444 91.96 9.40 -8.63
CA ASP T 444 93.30 9.03 -9.01
C ASP T 444 93.72 9.88 -10.17
N ALA T 445 94.55 10.85 -9.88
CA ALA T 445 94.95 11.79 -10.86
C ALA T 445 95.70 11.05 -11.95
N ASP T 446 96.49 10.06 -11.58
CA ASP T 446 97.32 9.37 -12.53
C ASP T 446 96.51 8.64 -13.59
N LYS T 447 95.61 7.82 -13.14
CA LYS T 447 94.71 7.13 -14.01
C LYS T 447 93.79 8.09 -14.76
N LEU T 448 93.21 9.07 -14.06
CA LEU T 448 92.19 9.92 -14.66
C LEU T 448 92.60 11.31 -15.05
N GLY T 449 93.85 11.66 -14.87
CA GLY T 449 94.25 12.99 -15.26
C GLY T 449 94.08 14.06 -14.20
N HIS T 450 94.71 15.19 -14.43
CA HIS T 450 94.80 16.30 -13.51
C HIS T 450 93.52 17.09 -13.28
N ASP T 451 92.55 16.96 -14.17
CA ASP T 451 91.24 17.55 -14.01
C ASP T 451 91.21 19.04 -13.71
N GLU T 452 91.93 19.81 -14.49
CA GLU T 452 92.09 21.24 -14.22
C GLU T 452 90.81 22.01 -14.31
N GLY T 453 89.85 21.56 -15.10
CA GLY T 453 88.60 22.26 -15.19
C GLY T 453 87.60 21.85 -14.15
N LYS T 454 87.96 20.82 -13.41
CA LYS T 454 87.35 20.44 -12.14
C LYS T 454 86.06 19.68 -12.31
N GLU T 455 85.62 19.51 -13.53
CA GLU T 455 84.39 18.83 -13.82
C GLU T 455 84.33 17.37 -13.41
N HIS T 456 85.40 16.63 -13.58
CA HIS T 456 85.42 15.25 -13.15
C HIS T 456 85.37 15.00 -11.67
N ARG T 457 86.19 15.72 -10.93
CA ARG T 457 86.22 15.58 -9.48
C ARG T 457 84.86 15.96 -8.97
N VAL T 458 84.30 17.00 -9.51
CA VAL T 458 82.99 17.40 -9.13
C VAL T 458 81.94 16.37 -9.41
N ALA T 459 81.99 15.71 -10.55
CA ALA T 459 81.04 14.68 -10.87
C ALA T 459 81.11 13.51 -9.89
N ALA T 460 82.32 13.13 -9.52
CA ALA T 460 82.57 12.05 -8.59
C ALA T 460 82.04 12.33 -7.20
N GLY T 461 82.25 13.53 -6.69
CA GLY T 461 81.68 13.88 -5.40
C GLY T 461 80.19 13.90 -5.41
N VAL T 462 79.60 14.44 -6.45
CA VAL T 462 78.16 14.40 -6.57
C VAL T 462 77.61 12.98 -6.67
N GLU T 463 78.27 12.13 -7.45
CA GLU T 463 77.84 10.75 -7.60
C GLU T 463 77.90 10.00 -6.31
N PHE T 464 78.96 10.23 -5.56
CA PHE T 464 79.09 9.62 -4.27
C PHE T 464 77.96 10.05 -3.38
N ALA T 465 77.58 11.30 -3.43
CA ALA T 465 76.47 11.80 -2.65
C ALA T 465 75.15 11.16 -3.03
N LYS T 466 74.95 10.93 -4.30
CA LYS T 466 73.79 10.21 -4.79
C LYS T 466 73.79 8.80 -4.29
N SER T 467 74.95 8.19 -4.37
CA SER T 467 75.11 6.82 -3.98
C SER T 467 74.82 6.54 -2.51
N LYS T 468 75.19 7.44 -1.61
CA LYS T 468 74.95 7.24 -0.20
C LYS T 468 73.58 7.75 0.14
N GLY T 469 72.89 8.31 -0.83
CA GLY T 469 71.55 8.77 -0.61
C GLY T 469 71.33 10.13 0.00
N TYR T 470 72.38 10.90 0.13
CA TYR T 470 72.28 12.25 0.64
C TYR T 470 71.48 13.13 -0.27
N VAL T 471 71.62 12.94 -1.58
CA VAL T 471 70.87 13.71 -2.57
C VAL T 471 70.09 12.93 -3.63
N GLN T 472 69.04 13.54 -4.13
CA GLN T 472 68.26 13.02 -5.24
C GLN T 472 68.12 14.18 -6.19
N THR T 473 67.52 13.90 -7.33
CA THR T 473 67.40 14.87 -8.39
C THR T 473 66.53 15.95 -7.85
N GLY T 474 66.86 17.17 -8.21
CA GLY T 474 66.15 18.34 -7.78
C GLY T 474 66.69 18.95 -6.52
N ASP T 475 67.61 18.26 -5.85
CA ASP T 475 68.30 18.78 -4.69
C ASP T 475 69.44 19.73 -5.02
N TYR T 476 69.77 20.58 -4.07
CA TYR T 476 70.87 21.47 -4.22
C TYR T 476 72.08 20.86 -3.64
N CYS T 477 73.18 21.02 -4.32
CA CYS T 477 74.45 20.66 -3.80
C CYS T 477 75.36 21.86 -3.91
N VAL T 478 76.01 22.24 -2.82
CA VAL T 478 76.85 23.41 -2.81
C VAL T 478 78.26 22.98 -2.97
N VAL T 479 78.94 23.55 -3.95
CA VAL T 479 80.20 23.08 -4.44
C VAL T 479 81.30 24.11 -4.32
N ILE T 480 82.47 23.70 -3.89
CA ILE T 480 83.58 24.60 -3.63
C ILE T 480 84.91 24.20 -4.28
N HIS T 481 85.48 25.07 -5.07
CA HIS T 481 86.78 24.87 -5.63
C HIS T 481 87.26 26.17 -6.24
N ALA T 482 88.39 26.14 -6.89
CA ALA T 482 88.85 27.24 -7.68
C ALA T 482 88.16 27.34 -9.03
N ASP T 483 88.28 28.52 -9.59
CA ASP T 483 87.91 28.80 -10.94
C ASP T 483 89.07 28.40 -11.80
N HIS T 484 88.99 28.70 -13.06
CA HIS T 484 90.01 28.29 -13.99
C HIS T 484 91.37 28.89 -13.82
N LYS T 485 91.45 30.17 -13.51
CA LYS T 485 92.72 30.79 -13.20
C LYS T 485 93.43 30.51 -11.86
N VAL T 486 92.73 30.60 -10.75
CA VAL T 486 93.33 30.57 -9.42
C VAL T 486 93.89 29.23 -8.96
N LYS T 487 95.05 29.29 -8.34
CA LYS T 487 95.76 28.12 -7.86
C LYS T 487 96.17 28.18 -6.41
N GLY T 488 96.04 27.07 -5.71
CA GLY T 488 96.42 26.96 -4.33
C GLY T 488 95.35 27.14 -3.29
N TYR T 489 94.19 27.60 -3.69
CA TYR T 489 93.05 27.70 -2.81
C TYR T 489 91.78 27.73 -3.62
N ALA T 490 90.66 27.62 -2.96
CA ALA T 490 89.40 27.71 -3.65
C ALA T 490 88.82 29.08 -3.49
N ASN T 491 88.57 29.74 -4.60
CA ASN T 491 87.95 31.04 -4.62
C ASN T 491 86.50 31.08 -5.08
N GLN T 492 85.89 29.93 -5.26
CA GLN T 492 84.58 29.84 -5.86
C GLN T 492 83.54 28.97 -5.15
N THR T 493 82.30 29.39 -5.19
CA THR T 493 81.21 28.58 -4.75
C THR T 493 80.12 28.52 -5.79
N ARG T 494 79.50 27.37 -5.95
CA ARG T 494 78.37 27.21 -6.86
C ARG T 494 77.26 26.42 -6.22
N ILE T 495 76.04 26.84 -6.44
CA ILE T 495 74.93 26.02 -6.07
C ILE T 495 74.43 25.32 -7.31
N LEU T 496 74.57 24.01 -7.39
CA LEU T 496 74.07 23.23 -8.51
C LEU T 496 72.95 22.29 -8.20
N LEU T 497 72.04 22.18 -9.15
CA LEU T 497 70.88 21.31 -9.06
C LEU T 497 71.30 19.93 -9.45
N VAL T 498 70.83 18.91 -8.75
CA VAL T 498 71.30 17.56 -9.06
C VAL T 498 70.34 16.76 -9.92
N GLU T 499 70.89 16.09 -10.93
CA GLU T 499 70.09 15.28 -11.84
C GLU T 499 70.46 13.80 -11.72
N SER U 2 29.05 -77.54 41.50
CA SER U 2 29.66 -78.40 42.47
C SER U 2 31.02 -78.79 41.99
N GLN U 3 31.85 -79.25 42.89
CA GLN U 3 33.18 -79.61 42.53
C GLN U 3 33.13 -80.82 41.65
N LEU U 4 32.13 -81.65 41.86
CA LEU U 4 31.94 -82.85 41.09
C LEU U 4 31.67 -82.59 39.63
N ALA U 5 30.70 -81.74 39.38
CA ALA U 5 30.15 -81.54 38.06
C ALA U 5 31.23 -81.04 37.16
N HIS U 6 31.89 -80.03 37.73
CA HIS U 6 33.12 -79.36 37.28
C HIS U 6 34.29 -80.24 36.98
N ASN U 7 34.53 -81.28 37.76
CA ASN U 7 35.60 -82.20 37.46
C ASN U 7 35.38 -82.81 36.12
N LEU U 8 34.11 -82.87 35.79
CA LEU U 8 33.56 -83.47 34.60
C LEU U 8 33.81 -82.65 33.33
N THR U 9 33.98 -81.36 33.51
CA THR U 9 34.33 -80.47 32.45
C THR U 9 35.79 -80.39 32.19
N LEU U 10 36.63 -80.95 33.05
CA LEU U 10 38.06 -80.92 32.83
C LEU U 10 38.57 -81.83 31.74
N SER U 11 39.68 -81.46 31.13
CA SER U 11 40.39 -82.36 30.21
C SER U 11 41.89 -82.33 30.36
N ILE U 12 42.54 -83.47 30.20
CA ILE U 12 43.99 -83.49 30.23
C ILE U 12 44.63 -82.68 29.15
N PHE U 13 43.93 -82.53 28.02
CA PHE U 13 44.45 -81.78 26.88
C PHE U 13 44.13 -80.29 26.92
N ASP U 14 43.60 -79.79 28.03
CA ASP U 14 43.30 -78.38 28.13
C ASP U 14 44.64 -77.70 28.17
N PRO U 15 44.77 -76.61 27.44
CA PRO U 15 46.00 -75.85 27.46
C PRO U 15 46.18 -75.12 28.76
N VAL U 16 47.38 -75.07 29.29
CA VAL U 16 47.63 -74.32 30.50
C VAL U 16 47.73 -72.85 30.25
N ALA U 17 47.74 -72.09 31.31
CA ALA U 17 47.77 -70.65 31.27
C ALA U 17 49.07 -70.01 30.85
N ASN U 18 48.99 -68.74 30.48
CA ASN U 18 50.16 -67.99 30.13
C ASN U 18 50.86 -67.40 31.33
N TYR U 19 50.31 -67.65 32.50
CA TYR U 19 50.92 -67.22 33.73
C TYR U 19 50.76 -68.25 34.82
N ARG U 20 51.73 -68.34 35.71
CA ARG U 20 51.64 -69.16 36.90
C ARG U 20 51.40 -68.30 38.12
N ALA U 21 50.25 -68.48 38.74
CA ALA U 21 49.89 -67.78 39.95
C ALA U 21 50.66 -68.09 41.21
N ALA U 22 50.88 -69.36 41.47
CA ALA U 22 51.55 -69.79 42.66
C ALA U 22 53.03 -69.48 42.65
N ARG U 23 53.58 -69.27 43.83
CA ARG U 23 54.98 -68.91 44.00
C ARG U 23 55.82 -69.98 44.67
N ILE U 24 57.05 -70.09 44.23
CA ILE U 24 57.95 -71.09 44.74
C ILE U 24 59.05 -70.54 45.59
N ILE U 25 59.27 -71.18 46.73
CA ILE U 25 60.27 -70.80 47.69
C ILE U 25 61.37 -71.85 47.75
N CYS U 26 62.61 -71.43 47.75
CA CYS U 26 63.72 -72.35 47.76
C CYS U 26 64.66 -72.08 48.90
N THR U 27 65.05 -73.12 49.59
CA THR U 27 66.00 -73.04 50.66
C THR U 27 67.38 -73.15 50.07
N ILE U 28 68.27 -72.28 50.49
CA ILE U 28 69.58 -72.22 49.92
C ILE U 28 70.64 -72.85 50.79
N GLY U 29 71.27 -73.86 50.23
CA GLY U 29 72.30 -74.63 50.86
C GLY U 29 73.45 -74.81 49.90
N PRO U 30 74.26 -75.80 50.20
CA PRO U 30 75.51 -76.05 49.55
C PRO U 30 75.34 -76.30 48.07
N SER U 31 74.28 -76.97 47.70
CA SER U 31 73.92 -77.13 46.33
C SER U 31 73.57 -75.83 45.61
N THR U 32 73.07 -74.83 46.30
CA THR U 32 72.49 -73.69 45.64
C THR U 32 73.02 -72.30 45.93
N GLN U 33 74.10 -72.25 46.67
CA GLN U 33 74.69 -71.01 47.10
C GLN U 33 75.36 -70.16 46.04
N SER U 34 75.95 -70.83 45.09
CA SER U 34 76.67 -70.18 44.05
C SER U 34 75.76 -69.40 43.19
N VAL U 35 76.29 -68.30 42.71
CA VAL U 35 75.55 -67.38 41.91
C VAL U 35 75.05 -68.08 40.67
N GLU U 36 75.86 -68.93 40.09
CA GLU U 36 75.40 -69.68 38.95
C GLU U 36 74.24 -70.58 39.30
N ALA U 37 74.30 -71.25 40.44
CA ALA U 37 73.20 -72.10 40.86
C ALA U 37 71.94 -71.30 41.10
N LEU U 38 72.08 -70.14 41.73
CA LEU U 38 70.98 -69.27 42.02
C LEU U 38 70.31 -68.73 40.78
N LYS U 39 71.11 -68.42 39.77
CA LYS U 39 70.61 -67.99 38.50
C LYS U 39 69.79 -69.07 37.85
N GLY U 40 70.23 -70.30 38.00
CA GLY U 40 69.49 -71.44 37.52
C GLY U 40 68.17 -71.59 38.22
N LEU U 41 68.16 -71.35 39.51
CA LEU U 41 66.96 -71.43 40.32
C LEU U 41 65.93 -70.39 39.95
N ILE U 42 66.36 -69.18 39.71
CA ILE U 42 65.46 -68.11 39.34
C ILE U 42 64.82 -68.38 38.01
N GLN U 43 65.61 -68.80 37.07
CA GLN U 43 65.15 -69.14 35.75
C GLN U 43 64.22 -70.32 35.75
N SER U 44 64.48 -71.20 36.71
CA SER U 44 63.69 -72.37 36.89
C SER U 44 62.37 -72.01 37.52
N GLY U 45 62.32 -70.87 38.16
CA GLY U 45 61.12 -70.46 38.84
C GLY U 45 61.08 -70.04 40.28
N MET U 46 62.20 -69.75 40.90
CA MET U 46 62.21 -69.34 42.30
C MET U 46 61.84 -67.89 42.53
N SER U 47 60.92 -67.63 43.41
CA SER U 47 60.57 -66.27 43.71
C SER U 47 61.09 -65.82 45.05
N VAL U 48 61.33 -66.74 45.94
CA VAL U 48 61.78 -66.42 47.28
C VAL U 48 62.95 -67.29 47.67
N ALA U 49 64.01 -66.71 48.18
CA ALA U 49 65.07 -67.54 48.71
C ALA U 49 65.12 -67.59 50.22
N ARG U 50 65.14 -68.79 50.76
CA ARG U 50 65.07 -69.01 52.18
C ARG U 50 66.40 -69.43 52.77
N MET U 51 66.81 -68.75 53.82
CA MET U 51 67.97 -69.09 54.57
C MET U 51 67.57 -69.67 55.91
N ASN U 52 68.04 -70.85 56.23
CA ASN U 52 67.70 -71.47 57.49
C ASN U 52 68.79 -71.31 58.51
N PHE U 53 68.47 -70.59 59.55
CA PHE U 53 69.44 -70.18 60.54
C PHE U 53 69.71 -71.24 61.55
N SER U 54 69.07 -72.38 61.38
CA SER U 54 69.40 -73.58 62.12
C SER U 54 70.70 -74.15 61.63
N HIS U 55 71.11 -73.76 60.44
CA HIS U 55 72.29 -74.29 59.82
C HIS U 55 73.08 -73.09 59.39
N GLY U 56 74.39 -73.24 59.26
CA GLY U 56 75.19 -72.15 58.80
C GLY U 56 75.48 -71.17 59.90
N SER U 57 75.84 -69.98 59.53
CA SER U 57 76.27 -68.98 60.46
C SER U 57 76.00 -67.70 59.76
N HIS U 58 76.23 -66.59 60.42
CA HIS U 58 75.93 -65.32 59.83
C HIS U 58 76.79 -65.21 58.63
N GLU U 59 78.00 -65.71 58.76
CA GLU U 59 78.94 -65.65 57.69
C GLU U 59 78.49 -66.42 56.48
N TYR U 60 77.99 -67.63 56.67
CA TYR U 60 77.52 -68.43 55.56
C TYR U 60 76.33 -67.81 54.86
N HIS U 61 75.40 -67.38 55.67
CA HIS U 61 74.15 -66.75 55.22
C HIS U 61 74.32 -65.43 54.54
N GLN U 62 75.36 -64.70 54.92
CA GLN U 62 75.72 -63.47 54.27
C GLN U 62 76.11 -63.75 52.85
N THR U 63 76.83 -64.81 52.65
CA THR U 63 77.26 -65.15 51.32
C THR U 63 76.04 -65.36 50.47
N THR U 64 75.03 -66.00 51.04
CA THR U 64 73.80 -66.29 50.34
C THR U 64 73.07 -65.02 49.96
N ILE U 65 73.03 -64.08 50.87
CA ILE U 65 72.40 -62.83 50.61
C ILE U 65 73.04 -62.07 49.50
N ASN U 66 74.35 -62.03 49.51
CA ASN U 66 75.09 -61.36 48.47
C ASN U 66 74.91 -62.04 47.16
N ASN U 67 74.97 -63.33 47.19
CA ASN U 67 74.75 -64.08 45.98
C ASN U 67 73.37 -63.95 45.38
N VAL U 68 72.34 -63.86 46.21
CA VAL U 68 70.99 -63.70 45.72
C VAL U 68 70.81 -62.36 45.05
N ARG U 69 71.30 -61.33 45.70
CA ARG U 69 71.20 -60.02 45.16
C ARG U 69 71.98 -59.91 43.85
N GLN U 70 73.17 -60.47 43.78
CA GLN U 70 73.98 -60.47 42.57
C GLN U 70 73.36 -61.23 41.42
N ALA U 71 72.82 -62.40 41.71
CA ALA U 71 72.11 -63.17 40.72
C ALA U 71 70.84 -62.52 40.20
N ALA U 72 70.06 -61.94 41.10
CA ALA U 72 68.86 -61.24 40.75
C ALA U 72 69.16 -60.03 39.91
N ALA U 73 70.21 -59.31 40.27
CA ALA U 73 70.61 -58.11 39.59
C ALA U 73 71.01 -58.37 38.17
N GLU U 74 71.73 -59.45 37.97
CA GLU U 74 72.14 -59.91 36.68
C GLU U 74 70.99 -60.32 35.81
N LEU U 75 69.90 -60.71 36.41
CA LEU U 75 68.79 -61.22 35.64
C LEU U 75 67.66 -60.22 35.57
N GLY U 76 67.91 -59.07 36.14
CA GLY U 76 66.93 -58.02 36.18
C GLY U 76 65.62 -58.32 36.86
N VAL U 77 65.68 -58.95 38.02
CA VAL U 77 64.49 -59.39 38.70
C VAL U 77 64.58 -59.09 40.16
N ASN U 78 63.46 -59.10 40.85
CA ASN U 78 63.47 -58.87 42.26
C ASN U 78 63.13 -60.16 43.01
N ILE U 79 64.01 -60.61 43.90
CA ILE U 79 63.80 -61.83 44.64
C ILE U 79 63.73 -61.57 46.12
N ALA U 80 62.68 -62.03 46.79
CA ALA U 80 62.57 -61.87 48.21
C ALA U 80 63.60 -62.71 48.94
N ILE U 81 64.10 -62.20 50.04
CA ILE U 81 64.99 -62.94 50.89
C ILE U 81 64.32 -63.19 52.24
N ALA U 82 64.29 -64.43 52.66
CA ALA U 82 63.62 -64.79 53.88
C ALA U 82 64.57 -65.34 54.91
N LEU U 83 64.46 -64.91 56.13
CA LEU U 83 65.24 -65.48 57.19
C LEU U 83 64.39 -66.39 58.09
N ASP U 84 64.84 -67.64 57.98
CA ASP U 84 64.31 -68.78 58.65
C ASP U 84 65.13 -69.12 59.88
N THR U 85 64.65 -68.71 61.03
CA THR U 85 65.33 -68.85 62.30
C THR U 85 65.54 -70.29 62.80
N LYS U 86 66.58 -70.48 63.57
CA LYS U 86 66.85 -71.76 64.17
C LYS U 86 65.76 -72.01 65.17
N GLY U 87 65.48 -71.04 66.01
CA GLY U 87 64.45 -71.14 66.99
C GLY U 87 64.88 -71.92 68.21
N PRO U 88 64.05 -71.94 69.22
CA PRO U 88 64.37 -72.71 70.41
C PRO U 88 64.42 -74.21 70.13
N GLU U 89 65.40 -74.95 70.65
CA GLU U 89 65.48 -76.40 70.48
C GLU U 89 65.60 -77.07 71.85
N ILE U 90 65.01 -78.26 71.96
CA ILE U 90 65.25 -79.18 73.07
C ILE U 90 66.18 -80.25 72.56
N ARG U 91 67.28 -80.42 73.27
CA ARG U 91 68.27 -81.46 72.98
C ARG U 91 68.66 -82.27 74.23
N THR U 92 69.02 -83.52 74.00
CA THR U 92 69.75 -84.31 75.04
C THR U 92 71.15 -83.78 75.20
N GLY U 93 71.80 -84.22 76.27
CA GLY U 93 73.21 -83.97 76.46
C GLY U 93 74.04 -85.01 75.73
N GLN U 94 75.28 -85.16 76.20
CA GLN U 94 76.25 -86.14 75.73
C GLN U 94 76.06 -87.46 76.47
N PHE U 95 76.43 -88.55 75.81
CA PHE U 95 76.55 -89.85 76.47
C PHE U 95 78.01 -90.29 76.59
N VAL U 96 78.32 -91.06 77.65
CA VAL U 96 79.65 -91.64 77.84
C VAL U 96 79.95 -92.64 76.70
N GLY U 97 81.18 -92.61 76.19
CA GLY U 97 81.55 -93.38 74.99
C GLY U 97 80.98 -92.83 73.70
N GLY U 98 80.47 -91.59 73.75
CA GLY U 98 79.88 -90.95 72.58
C GLY U 98 78.46 -91.37 72.21
N ASP U 99 78.01 -92.50 72.76
CA ASP U 99 76.80 -93.19 72.31
C ASP U 99 76.04 -93.84 73.49
N ALA U 100 74.78 -94.26 73.30
CA ALA U 100 74.03 -94.98 74.33
C ALA U 100 72.89 -95.86 73.80
N VAL U 101 72.93 -97.14 74.15
CA VAL U 101 72.13 -98.20 73.55
C VAL U 101 70.81 -98.46 74.31
N MET U 102 69.72 -97.88 73.84
CA MET U 102 68.40 -97.92 74.52
C MET U 102 67.57 -99.15 74.14
N GLU U 103 67.31 -100.06 75.08
CA GLU U 103 66.61 -101.32 74.74
C GLU U 103 65.12 -101.25 75.09
N ARG U 104 64.30 -102.00 74.37
CA ARG U 104 62.86 -102.00 74.64
C ARG U 104 62.57 -102.64 76.01
N GLY U 105 61.66 -102.05 76.79
CA GLY U 105 61.33 -102.61 78.11
C GLY U 105 62.16 -102.05 79.28
N ALA U 106 63.38 -101.55 79.00
CA ALA U 106 64.31 -100.97 79.99
C ALA U 106 63.77 -99.73 80.69
N THR U 107 64.23 -99.49 81.92
CA THR U 107 64.01 -98.24 82.65
C THR U 107 65.24 -97.32 82.51
N CYS U 108 64.97 -96.03 82.19
CA CYS U 108 66.03 -95.00 82.21
C CYS U 108 65.52 -93.73 82.87
N TYR U 109 66.43 -92.81 83.17
CA TYR U 109 66.11 -91.63 83.99
C TYR U 109 66.52 -90.43 83.16
N VAL U 110 65.62 -89.49 82.97
CA VAL U 110 65.98 -88.28 82.18
C VAL U 110 65.97 -87.13 83.17
N THR U 111 67.05 -86.36 83.16
CA THR U 111 67.18 -85.35 84.14
C THR U 111 67.49 -84.02 83.53
N THR U 112 67.06 -82.94 84.17
CA THR U 112 67.52 -81.62 83.78
C THR U 112 68.61 -81.06 84.68
N ASP U 113 69.13 -81.89 85.57
CA ASP U 113 70.28 -81.52 86.41
C ASP U 113 71.52 -81.30 85.49
N PRO U 114 72.05 -80.05 85.46
CA PRO U 114 73.08 -79.76 84.45
C PRO U 114 74.41 -80.48 84.74
N ALA U 115 74.64 -80.90 85.98
CA ALA U 115 75.77 -81.81 86.32
C ALA U 115 75.94 -83.01 85.33
N PHE U 116 74.86 -83.41 84.67
CA PHE U 116 74.81 -84.60 83.79
C PHE U 116 74.98 -84.39 82.28
N ALA U 117 75.28 -83.16 81.86
CA ALA U 117 75.28 -82.81 80.42
C ALA U 117 76.37 -83.51 79.60
N ASP U 118 77.47 -83.88 80.26
CA ASP U 118 78.58 -84.56 79.58
C ASP U 118 78.85 -85.98 80.13
N LYS U 119 77.85 -86.57 80.80
CA LYS U 119 78.01 -87.91 81.44
C LYS U 119 76.68 -88.65 81.55
N GLY U 120 75.87 -88.53 80.50
CA GLY U 120 74.69 -89.39 80.41
C GLY U 120 75.09 -90.84 80.15
N THR U 121 74.14 -91.76 80.31
CA THR U 121 74.37 -93.16 79.98
C THR U 121 72.99 -93.68 79.66
N LYS U 122 72.88 -94.91 79.20
CA LYS U 122 71.55 -95.43 78.96
C LYS U 122 70.66 -95.36 80.22
N ASP U 123 71.31 -95.38 81.40
CA ASP U 123 70.67 -95.35 82.71
C ASP U 123 70.11 -93.98 83.07
N LYS U 124 70.88 -92.93 82.82
CA LYS U 124 70.45 -91.58 83.15
C LYS U 124 71.18 -90.53 82.34
N PHE U 125 70.41 -89.68 81.72
CA PHE U 125 71.03 -88.61 80.92
C PHE U 125 70.24 -87.32 80.97
N TYR U 126 70.84 -86.29 80.42
CA TYR U 126 70.35 -84.95 80.51
C TYR U 126 69.55 -84.57 79.25
N ILE U 127 68.44 -83.87 79.46
CA ILE U 127 67.67 -83.15 78.44
C ILE U 127 67.74 -81.68 78.84
N ASP U 128 68.07 -80.80 77.92
CA ASP U 128 68.46 -79.43 78.32
C ASP U 128 67.31 -78.45 78.52
N TYR U 129 66.07 -78.92 78.60
CA TYR U 129 64.92 -78.03 78.76
C TYR U 129 64.54 -78.03 80.21
N GLN U 130 64.89 -76.95 80.91
CA GLN U 130 64.85 -76.92 82.38
C GLN U 130 63.46 -77.10 82.97
N ASN U 131 62.46 -76.78 82.18
CA ASN U 131 61.09 -76.98 82.57
C ASN U 131 60.55 -78.34 82.23
N LEU U 132 61.37 -79.31 81.83
CA LEU U 132 60.82 -80.63 81.38
C LEU U 132 59.78 -81.22 82.37
N SER U 133 60.15 -81.27 83.67
CA SER U 133 59.34 -81.89 84.71
C SER U 133 58.00 -81.23 84.94
N LYS U 134 57.98 -79.91 84.88
CA LYS U 134 56.73 -79.18 85.07
C LYS U 134 55.80 -79.41 83.87
N VAL U 135 56.34 -79.68 82.71
CA VAL U 135 55.49 -79.69 81.52
C VAL U 135 54.95 -81.08 81.24
N VAL U 136 55.66 -82.10 81.69
CA VAL U 136 55.24 -83.47 81.40
C VAL U 136 54.53 -84.09 82.62
N ARG U 137 53.60 -85.02 82.38
CA ARG U 137 52.97 -85.85 83.44
C ARG U 137 53.10 -87.35 83.14
N PRO U 138 52.91 -88.24 84.17
CA PRO U 138 52.85 -89.69 83.96
C PRO U 138 51.91 -90.06 82.80
N GLY U 139 52.38 -90.88 81.86
CA GLY U 139 51.60 -91.32 80.72
C GLY U 139 52.05 -90.62 79.43
N ASN U 140 52.47 -89.36 79.56
CA ASN U 140 53.04 -88.62 78.42
C ASN U 140 54.23 -89.30 77.77
N TYR U 141 54.42 -89.00 76.49
CA TYR U 141 55.49 -89.58 75.71
C TYR U 141 56.59 -88.53 75.47
N ILE U 142 57.84 -89.00 75.42
CA ILE U 142 58.97 -88.13 75.16
C ILE U 142 59.77 -88.69 73.98
N TYR U 143 59.74 -87.95 72.86
CA TYR U 143 60.38 -88.45 71.61
C TYR U 143 61.80 -87.95 71.47
N ILE U 144 62.70 -88.86 71.11
CA ILE U 144 64.11 -88.54 70.96
C ILE U 144 64.64 -89.07 69.64
N ASP U 145 65.41 -88.24 68.94
CA ASP U 145 65.94 -88.62 67.64
C ASP U 145 65.05 -88.63 66.38
N ASP U 146 64.31 -87.55 66.17
CA ASP U 146 63.37 -87.53 65.07
C ASP U 146 62.02 -88.19 65.46
N GLY U 147 61.84 -88.44 66.75
CA GLY U 147 60.68 -89.26 67.23
C GLY U 147 60.91 -90.78 67.11
N ILE U 148 62.15 -91.19 66.84
CA ILE U 148 62.46 -92.59 66.60
C ILE U 148 62.42 -93.40 67.89
N LEU U 149 62.99 -92.82 68.95
CA LEU U 149 63.04 -93.47 70.25
C LEU U 149 61.89 -92.87 71.04
N ILE U 150 60.99 -93.72 71.51
CA ILE U 150 59.83 -93.22 72.23
C ILE U 150 59.94 -93.70 73.67
N LEU U 151 60.21 -92.77 74.56
CA LEU U 151 60.24 -93.07 75.97
C LEU U 151 58.84 -92.72 76.49
N GLN U 152 58.35 -93.48 77.46
CA GLN U 152 57.15 -93.06 78.19
C GLN U 152 57.41 -92.70 79.66
N VAL U 153 56.85 -91.57 80.07
CA VAL U 153 57.01 -91.07 81.41
C VAL U 153 56.19 -91.86 82.44
N GLN U 154 56.90 -92.37 83.46
CA GLN U 154 56.24 -93.19 84.47
C GLN U 154 56.01 -92.35 85.73
N SER U 155 57.06 -91.63 86.18
CA SER U 155 56.96 -90.89 87.41
C SER U 155 58.06 -89.86 87.52
N HIS U 156 57.89 -88.99 88.51
CA HIS U 156 58.90 -88.04 88.92
C HIS U 156 59.76 -88.74 89.96
N GLU U 157 60.93 -89.25 89.55
CA GLU U 157 61.95 -89.68 90.53
C GLU U 157 62.24 -88.55 91.51
N ASP U 158 62.50 -87.35 91.01
CA ASP U 158 62.62 -86.16 91.87
C ASP U 158 62.21 -84.90 91.14
N GLU U 159 62.53 -83.74 91.69
CA GLU U 159 62.07 -82.54 91.07
C GLU U 159 62.70 -82.18 89.71
N GLN U 160 63.80 -82.87 89.34
CA GLN U 160 64.52 -82.65 88.09
C GLN U 160 64.70 -83.90 87.25
N THR U 161 64.14 -85.02 87.68
CA THR U 161 64.45 -86.27 87.04
C THR U 161 63.16 -87.05 86.85
N LEU U 162 62.99 -87.62 85.67
CA LEU U 162 61.84 -88.40 85.32
C LEU U 162 62.25 -89.86 85.14
N GLU U 163 61.52 -90.78 85.78
CA GLU U 163 61.72 -92.21 85.51
C GLU U 163 60.93 -92.50 84.24
N CYS U 164 61.58 -93.11 83.25
CA CYS U 164 60.93 -93.43 81.97
C CYS U 164 60.99 -94.92 81.67
N THR U 165 59.99 -95.43 80.96
CA THR U 165 60.09 -96.72 80.23
C THR U 165 60.60 -96.49 78.79
N VAL U 166 61.48 -97.36 78.31
CA VAL U 166 61.81 -97.35 76.90
C VAL U 166 60.77 -98.22 76.08
N THR U 167 60.00 -97.58 75.19
CA THR U 167 58.93 -98.33 74.50
C THR U 167 59.38 -99.05 73.24
N ASN U 168 60.53 -98.62 72.67
CA ASN U 168 61.08 -99.32 71.49
C ASN U 168 62.58 -99.13 71.42
N SER U 169 63.26 -100.09 70.81
CA SER U 169 64.72 -100.17 70.85
C SER U 169 65.28 -99.15 69.89
N HIS U 170 66.41 -98.55 70.27
CA HIS U 170 67.09 -97.62 69.37
C HIS U 170 68.38 -97.13 70.05
N THR U 171 69.45 -97.14 69.28
CA THR U 171 70.70 -96.57 69.75
C THR U 171 70.62 -95.07 69.43
N ILE U 172 70.95 -94.25 70.43
CA ILE U 172 70.97 -92.79 70.23
C ILE U 172 72.36 -92.21 70.51
N SER U 173 72.84 -91.32 69.64
CA SER U 173 74.14 -90.66 69.87
C SER U 173 73.97 -89.30 70.56
N ASP U 174 75.06 -88.56 70.71
CA ASP U 174 75.04 -87.26 71.41
C ASP U 174 74.05 -86.25 70.86
N ARG U 175 73.37 -85.61 71.80
CA ARG U 175 72.63 -84.36 71.52
C ARG U 175 71.51 -84.46 70.51
N ARG U 176 70.66 -85.47 70.63
CA ARG U 176 69.49 -85.54 69.76
C ARG U 176 68.37 -84.57 70.15
N GLY U 177 67.55 -84.20 69.18
CA GLY U 177 66.44 -83.30 69.45
C GLY U 177 65.32 -84.06 70.13
N VAL U 178 64.56 -83.40 70.96
CA VAL U 178 63.49 -84.11 71.56
C VAL U 178 62.20 -83.39 71.21
N ASN U 179 61.09 -84.13 71.20
CA ASN U 179 59.78 -83.49 71.13
C ASN U 179 58.89 -83.94 72.23
N LEU U 180 57.77 -83.23 72.42
CA LEU U 180 56.88 -83.46 73.52
C LEU U 180 55.38 -83.38 73.05
N PRO U 181 54.88 -84.46 72.40
CA PRO U 181 53.66 -84.23 71.67
C PRO U 181 52.41 -83.88 72.45
N GLY U 182 52.31 -84.28 73.69
CA GLY U 182 51.10 -83.95 74.44
C GLY U 182 51.44 -82.83 75.40
N CYS U 183 52.42 -82.03 75.03
CA CYS U 183 52.99 -81.11 76.01
C CYS U 183 53.08 -79.74 75.44
N ASP U 184 52.68 -78.78 76.28
CA ASP U 184 52.78 -77.39 75.94
C ASP U 184 54.17 -76.90 76.27
N VAL U 185 55.00 -76.81 75.25
CA VAL U 185 56.39 -76.41 75.47
C VAL U 185 56.47 -74.92 75.65
N ASP U 186 57.21 -74.45 76.65
CA ASP U 186 57.20 -73.00 76.96
C ASP U 186 58.55 -72.31 76.88
N LEU U 187 59.38 -72.78 76.01
CA LEU U 187 60.50 -72.02 75.59
C LEU U 187 60.06 -70.64 75.13
N PRO U 188 60.93 -69.68 75.31
CA PRO U 188 60.70 -68.34 74.82
C PRO U 188 60.55 -68.35 73.32
N ALA U 189 59.94 -67.33 72.76
CA ALA U 189 59.65 -67.29 71.36
C ALA U 189 60.92 -67.22 70.60
N VAL U 190 61.85 -66.48 71.15
CA VAL U 190 63.09 -66.16 70.53
C VAL U 190 64.27 -66.55 71.42
N SER U 191 65.13 -67.41 70.94
CA SER U 191 66.34 -67.76 71.64
C SER U 191 67.37 -66.63 71.62
N ALA U 192 68.45 -66.81 72.34
CA ALA U 192 69.50 -65.83 72.32
C ALA U 192 70.19 -65.77 70.96
N LYS U 193 70.39 -66.88 70.32
CA LYS U 193 70.91 -66.86 68.99
C LYS U 193 69.95 -66.19 67.99
N ASP U 194 68.66 -66.45 68.12
CA ASP U 194 67.65 -65.82 67.29
C ASP U 194 67.75 -64.32 67.41
N ARG U 195 67.90 -63.84 68.63
CA ARG U 195 67.96 -62.44 68.89
C ARG U 195 69.09 -61.83 68.11
N VAL U 196 70.20 -62.52 68.07
CA VAL U 196 71.31 -62.07 67.30
C VAL U 196 70.90 -62.37 65.91
N ASP U 197 69.99 -63.33 65.73
CA ASP U 197 69.61 -63.68 64.38
C ASP U 197 68.68 -62.67 63.78
N LEU U 198 67.73 -62.20 64.55
CA LEU U 198 66.82 -61.16 64.10
C LEU U 198 67.47 -59.83 63.79
N GLN U 199 68.41 -59.42 64.62
CA GLN U 199 69.12 -58.18 64.39
C GLN U 199 69.89 -58.19 63.09
N PHE U 200 70.52 -59.31 62.80
CA PHE U 200 71.30 -59.48 61.60
C PHE U 200 70.43 -59.35 60.39
N GLY U 201 69.23 -59.92 60.48
CA GLY U 201 68.28 -59.86 59.40
C GLY U 201 67.85 -58.45 59.08
N VAL U 202 67.65 -57.66 60.11
CA VAL U 202 67.35 -56.27 59.96
C VAL U 202 68.49 -55.52 59.30
N GLU U 203 69.70 -55.79 59.76
CA GLU U 203 70.91 -55.15 59.27
C GLU U 203 71.17 -55.42 57.82
N GLN U 204 70.94 -56.64 57.38
CA GLN U 204 71.22 -56.99 56.01
C GLN U 204 70.01 -56.76 55.16
N GLY U 205 69.00 -56.15 55.74
CA GLY U 205 67.80 -55.80 55.04
C GLY U 205 66.97 -56.89 54.41
N VAL U 206 66.76 -57.98 55.12
CA VAL U 206 65.88 -59.03 54.64
C VAL U 206 64.42 -58.62 54.57
N ASP U 207 63.74 -59.17 53.60
CA ASP U 207 62.33 -58.98 53.39
C ASP U 207 61.32 -59.56 54.40
N MET U 208 61.50 -60.79 54.83
CA MET U 208 60.59 -61.45 55.73
C MET U 208 61.28 -62.40 56.70
N ILE U 209 60.60 -62.71 57.79
CA ILE U 209 61.05 -63.68 58.74
C ILE U 209 60.11 -64.86 58.72
N PHE U 210 60.64 -66.05 58.59
CA PHE U 210 59.82 -67.20 58.82
C PHE U 210 60.07 -67.57 60.25
N ALA U 211 59.14 -67.28 61.12
CA ALA U 211 59.37 -67.46 62.52
C ALA U 211 58.99 -68.86 62.96
N SER U 212 59.99 -69.63 63.32
CA SER U 212 59.82 -70.99 63.76
C SER U 212 59.08 -71.17 65.05
N PHE U 213 58.43 -72.30 65.13
CA PHE U 213 57.77 -72.77 66.30
C PHE U 213 56.83 -71.72 66.96
N ILE U 214 55.85 -70.98 66.29
CA ILE U 214 55.09 -69.98 66.95
C ILE U 214 53.97 -70.64 67.72
N ARG U 215 54.09 -70.69 69.04
CA ARG U 215 53.02 -71.02 69.99
C ARG U 215 51.86 -70.03 70.20
N SER U 216 52.11 -68.75 70.07
CA SER U 216 51.17 -67.70 70.49
C SER U 216 51.22 -66.35 69.81
N ALA U 217 50.15 -65.60 69.96
CA ALA U 217 50.04 -64.23 69.50
C ALA U 217 51.00 -63.32 70.21
N GLU U 218 51.22 -63.59 71.48
CA GLU U 218 52.17 -62.87 72.30
C GLU U 218 53.59 -63.02 71.80
N GLN U 219 53.94 -64.20 71.35
CA GLN U 219 55.23 -64.51 70.79
C GLN U 219 55.51 -63.75 69.52
N VAL U 220 54.53 -63.60 68.67
CA VAL U 220 54.68 -62.84 67.44
C VAL U 220 55.03 -61.42 67.80
N GLY U 221 54.35 -60.89 68.80
CA GLY U 221 54.60 -59.55 69.23
C GLY U 221 56.01 -59.38 69.72
N ASP U 222 56.49 -60.38 70.43
CA ASP U 222 57.85 -60.36 70.87
C ASP U 222 58.82 -60.37 69.72
N VAL U 223 58.50 -61.08 68.67
CA VAL U 223 59.30 -61.02 67.46
C VAL U 223 59.29 -59.66 66.78
N ARG U 224 58.15 -59.03 66.76
CA ARG U 224 57.96 -57.76 66.13
C ARG U 224 58.81 -56.75 66.86
N LYS U 225 58.86 -56.92 68.16
CA LYS U 225 59.53 -56.04 69.08
C LYS U 225 61.03 -56.18 69.03
N ALA U 226 61.51 -57.40 68.87
CA ALA U 226 62.92 -57.65 68.65
C ALA U 226 63.40 -57.08 67.33
N LEU U 227 62.56 -57.08 66.33
CA LEU U 227 62.93 -56.51 65.06
C LEU U 227 63.12 -55.03 65.23
N GLY U 228 62.30 -54.43 66.06
CA GLY U 228 62.40 -53.03 66.37
C GLY U 228 61.78 -52.08 65.38
N PRO U 229 62.08 -50.80 65.54
CA PRO U 229 61.68 -49.74 64.61
C PRO U 229 62.31 -49.85 63.26
N LYS U 230 63.58 -50.19 63.23
CA LYS U 230 64.29 -50.34 61.98
C LYS U 230 63.70 -51.46 61.19
N GLY U 231 63.07 -52.38 61.90
CA GLY U 231 62.54 -53.59 61.32
C GLY U 231 61.06 -53.64 61.07
N ARG U 232 60.39 -52.51 61.15
CA ARG U 232 58.94 -52.46 61.14
C ARG U 232 58.25 -52.91 59.87
N ASP U 233 58.91 -52.79 58.74
CA ASP U 233 58.31 -53.20 57.50
C ASP U 233 58.67 -54.59 57.06
N ILE U 234 59.35 -55.34 57.92
CA ILE U 234 59.64 -56.71 57.61
C ILE U 234 58.45 -57.54 58.02
N MET U 235 58.05 -58.44 57.14
CA MET U 235 56.92 -59.31 57.33
C MET U 235 57.23 -60.44 58.27
N ILE U 236 56.38 -60.72 59.23
CA ILE U 236 56.57 -61.90 60.03
C ILE U 236 55.62 -63.00 59.63
N ILE U 237 56.16 -64.02 59.02
CA ILE U 237 55.41 -65.19 58.59
C ILE U 237 55.51 -66.25 59.66
N CYS U 238 54.40 -66.68 60.22
CA CYS U 238 54.46 -67.61 61.32
C CYS U 238 54.30 -69.07 60.97
N LYS U 239 55.32 -69.85 61.24
CA LYS U 239 55.32 -71.26 61.02
C LYS U 239 54.55 -71.99 62.09
N ILE U 240 53.61 -72.83 61.68
CA ILE U 240 52.83 -73.60 62.62
C ILE U 240 53.38 -74.98 62.58
N GLU U 241 54.05 -75.37 63.66
CA GLU U 241 54.75 -76.65 63.68
C GLU U 241 54.35 -77.52 64.85
N ASN U 242 53.59 -77.00 65.80
CA ASN U 242 53.11 -77.78 66.96
C ASN U 242 51.66 -77.63 67.36
N HIS U 243 51.29 -78.31 68.44
CA HIS U 243 49.90 -78.30 68.91
C HIS U 243 49.39 -76.91 69.25
N GLN U 244 50.12 -76.21 70.10
CA GLN U 244 49.73 -74.91 70.58
C GLN U 244 49.51 -73.93 69.45
N GLY U 245 50.38 -73.97 68.47
CA GLY U 245 50.24 -73.12 67.33
C GLY U 245 48.97 -73.38 66.57
N VAL U 246 48.62 -74.63 66.36
CA VAL U 246 47.37 -74.94 65.74
C VAL U 246 46.18 -74.49 66.55
N GLN U 247 46.24 -74.69 67.84
CA GLN U 247 45.15 -74.33 68.70
C GLN U 247 44.91 -72.85 68.70
N ASN U 248 45.96 -72.08 68.62
CA ASN U 248 45.92 -70.64 68.70
C ASN U 248 45.92 -69.91 67.38
N ILE U 249 45.50 -70.59 66.34
CA ILE U 249 45.67 -70.09 65.00
C ILE U 249 44.99 -68.79 64.64
N ASP U 250 43.78 -68.54 65.09
CA ASP U 250 43.12 -67.29 64.78
C ASP U 250 43.83 -66.09 65.34
N SER U 251 44.22 -66.15 66.58
CA SER U 251 44.99 -65.10 67.18
C SER U 251 46.36 -64.91 66.57
N ILE U 252 47.03 -66.00 66.23
CA ILE U 252 48.27 -65.93 65.54
C ILE U 252 48.15 -65.34 64.15
N ILE U 253 47.12 -65.71 63.44
CA ILE U 253 46.87 -65.19 62.14
C ILE U 253 46.63 -63.68 62.23
N GLU U 254 45.91 -63.23 63.23
CA GLU U 254 45.67 -61.81 63.47
C GLU U 254 46.94 -61.01 63.59
N GLU U 255 47.83 -61.45 64.47
CA GLU U 255 49.13 -60.84 64.71
C GLU U 255 50.12 -60.89 63.56
N SER U 256 50.10 -61.96 62.83
CA SER U 256 51.05 -62.23 61.78
C SER U 256 50.79 -61.48 60.48
N ASP U 257 51.73 -61.57 59.57
CA ASP U 257 51.54 -61.16 58.22
C ASP U 257 51.30 -62.33 57.29
N GLY U 258 51.37 -63.53 57.81
CA GLY U 258 51.15 -64.72 57.05
C GLY U 258 51.52 -65.97 57.80
N ILE U 259 51.25 -67.11 57.21
CA ILE U 259 51.42 -68.39 57.84
C ILE U 259 52.19 -69.35 56.96
N MET U 260 52.98 -70.17 57.61
CA MET U 260 53.54 -71.35 57.02
C MET U 260 53.00 -72.63 57.66
N VAL U 261 52.56 -73.56 56.84
CA VAL U 261 52.15 -74.84 57.33
C VAL U 261 53.36 -75.73 57.32
N ALA U 262 54.06 -75.76 58.43
CA ALA U 262 55.37 -76.37 58.53
C ALA U 262 55.24 -77.83 58.79
N ARG U 263 55.06 -78.58 57.73
CA ARG U 263 54.66 -79.94 57.83
C ARG U 263 55.64 -80.89 58.49
N GLY U 264 56.93 -80.71 58.30
CA GLY U 264 57.87 -81.61 58.91
C GLY U 264 57.89 -81.70 60.42
N ASP U 265 58.00 -80.61 61.11
CA ASP U 265 57.79 -80.57 62.54
C ASP U 265 56.36 -80.91 63.01
N LEU U 266 55.35 -80.40 62.29
CA LEU U 266 53.95 -80.59 62.62
C LEU U 266 53.56 -82.04 62.60
N GLY U 267 54.15 -82.72 61.66
CA GLY U 267 54.02 -84.12 61.43
C GLY U 267 54.43 -85.04 62.55
N VAL U 268 55.49 -84.75 63.28
CA VAL U 268 55.85 -85.37 64.54
C VAL U 268 54.99 -84.99 65.71
N GLU U 269 54.77 -83.68 65.81
CA GLU U 269 54.03 -83.10 66.91
C GLU U 269 52.58 -83.55 66.92
N ILE U 270 52.01 -83.68 65.78
CA ILE U 270 50.65 -83.95 65.66
C ILE U 270 50.80 -85.14 64.83
N PRO U 271 49.88 -86.05 65.00
CA PRO U 271 49.86 -87.22 64.17
C PRO U 271 49.53 -86.73 62.81
N ALA U 272 50.23 -87.42 61.94
CA ALA U 272 50.57 -87.15 60.59
C ALA U 272 49.34 -87.10 59.79
N GLU U 273 48.43 -88.00 60.06
CA GLU U 273 47.16 -88.05 59.39
C GLU U 273 46.33 -86.81 59.65
N LYS U 274 46.66 -86.11 60.73
CA LYS U 274 46.00 -84.86 61.07
C LYS U 274 46.54 -83.66 60.30
N VAL U 275 47.80 -83.74 59.85
CA VAL U 275 48.41 -82.64 59.15
C VAL U 275 47.55 -82.23 57.96
N VAL U 276 46.86 -83.17 57.35
CA VAL U 276 45.98 -82.87 56.25
C VAL U 276 44.82 -81.97 56.60
N VAL U 277 44.14 -82.23 57.71
CA VAL U 277 43.10 -81.36 58.23
C VAL U 277 43.65 -80.00 58.62
N ALA U 278 44.79 -79.99 59.26
CA ALA U 278 45.41 -78.76 59.59
C ALA U 278 45.79 -77.94 58.35
N GLN U 279 46.25 -78.57 57.30
CA GLN U 279 46.56 -77.86 56.08
C GLN U 279 45.35 -77.20 55.45
N LYS U 280 44.27 -77.94 55.34
CA LYS U 280 43.08 -77.39 54.82
C LYS U 280 42.56 -76.28 55.68
N ILE U 281 42.52 -76.42 56.99
CA ILE U 281 42.03 -75.35 57.80
C ILE U 281 42.87 -74.09 57.76
N LEU U 282 44.17 -74.22 57.90
CA LEU U 282 45.04 -73.08 57.97
C LEU U 282 45.11 -72.25 56.71
N ILE U 283 45.12 -72.92 55.59
CA ILE U 283 45.13 -72.29 54.31
C ILE U 283 43.86 -71.52 54.08
N SER U 284 42.74 -72.13 54.41
CA SER U 284 41.47 -71.50 54.26
C SER U 284 41.32 -70.27 55.12
N LYS U 285 41.74 -70.34 56.36
CA LYS U 285 41.66 -69.22 57.25
C LYS U 285 42.54 -68.04 56.78
N CYS U 286 43.70 -68.36 56.25
CA CYS U 286 44.54 -67.39 55.61
C CYS U 286 43.93 -66.79 54.36
N ASN U 287 43.28 -67.58 53.54
CA ASN U 287 42.61 -67.07 52.37
C ASN U 287 41.49 -66.13 52.72
N VAL U 288 40.70 -66.50 53.71
CA VAL U 288 39.61 -65.68 54.14
C VAL U 288 40.10 -64.39 54.74
N ALA U 289 41.16 -64.45 55.51
CA ALA U 289 41.78 -63.28 56.09
C ALA U 289 42.58 -62.35 55.15
N GLY U 290 42.81 -62.78 53.94
CA GLY U 290 43.75 -62.16 53.01
C GLY U 290 45.23 -62.09 53.32
N LYS U 291 45.79 -63.14 53.88
CA LYS U 291 47.20 -63.18 54.19
C LYS U 291 47.83 -64.39 53.55
N PRO U 292 49.07 -64.23 53.15
CA PRO U 292 49.79 -65.24 52.40
C PRO U 292 50.00 -66.52 53.20
N VAL U 293 49.85 -67.68 52.58
CA VAL U 293 49.99 -68.95 53.23
C VAL U 293 50.88 -69.89 52.44
N ILE U 294 51.78 -70.56 53.13
CA ILE U 294 52.77 -71.42 52.53
C ILE U 294 52.64 -72.87 52.98
N CYS U 295 52.67 -73.76 52.01
CA CYS U 295 52.73 -75.19 52.24
C CYS U 295 54.14 -75.71 52.11
N ALA U 296 54.59 -76.34 53.17
CA ALA U 296 55.97 -76.73 53.31
C ALA U 296 56.22 -78.18 53.67
N THR U 297 57.34 -78.68 53.14
CA THR U 297 58.10 -79.85 53.59
C THR U 297 57.73 -81.18 52.90
N GLN U 298 58.74 -81.89 52.42
CA GLN U 298 58.54 -83.19 51.81
C GLN U 298 57.60 -83.14 50.63
N MET U 299 57.51 -81.99 49.98
CA MET U 299 56.65 -81.85 48.83
C MET U 299 57.19 -82.58 47.61
N LEU U 300 58.46 -82.48 47.34
CA LEU U 300 59.05 -83.25 46.28
C LEU U 300 60.32 -83.92 46.75
N GLU U 301 60.24 -84.63 47.86
CA GLU U 301 61.37 -85.17 48.57
C GLU U 301 62.30 -86.11 47.82
N SER U 302 61.77 -86.99 47.00
CA SER U 302 62.53 -88.01 46.31
C SER U 302 63.43 -87.40 45.26
N MET U 303 63.14 -86.17 44.91
CA MET U 303 63.83 -85.44 43.90
C MET U 303 65.08 -84.82 44.48
N THR U 304 65.30 -85.05 45.75
CA THR U 304 66.56 -84.74 46.38
C THR U 304 67.57 -85.65 45.74
N TYR U 305 67.16 -86.83 45.35
CA TYR U 305 68.08 -87.78 44.79
C TYR U 305 67.75 -88.29 43.40
N ASN U 306 66.53 -88.08 42.94
CA ASN U 306 66.14 -88.58 41.65
C ASN U 306 65.70 -87.49 40.72
N PRO U 307 65.85 -87.76 39.45
CA PRO U 307 65.45 -86.83 38.39
C PRO U 307 63.95 -86.60 38.30
N ARG U 308 63.16 -87.55 38.76
CA ARG U 308 61.72 -87.53 38.64
C ARG U 308 61.04 -87.83 39.97
N PRO U 309 59.90 -87.20 40.18
CA PRO U 309 59.12 -87.36 41.40
C PRO U 309 58.25 -88.59 41.43
N THR U 310 57.85 -88.98 42.62
CA THR U 310 56.83 -89.97 42.85
C THR U 310 55.42 -89.44 42.57
N ARG U 311 54.48 -90.35 42.38
CA ARG U 311 53.10 -89.97 42.14
C ARG U 311 52.49 -89.24 43.32
N ALA U 312 52.80 -89.67 44.52
CA ALA U 312 52.30 -89.02 45.70
C ALA U 312 52.80 -87.59 45.82
N GLU U 313 54.02 -87.36 45.41
CA GLU U 313 54.58 -86.04 45.44
C GLU U 313 53.93 -85.05 44.50
N VAL U 314 53.70 -85.47 43.27
CA VAL U 314 53.06 -84.66 42.27
C VAL U 314 51.67 -84.34 42.75
N SER U 315 50.98 -85.33 43.25
CA SER U 315 49.67 -85.08 43.78
C SER U 315 49.70 -84.09 44.92
N ASP U 316 50.70 -84.17 45.77
CA ASP U 316 50.84 -83.23 46.84
C ASP U 316 51.04 -81.77 46.39
N VAL U 317 51.87 -81.49 45.42
CA VAL U 317 52.01 -80.09 45.01
C VAL U 317 50.71 -79.53 44.45
N ALA U 318 50.02 -80.34 43.67
CA ALA U 318 48.76 -79.98 43.07
C ALA U 318 47.62 -79.69 44.05
N ASN U 319 47.45 -80.57 45.02
CA ASN U 319 46.47 -80.40 46.07
C ASN U 319 46.72 -79.21 46.95
N ALA U 320 47.97 -78.84 47.16
CA ALA U 320 48.25 -77.62 47.90
C ALA U 320 47.73 -76.35 47.21
N VAL U 321 47.86 -76.30 45.90
CA VAL U 321 47.28 -75.25 45.08
C VAL U 321 45.77 -75.24 45.10
N PHE U 322 45.18 -76.42 44.99
CA PHE U 322 43.76 -76.61 45.09
C PHE U 322 43.28 -76.19 46.47
N ASN U 323 44.09 -76.41 47.47
CA ASN U 323 43.80 -76.08 48.85
C ASN U 323 43.68 -74.56 48.98
N GLY U 324 44.35 -73.83 48.10
CA GLY U 324 44.37 -72.40 48.17
C GLY U 324 45.62 -71.69 48.60
N ALA U 325 46.74 -72.39 48.62
CA ALA U 325 48.00 -71.81 49.02
C ALA U 325 48.60 -70.78 48.09
N ASP U 326 49.10 -69.71 48.64
CA ASP U 326 49.90 -68.79 47.90
C ASP U 326 51.20 -69.40 47.39
N CYS U 327 51.87 -70.16 48.24
CA CYS U 327 53.21 -70.67 47.99
C CYS U 327 53.45 -72.15 48.31
N VAL U 328 54.32 -72.75 47.53
CA VAL U 328 54.85 -74.03 47.87
C VAL U 328 56.34 -73.86 48.11
N MET U 329 56.93 -74.77 48.85
CA MET U 329 58.27 -74.62 49.33
C MET U 329 59.15 -75.80 49.08
N LEU U 330 60.43 -75.55 48.91
CA LEU U 330 61.41 -76.59 48.74
C LEU U 330 62.45 -76.47 49.81
N SER U 331 62.79 -77.59 50.42
CA SER U 331 63.72 -77.57 51.51
C SER U 331 65.06 -78.21 51.21
N GLY U 332 65.16 -79.49 51.49
CA GLY U 332 66.31 -80.29 51.20
C GLY U 332 66.57 -80.46 49.73
N GLU U 333 65.50 -80.51 48.96
CA GLU U 333 65.55 -80.73 47.54
C GLU U 333 66.38 -79.66 46.85
N THR U 334 66.37 -78.45 47.35
CA THR U 334 67.26 -77.40 46.88
C THR U 334 68.47 -77.09 47.77
N ALA U 335 68.40 -77.35 49.05
CA ALA U 335 69.52 -77.14 49.90
C ALA U 335 70.69 -78.08 49.67
N LYS U 336 70.42 -79.37 49.59
CA LYS U 336 71.44 -80.38 49.47
C LYS U 336 71.27 -81.38 48.32
N GLY U 337 70.27 -81.17 47.50
CA GLY U 337 69.90 -82.08 46.45
C GLY U 337 70.76 -82.14 45.22
N LYS U 338 70.63 -83.24 44.50
CA LYS U 338 71.16 -83.49 43.18
C LYS U 338 70.60 -82.67 42.02
N TYR U 339 69.31 -82.37 42.03
CA TYR U 339 68.69 -81.78 40.87
C TYR U 339 67.89 -80.56 41.20
N PRO U 340 68.57 -79.52 41.65
CA PRO U 340 67.89 -78.33 42.10
C PRO U 340 67.07 -77.64 41.04
N ASN U 341 67.62 -77.42 39.86
CA ASN U 341 66.87 -76.82 38.77
C ASN U 341 65.69 -77.65 38.33
N GLU U 342 65.88 -78.94 38.19
CA GLU U 342 64.81 -79.82 37.79
C GLU U 342 63.66 -79.88 38.79
N VAL U 343 63.96 -79.90 40.07
CA VAL U 343 62.91 -79.98 41.05
C VAL U 343 62.02 -78.76 41.00
N VAL U 344 62.61 -77.60 40.89
CA VAL U 344 61.90 -76.38 40.76
C VAL U 344 61.10 -76.34 39.49
N GLN U 345 61.66 -76.79 38.40
CA GLN U 345 60.96 -76.80 37.14
C GLN U 345 59.77 -77.70 37.21
N TYR U 346 59.91 -78.84 37.87
CA TYR U 346 58.80 -79.76 38.08
C TYR U 346 57.70 -79.16 38.93
N MET U 347 58.06 -78.48 39.98
CA MET U 347 57.09 -77.88 40.82
C MET U 347 56.30 -76.81 40.10
N ALA U 348 56.97 -76.00 39.29
CA ALA U 348 56.32 -74.95 38.55
C ALA U 348 55.33 -75.49 37.56
N ARG U 349 55.71 -76.55 36.90
CA ARG U 349 54.90 -77.21 35.92
C ARG U 349 53.64 -77.80 36.53
N ILE U 350 53.75 -78.45 37.66
CA ILE U 350 52.61 -78.98 38.38
C ILE U 350 51.66 -77.89 38.85
N CYS U 351 52.22 -76.80 39.30
CA CYS U 351 51.45 -75.68 39.76
C CYS U 351 50.65 -75.09 38.62
N LEU U 352 51.23 -74.99 37.45
CA LEU U 352 50.52 -74.48 36.29
C LEU U 352 49.39 -75.37 35.84
N GLU U 353 49.60 -76.67 35.88
CA GLU U 353 48.60 -77.63 35.55
C GLU U 353 47.41 -77.63 36.51
N ALA U 354 47.65 -77.55 37.80
CA ALA U 354 46.59 -77.51 38.81
C ALA U 354 45.76 -76.26 38.66
N GLN U 355 46.41 -75.20 38.24
CA GLN U 355 45.83 -73.90 38.02
C GLN U 355 44.78 -73.96 36.94
N SER U 356 44.98 -74.77 35.93
CA SER U 356 43.94 -74.97 34.94
C SER U 356 42.69 -75.58 35.51
N ALA U 357 42.86 -76.58 36.35
CA ALA U 357 41.79 -77.26 37.01
C ALA U 357 41.12 -76.39 38.03
N LEU U 358 41.80 -75.36 38.48
CA LEU U 358 41.31 -74.54 39.57
C LEU U 358 40.11 -73.77 39.12
N ASN U 359 39.08 -73.75 39.94
CA ASN U 359 37.94 -72.94 39.64
C ASN U 359 38.11 -71.63 40.34
N GLU U 360 38.70 -70.67 39.67
CA GLU U 360 39.00 -69.36 40.22
C GLU U 360 37.75 -68.59 40.57
N TYR U 361 36.72 -68.78 39.78
CA TYR U 361 35.44 -68.14 40.00
C TYR U 361 34.71 -68.55 41.27
N VAL U 362 34.65 -69.84 41.55
CA VAL U 362 34.01 -70.34 42.75
C VAL U 362 34.75 -69.85 43.95
N PHE U 363 36.05 -69.87 43.85
CA PHE U 363 36.94 -69.37 44.85
C PHE U 363 36.70 -67.90 45.15
N PHE U 364 36.45 -67.09 44.13
CA PHE U 364 36.15 -65.68 44.34
C PHE U 364 34.86 -65.46 45.14
N ASN U 365 33.81 -66.13 44.73
CA ASN U 365 32.54 -66.07 45.39
C ASN U 365 32.55 -66.63 46.79
N SER U 366 33.26 -67.71 47.00
CA SER U 366 33.33 -68.33 48.28
C SER U 366 33.98 -67.44 49.28
N ILE U 367 35.07 -66.80 48.87
CA ILE U 367 35.79 -65.87 49.70
C ILE U 367 34.99 -64.65 50.06
N LYS U 368 34.29 -64.13 49.08
CA LYS U 368 33.45 -62.96 49.14
C LYS U 368 32.31 -63.12 50.14
N LYS U 369 31.66 -64.28 50.16
CA LYS U 369 30.62 -64.58 51.13
C LYS U 369 31.10 -64.61 52.53
N LEU U 370 32.36 -64.92 52.76
CA LEU U 370 32.88 -65.03 54.09
C LEU U 370 33.33 -63.74 54.76
N GLN U 371 33.33 -62.65 54.03
CA GLN U 371 33.70 -61.37 54.56
C GLN U 371 32.56 -60.73 55.29
N HIS U 372 32.88 -60.08 56.40
CA HIS U 372 31.87 -59.43 57.24
C HIS U 372 31.42 -58.11 56.62
N ILE U 373 30.12 -57.83 56.74
CA ILE U 373 29.55 -56.60 56.20
C ILE U 373 28.96 -55.73 57.31
N PRO U 374 29.30 -54.43 57.29
CA PRO U 374 30.18 -53.89 56.25
C PRO U 374 31.64 -54.23 56.50
N MET U 375 32.51 -53.84 55.58
CA MET U 375 33.94 -54.11 55.71
C MET U 375 34.76 -52.83 55.57
N SER U 376 35.15 -52.51 54.34
CA SER U 376 35.93 -51.32 54.07
C SER U 376 35.83 -50.92 52.60
N ALA U 377 35.81 -49.60 52.35
CA ALA U 377 35.72 -49.09 51.01
C ALA U 377 36.73 -49.63 50.03
N ASP U 378 37.98 -49.71 50.42
CA ASP U 378 38.98 -50.35 49.58
C ASP U 378 38.74 -51.83 49.33
N GLU U 379 38.27 -52.55 50.33
CA GLU U 379 37.95 -53.94 50.15
C GLU U 379 36.82 -54.20 49.18
N ALA U 380 35.80 -53.39 49.24
CA ALA U 380 34.72 -53.46 48.28
C ALA U 380 35.20 -53.14 46.86
N VAL U 381 36.10 -52.20 46.76
CA VAL U 381 36.63 -51.79 45.48
C VAL U 381 37.37 -52.93 44.85
N CYS U 382 38.19 -53.61 45.62
CA CYS U 382 38.91 -54.76 45.12
C CYS U 382 38.06 -55.92 44.74
N SER U 383 37.11 -56.28 45.57
CA SER U 383 36.21 -57.36 45.28
C SER U 383 35.30 -57.12 44.09
N SER U 384 34.67 -55.98 44.06
CA SER U 384 33.87 -55.64 42.94
C SER U 384 34.72 -55.48 41.65
N ALA U 385 35.94 -55.00 41.75
CA ALA U 385 36.81 -54.87 40.59
C ALA U 385 37.15 -56.19 39.94
N VAL U 386 37.38 -57.21 40.76
CA VAL U 386 37.53 -58.58 40.33
C VAL U 386 36.26 -59.11 39.70
N ASN U 387 35.12 -58.75 40.27
CA ASN U 387 33.85 -59.15 39.73
C ASN U 387 33.71 -58.58 38.32
N SER U 388 34.20 -57.39 38.13
CA SER U 388 34.30 -56.73 36.85
C SER U 388 35.18 -57.51 35.94
N VAL U 389 36.24 -58.08 36.44
CA VAL U 389 37.09 -58.84 35.59
C VAL U 389 36.36 -60.02 35.04
N TYR U 390 35.65 -60.75 35.88
CA TYR U 390 34.88 -61.90 35.42
C TYR U 390 33.75 -61.52 34.47
N GLU U 391 33.07 -60.44 34.74
CA GLU U 391 31.99 -59.97 33.91
C GLU U 391 32.38 -59.53 32.50
N THR U 392 33.52 -58.88 32.34
CA THR U 392 34.01 -58.46 31.03
C THR U 392 34.97 -59.42 30.35
N LYS U 393 35.41 -60.43 31.06
CA LYS U 393 36.53 -61.24 30.66
C LYS U 393 37.82 -60.46 30.46
N ALA U 394 38.13 -59.58 31.39
CA ALA U 394 39.34 -58.81 31.32
C ALA U 394 40.59 -59.66 31.47
N LYS U 395 41.60 -59.34 30.69
CA LYS U 395 42.74 -60.21 30.63
C LYS U 395 43.89 -59.81 31.51
N ALA U 396 43.75 -58.68 32.17
CA ALA U 396 44.74 -58.21 33.11
C ALA U 396 44.18 -57.23 34.09
N MET U 397 44.93 -56.99 35.12
CA MET U 397 44.51 -56.13 36.15
C MET U 397 45.68 -55.31 36.52
N VAL U 398 45.49 -54.06 36.86
CA VAL U 398 46.58 -53.23 37.34
C VAL U 398 46.22 -52.57 38.65
N VAL U 399 47.09 -52.67 39.64
CA VAL U 399 46.86 -51.97 40.88
C VAL U 399 48.00 -51.15 41.33
N LEU U 400 47.72 -50.04 41.95
CA LEU U 400 48.75 -49.27 42.55
C LEU U 400 48.88 -49.58 44.01
N SER U 401 50.02 -50.12 44.40
CA SER U 401 50.34 -50.27 45.81
C SER U 401 51.75 -49.95 46.18
N ASN U 402 51.93 -49.09 47.15
CA ASN U 402 53.24 -48.81 47.72
C ASN U 402 53.62 -49.66 48.94
N THR U 403 52.72 -49.83 49.88
CA THR U 403 52.90 -50.76 50.98
C THR U 403 52.79 -52.19 50.55
N GLY U 404 52.11 -52.45 49.45
CA GLY U 404 51.79 -53.79 49.05
C GLY U 404 50.45 -54.26 49.55
N ARG U 405 49.84 -53.47 50.44
CA ARG U 405 48.52 -53.79 50.98
C ARG U 405 47.46 -53.92 49.90
N SER U 406 47.38 -52.93 49.00
CA SER U 406 46.37 -52.96 47.99
C SER U 406 46.49 -54.18 47.15
N ALA U 407 47.69 -54.57 46.83
CA ALA U 407 47.90 -55.76 46.05
C ALA U 407 47.44 -57.08 46.68
N ARG U 408 47.68 -57.27 47.95
CA ARG U 408 47.21 -58.46 48.65
C ARG U 408 45.69 -58.51 48.68
N LEU U 409 45.08 -57.37 48.89
CA LEU U 409 43.65 -57.24 48.96
C LEU U 409 42.96 -57.64 47.68
N VAL U 410 43.49 -57.26 46.56
CA VAL U 410 43.05 -57.74 45.27
C VAL U 410 43.29 -59.19 44.94
N ALA U 411 44.47 -59.68 45.23
CA ALA U 411 44.88 -61.04 44.94
C ALA U 411 44.04 -61.98 45.73
N LYS U 412 43.59 -61.50 46.86
CA LYS U 412 42.77 -62.21 47.78
C LYS U 412 41.46 -62.66 47.13
N TYR U 413 41.01 -61.92 46.15
CA TYR U 413 39.77 -62.22 45.52
C TYR U 413 39.90 -63.12 44.32
N ARG U 414 41.08 -63.61 44.06
CA ARG U 414 41.25 -64.62 43.04
C ARG U 414 40.65 -64.35 41.64
N PRO U 415 41.12 -63.30 40.98
CA PRO U 415 40.76 -63.03 39.61
C PRO U 415 41.33 -64.08 38.69
N ASN U 416 40.78 -64.21 37.51
CA ASN U 416 41.26 -65.26 36.62
C ASN U 416 42.27 -64.76 35.59
N CYS U 417 42.92 -63.69 35.95
CA CYS U 417 43.85 -63.05 35.09
C CYS U 417 45.00 -62.57 35.92
N PRO U 418 46.10 -62.24 35.29
CA PRO U 418 47.25 -61.74 36.01
C PRO U 418 46.97 -60.43 36.68
N ILE U 419 47.60 -60.17 37.80
CA ILE U 419 47.44 -58.91 38.46
C ILE U 419 48.75 -58.19 38.37
N VAL U 420 48.71 -56.96 37.95
CA VAL U 420 49.96 -56.27 37.81
C VAL U 420 49.99 -55.12 38.77
N CYS U 421 50.92 -55.19 39.70
CA CYS U 421 51.07 -54.18 40.72
C CYS U 421 52.17 -53.19 40.39
N VAL U 422 51.88 -51.92 40.51
CA VAL U 422 52.87 -50.94 40.25
C VAL U 422 53.23 -50.29 41.55
N THR U 423 54.47 -50.41 41.92
CA THR U 423 54.88 -50.01 43.24
C THR U 423 56.07 -49.06 43.20
N THR U 424 56.13 -48.18 44.16
CA THR U 424 57.24 -47.29 44.31
C THR U 424 58.28 -47.79 45.29
N ARG U 425 58.12 -49.00 45.79
CA ARG U 425 59.10 -49.58 46.71
C ARG U 425 59.61 -50.90 46.22
N LEU U 426 60.91 -51.04 46.11
CA LEU U 426 61.53 -52.29 45.70
C LEU U 426 61.28 -53.45 46.66
N GLN U 427 61.28 -53.16 47.93
CA GLN U 427 61.01 -54.14 48.95
C GLN U 427 59.61 -54.68 48.80
N THR U 428 58.70 -53.84 48.38
CA THR U 428 57.36 -54.22 48.12
C THR U 428 57.34 -55.22 47.00
N CYS U 429 58.16 -55.02 45.98
CA CYS U 429 58.24 -55.97 44.91
C CYS U 429 58.72 -57.33 45.40
N ARG U 430 59.69 -57.34 46.28
CA ARG U 430 60.12 -58.57 46.87
C ARG U 430 59.09 -59.22 47.79
N GLN U 431 58.46 -58.44 48.64
CA GLN U 431 57.51 -58.92 49.63
C GLN U 431 56.28 -59.55 48.99
N LEU U 432 55.92 -59.05 47.83
CA LEU U 432 54.83 -59.54 47.03
C LEU U 432 55.12 -60.84 46.34
N ASN U 433 56.33 -61.32 46.46
CA ASN U 433 56.74 -62.59 45.91
C ASN U 433 56.12 -63.77 46.66
N ILE U 434 55.51 -63.52 47.80
CA ILE U 434 54.74 -64.55 48.47
C ILE U 434 53.25 -64.46 48.26
N THR U 435 52.79 -63.53 47.44
CA THR U 435 51.38 -63.42 47.19
C THR U 435 51.07 -64.03 45.86
N GLN U 436 50.14 -64.96 45.81
CA GLN U 436 49.83 -65.59 44.55
C GLN U 436 49.23 -64.64 43.52
N GLY U 437 49.57 -64.92 42.28
CA GLY U 437 48.95 -64.28 41.16
C GLY U 437 49.31 -62.83 40.90
N VAL U 438 50.41 -62.37 41.45
CA VAL U 438 50.80 -60.98 41.35
C VAL U 438 52.20 -60.76 40.79
N GLU U 439 52.31 -59.80 39.91
CA GLU U 439 53.59 -59.39 39.36
C GLU U 439 53.82 -57.92 39.60
N SER U 440 55.04 -57.57 39.94
CA SER U 440 55.36 -56.20 40.31
C SER U 440 56.19 -55.46 39.27
N VAL U 441 55.86 -54.19 39.09
CA VAL U 441 56.62 -53.27 38.30
C VAL U 441 57.08 -52.16 39.20
N PHE U 442 58.36 -51.94 39.31
CA PHE U 442 58.85 -50.84 40.12
C PHE U 442 58.79 -49.51 39.36
N PHE U 443 58.30 -48.46 40.00
CA PHE U 443 58.25 -47.13 39.46
C PHE U 443 59.02 -46.25 40.39
N ASP U 444 60.09 -45.65 39.89
CA ASP U 444 61.01 -44.89 40.68
C ASP U 444 60.48 -43.50 40.84
N ALA U 445 59.94 -43.23 42.00
CA ALA U 445 59.32 -41.98 42.25
C ALA U 445 60.35 -40.89 42.12
N ASP U 446 61.57 -41.15 42.56
CA ASP U 446 62.60 -40.14 42.58
C ASP U 446 62.96 -39.65 41.20
N LYS U 447 63.30 -40.58 40.33
CA LYS U 447 63.57 -40.30 38.97
C LYS U 447 62.35 -39.76 38.24
N LEU U 448 61.19 -40.38 38.43
CA LEU U 448 60.02 -40.03 37.63
C LEU U 448 58.95 -39.21 38.31
N GLY U 449 59.15 -38.83 39.54
CA GLY U 449 58.15 -38.02 40.19
C GLY U 449 57.06 -38.80 40.90
N HIS U 450 56.32 -38.09 41.73
CA HIS U 450 55.30 -38.65 42.61
C HIS U 450 54.03 -39.15 41.96
N ASP U 451 53.78 -38.75 40.72
CA ASP U 451 52.68 -39.25 39.93
C ASP U 451 51.32 -39.19 40.58
N GLU U 452 50.96 -38.04 41.12
CA GLU U 452 49.73 -37.90 41.89
C GLU U 452 48.48 -38.14 41.07
N GLY U 453 48.53 -37.88 39.77
CA GLY U 453 47.36 -38.13 38.96
C GLY U 453 47.26 -39.52 38.44
N LYS U 454 48.31 -40.29 38.69
CA LYS U 454 48.33 -41.73 38.60
C LYS U 454 48.47 -42.24 37.18
N GLU U 455 48.50 -41.35 36.23
CA GLU U 455 48.60 -41.71 34.83
C GLU U 455 49.87 -42.42 34.44
N HIS U 456 51.00 -42.03 34.98
CA HIS U 456 52.24 -42.72 34.68
C HIS U 456 52.37 -44.12 35.19
N ARG U 457 52.04 -44.33 36.44
CA ARG U 457 52.10 -45.64 37.05
C ARG U 457 51.16 -46.54 36.31
N VAL U 458 50.00 -46.02 35.98
CA VAL U 458 49.07 -46.77 35.22
C VAL U 458 49.56 -47.15 33.86
N ALA U 459 50.24 -46.24 33.16
CA ALA U 459 50.78 -46.57 31.86
C ALA U 459 51.82 -47.67 31.92
N ALA U 460 52.65 -47.63 32.93
CA ALA U 460 53.69 -48.62 33.14
C ALA U 460 53.14 -50.01 33.42
N GLY U 461 52.13 -50.12 34.26
CA GLY U 461 51.50 -51.40 34.48
C GLY U 461 50.85 -51.95 33.25
N VAL U 462 50.16 -51.12 32.51
CA VAL U 462 49.59 -51.57 31.26
C VAL U 462 50.65 -51.99 30.25
N GLU U 463 51.74 -51.24 30.14
CA GLU U 463 52.80 -51.57 29.22
C GLU U 463 53.44 -52.88 29.55
N PHE U 464 53.64 -53.11 30.84
CA PHE U 464 54.20 -54.36 31.29
C PHE U 464 53.29 -55.49 30.91
N ALA U 465 51.99 -55.30 31.02
CA ALA U 465 51.03 -56.30 30.63
C ALA U 465 51.06 -56.61 29.16
N LYS U 466 51.25 -55.60 28.35
CA LYS U 466 51.42 -55.75 26.92
C LYS U 466 52.67 -56.52 26.62
N SER U 467 53.72 -56.15 27.31
CA SER U 467 55.00 -56.75 27.12
C SER U 467 55.07 -58.24 27.42
N LYS U 468 54.36 -58.70 28.44
CA LYS U 468 54.38 -60.11 28.78
C LYS U 468 53.32 -60.81 27.99
N GLY U 469 52.56 -60.08 27.22
CA GLY U 469 51.57 -60.67 26.37
C GLY U 469 50.22 -61.00 26.95
N TYR U 470 49.96 -60.55 28.15
CA TYR U 470 48.68 -60.73 28.80
C TYR U 470 47.58 -60.02 28.06
N VAL U 471 47.87 -58.84 27.53
CA VAL U 471 46.91 -58.06 26.77
C VAL U 471 47.33 -57.56 25.38
N GLN U 472 46.36 -57.37 24.52
CA GLN U 472 46.55 -56.79 23.20
C GLN U 472 45.49 -55.73 23.09
N THR U 473 45.55 -54.99 22.00
CA THR U 473 44.67 -53.86 21.80
C THR U 473 43.29 -54.43 21.71
N GLY U 474 42.36 -53.70 22.27
CA GLY U 474 40.98 -54.10 22.30
C GLY U 474 40.60 -54.88 23.52
N ASP U 475 41.56 -55.30 24.31
CA ASP U 475 41.34 -55.97 25.58
C ASP U 475 40.99 -55.04 26.73
N TYR U 476 40.31 -55.57 27.72
CA TYR U 476 39.98 -54.82 28.88
C TYR U 476 41.02 -55.03 29.91
N CYS U 477 41.37 -53.96 30.57
CA CYS U 477 42.22 -54.03 31.72
C CYS U 477 41.53 -53.32 32.85
N VAL U 478 41.42 -53.97 33.99
CA VAL U 478 40.71 -53.40 35.12
C VAL U 478 41.72 -52.82 36.06
N VAL U 479 41.53 -51.55 36.39
CA VAL U 479 42.52 -50.75 37.05
C VAL U 479 42.05 -50.21 38.38
N ILE U 480 42.89 -50.24 39.39
CA ILE U 480 42.56 -49.86 40.73
C ILE U 480 43.51 -48.86 41.39
N HIS U 481 43.00 -47.75 41.84
CA HIS U 481 43.77 -46.80 42.60
C HIS U 481 42.82 -45.78 43.19
N ALA U 482 43.37 -44.78 43.83
CA ALA U 482 42.60 -43.64 44.26
C ALA U 482 42.29 -42.67 43.15
N ASP U 483 41.29 -41.85 43.43
CA ASP U 483 40.95 -40.72 42.64
C ASP U 483 41.85 -39.60 43.07
N HIS U 484 41.61 -38.43 42.56
CA HIS U 484 42.46 -37.30 42.84
C HIS U 484 42.48 -36.81 44.26
N LYS U 485 41.35 -36.76 44.93
CA LYS U 485 41.31 -36.42 46.33
C LYS U 485 41.82 -37.42 47.41
N VAL U 486 41.37 -38.66 47.34
CA VAL U 486 41.60 -39.64 48.40
C VAL U 486 43.02 -40.15 48.59
N LYS U 487 43.43 -40.25 49.83
CA LYS U 487 44.77 -40.67 50.19
C LYS U 487 44.82 -41.82 51.18
N GLY U 488 45.73 -42.74 50.97
CA GLY U 488 45.93 -43.87 51.85
C GLY U 488 45.26 -45.17 51.49
N TYR U 489 44.36 -45.15 50.54
CA TYR U 489 43.74 -46.33 50.01
C TYR U 489 43.22 -46.08 48.63
N ALA U 490 42.80 -47.11 47.95
CA ALA U 490 42.23 -46.94 46.66
C ALA U 490 40.72 -47.00 46.74
N ASN U 491 40.08 -45.95 46.30
CA ASN U 491 38.65 -45.88 46.26
C ASN U 491 38.02 -46.00 44.88
N GLN U 492 38.80 -46.33 43.87
CA GLN U 492 38.35 -46.30 42.49
C GLN U 492 38.66 -47.52 41.64
N THR U 493 37.75 -47.86 40.75
CA THR U 493 38.00 -48.84 39.75
C THR U 493 37.63 -48.34 38.38
N ARG U 494 38.42 -48.68 37.38
CA ARG U 494 38.13 -48.33 36.00
C ARG U 494 38.33 -49.50 35.08
N ILE U 495 37.45 -49.66 34.12
CA ILE U 495 37.68 -50.60 33.07
C ILE U 495 38.17 -49.83 31.86
N LEU U 496 39.42 -50.01 31.47
CA LEU U 496 39.96 -49.37 30.28
C LEU U 496 40.32 -50.27 29.15
N LEU U 497 40.07 -49.80 27.95
CA LEU U 497 40.36 -50.50 26.73
C LEU U 497 41.81 -50.30 26.39
N VAL U 498 42.50 -51.34 25.93
CA VAL U 498 43.93 -51.19 25.69
C VAL U 498 44.29 -50.96 24.24
N GLU U 499 45.17 -50.00 24.01
CA GLU U 499 45.61 -49.67 22.65
C GLU U 499 47.10 -49.96 22.46
N SER V 2 15.22 -69.31 51.56
CA SER V 2 14.01 -69.63 50.86
C SER V 2 12.97 -68.61 51.17
N GLN V 3 11.94 -68.53 50.36
CA GLN V 3 10.92 -67.57 50.57
C GLN V 3 10.16 -67.94 51.81
N LEU V 4 10.10 -69.22 52.09
CA LEU V 4 9.41 -69.73 53.24
C LEU V 4 10.02 -69.31 54.55
N ALA V 5 11.32 -69.51 54.67
CA ALA V 5 12.04 -69.36 55.91
C ALA V 5 11.92 -67.94 56.36
N HIS V 6 12.20 -67.11 55.37
CA HIS V 6 12.05 -65.65 55.33
C HIS V 6 10.71 -65.10 55.70
N ASN V 7 9.63 -65.73 55.29
CA ASN V 7 8.31 -65.29 55.68
C ASN V 7 8.20 -65.31 57.18
N LEU V 8 8.97 -66.21 57.73
CA LEU V 8 9.05 -66.52 59.14
C LEU V 8 9.75 -65.46 59.97
N THR V 9 10.61 -64.71 59.33
CA THR V 9 11.28 -63.60 59.94
C THR V 9 10.48 -62.34 59.87
N LEU V 10 9.41 -62.29 59.12
CA LEU V 10 8.59 -61.08 59.05
C LEU V 10 7.77 -60.79 60.27
N SER V 11 7.48 -59.52 60.52
CA SER V 11 6.51 -59.12 61.54
C SER V 11 5.59 -58.00 61.12
N ILE V 12 4.34 -58.04 61.55
CA ILE V 12 3.44 -56.95 61.25
C ILE V 12 3.85 -55.64 61.87
N PHE V 13 4.59 -55.71 62.97
CA PHE V 13 5.06 -54.52 63.67
C PHE V 13 6.41 -53.99 63.18
N ASP V 14 6.92 -54.52 62.07
CA ASP V 14 8.17 -54.04 61.55
C ASP V 14 7.88 -52.65 61.03
N PRO V 15 8.77 -51.73 61.30
CA PRO V 15 8.60 -50.38 60.80
C PRO V 15 8.85 -50.31 59.31
N VAL V 16 8.05 -49.55 58.59
CA VAL V 16 8.28 -49.38 57.17
C VAL V 16 9.41 -48.45 56.87
N ALA V 17 9.81 -48.40 55.62
CA ALA V 17 10.91 -47.60 55.16
C ALA V 17 10.69 -46.11 55.10
N ASN V 18 11.78 -45.38 55.00
CA ASN V 18 11.72 -43.95 54.87
C ASN V 18 11.54 -43.52 53.43
N TYR V 19 11.48 -44.49 52.53
CA TYR V 19 11.24 -44.22 51.14
C TYR V 19 10.34 -45.28 50.52
N ARG V 20 9.53 -44.89 49.55
CA ARG V 20 8.75 -45.81 48.76
C ARG V 20 9.35 -45.97 47.38
N ALA V 21 9.81 -47.16 47.09
CA ALA V 21 10.37 -47.50 45.80
C ALA V 21 9.44 -47.51 44.60
N ALA V 22 8.28 -48.09 44.76
CA ALA V 22 7.33 -48.23 43.69
C ALA V 22 6.66 -46.92 43.32
N ARG V 23 6.30 -46.79 42.07
CA ARG V 23 5.70 -45.59 41.53
C ARG V 23 4.25 -45.75 41.14
N ILE V 24 3.49 -44.70 41.34
CA ILE V 24 2.08 -44.72 41.06
C ILE V 24 1.70 -43.87 39.89
N ILE V 25 0.86 -44.44 39.03
CA ILE V 25 0.38 -43.79 37.83
C ILE V 25 -1.11 -43.54 37.93
N CYS V 26 -1.54 -42.34 37.57
CA CYS V 26 -2.94 -41.97 37.67
C CYS V 26 -3.48 -41.51 36.35
N THR V 27 -4.64 -42.00 36.00
CA THR V 27 -5.33 -41.59 34.82
C THR V 27 -6.17 -40.39 35.15
N ILE V 28 -6.10 -39.39 34.29
CA ILE V 28 -6.75 -38.13 34.56
C ILE V 28 -8.04 -37.96 33.79
N GLY V 29 -9.10 -37.81 34.54
CA GLY V 29 -10.44 -37.64 34.03
C GLY V 29 -11.11 -36.51 34.77
N PRO V 30 -12.42 -36.52 34.69
CA PRO V 30 -13.26 -35.45 35.15
C PRO V 30 -13.10 -35.20 36.62
N SER V 31 -12.92 -36.24 37.39
CA SER V 31 -12.59 -36.12 38.78
C SER V 31 -11.24 -35.45 39.05
N THR V 32 -10.29 -35.55 38.15
CA THR V 32 -8.93 -35.17 38.49
C THR V 32 -8.22 -34.12 37.63
N GLN V 33 -8.96 -33.52 36.74
CA GLN V 33 -8.44 -32.56 35.80
C GLN V 33 -8.00 -31.22 36.36
N SER V 34 -8.73 -30.79 37.37
CA SER V 34 -8.49 -29.52 37.97
C SER V 34 -7.17 -29.51 38.65
N VAL V 35 -6.57 -28.36 38.62
CA VAL V 35 -5.28 -28.15 39.17
C VAL V 35 -5.29 -28.47 40.64
N GLU V 36 -6.35 -28.10 41.32
CA GLU V 36 -6.45 -28.44 42.71
C GLU V 36 -6.51 -29.95 42.93
N ALA V 37 -7.26 -30.65 42.09
CA ALA V 37 -7.32 -32.09 42.20
C ALA V 37 -5.97 -32.73 41.93
N LEU V 38 -5.27 -32.23 40.92
CA LEU V 38 -3.97 -32.72 40.56
C LEU V 38 -2.94 -32.51 41.63
N LYS V 39 -3.01 -31.39 42.30
CA LYS V 39 -2.15 -31.09 43.42
C LYS V 39 -2.39 -32.07 44.54
N GLY V 40 -3.63 -32.43 44.75
CA GLY V 40 -3.98 -33.43 45.72
C GLY V 40 -3.41 -34.79 45.37
N LEU V 41 -3.45 -35.13 44.10
CA LEU V 41 -2.91 -36.37 43.60
C LEU V 41 -1.42 -36.49 43.78
N ILE V 42 -0.69 -35.43 43.49
CA ILE V 42 0.74 -35.43 43.63
C ILE V 42 1.15 -35.60 45.06
N GLN V 43 0.50 -34.88 45.93
CA GLN V 43 0.74 -34.95 47.34
C GLN V 43 0.38 -36.30 47.92
N SER V 44 -0.61 -36.89 47.31
CA SER V 44 -1.07 -38.19 47.68
C SER V 44 -0.11 -39.24 47.21
N GLY V 45 0.72 -38.90 46.23
CA GLY V 45 1.65 -39.85 45.70
C GLY V 45 1.75 -40.16 44.23
N MET V 46 1.19 -39.36 43.36
CA MET V 46 1.26 -39.62 41.93
C MET V 46 2.57 -39.23 41.27
N SER V 47 3.19 -40.12 40.54
CA SER V 47 4.39 -39.77 39.86
C SER V 47 4.21 -39.60 38.38
N VAL V 48 3.19 -40.22 37.84
CA VAL V 48 2.94 -40.17 36.41
C VAL V 48 1.48 -39.86 36.14
N ALA V 49 1.20 -38.92 35.27
CA ALA V 49 -0.18 -38.71 34.87
C ALA V 49 -0.50 -39.24 33.50
N ARG V 50 -1.54 -40.05 33.41
CA ARG V 50 -1.91 -40.72 32.19
C ARG V 50 -3.14 -40.11 31.56
N MET V 51 -3.03 -39.82 30.29
CA MET V 51 -4.15 -39.37 29.49
C MET V 51 -4.57 -40.46 28.54
N ASN V 52 -5.83 -40.83 28.56
CA ASN V 52 -6.32 -41.86 27.69
C ASN V 52 -7.02 -41.29 26.49
N PHE V 53 -6.47 -41.52 25.34
CA PHE V 53 -6.90 -40.89 24.11
C PHE V 53 -8.06 -41.61 23.49
N SER V 54 -8.52 -42.65 24.16
CA SER V 54 -9.77 -43.28 23.83
C SER V 54 -10.93 -42.41 24.24
N HIS V 55 -10.67 -41.47 25.12
CA HIS V 55 -11.69 -40.62 25.67
C HIS V 55 -11.18 -39.22 25.51
N GLY V 56 -12.06 -38.25 25.44
CA GLY V 56 -11.62 -36.89 25.34
C GLY V 56 -11.23 -36.54 23.95
N SER V 57 -10.46 -35.49 23.80
CA SER V 57 -10.10 -34.96 22.52
C SER V 57 -8.84 -34.25 22.77
N HIS V 58 -8.23 -33.71 21.73
CA HIS V 58 -6.96 -33.07 21.90
C HIS V 58 -7.19 -31.93 22.80
N GLU V 59 -8.33 -31.30 22.63
CA GLU V 59 -8.69 -30.17 23.43
C GLU V 59 -8.80 -30.50 24.89
N TYR V 60 -9.46 -31.59 25.23
CA TYR V 60 -9.61 -31.98 26.61
C TYR V 60 -8.29 -32.34 27.25
N HIS V 61 -7.52 -33.11 26.53
CA HIS V 61 -6.21 -33.58 26.95
C HIS V 61 -5.16 -32.51 27.10
N GLN V 62 -5.29 -31.46 26.30
CA GLN V 62 -4.45 -30.29 26.41
C GLN V 62 -4.65 -29.64 27.73
N THR V 63 -5.89 -29.57 28.17
CA THR V 63 -6.18 -28.96 29.42
C THR V 63 -5.47 -29.71 30.51
N THR V 64 -5.45 -31.03 30.39
CA THR V 64 -4.79 -31.89 31.35
C THR V 64 -3.30 -31.66 31.40
N ILE V 65 -2.71 -31.49 30.24
CA ILE V 65 -1.30 -31.24 30.16
C ILE V 65 -0.92 -29.95 30.81
N ASN V 66 -1.69 -28.92 30.54
CA ASN V 66 -1.44 -27.63 31.13
C ASN V 66 -1.64 -27.67 32.60
N ASN V 67 -2.69 -28.32 33.02
CA ASN V 67 -2.92 -28.46 34.42
C ASN V 67 -1.88 -29.25 35.19
N VAL V 68 -1.33 -30.27 34.59
CA VAL V 68 -0.30 -31.07 35.22
C VAL V 68 0.97 -30.27 35.41
N ARG V 69 1.35 -29.58 34.36
CA ARG V 69 2.52 -28.76 34.43
C ARG V 69 2.37 -27.64 35.45
N GLN V 70 1.21 -27.00 35.49
CA GLN V 70 0.93 -25.95 36.45
C GLN V 70 0.91 -26.42 37.89
N ALA V 71 0.28 -27.57 38.12
CA ALA V 71 0.28 -28.17 39.43
C ALA V 71 1.66 -28.62 39.92
N ALA V 72 2.42 -29.24 39.03
CA ALA V 72 3.76 -29.68 39.34
C ALA V 72 4.65 -28.49 39.63
N ALA V 73 4.51 -27.44 38.85
CA ALA V 73 5.32 -26.26 39.00
C ALA V 73 5.11 -25.58 40.33
N GLU V 74 3.88 -25.53 40.74
CA GLU V 74 3.48 -25.00 42.03
C GLU V 74 4.02 -25.79 43.18
N LEU V 75 4.28 -27.05 42.95
CA LEU V 75 4.68 -27.92 44.04
C LEU V 75 6.15 -28.23 43.96
N GLY V 76 6.81 -27.63 43.00
CA GLY V 76 8.21 -27.86 42.78
C GLY V 76 8.65 -29.26 42.49
N VAL V 77 7.94 -29.95 41.63
CA VAL V 77 8.20 -31.34 41.37
C VAL V 77 8.11 -31.63 39.92
N ASN V 78 8.68 -32.74 39.48
CA ASN V 78 8.61 -33.11 38.10
C ASN V 78 7.69 -34.31 37.92
N ILE V 79 6.66 -34.19 37.10
CA ILE V 79 5.71 -35.25 36.88
C ILE V 79 5.71 -35.69 35.44
N ALA V 80 5.88 -36.97 35.18
CA ALA V 80 5.82 -37.48 33.83
C ALA V 80 4.43 -37.38 33.26
N ILE V 81 4.32 -37.13 31.98
CA ILE V 81 3.07 -37.12 31.29
C ILE V 81 3.05 -38.23 30.26
N ALA V 82 2.04 -39.07 30.31
CA ALA V 82 1.95 -40.21 29.43
C ALA V 82 0.78 -40.12 28.50
N LEU V 83 0.97 -40.42 27.24
CA LEU V 83 -0.13 -40.48 26.32
C LEU V 83 -0.47 -41.94 25.97
N ASP V 84 -1.70 -42.22 26.42
CA ASP V 84 -2.37 -43.47 26.29
C ASP V 84 -3.35 -43.44 25.13
N THR V 85 -2.93 -44.00 24.02
CA THR V 85 -3.67 -44.00 22.78
C THR V 85 -5.00 -44.76 22.78
N LYS V 86 -5.91 -44.33 21.94
CA LYS V 86 -7.17 -45.02 21.79
C LYS V 86 -6.86 -46.34 21.15
N GLY V 87 -6.09 -46.34 20.10
CA GLY V 87 -5.71 -47.54 19.42
C GLY V 87 -6.78 -48.05 18.50
N PRO V 88 -6.48 -49.05 17.72
CA PRO V 88 -7.46 -49.63 16.82
C PRO V 88 -8.60 -50.28 17.59
N GLU V 89 -9.86 -50.10 17.19
CA GLU V 89 -11.00 -50.74 17.84
C GLU V 89 -11.83 -51.49 16.77
N ILE V 90 -12.42 -52.62 17.20
CA ILE V 90 -13.45 -53.29 16.45
C ILE V 90 -14.77 -52.97 17.13
N ARG V 91 -15.70 -52.46 16.33
CA ARG V 91 -17.05 -52.15 16.78
C ARG V 91 -18.13 -52.70 15.84
N THR V 92 -19.28 -53.01 16.41
CA THR V 92 -20.50 -53.24 15.59
C THR V 92 -20.97 -51.92 15.01
N GLY V 93 -21.90 -52.03 14.06
CA GLY V 93 -22.59 -50.89 13.53
C GLY V 93 -23.77 -50.54 14.42
N GLN V 94 -24.72 -49.82 13.82
CA GLN V 94 -25.99 -49.42 14.41
C GLN V 94 -27.03 -50.53 14.22
N PHE V 95 -27.99 -50.58 15.13
CA PHE V 95 -29.19 -51.41 14.96
C PHE V 95 -30.43 -50.56 14.74
N VAL V 96 -31.40 -51.09 13.97
CA VAL V 96 -32.69 -50.44 13.74
C VAL V 96 -33.45 -50.35 15.09
N GLY V 97 -34.09 -49.19 15.33
CA GLY V 97 -34.71 -48.90 16.61
C GLY V 97 -33.72 -48.58 17.72
N GLY V 98 -32.46 -48.36 17.35
CA GLY V 98 -31.40 -48.05 18.32
C GLY V 98 -30.81 -49.24 19.05
N ASP V 99 -31.50 -50.37 19.01
CA ASP V 99 -31.22 -51.53 19.90
C ASP V 99 -31.46 -52.87 19.17
N ALA V 100 -30.97 -53.98 19.72
CA ALA V 100 -31.26 -55.32 19.17
C ALA V 100 -31.16 -56.48 20.17
N VAL V 101 -32.24 -57.25 20.27
CA VAL V 101 -32.47 -58.21 21.34
C VAL V 101 -32.00 -59.64 20.98
N MET V 102 -30.80 -60.01 21.40
CA MET V 102 -30.14 -61.29 21.03
C MET V 102 -30.53 -62.46 21.96
N GLU V 103 -31.23 -63.47 21.46
CA GLU V 103 -31.73 -64.55 22.33
C GLU V 103 -30.84 -65.78 22.26
N ARG V 104 -30.79 -66.56 23.34
CA ARG V 104 -29.96 -67.76 23.34
C ARG V 104 -30.51 -68.81 22.36
N GLY V 105 -29.63 -69.48 21.60
CA GLY V 105 -30.08 -70.49 20.65
C GLY V 105 -30.36 -69.97 19.22
N ALA V 106 -30.67 -68.66 19.09
CA ALA V 106 -30.95 -68.00 17.80
C ALA V 106 -29.78 -67.99 16.82
N THR V 107 -30.08 -67.95 15.52
CA THR V 107 -29.11 -67.71 14.47
C THR V 107 -29.12 -66.22 14.05
N CYS V 108 -27.91 -65.64 13.95
CA CYS V 108 -27.76 -64.28 13.38
C CYS V 108 -26.57 -64.23 12.42
N TYR V 109 -26.46 -63.16 11.66
CA TYR V 109 -25.49 -63.06 10.55
C TYR V 109 -24.66 -61.81 10.83
N VAL V 110 -23.36 -61.94 10.84
CA VAL V 110 -22.50 -60.76 11.09
C VAL V 110 -21.77 -60.50 9.78
N THR V 111 -21.84 -59.25 9.33
CA THR V 111 -21.30 -58.97 8.04
C THR V 111 -20.35 -57.80 8.09
N THR V 112 -19.37 -57.78 7.21
CA THR V 112 -18.56 -56.60 7.03
C THR V 112 -18.94 -55.78 5.81
N ASP V 113 -20.06 -56.14 5.17
CA ASP V 113 -20.61 -55.34 4.07
C ASP V 113 -21.04 -53.95 4.61
N PRO V 114 -20.38 -52.87 4.12
CA PRO V 114 -20.62 -51.56 4.75
C PRO V 114 -22.04 -51.00 4.50
N ALA V 115 -22.71 -51.49 3.45
CA ALA V 115 -24.16 -51.23 3.25
C ALA V 115 -25.02 -51.38 4.55
N PHE V 116 -24.56 -52.20 5.49
CA PHE V 116 -25.31 -52.55 6.72
C PHE V 116 -24.98 -51.77 8.01
N ALA V 117 -24.14 -50.75 7.91
CA ALA V 117 -23.63 -50.05 9.11
C ALA V 117 -24.70 -49.29 9.91
N ASP V 118 -25.76 -48.87 9.23
CA ASP V 118 -26.85 -48.14 9.88
C ASP V 118 -28.21 -48.87 9.82
N LYS V 119 -28.17 -50.19 9.59
CA LYS V 119 -29.41 -51.00 9.44
C LYS V 119 -29.20 -52.46 9.85
N GLY V 120 -28.43 -52.66 10.91
CA GLY V 120 -28.36 -54.00 11.51
C GLY V 120 -29.69 -54.36 12.17
N THR V 121 -29.86 -55.63 12.52
CA THR V 121 -31.02 -56.08 13.28
C THR V 121 -30.52 -57.31 13.99
N LYS V 122 -31.34 -57.88 14.87
CA LYS V 122 -30.89 -59.11 15.51
C LYS V 122 -30.51 -60.19 14.50
N ASP V 123 -31.12 -60.11 13.30
CA ASP V 123 -30.94 -61.05 12.19
C ASP V 123 -29.59 -60.89 11.50
N LYS V 124 -29.21 -59.65 11.21
CA LYS V 124 -27.95 -59.39 10.53
C LYS V 124 -27.45 -57.99 10.77
N PHE V 125 -26.20 -57.91 11.18
CA PHE V 125 -25.63 -56.59 11.44
C PHE V 125 -24.15 -56.53 11.09
N TYR V 126 -23.63 -55.33 11.13
CA TYR V 126 -22.31 -55.03 10.68
C TYR V 126 -21.31 -55.00 11.85
N ILE V 127 -20.12 -55.56 11.62
CA ILE V 127 -18.92 -55.42 12.45
C ILE V 127 -17.90 -54.73 11.56
N ASP V 128 -17.25 -53.69 12.04
CA ASP V 128 -16.51 -52.81 11.12
C ASP V 128 -15.08 -53.24 10.81
N TYR V 129 -14.70 -54.47 11.12
CA TYR V 129 -13.34 -54.94 10.88
C TYR V 129 -13.36 -55.76 9.62
N GLN V 130 -12.85 -55.15 8.53
CA GLN V 130 -13.06 -55.69 7.18
C GLN V 130 -12.45 -57.08 6.95
N ASN V 131 -11.45 -57.39 7.75
CA ASN V 131 -10.85 -58.70 7.70
C ASN V 131 -11.52 -59.71 8.58
N LEU V 132 -12.70 -59.45 9.15
CA LEU V 132 -13.30 -60.42 10.12
C LEU V 132 -13.29 -61.87 9.61
N SER V 133 -13.79 -62.06 8.36
CA SER V 133 -13.96 -63.40 7.76
C SER V 133 -12.66 -64.16 7.57
N LYS V 134 -11.61 -63.46 7.17
CA LYS V 134 -10.33 -64.10 6.97
C LYS V 134 -9.73 -64.52 8.32
N VAL V 135 -10.07 -63.83 9.38
CA VAL V 135 -9.36 -64.08 10.64
C VAL V 135 -10.06 -65.14 11.46
N VAL V 136 -11.36 -65.29 11.29
CA VAL V 136 -12.12 -66.23 12.10
C VAL V 136 -12.37 -67.54 11.32
N ARG V 137 -12.48 -68.66 12.03
CA ARG V 137 -12.92 -69.96 11.46
C ARG V 137 -14.12 -70.55 12.23
N PRO V 138 -14.86 -71.53 11.63
CA PRO V 138 -15.91 -72.27 12.34
C PRO V 138 -15.43 -72.78 13.71
N GLY V 139 -16.20 -72.52 14.77
CA GLY V 139 -15.87 -72.95 16.11
C GLY V 139 -15.39 -71.79 16.96
N ASN V 140 -14.68 -70.85 16.34
CA ASN V 140 -14.25 -69.61 17.03
C ASN V 140 -15.41 -68.82 17.65
N TYR V 141 -15.07 -68.06 18.67
CA TYR V 141 -16.03 -67.26 19.41
C TYR V 141 -15.86 -65.78 19.07
N ILE V 142 -16.96 -65.04 19.05
CA ILE V 142 -16.95 -63.62 18.77
C ILE V 142 -17.64 -62.89 19.91
N TYR V 143 -16.87 -62.13 20.69
CA TYR V 143 -17.43 -61.46 21.89
C TYR V 143 -17.89 -60.05 21.59
N ILE V 144 -19.08 -59.70 22.08
CA ILE V 144 -19.65 -58.39 21.84
C ILE V 144 -20.16 -57.80 23.16
N ASP V 145 -19.88 -56.52 23.36
CA ASP V 145 -20.26 -55.86 24.59
C ASP V 145 -19.53 -56.11 25.92
N ASP V 146 -18.20 -56.03 25.87
CA ASP V 146 -17.42 -56.36 27.05
C ASP V 146 -17.17 -57.88 27.18
N GLY V 147 -17.48 -58.61 26.10
CA GLY V 147 -17.50 -60.10 26.15
C GLY V 147 -18.80 -60.70 26.74
N ILE V 148 -19.82 -59.86 26.92
CA ILE V 148 -21.05 -60.28 27.57
C ILE V 148 -21.87 -61.19 26.66
N LEU V 149 -21.95 -60.82 25.39
CA LEU V 149 -22.71 -61.58 24.40
C LEU V 149 -21.67 -62.42 23.67
N ILE V 150 -21.87 -63.74 23.71
CA ILE V 150 -20.90 -64.61 23.08
C ILE V 150 -21.58 -65.30 21.91
N LEU V 151 -21.18 -64.90 20.71
CA LEU V 151 -21.67 -65.55 19.52
C LEU V 151 -20.63 -66.61 19.17
N GLN V 152 -21.09 -67.74 18.63
CA GLN V 152 -20.16 -68.70 18.02
C GLN V 152 -20.30 -68.83 16.50
N VAL V 153 -19.15 -68.80 15.84
CA VAL V 153 -19.08 -68.89 14.40
C VAL V 153 -19.37 -70.30 13.88
N GLN V 154 -20.37 -70.39 12.99
CA GLN V 154 -20.78 -71.68 12.46
C GLN V 154 -20.21 -71.85 11.05
N SER V 155 -20.36 -70.83 10.20
CA SER V 155 -19.93 -70.95 8.82
C SER V 155 -19.82 -69.59 8.17
N HIS V 156 -19.22 -69.61 6.98
CA HIS V 156 -19.17 -68.46 6.09
C HIS V 156 -20.41 -68.54 5.22
N GLU V 157 -21.44 -67.75 5.56
CA GLU V 157 -22.56 -67.55 4.62
C GLU V 157 -22.04 -67.07 3.28
N ASP V 158 -21.17 -66.05 3.28
CA ASP V 158 -20.48 -65.64 2.05
C ASP V 158 -19.12 -65.03 2.36
N GLU V 159 -18.52 -64.36 1.39
CA GLU V 159 -17.20 -63.87 1.64
C GLU V 159 -17.08 -62.71 2.64
N GLN V 160 -18.21 -62.10 3.02
CA GLN V 160 -18.27 -60.98 3.96
C GLN V 160 -19.19 -61.21 5.14
N THR V 161 -19.80 -62.38 5.23
CA THR V 161 -20.85 -62.59 6.20
C THR V 161 -20.63 -63.93 6.87
N LEU V 162 -20.78 -63.94 8.20
CA LEU V 162 -20.63 -65.13 8.99
C LEU V 162 -21.98 -65.52 9.59
N GLU V 163 -22.35 -66.79 9.45
CA GLU V 163 -23.53 -67.30 10.16
C GLU V 163 -23.06 -67.61 11.58
N CYS V 164 -23.77 -67.08 12.58
CA CYS V 164 -23.39 -67.31 13.99
C CYS V 164 -24.53 -67.95 14.76
N THR V 165 -24.20 -68.74 15.79
CA THR V 165 -25.13 -69.07 16.88
C THR V 165 -25.03 -68.07 18.03
N VAL V 166 -26.14 -67.67 18.62
CA VAL V 166 -26.10 -66.93 19.85
C VAL V 166 -26.01 -67.89 21.10
N THR V 167 -24.88 -67.84 21.84
CA THR V 167 -24.68 -68.82 22.93
C THR V 167 -25.32 -68.40 24.25
N ASN V 168 -25.59 -67.10 24.42
CA ASN V 168 -26.26 -66.62 25.65
C ASN V 168 -27.02 -65.33 25.37
N SER V 169 -28.08 -65.11 26.13
CA SER V 169 -29.03 -64.03 25.86
C SER V 169 -28.42 -62.72 26.29
N HIS V 170 -28.69 -61.66 25.53
CA HIS V 170 -28.24 -60.34 25.91
C HIS V 170 -28.75 -59.31 24.89
N THR V 171 -29.29 -58.23 25.39
CA THR V 171 -29.68 -57.13 24.54
C THR V 171 -28.42 -56.29 24.33
N ILE V 172 -28.16 -55.93 23.07
CA ILE V 172 -27.01 -55.09 22.73
C ILE V 172 -27.44 -53.80 22.02
N SER V 173 -26.89 -52.66 22.43
CA SER V 173 -27.21 -51.38 21.75
C SER V 173 -26.17 -51.04 20.68
N ASP V 174 -26.29 -49.85 20.08
CA ASP V 174 -25.40 -49.43 19.00
C ASP V 174 -23.92 -49.47 19.33
N ARG V 175 -23.15 -49.98 18.37
CA ARG V 175 -21.70 -49.80 18.32
C ARG V 175 -20.93 -50.36 19.50
N ARG V 176 -21.21 -51.60 19.89
CA ARG V 176 -20.41 -52.23 20.93
C ARG V 176 -19.05 -52.72 20.44
N GLY V 177 -18.09 -52.82 21.36
CA GLY V 177 -16.76 -53.29 21.01
C GLY V 177 -16.79 -54.79 20.85
N VAL V 178 -15.96 -55.32 19.99
CA VAL V 178 -15.96 -56.74 19.87
C VAL V 178 -14.54 -57.23 20.18
N ASN V 179 -14.44 -58.48 20.64
CA ASN V 179 -13.14 -59.12 20.73
C ASN V 179 -13.14 -60.44 20.03
N LEU V 180 -11.95 -61.00 19.82
CA LEU V 180 -11.76 -62.20 19.05
C LEU V 180 -10.71 -63.13 19.72
N PRO V 181 -11.14 -63.87 20.79
CA PRO V 181 -10.09 -64.43 21.61
C PRO V 181 -9.20 -65.49 21.00
N GLY V 182 -9.65 -66.21 20.00
CA GLY V 182 -8.79 -67.24 19.42
C GLY V 182 -8.28 -66.73 18.09
N CYS V 183 -8.19 -65.41 17.98
CA CYS V 183 -8.00 -64.83 16.66
C CYS V 183 -6.89 -63.83 16.69
N ASP V 184 -6.06 -63.92 15.66
CA ASP V 184 -4.97 -63.00 15.47
C ASP V 184 -5.50 -61.78 14.74
N VAL V 185 -5.76 -60.74 15.49
CA VAL V 185 -6.34 -59.52 14.90
C VAL V 185 -5.25 -58.74 14.21
N ASP V 186 -5.52 -58.27 12.99
CA ASP V 186 -4.44 -57.63 12.20
C ASP V 186 -4.71 -56.18 11.80
N LEU V 187 -5.43 -55.48 12.61
CA LEU V 187 -5.45 -54.07 12.52
C LEU V 187 -4.04 -53.53 12.55
N PRO V 188 -3.85 -52.41 11.89
CA PRO V 188 -2.58 -51.70 11.92
C PRO V 188 -2.25 -51.30 13.34
N ALA V 189 -0.99 -51.03 13.60
CA ALA V 189 -0.55 -50.74 14.95
C ALA V 189 -1.14 -49.45 15.38
N VAL V 190 -1.22 -48.54 14.44
CA VAL V 190 -1.63 -47.19 14.67
C VAL V 190 -2.80 -46.79 13.78
N SER V 191 -3.90 -46.42 14.37
CA SER V 191 -5.03 -45.92 13.62
C SER V 191 -4.78 -44.52 13.07
N ALA V 192 -5.70 -44.04 12.26
CA ALA V 192 -5.57 -42.69 11.75
C ALA V 192 -5.71 -41.66 12.85
N LYS V 193 -6.59 -41.86 13.79
CA LYS V 193 -6.66 -40.98 14.91
C LYS V 193 -5.39 -41.02 15.78
N ASP V 194 -4.83 -42.19 15.98
CA ASP V 194 -3.59 -42.35 16.71
C ASP V 194 -2.49 -41.52 16.06
N ARG V 195 -2.43 -41.58 14.75
CA ARG V 195 -1.42 -40.88 14.01
C ARG V 195 -1.50 -39.42 14.31
N VAL V 196 -2.71 -38.91 14.39
CA VAL V 196 -2.90 -37.54 14.74
C VAL V 196 -2.65 -37.53 16.19
N ASP V 197 -2.81 -38.68 16.86
CA ASP V 197 -2.63 -38.68 18.28
C ASP V 197 -1.17 -38.66 18.67
N LEU V 198 -0.35 -39.41 17.97
CA LEU V 198 1.08 -39.41 18.18
C LEU V 198 1.76 -38.10 17.90
N GLN V 199 1.37 -37.44 16.81
CA GLN V 199 1.94 -36.16 16.47
C GLN V 199 1.68 -35.10 17.52
N PHE V 200 0.48 -35.11 18.07
CA PHE V 200 0.08 -34.18 19.09
C PHE V 200 0.92 -34.36 20.32
N GLY V 201 1.19 -35.61 20.65
CA GLY V 201 2.00 -35.94 21.79
C GLY V 201 3.40 -35.42 21.68
N VAL V 202 3.96 -35.52 20.49
CA VAL V 202 5.26 -34.95 20.21
C VAL V 202 5.25 -33.45 20.34
N GLU V 203 4.23 -32.81 19.79
CA GLU V 203 4.07 -31.37 19.80
C GLU V 203 3.95 -30.81 21.18
N GLN V 204 3.22 -31.47 22.05
CA GLN V 204 3.02 -30.96 23.38
C GLN V 204 4.07 -31.49 24.31
N GLY V 205 5.06 -32.14 23.74
CA GLY V 205 6.17 -32.63 24.49
C GLY V 205 5.95 -33.64 25.60
N VAL V 206 5.11 -34.62 25.35
CA VAL V 206 4.91 -35.69 26.32
C VAL V 206 6.13 -36.56 26.52
N ASP V 207 6.28 -37.04 27.74
CA ASP V 207 7.33 -37.96 28.10
C ASP V 207 7.31 -39.41 27.56
N MET V 208 6.18 -40.06 27.56
CA MET V 208 6.07 -41.44 27.12
C MET V 208 4.75 -41.74 26.42
N ILE V 209 4.73 -42.81 25.67
CA ILE V 209 3.55 -43.31 25.06
C ILE V 209 3.20 -44.66 25.64
N PHE V 210 1.99 -44.83 26.08
CA PHE V 210 1.55 -46.14 26.41
C PHE V 210 0.87 -46.66 25.18
N ALA V 211 1.51 -47.53 24.45
CA ALA V 211 1.00 -47.94 23.19
C ALA V 211 0.07 -49.12 23.33
N SER V 212 -1.20 -48.89 23.08
CA SER V 212 -2.22 -49.89 23.18
C SER V 212 -2.13 -51.01 22.19
N PHE V 213 -2.62 -52.15 22.63
CA PHE V 213 -2.78 -53.31 21.84
C PHE V 213 -1.50 -53.71 21.03
N ILE V 214 -0.24 -53.85 21.57
CA ILE V 214 0.90 -54.13 20.76
C ILE V 214 0.93 -55.63 20.48
N ARG V 215 0.60 -56.02 19.26
CA ARG V 215 0.83 -57.36 18.70
C ARG V 215 2.27 -57.81 18.38
N SER V 216 3.14 -56.89 18.01
CA SER V 216 4.44 -57.21 17.43
C SER V 216 5.57 -56.20 17.58
N ALA V 217 6.79 -56.70 17.38
CA ALA V 217 7.99 -55.89 17.34
C ALA V 217 7.99 -54.92 16.19
N GLU V 218 7.42 -55.34 15.08
CA GLU V 218 7.26 -54.52 13.90
C GLU V 218 6.37 -53.32 14.16
N GLN V 219 5.32 -53.52 14.91
CA GLN V 219 4.39 -52.49 15.31
C GLN V 219 5.02 -51.42 16.17
N VAL V 220 5.89 -51.80 17.07
CA VAL V 220 6.59 -50.85 17.91
C VAL V 220 7.41 -49.96 17.02
N GLY V 221 8.07 -50.55 16.05
CA GLY V 221 8.89 -49.79 15.14
C GLY V 221 8.07 -48.80 14.37
N ASP V 222 6.89 -49.20 13.97
CA ASP V 222 6.00 -48.30 13.31
C ASP V 222 5.60 -47.15 14.20
N VAL V 223 5.43 -47.40 15.48
CA VAL V 223 5.19 -46.33 16.42
C VAL V 223 6.36 -45.37 16.56
N ARG V 224 7.55 -45.91 16.59
CA ARG V 224 8.76 -45.17 16.76
C ARG V 224 8.90 -44.23 15.59
N LYS V 225 8.52 -44.75 14.44
CA LYS V 225 8.63 -44.09 13.16
C LYS V 225 7.61 -42.98 12.99
N ALA V 226 6.41 -43.20 13.46
CA ALA V 226 5.39 -42.18 13.50
C ALA V 226 5.77 -41.03 14.41
N LEU V 227 6.45 -41.33 15.50
CA LEU V 227 6.89 -40.30 16.40
C LEU V 227 7.88 -39.42 15.71
N GLY V 228 8.70 -40.03 14.88
CA GLY V 228 9.68 -39.32 14.09
C GLY V 228 10.96 -38.95 14.79
N PRO V 229 11.75 -38.10 14.14
CA PRO V 229 12.97 -37.52 14.70
C PRO V 229 12.73 -36.62 15.87
N LYS V 230 11.70 -35.80 15.78
CA LYS V 230 11.36 -34.89 16.85
C LYS V 230 10.99 -35.67 18.08
N GLY V 231 10.53 -36.89 17.86
CA GLY V 231 10.02 -37.73 18.90
C GLY V 231 10.93 -38.81 19.43
N ARG V 232 12.19 -38.77 19.07
CA ARG V 232 13.12 -39.85 19.34
C ARG V 232 13.40 -40.18 20.79
N ASP V 233 13.29 -39.21 21.66
CA ASP V 233 13.55 -39.45 23.06
C ASP V 233 12.32 -39.75 23.88
N ILE V 234 11.19 -39.93 23.23
CA ILE V 234 9.99 -40.32 23.93
C ILE V 234 10.01 -41.82 24.06
N MET V 235 9.71 -42.29 25.25
CA MET V 235 9.70 -43.70 25.58
C MET V 235 8.47 -44.39 25.05
N ILE V 236 8.60 -45.53 24.43
CA ILE V 236 7.43 -46.28 24.06
C ILE V 236 7.22 -47.47 24.99
N ILE V 237 6.20 -47.36 25.80
CA ILE V 237 5.85 -48.41 26.73
C ILE V 237 4.76 -49.28 26.09
N CYS V 238 5.02 -50.56 25.94
CA CYS V 238 4.08 -51.39 25.23
C CYS V 238 3.10 -52.17 26.10
N LYS V 239 1.83 -51.88 25.92
CA LYS V 239 0.78 -52.55 26.61
C LYS V 239 0.49 -53.91 26.03
N ILE V 240 0.49 -54.93 26.86
CA ILE V 240 0.20 -56.28 26.41
C ILE V 240 -1.20 -56.55 26.82
N GLU V 241 -2.09 -56.64 25.85
CA GLU V 241 -3.51 -56.77 26.14
C GLU V 241 -4.15 -57.96 25.44
N ASN V 242 -3.44 -58.60 24.52
CA ASN V 242 -3.94 -59.79 23.82
C ASN V 242 -3.02 -60.98 23.66
N HIS V 243 -3.49 -61.98 22.96
CA HIS V 243 -2.75 -63.21 22.75
C HIS V 243 -1.43 -63.09 22.02
N GLN V 244 -1.45 -62.37 20.92
CA GLN V 244 -0.29 -62.16 20.11
C GLN V 244 0.79 -61.42 20.84
N GLY V 245 0.41 -60.42 21.61
CA GLY V 245 1.35 -59.68 22.38
C GLY V 245 2.05 -60.53 23.40
N VAL V 246 1.33 -61.39 24.09
CA VAL V 246 1.95 -62.30 25.00
C VAL V 246 2.89 -63.26 24.32
N GLN V 247 2.48 -63.77 23.19
CA GLN V 247 3.26 -64.74 22.46
C GLN V 247 4.57 -64.14 22.00
N ASN V 248 4.53 -62.89 21.62
CA ASN V 248 5.66 -62.19 21.05
C ASN V 248 6.45 -61.34 22.01
N ILE V 249 6.35 -61.64 23.28
CA ILE V 249 6.86 -60.79 24.32
C ILE V 249 8.36 -60.50 24.31
N ASP V 250 9.21 -61.47 24.03
CA ASP V 250 10.62 -61.20 24.01
C ASP V 250 11.04 -60.21 22.95
N SER V 251 10.54 -60.38 21.76
CA SER V 251 10.79 -59.44 20.71
C SER V 251 10.19 -58.06 20.95
N ILE V 252 9.01 -58.00 21.52
CA ILE V 252 8.41 -56.76 21.90
C ILE V 252 9.20 -56.06 22.99
N ILE V 253 9.65 -56.80 23.97
CA ILE V 253 10.43 -56.26 25.03
C ILE V 253 11.73 -55.68 24.47
N GLU V 254 12.35 -56.35 23.52
CA GLU V 254 13.55 -55.87 22.86
C GLU V 254 13.38 -54.51 22.23
N GLU V 255 12.35 -54.37 21.41
CA GLU V 255 12.00 -53.12 20.75
C GLU V 255 11.54 -51.98 21.64
N SER V 256 10.84 -52.30 22.69
CA SER V 256 10.24 -51.34 23.57
C SER V 256 11.20 -50.69 24.56
N ASP V 257 10.72 -49.69 25.25
CA ASP V 257 11.38 -49.13 26.39
C ASP V 257 10.78 -49.62 27.69
N GLY V 258 9.71 -50.39 27.62
CA GLY V 258 9.05 -50.92 28.77
C GLY V 258 7.73 -51.56 28.44
N ILE V 259 7.12 -52.16 29.43
CA ILE V 259 5.92 -52.93 29.26
C ILE V 259 4.85 -52.53 30.26
N MET V 260 3.63 -52.58 29.81
CA MET V 260 2.48 -52.57 30.66
C MET V 260 1.70 -53.88 30.62
N VAL V 261 1.39 -54.43 31.77
CA VAL V 261 0.56 -55.60 31.84
C VAL V 261 -0.87 -55.13 31.93
N ALA V 262 -1.51 -55.00 30.79
CA ALA V 262 -2.79 -54.35 30.66
C ALA V 262 -3.89 -55.31 30.95
N ARG V 263 -4.19 -55.47 32.22
CA ARG V 263 -5.01 -56.53 32.68
C ARG V 263 -6.45 -56.50 32.22
N GLY V 264 -7.07 -55.35 32.09
CA GLY V 264 -8.44 -55.32 31.68
C GLY V 264 -8.78 -55.87 30.32
N ASP V 265 -8.11 -55.45 29.28
CA ASP V 265 -8.20 -56.11 27.99
C ASP V 265 -7.67 -57.55 27.94
N LEU V 266 -6.55 -57.81 28.61
CA LEU V 266 -5.91 -59.10 28.62
C LEU V 266 -6.78 -60.17 29.22
N GLY V 267 -7.51 -59.73 30.21
CA GLY V 267 -8.48 -60.51 30.93
C GLY V 267 -9.63 -61.06 30.14
N VAL V 268 -10.17 -60.34 29.16
CA VAL V 268 -11.08 -60.84 28.16
C VAL V 268 -10.46 -61.71 27.12
N GLU V 269 -9.34 -61.23 26.61
CA GLU V 269 -8.62 -61.88 25.53
C GLU V 269 -8.09 -63.24 25.93
N ILE V 270 -7.66 -63.35 27.14
CA ILE V 270 -7.01 -64.50 27.59
C ILE V 270 -7.89 -64.73 28.74
N PRO V 271 -8.05 -65.97 29.07
CA PRO V 271 -8.82 -66.32 30.24
C PRO V 271 -7.99 -65.84 31.38
N ALA V 272 -8.82 -65.35 32.29
CA ALA V 272 -8.57 -64.47 33.38
C ALA V 272 -7.66 -65.11 34.33
N GLU V 273 -7.85 -66.39 34.56
CA GLU V 273 -6.99 -67.16 35.43
C GLU V 273 -5.57 -67.25 34.90
N LYS V 274 -5.42 -67.00 33.61
CA LYS V 274 -4.10 -66.96 32.97
C LYS V 274 -3.37 -65.63 33.18
N VAL V 275 -4.12 -64.55 33.38
CA VAL V 275 -3.52 -63.25 33.54
C VAL V 275 -2.48 -63.28 34.65
N VAL V 276 -2.69 -64.09 35.66
CA VAL V 276 -1.73 -64.23 36.73
C VAL V 276 -0.38 -64.78 36.31
N VAL V 277 -0.36 -65.83 35.51
CA VAL V 277 0.85 -66.35 34.92
C VAL V 277 1.51 -65.35 33.98
N ALA V 278 0.72 -64.68 33.19
CA ALA V 278 1.23 -63.67 32.34
C ALA V 278 1.86 -62.51 33.13
N GLN V 279 1.26 -62.12 34.23
CA GLN V 279 1.83 -61.07 35.05
C GLN V 279 3.18 -61.44 35.62
N LYS V 280 3.28 -62.62 36.18
CA LYS V 280 4.53 -63.08 36.67
C LYS V 280 5.56 -63.18 35.60
N ILE V 281 5.19 -63.73 34.44
CA ILE V 281 6.15 -63.90 33.35
C ILE V 281 6.69 -62.59 32.78
N LEU V 282 5.80 -61.63 32.56
CA LEU V 282 6.14 -60.39 31.94
C LEU V 282 6.95 -59.44 32.80
N ILE V 283 6.61 -59.39 34.06
CA ILE V 283 7.31 -58.61 35.01
C ILE V 283 8.72 -59.10 35.19
N SER V 284 8.87 -60.41 35.30
CA SER V 284 10.18 -61.00 35.45
C SER V 284 11.06 -60.77 34.27
N LYS V 285 10.54 -60.92 33.07
CA LYS V 285 11.31 -60.70 31.87
C LYS V 285 11.77 -59.24 31.74
N CYS V 286 10.91 -58.32 32.13
CA CYS V 286 11.26 -56.93 32.23
C CYS V 286 12.30 -56.65 33.28
N ASN V 287 12.22 -57.28 34.44
CA ASN V 287 13.22 -57.11 35.45
C ASN V 287 14.58 -57.60 35.01
N VAL V 288 14.60 -58.75 34.37
CA VAL V 288 15.82 -59.32 33.89
C VAL V 288 16.43 -58.46 32.79
N ALA V 289 15.60 -57.95 31.91
CA ALA V 289 16.02 -57.06 30.86
C ALA V 289 16.44 -55.62 31.26
N GLY V 290 16.17 -55.23 32.49
CA GLY V 290 16.23 -53.86 32.94
C GLY V 290 15.33 -52.78 32.38
N LYS V 291 14.08 -53.11 32.11
CA LYS V 291 13.14 -52.14 31.59
C LYS V 291 11.93 -52.08 32.48
N PRO V 292 11.37 -50.89 32.57
CA PRO V 292 10.27 -50.60 33.48
C PRO V 292 9.02 -51.41 33.14
N VAL V 293 8.32 -51.91 34.14
CA VAL V 293 7.14 -52.71 33.97
C VAL V 293 6.00 -52.24 34.86
N ILE V 294 4.82 -52.15 34.28
CA ILE V 294 3.64 -51.62 34.95
C ILE V 294 2.52 -52.64 35.07
N CYS V 295 1.98 -52.75 36.26
CA CYS V 295 0.80 -53.54 36.54
C CYS V 295 -0.44 -52.68 36.58
N ALA V 296 -1.38 -53.04 35.73
CA ALA V 296 -2.55 -52.24 35.49
C ALA V 296 -3.89 -52.93 35.62
N THR V 297 -4.86 -52.15 36.07
CA THR V 297 -6.31 -52.33 35.93
C THR V 297 -6.99 -53.08 37.08
N GLN V 298 -8.08 -52.51 37.58
CA GLN V 298 -8.87 -53.14 38.63
C GLN V 298 -8.05 -53.43 39.88
N MET V 299 -6.99 -52.65 40.09
CA MET V 299 -6.17 -52.84 41.26
C MET V 299 -6.84 -52.38 42.55
N LEU V 300 -7.50 -51.24 42.51
CA LEU V 300 -8.27 -50.83 43.65
C LEU V 300 -9.65 -50.36 43.22
N GLU V 301 -10.34 -51.20 42.46
CA GLU V 301 -11.56 -50.85 41.79
C GLU V 301 -12.73 -50.38 42.63
N SER V 302 -12.95 -50.96 43.79
CA SER V 302 -14.08 -50.66 44.64
C SER V 302 -13.98 -49.28 45.24
N MET V 303 -12.79 -48.73 45.17
CA MET V 303 -12.47 -47.45 45.74
C MET V 303 -12.85 -46.37 44.76
N THR V 304 -13.38 -46.77 43.62
CA THR V 304 -14.02 -45.86 42.71
C THR V 304 -15.22 -45.33 43.43
N TYR V 305 -15.83 -46.14 44.26
CA TYR V 305 -17.03 -45.72 44.95
C TYR V 305 -16.98 -45.76 46.45
N ASN V 306 -16.01 -46.43 47.04
CA ASN V 306 -15.93 -46.54 48.47
C ASN V 306 -14.66 -45.98 49.03
N PRO V 307 -14.74 -45.55 50.26
CA PRO V 307 -13.61 -45.00 50.99
C PRO V 307 -12.49 -46.01 51.26
N ARG V 308 -12.83 -47.29 51.32
CA ARG V 308 -11.92 -48.34 51.68
C ARG V 308 -11.96 -49.49 50.69
N PRO V 309 -10.80 -50.12 50.48
CA PRO V 309 -10.67 -51.23 49.56
C PRO V 309 -11.10 -52.57 50.11
N THR V 310 -11.36 -53.50 49.22
CA THR V 310 -11.55 -54.90 49.54
C THR V 310 -10.24 -55.61 49.88
N ARG V 311 -10.33 -56.75 50.53
CA ARG V 311 -9.16 -57.53 50.87
C ARG V 311 -8.42 -58.02 49.65
N ALA V 312 -9.15 -58.44 48.64
CA ALA V 312 -8.55 -58.89 47.41
C ALA V 312 -7.76 -57.80 46.73
N GLU V 313 -8.26 -56.58 46.80
CA GLU V 313 -7.58 -55.47 46.22
C GLU V 313 -6.25 -55.12 46.85
N VAL V 314 -6.23 -55.08 48.17
CA VAL V 314 -5.04 -54.81 48.92
C VAL V 314 -4.04 -55.87 48.63
N SER V 315 -4.46 -57.11 48.64
CA SER V 315 -3.57 -58.17 48.30
C SER V 315 -3.00 -58.02 46.91
N ASP V 316 -3.82 -57.59 45.98
CA ASP V 316 -3.37 -57.36 44.63
C ASP V 316 -2.28 -56.28 44.51
N VAL V 317 -2.39 -55.15 45.15
CA VAL V 317 -1.33 -54.15 45.02
C VAL V 317 0.00 -54.66 45.57
N ALA V 318 -0.09 -55.35 46.70
CA ALA V 318 1.06 -55.92 47.35
C ALA V 318 1.82 -56.99 46.56
N ASN V 319 1.08 -57.94 46.00
CA ASN V 319 1.61 -58.97 45.16
C ASN V 319 2.24 -58.45 43.88
N ALA V 320 1.73 -57.37 43.33
CA ALA V 320 2.39 -56.76 42.19
C ALA V 320 3.79 -56.26 42.47
N VAL V 321 3.98 -55.67 43.64
CA VAL V 321 5.28 -55.27 44.14
C VAL V 321 6.21 -56.43 44.39
N PHE V 322 5.68 -57.48 45.01
CA PHE V 322 6.38 -58.72 45.24
C PHE V 322 6.76 -59.34 43.91
N ASN V 323 5.92 -59.18 42.92
CA ASN V 323 6.12 -59.72 41.59
C ASN V 323 7.35 -59.06 40.96
N GLY V 324 7.66 -57.84 41.41
CA GLY V 324 8.73 -57.09 40.85
C GLY V 324 8.46 -55.90 39.97
N ALA V 325 7.24 -55.42 39.98
CA ALA V 325 6.85 -54.28 39.18
C ALA V 325 7.43 -52.94 39.58
N ASP V 326 7.86 -52.19 38.61
CA ASP V 326 8.24 -50.82 38.83
C ASP V 326 7.05 -49.96 39.26
N CYS V 327 5.91 -50.14 38.63
CA CYS V 327 4.74 -49.30 38.78
C CYS V 327 3.39 -49.99 38.97
N VAL V 328 2.53 -49.37 39.73
CA VAL V 328 1.15 -49.76 39.76
C VAL V 328 0.34 -48.61 39.21
N MET V 329 -0.85 -48.89 38.74
CA MET V 329 -1.63 -47.94 38.00
C MET V 329 -3.04 -47.80 38.48
N LEU V 330 -3.59 -46.61 38.32
CA LEU V 330 -4.96 -46.34 38.65
C LEU V 330 -5.70 -45.86 37.44
N SER V 331 -6.87 -46.40 37.20
CA SER V 331 -7.61 -46.06 36.02
C SER V 331 -8.87 -45.26 36.27
N GLY V 332 -9.96 -45.96 36.44
CA GLY V 332 -11.23 -45.37 36.77
C GLY V 332 -11.29 -44.76 38.14
N GLU V 333 -10.53 -45.34 39.06
CA GLU V 333 -10.50 -44.92 40.43
C GLU V 333 -10.06 -43.46 40.55
N THR V 334 -9.19 -43.01 39.67
CA THR V 334 -8.83 -41.61 39.58
C THR V 334 -9.49 -40.82 38.43
N ALA V 335 -9.86 -41.45 37.35
CA ALA V 335 -10.53 -40.78 36.29
C ALA V 335 -11.92 -40.30 36.62
N LYS V 336 -12.75 -41.16 37.19
CA LYS V 336 -14.13 -40.87 37.47
C LYS V 336 -14.61 -41.11 38.89
N GLY V 337 -13.69 -41.49 39.76
CA GLY V 337 -13.99 -41.89 41.11
C GLY V 337 -14.36 -40.82 42.10
N LYS V 338 -15.00 -41.25 43.17
CA LYS V 338 -15.30 -40.51 44.37
C LYS V 338 -14.13 -40.10 45.25
N TYR V 339 -13.11 -40.94 45.39
CA TYR V 339 -12.08 -40.70 46.36
C TYR V 339 -10.70 -40.79 45.78
N PRO V 340 -10.39 -39.87 44.89
CA PRO V 340 -9.13 -39.93 44.19
C PRO V 340 -7.92 -39.82 45.07
N ASN V 341 -7.88 -38.87 45.99
CA ASN V 341 -6.77 -38.75 46.90
C ASN V 341 -6.62 -39.94 47.82
N GLU V 342 -7.71 -40.43 48.36
CA GLU V 342 -7.68 -41.58 49.22
C GLU V 342 -7.20 -42.85 48.54
N VAL V 343 -7.61 -43.07 47.31
CA VAL V 343 -7.21 -44.27 46.64
C VAL V 343 -5.70 -44.30 46.41
N VAL V 344 -5.15 -43.19 46.00
CA VAL V 344 -3.75 -43.06 45.83
C VAL V 344 -3.01 -43.21 47.14
N GLN V 345 -3.51 -42.62 48.20
CA GLN V 345 -2.88 -42.73 49.48
C GLN V 345 -2.88 -44.15 49.95
N TYR V 346 -3.96 -44.88 49.71
CA TYR V 346 -4.02 -46.29 50.04
C TYR V 346 -3.03 -47.13 49.25
N MET V 347 -2.91 -46.86 47.99
CA MET V 347 -1.98 -47.58 47.19
C MET V 347 -0.56 -47.37 47.62
N ALA V 348 -0.19 -46.14 47.95
CA ALA V 348 1.14 -45.83 48.39
C ALA V 348 1.49 -46.53 49.67
N ARG V 349 0.55 -46.56 50.57
CA ARG V 349 0.70 -47.19 51.85
C ARG V 349 0.90 -48.70 51.73
N ILE V 350 0.13 -49.35 50.88
CA ILE V 350 0.30 -50.77 50.62
C ILE V 350 1.64 -51.09 49.99
N CYS V 351 2.06 -50.24 49.09
CA CYS V 351 3.32 -50.40 48.42
C CYS V 351 4.47 -50.32 49.41
N LEU V 352 4.40 -49.40 50.35
CA LEU V 352 5.41 -49.27 51.37
C LEU V 352 5.48 -50.46 52.30
N GLU V 353 4.34 -50.99 52.67
CA GLU V 353 4.26 -52.16 53.48
C GLU V 353 4.83 -53.41 52.83
N ALA V 354 4.51 -53.65 51.57
CA ALA V 354 5.03 -54.79 50.82
C ALA V 354 6.52 -54.73 50.67
N GLN V 355 7.03 -53.51 50.58
CA GLN V 355 8.42 -53.19 50.43
C GLN V 355 9.20 -53.66 51.64
N SER V 356 8.62 -53.59 52.82
CA SER V 356 9.27 -54.14 53.98
C SER V 356 9.46 -55.63 53.90
N ALA V 357 8.43 -56.31 53.44
CA ALA V 357 8.45 -57.74 53.27
C ALA V 357 9.36 -58.16 52.14
N LEU V 358 9.67 -57.24 51.25
CA LEU V 358 10.41 -57.57 50.05
C LEU V 358 11.81 -57.93 50.42
N ASN V 359 12.31 -59.00 49.86
CA ASN V 359 13.69 -59.35 50.06
C ASN V 359 14.49 -58.78 48.92
N GLU V 360 14.99 -57.57 49.10
CA GLU V 360 15.72 -56.84 48.09
C GLU V 360 17.01 -57.52 47.73
N TYR V 361 17.63 -58.14 48.71
CA TYR V 361 18.86 -58.87 48.52
C TYR V 361 18.77 -60.09 47.62
N VAL V 362 17.76 -60.92 47.82
CA VAL V 362 17.56 -62.11 47.00
C VAL V 362 17.29 -61.70 45.60
N PHE V 363 16.51 -60.67 45.46
CA PHE V 363 16.18 -60.06 44.21
C PHE V 363 17.40 -59.58 43.47
N PHE V 364 18.36 -58.99 44.15
CA PHE V 364 19.60 -58.54 43.53
C PHE V 364 20.43 -59.71 42.97
N ASN V 365 20.62 -60.73 43.76
CA ASN V 365 21.32 -61.90 43.38
C ASN V 365 20.64 -62.70 42.27
N SER V 366 19.33 -62.79 42.32
CA SER V 366 18.59 -63.51 41.35
C SER V 366 18.72 -62.89 40.00
N ILE V 367 18.63 -61.57 39.96
CA ILE V 367 18.76 -60.80 38.74
C ILE V 367 20.14 -60.91 38.13
N LYS V 368 21.12 -60.82 38.98
CA LYS V 368 22.54 -60.88 38.67
C LYS V 368 22.93 -62.20 38.02
N LYS V 369 22.43 -63.32 38.51
CA LYS V 369 22.66 -64.62 37.93
C LYS V 369 22.11 -64.75 36.55
N LEU V 370 21.07 -64.03 36.22
CA LEU V 370 20.44 -64.14 34.94
C LEU V 370 21.04 -63.36 33.79
N GLN V 371 22.01 -62.53 34.09
CA GLN V 371 22.68 -61.76 33.09
C GLN V 371 23.77 -62.55 32.40
N HIS V 372 23.86 -62.32 31.13
CA HIS V 372 24.86 -62.92 30.31
C HIS V 372 26.23 -62.43 30.67
N ILE V 373 27.20 -63.35 30.70
CA ILE V 373 28.58 -63.01 31.03
C ILE V 373 29.52 -63.42 29.90
N PRO V 374 30.35 -62.47 29.46
CA PRO V 374 30.33 -61.12 30.02
C PRO V 374 29.15 -60.31 29.52
N MET V 375 29.10 -59.03 29.89
CA MET V 375 28.02 -58.15 29.48
C MET V 375 28.55 -56.79 29.02
N SER V 376 28.71 -55.88 29.96
CA SER V 376 29.21 -54.54 29.66
C SER V 376 29.83 -53.89 30.88
N ALA V 377 30.90 -53.12 30.67
CA ALA V 377 31.59 -52.44 31.75
C ALA V 377 30.72 -51.61 32.64
N ASP V 378 29.83 -50.82 32.08
CA ASP V 378 28.87 -50.09 32.89
C ASP V 378 27.90 -50.97 33.67
N GLU V 379 27.47 -52.07 33.09
CA GLU V 379 26.61 -52.99 33.80
C GLU V 379 27.27 -53.66 34.99
N ALA V 380 28.52 -54.05 34.84
CA ALA V 380 29.27 -54.57 35.94
C ALA V 380 29.46 -53.53 37.05
N VAL V 381 29.67 -52.30 36.66
CA VAL V 381 29.89 -51.23 37.59
C VAL V 381 28.65 -51.04 38.43
N CYS V 382 27.49 -51.04 37.81
CA CYS V 382 26.26 -50.91 38.54
C CYS V 382 25.93 -52.06 39.45
N SER V 383 26.10 -53.27 38.97
CA SER V 383 25.86 -54.43 39.78
C SER V 383 26.80 -54.58 40.95
N SER V 384 28.07 -54.46 40.71
CA SER V 384 29.01 -54.50 41.77
C SER V 384 28.84 -53.31 42.74
N ALA V 385 28.45 -52.15 42.26
CA ALA V 385 28.22 -51.00 43.13
C ALA V 385 27.10 -51.20 44.12
N VAL V 386 26.04 -51.86 43.69
CA VAL V 386 24.96 -52.32 44.52
C VAL V 386 25.42 -53.36 45.51
N ASN V 387 26.29 -54.25 45.07
CA ASN V 387 26.84 -55.25 45.94
C ASN V 387 27.61 -54.57 47.07
N SER V 388 28.27 -53.48 46.73
CA SER V 388 28.94 -52.61 47.68
C SER V 388 27.96 -52.02 48.62
N VAL V 389 26.78 -51.68 48.16
CA VAL V 389 25.82 -51.13 49.04
C VAL V 389 25.44 -52.13 50.11
N TYR V 390 25.17 -53.35 49.72
CA TYR V 390 24.82 -54.39 50.67
C TYR V 390 25.96 -54.74 51.62
N GLU V 391 27.18 -54.79 51.11
CA GLU V 391 28.35 -55.07 51.92
C GLU V 391 28.68 -54.05 53.00
N THR V 392 28.52 -52.77 52.71
CA THR V 392 28.76 -51.71 53.69
C THR V 392 27.56 -51.22 54.46
N LYS V 393 26.39 -51.67 54.08
CA LYS V 393 25.15 -51.09 54.53
C LYS V 393 25.00 -49.62 54.20
N ALA V 394 25.34 -49.24 52.99
CA ALA V 394 25.20 -47.88 52.56
C ALA V 394 23.77 -47.41 52.49
N LYS V 395 23.52 -46.19 52.91
CA LYS V 395 22.17 -45.75 53.06
C LYS V 395 21.64 -44.95 51.90
N ALA V 396 22.47 -44.70 50.92
CA ALA V 396 22.08 -44.01 49.72
C ALA V 396 23.01 -44.27 48.57
N MET V 397 22.56 -43.92 47.41
CA MET V 397 23.31 -44.16 46.24
C MET V 397 23.16 -42.95 45.40
N VAL V 398 24.20 -42.55 44.69
CA VAL V 398 24.09 -41.45 43.76
C VAL V 398 24.60 -41.83 42.40
N VAL V 399 23.84 -41.57 41.36
CA VAL V 399 24.30 -41.81 40.02
C VAL V 399 24.16 -40.65 39.12
N LEU V 400 25.09 -40.50 38.21
CA LEU V 400 24.96 -39.50 37.21
C LEU V 400 24.40 -40.09 35.95
N SER V 401 23.22 -39.63 35.56
CA SER V 401 22.66 -39.96 34.26
C SER V 401 21.98 -38.82 33.55
N ASN V 402 22.38 -38.57 32.33
CA ASN V 402 21.72 -37.62 31.47
C ASN V 402 20.61 -38.19 30.57
N THR V 403 20.86 -39.31 29.94
CA THR V 403 19.85 -40.05 29.20
C THR V 403 18.88 -40.74 30.11
N GLY V 404 19.27 -41.01 31.34
CA GLY V 404 18.50 -41.84 32.23
C GLY V 404 18.87 -43.29 32.18
N ARG V 405 19.69 -43.66 31.20
CA ARG V 405 20.16 -45.04 31.05
C ARG V 405 20.89 -45.54 32.28
N SER V 406 21.86 -44.76 32.78
CA SER V 406 22.63 -45.21 33.91
C SER V 406 21.74 -45.46 35.08
N ALA V 407 20.77 -44.63 35.30
CA ALA V 407 19.86 -44.83 36.39
C ALA V 407 18.99 -46.10 36.35
N ARG V 408 18.48 -46.46 35.19
CA ARG V 408 17.73 -47.70 35.05
C ARG V 408 18.61 -48.91 35.33
N LEU V 409 19.84 -48.86 34.85
CA LEU V 409 20.79 -49.91 35.00
C LEU V 409 21.13 -50.22 36.43
N VAL V 410 21.29 -49.20 37.24
CA VAL V 410 21.39 -49.34 38.67
C VAL V 410 20.18 -49.82 39.44
N ALA V 411 19.04 -49.26 39.12
CA ALA V 411 17.78 -49.56 39.78
C ALA V 411 17.43 -50.99 39.53
N LYS V 412 17.89 -51.48 38.41
CA LYS V 412 17.68 -52.80 37.96
C LYS V 412 18.23 -53.83 38.95
N TYR V 413 19.25 -53.44 39.68
CA TYR V 413 19.88 -54.34 40.59
C TYR V 413 19.31 -54.29 41.98
N ARG V 414 18.25 -53.55 42.17
CA ARG V 414 17.54 -53.60 43.44
C ARG V 414 18.36 -53.41 44.74
N PRO V 415 18.99 -52.26 44.89
CA PRO V 415 19.66 -51.92 46.14
C PRO V 415 18.66 -51.71 47.24
N ASN V 416 19.08 -51.79 48.47
CA ASN V 416 18.14 -51.67 49.57
C ASN V 416 18.08 -50.26 50.16
N CYS V 417 18.45 -49.31 49.34
CA CYS V 417 18.52 -47.95 49.74
C CYS V 417 18.07 -47.11 48.60
N PRO V 418 17.74 -45.86 48.86
CA PRO V 418 17.32 -44.95 47.81
C PRO V 418 18.40 -44.72 46.80
N ILE V 419 18.03 -44.49 45.56
CA ILE V 419 18.98 -44.18 44.55
C ILE V 419 18.76 -42.75 44.14
N VAL V 420 19.81 -41.98 44.11
CA VAL V 420 19.61 -40.60 43.77
C VAL V 420 20.31 -40.31 42.48
N CYS V 421 19.54 -39.95 41.48
CA CYS V 421 20.05 -39.67 40.16
C CYS V 421 20.21 -38.18 39.92
N VAL V 422 21.34 -37.78 39.42
CA VAL V 422 21.56 -36.38 39.14
C VAL V 422 21.63 -36.23 37.66
N THR V 423 20.71 -35.47 37.13
CA THR V 423 20.54 -35.40 35.70
C THR V 423 20.57 -33.97 35.19
N THR V 424 21.04 -33.80 33.98
CA THR V 424 21.03 -32.52 33.35
C THR V 424 19.85 -32.33 32.43
N ARG V 425 18.91 -33.27 32.41
CA ARG V 425 17.72 -33.14 31.59
C ARG V 425 16.46 -33.27 32.41
N LEU V 426 15.58 -32.29 32.32
CA LEU V 426 14.31 -32.34 33.02
C LEU V 426 13.40 -33.48 32.58
N GLN V 427 13.41 -33.78 31.30
CA GLN V 427 12.64 -34.86 30.77
C GLN V 427 13.09 -36.18 31.34
N THR V 428 14.37 -36.28 31.60
CA THR V 428 14.92 -37.43 32.22
C THR V 428 14.36 -37.57 33.60
N CYS V 429 14.18 -36.49 34.32
CA CYS V 429 13.59 -36.55 35.63
C CYS V 429 12.16 -37.06 35.55
N ARG V 430 11.42 -36.63 34.56
CA ARG V 430 10.10 -37.16 34.37
C ARG V 430 10.06 -38.63 33.94
N GLN V 431 10.91 -38.99 33.00
CA GLN V 431 10.96 -40.33 32.42
C GLN V 431 11.31 -41.40 33.46
N LEU V 432 12.12 -41.00 34.42
CA LEU V 432 12.55 -41.82 35.52
C LEU V 432 11.48 -42.04 36.56
N ASN V 433 10.34 -41.40 36.39
CA ASN V 433 9.21 -41.56 37.26
C ASN V 433 8.54 -42.92 37.09
N ILE V 434 8.91 -43.67 36.07
CA ILE V 434 8.46 -45.04 35.95
C ILE V 434 9.49 -46.07 36.39
N THR V 435 10.62 -45.64 36.90
CA THR V 435 11.61 -46.59 37.35
C THR V 435 11.54 -46.68 38.85
N GLN V 436 11.39 -47.87 39.39
CA GLN V 436 11.32 -48.00 40.82
C GLN V 436 12.58 -47.60 41.55
N GLY V 437 12.39 -47.05 42.72
CA GLY V 437 13.45 -46.79 43.65
C GLY V 437 14.39 -45.67 43.31
N VAL V 438 13.98 -44.76 42.44
CA VAL V 438 14.84 -43.69 41.99
C VAL V 438 14.26 -42.31 42.18
N GLU V 439 15.09 -41.39 42.63
CA GLU V 439 14.72 -40.01 42.76
C GLU V 439 15.67 -39.13 41.99
N SER V 440 15.15 -38.12 41.33
CA SER V 440 15.94 -37.28 40.46
C SER V 440 16.20 -35.88 41.00
N VAL V 441 17.41 -35.41 40.79
CA VAL V 441 17.80 -34.05 41.06
C VAL V 441 18.23 -33.42 39.77
N PHE V 442 17.60 -32.34 39.35
CA PHE V 442 18.01 -31.68 38.14
C PHE V 442 19.21 -30.75 38.38
N PHE V 443 20.21 -30.79 37.53
CA PHE V 443 21.37 -29.95 37.58
C PHE V 443 21.42 -29.22 36.26
N ASP V 444 21.32 -27.90 36.34
CA ASP V 444 21.21 -27.07 35.16
C ASP V 444 22.58 -26.80 34.64
N ALA V 445 22.93 -27.47 33.57
CA ALA V 445 24.23 -27.38 33.03
C ALA V 445 24.46 -25.96 32.58
N ASP V 446 23.45 -25.32 32.04
CA ASP V 446 23.61 -23.99 31.48
C ASP V 446 24.00 -22.97 32.53
N LYS V 447 23.23 -22.90 33.58
CA LYS V 447 23.51 -22.06 34.69
C LYS V 447 24.79 -22.45 35.40
N LEU V 448 24.99 -23.74 35.66
CA LEU V 448 26.10 -24.18 36.48
C LEU V 448 27.27 -24.82 35.76
N GLY V 449 27.24 -24.89 34.45
CA GLY V 449 28.36 -25.47 33.76
C GLY V 449 28.30 -26.97 33.58
N HIS V 450 29.16 -27.47 32.71
CA HIS V 450 29.19 -28.84 32.28
C HIS V 450 29.69 -29.86 33.29
N ASP V 451 30.36 -29.41 34.33
CA ASP V 451 30.79 -30.25 35.43
C ASP V 451 31.54 -31.50 35.07
N GLU V 452 32.56 -31.36 34.23
CA GLU V 452 33.29 -32.50 33.71
C GLU V 452 34.01 -33.30 34.77
N GLY V 453 34.40 -32.68 35.85
CA GLY V 453 35.06 -33.42 36.90
C GLY V 453 34.13 -34.05 37.88
N LYS V 454 32.85 -33.74 37.73
CA LYS V 454 31.74 -34.46 38.31
C LYS V 454 31.49 -34.12 39.77
N GLU V 455 32.33 -33.29 40.32
CA GLU V 455 32.23 -32.92 41.71
C GLU V 455 30.96 -32.17 42.10
N HIS V 456 30.49 -31.28 41.25
CA HIS V 456 29.25 -30.58 41.55
C HIS V 456 28.00 -31.41 41.54
N ARG V 457 27.83 -32.21 40.51
CA ARG V 457 26.67 -33.07 40.40
C ARG V 457 26.68 -34.01 41.57
N VAL V 458 27.84 -34.52 41.89
CA VAL V 458 27.95 -35.36 43.04
C VAL V 458 27.59 -34.70 44.32
N ALA V 459 27.99 -33.45 44.53
CA ALA V 459 27.65 -32.75 45.74
C ALA V 459 26.15 -32.56 45.88
N ALA V 460 25.49 -32.25 44.77
CA ALA V 460 24.06 -32.05 44.74
C ALA V 460 23.27 -33.30 45.06
N GLY V 461 23.65 -34.43 44.51
CA GLY V 461 23.01 -35.66 44.86
C GLY V 461 23.19 -36.04 46.30
N VAL V 462 24.38 -35.86 46.83
CA VAL V 462 24.59 -36.10 48.23
C VAL V 462 23.79 -35.15 49.11
N GLU V 463 23.74 -33.88 48.76
CA GLU V 463 22.98 -32.91 49.54
C GLU V 463 21.52 -33.23 49.57
N PHE V 464 21.01 -33.64 48.42
CA PHE V 464 19.62 -34.03 48.33
C PHE V 464 19.36 -35.21 49.24
N ALA V 465 20.29 -36.14 49.31
CA ALA V 465 20.15 -37.27 50.19
C ALA V 465 20.15 -36.90 51.65
N LYS V 466 20.95 -35.92 52.01
CA LYS V 466 20.98 -35.37 53.35
C LYS V 466 19.67 -34.71 53.66
N SER V 467 19.21 -33.95 52.70
CA SER V 467 17.99 -33.21 52.86
C SER V 467 16.74 -34.05 53.09
N LYS V 468 16.64 -35.20 52.43
CA LYS V 468 15.48 -36.05 52.60
C LYS V 468 15.71 -36.97 53.77
N GLY V 469 16.88 -36.88 54.36
CA GLY V 469 17.17 -37.67 55.53
C GLY V 469 17.64 -39.09 55.37
N TYR V 470 17.94 -39.48 54.13
CA TYR V 470 18.47 -40.79 53.85
C TYR V 470 19.81 -41.00 54.47
N VAL V 471 20.64 -39.96 54.51
CA VAL V 471 21.96 -40.03 55.11
C VAL V 471 22.32 -38.95 56.14
N GLN V 472 23.21 -39.30 57.04
CA GLN V 472 23.76 -38.39 58.02
C GLN V 472 25.25 -38.60 57.95
N THR V 473 25.99 -37.78 58.68
CA THR V 473 27.42 -37.79 58.63
C THR V 473 27.83 -39.13 59.18
N GLY V 474 28.87 -39.66 58.57
CA GLY V 474 29.40 -40.95 58.93
C GLY V 474 28.82 -42.09 58.15
N ASP V 475 27.77 -41.83 57.40
CA ASP V 475 27.16 -42.81 56.50
C ASP V 475 27.92 -42.99 55.18
N TYR V 476 27.75 -44.14 54.58
CA TYR V 476 28.33 -44.41 53.30
C TYR V 476 27.35 -44.07 52.25
N CYS V 477 27.85 -43.48 51.20
CA CYS V 477 27.09 -43.26 50.02
C CYS V 477 27.87 -43.82 48.86
N VAL V 478 27.24 -44.65 48.04
CA VAL V 478 27.92 -45.29 46.94
C VAL V 478 27.61 -44.53 45.69
N VAL V 479 28.63 -44.12 44.98
CA VAL V 479 28.54 -43.16 43.92
C VAL V 479 29.03 -43.71 42.59
N ILE V 480 28.31 -43.44 41.52
CA ILE V 480 28.58 -43.96 40.21
C ILE V 480 28.66 -42.93 39.09
N HIS V 481 29.76 -42.89 38.38
CA HIS V 481 29.90 -42.07 37.22
C HIS V 481 31.15 -42.46 36.49
N ALA V 482 31.49 -41.73 35.45
CA ALA V 482 32.77 -41.88 34.80
C ALA V 482 33.91 -41.22 35.54
N ASP V 483 35.10 -41.65 35.19
CA ASP V 483 36.31 -41.03 35.58
C ASP V 483 36.55 -39.90 34.63
N HIS V 484 37.71 -39.30 34.75
CA HIS V 484 38.01 -38.14 33.95
C HIS V 484 38.14 -38.37 32.46
N LYS V 485 38.74 -39.44 32.04
CA LYS V 485 38.80 -39.78 30.63
C LYS V 485 37.53 -40.31 29.89
N VAL V 486 36.84 -41.28 30.47
CA VAL V 486 35.77 -42.00 29.79
C VAL V 486 34.49 -41.23 29.54
N LYS V 487 33.94 -41.40 28.35
CA LYS V 487 32.73 -40.72 27.92
C LYS V 487 31.65 -41.65 27.40
N GLY V 488 30.42 -41.34 27.74
CA GLY V 488 29.28 -42.11 27.29
C GLY V 488 28.74 -43.17 28.19
N TYR V 489 29.47 -43.52 29.23
CA TYR V 489 29.01 -44.44 30.23
C TYR V 489 29.76 -44.22 31.51
N ALA V 490 29.33 -44.87 32.57
CA ALA V 490 30.03 -44.76 33.81
C ALA V 490 30.89 -45.99 34.02
N ASN V 491 32.17 -45.76 34.19
CA ASN V 491 33.11 -46.83 34.46
C ASN V 491 33.62 -46.88 35.89
N GLN V 492 33.07 -46.09 36.79
CA GLN V 492 33.60 -45.95 38.12
C GLN V 492 32.61 -46.05 39.29
N THR V 493 33.05 -46.62 40.38
CA THR V 493 32.31 -46.60 41.60
C THR V 493 33.16 -46.14 42.75
N ARG V 494 32.59 -45.36 43.64
CA ARG V 494 33.26 -44.92 44.85
C ARG V 494 32.40 -45.05 46.07
N ILE V 495 32.97 -45.48 47.16
CA ILE V 495 32.28 -45.43 48.40
C ILE V 495 32.79 -44.22 49.17
N LEU V 496 31.96 -43.20 49.36
CA LEU V 496 32.33 -42.03 50.13
C LEU V 496 31.59 -41.84 51.43
N LEU V 497 32.32 -41.35 52.41
CA LEU V 497 31.81 -41.08 53.73
C LEU V 497 31.13 -39.73 53.70
N VAL V 498 29.99 -39.59 54.35
CA VAL V 498 29.28 -38.31 54.27
C VAL V 498 29.48 -37.41 55.46
N GLU V 499 29.73 -36.14 55.18
CA GLU V 499 29.95 -35.15 56.23
C GLU V 499 28.85 -34.09 56.23
N SER W 2 29.46 -74.83 51.10
CA SER W 2 30.59 -74.81 50.21
C SER W 2 31.71 -75.58 50.83
N GLN W 3 32.67 -75.98 50.03
CA GLN W 3 33.75 -76.75 50.53
C GLN W 3 34.59 -75.88 51.42
N LEU W 4 34.59 -74.61 51.13
CA LEU W 4 35.35 -73.64 51.88
C LEU W 4 34.87 -73.49 53.30
N ALA W 5 33.57 -73.27 53.45
CA ALA W 5 32.97 -72.90 54.70
C ALA W 5 33.19 -73.99 55.70
N HIS W 6 32.88 -75.17 55.17
CA HIS W 6 33.11 -76.50 55.73
C HIS W 6 34.51 -76.84 56.17
N ASN W 7 35.51 -76.41 55.44
CA ASN W 7 36.88 -76.62 55.85
C ASN W 7 37.10 -75.98 57.18
N LEU W 8 36.33 -74.94 57.39
CA LEU W 8 36.34 -74.05 58.52
C LEU W 8 35.78 -74.69 59.79
N THR W 9 34.90 -75.65 59.60
CA THR W 9 34.35 -76.41 60.68
C THR W 9 35.21 -77.57 61.08
N LEU W 10 36.23 -77.90 60.32
CA LEU W 10 37.09 -79.02 60.68
C LEU W 10 38.03 -78.76 61.83
N SER W 11 38.40 -79.80 62.55
CA SER W 11 39.47 -79.72 63.55
C SER W 11 40.42 -80.90 63.56
N ILE W 12 41.69 -80.66 63.80
CA ILE W 12 42.63 -81.76 63.90
C ILE W 12 42.32 -82.69 65.06
N PHE W 13 41.68 -82.17 66.09
CA PHE W 13 41.35 -82.98 67.26
C PHE W 13 39.99 -83.69 67.17
N ASP W 14 39.36 -83.67 65.99
CA ASP W 14 38.10 -84.35 65.84
C ASP W 14 38.42 -85.82 65.94
N PRO W 15 37.61 -86.56 66.65
CA PRO W 15 37.81 -87.99 66.74
C PRO W 15 37.45 -88.68 65.44
N VAL W 16 38.23 -89.67 65.04
CA VAL W 16 37.89 -90.41 63.85
C VAL W 16 36.80 -91.41 64.08
N ALA W 17 36.32 -91.98 63.01
CA ALA W 17 35.21 -92.92 63.04
C ALA W 17 35.51 -94.30 63.57
N ASN W 18 34.46 -95.01 63.90
CA ASN W 18 34.59 -96.37 64.38
C ASN W 18 34.68 -97.36 63.23
N TYR W 19 34.61 -96.86 62.01
CA TYR W 19 34.76 -97.69 60.84
C TYR W 19 35.55 -96.97 59.76
N ARG W 20 36.30 -97.72 58.97
CA ARG W 20 36.96 -97.20 57.80
C ARG W 20 36.25 -97.65 56.54
N ALA W 21 35.70 -96.70 55.82
CA ALA W 21 35.02 -96.95 54.56
C ALA W 21 35.85 -97.43 53.39
N ALA W 22 36.99 -96.81 53.18
CA ALA W 22 37.84 -97.12 52.07
C ALA W 22 38.55 -98.45 52.22
N ARG W 23 38.82 -99.09 51.10
CA ARG W 23 39.44 -100.40 51.07
C ARG W 23 40.84 -100.40 50.50
N ILE W 24 41.68 -101.26 51.06
CA ILE W 24 43.06 -101.33 50.67
C ILE W 24 43.40 -102.58 49.92
N ILE W 25 44.12 -102.42 48.83
CA ILE W 25 44.54 -103.50 47.97
C ILE W 25 46.05 -103.67 48.02
N CYS W 26 46.51 -104.90 48.16
CA CYS W 26 47.93 -105.16 48.26
C CYS W 26 48.38 -106.13 47.22
N THR W 27 49.49 -105.81 46.60
CA THR W 27 50.12 -106.67 45.63
C THR W 27 51.04 -107.62 46.35
N ILE W 28 50.96 -108.88 46.00
CA ILE W 28 51.70 -109.89 46.71
C ILE W 28 52.93 -110.35 45.96
N GLY W 29 54.05 -110.16 46.60
CA GLY W 29 55.35 -110.50 46.09
C GLY W 29 56.13 -111.20 47.15
N PRO W 30 57.43 -111.21 46.96
CA PRO W 30 58.37 -111.96 47.74
C PRO W 30 58.34 -111.59 49.19
N SER W 31 58.15 -110.32 49.47
CA SER W 31 57.95 -109.85 50.81
C SER W 31 56.67 -110.35 51.46
N THR W 32 55.63 -110.66 50.69
CA THR W 32 54.33 -110.90 51.30
C THR W 32 53.62 -112.21 51.02
N GLN W 33 54.32 -113.12 50.39
CA GLN W 33 53.78 -114.40 50.00
C GLN W 33 53.46 -115.39 51.11
N SER W 34 54.29 -115.34 52.13
CA SER W 34 54.16 -116.24 53.22
C SER W 34 52.91 -115.99 53.97
N VAL W 35 52.37 -117.05 54.49
CA VAL W 35 51.13 -117.03 55.19
C VAL W 35 51.25 -116.12 56.38
N GLU W 36 52.38 -116.15 57.05
CA GLU W 36 52.57 -115.25 58.16
C GLU W 36 52.56 -113.80 57.72
N ALA W 37 53.20 -113.49 56.60
CA ALA W 37 53.19 -112.14 56.08
C ALA W 37 51.79 -111.70 55.69
N LEU W 38 51.05 -112.59 55.08
CA LEU W 38 49.69 -112.32 54.65
C LEU W 38 48.77 -112.08 55.82
N LYS W 39 48.95 -112.81 56.88
CA LYS W 39 48.21 -112.62 58.09
C LYS W 39 48.47 -111.26 58.68
N GLY W 40 49.70 -110.82 58.60
CA GLY W 40 50.07 -109.50 59.02
C GLY W 40 49.41 -108.43 58.19
N LEU W 41 49.32 -108.65 56.90
CA LEU W 41 48.68 -107.75 55.97
C LEU W 41 47.20 -107.59 56.22
N ILE W 42 46.52 -108.68 56.48
CA ILE W 42 45.11 -108.65 56.74
C ILE W 42 44.80 -107.90 58.00
N GLN W 43 45.55 -108.17 59.03
CA GLN W 43 45.41 -107.51 60.30
C GLN W 43 45.74 -106.05 60.21
N SER W 44 46.66 -105.74 59.32
CA SER W 44 47.07 -104.41 59.07
C SER W 44 46.02 -103.67 58.31
N GLY W 45 45.15 -104.40 57.65
CA GLY W 45 44.12 -103.78 56.85
C GLY W 45 43.88 -104.12 55.40
N MET W 46 44.42 -105.21 54.90
CA MET W 46 44.22 -105.57 53.50
C MET W 46 42.89 -106.22 53.20
N SER W 47 42.16 -105.74 52.22
CA SER W 47 40.93 -106.37 51.86
C SER W 47 41.01 -107.14 50.58
N VAL W 48 41.95 -106.79 49.73
CA VAL W 48 42.08 -107.43 48.45
C VAL W 48 43.52 -107.79 48.19
N ALA W 49 43.79 -109.01 47.77
CA ALA W 49 45.14 -109.34 47.37
C ALA W 49 45.34 -109.45 45.88
N ARG W 50 46.31 -108.73 45.37
CA ARG W 50 46.54 -108.62 43.94
C ARG W 50 47.75 -109.42 43.50
N MET W 51 47.57 -110.23 42.49
CA MET W 51 48.63 -110.95 41.86
C MET W 51 48.92 -110.36 40.50
N ASN W 52 50.16 -109.99 40.25
CA ASN W 52 50.52 -109.42 38.98
C ASN W 52 51.16 -110.43 38.08
N PHE W 53 50.50 -110.72 36.98
CA PHE W 53 50.87 -111.79 36.10
C PHE W 53 51.93 -111.38 35.13
N SER W 54 52.38 -110.15 35.25
CA SER W 54 53.58 -109.70 34.58
C SER W 54 54.80 -110.29 35.20
N HIS W 55 54.67 -110.78 36.41
CA HIS W 55 55.78 -111.30 37.17
C HIS W 55 55.33 -112.65 37.66
N GLY W 56 56.25 -113.54 37.92
CA GLY W 56 55.89 -114.83 38.43
C GLY W 56 55.40 -115.74 37.35
N SER W 57 54.68 -116.76 37.74
CA SER W 57 54.26 -117.79 36.84
C SER W 57 53.06 -118.35 37.48
N HIS W 58 52.39 -119.27 36.83
CA HIS W 58 51.18 -119.82 37.36
C HIS W 58 51.55 -120.47 38.64
N GLU W 59 52.71 -121.08 38.65
CA GLU W 59 53.18 -121.77 39.81
C GLU W 59 53.39 -120.86 40.98
N TYR W 60 54.02 -119.72 40.76
CA TYR W 60 54.25 -118.77 41.83
C TYR W 60 52.97 -118.20 42.39
N HIS W 61 52.09 -117.81 41.49
CA HIS W 61 50.80 -117.24 41.80
C HIS W 61 49.84 -118.17 42.47
N GLN W 62 49.96 -119.46 42.18
CA GLN W 62 49.18 -120.47 42.84
C GLN W 62 49.54 -120.51 44.30
N THR W 63 50.80 -120.35 44.60
CA THR W 63 51.22 -120.38 45.96
C THR W 63 50.56 -119.26 46.69
N THR W 64 50.46 -118.11 46.04
CA THR W 64 49.83 -116.93 46.61
C THR W 64 48.36 -117.16 46.89
N ILE W 65 47.69 -117.79 45.97
CA ILE W 65 46.31 -118.09 46.12
C ILE W 65 46.05 -118.99 47.29
N ASN W 66 46.84 -120.03 47.42
CA ASN W 66 46.71 -120.94 48.51
C ASN W 66 47.02 -120.29 49.79
N ASN W 67 48.06 -119.50 49.80
CA ASN W 67 48.40 -118.79 51.00
C ASN W 67 47.38 -117.77 51.46
N VAL W 68 46.72 -117.10 50.53
CA VAL W 68 45.71 -116.12 50.87
C VAL W 68 44.51 -116.79 51.50
N ARG W 69 44.08 -117.86 50.88
CA ARG W 69 42.96 -118.60 51.39
C ARG W 69 43.26 -119.18 52.77
N GLN W 70 44.45 -119.72 52.97
CA GLN W 70 44.86 -120.27 54.25
C GLN W 70 44.97 -119.23 55.34
N ALA W 71 45.55 -118.09 55.02
CA ALA W 71 45.62 -117.00 55.95
C ALA W 71 44.26 -116.40 56.32
N ALA W 72 43.41 -116.23 55.35
CA ALA W 72 42.08 -115.73 55.56
C ALA W 72 41.27 -116.68 56.41
N ALA W 73 41.40 -117.96 56.13
CA ALA W 73 40.68 -118.99 56.83
C ALA W 73 41.03 -119.04 58.29
N GLU W 74 42.30 -118.88 58.58
CA GLU W 74 42.82 -118.82 59.92
C GLU W 74 42.33 -117.63 60.67
N LEU W 75 41.99 -116.58 59.98
CA LEU W 75 41.62 -115.35 60.63
C LEU W 75 40.13 -115.12 60.57
N GLY W 76 39.44 -116.08 60.01
CA GLY W 76 38.02 -116.00 59.85
C GLY W 76 37.48 -114.85 59.05
N VAL W 77 38.08 -114.58 57.92
CA VAL W 77 37.72 -113.43 57.13
C VAL W 77 37.67 -113.78 55.67
N ASN W 78 37.02 -112.97 54.88
CA ASN W 78 36.95 -113.21 53.46
C ASN W 78 37.79 -112.18 52.71
N ILE W 79 38.76 -112.62 51.93
CA ILE W 79 39.64 -111.73 51.20
C ILE W 79 39.50 -111.94 49.71
N ALA W 80 39.24 -110.89 48.95
CA ALA W 80 39.16 -110.99 47.51
C ALA W 80 40.51 -111.30 46.92
N ILE W 81 40.52 -112.08 45.85
CA ILE W 81 41.72 -112.35 45.11
C ILE W 81 41.61 -111.78 43.71
N ALA W 82 42.56 -110.98 43.31
CA ALA W 82 42.50 -110.32 42.03
C ALA W 82 43.62 -110.77 41.12
N LEU W 83 43.30 -111.03 39.87
CA LEU W 83 44.33 -111.34 38.91
C LEU W 83 44.56 -110.17 37.95
N ASP W 84 45.80 -109.70 38.12
CA ASP W 84 46.40 -108.62 37.42
C ASP W 84 47.27 -109.11 36.30
N THR W 85 46.73 -109.07 35.10
CA THR W 85 47.38 -109.59 33.90
C THR W 85 48.66 -108.87 33.46
N LYS W 86 49.51 -109.61 32.80
CA LYS W 86 50.72 -109.03 32.25
C LYS W 86 50.30 -108.10 31.14
N GLY W 87 49.44 -108.56 30.28
CA GLY W 87 48.95 -107.76 29.20
C GLY W 87 49.92 -107.68 28.04
N PRO W 88 49.49 -107.10 26.95
CA PRO W 88 50.37 -106.94 25.80
C PRO W 88 51.53 -106.01 26.12
N GLU W 89 52.76 -106.31 25.71
CA GLU W 89 53.91 -105.44 25.92
C GLU W 89 54.61 -105.19 24.57
N ILE W 90 55.17 -103.99 24.43
CA ILE W 90 56.11 -103.67 23.36
C ILE W 90 57.49 -103.65 23.99
N ARG W 91 58.37 -104.45 23.40
CA ARG W 91 59.77 -104.51 23.81
C ARG W 91 60.75 -104.39 22.61
N THR W 92 61.92 -103.85 22.89
CA THR W 92 63.06 -103.97 21.94
C THR W 92 63.56 -105.40 21.91
N GLY W 93 64.39 -105.69 20.94
CA GLY W 93 65.11 -106.93 20.87
C GLY W 93 66.37 -106.85 21.71
N GLN W 94 67.31 -107.75 21.37
CA GLN W 94 68.64 -107.83 21.95
C GLN W 94 69.60 -106.90 21.22
N PHE W 95 70.63 -106.44 21.93
CA PHE W 95 71.76 -105.74 21.31
C PHE W 95 73.02 -106.59 21.35
N VAL W 96 73.89 -106.42 20.34
CA VAL W 96 75.21 -107.08 20.29
C VAL W 96 76.07 -106.59 21.48
N GLY W 97 76.78 -107.52 22.11
CA GLY W 97 77.52 -107.24 23.34
C GLY W 97 76.63 -107.07 24.56
N GLY W 98 75.36 -107.45 24.45
CA GLY W 98 74.41 -107.34 25.54
C GLY W 98 73.80 -105.97 25.77
N ASP W 99 74.43 -104.93 25.19
CA ASP W 99 74.16 -103.53 25.53
C ASP W 99 74.27 -102.62 24.29
N ALA W 100 73.77 -101.37 24.37
CA ALA W 100 73.93 -100.39 23.28
C ALA W 100 73.84 -98.92 23.70
N VAL W 101 74.89 -98.16 23.37
CA VAL W 101 75.15 -96.83 23.91
C VAL W 101 74.57 -95.71 23.04
N MET W 102 73.39 -95.21 23.38
CA MET W 102 72.65 -94.22 22.57
C MET W 102 73.04 -92.77 22.89
N GLU W 103 73.65 -92.05 21.94
CA GLU W 103 74.15 -90.68 22.23
C GLU W 103 73.18 -89.61 21.74
N ARG W 104 73.17 -88.46 22.38
CA ARG W 104 72.28 -87.38 21.97
C ARG W 104 72.70 -86.82 20.58
N GLY W 105 71.74 -86.56 19.71
CA GLY W 105 72.05 -86.03 18.38
C GLY W 105 72.24 -87.11 17.29
N ALA W 106 72.61 -88.34 17.69
CA ALA W 106 72.84 -89.49 16.76
C ALA W 106 71.59 -89.92 16.00
N THR W 107 71.79 -90.51 14.81
CA THR W 107 70.75 -91.18 14.06
C THR W 107 70.80 -92.71 14.30
N CYS W 108 69.62 -93.30 14.56
CA CYS W 108 69.50 -94.77 14.63
C CYS W 108 68.25 -95.23 13.90
N TYR W 109 68.13 -96.54 13.67
CA TYR W 109 67.10 -97.10 12.80
C TYR W 109 66.36 -98.13 13.66
N VAL W 110 65.05 -98.03 13.74
CA VAL W 110 64.29 -99.02 14.54
C VAL W 110 63.47 -99.81 13.54
N THR W 111 63.57 -101.13 13.64
CA THR W 111 62.95 -101.93 12.65
C THR W 111 62.07 -102.99 13.27
N THR W 112 61.02 -103.39 12.57
CA THR W 112 60.27 -104.56 12.99
C THR W 112 60.60 -105.82 12.19
N ASP W 113 61.64 -105.74 11.37
CA ASP W 113 62.15 -106.91 10.64
C ASP W 113 62.68 -107.94 11.68
N PRO W 114 62.06 -109.13 11.74
CA PRO W 114 62.41 -110.05 12.85
C PRO W 114 63.84 -110.63 12.71
N ALA W 115 64.40 -110.63 11.50
CA ALA W 115 65.84 -110.93 11.29
C ALA W 115 66.79 -110.24 12.32
N PHE W 116 66.36 -109.09 12.88
CA PHE W 116 67.18 -108.25 13.76
C PHE W 116 67.00 -108.41 15.28
N ALA W 117 66.22 -109.40 15.70
CA ALA W 117 65.83 -109.53 17.13
C ALA W 117 67.00 -109.87 18.06
N ASP W 118 68.03 -110.51 17.53
CA ASP W 118 69.22 -110.89 18.32
C ASP W 118 70.51 -110.22 17.83
N LYS W 119 70.39 -109.13 17.07
CA LYS W 119 71.56 -108.44 16.48
C LYS W 119 71.31 -106.95 16.26
N GLY W 120 70.61 -106.33 17.21
CA GLY W 120 70.52 -104.87 17.20
C GLY W 120 71.88 -104.24 17.52
N THR W 121 71.99 -102.94 17.27
CA THR W 121 73.20 -102.19 17.67
C THR W 121 72.69 -100.79 17.85
N LYS W 122 73.54 -99.89 18.32
CA LYS W 122 73.07 -98.51 18.43
C LYS W 122 72.55 -97.96 17.08
N ASP W 123 73.07 -98.53 15.98
CA ASP W 123 72.74 -98.14 14.61
C ASP W 123 71.36 -98.61 14.17
N LYS W 124 71.03 -99.85 14.48
CA LYS W 124 69.74 -100.40 14.09
C LYS W 124 69.33 -101.58 14.95
N PHE W 125 68.13 -101.50 15.47
CA PHE W 125 67.65 -102.59 16.31
C PHE W 125 66.15 -102.81 16.15
N TYR W 126 65.70 -103.89 16.75
CA TYR W 126 64.37 -104.38 16.59
C TYR W 126 63.47 -103.93 17.75
N ILE W 127 62.24 -103.54 17.43
CA ILE W 127 61.12 -103.33 18.34
C ILE W 127 60.07 -104.35 17.92
N ASP W 128 59.52 -105.11 18.85
CA ASP W 128 58.76 -106.31 18.47
C ASP W 128 57.28 -106.07 18.13
N TYR W 129 56.86 -104.82 17.94
CA TYR W 129 55.46 -104.52 17.66
C TYR W 129 55.35 -104.32 16.17
N GLN W 130 54.78 -105.33 15.49
CA GLN W 130 54.85 -105.40 14.02
C GLN W 130 54.15 -104.26 13.30
N ASN W 131 53.21 -103.66 13.98
CA ASN W 131 52.52 -102.49 13.45
C ASN W 131 53.20 -101.20 13.75
N LEU W 132 54.44 -101.17 14.27
CA LEU W 132 55.06 -99.88 14.68
C LEU W 132 54.94 -98.78 13.60
N SER W 133 55.32 -99.11 12.34
CA SER W 133 55.37 -98.16 11.24
C SER W 133 54.03 -97.57 10.86
N LYS W 134 52.99 -98.40 10.90
CA LYS W 134 51.66 -97.92 10.57
C LYS W 134 51.14 -96.97 11.68
N VAL W 135 51.61 -97.15 12.89
CA VAL W 135 50.99 -96.40 13.99
C VAL W 135 51.69 -95.08 14.23
N VAL W 136 52.96 -95.01 13.87
CA VAL W 136 53.72 -93.79 14.15
C VAL W 136 53.85 -92.93 12.88
N ARG W 137 53.95 -91.61 13.03
CA ARG W 137 54.27 -90.66 11.92
C ARG W 137 55.50 -89.79 12.27
N PRO W 138 56.13 -89.14 11.24
CA PRO W 138 57.20 -88.16 11.48
C PRO W 138 56.80 -87.12 12.54
N GLY W 139 57.66 -86.90 13.54
CA GLY W 139 57.41 -85.95 14.60
C GLY W 139 57.06 -86.65 15.91
N ASN W 140 56.36 -87.78 15.80
CA ASN W 140 56.05 -88.62 16.98
C ASN W 140 57.29 -89.06 17.77
N TYR W 141 57.08 -89.31 19.04
CA TYR W 141 58.15 -89.72 19.94
C TYR W 141 58.02 -91.21 20.27
N ILE W 142 59.16 -91.86 20.46
CA ILE W 142 59.20 -93.28 20.81
C ILE W 142 60.03 -93.45 22.08
N TYR W 143 59.37 -93.81 23.17
CA TYR W 143 60.04 -93.90 24.49
C TYR W 143 60.57 -95.31 24.76
N ILE W 144 61.79 -95.40 25.24
CA ILE W 144 62.43 -96.67 25.52
C ILE W 144 63.07 -96.65 26.90
N ASP W 145 62.87 -97.72 27.65
CA ASP W 145 63.39 -97.80 28.99
C ASP W 145 62.74 -97.03 30.17
N ASP W 146 61.43 -97.14 30.28
CA ASP W 146 60.73 -96.36 31.28
C ASP W 146 60.41 -94.93 30.78
N GLY W 147 60.59 -94.71 29.48
CA GLY W 147 60.52 -93.34 28.90
C GLY W 147 61.84 -92.53 29.05
N ILE W 148 62.91 -93.20 29.46
CA ILE W 148 64.17 -92.52 29.76
C ILE W 148 64.86 -92.07 28.49
N LEU W 149 64.86 -92.94 27.49
CA LEU W 149 65.49 -92.66 26.19
C LEU W 149 64.36 -92.22 25.29
N ILE W 150 64.48 -91.01 24.75
CA ILE W 150 63.42 -90.49 23.90
C ILE W 150 63.97 -90.36 22.50
N LEU W 151 63.49 -91.22 21.61
CA LEU W 151 63.86 -91.14 20.22
C LEU W 151 62.75 -90.33 19.56
N GLN W 152 63.09 -89.53 18.56
CA GLN W 152 62.06 -88.93 17.70
C GLN W 152 62.08 -89.46 16.26
N VAL W 153 60.88 -89.78 15.78
CA VAL W 153 60.70 -90.30 14.45
C VAL W 153 60.87 -89.24 13.36
N GLN W 154 61.79 -89.51 12.43
CA GLN W 154 62.08 -88.56 11.36
C GLN W 154 61.39 -89.01 10.08
N SER W 155 61.53 -90.29 9.72
CA SER W 155 60.99 -90.78 8.47
C SER W 155 60.89 -92.28 8.46
N HIS W 156 60.20 -92.78 7.44
CA HIS W 156 60.15 -94.18 7.12
C HIS W 156 61.32 -94.47 6.18
N GLU W 157 62.41 -95.01 6.72
CA GLU W 157 63.46 -95.58 5.85
C GLU W 157 62.86 -96.59 4.88
N ASP W 158 62.05 -97.53 5.40
CA ASP W 158 61.29 -98.42 4.52
C ASP W 158 60.00 -98.88 5.19
N GLU W 159 59.36 -99.89 4.64
CA GLU W 159 58.09 -100.26 5.20
C GLU W 159 58.11 -100.89 6.61
N GLN W 160 59.31 -101.27 7.09
CA GLN W 160 59.50 -101.89 8.40
C GLN W 160 60.49 -101.16 9.29
N THR W 161 61.04 -100.06 8.82
CA THR W 161 62.15 -99.45 9.52
C THR W 161 61.92 -97.95 9.58
N LEU W 162 62.16 -97.37 10.76
CA LEU W 162 62.01 -95.96 10.99
C LEU W 162 63.38 -95.34 11.24
N GLU W 163 63.68 -94.24 10.55
CA GLU W 163 64.87 -93.46 10.86
C GLU W 163 64.51 -92.59 12.06
N CYS W 164 65.31 -92.63 13.12
CA CYS W 164 65.04 -91.84 14.32
C CYS W 164 66.20 -90.92 14.66
N THR W 165 65.91 -89.78 15.29
CA THR W 165 66.90 -88.98 16.04
C THR W 165 66.95 -89.42 17.51
N VAL W 166 68.12 -89.52 18.10
CA VAL W 166 68.22 -89.67 19.54
C VAL W 166 68.17 -88.27 20.27
N THR W 167 67.11 -88.02 21.06
CA THR W 167 66.95 -86.68 21.65
C THR W 167 67.70 -86.49 22.96
N ASN W 168 68.06 -87.59 23.62
CA ASN W 168 68.84 -87.51 24.88
C ASN W 168 69.65 -88.77 25.09
N SER W 169 70.78 -88.64 25.78
CA SER W 169 71.77 -89.71 25.89
C SER W 169 71.27 -90.74 26.88
N HIS W 170 71.53 -92.00 26.61
CA HIS W 170 71.19 -93.05 27.55
C HIS W 170 71.67 -94.41 27.01
N THR W 171 72.31 -95.17 27.87
CA THR W 171 72.68 -96.51 27.53
C THR W 171 71.47 -97.39 27.80
N ILE W 172 71.12 -98.25 26.84
CA ILE W 172 70.00 -99.17 27.00
C ILE W 172 70.44 -100.64 26.86
N SER W 173 69.99 -101.51 27.76
CA SER W 173 70.33 -102.94 27.66
C SER W 173 69.22 -103.72 26.93
N ASP W 174 69.36 -105.05 26.86
CA ASP W 174 68.41 -105.90 26.15
C ASP W 174 66.97 -105.75 26.58
N ARG W 175 66.10 -105.70 25.56
CA ARG W 175 64.65 -105.91 25.74
C ARG W 175 63.95 -104.92 26.63
N ARG W 176 64.20 -103.64 26.44
CA ARG W 176 63.44 -102.63 27.20
C ARG W 176 62.01 -102.42 26.68
N GLY W 177 61.13 -101.96 27.55
CA GLY W 177 59.76 -101.70 27.16
C GLY W 177 59.69 -100.40 26.39
N VAL W 178 58.77 -100.29 25.47
CA VAL W 178 58.68 -99.06 24.78
C VAL W 178 57.27 -98.51 24.98
N ASN W 179 57.14 -97.18 24.89
CA ASN W 179 55.82 -96.59 24.82
C ASN W 179 55.69 -95.69 23.64
N LEU W 180 54.45 -95.29 23.32
CA LEU W 180 54.13 -94.54 22.14
C LEU W 180 53.09 -93.41 22.47
N PRO W 181 53.56 -92.29 23.08
CA PRO W 181 52.55 -91.45 23.68
C PRO W 181 51.56 -90.77 22.78
N GLY W 182 51.89 -90.52 21.53
CA GLY W 182 50.94 -89.85 20.65
C GLY W 182 50.35 -90.89 19.71
N CYS W 183 50.32 -92.13 20.17
CA CYS W 183 50.06 -93.21 19.24
C CYS W 183 49.02 -94.12 19.79
N ASP W 184 48.10 -94.49 18.90
CA ASP W 184 47.06 -95.42 19.23
C ASP W 184 47.59 -96.83 19.03
N VAL W 185 47.97 -97.45 20.12
CA VAL W 185 48.56 -98.78 20.04
C VAL W 185 47.47 -99.81 19.84
N ASP W 186 47.66 -100.74 18.92
CA ASP W 186 46.56 -101.68 18.57
C ASP W 186 46.88 -103.16 18.79
N LEU W 187 47.70 -103.44 19.74
CA LEU W 187 47.79 -104.75 20.25
C LEU W 187 46.41 -105.26 20.64
N PRO W 188 46.23 -106.55 20.53
CA PRO W 188 45.02 -107.21 20.97
C PRO W 188 44.82 -106.97 22.46
N ALA W 189 43.60 -107.13 22.93
CA ALA W 189 43.28 -106.83 24.30
C ALA W 189 43.98 -107.81 25.17
N VAL W 190 44.04 -109.03 24.70
CA VAL W 190 44.53 -110.15 25.44
C VAL W 190 45.65 -110.86 24.69
N SER W 191 46.81 -110.93 25.27
CA SER W 191 47.90 -111.68 24.70
C SER W 191 47.69 -113.20 24.81
N ALA W 192 48.57 -113.96 24.19
CA ALA W 192 48.47 -115.39 24.30
C ALA W 192 48.75 -115.87 25.71
N LYS W 193 49.69 -115.27 26.39
CA LYS W 193 49.90 -115.59 27.77
C LYS W 193 48.70 -115.22 28.66
N ASP W 194 48.10 -114.07 28.41
CA ASP W 194 46.90 -113.64 29.12
C ASP W 194 45.82 -114.69 28.98
N ARG W 195 45.64 -115.19 27.78
CA ARG W 195 44.62 -116.14 27.51
C ARG W 195 44.80 -117.34 28.38
N VAL W 196 46.04 -117.75 28.55
CA VAL W 196 46.33 -118.85 29.41
C VAL W 196 46.20 -118.25 30.76
N ASP W 197 46.34 -116.92 30.86
CA ASP W 197 46.27 -116.31 32.17
C ASP W 197 44.86 -116.21 32.66
N LEU W 198 43.94 -115.83 31.79
CA LEU W 198 42.54 -115.77 32.13
C LEU W 198 41.91 -117.09 32.48
N GLN W 199 42.25 -118.13 31.74
CA GLN W 199 41.72 -119.44 32.02
C GLN W 199 42.13 -119.95 33.39
N PHE W 200 43.36 -119.70 33.76
CA PHE W 200 43.89 -120.11 35.03
C PHE W 200 43.14 -119.44 36.15
N GLY W 201 42.83 -118.17 35.95
CA GLY W 201 42.10 -117.41 36.92
C GLY W 201 40.72 -117.94 37.17
N VAL W 202 40.06 -118.36 36.11
CA VAL W 202 38.79 -119.02 36.21
C VAL W 202 38.88 -120.33 36.96
N GLU W 203 39.89 -121.12 36.64
CA GLU W 203 40.14 -122.41 37.24
C GLU W 203 40.40 -122.35 38.71
N GLN W 204 41.15 -121.37 39.15
CA GLN W 204 41.49 -121.26 40.54
C GLN W 204 40.48 -120.42 41.26
N GLY W 205 39.42 -120.09 40.57
CA GLY W 205 38.34 -119.33 41.14
C GLY W 205 38.59 -117.95 41.70
N VAL W 206 39.36 -117.16 40.99
CA VAL W 206 39.57 -115.77 41.40
C VAL W 206 38.32 -114.92 41.33
N ASP W 207 38.25 -113.98 42.24
CA ASP W 207 37.18 -113.00 42.28
C ASP W 207 37.07 -111.92 41.19
N MET W 208 38.17 -111.31 40.80
CA MET W 208 38.17 -110.24 39.82
C MET W 208 39.41 -110.24 38.94
N ILE W 209 39.30 -109.59 37.81
CA ILE W 209 40.41 -109.38 36.93
C ILE W 209 40.72 -107.90 36.87
N PHE W 210 41.96 -107.54 37.07
CA PHE W 210 42.35 -106.20 36.78
C PHE W 210 42.90 -106.24 35.39
N ALA W 211 42.15 -105.78 34.43
CA ALA W 211 42.55 -105.92 33.06
C ALA W 211 43.42 -104.77 32.61
N SER W 212 44.68 -105.07 32.36
CA SER W 212 45.65 -104.10 31.93
C SER W 212 45.41 -103.51 30.57
N PHE W 213 45.87 -102.28 30.46
CA PHE W 213 45.91 -101.56 29.24
C PHE W 213 44.55 -101.55 28.46
N ILE W 214 43.33 -101.22 29.01
CA ILE W 214 42.12 -101.33 28.27
C ILE W 214 41.98 -100.09 27.40
N ARG W 215 42.19 -100.24 26.10
CA ARG W 215 41.85 -99.26 25.04
C ARG W 215 40.37 -99.02 24.71
N SER W 216 39.52 -100.03 24.85
CA SER W 216 38.16 -100.01 24.30
C SER W 216 37.10 -100.86 24.98
N ALA W 217 35.85 -100.53 24.70
CA ALA W 217 34.69 -101.28 25.12
C ALA W 217 34.65 -102.65 24.49
N GLU W 218 35.11 -102.73 23.25
CA GLU W 218 35.21 -103.97 22.52
C GLU W 218 36.19 -104.93 23.16
N GLN W 219 37.29 -104.42 23.66
CA GLN W 219 38.30 -105.17 24.37
C GLN W 219 37.80 -105.79 25.64
N VAL W 220 36.98 -105.07 26.39
CA VAL W 220 36.41 -105.60 27.61
C VAL W 220 35.57 -106.80 27.26
N GLY W 221 34.80 -106.69 26.19
CA GLY W 221 33.96 -107.76 25.77
C GLY W 221 34.76 -108.98 25.41
N ASP W 222 35.89 -108.76 24.77
CA ASP W 222 36.77 -109.84 24.46
C ASP W 222 37.30 -110.51 25.71
N VAL W 223 37.56 -109.73 26.75
CA VAL W 223 37.93 -110.30 28.02
C VAL W 223 36.83 -111.13 28.67
N ARG W 224 35.61 -110.64 28.57
CA ARG W 224 34.46 -111.27 29.15
C ARG W 224 34.29 -112.61 28.50
N LYS W 225 34.55 -112.63 27.21
CA LYS W 225 34.36 -113.77 26.35
C LYS W 225 35.43 -114.82 26.55
N ALA W 226 36.66 -114.41 26.78
CA ALA W 226 37.72 -115.30 27.14
C ALA W 226 37.48 -115.96 28.49
N LEU W 227 36.88 -115.24 29.40
CA LEU W 227 36.57 -115.81 30.70
C LEU W 227 35.57 -116.92 30.53
N GLY W 228 34.65 -116.73 29.61
CA GLY W 228 33.66 -117.71 29.28
C GLY W 228 32.46 -117.77 30.19
N PRO W 229 31.67 -118.83 30.04
CA PRO W 229 30.54 -119.14 30.89
C PRO W 229 30.92 -119.46 32.31
N LYS W 230 31.97 -120.22 32.48
CA LYS W 230 32.45 -120.60 33.79
C LYS W 230 32.88 -119.36 34.54
N GLY W 231 33.24 -118.34 33.79
CA GLY W 231 33.79 -117.13 34.33
C GLY W 231 32.86 -115.94 34.43
N ARG W 232 31.59 -116.15 34.25
CA ARG W 232 30.63 -115.08 34.13
C ARG W 232 30.44 -114.17 35.32
N ASP W 233 30.66 -114.68 36.52
CA ASP W 233 30.50 -113.88 37.70
C ASP W 233 31.78 -113.23 38.18
N ILE W 234 32.84 -113.33 37.42
CA ILE W 234 34.07 -112.67 37.78
C ILE W 234 33.97 -111.25 37.27
N MET W 235 34.35 -110.31 38.12
CA MET W 235 34.31 -108.90 37.83
C MET W 235 35.46 -108.49 36.95
N ILE W 236 35.21 -107.71 35.92
CA ILE W 236 36.31 -107.16 35.16
C ILE W 236 36.52 -105.69 35.47
N ILE W 237 37.60 -105.43 36.16
CA ILE W 237 37.98 -104.08 36.52
C ILE W 237 38.96 -103.54 35.49
N CYS W 238 38.62 -102.46 34.84
CA CYS W 238 39.46 -101.98 33.76
C CYS W 238 40.45 -100.90 34.12
N LYS W 239 41.72 -101.20 33.97
CA LYS W 239 42.78 -100.29 34.21
C LYS W 239 42.94 -99.30 33.08
N ILE W 240 42.96 -98.03 33.40
CA ILE W 240 43.13 -96.99 32.41
C ILE W 240 44.54 -96.54 32.53
N GLU W 241 45.35 -96.86 31.53
CA GLU W 241 46.78 -96.60 31.60
C GLU W 241 47.29 -95.81 30.40
N ASN W 242 46.49 -95.62 29.38
CA ASN W 242 46.86 -94.82 28.20
C ASN W 242 45.87 -93.83 27.65
N HIS W 243 46.22 -93.23 26.55
CA HIS W 243 45.41 -92.20 25.92
C HIS W 243 44.05 -92.64 25.43
N GLN W 244 44.02 -93.76 24.75
CA GLN W 244 42.80 -94.30 24.21
C GLN W 244 41.83 -94.69 25.29
N GLY W 245 42.32 -95.27 26.35
CA GLY W 245 41.49 -95.62 27.46
C GLY W 245 40.83 -94.44 28.09
N VAL W 246 41.56 -93.36 28.27
CA VAL W 246 40.95 -92.15 28.79
C VAL W 246 39.91 -91.59 27.85
N GLN W 247 40.21 -91.59 26.58
CA GLN W 247 39.31 -91.04 25.60
C GLN W 247 38.01 -91.79 25.56
N ASN W 248 38.08 -93.09 25.72
CA ASN W 248 36.95 -93.98 25.61
C ASN W 248 36.30 -94.35 26.91
N ILE W 249 36.47 -93.54 27.92
CA ILE W 249 36.09 -93.89 29.26
C ILE W 249 34.63 -94.19 29.52
N ASP W 250 33.70 -93.45 28.95
CA ASP W 250 32.31 -93.71 29.17
C ASP W 250 31.87 -95.06 28.67
N SER W 251 32.26 -95.41 27.47
CA SER W 251 31.98 -96.70 26.93
C SER W 251 32.67 -97.84 27.67
N ILE W 252 33.89 -97.63 28.10
CA ILE W 252 34.58 -98.59 28.91
C ILE W 252 33.93 -98.78 30.27
N ILE W 253 33.52 -97.70 30.89
CA ILE W 253 32.85 -97.77 32.14
C ILE W 253 31.54 -98.54 32.00
N GLU W 254 30.81 -98.35 30.92
CA GLU W 254 29.60 -99.07 30.64
C GLU W 254 29.79 -100.58 30.62
N GLU W 255 30.76 -101.03 29.85
CA GLU W 255 31.13 -102.43 29.73
C GLU W 255 31.71 -103.10 30.98
N SER W 256 32.47 -102.34 31.72
CA SER W 256 33.19 -102.83 32.86
C SER W 256 32.35 -103.01 34.13
N ASP W 257 32.94 -103.63 35.12
CA ASP W 257 32.40 -103.66 36.45
C ASP W 257 33.08 -102.66 37.36
N GLY W 258 34.09 -101.98 36.87
CA GLY W 258 34.81 -101.00 37.63
C GLY W 258 36.05 -100.53 36.93
N ILE W 259 36.72 -99.57 37.51
CA ILE W 259 37.86 -98.92 36.93
C ILE W 259 39.02 -98.85 37.90
N MET W 260 40.20 -98.96 37.34
CA MET W 260 41.41 -98.60 38.02
C MET W 260 42.11 -97.41 37.36
N VAL W 261 42.48 -96.42 38.13
CA VAL W 261 43.24 -95.33 37.64
C VAL W 261 44.69 -95.69 37.77
N ALA W 262 45.26 -96.29 36.74
CA ALA W 262 46.55 -96.90 36.78
C ALA W 262 47.62 -95.89 36.53
N ARG W 263 48.01 -95.21 37.58
CA ARG W 263 48.81 -94.03 37.47
C ARG W 263 50.20 -94.22 36.93
N GLY W 264 50.87 -95.32 37.24
CA GLY W 264 52.21 -95.50 36.75
C GLY W 264 52.41 -95.56 35.26
N ASP W 265 51.68 -96.40 34.56
CA ASP W 265 51.64 -96.34 33.11
C ASP W 265 51.02 -95.06 32.52
N LEU W 266 49.95 -94.57 33.12
CA LEU W 266 49.23 -93.39 32.65
C LEU W 266 50.09 -92.16 32.65
N GLY W 267 50.93 -92.13 33.66
CA GLY W 267 51.90 -91.11 33.89
C GLY W 267 52.96 -90.92 32.84
N VAL W 268 53.45 -91.97 32.22
CA VAL W 268 54.26 -91.93 31.01
C VAL W 268 53.51 -91.59 29.76
N GLU W 269 52.38 -92.27 29.61
CA GLU W 269 51.54 -92.14 28.43
C GLU W 269 50.97 -90.75 28.28
N ILE W 270 50.63 -90.15 29.36
CA ILE W 270 49.96 -88.92 29.35
C ILE W 270 50.91 -88.21 30.21
N PRO W 271 51.03 -86.94 29.97
CA PRO W 271 51.86 -86.13 30.81
C PRO W 271 51.17 -86.10 32.12
N ALA W 272 52.08 -86.13 33.07
CA ALA W 272 51.97 -86.48 34.43
C ALA W 272 51.10 -85.51 35.11
N GLU W 273 51.24 -84.25 34.76
CA GLU W 273 50.41 -83.20 35.31
C GLU W 273 48.96 -83.38 34.94
N LYS W 274 48.72 -84.16 33.89
CA LYS W 274 47.36 -84.47 33.45
C LYS W 274 46.72 -85.60 34.26
N VAL W 275 47.53 -86.48 34.84
CA VAL W 275 47.03 -87.61 35.58
C VAL W 275 46.08 -87.12 36.66
N VAL W 276 46.32 -85.95 37.22
CA VAL W 276 45.44 -85.39 38.22
C VAL W 276 44.03 -85.10 37.74
N VAL W 277 43.89 -84.50 36.58
CA VAL W 277 42.61 -84.29 35.94
C VAL W 277 41.93 -85.60 35.57
N ALA W 278 42.70 -86.52 35.06
CA ALA W 278 42.17 -87.81 34.77
C ALA W 278 41.68 -88.54 36.03
N GLN W 279 42.38 -88.43 37.13
CA GLN W 279 41.94 -89.03 38.36
C GLN W 279 40.61 -88.48 38.86
N LYS W 280 40.50 -87.18 38.86
CA LYS W 280 39.27 -86.58 39.24
C LYS W 280 38.15 -86.94 38.33
N ILE W 281 38.34 -86.91 37.02
CA ILE W 281 37.27 -87.27 36.15
C ILE W 281 36.83 -88.72 36.24
N LEU W 282 37.76 -89.64 36.25
CA LEU W 282 37.43 -91.04 36.24
C LEU W 282 36.75 -91.55 37.49
N ILE W 283 37.19 -91.05 38.61
CA ILE W 283 36.61 -91.37 39.88
C ILE W 283 35.19 -90.87 39.96
N SER W 284 34.97 -89.65 39.54
CA SER W 284 33.67 -89.07 39.54
C SER W 284 32.70 -89.79 38.65
N LYS W 285 33.11 -90.15 37.47
CA LYS W 285 32.27 -90.86 36.55
C LYS W 285 31.88 -92.26 37.09
N CYS W 286 32.82 -92.91 37.74
CA CYS W 286 32.56 -94.14 38.44
C CYS W 286 31.62 -93.96 39.61
N ASN W 287 31.75 -92.90 40.37
CA ASN W 287 30.85 -92.64 41.46
C ASN W 287 29.43 -92.41 40.98
N VAL W 288 29.30 -91.63 39.93
CA VAL W 288 28.00 -91.34 39.37
C VAL W 288 27.37 -92.58 38.80
N ALA W 289 28.15 -93.41 38.15
CA ALA W 289 27.69 -94.67 37.61
C ALA W 289 27.39 -95.81 38.60
N GLY W 290 27.79 -95.64 39.85
CA GLY W 290 27.83 -96.69 40.84
C GLY W 290 28.74 -97.89 40.69
N LYS W 291 29.95 -97.69 40.21
CA LYS W 291 30.89 -98.76 40.05
C LYS W 291 32.17 -98.43 40.77
N PRO W 292 32.80 -99.47 41.29
CA PRO W 292 33.98 -99.31 42.13
C PRO W 292 35.16 -98.71 41.37
N VAL W 293 35.90 -97.82 42.00
CA VAL W 293 37.03 -97.16 41.39
C VAL W 293 38.26 -97.19 42.28
N ILE W 294 39.39 -97.50 41.69
CA ILE W 294 40.64 -97.67 42.40
C ILE W 294 41.70 -96.67 41.97
N CYS W 295 42.34 -96.07 42.96
CA CYS W 295 43.49 -95.22 42.75
C CYS W 295 44.77 -95.94 43.04
N ALA W 296 45.63 -95.97 42.04
CA ALA W 296 46.81 -96.78 42.04
C ALA W 296 48.12 -96.08 41.74
N THR W 297 49.17 -96.58 42.38
CA THR W 297 50.59 -96.45 42.03
C THR W 297 51.31 -95.29 42.70
N GLN W 298 52.44 -95.57 43.33
CA GLN W 298 53.32 -94.61 43.96
C GLN W 298 52.66 -93.86 45.09
N MET W 299 51.57 -94.40 45.60
CA MET W 299 50.84 -93.75 46.66
C MET W 299 51.63 -93.61 47.94
N LEU W 300 52.35 -94.64 48.32
CA LEU W 300 53.23 -94.53 49.46
C LEU W 300 54.60 -95.11 49.13
N GLU W 301 55.17 -94.66 48.03
CA GLU W 301 56.36 -95.23 47.46
C GLU W 301 57.61 -95.30 48.31
N SER W 302 57.89 -94.28 49.09
CA SER W 302 59.10 -94.17 49.87
C SER W 302 59.12 -95.18 51.00
N MET W 303 57.96 -95.72 51.29
CA MET W 303 57.76 -96.64 52.35
C MET W 303 58.12 -98.03 51.89
N THR W 304 58.54 -98.14 50.65
CA THR W 304 59.14 -99.34 50.15
C THR W 304 60.43 -99.49 50.90
N TYR W 305 61.05 -98.40 51.26
CA TYR W 305 62.33 -98.47 51.94
C TYR W 305 62.40 -97.80 53.29
N ASN W 306 61.44 -96.97 53.62
CA ASN W 306 61.47 -96.27 54.89
C ASN W 306 60.28 -96.56 55.74
N PRO W 307 60.48 -96.43 57.02
CA PRO W 307 59.44 -96.63 58.02
C PRO W 307 58.30 -95.62 57.95
N ARG W 308 58.56 -94.44 57.43
CA ARG W 308 57.62 -93.35 57.41
C ARG W 308 57.53 -92.72 56.03
N PRO W 309 56.33 -92.25 55.68
CA PRO W 309 56.07 -91.64 54.40
C PRO W 309 56.45 -90.18 54.31
N THR W 310 56.60 -89.71 53.08
CA THR W 310 56.72 -88.31 52.77
C THR W 310 55.42 -87.54 52.90
N ARG W 311 55.50 -86.23 53.00
CA ARG W 311 54.31 -85.40 53.09
C ARG W 311 53.46 -85.48 51.86
N ALA W 312 54.08 -85.51 50.69
CA ALA W 312 53.36 -85.63 49.45
C ALA W 312 52.58 -86.93 49.37
N GLU W 313 53.14 -87.99 49.89
CA GLU W 313 52.48 -89.26 49.90
C GLU W 313 51.24 -89.33 50.75
N VAL W 314 51.32 -88.80 51.95
CA VAL W 314 50.21 -88.76 52.87
C VAL W 314 49.12 -87.93 52.26
N SER W 315 49.48 -86.80 51.70
CA SER W 315 48.51 -85.99 51.03
C SER W 315 47.84 -86.72 49.90
N ASP W 316 48.61 -87.50 49.15
CA ASP W 316 48.06 -88.28 48.08
C ASP W 316 47.03 -89.33 48.52
N VAL W 317 47.26 -90.08 49.56
CA VAL W 317 46.25 -91.06 49.96
C VAL W 317 44.94 -90.37 50.38
N ALA W 318 45.07 -89.28 51.09
CA ALA W 318 43.95 -88.51 51.56
C ALA W 318 43.08 -87.88 50.47
N ASN W 319 43.71 -87.25 49.50
CA ASN W 319 43.06 -86.68 48.35
C ASN W 319 42.37 -87.70 47.48
N ALA W 320 42.89 -88.89 47.39
CA ALA W 320 42.18 -89.94 46.66
C ALA W 320 40.83 -90.30 47.27
N VAL W 321 40.76 -90.34 48.59
CA VAL W 321 39.53 -90.52 49.33
C VAL W 321 38.57 -89.36 49.15
N PHE W 322 39.09 -88.15 49.22
CA PHE W 322 38.34 -86.94 48.98
C PHE W 322 37.82 -86.95 47.56
N ASN W 323 38.59 -87.49 46.64
CA ASN W 323 38.26 -87.57 45.24
C ASN W 323 37.02 -88.46 45.07
N GLY W 324 36.81 -89.38 46.01
CA GLY W 324 35.74 -90.31 45.92
C GLY W 324 36.02 -91.74 45.59
N ALA W 325 37.26 -92.17 45.69
CA ALA W 325 37.64 -93.52 45.41
C ALA W 325 37.16 -94.58 46.39
N ASP W 326 36.70 -95.69 45.87
CA ASP W 326 36.42 -96.84 46.68
C ASP W 326 37.69 -97.41 47.32
N CYS W 327 38.76 -97.51 46.55
CA CYS W 327 39.98 -98.18 46.94
C CYS W 327 41.30 -97.45 46.69
N VAL W 328 42.25 -97.68 47.55
CA VAL W 328 43.61 -97.30 47.29
C VAL W 328 44.43 -98.56 47.20
N MET W 329 45.56 -98.48 46.54
CA MET W 329 46.33 -99.64 46.20
C MET W 329 47.78 -99.54 46.56
N LEU W 330 48.38 -100.67 46.85
CA LEU W 330 49.79 -100.76 47.13
C LEU W 330 50.45 -101.70 46.17
N SER W 331 51.57 -101.28 45.62
CA SER W 331 52.23 -102.08 44.63
C SER W 331 53.55 -102.68 45.07
N GLY W 332 54.61 -101.96 44.83
CA GLY W 332 55.93 -102.32 45.25
C GLY W 332 56.13 -102.30 46.74
N GLU W 333 55.42 -101.40 47.40
CA GLU W 333 55.51 -101.21 48.82
C GLU W 333 55.16 -102.49 49.57
N THR W 334 54.26 -103.28 49.05
CA THR W 334 53.97 -104.60 49.58
C THR W 334 54.58 -105.79 48.83
N ALA W 335 54.83 -105.65 47.55
CA ALA W 335 55.44 -106.70 46.80
C ALA W 335 56.88 -106.99 47.17
N LYS W 336 57.71 -105.95 47.23
CA LYS W 336 59.11 -106.07 47.49
C LYS W 336 59.69 -105.23 48.63
N GLY W 337 58.83 -104.55 49.34
CA GLY W 337 59.21 -103.62 50.37
C GLY W 337 59.72 -104.17 51.68
N LYS W 338 60.42 -103.30 52.40
CA LYS W 338 60.84 -103.46 53.77
C LYS W 338 59.77 -103.48 54.84
N TYR W 339 58.73 -102.67 54.71
CA TYR W 339 57.79 -102.51 55.79
C TYR W 339 56.36 -102.70 55.36
N PRO W 340 56.03 -103.90 54.96
CA PRO W 340 54.72 -104.17 54.42
C PRO W 340 53.59 -103.91 55.39
N ASN W 341 53.67 -104.39 56.61
CA ASN W 341 52.66 -104.13 57.59
C ASN W 341 52.51 -102.66 57.94
N GLU W 342 53.61 -101.98 58.13
CA GLU W 342 53.58 -100.57 58.43
C GLU W 342 52.98 -99.72 57.31
N VAL W 343 53.28 -100.03 56.07
CA VAL W 343 52.76 -99.23 55.00
C VAL W 343 51.25 -99.32 54.93
N VAL W 344 50.72 -100.51 55.07
CA VAL W 344 49.32 -100.73 55.12
C VAL W 344 48.68 -100.05 56.30
N GLN W 345 49.30 -100.13 57.45
CA GLN W 345 48.78 -99.51 58.63
C GLN W 345 48.72 -98.02 58.45
N TYR W 346 49.73 -97.45 57.83
CA TYR W 346 49.74 -96.02 57.54
C TYR W 346 48.66 -95.61 56.57
N MET W 347 48.44 -96.39 55.55
CA MET W 347 47.43 -96.09 54.61
C MET W 347 46.05 -96.12 55.22
N ALA W 348 45.79 -97.10 56.08
CA ALA W 348 44.52 -97.21 56.73
C ALA W 348 44.22 -96.05 57.63
N ARG W 349 45.23 -95.62 58.34
CA ARG W 349 45.15 -94.52 59.24
C ARG W 349 44.85 -93.20 58.53
N ILE W 350 45.51 -92.95 57.42
CA ILE W 350 45.25 -91.78 56.59
C ILE W 350 43.85 -91.78 56.02
N CYS W 351 43.40 -92.95 55.60
CA CYS W 351 42.08 -93.10 55.05
C CYS W 351 41.03 -92.77 56.08
N LEU W 352 41.22 -93.21 57.31
CA LEU W 352 40.30 -92.92 58.38
C LEU W 352 40.23 -91.44 58.73
N GLU W 353 41.37 -90.79 58.74
CA GLU W 353 41.45 -89.38 58.98
C GLU W 353 40.77 -88.53 57.92
N ALA W 354 40.97 -88.86 56.65
CA ALA W 354 40.34 -88.14 55.54
C ALA W 354 38.85 -88.28 55.58
N GLN W 355 38.40 -89.43 56.05
CA GLN W 355 37.02 -89.80 56.18
C GLN W 355 36.32 -88.88 57.14
N SER W 356 36.98 -88.44 58.19
CA SER W 356 36.40 -87.47 59.08
C SER W 356 36.13 -86.15 58.40
N ALA W 357 37.07 -85.71 57.59
CA ALA W 357 36.96 -84.49 56.84
C ALA W 357 35.95 -84.60 55.73
N LEU W 358 35.62 -85.81 55.34
CA LEU W 358 34.76 -86.02 54.20
C LEU W 358 33.38 -85.57 54.50
N ASN W 359 32.78 -84.84 53.60
CA ASN W 359 31.41 -84.47 53.76
C ASN W 359 30.55 -85.47 53.05
N GLU W 360 30.14 -86.49 53.77
CA GLU W 360 29.37 -87.60 53.23
C GLU W 360 28.02 -87.16 52.74
N TYR W 361 27.44 -86.19 53.42
CA TYR W 361 26.16 -85.63 53.07
C TYR W 361 26.11 -84.90 51.74
N VAL W 362 27.09 -84.05 51.46
CA VAL W 362 27.16 -83.32 50.22
C VAL W 362 27.35 -84.27 49.09
N PHE W 363 28.17 -85.25 49.33
CA PHE W 363 28.43 -86.33 48.41
C PHE W 363 27.17 -87.10 48.07
N PHE W 364 26.31 -87.35 49.04
CA PHE W 364 25.05 -88.04 48.77
C PHE W 364 24.13 -87.24 47.85
N ASN W 365 23.95 -85.99 48.16
CA ASN W 365 23.15 -85.09 47.38
C ASN W 365 23.70 -84.82 45.99
N SER W 366 25.00 -84.70 45.87
CA SER W 366 25.61 -84.45 44.62
C SER W 366 25.42 -85.58 43.68
N ILE W 367 25.58 -86.79 44.18
CA ILE W 367 25.39 -88.00 43.41
C ILE W 367 23.96 -88.18 42.95
N LYS W 368 23.04 -87.91 43.85
CA LYS W 368 21.62 -88.02 43.68
C LYS W 368 21.10 -87.10 42.58
N LYS W 369 21.58 -85.87 42.51
CA LYS W 369 21.23 -84.95 41.45
C LYS W 369 21.67 -85.39 40.10
N LEU W 370 22.72 -86.17 40.01
CA LEU W 370 23.24 -86.60 38.74
C LEU W 370 22.59 -87.80 38.08
N GLN W 371 21.69 -88.45 38.80
CA GLN W 371 20.98 -89.57 38.28
C GLN W 371 19.82 -89.17 37.43
N HIS W 372 19.62 -89.92 36.39
CA HIS W 372 18.54 -89.73 35.48
C HIS W 372 17.22 -90.05 36.15
N ILE W 373 16.22 -89.21 35.89
CA ILE W 373 14.89 -89.41 36.46
C ILE W 373 13.84 -89.53 35.36
N PRO W 374 13.04 -90.59 35.43
CA PRO W 374 13.16 -91.58 36.51
C PRO W 374 14.35 -92.51 36.29
N MET W 375 14.49 -93.51 37.15
CA MET W 375 15.59 -94.46 37.03
C MET W 375 15.10 -95.89 37.24
N SER W 376 15.07 -96.32 38.49
CA SER W 376 14.62 -97.68 38.82
C SER W 376 14.12 -97.76 40.26
N ALA W 377 13.10 -98.56 40.48
CA ALA W 377 12.53 -98.73 41.81
C ALA W 377 13.51 -99.10 42.88
N ASP W 378 14.39 -100.04 42.63
CA ASP W 378 15.45 -100.34 43.58
C ASP W 378 16.42 -99.20 43.82
N GLU W 379 16.76 -98.44 42.79
CA GLU W 379 17.61 -97.29 42.97
C GLU W 379 17.02 -96.20 43.82
N ALA W 380 15.75 -95.93 43.65
CA ALA W 380 15.06 -94.99 44.49
C ALA W 380 15.00 -95.48 45.95
N VAL W 381 14.82 -96.76 46.13
CA VAL W 381 14.75 -97.35 47.44
C VAL W 381 16.05 -97.14 48.16
N CYS W 382 17.16 -97.39 47.49
CA CYS W 382 18.45 -97.18 48.08
C CYS W 382 18.79 -95.75 48.39
N SER W 383 18.52 -94.86 47.48
CA SER W 383 18.75 -93.45 47.70
C SER W 383 17.90 -92.84 48.79
N SER W 384 16.62 -93.07 48.73
CA SER W 384 15.77 -92.61 49.77
C SER W 384 16.08 -93.27 51.12
N ALA W 385 16.50 -94.52 51.13
CA ALA W 385 16.86 -95.19 52.38
C ALA W 385 18.03 -94.57 53.08
N VAL W 386 19.02 -94.14 52.32
CA VAL W 386 20.14 -93.36 52.77
C VAL W 386 19.70 -92.01 53.28
N ASN W 387 18.76 -91.40 52.60
CA ASN W 387 18.21 -90.14 53.01
C ASN W 387 17.57 -90.29 54.40
N SER W 388 16.95 -91.43 54.61
CA SER W 388 16.41 -91.83 55.88
C SER W 388 17.49 -91.95 56.89
N VAL W 389 18.65 -92.43 56.50
CA VAL W 389 19.71 -92.54 57.44
C VAL W 389 20.11 -91.19 57.94
N TYR W 390 20.29 -90.24 57.05
CA TYR W 390 20.65 -88.89 57.45
C TYR W 390 19.57 -88.19 58.27
N GLU W 391 18.31 -88.37 57.91
CA GLU W 391 17.20 -87.80 58.63
C GLU W 391 17.00 -88.27 60.06
N THR W 392 17.22 -89.55 60.33
CA THR W 392 17.11 -90.11 61.67
C THR W 392 18.40 -90.20 62.47
N LYS W 393 19.51 -89.94 61.82
CA LYS W 393 20.81 -90.26 62.35
C LYS W 393 21.01 -91.73 62.66
N ALA W 394 20.60 -92.59 61.76
CA ALA W 394 20.77 -94.01 61.92
C ALA W 394 22.22 -94.44 61.91
N LYS W 395 22.56 -95.35 62.79
CA LYS W 395 23.95 -95.67 62.97
C LYS W 395 24.43 -96.87 62.21
N ALA W 396 23.54 -97.54 61.52
CA ALA W 396 23.87 -98.66 60.68
C ALA W 396 22.83 -98.92 59.62
N MET W 397 23.21 -99.72 58.68
CA MET W 397 22.36 -99.99 57.58
C MET W 397 22.51 -101.45 57.32
N VAL W 398 21.44 -102.13 56.94
CA VAL W 398 21.53 -103.52 56.56
C VAL W 398 20.90 -103.75 55.22
N VAL W 399 21.59 -104.42 54.32
CA VAL W 399 21.01 -104.77 53.05
C VAL W 399 21.14 -106.20 52.71
N LEU W 400 20.15 -106.73 52.04
CA LEU W 400 20.26 -108.06 51.54
C LEU W 400 20.70 -108.05 50.10
N SER W 401 21.86 -108.61 49.83
CA SER W 401 22.29 -108.85 48.47
C SER W 401 22.98 -110.17 48.24
N ASN W 402 22.50 -110.92 47.27
CA ASN W 402 23.15 -112.13 46.83
C ASN W 402 24.14 -111.97 45.68
N THR W 403 23.77 -111.22 44.65
CA THR W 403 24.69 -110.84 43.59
C THR W 403 25.69 -109.83 44.03
N GLY W 404 25.39 -109.07 45.06
CA GLY W 404 26.17 -107.93 45.45
C GLY W 404 25.72 -106.64 44.83
N ARG W 405 24.81 -106.73 43.87
CA ARG W 405 24.25 -105.56 43.20
C ARG W 405 23.60 -104.59 44.18
N SER W 406 22.71 -105.10 45.03
CA SER W 406 22.01 -104.23 45.94
C SER W 406 22.98 -103.49 46.81
N ALA W 407 24.01 -104.15 47.27
CA ALA W 407 24.99 -103.48 48.09
C ALA W 407 25.78 -102.34 47.43
N ARG W 408 26.17 -102.49 46.19
CA ARG W 408 26.84 -101.41 45.47
C ARG W 408 25.92 -100.22 45.29
N LEU W 409 24.66 -100.48 45.01
CA LEU W 409 23.66 -99.49 44.78
C LEU W 409 23.43 -98.62 45.98
N VAL W 410 23.39 -99.20 47.15
CA VAL W 410 23.38 -98.46 48.40
C VAL W 410 24.63 -97.68 48.78
N ALA W 411 25.78 -98.31 48.62
CA ALA W 411 27.06 -97.74 48.96
C ALA W 411 27.31 -96.54 48.12
N LYS W 412 26.74 -96.58 46.94
CA LYS W 412 26.84 -95.55 45.96
C LYS W 412 26.31 -94.22 46.47
N TYR W 413 25.38 -94.28 47.40
CA TYR W 413 24.77 -93.10 47.90
C TYR W 413 25.45 -92.54 49.12
N ARG W 414 26.56 -93.12 49.51
CA ARG W 414 27.38 -92.54 50.56
C ARG W 414 26.66 -92.17 51.89
N PRO W 415 26.11 -93.15 52.58
CA PRO W 415 25.56 -92.95 53.90
C PRO W 415 26.66 -92.66 54.89
N ASN W 416 26.33 -92.07 56.01
CA ASN W 416 27.36 -91.72 56.96
C ASN W 416 27.54 -92.74 58.08
N CYS W 417 27.16 -93.95 57.77
CA CYS W 417 27.18 -95.01 58.71
C CYS W 417 27.60 -96.25 57.99
N PRO W 418 28.01 -97.27 58.72
CA PRO W 418 28.41 -98.53 58.11
C PRO W 418 27.27 -99.19 57.39
N ILE W 419 27.55 -99.90 56.33
CA ILE W 419 26.54 -100.63 55.64
C ILE W 419 26.80 -102.09 55.85
N VAL W 420 25.80 -102.82 56.24
CA VAL W 420 26.04 -104.21 56.48
C VAL W 420 25.26 -105.03 55.52
N CYS W 421 25.97 -105.76 54.69
CA CYS W 421 25.37 -106.58 53.67
C CYS W 421 25.28 -108.04 54.08
N VAL W 422 24.13 -108.64 53.92
CA VAL W 422 23.98 -110.01 54.27
C VAL W 422 23.80 -110.77 53.00
N THR W 423 24.71 -111.68 52.74
CA THR W 423 24.77 -112.33 51.48
C THR W 423 24.78 -113.85 51.61
N THR W 424 24.22 -114.52 50.64
CA THR W 424 24.27 -115.95 50.60
C THR W 424 25.37 -116.49 49.74
N ARG W 425 26.25 -115.63 49.24
CA ARG W 425 27.38 -116.08 48.45
C ARG W 425 28.69 -115.59 49.01
N LEU W 426 29.61 -116.50 49.25
CA LEU W 426 30.93 -116.15 49.74
C LEU W 426 31.73 -115.29 48.78
N GLN W 427 31.62 -115.54 47.50
CA GLN W 427 32.27 -114.78 46.49
C GLN W 427 31.80 -113.35 46.50
N THR W 428 30.53 -113.17 46.81
CA THR W 428 29.97 -111.87 46.95
C THR W 428 30.63 -111.15 48.07
N CYS W 429 30.92 -111.84 49.16
CA CYS W 429 31.62 -111.22 50.27
C CYS W 429 33.00 -110.76 49.84
N ARG W 430 33.70 -111.55 49.07
CA ARG W 430 34.97 -111.13 48.55
C ARG W 430 34.88 -109.98 47.54
N GLN W 431 33.95 -110.05 46.61
CA GLN W 431 33.78 -109.09 45.54
C GLN W 431 33.45 -107.71 46.06
N LEU W 432 32.74 -107.66 47.18
CA LEU W 432 32.36 -106.47 47.86
C LEU W 432 33.49 -105.80 48.61
N ASN W 433 34.64 -106.44 48.62
CA ASN W 433 35.83 -105.92 49.23
C ASN W 433 36.41 -104.74 48.44
N ILE W 434 35.91 -104.50 47.25
CA ILE W 434 36.28 -103.30 46.53
C ILE W 434 35.24 -102.20 46.57
N THR W 435 34.17 -102.39 47.33
CA THR W 435 33.18 -101.36 47.43
C THR W 435 33.36 -100.64 48.73
N GLN W 436 33.48 -99.32 48.71
CA GLN W 436 33.67 -98.61 49.95
C GLN W 436 32.48 -98.68 50.89
N GLY W 437 32.80 -98.69 52.16
CA GLY W 437 31.83 -98.55 53.21
C GLY W 437 30.93 -99.72 53.47
N VAL W 438 31.31 -100.90 53.03
CA VAL W 438 30.48 -102.07 53.13
C VAL W 438 31.15 -103.25 53.84
N GLU W 439 30.41 -103.89 54.70
CA GLU W 439 30.87 -105.09 55.37
C GLU W 439 29.91 -106.23 55.13
N SER W 440 30.43 -107.41 54.91
CA SER W 440 29.62 -108.55 54.55
C SER W 440 29.47 -109.60 55.65
N VAL W 441 28.28 -110.14 55.77
CA VAL W 441 28.00 -111.26 56.63
C VAL W 441 27.50 -112.38 55.76
N PHE W 442 28.15 -113.52 55.77
CA PHE W 442 27.68 -114.64 54.99
C PHE W 442 26.56 -115.40 55.72
N PHE W 443 25.49 -115.74 55.02
CA PHE W 443 24.39 -116.50 55.53
C PHE W 443 24.27 -117.72 54.66
N ASP W 444 24.45 -118.88 55.26
CA ASP W 444 24.51 -120.14 54.54
C ASP W 444 23.12 -120.62 54.32
N ALA W 445 22.66 -120.46 53.10
CA ALA W 445 21.32 -120.80 52.76
C ALA W 445 21.13 -122.28 52.98
N ASP W 446 22.13 -123.07 52.66
CA ASP W 446 22.00 -124.51 52.73
C ASP W 446 21.76 -125.01 54.14
N LYS W 447 22.61 -124.61 55.05
CA LYS W 447 22.47 -124.92 56.43
C LYS W 447 21.22 -124.27 57.03
N LEU W 448 20.99 -123.00 56.74
CA LEU W 448 19.91 -122.27 57.39
C LEU W 448 18.66 -122.02 56.59
N GLY W 449 18.58 -122.49 55.38
CA GLY W 449 17.38 -122.30 54.62
C GLY W 449 17.34 -121.00 53.82
N HIS W 450 16.39 -120.94 52.91
CA HIS W 450 16.24 -119.86 51.95
C HIS W 450 15.77 -118.52 52.47
N ASP W 451 15.21 -118.51 53.67
CA ASP W 451 14.84 -117.30 54.36
C ASP W 451 13.98 -116.32 53.57
N GLU W 452 12.91 -116.82 52.98
CA GLU W 452 12.08 -116.02 52.09
C GLU W 452 11.41 -114.86 52.79
N GLY W 453 11.13 -114.97 54.07
CA GLY W 453 10.51 -113.87 54.77
C GLY W 453 11.49 -112.86 55.30
N LYS W 454 12.77 -113.19 55.17
CA LYS W 454 13.89 -112.27 55.29
C LYS W 454 14.26 -111.96 56.72
N GLU W 455 13.52 -112.50 57.65
CA GLU W 455 13.74 -112.26 59.05
C GLU W 455 15.07 -112.75 59.59
N HIS W 456 15.53 -113.89 59.16
CA HIS W 456 16.82 -114.39 59.60
C HIS W 456 18.03 -113.62 59.12
N ARG W 457 18.07 -113.33 57.84
CA ARG W 457 19.17 -112.58 57.28
C ARG W 457 19.20 -111.23 57.94
N VAL W 458 18.04 -110.65 58.13
CA VAL W 458 17.97 -109.41 58.81
C VAL W 458 18.47 -109.46 60.23
N ALA W 459 18.15 -110.50 60.96
CA ALA W 459 18.63 -110.62 62.32
C ALA W 459 20.15 -110.73 62.39
N ALA W 460 20.72 -111.46 61.46
CA ALA W 460 22.16 -111.63 61.37
C ALA W 460 22.90 -110.35 61.07
N GLY W 461 22.41 -109.56 60.13
CA GLY W 461 23.01 -108.27 59.87
C GLY W 461 22.94 -107.35 61.04
N VAL W 462 21.81 -107.29 61.69
CA VAL W 462 21.69 -106.49 62.89
C VAL W 462 22.61 -106.96 64.00
N GLU W 463 22.70 -108.26 64.20
CA GLU W 463 23.56 -108.80 65.25
C GLU W 463 25.00 -108.48 65.00
N PHE W 464 25.40 -108.58 63.75
CA PHE W 464 26.75 -108.24 63.37
C PHE W 464 27.01 -106.80 63.68
N ALA W 465 26.06 -105.93 63.43
CA ALA W 465 26.19 -104.53 63.74
C ALA W 465 26.33 -104.26 65.21
N LYS W 466 25.61 -105.00 66.02
CA LYS W 466 25.72 -104.93 67.47
C LYS W 466 27.08 -105.39 67.90
N SER W 467 27.52 -106.47 67.31
CA SER W 467 28.78 -107.06 67.65
C SER W 467 29.99 -106.18 67.38
N LYS W 468 29.99 -105.41 66.30
CA LYS W 468 31.10 -104.55 65.99
C LYS W 468 30.91 -103.23 66.68
N GLY W 469 29.80 -103.08 67.36
CA GLY W 469 29.56 -101.87 68.11
C GLY W 469 29.00 -100.66 67.41
N TYR W 470 28.59 -100.83 66.17
CA TYR W 470 27.97 -99.78 65.41
C TYR W 470 26.67 -99.34 66.02
N VAL W 471 25.91 -100.29 66.56
CA VAL W 471 24.63 -100.00 67.21
C VAL W 471 24.41 -100.54 68.62
N GLN W 472 23.58 -99.86 69.38
CA GLN W 472 23.15 -100.28 70.69
C GLN W 472 21.66 -100.14 70.68
N THR W 473 21.03 -100.59 71.76
CA THR W 473 19.60 -100.62 71.85
C THR W 473 19.15 -99.20 71.81
N GLY W 474 18.04 -98.97 71.15
CA GLY W 474 17.48 -97.66 70.98
C GLY W 474 17.93 -96.95 69.74
N ASP W 475 18.93 -97.48 69.06
CA ASP W 475 19.41 -96.97 67.78
C ASP W 475 18.55 -97.37 66.59
N TYR W 476 18.61 -96.57 65.55
CA TYR W 476 17.91 -96.88 64.35
C TYR W 476 18.81 -97.61 63.44
N CYS W 477 18.27 -98.60 62.79
CA CYS W 477 18.95 -99.29 61.73
C CYS W 477 18.05 -99.29 60.53
N VAL W 478 18.57 -98.86 59.39
CA VAL W 478 17.76 -98.76 58.19
C VAL W 478 18.03 -99.97 57.35
N VAL W 479 16.97 -100.65 56.97
CA VAL W 479 17.03 -101.98 56.40
C VAL W 479 16.42 -102.03 55.02
N ILE W 480 17.06 -102.74 54.11
CA ILE W 480 16.64 -102.80 52.72
C ILE W 480 16.54 -104.21 52.15
N HIS W 481 15.39 -104.57 51.63
CA HIS W 481 15.20 -105.81 50.94
C HIS W 481 13.88 -105.78 50.23
N ALA W 482 13.50 -106.88 49.63
CA ALA W 482 12.17 -107.04 49.11
C ALA W 482 11.13 -107.35 50.17
N ASP W 483 9.90 -107.13 49.77
CA ASP W 483 8.75 -107.54 50.50
C ASP W 483 8.49 -108.97 50.14
N HIS W 484 7.39 -109.49 50.61
CA HIS W 484 7.09 -110.89 50.39
C HIS W 484 6.83 -111.31 48.97
N LYS W 485 6.14 -110.51 48.20
CA LYS W 485 5.96 -110.81 46.79
C LYS W 485 7.13 -110.61 45.79
N VAL W 486 7.80 -109.47 45.83
CA VAL W 486 8.78 -109.10 44.82
C VAL W 486 10.09 -109.88 44.79
N LYS W 487 10.52 -110.21 43.59
CA LYS W 487 11.72 -111.00 43.38
C LYS W 487 12.72 -110.36 42.41
N GLY W 488 13.99 -110.47 42.73
CA GLY W 488 15.04 -109.95 41.89
C GLY W 488 15.59 -108.59 42.21
N TYR W 489 14.93 -107.85 43.08
CA TYR W 489 15.42 -106.59 43.55
C TYR W 489 14.79 -106.26 44.87
N ALA W 490 15.26 -105.22 45.52
CA ALA W 490 14.66 -104.80 46.75
C ALA W 490 13.76 -103.62 46.51
N ASN W 491 12.51 -103.78 46.87
CA ASN W 491 11.54 -102.71 46.77
C ASN W 491 11.13 -102.06 48.08
N GLN W 492 11.80 -102.39 49.17
CA GLN W 492 11.38 -101.97 50.48
C GLN W 492 12.45 -101.36 51.40
N THR W 493 12.07 -100.40 52.19
CA THR W 493 12.90 -99.89 53.23
C THR W 493 12.18 -99.84 54.54
N ARG W 494 12.86 -100.17 55.62
CA ARG W 494 12.31 -100.06 56.96
C ARG W 494 13.25 -99.42 57.92
N ILE W 495 12.75 -98.58 58.78
CA ILE W 495 13.54 -98.09 59.87
C ILE W 495 13.16 -98.87 61.11
N LEU W 496 14.06 -99.69 61.62
CA LEU W 496 13.81 -100.44 62.85
C LEU W 496 14.65 -100.06 64.03
N LEU W 497 14.04 -100.10 65.19
CA LEU W 497 14.66 -99.79 66.45
C LEU W 497 15.40 -101.00 66.93
N VAL W 498 16.60 -100.84 67.47
CA VAL W 498 17.38 -102.02 67.86
C VAL W 498 17.31 -102.34 69.34
N GLU W 499 17.11 -103.61 69.64
CA GLU W 499 17.03 -104.07 71.02
C GLU W 499 18.19 -105.01 71.36
N SER X 2 15.08 -69.77 40.22
CA SER X 2 14.50 -68.61 40.83
C SER X 2 13.09 -68.48 40.40
N GLN X 3 12.31 -67.71 41.13
CA GLN X 3 10.93 -67.57 40.81
C GLN X 3 10.81 -66.81 39.51
N LEU X 4 11.77 -65.94 39.26
CA LEU X 4 11.76 -65.11 38.05
C LEU X 4 12.03 -65.89 36.75
N ALA X 5 12.95 -66.83 36.80
CA ALA X 5 13.39 -67.54 35.63
C ALA X 5 12.27 -68.39 35.13
N HIS X 6 11.74 -69.09 36.13
CA HIS X 6 10.52 -69.91 36.13
C HIS X 6 9.26 -69.26 35.63
N ASN X 7 9.04 -68.01 35.96
CA ASN X 7 7.88 -67.31 35.45
C ASN X 7 7.93 -67.29 33.95
N LEU X 8 9.15 -67.33 33.48
CA LEU X 8 9.54 -67.25 32.09
C LEU X 8 9.23 -68.51 31.30
N THR X 9 9.17 -69.63 32.00
CA THR X 9 8.79 -70.88 31.42
C THR X 9 7.32 -71.09 31.38
N LEU X 10 6.53 -70.25 32.04
CA LEU X 10 5.09 -70.41 32.02
C LEU X 10 4.42 -70.03 30.73
N SER X 11 3.28 -70.65 30.44
CA SER X 11 2.43 -70.21 29.32
C SER X 11 0.95 -70.21 29.64
N ILE X 12 0.21 -69.25 29.11
CA ILE X 12 -1.22 -69.26 29.31
C ILE X 12 -1.91 -70.46 28.70
N PHE X 13 -1.30 -71.02 27.66
CA PHE X 13 -1.87 -72.18 26.98
C PHE X 13 -1.45 -73.54 27.58
N ASP X 14 -0.78 -73.52 28.73
CA ASP X 14 -0.39 -74.76 29.35
C ASP X 14 -1.67 -75.41 29.80
N PRO X 15 -1.78 -76.69 29.60
CA PRO X 15 -2.96 -77.42 30.06
C PRO X 15 -2.95 -77.56 31.56
N VAL X 16 -4.10 -77.41 32.19
CA VAL X 16 -4.18 -77.62 33.62
C VAL X 16 -4.20 -79.07 34.00
N ALA X 17 -4.07 -79.34 35.27
CA ALA X 17 -3.99 -80.68 35.81
C ALA X 17 -5.28 -81.47 35.83
N ASN X 18 -5.15 -82.76 36.00
CA ASN X 18 -6.30 -83.63 36.10
C ASN X 18 -6.85 -83.70 37.50
N TYR X 19 -6.20 -82.98 38.41
CA TYR X 19 -6.66 -82.89 39.77
C TYR X 19 -6.47 -81.50 40.33
N ARG X 20 -7.36 -81.09 41.22
CA ARG X 20 -7.21 -79.86 41.95
C ARG X 20 -6.81 -80.13 43.39
N ALA X 21 -5.62 -79.70 43.75
CA ALA X 21 -5.09 -79.84 45.10
C ALA X 21 -5.77 -79.06 46.21
N ALA X 22 -6.05 -77.81 45.95
CA ALA X 22 -6.63 -76.94 46.94
C ALA X 22 -8.08 -77.26 47.23
N ARG X 23 -8.51 -76.99 48.45
CA ARG X 23 -9.84 -77.29 48.90
C ARG X 23 -10.69 -76.07 49.18
N ILE X 24 -11.97 -76.18 48.88
CA ILE X 24 -12.88 -75.07 49.04
C ILE X 24 -13.85 -75.26 50.16
N ILE X 25 -14.01 -74.22 50.96
CA ILE X 25 -14.90 -74.20 52.09
C ILE X 25 -16.05 -73.23 51.87
N CYS X 26 -17.25 -73.65 52.16
CA CYS X 26 -18.43 -72.84 51.93
C CYS X 26 -19.22 -72.66 53.19
N THR X 27 -19.62 -71.43 53.45
CA THR X 27 -20.46 -71.10 54.56
C THR X 27 -21.89 -71.26 54.14
N ILE X 28 -22.68 -71.92 54.97
CA ILE X 28 -24.03 -72.24 54.62
C ILE X 28 -25.04 -71.33 55.28
N GLY X 29 -25.79 -70.66 54.44
CA GLY X 29 -26.80 -69.72 54.82
C GLY X 29 -28.05 -69.98 54.01
N PRO X 30 -28.88 -68.97 53.97
CA PRO X 30 -30.21 -69.03 53.42
C PRO X 30 -30.20 -69.40 51.96
N SER X 31 -29.23 -68.91 51.23
CA SER X 31 -29.01 -69.30 49.88
C SER X 31 -28.63 -70.78 49.71
N THR X 32 -28.01 -71.39 50.68
CA THR X 32 -27.42 -72.70 50.46
C THR X 32 -27.81 -73.86 51.34
N GLN X 33 -28.81 -73.65 52.17
CA GLN X 33 -29.28 -74.61 53.13
C GLN X 33 -29.99 -75.83 52.58
N SER X 34 -30.70 -75.61 51.51
CA SER X 34 -31.48 -76.65 50.90
C SER X 34 -30.60 -77.70 50.33
N VAL X 35 -31.09 -78.90 50.39
CA VAL X 35 -30.38 -80.04 49.94
C VAL X 35 -30.05 -79.90 48.49
N GLU X 36 -30.95 -79.37 47.71
CA GLU X 36 -30.66 -79.14 46.32
C GLU X 36 -29.53 -78.14 46.13
N ALA X 37 -29.54 -77.08 46.92
CA ALA X 37 -28.47 -76.10 46.84
C ALA X 37 -27.13 -76.70 47.23
N LEU X 38 -27.14 -77.51 48.28
CA LEU X 38 -25.95 -78.17 48.77
C LEU X 38 -25.37 -79.14 47.79
N LYS X 39 -26.24 -79.85 47.08
CA LYS X 39 -25.83 -80.74 46.04
C LYS X 39 -25.16 -80.00 44.93
N GLY X 40 -25.66 -78.83 44.62
CA GLY X 40 -25.05 -77.97 43.64
C GLY X 40 -23.68 -77.51 44.07
N LEU X 41 -23.53 -77.20 45.33
CA LEU X 41 -22.27 -76.77 45.91
C LEU X 41 -21.21 -77.86 45.86
N ILE X 42 -21.57 -79.07 46.19
CA ILE X 42 -20.65 -80.17 46.17
C ILE X 42 -20.15 -80.45 44.78
N GLN X 43 -21.05 -80.45 43.84
CA GLN X 43 -20.74 -80.67 42.46
C GLN X 43 -19.89 -79.56 41.89
N SER X 44 -20.13 -78.38 42.42
CA SER X 44 -19.41 -77.22 42.04
C SER X 44 -18.02 -77.25 42.61
N GLY X 45 -17.83 -78.05 43.64
CA GLY X 45 -16.55 -78.12 44.28
C GLY X 45 -16.34 -77.91 45.76
N MET X 46 -17.38 -77.96 46.57
CA MET X 46 -17.23 -77.77 48.00
C MET X 46 -16.74 -78.99 48.74
N SER X 47 -15.71 -78.85 49.55
CA SER X 47 -15.26 -79.96 50.34
C SER X 47 -15.61 -79.85 51.79
N VAL X 48 -15.83 -78.65 52.26
CA VAL X 48 -16.13 -78.41 53.64
C VAL X 48 -17.31 -77.49 53.78
N ALA X 49 -18.28 -77.83 54.61
CA ALA X 49 -19.35 -76.90 54.88
C ALA X 49 -19.26 -76.23 56.24
N ARG X 50 -19.31 -74.93 56.25
CA ARG X 50 -19.12 -74.14 57.45
C ARG X 50 -20.41 -73.56 57.97
N MET X 51 -20.67 -73.77 59.24
CA MET X 51 -21.78 -73.17 59.92
C MET X 51 -21.29 -72.10 60.86
N ASN X 52 -21.81 -70.89 60.73
CA ASN X 52 -21.40 -69.81 61.59
C ASN X 52 -22.37 -69.57 62.70
N PHE X 53 -21.92 -69.80 63.91
CA PHE X 53 -22.76 -69.81 65.07
C PHE X 53 -23.00 -68.43 65.61
N SER X 54 -22.45 -67.44 64.93
CA SER X 54 -22.80 -66.06 65.16
C SER X 54 -24.18 -65.76 64.63
N HIS X 55 -24.67 -66.61 63.75
CA HIS X 55 -25.93 -66.40 63.10
C HIS X 55 -26.69 -67.70 63.28
N GLY X 56 -27.99 -67.64 63.25
CA GLY X 56 -28.77 -68.85 63.36
C GLY X 56 -28.88 -69.30 64.78
N SER X 57 -29.19 -70.56 64.96
CA SER X 57 -29.47 -71.10 66.26
C SER X 57 -29.18 -72.54 66.11
N HIS X 58 -29.27 -73.30 67.18
CA HIS X 58 -28.94 -74.69 67.11
C HIS X 58 -29.89 -75.31 66.16
N GLU X 59 -31.12 -74.82 66.21
CA GLU X 59 -32.15 -75.33 65.37
C GLU X 59 -31.86 -75.11 63.92
N TYR X 60 -31.44 -73.91 63.55
CA TYR X 60 -31.13 -73.62 62.17
C TYR X 60 -29.97 -74.43 61.64
N HIS X 61 -28.93 -74.49 62.44
CA HIS X 61 -27.71 -75.21 62.15
C HIS X 61 -27.84 -76.70 62.08
N GLN X 62 -28.78 -77.23 62.83
CA GLN X 62 -29.11 -78.63 62.77
C GLN X 62 -29.66 -78.96 61.42
N THR X 63 -30.47 -78.09 60.88
CA THR X 63 -31.04 -78.32 59.60
C THR X 63 -29.93 -78.44 58.60
N THR X 64 -28.92 -77.61 58.73
CA THR X 64 -27.77 -77.59 57.86
C THR X 64 -26.99 -78.89 57.92
N ILE X 65 -26.82 -79.38 59.13
CA ILE X 65 -26.11 -80.62 59.33
C ILE X 65 -26.81 -81.76 58.68
N ASN X 66 -28.11 -81.84 58.86
CA ASN X 66 -28.88 -82.89 58.27
C ASN X 66 -28.88 -82.79 56.79
N ASN X 67 -29.03 -81.59 56.31
CA ASN X 67 -28.98 -81.39 54.89
C ASN X 67 -27.65 -81.73 54.22
N VAL X 68 -26.55 -81.45 54.90
CA VAL X 68 -25.24 -81.76 54.37
C VAL X 68 -25.03 -83.25 54.27
N ARG X 69 -25.38 -83.93 55.32
CA ARG X 69 -25.25 -85.35 55.35
C ARG X 69 -26.13 -86.01 54.30
N GLN X 70 -27.37 -85.54 54.14
CA GLN X 70 -28.28 -86.06 53.13
C GLN X 70 -27.83 -85.80 51.72
N ALA X 71 -27.34 -84.61 51.46
CA ALA X 71 -26.79 -84.29 50.16
C ALA X 71 -25.52 -85.07 49.81
N ALA X 72 -24.63 -85.21 50.76
CA ALA X 72 -23.41 -85.96 50.58
C ALA X 72 -23.71 -87.42 50.34
N ALA X 73 -24.66 -87.95 51.08
CA ALA X 73 -25.05 -89.34 50.98
C ALA X 73 -25.60 -89.69 49.63
N GLU X 74 -26.40 -88.79 49.10
CA GLU X 74 -26.97 -88.90 47.79
C GLU X 74 -25.94 -88.86 46.70
N LEU X 75 -24.82 -88.23 46.97
CA LEU X 75 -23.83 -88.04 45.94
C LEU X 75 -22.65 -88.95 46.14
N GLY X 76 -22.75 -89.79 47.15
CA GLY X 76 -21.71 -90.71 47.51
C GLY X 76 -20.37 -90.13 47.85
N VAL X 77 -20.35 -89.08 48.66
CA VAL X 77 -19.14 -88.38 48.96
C VAL X 77 -19.08 -88.05 50.42
N ASN X 78 -17.90 -87.74 50.93
CA ASN X 78 -17.76 -87.39 52.30
C ASN X 78 -17.44 -85.89 52.42
N ILE X 79 -18.26 -85.15 53.15
CA ILE X 79 -18.08 -83.72 53.31
C ILE X 79 -17.84 -83.36 54.76
N ALA X 80 -16.78 -82.64 55.06
CA ALA X 80 -16.52 -82.22 56.41
C ALA X 80 -17.52 -81.18 56.85
N ILE X 81 -17.88 -81.21 58.11
CA ILE X 81 -18.74 -80.22 58.70
C ILE X 81 -17.98 -79.42 59.74
N ALA X 82 -17.99 -78.12 59.62
CA ALA X 82 -17.23 -77.28 60.52
C ALA X 82 -18.11 -76.39 61.34
N LEU X 83 -17.86 -76.28 62.62
CA LEU X 83 -18.58 -75.35 63.44
C LEU X 83 -17.71 -74.13 63.79
N ASP X 84 -18.25 -73.04 63.25
CA ASP X 84 -17.74 -71.72 63.34
C ASP X 84 -18.47 -70.93 64.41
N THR X 85 -17.85 -70.83 65.57
CA THR X 85 -18.41 -70.20 66.75
C THR X 85 -18.68 -68.69 66.65
N LYS X 86 -19.66 -68.24 67.39
CA LYS X 86 -19.95 -66.83 67.45
C LYS X 86 -18.80 -66.17 68.15
N GLY X 87 -18.37 -66.71 69.26
CA GLY X 87 -17.26 -66.19 69.99
C GLY X 87 -17.63 -64.99 70.84
N PRO X 88 -16.72 -64.55 71.65
CA PRO X 88 -16.98 -63.37 72.48
C PRO X 88 -17.16 -62.12 71.62
N GLU X 89 -18.13 -61.26 71.91
CA GLU X 89 -18.31 -60.00 71.19
C GLU X 89 -18.36 -58.84 72.19
N ILE X 90 -17.84 -57.69 71.74
CA ILE X 90 -18.04 -56.41 72.41
C ILE X 90 -19.08 -55.65 71.61
N ARG X 91 -20.13 -55.24 72.32
CA ARG X 91 -21.20 -54.44 71.75
C ARG X 91 -21.53 -53.20 72.61
N THR X 92 -22.00 -52.15 71.94
CA THR X 92 -22.67 -51.03 72.66
C THR X 92 -24.01 -51.50 73.18
N GLY X 93 -24.59 -50.67 74.04
CA GLY X 93 -25.95 -50.85 74.48
C GLY X 93 -26.92 -50.22 73.49
N GLN X 94 -28.12 -49.92 74.00
CA GLN X 94 -29.19 -49.24 73.29
C GLN X 94 -29.03 -47.74 73.41
N PHE X 95 -29.53 -47.01 72.42
CA PHE X 95 -29.67 -45.56 72.51
C PHE X 95 -31.14 -45.14 72.61
N VAL X 96 -31.41 -44.02 73.30
CA VAL X 96 -32.75 -43.44 73.40
C VAL X 96 -33.22 -43.00 71.99
N GLY X 97 -34.48 -43.27 71.67
CA GLY X 97 -35.02 -43.05 70.33
C GLY X 97 -34.54 -44.07 69.31
N GLY X 98 -33.94 -45.16 69.78
CA GLY X 98 -33.42 -46.21 68.91
C GLY X 98 -32.07 -45.94 68.25
N ASP X 99 -31.65 -44.67 68.25
CA ASP X 99 -30.54 -44.19 67.41
C ASP X 99 -29.72 -43.10 68.16
N ALA X 100 -28.52 -42.77 67.66
CA ALA X 100 -27.72 -41.67 68.22
C ALA X 100 -26.68 -41.05 67.27
N VAL X 101 -26.79 -39.74 67.09
CA VAL X 101 -26.12 -38.99 66.02
C VAL X 101 -24.76 -38.42 66.45
N MET X 102 -23.68 -39.11 66.13
CA MET X 102 -22.31 -38.77 66.59
C MET X 102 -21.60 -37.77 65.65
N GLU X 103 -21.32 -36.56 66.11
CA GLU X 103 -20.75 -35.53 65.22
C GLU X 103 -19.24 -35.41 65.39
N ARG X 104 -18.53 -35.00 64.35
CA ARG X 104 -17.08 -34.85 64.44
C ARG X 104 -16.70 -33.71 65.40
N GLY X 105 -15.69 -33.91 66.24
CA GLY X 105 -15.27 -32.87 67.17
C GLY X 105 -15.95 -32.91 68.56
N ALA X 106 -17.15 -33.51 68.63
CA ALA X 106 -17.95 -33.66 69.89
C ALA X 106 -17.25 -34.51 70.96
N THR X 107 -17.58 -34.23 72.22
CA THR X 107 -17.22 -35.08 73.35
C THR X 107 -18.38 -36.01 73.74
N CYS X 108 -18.06 -37.29 73.94
CA CYS X 108 -19.03 -38.26 74.48
C CYS X 108 -18.39 -39.15 75.53
N TYR X 109 -19.19 -39.89 76.28
CA TYR X 109 -18.72 -40.62 77.46
C TYR X 109 -19.13 -42.08 77.23
N VAL X 110 -18.19 -42.99 77.33
CA VAL X 110 -18.53 -44.42 77.14
C VAL X 110 -18.36 -45.08 78.50
N THR X 111 -19.37 -45.81 78.91
CA THR X 111 -19.34 -46.34 80.23
C THR X 111 -19.62 -47.82 80.25
N THR X 112 -19.07 -48.52 81.20
CA THR X 112 -19.47 -49.91 81.43
C THR X 112 -20.42 -50.08 82.59
N ASP X 113 -20.91 -48.96 83.14
CA ASP X 113 -21.95 -49.00 84.18
C ASP X 113 -23.24 -49.60 83.57
N PRO X 114 -23.69 -50.76 84.10
CA PRO X 114 -24.80 -51.47 83.41
C PRO X 114 -26.14 -50.73 83.53
N ALA X 115 -26.28 -49.85 84.52
CA ALA X 115 -27.43 -48.91 84.60
C ALA X 115 -27.77 -48.22 83.23
N PHE X 116 -26.78 -48.09 82.35
CA PHE X 116 -26.90 -47.36 81.07
C PHE X 116 -27.20 -48.17 79.80
N ALA X 117 -27.45 -49.46 79.95
CA ALA X 117 -27.56 -50.38 78.78
C ALA X 117 -28.77 -50.08 77.88
N ASP X 118 -29.83 -49.51 78.45
CA ASP X 118 -31.04 -49.18 77.69
C ASP X 118 -31.35 -47.68 77.65
N LYS X 119 -30.34 -46.84 77.92
CA LYS X 119 -30.53 -45.36 77.98
C LYS X 119 -29.25 -44.60 77.62
N GLY X 120 -28.53 -45.12 76.64
CA GLY X 120 -27.42 -44.35 76.07
C GLY X 120 -27.94 -43.13 75.30
N THR X 121 -27.05 -42.20 74.98
CA THR X 121 -27.41 -41.05 74.13
C THR X 121 -26.10 -40.68 73.48
N LYS X 122 -26.12 -39.74 72.56
CA LYS X 122 -24.85 -39.32 71.98
C LYS X 122 -23.85 -38.86 73.04
N ASP X 123 -24.38 -38.39 74.19
CA ASP X 123 -23.63 -37.86 75.32
C ASP X 123 -22.94 -38.96 76.12
N LYS X 124 -23.67 -40.03 76.41
CA LYS X 124 -23.11 -41.12 77.20
C LYS X 124 -23.84 -42.42 76.97
N PHE X 125 -23.07 -43.44 76.66
CA PHE X 125 -23.68 -44.75 76.43
C PHE X 125 -22.81 -45.90 76.91
N TYR X 126 -23.38 -47.07 76.88
CA TYR X 126 -22.80 -48.25 77.44
C TYR X 126 -22.10 -49.09 76.35
N ILE X 127 -20.93 -49.62 76.70
CA ILE X 127 -20.21 -50.66 75.97
C ILE X 127 -20.14 -51.84 76.93
N ASP X 128 -20.49 -53.04 76.48
CA ASP X 128 -20.76 -54.12 77.44
C ASP X 128 -19.52 -54.92 77.90
N TYR X 129 -18.32 -54.43 77.63
CA TYR X 129 -17.10 -55.15 78.01
C TYR X 129 -16.60 -54.55 79.28
N GLN X 130 -16.80 -55.28 80.38
CA GLN X 130 -16.61 -54.69 81.73
C GLN X 130 -15.19 -54.26 82.04
N ASN X 131 -14.25 -54.84 81.33
CA ASN X 131 -12.87 -54.47 81.46
C ASN X 131 -12.46 -53.35 80.55
N LEU X 132 -13.37 -52.65 79.87
CA LEU X 132 -12.95 -51.61 78.88
C LEU X 132 -11.87 -50.65 79.42
N SER X 133 -12.13 -50.09 80.63
CA SER X 133 -11.26 -49.07 81.24
C SER X 133 -9.87 -49.55 81.56
N LYS X 134 -9.76 -50.78 82.04
CA LYS X 134 -8.46 -51.35 82.36
C LYS X 134 -7.65 -51.60 81.07
N VAL X 135 -8.33 -51.84 79.96
CA VAL X 135 -7.59 -52.29 78.77
C VAL X 135 -7.17 -51.11 77.91
N VAL X 136 -7.91 -50.01 77.99
CA VAL X 136 -7.61 -48.87 77.12
C VAL X 136 -6.83 -47.79 77.91
N ARG X 137 -5.99 -47.01 77.21
CA ARG X 137 -5.32 -45.81 77.78
C ARG X 137 -5.58 -44.56 76.91
N PRO X 138 -5.36 -43.34 77.48
CA PRO X 138 -5.43 -42.08 76.69
C PRO X 138 -4.62 -42.20 75.38
N GLY X 139 -5.24 -41.83 74.25
CA GLY X 139 -4.59 -41.88 72.95
C GLY X 139 -5.11 -43.04 72.12
N ASN X 140 -5.43 -44.16 72.79
CA ASN X 140 -6.05 -45.32 72.10
C ASN X 140 -7.34 -44.98 71.38
N TYR X 141 -7.64 -45.78 70.37
CA TYR X 141 -8.81 -45.60 69.54
C TYR X 141 -9.85 -46.67 69.86
N ILE X 142 -11.13 -46.29 69.77
CA ILE X 142 -12.22 -47.22 70.01
C ILE X 142 -13.16 -47.22 68.81
N TYR X 143 -13.18 -48.32 68.08
CA TYR X 143 -13.97 -48.40 66.82
C TYR X 143 -15.36 -48.95 67.05
N ILE X 144 -16.36 -48.29 66.45
CA ILE X 144 -17.74 -48.68 66.61
C ILE X 144 -18.42 -48.74 65.26
N ASP X 145 -19.21 -49.79 65.04
CA ASP X 145 -19.88 -49.99 63.77
C ASP X 145 -19.11 -50.46 62.52
N ASP X 146 -18.32 -51.52 62.68
CA ASP X 146 -17.49 -51.96 61.58
C ASP X 146 -16.16 -51.17 61.50
N GLY X 147 -15.87 -50.42 62.57
CA GLY X 147 -14.73 -49.44 62.54
C GLY X 147 -15.08 -48.10 61.85
N ILE X 148 -16.36 -47.87 61.58
CA ILE X 148 -16.79 -46.69 60.84
C ILE X 148 -16.68 -45.44 61.68
N LEU X 149 -17.10 -45.54 62.94
CA LEU X 149 -17.08 -44.43 63.87
C LEU X 149 -15.83 -44.63 64.71
N ILE X 150 -14.95 -43.64 64.68
CA ILE X 150 -13.69 -43.78 65.41
C ILE X 150 -13.70 -42.76 66.53
N LEU X 151 -13.83 -43.27 67.76
CA LEU X 151 -13.74 -42.40 68.92
C LEU X 151 -12.28 -42.49 69.37
N GLN X 152 -11.76 -41.39 69.90
CA GLN X 152 -10.47 -41.45 70.60
C GLN X 152 -10.56 -41.19 72.10
N VAL X 153 -9.89 -42.04 72.86
CA VAL X 153 -9.89 -41.96 74.30
C VAL X 153 -9.03 -40.81 74.83
N GLN X 154 -9.67 -39.93 75.63
CA GLN X 154 -8.97 -38.76 76.15
C GLN X 154 -8.58 -39.02 77.60
N SER X 155 -9.52 -39.52 78.41
CA SER X 155 -9.26 -39.70 79.83
C SER X 155 -10.27 -40.63 80.47
N HIS X 156 -9.95 -41.02 81.70
CA HIS X 156 -10.86 -41.74 82.56
C HIS X 156 -11.67 -40.69 83.32
N GLU X 157 -12.90 -40.44 82.88
CA GLU X 157 -13.84 -39.66 83.71
C GLU X 157 -13.97 -40.31 85.08
N ASP X 158 -14.19 -41.62 85.14
CA ASP X 158 -14.14 -42.36 86.42
C ASP X 158 -13.73 -43.80 86.21
N GLU X 159 -13.91 -44.64 87.21
CA GLU X 159 -13.42 -45.98 87.07
C GLU X 159 -14.16 -46.87 86.05
N GLN X 160 -15.32 -46.42 85.57
CA GLN X 160 -16.16 -47.14 84.61
C GLN X 160 -16.48 -46.35 83.35
N THR X 161 -15.97 -45.14 83.24
CA THR X 161 -16.42 -44.26 82.18
C THR X 161 -15.22 -43.59 81.56
N LEU X 162 -15.19 -43.54 80.23
CA LEU X 162 -14.12 -42.93 79.47
C LEU X 162 -14.66 -41.68 78.77
N GLU X 163 -13.94 -40.56 78.91
CA GLU X 163 -14.25 -39.38 78.11
C GLU X 163 -13.62 -39.61 76.74
N CYS X 164 -14.40 -39.46 75.67
CA CYS X 164 -13.89 -39.67 74.31
C CYS X 164 -14.08 -38.43 73.45
N THR X 165 -13.19 -38.24 72.48
CA THR X 165 -13.44 -37.35 71.31
C THR X 165 -14.07 -38.15 70.16
N VAL X 166 -15.04 -37.58 69.48
CA VAL X 166 -15.51 -38.16 68.22
C VAL X 166 -14.61 -37.67 67.02
N THR X 167 -13.88 -38.60 66.37
CA THR X 167 -12.93 -38.17 65.33
C THR X 167 -13.55 -38.03 63.94
N ASN X 168 -14.71 -38.67 63.74
CA ASN X 168 -15.41 -38.54 62.44
C ASN X 168 -16.90 -38.77 62.62
N SER X 169 -17.71 -38.15 61.77
CA SER X 169 -19.15 -38.10 61.93
C SER X 169 -19.74 -39.44 61.53
N HIS X 170 -20.77 -39.86 62.24
CA HIS X 170 -21.47 -41.08 61.87
C HIS X 170 -22.65 -41.31 62.83
N THR X 171 -23.79 -41.62 62.26
CA THR X 171 -24.94 -41.98 63.04
C THR X 171 -24.80 -43.48 63.35
N ILE X 172 -24.98 -43.84 64.62
CA ILE X 172 -24.92 -45.25 65.03
C ILE X 172 -26.23 -45.71 65.67
N SER X 173 -26.72 -46.88 65.29
CA SER X 173 -27.95 -47.42 65.90
C SER X 173 -27.62 -48.39 67.06
N ASP X 174 -28.65 -49.03 67.62
CA ASP X 174 -28.47 -49.94 68.77
C ASP X 174 -27.47 -51.05 68.56
N ARG X 175 -26.66 -51.25 69.59
CA ARG X 175 -25.87 -52.48 69.76
C ARG X 175 -24.86 -52.76 68.67
N ARG X 176 -24.07 -51.77 68.28
CA ARG X 176 -23.00 -52.04 67.34
C ARG X 176 -21.78 -52.73 67.95
N GLY X 177 -21.03 -53.44 67.12
CA GLY X 177 -19.84 -54.13 67.60
C GLY X 177 -18.72 -53.13 67.78
N VAL X 178 -17.84 -53.38 68.71
CA VAL X 178 -16.78 -52.46 68.86
C VAL X 178 -15.46 -53.24 68.68
N ASN X 179 -14.42 -52.53 68.26
CA ASN X 179 -13.08 -53.11 68.29
C ASN X 179 -12.12 -52.24 69.03
N LEU X 180 -10.95 -52.78 69.34
CA LEU X 180 -9.97 -52.11 70.16
C LEU X 180 -8.53 -52.33 69.59
N PRO X 181 -8.16 -51.58 68.51
CA PRO X 181 -7.01 -52.07 67.79
C PRO X 181 -5.67 -52.04 68.50
N GLY X 182 -5.48 -51.17 69.47
CA GLY X 182 -4.19 -51.13 70.15
C GLY X 182 -4.35 -51.78 71.51
N CYS X 183 -5.30 -52.70 71.60
CA CYS X 183 -5.72 -53.16 72.91
C CYS X 183 -5.77 -54.64 72.95
N ASP X 184 -5.23 -55.16 74.06
CA ASP X 184 -5.26 -56.58 74.32
C ASP X 184 -6.58 -56.93 74.97
N VAL X 185 -7.50 -57.44 74.17
CA VAL X 185 -8.83 -57.75 74.69
C VAL X 185 -8.79 -59.04 75.45
N ASP X 186 -9.39 -59.09 76.64
CA ASP X 186 -9.26 -60.29 77.50
C ASP X 186 -10.56 -60.99 77.85
N LEU X 187 -11.50 -60.93 76.96
CA LEU X 187 -12.59 -61.82 77.02
C LEU X 187 -12.11 -63.25 77.10
N PRO X 188 -12.88 -64.08 77.76
CA PRO X 188 -12.62 -65.50 77.81
C PRO X 188 -12.60 -66.09 76.43
N ALA X 189 -11.98 -67.23 76.27
CA ALA X 189 -11.82 -67.83 74.96
C ALA X 189 -13.16 -68.23 74.45
N VAL X 190 -13.97 -68.70 75.35
CA VAL X 190 -15.25 -69.29 75.06
C VAL X 190 -16.36 -68.60 75.84
N SER X 191 -17.31 -68.02 75.15
CA SER X 191 -18.47 -67.46 75.78
C SER X 191 -19.42 -68.51 76.34
N ALA X 192 -20.44 -68.08 77.05
CA ALA X 192 -21.42 -69.01 77.54
C ALA X 192 -22.22 -69.64 76.41
N LYS X 193 -22.56 -68.89 75.41
CA LYS X 193 -23.20 -69.46 74.25
C LYS X 193 -22.30 -70.46 73.51
N ASP X 194 -21.03 -70.12 73.37
CA ASP X 194 -20.06 -71.01 72.76
C ASP X 194 -20.04 -72.35 73.49
N ARG X 195 -20.04 -72.28 74.80
CA ARG X 195 -19.97 -73.47 75.61
C ARG X 195 -21.13 -74.36 75.27
N VAL X 196 -22.28 -73.79 75.08
CA VAL X 196 -23.43 -74.54 74.69
C VAL X 196 -23.17 -74.81 73.25
N ASP X 197 -22.35 -73.99 72.60
CA ASP X 197 -22.12 -74.19 71.19
C ASP X 197 -21.18 -75.35 70.94
N LEU X 198 -20.13 -75.44 71.72
CA LEU X 198 -19.19 -76.55 71.63
C LEU X 198 -19.79 -77.90 71.95
N GLN X 199 -20.62 -77.97 72.98
CA GLN X 199 -21.25 -79.21 73.34
C GLN X 199 -22.15 -79.74 72.25
N PHE X 200 -22.87 -78.85 71.60
CA PHE X 200 -23.77 -79.20 70.53
C PHE X 200 -23.01 -79.78 69.38
N GLY X 201 -21.85 -79.21 69.10
CA GLY X 201 -21.01 -79.67 68.04
C GLY X 201 -20.51 -81.07 68.26
N VAL X 202 -20.16 -81.37 69.49
CA VAL X 202 -19.78 -82.71 69.88
C VAL X 202 -20.93 -83.69 69.71
N GLU X 203 -22.10 -83.28 70.16
CA GLU X 203 -23.31 -84.09 70.11
C GLU X 203 -23.72 -84.44 68.70
N GLN X 204 -23.63 -83.50 67.79
CA GLN X 204 -24.04 -83.73 66.44
C GLN X 204 -22.90 -84.24 65.62
N GLY X 205 -21.81 -84.56 66.28
CA GLY X 205 -20.66 -85.13 65.63
C GLY X 205 -19.96 -84.36 64.54
N VAL X 206 -19.77 -83.08 64.72
CA VAL X 206 -19.01 -82.29 63.77
C VAL X 206 -17.54 -82.66 63.70
N ASP X 207 -16.99 -82.54 62.51
CA ASP X 207 -15.59 -82.75 62.25
C ASP X 207 -14.53 -81.79 62.82
N MET X 208 -14.77 -80.49 62.74
CA MET X 208 -13.82 -79.50 63.19
C MET X 208 -14.48 -78.26 63.78
N ILE X 209 -13.73 -77.53 64.56
CA ILE X 209 -14.16 -76.27 65.08
C ILE X 209 -13.30 -75.17 64.49
N PHE X 210 -13.91 -74.15 63.96
CA PHE X 210 -13.16 -72.99 63.61
C PHE X 210 -13.30 -72.07 64.79
N ALA X 211 -12.28 -71.97 65.60
CA ALA X 211 -12.38 -71.24 66.82
C ALA X 211 -12.07 -69.78 66.62
N SER X 212 -13.07 -68.95 66.76
CA SER X 212 -12.96 -67.52 66.60
C SER X 212 -12.11 -66.83 67.61
N PHE X 213 -11.52 -65.73 67.15
CA PHE X 213 -10.81 -64.82 67.95
C PHE X 213 -9.74 -65.49 68.87
N ILE X 214 -8.78 -66.40 68.45
CA ILE X 214 -7.89 -67.04 69.36
C ILE X 214 -6.75 -66.09 69.68
N ARG X 215 -6.74 -65.52 70.87
CA ARG X 215 -5.61 -64.80 71.48
C ARG X 215 -4.37 -65.60 71.93
N SER X 216 -4.55 -66.84 72.35
CA SER X 216 -3.51 -67.58 73.05
C SER X 216 -3.53 -69.10 72.97
N ALA X 217 -2.40 -69.71 73.29
CA ALA X 217 -2.24 -71.14 73.41
C ALA X 217 -3.06 -71.71 74.52
N GLU X 218 -3.18 -70.95 75.60
CA GLU X 218 -4.00 -71.30 76.74
C GLU X 218 -5.46 -71.40 76.39
N GLN X 219 -5.93 -70.51 75.55
CA GLN X 219 -7.29 -70.48 75.06
C GLN X 219 -7.65 -71.70 74.23
N VAL X 220 -6.73 -72.16 73.41
CA VAL X 220 -6.95 -73.36 72.62
C VAL X 220 -7.16 -74.51 73.55
N GLY X 221 -6.36 -74.58 74.59
CA GLY X 221 -6.48 -75.64 75.55
C GLY X 221 -7.82 -75.62 76.23
N ASP X 222 -8.30 -74.44 76.52
CA ASP X 222 -9.61 -74.30 77.10
C ASP X 222 -10.68 -74.80 76.15
N VAL X 223 -10.51 -74.56 74.88
CA VAL X 223 -11.41 -75.13 73.89
C VAL X 223 -11.37 -76.64 73.81
N ARG X 224 -10.19 -77.20 73.91
CA ARG X 224 -9.98 -78.62 73.83
C ARG X 224 -10.69 -79.26 74.99
N LYS X 225 -10.62 -78.58 76.11
CA LYS X 225 -11.14 -79.03 77.38
C LYS X 225 -12.65 -78.96 77.44
N ALA X 226 -13.23 -77.92 76.87
CA ALA X 226 -14.66 -77.81 76.72
C ALA X 226 -15.22 -78.88 75.82
N LEU X 227 -14.48 -79.27 74.80
CA LEU X 227 -14.93 -80.31 73.91
C LEU X 227 -15.01 -81.60 74.68
N GLY X 228 -14.07 -81.80 75.59
CA GLY X 228 -14.04 -82.95 76.44
C GLY X 228 -13.46 -84.21 75.84
N PRO X 229 -13.65 -85.32 76.54
CA PRO X 229 -13.27 -86.65 76.08
C PRO X 229 -14.03 -87.11 74.87
N LYS X 230 -15.31 -86.85 74.85
CA LYS X 230 -16.15 -87.22 73.74
C LYS X 230 -15.72 -86.51 72.50
N GLY X 231 -15.09 -85.37 72.70
CA GLY X 231 -14.69 -84.48 71.64
C GLY X 231 -13.25 -84.51 71.22
N ARG X 232 -12.50 -85.49 71.68
CA ARG X 232 -11.06 -85.50 71.52
C ARG X 232 -10.53 -85.57 70.10
N ASP X 233 -11.27 -86.17 69.20
CA ASP X 233 -10.83 -86.28 67.84
C ASP X 233 -11.32 -85.19 66.93
N ILE X 234 -11.96 -84.19 67.48
CA ILE X 234 -12.37 -83.06 66.69
C ILE X 234 -11.21 -82.11 66.60
N MET X 235 -10.96 -81.63 65.39
CA MET X 235 -9.87 -80.73 65.09
C MET X 235 -10.18 -79.32 65.52
N ILE X 236 -9.26 -78.65 66.18
CA ILE X 236 -9.46 -77.25 66.47
C ILE X 236 -8.63 -76.38 65.55
N ILE X 237 -9.29 -75.71 64.65
CA ILE X 237 -8.66 -74.81 63.72
C ILE X 237 -8.74 -73.40 64.27
N CYS X 238 -7.61 -72.76 64.48
CA CYS X 238 -7.63 -71.47 65.12
C CYS X 238 -7.60 -70.26 64.19
N LYS X 239 -8.64 -69.47 64.25
CA LYS X 239 -8.76 -68.28 63.48
C LYS X 239 -7.94 -67.15 64.07
N ILE X 240 -7.10 -66.52 63.27
CA ILE X 240 -6.30 -65.42 63.71
C ILE X 240 -6.95 -64.20 63.20
N GLU X 241 -7.53 -63.41 64.09
CA GLU X 241 -8.31 -62.26 63.68
C GLU X 241 -7.87 -60.97 64.36
N ASN X 242 -6.99 -61.04 65.34
CA ASN X 242 -6.45 -59.86 66.02
C ASN X 242 -4.96 -59.80 66.28
N HIS X 243 -4.55 -58.76 66.97
CA HIS X 243 -3.15 -58.51 67.25
C HIS X 243 -2.46 -59.56 68.10
N GLN X 244 -3.10 -59.95 69.17
CA GLN X 244 -2.56 -60.93 70.08
C GLN X 244 -2.38 -62.27 69.42
N GLY X 245 -3.34 -62.66 68.62
CA GLY X 245 -3.24 -63.90 67.90
C GLY X 245 -2.08 -63.93 66.96
N VAL X 246 -1.83 -62.86 66.24
CA VAL X 246 -0.67 -62.80 65.40
C VAL X 246 0.61 -62.86 66.18
N GLN X 247 0.66 -62.16 67.28
CA GLN X 247 1.84 -62.10 68.08
C GLN X 247 2.20 -63.46 68.65
N ASN X 248 1.18 -64.22 69.00
CA ASN X 248 1.34 -65.50 69.65
C ASN X 248 1.26 -66.70 68.74
N ILE X 249 1.54 -66.49 67.47
CA ILE X 249 1.28 -67.49 66.47
C ILE X 249 2.01 -68.82 66.60
N ASP X 250 3.27 -68.83 66.96
CA ASP X 250 3.98 -70.08 67.10
C ASP X 250 3.41 -70.97 68.17
N SER X 251 3.13 -70.42 69.33
CA SER X 251 2.51 -71.16 70.38
C SER X 251 1.08 -71.61 70.06
N ILE X 252 0.33 -70.78 69.38
CA ILE X 252 -0.98 -71.14 68.92
C ILE X 252 -0.93 -72.25 67.88
N ILE X 253 -0.01 -72.16 66.97
CA ILE X 253 0.15 -73.16 65.97
C ILE X 253 0.50 -74.50 66.63
N GLU X 254 1.35 -74.49 67.64
CA GLU X 254 1.70 -75.68 68.39
C GLU X 254 0.50 -76.39 68.98
N GLU X 255 -0.32 -75.67 69.69
CA GLU X 255 -1.55 -76.16 70.30
C GLU X 255 -2.65 -76.60 69.35
N SER X 256 -2.77 -75.91 68.26
CA SER X 256 -3.83 -76.12 67.30
C SER X 256 -3.64 -77.32 66.38
N ASP X 257 -4.67 -77.63 65.63
CA ASP X 257 -4.58 -78.56 64.55
C ASP X 257 -4.52 -77.85 63.20
N GLY X 258 -4.61 -76.53 63.21
CA GLY X 258 -4.55 -75.75 62.01
C GLY X 258 -4.93 -74.32 62.24
N ILE X 259 -4.80 -73.50 61.21
CA ILE X 259 -4.99 -72.09 61.30
C ILE X 259 -5.90 -71.58 60.20
N MET X 260 -6.68 -70.59 60.55
CA MET X 260 -7.36 -69.77 59.61
C MET X 260 -6.86 -68.32 59.61
N VAL X 261 -6.56 -67.79 58.44
CA VAL X 261 -6.20 -66.42 58.33
C VAL X 261 -7.46 -65.63 58.11
N ALA X 262 -8.06 -65.17 59.18
CA ALA X 262 -9.39 -64.61 59.18
C ALA X 262 -9.34 -63.16 58.82
N ARG X 263 -9.31 -62.90 57.54
CA ARG X 263 -8.99 -61.61 57.04
C ARG X 263 -9.97 -60.51 57.36
N GLY X 264 -11.26 -60.78 57.41
CA GLY X 264 -12.19 -59.72 57.72
C GLY X 264 -12.08 -59.03 59.05
N ASP X 265 -12.06 -59.76 60.13
CA ASP X 265 -11.70 -59.21 61.42
C ASP X 265 -10.26 -58.68 61.55
N LEU X 266 -9.30 -59.40 60.99
CA LEU X 266 -7.89 -59.06 61.05
C LEU X 266 -7.60 -57.74 60.41
N GLY X 267 -8.33 -57.49 59.35
CA GLY X 267 -8.31 -56.31 58.57
C GLY X 267 -8.69 -55.03 59.26
N VAL X 268 -9.64 -55.03 60.17
CA VAL X 268 -9.92 -53.96 61.11
C VAL X 268 -8.92 -53.83 62.22
N GLU X 269 -8.62 -54.96 62.81
CA GLU X 269 -7.73 -55.03 63.96
C GLU X 269 -6.33 -54.59 63.63
N ILE X 270 -5.88 -54.91 62.47
CA ILE X 270 -4.56 -54.68 62.10
C ILE X 270 -4.86 -53.92 60.88
N PRO X 271 -4.00 -53.02 60.57
CA PRO X 271 -4.12 -52.27 59.35
C PRO X 271 -3.90 -53.26 58.27
N ALA X 272 -4.73 -52.99 57.28
CA ALA X 272 -5.16 -53.81 56.20
C ALA X 272 -4.02 -54.14 55.34
N GLU X 273 -3.15 -53.18 55.13
CA GLU X 273 -1.95 -53.38 54.35
C GLU X 273 -1.02 -54.38 55.00
N LYS X 274 -1.20 -54.60 56.30
CA LYS X 274 -0.43 -55.59 57.03
C LYS X 274 -0.96 -57.01 56.87
N VAL X 275 -2.24 -57.15 56.58
CA VAL X 275 -2.85 -58.46 56.45
C VAL X 275 -2.08 -59.29 55.43
N VAL X 276 -1.51 -58.66 54.42
CA VAL X 276 -0.72 -59.35 53.44
C VAL X 276 0.53 -60.01 53.99
N VAL X 277 1.29 -59.31 54.81
CA VAL X 277 2.42 -59.86 55.51
C VAL X 277 2.01 -60.96 56.49
N ALA X 278 0.94 -60.74 57.19
CA ALA X 278 0.44 -61.75 58.07
C ALA X 278 0.00 -63.01 57.30
N GLN X 279 -0.60 -62.87 56.14
CA GLN X 279 -0.97 -64.01 55.35
C GLN X 279 0.22 -64.85 54.91
N LYS X 280 1.23 -64.18 54.39
CA LYS X 280 2.40 -64.87 54.01
C LYS X 280 3.07 -65.53 55.17
N ILE X 281 3.22 -64.87 56.30
CA ILE X 281 3.86 -65.51 57.41
C ILE X 281 3.10 -66.70 57.97
N LEU X 282 1.82 -66.55 58.19
CA LEU X 282 1.04 -67.59 58.81
C LEU X 282 0.91 -68.86 58.00
N ILE X 283 0.75 -68.69 56.71
CA ILE X 283 0.66 -69.79 55.80
C ILE X 283 1.96 -70.55 55.76
N SER X 284 3.06 -69.84 55.70
CA SER X 284 4.35 -70.45 55.66
C SER X 284 4.66 -71.21 56.92
N LYS X 285 4.36 -70.67 58.07
CA LYS X 285 4.59 -71.32 59.32
C LYS X 285 3.76 -72.61 59.47
N CYS X 286 2.54 -72.57 58.98
CA CYS X 286 1.70 -73.73 58.89
C CYS X 286 2.23 -74.77 57.92
N ASN X 287 2.75 -74.36 56.78
CA ASN X 287 3.33 -75.28 55.85
C ASN X 287 4.54 -75.97 56.42
N VAL X 288 5.41 -75.22 57.07
CA VAL X 288 6.58 -75.76 57.68
C VAL X 288 6.24 -76.72 58.79
N ALA X 289 5.24 -76.37 59.59
CA ALA X 289 4.77 -77.22 60.66
C ALA X 289 3.96 -78.47 60.27
N GLY X 290 3.58 -78.58 59.01
CA GLY X 290 2.61 -79.54 58.52
C GLY X 290 1.17 -79.52 59.00
N LYS X 291 0.58 -78.35 59.16
CA LYS X 291 -0.77 -78.22 59.58
C LYS X 291 -1.54 -77.39 58.59
N PRO X 292 -2.81 -77.73 58.42
CA PRO X 292 -3.66 -77.12 57.41
C PRO X 292 -3.88 -75.64 57.66
N VAL X 293 -3.87 -74.82 56.61
CA VAL X 293 -4.04 -73.40 56.71
C VAL X 293 -5.06 -72.89 55.72
N ILE X 294 -5.93 -72.01 56.18
CA ILE X 294 -7.03 -71.49 55.40
C ILE X 294 -6.96 -69.98 55.21
N CYS X 295 -7.15 -69.56 53.98
CA CYS X 295 -7.28 -68.17 53.63
C CYS X 295 -8.72 -67.77 53.46
N ALA X 296 -9.12 -66.78 54.22
CA ALA X 296 -10.50 -66.39 54.35
C ALA X 296 -10.81 -64.94 54.13
N THR X 297 -12.01 -64.72 53.58
CA THR X 297 -12.80 -63.50 53.60
C THR X 297 -12.59 -62.55 52.41
N GLN X 298 -13.68 -62.15 51.77
CA GLN X 298 -13.71 -61.21 50.67
C GLN X 298 -12.96 -61.70 49.46
N MET X 299 -12.69 -62.99 49.40
CA MET X 299 -11.95 -63.55 48.30
C MET X 299 -12.64 -63.39 46.96
N LEU X 300 -13.93 -63.63 46.91
CA LEU X 300 -14.66 -63.37 45.71
C LEU X 300 -15.93 -62.58 46.01
N GLU X 301 -15.78 -61.49 46.72
CA GLU X 301 -16.88 -60.74 47.27
C GLU X 301 -17.95 -60.20 46.33
N SER X 302 -17.55 -59.72 45.17
CA SER X 302 -18.44 -59.09 44.23
C SER X 302 -19.39 -60.10 43.61
N MET X 303 -19.05 -61.35 43.75
CA MET X 303 -19.78 -62.45 43.20
C MET X 303 -20.93 -62.81 44.12
N THR X 304 -21.03 -62.08 45.21
CA THR X 304 -22.21 -62.14 46.04
C THR X 304 -23.34 -61.60 45.21
N TYR X 305 -23.04 -60.66 44.35
CA TYR X 305 -24.08 -60.04 43.56
C TYR X 305 -23.92 -60.13 42.06
N ASN X 306 -22.75 -60.48 41.58
CA ASN X 306 -22.51 -60.54 40.16
C ASN X 306 -22.07 -61.91 39.70
N PRO X 307 -22.36 -62.17 38.45
CA PRO X 307 -22.01 -63.43 37.82
C PRO X 307 -20.51 -63.64 37.66
N ARG X 308 -19.74 -62.57 37.61
CA ARG X 308 -18.32 -62.60 37.34
C ARG X 308 -17.54 -61.79 38.36
N PRO X 309 -16.34 -62.24 38.68
CA PRO X 309 -15.47 -61.58 39.63
C PRO X 309 -14.68 -60.42 39.06
N THR X 310 -14.20 -59.57 39.95
CA THR X 310 -13.24 -58.56 39.64
C THR X 310 -11.83 -59.10 39.44
N ARG X 311 -10.96 -58.34 38.80
CA ARG X 311 -9.60 -58.74 38.57
C ARG X 311 -8.84 -58.92 39.87
N ALA X 312 -9.05 -58.05 40.83
CA ALA X 312 -8.40 -58.15 42.11
C ALA X 312 -8.79 -59.43 42.83
N GLU X 313 -10.03 -59.83 42.69
CA GLU X 313 -10.49 -61.04 43.30
C GLU X 313 -9.87 -62.31 42.78
N VAL X 314 -9.78 -62.42 41.47
CA VAL X 314 -9.18 -63.54 40.81
C VAL X 314 -7.74 -63.61 41.21
N SER X 315 -7.07 -62.48 41.20
CA SER X 315 -5.71 -62.46 41.64
C SER X 315 -5.55 -62.91 43.06
N ASP X 316 -6.48 -62.53 43.92
CA ASP X 316 -6.46 -62.95 45.28
C ASP X 316 -6.59 -64.47 45.48
N VAL X 317 -7.49 -65.14 44.81
CA VAL X 317 -7.58 -66.59 45.00
C VAL X 317 -6.29 -67.30 44.58
N ALA X 318 -5.74 -66.85 43.47
CA ALA X 318 -4.53 -67.39 42.92
C ALA X 318 -3.28 -67.23 43.80
N ASN X 319 -3.06 -66.03 44.31
CA ASN X 319 -1.99 -65.73 45.22
C ASN X 319 -2.08 -66.48 46.53
N ALA X 320 -3.27 -66.76 47.01
CA ALA X 320 -3.40 -67.59 48.20
C ALA X 320 -2.86 -69.01 48.02
N VAL X 321 -3.10 -69.59 46.87
CA VAL X 321 -2.54 -70.87 46.48
C VAL X 321 -1.03 -70.83 46.33
N PHE X 322 -0.53 -69.78 45.69
CA PHE X 322 0.87 -69.53 45.54
C PHE X 322 1.50 -69.35 46.91
N ASN X 323 0.77 -68.76 47.83
CA ASN X 323 1.21 -68.51 49.18
C ASN X 323 1.45 -69.84 49.90
N GLY X 324 0.76 -70.87 49.45
CA GLY X 324 0.83 -72.15 50.09
C GLY X 324 -0.32 -72.66 50.91
N ALA X 325 -1.47 -72.04 50.78
CA ALA X 325 -2.64 -72.44 51.52
C ALA X 325 -3.27 -73.77 51.14
N ASP X 326 -3.64 -74.53 52.14
CA ASP X 326 -4.43 -75.71 51.92
C ASP X 326 -5.81 -75.38 51.36
N CYS X 327 -6.45 -74.36 51.92
CA CYS X 327 -7.84 -74.02 51.64
C CYS X 327 -8.15 -72.56 51.35
N VAL X 328 -9.13 -72.33 50.51
CA VAL X 328 -9.72 -71.04 50.36
C VAL X 328 -11.15 -71.14 50.82
N MET X 329 -11.73 -70.02 51.19
CA MET X 329 -13.02 -70.01 51.84
C MET X 329 -13.99 -69.03 51.24
N LEU X 330 -15.26 -69.38 51.33
CA LEU X 330 -16.32 -68.53 50.87
C LEU X 330 -17.25 -68.21 52.01
N SER X 331 -17.59 -66.95 52.15
CA SER X 331 -18.42 -66.56 53.26
C SER X 331 -19.82 -66.13 52.88
N GLY X 332 -19.98 -64.84 52.64
CA GLY X 332 -21.21 -64.26 52.19
C GLY X 332 -21.62 -64.69 50.81
N GLU X 333 -20.63 -64.94 49.97
CA GLU X 333 -20.83 -65.32 48.59
C GLU X 333 -21.66 -66.60 48.49
N THR X 334 -21.51 -67.50 49.43
CA THR X 334 -22.35 -68.67 49.52
C THR X 334 -23.46 -68.63 50.58
N ALA X 335 -23.28 -67.87 51.64
CA ALA X 335 -24.31 -67.74 52.63
C ALA X 335 -25.55 -67.01 52.17
N LYS X 336 -25.38 -65.85 51.57
CA LYS X 336 -26.47 -65.01 51.15
C LYS X 336 -26.48 -64.56 49.70
N GLY X 337 -25.55 -65.05 48.92
CA GLY X 337 -25.35 -64.64 47.56
C GLY X 337 -26.32 -65.10 46.52
N LYS X 338 -26.33 -64.38 45.40
CA LYS X 338 -26.99 -64.70 44.17
C LYS X 338 -26.49 -65.90 43.38
N TYR X 339 -25.20 -66.14 43.34
CA TYR X 339 -24.65 -67.14 42.47
C TYR X 339 -23.73 -68.10 43.16
N PRO X 340 -24.30 -68.88 44.06
CA PRO X 340 -23.50 -69.77 44.87
C PRO X 340 -22.74 -70.80 44.09
N ASN X 341 -23.37 -71.50 43.16
CA ASN X 341 -22.70 -72.47 42.34
C ASN X 341 -21.62 -71.86 41.46
N GLU X 342 -21.90 -70.74 40.84
CA GLU X 342 -20.95 -70.07 40.01
C GLU X 342 -19.72 -69.59 40.76
N VAL X 343 -19.89 -69.06 41.95
CA VAL X 343 -18.76 -68.56 42.69
C VAL X 343 -17.81 -69.67 43.03
N VAL X 344 -18.32 -70.79 43.47
CA VAL X 344 -17.54 -71.94 43.75
C VAL X 344 -16.85 -72.48 42.52
N GLN X 345 -17.55 -72.52 41.40
CA GLN X 345 -16.97 -73.00 40.18
C GLN X 345 -15.86 -72.11 39.75
N TYR X 346 -16.01 -70.81 39.92
CA TYR X 346 -14.94 -69.87 39.61
C TYR X 346 -13.73 -70.04 40.49
N MET X 347 -13.94 -70.24 41.76
CA MET X 347 -12.85 -70.44 42.66
C MET X 347 -12.07 -71.69 42.35
N ALA X 348 -12.76 -72.77 42.01
CA ALA X 348 -12.10 -74.01 41.68
C ALA X 348 -11.26 -73.89 40.44
N ARG X 349 -11.76 -73.19 39.47
CA ARG X 349 -11.10 -72.98 38.22
C ARG X 349 -9.83 -72.16 38.39
N ILE X 350 -9.87 -71.11 39.19
CA ILE X 350 -8.71 -70.30 39.49
C ILE X 350 -7.66 -71.08 40.25
N CYS X 351 -8.10 -71.91 41.16
CA CYS X 351 -7.21 -72.73 41.93
C CYS X 351 -6.47 -73.71 41.04
N LEU X 352 -7.16 -74.29 40.09
CA LEU X 352 -6.53 -75.21 39.15
C LEU X 352 -5.50 -74.54 38.26
N GLU X 353 -5.81 -73.35 37.80
CA GLU X 353 -4.91 -72.58 37.01
C GLU X 353 -3.63 -72.17 37.73
N ALA X 354 -3.75 -71.71 38.98
CA ALA X 354 -2.60 -71.33 39.78
C ALA X 354 -1.69 -72.50 40.06
N GLN X 355 -2.31 -73.66 40.17
CA GLN X 355 -1.67 -74.92 40.43
C GLN X 355 -0.73 -75.27 39.30
N SER X 356 -1.07 -74.95 38.08
CA SER X 356 -0.15 -75.14 36.98
C SER X 356 1.10 -74.32 37.11
N ALA X 357 0.94 -73.08 37.50
CA ALA X 357 2.03 -72.17 37.71
C ALA X 357 2.85 -72.52 38.90
N LEU X 358 2.29 -73.31 39.81
CA LEU X 358 2.93 -73.61 41.07
C LEU X 358 4.13 -74.45 40.84
N ASN X 359 5.23 -74.11 41.46
CA ASN X 359 6.39 -74.96 41.38
C ASN X 359 6.38 -75.87 42.57
N GLU X 360 5.79 -77.04 42.41
CA GLU X 360 5.64 -78.02 43.46
C GLU X 360 6.96 -78.54 43.95
N TYR X 361 7.90 -78.66 43.04
CA TYR X 361 9.23 -79.12 43.35
C TYR X 361 10.04 -78.22 44.26
N VAL X 362 10.05 -76.93 44.00
CA VAL X 362 10.76 -75.97 44.81
C VAL X 362 10.17 -75.95 46.18
N PHE X 363 8.87 -76.02 46.22
CA PHE X 363 8.11 -76.09 47.44
C PHE X 363 8.47 -77.30 48.27
N PHE X 364 8.68 -78.44 47.65
CA PHE X 364 9.10 -79.65 48.37
C PHE X 364 10.47 -79.49 49.03
N ASN X 365 11.43 -79.02 48.27
CA ASN X 365 12.76 -78.77 48.75
C ASN X 365 12.85 -77.69 49.81
N SER X 366 12.08 -76.63 49.64
CA SER X 366 12.09 -75.56 50.57
C SER X 366 11.60 -75.99 51.90
N ILE X 367 10.53 -76.77 51.92
CA ILE X 367 9.94 -77.30 53.12
C ILE X 367 10.86 -78.25 53.84
N LYS X 368 11.50 -79.10 53.08
CA LYS X 368 12.42 -80.12 53.52
C LYS X 368 13.63 -79.54 54.23
N LYS X 369 14.20 -78.45 53.71
CA LYS X 369 15.30 -77.77 54.36
C LYS X 369 14.95 -77.19 55.67
N LEU X 370 13.71 -76.84 55.89
CA LEU X 370 13.30 -76.22 57.12
C LEU X 370 13.01 -77.13 58.30
N GLN X 371 13.01 -78.42 58.07
CA GLN X 371 12.78 -79.39 59.11
C GLN X 371 14.03 -79.66 59.90
N HIS X 372 13.84 -79.82 61.18
CA HIS X 372 14.87 -80.14 62.08
C HIS X 372 15.40 -81.54 61.83
N ILE X 373 16.72 -81.67 61.90
CA ILE X 373 17.38 -82.96 61.69
C ILE X 373 18.21 -83.36 62.89
N PRO X 374 17.98 -84.58 63.39
CA PRO X 374 16.99 -85.48 62.80
C PRO X 374 15.56 -85.06 63.17
N MET X 375 14.60 -85.88 62.78
CA MET X 375 13.20 -85.59 63.08
C MET X 375 12.47 -86.85 63.56
N SER X 376 11.94 -87.61 62.61
CA SER X 376 11.21 -88.83 62.93
C SER X 376 11.20 -89.79 61.74
N ALA X 377 11.29 -91.09 62.04
CA ALA X 377 11.29 -92.11 61.01
C ALA X 377 10.16 -92.03 60.02
N ASP X 378 8.95 -91.83 60.49
CA ASP X 378 7.83 -91.62 59.58
C ASP X 378 7.94 -90.35 58.74
N GLU X 379 8.46 -89.28 59.31
CA GLU X 379 8.67 -88.07 58.54
C GLU X 379 9.67 -88.20 57.43
N ALA X 380 10.76 -88.89 57.68
CA ALA X 380 11.72 -89.18 56.68
C ALA X 380 11.14 -90.06 55.56
N VAL X 381 10.30 -90.99 55.95
CA VAL X 381 9.68 -91.90 55.01
C VAL X 381 8.81 -91.11 54.06
N CYS X 382 8.01 -90.21 54.59
CA CYS X 382 7.18 -89.38 53.76
C CYS X 382 7.92 -88.44 52.85
N SER X 383 8.91 -87.76 53.36
CA SER X 383 9.71 -86.87 52.56
C SER X 383 10.50 -87.56 51.47
N SER X 384 11.21 -88.58 51.82
CA SER X 384 11.92 -89.34 50.84
C SER X 384 10.97 -90.02 49.83
N ALA X 385 9.81 -90.44 50.26
CA ALA X 385 8.84 -91.06 49.35
C ALA X 385 8.35 -90.12 48.27
N VAL X 386 8.13 -88.87 48.63
CA VAL X 386 7.84 -87.79 47.71
C VAL X 386 9.02 -87.53 46.78
N ASN X 387 10.21 -87.60 47.32
CA ASN X 387 11.40 -87.42 46.53
C ASN X 387 11.45 -88.51 45.45
N SER X 388 11.02 -89.69 45.81
CA SER X 388 10.86 -90.81 44.92
C SER X 388 9.84 -90.49 43.87
N VAL X 389 8.79 -89.78 44.23
CA VAL X 389 7.81 -89.44 43.25
C VAL X 389 8.41 -88.57 42.19
N TYR X 390 9.14 -87.55 42.58
CA TYR X 390 9.79 -86.68 41.61
C TYR X 390 10.84 -87.37 40.78
N GLU X 391 11.63 -88.23 41.39
CA GLU X 391 12.65 -88.98 40.69
C GLU X 391 12.16 -89.96 39.62
N THR X 392 11.06 -90.64 39.87
CA THR X 392 10.47 -91.57 38.90
C THR X 392 9.39 -91.00 38.01
N LYS X 393 8.96 -89.80 38.30
CA LYS X 393 7.75 -89.25 37.74
C LYS X 393 6.51 -90.07 38.01
N ALA X 394 6.34 -90.51 39.24
CA ALA X 394 5.19 -91.26 39.63
C ALA X 394 3.91 -90.46 39.57
N LYS X 395 2.85 -91.08 39.10
CA LYS X 395 1.65 -90.34 38.83
C LYS X 395 0.62 -90.39 39.92
N ALA X 396 0.89 -91.14 40.96
CA ALA X 396 0.03 -91.22 42.11
C ALA X 396 0.74 -91.71 43.34
N MET X 397 0.11 -91.53 44.45
CA MET X 397 0.69 -91.89 45.68
C MET X 397 -0.39 -92.51 46.48
N VAL X 398 -0.08 -93.53 47.27
CA VAL X 398 -1.06 -94.11 48.16
C VAL X 398 -0.54 -94.17 49.57
N VAL X 399 -1.31 -93.71 50.53
CA VAL X 399 -0.92 -93.84 51.92
C VAL X 399 -1.96 -94.44 52.78
N LEU X 400 -1.54 -95.19 53.75
CA LEU X 400 -2.46 -95.69 54.72
C LEU X 400 -2.47 -94.80 55.94
N SER X 401 -3.60 -94.18 56.22
CA SER X 401 -3.80 -93.48 57.47
C SER X 401 -5.15 -93.66 58.09
N ASN X 402 -5.18 -94.06 59.34
CA ASN X 402 -6.39 -94.13 60.12
C ASN X 402 -6.72 -92.86 60.93
N THR X 403 -5.75 -92.30 61.62
CA THR X 403 -5.88 -91.02 62.27
C THR X 403 -5.93 -89.87 61.30
N GLY X 404 -5.37 -90.06 60.12
CA GLY X 404 -5.17 -89.00 59.17
C GLY X 404 -3.83 -88.33 59.29
N ARG X 405 -3.09 -88.67 60.35
CA ARG X 405 -1.75 -88.14 60.56
C ARG X 405 -0.81 -88.44 59.40
N SER X 406 -0.74 -89.69 58.98
CA SER X 406 0.17 -90.05 57.93
C SER X 406 -0.12 -89.28 56.69
N ALA X 407 -1.37 -89.07 56.38
CA ALA X 407 -1.72 -88.31 55.21
C ALA X 407 -1.31 -86.83 55.21
N ARG X 408 -1.44 -86.15 56.33
CA ARG X 408 -0.99 -84.78 56.43
C ARG X 408 0.52 -84.67 56.27
N LEU X 409 1.23 -85.62 56.84
CA LEU X 409 2.66 -85.68 56.79
C LEU X 409 3.21 -85.81 55.40
N VAL X 410 2.60 -86.63 54.59
CA VAL X 410 2.88 -86.70 53.18
C VAL X 410 2.51 -85.50 52.31
N ALA X 411 1.33 -84.97 52.51
CA ALA X 411 0.80 -83.85 51.76
C ALA X 411 1.66 -82.65 52.01
N LYS X 412 2.24 -82.63 53.18
CA LYS X 412 3.09 -81.59 53.63
C LYS X 412 4.29 -81.40 52.72
N TYR X 413 4.70 -82.47 52.07
CA TYR X 413 5.86 -82.41 51.23
C TYR X 413 5.56 -82.09 49.80
N ARG X 414 4.33 -81.77 49.50
CA ARG X 414 3.99 -81.26 48.18
C ARG X 414 4.47 -82.07 46.95
N PRO X 415 4.01 -83.30 46.83
CA PRO X 415 4.27 -84.10 45.64
C PRO X 415 3.55 -83.52 44.45
N ASN X 416 3.96 -83.85 43.26
CA ASN X 416 3.34 -83.27 42.09
C ASN X 416 2.27 -84.17 41.46
N CYS X 417 1.72 -85.01 42.29
CA CYS X 417 0.76 -85.97 41.88
C CYS X 417 -0.25 -86.11 42.95
N PRO X 418 -1.40 -86.68 42.63
CA PRO X 418 -2.44 -86.89 43.62
C PRO X 418 -2.00 -87.81 44.72
N ILE X 419 -2.50 -87.61 45.91
CA ILE X 419 -2.20 -88.48 47.00
C ILE X 419 -3.45 -89.22 47.36
N VAL X 420 -3.38 -90.51 47.46
CA VAL X 420 -4.58 -91.23 47.76
C VAL X 420 -4.45 -91.89 49.09
N CYS X 421 -5.29 -91.47 50.02
CA CYS X 421 -5.27 -91.98 51.37
C CYS X 421 -6.33 -93.06 51.59
N VAL X 422 -5.94 -94.15 52.17
CA VAL X 422 -6.89 -95.19 52.44
C VAL X 422 -7.06 -95.27 53.91
N THR X 423 -8.27 -95.03 54.35
CA THR X 423 -8.54 -94.87 55.75
C THR X 423 -9.65 -95.79 56.24
N THR X 424 -9.55 -96.21 57.47
CA THR X 424 -10.59 -96.98 58.08
C THR X 424 -11.56 -96.16 58.90
N ARG X 425 -11.44 -94.84 58.85
CA ARG X 425 -12.37 -93.98 59.57
C ARG X 425 -13.01 -92.97 58.64
N LEU X 426 -14.33 -92.92 58.64
CA LEU X 426 -15.06 -91.96 57.84
C LEU X 426 -14.80 -90.51 58.22
N GLN X 427 -14.67 -90.26 59.50
CA GLN X 427 -14.37 -88.95 59.99
C GLN X 427 -13.03 -88.47 59.48
N THR X 428 -12.11 -89.39 59.34
CA THR X 428 -10.83 -89.11 58.79
C THR X 428 -10.98 -88.65 57.37
N CYS X 429 -11.88 -89.27 56.62
CA CYS X 429 -12.12 -88.83 55.27
C CYS X 429 -12.65 -87.40 55.24
N ARG X 430 -13.53 -87.07 56.14
CA ARG X 430 -13.98 -85.71 56.23
C ARG X 430 -12.92 -84.72 56.68
N GLN X 431 -12.16 -85.08 57.70
CA GLN X 431 -11.15 -84.22 58.31
C GLN X 431 -10.04 -83.86 57.33
N LEU X 432 -9.75 -84.78 56.43
CA LEU X 432 -8.78 -84.63 55.39
C LEU X 432 -9.21 -83.72 54.27
N ASN X 433 -10.44 -83.27 54.33
CA ASN X 433 -10.99 -82.35 53.36
C ASN X 433 -10.39 -80.95 53.51
N ILE X 434 -9.65 -80.70 54.57
CA ILE X 434 -8.90 -79.46 54.68
C ILE X 434 -7.43 -79.61 54.37
N THR X 435 -6.99 -80.77 53.94
CA THR X 435 -5.60 -80.94 53.59
C THR X 435 -5.46 -80.90 52.10
N GLN X 436 -4.61 -80.05 51.57
CA GLN X 436 -4.46 -79.98 50.14
C GLN X 436 -3.90 -81.24 49.51
N GLY X 437 -4.37 -81.50 48.32
CA GLY X 437 -3.81 -82.53 47.49
C GLY X 437 -4.09 -83.96 47.87
N VAL X 438 -5.11 -84.19 48.68
CA VAL X 438 -5.41 -85.51 49.19
C VAL X 438 -6.83 -85.97 48.92
N GLU X 439 -6.96 -87.22 48.52
CA GLU X 439 -8.25 -87.84 48.33
C GLU X 439 -8.36 -89.09 49.16
N SER X 440 -9.51 -89.30 49.75
CA SER X 440 -9.71 -90.41 50.67
C SER X 440 -10.57 -91.54 50.12
N VAL X 441 -10.18 -92.76 50.42
CA VAL X 441 -10.95 -93.94 50.15
C VAL X 441 -11.24 -94.60 51.46
N PHE X 442 -12.49 -94.79 51.80
CA PHE X 442 -12.82 -95.47 53.04
C PHE X 442 -12.74 -97.00 52.87
N PHE X 443 -12.13 -97.69 53.82
CA PHE X 443 -12.04 -99.12 53.85
C PHE X 443 -12.65 -99.56 55.14
N ASP X 444 -13.72 -100.35 55.03
CA ASP X 444 -14.51 -100.74 56.17
C ASP X 444 -13.87 -101.93 56.81
N ALA X 445 -13.21 -101.70 57.91
CA ALA X 445 -12.48 -102.73 58.57
C ALA X 445 -13.45 -103.80 59.01
N ASP X 446 -14.63 -103.41 59.44
CA ASP X 446 -15.58 -104.36 59.98
C ASP X 446 -16.04 -105.37 58.96
N LYS X 447 -16.51 -104.88 57.84
CA LYS X 447 -16.90 -105.70 56.74
C LYS X 447 -15.72 -106.46 56.15
N LEU X 448 -14.60 -105.79 55.94
CA LEU X 448 -13.48 -106.39 55.23
C LEU X 448 -12.30 -106.84 56.04
N GLY X 449 -12.36 -106.70 57.35
CA GLY X 449 -11.25 -107.15 58.15
C GLY X 449 -10.15 -106.13 58.36
N HIS X 450 -9.28 -106.42 59.31
CA HIS X 450 -8.24 -105.53 59.77
C HIS X 450 -7.06 -105.30 58.83
N ASP X 451 -6.91 -106.16 57.84
CA ASP X 451 -5.92 -106.00 56.79
C ASP X 451 -4.50 -105.75 57.25
N GLU X 452 -4.02 -106.58 58.16
CA GLU X 452 -2.72 -106.37 58.77
C GLU X 452 -1.57 -106.45 57.80
N GLY X 453 -1.72 -107.21 56.73
CA GLY X 453 -0.65 -107.29 55.77
C GLY X 453 -0.69 -106.22 54.72
N LYS X 454 -1.76 -105.45 54.75
CA LYS X 454 -1.89 -104.16 54.10
C LYS X 454 -2.20 -104.27 52.62
N GLU X 455 -2.25 -105.47 52.12
CA GLU X 455 -2.51 -105.71 50.72
C GLU X 455 -3.86 -105.24 50.21
N HIS X 456 -4.91 -105.41 50.99
CA HIS X 456 -6.21 -104.94 50.59
C HIS X 456 -6.39 -103.44 50.50
N ARG X 457 -5.95 -102.74 51.53
CA ARG X 457 -6.05 -101.29 51.55
C ARG X 457 -5.24 -100.76 50.41
N VAL X 458 -4.09 -101.34 50.19
CA VAL X 458 -3.29 -100.93 49.09
C VAL X 458 -3.93 -101.16 47.76
N ALA X 459 -4.61 -102.28 47.57
CA ALA X 459 -5.28 -102.52 46.31
C ALA X 459 -6.38 -101.51 46.04
N ALA X 460 -7.12 -101.16 47.08
CA ALA X 460 -8.19 -100.20 46.99
C ALA X 460 -7.73 -98.81 46.63
N GLY X 461 -6.65 -98.34 47.23
CA GLY X 461 -6.10 -97.06 46.85
C GLY X 461 -5.60 -97.03 45.44
N VAL X 462 -4.93 -98.08 45.02
CA VAL X 462 -4.51 -98.16 43.63
C VAL X 462 -5.68 -98.20 42.67
N GLU X 463 -6.71 -98.97 43.00
CA GLU X 463 -7.88 -99.06 42.14
C GLU X 463 -8.58 -97.74 41.99
N PHE X 464 -8.67 -97.03 43.09
CA PHE X 464 -9.27 -95.72 43.07
C PHE X 464 -8.47 -94.81 42.17
N ALA X 465 -7.17 -94.90 42.20
CA ALA X 465 -6.32 -94.12 41.32
C ALA X 465 -6.51 -94.43 39.87
N LYS X 466 -6.71 -95.70 39.56
CA LYS X 466 -7.01 -96.14 38.22
C LYS X 466 -8.34 -95.59 37.78
N SER X 467 -9.29 -95.67 38.68
CA SER X 467 -10.62 -95.24 38.41
C SER X 467 -10.77 -93.75 38.09
N LYS X 468 -10.00 -92.90 38.76
CA LYS X 468 -10.08 -91.48 38.50
C LYS X 468 -9.14 -91.12 37.38
N GLY X 469 -8.42 -92.10 36.89
CA GLY X 469 -7.55 -91.87 35.77
C GLY X 469 -6.17 -91.30 36.01
N TYR X 470 -5.76 -91.22 37.26
CA TYR X 470 -4.45 -90.76 37.63
C TYR X 470 -3.39 -91.69 37.12
N VAL X 471 -3.65 -92.98 37.13
CA VAL X 471 -2.71 -93.98 36.64
C VAL X 471 -3.23 -95.01 35.63
N GLN X 472 -2.32 -95.50 34.81
CA GLN X 472 -2.59 -96.57 33.87
C GLN X 472 -1.48 -97.56 34.07
N THR X 473 -1.58 -98.69 33.39
CA THR X 473 -0.66 -99.77 33.54
C THR X 473 0.66 -99.25 33.08
N GLY X 474 1.69 -99.66 33.78
CA GLY X 474 3.04 -99.25 33.50
C GLY X 474 3.48 -98.03 34.24
N ASP X 475 2.57 -97.36 34.91
CA ASP X 475 2.86 -96.23 35.77
C ASP X 475 3.38 -96.62 37.15
N TYR X 476 4.11 -95.71 37.76
CA TYR X 476 4.59 -95.92 39.08
C TYR X 476 3.64 -95.33 40.04
N CYS X 477 3.42 -96.05 41.11
CA CYS X 477 2.69 -95.54 42.22
C CYS X 477 3.54 -95.72 43.46
N VAL X 478 3.71 -94.66 44.23
CA VAL X 478 4.55 -94.72 45.41
C VAL X 478 3.68 -94.89 46.60
N VAL X 479 3.98 -95.90 47.39
CA VAL X 479 3.11 -96.40 48.42
C VAL X 479 3.75 -96.34 49.79
N ILE X 480 2.99 -95.92 50.80
CA ILE X 480 3.49 -95.72 52.14
C ILE X 480 2.66 -96.38 53.24
N HIS X 481 3.29 -97.22 54.04
CA HIS X 481 2.67 -97.80 55.20
C HIS X 481 3.72 -98.47 56.04
N ALA X 482 3.30 -99.14 57.08
CA ALA X 482 4.19 -99.98 57.83
C ALA X 482 4.47 -101.31 57.18
N ASP X 483 5.54 -101.92 57.65
CA ASP X 483 5.88 -103.27 57.34
C ASP X 483 5.10 -104.14 58.29
N HIS X 484 5.38 -105.41 58.26
CA HIS X 484 4.64 -106.34 59.07
C HIS X 484 4.78 -106.22 60.56
N LYS X 485 5.96 -105.96 61.05
CA LYS X 485 6.16 -105.71 62.47
C LYS X 485 5.69 -104.37 63.09
N VAL X 486 6.05 -103.25 62.48
CA VAL X 486 5.84 -101.93 63.09
C VAL X 486 4.42 -101.43 63.22
N LYS X 487 4.12 -100.84 64.35
CA LYS X 487 2.80 -100.35 64.66
C LYS X 487 2.77 -98.90 65.11
N GLY X 488 1.77 -98.17 64.66
CA GLY X 488 1.59 -96.78 65.03
C GLY X 488 2.12 -95.72 64.10
N TYR X 489 2.93 -96.12 63.14
CA TYR X 489 3.41 -95.23 62.12
C TYR X 489 3.82 -96.01 60.91
N ALA X 490 4.10 -95.32 59.83
CA ALA X 490 4.56 -95.98 58.65
C ALA X 490 6.06 -95.86 58.53
N ASN X 491 6.73 -96.99 58.48
CA ASN X 491 8.16 -97.02 58.31
C ASN X 491 8.65 -97.47 56.93
N GLN X 492 7.75 -97.59 55.98
CA GLN X 492 8.07 -98.17 54.68
C GLN X 492 7.60 -97.40 53.45
N THR X 493 8.39 -97.42 52.41
CA THR X 493 7.99 -96.93 51.13
C THR X 493 8.26 -97.95 50.04
N ARG X 494 7.36 -98.06 49.09
CA ARG X 494 7.54 -98.92 47.94
C ARG X 494 7.18 -98.24 46.65
N ILE X 495 7.96 -98.45 45.62
CA ILE X 495 7.56 -98.02 44.32
C ILE X 495 7.01 -99.23 43.58
N LEU X 496 5.72 -99.26 43.30
CA LEU X 496 5.13 -100.33 42.53
C LEU X 496 4.60 -99.97 41.18
N LEU X 497 4.75 -100.90 40.25
CA LEU X 497 4.32 -100.75 38.89
C LEU X 497 2.85 -101.10 38.82
N VAL X 498 2.06 -100.36 38.08
CA VAL X 498 0.63 -100.62 38.07
C VAL X 498 0.15 -101.43 36.88
N GLU X 499 -0.69 -102.42 37.15
CA GLU X 499 -1.23 -103.28 36.11
C GLU X 499 -2.74 -103.13 35.99
#